data_9P7Y
#
_entry.id   9P7Y
#
_cell.length_a   1.00
_cell.length_b   1.00
_cell.length_c   1.00
_cell.angle_alpha   90.00
_cell.angle_beta   90.00
_cell.angle_gamma   90.00
#
_symmetry.space_group_name_H-M   'P 1'
#
loop_
_entity.id
_entity.type
_entity.pdbx_description
1 polymer '40S ribosomal protein SA'
2 polymer '40S ribosomal protein S3a'
3 polymer '40S ribosomal protein S2'
4 polymer 'Small ribosomal subunit protein eS4, X isoform'
5 polymer '40S ribosomal protein S6'
6 polymer 'Small ribosomal subunit protein eS7'
7 polymer '40S ribosomal protein S8'
8 polymer '40S ribosomal protein S9'
9 polymer '40S ribosomal protein S11'
10 polymer '40S ribosomal protein S13'
11 polymer 'Small ribosomal subunit protein uS11'
12 polymer 'Small ribosomal subunit protein eS21'
13 polymer '40S ribosomal protein S15a'
14 polymer '40S ribosomal protein S23'
15 polymer '40S ribosomal protein S24'
16 polymer '40S ribosomal protein S26'
17 polymer 'Small ribosomal subunit protein eS27'
18 polymer 'Small ribosomal subunit protein eS30'
19 polymer '18S rRNA'
20 polymer '60S ribosomal protein L19'
21 polymer 'Ribosomal protein L24'
22 polymer 'Small ribosomal subunit protein eS17'
23 polymer 'Small ribosomal subunit protein uS3'
24 polymer '40S ribosomal protein S5'
25 polymer '40S ribosomal protein S10'
26 polymer 'Small ribosomal subunit protein eS12'
27 polymer 'Small ribosomal subunit protein uS19'
28 polymer 'Small ribosomal subunit protein uS9'
29 polymer '40S ribosomal protein S18'
30 polymer '40S ribosomal protein S19'
31 polymer '40S ribosomal protein S20'
32 polymer 'Small ribosomal subunit protein eS25'
33 polymer '40S ribosomal protein S28'
34 polymer '40S ribosomal protein S29'
35 polymer 'Ubiquitin-40S ribosomal protein S27a'
36 polymer 'Receptor of activated protein C kinase 1'
37 polymer 'A site tRNA'
38 polymer 'E site tRNA'
39 polymer 'P site tRNA [Homo sapiens]'
40 polymer 'Transcription factor BTF3'
41 polymer '28S rRNA'
42 polymer '5S rRNA [Homo sapiens]'
43 polymer '5.8S rRNA [Homo sapiens]'
44 polymer '60S ribosomal protein L8'
45 polymer 'Large ribosomal subunit protein uL3'
46 polymer '60S ribosomal protein L4'
47 polymer 'Large ribosomal subunit protein uL18'
48 polymer 'Large ribosomal subunit protein eL6'
49 polymer '60S ribosomal protein L7'
50 polymer '60S ribosomal protein L7a'
51 polymer '60S ribosomal protein L9'
52 polymer 'Ribosomal protein uL16-like'
53 polymer '60S ribosomal protein L11'
54 polymer 'Large ribosomal subunit protein eL13'
55 polymer '60S ribosomal protein L14'
56 polymer '60S ribosomal protein L15'
57 polymer '60S ribosomal protein L13a'
58 polymer '60S ribosomal protein L17'
59 polymer '60S ribosomal protein L18'
60 polymer '60S ribosomal protein L18a'
61 polymer '60S ribosomal protein L21'
62 polymer 'Heparin-binding protein HBp15'
63 polymer '60S ribosomal protein L23'
64 polymer '60S ribosomal protein L23a'
65 polymer '60S ribosomal protein L26'
66 polymer '60S ribosomal protein L27'
67 polymer '60S ribosomal protein L27a'
68 polymer 'Large ribosomal subunit protein eL29'
69 polymer '60S ribosomal protein L30'
70 polymer '60S ribosomal protein L31'
71 polymer '60S ribosomal protein L32'
72 polymer '60S ribosomal protein L35a'
73 polymer '60S ribosomal protein L34'
74 polymer '60S ribosomal protein L35'
75 polymer '60S ribosomal protein L36'
76 polymer '60S ribosomal protein L37'
77 polymer '60S ribosomal protein L38'
78 polymer '60S ribosomal protein L39'
79 polymer 'Large ribosomal subunit protein eL40'
80 polymer '60S ribosomal protein L41'
81 polymer '60S ribosomal protein L36a'
82 polymer '60S ribosomal protein L37a'
83 polymer '60S ribosomal protein L28'
84 polymer '60S acidic ribosomal protein P0'
85 polymer 'Large ribosomal subunit protein uL11'
86 non-polymer 'MAGNESIUM ION'
87 non-polymer 'ZINC ION'
88 non-polymer SPERMINE
89 non-polymer SPERMIDINE
#
loop_
_entity_poly.entity_id
_entity_poly.type
_entity_poly.pdbx_seq_one_letter_code
_entity_poly.pdbx_strand_id
1 'polypeptide(L)'
;GALDVLQMKEEDVLKFLAAGTHLGGTNLDFQMEQYIYKRKSDGIYIINLKRTWEKLLLAARAIVAIENPADVSVISSRNT
GQRAVLKFAAATGATPIAGRFTPGTFTNQIQAAFREPRLLVVTDPRADHQPLTEASYVNLPTIALCNTDSPLRYVDIAIP
CNNKGAHSVGLMWWMLAREVLRMRGTISREHPWEVMPDLYFYRDPEEIEKEEQAAAEKAVT
;
SA
2 'polypeptide(L)'
;VVDPFSKKDWYDVKAPAMFNIRNIGKTLVTRTQGTKIASDGLKGRVFEVSLADLQNDEVAFRKFKLITEDVQGKNCLTNF
HGMDLTRDKMCSMVKKWQTMIEAHVDVKTTDGYLLRLFCVGFTKKRNNQIRKTSYAQHQQVRQIRKKMMEIMTREVQTND
LKEVVNKLIPDSIGKDIEKACQSIYPLHDVFVRKVKMLKKPKFELGKLMELHGE
;
SB
3 'polypeptide(L)'
;EWMPVTKLGRLVKDMKIKSLEEIYLFSLPIKESEIIDFFLGASLKDEVLKIMPVQKQTRAGQRTRFKAFVAIGDYNGHVG
LGVKCSKEVATAIRGAIILAKLSIVPVRRGYWGNKIGKPHTVPCKVTGRCGSVLVRLIPAPRGTGIVSAPVPKKLLMMAG
IDDCYTSARGCTATLGNFAKATFDAISKTYSYLTPDLWKETVFTKSPYQEFTDHLVKTHTRV
;
SC
4 'polypeptide(L)'
;ARGPKKHLKRVAAPKHWMLDKLTGVFAPRPSTGPHKLRECLPLIIFLRNRLKYALTGDEVKKICMQRFIKIDGKVRTDIT
YPAGFMDVISIDKTGENFRLIYDTKGRFAVHRITPEEAKYKLCKVRKIFVGTKGIPHLVTHDARTIRYPDPLIKVNDTIQ
IDLETGKITDFIKFDTGNLCMVTGGANLGRIGVITNRERHPGSFDVVHVKDANGNSFATRLSNIFVIGKGNKPWISLPRG
KGIRLTIAEERDKRLAAKQSSG
;
SE
5 'polypeptide(L)'
;MKLNISFPATGCQKLIEVDDERKLRTFYEKRMATEVAADALGEEWKGYVVRISGGNDKQGFPMKQGVLTHGRVRLLLSKG
HSCYRPRRTGERKRKSVRGCIVDANLSVLNLVIVKKGEKDIPGLTDTTVPRRLGPKRASRIRKLFNLSKEDDVRQYVVRK
PLNKEGKKPRTKAPKIQRLVTPRVLQHKRRRIALKKQRTKKNKEEAAEYAKLLAKRMKEAKEKRQEQIAKRRRLSSL
;
SG
6 'polypeptide(L)'
;SAKIVKPNGEKPDEFESGISQALLELEMNSDLKAQLRELNITAAKEIEVGGGRKAIIIFVPVPQLKSFQKIQVRLVRELE
KKFSGKHVVFIAQRRILPKPTRKKNKQKRPRSRTLTAVHDAILEDLVFPSEIVGKRIRVKLDGSRLIKVHLDKAQQNNVE
HKVETFSGVYKKLTGKDVNFEFPEFQ
;
SH
7 'polypeptide(L)'
;GISRDNWHKRRKTGGKRKPYHKKRKYELGRPAANTKIGPRRIHTVRVRGGNKKYRALRLDVGNFSWGSECCTRKTRIIDV
VYNASNNELVRTKTLVKNCIVLIDSTPYRQWYESHYALPLGRKKGAKLTPEEEEILNKKRSKKIQKKYDERKKNAKISSL
LEEQFQQGKLLACIASRPGQCGRADGYVLEGKELEFYLRKIKARKG
;
SI
8 'polypeptide(L)'
;PVARSWVCRKTYVTPRRPFEKSRLDQELKLIGEYGLRNKREVWRVKFTLAKIRKAARELLTLDEKDPRRLFEGNALLRRL
VRIGVLDEGKMKLDYILGLKIEDFLERRLQTQVFKLGLAKSIHHARVLIRQRHIRVRKQVVNIPSFIVRLDSQKHIDFSL
RSPYGGGRPGRVKRKNAKKGQGGAG
;
SJ
9 'polypeptide(L)'
;ADIQTERAYQKQPTIFQNKKRVLLGETGKEKLPRYYKNIGLGFKTPKEAIEGTYIDKKCPFTGNVSIRGRILSGVVTKMK
MQRTIVIRRDYLHYIRKYNRFEKRHKNMSVHLSPCFRDVQIGDIVTVGECRPLSKTVRFNVLKVTKAAGTKKQ
;
SL
10 'polypeptide(L)'
;GRMHAPGKGLSQSALPYRRSVPTWLKLTSDDVKEQIYKLAKKGLTPSQIGVILRDSHGVAQVRFVTGNKILRILKSKGLA
PDLPEDLYHLIKKAVAVRKHLERNRKDKDAKFRLILIESRIHRLARYYKTKRVLPPNWKYESSTASALVA
;
SN
11 'polypeptide(L)'
;EQVISLGPQVAEGENVFGVCHIFASFNDTFVHVTDLSGKETICRVTGGMKVKADRDESSPYAAMLAAQDVAQRCKELGIT
ALHIKLRATGGNRTKTPGPGAQSALRALARSGMKIGRIEDVTPIPSDSTRRKGGRRGRRL
;
SO
12 'polypeptide(L)'
;MQNDAGEFVDLYVPRKCSASNRIIGAKDHASIQMNVAEVDKVTGRFNGQFKTYAICGAIRRMGESDDSILRLAKADGIVS
KNF
;
SV
13 'polypeptide(L)'
;VRMNVLADALKSINNAEKRGKRQVLIRPCSKVIVRFLTVMMKHGYIGEFEIIDDHRAGKIVVNLTGRLNKCGVISPRFDV
QLKDLEKWQNNLLPSRQFGFIVLTTSAGIMDHEEARRKHTGGKILGFFF
;
SW
14 'polypeptide(L)'
;GKCRGLRTARKLRSHRRDQKWHDKQYKKAHLGTALKANPFGGASHAKGIVLEKVGVEAKQPNSAIRKCVRVQLIKNGKKI
TAFVPNDGCLNFIEENDEVLVAGFGRKGHAVGDIPGVRFKVVKVANVSLLALYKGKKERPR
;
SX
15 'polypeptide(L)'
;NDTVTIRTRKFMTNRLLQRKQMVIDVLHPGKATVPKTEIREKLAKMYKTTPDVIFVFGFRTHFGGGKTTGFGMIYDSLDY
AKKNEPKHRLARHGLYEKKKTSRKQRKERKNRMKKVRGTAKANVGAGKKPK
;
SY
16 'polypeptide(L)'
;TKKRRNNGRAKKGRGHVQPIRCTNCARCVPKDKAIKKFVIRNIVEAAAVRDISEASVFDAYVLPKLYVKLHYCVSCAIHS
KVVRNRSREARKDRTPPPRFRP
;
Sa
17 'polypeptide(L)'
;PLAKDLLHPSPEEEKRKHKKKRLVQSPNSYFMDVKCPGCYKITTVFSHAQTVVLCVGCSTVLCQPTGGKARLTEGCSFRR
KQH
;
Sb
18 'polypeptide(L)' VHGSLARAGKVRGQTPKVAKQEKKKKKTGRAKRRMQYNRRFVNVVPTFGKKKGPNANS Se
19 'polyribonucleotide'
;UACCUGGUUGAUCCUGCCAGUAGCAU(A2M)UGCUUGUCUCAAAGAUUAAGCCAUGCAUGUCUAAGUACGCACGGCCGGU
ACAGUGAAACUGCGAA(PSU)GGCUC(A2M)UUAAA(PSU)CAG(PSU)UAUGGU(OMU)CCUU(OMU)GGUCGCUCGCU
CCUCUCCCACUUGGAUAACUGUGGUA(A2M)UUCUAG(A2M)GCUAA(OMU)A(OMC)AUGCCGACGGGCGCUGACCCCC
UUCGCGGGGGGGAUGCGUGCAUUUAUCAGUGGUGACUCUAGAUAACCUCGGGCCGAUCGCACGCCCCCCGUGGCGGCGAC
GACCCAUUCGAACGUC(OMU)GCCCUAUCAACUUUCGAUGGUAGUCGCCGUGCCUACCAUGGUGACCACGGG(PSU)GAC
GGGGAAUCAGGGUUCGAU(OMU)CCGGAGA(OMG)GGAGCCUGAGAAACGGCUACCACAU(OMC)CAAGG(A2M)AGGCA
GCAGGCGCGC(A2M)AAUUACCCACUCCCGACCCGGGGA(OMG)GUAGUGA(OMC)GAAAAAUAACAAUACAGGACUCUU
UCGAGGCCCUGUAAUUGGAAUGAGUCCACUUUAA(A2M)UCCUUUAACGAGGAUCCAUUGGAG(OMG)GCAAGUCUGGUG
CCAGCAGCCGCGG(OMU)AAUUCCAGCUCCAAUA(OMG)CGUA(PSU)A(PSU)UAAAGUUGCUGCAGUU(A2M)AAAAG
CUCGUAG(PSU)U(OMG)GA(PSU)CUUGGGAGCGGGCGUCCCCGCCCUCUCGGCCGGGGCCCGAAGCG(OMU)U(PSU)
ACUUUGAAAAAA(PSU)UAGAGUGUUCAAAGCAGGCCCGAGCCGCCUGGAUACCGCAGCUAGGAA(PSU)AA(PSU)
(OMG)GAAUAGGACCGCGGUUCUAUUUUGUUGGUUUUCGGAACUGAGGCCAUGAUUAAGAGGGACGGCCGGGGGCAUUCG
UAUUGCGCCGCUAGAGGUGAAAU(PSU)CUUGGACCGGCGCAAGACGGACCAGAGCGAAAGCAUU(PSU)GCCAAGAAUG
UUUUCAUUAAUCAAGA(A2M)CGAAAGUCGGAGG(PSU)(PSU)CGAAGACGA(PSU)CAGAUACCGUCGUAGUUCCGAC
CA(PSU)AAACGAUGCCGACCGGCGAUGCGGCGGCGUUAUUCCCAUGACCCGCCGGGCAGCUUCCGGGAAACCAAAGUCU
UUGGGUUCCGGGGGGAGUA(PSU)GG(PSU)UGCAAAGCUGAAACUUAAAGGAAUUGACGGAAGGGCACCACCAGGAGUG
GAGCC(PSU)GCGGCUUAAUU(PSU)GAC(B8N)CAACACGGGAAACCUCACCCGGC(OMC)CGGACACGGACAGGA
(OMU)UGACAGAUUGAUAGCUCUUUCUCGAUUCCGUGGGUGG(OMU)G(OMG)UGCAUGGC(4AC)GUUCUUAGUUGGUG
GAGCGAUUUGUCUGG(PSU)UAAUUCCGAUAACGA(A2M)CGAGACU(OMC)UGGCAUGCUAACUAGUUACGCGACCCCC
GAGCGGUCGGCGUCCCCCAACU(OMU)CUUAGAGGGACAAGUGGCGUUCAGCCACCCGAGAUUGAGCAAUAACA(OMG)G
UCUGUGAUGCCCUUAGAUGUCCGGGGCUGCACGCGCGCUACACUGACUGGCUCAGCGUGUGCCUACCCUACGCCGGCAGG
CGCGGGUAACCCGUUGAACCCCAUUCGUGAUGGGGAUCGGGGAUUGCAAUUAUUCCCCAUGAACGAG(G7M)AAUUCCCA
GUAAGUGCGGGUCAUAAGCUUGCGUUGAUUAAGUCCCUGCCCUUUGUACACACCG(OMC)CCGUCGCUACUACCGAUUGG
AUGGUUUAGUGAGGCCCUCGGAUCGGCCCCGCCGGGGUCGGCCCACGGCCCUGGCGGAGCGCUGAGAAGACGGUCGAACU
UGACUAUCUAGAGGAAGUAAAAGUCGUA(6MZ)CAAGGUUUC(4AC)GUAGGUG(MA6)(MA6)CCUGCGGAAGGAUCAU
UA
;
S2
20 'polypeptide(L)'
;SMLRLQKRLASSVLRCGKKKVWLDPNETNEIANANSRQQIRKLIKDGLIIRKPVTVHSRARCRKNTLARRKGRHMGIGKR
KGTANARMPEKVTWMRRMRILRRLLRRYRESKKIDRHMYHSLYLKVKGNVFKNKRILMEHIHKLKADKARKKLLADQAEA
RRSKTKEARKRREERLQAKKEEIIKTL
;
LR
21 'polypeptide(L)'
;MKVELCSFSGYKIYPGHGRRYARTDGKVFQFLNAKCESAFLSKRNPRQINWTVLYRRKHKKGQKRTRRAVKFQRAITGAS
LADIMAKRNQKPEVRKAQREQAIRAAKEAKKAKQASKK
;
LW
22 'polypeptide(L)'
;MGRVRTKTVKKAARVIIEKYYTRLGNDFHTNKRVCEEIAIIPSKKLRNKIAGYVTHLMKRIQRGPVRGISIKLQEEERER
RDNYVPEVSALDQEIIEVDPDTKEMLKLLDFGSLSNLQVTQPTVGMNFKTPRGPV
;
SR
23 'polypeptide(L)'
;MAVQISKKRKFVADGIFKAELNEFLTRELAEDGYSGVEVRVTPTRTEIIILATRTQNVLGEKGRRIRELTAVVQKRFGFP
EGSVELYAEKVATRGLCAIAQAESLRYKLLGGLAVRRACYGVLRFIMESGAKGCEVVVSGKLRGQRAKSMKFVDGLMIHS
GDPVNYYVDTAVRHVLLRQGVLGIKVKIMLPWDPTGKIGPKKPLPDHVSIVEPKDEILPTTPISEQK
;
SD
24 'polypeptide(L)'
;DIKLFGKWSTDDVQINDISLQDYIAVKEKYAKYLPHSAGRYAAKRFRKAQCPIVERLTNSMMMHGRNNGKKLMTVRIVKH
AFEIIHLLTGENPLQVLVNAIINSGPREDSTRIGRAGTVRRQAVDVSPLRRVNQAIWLLCTGAREAAFRNIKTIAECLAD
ELINAAKGSSNSYAIKKKDELERVAKSNR
;
SF
25 'polypeptide(L)'
;MLMPKKNRIAIYELLFKEGVMVAKKDVHMPKHPELADKNVPNLHVMKAMQSLKSRGYVKEQFAWRHFYWYLTNEGIQYLR
DYLHLPPEIVPATLRRSR
;
SK
26 'polypeptide(L)'
;VMDVNTALQEVLKTALIHDGLARGIREAAKALDKRQAHLCVLASNCDEPMYVKLVEALCAEHQINLIKVDDNKKLGEWVG
LCKIDREGKPRKVVGCSCVVVKDYGKESQAKDVIEEYFKCKK
;
SM
27 'polypeptide(L)'
;TYRGVDLDQLLDMSYEQLMQLYSARQRRRLNRGLRRKQHSLLKRLRKAKKEAPPMEKPEVVKTHLRDMIILPEMVGSMVG
VYNGKTFNQVEIKPEMIGHYLGEFSITYKPVKHGRPGIGAT
;
SP
28 'polypeptide(L)'
;SKGPLQSVQVFGRKKTATAVAHCKRGNGLIKVNGRPLEMIEPRTLQYKLLEPVLLLGKERFAGVDIRVRVKGGGHVAQIY
AIRQSISKALVAYYQKYVDEASKKEIKDILIQYDRTLLVADPRRCESKKFGGPGARARYQKSYR
;
SQ
29 'polypeptide(L)'
;MSLVIPEKFQHILRVLNTNIDGRRKIAFAITAIKGVGRRYAHVVLRKADIDLTKRAGELTEDEVERVITIMQNPRQYKIP
DWFLNRQKDVKDGKYSQVLANGLDNKLREDLERLKKIRAHRGLRHFWGLRVRGQHTKTTGRRGRT
;
SS
30 'polypeptide(L)'
;PGVTVKDVNQQEFVRALAAFLKKSGKLKVPEWVDTVKLAKHKELAPYDENWFYTRAASTARHLYLRGGAGVGSMTKIYGG
RQRNGVMPSHFSRGSKSVARRVLQALEGLKMVEKDQDGGRKLTPQGQRDLDRIAGQVAAANKK
;
ST
31 'polypeptide(L)'
;AIHRIRITLTSRNVKSLEKVCADLIRGAKEKNLKVKGPVRMPTKTLRITTRKTPCGEGSKTWDRFQMRIHKRLIDLHSPS
EIVKQITSISIEPGVEVEVTIADA
;
SU
32 'polypeptide(L)' RDKLNNLVLFDKATYDKLCKEVPNYKLITPAVVSERLKIRGSLARAALQELLSKGLIKLVSKHRAQVIYTRNTKG SZ
33 'polypeptide(L)' RVQPIKLARVTKVLGRTGSQGQCTQVRVEFMDDTSRSIIRNVKGPVREGDVLTLLESEREARRL Sc
34 'polypeptide(L)' GHQQLYWSHPRKFGQGSRSCRVCSNRHGLIRKYGLNMCRQCFRQYAKDIGFIKLD Sd
35 'polypeptide(L)' YTTPKKNKHKRKKVKLAVLKYYKVDENGKISRLRRECPSDECGAGVFMASHFDRHYCGKCCLTYCFN Sf
36 'polypeptide(L)'
;TEQMTLRGTLKGHNGWVTQIATTPQFPDMILSASRDKTIIMWKLTRDETNYGIPQRALRGHSHFVSDVVISSDGQFALSG
SWDGTLRLWDLTTGTTTRRFVGHTKDVLSVAFSSDNRQIVSGSRDKTIKLWNTLGVCKYTVQDESHSEWVSCVRFSPNSS
NPIIVSCGWDKLVKVWNLANCKLKTNHIGHTGYLNTVTVSPDGSLCASGGKDGQAMLWDLNEGKHLYTLDGGDIINALCF
SPNRYWLCAATGPSIKIWDLEGKIIVDELKQEVISTSSKAEPPQCTSLAWSADGQTLFAGYTDNLVRVWQVTI
;
Sg
37 'polyribonucleotide' GUCUCCGUAGUGUAGGGUAUCACGUUCGCCUAACACGCGAAAGGUCCUCGGUUCGAAACCGGGCGGAAACA At
38 'polyribonucleotide' GCCCGGAUAGCUCAGCUGUAGAGCAUCAGACUUUUAAUCUGAGGGUCCAGGGUUCAAGUCCCUGUUCGGGCGCCA Et
39 'polyribonucleotide' GUCUCCGUAGUGUAGGGUAUCACGUUCGCCUAACACGCGAAAGGUCCUCGGUUCGAAACCGGGCGGAAACACCA Pt
40 'polypeptide(L)' IMNQEKLAKLQAQVRIGGKGTARRKKKVVHR CI
41 'polyribonucleotide'
;CGCGACCUCAGAUCAGACGUGGCGACCCGCUGAAUUUAAGCAUAUUAGUCAGCGGAGGAGAAGAAACUAACCAGGAUUCC
CUCAGUAACGGCGAGUGAACAGGGAAGAGCCCAGCGCCGAAUCCCCGCCCCGCGGCGGGGCGCGGGACAUGUGGCGUACG
GAAGACCCGCUCCCCGGCGCCGCUCGUGGGGGGCCCAAGUCCUUCUGAUCGAGGCCCAGCCCGUGGACGGUGUGAGGCCG
GUAGCGGCCCCCGGCGCGCCGGGCCCGGGUCUUCCCGGAGUCGGGUUGCUUGGGAAUGCAGCCCAAAGCGGGUGGUAAAC
UCCAUCUAAGGCUAAAUACCGGCACGAGACCGAUAGUCAACAAGUACCGUAAGGGAAAGUUGAAAAGAACUUUGAAG
(A2M)G(A2M)GAGUUCAAGAGGGCGUGAAACCGUUAAGAGGUAAACGGGUGGGGUCCGCGCAGUCCGCCCGGAGGAUUC
AACCCGGCGGCGGGUCCGGCCGUGUCGGCGGCCCGGCGGAUCUUUCCCGCGCGGGGGACCGUCCCCCGACCGGCGACCGG
CCGCCGCCGGGCGCAUUUCCACCGCGGCGGUGCGCCGCGACCGGCUCCGGGACGGCUGGGAAGGCCCGGCGGGGAAGGUG
GCUCGGGGGCCCCCGAGUGUUACAGCCCCCCCGGCAGCAGCACUCGCCGAAUCCCGGGGCCGAGGGAGCGAGACCCGUCG
CCGCGCUCUCCCCCCUCGGGGGGGCCGGGCCACCCCUCCCACGGCGCGACCGCUCGGGGCGGACUGUCCCCAGUGCGCCC
CGGGCGGGUCGCGCCGUCGGGCCCGGGGGAGGCCACGCGCGCGUCCCCCGAAGAGGGGGACGGCGGAGCGAGCGCACGGG
GUCGGCGGCGACGUCGGCUACCCACCCGACCC(OMG)UCUUG(1MA)(A2M)AC(A2M)CGGACCAAGGAGU(OMC)UAA
CACGUGCGCGAGUCGGGGGCUCGCACGAAAGCCGCCGUGGCGCAAUGAAGGUGAAGGCCGGCGCGCUCGCCGGCCGAGGU
GGGAUCCCGAGGCCUCUCCAGUCCGCCGAGGGCGCACCACCGGCCCGUCUCGCCCGCCGCGCCGGGGAGGUGGAGCACGA
GCGCACGUGUUAGGACCC(OMG)A(A2M)AGAUGGUGA(A2M)C(PSU)AUGCCUGGGCAGGGCGAAGCCAGAGGAAACU
CUGGUGGAGGUCCG(PSU)AGCGGUCCUGACGUGCAAAUCGGUCGUCCGACCUGGGUAUAG(OMG)GGCGAAAGACUAAU
CGAACCAUCUAGUAGCUGGUUCCCUCCGAAGUUUCCC(PSU)CAGGA(PSU)AGCUGGCGCUCUCGCAGACCCGAGCCAC
GCAGUUUUAUCCGGUAAAGCGAA(PSU)GAUUAGAGGUCUUGGGGCCGAAACGAUCUCAACCUA(PSU)(PSU)CUCAAA
CUU(PSU)AAAUGGGUAAGAAGCCCGGCUCGCUGGCGUGGAGCCGGGCGUGGAAUGCGAGUGCCUAGUGGGCCAC(PSU)
U(PSU)UGGUAAGC(A2M)GAACUGGCGCUGCGGGAUGAACCGAACGCCGGGUUAAGGCGCCCGAUGCCGACGCUCAUCA
GACCCCAGAAAAGGUGUUGGUUGAUAUAGACAGCAGGACGGUGGCCAUGGAAGUCGGAAUCCGCUAAGGAGUGUGUAACA
ACUCACCUGCCGAAUCAACUAGCCCUGAAAAUGGAUGGCGCUGGAGCGUCGGGCCCAUACCCGGCCGUCGCCGGCAGUCG
AGAGUGGACGGGAGCGGCGGCCGGAGCCCCGCGGACGCUACGCCGCGACGAGUAGGAGGGCCGCUGCGGUGAGCCUUGAA
GCCUAGGGCGCGGGCCCGGGUGGAGCCGCCGCAGGUGCAGAU(OMC)UUGGUGGUAGU(A2M)(OMG)(OMC)AAAUAUU
CAAACGAGAACUUUGAAGGCCGAAGUGG(A2M)GAAGGGUUCCAUGUGAACAG(OMC)A(OMG)UUGAACAUGGGUCAGU
CGGUCCUGAGAGAUGGGCGAGCGCCGUUCCGAAGGGACGGGCGAUGGCCUCCGUUGCCCUCGGCCGAUCGAAAGGGAGUC
GGGUUCAGAUCCCCGAAUCCGGAGUGGCGGAGAUGGGCGCCGCGAGGCGUCCAGUGCGGUAACGCGACCGAUCCCGGAGA
AGCCGGCGGGAGCCCCGGGGAGAGUUCUCUU(PSU)UCUUUGUGAAGGGCAGGGCGCCCUGGAAUGGGUUCGCCCCGAGA
GAGGGGCCCGUGCCUUGGAAAGCGUCGCGGUUCCGGCGGCGUCCGGUGAGCUCUCGCUGGCCCUUGAAAAUCCGGGGGAG
AGGGUGUAAAUCUCGCGCCGGGCCGUACCC(A2M)UAUCCGCAGCAGGUCU(OMC)CAAGGUGAAC(A2M)GCCUCUGG
(OMC)AUGUUGGAACAA(OMU)G(PSU)AGGUAAGGGAAGUCGGCAAGC(OMC)GGAUCCGUAACUUC(OMG)GGAUAAG
GAUUGGCUCUAAGGGCUGGGUCGGUCGCGGCCGGCGCCUAGCAGCCGACUUAGAACUGGUGCGGACCAGG(OMG)GAAUC
CGAC(PSU)G(PSU)UUAAUUAAAACAAAGCAUCGCGAAGGCCCGCGGCGGGUGUUGACGCGAUGUGAUU(PSU)CUGCC
(OMC)AGUGCUCUGAAUGUCA(A2M)AGUGAAGAAAUUCAAUGAAGCGCGG(OMG)UAAACGGCGGGAGUAACUAUGACU
CUCUUAAGGUAGC(5MC)AA(A2M)UGCCUC(OMG)UCAUCUAAUUAGUGA(OMC)GCGCAUGAA(UY1)GGA(PSU)GA
(A2M)CGAG(A2M)UUCCCACUGU(OMC)CC(PSU)ACCUAC(PSU)A(PSU)CCAGCGAAACCAC(A2M)G(OMC)CAA
GGGAACGGGCU(PSU)GG(OMC)GGAAUCAGCGG(OMG)GAAAGAAGACCCUGUUGAGC(PSU)UGAC(OMU)CUAGUCU
GGCACGGUGAAGAGACAUGAGAACUCUGAUCGUUUUUUCACUGACCCGGUGAGGCGGGGGGGCGAGCCCCGAGGGGCUCU
CGCUUCUGGCGCCAAGCGCCCGGCCGCGCGCCGGCCGGGCGCGACCCGCUCCGGGGACAGUGCCAGGUGGGGAGUUUGAC
UG(OMG)GGCGGUACACCUGUCAAACGGUA(6MZ)CGCAGG(OMU)(OMG)UCCUAAGGCGAGCUCAGGGAGGACAGAAA
CCUCCCGUGGAGCAGAAGGGCAAAAGCUCGCUUGA(PSU)CU(PSU)GA(PSU)UUUCAG(OMU)ACGAA(PSU)ACAGA
CCGUGAAAGCGGGGCCUCACGAUCCUUCUGACCUU(PSU)UGGGUUU(PSU)AAGCAGGA(OMG)GUGUCAGAAAAGUUA
CCACAG(OMG)GAUAACUGGC(PSU)UGUGGCGGCCAAGCGUUCAUAGCGACG(PSU)CGCUUUUUGA(PSU)CCUU
(5MC)GAUGUCGG(OMC)(PSU)CUUCCUAUCAUUG(PSU)GAAGCAGAAUUCACCAAGCGU(PSU)(OMG)GAU(OMU)
(OMG)(PSU)UCACCCACUAAUAGGGAACG(PSU)G(A2M)GCUGGG(UR3)U(PSU)AGA(OMC)CGUCGUGAGACAGG
U(PSU)AGUUUUACCCUACUGAUG(A2M)UGUG(PSU)UG(PSU)UGCCAUGGUA(A2M)UCCUGCUCAGUACGAGAGGA
ACCGCAG(OMG)U(OMU)CA(OMG)ACAU(PSU)UGGUGUA(PSU)(OMG)UGCUUGGCUGAGGAGCCAAUGGGGCGAAG
CUACCA(PSU)CUGUGGGAUUAUGAC(PSU)GAACGCCUCUAAGUCAGAAUCCCGCCCAGGCGGAACGAUACGGCAGCGC
CGCGGAGCCUCGGUUGGCCUCGGAUAGCCGGUCCCCCGCCGGGGUCCGGUGCGGAGUGCCCUUCGUCCUGGGAAACGGGG
CGCGGCCGGAGAGGCGGCCGCCCCCUCGCCCGUCACGCACCGCACGUUCGUGGGGAACCUGGCGCUAAACCA(PSU)
(PSU)CGUAGACGACCUGCUUCUGGGUCGGGG(PSU)UUCGUACG(PSU)AGCAGAGCAGCUCCCUCGCUGCGAUCUAUU
GAAAGUCAGCCCUCGACACAAGGGUUUGU
;
L5
42 'polyribonucleotide'
;GUCUACGGCCAUACCACCCUGAACGCGCCCGAUCUCGUCUGAUCUCGGAAGCUAAGCAGGGUCGGGCCUGGUUAGUACUU
GGAUGGGAGACCGCCUGGGAAUACCGGGUGCUGUAGGCUU
;
L7
43 'polyribonucleotide'
;CGACUCUUAGCGGUGGAUCACUCGGCUCGUGCGUCGAUGAAGAACGCAGCUAGC(PSU)GCGAGAAUUAAUG(PSU)GAA
UU(OMG)CAGGACACAUUGAUCAUCGACACUUCGAACGCACUUGCGGCCCCGGGUUCCUCCCGGGGCUACGCCUGUCUGA
GCGUCGCU
;
L8
44 'polypeptide(L)'
;GRVIRGQRKGAGSVFRAHVKHRKGAARLRAVDFAERHGYIKGIVKDIIHDPGRGAPLAKVVFRDPYRFKKRTELFIAAEG
IHTGQFVYCGKKAQLNIGNVLPVGTMPEGTIVCCLEEKPGDRGKLARASGNYATVISHNPETKKTRVKLPSGSKKVISSA
NRAVVGVVAGGGRIDKPILKAGRAYHKYKAKRNCWPRVRGVAMNPVEHPFGGGNHQHIGKPSTIRRDAPAGRKVGLIAAR
RTGRLRGT
;
LA
45 'polypeptide(L)'
;SHRKFSAPRHGSLGFLPRKRSSRHRGKVKSFPKDDPSKPVHLTAFLGYKAGMTHIVREVDRPGSKVNKKEVVEAVTIVET
PPMVVVGIVGYVETPRGLRTFKTVFAEHISDECKRRFYKNWHKSKKKAFTKYCKKWQDEDGKKQLEKDFSSMKKYCQVIR
VIAHTQMRLLPLRQKKAHLMEIQVNGGTVAEKLDWARERLEQQVPVNQVFGQDEMIDVIGVTKGKGYKGVTSRWHTKKLP
RKTHRGLRKVACIGAWHPARVAFSVARAGQKGYHHRTEINKKIYKIGQGYLIKDGKLIKNNASTDYDLSDKSINPLGGFV
HYGEVTNDFVMLKGCVVGTKKRVLTLRKSLLVQTKRRALEKIDLKFIDTTSKFGHGRFQTMEEKKAFMGPLKKDRIAKEE
GA
;
LB
46 'polypeptide(L)'
;MACARPLISVYSEKGESSGKNVTLPAVFKAPIRPDIVNFVHTNLRKNNRQPYAVSELAGHQTSAESWGTGRAVARIPRVR
GGGTHRSGQGAFGNMCRGGRMFAPTKTWRRWHRRVNTTQKRYAICSALAASALPALVMSKGHRIEEVPELPLVVEDKVEG
YKKTKEAVLLLKKLKAWNDIKKVYASQRMRAGKGKMRNRRRIQRRGPCIIYNEDNGIIKAFRNIPGITLLNVSKLNILKL
APGGHVGRFCIWTESAFRKLDELYGTWRKAASLKSNYNLPMHKMINTDLSRILKSPEIQRALRAPRKKIHRRVLKKNPLK
NLRIMLKLNPYAKTMRRNTILRQARNHKLRVDKAAAAAAALQAKSDEK
;
LC
47 'polypeptide(L)'
;GFVKVVKNKAYFKRYQVKFRRRREGKTDYYARKRLVIQDKNKYNTPKYRMIVRVTNRDIICQIAYARIEGDMIVCAAYAH
ELPKYGVKVGLTNYAAAYCTGLLLARRLLNRFGMDKIYEGQVEVTGDEYNVESIDGQPGAFTCYLDAGLARTTTGNKVFG
ALKGAVDGGLSIPHSTKRFPGYDSESKEFNAEVHRKHIMGQNVADYMRYLMEEDEDAYKKQFSQYIKNSVTPDMMEEMYK
KAHAAIRENPVYEKKPKKEVKKKRWNRPKMSLAQKKDRVAQKKASFLRAQERA
;
LD
48 'polypeptide(L)'
;KGKPHCSRNPVLVRGIGRYSRSAMYSRKAMYKRKYSAAKSKVEKKKKEKVLATVTKPVGGDKNGGTRVVKLRKMPRYYPT
EDVPRKLLSHGKKPFSQHVRKLRASITPGTILIILTGRHRGKRVVFLKQLASGLLLVTGPLVLNRVPLRRTHQKFVIATS
TKIDISNVKIPKHLTDAYFKKKKLRKPRHQEGEIFDTEKEKYEITEQRKIDQKAVDSQILPKIKAIPQLQGYLRSVFALT
NGIYPHKLVF
;
LE
49 'polypeptide(L)'
;NFAELKIKRLRKKFAQKMLRKARRKLIYEKAKHYHKEYRQMYRTEIRMARMARKAGNFYVPAEPKLAFVIRIRGINGVSP
KVRKVLQLLRLRQIFNGTFVKLNKASINMLRIVEPYIAWGYPNLKSVNELIYKRGYGKINKKRIALTDNALIARSLGKYG
IICMEDLIHEIYTVGKRFKEANNFLWPFKLSSPRGGMKKKTTHFVEGGDAGNREDQINRLIRRMN
;
LF
50 'polypeptide(L)'
;KVVNPLFEKRPKNFGIGQDIQPKRDLTRFVKWPRYIRLQRQRAILYKRLKVPPAINQFTQALDRQTATQLLKLAHKYRPE
TKQEKKQRLLARAEKKAAGKGDVPTKRPPVLRAGVNTVTTLVENKKAQLVVIAHDVDPIELVVFLPALCRKMGVPYCIIK
GKARLGRLVHRKTCTTVAFTQVNSEDKGALAKLVEAIRTNYNDRYDEIRRHWGGNVLGPKSVARIAKLEKAKAKELATKL
G
;
LG
51 'polypeptide(L)'
;MKTILSNQTVDIPENVDITLKGRTVIVKGPRGTLRRDFNHINVELSLLGKKKKRLRVDKWWGNRKELATVRTICSHVQNM
IKGVTLGFRYKMRSVYAHFPINVVIQENGSLVEIRNFLGEKYIRRVRMRPGVACSVSQAQKDELILEGNDIELVSNSAAL
IQQATTVKNKDIRKFLDGIYVSEKGTVQQA
;
LH
52 'polypeptide(L)'
;GRRPARCYRYCKNKPYPKSRFCRGVPDAKIRIFDLGRKKAKVDEFPLGGHMVSDEYEQLSSEALEAARICANKYMVKSCG
RDGFHMRVRLHPFHVIRINKMLSCAGADRLQTGMRGAFGKPQGTVARVHIGQVIMSIRTKLQNEEHVIEALRRAKFKFPG
RQKIHISKKWGFTKFNADEFEDMVAKKCLIPDGCGVKYVPSHGPLDKWRVLHS
;
LI
53 'polypeptide(L)'
;QDQGEKENPMRELRIRKLCLNICVGESGDRLTRAAKVLEQLTGQTPVFSKARYTVRSFGIRRNEKIAVHCTVRGAKAEEI
LEKGLKVREYELRKNNFSDTGNFGFGIQEHIDLGIKYDPSIGIYGLDFYVVLGRPGFSIADKKRRTGCIGAKHRISKEEA
MRWFQQKYDGIILPGK
;
LJ
54 'polypeptide(L)'
;APSRNGMVLKPHFHKDWQRRVATWFNQPARKIRRRKARQAKARRIAPRPASGPIRPIVRCPTVRYHTKVRAGRGFSLEEL
RVAGIHKKVARTIGISVDPRRRNKSTESLQANVQRLKEYRSKLILFPRKPSAPKKGDSSAEELKLATQLTGPVMPVRNVY
KKEKARVITEEEKNFKAFASLRMARANARLFGIRAKRAKEAAEQDVEKKK
;
LL
55 'polypeptide(L)'
;VFRRFVEVGRVAYVSFGPHAGKLVAIVDVIDQNRALVDGPCTQVRRQAMPFKCMQLTDFILKFPHSAHQKYVRQAWQKAD
INTKWAATRWAKKIEARERKAKMTDFDRFKVMKAKKMRNRIIKNEVKKLQKAALLKASP
;
LM
56 'polypeptide(L)'
;GAYKYIQELWRKKQSDVMRFLLRVRCWQYRQLSALHRAPRPTRPDKARRLGYKAKQGYVIYRIRVRRGGRKRPVPKGATY
GKPVHHGVNQLKFARSLQSVAEERAGRHCGALRVLNSYWVGEDSTYKFFEVILIDPFHKAIRRNPDTQWITKPVHKHREM
RGLTSAGRKSRGLGKGHKFHHTIGGSRRAAWRRRNTLQLHRYR
;
LN
57 'polypeptide(L)'
;EVQVLVLDGRGHLLGRLAAIVAKQVLLGRKVVVVRCEGINISGNFYRNKLKYLAFLRKRMNTNPSRGPYHFRAPSRIFWR
TVRGMLPHKTKRGQAALDRLKVFDGIPPPYDKKKRMVVPAALKVVRLKPTRKFAYLGRLAHEVGWKYQAVTATLEEKRKE
KAKIHYRKKKQLMRLRKQAEKNVEKKIDKYTEVLKTHGLLV
;
LO
58 'polypeptide(L)'
;VRYSLDPENPTKSCKSRGSNLRVHFKNTRETAQAIKGMHIRKATKYLKDVTLQKQCVPFRRYNGGVGRCAQAKQWGWTQG
RWPKKSAEFLLHMLKNAESNAELKGLDVDSLVIEHIQVNKAPKMRRRTYRAHGRINPYMSSPCHIEMILTEKE
;
LP
59 'polypeptide(L)'
;GVDIRHNKDRKVRRKEPKSQDIYLRLLVKLYRFLARRTNSTFNQVVLKRLFMSRTNRPPLSLSRMIRKMKLPGRENKTAV
VVGTITDDVRVQEVPKLKVCALRVTSRARSRILRAGGKILTFDQLALDSPKGCGTVLLSGPRKGREVYRHFGKAPGTPHS
HTKPYVRSKGRKFERARGRRASRGYKN
;
LQ
60 'polypeptide(L)'
;KASGTLREYKVVGRCLPTPKCHTPPLYRMRIFAPNHVVAKSRFWYFVSQLKKMKKSSGEIVYCGQVFEKSPLRVKNFGIW
LRYDSRSGTHNMYREYRDLTTAGAVTQCYRDMGARHRARAHSIQIMKVEEIAASKCRRPAVKQFHDSKIKFPLPHRVLRR
QHKPRFTTKRPNTFF
;
LS
61 'polypeptide(L)'
;TNTKGKRRGTRYMFSRPFRKHGVVPLATYMRIYKKGDIVDIKGMGTVQKGMPHKCYHGKTGRVYNVTQHAVGIVVNKQVK
GKILAKRINVRIEHIKHSKSRDSFLKRVKENDQKKKEAKEKGTWVQLKRQPAPPREAHFVRTNGKEPELLEPIPYEFMA
;
LT
62 'polypeptide(L)'
;QVLKFTLDCTHPVEDGIMDAANFEQFLQERIKVNGKAGNLGGGVVTIERSKSKITVTSEVPFSKRYLKYLTKKYLKKNNL
RDWLRVVANSKESYELRYFQI
;
LU
63 'polypeptide(L)'
;SGAKFRISLGLPVGAVINCADNTGAKNLYIISVKGIKGRLNRLPAAGVGDMVMATVKKGKPELRKKVHPAVVIRQRKSYR
RKDGVFLYFEDNAGVIVNNKGEMKGSAITGPVAKECADLWPRIASNAGSIA
;
LV
64 'polypeptide(L)'
;KKKIRTSPTFRRPKTLRLRRQPKYPRKSAPRRNKLDHYAIIKFPLTTESAMKKIEDNNTLVFIVDVKANKHQIKQAVKKL
YDIDVAKVNTLIRPDGEKKAYVRLAPDYDALDVANKIGII
;
LX
65 'polypeptide(L)'
;MKFNPFVTSDRSKNRKRHFNAPSHIRRKIMSSPLSKELRQKYNVRSMPIRKDDEVQVVRGHYKGQQIGKVVQVYRKKYVI
YIERVQREKANGTTVHVGIHPSKVVITRLKLDKDRKKILERKAKSRQVGKEKGK
;
LY
66 'polypeptide(L)'
;GKFMKPGKVVLVLAGRYSGRKAVIVKNIDDGTSDRPYSHALVAGIDRYPRKVTAAMGKKKIAKRSKIKSFVKVYNYNHLM
PTRYSVDIPLDKTVVNKDVFRDPALKRKARREAKVKFEERYKTGKNKWFFQKLRF
;
LZ
67 'polypeptide(L)'
;PSRLRKTRKLRGHVSHGHGRIGKHRKHPGGRGNAGGLHHHRINFDKYHPGYFGKVGMKHYHLKRNQSFCPTVNLDKLWTL
VSEQTRVNAAKNKTGAAPIIDVVRSGYYKVLGKGKLPKQPVIVKAKFFSRRAEEKIKSVGGACVLVA
;
La
68 'polypeptide(L)'
;AKSKNHTTHNQSRKWHRNGIKKPRSQRYESLKGVDPKFLRNMRFAKKHNKKGLKKMQANNAKAMSARAEAIKALVVSRKL
DRLAYIAHPKLGKRARARIAKGLRLCRPK
;
Lb
69 'polypeptide(L)'
;KSLESINSRLQLVMKSGKYVLGYKQTLKMIRQGKAKLVILANNCPALRKSEIEYYAMLAKTGVHHYSGNNIELGTACGKY
YRVCTLAIIDPGDSDIIR
;
Lc
70 'polypeptide(L)'
;NEVVTREYTINIHKRIHGVGFKKRAPRALKEIRKFAMKEMGTPDVRIDTRLNKAVWAKGIRNVPYRIRVRLSRKRNEDED
SPNKLYTLVTYVPVTTFKNLQTVNVDE
;
Ld
71 'polypeptide(L)'
;AALRPLVKPKIVKKRTKKFIRHQSDRYVKIKRNWRKPRGIDNRVRRRFKGQILMPNIGYGSNKKTKHMLPSGFRKFLVHN
VKELEVLLMCNKSYCAEIAHNVSSKNRKAIVERAAQLAIRVTNPNARL
;
Le
72 'polypeptide(L)'
;SGRLWSKAIFAGYKRGLRNQREHTALLKIEGVYARDETEFYLGKRCAYVYKAKNNTVTPGGKPNKTRVIWGKVTRAHGNS
GMVRAKFRSNLPAKAIGHRIRVMLYPSRI
;
Lf
73 'polypeptide(L)'
;VQRLTYRRRLSYNTASNKTRLSRTPGNRIVYLYTKKVGKAPKSACGVCPGRLRGVRAVRPKVLMRLSKTKKHVSRAYGGS
MCAKCVRDRIKRAFLIEEQKIVVKVLKAQAQSQK
;
Lg
74 'polypeptide(L)'
;AKIKARDLRGKKKEELLKQLDDLKVELSQLRVAKVTGGAASKLSKIRVVRKSIARVLTVINQTQKENLRKFYKGKKYKPL
DLRPKKTRAMRRRLNKHEENLKTKKQQRKERLYPLRKYAVKA
;
Lh
75 'polypeptide(L)'
;ALRYPMAVGLNKGHKVTKNVSKPRHSRRRGRLTKHTKFVRDMIREVCGFAPYERRAMELLKVSKDKRALKFIKKRVGTHI
RAKRKREELSNVLAAMRKAAAK
;
Li
76 'polypeptide(L)'
;TKGTSSFGKRRNKTHTLCRRCGSKAYHLQKSTCGKCGYPAKRKRKYNWSAKAKRRNTTGTGRMRHLKIVYRRFRHGFREG
TTPKPK
;
Lj
77 'polypeptide(L)' PRKIEEIKDFLLTARRKDAKSVKIKKNKDNVKFKVRCSRYLYTLVITDKEKAEKLKQSLPPGLAVKELK Lk
78 'polypeptide(L)' SSHKTFRIKRFLAKKQKQNRPIPQWIRMKTGNKIRYNSKRRHWRRTKLGL Ll
79 'polypeptide(L)' IIEPSLRQLAQKYNCDKMICRKCYARLHPRAVNCRKKKCGHTNNLRPKKKVK Lm
80 'polypeptide(L)' MRAKWRKKRMRRLKRKRRKMRQRS Ln
81 'polypeptide(L)'
;VNVPKTRRTFCKKCGKHQPHKVTQYKKGKDSLYAQGKRRYDRKQSGYGGQTKPIFRKKAKTTKKIVLRLECVEPNCRSKR
MLAIKRCKHFELGGDKKRKGQVIQF
;
Lo
82 'polypeptide(L)'
;AKRTKKVGIVGKYGTRYGASLRKMVKKIEISQHAKYTCSFCGKTKMKRRAVGIWHCGSCMKTVAGGAWTYNTTSAVTVKS
AIRRLKELKDQ
;
Lp
83 'polypeptide(L)'
;SAHLQWMVVRNCSSFLIKRNKQTYSTEPNNLKARNSFRYNGLIHRKTVGVEPAADGKGVVVVIKRRSGQRKPATSYVRTT
INKNARATLSSIRHMIRKNKYRPDLRMAAIRRASAILRSQKPVMV
;
Lr
84 'polypeptide(L)'
;DRATWKSNYFLKIIQLLDDYPKCFIVGADNVGSKQMQQIRMSLRGKAVVLMGKNTMMRKAIRGHLENNPALEKLLPHIRG
NVGFVFTKEDLTEIRDMLLANKVPAAARAGAIAPCEVTVPAQNTGLGPEKTSFFQALGITTKISRGTIEILSDVQLIKTG
DKVGASEATLLNMLNISPFSFGLVIQQVFDNGSIYN
;
Ls
85 'polypeptide(L)'
;PNEIKVVYLRCTGGEVGATSALAPKIGPLGLSPKKVGDDIAKATGDWKGLRITVKLTIQNRQAQIEVVPSASALIIKALK
EITFDEIVNIARQMRHRSLARELSGTIKEILGTAQSVGCNVDGRHPHDIIDDINSGAVECP
;
Lt
#
loop_
_chem_comp.id
_chem_comp.type
_chem_comp.name
_chem_comp.formula
1MA RNA linking 6-HYDRO-1-METHYLADENOSINE-5'-MONOPHOSPHATE 'C11 H16 N5 O7 P'
4AC RNA linking N(4)-ACETYLCYTIDINE-5'-MONOPHOSPHATE 'C11 H16 N3 O9 P'
5MC RNA linking 5-METHYLCYTIDINE-5'-MONOPHOSPHATE 'C10 H16 N3 O8 P'
6MZ RNA linking N6-METHYLADENOSINE-5'-MONOPHOSPHATE 'C11 H16 N5 O7 P'
A RNA linking ADENOSINE-5'-MONOPHOSPHATE 'C10 H14 N5 O7 P'
A2M RNA linking '2'-O-methyladenosine 5'-(dihydrogen phosphate)' 'C11 H16 N5 O7 P'
B8N RNA linking '(2~{R})-2-azanyl-4-[5-[(2~{S},3~{R},4~{S},5~{R})-3,4-bis(oxidanyl)-5-(phosphonooxymethyl)oxolan-2-yl]-3-methyl-2,6-bis(oxidanylidene)pyrimidin-1-yl]butanoic acid' 'C14 H22 N3 O11 P'
C RNA linking CYTIDINE-5'-MONOPHOSPHATE 'C9 H14 N3 O8 P'
G RNA linking GUANOSINE-5'-MONOPHOSPHATE 'C10 H14 N5 O8 P'
G7M RNA linking N7-METHYL-GUANOSINE-5'-MONOPHOSPHATE 'C11 H17 N5 O8 P 1'
MA6 RNA linking 6N-DIMETHYLADENOSINE-5'-MONOPHOSHATE 'C12 H18 N5 O7 P'
MG non-polymer 'MAGNESIUM ION' 'Mg 2'
OMC RNA linking O2'-METHYLYCYTIDINE-5'-MONOPHOSPHATE 'C10 H16 N3 O8 P'
OMG RNA linking O2'-METHYLGUANOSINE-5'-MONOPHOSPHATE 'C11 H16 N5 O8 P'
OMU RNA linking 'O2'-METHYLURIDINE 5'-MONOPHOSPHATE' 'C10 H15 N2 O9 P'
PSU RNA linking PSEUDOURIDINE-5'-MONOPHOSPHATE 'C9 H13 N2 O9 P'
SPD non-polymer SPERMIDINE 'C7 H19 N3'
SPM non-polymer SPERMINE 'C10 H26 N4'
U RNA linking URIDINE-5'-MONOPHOSPHATE 'C9 H13 N2 O9 P'
UR3 RNA linking 3-METHYLURIDINE-5'-MONOPHOSHATE 'C10 H15 N2 O9 P'
UY1 RNA linking 2'-O-methylpseudouridine-5'-monophosphate 'C10 H15 N2 O9 P'
ZN non-polymer 'ZINC ION' 'Zn 2'
#
# COMPACT_ATOMS: atom_id res chain seq x y z
N GLY A 1 80.34 -13.09 -86.42
CA GLY A 1 81.53 -13.43 -87.20
C GLY A 1 82.74 -12.57 -86.89
N ALA A 2 83.74 -13.19 -86.28
CA ALA A 2 84.99 -12.50 -85.97
C ALA A 2 85.93 -12.40 -87.15
N LEU A 3 85.66 -13.14 -88.24
CA LEU A 3 86.55 -13.14 -89.39
C LEU A 3 86.43 -11.84 -90.18
N ASP A 4 87.48 -11.55 -90.93
CA ASP A 4 87.49 -10.35 -91.77
C ASP A 4 86.48 -10.42 -92.91
N VAL A 5 86.22 -11.63 -93.43
CA VAL A 5 85.21 -11.78 -94.47
C VAL A 5 83.83 -11.46 -93.92
N LEU A 6 83.57 -11.81 -92.67
CA LEU A 6 82.31 -11.52 -92.01
C LEU A 6 82.48 -10.25 -91.19
N GLN A 7 82.48 -9.12 -91.89
CA GLN A 7 82.61 -7.82 -91.27
C GLN A 7 81.68 -6.83 -91.98
N MET A 8 81.32 -5.78 -91.26
CA MET A 8 80.60 -4.68 -91.89
C MET A 8 81.51 -3.97 -92.89
N LYS A 9 80.91 -3.52 -93.98
CA LYS A 9 81.62 -2.79 -95.02
C LYS A 9 81.17 -1.34 -95.00
N GLU A 10 81.80 -0.54 -95.87
CA GLU A 10 81.43 0.87 -95.96
C GLU A 10 80.01 1.04 -96.46
N GLU A 11 79.62 0.26 -97.48
CA GLU A 11 78.29 0.41 -98.06
C GLU A 11 77.20 -0.10 -97.11
N ASP A 12 77.52 -1.09 -96.27
CA ASP A 12 76.56 -1.58 -95.31
C ASP A 12 76.32 -0.56 -94.20
N VAL A 13 77.37 0.17 -93.82
CA VAL A 13 77.21 1.26 -92.86
C VAL A 13 76.32 2.36 -93.44
N LEU A 14 76.53 2.70 -94.71
CA LEU A 14 75.73 3.74 -95.35
C LEU A 14 74.25 3.36 -95.41
N LYS A 15 73.97 2.10 -95.74
CA LYS A 15 72.59 1.65 -95.82
C LYS A 15 71.92 1.66 -94.45
N PHE A 16 72.67 1.27 -93.41
CA PHE A 16 72.11 1.28 -92.05
C PHE A 16 71.77 2.70 -91.61
N LEU A 17 72.68 3.64 -91.86
CA LEU A 17 72.47 5.01 -91.41
C LEU A 17 71.30 5.68 -92.14
N ALA A 18 71.17 5.40 -93.44
CA ALA A 18 70.12 6.05 -94.23
C ALA A 18 68.73 5.64 -93.77
N ALA A 19 68.53 4.35 -93.49
CA ALA A 19 67.21 3.82 -93.13
C ALA A 19 66.94 3.84 -91.64
N GLY A 20 67.55 4.76 -90.90
CA GLY A 20 67.42 4.74 -89.45
C GLY A 20 68.26 3.63 -88.86
N THR A 21 67.59 2.56 -88.42
CA THR A 21 68.20 1.29 -88.03
C THR A 21 68.97 1.40 -86.71
N HIS A 22 69.13 2.63 -86.21
CA HIS A 22 69.75 2.87 -84.91
C HIS A 22 68.98 3.86 -84.07
N LEU A 23 68.03 4.59 -84.63
CA LEU A 23 67.20 5.54 -83.89
C LEU A 23 65.99 4.77 -83.36
N GLY A 24 66.16 4.14 -82.20
CA GLY A 24 65.10 3.38 -81.60
C GLY A 24 64.10 4.25 -80.84
N GLY A 25 63.64 3.76 -79.70
CA GLY A 25 62.68 4.48 -78.89
C GLY A 25 63.33 5.32 -77.80
N THR A 26 62.47 5.95 -77.01
CA THR A 26 62.90 6.79 -75.89
C THR A 26 62.94 6.04 -74.57
N ASN A 27 62.58 4.75 -74.56
CA ASN A 27 62.58 3.94 -73.35
C ASN A 27 63.50 2.75 -73.54
N LEU A 28 64.27 2.43 -72.48
CA LEU A 28 65.24 1.35 -72.53
C LEU A 28 64.78 0.20 -71.65
N ASP A 29 64.66 -0.98 -72.26
CA ASP A 29 64.41 -2.20 -71.51
C ASP A 29 65.71 -2.67 -70.85
N PHE A 30 65.60 -3.19 -69.63
CA PHE A 30 66.79 -3.60 -68.89
C PHE A 30 67.52 -4.75 -69.56
N GLN A 31 66.84 -5.51 -70.42
CA GLN A 31 67.49 -6.60 -71.13
C GLN A 31 68.35 -6.14 -72.29
N MET A 32 68.26 -4.87 -72.68
CA MET A 32 68.96 -4.36 -73.85
C MET A 32 70.02 -3.30 -73.49
N GLU A 33 70.46 -3.24 -72.25
CA GLU A 33 71.41 -2.20 -71.85
C GLU A 33 72.75 -2.39 -72.54
N GLN A 34 73.29 -3.61 -72.52
CA GLN A 34 74.59 -3.85 -73.13
C GLN A 34 74.54 -3.83 -74.65
N TYR A 35 73.35 -3.72 -75.25
CA TYR A 35 73.24 -3.52 -76.68
C TYR A 35 73.24 -2.05 -77.06
N ILE A 36 72.77 -1.17 -76.16
CA ILE A 36 72.70 0.25 -76.50
C ILE A 36 74.08 0.87 -76.35
N TYR A 37 74.25 2.05 -76.96
CA TYR A 37 75.51 2.77 -76.94
C TYR A 37 75.43 4.06 -76.15
N LYS A 38 74.54 4.97 -76.51
CA LYS A 38 74.41 6.24 -75.83
C LYS A 38 73.04 6.84 -76.14
N ARG A 39 72.59 7.73 -75.27
CA ARG A 39 71.34 8.44 -75.43
C ARG A 39 71.62 9.90 -75.77
N LYS A 40 70.96 10.41 -76.80
CA LYS A 40 71.15 11.80 -77.18
C LYS A 40 70.20 12.71 -76.39
N SER A 41 70.47 14.02 -76.48
CA SER A 41 69.68 14.99 -75.73
C SER A 41 68.25 15.08 -76.22
N ASP A 42 67.99 14.70 -77.48
CA ASP A 42 66.63 14.74 -77.99
C ASP A 42 65.75 13.65 -77.38
N GLY A 43 66.36 12.62 -76.78
CA GLY A 43 65.62 11.55 -76.13
C GLY A 43 65.64 10.23 -76.86
N ILE A 44 66.32 10.13 -78.00
CA ILE A 44 66.34 8.91 -78.79
C ILE A 44 67.62 8.15 -78.48
N TYR A 45 67.48 6.87 -78.15
CA TYR A 45 68.64 6.03 -77.87
C TYR A 45 69.31 5.61 -79.16
N ILE A 46 70.64 5.44 -79.09
CA ILE A 46 71.46 5.06 -80.22
C ILE A 46 72.05 3.69 -79.94
N ILE A 47 71.84 2.76 -80.86
CA ILE A 47 72.29 1.39 -80.69
C ILE A 47 73.68 1.23 -81.29
N ASN A 48 74.39 0.18 -80.89
CA ASN A 48 75.71 -0.13 -81.43
C ASN A 48 75.52 -1.02 -82.65
N LEU A 49 75.77 -0.46 -83.83
CA LEU A 49 75.55 -1.22 -85.06
C LEU A 49 76.60 -2.32 -85.24
N LYS A 50 77.72 -2.24 -84.52
CA LYS A 50 78.68 -3.34 -84.55
C LYS A 50 78.13 -4.56 -83.84
N ARG A 51 77.56 -4.37 -82.64
CA ARG A 51 76.91 -5.47 -81.94
C ARG A 51 75.67 -5.95 -82.70
N THR A 52 75.03 -5.04 -83.43
CA THR A 52 73.96 -5.42 -84.34
C THR A 52 74.46 -6.37 -85.40
N TRP A 53 75.63 -6.09 -85.98
CA TRP A 53 76.20 -6.97 -87.00
C TRP A 53 76.51 -8.34 -86.41
N GLU A 54 77.03 -8.38 -85.19
CA GLU A 54 77.41 -9.65 -84.59
C GLU A 54 76.20 -10.53 -84.31
N LYS A 55 75.12 -9.94 -83.77
CA LYS A 55 73.92 -10.73 -83.53
C LYS A 55 73.20 -11.09 -84.81
N LEU A 56 73.28 -10.22 -85.84
CA LEU A 56 72.70 -10.56 -87.13
C LEU A 56 73.42 -11.75 -87.75
N LEU A 57 74.74 -11.80 -87.63
CA LEU A 57 75.50 -12.95 -88.10
C LEU A 57 75.19 -14.19 -87.25
N LEU A 58 75.05 -14.00 -85.94
CA LEU A 58 74.76 -15.12 -85.05
C LEU A 58 73.41 -15.74 -85.39
N ALA A 59 72.42 -14.91 -85.71
CA ALA A 59 71.13 -15.43 -86.16
C ALA A 59 71.26 -16.15 -87.49
N ALA A 60 72.10 -15.63 -88.39
CA ALA A 60 72.30 -16.25 -89.69
C ALA A 60 72.91 -17.64 -89.54
N ARG A 61 73.86 -17.79 -88.62
CA ARG A 61 74.46 -19.10 -88.38
C ARG A 61 73.41 -20.10 -87.89
N ALA A 62 72.50 -19.64 -87.02
CA ALA A 62 71.43 -20.52 -86.55
C ALA A 62 70.49 -20.91 -87.68
N ILE A 63 70.15 -19.96 -88.54
CA ILE A 63 69.19 -20.22 -89.61
C ILE A 63 69.75 -21.23 -90.59
N VAL A 64 70.99 -21.03 -91.04
CA VAL A 64 71.62 -21.96 -91.97
C VAL A 64 71.98 -23.28 -91.33
N ALA A 65 71.91 -23.39 -90.00
CA ALA A 65 72.21 -24.63 -89.32
C ALA A 65 71.12 -25.68 -89.47
N ILE A 66 69.96 -25.31 -90.01
CA ILE A 66 68.86 -26.25 -90.21
C ILE A 66 68.93 -26.77 -91.64
N GLU A 67 69.00 -28.10 -91.76
CA GLU A 67 69.16 -28.72 -93.07
C GLU A 67 67.96 -28.52 -93.98
N ASN A 68 66.79 -28.24 -93.41
CA ASN A 68 65.59 -27.98 -94.20
C ASN A 68 65.37 -26.48 -94.26
N PRO A 69 65.52 -25.85 -95.43
CA PRO A 69 65.28 -24.40 -95.51
C PRO A 69 63.86 -23.99 -95.15
N ALA A 70 62.88 -24.86 -95.36
CA ALA A 70 61.50 -24.56 -95.02
C ALA A 70 61.18 -24.79 -93.55
N ASP A 71 62.08 -25.45 -92.81
CA ASP A 71 61.80 -25.73 -91.40
C ASP A 71 61.88 -24.50 -90.53
N VAL A 72 62.45 -23.41 -91.02
CA VAL A 72 62.44 -22.13 -90.32
C VAL A 72 61.28 -21.31 -90.86
N SER A 73 60.53 -20.68 -89.95
CA SER A 73 59.36 -19.92 -90.31
C SER A 73 59.54 -18.46 -89.92
N VAL A 74 59.00 -17.56 -90.74
CA VAL A 74 59.08 -16.13 -90.52
C VAL A 74 57.66 -15.59 -90.42
N ILE A 75 57.39 -14.81 -89.37
CA ILE A 75 56.03 -14.37 -89.06
C ILE A 75 56.03 -12.89 -88.75
N SER A 76 54.85 -12.28 -88.95
CA SER A 76 54.62 -10.88 -88.62
C SER A 76 53.13 -10.57 -88.64
N SER A 77 52.61 -10.02 -87.54
CA SER A 77 51.21 -9.60 -87.49
C SER A 77 51.04 -8.12 -87.78
N ARG A 78 52.13 -7.39 -87.99
CA ARG A 78 52.06 -5.98 -88.32
C ARG A 78 52.12 -5.78 -89.83
N ASN A 79 51.44 -4.73 -90.30
CA ASN A 79 51.50 -4.40 -91.72
C ASN A 79 52.91 -4.02 -92.15
N THR A 80 53.63 -3.28 -91.31
CA THR A 80 55.00 -2.88 -91.59
C THR A 80 55.92 -4.08 -91.34
N GLY A 81 56.03 -4.92 -92.37
CA GLY A 81 56.82 -6.14 -92.26
C GLY A 81 56.19 -7.31 -92.98
N GLN A 82 54.91 -7.18 -93.34
CA GLN A 82 54.24 -8.25 -94.06
C GLN A 82 54.83 -8.45 -95.44
N ARG A 83 55.20 -7.36 -96.11
CA ARG A 83 55.89 -7.53 -97.41
C ARG A 83 57.26 -8.14 -97.17
N ALA A 84 57.96 -7.68 -96.13
CA ALA A 84 59.32 -8.14 -95.90
C ALA A 84 59.38 -9.65 -95.65
N VAL A 85 58.45 -10.17 -94.85
CA VAL A 85 58.49 -11.59 -94.51
C VAL A 85 58.16 -12.44 -95.74
N LEU A 86 57.28 -11.96 -96.61
CA LEU A 86 56.96 -12.68 -97.83
C LEU A 86 58.17 -12.79 -98.75
N LYS A 87 58.87 -11.67 -98.96
CA LYS A 87 60.06 -11.69 -99.79
C LYS A 87 61.16 -12.53 -99.16
N PHE A 88 61.32 -12.43 -97.84
CA PHE A 88 62.35 -13.19 -97.15
C PHE A 88 62.11 -14.69 -97.28
N ALA A 89 60.87 -15.12 -97.04
CA ALA A 89 60.56 -16.54 -97.10
C ALA A 89 60.68 -17.09 -98.52
N ALA A 90 60.31 -16.28 -99.51
CA ALA A 90 60.44 -16.72 -100.89
C ALA A 90 61.90 -16.91 -101.29
N ALA A 91 62.77 -15.97 -100.88
CA ALA A 91 64.17 -16.06 -101.26
C ALA A 91 64.89 -17.17 -100.52
N THR A 92 64.65 -17.29 -99.21
CA THR A 92 65.38 -18.24 -98.39
C THR A 92 64.70 -19.59 -98.28
N GLY A 93 63.53 -19.77 -98.89
CA GLY A 93 62.80 -21.01 -98.79
C GLY A 93 62.03 -21.20 -97.51
N ALA A 94 61.93 -20.18 -96.67
CA ALA A 94 61.26 -20.30 -95.39
C ALA A 94 59.73 -20.33 -95.57
N THR A 95 59.04 -20.63 -94.48
CA THR A 95 57.59 -20.71 -94.50
C THR A 95 57.00 -19.47 -93.84
N PRO A 96 56.32 -18.60 -94.58
CA PRO A 96 55.78 -17.37 -93.98
C PRO A 96 54.38 -17.54 -93.42
N ILE A 97 54.11 -16.75 -92.38
CA ILE A 97 52.76 -16.58 -91.84
C ILE A 97 52.59 -15.10 -91.55
N ALA A 98 51.77 -14.42 -92.34
CA ALA A 98 51.57 -12.98 -92.21
C ALA A 98 50.14 -12.70 -91.73
N GLY A 99 49.98 -11.56 -91.07
CA GLY A 99 48.68 -11.11 -90.65
C GLY A 99 48.19 -11.75 -89.36
N ARG A 100 46.89 -12.04 -89.31
CA ARG A 100 46.28 -12.62 -88.11
C ARG A 100 46.85 -14.01 -87.88
N PHE A 101 47.60 -14.17 -86.79
CA PHE A 101 48.17 -15.46 -86.41
C PHE A 101 47.15 -16.16 -85.54
N THR A 102 46.49 -17.16 -86.11
CA THR A 102 45.48 -17.89 -85.36
C THR A 102 46.14 -18.68 -84.22
N PRO A 103 45.66 -18.54 -82.99
CA PRO A 103 46.21 -19.32 -81.89
C PRO A 103 45.97 -20.82 -82.12
N GLY A 104 46.94 -21.61 -81.67
CA GLY A 104 46.92 -23.04 -81.89
C GLY A 104 47.64 -23.49 -83.14
N THR A 105 48.30 -22.59 -83.85
CA THR A 105 49.06 -22.99 -85.04
C THR A 105 50.20 -23.91 -84.67
N PHE A 106 50.91 -23.61 -83.59
CA PHE A 106 52.03 -24.43 -83.16
C PHE A 106 51.63 -25.53 -82.19
N THR A 107 50.43 -25.45 -81.62
CA THR A 107 50.04 -26.35 -80.54
C THR A 107 48.88 -27.25 -80.93
N ASN A 108 47.76 -26.68 -81.38
CA ASN A 108 46.61 -27.48 -81.79
C ASN A 108 46.95 -28.28 -83.05
N GLN A 109 46.73 -29.59 -82.99
CA GLN A 109 47.16 -30.51 -84.04
C GLN A 109 46.01 -31.03 -84.89
N ILE A 110 44.95 -30.23 -85.05
CA ILE A 110 43.74 -30.64 -85.73
C ILE A 110 43.52 -29.85 -87.01
N GLN A 111 43.57 -28.53 -86.94
CA GLN A 111 43.25 -27.71 -88.09
C GLN A 111 44.34 -27.79 -89.15
N ALA A 112 44.00 -27.32 -90.35
CA ALA A 112 44.94 -27.35 -91.47
C ALA A 112 46.10 -26.38 -91.29
N ALA A 113 45.96 -25.40 -90.42
CA ALA A 113 47.02 -24.42 -90.18
C ALA A 113 48.11 -24.94 -89.25
N PHE A 114 47.96 -26.16 -88.72
CA PHE A 114 48.94 -26.68 -87.77
C PHE A 114 50.24 -26.99 -88.49
N ARG A 115 51.35 -26.50 -87.93
CA ARG A 115 52.68 -26.78 -88.45
C ARG A 115 53.65 -26.80 -87.28
N GLU A 116 54.80 -27.44 -87.50
CA GLU A 116 55.79 -27.68 -86.45
C GLU A 116 57.15 -27.17 -86.93
N PRO A 117 57.37 -25.86 -86.86
CA PRO A 117 58.67 -25.32 -87.28
C PRO A 117 59.77 -25.68 -86.31
N ARG A 118 61.00 -25.72 -86.82
CA ARG A 118 62.19 -25.94 -86.00
C ARG A 118 62.91 -24.64 -85.67
N LEU A 119 62.41 -23.50 -86.16
CA LEU A 119 62.98 -22.20 -85.83
C LEU A 119 61.91 -21.15 -86.06
N LEU A 120 62.07 -20.01 -85.40
CA LEU A 120 61.13 -18.91 -85.50
C LEU A 120 61.88 -17.61 -85.74
N VAL A 121 61.29 -16.73 -86.55
CA VAL A 121 61.76 -15.36 -86.72
C VAL A 121 60.57 -14.43 -86.57
N VAL A 122 60.75 -13.35 -85.81
CA VAL A 122 59.66 -12.48 -85.42
C VAL A 122 60.04 -11.03 -85.71
N THR A 123 59.12 -10.31 -86.34
CA THR A 123 59.32 -8.91 -86.66
C THR A 123 59.22 -8.01 -85.44
N ASP A 124 58.23 -8.26 -84.57
CA ASP A 124 58.05 -7.45 -83.37
C ASP A 124 57.61 -8.34 -82.21
N PRO A 125 58.40 -8.43 -81.14
CA PRO A 125 57.98 -9.25 -79.99
C PRO A 125 56.67 -8.81 -79.35
N ARG A 126 56.43 -7.50 -79.28
CA ARG A 126 55.22 -7.00 -78.64
C ARG A 126 53.97 -7.35 -79.44
N ALA A 127 54.02 -7.14 -80.75
CA ALA A 127 52.88 -7.49 -81.60
C ALA A 127 52.72 -9.00 -81.69
N ASP A 128 53.80 -9.71 -81.97
CA ASP A 128 53.76 -11.17 -82.08
C ASP A 128 54.02 -11.84 -80.73
N HIS A 129 53.27 -11.42 -79.71
CA HIS A 129 53.43 -12.04 -78.40
C HIS A 129 52.80 -13.44 -78.39
N GLN A 130 51.69 -13.61 -79.10
CA GLN A 130 51.01 -14.91 -79.11
C GLN A 130 51.85 -16.03 -79.70
N PRO A 131 52.47 -15.88 -80.89
CA PRO A 131 53.31 -16.99 -81.38
C PRO A 131 54.54 -17.25 -80.54
N LEU A 132 55.09 -16.22 -79.89
CA LEU A 132 56.21 -16.44 -78.99
C LEU A 132 55.81 -17.32 -77.82
N THR A 133 54.60 -17.10 -77.28
CA THR A 133 54.11 -17.94 -76.19
C THR A 133 53.94 -19.38 -76.62
N GLU A 134 53.39 -19.59 -77.83
CA GLU A 134 53.15 -20.96 -78.30
C GLU A 134 54.46 -21.70 -78.54
N ALA A 135 55.54 -20.96 -78.82
CA ALA A 135 56.85 -21.60 -79.01
C ALA A 135 57.37 -22.22 -77.71
N SER A 136 56.83 -21.83 -76.56
CA SER A 136 57.24 -22.36 -75.27
C SER A 136 56.53 -23.66 -74.93
N TYR A 137 55.72 -24.21 -75.83
CA TYR A 137 55.07 -25.48 -75.59
C TYR A 137 55.61 -26.61 -76.44
N VAL A 138 56.49 -26.32 -77.41
CA VAL A 138 56.90 -27.31 -78.38
C VAL A 138 58.42 -27.33 -78.56
N ASN A 139 59.14 -26.69 -77.64
CA ASN A 139 60.59 -26.55 -77.70
C ASN A 139 61.03 -25.87 -79.00
N LEU A 140 60.48 -24.69 -79.25
CA LEU A 140 60.77 -23.98 -80.48
C LEU A 140 61.77 -22.86 -80.22
N PRO A 141 63.01 -22.96 -80.70
CA PRO A 141 63.93 -21.82 -80.59
C PRO A 141 63.39 -20.64 -81.39
N THR A 142 63.58 -19.44 -80.86
CA THR A 142 62.95 -18.25 -81.41
C THR A 142 63.98 -17.17 -81.65
N ILE A 143 63.72 -16.36 -82.69
CA ILE A 143 64.46 -15.15 -82.98
C ILE A 143 63.43 -14.05 -83.17
N ALA A 144 63.75 -12.87 -82.66
CA ALA A 144 62.95 -11.68 -82.92
C ALA A 144 63.93 -10.57 -83.27
N LEU A 145 63.43 -9.54 -83.97
CA LEU A 145 64.36 -8.49 -84.34
C LEU A 145 64.86 -7.74 -83.12
N CYS A 146 64.06 -6.80 -82.61
CA CYS A 146 64.19 -6.19 -81.33
C CYS A 146 63.41 -4.90 -81.18
N ASN A 147 63.71 -4.15 -80.13
CA ASN A 147 63.03 -2.88 -79.86
C ASN A 147 64.08 -2.32 -78.74
N THR A 148 64.21 -1.01 -78.58
CA THR A 148 64.84 -0.49 -77.38
C THR A 148 64.02 -0.74 -76.13
N ASP A 149 62.77 -1.17 -76.27
CA ASP A 149 61.88 -1.44 -75.15
C ASP A 149 61.11 -2.74 -75.31
N SER A 150 61.50 -3.59 -76.26
CA SER A 150 60.77 -4.83 -76.48
C SER A 150 61.06 -5.82 -75.37
N PRO A 151 60.04 -6.37 -74.71
CA PRO A 151 60.28 -7.45 -73.74
C PRO A 151 60.87 -8.67 -74.43
N LEU A 152 61.76 -9.36 -73.71
CA LEU A 152 62.45 -10.51 -74.27
C LEU A 152 62.13 -11.77 -73.48
N ARG A 153 60.84 -12.00 -73.19
CA ARG A 153 60.46 -13.10 -72.32
C ARG A 153 60.90 -14.44 -72.90
N TYR A 154 60.67 -14.64 -74.20
CA TYR A 154 61.03 -15.90 -74.85
C TYR A 154 62.08 -15.72 -75.94
N VAL A 155 62.52 -14.49 -76.21
CA VAL A 155 63.42 -14.24 -77.33
C VAL A 155 64.83 -14.71 -76.97
N ASP A 156 65.54 -15.27 -77.95
CA ASP A 156 66.83 -15.90 -77.70
C ASP A 156 67.99 -15.23 -78.44
N ILE A 157 67.79 -14.84 -79.69
CA ILE A 157 68.89 -14.33 -80.52
C ILE A 157 68.53 -12.94 -81.05
N ALA A 158 67.87 -12.13 -80.21
CA ALA A 158 67.45 -10.79 -80.62
C ALA A 158 68.62 -9.98 -81.17
N ILE A 159 68.43 -9.42 -82.35
CA ILE A 159 69.43 -8.61 -83.04
C ILE A 159 69.16 -7.14 -82.74
N PRO A 160 70.12 -6.41 -82.13
CA PRO A 160 69.90 -4.96 -81.89
C PRO A 160 69.56 -4.25 -83.18
N CYS A 161 68.64 -3.29 -83.13
CA CYS A 161 67.96 -2.85 -84.34
C CYS A 161 67.14 -1.61 -84.03
N ASN A 162 66.37 -1.18 -85.04
CA ASN A 162 65.21 -0.32 -84.86
C ASN A 162 64.08 -0.91 -85.69
N ASN A 163 62.90 -1.02 -85.08
CA ASN A 163 61.73 -1.49 -85.81
C ASN A 163 60.65 -0.44 -85.97
N LYS A 164 60.87 0.76 -85.41
CA LYS A 164 59.86 1.82 -85.50
C LYS A 164 59.65 2.29 -86.93
N GLY A 165 60.69 2.24 -87.75
CA GLY A 165 60.62 2.72 -89.13
C GLY A 165 60.38 1.59 -90.10
N ALA A 166 59.54 1.86 -91.10
CA ALA A 166 59.29 0.87 -92.15
C ALA A 166 60.54 0.64 -92.99
N HIS A 167 61.36 1.67 -93.17
CA HIS A 167 62.59 1.53 -93.94
C HIS A 167 63.58 0.59 -93.24
N SER A 168 63.72 0.75 -91.92
CA SER A 168 64.65 -0.11 -91.18
C SER A 168 64.17 -1.55 -91.15
N VAL A 169 62.86 -1.76 -90.99
CA VAL A 169 62.32 -3.11 -90.94
C VAL A 169 62.54 -3.82 -92.27
N GLY A 170 62.23 -3.13 -93.38
CA GLY A 170 62.41 -3.73 -94.68
C GLY A 170 63.87 -4.03 -94.99
N LEU A 171 64.76 -3.08 -94.67
CA LEU A 171 66.18 -3.26 -94.94
C LEU A 171 66.76 -4.43 -94.16
N MET A 172 66.41 -4.53 -92.87
CA MET A 172 67.05 -5.53 -92.02
C MET A 172 66.59 -6.94 -92.39
N TRP A 173 65.36 -7.07 -92.87
CA TRP A 173 64.92 -8.35 -93.41
C TRP A 173 65.72 -8.72 -94.65
N TRP A 174 66.02 -7.74 -95.50
CA TRP A 174 66.87 -8.00 -96.66
C TRP A 174 68.29 -8.36 -96.23
N MET A 175 68.80 -7.70 -95.19
CA MET A 175 70.16 -7.96 -94.73
C MET A 175 70.31 -9.39 -94.22
N LEU A 176 69.32 -9.88 -93.47
CA LEU A 176 69.36 -11.25 -93.01
C LEU A 176 69.28 -12.22 -94.18
N ALA A 177 68.45 -11.91 -95.18
CA ALA A 177 68.34 -12.76 -96.36
C ALA A 177 69.66 -12.84 -97.10
N ARG A 178 70.36 -11.72 -97.22
CA ARG A 178 71.66 -11.72 -97.90
C ARG A 178 72.67 -12.55 -97.12
N GLU A 179 72.64 -12.48 -95.80
CA GLU A 179 73.64 -13.19 -95.00
C GLU A 179 73.39 -14.69 -94.99
N VAL A 180 72.12 -15.11 -94.85
CA VAL A 180 71.83 -16.53 -94.83
C VAL A 180 71.98 -17.16 -96.20
N LEU A 181 72.04 -16.35 -97.26
CA LEU A 181 72.32 -16.87 -98.59
C LEU A 181 73.82 -16.86 -98.88
N ARG A 182 74.51 -15.80 -98.50
CA ARG A 182 75.97 -15.74 -98.69
C ARG A 182 76.67 -16.80 -97.85
N MET A 183 76.14 -17.12 -96.67
CA MET A 183 76.71 -18.19 -95.87
C MET A 183 76.48 -19.55 -96.51
N ARG A 184 75.32 -19.75 -97.16
CA ARG A 184 75.10 -20.95 -97.93
C ARG A 184 75.83 -20.86 -99.26
N GLY A 185 75.87 -21.98 -99.98
CA GLY A 185 76.52 -22.02 -101.27
C GLY A 185 75.65 -21.54 -102.41
N THR A 186 75.07 -20.35 -102.26
CA THR A 186 74.20 -19.77 -103.27
C THR A 186 74.72 -18.47 -103.86
N ILE A 187 75.23 -17.57 -103.04
CA ILE A 187 75.76 -16.29 -103.50
C ILE A 187 77.27 -16.29 -103.28
N SER A 188 78.01 -15.91 -104.31
CA SER A 188 79.47 -15.94 -104.28
C SER A 188 80.08 -14.85 -103.41
N ARG A 189 79.27 -13.90 -102.93
CA ARG A 189 79.63 -12.93 -101.89
C ARG A 189 80.56 -11.83 -102.40
N GLU A 190 81.03 -11.93 -103.65
CA GLU A 190 81.91 -10.90 -104.17
C GLU A 190 81.12 -9.69 -104.67
N HIS A 191 80.28 -9.90 -105.68
CA HIS A 191 79.45 -8.81 -106.15
C HIS A 191 78.24 -8.65 -105.23
N PRO A 192 77.69 -7.44 -105.13
CA PRO A 192 76.49 -7.24 -104.30
C PRO A 192 75.29 -8.01 -104.82
N TRP A 193 74.39 -8.35 -103.90
CA TRP A 193 73.20 -9.10 -104.24
C TRP A 193 72.34 -8.31 -105.21
N GLU A 194 71.88 -8.98 -106.27
CA GLU A 194 71.09 -8.32 -107.31
C GLU A 194 69.72 -7.88 -106.82
N VAL A 195 69.22 -8.47 -105.74
CA VAL A 195 67.92 -8.09 -105.20
C VAL A 195 68.06 -6.76 -104.49
N MET A 196 67.29 -5.78 -104.91
CA MET A 196 67.37 -4.46 -104.30
C MET A 196 66.63 -4.45 -102.97
N PRO A 197 67.22 -3.88 -101.92
CA PRO A 197 66.66 -4.03 -100.57
C PRO A 197 65.25 -3.46 -100.40
N ASP A 198 64.88 -2.43 -101.18
CA ASP A 198 63.56 -1.84 -100.99
C ASP A 198 62.44 -2.69 -101.56
N LEU A 199 62.74 -3.82 -102.20
CA LEU A 199 61.70 -4.79 -102.51
C LEU A 199 61.11 -5.37 -101.23
N TYR A 200 61.91 -5.44 -100.16
CA TYR A 200 61.40 -5.81 -98.84
C TYR A 200 60.69 -4.66 -98.13
N PHE A 201 60.88 -3.43 -98.60
CA PHE A 201 60.29 -2.28 -97.94
C PHE A 201 58.76 -2.35 -97.99
N TYR A 202 58.12 -1.88 -96.93
CA TYR A 202 56.68 -1.85 -96.87
C TYR A 202 56.15 -0.57 -97.51
N ARG A 203 55.05 -0.72 -98.26
CA ARG A 203 54.41 0.45 -98.92
C ARG A 203 53.05 0.71 -98.28
N ASP A 204 52.84 1.92 -97.77
CA ASP A 204 51.60 2.30 -97.11
C ASP A 204 50.43 2.14 -98.07
N PRO A 205 49.24 1.79 -97.57
CA PRO A 205 48.09 1.61 -98.46
C PRO A 205 47.73 2.86 -99.27
N GLU A 206 48.04 4.05 -98.77
CA GLU A 206 47.82 5.24 -99.57
C GLU A 206 48.81 5.32 -100.72
N GLU A 207 50.09 5.01 -100.44
CA GLU A 207 51.13 5.09 -101.45
C GLU A 207 51.10 3.92 -102.43
N ILE A 208 50.40 2.83 -102.06
CA ILE A 208 50.30 1.67 -102.98
C ILE A 208 49.22 1.94 -104.03
N GLU A 209 48.55 3.09 -103.96
CA GLU A 209 47.51 3.45 -104.90
C GLU A 209 47.89 4.58 -105.84
N LYS A 210 48.62 5.58 -105.36
CA LYS A 210 48.93 6.75 -106.17
C LYS A 210 50.31 6.69 -106.81
N GLU A 211 51.22 5.88 -106.28
CA GLU A 211 52.59 5.85 -106.82
C GLU A 211 52.64 5.11 -108.16
N GLU A 212 51.92 4.00 -108.27
CA GLU A 212 52.00 3.19 -109.50
C GLU A 212 51.23 3.86 -110.66
N GLN A 213 50.28 4.75 -110.37
CA GLN A 213 49.56 5.46 -111.43
C GLN A 213 50.24 6.76 -111.82
N ALA A 214 50.87 7.44 -110.86
CA ALA A 214 51.67 8.62 -111.21
C ALA A 214 52.91 8.20 -111.99
N ALA A 215 53.51 7.07 -111.63
CA ALA A 215 54.64 6.55 -112.39
C ALA A 215 54.20 6.07 -113.78
N ALA A 216 52.99 5.49 -113.86
CA ALA A 216 52.45 5.11 -115.16
C ALA A 216 52.22 6.33 -116.04
N GLU A 217 51.71 7.42 -115.46
CA GLU A 217 51.49 8.64 -116.22
C GLU A 217 52.80 9.31 -116.64
N LYS A 218 53.85 9.15 -115.84
CA LYS A 218 55.15 9.69 -116.21
C LYS A 218 55.85 8.84 -117.25
N ALA A 219 55.65 7.52 -117.20
CA ALA A 219 56.34 6.62 -118.11
C ALA A 219 55.81 6.72 -119.54
N VAL A 220 54.51 6.97 -119.71
CA VAL A 220 53.95 7.05 -121.05
C VAL A 220 54.49 8.28 -121.79
N THR A 221 54.69 9.38 -121.08
CA THR A 221 55.19 10.61 -121.69
C THR A 221 56.41 11.13 -120.96
N VAL B 1 -3.37 51.42 -50.48
CA VAL B 1 -4.18 51.85 -51.62
C VAL B 1 -3.29 52.49 -52.68
N VAL B 2 -2.85 53.72 -52.39
CA VAL B 2 -1.94 54.40 -53.30
C VAL B 2 -0.57 53.75 -53.22
N ASP B 3 0.00 53.42 -54.37
CA ASP B 3 1.30 52.75 -54.41
C ASP B 3 2.38 53.70 -53.89
N PRO B 4 3.25 53.24 -52.98
CA PRO B 4 4.21 54.15 -52.34
C PRO B 4 5.25 54.74 -53.29
N PHE B 5 5.45 54.13 -54.46
CA PHE B 5 6.45 54.63 -55.38
C PHE B 5 6.07 55.97 -56.00
N SER B 6 4.81 56.37 -55.90
CA SER B 6 4.40 57.69 -56.36
C SER B 6 4.97 58.79 -55.47
N LYS B 7 5.16 58.50 -54.18
CA LYS B 7 5.63 59.47 -53.21
C LYS B 7 7.16 59.50 -53.10
N LYS B 8 7.88 59.12 -54.15
CA LYS B 8 9.32 59.00 -54.12
C LYS B 8 9.95 59.95 -55.14
N ASP B 9 11.28 60.00 -55.10
CA ASP B 9 12.06 60.82 -56.02
C ASP B 9 13.35 60.11 -56.35
N TRP B 10 13.97 60.48 -57.47
CA TRP B 10 15.15 59.80 -57.98
C TRP B 10 16.36 60.72 -57.93
N TYR B 11 17.52 60.14 -57.69
CA TYR B 11 18.78 60.87 -57.58
C TYR B 11 19.82 60.18 -58.46
N ASP B 12 20.80 60.96 -58.92
CA ASP B 12 21.87 60.45 -59.77
C ASP B 12 23.12 60.21 -58.94
N VAL B 13 23.60 58.98 -58.95
CA VAL B 13 24.78 58.58 -58.18
C VAL B 13 26.02 58.90 -59.00
N LYS B 14 26.96 59.63 -58.40
CA LYS B 14 28.13 60.15 -59.08
C LYS B 14 29.40 59.63 -58.43
N ALA B 15 30.22 58.94 -59.20
CA ALA B 15 31.56 58.53 -58.80
C ALA B 15 32.51 59.72 -58.84
N PRO B 16 33.65 59.65 -58.13
CA PRO B 16 34.58 60.78 -58.15
C PRO B 16 35.34 60.91 -59.46
N ALA B 17 36.26 61.88 -59.51
CA ALA B 17 37.08 62.11 -60.69
C ALA B 17 38.12 61.01 -60.92
N MET B 18 38.30 60.10 -59.96
CA MET B 18 39.20 58.98 -60.14
C MET B 18 38.75 58.09 -61.29
N PHE B 19 37.43 57.93 -61.46
CA PHE B 19 36.87 57.19 -62.58
C PHE B 19 36.34 58.18 -63.61
N ASN B 20 36.71 57.96 -64.88
CA ASN B 20 36.31 58.88 -65.95
C ASN B 20 34.81 58.86 -66.20
N ILE B 21 34.10 57.83 -65.74
CA ILE B 21 32.65 57.74 -65.90
C ILE B 21 32.00 58.17 -64.60
N ARG B 22 31.10 59.15 -64.67
CA ARG B 22 30.49 59.72 -63.49
C ARG B 22 29.07 59.22 -63.24
N ASN B 23 28.32 58.87 -64.28
CA ASN B 23 26.93 58.46 -64.12
C ASN B 23 26.91 56.97 -63.77
N ILE B 24 26.94 56.70 -62.46
CA ILE B 24 26.82 55.32 -61.98
C ILE B 24 25.41 54.80 -62.23
N GLY B 25 24.41 55.57 -61.86
CA GLY B 25 23.04 55.12 -61.97
C GLY B 25 22.11 55.98 -61.15
N LYS B 26 20.96 55.41 -60.80
CA LYS B 26 19.94 56.13 -60.06
C LYS B 26 19.44 55.32 -58.89
N THR B 27 19.00 56.01 -57.85
CA THR B 27 18.37 55.41 -56.69
C THR B 27 17.15 56.25 -56.31
N LEU B 28 16.18 55.61 -55.67
CA LEU B 28 14.95 56.30 -55.28
C LEU B 28 14.77 56.21 -53.78
N VAL B 29 14.19 57.25 -53.19
CA VAL B 29 14.00 57.33 -51.75
C VAL B 29 12.70 58.08 -51.49
N THR B 30 12.19 57.96 -50.26
CA THR B 30 10.97 58.65 -49.89
C THR B 30 11.20 60.15 -49.76
N ARG B 31 10.13 60.91 -49.92
CA ARG B 31 10.20 62.36 -49.80
C ARG B 31 10.47 62.77 -48.34
N THR B 32 11.18 63.89 -48.18
CA THR B 32 11.46 64.42 -46.85
C THR B 32 10.17 64.88 -46.19
N GLN B 33 9.71 64.12 -45.19
CA GLN B 33 8.50 64.46 -44.47
C GLN B 33 8.67 64.11 -43.00
N GLY B 34 8.12 64.95 -42.13
CA GLY B 34 8.23 64.71 -40.70
C GLY B 34 9.66 64.81 -40.23
N THR B 35 10.01 63.97 -39.25
CA THR B 35 11.36 63.94 -38.71
C THR B 35 12.33 63.15 -39.56
N LYS B 36 11.85 62.50 -40.62
CA LYS B 36 12.71 61.70 -41.49
C LYS B 36 13.14 62.53 -42.69
N ILE B 37 14.44 62.56 -42.96
CA ILE B 37 15.01 63.37 -44.01
C ILE B 37 15.48 62.44 -45.11
N ALA B 38 15.17 62.79 -46.36
CA ALA B 38 15.65 61.98 -47.49
C ALA B 38 17.17 62.00 -47.60
N SER B 39 17.82 63.01 -47.01
CA SER B 39 19.28 63.08 -47.05
C SER B 39 19.91 61.92 -46.29
N ASP B 40 19.44 61.65 -45.07
CA ASP B 40 20.01 60.54 -44.31
C ASP B 40 19.58 59.20 -44.89
N GLY B 41 18.36 59.11 -45.43
CA GLY B 41 17.94 57.89 -46.08
C GLY B 41 18.77 57.56 -47.30
N LEU B 42 19.22 58.58 -48.03
CA LEU B 42 20.12 58.39 -49.15
C LEU B 42 21.54 58.07 -48.70
N LYS B 43 21.99 58.68 -47.61
CA LYS B 43 23.32 58.39 -47.07
C LYS B 43 23.35 56.98 -46.50
N GLY B 44 24.57 56.45 -46.35
CA GLY B 44 24.74 55.10 -45.87
C GLY B 44 24.27 54.04 -46.85
N ARG B 45 24.54 54.24 -48.14
CA ARG B 45 24.19 53.27 -49.17
C ARG B 45 25.45 52.94 -49.96
N VAL B 46 25.64 51.65 -50.26
CA VAL B 46 26.78 51.17 -51.01
C VAL B 46 26.29 50.69 -52.37
N PHE B 47 26.85 51.26 -53.43
CA PHE B 47 26.44 50.96 -54.80
C PHE B 47 27.54 50.14 -55.46
N GLU B 48 27.46 48.82 -55.28
CA GLU B 48 28.48 47.91 -55.80
C GLU B 48 28.38 47.86 -57.32
N VAL B 49 29.37 48.43 -58.01
CA VAL B 49 29.40 48.47 -59.45
C VAL B 49 30.74 47.94 -59.94
N SER B 50 30.74 47.45 -61.18
CA SER B 50 31.96 46.92 -61.77
C SER B 50 32.90 48.05 -62.19
N LEU B 51 34.16 47.68 -62.42
CA LEU B 51 35.09 48.62 -63.05
C LEU B 51 34.78 48.82 -64.52
N ALA B 52 33.98 47.94 -65.12
CA ALA B 52 33.65 48.05 -66.54
C ALA B 52 32.84 49.31 -66.82
N ASP B 53 31.88 49.64 -65.96
CA ASP B 53 31.06 50.83 -66.15
C ASP B 53 31.63 52.04 -65.40
N LEU B 54 32.81 51.90 -64.78
CA LEU B 54 33.50 53.01 -64.14
C LEU B 54 34.65 53.53 -64.97
N GLN B 55 35.39 52.65 -65.64
CA GLN B 55 36.47 53.01 -66.55
C GLN B 55 36.02 52.73 -67.98
N ASN B 56 36.87 53.11 -68.93
CA ASN B 56 36.52 52.97 -70.34
C ASN B 56 36.75 51.55 -70.84
N ASP B 57 38.01 51.09 -70.80
CA ASP B 57 38.39 49.81 -71.39
C ASP B 57 39.23 49.00 -70.41
N GLU B 58 38.78 48.94 -69.16
CA GLU B 58 39.45 48.16 -68.14
C GLU B 58 38.84 46.76 -68.09
N VAL B 59 39.20 45.99 -67.05
CA VAL B 59 38.67 44.64 -66.87
C VAL B 59 37.26 44.72 -66.33
N ALA B 60 36.55 43.60 -66.34
CA ALA B 60 35.18 43.54 -65.88
C ALA B 60 34.99 42.82 -64.54
N PHE B 61 35.99 42.06 -64.09
CA PHE B 61 35.80 41.26 -62.88
C PHE B 61 35.96 42.05 -61.60
N ARG B 62 36.52 43.25 -61.66
CA ARG B 62 36.69 44.06 -60.46
C ARG B 62 35.40 44.79 -60.11
N LYS B 63 35.15 44.93 -58.81
CA LYS B 63 33.97 45.63 -58.32
C LYS B 63 34.37 46.58 -57.21
N PHE B 64 33.61 47.66 -57.06
CA PHE B 64 33.89 48.69 -56.09
C PHE B 64 32.61 49.05 -55.34
N LYS B 65 32.76 49.50 -54.10
CA LYS B 65 31.61 49.71 -53.23
C LYS B 65 30.99 51.09 -53.45
N LEU B 66 31.79 52.15 -53.38
CA LEU B 66 31.36 53.53 -53.62
C LEU B 66 30.20 53.92 -52.69
N ILE B 67 30.53 54.00 -51.40
CA ILE B 67 29.55 54.46 -50.43
C ILE B 67 29.27 55.95 -50.64
N THR B 68 28.00 56.32 -50.55
CA THR B 68 27.64 57.73 -50.60
C THR B 68 28.00 58.42 -49.29
N GLU B 69 28.41 59.68 -49.40
CA GLU B 69 28.81 60.44 -48.23
C GLU B 69 28.11 61.78 -48.11
N ASP B 70 27.80 62.44 -49.22
CA ASP B 70 27.11 63.72 -49.18
C ASP B 70 26.23 63.84 -50.42
N VAL B 71 25.05 64.41 -50.23
CA VAL B 71 24.07 64.58 -51.31
C VAL B 71 23.57 66.02 -51.30
N GLN B 72 23.57 66.65 -52.48
CA GLN B 72 23.01 67.99 -52.64
C GLN B 72 22.26 68.05 -53.97
N GLY B 73 21.23 68.88 -54.01
CA GLY B 73 20.40 68.97 -55.20
C GLY B 73 19.67 67.66 -55.44
N LYS B 74 19.87 67.10 -56.63
CA LYS B 74 19.32 65.79 -56.97
C LYS B 74 20.41 64.80 -57.36
N ASN B 75 21.64 65.03 -56.92
CA ASN B 75 22.76 64.15 -57.20
C ASN B 75 23.40 63.71 -55.88
N CYS B 76 23.77 62.44 -55.81
CA CYS B 76 24.49 61.88 -54.67
C CYS B 76 25.95 61.74 -55.03
N LEU B 77 26.83 62.07 -54.07
CA LEU B 77 28.27 62.06 -54.27
C LEU B 77 28.88 60.95 -53.43
N THR B 78 29.64 60.07 -54.07
CA THR B 78 30.11 58.84 -53.45
C THR B 78 31.63 58.79 -53.44
N ASN B 79 32.18 58.18 -52.41
CA ASN B 79 33.61 57.96 -52.25
C ASN B 79 33.90 56.47 -52.08
N PHE B 80 35.16 56.12 -52.24
CA PHE B 80 35.58 54.72 -52.20
C PHE B 80 35.31 54.11 -50.83
N HIS B 81 34.85 52.85 -50.83
CA HIS B 81 34.54 52.15 -49.60
C HIS B 81 35.21 50.78 -49.55
N GLY B 82 35.40 50.17 -50.71
CA GLY B 82 36.01 48.85 -50.77
C GLY B 82 36.04 48.27 -52.17
N MET B 83 36.90 47.27 -52.38
CA MET B 83 37.03 46.60 -53.67
C MET B 83 36.93 45.10 -53.46
N ASP B 84 36.28 44.43 -54.40
CA ASP B 84 36.06 43.00 -54.30
C ASP B 84 36.07 42.38 -55.70
N LEU B 85 36.87 41.35 -55.87
CA LEU B 85 36.88 40.59 -57.12
C LEU B 85 35.61 39.74 -57.20
N THR B 86 35.11 39.57 -58.42
CA THR B 86 33.87 38.85 -58.62
C THR B 86 34.06 37.37 -58.37
N ARG B 87 32.93 36.67 -58.16
CA ARG B 87 32.97 35.30 -57.69
C ARG B 87 33.59 34.36 -58.72
N ASP B 88 33.13 34.42 -59.97
CA ASP B 88 33.57 33.44 -60.95
C ASP B 88 35.03 33.64 -61.36
N LYS B 89 35.53 34.87 -61.28
CA LYS B 89 36.95 35.10 -61.51
C LYS B 89 37.79 34.54 -60.37
N MET B 90 37.35 34.76 -59.13
CA MET B 90 38.07 34.24 -57.97
C MET B 90 38.09 32.72 -57.98
N CYS B 91 36.96 32.09 -58.32
CA CYS B 91 36.88 30.65 -58.35
C CYS B 91 37.70 30.06 -59.49
N SER B 92 37.74 30.74 -60.64
CA SER B 92 38.49 30.24 -61.78
C SER B 92 39.99 30.30 -61.53
N MET B 93 40.44 31.18 -60.65
CA MET B 93 41.86 31.29 -60.36
C MET B 93 42.38 30.14 -59.51
N VAL B 94 41.50 29.43 -58.82
CA VAL B 94 41.89 28.37 -57.90
C VAL B 94 41.92 27.06 -58.69
N LYS B 95 43.11 26.63 -59.08
CA LYS B 95 43.31 25.37 -59.77
C LYS B 95 44.15 24.43 -58.92
N LYS B 96 44.11 23.15 -59.27
CA LYS B 96 44.91 22.16 -58.57
C LYS B 96 46.35 22.22 -59.05
N TRP B 97 47.21 21.44 -58.38
CA TRP B 97 48.62 21.30 -58.74
C TRP B 97 49.34 22.64 -58.73
N GLN B 98 48.88 23.57 -57.90
CA GLN B 98 49.55 24.84 -57.69
C GLN B 98 49.27 25.30 -56.27
N THR B 99 50.10 26.22 -55.79
CA THR B 99 49.98 26.74 -54.44
C THR B 99 49.58 28.21 -54.49
N MET B 100 48.58 28.57 -53.72
CA MET B 100 48.17 29.96 -53.57
C MET B 100 48.73 30.53 -52.28
N ILE B 101 48.91 31.85 -52.26
CA ILE B 101 49.41 32.56 -51.10
C ILE B 101 48.49 33.74 -50.84
N GLU B 102 47.87 33.75 -49.66
CA GLU B 102 46.96 34.83 -49.26
C GLU B 102 47.56 35.56 -48.07
N ALA B 103 47.65 36.88 -48.19
CA ALA B 103 48.19 37.72 -47.12
C ALA B 103 47.25 38.87 -46.86
N HIS B 104 47.21 39.30 -45.60
CA HIS B 104 46.44 40.46 -45.19
C HIS B 104 47.30 41.35 -44.31
N VAL B 105 47.05 42.65 -44.38
CA VAL B 105 47.80 43.61 -43.60
C VAL B 105 46.94 44.83 -43.33
N ASP B 106 46.99 45.33 -42.11
CA ASP B 106 46.30 46.56 -41.73
C ASP B 106 47.21 47.73 -42.07
N VAL B 107 46.76 48.61 -42.95
CA VAL B 107 47.57 49.71 -43.43
C VAL B 107 46.79 51.01 -43.27
N LYS B 108 47.51 52.08 -42.93
CA LYS B 108 46.92 53.40 -42.73
C LYS B 108 47.45 54.34 -43.80
N THR B 109 46.54 54.95 -44.55
CA THR B 109 46.93 55.97 -45.51
C THR B 109 47.39 57.22 -44.79
N THR B 110 48.04 58.11 -45.53
CA THR B 110 48.35 59.44 -45.00
C THR B 110 47.08 60.24 -44.74
N ASP B 111 45.95 59.84 -45.34
CA ASP B 111 44.70 60.56 -45.22
C ASP B 111 43.92 60.20 -43.95
N GLY B 112 44.37 59.20 -43.21
CA GLY B 112 43.67 58.76 -42.02
C GLY B 112 42.71 57.61 -42.21
N TYR B 113 42.77 56.92 -43.33
CA TYR B 113 41.85 55.82 -43.64
C TYR B 113 42.53 54.49 -43.35
N LEU B 114 41.83 53.62 -42.63
CA LEU B 114 42.32 52.31 -42.26
C LEU B 114 41.72 51.26 -43.19
N LEU B 115 42.58 50.47 -43.84
CA LEU B 115 42.15 49.54 -44.87
C LEU B 115 42.81 48.19 -44.67
N ARG B 116 42.06 47.12 -44.94
CA ARG B 116 42.58 45.75 -44.90
C ARG B 116 42.87 45.31 -46.33
N LEU B 117 44.15 45.14 -46.64
CA LEU B 117 44.58 44.78 -47.97
C LEU B 117 44.83 43.28 -48.06
N PHE B 118 44.10 42.61 -48.95
CA PHE B 118 44.25 41.19 -49.19
C PHE B 118 44.90 40.97 -50.55
N CYS B 119 45.93 40.13 -50.59
CA CYS B 119 46.61 39.79 -51.83
C CYS B 119 46.60 38.29 -52.01
N VAL B 120 46.35 37.85 -53.24
CA VAL B 120 46.33 36.43 -53.59
C VAL B 120 47.30 36.21 -54.74
N GLY B 121 48.14 35.19 -54.61
CA GLY B 121 49.12 34.90 -55.64
C GLY B 121 49.31 33.42 -55.89
N PHE B 122 49.16 32.99 -57.13
CA PHE B 122 49.23 31.57 -57.49
C PHE B 122 50.55 31.27 -58.16
N THR B 123 51.09 30.09 -57.88
CA THR B 123 52.31 29.64 -58.53
C THR B 123 52.04 29.36 -60.00
N LYS B 124 53.05 29.60 -60.82
CA LYS B 124 52.96 29.49 -62.27
C LYS B 124 53.80 28.31 -62.74
N LYS B 125 53.17 27.40 -63.48
CA LYS B 125 53.92 26.30 -64.07
C LYS B 125 54.62 26.78 -65.34
N ARG B 126 55.80 26.21 -65.60
CA ARG B 126 56.62 26.69 -66.69
C ARG B 126 56.11 26.15 -68.02
N ASN B 127 56.55 26.82 -69.10
CA ASN B 127 56.15 26.39 -70.44
C ASN B 127 56.73 25.02 -70.77
N ASN B 128 57.96 24.75 -70.34
CA ASN B 128 58.59 23.45 -70.55
C ASN B 128 58.47 22.54 -69.35
N GLN B 129 57.68 22.92 -68.35
CA GLN B 129 57.54 22.11 -67.15
C GLN B 129 56.81 20.82 -67.46
N ILE B 130 57.40 19.70 -67.01
CA ILE B 130 56.82 18.39 -67.23
C ILE B 130 56.11 17.84 -66.00
N ARG B 131 56.56 18.20 -64.80
CA ARG B 131 55.89 17.76 -63.59
C ARG B 131 54.47 18.33 -63.53
N LYS B 132 53.53 17.50 -63.08
CA LYS B 132 52.13 17.92 -63.01
C LYS B 132 51.95 19.07 -62.01
N THR B 133 52.64 19.01 -60.89
CA THR B 133 52.46 19.96 -59.81
C THR B 133 53.54 21.03 -59.83
N SER B 134 53.15 22.22 -59.38
CA SER B 134 54.09 23.33 -59.16
C SER B 134 53.82 23.83 -57.74
N TYR B 135 54.45 23.20 -56.77
CA TYR B 135 54.22 23.48 -55.36
C TYR B 135 55.39 24.27 -54.79
N ALA B 136 55.10 25.38 -54.14
CA ALA B 136 56.11 26.14 -53.43
C ALA B 136 56.26 25.59 -52.02
N GLN B 137 57.50 25.48 -51.57
CA GLN B 137 57.77 25.00 -50.23
C GLN B 137 57.26 26.01 -49.21
N HIS B 138 57.08 25.54 -47.96
CA HIS B 138 56.48 26.39 -46.94
C HIS B 138 57.34 27.61 -46.64
N GLN B 139 58.67 27.43 -46.60
CA GLN B 139 59.54 28.58 -46.37
C GLN B 139 59.49 29.56 -47.54
N GLN B 140 59.43 29.05 -48.78
CA GLN B 140 59.28 29.93 -49.93
C GLN B 140 57.96 30.68 -49.87
N VAL B 141 56.89 30.00 -49.46
CA VAL B 141 55.60 30.67 -49.30
C VAL B 141 55.68 31.75 -48.24
N ARG B 142 56.42 31.49 -47.16
CA ARG B 142 56.60 32.50 -46.12
C ARG B 142 57.37 33.70 -46.63
N GLN B 143 58.42 33.47 -47.42
CA GLN B 143 59.18 34.58 -47.99
C GLN B 143 58.34 35.39 -48.97
N ILE B 144 57.54 34.71 -49.78
CA ILE B 144 56.64 35.40 -50.71
C ILE B 144 55.59 36.21 -49.96
N ARG B 145 55.01 35.62 -48.92
CA ARG B 145 53.98 36.31 -48.15
C ARG B 145 54.53 37.55 -47.46
N LYS B 146 55.73 37.45 -46.87
CA LYS B 146 56.34 38.60 -46.24
C LYS B 146 56.75 39.65 -47.28
N LYS B 147 57.21 39.20 -48.44
CA LYS B 147 57.62 40.12 -49.49
C LYS B 147 56.43 40.95 -49.98
N MET B 148 55.31 40.29 -50.24
CA MET B 148 54.13 40.98 -50.76
C MET B 148 53.30 41.62 -49.65
N MET B 149 53.71 41.49 -48.39
CA MET B 149 53.09 42.26 -47.32
C MET B 149 53.76 43.62 -47.14
N GLU B 150 55.10 43.64 -47.20
CA GLU B 150 55.80 44.89 -46.97
C GLU B 150 55.76 45.80 -48.20
N ILE B 151 55.73 45.22 -49.41
CA ILE B 151 55.54 46.02 -50.61
C ILE B 151 54.07 46.30 -50.89
N MET B 152 53.16 45.83 -50.04
CA MET B 152 51.78 46.25 -50.11
C MET B 152 51.48 47.37 -49.11
N THR B 153 52.10 47.30 -47.93
CA THR B 153 51.92 48.37 -46.95
C THR B 153 52.78 49.60 -47.28
N ARG B 154 53.84 49.42 -48.08
CA ARG B 154 54.65 50.56 -48.48
C ARG B 154 53.92 51.42 -49.50
N GLU B 155 53.26 50.77 -50.46
CA GLU B 155 52.57 51.49 -51.53
C GLU B 155 51.33 52.23 -51.04
N VAL B 156 50.89 52.00 -49.81
CA VAL B 156 49.71 52.65 -49.26
C VAL B 156 50.08 53.65 -48.18
N GLN B 157 51.07 53.32 -47.34
CA GLN B 157 51.48 54.23 -46.27
C GLN B 157 52.15 55.49 -46.84
N THR B 158 52.84 55.36 -47.97
CA THR B 158 53.61 56.49 -48.49
C THR B 158 52.70 57.59 -49.01
N ASN B 159 51.67 57.23 -49.77
CA ASN B 159 50.82 58.20 -50.45
C ASN B 159 49.44 58.24 -49.79
N ASP B 160 48.54 59.01 -50.40
CA ASP B 160 47.21 59.27 -49.86
C ASP B 160 46.22 58.24 -50.42
N LEU B 161 44.95 58.42 -50.06
CA LEU B 161 43.90 57.53 -50.55
C LEU B 161 43.74 57.64 -52.07
N LYS B 162 43.90 58.85 -52.60
CA LYS B 162 43.70 59.07 -54.04
C LYS B 162 44.71 58.26 -54.85
N GLU B 163 45.99 58.32 -54.47
CA GLU B 163 47.01 57.60 -55.22
C GLU B 163 46.81 56.09 -55.14
N VAL B 164 46.34 55.60 -53.98
CA VAL B 164 46.11 54.17 -53.83
C VAL B 164 44.97 53.72 -54.75
N VAL B 165 43.89 54.50 -54.80
CA VAL B 165 42.69 54.06 -55.53
C VAL B 165 42.97 53.98 -57.03
N ASN B 166 43.57 55.02 -57.60
CA ASN B 166 43.82 55.01 -59.04
C ASN B 166 45.03 54.17 -59.42
N LYS B 167 45.82 53.70 -58.44
CA LYS B 167 46.87 52.74 -58.74
C LYS B 167 46.39 51.30 -58.62
N LEU B 168 45.33 51.05 -57.86
CA LEU B 168 44.70 49.73 -57.86
C LEU B 168 43.61 49.60 -58.91
N ILE B 169 43.25 50.70 -59.57
CA ILE B 169 42.37 50.61 -60.74
C ILE B 169 42.98 49.72 -61.83
N PRO B 170 44.27 49.85 -62.18
CA PRO B 170 44.91 48.79 -62.96
C PRO B 170 45.60 47.73 -62.12
N ASP B 171 45.56 47.88 -60.79
CA ASP B 171 46.21 46.97 -59.85
C ASP B 171 47.71 46.87 -60.12
N SER B 172 48.38 48.01 -60.07
CA SER B 172 49.82 48.05 -60.23
C SER B 172 50.53 47.34 -59.09
N ILE B 173 49.90 47.28 -57.91
CA ILE B 173 50.52 46.65 -56.75
C ILE B 173 50.77 45.17 -57.01
N GLY B 174 49.76 44.47 -57.55
CA GLY B 174 49.94 43.06 -57.85
C GLY B 174 50.96 42.81 -58.95
N LYS B 175 51.14 43.80 -59.83
CA LYS B 175 52.10 43.65 -60.92
C LYS B 175 53.53 43.68 -60.39
N ASP B 176 53.82 44.61 -59.47
CA ASP B 176 55.16 44.63 -58.88
C ASP B 176 55.34 43.52 -57.86
N ILE B 177 54.25 43.06 -57.24
CA ILE B 177 54.33 41.90 -56.35
C ILE B 177 54.78 40.68 -57.14
N GLU B 178 54.18 40.49 -58.33
CA GLU B 178 54.57 39.36 -59.17
C GLU B 178 56.02 39.48 -59.62
N LYS B 179 56.44 40.68 -60.03
CA LYS B 179 57.80 40.86 -60.53
C LYS B 179 58.84 40.65 -59.44
N ALA B 180 58.56 41.12 -58.22
CA ALA B 180 59.52 40.97 -57.13
C ALA B 180 59.64 39.52 -56.69
N CYS B 181 58.64 38.69 -56.98
CA CYS B 181 58.64 37.29 -56.58
C CYS B 181 59.16 36.35 -57.65
N GLN B 182 59.49 36.87 -58.84
CA GLN B 182 59.94 36.00 -59.92
C GLN B 182 61.26 35.30 -59.58
N SER B 183 62.05 35.87 -58.67
CA SER B 183 63.31 35.28 -58.28
C SER B 183 63.16 34.07 -57.37
N ILE B 184 62.07 33.99 -56.60
CA ILE B 184 61.90 32.90 -55.65
C ILE B 184 61.04 31.80 -56.26
N TYR B 185 59.79 32.13 -56.58
CA TYR B 185 58.92 31.20 -57.29
C TYR B 185 58.10 32.02 -58.27
N PRO B 186 58.04 31.64 -59.53
CA PRO B 186 57.30 32.42 -60.52
C PRO B 186 55.81 32.43 -60.20
N LEU B 187 55.30 33.61 -59.85
CA LEU B 187 53.88 33.81 -59.63
C LEU B 187 53.27 34.50 -60.83
N HIS B 188 52.10 34.07 -61.23
CA HIS B 188 51.44 34.66 -62.40
C HIS B 188 50.05 35.19 -62.10
N ASP B 189 49.27 34.47 -61.28
CA ASP B 189 47.88 34.83 -61.05
C ASP B 189 47.78 35.63 -59.76
N VAL B 190 48.36 36.83 -59.81
CA VAL B 190 48.46 37.70 -58.64
C VAL B 190 47.59 38.92 -58.85
N PHE B 191 46.72 39.21 -57.87
CA PHE B 191 45.85 40.37 -57.90
C PHE B 191 45.71 40.89 -56.48
N VAL B 192 44.75 41.77 -56.27
CA VAL B 192 44.33 42.18 -54.94
C VAL B 192 42.95 41.58 -54.72
N ARG B 193 42.87 40.62 -53.78
CA ARG B 193 41.63 39.87 -53.59
C ARG B 193 40.50 40.79 -53.11
N LYS B 194 40.78 41.65 -52.15
CA LYS B 194 39.74 42.45 -51.51
C LYS B 194 40.41 43.57 -50.73
N VAL B 195 39.62 44.62 -50.46
CA VAL B 195 40.01 45.66 -49.52
C VAL B 195 38.74 46.21 -48.88
N LYS B 196 38.81 46.43 -47.56
CA LYS B 196 37.69 46.93 -46.79
C LYS B 196 38.17 48.03 -45.85
N MET B 197 37.26 48.93 -45.50
CA MET B 197 37.58 50.10 -44.70
C MET B 197 37.11 49.89 -43.26
N LEU B 198 38.04 50.01 -42.32
CA LEU B 198 37.73 49.78 -40.91
C LEU B 198 37.21 51.03 -40.22
N LYS B 199 37.75 52.19 -40.54
CA LYS B 199 37.30 53.44 -39.92
C LYS B 199 37.54 54.58 -40.91
N LYS B 200 36.82 55.68 -40.69
CA LYS B 200 36.91 56.84 -41.56
C LYS B 200 37.22 58.09 -40.75
N PRO B 201 38.06 58.99 -41.28
CA PRO B 201 38.40 60.24 -40.56
C PRO B 201 37.45 61.42 -40.77
N LYS B 202 36.30 61.34 -40.10
CA LYS B 202 35.44 62.48 -39.79
C LYS B 202 34.64 63.05 -40.96
N PHE B 203 34.93 62.60 -42.19
CA PHE B 203 34.18 63.01 -43.38
C PHE B 203 34.20 64.54 -43.54
N GLU B 204 35.40 65.04 -43.84
CA GLU B 204 35.53 66.46 -44.16
C GLU B 204 34.84 66.76 -45.48
N LEU B 205 34.01 67.81 -45.49
CA LEU B 205 33.27 68.16 -46.70
C LEU B 205 34.21 68.61 -47.81
N GLY B 206 35.26 69.36 -47.46
CA GLY B 206 36.17 69.87 -48.47
C GLY B 206 36.96 68.77 -49.15
N LYS B 207 37.35 67.74 -48.40
CA LYS B 207 38.13 66.66 -49.00
C LYS B 207 37.27 65.83 -49.96
N LEU B 208 35.96 65.78 -49.75
CA LEU B 208 35.08 65.08 -50.68
C LEU B 208 34.84 65.92 -51.93
N MET B 209 34.71 67.24 -51.78
CA MET B 209 34.40 68.09 -52.92
C MET B 209 35.55 68.14 -53.92
N GLU B 210 36.79 68.13 -53.42
CA GLU B 210 37.93 68.23 -54.32
C GLU B 210 38.10 66.98 -55.17
N LEU B 211 37.90 65.80 -54.58
CA LEU B 211 37.98 64.58 -55.37
C LEU B 211 36.80 64.41 -56.32
N HIS B 212 35.67 65.04 -56.01
CA HIS B 212 34.55 65.08 -56.94
C HIS B 212 34.69 66.16 -57.99
N GLY B 213 35.63 67.08 -57.82
CA GLY B 213 35.90 68.15 -58.77
C GLY B 213 37.37 68.17 -59.15
N GLU B 214 37.89 69.38 -59.30
CA GLU B 214 39.30 69.55 -59.66
C GLU B 214 40.20 69.31 -58.45
N GLU C 1 46.26 -49.32 -89.02
CA GLU C 1 45.26 -48.35 -89.45
C GLU C 1 45.51 -46.98 -88.83
N TRP C 2 46.47 -46.92 -87.92
CA TRP C 2 46.83 -45.68 -87.26
C TRP C 2 47.65 -44.81 -88.20
N MET C 3 47.18 -43.57 -88.42
CA MET C 3 47.84 -42.62 -89.32
C MET C 3 48.22 -41.38 -88.53
N PRO C 4 49.42 -41.35 -87.95
CA PRO C 4 49.84 -40.15 -87.21
C PRO C 4 50.04 -38.95 -88.11
N VAL C 5 49.73 -37.77 -87.57
CA VAL C 5 50.04 -36.50 -88.22
C VAL C 5 50.82 -35.65 -87.20
N THR C 6 52.14 -35.83 -87.18
CA THR C 6 53.09 -35.20 -86.28
C THR C 6 54.48 -35.50 -86.82
N LYS C 7 55.41 -34.54 -86.71
CA LYS C 7 56.78 -34.82 -87.09
C LYS C 7 57.37 -35.92 -86.20
N LEU C 8 57.08 -35.89 -84.90
CA LEU C 8 57.49 -36.97 -84.03
C LEU C 8 56.69 -38.24 -84.28
N GLY C 9 55.37 -38.09 -84.49
CA GLY C 9 54.52 -39.24 -84.69
C GLY C 9 54.83 -40.02 -85.95
N ARG C 10 55.31 -39.34 -86.99
CA ARG C 10 55.73 -40.02 -88.20
C ARG C 10 57.01 -40.83 -87.96
N LEU C 11 57.97 -40.24 -87.24
CA LEU C 11 59.24 -40.90 -87.00
C LEU C 11 59.07 -42.13 -86.11
N VAL C 12 58.19 -42.04 -85.11
CA VAL C 12 58.02 -43.17 -84.19
C VAL C 12 57.34 -44.34 -84.89
N LYS C 13 56.49 -44.08 -85.89
CA LYS C 13 55.78 -45.17 -86.55
C LYS C 13 56.69 -45.94 -87.50
N ASP C 14 57.52 -45.26 -88.28
CA ASP C 14 58.32 -45.91 -89.31
C ASP C 14 59.65 -46.45 -88.79
N MET C 15 59.74 -46.73 -87.49
CA MET C 15 60.88 -47.39 -86.87
C MET C 15 62.17 -46.59 -87.07
N LYS C 16 62.11 -45.30 -86.74
CA LYS C 16 63.28 -44.44 -86.73
C LYS C 16 63.79 -44.19 -85.31
N ILE C 17 62.89 -43.83 -84.40
CA ILE C 17 63.24 -43.67 -83.00
C ILE C 17 63.17 -45.04 -82.32
N LYS C 18 64.27 -45.45 -81.69
CA LYS C 18 64.40 -46.80 -81.17
C LYS C 18 64.06 -46.93 -79.70
N SER C 19 63.77 -45.83 -79.01
CA SER C 19 63.43 -45.90 -77.59
C SER C 19 62.66 -44.66 -77.19
N LEU C 20 61.83 -44.80 -76.15
CA LEU C 20 61.18 -43.64 -75.56
C LEU C 20 62.16 -42.69 -74.92
N GLU C 21 63.37 -43.16 -74.60
CA GLU C 21 64.34 -42.32 -73.90
C GLU C 21 64.92 -41.26 -74.82
N GLU C 22 64.95 -41.53 -76.13
CA GLU C 22 65.40 -40.51 -77.08
C GLU C 22 64.45 -39.32 -77.10
N ILE C 23 63.15 -39.58 -76.95
CA ILE C 23 62.19 -38.49 -76.84
C ILE C 23 62.34 -37.77 -75.51
N TYR C 24 62.59 -38.52 -74.44
CA TYR C 24 62.79 -37.91 -73.12
C TYR C 24 64.04 -37.05 -73.08
N LEU C 25 65.05 -37.39 -73.89
CA LEU C 25 66.29 -36.63 -73.88
C LEU C 25 66.07 -35.20 -74.36
N PHE C 26 65.26 -35.03 -75.41
CA PHE C 26 65.05 -33.72 -76.01
C PHE C 26 63.78 -33.05 -75.53
N SER C 27 63.05 -33.67 -74.60
CA SER C 27 61.89 -33.07 -73.93
C SER C 27 60.80 -32.67 -74.93
N LEU C 28 60.66 -33.44 -76.00
CA LEU C 28 59.64 -33.14 -77.01
C LEU C 28 58.26 -33.51 -76.49
N PRO C 29 57.27 -32.64 -76.62
CA PRO C 29 55.93 -32.97 -76.14
C PRO C 29 55.30 -34.08 -76.96
N ILE C 30 54.45 -34.87 -76.30
CA ILE C 30 53.73 -35.97 -76.92
C ILE C 30 52.29 -35.53 -77.15
N LYS C 31 51.82 -35.66 -78.39
CA LYS C 31 50.46 -35.28 -78.74
C LYS C 31 49.66 -36.43 -79.35
N GLU C 32 50.18 -37.66 -79.28
CA GLU C 32 49.47 -38.83 -79.74
C GLU C 32 49.70 -39.96 -78.75
N SER C 33 48.61 -40.59 -78.31
CA SER C 33 48.73 -41.68 -77.34
C SER C 33 49.34 -42.94 -77.94
N GLU C 34 49.21 -43.13 -79.25
CA GLU C 34 49.78 -44.30 -79.91
C GLU C 34 51.29 -44.23 -80.00
N ILE C 35 51.90 -43.09 -79.67
CA ILE C 35 53.36 -43.00 -79.71
C ILE C 35 53.98 -43.90 -78.66
N ILE C 36 53.41 -43.94 -77.46
CA ILE C 36 54.10 -44.62 -76.36
C ILE C 36 53.88 -46.13 -76.41
N ASP C 37 52.70 -46.60 -76.82
CA ASP C 37 52.43 -48.03 -76.82
C ASP C 37 53.15 -48.76 -77.95
N PHE C 38 53.66 -48.03 -78.94
CA PHE C 38 54.53 -48.64 -79.94
C PHE C 38 55.82 -49.12 -79.29
N PHE C 39 56.35 -48.35 -78.33
CA PHE C 39 57.52 -48.76 -77.59
C PHE C 39 57.17 -49.73 -76.47
N LEU C 40 56.33 -49.29 -75.54
CA LEU C 40 55.96 -50.09 -74.38
C LEU C 40 54.74 -50.94 -74.72
N GLY C 41 55.00 -52.07 -75.37
CA GLY C 41 53.95 -52.99 -75.77
C GLY C 41 53.84 -54.14 -74.79
N ALA C 42 52.59 -54.47 -74.43
CA ALA C 42 52.27 -55.54 -73.48
C ALA C 42 53.00 -55.35 -72.16
N SER C 43 53.10 -54.09 -71.71
CA SER C 43 53.77 -53.79 -70.44
C SER C 43 53.00 -52.83 -69.55
N LEU C 44 52.06 -52.04 -70.06
CA LEU C 44 51.34 -51.08 -69.25
C LEU C 44 50.25 -51.77 -68.45
N LYS C 45 50.12 -51.39 -67.18
CA LYS C 45 49.06 -51.87 -66.31
C LYS C 45 48.13 -50.71 -65.98
N ASP C 46 46.83 -50.91 -66.21
CA ASP C 46 45.84 -49.86 -66.04
C ASP C 46 45.11 -50.02 -64.73
N GLU C 47 44.92 -48.93 -64.01
CA GLU C 47 44.15 -48.93 -62.78
C GLU C 47 43.36 -47.63 -62.66
N VAL C 48 42.14 -47.74 -62.18
CA VAL C 48 41.25 -46.59 -62.00
C VAL C 48 41.20 -46.28 -60.50
N LEU C 49 41.76 -45.13 -60.13
CA LEU C 49 41.83 -44.76 -58.72
C LEU C 49 40.44 -44.48 -58.15
N LYS C 50 39.67 -43.63 -58.81
CA LYS C 50 38.38 -43.20 -58.28
C LYS C 50 37.57 -42.53 -59.37
N ILE C 51 36.25 -42.59 -59.21
CA ILE C 51 35.30 -41.86 -60.06
C ILE C 51 34.51 -40.93 -59.15
N MET C 52 34.64 -39.62 -59.39
CA MET C 52 33.94 -38.65 -58.58
C MET C 52 32.94 -37.87 -59.43
N PRO C 53 31.69 -37.74 -59.01
CA PRO C 53 30.66 -37.03 -59.78
C PRO C 53 30.56 -35.52 -59.51
N VAL C 54 31.45 -34.76 -60.13
CA VAL C 54 31.34 -33.31 -60.08
C VAL C 54 30.10 -32.87 -60.86
N GLN C 55 29.33 -31.95 -60.29
CA GLN C 55 28.07 -31.57 -60.91
C GLN C 55 27.87 -30.07 -60.81
N LYS C 56 27.17 -29.52 -61.81
CA LYS C 56 27.02 -28.09 -62.00
C LYS C 56 25.55 -27.71 -61.91
N GLN C 57 25.25 -26.69 -61.12
CA GLN C 57 23.89 -26.23 -60.95
C GLN C 57 23.44 -25.44 -62.18
N THR C 58 22.33 -25.84 -62.78
CA THR C 58 21.80 -25.16 -63.94
C THR C 58 20.41 -24.61 -63.63
N ARG C 59 19.74 -24.07 -64.66
CA ARG C 59 18.43 -23.49 -64.47
C ARG C 59 17.39 -24.55 -64.11
N ALA C 60 17.51 -25.73 -64.70
CA ALA C 60 16.57 -26.83 -64.46
C ALA C 60 17.37 -28.03 -63.94
N GLY C 61 17.37 -28.21 -62.63
CA GLY C 61 18.15 -29.29 -62.07
C GLY C 61 19.64 -28.99 -62.13
N GLN C 62 20.43 -30.06 -62.03
CA GLN C 62 21.87 -29.97 -62.16
C GLN C 62 22.37 -31.03 -63.13
N ARG C 63 23.39 -30.68 -63.90
CA ARG C 63 24.03 -31.62 -64.80
C ARG C 63 25.10 -32.40 -64.03
N THR C 64 25.25 -33.67 -64.39
CA THR C 64 26.16 -34.57 -63.70
C THR C 64 27.25 -35.01 -64.65
N ARG C 65 28.51 -34.86 -64.23
CA ARG C 65 29.67 -35.29 -64.98
C ARG C 65 30.57 -36.12 -64.08
N PHE C 66 31.22 -37.12 -64.66
CA PHE C 66 32.08 -38.02 -63.91
C PHE C 66 33.53 -37.77 -64.28
N LYS C 67 34.37 -37.65 -63.25
CA LYS C 67 35.80 -37.46 -63.42
C LYS C 67 36.51 -38.76 -63.10
N ALA C 68 37.38 -39.20 -64.01
CA ALA C 68 38.06 -40.48 -63.89
C ALA C 68 39.54 -40.27 -63.65
N PHE C 69 40.09 -40.98 -62.66
CA PHE C 69 41.51 -40.93 -62.34
C PHE C 69 42.13 -42.26 -62.72
N VAL C 70 43.19 -42.21 -63.54
CA VAL C 70 43.80 -43.40 -64.09
C VAL C 70 45.31 -43.30 -63.89
N ALA C 71 45.90 -44.37 -63.35
CA ALA C 71 47.35 -44.51 -63.24
C ALA C 71 47.79 -45.69 -64.11
N ILE C 72 48.77 -45.45 -64.98
CA ILE C 72 49.30 -46.47 -65.87
C ILE C 72 50.81 -46.45 -65.82
N GLY C 73 51.42 -47.32 -66.63
CA GLY C 73 52.86 -47.39 -66.72
C GLY C 73 53.38 -48.77 -66.39
N ASP C 74 54.41 -49.22 -67.12
CA ASP C 74 55.02 -50.50 -66.81
C ASP C 74 55.74 -50.42 -65.47
N TYR C 75 55.87 -51.59 -64.83
CA TYR C 75 56.48 -51.68 -63.52
C TYR C 75 58.00 -51.71 -63.61
N ASN C 76 58.56 -50.84 -64.45
CA ASN C 76 60.00 -50.83 -64.69
C ASN C 76 60.60 -49.44 -64.74
N GLY C 77 59.84 -48.38 -64.49
CA GLY C 77 60.41 -47.04 -64.49
C GLY C 77 59.66 -46.01 -65.30
N HIS C 78 58.44 -46.34 -65.71
CA HIS C 78 57.57 -45.38 -66.40
C HIS C 78 56.20 -45.39 -65.74
N VAL C 79 55.60 -44.21 -65.62
CA VAL C 79 54.33 -44.05 -64.93
C VAL C 79 53.61 -42.84 -65.50
N GLY C 80 52.29 -42.84 -65.39
CA GLY C 80 51.49 -41.74 -65.87
C GLY C 80 50.15 -41.62 -65.19
N LEU C 81 49.75 -40.40 -64.87
CA LEU C 81 48.48 -40.13 -64.21
C LEU C 81 47.62 -39.26 -65.11
N GLY C 82 46.41 -39.69 -65.38
CA GLY C 82 45.51 -38.98 -66.27
C GLY C 82 44.14 -38.78 -65.65
N VAL C 83 43.61 -37.57 -65.79
CA VAL C 83 42.30 -37.21 -65.27
C VAL C 83 41.46 -36.67 -66.41
N LYS C 84 40.25 -37.21 -66.57
CA LYS C 84 39.35 -36.77 -67.62
C LYS C 84 37.94 -36.68 -67.08
N CYS C 85 37.27 -35.56 -67.33
CA CYS C 85 35.89 -35.35 -66.91
C CYS C 85 34.97 -35.44 -68.12
N SER C 86 34.09 -36.43 -68.12
CA SER C 86 33.13 -36.61 -69.20
C SER C 86 31.78 -37.00 -68.60
N LYS C 87 30.71 -36.70 -69.34
CA LYS C 87 29.36 -36.98 -68.86
C LYS C 87 29.03 -38.46 -68.80
N GLU C 88 29.87 -39.32 -69.38
CA GLU C 88 29.69 -40.77 -69.30
C GLU C 88 30.90 -41.39 -68.63
N VAL C 89 30.64 -42.37 -67.75
CA VAL C 89 31.73 -43.01 -67.02
C VAL C 89 32.67 -43.74 -67.98
N ALA C 90 32.10 -44.50 -68.92
CA ALA C 90 32.92 -45.30 -69.81
C ALA C 90 33.81 -44.44 -70.70
N THR C 91 33.26 -43.35 -71.26
CA THR C 91 34.06 -42.47 -72.09
C THR C 91 35.11 -41.74 -71.27
N ALA C 92 34.79 -41.41 -70.02
CA ALA C 92 35.76 -40.75 -69.15
C ALA C 92 36.90 -41.68 -68.80
N ILE C 93 36.62 -42.99 -68.70
CA ILE C 93 37.66 -43.95 -68.39
C ILE C 93 38.69 -44.02 -69.52
N ARG C 94 38.21 -44.18 -70.76
CA ARG C 94 39.12 -44.27 -71.88
C ARG C 94 39.79 -42.93 -72.18
N GLY C 95 39.09 -41.83 -71.94
CA GLY C 95 39.71 -40.53 -72.12
C GLY C 95 40.83 -40.27 -71.14
N ALA C 96 40.63 -40.66 -69.87
CA ALA C 96 41.69 -40.54 -68.88
C ALA C 96 42.83 -41.52 -69.16
N ILE C 97 42.51 -42.66 -69.77
CA ILE C 97 43.55 -43.59 -70.21
C ILE C 97 44.44 -42.94 -71.27
N ILE C 98 43.82 -42.23 -72.21
CA ILE C 98 44.57 -41.53 -73.25
C ILE C 98 45.43 -40.43 -72.63
N LEU C 99 44.87 -39.65 -71.71
CA LEU C 99 45.61 -38.56 -71.11
C LEU C 99 46.76 -39.06 -70.24
N ALA C 100 46.55 -40.15 -69.52
CA ALA C 100 47.64 -40.77 -68.77
C ALA C 100 48.71 -41.32 -69.70
N LYS C 101 48.32 -41.75 -70.89
CA LYS C 101 49.30 -42.19 -71.89
C LYS C 101 50.15 -41.02 -72.38
N LEU C 102 49.56 -39.83 -72.44
CA LEU C 102 50.32 -38.67 -72.87
C LEU C 102 51.27 -38.19 -71.78
N SER C 103 50.83 -38.22 -70.53
CA SER C 103 51.65 -37.74 -69.41
C SER C 103 52.39 -38.90 -68.76
N ILE C 104 53.17 -39.62 -69.57
CA ILE C 104 54.04 -40.69 -69.10
C ILE C 104 55.43 -40.10 -68.87
N VAL C 105 55.96 -40.30 -67.67
CA VAL C 105 57.23 -39.69 -67.29
C VAL C 105 58.21 -40.80 -66.90
N PRO C 106 59.51 -40.60 -67.06
CA PRO C 106 60.48 -41.57 -66.55
C PRO C 106 60.76 -41.35 -65.08
N VAL C 107 60.97 -42.45 -64.38
CA VAL C 107 61.20 -42.44 -62.95
C VAL C 107 62.66 -42.78 -62.69
N ARG C 108 63.33 -41.96 -61.90
CA ARG C 108 64.71 -42.20 -61.54
C ARG C 108 64.77 -43.06 -60.28
N ARG C 109 65.65 -44.06 -60.31
CA ARG C 109 65.84 -44.95 -59.18
C ARG C 109 67.31 -44.90 -58.77
N GLY C 110 67.57 -44.46 -57.55
CA GLY C 110 68.90 -44.48 -57.00
C GLY C 110 69.05 -45.56 -55.94
N TYR C 111 69.95 -45.37 -54.99
CA TYR C 111 70.20 -46.34 -53.94
C TYR C 111 70.13 -45.65 -52.59
N TRP C 112 69.67 -46.40 -51.59
CA TRP C 112 69.72 -45.93 -50.22
C TRP C 112 71.11 -46.02 -49.63
N GLY C 113 71.93 -46.96 -50.08
CA GLY C 113 73.26 -47.18 -49.55
C GLY C 113 73.77 -48.55 -49.91
N ASN C 114 75.08 -48.67 -50.14
CA ASN C 114 75.71 -49.91 -50.58
C ASN C 114 75.06 -50.42 -51.87
N LYS C 115 75.22 -49.63 -52.93
CA LYS C 115 74.68 -49.95 -54.25
C LYS C 115 75.23 -51.28 -54.77
N ILE C 116 74.36 -52.27 -54.91
CA ILE C 116 74.81 -53.59 -55.35
C ILE C 116 74.11 -54.01 -56.63
N GLY C 117 72.79 -54.16 -56.58
CA GLY C 117 72.04 -54.67 -57.72
C GLY C 117 71.27 -53.61 -58.45
N LYS C 118 70.09 -53.98 -58.95
CA LYS C 118 69.21 -52.99 -59.57
C LYS C 118 68.74 -51.98 -58.52
N PRO C 119 68.70 -50.69 -58.86
CA PRO C 119 68.24 -49.69 -57.89
C PRO C 119 66.81 -49.97 -57.42
N HIS C 120 66.59 -49.74 -56.13
CA HIS C 120 65.34 -50.11 -55.48
C HIS C 120 64.56 -48.94 -54.91
N THR C 121 65.19 -47.78 -54.71
CA THR C 121 64.56 -46.66 -54.03
C THR C 121 64.75 -45.40 -54.87
N VAL C 122 64.10 -44.32 -54.45
CA VAL C 122 64.27 -43.01 -55.06
C VAL C 122 65.69 -42.52 -54.79
N PRO C 123 66.31 -41.77 -55.71
CA PRO C 123 67.70 -41.34 -55.48
C PRO C 123 67.86 -40.42 -54.29
N CYS C 124 66.86 -39.59 -53.99
CA CYS C 124 66.94 -38.65 -52.89
C CYS C 124 65.52 -38.41 -52.37
N LYS C 125 65.38 -37.47 -51.45
CA LYS C 125 64.06 -37.08 -50.97
C LYS C 125 63.51 -35.95 -51.83
N VAL C 126 62.31 -36.15 -52.36
CA VAL C 126 61.66 -35.18 -53.24
C VAL C 126 60.27 -34.91 -52.70
N THR C 127 59.72 -33.77 -53.13
CA THR C 127 58.42 -33.32 -52.66
C THR C 127 57.54 -32.94 -53.83
N GLY C 128 56.33 -33.47 -53.84
CA GLY C 128 55.31 -33.10 -54.81
C GLY C 128 54.33 -32.14 -54.18
N ARG C 129 53.76 -31.27 -55.01
CA ARG C 129 52.87 -30.21 -54.54
C ARG C 129 51.65 -30.14 -55.43
N CYS C 130 50.47 -30.20 -54.80
CA CYS C 130 49.21 -30.02 -55.53
C CYS C 130 48.14 -29.62 -54.52
N GLY C 131 47.61 -28.41 -54.68
CA GLY C 131 46.69 -27.90 -53.67
C GLY C 131 47.42 -27.70 -52.37
N SER C 132 46.82 -28.18 -51.27
CA SER C 132 47.50 -28.18 -49.99
C SER C 132 48.22 -29.49 -49.71
N VAL C 133 48.12 -30.46 -50.63
CA VAL C 133 48.70 -31.77 -50.40
C VAL C 133 50.20 -31.70 -50.64
N LEU C 134 50.97 -32.07 -49.63
CA LEU C 134 52.42 -32.14 -49.72
C LEU C 134 52.84 -33.58 -49.46
N VAL C 135 53.44 -34.21 -50.46
CA VAL C 135 53.88 -35.60 -50.37
C VAL C 135 55.38 -35.64 -50.49
N ARG C 136 56.03 -36.30 -49.54
CA ARG C 136 57.48 -36.47 -49.56
C ARG C 136 57.82 -37.92 -49.78
N LEU C 137 58.69 -38.18 -50.76
CA LEU C 137 59.19 -39.51 -51.03
C LEU C 137 60.62 -39.61 -50.51
N ILE C 138 60.87 -40.55 -49.62
CA ILE C 138 62.14 -40.63 -48.90
C ILE C 138 62.84 -41.94 -49.25
N PRO C 139 64.15 -41.93 -49.51
CA PRO C 139 64.87 -43.19 -49.74
C PRO C 139 64.80 -44.10 -48.52
N ALA C 140 64.71 -45.40 -48.79
CA ALA C 140 64.60 -46.41 -47.76
C ALA C 140 65.48 -47.59 -48.13
N PRO C 141 65.98 -48.32 -47.13
CA PRO C 141 66.81 -49.50 -47.42
C PRO C 141 66.01 -50.60 -48.10
N ARG C 142 66.75 -51.62 -48.55
CA ARG C 142 66.16 -52.70 -49.33
C ARG C 142 65.12 -53.47 -48.54
N GLY C 143 64.00 -53.78 -49.19
CA GLY C 143 62.98 -54.65 -48.62
C GLY C 143 61.95 -53.96 -47.77
N THR C 144 62.06 -52.65 -47.52
CA THR C 144 61.11 -51.98 -46.66
C THR C 144 59.73 -51.83 -47.31
N GLY C 145 59.65 -52.00 -48.62
CA GLY C 145 58.38 -51.87 -49.29
C GLY C 145 57.98 -50.42 -49.48
N ILE C 146 56.80 -50.24 -50.06
CA ILE C 146 56.23 -48.91 -50.27
C ILE C 146 55.33 -48.65 -49.08
N VAL C 147 55.90 -48.05 -48.05
CA VAL C 147 55.17 -47.73 -46.82
C VAL C 147 54.50 -46.37 -47.03
N SER C 148 53.22 -46.41 -47.35
CA SER C 148 52.48 -45.20 -47.71
C SER C 148 50.99 -45.51 -47.60
N ALA C 149 50.18 -44.50 -47.92
CA ALA C 149 48.76 -44.71 -48.08
C ALA C 149 48.50 -45.58 -49.30
N PRO C 150 47.38 -46.29 -49.35
CA PRO C 150 47.09 -47.12 -50.52
C PRO C 150 47.00 -46.35 -51.83
N VAL C 151 46.53 -45.10 -51.79
CA VAL C 151 46.36 -44.33 -53.02
C VAL C 151 47.69 -44.08 -53.73
N PRO C 152 48.76 -43.62 -53.07
CA PRO C 152 50.05 -43.54 -53.76
C PRO C 152 50.82 -44.85 -53.79
N LYS C 153 50.43 -45.84 -52.99
CA LYS C 153 51.18 -47.09 -52.97
C LYS C 153 51.12 -47.80 -54.31
N LYS C 154 49.96 -47.77 -54.96
CA LYS C 154 49.85 -48.36 -56.29
C LYS C 154 50.62 -47.55 -57.33
N LEU C 155 50.67 -46.22 -57.16
CA LEU C 155 51.40 -45.39 -58.10
C LEU C 155 52.91 -45.63 -57.98
N LEU C 156 53.42 -45.72 -56.76
CA LEU C 156 54.83 -46.02 -56.56
C LEU C 156 55.15 -47.45 -56.99
N MET C 157 54.24 -48.39 -56.74
CA MET C 157 54.47 -49.78 -57.12
C MET C 157 54.59 -49.93 -58.63
N MET C 158 53.71 -49.26 -59.37
CA MET C 158 53.74 -49.33 -60.82
C MET C 158 54.79 -48.43 -61.44
N ALA C 159 55.44 -47.58 -60.64
CA ALA C 159 56.54 -46.75 -61.13
C ALA C 159 57.88 -47.46 -61.03
N GLY C 160 57.91 -48.70 -60.56
CA GLY C 160 59.14 -49.44 -60.39
C GLY C 160 59.81 -49.27 -59.04
N ILE C 161 59.31 -48.39 -58.19
CA ILE C 161 59.90 -48.16 -56.88
C ILE C 161 59.57 -49.33 -55.98
N ASP C 162 60.61 -49.91 -55.36
CA ASP C 162 60.43 -51.05 -54.47
C ASP C 162 60.43 -50.66 -53.00
N ASP C 163 61.19 -49.64 -52.61
CA ASP C 163 61.28 -49.21 -51.22
C ASP C 163 61.23 -47.69 -51.19
N CYS C 164 60.30 -47.14 -50.41
CA CYS C 164 60.17 -45.69 -50.32
C CYS C 164 59.36 -45.33 -49.08
N TYR C 165 59.93 -44.52 -48.20
CA TYR C 165 59.17 -43.91 -47.13
C TYR C 165 58.31 -42.78 -47.68
N THR C 166 57.22 -42.48 -46.98
CA THR C 166 56.32 -41.41 -47.40
C THR C 166 55.81 -40.66 -46.19
N SER C 167 55.84 -39.33 -46.27
CA SER C 167 55.29 -38.46 -45.23
C SER C 167 54.39 -37.43 -45.91
N ALA C 168 53.09 -37.64 -45.81
CA ALA C 168 52.11 -36.77 -46.45
C ALA C 168 51.59 -35.72 -45.47
N ARG C 169 51.02 -34.66 -46.01
CA ARG C 169 50.40 -33.62 -45.22
C ARG C 169 49.35 -32.91 -46.07
N GLY C 170 48.32 -32.41 -45.41
CA GLY C 170 47.27 -31.69 -46.09
C GLY C 170 45.97 -32.47 -46.12
N CYS C 171 45.19 -32.31 -47.19
CA CYS C 171 43.93 -33.04 -47.34
C CYS C 171 44.18 -34.25 -48.23
N THR C 172 44.72 -35.29 -47.61
CA THR C 172 44.95 -36.53 -48.34
C THR C 172 43.66 -37.23 -48.73
N ALA C 173 42.54 -36.87 -48.10
CA ALA C 173 41.25 -37.39 -48.52
C ALA C 173 40.88 -36.92 -49.92
N THR C 174 41.39 -35.77 -50.33
CA THR C 174 41.23 -35.28 -51.70
C THR C 174 42.09 -36.15 -52.61
N LEU C 175 41.46 -37.11 -53.28
CA LEU C 175 42.22 -38.10 -54.03
C LEU C 175 42.84 -37.49 -55.29
N GLY C 176 42.20 -36.47 -55.85
CA GLY C 176 42.76 -35.81 -57.03
C GLY C 176 44.08 -35.12 -56.74
N ASN C 177 44.12 -34.37 -55.64
CA ASN C 177 45.35 -33.67 -55.29
C ASN C 177 46.38 -34.62 -54.68
N PHE C 178 45.91 -35.62 -53.93
CA PHE C 178 46.82 -36.58 -53.32
C PHE C 178 47.51 -37.47 -54.36
N ALA C 179 46.91 -37.61 -55.54
CA ALA C 179 47.53 -38.38 -56.61
C ALA C 179 48.37 -37.50 -57.54
N LYS C 180 47.96 -36.25 -57.73
CA LYS C 180 48.76 -35.35 -58.56
C LYS C 180 50.02 -34.91 -57.84
N ALA C 181 49.96 -34.81 -56.52
CA ALA C 181 51.15 -34.45 -55.75
C ALA C 181 52.19 -35.56 -55.80
N THR C 182 51.75 -36.81 -55.61
CA THR C 182 52.69 -37.93 -55.68
C THR C 182 53.28 -38.06 -57.08
N PHE C 183 52.48 -37.83 -58.12
CA PHE C 183 53.01 -37.86 -59.47
C PHE C 183 53.99 -36.72 -59.69
N ASP C 184 53.76 -35.58 -59.05
CA ASP C 184 54.70 -34.46 -59.15
C ASP C 184 56.03 -34.80 -58.51
N ALA C 185 56.01 -35.48 -57.36
CA ALA C 185 57.25 -35.89 -56.71
C ALA C 185 57.99 -36.92 -57.55
N ILE C 186 57.27 -37.83 -58.18
CA ILE C 186 57.90 -38.84 -59.04
C ILE C 186 58.52 -38.18 -60.27
N SER C 187 57.81 -37.22 -60.86
CA SER C 187 58.24 -36.66 -62.14
C SER C 187 59.47 -35.75 -61.99
N LYS C 188 59.64 -35.10 -60.85
CA LYS C 188 60.73 -34.15 -60.68
C LYS C 188 61.99 -34.79 -60.11
N THR C 189 62.06 -36.12 -60.10
CA THR C 189 63.29 -36.78 -59.64
C THR C 189 64.47 -36.43 -60.52
N TYR C 190 64.27 -36.41 -61.84
CA TYR C 190 65.36 -36.08 -62.75
C TYR C 190 65.73 -34.61 -62.67
N SER C 191 64.74 -33.74 -62.46
CA SER C 191 65.03 -32.31 -62.32
C SER C 191 65.92 -32.03 -61.13
N TYR C 192 65.93 -32.92 -60.13
CA TYR C 192 66.83 -32.79 -59.00
C TYR C 192 68.24 -33.18 -59.43
N LEU C 193 69.18 -32.25 -59.32
CA LEU C 193 70.56 -32.49 -59.73
C LEU C 193 71.30 -33.30 -58.67
N THR C 194 72.13 -34.23 -59.13
CA THR C 194 72.94 -35.11 -58.32
C THR C 194 74.38 -35.04 -58.79
N PRO C 195 75.35 -35.20 -57.88
CA PRO C 195 76.76 -35.09 -58.30
C PRO C 195 77.18 -36.07 -59.39
N ASP C 196 76.53 -37.23 -59.50
CA ASP C 196 76.88 -38.14 -60.59
C ASP C 196 76.46 -37.61 -61.95
N LEU C 197 75.62 -36.57 -62.00
CA LEU C 197 75.25 -35.91 -63.24
C LEU C 197 76.08 -34.67 -63.52
N TRP C 198 77.09 -34.39 -62.69
CA TRP C 198 77.88 -33.16 -62.82
C TRP C 198 78.80 -33.18 -64.03
N LYS C 199 79.01 -34.34 -64.66
CA LYS C 199 79.87 -34.40 -65.83
C LYS C 199 79.26 -33.60 -66.97
N GLU C 200 80.13 -33.04 -67.81
CA GLU C 200 79.67 -32.20 -68.91
C GLU C 200 78.92 -33.05 -69.93
N THR C 201 77.65 -32.71 -70.15
CA THR C 201 76.83 -33.46 -71.09
C THR C 201 77.24 -33.16 -72.52
N VAL C 202 77.20 -34.20 -73.35
CA VAL C 202 77.50 -34.08 -74.78
C VAL C 202 76.18 -34.19 -75.51
N PHE C 203 75.78 -33.12 -76.19
CA PHE C 203 74.52 -33.13 -76.93
C PHE C 203 74.67 -33.93 -78.21
N THR C 204 73.76 -34.88 -78.42
CA THR C 204 73.72 -35.62 -79.66
C THR C 204 72.81 -34.92 -80.65
N LYS C 205 72.67 -35.49 -81.84
CA LYS C 205 71.80 -34.93 -82.85
C LYS C 205 70.34 -35.08 -82.44
N SER C 206 69.56 -34.02 -82.66
CA SER C 206 68.13 -34.09 -82.45
C SER C 206 67.52 -35.08 -83.43
N PRO C 207 66.45 -35.79 -83.02
CA PRO C 207 65.78 -36.68 -83.98
C PRO C 207 65.23 -35.96 -85.19
N TYR C 208 64.81 -34.71 -85.02
CA TYR C 208 64.31 -33.93 -86.14
C TYR C 208 65.42 -33.64 -87.15
N GLN C 209 66.61 -33.30 -86.65
CA GLN C 209 67.71 -32.97 -87.56
C GLN C 209 68.47 -34.20 -88.05
N GLU C 210 68.37 -35.32 -87.33
CA GLU C 210 69.01 -36.55 -87.80
C GLU C 210 68.26 -37.17 -88.95
N PHE C 211 66.93 -37.15 -88.90
CA PHE C 211 66.08 -37.65 -89.97
C PHE C 211 65.38 -36.52 -90.72
N THR C 212 66.05 -35.37 -90.84
CA THR C 212 65.47 -34.24 -91.53
C THR C 212 65.28 -34.50 -93.02
N ASP C 213 66.01 -35.45 -93.60
CA ASP C 213 65.84 -35.80 -94.99
C ASP C 213 64.79 -36.88 -95.21
N HIS C 214 64.51 -37.69 -94.18
CA HIS C 214 63.45 -38.69 -94.30
C HIS C 214 62.08 -38.05 -94.25
N LEU C 215 61.89 -37.06 -93.37
CA LEU C 215 60.59 -36.41 -93.24
C LEU C 215 60.28 -35.52 -94.44
N VAL C 216 61.27 -35.17 -95.25
CA VAL C 216 61.01 -34.44 -96.48
C VAL C 216 60.18 -35.29 -97.43
N LYS C 217 60.57 -36.55 -97.60
CA LYS C 217 59.84 -37.45 -98.49
C LYS C 217 58.57 -37.98 -97.83
N THR C 218 58.62 -38.25 -96.53
CA THR C 218 57.54 -38.98 -95.86
C THR C 218 56.51 -38.03 -95.22
N HIS C 219 56.94 -37.19 -94.30
CA HIS C 219 56.02 -36.31 -93.57
C HIS C 219 56.02 -34.92 -94.21
N THR C 220 55.29 -34.81 -95.31
CA THR C 220 55.15 -33.54 -96.01
C THR C 220 53.89 -32.82 -95.56
N ALA D 1 64.38 -50.39 7.67
CA ALA D 1 64.31 -51.53 8.56
C ALA D 1 64.82 -51.18 9.96
N ARG D 2 64.36 -51.91 10.95
CA ARG D 2 64.74 -51.69 12.34
C ARG D 2 66.05 -52.39 12.71
N GLY D 3 66.64 -53.15 11.81
CA GLY D 3 67.87 -53.85 12.08
C GLY D 3 68.46 -54.48 10.85
N PRO D 4 69.51 -55.28 11.03
CA PRO D 4 70.15 -55.93 9.88
C PRO D 4 69.25 -56.98 9.27
N LYS D 5 69.39 -57.14 7.95
CA LYS D 5 68.64 -58.17 7.24
C LYS D 5 69.31 -59.53 7.42
N LYS D 6 68.52 -60.58 7.24
CA LYS D 6 69.08 -61.94 7.24
C LYS D 6 68.49 -62.79 6.13
N HIS D 7 67.75 -62.21 5.18
CA HIS D 7 67.24 -62.90 4.02
C HIS D 7 67.79 -62.23 2.76
N LEU D 8 68.23 -63.04 1.81
CA LEU D 8 68.64 -62.57 0.49
C LEU D 8 67.72 -63.20 -0.54
N LYS D 9 67.19 -62.39 -1.45
CA LYS D 9 66.32 -62.91 -2.49
C LYS D 9 67.12 -63.57 -3.59
N ARG D 10 66.48 -64.54 -4.25
CA ARG D 10 67.14 -65.26 -5.34
C ARG D 10 67.52 -64.31 -6.46
N VAL D 11 66.62 -63.39 -6.81
CA VAL D 11 66.91 -62.41 -7.85
C VAL D 11 67.99 -61.45 -7.38
N ALA D 12 68.00 -61.10 -6.09
CA ALA D 12 68.96 -60.17 -5.54
C ALA D 12 70.33 -60.79 -5.32
N ALA D 13 70.48 -62.09 -5.54
CA ALA D 13 71.76 -62.76 -5.35
C ALA D 13 72.78 -62.24 -6.36
N PRO D 14 74.08 -62.33 -6.04
CA PRO D 14 75.10 -61.90 -7.01
C PRO D 14 75.02 -62.71 -8.30
N LYS D 15 75.35 -62.03 -9.40
CA LYS D 15 75.19 -62.63 -10.72
C LYS D 15 76.11 -63.81 -10.92
N HIS D 16 77.35 -63.71 -10.42
CA HIS D 16 78.34 -64.76 -10.66
C HIS D 16 78.01 -66.07 -9.97
N TRP D 17 77.04 -66.10 -9.06
CA TRP D 17 76.64 -67.34 -8.43
C TRP D 17 75.96 -68.30 -9.40
N MET D 18 75.46 -67.77 -10.54
CA MET D 18 74.79 -68.58 -11.56
C MET D 18 73.60 -69.34 -10.98
N LEU D 19 72.82 -68.64 -10.17
CA LEU D 19 71.58 -69.18 -9.63
C LEU D 19 70.44 -68.98 -10.61
N ASP D 20 69.43 -69.83 -10.48
CA ASP D 20 68.27 -69.82 -11.38
C ASP D 20 67.05 -69.24 -10.67
N LYS D 21 66.15 -68.67 -11.46
CA LYS D 21 65.03 -67.90 -10.94
C LYS D 21 63.87 -68.75 -10.46
N LEU D 22 63.83 -70.04 -10.79
CA LEU D 22 62.59 -70.81 -10.63
C LEU D 22 62.59 -71.76 -9.45
N THR D 23 63.74 -72.26 -9.00
CA THR D 23 63.75 -73.30 -7.98
C THR D 23 63.27 -72.75 -6.63
N GLY D 24 63.72 -71.57 -6.25
CA GLY D 24 63.36 -71.02 -4.96
C GLY D 24 63.20 -69.51 -5.00
N VAL D 25 62.41 -69.01 -4.06
CA VAL D 25 62.24 -67.57 -3.91
C VAL D 25 63.51 -66.94 -3.36
N PHE D 26 64.16 -67.60 -2.41
CA PHE D 26 65.25 -67.02 -1.66
C PHE D 26 66.59 -67.46 -2.24
N ALA D 27 67.65 -67.00 -1.59
CA ALA D 27 69.03 -67.22 -1.96
C ALA D 27 69.78 -67.64 -0.70
N PRO D 28 70.97 -68.23 -0.84
CA PRO D 28 71.68 -68.74 0.34
C PRO D 28 71.93 -67.73 1.45
N ARG D 29 72.10 -66.44 1.13
CA ARG D 29 72.38 -65.40 2.13
C ARG D 29 73.59 -65.78 2.97
N PRO D 30 74.80 -65.68 2.43
CA PRO D 30 75.98 -66.13 3.17
C PRO D 30 76.15 -65.37 4.48
N SER D 31 76.57 -66.07 5.51
CA SER D 31 76.82 -65.46 6.80
C SER D 31 78.02 -64.52 6.70
N THR D 32 78.15 -63.64 7.69
CA THR D 32 79.28 -62.74 7.73
C THR D 32 80.57 -63.53 7.93
N GLY D 33 81.63 -63.09 7.27
CA GLY D 33 82.88 -63.80 7.34
C GLY D 33 84.07 -63.00 6.83
N PRO D 34 85.09 -63.70 6.35
CA PRO D 34 86.30 -63.00 5.86
C PRO D 34 86.05 -62.09 4.67
N HIS D 35 85.10 -62.44 3.80
CA HIS D 35 84.90 -61.73 2.55
C HIS D 35 83.50 -61.14 2.50
N LYS D 36 83.32 -60.17 1.60
CA LYS D 36 82.02 -59.55 1.42
C LYS D 36 81.05 -60.51 0.74
N LEU D 37 79.76 -60.23 0.88
CA LEU D 37 78.74 -61.12 0.34
C LEU D 37 78.73 -61.15 -1.18
N ARG D 38 79.27 -60.12 -1.83
CA ARG D 38 79.22 -60.03 -3.29
C ARG D 38 80.31 -60.83 -3.99
N GLU D 39 81.31 -61.32 -3.26
CA GLU D 39 82.41 -62.06 -3.88
C GLU D 39 82.74 -63.31 -3.08
N CYS D 40 81.72 -64.01 -2.61
CA CYS D 40 81.93 -65.24 -1.85
C CYS D 40 80.92 -66.28 -2.26
N LEU D 41 81.36 -67.55 -2.22
CA LEU D 41 80.46 -68.67 -2.39
C LEU D 41 80.11 -69.26 -1.04
N PRO D 42 78.86 -69.21 -0.60
CA PRO D 42 78.45 -70.06 0.53
C PRO D 42 78.65 -71.52 0.17
N LEU D 43 79.00 -72.32 1.18
CA LEU D 43 79.31 -73.72 0.95
C LEU D 43 78.12 -74.48 0.35
N ILE D 44 76.90 -73.98 0.56
CA ILE D 44 75.73 -74.67 0.06
C ILE D 44 75.74 -74.68 -1.48
N ILE D 45 76.12 -73.57 -2.09
CA ILE D 45 76.08 -73.50 -3.55
C ILE D 45 77.46 -73.76 -4.13
N PHE D 46 78.34 -74.35 -3.33
CA PHE D 46 79.57 -74.93 -3.88
C PHE D 46 79.48 -76.44 -3.93
N LEU D 47 78.74 -77.05 -3.03
CA LEU D 47 78.59 -78.51 -2.98
C LEU D 47 77.27 -78.99 -3.57
N ARG D 48 76.36 -78.08 -3.89
CA ARG D 48 75.08 -78.44 -4.48
C ARG D 48 74.91 -77.93 -5.91
N ASN D 49 75.53 -76.81 -6.25
CA ASN D 49 75.40 -76.24 -7.59
C ASN D 49 76.65 -76.43 -8.44
N ARG D 50 77.83 -76.56 -7.83
CA ARG D 50 79.06 -76.71 -8.59
C ARG D 50 79.43 -78.17 -8.81
N LEU D 51 79.64 -78.90 -7.71
CA LEU D 51 80.11 -80.27 -7.78
C LEU D 51 78.98 -81.30 -7.74
N LYS D 52 77.74 -80.86 -7.51
CA LYS D 52 76.56 -81.73 -7.47
C LYS D 52 76.69 -82.83 -6.42
N TYR D 53 77.49 -82.58 -5.38
CA TYR D 53 77.62 -83.54 -4.30
C TYR D 53 76.32 -83.72 -3.55
N ALA D 54 75.60 -82.64 -3.30
CA ALA D 54 74.31 -82.67 -2.64
C ALA D 54 73.21 -82.37 -3.66
N LEU D 55 72.04 -82.97 -3.46
CA LEU D 55 70.91 -82.70 -4.33
C LEU D 55 70.09 -81.53 -3.84
N THR D 56 69.85 -81.44 -2.53
CA THR D 56 69.12 -80.33 -1.94
C THR D 56 69.91 -79.80 -0.74
N GLY D 57 69.31 -78.84 -0.04
CA GLY D 57 70.03 -78.15 1.02
C GLY D 57 70.26 -78.98 2.26
N ASP D 58 69.46 -80.02 2.49
CA ASP D 58 69.65 -80.81 3.70
C ASP D 58 70.84 -81.75 3.57
N GLU D 59 71.19 -82.18 2.35
CA GLU D 59 72.35 -83.05 2.20
C GLU D 59 73.66 -82.29 2.41
N VAL D 60 73.73 -81.05 1.92
CA VAL D 60 74.94 -80.27 2.17
C VAL D 60 75.03 -79.90 3.64
N LYS D 61 73.89 -79.75 4.33
CA LYS D 61 73.93 -79.57 5.78
C LYS D 61 74.45 -80.82 6.47
N LYS D 62 74.01 -82.00 6.01
CA LYS D 62 74.45 -83.25 6.62
C LYS D 62 75.94 -83.48 6.42
N ILE D 63 76.46 -83.13 5.24
CA ILE D 63 77.86 -83.40 4.97
C ILE D 63 78.76 -82.39 5.66
N CYS D 64 78.28 -81.17 5.89
CA CYS D 64 79.04 -80.23 6.73
C CYS D 64 79.07 -80.71 8.17
N MET D 65 78.01 -81.36 8.62
CA MET D 65 77.97 -81.89 9.98
C MET D 65 78.88 -83.10 10.14
N GLN D 66 79.06 -83.88 9.07
CA GLN D 66 79.96 -85.03 9.13
C GLN D 66 81.42 -84.63 9.19
N ARG D 67 81.72 -83.33 9.01
CA ARG D 67 83.03 -82.75 9.28
C ARG D 67 84.11 -83.32 8.36
N PHE D 68 83.86 -83.21 7.06
CA PHE D 68 84.86 -83.47 6.04
C PHE D 68 85.27 -82.22 5.26
N ILE D 69 84.37 -81.24 5.17
CA ILE D 69 84.66 -80.00 4.46
C ILE D 69 85.55 -79.14 5.36
N LYS D 70 86.83 -79.05 5.01
CA LYS D 70 87.81 -78.29 5.77
C LYS D 70 88.23 -77.09 4.92
N ILE D 71 87.81 -75.90 5.32
CA ILE D 71 88.18 -74.68 4.62
C ILE D 71 89.42 -74.09 5.28
N ASP D 72 90.47 -73.86 4.48
CA ASP D 72 91.61 -73.07 4.88
C ASP D 72 92.35 -73.68 6.06
N GLY D 73 92.22 -74.98 6.25
CA GLY D 73 92.86 -75.69 7.34
C GLY D 73 91.98 -75.98 8.54
N LYS D 74 90.80 -75.36 8.62
CA LYS D 74 89.91 -75.54 9.76
C LYS D 74 88.55 -76.02 9.28
N VAL D 75 87.95 -76.93 10.04
CA VAL D 75 86.64 -77.46 9.69
C VAL D 75 85.59 -76.36 9.83
N ARG D 76 84.59 -76.39 8.94
CA ARG D 76 83.52 -75.41 8.92
C ARG D 76 82.19 -76.14 8.87
N THR D 77 81.38 -75.98 9.91
CA THR D 77 80.06 -76.59 9.98
C THR D 77 78.96 -75.66 9.48
N ASP D 78 79.30 -74.47 9.01
CA ASP D 78 78.31 -73.51 8.55
C ASP D 78 77.95 -73.78 7.10
N ILE D 79 76.66 -73.97 6.84
CA ILE D 79 76.19 -74.29 5.50
C ILE D 79 76.39 -73.11 4.55
N THR D 80 76.30 -71.89 5.06
CA THR D 80 76.43 -70.68 4.24
C THR D 80 77.68 -69.88 4.62
N TYR D 81 78.78 -70.56 4.84
CA TYR D 81 80.02 -69.87 5.17
C TYR D 81 80.61 -69.23 3.92
N PRO D 82 80.96 -67.95 3.96
CA PRO D 82 81.55 -67.30 2.78
C PRO D 82 82.95 -67.80 2.48
N ALA D 83 83.10 -68.52 1.36
CA ALA D 83 84.41 -69.05 1.00
C ALA D 83 85.36 -67.94 0.58
N GLY D 84 84.95 -67.14 -0.40
CA GLY D 84 85.74 -65.99 -0.80
C GLY D 84 86.83 -66.32 -1.80
N PHE D 85 87.62 -65.30 -2.12
CA PHE D 85 88.64 -65.41 -3.16
C PHE D 85 89.80 -66.29 -2.71
N MET D 86 90.18 -67.22 -3.59
CA MET D 86 91.35 -68.11 -3.47
C MET D 86 91.55 -68.64 -2.06
N ASP D 87 90.51 -69.31 -1.55
CA ASP D 87 90.60 -70.03 -0.29
C ASP D 87 90.55 -71.52 -0.55
N VAL D 88 91.31 -72.28 0.25
CA VAL D 88 91.45 -73.71 0.04
C VAL D 88 90.19 -74.40 0.55
N ILE D 89 89.57 -75.20 -0.30
CA ILE D 89 88.43 -76.02 0.06
C ILE D 89 88.89 -77.47 -0.05
N SER D 90 89.30 -78.05 1.08
CA SER D 90 89.87 -79.38 1.11
C SER D 90 88.83 -80.38 1.60
N ILE D 91 88.60 -81.42 0.81
CA ILE D 91 87.82 -82.57 1.24
C ILE D 91 88.81 -83.72 1.38
N ASP D 92 89.10 -84.11 2.61
CA ASP D 92 90.15 -85.08 2.85
C ASP D 92 89.72 -86.50 2.48
N LYS D 93 88.41 -86.77 2.50
CA LYS D 93 87.95 -88.12 2.15
C LYS D 93 88.19 -88.43 0.68
N THR D 94 87.89 -87.49 -0.20
CA THR D 94 88.23 -87.65 -1.61
C THR D 94 89.67 -87.30 -1.92
N GLY D 95 90.40 -86.75 -0.94
CA GLY D 95 91.79 -86.41 -1.14
C GLY D 95 92.04 -85.31 -2.13
N GLU D 96 91.01 -84.55 -2.50
CA GLU D 96 91.14 -83.49 -3.48
C GLU D 96 90.83 -82.15 -2.82
N ASN D 97 91.50 -81.11 -3.33
CA ASN D 97 91.40 -79.76 -2.77
C ASN D 97 91.02 -78.79 -3.87
N PHE D 98 90.54 -77.62 -3.48
CA PHE D 98 90.01 -76.65 -4.42
C PHE D 98 90.55 -75.26 -4.14
N ARG D 99 90.71 -74.48 -5.21
CA ARG D 99 91.09 -73.07 -5.12
C ARG D 99 90.04 -72.25 -5.86
N LEU D 100 89.57 -71.19 -5.21
CA LEU D 100 88.41 -70.45 -5.71
C LEU D 100 88.89 -69.21 -6.47
N ILE D 101 89.23 -69.42 -7.73
CA ILE D 101 89.77 -68.37 -8.59
C ILE D 101 88.76 -68.05 -9.68
N TYR D 102 88.59 -66.75 -9.95
CA TYR D 102 87.71 -66.32 -11.03
C TYR D 102 88.20 -66.85 -12.36
N ASP D 103 87.26 -67.25 -13.21
CA ASP D 103 87.57 -67.64 -14.58
C ASP D 103 87.72 -66.37 -15.43
N THR D 104 87.83 -66.54 -16.74
CA THR D 104 87.99 -65.40 -17.63
C THR D 104 86.70 -64.58 -17.74
N LYS D 105 85.57 -65.12 -17.32
CA LYS D 105 84.29 -64.42 -17.35
C LYS D 105 83.91 -63.84 -15.99
N GLY D 106 84.83 -63.84 -15.03
CA GLY D 106 84.56 -63.24 -13.74
C GLY D 106 83.63 -64.02 -12.84
N ARG D 107 83.73 -65.35 -12.84
CA ARG D 107 82.91 -66.19 -11.99
C ARG D 107 83.79 -67.20 -11.27
N PHE D 108 83.45 -67.52 -10.03
CA PHE D 108 84.20 -68.49 -9.25
C PHE D 108 84.12 -69.87 -9.90
N ALA D 109 85.23 -70.33 -10.46
CA ALA D 109 85.28 -71.57 -11.22
C ALA D 109 85.85 -72.70 -10.38
N VAL D 110 85.35 -73.91 -10.64
CA VAL D 110 85.90 -75.10 -10.00
C VAL D 110 87.33 -75.31 -10.48
N HIS D 111 88.27 -75.35 -9.55
CA HIS D 111 89.70 -75.43 -9.88
C HIS D 111 90.36 -76.36 -8.88
N ARG D 112 90.53 -77.62 -9.26
CA ARG D 112 91.18 -78.59 -8.41
C ARG D 112 92.68 -78.30 -8.31
N ILE D 113 93.26 -78.61 -7.15
CA ILE D 113 94.66 -78.36 -6.88
C ILE D 113 95.28 -79.58 -6.22
N THR D 114 96.60 -79.67 -6.33
CA THR D 114 97.35 -80.75 -5.73
C THR D 114 97.46 -80.56 -4.22
N PRO D 115 97.66 -81.65 -3.46
CA PRO D 115 97.78 -81.50 -2.00
C PRO D 115 98.93 -80.60 -1.58
N GLU D 116 100.05 -80.63 -2.30
CA GLU D 116 101.16 -79.75 -1.94
C GLU D 116 100.86 -78.30 -2.28
N GLU D 117 99.99 -78.06 -3.26
CA GLU D 117 99.67 -76.68 -3.60
C GLU D 117 98.76 -76.07 -2.54
N ALA D 118 97.87 -76.87 -1.97
CA ALA D 118 96.94 -76.38 -0.96
C ALA D 118 97.58 -76.11 0.39
N LYS D 119 98.85 -76.49 0.57
CA LYS D 119 99.53 -76.18 1.82
C LYS D 119 99.88 -74.71 1.96
N TYR D 120 99.77 -73.94 0.88
CA TYR D 120 99.99 -72.51 0.91
C TYR D 120 98.83 -71.80 0.23
N LYS D 121 98.74 -70.49 0.45
CA LYS D 121 97.64 -69.70 -0.09
C LYS D 121 98.02 -68.23 -0.05
N LEU D 122 97.75 -67.52 -1.15
CA LEU D 122 98.11 -66.11 -1.26
C LEU D 122 97.06 -65.22 -0.59
N CYS D 123 97.49 -64.00 -0.27
CA CYS D 123 96.62 -63.01 0.34
C CYS D 123 97.09 -61.63 -0.08
N LYS D 124 96.19 -60.65 -0.03
CA LYS D 124 96.52 -59.28 -0.38
C LYS D 124 96.36 -58.39 0.85
N VAL D 125 97.46 -57.87 1.35
CA VAL D 125 97.43 -56.96 2.50
C VAL D 125 96.63 -55.71 2.13
N ARG D 126 95.72 -55.31 3.01
CA ARG D 126 94.87 -54.15 2.77
C ARG D 126 95.26 -52.94 3.60
N LYS D 127 95.60 -53.14 4.87
CA LYS D 127 95.98 -52.05 5.75
C LYS D 127 97.16 -52.46 6.60
N ILE D 128 98.15 -51.57 6.72
CA ILE D 128 99.31 -51.78 7.58
C ILE D 128 99.28 -50.72 8.68
N PHE D 129 99.52 -51.16 9.90
CA PHE D 129 99.53 -50.28 11.06
C PHE D 129 100.30 -50.96 12.18
N VAL D 130 100.53 -50.20 13.25
CA VAL D 130 101.25 -50.71 14.42
C VAL D 130 100.33 -50.58 15.63
N GLY D 131 100.21 -51.66 16.39
CA GLY D 131 99.39 -51.69 17.59
C GLY D 131 100.17 -51.28 18.82
N THR D 132 99.64 -51.68 19.97
CA THR D 132 100.26 -51.33 21.24
C THR D 132 101.60 -52.03 21.40
N LYS D 133 102.43 -51.49 22.30
CA LYS D 133 103.77 -51.98 22.60
C LYS D 133 104.68 -51.95 21.37
N GLY D 134 104.36 -51.13 20.38
CA GLY D 134 105.16 -51.07 19.17
C GLY D 134 105.18 -52.37 18.39
N ILE D 135 104.05 -53.07 18.34
CA ILE D 135 103.95 -54.35 17.66
C ILE D 135 103.23 -54.12 16.34
N PRO D 136 103.92 -54.19 15.19
CA PRO D 136 103.24 -53.97 13.91
C PRO D 136 102.27 -55.11 13.60
N HIS D 137 101.02 -54.76 13.38
CA HIS D 137 100.02 -55.69 12.90
C HIS D 137 99.87 -55.54 11.39
N LEU D 138 99.17 -56.49 10.79
CA LEU D 138 99.01 -56.48 9.33
C LEU D 138 97.74 -57.23 9.00
N VAL D 139 96.70 -56.51 8.62
CA VAL D 139 95.44 -57.12 8.19
C VAL D 139 95.53 -57.37 6.69
N THR D 140 94.70 -58.28 6.21
CA THR D 140 94.73 -58.71 4.82
C THR D 140 93.34 -58.52 4.21
N HIS D 141 93.17 -58.97 2.97
CA HIS D 141 91.89 -58.88 2.30
C HIS D 141 90.87 -59.83 2.92
N ASP D 142 91.33 -60.81 3.69
CA ASP D 142 90.46 -61.61 4.53
C ASP D 142 90.18 -60.83 5.81
N ALA D 143 89.58 -61.48 6.80
CA ALA D 143 89.45 -60.87 8.11
C ALA D 143 90.66 -61.17 8.99
N ARG D 144 91.67 -61.84 8.46
CA ARG D 144 92.83 -62.25 9.22
C ARG D 144 93.78 -61.08 9.45
N THR D 145 94.45 -61.11 10.59
CA THR D 145 95.56 -60.20 10.88
C THR D 145 96.71 -60.99 11.49
N ILE D 146 97.93 -60.54 11.21
CA ILE D 146 99.13 -61.20 11.68
C ILE D 146 100.06 -60.17 12.30
N ARG D 147 100.78 -60.58 13.34
CA ARG D 147 101.68 -59.70 14.06
C ARG D 147 103.12 -59.96 13.60
N TYR D 148 103.95 -58.93 13.75
CA TYR D 148 105.36 -58.93 13.39
C TYR D 148 105.58 -59.33 11.94
N PRO D 149 105.20 -58.49 10.97
CA PRO D 149 105.50 -58.78 9.58
C PRO D 149 106.81 -58.13 9.14
N ASP D 150 107.32 -58.61 8.01
CA ASP D 150 108.51 -58.00 7.43
C ASP D 150 108.21 -56.54 7.09
N PRO D 151 109.08 -55.61 7.47
CA PRO D 151 108.80 -54.18 7.18
C PRO D 151 108.72 -53.85 5.71
N LEU D 152 109.20 -54.73 4.82
CA LEU D 152 109.17 -54.48 3.39
C LEU D 152 107.87 -54.93 2.74
N ILE D 153 106.79 -55.01 3.51
CA ILE D 153 105.44 -55.12 2.97
C ILE D 153 104.73 -53.80 3.21
N LYS D 154 104.23 -53.19 2.15
CA LYS D 154 103.41 -52.00 2.22
C LYS D 154 101.95 -52.39 1.94
N VAL D 155 101.09 -51.38 1.84
CA VAL D 155 99.68 -51.60 1.51
C VAL D 155 99.58 -52.11 0.07
N ASN D 156 98.40 -52.62 -0.29
CA ASN D 156 98.04 -53.17 -1.59
C ASN D 156 99.11 -54.09 -2.17
N ASP D 157 99.79 -54.83 -1.32
CA ASP D 157 100.80 -55.81 -1.72
C ASP D 157 100.26 -57.21 -1.52
N THR D 158 101.12 -58.19 -1.75
CA THR D 158 100.76 -59.60 -1.66
C THR D 158 101.68 -60.32 -0.68
N ILE D 159 101.11 -61.25 0.07
CA ILE D 159 101.85 -62.06 1.03
C ILE D 159 101.50 -63.52 0.81
N GLN D 160 102.51 -64.38 0.80
CA GLN D 160 102.29 -65.82 0.77
C GLN D 160 102.15 -66.33 2.19
N ILE D 161 101.07 -67.09 2.44
CA ILE D 161 100.77 -67.61 3.76
C ILE D 161 100.68 -69.13 3.68
N ASP D 162 101.53 -69.81 4.44
CA ASP D 162 101.46 -71.26 4.54
C ASP D 162 100.53 -71.62 5.69
N LEU D 163 99.65 -72.59 5.46
CA LEU D 163 98.56 -72.89 6.37
C LEU D 163 99.09 -73.52 7.66
N GLU D 164 98.24 -73.49 8.69
CA GLU D 164 98.45 -74.03 10.03
C GLU D 164 99.56 -73.30 10.80
N THR D 165 100.16 -72.27 10.22
CA THR D 165 101.15 -71.46 10.93
C THR D 165 100.77 -69.99 10.83
N GLY D 166 100.12 -69.61 9.74
CA GLY D 166 99.78 -68.23 9.51
C GLY D 166 100.97 -67.32 9.31
N LYS D 167 102.09 -67.87 8.87
CA LYS D 167 103.34 -67.12 8.73
C LYS D 167 103.57 -66.74 7.27
N ILE D 168 104.31 -65.64 7.08
CA ILE D 168 104.60 -65.14 5.75
C ILE D 168 105.76 -65.95 5.17
N THR D 169 105.44 -66.89 4.28
CA THR D 169 106.49 -67.63 3.59
C THR D 169 107.32 -66.73 2.71
N ASP D 170 106.66 -65.84 1.97
CA ASP D 170 107.34 -64.89 1.10
C ASP D 170 106.38 -63.75 0.82
N PHE D 171 106.89 -62.72 0.15
CA PHE D 171 106.09 -61.54 -0.14
C PHE D 171 106.29 -61.13 -1.60
N ILE D 172 105.23 -60.57 -2.18
CA ILE D 172 105.27 -60.01 -3.53
C ILE D 172 104.97 -58.52 -3.42
N LYS D 173 105.89 -57.70 -3.91
CA LYS D 173 105.70 -56.26 -3.90
C LYS D 173 104.90 -55.85 -5.13
N PHE D 174 103.82 -55.12 -4.91
CA PHE D 174 103.01 -54.61 -6.02
C PHE D 174 103.84 -53.60 -6.79
N ASP D 175 104.19 -53.95 -8.03
CA ASP D 175 105.11 -53.15 -8.82
C ASP D 175 104.81 -53.32 -10.29
N THR D 176 105.37 -52.43 -11.09
CA THR D 176 105.27 -52.55 -12.54
C THR D 176 105.99 -53.81 -13.01
N GLY D 177 105.39 -54.49 -13.98
CA GLY D 177 105.99 -55.69 -14.54
C GLY D 177 105.73 -56.96 -13.78
N ASN D 178 104.89 -56.93 -12.75
CA ASN D 178 104.53 -58.10 -11.98
C ASN D 178 103.13 -58.56 -12.35
N LEU D 179 102.96 -59.87 -12.50
CA LEU D 179 101.69 -60.43 -12.95
C LEU D 179 100.63 -60.27 -11.87
N CYS D 180 99.47 -59.76 -12.26
CA CYS D 180 98.37 -59.45 -11.34
C CYS D 180 97.09 -60.14 -11.79
N MET D 181 95.99 -59.82 -11.11
CA MET D 181 94.68 -60.33 -11.47
C MET D 181 93.63 -59.32 -11.06
N VAL D 182 92.67 -59.08 -11.96
CA VAL D 182 91.58 -58.15 -11.67
C VAL D 182 90.57 -58.84 -10.75
N THR D 183 90.11 -58.11 -9.75
CA THR D 183 89.21 -58.64 -8.72
C THR D 183 87.98 -57.75 -8.58
N GLY D 184 87.37 -57.39 -9.69
CA GLY D 184 86.14 -56.62 -9.66
C GLY D 184 86.00 -55.76 -10.90
N GLY D 185 84.81 -55.19 -11.05
CA GLY D 185 84.53 -54.35 -12.19
C GLY D 185 84.25 -55.15 -13.45
N ALA D 186 84.36 -54.45 -14.59
CA ALA D 186 84.08 -55.07 -15.87
C ALA D 186 85.08 -56.17 -16.20
N ASN D 187 86.36 -55.92 -15.94
CA ASN D 187 87.43 -56.84 -16.32
C ASN D 187 87.69 -57.92 -15.27
N LEU D 188 86.72 -58.19 -14.40
CA LEU D 188 86.92 -59.14 -13.32
C LEU D 188 87.26 -60.53 -13.86
N GLY D 189 88.28 -61.14 -13.28
CA GLY D 189 88.72 -62.45 -13.71
C GLY D 189 89.72 -62.46 -14.84
N ARG D 190 90.54 -61.42 -14.98
CA ARG D 190 91.53 -61.35 -16.04
C ARG D 190 92.93 -61.38 -15.45
N ILE D 191 93.84 -62.05 -16.16
CA ILE D 191 95.23 -62.21 -15.74
C ILE D 191 96.10 -61.40 -16.70
N GLY D 192 96.94 -60.52 -16.14
CA GLY D 192 97.81 -59.71 -16.96
C GLY D 192 99.06 -59.26 -16.23
N VAL D 193 99.79 -58.33 -16.82
CA VAL D 193 101.03 -57.80 -16.25
C VAL D 193 100.90 -56.29 -16.12
N ILE D 194 101.23 -55.76 -14.95
CA ILE D 194 101.14 -54.32 -14.71
C ILE D 194 102.10 -53.58 -15.64
N THR D 195 101.61 -52.50 -16.25
CA THR D 195 102.42 -51.65 -17.10
C THR D 195 102.59 -50.23 -16.54
N ASN D 196 101.59 -49.72 -15.83
CA ASN D 196 101.63 -48.36 -15.32
C ASN D 196 100.62 -48.23 -14.20
N ARG D 197 100.91 -47.34 -13.25
CA ARG D 197 99.95 -46.96 -12.22
C ARG D 197 99.96 -45.45 -12.09
N GLU D 198 98.81 -44.83 -12.33
CA GLU D 198 98.64 -43.41 -12.10
C GLU D 198 97.90 -43.20 -10.79
N ARG D 199 98.31 -42.18 -10.03
CA ARG D 199 97.75 -41.90 -8.72
C ARG D 199 96.91 -40.64 -8.80
N HIS D 200 95.73 -40.68 -8.18
CA HIS D 200 94.85 -39.52 -8.08
C HIS D 200 94.67 -39.19 -6.61
N PRO D 201 95.21 -38.07 -6.12
CA PRO D 201 95.09 -37.75 -4.70
C PRO D 201 93.64 -37.49 -4.32
N GLY D 202 93.18 -38.23 -3.31
CA GLY D 202 91.81 -38.14 -2.86
C GLY D 202 90.82 -38.95 -3.67
N SER D 203 91.29 -39.70 -4.67
CA SER D 203 90.41 -40.46 -5.54
C SER D 203 91.01 -41.84 -5.76
N PHE D 204 90.29 -42.68 -6.51
CA PHE D 204 90.76 -44.02 -6.78
C PHE D 204 91.88 -44.01 -7.80
N ASP D 205 92.97 -44.72 -7.48
CA ASP D 205 94.06 -44.86 -8.43
C ASP D 205 93.65 -45.79 -9.56
N VAL D 206 94.24 -45.58 -10.73
CA VAL D 206 93.94 -46.36 -11.92
C VAL D 206 95.22 -47.02 -12.40
N VAL D 207 95.16 -48.32 -12.67
CA VAL D 207 96.29 -49.06 -13.18
C VAL D 207 96.02 -49.43 -14.62
N HIS D 208 97.08 -49.71 -15.37
CA HIS D 208 97.00 -50.16 -16.75
C HIS D 208 97.71 -51.50 -16.87
N VAL D 209 97.01 -52.47 -17.47
CA VAL D 209 97.49 -53.85 -17.53
C VAL D 209 97.49 -54.29 -18.99
N LYS D 210 98.56 -54.97 -19.39
CA LYS D 210 98.64 -55.58 -20.71
C LYS D 210 98.91 -57.07 -20.53
N ASP D 211 98.02 -57.91 -21.07
CA ASP D 211 98.10 -59.34 -20.84
C ASP D 211 99.10 -59.97 -21.82
N ALA D 212 99.09 -61.30 -21.88
CA ALA D 212 100.04 -62.02 -22.74
C ALA D 212 99.74 -61.79 -24.22
N ASN D 213 98.46 -61.66 -24.57
CA ASN D 213 98.07 -61.52 -25.98
C ASN D 213 98.22 -60.10 -26.50
N GLY D 214 98.68 -59.16 -25.68
CA GLY D 214 98.82 -57.78 -26.09
C GLY D 214 97.59 -56.93 -25.85
N ASN D 215 96.48 -57.54 -25.43
CA ASN D 215 95.29 -56.76 -25.10
C ASN D 215 95.53 -55.95 -23.84
N SER D 216 95.21 -54.66 -23.90
CA SER D 216 95.39 -53.75 -22.78
C SER D 216 94.04 -53.36 -22.21
N PHE D 217 94.02 -53.15 -20.89
CA PHE D 217 92.82 -52.70 -20.20
C PHE D 217 93.23 -51.96 -18.94
N ALA D 218 92.25 -51.41 -18.24
CA ALA D 218 92.49 -50.63 -17.04
C ALA D 218 91.47 -51.01 -15.98
N THR D 219 91.83 -50.72 -14.73
CA THR D 219 90.94 -50.99 -13.60
C THR D 219 91.44 -50.21 -12.40
N ARG D 220 90.57 -50.07 -11.41
CA ARG D 220 90.94 -49.35 -10.19
C ARG D 220 91.97 -50.15 -9.38
N LEU D 221 92.67 -49.43 -8.51
CA LEU D 221 93.73 -50.05 -7.72
C LEU D 221 93.18 -51.08 -6.73
N SER D 222 91.98 -50.84 -6.20
CA SER D 222 91.38 -51.77 -5.27
C SER D 222 91.01 -53.10 -5.92
N ASN D 223 90.96 -53.14 -7.25
CA ASN D 223 90.64 -54.36 -7.99
C ASN D 223 91.90 -55.06 -8.51
N ILE D 224 93.01 -54.94 -7.80
CA ILE D 224 94.29 -55.51 -8.21
C ILE D 224 94.75 -56.51 -7.16
N PHE D 225 95.06 -57.72 -7.61
CA PHE D 225 95.55 -58.81 -6.75
C PHE D 225 96.78 -59.39 -7.44
N VAL D 226 97.96 -58.91 -7.07
CA VAL D 226 99.19 -59.39 -7.69
C VAL D 226 99.44 -60.82 -7.25
N ILE D 227 99.69 -61.70 -8.22
CA ILE D 227 99.93 -63.11 -7.92
C ILE D 227 101.25 -63.63 -8.44
N GLY D 228 101.86 -63.02 -9.45
CA GLY D 228 103.05 -63.56 -10.09
C GLY D 228 104.27 -62.70 -9.80
N LYS D 229 105.40 -63.36 -9.59
CA LYS D 229 106.69 -62.68 -9.42
C LYS D 229 107.19 -62.31 -10.81
N GLY D 230 106.75 -61.15 -11.29
CA GLY D 230 107.14 -60.70 -12.61
C GLY D 230 106.29 -61.30 -13.71
N ASN D 231 106.56 -62.56 -14.05
CA ASN D 231 105.83 -63.23 -15.11
C ASN D 231 105.39 -64.65 -14.75
N LYS D 232 106.01 -65.29 -13.76
CA LYS D 232 105.64 -66.64 -13.37
C LYS D 232 104.67 -66.57 -12.19
N PRO D 233 103.44 -67.05 -12.33
CA PRO D 233 102.51 -67.01 -11.21
C PRO D 233 102.93 -67.94 -10.09
N TRP D 234 102.64 -67.53 -8.87
CA TRP D 234 102.93 -68.35 -7.69
C TRP D 234 101.83 -69.35 -7.40
N ILE D 235 100.73 -69.32 -8.15
CA ILE D 235 99.62 -70.24 -7.99
C ILE D 235 99.30 -70.83 -9.36
N SER D 236 98.91 -72.10 -9.37
CA SER D 236 98.47 -72.73 -10.62
C SER D 236 97.27 -71.98 -11.18
N LEU D 237 97.36 -71.63 -12.46
CA LEU D 237 96.32 -70.85 -13.10
C LEU D 237 95.13 -71.73 -13.48
N PRO D 238 93.93 -71.16 -13.52
CA PRO D 238 92.76 -71.92 -13.98
C PRO D 238 92.84 -72.20 -15.48
N ARG D 239 91.99 -73.12 -15.91
CA ARG D 239 91.92 -73.43 -17.34
C ARG D 239 91.50 -72.20 -18.13
N GLY D 240 92.18 -71.98 -19.25
CA GLY D 240 92.03 -70.76 -20.02
C GLY D 240 93.13 -69.75 -19.79
N LYS D 241 93.95 -69.94 -18.75
CA LYS D 241 95.12 -69.13 -18.46
C LYS D 241 94.79 -67.66 -18.24
N GLY D 242 93.55 -67.37 -17.87
CA GLY D 242 93.17 -66.00 -17.51
C GLY D 242 93.29 -64.98 -18.62
N ILE D 243 92.86 -65.34 -19.83
CA ILE D 243 92.80 -64.39 -20.95
C ILE D 243 91.35 -64.27 -21.38
N ARG D 244 90.87 -63.03 -21.49
CA ARG D 244 89.50 -62.76 -21.91
C ARG D 244 89.44 -62.74 -23.43
N LEU D 245 88.73 -63.68 -24.02
CA LEU D 245 88.54 -63.74 -25.46
C LEU D 245 87.18 -63.16 -25.81
N THR D 246 87.13 -62.45 -26.94
CA THR D 246 85.90 -61.80 -27.38
C THR D 246 84.88 -62.84 -27.84
N ILE D 247 83.66 -62.36 -28.12
CA ILE D 247 82.56 -63.23 -28.47
C ILE D 247 82.79 -63.98 -29.77
N ALA D 248 83.70 -63.49 -30.62
CA ALA D 248 83.88 -64.10 -31.94
C ALA D 248 84.49 -65.49 -31.85
N GLU D 249 85.56 -65.64 -31.06
CA GLU D 249 86.40 -66.83 -31.18
C GLU D 249 86.00 -67.98 -30.27
N GLU D 250 85.10 -67.79 -29.31
CA GLU D 250 84.58 -68.97 -28.62
C GLU D 250 83.52 -69.68 -29.46
N ARG D 251 82.93 -68.98 -30.44
CA ARG D 251 81.98 -69.64 -31.33
C ARG D 251 82.68 -70.69 -32.17
N ASP D 252 83.83 -70.34 -32.77
CA ASP D 252 84.59 -71.34 -33.51
C ASP D 252 85.32 -72.29 -32.58
N LYS D 253 85.56 -71.89 -31.33
CA LYS D 253 86.13 -72.81 -30.36
C LYS D 253 85.17 -73.95 -30.07
N ARG D 254 83.88 -73.62 -29.87
CA ARG D 254 82.88 -74.65 -29.65
C ARG D 254 82.61 -75.44 -30.93
N LEU D 255 82.64 -74.76 -32.08
CA LEU D 255 82.40 -75.43 -33.35
C LEU D 255 83.50 -76.44 -33.66
N ALA D 256 84.76 -76.06 -33.43
CA ALA D 256 85.86 -76.96 -33.72
C ALA D 256 85.96 -78.08 -32.69
N ALA D 257 85.65 -77.79 -31.43
CA ALA D 257 85.66 -78.84 -30.41
C ALA D 257 84.56 -79.85 -30.64
N LYS D 258 83.37 -79.39 -31.03
CA LYS D 258 82.27 -80.29 -31.33
C LYS D 258 82.58 -81.14 -32.55
N GLN D 259 83.19 -80.54 -33.58
CA GLN D 259 83.56 -81.29 -34.77
C GLN D 259 84.66 -82.31 -34.46
N SER D 260 85.64 -81.92 -33.64
CA SER D 260 86.74 -82.82 -33.31
C SER D 260 86.27 -84.02 -32.49
N SER D 261 85.32 -83.81 -31.60
CA SER D 261 84.77 -84.90 -30.79
C SER D 261 83.59 -85.60 -31.47
N GLY D 262 83.20 -85.15 -32.66
CA GLY D 262 82.08 -85.77 -33.37
C GLY D 262 82.48 -86.41 -34.68
N MET E 1 35.10 -64.45 56.40
CA MET E 1 36.49 -64.22 56.08
C MET E 1 37.33 -65.45 56.36
N LYS E 2 38.25 -65.76 55.44
CA LYS E 2 39.14 -66.89 55.57
C LYS E 2 40.54 -66.42 55.95
N LEU E 3 41.25 -67.24 56.71
CA LEU E 3 42.61 -66.93 57.15
C LEU E 3 43.54 -68.07 56.74
N ASN E 4 44.65 -67.73 56.10
CA ASN E 4 45.63 -68.71 55.66
C ASN E 4 46.78 -68.72 56.65
N ILE E 5 46.63 -69.51 57.72
CA ILE E 5 47.60 -69.57 58.80
C ILE E 5 48.67 -70.59 58.45
N SER E 6 49.94 -70.20 58.59
CA SER E 6 51.05 -71.07 58.23
C SER E 6 52.16 -70.95 59.26
N PHE E 7 52.77 -72.08 59.60
CA PHE E 7 53.86 -72.13 60.56
C PHE E 7 55.17 -72.35 59.81
N PRO E 8 56.10 -71.39 59.82
CA PRO E 8 57.34 -71.56 59.04
C PRO E 8 58.21 -72.72 59.49
N ALA E 9 58.25 -73.02 60.80
CA ALA E 9 59.18 -74.03 61.30
C ALA E 9 58.64 -75.45 61.19
N THR E 10 57.40 -75.64 60.72
CA THR E 10 56.86 -76.98 60.55
C THR E 10 56.09 -77.18 59.26
N GLY E 11 55.87 -76.14 58.45
CA GLY E 11 54.96 -76.27 57.34
C GLY E 11 53.53 -76.40 57.83
N CYS E 12 52.77 -77.26 57.14
CA CYS E 12 51.42 -77.65 57.57
C CYS E 12 50.50 -76.44 57.69
N GLN E 13 50.41 -75.66 56.62
CA GLN E 13 49.49 -74.54 56.58
C GLN E 13 48.05 -75.04 56.47
N LYS E 14 47.11 -74.20 56.92
CA LYS E 14 45.71 -74.56 56.86
C LYS E 14 44.87 -73.30 56.73
N LEU E 15 43.65 -73.48 56.24
CA LEU E 15 42.71 -72.40 56.00
C LEU E 15 41.56 -72.49 56.99
N ILE E 16 41.29 -71.39 57.69
CA ILE E 16 40.29 -71.36 58.74
C ILE E 16 39.23 -70.32 58.37
N GLU E 17 37.97 -70.73 58.38
CA GLU E 17 36.86 -69.83 58.09
C GLU E 17 36.29 -69.28 59.38
N VAL E 18 36.19 -67.96 59.46
CA VAL E 18 35.62 -67.28 60.62
C VAL E 18 34.56 -66.29 60.13
N ASP E 19 33.68 -65.89 61.04
CA ASP E 19 32.66 -64.90 60.72
C ASP E 19 32.42 -63.89 61.83
N ASP E 20 33.17 -63.93 62.92
CA ASP E 20 33.01 -63.00 64.03
C ASP E 20 33.98 -61.83 63.82
N GLU E 21 33.43 -60.67 63.49
CA GLU E 21 34.25 -59.49 63.22
C GLU E 21 34.97 -58.99 64.47
N ARG E 22 34.51 -59.37 65.66
CA ARG E 22 35.19 -58.98 66.89
C ARG E 22 36.58 -59.60 66.98
N LYS E 23 36.74 -60.81 66.44
CA LYS E 23 38.03 -61.48 66.46
C LYS E 23 38.99 -60.92 65.42
N LEU E 24 38.48 -60.25 64.39
CA LEU E 24 39.30 -59.73 63.31
C LEU E 24 39.55 -58.23 63.39
N ARG E 25 38.85 -57.52 64.28
CA ARG E 25 39.13 -56.10 64.43
C ARG E 25 40.45 -55.84 65.13
N THR E 26 40.99 -56.85 65.83
CA THR E 26 42.35 -56.74 66.33
C THR E 26 43.37 -56.79 65.20
N PHE E 27 42.96 -57.29 64.03
CA PHE E 27 43.82 -57.26 62.85
C PHE E 27 43.57 -56.05 61.97
N TYR E 28 42.40 -55.41 62.10
CA TYR E 28 42.03 -54.34 61.19
C TYR E 28 42.96 -53.13 61.34
N GLU E 29 43.10 -52.39 60.25
CA GLU E 29 43.95 -51.20 60.19
C GLU E 29 45.38 -51.50 60.60
N LYS E 30 45.92 -52.63 60.13
CA LYS E 30 47.30 -53.00 60.36
C LYS E 30 47.98 -53.22 59.01
N ARG E 31 49.22 -52.77 58.91
CA ARG E 31 49.99 -52.94 57.68
C ARG E 31 50.56 -54.35 57.61
N MET E 32 51.14 -54.67 56.46
CA MET E 32 51.80 -55.96 56.31
C MET E 32 53.14 -55.96 57.05
N ALA E 33 53.67 -57.17 57.27
CA ALA E 33 54.90 -57.39 58.01
C ALA E 33 54.85 -56.82 59.42
N THR E 34 53.66 -56.85 60.03
CA THR E 34 53.49 -56.46 61.42
C THR E 34 52.93 -57.63 62.20
N GLU E 35 53.31 -57.73 63.47
CA GLU E 35 52.94 -58.84 64.33
C GLU E 35 51.91 -58.37 65.35
N VAL E 36 50.75 -59.01 65.34
CA VAL E 36 49.67 -58.74 66.28
C VAL E 36 49.37 -60.02 67.05
N ALA E 37 49.33 -59.91 68.37
CA ALA E 37 49.08 -61.08 69.22
C ALA E 37 47.67 -61.60 68.95
N ALA E 38 47.58 -62.79 68.36
CA ALA E 38 46.31 -63.38 67.97
C ALA E 38 45.69 -64.19 69.10
N ASP E 39 45.54 -63.58 70.26
CA ASP E 39 44.88 -64.22 71.39
C ASP E 39 43.37 -64.04 71.35
N ALA E 40 42.85 -63.29 70.39
CA ALA E 40 41.42 -63.02 70.30
C ALA E 40 40.64 -64.13 69.60
N LEU E 41 41.32 -65.17 69.14
CA LEU E 41 40.66 -66.28 68.44
C LEU E 41 40.38 -67.39 69.44
N GLY E 42 39.19 -67.38 70.00
CA GLY E 42 38.77 -68.45 70.91
C GLY E 42 39.63 -68.48 72.17
N GLU E 43 39.94 -69.71 72.61
CA GLU E 43 40.78 -69.91 73.78
C GLU E 43 42.08 -70.65 73.48
N GLU E 44 42.19 -71.33 72.35
CA GLU E 44 43.35 -72.14 72.02
C GLU E 44 44.51 -71.34 71.46
N TRP E 45 44.29 -70.10 71.04
CA TRP E 45 45.31 -69.31 70.38
C TRP E 45 46.10 -68.42 71.35
N LYS E 46 46.08 -68.74 72.64
CA LYS E 46 46.82 -67.96 73.62
C LYS E 46 48.32 -68.13 73.43
N GLY E 47 49.07 -67.12 73.86
CA GLY E 47 50.52 -67.14 73.74
C GLY E 47 51.03 -67.03 72.32
N TYR E 48 50.16 -66.78 71.35
CA TYR E 48 50.51 -66.71 69.94
C TYR E 48 50.49 -65.26 69.49
N VAL E 49 51.58 -64.83 68.85
CA VAL E 49 51.60 -63.59 68.10
C VAL E 49 51.86 -63.95 66.64
N VAL E 50 51.04 -63.42 65.75
CA VAL E 50 51.04 -63.80 64.34
C VAL E 50 51.32 -62.57 63.51
N ARG E 51 51.98 -62.76 62.37
CA ARG E 51 52.41 -61.67 61.50
C ARG E 51 51.63 -61.71 60.20
N ILE E 52 51.05 -60.57 59.84
CA ILE E 52 50.33 -60.45 58.58
C ILE E 52 51.33 -60.47 57.44
N SER E 53 51.10 -61.34 56.46
CA SER E 53 52.01 -61.49 55.33
C SER E 53 51.38 -61.22 53.97
N GLY E 54 50.07 -61.20 53.87
CA GLY E 54 49.43 -60.96 52.59
C GLY E 54 47.94 -61.20 52.68
N GLY E 55 47.32 -61.27 51.51
CA GLY E 55 45.88 -61.48 51.43
C GLY E 55 45.38 -61.27 50.01
N ASN E 56 44.07 -61.19 49.90
CA ASN E 56 43.42 -60.94 48.63
C ASN E 56 42.19 -60.08 48.87
N ASP E 57 41.75 -59.40 47.82
CA ASP E 57 40.56 -58.57 47.87
C ASP E 57 39.32 -59.43 47.64
N LYS E 58 38.15 -58.80 47.71
CA LYS E 58 36.91 -59.48 47.36
C LYS E 58 36.93 -59.99 45.92
N GLN E 59 37.64 -59.28 45.04
CA GLN E 59 37.75 -59.67 43.64
C GLN E 59 39.00 -60.50 43.36
N GLY E 60 39.81 -60.79 44.38
CA GLY E 60 40.97 -61.63 44.23
C GLY E 60 42.28 -60.91 44.04
N PHE E 61 42.28 -59.59 43.98
CA PHE E 61 43.52 -58.86 43.76
C PHE E 61 44.41 -58.96 44.99
N PRO E 62 45.63 -59.49 44.88
CA PRO E 62 46.49 -59.63 46.06
C PRO E 62 46.95 -58.27 46.57
N MET E 63 47.26 -58.23 47.86
CA MET E 63 47.75 -57.01 48.49
C MET E 63 49.28 -56.98 48.45
N LYS E 64 49.83 -55.80 48.19
CA LYS E 64 51.26 -55.61 48.02
C LYS E 64 51.80 -54.78 49.16
N GLN E 65 53.00 -55.13 49.63
CA GLN E 65 53.63 -54.42 50.73
C GLN E 65 54.08 -53.04 50.28
N GLY E 66 53.85 -52.04 51.13
CA GLY E 66 54.31 -50.69 50.89
C GLY E 66 53.39 -49.82 50.07
N VAL E 67 52.21 -50.32 49.69
CA VAL E 67 51.28 -49.49 48.94
C VAL E 67 50.70 -48.40 49.84
N LEU E 68 50.46 -48.72 51.11
CA LEU E 68 50.09 -47.74 52.13
C LEU E 68 48.74 -47.08 51.84
N THR E 69 47.73 -47.91 51.60
CA THR E 69 46.36 -47.45 51.48
C THR E 69 45.44 -48.64 51.70
N HIS E 70 44.20 -48.36 52.12
CA HIS E 70 43.17 -49.38 52.20
C HIS E 70 42.25 -49.21 51.00
N GLY E 71 42.45 -50.03 49.98
CA GLY E 71 41.76 -49.91 48.72
C GLY E 71 42.59 -50.52 47.62
N ARG E 72 42.39 -50.03 46.41
CA ARG E 72 43.09 -50.56 45.24
C ARG E 72 43.68 -49.43 44.41
N VAL E 73 44.88 -49.66 43.90
CA VAL E 73 45.55 -48.72 43.01
C VAL E 73 46.10 -49.50 41.83
N ARG E 74 46.34 -48.79 40.73
CA ARG E 74 46.95 -49.37 39.54
C ARG E 74 48.40 -48.90 39.46
N LEU E 75 49.32 -49.86 39.41
CA LEU E 75 50.75 -49.57 39.45
C LEU E 75 51.43 -50.14 38.22
N LEU E 76 52.43 -49.42 37.73
CA LEU E 76 53.28 -49.90 36.63
C LEU E 76 54.29 -50.87 37.21
N LEU E 77 53.93 -52.15 37.19
CA LEU E 77 54.72 -53.20 37.83
C LEU E 77 55.75 -53.71 36.82
N SER E 78 57.03 -53.49 37.12
CA SER E 78 58.12 -54.03 36.33
C SER E 78 58.47 -55.41 36.85
N LYS E 79 59.59 -55.98 36.37
CA LYS E 79 59.97 -57.32 36.77
C LYS E 79 60.45 -57.35 38.21
N GLY E 80 59.90 -58.28 39.00
CA GLY E 80 60.43 -58.56 40.31
C GLY E 80 59.93 -57.69 41.43
N HIS E 81 58.84 -56.93 41.23
CA HIS E 81 58.32 -56.14 42.34
C HIS E 81 57.45 -57.01 43.25
N SER E 82 56.28 -57.41 42.76
CA SER E 82 55.33 -58.33 43.38
C SER E 82 54.14 -58.45 42.45
N CYS E 83 53.38 -59.53 42.64
CA CYS E 83 52.05 -59.68 42.04
C CYS E 83 52.08 -59.60 40.51
N TYR E 84 53.22 -59.91 39.90
CA TYR E 84 53.37 -59.77 38.46
C TYR E 84 54.60 -60.52 37.96
N ARG E 85 54.45 -61.27 36.87
CA ARG E 85 55.62 -61.83 36.20
C ARG E 85 55.64 -61.37 34.74
N PRO E 86 56.79 -60.94 34.25
CA PRO E 86 56.85 -60.40 32.89
C PRO E 86 56.86 -61.51 31.85
N ARG E 87 56.01 -61.35 30.82
CA ARG E 87 55.95 -62.34 29.77
C ARG E 87 57.20 -62.30 28.89
N ARG E 88 57.74 -61.11 28.66
CA ARG E 88 58.95 -60.96 27.85
C ARG E 88 59.88 -59.98 28.55
N THR E 89 61.13 -59.95 28.06
CA THR E 89 62.15 -59.12 28.69
C THR E 89 61.82 -57.64 28.56
N GLY E 90 61.91 -56.92 29.67
CA GLY E 90 61.64 -55.50 29.68
C GLY E 90 60.19 -55.12 29.67
N GLU E 91 59.28 -56.09 29.73
CA GLU E 91 57.84 -55.79 29.71
C GLU E 91 57.40 -55.25 31.07
N ARG E 92 56.63 -54.18 31.05
CA ARG E 92 55.96 -53.65 32.22
C ARG E 92 54.47 -53.62 31.95
N LYS E 93 53.67 -53.59 33.02
CA LYS E 93 52.23 -53.60 32.85
C LYS E 93 51.58 -52.94 34.05
N ARG E 94 50.49 -52.23 33.81
CA ARG E 94 49.71 -51.60 34.87
C ARG E 94 48.66 -52.57 35.37
N LYS E 95 48.77 -52.96 36.64
CA LYS E 95 47.86 -53.93 37.24
C LYS E 95 47.28 -53.35 38.52
N SER E 96 46.09 -53.84 38.88
CA SER E 96 45.42 -53.43 40.10
C SER E 96 45.91 -54.28 41.26
N VAL E 97 46.31 -53.62 42.35
CA VAL E 97 46.81 -54.31 43.53
C VAL E 97 46.13 -53.72 44.77
N ARG E 98 45.74 -54.60 45.67
CA ARG E 98 45.22 -54.17 46.97
C ARG E 98 46.33 -53.55 47.80
N GLY E 99 45.97 -52.56 48.63
CA GLY E 99 46.92 -51.91 49.49
C GLY E 99 47.34 -52.76 50.67
N CYS E 100 48.40 -52.32 51.35
CA CYS E 100 49.00 -53.11 52.41
C CYS E 100 48.24 -53.04 53.73
N ILE E 101 47.29 -52.12 53.88
CA ILE E 101 46.47 -52.06 55.08
C ILE E 101 45.29 -53.01 54.94
N VAL E 102 45.08 -53.85 55.94
CA VAL E 102 43.97 -54.78 55.95
C VAL E 102 42.76 -54.12 56.57
N ASP E 103 41.58 -54.59 56.17
CA ASP E 103 40.31 -54.13 56.74
C ASP E 103 39.28 -55.23 56.46
N ALA E 104 38.00 -54.87 56.61
CA ALA E 104 36.93 -55.84 56.37
C ALA E 104 36.82 -56.25 54.91
N ASN E 105 37.47 -55.53 53.98
CA ASN E 105 37.36 -55.82 52.56
C ASN E 105 38.51 -56.71 52.09
N LEU E 106 38.61 -57.89 52.72
CA LEU E 106 39.58 -58.89 52.30
C LEU E 106 38.93 -60.26 52.27
N SER E 107 39.16 -61.01 51.19
CA SER E 107 38.67 -62.39 51.12
C SER E 107 39.49 -63.30 52.02
N VAL E 108 40.82 -63.16 51.99
CA VAL E 108 41.71 -63.96 52.80
C VAL E 108 42.72 -63.05 53.48
N LEU E 109 43.35 -63.58 54.53
CA LEU E 109 44.38 -62.88 55.28
C LEU E 109 45.45 -63.89 55.65
N ASN E 110 46.57 -63.86 54.93
CA ASN E 110 47.66 -64.81 55.15
C ASN E 110 48.37 -64.44 56.44
N LEU E 111 48.43 -65.39 57.37
CA LEU E 111 48.98 -65.17 58.69
C LEU E 111 50.12 -66.14 58.94
N VAL E 112 51.19 -65.66 59.56
CA VAL E 112 52.41 -66.43 59.76
C VAL E 112 52.80 -66.35 61.23
N ILE E 113 52.87 -67.50 61.89
CA ILE E 113 53.23 -67.53 63.31
C ILE E 113 54.72 -67.24 63.46
N VAL E 114 55.05 -66.30 64.34
CA VAL E 114 56.44 -65.89 64.53
C VAL E 114 57.03 -66.38 65.85
N LYS E 115 56.22 -66.91 66.77
CA LYS E 115 56.76 -67.52 67.97
C LYS E 115 55.80 -68.58 68.48
N LYS E 116 56.36 -69.60 69.12
CA LYS E 116 55.56 -70.66 69.71
C LYS E 116 54.81 -70.15 70.94
N GLY E 117 53.63 -70.72 71.16
CA GLY E 117 52.82 -70.35 72.31
C GLY E 117 53.05 -71.30 73.48
N GLU E 118 52.05 -72.11 73.79
CA GLU E 118 52.14 -73.08 74.88
C GLU E 118 51.75 -74.49 74.49
N LYS E 119 50.92 -74.68 73.47
CA LYS E 119 50.44 -76.00 73.10
C LYS E 119 50.56 -76.15 71.58
N ASP E 120 50.09 -77.27 71.06
CA ASP E 120 50.16 -77.57 69.64
C ASP E 120 48.78 -77.35 69.01
N ILE E 121 48.74 -76.51 68.00
CA ILE E 121 47.49 -76.27 67.27
C ILE E 121 47.11 -77.54 66.49
N PRO E 122 45.88 -78.03 66.61
CA PRO E 122 45.50 -79.28 65.93
C PRO E 122 45.53 -79.10 64.42
N GLY E 123 46.36 -79.92 63.76
CA GLY E 123 46.47 -79.93 62.33
C GLY E 123 47.47 -78.96 61.74
N LEU E 124 48.04 -78.06 62.53
CA LEU E 124 48.96 -77.05 62.01
C LEU E 124 50.33 -77.10 62.64
N THR E 125 50.42 -77.21 63.97
CA THR E 125 51.68 -77.13 64.69
C THR E 125 52.07 -78.51 65.22
N ASP E 126 51.87 -79.53 64.40
CA ASP E 126 52.23 -80.90 64.74
C ASP E 126 52.47 -81.67 63.45
N THR E 127 53.06 -82.85 63.60
CA THR E 127 53.39 -83.77 62.49
C THR E 127 54.14 -83.02 61.38
N THR E 128 55.36 -82.60 61.74
CA THR E 128 56.21 -81.83 60.83
C THR E 128 56.48 -82.61 59.55
N VAL E 129 56.16 -81.99 58.42
CA VAL E 129 56.41 -82.60 57.11
C VAL E 129 57.87 -82.37 56.75
N PRO E 130 58.50 -83.29 56.01
CA PRO E 130 59.90 -83.09 55.63
C PRO E 130 60.04 -82.11 54.48
N ARG E 131 61.18 -81.42 54.47
CA ARG E 131 61.55 -80.65 53.29
C ARG E 131 61.76 -81.61 52.12
N ARG E 132 61.36 -81.17 50.92
CA ARG E 132 61.30 -82.08 49.79
C ARG E 132 62.67 -82.61 49.40
N LEU E 133 63.68 -81.76 49.41
CA LEU E 133 64.98 -82.14 48.88
C LEU E 133 66.07 -81.43 49.66
N GLY E 134 67.15 -82.17 49.95
CA GLY E 134 68.25 -81.62 50.69
C GLY E 134 69.10 -80.70 49.84
N PRO E 135 70.13 -80.12 50.46
CA PRO E 135 71.02 -79.22 49.72
C PRO E 135 71.75 -79.96 48.62
N LYS E 136 71.99 -79.25 47.52
CA LYS E 136 72.66 -79.79 46.34
C LYS E 136 74.09 -79.28 46.17
N ARG E 137 74.35 -78.03 46.54
CA ARG E 137 75.70 -77.49 46.48
C ARG E 137 76.59 -78.19 47.50
N ALA E 138 77.87 -78.32 47.16
CA ALA E 138 78.80 -79.02 48.04
C ALA E 138 78.95 -78.29 49.37
N SER E 139 79.05 -76.97 49.34
CA SER E 139 79.24 -76.22 50.58
C SER E 139 77.96 -76.14 51.41
N ARG E 140 76.80 -76.20 50.75
CA ARG E 140 75.55 -76.18 51.51
C ARG E 140 75.37 -77.44 52.33
N ILE E 141 75.72 -78.60 51.78
CA ILE E 141 75.68 -79.82 52.58
C ILE E 141 76.80 -79.81 53.61
N ARG E 142 77.88 -79.04 53.36
CA ARG E 142 78.97 -78.95 54.31
C ARG E 142 78.51 -78.24 55.58
N LYS E 143 77.76 -77.15 55.43
CA LYS E 143 77.26 -76.42 56.60
C LYS E 143 76.22 -77.24 57.35
N LEU E 144 75.41 -78.01 56.62
CA LEU E 144 74.33 -78.77 57.26
C LEU E 144 74.90 -79.85 58.19
N PHE E 145 75.95 -80.54 57.75
CA PHE E 145 76.48 -81.68 58.49
C PHE E 145 77.84 -81.39 59.13
N ASN E 146 78.24 -80.12 59.18
CA ASN E 146 79.51 -79.68 59.80
C ASN E 146 80.71 -80.37 59.17
N LEU E 147 80.67 -80.55 57.85
CA LEU E 147 81.81 -81.07 57.11
C LEU E 147 82.96 -80.07 57.16
N SER E 148 84.10 -80.50 57.69
CA SER E 148 85.27 -79.63 57.69
C SER E 148 85.99 -79.68 56.34
N LYS E 149 86.54 -80.85 55.98
CA LYS E 149 87.10 -81.07 54.66
C LYS E 149 87.37 -82.55 54.43
N GLU E 150 86.90 -83.07 53.29
CA GLU E 150 87.23 -84.42 52.82
C GLU E 150 86.83 -85.50 53.82
N ASP E 151 85.70 -85.30 54.50
CA ASP E 151 85.12 -86.35 55.34
C ASP E 151 84.03 -87.08 54.56
N ASP E 152 84.42 -87.62 53.41
CA ASP E 152 83.54 -88.35 52.50
C ASP E 152 82.32 -87.51 52.12
N VAL E 153 82.59 -86.39 51.45
CA VAL E 153 81.53 -85.46 51.07
C VAL E 153 80.60 -86.11 50.05
N ARG E 154 81.15 -86.92 49.15
CA ARG E 154 80.33 -87.58 48.14
C ARG E 154 79.34 -88.54 48.77
N GLN E 155 79.77 -89.30 49.76
CA GLN E 155 78.88 -90.25 50.43
C GLN E 155 77.85 -89.55 51.31
N TYR E 156 78.21 -88.43 51.92
CA TYR E 156 77.35 -87.79 52.90
C TYR E 156 76.15 -87.07 52.29
N VAL E 157 75.93 -87.09 50.98
CA VAL E 157 74.71 -86.53 50.42
C VAL E 157 73.54 -87.43 50.82
N VAL E 158 72.36 -86.82 50.93
CA VAL E 158 71.15 -87.54 51.34
C VAL E 158 70.45 -88.07 50.10
N ARG E 159 70.13 -89.36 50.11
CA ARG E 159 69.52 -90.04 48.99
C ARG E 159 68.02 -90.20 49.23
N LYS E 160 67.23 -89.69 48.30
CA LYS E 160 65.78 -89.81 48.40
C LYS E 160 65.34 -91.21 47.96
N PRO E 161 64.65 -91.96 48.81
CA PRO E 161 64.19 -93.30 48.40
C PRO E 161 63.00 -93.21 47.47
N LEU E 162 63.00 -94.09 46.47
CA LEU E 162 61.92 -94.20 45.50
C LEU E 162 61.27 -95.57 45.68
N ASN E 163 59.96 -95.59 45.90
CA ASN E 163 59.19 -96.82 46.10
C ASN E 163 57.96 -96.77 45.23
N LYS E 164 58.09 -97.27 44.00
CA LYS E 164 56.97 -97.42 43.08
C LYS E 164 56.63 -98.89 42.94
N GLU E 165 55.33 -99.20 42.89
CA GLU E 165 54.88 -100.59 42.99
C GLU E 165 55.36 -101.42 41.82
N GLY E 166 55.34 -100.86 40.61
CA GLY E 166 55.68 -101.62 39.42
C GLY E 166 57.16 -101.60 39.07
N LYS E 167 58.02 -101.53 40.09
CA LYS E 167 59.46 -101.52 39.87
C LYS E 167 60.16 -101.96 41.15
N LYS E 168 61.43 -102.30 41.00
CA LYS E 168 62.27 -102.60 42.16
C LYS E 168 62.59 -101.30 42.89
N PRO E 169 62.26 -101.18 44.17
CA PRO E 169 62.56 -99.95 44.90
C PRO E 169 64.07 -99.68 44.96
N ARG E 170 64.42 -98.41 44.80
CA ARG E 170 65.81 -97.98 44.81
C ARG E 170 65.87 -96.54 45.29
N THR E 171 67.05 -96.14 45.76
CA THR E 171 67.25 -94.78 46.23
C THR E 171 67.97 -93.97 45.15
N LYS E 172 67.77 -92.65 45.20
CA LYS E 172 68.24 -91.75 44.16
C LYS E 172 69.04 -90.62 44.81
N ALA E 173 70.22 -90.37 44.27
CA ALA E 173 71.07 -89.32 44.82
C ALA E 173 71.26 -88.19 43.81
N PRO E 174 71.29 -86.94 44.26
CA PRO E 174 71.44 -85.83 43.32
C PRO E 174 72.89 -85.53 42.97
N LYS E 175 73.09 -85.13 41.71
CA LYS E 175 74.38 -84.59 41.31
C LYS E 175 74.66 -83.31 42.07
N ILE E 176 75.87 -83.18 42.59
CA ILE E 176 76.26 -82.04 43.41
C ILE E 176 77.24 -81.17 42.62
N GLN E 177 77.05 -79.86 42.70
CA GLN E 177 77.82 -78.90 41.92
C GLN E 177 78.81 -78.15 42.80
N ARG E 178 79.77 -77.47 42.15
CA ARG E 178 80.83 -76.71 42.80
C ARG E 178 81.63 -77.57 43.79
N LEU E 179 82.37 -78.52 43.22
CA LEU E 179 83.22 -79.44 43.95
C LEU E 179 84.68 -79.21 43.62
N VAL E 180 85.51 -80.12 44.13
CA VAL E 180 86.87 -80.33 43.66
C VAL E 180 86.92 -81.74 43.10
N THR E 181 87.23 -81.85 41.82
CA THR E 181 87.20 -83.11 41.10
C THR E 181 88.39 -83.10 40.16
N PRO E 182 88.97 -84.27 39.86
CA PRO E 182 90.02 -84.32 38.84
C PRO E 182 89.58 -83.77 37.49
N ARG E 183 88.27 -83.76 37.20
CA ARG E 183 87.79 -83.08 36.01
C ARG E 183 88.01 -81.57 36.11
N VAL E 184 87.60 -80.98 37.23
CA VAL E 184 87.77 -79.54 37.42
C VAL E 184 89.25 -79.18 37.50
N LEU E 185 90.03 -80.00 38.20
CA LEU E 185 91.47 -79.78 38.27
C LEU E 185 92.11 -79.89 36.89
N GLN E 186 91.56 -80.76 36.04
CA GLN E 186 92.04 -80.84 34.65
C GLN E 186 91.77 -79.55 33.90
N HIS E 187 90.59 -78.98 34.08
CA HIS E 187 90.26 -77.72 33.41
C HIS E 187 91.17 -76.59 33.90
N LYS E 188 91.43 -76.55 35.21
CA LYS E 188 92.32 -75.53 35.76
C LYS E 188 93.73 -75.69 35.23
N ARG E 189 94.22 -76.93 35.17
CA ARG E 189 95.57 -77.16 34.66
C ARG E 189 95.65 -76.88 33.16
N ARG E 190 94.59 -77.18 32.43
CA ARG E 190 94.58 -76.91 30.99
C ARG E 190 94.61 -75.41 30.72
N ARG E 191 93.71 -74.66 31.37
CA ARG E 191 93.63 -73.22 31.13
C ARG E 191 94.84 -72.47 31.69
N ILE E 192 95.54 -73.06 32.65
CA ILE E 192 96.79 -72.46 33.13
C ILE E 192 97.96 -72.89 32.26
N ALA E 193 97.82 -73.97 31.50
CA ALA E 193 98.82 -74.36 30.52
C ALA E 193 98.69 -73.57 29.23
N LEU E 194 97.52 -72.96 28.97
CA LEU E 194 97.37 -72.09 27.81
C LEU E 194 98.31 -70.90 27.90
N LYS E 195 98.41 -70.30 29.09
CA LYS E 195 99.26 -69.14 29.28
C LYS E 195 100.72 -69.45 29.00
N LYS E 196 101.11 -70.73 29.10
CA LYS E 196 102.48 -71.12 28.84
C LYS E 196 102.87 -70.85 27.39
N GLN E 197 102.17 -71.48 26.45
CA GLN E 197 102.55 -71.28 25.05
C GLN E 197 102.12 -69.92 24.54
N ARG E 198 101.17 -69.25 25.20
CA ARG E 198 100.83 -67.89 24.78
C ARG E 198 101.97 -66.93 25.08
N THR E 199 102.54 -67.01 26.29
CA THR E 199 103.68 -66.18 26.63
C THR E 199 104.92 -66.61 25.85
N LYS E 200 105.11 -67.91 25.66
CA LYS E 200 106.27 -68.40 24.94
C LYS E 200 106.22 -68.00 23.48
N LYS E 201 105.06 -68.11 22.84
CA LYS E 201 104.92 -67.71 21.44
C LYS E 201 105.13 -66.21 21.30
N ASN E 202 104.60 -65.43 22.24
CA ASN E 202 104.81 -63.98 22.20
C ASN E 202 106.27 -63.63 22.37
N LYS E 203 106.99 -64.40 23.19
CA LYS E 203 108.42 -64.14 23.38
C LYS E 203 109.21 -64.47 22.12
N GLU E 204 108.98 -65.64 21.53
CA GLU E 204 109.74 -66.03 20.35
C GLU E 204 109.36 -65.18 19.14
N GLU E 205 108.11 -64.72 19.07
CA GLU E 205 107.71 -63.84 17.98
C GLU E 205 108.41 -62.49 18.10
N ALA E 206 108.55 -61.99 19.32
CA ALA E 206 109.26 -60.72 19.52
C ALA E 206 110.73 -60.85 19.16
N ALA E 207 111.36 -61.96 19.57
CA ALA E 207 112.78 -62.15 19.24
C ALA E 207 112.99 -62.38 17.76
N GLU E 208 112.10 -63.16 17.13
CA GLU E 208 112.22 -63.42 15.70
C GLU E 208 112.07 -62.14 14.89
N TYR E 209 111.12 -61.29 15.29
CA TYR E 209 110.96 -60.00 14.61
C TYR E 209 112.15 -59.09 14.87
N ALA E 210 112.74 -59.19 16.05
CA ALA E 210 113.91 -58.35 16.36
C ALA E 210 115.08 -58.69 15.44
N LYS E 211 115.30 -59.98 15.17
CA LYS E 211 116.38 -60.37 14.28
C LYS E 211 116.12 -59.91 12.85
N LEU E 212 114.89 -60.07 12.38
CA LEU E 212 114.54 -59.67 11.01
C LEU E 212 114.65 -58.17 10.84
N LEU E 213 114.11 -57.41 11.81
CA LEU E 213 114.20 -55.96 11.74
C LEU E 213 115.65 -55.49 11.83
N ALA E 214 116.49 -56.24 12.55
CA ALA E 214 117.91 -55.93 12.60
C ALA E 214 118.55 -56.09 11.23
N LYS E 215 118.14 -57.11 10.48
CA LYS E 215 118.72 -57.33 9.15
C LYS E 215 118.28 -56.25 8.17
N ARG E 216 116.99 -55.89 8.17
CA ARG E 216 116.52 -54.86 7.26
C ARG E 216 117.13 -53.51 7.57
N MET E 217 117.22 -53.17 8.86
CA MET E 217 117.83 -51.90 9.24
C MET E 217 119.33 -51.90 8.95
N LYS E 218 119.98 -53.06 9.05
CA LYS E 218 121.39 -53.15 8.67
C LYS E 218 121.57 -52.88 7.18
N GLU E 219 120.66 -53.41 6.35
CA GLU E 219 120.71 -53.14 4.92
C GLU E 219 120.50 -51.66 4.63
N ALA E 220 119.55 -51.03 5.33
CA ALA E 220 119.30 -49.61 5.13
C ALA E 220 120.50 -48.77 5.58
N LYS E 221 121.11 -49.12 6.71
CA LYS E 221 122.26 -48.37 7.20
C LYS E 221 123.44 -48.50 6.26
N GLU E 222 123.69 -49.71 5.74
CA GLU E 222 124.76 -49.90 4.76
C GLU E 222 124.45 -49.18 3.47
N LYS E 223 123.17 -49.07 3.11
CA LYS E 223 122.79 -48.24 1.96
C LYS E 223 123.14 -46.78 2.19
N ARG E 224 122.92 -46.28 3.40
CA ARG E 224 123.30 -44.91 3.72
C ARG E 224 124.81 -44.75 3.79
N GLN E 225 125.53 -45.82 4.13
CA GLN E 225 126.98 -45.77 4.10
C GLN E 225 127.49 -45.66 2.66
N GLU E 226 126.72 -46.17 1.70
CA GLU E 226 127.07 -46.02 0.29
C GLU E 226 127.03 -44.55 -0.13
N GLN E 227 126.02 -43.81 0.32
CA GLN E 227 125.92 -42.39 -0.03
C GLN E 227 126.98 -41.58 0.70
N ILE E 228 127.34 -41.99 1.92
CA ILE E 228 128.44 -41.34 2.63
C ILE E 228 129.75 -41.57 1.88
N ALA E 229 129.93 -42.78 1.33
CA ALA E 229 131.10 -43.05 0.51
C ALA E 229 131.09 -42.21 -0.77
N LYS E 230 129.91 -42.01 -1.35
CA LYS E 230 129.82 -41.24 -2.59
C LYS E 230 130.25 -39.79 -2.39
N ARG E 231 129.80 -39.18 -1.29
CA ARG E 231 130.11 -37.77 -1.04
C ARG E 231 131.54 -37.56 -0.54
N ARG E 232 132.17 -38.59 0.02
CA ARG E 232 133.49 -38.45 0.64
C ARG E 232 134.62 -39.05 -0.19
N ARG E 233 134.35 -39.45 -1.43
CA ARG E 233 135.41 -39.94 -2.31
C ARG E 233 135.59 -39.12 -3.58
N LEU E 234 134.57 -38.37 -4.00
CA LEU E 234 134.60 -37.63 -5.26
C LEU E 234 134.29 -36.17 -4.95
N SER E 235 135.34 -35.34 -4.86
CA SER E 235 135.17 -33.95 -4.49
C SER E 235 135.85 -33.02 -5.50
N SER E 236 136.91 -33.50 -6.14
CA SER E 236 137.66 -32.69 -7.09
C SER E 236 137.54 -33.19 -8.54
N LEU E 237 137.30 -34.47 -8.74
CA LEU E 237 137.18 -35.02 -10.09
C LEU E 237 135.74 -34.94 -10.58
N SER F 1 139.22 -7.12 -42.20
CA SER F 1 138.00 -6.41 -42.52
C SER F 1 137.54 -5.58 -41.32
N ALA F 2 136.57 -4.70 -41.54
CA ALA F 2 136.04 -3.83 -40.51
C ALA F 2 134.58 -4.17 -40.23
N LYS F 3 134.23 -4.33 -38.95
CA LYS F 3 132.87 -4.62 -38.52
C LYS F 3 132.57 -3.71 -37.34
N ILE F 4 131.86 -2.61 -37.59
CA ILE F 4 131.59 -1.61 -36.57
C ILE F 4 130.09 -1.46 -36.30
N VAL F 5 129.26 -1.47 -37.34
CA VAL F 5 127.84 -1.20 -37.18
C VAL F 5 127.03 -2.43 -37.51
N LYS F 6 126.73 -3.24 -36.48
CA LYS F 6 125.91 -4.44 -36.63
C LYS F 6 125.41 -4.90 -35.27
N PRO F 7 124.42 -4.22 -34.67
CA PRO F 7 123.88 -4.68 -33.39
C PRO F 7 122.72 -5.65 -33.55
N ASN F 8 122.80 -6.81 -32.89
CA ASN F 8 121.77 -7.82 -32.93
C ASN F 8 122.09 -8.85 -31.84
N GLY F 9 121.23 -9.87 -31.75
CA GLY F 9 121.47 -10.93 -30.78
C GLY F 9 122.71 -11.75 -31.10
N GLU F 10 122.87 -12.14 -32.36
CA GLU F 10 124.02 -12.94 -32.77
C GLU F 10 125.25 -12.05 -32.85
N LYS F 11 126.35 -12.49 -32.22
CA LYS F 11 127.56 -11.69 -32.17
C LYS F 11 128.34 -11.75 -33.50
N PRO F 12 128.64 -12.92 -34.06
CA PRO F 12 129.29 -12.94 -35.37
C PRO F 12 128.31 -12.67 -36.50
N ASP F 13 128.85 -12.19 -37.61
CA ASP F 13 128.07 -11.98 -38.83
C ASP F 13 128.64 -12.84 -39.95
N GLU F 14 127.77 -13.60 -40.60
CA GLU F 14 128.14 -14.51 -41.68
C GLU F 14 127.60 -13.94 -42.98
N PHE F 15 128.51 -13.57 -43.89
CA PHE F 15 128.24 -12.93 -45.18
C PHE F 15 127.78 -11.49 -44.98
N GLU F 16 127.55 -11.11 -43.72
CA GLU F 16 127.14 -9.76 -43.38
C GLU F 16 128.32 -8.88 -43.02
N SER F 17 129.53 -9.43 -42.96
CA SER F 17 130.72 -8.61 -42.77
C SER F 17 130.89 -7.65 -43.94
N GLY F 18 130.64 -8.13 -45.16
CA GLY F 18 130.62 -7.23 -46.31
C GLY F 18 129.46 -6.25 -46.27
N ILE F 19 128.33 -6.66 -45.71
CA ILE F 19 127.17 -5.78 -45.61
C ILE F 19 127.49 -4.60 -44.70
N SER F 20 128.07 -4.89 -43.52
CA SER F 20 128.53 -3.82 -42.64
C SER F 20 129.69 -3.06 -43.26
N GLN F 21 130.50 -3.73 -44.10
CA GLN F 21 131.60 -3.06 -44.77
C GLN F 21 131.09 -1.97 -45.70
N ALA F 22 130.05 -2.27 -46.47
CA ALA F 22 129.56 -1.33 -47.48
C ALA F 22 129.06 -0.04 -46.85
N LEU F 23 128.36 -0.15 -45.72
CA LEU F 23 127.81 1.04 -45.08
C LEU F 23 128.90 1.87 -44.40
N LEU F 24 129.96 1.22 -43.90
CA LEU F 24 131.02 2.00 -43.25
C LEU F 24 131.92 2.67 -44.28
N GLU F 25 132.16 2.04 -45.42
CA GLU F 25 132.90 2.68 -46.50
C GLU F 25 132.04 3.62 -47.32
N LEU F 26 130.74 3.70 -47.02
CA LEU F 26 129.88 4.70 -47.62
C LEU F 26 130.22 6.11 -47.16
N GLU F 27 131.07 6.25 -46.13
CA GLU F 27 131.60 7.54 -45.71
C GLU F 27 132.29 8.24 -46.89
N MET F 28 132.38 9.57 -46.82
CA MET F 28 132.86 10.41 -47.92
C MET F 28 132.01 10.21 -49.17
N ASN F 29 130.73 10.56 -49.02
CA ASN F 29 129.78 10.61 -50.14
C ASN F 29 129.29 12.06 -50.27
N SER F 30 128.28 12.26 -51.12
CA SER F 30 127.73 13.58 -51.37
C SER F 30 126.69 13.94 -50.31
N ASP F 31 127.18 14.08 -49.07
CA ASP F 31 126.38 14.54 -47.93
C ASP F 31 125.20 13.62 -47.65
N LEU F 32 125.50 12.36 -47.35
CA LEU F 32 124.50 11.40 -46.90
C LEU F 32 124.70 10.92 -45.47
N LYS F 33 125.94 10.97 -44.97
CA LYS F 33 126.26 10.43 -43.66
C LYS F 33 125.75 11.27 -42.50
N ALA F 34 125.17 12.45 -42.79
CA ALA F 34 124.67 13.31 -41.73
C ALA F 34 123.49 12.70 -40.97
N GLN F 35 122.85 11.68 -41.52
CA GLN F 35 121.70 11.04 -40.91
C GLN F 35 121.81 9.51 -40.97
N LEU F 36 123.03 9.00 -40.83
CA LEU F 36 123.24 7.55 -40.81
C LEU F 36 124.15 7.08 -39.69
N ARG F 37 124.94 7.96 -39.07
CA ARG F 37 125.84 7.54 -38.01
C ARG F 37 125.09 7.01 -36.79
N GLU F 38 123.88 7.51 -36.55
CA GLU F 38 123.03 7.02 -35.48
C GLU F 38 122.23 5.79 -35.87
N LEU F 39 122.30 5.37 -37.13
CA LEU F 39 121.52 4.26 -37.65
C LEU F 39 122.36 2.99 -37.64
N ASN F 40 121.68 1.85 -37.80
CA ASN F 40 122.38 0.58 -37.72
C ASN F 40 121.58 -0.50 -38.45
N ILE F 41 122.21 -1.66 -38.60
CA ILE F 41 121.66 -2.79 -39.34
C ILE F 41 121.58 -3.99 -38.40
N THR F 42 120.42 -4.64 -38.36
CA THR F 42 120.26 -5.80 -37.50
C THR F 42 120.76 -7.08 -38.17
N ALA F 43 120.38 -7.29 -39.44
CA ALA F 43 120.74 -8.53 -40.11
C ALA F 43 120.69 -8.33 -41.62
N ALA F 44 121.23 -9.31 -42.34
CA ALA F 44 121.22 -9.34 -43.80
C ALA F 44 120.96 -10.76 -44.27
N LYS F 45 120.43 -10.88 -45.48
CA LYS F 45 120.08 -12.19 -46.05
C LYS F 45 120.20 -12.12 -47.56
N GLU F 46 120.49 -13.26 -48.17
CA GLU F 46 120.62 -13.39 -49.62
C GLU F 46 119.66 -14.46 -50.12
N ILE F 47 118.94 -14.15 -51.19
CA ILE F 47 117.95 -15.05 -51.76
C ILE F 47 118.10 -15.10 -53.28
N GLU F 48 117.56 -16.16 -53.86
CA GLU F 48 117.55 -16.35 -55.30
C GLU F 48 116.13 -16.17 -55.83
N VAL F 49 115.98 -15.32 -56.84
CA VAL F 49 114.68 -15.01 -57.44
C VAL F 49 114.73 -15.36 -58.92
N GLY F 50 113.73 -16.13 -59.37
CA GLY F 50 113.57 -16.41 -60.78
C GLY F 50 114.73 -17.14 -61.42
N GLY F 51 115.44 -16.44 -62.31
CA GLY F 51 116.58 -17.03 -62.98
C GLY F 51 117.91 -16.58 -62.41
N GLY F 52 118.55 -15.62 -63.08
CA GLY F 52 119.82 -15.08 -62.62
C GLY F 52 119.70 -13.96 -61.61
N ARG F 53 118.48 -13.63 -61.18
CA ARG F 53 118.28 -12.55 -60.22
C ARG F 53 118.62 -13.02 -58.82
N LYS F 54 119.43 -12.23 -58.12
CA LYS F 54 119.73 -12.44 -56.71
C LYS F 54 119.36 -11.17 -55.96
N ALA F 55 118.84 -11.33 -54.75
CA ALA F 55 118.37 -10.20 -53.96
C ALA F 55 118.92 -10.28 -52.55
N ILE F 56 119.07 -9.11 -51.94
CA ILE F 56 119.52 -9.01 -50.55
C ILE F 56 118.40 -8.38 -49.74
N ILE F 57 118.33 -8.75 -48.47
CA ILE F 57 117.33 -8.24 -47.53
C ILE F 57 118.06 -7.60 -46.37
N ILE F 58 117.69 -6.36 -46.06
CA ILE F 58 118.34 -5.59 -45.00
C ILE F 58 117.32 -5.37 -43.89
N PHE F 59 117.62 -5.86 -42.69
CA PHE F 59 116.73 -5.78 -41.56
C PHE F 59 117.16 -4.62 -40.65
N VAL F 60 116.19 -3.83 -40.22
CA VAL F 60 116.44 -2.66 -39.37
C VAL F 60 115.51 -2.72 -38.17
N PRO F 61 115.86 -2.10 -37.05
CA PRO F 61 114.92 -2.02 -35.92
C PRO F 61 113.69 -1.20 -36.26
N VAL F 62 112.57 -1.54 -35.61
CA VAL F 62 111.32 -0.83 -35.84
C VAL F 62 111.41 0.65 -35.54
N PRO F 63 112.03 1.12 -34.44
CA PRO F 63 112.19 2.57 -34.27
C PRO F 63 113.00 3.23 -35.38
N GLN F 64 113.88 2.49 -36.04
CA GLN F 64 114.64 3.01 -37.16
C GLN F 64 113.98 2.75 -38.51
N LEU F 65 112.77 2.19 -38.52
CA LEU F 65 112.05 1.99 -39.77
C LEU F 65 111.74 3.32 -40.44
N LYS F 66 111.30 4.32 -39.66
CA LYS F 66 111.02 5.63 -40.22
C LYS F 66 112.28 6.29 -40.74
N SER F 67 113.39 6.17 -40.00
CA SER F 67 114.62 6.83 -40.39
C SER F 67 115.21 6.22 -41.65
N PHE F 68 115.05 4.92 -41.85
CA PHE F 68 115.47 4.33 -43.11
C PHE F 68 114.52 4.66 -44.24
N GLN F 69 113.22 4.81 -43.95
CA GLN F 69 112.25 5.08 -44.99
C GLN F 69 112.39 6.50 -45.53
N LYS F 70 112.72 7.46 -44.67
CA LYS F 70 112.76 8.86 -45.09
C LYS F 70 113.92 9.16 -46.04
N ILE F 71 114.85 8.23 -46.23
CA ILE F 71 115.91 8.38 -47.22
C ILE F 71 115.98 7.11 -48.06
N GLN F 72 114.94 6.29 -48.00
CA GLN F 72 114.97 4.98 -48.63
C GLN F 72 115.14 5.08 -50.14
N VAL F 73 114.47 6.05 -50.77
CA VAL F 73 114.59 6.23 -52.21
C VAL F 73 116.01 6.64 -52.61
N ARG F 74 116.79 7.17 -51.66
CA ARG F 74 118.10 7.73 -51.99
C ARG F 74 119.18 6.64 -52.09
N LEU F 75 119.43 5.93 -51.00
CA LEU F 75 120.62 5.09 -50.94
C LEU F 75 120.43 3.72 -51.59
N VAL F 76 119.23 3.37 -52.04
CA VAL F 76 119.04 2.06 -52.67
C VAL F 76 119.77 1.98 -53.99
N ARG F 77 119.82 3.09 -54.74
CA ARG F 77 120.57 3.11 -55.99
C ARG F 77 122.08 3.05 -55.73
N GLU F 78 122.54 3.62 -54.62
CA GLU F 78 123.96 3.52 -54.27
C GLU F 78 124.34 2.09 -53.90
N LEU F 79 123.46 1.39 -53.17
CA LEU F 79 123.67 -0.04 -52.94
C LEU F 79 123.63 -0.82 -54.26
N GLU F 80 122.77 -0.39 -55.18
CA GLU F 80 122.69 -1.02 -56.49
C GLU F 80 123.99 -0.90 -57.26
N LYS F 81 124.63 0.28 -57.20
CA LYS F 81 125.91 0.46 -57.88
C LYS F 81 127.00 -0.40 -57.27
N LYS F 82 126.98 -0.55 -55.94
CA LYS F 82 127.96 -1.41 -55.27
C LYS F 82 127.78 -2.86 -55.65
N PHE F 83 126.55 -3.35 -55.67
CA PHE F 83 126.22 -4.74 -55.98
C PHE F 83 125.30 -4.73 -57.20
N SER F 84 125.89 -4.70 -58.38
CA SER F 84 125.11 -4.77 -59.61
C SER F 84 124.52 -6.15 -59.79
N GLY F 85 123.34 -6.21 -60.41
CA GLY F 85 122.62 -7.45 -60.53
C GLY F 85 121.91 -7.88 -59.27
N LYS F 86 121.79 -7.00 -58.28
CA LYS F 86 121.15 -7.31 -57.01
C LYS F 86 120.06 -6.29 -56.75
N HIS F 87 119.06 -6.71 -55.98
CA HIS F 87 117.97 -5.83 -55.55
C HIS F 87 117.86 -5.87 -54.04
N VAL F 88 117.79 -4.70 -53.41
CA VAL F 88 117.81 -4.58 -51.96
C VAL F 88 116.41 -4.20 -51.49
N VAL F 89 115.95 -4.86 -50.43
CA VAL F 89 114.66 -4.58 -49.82
C VAL F 89 114.89 -4.27 -48.35
N PHE F 90 114.15 -3.30 -47.82
CA PHE F 90 114.29 -2.88 -46.43
C PHE F 90 113.12 -3.40 -45.61
N ILE F 91 113.42 -4.27 -44.66
CA ILE F 91 112.43 -4.90 -43.81
C ILE F 91 112.81 -4.59 -42.36
N ALA F 92 111.82 -4.64 -41.48
CA ALA F 92 112.05 -4.51 -40.04
C ALA F 92 111.57 -5.77 -39.35
N GLN F 93 112.44 -6.37 -38.55
CA GLN F 93 112.04 -7.53 -37.77
C GLN F 93 110.99 -7.11 -36.74
N ARG F 94 109.99 -7.98 -36.55
CA ARG F 94 108.81 -7.59 -35.80
C ARG F 94 108.52 -8.49 -34.60
N ARG F 95 109.33 -9.52 -34.37
CA ARG F 95 109.23 -10.36 -33.17
C ARG F 95 107.82 -10.96 -33.03
N ILE F 96 107.49 -11.83 -33.98
CA ILE F 96 106.23 -12.54 -33.94
C ILE F 96 106.18 -13.41 -32.69
N LEU F 97 105.17 -13.21 -31.87
CA LEU F 97 105.08 -13.98 -30.65
C LEU F 97 104.17 -15.18 -30.85
N PRO F 98 104.47 -16.30 -30.18
CA PRO F 98 103.58 -17.47 -30.28
C PRO F 98 102.22 -17.19 -29.67
N LYS F 99 101.21 -17.83 -30.23
CA LYS F 99 99.87 -17.71 -29.71
C LYS F 99 99.78 -18.33 -28.32
N PRO F 100 99.13 -17.66 -27.36
CA PRO F 100 98.96 -18.26 -26.03
C PRO F 100 98.11 -19.51 -26.08
N THR F 101 98.72 -20.66 -25.80
CA THR F 101 98.05 -21.95 -25.84
C THR F 101 97.71 -22.40 -24.42
N ARG F 102 97.07 -23.57 -24.33
CA ARG F 102 96.65 -24.13 -23.05
C ARG F 102 97.80 -24.78 -22.28
N LYS F 103 99.04 -24.62 -22.71
CA LYS F 103 100.18 -25.19 -22.02
C LYS F 103 101.12 -24.10 -21.49
N LYS F 104 107.33 -17.56 -15.12
CA LYS F 104 106.03 -18.16 -15.44
C LYS F 104 104.96 -17.10 -15.56
N ASN F 105 105.37 -15.89 -15.92
CA ASN F 105 104.47 -14.75 -16.07
C ASN F 105 104.55 -14.23 -17.50
N LYS F 106 103.40 -13.89 -18.06
CA LYS F 106 103.29 -13.44 -19.44
C LYS F 106 102.40 -12.20 -19.49
N GLN F 107 102.82 -11.22 -20.28
CA GLN F 107 102.04 -10.00 -20.48
C GLN F 107 101.18 -10.12 -21.73
N LYS F 108 100.07 -9.38 -21.73
CA LYS F 108 99.13 -9.43 -22.85
C LYS F 108 99.84 -9.03 -24.15
N ARG F 109 99.91 -9.97 -25.08
CA ARG F 109 100.64 -9.76 -26.32
C ARG F 109 100.00 -8.63 -27.12
N PRO F 110 100.74 -7.59 -27.47
CA PRO F 110 100.17 -6.52 -28.29
C PRO F 110 99.78 -7.03 -29.66
N ARG F 111 98.75 -6.40 -30.24
CA ARG F 111 98.23 -6.86 -31.52
C ARG F 111 99.26 -6.74 -32.63
N SER F 112 100.15 -5.74 -32.54
CA SER F 112 101.18 -5.58 -33.55
C SER F 112 102.21 -6.71 -33.54
N ARG F 113 102.31 -7.44 -32.43
CA ARG F 113 103.24 -8.56 -32.34
C ARG F 113 102.65 -9.87 -32.84
N THR F 114 101.38 -9.88 -33.24
CA THR F 114 100.76 -11.10 -33.76
C THR F 114 101.17 -11.29 -35.22
N LEU F 115 100.99 -12.54 -35.68
CA LEU F 115 101.44 -12.92 -37.01
C LEU F 115 100.68 -12.16 -38.10
N THR F 116 99.37 -11.96 -37.92
CA THR F 116 98.58 -11.29 -38.94
C THR F 116 98.99 -9.83 -39.10
N ALA F 117 99.20 -9.12 -37.98
CA ALA F 117 99.58 -7.73 -38.06
C ALA F 117 101.02 -7.53 -38.47
N VAL F 118 101.84 -8.58 -38.46
CA VAL F 118 103.22 -8.48 -38.88
C VAL F 118 103.37 -8.65 -40.38
N HIS F 119 102.71 -9.66 -40.94
CA HIS F 119 102.87 -9.98 -42.36
C HIS F 119 102.42 -8.85 -43.26
N ASP F 120 101.27 -8.25 -42.94
CA ASP F 120 100.77 -7.14 -43.77
C ASP F 120 101.62 -5.89 -43.58
N ALA F 121 102.19 -5.70 -42.40
CA ALA F 121 103.05 -4.55 -42.17
C ALA F 121 104.37 -4.67 -42.92
N ILE F 122 105.02 -5.83 -42.83
CA ILE F 122 106.26 -6.04 -43.56
C ILE F 122 105.99 -6.13 -45.05
N LEU F 123 104.75 -6.41 -45.45
CA LEU F 123 104.40 -6.35 -46.87
C LEU F 123 104.43 -4.91 -47.36
N GLU F 124 104.04 -3.96 -46.51
CA GLU F 124 104.02 -2.56 -46.91
C GLU F 124 105.43 -2.00 -47.08
N ASP F 125 106.30 -2.22 -46.08
CA ASP F 125 107.64 -1.66 -46.15
C ASP F 125 108.52 -2.38 -47.17
N LEU F 126 108.14 -3.60 -47.55
CA LEU F 126 108.80 -4.29 -48.65
C LEU F 126 108.56 -3.60 -49.98
N VAL F 127 107.52 -2.76 -50.07
CA VAL F 127 107.12 -2.10 -51.30
C VAL F 127 106.98 -0.61 -51.03
N PHE F 128 107.70 -0.12 -50.01
CA PHE F 128 107.60 1.25 -49.48
C PHE F 128 107.67 2.37 -50.53
N PRO F 129 108.45 2.24 -51.62
CA PRO F 129 108.36 3.25 -52.68
C PRO F 129 106.95 3.53 -53.17
N SER F 130 106.05 2.55 -53.09
CA SER F 130 104.63 2.74 -53.29
C SER F 130 103.92 2.39 -51.98
N GLU F 131 102.58 2.35 -52.04
CA GLU F 131 101.79 1.90 -50.90
C GLU F 131 100.58 1.12 -51.40
N ILE F 132 100.12 0.19 -50.59
CA ILE F 132 99.01 -0.67 -50.98
C ILE F 132 97.71 0.13 -50.96
N VAL F 133 96.95 0.03 -52.04
CA VAL F 133 95.63 0.65 -52.13
C VAL F 133 94.52 -0.38 -52.18
N GLY F 134 94.83 -1.66 -52.08
CA GLY F 134 93.83 -2.70 -52.07
C GLY F 134 94.44 -4.10 -52.07
N LYS F 135 93.69 -5.09 -51.59
CA LYS F 135 94.15 -6.46 -51.54
C LYS F 135 93.04 -7.39 -52.02
N ARG F 136 93.42 -8.39 -52.82
CA ARG F 136 92.47 -9.38 -53.36
C ARG F 136 93.06 -10.76 -53.16
N ILE F 137 92.77 -11.38 -52.01
CA ILE F 137 93.24 -12.72 -51.71
C ILE F 137 92.27 -13.75 -52.25
N ARG F 138 92.78 -14.63 -53.12
CA ARG F 138 91.97 -15.60 -53.85
C ARG F 138 92.35 -17.02 -53.44
N VAL F 139 91.38 -17.93 -53.50
CA VAL F 139 91.59 -19.34 -53.20
C VAL F 139 91.42 -20.11 -54.51
N LYS F 140 92.50 -20.76 -54.94
CA LYS F 140 92.56 -21.33 -56.29
C LYS F 140 92.24 -22.83 -56.28
N LEU F 141 91.00 -23.15 -55.90
CA LEU F 141 90.34 -24.45 -56.08
C LEU F 141 90.93 -25.57 -55.24
N ASP F 142 92.06 -25.36 -54.57
CA ASP F 142 92.69 -26.42 -53.80
C ASP F 142 93.22 -25.93 -52.45
N GLY F 143 92.80 -24.76 -51.99
CA GLY F 143 93.31 -24.18 -50.76
C GLY F 143 94.50 -23.28 -50.93
N SER F 144 95.12 -23.25 -52.11
CA SER F 144 96.22 -22.33 -52.35
C SER F 144 95.72 -20.90 -52.35
N ARG F 145 96.45 -20.02 -51.69
CA ARG F 145 96.04 -18.64 -51.50
C ARG F 145 97.04 -17.71 -52.19
N LEU F 146 96.51 -16.83 -53.04
CA LEU F 146 97.32 -15.88 -53.79
C LEU F 146 96.82 -14.47 -53.49
N ILE F 147 97.72 -13.60 -53.05
CA ILE F 147 97.39 -12.24 -52.66
C ILE F 147 97.67 -11.33 -53.85
N LYS F 148 96.63 -10.74 -54.41
CA LYS F 148 96.77 -9.80 -55.51
C LYS F 148 96.75 -8.39 -54.93
N VAL F 149 97.92 -7.76 -54.87
CA VAL F 149 98.09 -6.46 -54.25
C VAL F 149 97.94 -5.39 -55.31
N HIS F 150 97.08 -4.42 -55.05
CA HIS F 150 96.98 -3.24 -55.88
C HIS F 150 98.02 -2.22 -55.43
N LEU F 151 98.86 -1.77 -56.35
CA LEU F 151 99.91 -0.84 -56.02
C LEU F 151 99.44 0.59 -56.30
N ASP F 152 100.36 1.55 -56.23
CA ASP F 152 99.97 2.96 -56.26
C ASP F 152 99.52 3.39 -57.65
N LYS F 153 100.22 2.94 -58.71
CA LYS F 153 100.05 3.36 -60.10
C LYS F 153 100.57 4.78 -60.29
N ALA F 154 100.95 5.44 -59.19
CA ALA F 154 101.42 6.82 -59.25
C ALA F 154 102.82 6.89 -59.85
N GLN F 155 103.70 5.98 -59.47
CA GLN F 155 105.08 5.97 -59.93
C GLN F 155 105.39 4.62 -60.58
N GLN F 156 106.17 4.67 -61.66
CA GLN F 156 106.49 3.46 -62.41
C GLN F 156 107.97 3.31 -62.72
N ASN F 157 108.81 4.30 -62.42
CA ASN F 157 110.19 4.29 -62.92
C ASN F 157 111.07 3.32 -62.15
N ASN F 158 110.86 3.16 -60.83
CA ASN F 158 111.73 2.33 -60.01
C ASN F 158 110.96 1.24 -59.27
N VAL F 159 109.77 0.89 -59.74
CA VAL F 159 108.98 -0.15 -59.10
C VAL F 159 108.53 -1.25 -60.06
N GLU F 160 108.48 -0.99 -61.37
CA GLU F 160 107.99 -1.99 -62.31
C GLU F 160 108.90 -3.21 -62.38
N HIS F 161 110.22 -2.99 -62.33
CA HIS F 161 111.17 -4.09 -62.39
C HIS F 161 111.30 -4.83 -61.06
N LYS F 162 110.83 -4.25 -59.96
CA LYS F 162 111.04 -4.82 -58.65
C LYS F 162 109.93 -5.76 -58.20
N VAL F 163 108.84 -5.90 -58.97
CA VAL F 163 107.71 -6.70 -58.51
C VAL F 163 108.08 -8.18 -58.48
N GLU F 164 108.88 -8.64 -59.45
CA GLU F 164 109.22 -10.06 -59.50
C GLU F 164 110.14 -10.45 -58.35
N THR F 165 110.99 -9.54 -57.89
CA THR F 165 111.78 -9.82 -56.70
C THR F 165 110.94 -9.71 -55.43
N PHE F 166 109.88 -8.91 -55.47
CA PHE F 166 109.00 -8.78 -54.30
C PHE F 166 108.35 -10.10 -53.95
N SER F 167 107.92 -10.85 -54.97
CA SER F 167 107.28 -12.14 -54.73
C SER F 167 108.26 -13.13 -54.11
N GLY F 168 109.51 -13.15 -54.59
CA GLY F 168 110.45 -14.14 -54.12
C GLY F 168 110.83 -13.97 -52.65
N VAL F 169 111.07 -12.73 -52.23
CA VAL F 169 111.45 -12.47 -50.84
C VAL F 169 110.27 -12.78 -49.91
N TYR F 170 109.06 -12.42 -50.32
CA TYR F 170 107.89 -12.72 -49.50
C TYR F 170 107.64 -14.21 -49.41
N LYS F 171 107.92 -14.95 -50.49
CA LYS F 171 107.83 -16.40 -50.43
C LYS F 171 108.86 -16.96 -49.46
N LYS F 172 110.04 -16.35 -49.39
CA LYS F 172 111.10 -16.86 -48.53
C LYS F 172 110.77 -16.67 -47.05
N LEU F 173 110.36 -15.47 -46.66
CA LEU F 173 110.20 -15.16 -45.25
C LEU F 173 108.77 -15.32 -44.75
N THR F 174 107.78 -15.45 -45.63
CA THR F 174 106.42 -15.71 -45.22
C THR F 174 105.92 -17.08 -45.69
N GLY F 175 105.99 -17.34 -47.00
CA GLY F 175 105.55 -18.59 -47.57
C GLY F 175 104.29 -18.52 -48.40
N LYS F 176 103.55 -17.42 -48.33
CA LYS F 176 102.34 -17.25 -49.13
C LYS F 176 102.63 -16.42 -50.37
N ASP F 177 102.21 -16.92 -51.52
CA ASP F 177 102.51 -16.26 -52.79
C ASP F 177 101.79 -14.92 -52.89
N VAL F 178 102.50 -13.91 -53.37
CA VAL F 178 101.96 -12.58 -53.58
C VAL F 178 102.37 -12.09 -54.96
N ASN F 179 101.41 -11.59 -55.73
CA ASN F 179 101.67 -10.93 -57.00
C ASN F 179 101.09 -9.53 -56.97
N PHE F 180 101.63 -8.67 -57.83
CA PHE F 180 101.33 -7.24 -57.79
C PHE F 180 100.83 -6.79 -59.16
N GLU F 181 100.02 -5.73 -59.14
CA GLU F 181 99.53 -5.13 -60.38
C GLU F 181 99.15 -3.68 -60.11
N PHE F 182 99.15 -2.88 -61.17
CA PHE F 182 98.78 -1.48 -61.09
C PHE F 182 97.43 -1.27 -61.74
N PRO F 183 96.39 -0.93 -60.99
CA PRO F 183 95.05 -0.79 -61.60
C PRO F 183 94.85 0.57 -62.25
N GLU F 184 93.64 0.84 -62.73
CA GLU F 184 93.33 2.11 -63.36
C GLU F 184 93.15 3.19 -62.28
N PHE F 185 92.74 4.38 -62.71
CA PHE F 185 92.56 5.49 -61.77
C PHE F 185 91.37 5.21 -60.84
N GLN F 186 91.51 5.70 -59.61
CA GLN F 186 90.46 5.52 -58.60
C GLN F 186 89.52 6.72 -58.58
N GLY G 1 60.51 -38.28 22.59
CA GLY G 1 61.14 -37.48 23.61
C GLY G 1 61.86 -36.28 23.06
N ILE G 2 62.85 -35.78 23.81
CA ILE G 2 63.74 -34.76 23.27
C ILE G 2 64.45 -35.34 22.06
N SER G 3 64.62 -34.52 21.03
CA SER G 3 65.15 -34.99 19.77
C SER G 3 66.24 -34.05 19.27
N ARG G 4 67.12 -34.60 18.43
CA ARG G 4 68.22 -33.85 17.82
C ARG G 4 68.10 -33.82 16.30
N ASP G 5 66.92 -34.11 15.78
CA ASP G 5 66.74 -34.24 14.34
C ASP G 5 66.88 -32.89 13.64
N ASN G 6 67.30 -32.94 12.38
CA ASN G 6 67.48 -31.74 11.58
C ASN G 6 66.26 -31.37 10.75
N TRP G 7 65.23 -32.24 10.69
CA TRP G 7 64.10 -31.98 9.81
C TRP G 7 63.00 -31.16 10.46
N HIS G 8 63.02 -30.97 11.78
CA HIS G 8 62.01 -30.14 12.42
C HIS G 8 62.32 -28.66 12.29
N LYS G 9 63.50 -28.31 11.82
CA LYS G 9 63.87 -26.93 11.58
C LYS G 9 63.27 -26.45 10.26
N ARG G 10 63.24 -25.14 10.09
CA ARG G 10 62.98 -24.57 8.77
C ARG G 10 64.20 -24.77 7.88
N ARG G 11 63.95 -24.94 6.59
CA ARG G 11 65.06 -25.08 5.66
C ARG G 11 65.74 -23.73 5.45
N LYS G 12 66.81 -23.74 4.65
CA LYS G 12 67.66 -22.57 4.51
C LYS G 12 66.90 -21.38 3.96
N THR G 13 66.04 -21.62 2.96
CA THR G 13 65.28 -20.55 2.33
C THR G 13 64.20 -19.97 3.22
N GLY G 14 63.87 -20.63 4.32
CA GLY G 14 62.79 -20.19 5.18
C GLY G 14 61.49 -20.94 5.01
N GLY G 15 61.46 -21.96 4.17
CA GLY G 15 60.28 -22.77 4.02
C GLY G 15 60.13 -23.76 5.15
N LYS G 16 58.98 -24.43 5.15
CA LYS G 16 58.65 -25.41 6.17
C LYS G 16 58.85 -26.82 5.63
N ARG G 17 59.36 -27.71 6.48
CA ARG G 17 59.67 -29.08 6.09
C ARG G 17 58.69 -30.03 6.76
N LYS G 18 58.01 -30.83 5.96
CA LYS G 18 57.10 -31.84 6.48
C LYS G 18 57.88 -33.12 6.80
N PRO G 19 57.75 -33.66 8.01
CA PRO G 19 58.46 -34.90 8.33
C PRO G 19 57.92 -36.07 7.53
N TYR G 20 58.82 -36.96 7.11
CA TYR G 20 58.43 -38.17 6.42
C TYR G 20 58.46 -39.40 7.33
N HIS G 21 58.78 -39.22 8.61
CA HIS G 21 58.68 -40.29 9.58
C HIS G 21 58.49 -39.67 10.96
N LYS G 22 58.01 -40.48 11.90
CA LYS G 22 57.88 -40.05 13.27
C LYS G 22 59.25 -40.08 13.95
N LYS G 23 59.28 -39.73 15.23
CA LYS G 23 60.54 -39.65 15.96
C LYS G 23 61.20 -41.03 16.03
N ARG G 24 62.48 -41.07 15.65
CA ARG G 24 63.26 -42.29 15.71
C ARG G 24 64.11 -42.30 16.98
N LYS G 25 64.45 -43.51 17.41
CA LYS G 25 65.20 -43.64 18.67
C LYS G 25 66.61 -43.11 18.54
N TYR G 26 67.26 -43.34 17.40
CA TYR G 26 68.67 -42.96 17.30
C TYR G 26 68.86 -41.45 17.30
N GLU G 27 67.86 -40.70 16.87
CA GLU G 27 67.93 -39.24 16.91
C GLU G 27 67.28 -38.69 18.18
N LEU G 28 67.68 -39.19 19.35
CA LEU G 28 67.13 -38.72 20.60
C LEU G 28 68.10 -37.79 21.31
N GLY G 29 67.58 -37.13 22.34
CA GLY G 29 68.40 -36.40 23.28
C GLY G 29 68.02 -36.79 24.70
N ARG G 30 68.82 -36.33 25.64
CA ARG G 30 68.61 -36.64 27.05
C ARG G 30 68.72 -35.36 27.87
N PRO G 31 68.09 -35.33 29.05
CA PRO G 31 68.17 -34.13 29.89
C PRO G 31 69.60 -33.82 30.29
N ALA G 32 69.88 -32.53 30.44
CA ALA G 32 71.21 -32.07 30.80
C ALA G 32 71.60 -32.55 32.19
N ALA G 33 72.88 -32.88 32.37
CA ALA G 33 73.36 -33.34 33.65
C ALA G 33 73.32 -32.22 34.70
N ASN G 34 73.79 -31.03 34.32
CA ASN G 34 73.85 -29.87 35.20
C ASN G 34 74.65 -30.19 36.46
N THR G 35 75.95 -30.43 36.26
CA THR G 35 76.83 -30.82 37.36
C THR G 35 76.92 -29.71 38.40
N LYS G 36 76.64 -30.06 39.65
CA LYS G 36 76.75 -29.14 40.76
C LYS G 36 78.04 -29.43 41.53
N ILE G 37 78.21 -28.74 42.65
CA ILE G 37 79.36 -28.94 43.52
C ILE G 37 78.87 -29.50 44.85
N GLY G 38 79.44 -30.62 45.26
CA GLY G 38 79.03 -31.29 46.47
C GLY G 38 79.54 -32.72 46.50
N PRO G 39 78.91 -33.57 47.31
CA PRO G 39 79.34 -34.96 47.40
C PRO G 39 79.22 -35.67 46.06
N ARG G 40 80.14 -36.60 45.81
CA ARG G 40 80.24 -37.25 44.52
C ARG G 40 79.02 -38.13 44.27
N ARG G 41 78.13 -37.67 43.38
CA ARG G 41 76.97 -38.44 42.95
C ARG G 41 77.02 -38.54 41.43
N ILE G 42 77.21 -39.76 40.93
CA ILE G 42 77.35 -40.01 39.49
C ILE G 42 76.37 -41.11 39.12
N HIS G 43 75.50 -40.81 38.16
CA HIS G 43 74.57 -41.81 37.64
C HIS G 43 75.12 -42.42 36.35
N THR G 44 74.59 -43.58 36.00
CA THR G 44 74.99 -44.29 34.80
C THR G 44 73.79 -44.43 33.87
N VAL G 45 73.98 -44.04 32.61
CA VAL G 45 72.93 -44.11 31.60
C VAL G 45 73.43 -44.97 30.44
N ARG G 46 72.59 -45.91 30.02
CA ARG G 46 72.91 -46.77 28.89
C ARG G 46 72.69 -46.00 27.59
N VAL G 47 73.67 -46.08 26.69
CA VAL G 47 73.61 -45.32 25.44
C VAL G 47 73.69 -46.27 24.26
N ARG G 48 73.72 -45.70 23.06
CA ARG G 48 73.68 -46.49 21.83
C ARG G 48 74.82 -47.49 21.78
N GLY G 49 74.52 -48.70 21.29
CA GLY G 49 75.50 -49.75 21.21
C GLY G 49 75.78 -50.46 22.52
N GLY G 50 74.94 -50.27 23.54
CA GLY G 50 75.17 -50.87 24.82
C GLY G 50 76.27 -50.22 25.64
N ASN G 51 76.79 -49.09 25.19
CA ASN G 51 77.88 -48.42 25.88
C ASN G 51 77.35 -47.70 27.10
N LYS G 52 78.25 -47.01 27.81
CA LYS G 52 77.96 -46.46 29.11
C LYS G 52 78.43 -45.01 29.18
N LYS G 53 77.62 -44.16 29.82
CA LYS G 53 77.97 -42.77 30.04
C LYS G 53 77.75 -42.44 31.51
N TYR G 54 78.54 -41.50 32.02
CA TYR G 54 78.55 -41.16 33.44
C TYR G 54 77.97 -39.77 33.60
N ARG G 55 76.68 -39.71 33.98
CA ARG G 55 76.02 -38.45 34.26
C ARG G 55 76.57 -37.87 35.56
N ALA G 56 77.49 -36.92 35.44
CA ALA G 56 78.10 -36.27 36.59
C ALA G 56 77.09 -35.29 37.18
N LEU G 57 76.42 -35.70 38.26
CA LEU G 57 75.42 -34.82 38.85
C LEU G 57 76.06 -33.87 39.87
N ARG G 58 76.94 -34.37 40.71
CA ARG G 58 77.63 -33.53 41.70
C ARG G 58 79.08 -33.98 41.82
N LEU G 59 80.00 -33.03 41.68
CA LEU G 59 81.43 -33.29 41.82
C LEU G 59 82.05 -32.33 42.83
N ASP G 60 83.09 -32.81 43.50
CA ASP G 60 83.86 -31.98 44.42
C ASP G 60 85.37 -32.09 44.22
N VAL G 61 85.85 -33.11 43.52
CA VAL G 61 87.28 -33.34 43.34
C VAL G 61 87.55 -33.56 41.86
N GLY G 62 88.60 -32.92 41.35
CA GLY G 62 88.97 -33.02 39.96
C GLY G 62 90.46 -33.23 39.79
N ASN G 63 90.82 -33.70 38.61
CA ASN G 63 92.22 -33.96 38.25
C ASN G 63 92.72 -32.82 37.39
N PHE G 64 93.39 -31.86 38.00
CA PHE G 64 93.84 -30.66 37.31
C PHE G 64 95.35 -30.68 37.16
N SER G 65 95.83 -30.13 36.05
CA SER G 65 97.25 -30.17 35.70
C SER G 65 97.81 -28.76 35.67
N TRP G 66 98.94 -28.56 36.34
CA TRP G 66 99.64 -27.28 36.28
C TRP G 66 100.13 -27.00 34.87
N GLY G 67 100.68 -28.01 34.20
CA GLY G 67 101.12 -27.85 32.83
C GLY G 67 102.51 -27.28 32.68
N SER G 68 102.69 -26.03 33.15
CA SER G 68 104.00 -25.40 33.07
C SER G 68 105.03 -26.16 33.90
N GLU G 69 104.63 -26.63 35.07
CA GLU G 69 105.47 -27.48 35.91
C GLU G 69 105.32 -28.95 35.59
N CYS G 70 104.41 -29.31 34.68
CA CYS G 70 104.12 -30.70 34.31
C CYS G 70 103.75 -31.53 35.54
N CYS G 71 102.95 -30.95 36.43
CA CYS G 71 102.50 -31.60 37.64
C CYS G 71 100.98 -31.63 37.67
N THR G 72 100.41 -32.82 37.67
CA THR G 72 98.97 -33.02 37.72
C THR G 72 98.60 -33.63 39.07
N ARG G 73 97.62 -33.04 39.73
CA ARG G 73 97.23 -33.48 41.07
C ARG G 73 95.71 -33.60 41.15
N LYS G 74 95.27 -34.45 42.07
CA LYS G 74 93.85 -34.67 42.35
C LYS G 74 93.47 -33.76 43.52
N THR G 75 92.89 -32.61 43.20
CA THR G 75 92.59 -31.57 44.19
C THR G 75 91.10 -31.26 44.21
N ARG G 76 90.69 -30.49 45.21
CA ARG G 76 89.28 -30.19 45.46
C ARG G 76 88.90 -28.86 44.84
N ILE G 77 87.73 -28.83 44.20
CA ILE G 77 87.17 -27.60 43.64
C ILE G 77 86.35 -26.90 44.72
N ILE G 78 86.53 -25.59 44.83
CA ILE G 78 85.81 -24.78 45.81
C ILE G 78 84.50 -24.28 45.20
N ASP G 79 84.60 -23.52 44.12
CA ASP G 79 83.42 -22.91 43.51
C ASP G 79 83.72 -22.56 42.06
N VAL G 80 82.76 -21.88 41.42
CA VAL G 80 82.85 -21.46 40.03
C VAL G 80 82.74 -19.94 40.00
N VAL G 81 83.55 -19.30 39.15
CA VAL G 81 83.65 -17.85 39.18
C VAL G 81 83.33 -17.22 37.83
N TYR G 82 83.50 -17.97 36.74
CA TYR G 82 83.24 -17.40 35.43
C TYR G 82 82.78 -18.49 34.47
N ASN G 83 81.87 -18.12 33.57
CA ASN G 83 81.33 -19.03 32.57
C ASN G 83 80.94 -18.20 31.37
N ALA G 84 81.69 -18.33 30.27
CA ALA G 84 81.47 -17.51 29.09
C ALA G 84 80.15 -17.83 28.39
N SER G 85 79.62 -19.03 28.58
CA SER G 85 78.35 -19.39 27.93
C SER G 85 77.19 -18.62 28.53
N ASN G 86 77.10 -18.58 29.86
CA ASN G 86 76.02 -17.88 30.53
C ASN G 86 76.46 -17.54 31.94
N ASN G 87 75.86 -16.49 32.51
CA ASN G 87 76.19 -16.05 33.84
C ASN G 87 75.35 -16.72 34.92
N GLU G 88 74.15 -17.18 34.58
CA GLU G 88 73.35 -17.94 35.54
C GLU G 88 74.03 -19.25 35.91
N LEU G 89 74.89 -19.76 35.03
CA LEU G 89 75.66 -20.96 35.34
C LEU G 89 76.60 -20.72 36.51
N VAL G 90 77.17 -19.51 36.60
CA VAL G 90 78.06 -19.17 37.71
C VAL G 90 77.28 -19.12 39.02
N ARG G 91 76.08 -18.53 39.00
CA ARG G 91 75.31 -18.36 40.22
C ARG G 91 74.94 -19.70 40.84
N THR G 92 74.53 -20.66 40.01
CA THR G 92 74.13 -21.97 40.49
C THR G 92 75.32 -22.90 40.71
N LYS G 93 76.54 -22.44 40.42
CA LYS G 93 77.76 -23.21 40.60
C LYS G 93 77.71 -24.52 39.80
N THR G 94 77.62 -24.37 38.48
CA THR G 94 77.48 -25.49 37.57
C THR G 94 78.78 -25.73 36.83
N LEU G 95 79.17 -27.00 36.72
CA LEU G 95 80.42 -27.40 36.10
C LEU G 95 80.14 -27.85 34.66
N VAL G 96 80.65 -27.09 33.70
CA VAL G 96 80.58 -27.45 32.29
C VAL G 96 82.00 -27.50 31.76
N LYS G 97 82.15 -27.73 30.46
CA LYS G 97 83.47 -27.99 29.89
C LYS G 97 84.40 -26.79 30.02
N ASN G 98 83.89 -25.59 29.81
CA ASN G 98 84.78 -24.43 29.70
C ASN G 98 84.58 -23.40 30.82
N CYS G 99 83.75 -23.69 31.81
CA CYS G 99 83.66 -22.78 32.95
C CYS G 99 84.94 -22.86 33.76
N ILE G 100 85.42 -21.73 34.22
CA ILE G 100 86.62 -21.69 35.05
C ILE G 100 86.20 -21.70 36.51
N VAL G 101 86.97 -22.42 37.32
CA VAL G 101 86.64 -22.68 38.70
C VAL G 101 87.83 -22.25 39.58
N LEU G 102 87.68 -22.45 40.87
CA LEU G 102 88.76 -22.28 41.84
C LEU G 102 89.05 -23.63 42.49
N ILE G 103 90.33 -24.00 42.55
CA ILE G 103 90.73 -25.28 43.09
C ILE G 103 91.79 -25.05 44.16
N ASP G 104 91.89 -26.01 45.08
CA ASP G 104 92.86 -25.92 46.16
C ASP G 104 94.27 -26.01 45.61
N SER G 105 95.15 -25.15 46.12
CA SER G 105 96.54 -25.10 45.70
C SER G 105 97.44 -25.94 46.58
N THR G 106 96.88 -26.64 47.57
CA THR G 106 97.71 -27.40 48.51
C THR G 106 98.53 -28.50 47.85
N PRO G 107 98.00 -29.36 46.97
CA PRO G 107 98.88 -30.39 46.37
C PRO G 107 100.00 -29.81 45.53
N TYR G 108 99.76 -28.67 44.87
CA TYR G 108 100.84 -28.04 44.12
C TYR G 108 101.85 -27.38 45.05
N ARG G 109 101.39 -26.90 46.21
CA ARG G 109 102.31 -26.37 47.21
C ARG G 109 103.24 -27.47 47.71
N GLN G 110 102.68 -28.65 48.00
CA GLN G 110 103.50 -29.76 48.47
C GLN G 110 104.50 -30.18 47.40
N TRP G 111 104.07 -30.24 46.14
CA TRP G 111 104.98 -30.62 45.07
C TRP G 111 106.10 -29.61 44.89
N TYR G 112 105.77 -28.32 44.93
CA TYR G 112 106.77 -27.29 44.69
C TYR G 112 107.85 -27.30 45.76
N GLU G 113 107.47 -27.47 47.02
CA GLU G 113 108.45 -27.57 48.10
C GLU G 113 109.29 -28.83 47.97
N SER G 114 108.67 -29.95 47.61
CA SER G 114 109.41 -31.20 47.50
C SER G 114 110.26 -31.26 46.24
N HIS G 115 110.05 -30.36 45.29
CA HIS G 115 110.78 -30.37 44.02
C HIS G 115 111.91 -29.35 44.02
N TYR G 116 111.60 -28.08 44.24
CA TYR G 116 112.59 -27.02 44.19
C TYR G 116 113.21 -26.70 45.54
N ALA G 117 112.58 -27.14 46.62
CA ALA G 117 113.01 -26.82 48.00
C ALA G 117 113.02 -25.32 48.25
N LEU G 118 112.20 -24.57 47.52
CA LEU G 118 112.01 -23.14 47.74
C LEU G 118 110.67 -22.89 48.39
N PRO G 119 110.59 -22.02 49.39
CA PRO G 119 109.29 -21.75 50.03
C PRO G 119 108.31 -21.10 49.06
N LEU G 120 107.04 -21.41 49.24
CA LEU G 120 105.98 -20.90 48.38
C LEU G 120 104.69 -20.86 49.18
N GLY G 121 103.87 -19.85 48.92
CA GLY G 121 102.59 -19.74 49.58
C GLY G 121 102.65 -19.41 51.06
N ARG G 122 103.78 -18.93 51.55
CA ARG G 122 103.94 -18.58 52.95
C ARG G 122 103.98 -17.07 53.12
N LYS G 123 103.58 -16.61 54.31
CA LYS G 123 103.50 -15.18 54.57
C LYS G 123 104.69 -14.67 55.38
N LYS G 124 104.94 -15.24 56.56
CA LYS G 124 106.04 -14.79 57.39
C LYS G 124 106.93 -15.97 57.80
N GLY G 125 106.33 -17.12 58.06
CA GLY G 125 107.07 -18.32 58.37
C GLY G 125 106.95 -18.70 59.84
N ALA G 126 107.62 -19.82 60.16
CA ALA G 126 107.68 -20.38 61.50
C ALA G 126 106.29 -20.72 62.05
N LYS G 127 105.36 -21.05 61.15
CA LYS G 127 104.03 -21.48 61.55
C LYS G 127 103.74 -22.94 61.24
N LEU G 128 104.49 -23.56 60.33
CA LEU G 128 104.34 -24.96 59.97
C LEU G 128 105.56 -25.75 60.42
N THR G 129 106.10 -25.40 61.59
CA THR G 129 107.39 -25.90 62.03
C THR G 129 107.56 -27.41 62.10
N PRO G 130 106.52 -28.25 62.27
CA PRO G 130 106.77 -29.71 62.24
C PRO G 130 107.42 -30.23 60.97
N GLU G 131 107.13 -29.64 59.80
CA GLU G 131 107.66 -30.18 58.56
C GLU G 131 108.30 -29.17 57.62
N GLU G 132 107.97 -27.88 57.71
CA GLU G 132 108.52 -26.92 56.75
C GLU G 132 110.01 -26.72 56.96
N GLU G 133 110.49 -26.87 58.20
CA GLU G 133 111.93 -26.80 58.44
C GLU G 133 112.67 -27.95 57.78
N GLU G 134 112.07 -29.15 57.84
CA GLU G 134 112.72 -30.32 57.27
C GLU G 134 112.90 -30.18 55.75
N ILE G 135 111.86 -29.69 55.07
CA ILE G 135 111.90 -29.63 53.61
C ILE G 135 112.80 -28.50 53.11
N LEU G 136 113.14 -27.52 53.95
CA LEU G 136 114.01 -26.45 53.50
C LEU G 136 115.48 -26.73 53.82
N ASN G 137 115.77 -27.55 54.83
CA ASN G 137 117.14 -27.88 55.18
C ASN G 137 117.57 -29.21 54.55
N LYS G 138 116.93 -30.30 54.93
CA LYS G 138 117.07 -31.65 54.36
C LYS G 138 118.45 -32.28 54.60
N LYS G 139 119.39 -31.51 55.18
CA LYS G 139 120.78 -31.88 55.42
C LYS G 139 121.39 -32.69 54.27
N ARG G 140 121.05 -32.34 53.04
CA ARG G 140 121.43 -33.17 51.90
C ARG G 140 122.92 -33.03 51.58
N SER G 141 123.45 -34.08 50.94
CA SER G 141 124.86 -34.13 50.62
C SER G 141 125.21 -33.10 49.55
N LYS G 142 126.51 -32.98 49.26
CA LYS G 142 126.98 -31.93 48.35
C LYS G 142 126.48 -32.15 46.93
N LYS G 143 126.38 -33.41 46.50
CA LYS G 143 125.95 -33.66 45.12
C LYS G 143 124.46 -33.42 44.96
N ILE G 144 123.66 -33.84 45.94
CA ILE G 144 122.21 -33.60 45.87
C ILE G 144 121.90 -32.12 46.03
N GLN G 145 122.65 -31.42 46.88
CA GLN G 145 122.50 -29.97 46.97
C GLN G 145 122.90 -29.29 45.67
N LYS G 146 123.93 -29.81 45.00
CA LYS G 146 124.28 -29.31 43.67
C LYS G 146 123.18 -29.59 42.67
N LYS G 147 122.36 -30.63 42.91
CA LYS G 147 121.19 -30.87 42.09
C LYS G 147 120.05 -29.93 42.44
N TYR G 148 119.99 -29.46 43.69
CA TYR G 148 118.90 -28.58 44.10
C TYR G 148 119.10 -27.16 43.56
N ASP G 149 120.31 -26.62 43.67
CA ASP G 149 120.51 -25.24 43.27
C ASP G 149 120.55 -25.04 41.76
N GLU G 150 120.71 -26.11 40.98
CA GLU G 150 120.51 -26.00 39.54
C GLU G 150 119.04 -26.02 39.16
N ARG G 151 118.20 -26.69 39.96
CA ARG G 151 116.76 -26.54 39.82
C ARG G 151 116.26 -25.24 40.42
N LYS G 152 117.08 -24.55 41.21
CA LYS G 152 116.68 -23.29 41.80
C LYS G 152 116.71 -22.16 40.77
N LYS G 153 117.72 -22.16 39.89
CA LYS G 153 117.94 -21.01 39.03
C LYS G 153 116.86 -20.84 37.97
N ASN G 154 116.12 -21.90 37.63
CA ASN G 154 115.00 -21.79 36.71
C ASN G 154 113.65 -21.75 37.42
N ALA G 155 113.65 -21.75 38.76
CA ALA G 155 112.41 -21.80 39.53
C ALA G 155 111.88 -20.39 39.71
N LYS G 156 111.26 -19.87 38.65
CA LYS G 156 110.61 -18.57 38.70
C LYS G 156 109.11 -18.76 38.49
N ILE G 157 108.32 -18.02 39.26
CA ILE G 157 106.87 -18.15 39.25
C ILE G 157 106.28 -16.78 38.97
N SER G 158 105.24 -16.74 38.14
CA SER G 158 104.56 -15.50 37.82
C SER G 158 104.00 -14.86 39.09
N SER G 159 103.99 -13.53 39.11
CA SER G 159 103.50 -12.80 40.27
C SER G 159 102.03 -13.12 40.54
N LEU G 160 101.24 -13.28 39.48
CA LEU G 160 99.84 -13.66 39.66
C LEU G 160 99.71 -15.07 40.20
N LEU G 161 100.55 -15.99 39.72
CA LEU G 161 100.49 -17.37 40.18
C LEU G 161 100.83 -17.48 41.66
N GLU G 162 101.89 -16.80 42.09
CA GLU G 162 102.31 -16.89 43.50
C GLU G 162 101.34 -16.15 44.41
N GLU G 163 100.72 -15.08 43.92
CA GLU G 163 99.72 -14.38 44.72
C GLU G 163 98.53 -15.28 45.01
N GLN G 164 98.10 -16.05 44.01
CA GLN G 164 97.02 -17.00 44.22
C GLN G 164 97.42 -18.09 45.20
N PHE G 165 98.70 -18.46 45.21
CA PHE G 165 99.19 -19.41 46.20
C PHE G 165 99.05 -18.86 47.61
N GLN G 166 99.31 -17.55 47.78
CA GLN G 166 99.09 -16.92 49.08
C GLN G 166 97.63 -17.00 49.48
N GLN G 167 96.71 -16.80 48.53
CA GLN G 167 95.29 -16.93 48.80
C GLN G 167 94.89 -18.38 49.06
N GLY G 168 95.75 -19.34 48.73
CA GLY G 168 95.48 -20.74 48.95
C GLY G 168 94.70 -21.42 47.84
N LYS G 169 94.26 -20.67 46.82
CA LYS G 169 93.48 -21.22 45.73
C LYS G 169 94.05 -20.75 44.40
N LEU G 170 94.03 -21.64 43.42
CA LEU G 170 94.41 -21.33 42.06
C LEU G 170 93.18 -21.49 41.18
N LEU G 171 92.98 -20.58 40.24
CA LEU G 171 91.84 -20.68 39.34
C LEU G 171 92.24 -21.51 38.12
N ALA G 172 91.44 -22.52 37.82
CA ALA G 172 91.74 -23.48 36.77
C ALA G 172 90.53 -23.64 35.86
N CYS G 173 90.79 -23.90 34.59
CA CYS G 173 89.76 -24.09 33.58
C CYS G 173 89.53 -25.58 33.38
N ILE G 174 88.26 -26.00 33.42
CA ILE G 174 87.92 -27.38 33.15
C ILE G 174 88.23 -27.69 31.69
N ALA G 175 88.56 -28.95 31.41
CA ALA G 175 88.81 -29.41 30.06
C ALA G 175 87.93 -30.57 29.65
N SER G 176 87.64 -31.49 30.57
CA SER G 176 86.74 -32.60 30.26
C SER G 176 85.29 -32.10 30.23
N ARG G 177 84.38 -33.01 29.89
CA ARG G 177 82.95 -32.70 29.83
C ARG G 177 82.22 -33.49 30.89
N PRO G 178 81.88 -32.88 32.03
CA PRO G 178 81.03 -33.56 33.00
C PRO G 178 79.66 -33.84 32.41
N GLY G 179 79.05 -34.96 32.82
CA GLY G 179 77.86 -35.45 32.20
C GLY G 179 78.11 -36.34 31.01
N GLN G 180 79.35 -36.42 30.52
CA GLN G 180 79.74 -37.35 29.49
C GLN G 180 80.72 -38.40 30.01
N CYS G 181 81.81 -37.96 30.64
CA CYS G 181 82.77 -38.86 31.25
C CYS G 181 82.58 -39.00 32.75
N GLY G 182 81.85 -38.09 33.39
CA GLY G 182 81.62 -38.15 34.82
C GLY G 182 82.74 -37.61 35.67
N ARG G 183 83.70 -36.89 35.10
CA ARG G 183 84.81 -36.33 35.85
C ARG G 183 85.02 -34.89 35.41
N ALA G 184 85.82 -34.16 36.20
CA ALA G 184 86.00 -32.72 36.04
C ALA G 184 87.49 -32.37 35.91
N ASP G 185 88.18 -33.06 35.02
CA ASP G 185 89.59 -32.78 34.79
C ASP G 185 89.76 -31.40 34.16
N GLY G 186 90.96 -30.84 34.30
CA GLY G 186 91.21 -29.52 33.78
C GLY G 186 92.68 -29.15 33.88
N TYR G 187 92.94 -27.86 33.70
CA TYR G 187 94.30 -27.34 33.75
C TYR G 187 94.29 -25.95 34.37
N VAL G 188 95.42 -25.56 34.94
CA VAL G 188 95.54 -24.29 35.65
C VAL G 188 95.92 -23.19 34.66
N LEU G 189 95.29 -22.03 34.80
CA LEU G 189 95.58 -20.91 33.91
C LEU G 189 96.90 -20.26 34.27
N GLU G 190 97.67 -19.89 33.23
CA GLU G 190 98.89 -19.13 33.40
C GLU G 190 99.04 -18.16 32.23
N GLY G 191 99.88 -17.15 32.43
CA GLY G 191 100.25 -16.27 31.33
C GLY G 191 99.13 -15.38 30.87
N LYS G 192 99.05 -15.17 29.55
CA LYS G 192 98.06 -14.28 28.98
C LYS G 192 96.65 -14.77 29.23
N GLU G 193 96.45 -16.08 29.25
CA GLU G 193 95.13 -16.63 29.55
C GLU G 193 94.71 -16.29 30.98
N LEU G 194 95.64 -16.36 31.91
CA LEU G 194 95.34 -16.01 33.30
C LEU G 194 94.97 -14.53 33.42
N GLU G 195 95.72 -13.66 32.74
CA GLU G 195 95.43 -12.24 32.82
C GLU G 195 94.11 -11.90 32.16
N PHE G 196 93.72 -12.68 31.15
CA PHE G 196 92.47 -12.40 30.43
C PHE G 196 91.26 -12.60 31.33
N TYR G 197 91.19 -13.76 32.00
CA TYR G 197 90.00 -14.09 32.78
C TYR G 197 89.93 -13.27 34.06
N LEU G 198 91.08 -12.92 34.64
CA LEU G 198 91.07 -12.04 35.80
C LEU G 198 90.52 -10.67 35.45
N ARG G 199 90.84 -10.18 34.25
CA ARG G 199 90.27 -8.93 33.78
C ARG G 199 88.76 -9.05 33.59
N LYS G 200 88.29 -10.20 33.07
CA LYS G 200 86.86 -10.40 32.85
C LYS G 200 86.10 -10.42 34.16
N ILE G 201 86.63 -11.10 35.18
CA ILE G 201 85.97 -11.17 36.47
C ILE G 201 85.97 -9.80 37.14
N LYS G 202 87.06 -9.04 37.00
CA LYS G 202 87.12 -7.70 37.56
C LYS G 202 86.07 -6.79 36.93
N ALA G 203 85.87 -6.90 35.61
CA ALA G 203 84.85 -6.11 34.95
C ALA G 203 83.44 -6.50 35.42
N ARG G 204 83.22 -7.79 35.63
CA ARG G 204 81.92 -8.25 36.12
C ARG G 204 81.62 -7.71 37.51
N LYS G 205 82.61 -7.76 38.40
CA LYS G 205 82.47 -7.17 39.73
C LYS G 205 83.82 -6.65 40.17
N GLY G 206 83.84 -5.44 40.72
CA GLY G 206 85.07 -4.82 41.17
C GLY G 206 85.02 -3.31 41.12
N PRO H 1 58.13 -62.72 -2.75
CA PRO H 1 56.98 -63.61 -2.54
C PRO H 1 56.97 -64.84 -3.43
N VAL H 2 56.31 -64.79 -4.58
CA VAL H 2 56.15 -65.99 -5.38
C VAL H 2 57.41 -66.25 -6.20
N ALA H 3 57.58 -67.51 -6.60
CA ALA H 3 58.72 -67.95 -7.39
C ALA H 3 58.37 -68.14 -8.86
N ARG H 4 57.23 -67.63 -9.28
CA ARG H 4 56.76 -67.82 -10.65
C ARG H 4 57.59 -66.97 -11.61
N SER H 5 57.35 -67.15 -12.90
CA SER H 5 58.13 -66.50 -13.94
C SER H 5 57.36 -65.40 -14.67
N TRP H 6 56.14 -65.71 -15.14
CA TRP H 6 55.28 -64.83 -15.94
C TRP H 6 56.02 -64.06 -17.03
N VAL H 7 57.00 -64.69 -17.66
CA VAL H 7 57.67 -64.11 -18.81
C VAL H 7 57.03 -64.70 -20.05
N CYS H 8 56.18 -63.90 -20.71
CA CYS H 8 55.44 -64.35 -21.87
C CYS H 8 55.38 -63.23 -22.90
N ARG H 9 55.25 -63.62 -24.16
CA ARG H 9 55.18 -62.67 -25.25
C ARG H 9 54.14 -63.14 -26.26
N LYS H 10 53.63 -62.20 -27.04
CA LYS H 10 52.72 -62.52 -28.13
C LYS H 10 53.52 -62.95 -29.35
N THR H 11 53.08 -64.05 -29.98
CA THR H 11 53.76 -64.58 -31.15
C THR H 11 53.18 -64.05 -32.47
N TYR H 12 52.07 -63.31 -32.43
CA TYR H 12 51.46 -62.81 -33.64
C TYR H 12 51.08 -61.35 -33.43
N VAL H 13 50.95 -60.63 -34.56
CA VAL H 13 50.51 -59.24 -34.56
C VAL H 13 49.38 -59.11 -35.57
N THR H 14 48.26 -58.55 -35.13
CA THR H 14 47.13 -58.36 -36.01
C THR H 14 47.46 -57.30 -37.06
N PRO H 15 46.84 -57.38 -38.24
CA PRO H 15 47.12 -56.39 -39.29
C PRO H 15 46.65 -55.00 -38.89
N ARG H 16 47.34 -54.00 -39.41
CA ARG H 16 47.03 -52.60 -39.08
C ARG H 16 45.63 -52.24 -39.52
N ARG H 17 45.31 -52.50 -40.77
CA ARG H 17 43.98 -52.26 -41.33
C ARG H 17 43.26 -53.59 -41.52
N PRO H 18 42.01 -53.71 -41.09
CA PRO H 18 41.22 -54.88 -41.46
C PRO H 18 40.40 -54.61 -42.72
N PHE H 19 39.84 -55.70 -43.26
CA PHE H 19 38.90 -55.66 -44.37
C PHE H 19 39.50 -55.02 -45.62
N GLU H 20 40.56 -55.64 -46.12
CA GLU H 20 41.11 -55.34 -47.43
C GLU H 20 40.97 -56.58 -48.29
N LYS H 21 40.33 -56.43 -49.45
CA LYS H 21 40.07 -57.58 -50.31
C LYS H 21 41.37 -58.18 -50.83
N SER H 22 42.37 -57.34 -51.10
CA SER H 22 43.65 -57.85 -51.59
C SER H 22 44.35 -58.68 -50.52
N ARG H 23 44.36 -58.20 -49.28
CA ARG H 23 45.11 -58.89 -48.23
C ARG H 23 44.39 -60.16 -47.79
N LEU H 24 43.06 -60.10 -47.65
CA LEU H 24 42.32 -61.28 -47.21
C LEU H 24 42.42 -62.41 -48.21
N ASP H 25 42.43 -62.09 -49.51
CA ASP H 25 42.61 -63.12 -50.52
C ASP H 25 44.01 -63.72 -50.46
N GLN H 26 45.01 -62.90 -50.18
CA GLN H 26 46.39 -63.39 -50.08
C GLN H 26 46.53 -64.39 -48.94
N GLU H 27 45.91 -64.10 -47.79
CA GLU H 27 45.98 -65.01 -46.66
C GLU H 27 45.17 -66.28 -46.90
N LEU H 28 44.00 -66.15 -47.54
CA LEU H 28 43.18 -67.32 -47.79
C LEU H 28 43.81 -68.25 -48.82
N LYS H 29 44.61 -67.70 -49.74
CA LYS H 29 45.40 -68.54 -50.64
C LYS H 29 46.38 -69.39 -49.85
N LEU H 30 47.03 -68.79 -48.86
CA LEU H 30 48.01 -69.53 -48.05
C LEU H 30 47.33 -70.59 -47.19
N ILE H 31 46.17 -70.28 -46.63
CA ILE H 31 45.49 -71.22 -45.74
C ILE H 31 45.10 -72.48 -46.51
N GLY H 32 44.55 -72.31 -47.71
CA GLY H 32 44.21 -73.47 -48.53
C GLY H 32 45.45 -74.20 -49.01
N GLU H 33 46.52 -73.47 -49.33
CA GLU H 33 47.73 -74.09 -49.85
C GLU H 33 48.40 -74.98 -48.82
N TYR H 34 48.43 -74.55 -47.56
CA TYR H 34 49.20 -75.24 -46.53
C TYR H 34 48.34 -75.79 -45.39
N GLY H 35 47.01 -75.79 -45.56
CA GLY H 35 46.12 -76.41 -44.59
C GLY H 35 46.18 -75.83 -43.19
N LEU H 36 46.17 -74.50 -43.08
CA LEU H 36 46.23 -73.84 -41.79
C LEU H 36 44.84 -73.71 -41.20
N ARG H 37 44.74 -73.85 -39.87
CA ARG H 37 43.44 -73.86 -39.22
C ARG H 37 42.82 -72.48 -39.19
N ASN H 38 43.59 -71.45 -38.86
CA ASN H 38 43.06 -70.10 -38.74
C ASN H 38 44.13 -69.11 -39.17
N LYS H 39 43.72 -67.85 -39.33
CA LYS H 39 44.63 -66.81 -39.78
C LYS H 39 45.62 -66.38 -38.70
N ARG H 40 45.44 -66.84 -37.46
CA ARG H 40 46.41 -66.51 -36.42
C ARG H 40 47.76 -67.14 -36.71
N GLU H 41 47.78 -68.37 -37.22
CA GLU H 41 49.02 -69.07 -37.51
C GLU H 41 49.56 -68.79 -38.90
N VAL H 42 48.93 -67.89 -39.66
CA VAL H 42 49.57 -67.35 -40.85
C VAL H 42 50.05 -65.95 -40.46
N TRP H 43 49.50 -65.41 -39.38
CA TRP H 43 50.03 -64.17 -38.83
C TRP H 43 51.29 -64.41 -38.03
N ARG H 44 51.41 -65.57 -37.37
CA ARG H 44 52.58 -65.84 -36.56
C ARG H 44 53.81 -66.11 -37.43
N VAL H 45 53.61 -66.71 -38.61
CA VAL H 45 54.73 -66.93 -39.50
C VAL H 45 55.06 -65.64 -40.25
N LYS H 46 54.05 -64.80 -40.48
CA LYS H 46 54.31 -63.45 -40.99
C LYS H 46 55.12 -62.65 -39.97
N PHE H 47 54.81 -62.82 -38.69
CA PHE H 47 55.55 -62.11 -37.65
C PHE H 47 56.95 -62.67 -37.46
N THR H 48 57.12 -63.98 -37.67
CA THR H 48 58.45 -64.57 -37.58
C THR H 48 59.36 -64.01 -38.67
N LEU H 49 58.86 -63.90 -39.90
CA LEU H 49 59.63 -63.25 -40.95
C LEU H 49 59.77 -61.76 -40.70
N ALA H 50 58.77 -61.15 -40.05
CA ALA H 50 58.83 -59.74 -39.76
C ALA H 50 59.98 -59.42 -38.82
N LYS H 51 60.18 -60.24 -37.79
CA LYS H 51 61.26 -60.00 -36.84
C LYS H 51 62.61 -60.43 -37.42
N ILE H 52 62.63 -61.51 -38.21
CA ILE H 52 63.88 -61.97 -38.80
C ILE H 52 64.39 -60.97 -39.82
N ARG H 53 63.52 -60.52 -40.71
CA ARG H 53 63.92 -59.56 -41.73
C ARG H 53 64.27 -58.21 -41.11
N LYS H 54 63.57 -57.84 -40.03
CA LYS H 54 63.89 -56.60 -39.33
C LYS H 54 65.30 -56.64 -38.75
N ALA H 55 65.66 -57.77 -38.13
CA ALA H 55 67.00 -57.90 -37.54
C ALA H 55 68.08 -57.86 -38.61
N ALA H 56 67.82 -58.50 -39.75
CA ALA H 56 68.78 -58.47 -40.85
C ALA H 56 68.95 -57.06 -41.39
N ARG H 57 67.85 -56.33 -41.52
CA ARG H 57 67.92 -54.94 -41.98
C ARG H 57 68.71 -54.07 -41.01
N GLU H 58 68.46 -54.24 -39.70
CA GLU H 58 69.19 -53.47 -38.71
C GLU H 58 70.67 -53.79 -38.74
N LEU H 59 71.03 -55.06 -39.00
CA LEU H 59 72.42 -55.43 -39.09
C LEU H 59 73.08 -54.86 -40.33
N LEU H 60 72.32 -54.73 -41.43
CA LEU H 60 72.89 -54.22 -42.66
C LEU H 60 73.13 -52.72 -42.61
N THR H 61 72.32 -51.99 -41.82
CA THR H 61 72.58 -50.57 -41.64
C THR H 61 73.77 -50.32 -40.73
N LEU H 62 74.25 -51.34 -40.03
CA LEU H 62 75.40 -51.19 -39.15
C LEU H 62 76.67 -50.96 -39.97
N ASP H 63 77.65 -50.33 -39.33
CA ASP H 63 78.92 -50.07 -39.98
C ASP H 63 79.63 -51.38 -40.31
N GLU H 64 80.34 -51.39 -41.43
CA GLU H 64 81.11 -52.56 -41.83
C GLU H 64 82.24 -52.80 -40.83
N LYS H 65 82.69 -54.06 -40.77
CA LYS H 65 83.74 -54.54 -39.86
C LYS H 65 83.32 -54.46 -38.40
N ASP H 66 82.04 -54.28 -38.12
CA ASP H 66 81.57 -54.27 -36.75
C ASP H 66 81.52 -55.69 -36.22
N PRO H 67 82.18 -56.00 -35.10
CA PRO H 67 82.11 -57.37 -34.55
C PRO H 67 80.70 -57.79 -34.21
N ARG H 68 79.84 -56.86 -33.80
CA ARG H 68 78.44 -57.20 -33.56
C ARG H 68 77.75 -57.60 -34.86
N ARG H 69 78.01 -56.86 -35.93
CA ARG H 69 77.40 -57.17 -37.23
C ARG H 69 77.86 -58.52 -37.74
N LEU H 70 79.16 -58.81 -37.62
CA LEU H 70 79.67 -60.09 -38.09
C LEU H 70 79.14 -61.25 -37.26
N PHE H 71 79.23 -61.13 -35.93
CA PHE H 71 78.84 -62.23 -35.06
C PHE H 71 77.34 -62.49 -35.11
N GLU H 72 76.53 -61.44 -34.94
CA GLU H 72 75.08 -61.62 -34.96
C GLU H 72 74.58 -61.97 -36.35
N GLY H 73 75.19 -61.37 -37.38
CA GLY H 73 74.75 -61.64 -38.74
C GLY H 73 74.96 -63.08 -39.14
N ASN H 74 76.14 -63.63 -38.83
CA ASN H 74 76.39 -65.04 -39.13
C ASN H 74 75.67 -65.96 -38.15
N ALA H 75 75.24 -65.43 -37.00
CA ALA H 75 74.51 -66.25 -36.05
C ALA H 75 73.13 -66.61 -36.57
N LEU H 76 72.40 -65.61 -37.06
CA LEU H 76 71.06 -65.89 -37.60
C LEU H 76 71.15 -66.53 -38.99
N LEU H 77 72.25 -66.33 -39.71
CA LEU H 77 72.46 -67.11 -40.93
C LEU H 77 72.53 -68.60 -40.63
N ARG H 78 73.21 -68.98 -39.54
CA ARG H 78 73.40 -70.39 -39.25
C ARG H 78 72.08 -71.09 -38.96
N ARG H 79 71.19 -70.45 -38.19
CA ARG H 79 69.92 -71.09 -37.90
C ARG H 79 68.97 -71.02 -39.10
N LEU H 80 69.12 -70.00 -39.96
CA LEU H 80 68.29 -69.94 -41.15
C LEU H 80 68.66 -71.05 -42.13
N VAL H 81 69.96 -71.28 -42.34
CA VAL H 81 70.36 -72.37 -43.23
C VAL H 81 70.19 -73.73 -42.55
N ARG H 82 70.11 -73.76 -41.23
CA ARG H 82 69.83 -75.02 -40.54
C ARG H 82 68.42 -75.50 -40.84
N ILE H 83 67.43 -74.60 -40.71
CA ILE H 83 66.06 -74.95 -41.02
C ILE H 83 65.79 -75.02 -42.51
N GLY H 84 66.78 -74.67 -43.34
CA GLY H 84 66.68 -74.85 -44.77
C GLY H 84 65.95 -73.76 -45.53
N VAL H 85 65.51 -72.70 -44.84
CA VAL H 85 64.80 -71.64 -45.53
C VAL H 85 65.72 -70.84 -46.45
N LEU H 86 67.03 -70.95 -46.27
CA LEU H 86 68.00 -70.26 -47.10
C LEU H 86 69.00 -71.26 -47.67
N ASP H 87 69.51 -70.95 -48.85
CA ASP H 87 70.48 -71.82 -49.50
C ASP H 87 71.78 -71.85 -48.71
N GLU H 88 72.47 -72.99 -48.79
CA GLU H 88 73.76 -73.12 -48.13
C GLU H 88 74.78 -72.13 -48.67
N GLY H 89 74.82 -71.98 -50.00
CA GLY H 89 75.73 -71.01 -50.60
C GLY H 89 75.28 -69.56 -50.46
N LYS H 90 73.99 -69.34 -50.20
CA LYS H 90 73.44 -67.99 -50.07
C LYS H 90 73.57 -67.49 -48.64
N MET H 91 74.82 -67.41 -48.18
CA MET H 91 75.12 -66.98 -46.81
C MET H 91 75.47 -65.49 -46.81
N LYS H 92 74.46 -64.68 -47.09
CA LYS H 92 74.61 -63.23 -47.10
C LYS H 92 73.41 -62.59 -46.42
N LEU H 93 73.66 -61.45 -45.78
CA LEU H 93 72.56 -60.72 -45.12
C LEU H 93 71.63 -60.07 -46.13
N ASP H 94 72.16 -59.60 -47.26
CA ASP H 94 71.34 -58.88 -48.23
C ASP H 94 70.28 -59.78 -48.85
N TYR H 95 70.63 -61.03 -49.15
CA TYR H 95 69.68 -61.97 -49.73
C TYR H 95 68.61 -62.43 -48.76
N ILE H 96 68.80 -62.17 -47.46
CA ILE H 96 67.76 -62.47 -46.48
C ILE H 96 66.56 -61.55 -46.66
N LEU H 97 66.80 -60.31 -47.06
CA LEU H 97 65.72 -59.34 -47.22
C LEU H 97 64.76 -59.71 -48.34
N GLY H 98 65.18 -60.58 -49.25
CA GLY H 98 64.32 -61.09 -50.30
C GLY H 98 63.56 -62.34 -49.96
N LEU H 99 63.64 -62.81 -48.72
CA LEU H 99 62.92 -64.01 -48.31
C LEU H 99 61.44 -63.70 -48.15
N LYS H 100 60.62 -64.75 -48.30
CA LYS H 100 59.17 -64.65 -48.26
C LYS H 100 58.65 -65.48 -47.09
N ILE H 101 57.32 -65.65 -47.05
CA ILE H 101 56.68 -66.49 -46.04
C ILE H 101 56.28 -67.85 -46.58
N GLU H 102 56.21 -68.02 -47.90
CA GLU H 102 55.89 -69.33 -48.46
C GLU H 102 56.98 -70.34 -48.16
N ASP H 103 58.24 -69.93 -48.28
CA ASP H 103 59.33 -70.84 -47.98
C ASP H 103 59.46 -71.13 -46.48
N PHE H 104 58.90 -70.28 -45.63
CA PHE H 104 58.78 -70.62 -44.22
C PHE H 104 57.65 -71.62 -43.99
N LEU H 105 56.54 -71.45 -44.71
CA LEU H 105 55.36 -72.27 -44.45
C LEU H 105 55.55 -73.70 -44.93
N GLU H 106 56.47 -73.92 -45.88
CA GLU H 106 56.77 -75.27 -46.33
C GLU H 106 57.77 -75.97 -45.43
N ARG H 107 58.28 -75.30 -44.40
CA ARG H 107 59.09 -75.95 -43.37
C ARG H 107 58.26 -76.53 -42.25
N ARG H 108 56.94 -76.37 -42.30
CA ARG H 108 56.07 -76.95 -41.29
C ARG H 108 56.07 -78.48 -41.42
N LEU H 109 55.82 -79.15 -40.29
CA LEU H 109 55.77 -80.59 -40.29
C LEU H 109 54.60 -81.11 -41.13
N GLN H 110 53.46 -80.42 -41.07
CA GLN H 110 52.30 -80.86 -41.84
C GLN H 110 52.56 -80.80 -43.33
N THR H 111 53.20 -79.72 -43.79
CA THR H 111 53.51 -79.62 -45.22
C THR H 111 54.64 -80.57 -45.61
N GLN H 112 55.52 -80.90 -44.67
CA GLN H 112 56.66 -81.76 -45.00
C GLN H 112 56.23 -83.22 -45.13
N VAL H 113 55.34 -83.69 -44.27
CA VAL H 113 54.88 -85.07 -44.39
C VAL H 113 53.98 -85.24 -45.61
N PHE H 114 53.26 -84.19 -46.01
CA PHE H 114 52.47 -84.26 -47.24
C PHE H 114 53.36 -84.22 -48.47
N LYS H 115 54.42 -83.41 -48.44
CA LYS H 115 55.31 -83.30 -49.58
C LYS H 115 56.27 -84.47 -49.70
N LEU H 116 56.44 -85.25 -48.65
CA LEU H 116 57.30 -86.42 -48.69
C LEU H 116 56.55 -87.70 -49.05
N GLY H 117 55.26 -87.60 -49.35
CA GLY H 117 54.47 -88.74 -49.74
C GLY H 117 53.79 -89.47 -48.59
N LEU H 118 54.02 -89.06 -47.34
CA LEU H 118 53.40 -89.74 -46.21
C LEU H 118 51.91 -89.45 -46.11
N ALA H 119 51.43 -88.37 -46.73
CA ALA H 119 50.01 -88.05 -46.76
C ALA H 119 49.61 -87.67 -48.19
N LYS H 120 48.38 -88.02 -48.55
CA LYS H 120 47.90 -87.74 -49.90
C LYS H 120 47.33 -86.33 -50.02
N SER H 121 46.88 -85.74 -48.92
CA SER H 121 46.29 -84.41 -48.93
C SER H 121 46.90 -83.59 -47.81
N ILE H 122 46.94 -82.27 -48.03
CA ILE H 122 47.53 -81.38 -47.03
C ILE H 122 46.70 -81.38 -45.75
N HIS H 123 45.38 -81.42 -45.87
CA HIS H 123 44.53 -81.52 -44.69
C HIS H 123 44.59 -82.90 -44.08
N HIS H 124 44.86 -83.93 -44.88
CA HIS H 124 45.10 -85.25 -44.35
C HIS H 124 46.38 -85.30 -43.53
N ALA H 125 47.36 -84.46 -43.89
CA ALA H 125 48.62 -84.44 -43.17
C ALA H 125 48.46 -83.92 -41.75
N ARG H 126 47.67 -82.86 -41.58
CA ARG H 126 47.46 -82.30 -40.25
C ARG H 126 46.73 -83.27 -39.34
N VAL H 127 45.69 -83.93 -39.85
CA VAL H 127 44.95 -84.87 -39.02
C VAL H 127 45.78 -86.11 -38.70
N LEU H 128 46.70 -86.49 -39.60
CA LEU H 128 47.59 -87.61 -39.32
C LEU H 128 48.55 -87.28 -38.19
N ILE H 129 49.11 -86.07 -38.21
CA ILE H 129 50.07 -85.67 -37.18
C ILE H 129 49.38 -85.54 -35.83
N ARG H 130 48.22 -84.88 -35.81
CA ARG H 130 47.51 -84.63 -34.56
C ARG H 130 46.97 -85.90 -33.93
N GLN H 131 46.89 -87.00 -34.68
CA GLN H 131 46.41 -88.27 -34.15
C GLN H 131 47.54 -89.16 -33.66
N ARG H 132 48.74 -88.61 -33.50
CA ARG H 132 49.91 -89.34 -33.00
C ARG H 132 50.24 -90.54 -33.88
N HIS H 133 50.58 -90.24 -35.13
CA HIS H 133 51.00 -91.25 -36.09
C HIS H 133 52.38 -91.00 -36.67
N ILE H 134 52.85 -89.76 -36.69
CA ILE H 134 54.12 -89.43 -37.31
C ILE H 134 55.18 -89.32 -36.22
N ARG H 135 56.44 -89.38 -36.64
CA ARG H 135 57.56 -89.24 -35.72
C ARG H 135 58.75 -88.63 -36.45
N VAL H 136 59.63 -87.98 -35.69
CA VAL H 136 60.85 -87.39 -36.21
C VAL H 136 62.01 -87.98 -35.44
N ARG H 137 63.04 -88.44 -36.16
CA ARG H 137 64.14 -89.20 -35.59
C ARG H 137 63.61 -90.41 -34.83
N LYS H 138 63.57 -90.32 -33.50
CA LYS H 138 62.95 -91.34 -32.68
C LYS H 138 61.96 -90.76 -31.68
N GLN H 139 61.68 -89.46 -31.77
CA GLN H 139 60.73 -88.79 -30.89
C GLN H 139 59.44 -88.51 -31.66
N VAL H 140 58.32 -88.95 -31.09
CA VAL H 140 57.02 -88.73 -31.73
C VAL H 140 56.63 -87.26 -31.60
N VAL H 141 56.14 -86.68 -32.70
CA VAL H 141 55.74 -85.29 -32.74
C VAL H 141 54.28 -85.23 -33.17
N ASN H 142 53.48 -84.41 -32.47
CA ASN H 142 52.08 -84.22 -32.82
C ASN H 142 51.74 -82.75 -33.08
N ILE H 143 52.74 -81.93 -33.37
CA ILE H 143 52.54 -80.50 -33.64
C ILE H 143 52.62 -80.29 -35.14
N PRO H 144 51.56 -79.85 -35.81
CA PRO H 144 51.65 -79.53 -37.24
C PRO H 144 52.63 -78.42 -37.55
N SER H 145 52.78 -77.44 -36.66
CA SER H 145 53.69 -76.32 -36.88
C SER H 145 55.10 -76.61 -36.42
N PHE H 146 55.42 -77.88 -36.15
CA PHE H 146 56.77 -78.29 -35.78
C PHE H 146 57.72 -78.06 -36.95
N ILE H 147 58.61 -77.07 -36.83
CA ILE H 147 59.58 -76.83 -37.89
C ILE H 147 60.59 -77.97 -37.94
N VAL H 148 61.24 -78.10 -39.09
CA VAL H 148 62.20 -79.17 -39.33
C VAL H 148 63.47 -78.57 -39.91
N ARG H 149 64.61 -79.14 -39.51
CA ARG H 149 65.91 -78.73 -40.01
C ARG H 149 66.41 -79.74 -41.04
N LEU H 150 67.54 -79.40 -41.68
CA LEU H 150 68.10 -80.26 -42.72
C LEU H 150 68.52 -81.60 -42.15
N ASP H 151 69.16 -81.61 -40.99
CA ASP H 151 69.60 -82.86 -40.36
C ASP H 151 68.43 -83.70 -39.85
N SER H 152 67.22 -83.15 -39.81
CA SER H 152 66.03 -83.91 -39.45
C SER H 152 65.10 -84.15 -40.62
N GLN H 153 65.40 -83.58 -41.79
CA GLN H 153 64.49 -83.70 -42.94
C GLN H 153 64.41 -85.14 -43.42
N LYS H 154 65.54 -85.83 -43.46
CA LYS H 154 65.60 -87.19 -44.00
C LYS H 154 65.20 -88.26 -42.98
N HIS H 155 64.91 -87.86 -41.74
CA HIS H 155 64.57 -88.82 -40.69
C HIS H 155 63.07 -88.89 -40.41
N ILE H 156 62.25 -88.21 -41.20
CA ILE H 156 60.81 -88.22 -40.97
C ILE H 156 60.23 -89.56 -41.38
N ASP H 157 59.47 -90.18 -40.48
CA ASP H 157 58.90 -91.50 -40.72
C ASP H 157 57.69 -91.67 -39.83
N PHE H 158 56.91 -92.71 -40.12
CA PHE H 158 55.82 -93.10 -39.24
C PHE H 158 56.38 -93.57 -37.89
N SER H 159 55.61 -93.35 -36.83
CA SER H 159 56.02 -93.82 -35.52
C SER H 159 55.90 -95.35 -35.47
N LEU H 160 56.62 -95.93 -34.50
CA LEU H 160 56.61 -97.38 -34.37
C LEU H 160 55.25 -97.89 -33.92
N ARG H 161 54.57 -97.14 -33.05
CA ARG H 161 53.31 -97.59 -32.48
C ARG H 161 52.12 -97.34 -33.39
N SER H 162 52.25 -96.50 -34.40
CA SER H 162 51.13 -96.20 -35.27
C SER H 162 50.80 -97.40 -36.16
N PRO H 163 49.52 -97.54 -36.60
CA PRO H 163 49.14 -98.59 -37.54
C PRO H 163 49.49 -98.26 -38.99
N TYR H 164 50.66 -97.66 -39.18
CA TYR H 164 51.22 -97.44 -40.51
C TYR H 164 52.68 -97.86 -40.61
N GLY H 165 53.41 -97.96 -39.51
CA GLY H 165 54.75 -98.50 -39.49
C GLY H 165 54.74 -99.92 -38.98
N GLY H 166 55.01 -100.09 -37.69
CA GLY H 166 54.94 -101.40 -37.06
C GLY H 166 53.51 -101.90 -36.88
N GLY H 167 53.28 -102.68 -35.83
CA GLY H 167 51.98 -103.28 -35.61
C GLY H 167 51.00 -102.33 -34.96
N ARG H 168 50.28 -102.83 -33.95
CA ARG H 168 49.30 -102.07 -33.17
C ARG H 168 48.18 -101.52 -34.06
N PRO H 169 47.29 -102.38 -34.54
CA PRO H 169 46.20 -101.90 -35.40
C PRO H 169 45.20 -101.05 -34.62
N GLY H 170 44.48 -100.21 -35.37
CA GLY H 170 43.52 -99.31 -34.76
C GLY H 170 42.30 -100.03 -34.23
N ARG H 171 41.49 -99.27 -33.47
CA ARG H 171 40.35 -99.88 -32.80
C ARG H 171 39.19 -100.16 -33.75
N VAL H 172 39.05 -99.38 -34.81
CA VAL H 172 38.00 -99.68 -35.80
C VAL H 172 38.36 -100.95 -36.58
N LYS H 173 39.64 -101.12 -36.92
CA LYS H 173 40.05 -102.36 -37.56
C LYS H 173 39.90 -103.55 -36.62
N ARG H 174 40.21 -103.36 -35.34
CA ARG H 174 40.05 -104.44 -34.37
C ARG H 174 38.59 -104.80 -34.18
N LYS H 175 37.71 -103.80 -34.11
CA LYS H 175 36.29 -104.08 -33.94
C LYS H 175 35.71 -104.71 -35.19
N ASN H 176 36.16 -104.29 -36.38
CA ASN H 176 35.69 -104.91 -37.61
C ASN H 176 36.20 -106.34 -37.73
N ALA H 177 37.45 -106.59 -37.32
CA ALA H 177 38.00 -107.94 -37.37
C ALA H 177 37.29 -108.86 -36.39
N LYS H 178 37.03 -108.38 -35.17
CA LYS H 178 36.30 -109.19 -34.20
C LYS H 178 34.84 -109.33 -34.59
N LYS H 179 34.33 -108.44 -35.44
CA LYS H 179 32.99 -108.61 -35.98
C LYS H 179 32.97 -109.72 -37.02
N GLY H 180 33.99 -109.76 -37.90
CA GLY H 180 34.04 -110.80 -38.92
C GLY H 180 34.27 -112.19 -38.34
N GLN H 181 35.19 -112.30 -37.39
CA GLN H 181 35.52 -113.60 -36.82
C GLN H 181 34.45 -114.11 -35.86
N GLY H 182 33.60 -113.23 -35.34
CA GLY H 182 32.51 -113.66 -34.50
C GLY H 182 31.32 -114.13 -35.31
N GLY H 183 31.07 -113.49 -36.44
CA GLY H 183 29.95 -113.87 -37.28
C GLY H 183 30.24 -115.04 -38.19
N ALA H 184 31.52 -115.33 -38.44
CA ALA H 184 31.90 -116.44 -39.30
C ALA H 184 33.25 -116.98 -38.85
N GLY H 185 33.47 -118.26 -39.12
CA GLY H 185 34.71 -118.91 -38.75
C GLY H 185 35.47 -119.49 -39.93
N ALA I 1 93.69 -3.72 16.66
CA ALA I 1 92.93 -4.29 17.76
C ALA I 1 93.48 -5.65 18.15
N ASP I 2 93.01 -6.17 19.28
CA ASP I 2 93.41 -7.49 19.75
C ASP I 2 92.55 -8.55 19.06
N ILE I 3 92.65 -9.80 19.53
CA ILE I 3 91.86 -10.89 19.00
C ILE I 3 90.89 -11.47 20.02
N GLN I 4 90.97 -11.04 21.28
CA GLN I 4 90.08 -11.53 22.32
C GLN I 4 88.85 -10.63 22.38
N THR I 5 87.94 -10.85 21.44
CA THR I 5 86.75 -10.02 21.29
C THR I 5 85.50 -10.68 21.85
N GLU I 6 85.64 -11.80 22.56
CA GLU I 6 84.49 -12.53 23.06
C GLU I 6 84.69 -12.86 24.53
N ARG I 7 83.62 -13.36 25.16
CA ARG I 7 83.66 -13.66 26.58
C ARG I 7 84.69 -14.74 26.92
N ALA I 8 84.86 -15.72 26.06
CA ALA I 8 85.81 -16.79 26.31
C ALA I 8 87.19 -16.36 25.79
N TYR I 9 88.14 -17.29 25.82
CA TYR I 9 89.51 -17.02 25.39
C TYR I 9 89.79 -17.78 24.10
N GLN I 10 90.21 -17.05 23.07
CA GLN I 10 90.52 -17.63 21.77
C GLN I 10 92.00 -18.02 21.72
N LYS I 11 92.26 -19.31 21.53
CA LYS I 11 93.62 -19.79 21.36
C LYS I 11 93.57 -21.12 20.61
N GLN I 12 94.65 -21.44 19.92
CA GLN I 12 94.74 -22.71 19.23
C GLN I 12 95.07 -23.82 20.23
N PRO I 13 94.26 -24.87 20.30
CA PRO I 13 94.48 -25.90 21.33
C PRO I 13 95.79 -26.65 21.19
N THR I 14 96.43 -26.63 20.02
CA THR I 14 97.65 -27.39 19.83
C THR I 14 98.85 -26.71 20.49
N ILE I 15 98.87 -25.38 20.53
CA ILE I 15 100.02 -24.64 21.00
C ILE I 15 99.92 -24.44 22.52
N PHE I 16 101.06 -24.50 23.19
CA PHE I 16 101.17 -24.26 24.62
C PHE I 16 101.73 -22.86 24.82
N GLN I 17 100.92 -21.96 25.38
CA GLN I 17 101.37 -20.59 25.58
C GLN I 17 102.34 -20.49 26.76
N ASN I 18 102.05 -21.20 27.84
CA ASN I 18 102.80 -21.04 29.10
C ASN I 18 103.91 -22.09 29.20
N LYS I 19 104.81 -22.06 28.21
CA LYS I 19 105.91 -23.02 28.16
C LYS I 19 107.11 -22.52 28.96
N LYS I 20 106.89 -22.40 30.27
CA LYS I 20 107.92 -22.01 31.23
C LYS I 20 108.60 -20.69 30.82
N ARG I 21 107.78 -19.67 30.63
CA ARG I 21 108.29 -18.36 30.23
C ARG I 21 108.77 -17.65 31.48
N VAL I 22 110.03 -17.93 31.85
CA VAL I 22 110.63 -17.48 33.09
C VAL I 22 111.88 -16.69 32.76
N LEU I 23 112.65 -16.34 33.79
CA LEU I 23 113.78 -15.42 33.64
C LEU I 23 114.81 -15.89 32.61
N LEU I 24 114.89 -17.20 32.36
CA LEU I 24 115.84 -17.69 31.36
C LEU I 24 115.49 -17.24 29.94
N GLY I 25 114.24 -16.82 29.72
CA GLY I 25 113.84 -16.21 28.46
C GLY I 25 113.47 -14.76 28.68
N GLU I 26 113.77 -13.92 27.69
CA GLU I 26 113.50 -12.49 27.78
C GLU I 26 112.00 -12.26 27.67
N THR I 27 111.34 -12.11 28.82
CA THR I 27 109.88 -12.02 28.91
C THR I 27 109.51 -10.57 29.24
N GLY I 28 109.02 -9.84 28.25
CA GLY I 28 108.81 -10.38 26.91
C GLY I 28 109.63 -9.68 25.84
N LYS I 29 109.25 -9.86 24.58
CA LYS I 29 108.10 -10.69 24.23
C LYS I 29 108.52 -11.89 23.38
N GLU I 30 108.20 -13.09 23.85
CA GLU I 30 108.40 -14.30 23.08
C GLU I 30 107.17 -14.49 22.19
N LYS I 31 107.33 -14.29 20.88
CA LYS I 31 106.21 -14.43 19.97
C LYS I 31 105.78 -15.89 19.91
N LEU I 32 104.49 -16.13 20.12
CA LEU I 32 103.98 -17.49 20.20
C LEU I 32 104.09 -18.18 18.86
N PRO I 33 104.45 -19.46 18.84
CA PRO I 33 104.43 -20.21 17.58
C PRO I 33 103.01 -20.39 17.09
N ARG I 34 102.86 -20.47 15.76
CA ARG I 34 101.57 -20.58 15.12
C ARG I 34 101.39 -21.98 14.55
N TYR I 35 100.25 -22.60 14.84
CA TYR I 35 99.94 -23.93 14.34
C TYR I 35 99.33 -23.83 12.96
N TYR I 36 99.88 -24.57 12.01
CA TYR I 36 99.34 -24.61 10.67
C TYR I 36 99.59 -25.99 10.08
N LYS I 37 98.77 -26.34 9.08
CA LYS I 37 98.94 -27.59 8.37
C LYS I 37 98.77 -27.34 6.88
N ASN I 38 99.49 -28.12 6.08
CA ASN I 38 99.28 -28.12 4.64
C ASN I 38 98.12 -29.05 4.34
N ILE I 39 97.12 -28.54 3.61
CA ILE I 39 95.92 -29.32 3.35
C ILE I 39 96.07 -30.25 2.15
N GLY I 40 97.14 -30.12 1.38
CA GLY I 40 97.37 -31.02 0.27
C GLY I 40 96.53 -30.69 -0.94
N LEU I 41 96.38 -31.70 -1.80
CA LEU I 41 95.62 -31.60 -3.05
C LEU I 41 96.14 -30.49 -3.95
N GLY I 42 97.44 -30.24 -3.90
CA GLY I 42 98.03 -29.20 -4.73
C GLY I 42 97.74 -27.79 -4.28
N PHE I 43 97.12 -27.61 -3.12
CA PHE I 43 96.76 -26.29 -2.63
C PHE I 43 97.87 -25.75 -1.74
N LYS I 44 98.31 -24.53 -2.04
CA LYS I 44 99.36 -23.88 -1.26
C LYS I 44 98.72 -23.03 -0.16
N THR I 45 99.18 -23.24 1.07
CA THR I 45 98.66 -22.45 2.18
C THR I 45 99.06 -20.99 2.02
N PRO I 46 98.17 -20.05 2.35
CA PRO I 46 98.50 -18.64 2.19
C PRO I 46 99.57 -18.20 3.18
N LYS I 47 100.27 -17.14 2.80
CA LYS I 47 101.31 -16.58 3.65
C LYS I 47 100.73 -16.08 4.97
N GLU I 48 99.58 -15.41 4.91
CA GLU I 48 99.06 -14.76 6.11
C GLU I 48 98.56 -15.78 7.12
N ALA I 49 98.23 -16.99 6.68
CA ALA I 49 97.83 -18.03 7.61
C ALA I 49 99.02 -18.50 8.44
N ILE I 50 100.21 -18.51 7.85
CA ILE I 50 101.41 -18.93 8.58
C ILE I 50 101.79 -17.88 9.62
N GLU I 51 101.78 -16.60 9.23
CA GLU I 51 102.33 -15.53 10.05
C GLU I 51 101.26 -14.62 10.64
N GLY I 52 100.01 -15.10 10.71
CA GLY I 52 98.93 -14.30 11.25
C GLY I 52 98.75 -14.48 12.76
N THR I 53 97.82 -13.69 13.30
CA THR I 53 97.50 -13.73 14.72
C THR I 53 96.06 -14.11 15.00
N TYR I 54 95.24 -14.29 13.97
CA TYR I 54 93.83 -14.60 14.18
C TYR I 54 93.65 -16.01 14.73
N ILE I 55 92.48 -16.26 15.30
CA ILE I 55 92.09 -17.59 15.75
C ILE I 55 90.83 -17.99 15.00
N ASP I 56 90.88 -19.14 14.34
CA ASP I 56 89.72 -19.63 13.59
C ASP I 56 89.76 -21.16 13.67
N LYS I 57 88.91 -21.73 14.52
CA LYS I 57 88.84 -23.17 14.67
C LYS I 57 88.27 -23.87 13.45
N LYS I 58 87.67 -23.12 12.52
CA LYS I 58 87.12 -23.68 11.30
C LYS I 58 87.98 -23.39 10.08
N CYS I 59 89.12 -22.73 10.24
CA CYS I 59 89.99 -22.43 9.11
C CYS I 59 90.56 -23.72 8.53
N PRO I 60 90.66 -23.82 7.20
CA PRO I 60 91.21 -25.05 6.60
C PRO I 60 92.62 -25.37 7.06
N PHE I 61 93.42 -24.37 7.38
CA PHE I 61 94.83 -24.54 7.73
C PHE I 61 95.08 -24.44 9.22
N THR I 62 94.63 -23.36 9.85
CA THR I 62 94.89 -23.12 11.27
C THR I 62 93.79 -23.66 12.16
N GLY I 63 92.77 -24.33 11.61
CA GLY I 63 91.69 -24.88 12.38
C GLY I 63 91.63 -26.40 12.27
N ASN I 64 90.66 -26.95 13.00
CA ASN I 64 90.50 -28.40 13.08
C ASN I 64 89.43 -28.89 12.10
N VAL I 65 89.69 -28.69 10.81
CA VAL I 65 88.83 -29.21 9.76
C VAL I 65 89.70 -29.85 8.70
N SER I 66 89.23 -30.98 8.17
CA SER I 66 89.95 -31.71 7.14
C SER I 66 89.15 -31.66 5.84
N ILE I 67 89.78 -31.18 4.78
CA ILE I 67 89.14 -31.09 3.47
C ILE I 67 89.19 -32.46 2.82
N ARG I 68 88.02 -32.99 2.46
CA ARG I 68 87.94 -34.28 1.81
C ARG I 68 86.66 -34.33 0.98
N GLY I 69 86.72 -34.99 -0.15
CA GLY I 69 85.57 -35.11 -1.03
C GLY I 69 85.68 -34.19 -2.24
N ARG I 70 84.64 -33.41 -2.48
CA ARG I 70 84.52 -32.65 -3.71
C ARG I 70 85.26 -31.32 -3.62
N ILE I 71 85.79 -30.89 -4.77
CA ILE I 71 86.37 -29.57 -4.94
C ILE I 71 85.60 -28.89 -6.07
N LEU I 72 85.10 -27.69 -5.80
CA LEU I 72 84.32 -26.97 -6.80
C LEU I 72 84.48 -25.47 -6.59
N SER I 73 84.20 -24.71 -7.65
CA SER I 73 84.44 -23.28 -7.68
C SER I 73 83.12 -22.52 -7.72
N GLY I 74 83.20 -21.23 -7.39
CA GLY I 74 82.02 -20.38 -7.37
C GLY I 74 82.42 -18.91 -7.44
N VAL I 75 81.41 -18.06 -7.35
CA VAL I 75 81.57 -16.61 -7.44
C VAL I 75 81.04 -15.98 -6.17
N VAL I 76 81.87 -15.15 -5.53
CA VAL I 76 81.46 -14.50 -4.28
C VAL I 76 80.29 -13.56 -4.55
N THR I 77 79.25 -13.67 -3.73
CA THR I 77 78.03 -12.91 -3.91
C THR I 77 77.84 -11.86 -2.82
N LYS I 78 77.82 -12.27 -1.55
CA LYS I 78 77.64 -11.35 -0.44
C LYS I 78 78.67 -11.64 0.63
N MET I 79 79.21 -10.58 1.23
CA MET I 79 80.15 -10.67 2.33
C MET I 79 79.59 -10.02 3.58
N LYS I 80 78.29 -10.18 3.79
CA LYS I 80 77.58 -9.52 4.89
C LYS I 80 77.31 -10.47 6.05
N MET I 81 78.27 -11.36 6.33
CA MET I 81 78.16 -12.32 7.43
C MET I 81 79.52 -12.44 8.11
N GLN I 82 79.50 -12.99 9.33
CA GLN I 82 80.71 -13.12 10.13
C GLN I 82 81.49 -14.35 9.68
N ARG I 83 82.65 -14.12 9.06
CA ARG I 83 83.60 -15.16 8.68
C ARG I 83 83.02 -16.17 7.71
N THR I 84 81.96 -15.80 6.99
CA THR I 84 81.34 -16.70 6.02
C THR I 84 80.71 -15.88 4.91
N ILE I 85 80.79 -16.40 3.69
CA ILE I 85 80.26 -15.72 2.51
C ILE I 85 79.39 -16.72 1.76
N VAL I 86 78.50 -16.18 0.94
CA VAL I 86 77.65 -16.97 0.06
C VAL I 86 78.19 -16.84 -1.36
N ILE I 87 78.34 -17.97 -2.03
CA ILE I 87 78.81 -18.00 -3.40
C ILE I 87 77.68 -18.50 -4.30
N ARG I 88 77.75 -18.11 -5.57
CA ARG I 88 76.76 -18.52 -6.55
C ARG I 88 77.46 -19.30 -7.65
N ARG I 89 76.90 -20.45 -8.02
CA ARG I 89 77.45 -21.31 -9.06
C ARG I 89 76.43 -21.41 -10.18
N ASP I 90 76.82 -20.95 -11.37
CA ASP I 90 75.94 -20.94 -12.52
C ASP I 90 76.29 -22.11 -13.43
N TYR I 91 75.30 -22.95 -13.71
CA TYR I 91 75.49 -24.11 -14.58
C TYR I 91 74.31 -24.22 -15.53
N LEU I 92 74.55 -24.89 -16.64
CA LEU I 92 73.51 -25.13 -17.65
C LEU I 92 72.99 -26.55 -17.49
N HIS I 93 71.69 -26.68 -17.28
CA HIS I 93 71.03 -27.97 -17.17
C HIS I 93 70.43 -28.34 -18.52
N TYR I 94 70.72 -29.55 -18.98
CA TYR I 94 70.33 -29.97 -20.32
C TYR I 94 68.98 -30.65 -20.29
N ILE I 95 68.09 -30.24 -21.19
CA ILE I 95 66.80 -30.88 -21.41
C ILE I 95 66.88 -31.67 -22.71
N ARG I 96 66.63 -32.98 -22.63
CA ARG I 96 66.77 -33.84 -23.80
C ARG I 96 65.75 -33.48 -24.87
N LYS I 97 64.53 -33.15 -24.45
CA LYS I 97 63.45 -32.98 -25.41
C LYS I 97 63.72 -31.84 -26.37
N TYR I 98 64.19 -30.70 -25.86
CA TYR I 98 64.40 -29.52 -26.69
C TYR I 98 65.84 -29.36 -27.13
N ASN I 99 66.72 -30.30 -26.77
CA ASN I 99 68.13 -30.31 -27.17
C ASN I 99 68.85 -29.02 -26.76
N ARG I 100 68.36 -28.37 -25.71
CA ARG I 100 68.87 -27.07 -25.29
C ARG I 100 69.18 -27.12 -23.80
N PHE I 101 69.61 -25.98 -23.27
CA PHE I 101 70.06 -25.87 -21.89
C PHE I 101 69.20 -24.86 -21.16
N GLU I 102 69.40 -24.82 -19.84
CA GLU I 102 68.57 -24.03 -18.94
C GLU I 102 69.46 -23.47 -17.84
N LYS I 103 69.61 -22.15 -17.81
CA LYS I 103 70.53 -21.53 -16.87
C LYS I 103 69.99 -21.62 -15.46
N ARG I 104 70.76 -22.24 -14.56
CA ARG I 104 70.38 -22.42 -13.18
C ARG I 104 71.50 -21.94 -12.27
N HIS I 105 71.19 -21.84 -10.99
CA HIS I 105 72.17 -21.41 -10.00
C HIS I 105 71.81 -22.02 -8.66
N LYS I 106 72.83 -22.14 -7.80
CA LYS I 106 72.65 -22.68 -6.46
C LYS I 106 73.58 -21.91 -5.53
N ASN I 107 73.00 -21.11 -4.65
CA ASN I 107 73.78 -20.38 -3.66
C ASN I 107 74.25 -21.32 -2.57
N MET I 108 75.54 -21.26 -2.24
CA MET I 108 76.13 -22.08 -1.20
C MET I 108 76.82 -21.18 -0.18
N SER I 109 76.56 -21.43 1.10
CA SER I 109 77.23 -20.71 2.17
C SER I 109 78.53 -21.44 2.49
N VAL I 110 79.65 -20.75 2.30
CA VAL I 110 80.97 -21.33 2.50
C VAL I 110 81.69 -20.53 3.58
N HIS I 111 82.53 -21.22 4.34
CA HIS I 111 83.30 -20.56 5.38
C HIS I 111 84.49 -19.83 4.77
N LEU I 112 84.70 -18.60 5.24
CA LEU I 112 85.81 -17.77 4.77
C LEU I 112 86.77 -17.55 5.93
N SER I 113 87.93 -18.19 5.85
CA SER I 113 88.95 -17.98 6.85
C SER I 113 89.52 -16.57 6.74
N PRO I 114 89.96 -15.98 7.86
CA PRO I 114 90.55 -14.63 7.81
C PRO I 114 91.87 -14.58 7.06
N CYS I 115 92.44 -15.72 6.66
CA CYS I 115 93.68 -15.70 5.90
C CYS I 115 93.51 -15.01 4.55
N PHE I 116 92.30 -15.05 3.99
CA PHE I 116 92.00 -14.34 2.75
C PHE I 116 91.43 -12.97 3.11
N ARG I 117 92.23 -11.93 2.96
CA ARG I 117 91.82 -10.58 3.33
C ARG I 117 91.28 -9.77 2.16
N ASP I 118 91.93 -9.84 1.00
CA ASP I 118 91.51 -9.08 -0.18
C ASP I 118 90.47 -9.89 -0.96
N VAL I 119 89.28 -9.98 -0.36
CA VAL I 119 88.14 -10.68 -0.96
C VAL I 119 87.05 -9.67 -1.23
N GLN I 120 86.55 -9.65 -2.46
CA GLN I 120 85.49 -8.75 -2.88
C GLN I 120 84.42 -9.53 -3.60
N ILE I 121 83.33 -8.84 -3.91
CA ILE I 121 82.18 -9.47 -4.57
C ILE I 121 82.51 -9.67 -6.04
N GLY I 122 82.35 -10.91 -6.50
CA GLY I 122 82.67 -11.28 -7.87
C GLY I 122 83.92 -12.11 -8.02
N ASP I 123 84.75 -12.20 -6.99
CA ASP I 123 85.95 -13.00 -7.07
C ASP I 123 85.61 -14.49 -7.15
N ILE I 124 86.44 -15.21 -7.90
CA ILE I 124 86.25 -16.65 -8.08
C ILE I 124 87.02 -17.37 -6.98
N VAL I 125 86.33 -18.22 -6.23
CA VAL I 125 86.93 -18.95 -5.12
C VAL I 125 86.67 -20.44 -5.31
N THR I 126 87.70 -21.24 -5.07
CA THR I 126 87.54 -22.69 -5.06
C THR I 126 87.38 -23.16 -3.62
N VAL I 127 86.39 -24.02 -3.40
CA VAL I 127 86.06 -24.48 -2.06
C VAL I 127 86.17 -26.00 -2.01
N GLY I 128 86.28 -26.53 -0.81
CA GLY I 128 86.39 -27.96 -0.59
C GLY I 128 85.38 -28.42 0.44
N GLU I 129 84.90 -29.64 0.26
CA GLU I 129 83.92 -30.20 1.18
C GLU I 129 84.59 -30.60 2.48
N CYS I 130 83.94 -30.27 3.59
CA CYS I 130 84.42 -30.65 4.92
C CYS I 130 83.20 -31.06 5.74
N ARG I 131 83.42 -31.32 7.02
CA ARG I 131 82.32 -31.65 7.90
C ARG I 131 81.44 -30.41 8.10
N PRO I 132 80.16 -30.59 8.42
CA PRO I 132 79.25 -29.44 8.53
C PRO I 132 79.72 -28.44 9.57
N LEU I 133 80.05 -27.23 9.11
CA LEU I 133 80.50 -26.18 10.01
C LEU I 133 79.34 -25.40 10.61
N SER I 134 78.22 -25.30 9.90
CA SER I 134 77.02 -24.66 10.39
C SER I 134 75.83 -25.47 9.88
N LYS I 135 74.63 -24.92 10.05
CA LYS I 135 73.44 -25.61 9.58
C LYS I 135 73.44 -25.73 8.06
N THR I 136 73.81 -24.65 7.36
CA THR I 136 73.81 -24.62 5.90
C THR I 136 75.22 -24.51 5.32
N VAL I 137 76.25 -24.69 6.13
CA VAL I 137 77.63 -24.52 5.69
C VAL I 137 78.31 -25.88 5.72
N ARG I 138 78.84 -26.30 4.57
CA ARG I 138 79.58 -27.55 4.47
C ARG I 138 80.84 -27.43 3.63
N PHE I 139 81.19 -26.24 3.17
CA PHE I 139 82.36 -26.03 2.32
C PHE I 139 83.22 -24.92 2.90
N ASN I 140 84.49 -24.95 2.53
CA ASN I 140 85.48 -24.01 3.06
C ASN I 140 86.27 -23.41 1.91
N VAL I 141 86.54 -22.12 1.98
CA VAL I 141 87.26 -21.43 0.92
C VAL I 141 88.73 -21.83 0.98
N LEU I 142 89.26 -22.29 -0.15
CA LEU I 142 90.64 -22.77 -0.24
C LEU I 142 91.57 -21.84 -1.00
N LYS I 143 91.09 -21.18 -2.05
CA LYS I 143 91.95 -20.32 -2.86
C LYS I 143 91.09 -19.25 -3.50
N VAL I 144 91.59 -18.01 -3.48
CA VAL I 144 90.87 -16.86 -4.02
C VAL I 144 91.62 -16.36 -5.25
N THR I 145 90.88 -16.14 -6.33
CA THR I 145 91.40 -15.49 -7.53
C THR I 145 90.65 -14.18 -7.73
N LYS I 146 91.39 -13.13 -8.08
CA LYS I 146 90.78 -11.81 -8.27
C LYS I 146 89.89 -11.80 -9.51
N ALA I 147 88.87 -10.97 -9.47
CA ALA I 147 87.89 -10.88 -10.56
C ALA I 147 88.30 -9.79 -11.55
N ALA I 148 89.50 -9.94 -12.10
CA ALA I 148 90.05 -9.04 -13.12
C ALA I 148 90.04 -7.58 -12.64
N GLY I 149 90.36 -7.39 -11.37
CA GLY I 149 90.37 -6.07 -10.79
C GLY I 149 91.75 -5.54 -10.49
N THR I 150 92.14 -5.59 -9.22
CA THR I 150 93.42 -5.11 -8.68
C THR I 150 93.68 -3.64 -8.95
N LYS I 151 92.66 -2.88 -9.39
CA LYS I 151 92.80 -1.46 -9.64
C LYS I 151 91.50 -0.78 -9.21
N LYS I 152 91.60 0.10 -8.22
CA LYS I 152 90.45 0.81 -7.69
C LYS I 152 90.54 2.29 -8.03
N GLN I 153 89.43 2.86 -8.46
CA GLN I 153 89.38 4.27 -8.82
C GLN I 153 88.84 5.11 -7.68
N GLY J 1 68.98 0.68 -37.94
CA GLY J 1 67.81 1.38 -37.46
C GLY J 1 68.11 2.23 -36.24
N ARG J 2 67.39 3.34 -36.11
CA ARG J 2 67.60 4.25 -35.00
C ARG J 2 67.13 3.61 -33.69
N MET J 3 67.80 3.98 -32.60
CA MET J 3 67.49 3.42 -31.29
C MET J 3 66.08 3.79 -30.85
N HIS J 4 65.69 5.06 -31.04
CA HIS J 4 64.41 5.55 -30.55
C HIS J 4 63.63 6.25 -31.66
N ALA J 5 63.83 5.83 -32.90
CA ALA J 5 63.14 6.43 -34.04
C ALA J 5 62.96 5.37 -35.09
N PRO J 6 61.88 5.43 -35.89
CA PRO J 6 61.65 4.44 -36.94
C PRO J 6 62.33 4.80 -38.26
N GLY J 7 63.61 5.13 -38.18
CA GLY J 7 64.39 5.50 -39.35
C GLY J 7 65.50 4.53 -39.60
N LYS J 8 65.89 4.40 -40.87
CA LYS J 8 66.97 3.51 -41.30
C LYS J 8 67.99 4.29 -42.10
N GLY J 9 68.41 5.43 -41.56
CA GLY J 9 69.34 6.29 -42.27
C GLY J 9 70.72 5.65 -42.39
N LEU J 10 71.35 5.88 -43.54
CA LEU J 10 72.69 5.38 -43.82
C LEU J 10 73.72 6.50 -43.90
N SER J 11 73.41 7.68 -43.38
CA SER J 11 74.30 8.83 -43.48
C SER J 11 75.50 8.60 -42.57
N GLN J 12 76.63 8.19 -43.15
CA GLN J 12 77.83 7.92 -42.37
C GLN J 12 79.05 8.57 -42.99
N SER J 13 80.22 8.27 -42.45
CA SER J 13 81.50 8.77 -42.96
C SER J 13 82.34 7.57 -43.36
N ALA J 14 82.63 7.45 -44.65
CA ALA J 14 83.37 6.31 -45.18
C ALA J 14 84.86 6.63 -45.12
N LEU J 15 85.54 6.07 -44.11
CA LEU J 15 86.97 6.27 -43.98
C LEU J 15 87.69 5.61 -45.16
N PRO J 16 88.62 6.30 -45.80
CA PRO J 16 89.31 5.70 -46.95
C PRO J 16 90.17 4.52 -46.55
N TYR J 17 90.36 3.60 -47.51
CA TYR J 17 91.25 2.46 -47.28
C TYR J 17 92.69 2.91 -47.10
N ARG J 18 93.05 4.06 -47.64
CA ARG J 18 94.41 4.58 -47.53
C ARG J 18 94.71 4.91 -46.07
N ARG J 19 95.52 4.09 -45.42
CA ARG J 19 95.96 4.36 -44.05
C ARG J 19 97.18 5.27 -44.01
N SER J 20 97.83 5.52 -45.13
CA SER J 20 99.03 6.32 -45.15
C SER J 20 98.71 7.80 -44.94
N VAL J 21 99.59 8.50 -44.24
CA VAL J 21 99.47 9.95 -44.08
C VAL J 21 99.67 10.62 -45.43
N PRO J 22 98.88 11.63 -45.78
CA PRO J 22 99.13 12.33 -47.05
C PRO J 22 100.50 12.99 -47.07
N THR J 23 101.14 12.95 -48.24
CA THR J 23 102.46 13.53 -48.38
C THR J 23 102.42 15.06 -48.39
N TRP J 24 101.29 15.66 -48.74
CA TRP J 24 101.16 17.10 -48.75
C TRP J 24 100.87 17.69 -47.38
N LEU J 25 100.68 16.84 -46.36
CA LEU J 25 100.46 17.31 -45.00
C LEU J 25 101.83 17.49 -44.35
N LYS J 26 102.29 18.74 -44.27
CA LYS J 26 103.60 19.03 -43.70
C LYS J 26 103.55 19.21 -42.19
N LEU J 27 102.36 19.23 -41.59
CA LEU J 27 102.25 19.23 -40.14
C LEU J 27 102.69 17.88 -39.59
N THR J 28 103.44 17.90 -38.50
CA THR J 28 103.95 16.69 -37.87
C THR J 28 103.10 16.34 -36.65
N SER J 29 103.51 15.27 -35.97
CA SER J 29 102.73 14.76 -34.84
C SER J 29 102.66 15.79 -33.71
N ASP J 30 103.79 16.43 -33.41
CA ASP J 30 103.78 17.45 -32.35
C ASP J 30 103.01 18.69 -32.78
N ASP J 31 102.98 18.99 -34.08
CA ASP J 31 102.20 20.13 -34.57
C ASP J 31 100.71 19.91 -34.32
N VAL J 32 100.22 18.70 -34.58
CA VAL J 32 98.82 18.40 -34.34
C VAL J 32 98.53 18.37 -32.85
N LYS J 33 99.43 17.79 -32.07
CA LYS J 33 99.17 17.60 -30.63
C LYS J 33 99.09 18.93 -29.90
N GLU J 34 99.96 19.89 -30.24
CA GLU J 34 99.86 21.21 -29.62
C GLU J 34 98.60 21.93 -30.07
N GLN J 35 98.14 21.67 -31.29
CA GLN J 35 96.87 22.22 -31.74
C GLN J 35 95.71 21.65 -30.93
N ILE J 36 95.80 20.37 -30.58
CA ILE J 36 94.78 19.74 -29.75
C ILE J 36 94.77 20.39 -28.37
N TYR J 37 95.95 20.63 -27.80
CA TYR J 37 96.04 21.28 -26.50
C TYR J 37 95.46 22.69 -26.54
N LYS J 38 95.77 23.44 -27.60
CA LYS J 38 95.34 24.83 -27.68
C LYS J 38 93.82 24.94 -27.77
N LEU J 39 93.20 24.10 -28.59
CA LEU J 39 91.75 24.20 -28.79
C LEU J 39 90.98 23.65 -27.60
N ALA J 40 91.50 22.60 -26.97
CA ALA J 40 90.85 22.07 -25.77
C ALA J 40 90.87 23.08 -24.65
N LYS J 41 91.99 23.81 -24.49
CA LYS J 41 92.05 24.88 -23.50
C LYS J 41 91.12 26.03 -23.87
N LYS J 42 90.80 26.18 -25.15
CA LYS J 42 89.82 27.17 -25.56
C LYS J 42 88.41 26.76 -25.14
N GLY J 43 88.14 25.47 -25.05
CA GLY J 43 86.84 24.99 -24.62
C GLY J 43 86.06 24.21 -25.65
N LEU J 44 86.77 23.48 -26.51
CA LEU J 44 86.14 22.72 -27.58
C LEU J 44 86.14 21.24 -27.25
N THR J 45 84.99 20.61 -27.45
CA THR J 45 84.84 19.17 -27.24
C THR J 45 85.68 18.40 -28.26
N PRO J 46 86.02 17.14 -27.98
CA PRO J 46 86.78 16.35 -28.97
C PRO J 46 86.10 16.23 -30.32
N SER J 47 84.77 16.17 -30.35
CA SER J 47 84.06 16.18 -31.63
C SER J 47 84.26 17.52 -32.35
N GLN J 48 84.26 18.61 -31.59
CA GLN J 48 84.51 19.93 -32.19
C GLN J 48 85.95 20.09 -32.60
N ILE J 49 86.87 19.38 -31.96
CA ILE J 49 88.29 19.49 -32.31
C ILE J 49 88.56 18.83 -33.66
N GLY J 50 88.02 17.63 -33.86
CA GLY J 50 88.33 16.89 -35.08
C GLY J 50 87.78 17.55 -36.33
N VAL J 51 86.60 18.15 -36.22
CA VAL J 51 86.02 18.84 -37.37
C VAL J 51 86.81 20.10 -37.70
N ILE J 52 87.30 20.81 -36.68
CA ILE J 52 88.06 22.03 -36.92
C ILE J 52 89.43 21.72 -37.51
N LEU J 53 90.12 20.72 -36.95
CA LEU J 53 91.43 20.33 -37.48
C LEU J 53 91.32 19.83 -38.91
N ARG J 54 90.29 19.04 -39.21
CA ARG J 54 90.12 18.53 -40.57
C ARG J 54 89.79 19.66 -41.54
N ASP J 55 88.90 20.58 -41.13
CA ASP J 55 88.45 21.63 -42.04
C ASP J 55 89.53 22.67 -42.28
N SER J 56 90.19 23.13 -41.22
CA SER J 56 91.11 24.26 -41.30
C SER J 56 92.57 23.85 -41.46
N HIS J 57 93.02 22.84 -40.71
CA HIS J 57 94.40 22.39 -40.81
C HIS J 57 94.59 21.28 -41.83
N GLY J 58 93.50 20.79 -42.43
CA GLY J 58 93.60 19.82 -43.51
C GLY J 58 94.23 18.50 -43.12
N VAL J 59 93.84 17.94 -41.98
CA VAL J 59 94.34 16.65 -41.54
C VAL J 59 93.27 15.60 -41.82
N ALA J 60 93.69 14.46 -42.37
CA ALA J 60 92.75 13.40 -42.73
C ALA J 60 92.16 12.77 -41.47
N GLN J 61 93.00 12.16 -40.64
CA GLN J 61 92.58 11.55 -39.39
C GLN J 61 93.66 11.78 -38.37
N VAL J 62 93.26 12.21 -37.16
CA VAL J 62 94.23 12.46 -36.11
C VAL J 62 94.92 11.16 -35.71
N ARG J 63 94.17 10.05 -35.73
CA ARG J 63 94.77 8.75 -35.47
C ARG J 63 95.83 8.40 -36.51
N PHE J 64 95.65 8.85 -37.75
CA PHE J 64 96.63 8.57 -38.80
C PHE J 64 97.90 9.38 -38.59
N VAL J 65 97.75 10.67 -38.25
CA VAL J 65 98.91 11.56 -38.22
C VAL J 65 99.68 11.44 -36.91
N THR J 66 99.01 11.20 -35.78
CA THR J 66 99.69 11.13 -34.50
C THR J 66 99.86 9.72 -33.97
N GLY J 67 99.13 8.75 -34.51
CA GLY J 67 99.15 7.40 -33.99
C GLY J 67 98.20 7.15 -32.83
N ASN J 68 97.41 8.15 -32.45
CA ASN J 68 96.47 7.99 -31.35
C ASN J 68 95.25 8.87 -31.59
N LYS J 69 94.17 8.54 -30.90
CA LYS J 69 92.91 9.25 -31.04
C LYS J 69 92.93 10.54 -30.22
N ILE J 70 91.97 11.42 -30.54
CA ILE J 70 91.93 12.74 -29.90
C ILE J 70 91.67 12.61 -28.41
N LEU J 71 90.73 11.75 -28.02
CA LEU J 71 90.41 11.60 -26.60
C LEU J 71 91.57 11.00 -25.83
N ARG J 72 92.28 10.03 -26.42
CA ARG J 72 93.47 9.48 -25.77
C ARG J 72 94.55 10.53 -25.61
N ILE J 73 94.70 11.41 -26.61
CA ILE J 73 95.67 12.51 -26.51
C ILE J 73 95.27 13.47 -25.40
N LEU J 74 93.97 13.78 -25.31
CA LEU J 74 93.50 14.75 -24.32
C LEU J 74 93.70 14.22 -22.90
N LYS J 75 93.43 12.94 -22.67
CA LYS J 75 93.56 12.40 -21.33
C LYS J 75 95.01 12.18 -20.92
N SER J 76 95.90 11.95 -21.89
CA SER J 76 97.31 11.77 -21.57
C SER J 76 97.90 13.05 -20.98
N LYS J 77 97.54 14.20 -21.54
CA LYS J 77 97.89 15.46 -20.89
C LYS J 77 97.09 15.65 -19.61
N GLY J 78 95.83 15.19 -19.61
CA GLY J 78 95.00 15.23 -18.42
C GLY J 78 93.96 16.33 -18.37
N LEU J 79 93.82 17.11 -19.44
CA LEU J 79 92.86 18.20 -19.48
C LEU J 79 91.52 17.79 -20.06
N ALA J 80 91.33 16.52 -20.39
CA ALA J 80 90.07 16.06 -20.95
C ALA J 80 88.95 16.21 -19.91
N PRO J 81 87.72 16.47 -20.36
CA PRO J 81 86.60 16.61 -19.42
C PRO J 81 86.32 15.29 -18.69
N ASP J 82 85.85 15.42 -17.45
CA ASP J 82 85.58 14.23 -16.64
C ASP J 82 84.37 13.47 -17.16
N LEU J 83 83.37 14.18 -17.67
CA LEU J 83 82.23 13.52 -18.28
C LEU J 83 82.49 13.28 -19.76
N PRO J 84 82.12 12.11 -20.28
CA PRO J 84 82.22 11.89 -21.73
C PRO J 84 81.33 12.88 -22.48
N GLU J 85 81.79 13.27 -23.66
CA GLU J 85 81.13 14.36 -24.39
C GLU J 85 79.71 14.00 -24.78
N ASP J 86 79.49 12.78 -25.29
CA ASP J 86 78.15 12.37 -25.70
C ASP J 86 77.21 12.28 -24.51
N LEU J 87 77.71 11.81 -23.36
CA LEU J 87 76.88 11.80 -22.15
C LEU J 87 76.60 13.21 -21.68
N TYR J 88 77.56 14.11 -21.85
CA TYR J 88 77.37 15.50 -21.45
C TYR J 88 76.27 16.16 -22.28
N HIS J 89 76.26 15.91 -23.59
CA HIS J 89 75.29 16.58 -24.45
C HIS J 89 73.90 15.97 -24.30
N LEU J 90 73.83 14.67 -23.97
CA LEU J 90 72.54 14.06 -23.70
C LEU J 90 71.92 14.65 -22.44
N ILE J 91 72.72 14.82 -21.39
CA ILE J 91 72.22 15.43 -20.16
C ILE J 91 71.86 16.89 -20.39
N LYS J 92 72.69 17.60 -21.15
CA LYS J 92 72.43 19.01 -21.43
C LYS J 92 71.13 19.18 -22.23
N LYS J 93 70.89 18.29 -23.19
CA LYS J 93 69.62 18.33 -23.91
C LYS J 93 68.46 18.02 -22.97
N ALA J 94 68.64 17.07 -22.06
CA ALA J 94 67.56 16.71 -21.13
C ALA J 94 67.22 17.88 -20.21
N VAL J 95 68.21 18.70 -19.88
CA VAL J 95 67.93 19.88 -19.06
C VAL J 95 67.14 20.90 -19.85
N ALA J 96 67.48 21.09 -21.13
CA ALA J 96 66.71 22.01 -21.96
C ALA J 96 65.27 21.52 -22.14
N VAL J 97 65.09 20.22 -22.33
CA VAL J 97 63.74 19.68 -22.48
C VAL J 97 62.96 19.79 -21.18
N ARG J 98 63.61 19.53 -20.05
CA ARG J 98 62.93 19.63 -18.76
C ARG J 98 62.54 21.07 -18.45
N LYS J 99 63.42 22.02 -18.78
CA LYS J 99 63.12 23.44 -18.57
C LYS J 99 61.94 23.88 -19.42
N HIS J 100 61.90 23.43 -20.68
CA HIS J 100 60.79 23.78 -21.55
C HIS J 100 59.51 23.06 -21.12
N LEU J 101 59.64 21.86 -20.56
CA LEU J 101 58.47 21.06 -20.21
C LEU J 101 57.75 21.62 -18.99
N GLU J 102 58.49 22.15 -18.02
CA GLU J 102 57.84 22.72 -16.85
C GLU J 102 57.13 24.03 -17.20
N ARG J 103 57.62 24.75 -18.21
CA ARG J 103 56.94 25.96 -18.65
C ARG J 103 55.64 25.63 -19.37
N ASN J 104 55.65 24.59 -20.21
CA ASN J 104 54.50 24.20 -21.00
C ASN J 104 54.03 22.83 -20.54
N ARG J 105 52.99 22.82 -19.71
CA ARG J 105 52.49 21.57 -19.14
C ARG J 105 51.92 20.65 -20.21
N LYS J 106 51.16 21.20 -21.16
CA LYS J 106 50.40 20.39 -22.10
C LYS J 106 51.23 19.86 -23.25
N ASP J 107 52.56 19.93 -23.17
CA ASP J 107 53.42 19.41 -24.24
C ASP J 107 53.63 17.93 -24.03
N LYS J 108 52.60 17.15 -24.39
CA LYS J 108 52.70 15.70 -24.27
C LYS J 108 53.77 15.13 -25.19
N ASP J 109 54.00 15.77 -26.35
CA ASP J 109 55.08 15.34 -27.22
C ASP J 109 56.43 15.51 -26.55
N ALA J 110 56.64 16.65 -25.88
CA ALA J 110 57.91 16.89 -25.22
C ALA J 110 58.12 15.94 -24.04
N LYS J 111 57.05 15.64 -23.31
CA LYS J 111 57.15 14.66 -22.24
C LYS J 111 57.46 13.27 -22.79
N PHE J 112 56.98 12.97 -24.00
CA PHE J 112 57.35 11.71 -24.64
C PHE J 112 58.83 11.71 -25.03
N ARG J 113 59.34 12.86 -25.51
CA ARG J 113 60.73 12.93 -25.91
C ARG J 113 61.66 12.90 -24.70
N LEU J 114 61.20 13.40 -23.56
CA LEU J 114 62.03 13.39 -22.36
C LEU J 114 62.32 11.97 -21.91
N ILE J 115 61.32 11.08 -22.00
CA ILE J 115 61.55 9.68 -21.66
C ILE J 115 62.55 9.04 -22.62
N LEU J 116 62.44 9.35 -23.91
CA LEU J 116 63.37 8.82 -24.90
C LEU J 116 64.79 9.28 -24.62
N ILE J 117 64.96 10.57 -24.33
CA ILE J 117 66.28 11.12 -24.07
C ILE J 117 66.87 10.53 -22.80
N GLU J 118 66.05 10.43 -21.74
CA GLU J 118 66.54 9.90 -20.47
C GLU J 118 66.86 8.42 -20.56
N SER J 119 66.13 7.67 -21.38
CA SER J 119 66.46 6.27 -21.58
C SER J 119 67.83 6.11 -22.19
N ARG J 120 68.17 6.96 -23.17
CA ARG J 120 69.51 6.95 -23.73
C ARG J 120 70.54 7.34 -22.68
N ILE J 121 70.16 8.22 -21.75
CA ILE J 121 71.08 8.64 -20.69
C ILE J 121 71.41 7.45 -19.78
N HIS J 122 70.38 6.72 -19.34
CA HIS J 122 70.61 5.64 -18.38
C HIS J 122 71.26 4.42 -19.03
N ARG J 123 71.02 4.20 -20.31
CA ARG J 123 71.69 3.10 -21.01
C ARG J 123 73.16 3.42 -21.25
N LEU J 124 73.46 4.65 -21.68
CA LEU J 124 74.84 5.06 -21.88
C LEU J 124 75.61 5.08 -20.56
N ALA J 125 74.94 5.53 -19.49
CA ALA J 125 75.58 5.54 -18.18
C ALA J 125 75.94 4.14 -17.72
N ARG J 126 75.07 3.17 -17.99
CA ARG J 126 75.37 1.79 -17.62
C ARG J 126 76.61 1.28 -18.34
N TYR J 127 76.76 1.64 -19.62
CA TYR J 127 77.94 1.22 -20.37
C TYR J 127 79.21 1.84 -19.78
N TYR J 128 79.15 3.12 -19.41
CA TYR J 128 80.33 3.77 -18.85
C TYR J 128 80.68 3.22 -17.48
N LYS J 129 79.68 2.78 -16.71
CA LYS J 129 79.98 2.16 -15.42
C LYS J 129 80.70 0.83 -15.61
N THR J 130 80.37 0.11 -16.68
CA THR J 130 81.06 -1.14 -16.97
C THR J 130 82.53 -0.89 -17.29
N LYS J 131 82.81 0.16 -18.05
CA LYS J 131 84.18 0.52 -18.41
C LYS J 131 84.83 1.44 -17.38
N ARG J 132 84.18 1.67 -16.26
CA ARG J 132 84.71 2.42 -15.12
C ARG J 132 85.05 3.87 -15.48
N VAL J 133 84.36 4.42 -16.47
CA VAL J 133 84.49 5.85 -16.77
C VAL J 133 83.83 6.68 -15.68
N LEU J 134 82.68 6.21 -15.19
CA LEU J 134 81.93 6.87 -14.13
C LEU J 134 82.08 6.11 -12.82
N PRO J 135 81.90 6.78 -11.69
CA PRO J 135 81.92 6.07 -10.41
C PRO J 135 80.78 5.09 -10.33
N PRO J 136 80.95 3.99 -9.59
CA PRO J 136 79.87 2.99 -9.50
C PRO J 136 78.59 3.52 -8.89
N ASN J 137 78.67 4.55 -8.03
CA ASN J 137 77.50 5.13 -7.41
C ASN J 137 76.95 6.33 -8.18
N TRP J 138 77.48 6.61 -9.37
CA TRP J 138 76.99 7.71 -10.18
C TRP J 138 75.53 7.47 -10.57
N LYS J 139 74.78 8.54 -10.69
CA LYS J 139 73.38 8.42 -11.05
C LYS J 139 72.89 9.73 -11.68
N TYR J 140 72.11 9.60 -12.75
CA TYR J 140 71.44 10.75 -13.34
C TYR J 140 70.13 10.97 -12.60
N GLU J 141 70.06 12.02 -11.80
CA GLU J 141 68.84 12.42 -11.13
C GLU J 141 68.31 13.67 -11.80
N SER J 142 66.99 13.73 -12.01
CA SER J 142 66.38 14.88 -12.65
C SER J 142 66.57 16.15 -11.85
N SER J 143 66.60 16.03 -10.51
CA SER J 143 66.78 17.21 -9.67
C SER J 143 68.20 17.76 -9.78
N THR J 144 69.19 16.89 -9.79
CA THR J 144 70.59 17.30 -9.85
C THR J 144 71.10 17.47 -11.27
N ALA J 145 70.25 17.26 -12.28
CA ALA J 145 70.70 17.30 -13.66
C ALA J 145 71.17 18.70 -14.04
N SER J 146 70.42 19.72 -13.65
CA SER J 146 70.75 21.09 -14.04
C SER J 146 72.06 21.56 -13.42
N ALA J 147 72.52 20.92 -12.35
CA ALA J 147 73.76 21.29 -11.68
C ALA J 147 74.97 20.57 -12.25
N LEU J 148 74.87 19.25 -12.43
CA LEU J 148 76.00 18.46 -12.89
C LEU J 148 76.41 18.86 -14.29
N VAL J 149 75.46 19.14 -15.16
CA VAL J 149 75.76 19.66 -16.49
C VAL J 149 75.84 21.17 -16.40
N ALA J 150 76.61 21.76 -17.31
CA ALA J 150 76.78 23.22 -17.39
C ALA J 150 77.25 23.83 -16.08
N ILE K 4 2.92 62.54 -63.51
CA ILE K 4 3.69 61.89 -62.46
C ILE K 4 4.45 60.68 -63.03
N SER K 5 3.72 59.66 -63.46
CA SER K 5 4.19 58.49 -64.21
C SER K 5 5.10 57.56 -63.40
N LEU K 6 5.47 57.93 -62.17
CA LEU K 6 6.25 57.08 -61.26
C LEU K 6 7.56 56.63 -61.89
N GLY K 7 8.27 57.57 -62.52
CA GLY K 7 9.51 57.24 -63.17
C GLY K 7 10.50 58.40 -63.19
N PRO K 8 11.78 58.08 -63.31
CA PRO K 8 12.80 59.12 -63.38
C PRO K 8 12.86 59.74 -64.76
N GLN K 9 13.62 60.83 -64.86
CA GLN K 9 13.90 61.45 -66.15
C GLN K 9 14.92 60.59 -66.88
N VAL K 10 14.60 60.19 -68.11
CA VAL K 10 15.44 59.29 -68.87
C VAL K 10 15.67 59.87 -70.26
N ALA K 11 16.78 59.47 -70.86
CA ALA K 11 17.08 59.78 -72.25
C ALA K 11 16.73 58.60 -73.13
N GLU K 12 16.53 58.89 -74.43
CA GLU K 12 16.16 57.84 -75.37
C GLU K 12 17.28 56.82 -75.54
N GLY K 13 18.53 57.28 -75.60
CA GLY K 13 19.65 56.43 -75.92
C GLY K 13 20.28 55.64 -74.80
N GLU K 14 19.73 55.71 -73.59
CA GLU K 14 20.32 55.01 -72.44
C GLU K 14 19.26 54.13 -71.78
N ASN K 15 19.74 53.26 -70.88
CA ASN K 15 18.88 52.38 -70.10
C ASN K 15 19.22 52.54 -68.63
N VAL K 16 18.19 52.66 -67.81
CA VAL K 16 18.36 52.76 -66.36
C VAL K 16 18.47 51.35 -65.79
N PHE K 17 19.38 51.18 -64.84
CA PHE K 17 19.76 49.86 -64.35
C PHE K 17 19.25 49.62 -62.94
N GLY K 18 18.57 48.49 -62.75
CA GLY K 18 18.30 47.94 -61.44
C GLY K 18 19.18 46.73 -61.20
N VAL K 19 18.94 46.07 -60.07
CA VAL K 19 19.64 44.83 -59.71
C VAL K 19 18.59 43.82 -59.28
N CYS K 20 18.60 42.66 -59.93
CA CYS K 20 17.60 41.61 -59.67
C CYS K 20 18.26 40.50 -58.85
N HIS K 21 18.20 40.63 -57.53
CA HIS K 21 18.66 39.56 -56.65
C HIS K 21 17.67 38.41 -56.68
N ILE K 22 18.05 37.30 -57.30
CA ILE K 22 17.18 36.14 -57.40
C ILE K 22 17.75 35.05 -56.51
N PHE K 23 16.88 34.46 -55.70
CA PHE K 23 17.26 33.40 -54.76
C PHE K 23 16.64 32.10 -55.26
N ALA K 24 17.35 31.41 -56.16
CA ALA K 24 16.85 30.19 -56.77
C ALA K 24 17.21 29.00 -55.89
N SER K 25 16.47 28.90 -54.79
CA SER K 25 16.62 27.77 -53.88
C SER K 25 15.76 26.60 -54.35
N PHE K 26 15.73 25.56 -53.54
CA PHE K 26 14.75 24.51 -53.71
C PHE K 26 13.53 24.83 -52.85
N ASN K 27 12.39 24.27 -53.24
CA ASN K 27 11.07 24.45 -52.63
C ASN K 27 10.51 25.85 -52.80
N ASP K 28 11.25 26.78 -53.41
CA ASP K 28 10.76 28.12 -53.72
C ASP K 28 11.78 28.79 -54.64
N THR K 29 11.37 29.93 -55.20
CA THR K 29 12.23 30.74 -56.04
C THR K 29 11.88 32.20 -55.85
N PHE K 30 12.90 33.03 -55.63
CA PHE K 30 12.73 34.48 -55.47
C PHE K 30 13.26 35.18 -56.71
N VAL K 31 12.52 36.17 -57.18
CA VAL K 31 12.92 36.94 -58.36
C VAL K 31 12.95 38.42 -57.96
N HIS K 32 13.36 38.67 -56.72
CA HIS K 32 13.40 40.03 -56.15
C HIS K 32 14.21 40.99 -57.02
N VAL K 33 13.69 42.20 -57.19
CA VAL K 33 14.34 43.24 -57.96
C VAL K 33 14.41 44.51 -57.10
N THR K 34 15.58 45.16 -57.12
CA THR K 34 15.83 46.36 -56.33
C THR K 34 16.52 47.42 -57.18
N ASP K 35 17.02 48.48 -56.55
CA ASP K 35 17.82 49.48 -57.23
C ASP K 35 19.26 48.98 -57.34
N LEU K 36 20.19 49.86 -57.73
CA LEU K 36 21.58 49.44 -57.89
C LEU K 36 22.22 49.11 -56.55
N SER K 37 22.01 49.95 -55.53
CA SER K 37 22.58 49.64 -54.22
C SER K 37 21.88 48.46 -53.58
N GLY K 38 20.60 48.28 -53.84
CA GLY K 38 19.83 47.21 -53.25
C GLY K 38 19.11 47.58 -51.97
N LYS K 39 19.39 48.75 -51.39
CA LYS K 39 18.69 49.16 -50.18
C LYS K 39 17.21 49.38 -50.46
N GLU K 40 16.87 49.98 -51.60
CA GLU K 40 15.49 50.24 -51.96
C GLU K 40 15.01 49.20 -52.97
N THR K 41 13.86 48.62 -52.71
CA THR K 41 13.32 47.52 -53.49
C THR K 41 12.24 48.00 -54.44
N ILE K 42 12.16 47.35 -55.61
CA ILE K 42 11.17 47.67 -56.61
C ILE K 42 9.93 46.81 -56.38
N CYS K 43 10.09 45.49 -56.49
CA CYS K 43 9.03 44.56 -56.18
C CYS K 43 9.65 43.20 -55.89
N ARG K 44 8.88 42.34 -55.24
CA ARG K 44 9.35 41.01 -54.88
C ARG K 44 8.16 40.05 -54.94
N VAL K 45 8.03 39.35 -56.06
CA VAL K 45 7.02 38.32 -56.23
C VAL K 45 7.71 36.97 -56.17
N THR K 46 7.13 36.04 -55.44
CA THR K 46 7.74 34.73 -55.22
C THR K 46 7.05 33.68 -56.07
N GLY K 47 7.65 32.49 -56.11
CA GLY K 47 7.01 31.37 -56.77
C GLY K 47 5.74 30.93 -56.07
N GLY K 48 5.72 31.00 -54.73
CA GLY K 48 4.59 30.51 -53.96
C GLY K 48 3.32 31.32 -54.12
N MET K 49 3.44 32.57 -54.55
CA MET K 49 2.25 33.38 -54.80
C MET K 49 1.74 33.26 -56.23
N LYS K 50 2.47 32.57 -57.10
CA LYS K 50 2.04 32.31 -58.47
C LYS K 50 1.53 30.89 -58.66
N VAL K 51 1.41 30.11 -57.59
CA VAL K 51 0.87 28.76 -57.66
C VAL K 51 0.32 28.40 -56.29
N LYS K 52 -0.81 27.69 -56.29
CA LYS K 52 -1.46 27.25 -55.06
C LYS K 52 -1.45 25.73 -54.97
N ALA K 53 -0.33 25.11 -55.35
CA ALA K 53 -0.18 23.66 -55.31
C ALA K 53 0.78 23.17 -54.25
N ASP K 54 1.75 24.02 -53.85
CA ASP K 54 2.70 23.77 -52.77
C ASP K 54 3.75 22.74 -53.17
N ARG K 55 3.58 22.12 -54.34
CA ARG K 55 4.60 21.26 -54.92
C ARG K 55 5.47 22.00 -55.93
N ASP K 56 4.92 23.01 -56.58
CA ASP K 56 5.57 23.69 -57.70
C ASP K 56 6.01 25.11 -57.33
N GLU K 57 6.22 25.38 -56.04
CA GLU K 57 6.75 26.67 -55.63
C GLU K 57 8.16 26.90 -56.19
N SER K 58 8.90 25.83 -56.46
CA SER K 58 10.22 25.91 -57.07
C SER K 58 10.21 25.47 -58.52
N SER K 59 9.04 25.26 -59.10
CA SER K 59 8.95 24.81 -60.49
C SER K 59 9.47 25.89 -61.44
N PRO K 60 10.06 25.48 -62.57
CA PRO K 60 10.45 26.47 -63.58
C PRO K 60 9.28 27.28 -64.11
N TYR K 61 8.08 26.69 -64.18
CA TYR K 61 6.91 27.43 -64.62
C TYR K 61 6.57 28.55 -63.65
N ALA K 62 6.64 28.27 -62.34
CA ALA K 62 6.33 29.30 -61.36
C ALA K 62 7.35 30.43 -61.40
N ALA K 63 8.64 30.09 -61.54
CA ALA K 63 9.66 31.12 -61.60
C ALA K 63 9.54 31.94 -62.87
N MET K 64 9.10 31.31 -63.97
CA MET K 64 8.87 32.05 -65.20
C MET K 64 7.73 33.05 -65.04
N LEU K 65 6.63 32.61 -64.42
CA LEU K 65 5.48 33.50 -64.23
C LEU K 65 5.84 34.68 -63.34
N ALA K 66 6.60 34.42 -62.27
CA ALA K 66 7.02 35.51 -61.38
C ALA K 66 7.98 36.46 -62.08
N ALA K 67 8.78 35.95 -63.01
CA ALA K 67 9.68 36.80 -63.78
C ALA K 67 8.90 37.76 -64.67
N GLN K 68 7.79 37.28 -65.26
CA GLN K 68 6.95 38.15 -66.08
C GLN K 68 6.31 39.24 -65.23
N ASP K 69 5.91 38.91 -64.00
CA ASP K 69 5.30 39.91 -63.13
C ASP K 69 6.31 40.99 -62.73
N VAL K 70 7.58 40.61 -62.60
CA VAL K 70 8.64 41.59 -62.36
C VAL K 70 8.81 42.48 -63.59
N ALA K 71 8.73 41.90 -64.78
CA ALA K 71 8.88 42.67 -66.00
C ALA K 71 7.79 43.73 -66.11
N GLN K 72 6.57 43.42 -65.67
CA GLN K 72 5.47 44.37 -65.77
C GLN K 72 5.64 45.50 -64.75
N ARG K 73 6.01 45.15 -63.52
CA ARG K 73 6.15 46.17 -62.48
C ARG K 73 7.33 47.09 -62.76
N CYS K 74 8.45 46.54 -63.23
CA CYS K 74 9.60 47.37 -63.56
C CYS K 74 9.29 48.28 -64.74
N LYS K 75 8.57 47.78 -65.74
CA LYS K 75 8.20 48.60 -66.89
C LYS K 75 7.30 49.76 -66.47
N GLU K 76 6.36 49.50 -65.56
CA GLU K 76 5.44 50.55 -65.14
C GLU K 76 6.04 51.44 -64.05
N LEU K 77 7.26 51.15 -63.59
CA LEU K 77 7.98 52.02 -62.68
C LEU K 77 9.18 52.69 -63.32
N GLY K 78 9.47 52.39 -64.58
CA GLY K 78 10.55 53.05 -65.29
C GLY K 78 11.91 52.41 -65.10
N ILE K 79 12.00 51.10 -65.36
CA ILE K 79 13.25 50.37 -65.32
C ILE K 79 13.36 49.55 -66.60
N THR K 80 14.52 49.60 -67.24
CA THR K 80 14.72 48.98 -68.54
C THR K 80 15.83 47.94 -68.59
N ALA K 81 16.74 47.92 -67.61
CA ALA K 81 17.84 46.99 -67.58
C ALA K 81 18.03 46.46 -66.17
N LEU K 82 18.69 45.32 -66.05
CA LEU K 82 18.88 44.66 -64.76
C LEU K 82 20.27 44.07 -64.66
N HIS K 83 20.79 44.02 -63.43
CA HIS K 83 21.99 43.28 -63.10
C HIS K 83 21.56 42.09 -62.23
N ILE K 84 21.57 40.90 -62.81
CA ILE K 84 21.05 39.72 -62.15
C ILE K 84 22.08 39.20 -61.15
N LYS K 85 21.65 39.01 -59.90
CA LYS K 85 22.52 38.51 -58.84
C LYS K 85 21.94 37.18 -58.34
N LEU K 86 22.49 36.09 -58.84
CA LEU K 86 22.05 34.76 -58.47
C LEU K 86 22.52 34.39 -57.07
N ARG K 87 21.69 33.60 -56.37
CA ARG K 87 22.03 33.14 -55.03
C ARG K 87 21.35 31.79 -54.80
N ALA K 88 22.16 30.78 -54.48
CA ALA K 88 21.64 29.49 -54.05
C ALA K 88 21.39 29.52 -52.56
N THR K 89 21.09 28.37 -51.96
CA THR K 89 20.79 28.33 -50.53
C THR K 89 22.00 28.75 -49.69
N GLY K 90 23.19 28.32 -50.11
CA GLY K 90 24.41 28.79 -49.47
C GLY K 90 24.65 28.17 -48.11
N GLY K 91 25.63 28.74 -47.41
CA GLY K 91 26.03 28.19 -46.12
C GLY K 91 26.66 26.82 -46.30
N ASN K 92 26.38 25.94 -45.36
CA ASN K 92 26.76 24.53 -45.51
C ASN K 92 25.76 23.75 -46.34
N ARG K 93 24.68 24.40 -46.79
CA ARG K 93 23.64 23.75 -47.56
C ARG K 93 24.04 23.73 -49.03
N THR K 94 23.08 23.42 -49.90
CA THR K 94 23.36 23.24 -51.32
C THR K 94 23.80 24.56 -51.96
N LYS K 95 24.79 24.46 -52.85
CA LYS K 95 25.28 25.60 -53.61
C LYS K 95 24.79 25.61 -55.04
N THR K 96 24.05 24.59 -55.47
CA THR K 96 23.50 24.53 -56.81
C THR K 96 22.14 25.24 -56.82
N PRO K 97 21.96 26.28 -57.62
CA PRO K 97 20.64 26.88 -57.75
C PRO K 97 19.65 25.91 -58.39
N GLY K 98 18.39 26.01 -57.97
CA GLY K 98 17.38 25.09 -58.39
C GLY K 98 16.96 25.33 -59.84
N PRO K 99 15.95 24.57 -60.27
CA PRO K 99 15.47 24.73 -61.66
C PRO K 99 14.87 26.09 -61.96
N GLY K 100 14.51 26.86 -60.94
CA GLY K 100 13.91 28.17 -61.18
C GLY K 100 14.90 29.22 -61.63
N ALA K 101 16.20 28.93 -61.57
CA ALA K 101 17.21 29.91 -61.97
C ALA K 101 17.16 30.14 -63.48
N GLN K 102 17.13 29.05 -64.26
CA GLN K 102 17.18 29.17 -65.71
C GLN K 102 15.93 29.84 -66.25
N SER K 103 14.76 29.48 -65.72
CA SER K 103 13.51 29.97 -66.28
C SER K 103 13.31 31.44 -65.96
N ALA K 104 13.56 31.85 -64.72
CA ALA K 104 13.38 33.25 -64.33
C ALA K 104 14.36 34.15 -65.07
N LEU K 105 15.62 33.72 -65.19
CA LEU K 105 16.62 34.51 -65.90
C LEU K 105 16.27 34.63 -67.39
N ARG K 106 15.82 33.53 -67.99
CA ARG K 106 15.47 33.56 -69.42
C ARG K 106 14.25 34.43 -69.68
N ALA K 107 13.25 34.37 -68.80
CA ALA K 107 12.01 35.11 -69.03
C ALA K 107 12.21 36.61 -68.87
N LEU K 108 13.16 37.02 -68.02
CA LEU K 108 13.42 38.45 -67.84
C LEU K 108 13.93 39.09 -69.12
N ALA K 109 14.83 38.41 -69.82
CA ALA K 109 15.36 38.97 -71.07
C ALA K 109 14.34 38.88 -72.19
N ARG K 110 13.58 37.78 -72.25
CA ARG K 110 12.61 37.59 -73.31
C ARG K 110 11.38 38.49 -73.16
N SER K 111 11.11 38.98 -71.96
CA SER K 111 9.98 39.87 -71.74
C SER K 111 10.27 41.31 -72.16
N GLY K 112 11.43 41.58 -72.75
CA GLY K 112 11.71 42.91 -73.26
C GLY K 112 12.52 43.75 -72.30
N MET K 113 13.44 43.13 -71.56
CA MET K 113 14.26 43.81 -70.59
C MET K 113 15.72 43.43 -70.80
N LYS K 114 16.60 44.39 -70.51
CA LYS K 114 18.01 44.22 -70.82
C LYS K 114 18.74 43.52 -69.68
N ILE K 115 19.82 42.83 -70.03
CA ILE K 115 20.64 42.08 -69.09
C ILE K 115 22.05 42.63 -69.15
N GLY K 116 22.61 42.96 -68.00
CA GLY K 116 23.96 43.51 -67.95
C GLY K 116 24.97 42.54 -67.38
N ARG K 117 25.42 42.80 -66.16
CA ARG K 117 26.37 41.94 -65.47
C ARG K 117 25.62 40.97 -64.56
N ILE K 118 26.05 39.71 -64.57
CA ILE K 118 25.47 38.67 -63.74
C ILE K 118 26.53 38.20 -62.76
N GLU K 119 26.23 38.31 -61.47
CA GLU K 119 27.18 38.03 -60.41
C GLU K 119 26.55 37.06 -59.42
N ASP K 120 27.40 36.33 -58.70
CA ASP K 120 26.95 35.33 -57.75
C ASP K 120 27.15 35.85 -56.33
N VAL K 121 26.08 35.79 -55.53
CA VAL K 121 26.13 36.19 -54.13
C VAL K 121 25.72 35.02 -53.25
N THR K 122 25.95 33.80 -53.75
CA THR K 122 25.68 32.62 -52.96
C THR K 122 26.60 32.60 -51.75
N PRO K 123 26.08 32.45 -50.54
CA PRO K 123 26.96 32.39 -49.35
C PRO K 123 27.90 31.22 -49.39
N ILE K 124 29.18 31.48 -49.56
CA ILE K 124 30.21 30.44 -49.60
C ILE K 124 31.11 30.63 -48.39
N PRO K 125 30.85 29.89 -47.31
CA PRO K 125 31.65 30.08 -46.08
C PRO K 125 33.08 29.62 -46.29
N SER K 126 33.98 30.25 -45.55
CA SER K 126 35.30 29.66 -45.36
C SER K 126 35.15 28.30 -44.70
N ASP K 127 34.66 28.27 -43.48
CA ASP K 127 34.27 27.02 -42.84
C ASP K 127 33.07 27.31 -41.94
N SER K 128 31.98 26.61 -42.20
CA SER K 128 30.71 26.90 -41.55
C SER K 128 30.58 26.11 -40.27
N THR K 129 29.39 26.14 -39.68
CA THR K 129 29.09 25.36 -38.48
C THR K 129 28.75 23.92 -38.89
N ARG K 130 28.25 23.13 -37.95
CA ARG K 130 27.87 21.76 -38.25
C ARG K 130 26.61 21.74 -39.08
N ARG K 131 26.61 20.92 -40.13
CA ARG K 131 25.45 20.79 -41.01
C ARG K 131 24.38 19.91 -40.36
N LYS K 132 23.13 20.31 -40.52
CA LYS K 132 22.02 19.56 -39.93
C LYS K 132 21.84 18.23 -40.66
N GLY K 133 21.60 17.17 -39.88
CA GLY K 133 21.30 15.87 -40.45
C GLY K 133 21.92 14.70 -39.71
N GLY K 134 23.01 14.94 -39.00
CA GLY K 134 23.73 13.88 -38.34
C GLY K 134 24.81 13.28 -39.21
N ARG K 135 25.74 12.59 -38.57
CA ARG K 135 26.89 12.04 -39.28
C ARG K 135 26.51 10.86 -40.17
N ARG K 136 25.38 10.22 -39.93
CA ARG K 136 24.90 9.16 -40.81
C ARG K 136 24.03 9.68 -41.93
N GLY K 137 23.79 10.98 -41.98
CA GLY K 137 23.07 11.56 -43.09
C GLY K 137 21.56 11.44 -42.97
N ARG K 138 20.89 11.84 -44.04
CA ARG K 138 19.45 11.80 -44.15
C ARG K 138 19.08 10.50 -44.86
N ARG K 139 18.73 9.48 -44.08
CA ARG K 139 18.47 8.15 -44.64
C ARG K 139 17.21 8.16 -45.48
N LEU K 140 17.32 7.62 -46.69
CA LEU K 140 16.18 7.46 -47.58
C LEU K 140 16.29 6.16 -48.38
N MET L 1 73.19 -43.91 -61.07
CA MET L 1 73.85 -44.87 -61.95
C MET L 1 75.19 -45.29 -61.38
N GLN L 2 75.88 -46.18 -62.10
CA GLN L 2 77.25 -46.61 -61.78
C GLN L 2 77.32 -47.23 -60.39
N ASN L 3 76.69 -48.40 -60.28
CA ASN L 3 76.71 -49.19 -59.06
C ASN L 3 78.11 -49.68 -58.74
N ASP L 4 78.26 -50.42 -57.62
CA ASP L 4 79.59 -50.81 -57.17
C ASP L 4 80.31 -51.70 -58.16
N ALA L 5 79.58 -52.47 -58.96
CA ALA L 5 80.21 -53.30 -59.98
C ALA L 5 80.71 -52.50 -61.17
N GLY L 6 80.21 -51.28 -61.35
CA GLY L 6 80.72 -50.36 -62.34
C GLY L 6 79.77 -50.05 -63.48
N GLU L 7 78.77 -50.89 -63.73
CA GLU L 7 77.91 -50.69 -64.88
C GLU L 7 76.97 -49.50 -64.67
N PHE L 8 76.70 -48.78 -65.75
CA PHE L 8 75.82 -47.61 -65.72
C PHE L 8 74.38 -48.12 -65.79
N VAL L 9 73.80 -48.39 -64.63
CA VAL L 9 72.42 -48.87 -64.56
C VAL L 9 71.53 -47.63 -64.51
N ASP L 10 71.27 -47.08 -65.69
CA ASP L 10 70.40 -45.93 -65.85
C ASP L 10 69.88 -45.95 -67.26
N LEU L 11 68.58 -45.69 -67.42
CA LEU L 11 67.95 -45.83 -68.73
C LEU L 11 68.33 -44.68 -69.68
N TYR L 12 68.63 -43.49 -69.16
CA TYR L 12 69.18 -42.43 -69.99
C TYR L 12 69.87 -41.42 -69.09
N VAL L 13 70.56 -40.48 -69.72
CA VAL L 13 71.20 -39.38 -69.01
C VAL L 13 70.67 -38.06 -69.56
N PRO L 14 69.94 -37.27 -68.77
CA PRO L 14 69.32 -36.05 -69.31
C PRO L 14 70.36 -34.97 -69.59
N ARG L 15 69.89 -33.93 -70.29
CA ARG L 15 70.72 -32.80 -70.67
C ARG L 15 70.84 -31.80 -69.53
N LYS L 16 71.76 -30.85 -69.69
CA LYS L 16 71.97 -29.78 -68.74
C LYS L 16 72.04 -28.46 -69.49
N CYS L 17 71.35 -27.44 -68.96
CA CYS L 17 71.32 -26.13 -69.60
C CYS L 17 72.72 -25.52 -69.64
N SER L 18 73.05 -24.89 -70.77
CA SER L 18 74.37 -24.32 -70.95
C SER L 18 74.59 -23.06 -70.12
N ALA L 19 73.53 -22.47 -69.55
CA ALA L 19 73.64 -21.25 -68.77
C ALA L 19 73.61 -21.53 -67.27
N SER L 20 72.54 -22.14 -66.78
CA SER L 20 72.35 -22.37 -65.35
C SER L 20 72.79 -23.75 -64.90
N ASN L 21 73.20 -24.62 -65.83
CA ASN L 21 73.67 -25.97 -65.51
C ASN L 21 72.62 -26.77 -64.74
N ARG L 22 71.35 -26.58 -65.09
CA ARG L 22 70.25 -27.29 -64.47
C ARG L 22 69.73 -28.38 -65.40
N ILE L 23 69.20 -29.44 -64.81
CA ILE L 23 68.76 -30.59 -65.60
C ILE L 23 67.53 -30.22 -66.41
N ILE L 24 67.57 -30.53 -67.71
CA ILE L 24 66.44 -30.31 -68.60
C ILE L 24 65.44 -31.44 -68.33
N GLY L 25 64.35 -31.11 -67.63
CA GLY L 25 63.34 -32.12 -67.34
C GLY L 25 62.66 -32.63 -68.59
N ALA L 26 62.18 -33.87 -68.51
CA ALA L 26 61.54 -34.50 -69.67
C ALA L 26 60.25 -33.77 -70.06
N LYS L 27 59.62 -33.08 -69.11
CA LYS L 27 58.36 -32.38 -69.36
C LYS L 27 58.55 -30.87 -69.46
N ASP L 28 59.76 -30.42 -69.77
CA ASP L 28 60.03 -28.99 -69.94
C ASP L 28 59.86 -28.65 -71.41
N HIS L 29 58.63 -28.27 -71.78
CA HIS L 29 58.32 -28.00 -73.17
C HIS L 29 58.70 -26.60 -73.62
N ALA L 30 59.26 -25.79 -72.73
CA ALA L 30 59.79 -24.49 -73.13
C ALA L 30 61.28 -24.52 -73.40
N SER L 31 61.99 -25.48 -72.81
CA SER L 31 63.43 -25.59 -73.00
C SER L 31 63.77 -25.86 -74.46
N ILE L 32 64.83 -25.24 -74.94
CA ILE L 32 65.21 -25.32 -76.35
C ILE L 32 66.63 -25.86 -76.47
N GLN L 33 66.92 -26.41 -77.64
CA GLN L 33 68.28 -26.74 -78.05
C GLN L 33 68.46 -26.27 -79.48
N MET L 34 69.48 -25.47 -79.71
CA MET L 34 69.70 -24.86 -81.02
C MET L 34 71.12 -25.10 -81.47
N ASN L 35 71.33 -25.00 -82.79
CA ASN L 35 72.62 -25.18 -83.40
C ASN L 35 73.11 -23.86 -83.98
N VAL L 36 74.40 -23.59 -83.83
CA VAL L 36 75.05 -22.44 -84.42
C VAL L 36 76.07 -22.96 -85.44
N ALA L 37 75.88 -22.60 -86.70
CA ALA L 37 76.68 -23.13 -87.79
C ALA L 37 77.89 -22.23 -87.99
N GLU L 38 79.06 -22.73 -87.61
CA GLU L 38 80.29 -21.97 -87.83
C GLU L 38 80.68 -22.00 -89.31
N VAL L 39 81.53 -21.06 -89.68
CA VAL L 39 82.07 -20.99 -91.03
C VAL L 39 83.57 -21.18 -90.97
N ASP L 40 84.17 -21.43 -92.13
CA ASP L 40 85.62 -21.58 -92.21
C ASP L 40 86.29 -20.20 -92.17
N LYS L 41 87.62 -20.21 -92.09
CA LYS L 41 88.36 -18.96 -91.95
C LYS L 41 88.43 -18.17 -93.25
N VAL L 42 88.27 -18.82 -94.39
CA VAL L 42 88.60 -18.19 -95.66
C VAL L 42 87.40 -17.56 -96.35
N THR L 43 86.37 -18.36 -96.65
CA THR L 43 85.28 -17.91 -97.51
C THR L 43 83.99 -17.60 -96.76
N GLY L 44 83.90 -17.94 -95.48
CA GLY L 44 82.68 -17.67 -94.74
C GLY L 44 81.48 -18.46 -95.22
N ARG L 45 81.68 -19.71 -95.59
CA ARG L 45 80.62 -20.58 -96.07
C ARG L 45 80.31 -21.65 -95.04
N PHE L 46 79.19 -22.33 -95.23
CA PHE L 46 78.81 -23.42 -94.35
C PHE L 46 79.79 -24.58 -94.51
N ASN L 47 80.32 -25.06 -93.39
CA ASN L 47 81.32 -26.12 -93.39
C ASN L 47 80.74 -27.46 -92.96
N GLY L 48 79.42 -27.56 -92.86
CA GLY L 48 78.78 -28.81 -92.49
C GLY L 48 78.55 -28.99 -91.00
N GLN L 49 79.63 -29.14 -90.24
CA GLN L 49 79.52 -29.33 -88.81
C GLN L 49 79.19 -28.01 -88.12
N PHE L 50 78.72 -28.11 -86.87
CA PHE L 50 78.26 -26.95 -86.14
C PHE L 50 78.54 -27.17 -84.65
N LYS L 51 77.92 -26.33 -83.82
CA LYS L 51 78.00 -26.43 -82.37
C LYS L 51 76.61 -26.28 -81.79
N THR L 52 76.39 -26.87 -80.62
CA THR L 52 75.06 -26.99 -80.05
C THR L 52 75.02 -26.43 -78.63
N TYR L 53 73.96 -25.67 -78.33
CA TYR L 53 73.70 -25.16 -76.99
C TYR L 53 72.32 -25.61 -76.54
N ALA L 54 72.08 -25.51 -75.24
CA ALA L 54 70.78 -25.81 -74.65
C ALA L 54 70.43 -24.72 -73.65
N ILE L 55 69.13 -24.42 -73.54
CA ILE L 55 68.62 -23.44 -72.59
C ILE L 55 67.41 -24.04 -71.90
N CYS L 56 67.44 -24.08 -70.57
CA CYS L 56 66.30 -24.55 -69.80
C CYS L 56 65.19 -23.51 -69.81
N GLY L 57 63.97 -23.97 -69.50
CA GLY L 57 62.82 -23.08 -69.57
C GLY L 57 62.90 -21.92 -68.61
N ALA L 58 63.51 -22.14 -67.45
CA ALA L 58 63.60 -21.08 -66.43
C ALA L 58 64.41 -19.89 -66.94
N ILE L 59 65.53 -20.16 -67.61
CA ILE L 59 66.36 -19.08 -68.11
C ILE L 59 65.65 -18.32 -69.22
N ARG L 60 65.06 -19.04 -70.16
CA ARG L 60 64.36 -18.42 -71.29
C ARG L 60 62.92 -18.06 -70.96
N ARG L 61 62.56 -17.95 -69.68
CA ARG L 61 61.29 -17.37 -69.28
C ARG L 61 61.48 -16.03 -68.59
N MET L 62 62.56 -15.88 -67.82
CA MET L 62 62.92 -14.60 -67.24
C MET L 62 63.65 -13.70 -68.23
N GLY L 63 63.96 -14.20 -69.42
CA GLY L 63 64.52 -13.38 -70.47
C GLY L 63 66.02 -13.42 -70.63
N GLU L 64 66.72 -14.31 -69.92
CA GLU L 64 68.17 -14.33 -69.95
C GLU L 64 68.76 -15.26 -70.99
N SER L 65 67.92 -15.91 -71.80
CA SER L 65 68.45 -16.74 -72.88
C SER L 65 69.14 -15.90 -73.94
N ASP L 66 68.70 -14.65 -74.12
CA ASP L 66 69.36 -13.76 -75.06
C ASP L 66 70.79 -13.48 -74.64
N ASP L 67 71.00 -13.21 -73.36
CA ASP L 67 72.35 -12.98 -72.86
C ASP L 67 73.17 -14.26 -72.88
N SER L 68 72.54 -15.39 -72.55
CA SER L 68 73.28 -16.64 -72.40
C SER L 68 73.78 -17.16 -73.75
N ILE L 69 72.96 -17.06 -74.78
CA ILE L 69 73.38 -17.54 -76.10
C ILE L 69 74.54 -16.70 -76.62
N LEU L 70 74.46 -15.37 -76.44
CA LEU L 70 75.56 -14.50 -76.84
C LEU L 70 76.83 -14.80 -76.05
N ARG L 71 76.68 -15.01 -74.74
CA ARG L 71 77.85 -15.23 -73.88
C ARG L 71 78.53 -16.57 -74.19
N LEU L 72 77.75 -17.63 -74.41
CA LEU L 72 78.33 -18.90 -74.78
C LEU L 72 79.06 -18.80 -76.11
N ALA L 73 78.47 -18.09 -77.09
CA ALA L 73 79.13 -17.90 -78.37
C ALA L 73 80.41 -17.09 -78.21
N LYS L 74 80.42 -16.15 -77.27
CA LYS L 74 81.64 -15.38 -77.00
C LYS L 74 82.75 -16.29 -76.51
N ALA L 75 82.43 -17.22 -75.60
CA ALA L 75 83.43 -18.13 -75.07
C ALA L 75 83.89 -19.13 -76.13
N ASP L 76 83.06 -19.38 -77.14
CA ASP L 76 83.40 -20.29 -78.22
C ASP L 76 84.05 -19.59 -79.42
N GLY L 77 84.23 -18.27 -79.34
CA GLY L 77 84.91 -17.54 -80.38
C GLY L 77 84.07 -17.22 -81.61
N ILE L 78 82.78 -17.53 -81.59
CA ILE L 78 81.91 -17.20 -82.72
C ILE L 78 81.79 -15.68 -82.86
N VAL L 79 81.56 -15.00 -81.76
CA VAL L 79 81.43 -13.56 -81.74
C VAL L 79 82.82 -12.95 -81.63
N SER L 80 83.01 -11.79 -82.27
CA SER L 80 84.27 -11.08 -82.16
C SER L 80 84.51 -10.63 -80.73
N LYS L 81 85.79 -10.58 -80.34
CA LYS L 81 86.14 -10.19 -78.98
C LYS L 81 85.88 -8.71 -78.71
N ASN L 82 85.71 -7.90 -79.75
CA ASN L 82 85.46 -6.48 -79.61
C ASN L 82 83.99 -6.13 -79.52
N PHE L 83 83.16 -7.07 -79.06
CA PHE L 83 81.73 -6.85 -78.92
C PHE L 83 81.44 -5.77 -77.88
N VAL M 1 69.32 -6.69 -35.41
CA VAL M 1 70.59 -6.46 -36.08
C VAL M 1 71.13 -7.77 -36.63
N ARG M 2 72.22 -7.70 -37.39
CA ARG M 2 72.87 -8.90 -37.87
C ARG M 2 73.60 -9.59 -36.73
N MET M 3 73.24 -10.85 -36.47
CA MET M 3 73.80 -11.60 -35.36
C MET M 3 74.52 -12.87 -35.77
N ASN M 4 74.15 -13.50 -36.89
CA ASN M 4 74.82 -14.69 -37.40
C ASN M 4 75.33 -14.35 -38.79
N VAL M 5 76.61 -13.99 -38.87
CA VAL M 5 77.20 -13.55 -40.13
C VAL M 5 77.24 -14.71 -41.12
N LEU M 6 77.57 -15.90 -40.65
CA LEU M 6 77.60 -17.07 -41.53
C LEU M 6 76.22 -17.38 -42.09
N ALA M 7 75.18 -17.25 -41.26
CA ALA M 7 73.82 -17.52 -41.72
C ALA M 7 73.40 -16.54 -42.81
N ASP M 8 73.75 -15.26 -42.64
CA ASP M 8 73.40 -14.26 -43.64
C ASP M 8 74.11 -14.52 -44.96
N ALA M 9 75.38 -14.93 -44.90
CA ALA M 9 76.13 -15.19 -46.12
C ALA M 9 75.61 -16.43 -46.84
N LEU M 10 75.34 -17.49 -46.10
CA LEU M 10 74.85 -18.72 -46.71
C LEU M 10 73.49 -18.51 -47.38
N LYS M 11 72.63 -17.71 -46.75
CA LYS M 11 71.35 -17.38 -47.37
C LYS M 11 71.56 -16.58 -48.65
N SER M 12 72.53 -15.66 -48.65
CA SER M 12 72.76 -14.82 -49.82
C SER M 12 73.22 -15.64 -51.01
N ILE M 13 74.14 -16.57 -50.78
CA ILE M 13 74.60 -17.41 -51.89
C ILE M 13 73.59 -18.49 -52.23
N ASN M 14 72.62 -18.76 -51.34
CA ASN M 14 71.53 -19.65 -51.68
C ASN M 14 70.55 -18.99 -52.62
N ASN M 15 70.26 -17.71 -52.40
CA ASN M 15 69.29 -16.99 -53.22
C ASN M 15 69.81 -16.79 -54.64
N ALA M 16 71.06 -16.35 -54.77
CA ALA M 16 71.62 -16.10 -56.10
C ALA M 16 71.73 -17.40 -56.89
N GLU M 17 72.14 -18.48 -56.24
CA GLU M 17 72.24 -19.77 -56.91
C GLU M 17 70.87 -20.27 -57.37
N LYS M 18 69.82 -19.93 -56.62
CA LYS M 18 68.46 -20.26 -57.06
C LYS M 18 68.06 -19.40 -58.25
N ARG M 19 68.58 -18.19 -58.32
CA ARG M 19 68.26 -17.27 -59.41
C ARG M 19 69.13 -17.49 -60.64
N GLY M 20 70.06 -18.45 -60.61
CA GLY M 20 70.91 -18.70 -61.74
C GLY M 20 72.02 -17.69 -61.94
N LYS M 21 72.36 -16.92 -60.91
CA LYS M 21 73.45 -15.97 -61.00
C LYS M 21 74.79 -16.70 -61.11
N ARG M 22 75.78 -15.99 -61.64
CA ARG M 22 77.13 -16.54 -61.81
C ARG M 22 78.10 -16.09 -60.73
N GLN M 23 77.96 -14.85 -60.25
CA GLN M 23 78.82 -14.32 -59.21
C GLN M 23 77.96 -13.65 -58.14
N VAL M 24 78.24 -13.97 -56.88
CA VAL M 24 77.48 -13.46 -55.75
C VAL M 24 78.45 -12.85 -54.75
N LEU M 25 78.04 -11.74 -54.13
CA LEU M 25 78.84 -11.05 -53.14
C LEU M 25 78.17 -11.17 -51.77
N ILE M 26 78.98 -11.49 -50.76
CA ILE M 26 78.56 -11.46 -49.37
C ILE M 26 79.39 -10.42 -48.63
N ARG M 27 78.70 -9.48 -47.98
CA ARG M 27 79.39 -8.29 -47.47
C ARG M 27 80.26 -8.59 -46.25
N PRO M 28 79.75 -9.19 -45.15
CA PRO M 28 80.64 -9.45 -44.01
C PRO M 28 81.34 -10.79 -44.13
N CYS M 29 82.67 -10.77 -44.13
CA CYS M 29 83.48 -11.98 -44.21
C CYS M 29 84.03 -12.34 -42.83
N SER M 30 84.13 -13.64 -42.58
CA SER M 30 84.69 -14.15 -41.33
C SER M 30 85.43 -15.45 -41.64
N LYS M 31 86.20 -15.91 -40.66
CA LYS M 31 86.97 -17.14 -40.83
C LYS M 31 86.05 -18.33 -41.04
N VAL M 32 84.96 -18.41 -40.28
CA VAL M 32 84.03 -19.53 -40.42
C VAL M 32 83.38 -19.52 -41.79
N ILE M 33 83.18 -18.34 -42.36
CA ILE M 33 82.64 -18.25 -43.72
C ILE M 33 83.63 -18.81 -44.71
N VAL M 34 84.89 -18.39 -44.61
CA VAL M 34 85.90 -18.80 -45.58
C VAL M 34 86.16 -20.30 -45.49
N ARG M 35 86.20 -20.83 -44.26
CA ARG M 35 86.40 -22.26 -44.09
C ARG M 35 85.20 -23.06 -44.61
N PHE M 36 83.99 -22.52 -44.43
CA PHE M 36 82.81 -23.16 -44.99
C PHE M 36 82.85 -23.18 -46.51
N LEU M 37 83.30 -22.08 -47.13
CA LEU M 37 83.44 -22.05 -48.57
C LEU M 37 84.55 -22.97 -49.03
N THR M 38 85.60 -23.13 -48.21
CA THR M 38 86.74 -23.96 -48.59
C THR M 38 86.34 -25.42 -48.73
N VAL M 39 85.57 -25.95 -47.78
CA VAL M 39 85.15 -27.33 -47.88
C VAL M 39 84.14 -27.52 -49.00
N MET M 40 83.44 -26.47 -49.41
CA MET M 40 82.60 -26.56 -50.59
C MET M 40 83.44 -26.72 -51.85
N MET M 41 84.60 -26.03 -51.91
CA MET M 41 85.46 -26.14 -53.07
C MET M 41 86.03 -27.54 -53.23
N LYS M 42 86.39 -28.18 -52.11
CA LYS M 42 86.98 -29.51 -52.18
C LYS M 42 86.02 -30.55 -52.71
N HIS M 43 84.71 -30.27 -52.69
CA HIS M 43 83.71 -31.15 -53.29
C HIS M 43 83.15 -30.58 -54.58
N GLY M 44 83.65 -29.43 -55.04
CA GLY M 44 83.31 -28.90 -56.34
C GLY M 44 82.02 -28.12 -56.40
N TYR M 45 81.32 -27.92 -55.28
CA TYR M 45 80.03 -27.25 -55.31
C TYR M 45 80.13 -25.78 -55.72
N ILE M 46 81.30 -25.16 -55.59
CA ILE M 46 81.49 -23.78 -55.98
C ILE M 46 82.80 -23.64 -56.73
N GLY M 47 82.94 -22.54 -57.43
CA GLY M 47 84.16 -22.21 -58.15
C GLY M 47 85.09 -21.34 -57.33
N GLU M 48 85.95 -20.61 -58.03
CA GLU M 48 86.90 -19.73 -57.36
C GLU M 48 86.17 -18.62 -56.61
N PHE M 49 86.58 -18.40 -55.37
CA PHE M 49 86.05 -17.29 -54.59
C PHE M 49 87.22 -16.45 -54.09
N GLU M 50 87.00 -15.14 -53.99
CA GLU M 50 88.04 -14.20 -53.63
C GLU M 50 87.54 -13.30 -52.51
N ILE M 51 88.48 -12.85 -51.67
CA ILE M 51 88.18 -11.98 -50.55
C ILE M 51 88.76 -10.60 -50.85
N ILE M 52 87.91 -9.59 -50.90
CA ILE M 52 88.37 -8.22 -51.05
C ILE M 52 88.69 -7.69 -49.64
N ASP M 53 89.98 -7.62 -49.32
CA ASP M 53 90.43 -7.33 -47.96
C ASP M 53 90.50 -5.83 -47.75
N ASP M 54 89.40 -5.23 -47.30
CA ASP M 54 89.44 -3.88 -46.79
C ASP M 54 89.85 -3.92 -45.32
N HIS M 55 90.06 -2.73 -44.75
CA HIS M 55 90.43 -2.66 -43.34
C HIS M 55 89.25 -2.85 -42.41
N ARG M 56 88.04 -2.89 -42.95
CA ARG M 56 86.86 -3.34 -42.22
C ARG M 56 86.75 -4.86 -42.39
N ALA M 57 85.59 -5.42 -42.04
CA ALA M 57 85.30 -6.79 -42.41
C ALA M 57 85.19 -6.88 -43.94
N GLY M 58 86.07 -7.67 -44.55
CA GLY M 58 86.15 -7.73 -45.98
C GLY M 58 84.92 -8.39 -46.60
N LYS M 59 84.88 -8.37 -47.93
CA LYS M 59 83.81 -8.99 -48.68
C LYS M 59 84.33 -10.21 -49.43
N ILE M 60 83.40 -11.02 -49.93
CA ILE M 60 83.74 -12.23 -50.67
C ILE M 60 82.88 -12.30 -51.92
N VAL M 61 83.51 -12.59 -53.06
CA VAL M 61 82.80 -12.81 -54.32
C VAL M 61 83.05 -14.25 -54.74
N VAL M 62 81.97 -15.01 -54.92
CA VAL M 62 82.04 -16.45 -55.17
C VAL M 62 81.50 -16.74 -56.56
N ASN M 63 82.25 -17.52 -57.33
CA ASN M 63 81.77 -18.07 -58.59
C ASN M 63 80.86 -19.25 -58.29
N LEU M 64 79.69 -19.28 -58.93
CA LEU M 64 78.70 -20.31 -58.72
C LEU M 64 78.71 -21.25 -59.92
N THR M 65 79.18 -22.48 -59.70
CA THR M 65 79.21 -23.48 -60.76
C THR M 65 77.83 -23.98 -61.15
N GLY M 66 76.79 -23.63 -60.38
CA GLY M 66 75.44 -23.99 -60.74
C GLY M 66 75.00 -25.39 -60.34
N ARG M 67 75.82 -26.11 -59.57
CA ARG M 67 75.51 -27.47 -59.17
C ARG M 67 75.07 -27.57 -57.73
N LEU M 68 74.61 -26.47 -57.14
CA LEU M 68 74.16 -26.43 -55.76
C LEU M 68 72.64 -26.55 -55.70
N ASN M 69 72.15 -27.11 -54.59
CA ASN M 69 70.73 -27.22 -54.34
C ASN M 69 70.28 -26.40 -53.14
N LYS M 70 70.90 -26.60 -51.99
CA LYS M 70 70.59 -25.83 -50.79
C LYS M 70 71.84 -25.79 -49.93
N CYS M 71 72.12 -24.62 -49.36
CA CYS M 71 73.31 -24.40 -48.54
C CYS M 71 72.94 -23.67 -47.26
N GLY M 72 71.90 -24.15 -46.59
CA GLY M 72 71.39 -23.50 -45.40
C GLY M 72 72.30 -23.66 -44.19
N VAL M 73 71.81 -23.16 -43.07
CA VAL M 73 72.57 -23.11 -41.83
C VAL M 73 71.72 -23.73 -40.72
N ILE M 74 72.38 -24.11 -39.64
CA ILE M 74 71.72 -24.52 -38.40
C ILE M 74 72.19 -23.53 -37.34
N SER M 75 71.43 -22.45 -37.16
CA SER M 75 71.93 -21.31 -36.39
C SER M 75 72.21 -21.62 -34.93
N PRO M 76 71.31 -22.28 -34.17
CA PRO M 76 71.73 -22.73 -32.83
C PRO M 76 72.75 -23.84 -32.98
N ARG M 77 74.01 -23.54 -32.66
CA ARG M 77 75.12 -24.45 -32.92
C ARG M 77 75.10 -25.56 -31.86
N PHE M 78 74.29 -26.57 -32.13
CA PHE M 78 74.11 -27.68 -31.21
C PHE M 78 75.37 -28.53 -31.13
N ASP M 79 75.61 -29.07 -29.93
CA ASP M 79 76.68 -30.02 -29.73
C ASP M 79 76.27 -31.36 -30.32
N VAL M 80 77.06 -31.85 -31.28
CA VAL M 80 76.78 -33.10 -31.97
C VAL M 80 77.88 -34.09 -31.66
N GLN M 81 77.49 -35.28 -31.23
CA GLN M 81 78.42 -36.36 -30.90
C GLN M 81 78.47 -37.37 -32.02
N LEU M 82 79.36 -38.35 -31.89
CA LEU M 82 79.47 -39.39 -32.90
C LEU M 82 78.31 -40.38 -32.83
N LYS M 83 77.72 -40.58 -31.66
CA LYS M 83 76.65 -41.55 -31.51
C LYS M 83 75.33 -41.07 -32.09
N ASP M 84 75.19 -39.77 -32.37
CA ASP M 84 73.97 -39.24 -32.95
C ASP M 84 74.21 -38.48 -34.25
N LEU M 85 75.40 -38.61 -34.84
CA LEU M 85 75.68 -37.92 -36.10
C LEU M 85 74.78 -38.43 -37.22
N GLU M 86 74.55 -39.75 -37.27
CA GLU M 86 73.70 -40.31 -38.30
C GLU M 86 72.26 -39.82 -38.18
N LYS M 87 71.83 -39.44 -36.97
CA LYS M 87 70.51 -38.87 -36.81
C LYS M 87 70.44 -37.46 -37.41
N TRP M 88 71.54 -36.73 -37.39
CA TRP M 88 71.57 -35.45 -38.09
C TRP M 88 71.68 -35.66 -39.60
N GLN M 89 72.30 -36.76 -40.01
CA GLN M 89 72.51 -37.01 -41.44
C GLN M 89 71.20 -37.27 -42.15
N ASN M 90 70.37 -38.15 -41.61
CA ASN M 90 69.11 -38.46 -42.26
C ASN M 90 68.04 -37.42 -42.02
N ASN M 91 68.29 -36.45 -41.13
CA ASN M 91 67.34 -35.37 -40.90
C ASN M 91 67.62 -34.15 -41.74
N LEU M 92 68.83 -34.03 -42.29
CA LEU M 92 69.22 -32.87 -43.09
C LEU M 92 69.60 -33.22 -44.52
N LEU M 93 70.46 -34.23 -44.68
CA LEU M 93 70.95 -34.57 -46.02
C LEU M 93 69.85 -35.25 -46.83
N PRO M 94 69.74 -34.94 -48.12
CA PRO M 94 68.72 -35.60 -48.95
C PRO M 94 68.91 -37.09 -49.08
N SER M 95 70.15 -37.57 -49.09
CA SER M 95 70.41 -38.99 -49.21
C SER M 95 71.79 -39.28 -48.65
N ARG M 96 72.04 -40.56 -48.37
CA ARG M 96 73.35 -40.98 -47.89
C ARG M 96 74.40 -41.01 -49.00
N GLN M 97 73.98 -40.99 -50.26
CA GLN M 97 74.93 -41.07 -51.36
C GLN M 97 75.74 -39.79 -51.49
N PHE M 98 75.08 -38.64 -51.45
CA PHE M 98 75.72 -37.35 -51.66
C PHE M 98 75.27 -36.38 -50.59
N GLY M 99 75.74 -35.14 -50.69
CA GLY M 99 75.45 -34.15 -49.68
C GLY M 99 76.47 -34.18 -48.55
N PHE M 100 76.59 -33.05 -47.86
CA PHE M 100 77.57 -32.91 -46.80
C PHE M 100 77.03 -32.04 -45.69
N ILE M 101 77.23 -32.49 -44.46
CA ILE M 101 76.96 -31.70 -43.27
C ILE M 101 78.29 -31.24 -42.71
N VAL M 102 78.44 -29.93 -42.54
CA VAL M 102 79.69 -29.33 -42.09
C VAL M 102 79.56 -28.93 -40.63
N LEU M 103 80.51 -29.37 -39.81
CA LEU M 103 80.52 -29.08 -38.39
C LEU M 103 81.92 -28.65 -37.99
N THR M 104 81.99 -27.78 -36.98
CA THR M 104 83.26 -27.34 -36.44
C THR M 104 83.64 -28.24 -35.26
N THR M 105 84.72 -28.99 -35.44
CA THR M 105 85.27 -29.82 -34.37
C THR M 105 86.54 -29.16 -33.85
N SER M 106 87.16 -29.81 -32.87
CA SER M 106 88.43 -29.29 -32.38
C SER M 106 89.57 -29.53 -33.37
N ALA M 107 89.36 -30.39 -34.36
CA ALA M 107 90.33 -30.60 -35.43
C ALA M 107 90.12 -29.65 -36.60
N GLY M 108 89.15 -28.75 -36.52
CA GLY M 108 88.88 -27.78 -37.56
C GLY M 108 87.48 -27.93 -38.13
N ILE M 109 87.19 -27.07 -39.09
CA ILE M 109 85.90 -27.09 -39.79
C ILE M 109 86.00 -28.08 -40.94
N MET M 110 85.11 -29.06 -40.95
CA MET M 110 85.13 -30.12 -41.97
C MET M 110 83.76 -30.77 -42.03
N ASP M 111 83.61 -31.69 -42.97
CA ASP M 111 82.34 -32.38 -43.18
C ASP M 111 82.21 -33.59 -42.26
N HIS M 112 81.03 -34.19 -42.27
CA HIS M 112 80.72 -35.28 -41.36
C HIS M 112 81.50 -36.54 -41.71
N GLU M 113 81.83 -36.74 -42.99
CA GLU M 113 82.64 -37.90 -43.38
C GLU M 113 84.04 -37.80 -42.78
N GLU M 114 84.64 -36.61 -42.83
CA GLU M 114 85.98 -36.44 -42.26
C GLU M 114 85.93 -36.55 -40.74
N ALA M 115 84.91 -35.96 -40.11
CA ALA M 115 84.79 -36.05 -38.66
C ALA M 115 84.63 -37.49 -38.19
N ARG M 116 83.90 -38.30 -38.95
CA ARG M 116 83.80 -39.72 -38.65
C ARG M 116 85.13 -40.43 -38.90
N ARG M 117 85.88 -39.99 -39.91
CA ARG M 117 87.12 -40.66 -40.28
C ARG M 117 88.18 -40.50 -39.19
N LYS M 118 88.27 -39.32 -38.57
CA LYS M 118 89.22 -39.11 -37.48
C LYS M 118 88.54 -39.14 -36.12
N HIS M 119 87.29 -39.60 -36.05
CA HIS M 119 86.62 -39.96 -34.79
C HIS M 119 86.54 -38.77 -33.83
N THR M 120 85.80 -37.74 -34.24
CA THR M 120 85.62 -36.57 -33.40
C THR M 120 84.27 -35.93 -33.70
N GLY M 121 83.72 -35.27 -32.69
CA GLY M 121 82.50 -34.49 -32.82
C GLY M 121 82.76 -33.02 -32.58
N GLY M 122 81.68 -32.25 -32.65
CA GLY M 122 81.80 -30.81 -32.47
C GLY M 122 80.47 -30.08 -32.41
N LYS M 123 80.39 -28.94 -33.10
CA LYS M 123 79.19 -28.13 -33.13
C LYS M 123 78.69 -28.06 -34.58
N ILE M 124 77.40 -28.30 -34.76
CA ILE M 124 76.81 -28.25 -36.09
C ILE M 124 76.91 -26.83 -36.65
N LEU M 125 77.34 -26.72 -37.89
CA LEU M 125 77.52 -25.43 -38.54
C LEU M 125 76.59 -25.21 -39.72
N GLY M 126 76.36 -26.24 -40.54
CA GLY M 126 75.49 -26.08 -41.69
C GLY M 126 75.53 -27.30 -42.58
N PHE M 127 75.09 -27.12 -43.82
CA PHE M 127 75.01 -28.23 -44.77
C PHE M 127 75.00 -27.65 -46.18
N PHE M 128 75.32 -28.52 -47.14
CA PHE M 128 75.11 -28.20 -48.54
C PHE M 128 75.01 -29.50 -49.32
N PHE M 129 74.11 -29.52 -50.30
CA PHE M 129 73.92 -30.69 -51.14
C PHE M 129 73.46 -30.28 -52.54
N GLY N 1 58.03 -15.19 -34.87
CA GLY N 1 58.54 -16.55 -34.87
C GLY N 1 58.76 -17.10 -33.47
N LYS N 2 59.56 -18.15 -33.38
CA LYS N 2 59.85 -18.82 -32.12
C LYS N 2 61.32 -18.68 -31.78
N CYS N 3 61.62 -18.61 -30.48
CA CYS N 3 63.00 -18.50 -30.03
C CYS N 3 63.75 -19.80 -30.29
N ARG N 4 65.04 -19.67 -30.62
CA ARG N 4 65.87 -20.83 -30.92
C ARG N 4 67.22 -20.76 -30.22
N GLY N 5 67.32 -20.02 -29.12
CA GLY N 5 68.58 -19.91 -28.42
C GLY N 5 69.01 -21.21 -27.78
N LEU N 6 70.31 -21.30 -27.51
CA LEU N 6 70.85 -22.51 -26.90
C LEU N 6 70.38 -22.69 -25.47
N ARG N 7 70.07 -21.62 -24.77
CA ARG N 7 69.57 -21.69 -23.40
C ARG N 7 68.19 -21.07 -23.29
N THR N 8 67.31 -21.37 -24.24
CA THR N 8 65.90 -21.00 -24.17
C THR N 8 65.01 -22.19 -23.83
N ALA N 9 65.59 -23.27 -23.29
CA ALA N 9 64.81 -24.48 -23.02
C ALA N 9 63.79 -24.23 -21.92
N ARG N 10 64.12 -23.39 -20.93
CA ARG N 10 63.14 -23.06 -19.90
C ARG N 10 61.95 -22.33 -20.48
N LYS N 11 62.19 -21.39 -21.39
CA LYS N 11 61.09 -20.69 -22.05
C LYS N 11 60.28 -21.64 -22.91
N LEU N 12 60.96 -22.55 -23.62
CA LEU N 12 60.26 -23.49 -24.50
C LEU N 12 59.38 -24.43 -23.71
N ARG N 13 59.88 -24.94 -22.57
CA ARG N 13 59.08 -25.87 -21.78
C ARG N 13 57.96 -25.14 -21.05
N SER N 14 58.18 -23.88 -20.67
CA SER N 14 57.14 -23.13 -19.96
C SER N 14 56.03 -22.70 -20.90
N HIS N 15 56.39 -22.31 -22.13
CA HIS N 15 55.37 -21.97 -23.11
C HIS N 15 54.58 -23.20 -23.53
N ARG N 16 55.25 -24.35 -23.65
CA ARG N 16 54.55 -25.56 -24.07
C ARG N 16 53.53 -26.01 -23.03
N ARG N 17 53.91 -25.98 -21.75
CA ARG N 17 52.96 -26.42 -20.72
C ARG N 17 51.93 -25.35 -20.40
N ASP N 18 52.18 -24.09 -20.76
CA ASP N 18 51.13 -23.08 -20.69
C ASP N 18 50.15 -23.22 -21.84
N GLN N 19 50.64 -23.58 -23.02
CA GLN N 19 49.78 -23.72 -24.18
C GLN N 19 49.07 -25.06 -24.23
N LYS N 20 49.51 -26.03 -23.43
CA LYS N 20 48.82 -27.31 -23.38
C LYS N 20 47.47 -27.22 -22.69
N TRP N 21 47.20 -26.12 -21.98
CA TRP N 21 45.91 -25.91 -21.35
C TRP N 21 44.86 -25.36 -22.31
N HIS N 22 45.10 -25.43 -23.61
CA HIS N 22 44.19 -24.83 -24.58
C HIS N 22 43.51 -25.84 -25.49
N ASP N 23 43.94 -27.09 -25.50
CA ASP N 23 43.19 -28.15 -26.18
C ASP N 23 42.35 -28.89 -25.15
N LYS N 24 41.17 -29.34 -25.59
CA LYS N 24 40.18 -29.87 -24.66
C LYS N 24 40.61 -31.20 -24.05
N GLN N 25 41.44 -31.98 -24.76
CA GLN N 25 41.82 -33.29 -24.25
C GLN N 25 42.71 -33.16 -23.01
N TYR N 26 43.75 -32.32 -23.08
CA TYR N 26 44.61 -32.11 -21.94
C TYR N 26 43.86 -31.44 -20.79
N LYS N 27 43.06 -30.44 -21.11
CA LYS N 27 42.34 -29.69 -20.08
C LYS N 27 41.35 -30.56 -19.33
N LYS N 28 40.67 -31.46 -20.04
CA LYS N 28 39.67 -32.31 -19.41
C LYS N 28 40.31 -33.27 -18.41
N ALA N 29 41.44 -33.86 -18.77
CA ALA N 29 42.05 -34.92 -17.95
C ALA N 29 43.02 -34.39 -16.90
N HIS N 30 43.33 -33.09 -16.90
CA HIS N 30 44.30 -32.55 -15.97
C HIS N 30 43.75 -31.48 -15.03
N LEU N 31 42.69 -30.78 -15.41
CA LEU N 31 42.13 -29.75 -14.53
C LEU N 31 41.44 -30.37 -13.32
N GLY N 32 40.80 -31.53 -13.48
CA GLY N 32 40.09 -32.18 -12.41
C GLY N 32 38.64 -31.79 -12.28
N THR N 33 38.23 -30.69 -12.91
CA THR N 33 36.82 -30.30 -12.89
C THR N 33 35.96 -31.30 -13.63
N ALA N 34 36.46 -31.80 -14.77
CA ALA N 34 35.72 -32.82 -15.51
C ALA N 34 35.62 -34.11 -14.73
N LEU N 35 36.67 -34.47 -14.00
CA LEU N 35 36.63 -35.69 -13.19
C LEU N 35 35.60 -35.58 -12.08
N LYS N 36 35.51 -34.41 -11.43
CA LYS N 36 34.55 -34.25 -10.35
C LYS N 36 33.13 -34.11 -10.87
N ALA N 37 32.97 -33.57 -12.08
CA ALA N 37 31.65 -33.41 -12.68
C ALA N 37 31.16 -34.67 -13.40
N ASN N 38 32.04 -35.64 -13.60
CA ASN N 38 31.65 -36.87 -14.28
C ASN N 38 30.69 -37.66 -13.41
N PRO N 39 29.51 -38.02 -13.89
CA PRO N 39 28.58 -38.81 -13.07
C PRO N 39 29.14 -40.16 -12.65
N PHE N 40 29.98 -40.77 -13.48
CA PHE N 40 30.57 -42.05 -13.14
C PHE N 40 31.77 -41.93 -12.21
N GLY N 41 32.23 -40.70 -11.94
CA GLY N 41 33.39 -40.53 -11.08
C GLY N 41 34.68 -41.08 -11.65
N GLY N 42 34.75 -41.26 -12.96
CA GLY N 42 35.90 -41.87 -13.59
C GLY N 42 35.80 -43.36 -13.80
N ALA N 43 34.60 -43.93 -13.66
CA ALA N 43 34.38 -45.35 -13.82
C ALA N 43 33.81 -45.65 -15.20
N SER N 44 34.06 -46.88 -15.67
CA SER N 44 33.49 -47.29 -16.95
C SER N 44 31.98 -47.51 -16.84
N HIS N 45 31.54 -48.18 -15.78
CA HIS N 45 30.14 -48.46 -15.54
C HIS N 45 29.75 -47.93 -14.17
N ALA N 46 28.44 -48.00 -13.88
CA ALA N 46 27.93 -47.59 -12.59
C ALA N 46 26.60 -48.28 -12.34
N LYS N 47 26.21 -48.32 -11.07
CA LYS N 47 24.95 -48.92 -10.66
C LYS N 47 24.01 -47.84 -10.12
N GLY N 48 22.75 -47.91 -10.52
CA GLY N 48 21.78 -46.92 -10.09
C GLY N 48 20.42 -47.54 -9.91
N ILE N 49 19.51 -46.73 -9.37
CA ILE N 49 18.14 -47.14 -9.10
C ILE N 49 17.22 -46.36 -10.02
N VAL N 50 16.34 -47.07 -10.73
CA VAL N 50 15.45 -46.41 -11.68
C VAL N 50 14.41 -45.60 -10.92
N LEU N 51 14.30 -44.32 -11.27
CA LEU N 51 13.34 -43.40 -10.69
C LEU N 51 12.09 -43.23 -11.54
N GLU N 52 12.25 -43.24 -12.86
CA GLU N 52 11.15 -42.96 -13.77
C GLU N 52 11.51 -43.48 -15.15
N LYS N 53 10.49 -43.62 -15.98
CA LYS N 53 10.65 -43.97 -17.38
C LYS N 53 10.17 -42.80 -18.24
N VAL N 54 11.03 -42.31 -19.12
CA VAL N 54 10.75 -41.12 -19.90
C VAL N 54 11.02 -41.39 -21.38
N GLY N 55 10.41 -40.57 -22.21
CA GLY N 55 10.63 -40.62 -23.65
C GLY N 55 11.24 -39.32 -24.12
N VAL N 56 12.20 -39.41 -25.04
CA VAL N 56 12.93 -38.27 -25.55
C VAL N 56 12.69 -38.17 -27.05
N GLU N 57 12.26 -37.00 -27.51
CA GLU N 57 12.08 -36.77 -28.93
C GLU N 57 13.41 -36.92 -29.66
N ALA N 58 13.35 -37.49 -30.86
CA ALA N 58 14.55 -37.59 -31.69
C ALA N 58 14.94 -36.21 -32.22
N LYS N 59 16.06 -36.16 -32.92
CA LYS N 59 16.51 -34.90 -33.49
C LYS N 59 15.61 -34.52 -34.67
N GLN N 60 15.91 -33.38 -35.29
CA GLN N 60 15.01 -32.82 -36.29
C GLN N 60 14.84 -33.71 -37.53
N PRO N 61 15.90 -34.20 -38.18
CA PRO N 61 15.66 -35.06 -39.36
C PRO N 61 14.92 -36.34 -39.04
N ASN N 62 15.10 -36.89 -37.85
CA ASN N 62 14.43 -38.10 -37.45
C ASN N 62 13.12 -37.77 -36.73
N SER N 63 12.37 -38.82 -36.38
CA SER N 63 11.10 -38.63 -35.68
C SER N 63 10.75 -39.95 -34.98
N ALA N 64 10.90 -39.97 -33.66
CA ALA N 64 10.58 -41.15 -32.87
C ALA N 64 10.54 -40.75 -31.41
N ILE N 65 10.16 -41.70 -30.57
CA ILE N 65 10.23 -41.55 -29.12
C ILE N 65 11.30 -42.51 -28.63
N ARG N 66 12.40 -41.97 -28.11
CA ARG N 66 13.51 -42.76 -27.63
C ARG N 66 13.32 -43.08 -26.17
N LYS N 67 13.30 -44.37 -25.84
CA LYS N 67 12.96 -44.82 -24.50
C LYS N 67 14.19 -44.72 -23.60
N CYS N 68 14.08 -43.94 -22.55
CA CYS N 68 15.15 -43.76 -21.58
C CYS N 68 14.56 -43.87 -20.17
N VAL N 69 15.45 -43.95 -19.18
CA VAL N 69 15.05 -44.05 -17.79
C VAL N 69 15.88 -43.07 -16.97
N ARG N 70 15.24 -42.43 -16.00
CA ARG N 70 15.95 -41.60 -15.04
C ARG N 70 16.57 -42.51 -14.00
N VAL N 71 17.88 -42.39 -13.80
CA VAL N 71 18.63 -43.31 -12.96
C VAL N 71 19.38 -42.50 -11.91
N GLN N 72 19.20 -42.84 -10.64
CA GLN N 72 19.94 -42.22 -9.56
C GLN N 72 21.01 -43.19 -9.08
N LEU N 73 22.26 -42.88 -9.39
CA LEU N 73 23.37 -43.76 -9.04
C LEU N 73 23.48 -43.87 -7.52
N ILE N 74 23.76 -45.08 -7.04
CA ILE N 74 23.83 -45.30 -5.60
C ILE N 74 25.00 -44.53 -4.99
N LYS N 75 26.16 -44.56 -5.66
CA LYS N 75 27.27 -43.72 -5.22
C LYS N 75 27.11 -42.32 -5.80
N ASN N 76 27.44 -41.32 -4.97
CA ASN N 76 27.43 -39.88 -5.25
C ASN N 76 26.05 -39.35 -5.63
N GLY N 77 25.02 -40.20 -5.63
CA GLY N 77 23.63 -39.78 -5.69
C GLY N 77 23.25 -38.89 -6.85
N LYS N 78 23.91 -39.03 -8.00
CA LYS N 78 23.65 -38.16 -9.13
C LYS N 78 22.62 -38.78 -10.06
N LYS N 79 21.68 -37.95 -10.51
CA LYS N 79 20.59 -38.38 -11.38
C LYS N 79 20.99 -38.18 -12.83
N ILE N 80 20.84 -39.24 -13.62
CA ILE N 80 21.24 -39.25 -15.03
C ILE N 80 20.08 -39.76 -15.86
N THR N 81 20.28 -39.77 -17.17
CA THR N 81 19.33 -40.35 -18.12
C THR N 81 20.03 -41.46 -18.88
N ALA N 82 19.38 -42.61 -18.98
CA ALA N 82 19.99 -43.81 -19.56
C ALA N 82 19.06 -44.37 -20.63
N PHE N 83 19.54 -44.34 -21.88
CA PHE N 83 18.82 -44.93 -22.99
C PHE N 83 18.74 -46.45 -22.83
N VAL N 84 17.63 -47.02 -23.27
CA VAL N 84 17.41 -48.46 -23.21
C VAL N 84 17.49 -48.99 -24.65
N PRO N 85 18.60 -49.59 -25.04
CA PRO N 85 18.88 -49.86 -26.47
C PRO N 85 18.43 -51.22 -26.98
N ASN N 86 17.11 -51.37 -27.17
CA ASN N 86 16.55 -52.53 -27.86
C ASN N 86 15.11 -52.22 -28.25
N ASP N 87 14.46 -53.19 -28.88
CA ASP N 87 13.11 -52.98 -29.39
C ASP N 87 12.08 -52.97 -28.27
N GLY N 88 12.21 -53.87 -27.30
CA GLY N 88 11.24 -53.94 -26.24
C GLY N 88 11.83 -54.13 -24.86
N CYS N 89 13.05 -53.64 -24.66
CA CYS N 89 13.73 -53.83 -23.39
C CYS N 89 13.38 -52.77 -22.36
N LEU N 90 12.55 -51.78 -22.71
CA LEU N 90 12.02 -50.88 -21.69
C LEU N 90 11.03 -51.61 -20.79
N ASN N 91 10.27 -52.56 -21.34
CA ASN N 91 9.29 -53.30 -20.55
C ASN N 91 9.96 -54.24 -19.55
N PHE N 92 11.22 -54.59 -19.76
CA PHE N 92 11.96 -55.34 -18.76
C PHE N 92 12.29 -54.49 -17.55
N ILE N 93 12.30 -53.16 -17.71
CA ILE N 93 12.56 -52.26 -16.60
C ILE N 93 11.26 -51.99 -15.86
N GLU N 94 11.29 -52.14 -14.54
CA GLU N 94 10.24 -51.65 -13.67
C GLU N 94 10.84 -50.64 -12.71
N GLU N 95 10.00 -50.07 -11.85
CA GLU N 95 10.48 -49.05 -10.93
C GLU N 95 11.37 -49.65 -9.85
N ASN N 96 12.34 -48.86 -9.41
CA ASN N 96 13.28 -49.22 -8.35
C ASN N 96 14.04 -50.50 -8.70
N ASP N 97 14.85 -50.40 -9.75
CA ASP N 97 15.64 -51.51 -10.26
C ASP N 97 17.11 -51.17 -10.21
N GLU N 98 17.93 -52.14 -9.77
CA GLU N 98 19.38 -51.99 -9.83
C GLU N 98 19.82 -52.17 -11.26
N VAL N 99 20.10 -51.06 -11.95
CA VAL N 99 20.51 -51.09 -13.34
C VAL N 99 21.98 -50.72 -13.43
N LEU N 100 22.72 -51.45 -14.26
CA LEU N 100 24.14 -51.18 -14.50
C LEU N 100 24.23 -50.35 -15.78
N VAL N 101 24.35 -49.06 -15.61
CA VAL N 101 24.47 -48.14 -16.75
C VAL N 101 25.94 -48.03 -17.14
N ALA N 102 26.17 -47.72 -18.41
CA ALA N 102 27.50 -47.49 -18.94
C ALA N 102 27.43 -46.29 -19.88
N GLY N 103 28.59 -45.81 -20.30
CA GLY N 103 28.62 -44.75 -21.29
C GLY N 103 28.12 -45.24 -22.63
N PHE N 104 27.89 -44.29 -23.53
CA PHE N 104 27.39 -44.68 -24.85
C PHE N 104 28.51 -44.98 -25.83
N GLY N 105 29.63 -44.28 -25.75
CA GLY N 105 30.73 -44.63 -26.62
C GLY N 105 31.58 -43.50 -27.17
N ARG N 106 31.28 -42.25 -26.85
CA ARG N 106 32.12 -41.15 -27.28
C ARG N 106 32.41 -40.21 -26.12
N LYS N 107 32.75 -40.78 -24.96
CA LYS N 107 33.38 -40.07 -23.86
C LYS N 107 32.48 -38.97 -23.30
N GLY N 108 31.33 -39.38 -22.78
CA GLY N 108 30.41 -38.45 -22.16
C GLY N 108 29.78 -37.48 -23.14
N HIS N 109 29.37 -37.96 -24.31
CA HIS N 109 28.85 -37.13 -25.37
C HIS N 109 27.55 -37.74 -25.88
N ALA N 110 26.61 -36.89 -26.27
CA ALA N 110 25.35 -37.36 -26.84
C ALA N 110 25.61 -38.05 -28.17
N VAL N 111 24.84 -39.10 -28.43
CA VAL N 111 25.06 -39.98 -29.58
C VAL N 111 23.79 -40.04 -30.41
N GLY N 112 23.93 -39.88 -31.72
CA GLY N 112 22.80 -40.07 -32.59
C GLY N 112 21.75 -38.98 -32.45
N ASP N 113 20.49 -39.38 -32.63
CA ASP N 113 19.37 -38.46 -32.60
C ASP N 113 18.81 -38.25 -31.19
N ILE N 114 19.48 -38.75 -30.16
CA ILE N 114 18.98 -38.68 -28.80
C ILE N 114 19.66 -37.49 -28.12
N PRO N 115 18.95 -36.39 -27.86
CA PRO N 115 19.61 -35.20 -27.30
C PRO N 115 19.76 -35.31 -25.79
N GLY N 116 20.95 -34.96 -25.30
CA GLY N 116 21.17 -34.88 -23.86
C GLY N 116 21.22 -36.20 -23.13
N VAL N 117 21.48 -37.29 -23.84
CA VAL N 117 21.61 -38.61 -23.23
C VAL N 117 23.01 -39.13 -23.51
N ARG N 118 23.71 -39.52 -22.45
CA ARG N 118 25.10 -39.94 -22.56
C ARG N 118 25.36 -41.34 -22.03
N PHE N 119 24.32 -42.04 -21.56
CA PHE N 119 24.51 -43.35 -20.98
C PHE N 119 23.45 -44.30 -21.52
N LYS N 120 23.76 -45.58 -21.52
CA LYS N 120 22.83 -46.63 -21.89
C LYS N 120 22.86 -47.73 -20.84
N VAL N 121 21.70 -48.28 -20.53
CA VAL N 121 21.60 -49.33 -19.52
C VAL N 121 22.04 -50.66 -20.13
N VAL N 122 22.83 -51.41 -19.39
CA VAL N 122 23.39 -52.67 -19.85
C VAL N 122 22.77 -53.86 -19.12
N LYS N 123 22.57 -53.73 -17.81
CA LYS N 123 21.95 -54.78 -17.01
C LYS N 123 20.82 -54.19 -16.19
N VAL N 124 19.84 -55.03 -15.86
CA VAL N 124 18.73 -54.65 -15.00
C VAL N 124 18.44 -55.81 -14.05
N ALA N 125 18.27 -55.50 -12.76
CA ALA N 125 17.97 -56.49 -11.72
C ALA N 125 18.99 -57.61 -11.72
N ASN N 126 20.27 -57.24 -11.85
CA ASN N 126 21.41 -58.15 -11.81
C ASN N 126 21.37 -59.20 -12.92
N VAL N 127 20.63 -58.94 -14.00
CA VAL N 127 20.64 -59.82 -15.16
C VAL N 127 20.80 -58.96 -16.41
N SER N 128 21.57 -59.47 -17.37
CA SER N 128 21.90 -58.71 -18.57
C SER N 128 20.65 -58.38 -19.38
N LEU N 129 20.57 -57.14 -19.86
CA LEU N 129 19.46 -56.75 -20.71
C LEU N 129 19.52 -57.48 -22.05
N LEU N 130 20.73 -57.75 -22.55
CA LEU N 130 20.87 -58.48 -23.80
C LEU N 130 20.39 -59.93 -23.64
N ALA N 131 20.63 -60.53 -22.47
CA ALA N 131 20.14 -61.88 -22.22
C ALA N 131 18.62 -61.91 -22.19
N LEU N 132 18.00 -60.90 -21.59
CA LEU N 132 16.54 -60.81 -21.60
C LEU N 132 16.01 -60.62 -23.01
N TYR N 133 16.70 -59.81 -23.81
CA TYR N 133 16.27 -59.56 -25.18
C TYR N 133 16.32 -60.84 -26.02
N LYS N 134 17.38 -61.62 -25.88
CA LYS N 134 17.50 -62.87 -26.60
C LYS N 134 16.72 -64.01 -25.95
N GLY N 135 16.18 -63.80 -24.76
CA GLY N 135 15.47 -64.86 -24.07
C GLY N 135 16.35 -65.94 -23.50
N LYS N 136 17.65 -65.67 -23.35
CA LYS N 136 18.56 -66.68 -22.84
C LYS N 136 18.24 -67.05 -21.40
N LYS N 137 17.93 -66.05 -20.57
CA LYS N 137 17.50 -66.30 -19.20
C LYS N 137 16.33 -65.38 -18.86
N GLU N 138 15.53 -65.84 -17.91
CA GLU N 138 14.28 -65.18 -17.56
C GLU N 138 14.52 -64.09 -16.50
N ARG N 139 13.46 -63.36 -16.19
CA ARG N 139 13.50 -62.38 -15.13
C ARG N 139 13.64 -63.08 -13.78
N PRO N 140 14.29 -62.46 -12.81
CA PRO N 140 14.38 -63.03 -11.45
C PRO N 140 13.08 -62.86 -10.66
N ARG N 141 12.13 -63.76 -10.91
CA ARG N 141 10.86 -63.75 -10.21
C ARG N 141 10.96 -64.47 -8.87
N ASN O 1 59.70 -107.69 -20.53
CA ASN O 1 60.99 -108.25 -20.15
C ASN O 1 61.86 -108.49 -21.38
N ASP O 2 61.22 -108.62 -22.55
CA ASP O 2 61.97 -108.90 -23.77
C ASP O 2 62.91 -107.76 -24.14
N THR O 3 62.45 -106.51 -23.98
CA THR O 3 63.28 -105.33 -24.23
C THR O 3 63.01 -104.32 -23.12
N VAL O 4 63.80 -104.42 -22.04
CA VAL O 4 63.82 -103.41 -20.99
C VAL O 4 65.30 -103.14 -20.74
N THR O 5 65.85 -102.13 -21.42
CA THR O 5 67.24 -101.75 -21.26
C THR O 5 67.33 -100.60 -20.27
N ILE O 6 68.23 -100.73 -19.29
CA ILE O 6 68.42 -99.71 -18.26
C ILE O 6 69.83 -99.15 -18.46
N ARG O 7 69.90 -97.92 -18.94
CA ARG O 7 71.17 -97.23 -19.12
C ARG O 7 71.31 -96.15 -18.06
N THR O 8 72.55 -95.84 -17.72
CA THR O 8 72.84 -94.77 -16.77
C THR O 8 73.90 -93.85 -17.35
N ARG O 9 73.86 -92.60 -16.89
CA ARG O 9 74.81 -91.58 -17.31
C ARG O 9 74.99 -90.62 -16.16
N LYS O 10 75.91 -89.66 -16.34
CA LYS O 10 76.26 -88.67 -15.30
C LYS O 10 76.64 -89.35 -13.99
N PHE O 11 77.17 -90.56 -14.07
CA PHE O 11 77.47 -91.34 -12.88
C PHE O 11 78.66 -90.76 -12.14
N MET O 12 78.58 -90.75 -10.83
CA MET O 12 79.68 -90.36 -9.96
C MET O 12 79.41 -90.92 -8.58
N THR O 13 80.45 -91.41 -7.93
CA THR O 13 80.34 -91.88 -6.56
C THR O 13 80.97 -90.86 -5.63
N ASN O 14 80.22 -90.46 -4.61
CA ASN O 14 80.72 -89.56 -3.59
C ASN O 14 80.81 -90.33 -2.29
N ARG O 15 82.03 -90.49 -1.79
CA ARG O 15 82.22 -91.06 -0.47
C ARG O 15 81.92 -90.07 0.64
N LEU O 16 81.52 -88.84 0.28
CA LEU O 16 81.04 -87.89 1.28
C LEU O 16 79.78 -88.40 1.96
N LEU O 17 78.76 -88.71 1.17
CA LEU O 17 77.50 -89.23 1.68
C LEU O 17 77.40 -90.74 1.58
N GLN O 18 78.50 -91.42 1.23
CA GLN O 18 78.55 -92.88 1.12
C GLN O 18 77.55 -93.40 0.10
N ARG O 19 77.50 -92.75 -1.06
CA ARG O 19 76.56 -93.21 -2.09
C ARG O 19 77.09 -92.88 -3.47
N LYS O 20 76.59 -93.62 -4.46
CA LYS O 20 76.92 -93.41 -5.86
C LYS O 20 75.70 -92.84 -6.55
N GLN O 21 75.82 -91.60 -7.00
CA GLN O 21 74.72 -90.87 -7.61
C GLN O 21 74.77 -91.07 -9.12
N MET O 22 73.61 -91.35 -9.72
CA MET O 22 73.52 -91.53 -11.15
C MET O 22 72.11 -91.22 -11.61
N VAL O 23 71.98 -90.81 -12.86
CA VAL O 23 70.69 -90.63 -13.51
C VAL O 23 70.51 -91.76 -14.51
N ILE O 24 69.34 -92.39 -14.48
CA ILE O 24 69.07 -93.59 -15.25
C ILE O 24 67.90 -93.32 -16.18
N ASP O 25 68.05 -93.71 -17.44
CA ASP O 25 67.00 -93.57 -18.44
C ASP O 25 66.58 -94.97 -18.91
N VAL O 26 65.42 -95.41 -18.44
CA VAL O 26 64.88 -96.70 -18.86
C VAL O 26 64.26 -96.54 -20.24
N LEU O 27 64.12 -97.66 -20.95
CA LEU O 27 63.52 -97.67 -22.29
C LEU O 27 62.57 -98.85 -22.41
N HIS O 28 61.28 -98.61 -22.14
CA HIS O 28 60.26 -99.60 -22.46
C HIS O 28 59.61 -99.20 -23.77
N PRO O 29 59.73 -100.01 -24.83
CA PRO O 29 59.27 -99.57 -26.17
C PRO O 29 57.78 -99.35 -26.25
N GLY O 30 56.98 -100.36 -25.91
CA GLY O 30 55.55 -100.25 -26.03
C GLY O 30 54.79 -100.55 -24.75
N LYS O 31 55.53 -100.76 -23.68
CA LYS O 31 54.92 -101.03 -22.38
C LYS O 31 54.61 -99.74 -21.66
N ALA O 32 53.93 -99.86 -20.52
CA ALA O 32 53.63 -98.71 -19.69
C ALA O 32 54.89 -98.25 -18.98
N THR O 33 54.74 -97.20 -18.16
CA THR O 33 55.84 -96.76 -17.32
C THR O 33 56.23 -97.88 -16.37
N VAL O 34 57.51 -98.22 -16.35
CA VAL O 34 57.97 -99.34 -15.53
C VAL O 34 57.89 -98.96 -14.06
N PRO O 35 57.33 -99.82 -13.20
CA PRO O 35 57.26 -99.49 -11.77
C PRO O 35 58.65 -99.46 -11.15
N LYS O 36 58.73 -98.75 -10.02
CA LYS O 36 60.03 -98.54 -9.37
C LYS O 36 60.63 -99.83 -8.87
N THR O 37 59.81 -100.84 -8.59
CA THR O 37 60.33 -102.12 -8.10
C THR O 37 61.18 -102.82 -9.17
N GLU O 38 60.71 -102.84 -10.41
CA GLU O 38 61.46 -103.50 -11.47
C GLU O 38 62.75 -102.75 -11.78
N ILE O 39 62.71 -101.42 -11.74
CA ILE O 39 63.93 -100.63 -11.91
C ILE O 39 64.91 -100.95 -10.79
N ARG O 40 64.39 -101.10 -9.57
CA ARG O 40 65.23 -101.29 -8.39
C ARG O 40 66.02 -102.59 -8.47
N GLU O 41 65.35 -103.67 -8.87
CA GLU O 41 66.00 -104.98 -8.87
C GLU O 41 66.95 -105.13 -10.06
N LYS O 42 66.60 -104.56 -11.22
CA LYS O 42 67.48 -104.64 -12.37
C LYS O 42 68.73 -103.78 -12.17
N LEU O 43 68.57 -102.58 -11.61
CA LEU O 43 69.71 -101.75 -11.29
C LEU O 43 70.61 -102.42 -10.24
N ALA O 44 69.99 -103.08 -9.27
CA ALA O 44 70.75 -103.83 -8.28
C ALA O 44 71.52 -104.98 -8.94
N LYS O 45 70.91 -105.63 -9.94
CA LYS O 45 71.59 -106.73 -10.61
C LYS O 45 72.76 -106.23 -11.44
N MET O 46 72.64 -105.04 -12.03
CA MET O 46 73.73 -104.49 -12.82
C MET O 46 74.94 -104.17 -11.94
N TYR O 47 74.70 -103.65 -10.74
CA TYR O 47 75.76 -103.22 -9.84
C TYR O 47 76.12 -104.28 -8.81
N LYS O 48 75.53 -105.48 -8.90
CA LYS O 48 75.77 -106.58 -7.97
C LYS O 48 75.47 -106.16 -6.52
N THR O 49 74.57 -105.21 -6.37
CA THR O 49 74.21 -104.66 -5.07
C THR O 49 72.92 -105.31 -4.59
N THR O 50 72.75 -105.39 -3.28
CA THR O 50 71.55 -105.98 -2.72
C THR O 50 70.33 -105.14 -3.10
N PRO O 51 69.21 -105.78 -3.49
CA PRO O 51 68.02 -105.06 -3.94
C PRO O 51 67.09 -104.61 -2.80
N ASP O 52 67.69 -104.06 -1.74
CA ASP O 52 66.93 -103.40 -0.69
C ASP O 52 67.54 -102.07 -0.28
N VAL O 53 68.68 -101.69 -0.86
CA VAL O 53 69.34 -100.42 -0.55
C VAL O 53 69.23 -99.43 -1.69
N ILE O 54 68.84 -99.86 -2.89
CA ILE O 54 68.76 -98.96 -4.03
C ILE O 54 67.55 -98.05 -3.89
N PHE O 55 67.73 -96.78 -4.21
CA PHE O 55 66.66 -95.79 -4.18
C PHE O 55 66.54 -95.16 -5.55
N VAL O 56 65.31 -95.02 -6.03
CA VAL O 56 65.02 -94.35 -7.29
C VAL O 56 63.84 -93.42 -7.08
N PHE O 57 63.90 -92.24 -7.69
CA PHE O 57 62.86 -91.24 -7.51
C PHE O 57 62.85 -90.29 -8.69
N GLY O 58 61.70 -89.63 -8.88
CA GLY O 58 61.55 -88.62 -9.92
C GLY O 58 61.66 -89.15 -11.33
N PHE O 59 60.69 -89.98 -11.73
CA PHE O 59 60.69 -90.60 -13.04
C PHE O 59 59.72 -89.84 -13.95
N ARG O 60 60.25 -89.20 -14.97
CA ARG O 60 59.45 -88.47 -15.96
C ARG O 60 59.51 -89.20 -17.29
N THR O 61 58.35 -89.58 -17.80
CA THR O 61 58.26 -90.27 -19.08
C THR O 61 58.28 -89.26 -20.22
N HIS O 62 59.11 -89.53 -21.22
CA HIS O 62 59.15 -88.69 -22.41
C HIS O 62 57.86 -88.82 -23.19
N PHE O 63 57.68 -87.93 -24.15
CA PHE O 63 56.45 -87.91 -24.94
C PHE O 63 56.35 -89.17 -25.79
N GLY O 64 55.20 -89.82 -25.74
CA GLY O 64 54.95 -91.02 -26.52
C GLY O 64 55.57 -92.28 -25.97
N GLY O 65 55.97 -92.30 -24.70
CA GLY O 65 56.55 -93.49 -24.12
C GLY O 65 57.99 -93.71 -24.53
N GLY O 66 58.55 -94.80 -24.03
CA GLY O 66 59.93 -95.13 -24.33
C GLY O 66 60.90 -94.68 -23.27
N LYS O 67 61.61 -93.60 -23.55
CA LYS O 67 62.58 -93.07 -22.59
C LYS O 67 61.87 -92.51 -21.37
N THR O 68 62.36 -92.87 -20.19
CA THR O 68 61.87 -92.31 -18.93
C THR O 68 63.07 -92.10 -18.02
N THR O 69 63.21 -90.88 -17.53
CA THR O 69 64.41 -90.45 -16.81
C THR O 69 64.11 -90.35 -15.33
N GLY O 70 64.95 -91.01 -14.52
CA GLY O 70 64.85 -90.93 -13.07
C GLY O 70 66.23 -90.81 -12.44
N PHE O 71 66.23 -90.60 -11.13
CA PHE O 71 67.46 -90.40 -10.38
C PHE O 71 67.64 -91.53 -9.39
N GLY O 72 68.84 -92.10 -9.35
CA GLY O 72 69.11 -93.25 -8.51
C GLY O 72 70.22 -93.03 -7.50
N MET O 73 69.95 -93.37 -6.24
CA MET O 73 70.92 -93.29 -5.16
C MET O 73 71.16 -94.70 -4.63
N ILE O 74 72.37 -95.21 -4.82
CA ILE O 74 72.74 -96.52 -4.30
C ILE O 74 73.74 -96.32 -3.17
N TYR O 75 73.59 -97.11 -2.10
CA TYR O 75 74.39 -96.96 -0.90
C TYR O 75 75.21 -98.21 -0.63
N ASP O 76 76.36 -98.00 0.00
CA ASP O 76 77.26 -99.06 0.39
C ASP O 76 76.80 -99.83 1.62
N SER O 77 75.80 -99.31 2.35
CA SER O 77 75.26 -100.01 3.50
C SER O 77 73.86 -99.48 3.78
N LEU O 78 72.98 -100.36 4.26
CA LEU O 78 71.63 -99.92 4.61
C LEU O 78 71.63 -99.05 5.84
N ASP O 79 72.59 -99.24 6.75
CA ASP O 79 72.68 -98.38 7.93
C ASP O 79 72.96 -96.94 7.54
N TYR O 80 73.85 -96.73 6.57
CA TYR O 80 74.05 -95.39 6.05
C TYR O 80 72.82 -94.88 5.31
N ALA O 81 72.07 -95.78 4.67
CA ALA O 81 70.84 -95.38 4.00
C ALA O 81 69.83 -94.82 4.99
N LYS O 82 69.73 -95.44 6.16
CA LYS O 82 68.87 -94.86 7.21
C LYS O 82 69.49 -93.62 7.82
N LYS O 83 70.82 -93.49 7.73
CA LYS O 83 71.49 -92.37 8.40
C LYS O 83 71.21 -91.04 7.69
N ASN O 84 71.35 -91.01 6.35
CA ASN O 84 71.22 -89.77 5.59
C ASN O 84 70.32 -89.98 4.36
N GLU O 85 69.01 -89.81 4.55
CA GLU O 85 68.03 -89.77 3.48
C GLU O 85 66.86 -88.92 3.92
N PRO O 86 66.13 -88.31 2.99
CA PRO O 86 64.85 -87.70 3.34
C PRO O 86 63.90 -88.75 3.89
N LYS O 87 63.11 -88.35 4.87
CA LYS O 87 62.26 -89.30 5.58
C LYS O 87 61.17 -89.87 4.68
N HIS O 88 60.78 -89.15 3.63
CA HIS O 88 59.72 -89.66 2.75
C HIS O 88 60.21 -90.81 1.89
N ARG O 89 61.48 -90.77 1.47
CA ARG O 89 62.04 -91.88 0.70
C ARG O 89 62.18 -93.13 1.56
N LEU O 90 62.60 -92.97 2.80
CA LEU O 90 62.67 -94.11 3.72
C LEU O 90 61.28 -94.63 4.04
N ALA O 91 60.28 -93.74 4.07
CA ALA O 91 58.91 -94.16 4.34
C ALA O 91 58.32 -94.94 3.17
N ARG O 92 58.77 -94.63 1.95
CA ARG O 92 58.26 -95.35 0.77
C ARG O 92 58.60 -96.83 0.85
N HIS O 93 59.82 -97.14 1.27
CA HIS O 93 60.24 -98.53 1.41
C HIS O 93 59.76 -99.16 2.70
N GLY O 94 59.14 -98.38 3.59
CA GLY O 94 58.65 -98.90 4.85
C GLY O 94 59.64 -98.85 6.00
N LEU O 95 60.89 -98.45 5.73
CA LEU O 95 61.89 -98.41 6.78
C LEU O 95 61.59 -97.35 7.85
N TYR O 96 60.81 -96.34 7.51
CA TYR O 96 60.44 -95.29 8.45
C TYR O 96 58.93 -95.14 8.47
N GLU O 97 58.37 -94.96 9.66
CA GLU O 97 56.93 -94.84 9.85
C GLU O 97 56.59 -93.39 10.19
N LYS O 98 55.61 -92.85 9.48
CA LYS O 98 55.20 -91.45 9.63
C LYS O 98 53.73 -91.35 10.00
N LYS O 99 53.24 -92.30 10.80
CA LYS O 99 51.85 -92.29 11.25
C LYS O 99 51.71 -91.24 12.35
N LYS O 100 51.35 -90.03 11.94
CA LYS O 100 51.27 -88.88 12.84
C LYS O 100 49.86 -88.29 12.78
N THR O 101 49.69 -87.15 13.44
CA THR O 101 48.48 -86.35 13.34
C THR O 101 48.69 -85.26 12.28
N SER O 102 47.58 -84.66 11.85
CA SER O 102 47.65 -83.59 10.88
C SER O 102 48.13 -82.30 11.56
N ARG O 103 48.67 -81.39 10.75
CA ARG O 103 49.36 -80.22 11.29
C ARG O 103 48.42 -79.28 12.04
N LYS O 104 47.14 -79.24 11.65
CA LYS O 104 46.21 -78.33 12.31
C LYS O 104 46.03 -78.68 13.78
N GLN O 105 45.77 -79.95 14.10
CA GLN O 105 45.60 -80.34 15.50
C GLN O 105 46.88 -80.13 16.29
N ARG O 106 48.03 -80.26 15.64
CA ARG O 106 49.29 -79.99 16.31
C ARG O 106 49.40 -78.51 16.69
N LYS O 107 48.93 -77.62 15.83
CA LYS O 107 48.97 -76.20 16.14
C LYS O 107 47.97 -75.83 17.23
N GLU O 108 46.81 -76.48 17.24
CA GLU O 108 45.86 -76.29 18.33
C GLU O 108 46.45 -76.77 19.65
N ARG O 109 47.16 -77.89 19.62
CA ARG O 109 47.78 -78.44 20.83
C ARG O 109 48.83 -77.48 21.38
N LYS O 110 49.64 -76.90 20.49
CA LYS O 110 50.72 -76.03 20.95
C LYS O 110 50.18 -74.75 21.56
N ASN O 111 49.18 -74.13 20.91
CA ASN O 111 48.62 -72.89 21.46
C ASN O 111 47.79 -73.15 22.70
N ARG O 112 47.28 -74.37 22.86
CA ARG O 112 46.62 -74.74 24.12
C ARG O 112 47.63 -74.78 25.25
N MET O 113 48.84 -75.27 24.97
CA MET O 113 49.85 -75.39 26.01
C MET O 113 50.41 -74.03 26.43
N LYS O 114 50.18 -72.99 25.63
CA LYS O 114 50.66 -71.67 25.99
C LYS O 114 49.93 -71.13 27.21
N LYS O 115 48.63 -71.41 27.32
CA LYS O 115 47.84 -70.90 28.44
C LYS O 115 48.32 -71.48 29.75
N VAL O 116 48.53 -72.79 29.79
CA VAL O 116 48.95 -73.46 31.02
C VAL O 116 50.45 -73.28 31.20
N ARG O 117 50.84 -72.73 32.34
CA ARG O 117 52.23 -72.35 32.60
C ARG O 117 52.83 -73.27 33.65
N GLY O 118 53.87 -74.01 33.27
CA GLY O 118 54.76 -74.62 34.23
C GLY O 118 54.33 -75.93 34.85
N THR O 119 53.03 -76.14 35.04
CA THR O 119 52.56 -77.33 35.74
C THR O 119 52.94 -78.59 34.96
N ALA O 120 53.72 -79.46 35.60
CA ALA O 120 54.24 -80.64 34.92
C ALA O 120 53.15 -81.64 34.57
N LYS O 121 51.94 -81.48 35.10
CA LYS O 121 50.83 -82.36 34.80
C LYS O 121 49.82 -81.74 33.83
N ALA O 122 49.70 -80.41 33.82
CA ALA O 122 48.67 -79.78 33.01
C ALA O 122 49.23 -79.14 31.75
N ASN O 123 50.51 -78.76 31.74
CA ASN O 123 51.14 -78.32 30.50
C ASN O 123 51.26 -79.47 29.51
N VAL O 124 51.29 -80.71 29.99
CA VAL O 124 51.21 -81.87 29.12
C VAL O 124 49.80 -82.47 29.09
N GLY O 125 48.97 -82.21 30.09
CA GLY O 125 47.58 -82.60 30.10
C GLY O 125 46.66 -81.62 29.45
N ALA O 126 47.20 -80.58 28.80
CA ALA O 126 46.38 -79.56 28.17
C ALA O 126 45.63 -80.10 26.97
N GLY O 127 46.19 -81.07 26.26
CA GLY O 127 45.55 -81.68 25.11
C GLY O 127 44.89 -83.01 25.38
N LYS O 128 44.88 -83.48 26.62
CA LYS O 128 44.24 -84.75 26.93
C LYS O 128 42.74 -84.68 26.69
N LYS O 129 42.11 -83.56 27.05
CA LYS O 129 40.67 -83.39 26.83
C LYS O 129 40.34 -83.02 25.38
N PRO O 130 41.02 -82.02 24.75
CA PRO O 130 40.70 -81.78 23.33
C PRO O 130 41.59 -82.58 22.39
N LYS O 131 41.32 -83.88 22.30
CA LYS O 131 42.08 -84.76 21.41
C LYS O 131 41.75 -84.49 19.95
N THR P 1 36.55 -10.83 -48.04
CA THR P 1 37.53 -10.64 -49.10
C THR P 1 37.89 -9.17 -49.26
N LYS P 2 39.19 -8.88 -49.27
CA LYS P 2 39.66 -7.53 -49.51
C LYS P 2 39.34 -7.15 -50.95
N LYS P 3 38.30 -6.32 -51.13
CA LYS P 3 37.83 -6.00 -52.47
C LYS P 3 38.88 -5.20 -53.25
N ARG P 4 39.38 -4.13 -52.65
CA ARG P 4 40.32 -3.23 -53.31
C ARG P 4 41.59 -3.13 -52.48
N ARG P 5 42.74 -3.23 -53.14
CA ARG P 5 44.01 -2.95 -52.47
C ARG P 5 44.08 -1.49 -52.05
N ASN P 6 43.39 -0.62 -52.78
CA ASN P 6 43.27 0.78 -52.40
C ASN P 6 42.47 0.95 -51.11
N ASN P 7 41.70 -0.05 -50.72
CA ASN P 7 40.79 -0.02 -49.56
C ASN P 7 39.69 1.03 -49.72
N GLY P 8 39.38 1.41 -50.96
CA GLY P 8 38.29 2.33 -51.20
C GLY P 8 38.56 3.76 -50.81
N ARG P 9 39.81 4.12 -50.53
CA ARG P 9 40.15 5.47 -50.12
C ARG P 9 41.59 5.75 -50.51
N ALA P 10 41.94 7.03 -50.54
CA ALA P 10 43.28 7.45 -50.95
C ALA P 10 44.26 7.46 -49.79
N LYS P 11 43.82 7.11 -48.58
CA LYS P 11 44.69 7.15 -47.40
C LYS P 11 45.79 6.10 -47.53
N LYS P 12 47.03 6.54 -47.72
CA LYS P 12 48.15 5.62 -47.87
C LYS P 12 49.19 5.80 -46.77
N GLY P 13 49.69 7.01 -46.58
CA GLY P 13 50.70 7.24 -45.56
C GLY P 13 50.16 7.98 -44.35
N ARG P 14 48.88 8.34 -44.41
CA ARG P 14 48.23 9.05 -43.32
C ARG P 14 47.76 8.08 -42.25
N GLY P 15 47.24 8.64 -41.16
CA GLY P 15 46.58 7.84 -40.14
C GLY P 15 45.13 8.24 -40.00
N HIS P 16 44.84 9.52 -40.20
CA HIS P 16 43.48 10.03 -40.10
C HIS P 16 43.29 11.16 -41.09
N VAL P 17 42.15 11.17 -41.76
CA VAL P 17 41.80 12.21 -42.73
C VAL P 17 40.54 12.91 -42.23
N GLN P 18 40.59 14.24 -42.21
CA GLN P 18 39.46 15.00 -41.71
C GLN P 18 38.23 14.77 -42.60
N PRO P 19 37.04 14.68 -42.03
CA PRO P 19 35.85 14.36 -42.82
C PRO P 19 35.22 15.59 -43.46
N ILE P 20 34.40 15.31 -44.47
CA ILE P 20 33.57 16.32 -45.12
C ILE P 20 32.12 15.85 -45.01
N ARG P 21 31.19 16.64 -45.52
CA ARG P 21 29.79 16.27 -45.55
C ARG P 21 29.36 16.02 -46.98
N CYS P 22 28.59 14.95 -47.19
CA CYS P 22 28.02 14.69 -48.49
C CYS P 22 27.09 15.83 -48.89
N THR P 23 27.29 16.37 -50.08
CA THR P 23 26.49 17.51 -50.52
C THR P 23 25.04 17.15 -50.79
N ASN P 24 24.70 15.87 -50.84
CA ASN P 24 23.35 15.43 -51.14
C ASN P 24 22.58 15.02 -49.89
N CYS P 25 23.13 14.10 -49.08
CA CYS P 25 22.43 13.58 -47.92
C CYS P 25 23.04 14.03 -46.60
N ALA P 26 24.12 14.80 -46.62
CA ALA P 26 24.79 15.32 -45.42
C ALA P 26 25.26 14.18 -44.51
N ARG P 27 26.04 13.29 -45.09
CA ARG P 27 26.65 12.18 -44.37
C ARG P 27 28.14 12.45 -44.19
N CYS P 28 28.64 12.26 -42.98
CA CYS P 28 30.06 12.43 -42.71
C CYS P 28 30.85 11.36 -43.44
N VAL P 29 31.64 11.76 -44.42
CA VAL P 29 32.50 10.85 -45.18
C VAL P 29 33.93 11.37 -45.06
N PRO P 30 34.94 10.51 -44.98
CA PRO P 30 36.31 10.99 -45.07
C PRO P 30 36.56 11.70 -46.40
N LYS P 31 37.40 12.73 -46.35
CA LYS P 31 37.60 13.59 -47.52
C LYS P 31 38.19 12.81 -48.69
N ASP P 32 39.17 11.96 -48.41
CA ASP P 32 39.81 11.19 -49.48
C ASP P 32 39.00 9.99 -49.94
N LYS P 33 37.92 9.66 -49.25
CA LYS P 33 37.08 8.54 -49.64
C LYS P 33 35.89 8.97 -50.48
N ALA P 34 35.35 10.15 -50.23
CA ALA P 34 34.17 10.61 -50.96
C ALA P 34 34.52 10.94 -52.40
N ILE P 35 33.61 10.59 -53.31
CA ILE P 35 33.79 10.91 -54.72
C ILE P 35 33.59 12.41 -54.93
N LYS P 36 34.56 13.03 -55.60
CA LYS P 36 34.56 14.48 -55.77
C LYS P 36 34.21 14.83 -57.20
N LYS P 37 33.25 15.74 -57.36
CA LYS P 37 32.91 16.34 -58.63
C LYS P 37 33.39 17.78 -58.64
N PHE P 38 33.86 18.23 -59.80
CA PHE P 38 34.15 19.65 -60.01
C PHE P 38 33.49 20.03 -61.35
N VAL P 39 32.30 20.61 -61.27
CA VAL P 39 31.51 20.91 -62.45
C VAL P 39 31.67 22.39 -62.78
N ILE P 40 32.15 22.67 -63.99
CA ILE P 40 32.22 24.03 -64.49
C ILE P 40 31.09 24.19 -65.49
N ARG P 41 29.94 24.62 -65.01
CA ARG P 41 28.74 24.72 -65.82
C ARG P 41 28.52 26.16 -66.28
N ASN P 42 27.89 26.29 -67.44
CA ASN P 42 27.45 27.61 -67.87
C ASN P 42 26.35 28.11 -66.94
N ILE P 43 26.42 29.41 -66.61
CA ILE P 43 25.44 30.00 -65.70
C ILE P 43 24.04 30.04 -66.28
N VAL P 44 23.91 29.82 -67.60
CA VAL P 44 22.63 29.77 -68.27
C VAL P 44 22.50 28.41 -68.96
N GLU P 45 21.30 28.15 -69.48
CA GLU P 45 21.06 26.90 -70.19
C GLU P 45 21.80 26.88 -71.52
N ALA P 46 21.94 25.67 -72.06
CA ALA P 46 22.51 25.51 -73.40
C ALA P 46 21.59 26.04 -74.49
N ALA P 47 20.31 26.26 -74.17
CA ALA P 47 19.35 26.81 -75.12
C ALA P 47 18.93 28.24 -74.79
N ALA P 48 19.35 28.77 -73.65
CA ALA P 48 19.02 30.13 -73.26
C ALA P 48 20.08 31.14 -73.66
N VAL P 49 21.20 30.70 -74.23
CA VAL P 49 22.28 31.61 -74.59
C VAL P 49 21.82 32.59 -75.66
N ARG P 50 21.10 32.08 -76.67
CA ARG P 50 20.69 32.92 -77.78
C ARG P 50 19.73 34.02 -77.33
N ASP P 51 18.85 33.72 -76.38
CA ASP P 51 17.90 34.72 -75.91
C ASP P 51 18.60 35.83 -75.12
N ILE P 52 19.56 35.47 -74.27
CA ILE P 52 20.25 36.46 -73.46
C ILE P 52 21.10 37.37 -74.33
N SER P 53 21.69 36.81 -75.40
CA SER P 53 22.59 37.60 -76.25
C SER P 53 21.85 38.75 -76.93
N GLU P 54 20.55 38.61 -77.17
CA GLU P 54 19.79 39.71 -77.74
C GLU P 54 19.64 40.86 -76.75
N ALA P 55 19.35 40.54 -75.49
CA ALA P 55 19.10 41.55 -74.48
C ALA P 55 20.34 42.02 -73.75
N SER P 56 21.52 41.48 -74.09
CA SER P 56 22.75 41.91 -73.44
C SER P 56 23.13 43.30 -73.94
N VAL P 57 23.35 44.22 -72.99
CA VAL P 57 23.74 45.58 -73.35
C VAL P 57 25.14 45.59 -73.94
N PHE P 58 26.01 44.67 -73.51
CA PHE P 58 27.34 44.53 -74.08
C PHE P 58 27.28 43.59 -75.28
N ASP P 59 27.75 44.07 -76.44
CA ASP P 59 27.74 43.25 -77.64
C ASP P 59 28.69 42.07 -77.52
N ALA P 60 29.92 42.32 -77.07
CA ALA P 60 30.89 41.25 -76.82
C ALA P 60 30.94 40.91 -75.34
N TYR P 61 29.82 40.38 -74.84
CA TYR P 61 29.69 40.04 -73.44
C TYR P 61 30.09 38.58 -73.23
N VAL P 62 31.17 38.37 -72.48
CA VAL P 62 31.59 37.01 -72.16
C VAL P 62 30.61 36.41 -71.16
N LEU P 63 30.43 35.10 -71.25
CA LEU P 63 29.41 34.41 -70.46
C LEU P 63 30.03 33.87 -69.17
N PRO P 64 29.62 34.36 -68.01
CA PRO P 64 30.16 33.83 -66.75
C PRO P 64 29.73 32.39 -66.53
N LYS P 65 30.54 31.68 -65.75
CA LYS P 65 30.32 30.27 -65.46
C LYS P 65 30.04 30.08 -63.97
N LEU P 66 29.85 28.82 -63.59
CA LEU P 66 29.53 28.43 -62.23
C LEU P 66 30.54 27.39 -61.78
N TYR P 67 31.08 27.57 -60.57
CA TYR P 67 32.15 26.73 -60.05
C TYR P 67 31.65 26.07 -58.78
N VAL P 68 31.25 24.80 -58.89
CA VAL P 68 30.68 24.04 -57.79
C VAL P 68 31.51 22.78 -57.59
N LYS P 69 31.94 22.55 -56.35
CA LYS P 69 32.67 21.35 -55.98
C LYS P 69 31.74 20.46 -55.17
N LEU P 70 31.39 19.32 -55.73
CA LEU P 70 30.46 18.38 -55.11
C LEU P 70 31.22 17.25 -54.44
N HIS P 71 30.70 16.80 -53.30
CA HIS P 71 31.24 15.65 -52.60
C HIS P 71 30.11 14.66 -52.33
N TYR P 72 30.37 13.38 -52.56
CA TYR P 72 29.33 12.36 -52.48
C TYR P 72 29.84 11.15 -51.71
N CYS P 73 29.00 10.65 -50.81
CA CYS P 73 29.19 9.29 -50.32
C CYS P 73 28.90 8.32 -51.45
N VAL P 74 29.38 7.07 -51.31
CA VAL P 74 29.19 6.13 -52.41
C VAL P 74 27.72 5.74 -52.52
N SER P 75 26.93 5.99 -51.48
CA SER P 75 25.49 5.75 -51.56
C SER P 75 24.84 6.75 -52.50
N CYS P 76 25.14 8.03 -52.32
CA CYS P 76 24.53 9.06 -53.16
C CYS P 76 25.16 9.07 -54.55
N ALA P 77 26.44 8.70 -54.64
CA ALA P 77 27.11 8.65 -55.93
C ALA P 77 26.52 7.56 -56.81
N ILE P 78 26.27 6.38 -56.23
CA ILE P 78 25.67 5.30 -56.99
C ILE P 78 24.20 5.60 -57.27
N HIS P 79 23.50 6.19 -56.30
CA HIS P 79 22.08 6.48 -56.47
C HIS P 79 21.85 7.49 -57.58
N SER P 80 22.75 8.45 -57.74
CA SER P 80 22.66 9.42 -58.82
C SER P 80 23.37 8.97 -60.09
N LYS P 81 23.92 7.75 -60.08
CA LYS P 81 24.56 7.13 -61.25
C LYS P 81 25.78 7.90 -61.73
N VAL P 82 26.41 8.68 -60.86
CA VAL P 82 27.65 9.34 -61.25
C VAL P 82 28.82 8.36 -61.27
N VAL P 83 28.71 7.25 -60.54
CA VAL P 83 29.66 6.15 -60.62
C VAL P 83 28.85 4.87 -60.73
N ARG P 84 29.51 3.82 -61.22
CA ARG P 84 28.85 2.55 -61.49
C ARG P 84 29.73 1.41 -61.01
N ASN P 85 29.10 0.32 -60.58
CA ASN P 85 29.86 -0.87 -60.23
C ASN P 85 30.45 -1.49 -61.48
N ARG P 86 31.73 -1.81 -61.44
CA ARG P 86 32.45 -2.34 -62.58
C ARG P 86 32.90 -3.76 -62.29
N SER P 87 33.30 -4.46 -63.37
CA SER P 87 33.75 -5.83 -63.25
C SER P 87 35.04 -5.91 -62.44
N ARG P 88 35.45 -7.14 -62.12
CA ARG P 88 36.64 -7.35 -61.31
C ARG P 88 37.88 -6.81 -62.01
N GLU P 89 37.99 -7.04 -63.33
CA GLU P 89 39.12 -6.50 -64.07
C GLU P 89 38.97 -5.00 -64.29
N ALA P 90 37.75 -4.54 -64.61
CA ALA P 90 37.52 -3.13 -64.91
C ALA P 90 37.60 -2.23 -63.69
N ARG P 91 37.67 -2.81 -62.48
CA ARG P 91 37.74 -1.98 -61.28
C ARG P 91 39.12 -1.35 -61.11
N LYS P 92 40.16 -1.99 -61.64
CA LYS P 92 41.53 -1.64 -61.27
C LYS P 92 41.96 -0.31 -61.88
N ASP P 93 41.56 -0.03 -63.12
CA ASP P 93 42.05 1.17 -63.80
C ASP P 93 41.49 2.44 -63.14
N ARG P 94 42.30 3.49 -63.17
CA ARG P 94 41.95 4.74 -62.52
C ARG P 94 41.81 5.90 -63.51
N THR P 95 41.84 5.63 -64.80
CA THR P 95 41.66 6.69 -65.78
C THR P 95 40.24 7.24 -65.70
N PRO P 96 40.07 8.56 -65.82
CA PRO P 96 38.72 9.12 -65.82
C PRO P 96 37.98 8.74 -67.08
N PRO P 97 36.66 8.71 -67.05
CA PRO P 97 35.91 8.41 -68.27
C PRO P 97 36.12 9.49 -69.31
N PRO P 98 36.02 9.14 -70.60
CA PRO P 98 36.30 10.12 -71.64
C PRO P 98 35.32 11.29 -71.61
N ARG P 99 35.82 12.47 -72.00
CA ARG P 99 35.02 13.68 -71.92
C ARG P 99 33.96 13.76 -73.01
N PHE P 100 34.07 12.95 -74.06
CA PHE P 100 33.19 13.02 -75.23
C PHE P 100 33.20 14.42 -75.84
N ARG P 101 34.39 15.01 -75.93
CA ARG P 101 34.50 16.35 -76.52
C ARG P 101 34.08 16.43 -77.99
N PRO P 102 34.41 15.48 -78.89
CA PRO P 102 34.01 15.80 -80.26
C PRO P 102 32.54 15.49 -80.55
N PRO Q 1 70.96 -10.09 -66.56
CA PRO Q 1 72.42 -10.00 -66.34
C PRO Q 1 72.92 -11.04 -65.36
N LEU Q 2 72.72 -12.32 -65.66
CA LEU Q 2 73.19 -13.39 -64.78
C LEU Q 2 74.71 -13.49 -64.76
N ALA Q 3 75.40 -12.89 -65.73
CA ALA Q 3 76.86 -12.97 -65.83
C ALA Q 3 77.50 -11.63 -65.51
N LYS Q 4 76.97 -10.92 -64.52
CA LYS Q 4 77.55 -9.67 -64.08
C LYS Q 4 78.92 -9.92 -63.44
N ASP Q 5 79.90 -9.10 -63.80
CA ASP Q 5 81.26 -9.23 -63.29
C ASP Q 5 81.38 -8.40 -62.01
N LEU Q 6 81.18 -9.06 -60.87
CA LEU Q 6 81.23 -8.38 -59.59
C LEU Q 6 82.66 -8.09 -59.12
N LEU Q 7 83.65 -8.83 -59.60
CA LEU Q 7 85.02 -8.60 -59.16
C LEU Q 7 85.61 -7.34 -59.77
N HIS Q 8 85.36 -7.09 -61.06
CA HIS Q 8 86.04 -6.01 -61.79
C HIS Q 8 85.01 -5.11 -62.45
N PRO Q 9 84.41 -4.19 -61.68
CA PRO Q 9 83.53 -3.19 -62.28
C PRO Q 9 84.29 -1.95 -62.71
N SER Q 10 83.95 -1.46 -63.90
CA SER Q 10 84.60 -0.26 -64.41
C SER Q 10 84.20 0.94 -63.55
N PRO Q 11 85.13 1.88 -63.31
CA PRO Q 11 84.92 2.89 -62.26
C PRO Q 11 83.79 3.87 -62.54
N GLU Q 12 83.22 3.89 -63.76
CA GLU Q 12 82.13 4.81 -64.03
C GLU Q 12 80.91 4.49 -63.16
N GLU Q 13 80.59 3.20 -63.03
CA GLU Q 13 79.47 2.82 -62.18
C GLU Q 13 79.84 2.87 -60.70
N GLU Q 14 81.11 2.63 -60.37
CA GLU Q 14 81.54 2.72 -58.99
C GLU Q 14 81.42 4.15 -58.46
N LYS Q 15 81.81 5.14 -59.28
CA LYS Q 15 81.58 6.52 -58.92
C LYS Q 15 80.09 6.83 -58.82
N ARG Q 16 79.27 6.15 -59.64
CA ARG Q 16 77.83 6.32 -59.55
C ARG Q 16 77.28 5.73 -58.26
N LYS Q 17 77.91 4.68 -57.74
CA LYS Q 17 77.40 3.96 -56.59
C LYS Q 17 77.59 4.77 -55.31
N HIS Q 18 76.80 4.40 -54.30
CA HIS Q 18 76.95 4.98 -52.97
C HIS Q 18 78.28 4.57 -52.36
N LYS Q 19 78.84 5.45 -51.54
CA LYS Q 19 80.16 5.25 -50.97
C LYS Q 19 80.24 3.96 -50.15
N LYS Q 20 79.21 3.70 -49.33
CA LYS Q 20 79.21 2.51 -48.50
C LYS Q 20 79.04 1.25 -49.34
N LYS Q 21 78.25 1.32 -50.41
CA LYS Q 21 77.89 0.17 -51.22
C LYS Q 21 78.90 -0.13 -52.32
N ARG Q 22 80.00 0.61 -52.39
CA ARG Q 22 81.04 0.31 -53.37
C ARG Q 22 81.76 -0.99 -53.02
N LEU Q 23 82.55 -1.48 -53.98
CA LEU Q 23 83.35 -2.67 -53.74
C LEU Q 23 84.34 -2.44 -52.62
N VAL Q 24 84.96 -1.25 -52.60
CA VAL Q 24 85.80 -0.79 -51.50
C VAL Q 24 85.33 0.61 -51.14
N GLN Q 25 85.16 0.87 -49.84
CA GLN Q 25 84.66 2.16 -49.39
C GLN Q 25 85.62 3.28 -49.76
N SER Q 26 85.18 4.14 -50.67
CA SER Q 26 85.96 5.29 -51.11
C SER Q 26 85.19 6.55 -50.78
N PRO Q 27 85.79 7.50 -50.07
CA PRO Q 27 85.08 8.74 -49.73
C PRO Q 27 84.78 9.58 -50.95
N ASN Q 28 83.69 10.35 -50.86
CA ASN Q 28 83.27 11.23 -51.94
C ASN Q 28 83.81 12.65 -51.79
N SER Q 29 84.71 12.88 -50.85
CA SER Q 29 85.26 14.20 -50.58
C SER Q 29 86.76 14.22 -50.83
N TYR Q 30 87.39 15.34 -50.52
CA TYR Q 30 88.81 15.56 -50.78
C TYR Q 30 89.22 16.82 -50.04
N PHE Q 31 90.49 17.21 -50.21
CA PHE Q 31 91.02 18.46 -49.71
C PHE Q 31 91.49 19.30 -50.89
N MET Q 32 91.14 20.58 -50.88
CA MET Q 32 91.43 21.47 -51.99
C MET Q 32 92.32 22.62 -51.52
N ASP Q 33 93.30 22.98 -52.35
CA ASP Q 33 94.14 24.15 -52.12
C ASP Q 33 93.38 25.38 -52.58
N VAL Q 34 92.73 26.08 -51.65
CA VAL Q 34 91.92 27.25 -51.95
C VAL Q 34 92.81 28.47 -51.92
N LYS Q 35 92.76 29.27 -52.99
CA LYS Q 35 93.59 30.46 -53.13
C LYS Q 35 92.67 31.67 -53.30
N CYS Q 36 92.44 32.40 -52.21
CA CYS Q 36 91.64 33.60 -52.28
C CYS Q 36 92.45 34.73 -52.94
N PRO Q 37 91.78 35.61 -53.68
CA PRO Q 37 92.48 36.75 -54.28
C PRO Q 37 92.88 37.76 -53.21
N GLY Q 38 93.86 38.60 -53.56
CA GLY Q 38 94.33 39.63 -52.66
C GLY Q 38 95.37 39.17 -51.66
N CYS Q 39 95.81 37.91 -51.73
CA CYS Q 39 96.80 37.40 -50.79
C CYS Q 39 97.88 36.62 -51.52
N TYR Q 40 98.70 35.87 -50.78
CA TYR Q 40 99.82 35.16 -51.36
C TYR Q 40 99.99 33.74 -50.87
N LYS Q 41 99.18 33.28 -49.92
CA LYS Q 41 99.37 31.97 -49.31
C LYS Q 41 98.23 31.02 -49.66
N ILE Q 42 98.54 29.74 -49.64
CA ILE Q 42 97.58 28.67 -49.96
C ILE Q 42 97.01 28.13 -48.65
N THR Q 43 95.69 28.11 -48.54
CA THR Q 43 95.00 27.59 -47.38
C THR Q 43 94.32 26.27 -47.74
N THR Q 44 94.59 25.23 -46.95
CA THR Q 44 93.98 23.93 -47.18
C THR Q 44 92.59 23.89 -46.59
N VAL Q 45 91.61 23.48 -47.40
CA VAL Q 45 90.21 23.48 -47.01
C VAL Q 45 89.59 22.14 -47.37
N PHE Q 46 88.89 21.54 -46.42
CA PHE Q 46 88.13 20.32 -46.69
C PHE Q 46 86.99 20.64 -47.65
N SER Q 47 86.79 19.79 -48.66
CA SER Q 47 85.80 20.06 -49.69
C SER Q 47 84.38 20.09 -49.16
N HIS Q 48 84.11 19.42 -48.04
CA HIS Q 48 82.80 19.38 -47.42
C HIS Q 48 82.84 20.05 -46.05
N ALA Q 49 83.50 21.20 -45.98
CA ALA Q 49 83.75 21.87 -44.71
C ALA Q 49 82.45 22.37 -44.10
N GLN Q 50 82.25 22.07 -42.81
CA GLN Q 50 81.06 22.49 -42.07
C GLN Q 50 81.28 23.79 -41.32
N THR Q 51 82.46 24.39 -41.40
CA THR Q 51 82.78 25.62 -40.70
C THR Q 51 83.24 26.67 -41.70
N VAL Q 52 83.19 27.93 -41.28
CA VAL Q 52 83.69 29.05 -42.06
C VAL Q 52 85.21 29.11 -41.84
N VAL Q 53 85.96 28.70 -42.85
CA VAL Q 53 87.42 28.59 -42.70
C VAL Q 53 88.07 29.95 -42.90
N LEU Q 54 89.11 30.21 -42.12
CA LEU Q 54 89.84 31.46 -42.17
C LEU Q 54 91.33 31.17 -42.06
N CYS Q 55 92.14 32.06 -42.63
CA CYS Q 55 93.59 31.88 -42.59
C CYS Q 55 94.12 32.31 -41.22
N VAL Q 56 95.42 32.10 -41.02
CA VAL Q 56 96.06 32.67 -39.84
C VAL Q 56 96.13 34.19 -39.95
N GLY Q 57 96.27 34.73 -41.16
CA GLY Q 57 96.41 36.16 -41.32
C GLY Q 57 95.31 36.81 -42.13
N CYS Q 58 94.70 36.09 -43.07
CA CYS Q 58 93.72 36.71 -43.95
C CYS Q 58 92.44 36.97 -43.17
N SER Q 59 91.93 38.20 -43.27
CA SER Q 59 90.63 38.55 -42.71
C SER Q 59 89.54 38.44 -43.77
N THR Q 60 89.52 37.29 -44.46
CA THR Q 60 88.59 37.07 -45.56
C THR Q 60 88.02 35.67 -45.44
N VAL Q 61 86.69 35.56 -45.50
CA VAL Q 61 86.04 34.26 -45.38
C VAL Q 61 86.20 33.50 -46.68
N LEU Q 62 86.68 32.26 -46.59
CA LEU Q 62 86.97 31.48 -47.78
C LEU Q 62 85.78 30.64 -48.23
N CYS Q 63 85.16 29.90 -47.31
CA CYS Q 63 84.03 29.06 -47.63
C CYS Q 63 82.93 29.22 -46.58
N GLN Q 64 81.72 28.84 -46.96
CA GLN Q 64 80.57 28.88 -46.08
C GLN Q 64 79.94 27.50 -46.01
N PRO Q 65 79.41 27.10 -44.85
CA PRO Q 65 78.84 25.75 -44.72
C PRO Q 65 77.44 25.67 -45.31
N THR Q 66 77.25 24.69 -46.20
CA THR Q 66 75.92 24.35 -46.70
C THR Q 66 75.67 22.86 -46.48
N GLY Q 67 74.64 22.33 -47.13
CA GLY Q 67 74.27 20.93 -46.97
C GLY Q 67 75.38 19.94 -47.27
N GLY Q 68 75.77 19.81 -48.54
CA GLY Q 68 76.71 18.77 -48.90
C GLY Q 68 78.15 19.20 -49.12
N LYS Q 69 78.36 20.29 -49.85
CA LYS Q 69 79.71 20.74 -50.20
C LYS Q 69 79.95 22.14 -49.68
N ALA Q 70 81.19 22.41 -49.28
CA ALA Q 70 81.56 23.74 -48.83
C ALA Q 70 81.41 24.74 -49.97
N ARG Q 71 80.74 25.86 -49.68
CA ARG Q 71 80.42 26.86 -50.70
C ARG Q 71 81.51 27.92 -50.69
N LEU Q 72 82.43 27.83 -51.65
CA LEU Q 72 83.50 28.81 -51.74
C LEU Q 72 82.96 30.19 -52.10
N THR Q 73 83.58 31.22 -51.55
CA THR Q 73 83.23 32.58 -51.94
C THR Q 73 83.73 32.84 -53.36
N GLU Q 74 83.08 33.79 -54.02
CA GLU Q 74 83.36 34.05 -55.43
C GLU Q 74 84.75 34.64 -55.62
N GLY Q 75 85.47 34.11 -56.61
CA GLY Q 75 86.77 34.62 -56.98
C GLY Q 75 87.95 33.82 -56.47
N CYS Q 76 87.71 32.82 -55.62
CA CYS Q 76 88.78 32.03 -55.02
C CYS Q 76 89.04 30.78 -55.84
N SER Q 77 90.30 30.55 -56.18
CA SER Q 77 90.70 29.35 -56.92
C SER Q 77 90.68 28.14 -56.01
N PHE Q 78 90.77 26.96 -56.61
CA PHE Q 78 90.85 25.71 -55.88
C PHE Q 78 91.53 24.66 -56.74
N ARG Q 79 92.40 23.86 -56.12
CA ARG Q 79 93.15 22.82 -56.80
C ARG Q 79 93.01 21.51 -56.05
N ARG Q 80 92.85 20.42 -56.81
CA ARG Q 80 92.78 19.11 -56.19
C ARG Q 80 94.14 18.69 -55.64
N LYS Q 81 94.11 17.72 -54.72
CA LYS Q 81 95.33 17.15 -54.14
C LYS Q 81 95.32 15.64 -54.36
N GLN Q 82 96.22 15.17 -55.24
CA GLN Q 82 96.48 13.74 -55.49
C GLN Q 82 95.20 12.92 -55.68
N HIS Q 83 94.17 13.55 -56.23
CA HIS Q 83 92.85 12.94 -56.42
C HIS Q 83 92.27 12.35 -55.14
N VAL R 1 6.29 -35.88 -18.85
CA VAL R 1 6.72 -36.45 -20.12
C VAL R 1 5.49 -36.70 -21.01
N HIS R 2 5.69 -36.70 -22.33
CA HIS R 2 4.58 -36.93 -23.25
C HIS R 2 4.02 -38.33 -23.12
N GLY R 3 4.84 -39.31 -22.73
CA GLY R 3 4.34 -40.64 -22.45
C GLY R 3 3.84 -41.44 -23.64
N SER R 4 4.58 -41.44 -24.74
CA SER R 4 4.32 -42.36 -25.85
C SER R 4 5.01 -43.70 -25.65
N LEU R 5 5.32 -44.04 -24.40
CA LEU R 5 6.02 -45.25 -24.02
C LEU R 5 5.13 -46.48 -24.08
N ALA R 6 3.81 -46.30 -24.24
CA ALA R 6 2.91 -47.43 -24.36
C ALA R 6 3.14 -48.22 -25.65
N ARG R 7 3.79 -47.62 -26.64
CA ARG R 7 4.10 -48.28 -27.90
C ARG R 7 5.40 -49.05 -27.86
N ALA R 8 6.06 -49.11 -26.70
CA ALA R 8 7.35 -49.78 -26.60
C ALA R 8 7.22 -51.27 -26.88
N GLY R 9 8.12 -51.79 -27.70
CA GLY R 9 8.09 -53.19 -28.08
C GLY R 9 6.88 -53.58 -28.90
N LYS R 10 6.48 -52.74 -29.85
CA LYS R 10 5.30 -52.99 -30.66
C LYS R 10 5.61 -53.86 -31.87
N VAL R 11 6.59 -53.44 -32.68
CA VAL R 11 6.88 -54.15 -33.92
C VAL R 11 7.48 -55.52 -33.64
N ARG R 12 8.32 -55.62 -32.62
CA ARG R 12 8.91 -56.91 -32.28
C ARG R 12 7.85 -57.93 -31.92
N GLY R 13 6.86 -57.51 -31.12
CA GLY R 13 5.75 -58.40 -30.82
C GLY R 13 4.88 -58.69 -32.04
N GLN R 14 4.74 -57.70 -32.92
CA GLN R 14 3.89 -57.85 -34.10
C GLN R 14 4.49 -58.79 -35.14
N THR R 15 5.76 -59.11 -35.04
CA THR R 15 6.41 -59.91 -36.06
C THR R 15 5.86 -61.34 -36.06
N PRO R 16 5.44 -61.86 -37.20
CA PRO R 16 4.98 -63.26 -37.24
C PRO R 16 6.12 -64.23 -36.97
N LYS R 17 5.87 -65.15 -36.06
CA LYS R 17 6.89 -66.08 -35.58
C LYS R 17 7.07 -67.21 -36.58
N VAL R 18 8.29 -67.37 -37.09
CA VAL R 18 8.64 -68.50 -37.94
C VAL R 18 9.85 -69.20 -37.32
N ALA R 19 9.76 -70.53 -37.22
CA ALA R 19 10.81 -71.30 -36.59
C ALA R 19 12.01 -71.47 -37.53
N LYS R 20 13.19 -71.55 -36.92
CA LYS R 20 14.40 -71.82 -37.71
C LYS R 20 14.34 -73.23 -38.28
N GLN R 21 14.70 -73.35 -39.56
CA GLN R 21 14.67 -74.64 -40.21
C GLN R 21 15.85 -75.50 -39.74
N GLU R 22 15.78 -76.79 -40.08
CA GLU R 22 16.84 -77.73 -39.75
C GLU R 22 17.80 -77.82 -40.93
N LYS R 23 19.07 -77.50 -40.68
CA LYS R 23 20.09 -77.50 -41.72
C LYS R 23 21.24 -78.41 -41.31
N LYS R 24 22.10 -78.70 -42.28
CA LYS R 24 23.31 -79.45 -41.99
C LYS R 24 24.22 -78.65 -41.07
N LYS R 25 24.90 -79.35 -40.17
CA LYS R 25 25.81 -78.68 -39.24
C LYS R 25 26.99 -78.11 -40.01
N LYS R 26 27.25 -76.81 -39.82
CA LYS R 26 28.32 -76.14 -40.54
C LYS R 26 29.68 -76.62 -40.03
N LYS R 27 30.63 -76.74 -40.95
CA LYS R 27 31.97 -77.16 -40.58
C LYS R 27 32.68 -76.05 -39.82
N THR R 28 33.63 -76.44 -38.97
CA THR R 28 34.33 -75.51 -38.10
C THR R 28 35.83 -75.63 -38.27
N GLY R 29 36.53 -74.53 -38.02
CA GLY R 29 37.98 -74.57 -37.99
C GLY R 29 38.57 -74.78 -39.37
N ARG R 30 39.49 -75.75 -39.44
CA ARG R 30 40.21 -76.00 -40.69
C ARG R 30 39.28 -76.50 -41.79
N ALA R 31 38.23 -77.25 -41.42
CA ALA R 31 37.26 -77.67 -42.42
C ALA R 31 36.50 -76.48 -42.99
N LYS R 32 36.14 -75.53 -42.14
CA LYS R 32 35.46 -74.32 -42.62
C LYS R 32 36.34 -73.54 -43.58
N ARG R 33 37.63 -73.40 -43.25
CA ARG R 33 38.55 -72.71 -44.14
C ARG R 33 38.78 -73.49 -45.43
N ARG R 34 38.81 -74.82 -45.33
CA ARG R 34 38.96 -75.65 -46.52
C ARG R 34 37.78 -75.49 -47.46
N MET R 35 36.57 -75.44 -46.89
CA MET R 35 35.37 -75.33 -47.70
C MET R 35 35.31 -74.00 -48.45
N GLN R 36 35.61 -72.90 -47.75
CA GLN R 36 35.50 -71.59 -48.39
C GLN R 36 36.67 -71.31 -49.31
N TYR R 37 37.86 -71.85 -49.02
CA TYR R 37 38.98 -71.71 -49.93
C TYR R 37 38.69 -72.40 -51.26
N ASN R 38 38.14 -73.61 -51.19
CA ASN R 38 37.74 -74.31 -52.41
C ASN R 38 36.54 -73.65 -53.07
N ARG R 39 35.77 -72.87 -52.31
CA ARG R 39 34.58 -72.26 -52.85
C ARG R 39 34.93 -71.10 -53.80
N ARG R 40 35.93 -70.30 -53.43
CA ARG R 40 36.17 -69.05 -54.12
C ARG R 40 37.48 -69.02 -54.91
N PHE R 41 38.32 -70.05 -54.82
CA PHE R 41 39.62 -69.98 -55.48
C PHE R 41 39.83 -71.05 -56.54
N VAL R 42 39.65 -72.32 -56.23
CA VAL R 42 39.93 -73.40 -57.20
C VAL R 42 38.63 -73.63 -57.96
N ASN R 43 38.39 -72.77 -58.95
CA ASN R 43 37.27 -72.87 -59.87
C ASN R 43 37.50 -71.86 -60.98
N VAL R 44 37.13 -72.24 -62.20
CA VAL R 44 37.27 -71.38 -63.37
C VAL R 44 35.87 -71.13 -63.92
N VAL R 45 35.47 -69.87 -63.97
CA VAL R 45 34.15 -69.46 -64.44
C VAL R 45 34.27 -69.01 -65.89
N PRO R 46 33.60 -69.67 -66.84
CA PRO R 46 33.55 -69.16 -68.21
C PRO R 46 32.53 -68.04 -68.34
N THR R 47 31.50 -68.09 -67.49
CA THR R 47 30.42 -67.12 -67.56
C THR R 47 30.90 -65.74 -67.11
N PHE R 48 30.44 -64.70 -67.80
CA PHE R 48 30.76 -63.33 -67.46
C PHE R 48 29.99 -62.91 -66.22
N GLY R 49 30.10 -61.64 -65.84
CA GLY R 49 29.45 -61.15 -64.65
C GLY R 49 30.30 -60.15 -63.88
N LYS R 50 31.51 -59.90 -64.40
CA LYS R 50 32.45 -58.96 -63.80
C LYS R 50 32.76 -59.32 -62.34
N LYS R 51 32.89 -60.63 -62.09
CA LYS R 51 33.28 -61.18 -60.78
C LYS R 51 32.30 -60.74 -59.69
N LYS R 52 31.06 -61.20 -59.85
CA LYS R 52 30.00 -60.87 -58.92
C LYS R 52 30.28 -61.48 -57.55
N GLY R 53 29.80 -60.82 -56.50
CA GLY R 53 30.09 -61.19 -55.14
C GLY R 53 29.49 -62.53 -54.73
N PRO R 54 29.88 -63.02 -53.56
CA PRO R 54 29.47 -64.37 -53.15
C PRO R 54 28.00 -64.50 -52.79
N ASN R 55 27.30 -63.40 -52.55
CA ASN R 55 25.89 -63.44 -52.17
C ASN R 55 25.01 -62.79 -53.24
N ALA R 56 25.29 -63.10 -54.51
CA ALA R 56 24.49 -62.57 -55.60
C ALA R 56 23.07 -63.10 -55.52
N ASN R 57 22.12 -62.20 -55.23
CA ASN R 57 20.71 -62.57 -55.08
C ASN R 57 19.95 -62.33 -56.39
N SER R 58 20.40 -63.01 -57.44
CA SER R 58 19.71 -62.96 -58.72
C SER R 58 18.67 -64.07 -58.81
P A2M S 27 39.10 -56.78 -13.99
OP1 A2M S 27 39.25 -57.72 -12.83
O5' A2M S 27 37.40 -56.19 -14.30
C5' A2M S 27 36.82 -55.51 -13.30
C4' A2M S 27 35.61 -54.74 -13.82
O4' A2M S 27 36.02 -53.82 -14.80
C3' A2M S 27 34.59 -55.67 -14.45
O3' A2M S 27 33.89 -56.28 -13.42
C2' A2M S 27 33.86 -54.74 -15.40
O2' A2M S 27 32.95 -53.88 -14.76
C1' A2M S 27 35.08 -53.93 -15.85
CM' A2M S 27 32.44 -52.93 -15.65
N9 A2M S 27 35.78 -54.41 -17.03
C8 A2M S 27 37.02 -55.02 -17.21
N7 A2M S 27 37.28 -55.30 -18.50
C5 A2M S 27 36.14 -54.86 -19.16
C6 A2M S 27 35.74 -54.85 -20.48
N6 A2M S 27 36.54 -55.35 -21.48
N1 A2M S 27 34.55 -54.34 -20.88
C2 A2M S 27 33.77 -53.84 -19.90
N3 A2M S 27 33.98 -53.77 -18.58
C4 A2M S 27 35.19 -54.29 -18.27
OP2 A2M S 27 39.23 -57.31 -15.39
N1 PSU S 93 61.01 -60.01 11.59
C2 PSU S 93 60.28 -61.16 11.31
N3 PSU S 93 60.84 -62.15 10.55
C4 PSU S 93 62.13 -62.00 10.06
C5 PSU S 93 62.85 -60.86 10.34
C6 PSU S 93 62.26 -59.87 11.12
O2 PSU S 93 59.15 -61.29 11.75
O4 PSU S 93 62.61 -62.91 9.38
C1' PSU S 93 64.24 -60.66 9.80
C2' PSU S 93 64.13 -60.42 8.30
O2' PSU S 93 65.31 -60.86 7.66
C3' PSU S 93 64.04 -58.90 8.25
C4' PSU S 93 65.00 -58.49 9.34
O3' PSU S 93 64.34 -58.35 6.99
O4' PSU S 93 64.82 -59.49 10.37
C5' PSU S 93 64.78 -57.12 9.92
O5' PSU S 93 63.45 -56.98 10.36
P PSU S 93 62.96 -55.63 11.04
OP1 PSU S 93 63.37 -54.54 10.15
OP2 PSU S 93 61.52 -55.81 11.32
P A2M S 99 47.86 -44.26 -1.17
OP1 A2M S 99 46.95 -44.75 -2.25
O5' A2M S 99 47.19 -44.30 0.50
C5' A2M S 99 46.28 -43.35 0.80
C4' A2M S 99 46.45 -42.91 2.25
O4' A2M S 99 46.94 -44.01 3.00
C3' A2M S 99 47.46 -41.80 2.40
O3' A2M S 99 46.88 -40.63 1.92
C2' A2M S 99 47.85 -41.93 3.86
O2' A2M S 99 46.84 -41.50 4.75
C1' A2M S 99 47.91 -43.46 3.87
CM' A2M S 99 47.42 -40.97 5.91
N9 A2M S 99 49.20 -44.02 3.54
C8 A2M S 99 49.65 -44.78 2.46
N7 A2M S 99 50.96 -45.10 2.54
C5 A2M S 99 51.35 -44.49 3.73
C6 A2M S 99 52.54 -44.41 4.41
N6 A2M S 99 53.69 -45.01 3.93
N1 A2M S 99 52.68 -43.74 5.59
C2 A2M S 99 51.54 -43.16 6.05
N3 A2M S 99 50.31 -43.13 5.53
C4 A2M S 99 50.27 -43.82 4.36
OP2 A2M S 99 48.18 -42.80 -1.09
N1 PSU S 105 63.20 -37.31 -2.38
C2 PSU S 105 62.85 -37.70 -3.66
N3 PSU S 105 62.12 -38.85 -3.85
C4 PSU S 105 61.73 -39.61 -2.78
C5 PSU S 105 62.10 -39.22 -1.49
C6 PSU S 105 62.83 -38.05 -1.32
O2 PSU S 105 63.18 -37.03 -4.62
O4 PSU S 105 61.08 -40.63 -2.96
C1' PSU S 105 61.67 -40.02 -0.29
C2' PSU S 105 62.43 -41.34 -0.20
O2' PSU S 105 61.57 -42.31 0.36
C3' PSU S 105 63.55 -40.99 0.77
C4' PSU S 105 62.86 -40.03 1.73
O3' PSU S 105 64.12 -42.11 1.40
O4' PSU S 105 61.96 -39.28 0.88
C5' PSU S 105 63.78 -39.09 2.46
O5' PSU S 105 64.75 -38.53 1.59
P PSU S 105 65.43 -37.13 1.93
OP1 PSU S 105 66.43 -37.34 2.99
OP2 PSU S 105 65.82 -36.54 0.63
N1 PSU S 109 75.55 -41.74 -5.25
C2 PSU S 109 75.36 -40.87 -4.19
N3 PSU S 109 76.07 -39.70 -4.12
C4 PSU S 109 76.99 -39.39 -5.10
C5 PSU S 109 77.19 -40.27 -6.16
C6 PSU S 109 76.46 -41.44 -6.22
O2 PSU S 109 74.54 -41.15 -3.32
O4 PSU S 109 77.63 -38.34 -5.02
C1' PSU S 109 78.18 -39.93 -7.23
C2' PSU S 109 79.63 -40.21 -6.85
O2' PSU S 109 80.44 -39.20 -7.42
C3' PSU S 109 79.88 -41.55 -7.53
C4' PSU S 109 79.06 -41.43 -8.80
O3' PSU S 109 81.26 -41.80 -7.79
O4' PSU S 109 77.89 -40.69 -8.40
C5' PSU S 109 78.64 -42.73 -9.44
O5' PSU S 109 78.08 -43.62 -8.49
P PSU S 109 77.40 -44.99 -8.95
OP1 PSU S 109 78.40 -45.74 -9.72
OP2 PSU S 109 76.76 -45.61 -7.76
N1 OMU S 116 78.75 -47.10 14.92
C2 OMU S 116 78.17 -47.85 13.75
N3 OMU S 116 78.94 -47.94 12.47
C4 OMU S 116 80.25 -47.30 12.35
C5 OMU S 116 80.80 -46.55 13.50
C6 OMU S 116 80.04 -46.46 14.76
O2 OMU S 116 77.08 -48.39 13.85
O4 OMU S 116 80.83 -47.37 11.38
C1' OMU S 116 78.00 -46.96 16.19
C2' OMU S 116 78.09 -48.21 17.06
O2' OMU S 116 76.88 -48.34 17.78
CM2 OMU S 116 75.77 -48.66 16.99
C3' OMU S 116 79.22 -47.85 18.00
C4' OMU S 116 79.03 -46.35 18.21
O3' OMU S 116 79.20 -48.58 19.21
O4' OMU S 116 78.55 -45.89 16.92
C5' OMU S 116 80.26 -45.58 18.60
O5' OMU S 116 81.26 -45.66 17.59
P OMU S 116 82.53 -44.69 17.62
OP1 OMU S 116 83.02 -44.62 19.03
OP2 OMU S 116 83.46 -45.11 16.52
N1 OMU S 121 85.72 -63.77 12.25
C2 OMU S 121 86.30 -62.41 12.54
N3 OMU S 121 85.99 -61.73 13.82
C4 OMU S 121 85.12 -62.36 14.80
C5 OMU S 121 84.56 -63.71 14.51
C6 OMU S 121 84.87 -64.39 13.23
O2 OMU S 121 87.03 -61.86 11.72
O4 OMU S 121 84.88 -61.83 15.78
C1' OMU S 121 86.02 -64.47 10.98
C2' OMU S 121 87.44 -65.05 10.95
O2' OMU S 121 87.84 -65.15 9.60
CM2 OMU S 121 89.15 -64.80 9.32
C3' OMU S 121 87.18 -66.43 11.53
C4' OMU S 121 85.87 -66.81 10.86
O3' OMU S 121 88.22 -67.37 11.30
O4' OMU S 121 85.14 -65.55 10.83
C5' OMU S 121 85.06 -67.88 11.54
O5' OMU S 121 84.85 -67.58 12.91
P OMU S 121 83.71 -68.33 13.73
OP1 OMU S 121 83.91 -69.80 13.56
OP2 OMU S 121 83.66 -67.74 15.12
P A2M S 159 36.31 -67.94 38.28
OP1 A2M S 159 36.61 -69.23 37.57
O5' A2M S 159 36.78 -66.94 36.82
C5' A2M S 159 36.40 -67.40 35.62
C4' A2M S 159 36.42 -66.26 34.58
O4' A2M S 159 35.80 -65.11 35.13
C3' A2M S 159 37.83 -65.90 34.17
O3' A2M S 159 38.23 -66.85 33.22
C2' A2M S 159 37.70 -64.43 33.77
O2' A2M S 159 37.18 -64.22 32.48
C1' A2M S 159 36.64 -64.02 34.82
CM' A2M S 159 37.02 -62.85 32.22
N9 A2M S 159 37.13 -63.44 36.04
C8 A2M S 159 37.53 -63.99 37.27
N7 A2M S 159 37.94 -63.06 38.16
C5 A2M S 159 37.78 -61.87 37.46
C6 A2M S 159 38.00 -60.54 37.78
N6 A2M S 159 38.49 -60.16 39.01
N1 A2M S 159 37.76 -59.53 36.90
C2 A2M S 159 37.28 -59.91 35.68
N3 A2M S 159 37.01 -61.13 35.22
C4 A2M S 159 37.28 -62.07 36.15
OP2 A2M S 159 37.02 -67.62 39.55
P A2M S 166 55.88 -65.63 52.83
OP1 A2M S 166 56.67 -65.13 53.98
O5' A2M S 166 55.97 -67.35 53.39
C5' A2M S 166 55.48 -67.60 54.62
C4' A2M S 166 55.23 -69.09 54.80
O4' A2M S 166 54.13 -69.49 54.01
C3' A2M S 166 56.42 -69.92 54.36
O3' A2M S 166 57.42 -69.75 55.31
C2' A2M S 166 55.77 -71.28 54.16
O2' A2M S 166 55.46 -71.93 55.37
C1' A2M S 166 54.48 -70.76 53.48
CM' A2M S 166 54.44 -72.87 55.17
N9 A2M S 166 54.52 -70.67 52.05
C8 A2M S 166 54.51 -69.59 51.16
N7 A2M S 166 54.56 -69.97 49.88
C5 A2M S 166 54.61 -71.36 49.94
C6 A2M S 166 54.67 -72.37 49.00
N6 A2M S 166 54.71 -72.08 47.65
N1 A2M S 166 54.70 -73.69 49.33
C2 A2M S 166 54.66 -73.96 50.67
N3 A2M S 166 54.61 -73.12 51.71
C4 A2M S 166 54.58 -71.82 51.29
OP2 A2M S 166 56.37 -65.37 51.44
N1 OMU S 172 78.20 -71.15 31.20
C2 OMU S 172 77.48 -71.09 29.88
N3 OMU S 172 77.77 -72.11 28.82
C4 OMU S 172 78.76 -73.15 29.08
C5 OMU S 172 79.47 -73.19 30.40
C6 OMU S 172 79.18 -72.17 31.44
O2 OMU S 172 76.66 -70.21 29.67
O4 OMU S 172 78.99 -73.93 28.29
C1' OMU S 172 77.91 -70.13 32.22
C2' OMU S 172 76.74 -70.45 33.12
O2' OMU S 172 75.49 -70.22 32.48
CM2 OMU S 172 74.41 -70.57 33.28
C3' OMU S 172 77.03 -69.53 34.29
C4' OMU S 172 78.54 -69.65 34.42
O3' OMU S 172 76.71 -68.20 33.91
O4' OMU S 172 79.02 -70.03 33.10
C5' OMU S 172 79.03 -70.65 35.44
O5' OMU S 172 78.75 -71.99 35.06
P OMU S 172 78.30 -73.07 36.14
OP1 OMU S 172 78.15 -74.41 35.45
OP2 OMU S 172 79.20 -72.95 37.32
N1 OMC S 174 73.82 -64.33 40.53
C2 OMC S 174 74.19 -64.93 41.74
N3 OMC S 174 75.10 -65.93 41.71
C4 OMC S 174 75.63 -66.33 40.58
C5 OMC S 174 75.29 -65.74 39.32
C6 OMC S 174 74.38 -64.74 39.37
O2 OMC S 174 73.69 -64.55 42.78
N4 OMC S 174 76.53 -67.31 40.61
C1' OMC S 174 72.83 -63.23 40.48
C2' OMC S 174 73.43 -61.87 40.89
O2' OMC S 174 72.47 -61.16 41.64
CM2 OMC S 174 72.49 -61.48 43.01
C3' OMC S 174 73.63 -61.21 39.53
C4' OMC S 174 72.46 -61.74 38.72
O4' OMC S 174 72.33 -63.11 39.17
O3' OMC S 174 73.68 -59.80 39.58
C5' OMC S 174 72.62 -61.70 37.23
O5' OMC S 174 73.86 -62.27 36.83
P OMC S 174 74.11 -62.69 35.32
OP1 OMC S 174 73.93 -61.45 34.45
OP2 OMC S 174 75.42 -63.47 35.25
N1 OMU S 293 72.71 -33.55 -8.67
C2 OMU S 293 72.16 -34.95 -8.55
N3 OMU S 293 71.71 -35.47 -7.22
C4 OMU S 293 71.79 -34.62 -6.04
C5 OMU S 293 72.33 -33.23 -6.17
C6 OMU S 293 72.77 -32.72 -7.48
O2 OMU S 293 72.09 -35.66 -9.54
O4 OMU S 293 71.45 -35.01 -5.04
C1' OMU S 293 73.14 -33.06 -9.99
C2' OMU S 293 71.99 -32.40 -10.75
O2' OMU S 293 72.21 -32.55 -12.14
CM2 OMU S 293 71.99 -33.85 -12.60
C3' OMU S 293 72.17 -30.94 -10.35
C4' OMU S 293 73.68 -30.80 -10.36
O3' OMU S 293 71.50 -30.03 -11.18
O4' OMU S 293 74.13 -32.07 -9.82
C5' OMU S 293 74.24 -29.66 -9.55
O5' OMU S 293 73.58 -29.54 -8.31
P OMU S 293 74.24 -28.70 -7.12
OP1 OMU S 293 74.38 -27.28 -7.58
OP2 OMU S 293 73.49 -29.02 -5.86
N1 PSU S 345 49.43 -32.51 -3.27
C2 PSU S 345 50.79 -32.67 -3.39
N3 PSU S 345 51.31 -33.23 -4.54
C4 PSU S 345 50.48 -33.63 -5.55
C5 PSU S 345 49.11 -33.48 -5.41
C6 PSU S 345 48.60 -32.90 -4.25
O2 PSU S 345 51.54 -32.31 -2.49
O4 PSU S 345 50.94 -34.14 -6.57
C1' PSU S 345 48.19 -33.92 -6.52
C2' PSU S 345 47.93 -35.42 -6.42
O2' PSU S 345 47.72 -35.93 -7.73
C3' PSU S 345 46.63 -35.44 -5.63
C4' PSU S 345 45.89 -34.22 -6.18
O3' PSU S 345 45.88 -36.64 -5.78
O4' PSU S 345 46.95 -33.26 -6.40
C5' PSU S 345 44.85 -33.64 -5.27
O5' PSU S 345 45.30 -33.59 -3.93
P PSU S 345 44.71 -32.53 -2.90
OP1 PSU S 345 43.34 -32.96 -2.52
OP2 PSU S 345 45.73 -32.30 -1.87
N1 OMU S 367 55.40 -60.02 -7.19
C2 OMU S 367 54.33 -61.07 -7.02
N3 OMU S 367 53.22 -61.17 -8.02
C4 OMU S 367 53.16 -60.25 -9.13
C5 OMU S 367 54.23 -59.20 -9.29
C6 OMU S 367 55.34 -59.11 -8.30
O2 OMU S 367 54.39 -61.85 -6.08
O4 OMU S 367 52.33 -60.32 -9.89
C1' OMU S 367 56.49 -59.93 -6.22
C2' OMU S 367 57.74 -59.24 -6.75
O2' OMU S 367 58.53 -60.13 -7.52
CM2 OMU S 367 59.54 -59.51 -8.25
C3' OMU S 367 58.39 -58.76 -5.47
C4' OMU S 367 57.19 -58.43 -4.57
O3' OMU S 367 59.14 -59.82 -4.88
O4' OMU S 367 56.06 -59.13 -5.14
C5' OMU S 367 56.86 -56.96 -4.45
O5' OMU S 367 57.26 -56.23 -5.61
P OMU S 367 56.48 -54.91 -6.04
OP1 OMU S 367 56.78 -53.86 -5.02
OP2 OMU S 367 56.78 -54.66 -7.50
P OMG S 375 46.80 -50.90 13.98
OP1 OMG S 375 47.26 -50.57 15.40
OP2 OMG S 375 46.43 -52.33 13.59
O5' OMG S 375 45.54 -49.97 13.69
C5' OMG S 375 45.06 -49.80 12.37
C4' OMG S 375 44.12 -48.61 12.29
O4' OMG S 375 43.00 -48.80 13.20
C3' OMG S 375 44.72 -47.28 12.74
O3' OMG S 375 45.50 -46.65 11.74
C2' OMG S 375 43.50 -46.50 13.15
O2' OMG S 375 42.77 -46.06 12.01
CM2 OMG S 375 41.97 -44.93 12.24
C1' OMG S 375 42.69 -47.58 13.84
N9 OMG S 375 43.06 -47.70 15.26
C8 OMG S 375 43.67 -48.78 15.87
N7 OMG S 375 43.86 -48.57 17.13
C5 OMG S 375 43.36 -47.33 17.38
C6 OMG S 375 43.31 -46.58 18.58
O6 OMG S 375 43.70 -46.88 19.70
N1 OMG S 375 42.71 -45.33 18.36
C2 OMG S 375 42.23 -44.87 17.17
N2 OMG S 375 41.69 -43.65 17.16
N3 OMG S 375 42.29 -45.57 16.06
C4 OMG S 375 42.86 -46.77 16.22
N1 OMC S 401 33.12 -59.08 28.68
C2 OMC S 401 33.62 -58.51 29.87
N3 OMC S 401 33.74 -57.16 29.91
C4 OMC S 401 33.41 -56.40 28.89
C5 OMC S 401 32.91 -56.95 27.68
C6 OMC S 401 32.79 -58.29 27.63
O2 OMC S 401 33.93 -59.21 30.81
N4 OMC S 401 33.54 -55.09 29.02
C1' OMC S 401 32.97 -60.54 28.51
C2' OMC S 401 31.82 -61.12 29.34
O2' OMC S 401 32.22 -62.41 29.82
CM2 OMC S 401 33.35 -62.39 30.66
C3' OMC S 401 30.73 -61.27 28.29
C4' OMC S 401 31.50 -61.63 27.05
O4' OMC S 401 32.70 -60.81 27.15
O3' OMC S 401 29.75 -62.23 28.63
C5' OMC S 401 30.82 -61.38 25.73
O5' OMC S 401 30.41 -60.03 25.60
P OMC S 401 30.17 -59.39 24.16
OP1 OMC S 401 29.23 -60.29 23.38
OP2 OMC S 401 29.82 -57.91 24.35
P A2M S 407 41.14 -54.12 36.48
OP1 A2M S 407 42.53 -54.54 36.84
O5' A2M S 407 41.01 -55.36 35.15
C5' A2M S 407 41.33 -56.62 35.48
C4' A2M S 407 40.82 -57.58 34.40
O4' A2M S 407 39.42 -57.44 34.27
C3' A2M S 407 41.42 -57.30 33.04
O3' A2M S 407 42.76 -57.69 33.07
C2' A2M S 407 40.44 -58.02 32.13
O2' A2M S 407 40.55 -59.41 32.16
C1' A2M S 407 39.17 -57.57 32.88
CM' A2M S 407 39.44 -60.01 31.57
N9 A2M S 407 38.58 -56.35 32.40
C8 A2M S 407 38.54 -55.04 32.89
N7 A2M S 407 37.87 -54.19 32.09
C5 A2M S 407 37.46 -55.01 31.03
C6 A2M S 407 36.75 -54.79 29.86
N6 A2M S 407 36.25 -53.55 29.54
N1 A2M S 407 36.49 -55.78 28.97
C2 A2M S 407 36.98 -57.01 29.29
N3 A2M S 407 37.68 -57.39 30.35
C4 A2M S 407 37.90 -56.35 31.20
OP2 A2M S 407 40.87 -52.71 36.07
P A2M S 423 30.68 -54.39 -8.32
OP1 A2M S 423 30.18 -55.79 -8.08
O5' A2M S 423 32.41 -54.95 -8.50
C5' A2M S 423 32.65 -55.90 -9.41
C4' A2M S 423 34.13 -55.89 -9.82
O4' A2M S 423 34.42 -54.64 -10.39
C3' A2M S 423 35.04 -56.14 -8.63
O3' A2M S 423 35.17 -57.53 -8.50
C2' A2M S 423 36.28 -55.28 -8.96
O2' A2M S 423 37.23 -55.92 -9.77
C1' A2M S 423 35.59 -54.15 -9.76
CM' A2M S 423 38.34 -55.09 -9.96
N9 A2M S 423 35.27 -52.94 -9.04
C8 A2M S 423 34.15 -52.53 -8.33
N7 A2M S 423 34.28 -51.31 -7.78
C5 A2M S 423 35.56 -50.93 -8.15
C6 A2M S 423 36.31 -49.80 -7.93
N6 A2M S 423 35.83 -48.73 -7.19
N1 A2M S 423 37.57 -49.65 -8.42
C2 A2M S 423 38.04 -50.70 -9.14
N3 A2M S 423 37.45 -51.86 -9.46
C4 A2M S 423 36.20 -51.92 -8.93
OP2 A2M S 423 30.43 -53.34 -7.29
P OMG S 448 55.10 -65.76 0.89
OP1 OMG S 448 55.14 -64.63 -0.13
OP2 OMG S 448 53.75 -66.16 1.49
O5' OMG S 448 55.74 -67.05 0.22
C5' OMG S 448 57.07 -67.05 -0.27
C4' OMG S 448 57.67 -68.44 -0.21
O4' OMG S 448 57.72 -68.88 1.17
C3' OMG S 448 56.89 -69.52 -0.92
O3' OMG S 448 57.13 -69.54 -2.31
C2' OMG S 448 57.34 -70.78 -0.20
O2' OMG S 448 58.63 -71.17 -0.67
CM2 OMG S 448 59.11 -72.31 -0.01
C1' OMG S 448 57.48 -70.27 1.23
N9 OMG S 448 56.26 -70.50 2.02
C8 OMG S 448 55.40 -69.56 2.52
N7 OMG S 448 54.40 -70.08 3.17
C5 OMG S 448 54.62 -71.44 3.10
C6 OMG S 448 53.87 -72.53 3.62
O6 OMG S 448 52.83 -72.51 4.27
N1 OMG S 448 54.46 -73.74 3.30
C2 OMG S 448 55.62 -73.90 2.58
N2 OMG S 448 56.04 -75.15 2.37
N3 OMG S 448 56.31 -72.90 2.10
C4 OMG S 448 55.77 -71.71 2.38
N1 OMC S 456 44.41 -61.58 -16.16
C2 OMC S 456 45.80 -61.33 -16.26
N3 OMC S 456 46.65 -62.35 -16.05
C4 OMC S 456 46.23 -63.55 -15.75
C5 OMC S 456 44.83 -63.86 -15.63
C6 OMC S 456 43.99 -62.84 -15.85
O2 OMC S 456 46.20 -60.21 -16.53
N4 OMC S 456 47.13 -64.51 -15.55
C1' OMC S 456 43.39 -60.54 -16.37
C2' OMC S 456 43.28 -60.10 -17.83
O2' OMC S 456 42.89 -58.74 -17.86
CM2 OMC S 456 43.57 -57.98 -18.82
C3' OMC S 456 42.16 -61.00 -18.33
C4' OMC S 456 41.22 -61.03 -17.12
O4' OMC S 456 42.13 -61.05 -15.98
O3' OMC S 456 41.53 -60.52 -19.50
C5' OMC S 456 40.31 -62.22 -17.06
O5' OMC S 456 41.03 -63.40 -16.76
P OMC S 456 40.28 -64.75 -16.35
OP1 OMC S 456 41.33 -65.81 -16.09
OP2 OMC S 456 39.27 -64.39 -15.26
P A2M S 515 50.46 -91.10 -2.47
OP1 A2M S 515 49.01 -91.47 -2.62
O5' A2M S 515 50.23 -89.49 -3.29
C5' A2M S 515 49.35 -89.45 -4.30
C4' A2M S 515 48.05 -88.80 -3.82
O4' A2M S 515 48.34 -87.86 -2.80
C3' A2M S 515 47.34 -88.08 -4.94
O3' A2M S 515 46.61 -89.05 -5.62
C2' A2M S 515 46.63 -86.95 -4.20
O2' A2M S 515 45.49 -87.37 -3.49
C1' A2M S 515 47.77 -86.65 -3.22
CM' A2M S 515 45.14 -86.43 -2.50
N9 A2M S 515 48.84 -85.83 -3.74
C8 A2M S 515 50.21 -86.03 -3.84
N7 A2M S 515 50.86 -85.00 -4.41
C5 A2M S 515 49.86 -84.10 -4.70
C6 A2M S 515 49.83 -82.86 -5.28
N6 A2M S 515 50.98 -82.24 -5.73
N1 A2M S 515 48.68 -82.15 -5.46
C2 A2M S 515 47.55 -82.76 -5.01
N3 A2M S 515 47.38 -83.95 -4.44
C4 A2M S 515 48.58 -84.59 -4.29
OP2 A2M S 515 51.49 -91.99 -3.07
P OMG S 540 28.42 -51.56 -48.10
OP1 OMG S 540 29.23 -52.49 -48.99
OP2 OMG S 540 28.22 -51.91 -46.63
O5' OMG S 540 29.07 -50.12 -48.19
C5' OMG S 540 29.31 -49.48 -49.44
C4' OMG S 540 29.82 -48.07 -49.24
O4' OMG S 540 28.82 -47.31 -48.52
C3' OMG S 540 31.08 -47.96 -48.40
O3' OMG S 540 32.26 -48.06 -49.18
C2' OMG S 540 30.94 -46.61 -47.69
O2' OMG S 540 31.41 -45.57 -48.52
CM2 OMG S 540 31.43 -44.32 -47.89
C1' OMG S 540 29.42 -46.47 -47.57
N9 OMG S 540 28.90 -46.83 -46.23
C8 OMG S 540 28.13 -47.92 -45.93
N7 OMG S 540 27.77 -47.96 -44.68
C5 OMG S 540 28.33 -46.83 -44.14
C6 OMG S 540 28.28 -46.34 -42.82
O6 OMG S 540 27.73 -46.82 -41.84
N1 OMG S 540 29.01 -45.15 -42.71
C2 OMG S 540 29.66 -44.52 -43.72
N2 OMG S 540 30.29 -43.37 -43.42
N3 OMG S 540 29.70 -44.97 -44.94
C4 OMG S 540 29.03 -46.12 -45.09
N1 OMU S 566 1.52 -49.00 -46.04
C2 OMU S 566 0.82 -50.29 -45.68
N3 OMU S 566 -0.17 -50.31 -44.55
C4 OMU S 566 -0.45 -49.09 -43.82
C5 OMU S 566 0.25 -47.81 -44.19
C6 OMU S 566 1.22 -47.80 -45.30
O2 OMU S 566 1.05 -51.30 -46.30
O4 OMU S 566 -1.19 -49.09 -42.96
C1' OMU S 566 2.47 -48.98 -47.15
C2' OMU S 566 2.13 -48.00 -48.25
O2' OMU S 566 1.16 -48.52 -49.13
CM2 OMU S 566 0.24 -47.57 -49.56
C3' OMU S 566 3.50 -47.78 -48.89
C4' OMU S 566 4.45 -47.86 -47.69
O3' OMU S 566 3.78 -48.87 -49.77
O4' OMU S 566 3.73 -48.56 -46.64
C5' OMU S 566 4.93 -46.53 -47.15
O5' OMU S 566 3.91 -45.54 -47.20
P OMU S 566 4.11 -44.13 -46.48
OP1 OMU S 566 5.10 -43.32 -47.30
OP2 OMU S 566 2.76 -43.59 -46.19
P OMG S 583 41.09 -68.41 -27.24
OP1 OMG S 583 42.16 -68.99 -28.15
OP2 OMG S 583 41.40 -68.18 -25.76
O5' OMG S 583 40.61 -67.03 -27.86
C5' OMG S 583 40.53 -66.86 -29.27
C4' OMG S 583 39.10 -66.66 -29.72
O4' OMG S 583 38.20 -67.32 -28.80
C3' OMG S 583 38.61 -65.23 -29.74
O3' OMG S 583 39.04 -64.51 -30.88
C2' OMG S 583 37.09 -65.39 -29.67
O2' OMG S 583 36.56 -65.72 -30.95
CM2 OMG S 583 35.23 -66.16 -30.94
C1' OMG S 583 36.96 -66.63 -28.77
N9 OMG S 583 36.66 -66.28 -27.37
C8 OMG S 583 37.54 -66.24 -26.31
N7 OMG S 583 36.95 -65.91 -25.20
C5 OMG S 583 35.64 -65.73 -25.53
C6 OMG S 583 34.52 -65.37 -24.73
O6 OMG S 583 34.48 -65.13 -23.54
N1 OMG S 583 33.36 -65.30 -25.50
C2 OMG S 583 33.27 -65.55 -26.84
N2 OMG S 583 32.05 -65.45 -27.40
N3 OMG S 583 34.29 -65.89 -27.57
C4 OMG S 583 35.44 -65.96 -26.88
N1 PSU S 588 36.20 -47.97 -23.48
C2 PSU S 588 37.34 -48.75 -23.44
N3 PSU S 588 38.06 -48.85 -22.28
C4 PSU S 588 37.66 -48.17 -21.15
C5 PSU S 588 36.52 -47.39 -21.19
C6 PSU S 588 35.79 -47.30 -22.37
O2 PSU S 588 37.70 -49.36 -24.44
O4 PSU S 588 38.31 -48.27 -20.11
C1' PSU S 588 36.06 -46.65 -19.96
C2' PSU S 588 36.91 -45.37 -19.81
O2' PSU S 588 37.00 -45.07 -18.43
C3' PSU S 588 36.03 -44.36 -20.53
C4' PSU S 588 34.63 -44.80 -20.13
O3' PSU S 588 36.32 -43.02 -20.19
O4' PSU S 588 34.72 -46.25 -20.09
C5' PSU S 588 33.52 -44.38 -21.05
O5' PSU S 588 33.87 -44.59 -22.41
P PSU S 588 32.75 -44.74 -23.53
OP1 PSU S 588 32.08 -43.44 -23.69
OP2 PSU S 588 33.38 -45.40 -24.70
N1 PSU S 590 42.33 -44.08 -24.33
C2 PSU S 590 42.42 -45.15 -25.20
N3 PSU S 590 43.53 -45.97 -25.19
C4 PSU S 590 44.55 -45.73 -24.30
C5 PSU S 590 44.46 -44.66 -23.43
C6 PSU S 590 43.33 -43.85 -23.45
O2 PSU S 590 41.51 -45.36 -25.99
O4 PSU S 590 45.53 -46.47 -24.29
C1' PSU S 590 45.58 -44.41 -22.46
C2' PSU S 590 46.68 -43.59 -23.15
O2' PSU S 590 47.93 -44.02 -22.64
C3' PSU S 590 46.34 -42.19 -22.68
C4' PSU S 590 45.87 -42.42 -21.25
O3' PSU S 590 47.43 -41.29 -22.75
O4' PSU S 590 45.14 -43.67 -21.34
C5' PSU S 590 44.99 -41.36 -20.67
O5' PSU S 590 43.87 -41.08 -21.49
P PSU S 590 42.58 -40.36 -20.91
OP1 PSU S 590 42.98 -39.03 -20.42
OP2 PSU S 590 41.48 -40.46 -21.90
P A2M S 607 38.22 -13.70 -40.67
OP1 A2M S 607 37.21 -12.92 -39.89
O5' A2M S 607 38.01 -15.49 -40.59
C5' A2M S 607 39.03 -16.22 -41.07
C4' A2M S 607 38.63 -17.67 -41.09
O4' A2M S 607 39.47 -18.34 -41.99
C3' A2M S 607 38.79 -18.30 -39.72
O3' A2M S 607 37.62 -17.99 -39.02
C2' A2M S 607 39.13 -19.76 -40.01
O2' A2M S 607 38.00 -20.61 -39.97
C1' A2M S 607 39.61 -19.64 -41.50
CM' A2M S 607 38.41 -21.93 -39.78
N9 A2M S 607 40.95 -20.09 -41.78
C8 A2M S 607 42.18 -19.90 -41.15
N7 A2M S 607 43.21 -20.51 -41.78
C5 A2M S 607 42.58 -21.12 -42.86
C6 A2M S 607 43.04 -21.90 -43.91
N6 A2M S 607 44.36 -22.23 -44.05
N1 A2M S 607 42.20 -22.38 -44.86
C2 A2M S 607 40.90 -22.04 -44.73
N3 A2M S 607 40.29 -21.31 -43.80
C4 A2M S 607 41.19 -20.87 -42.88
OP2 A2M S 607 39.63 -13.80 -40.15
N1 PSU S 620 68.37 -11.65 -22.57
C2 PSU S 620 68.49 -10.65 -23.51
N3 PSU S 620 68.15 -10.89 -24.81
C4 PSU S 620 67.71 -12.14 -25.21
C5 PSU S 620 67.60 -13.15 -24.26
C6 PSU S 620 67.94 -12.87 -22.95
O2 PSU S 620 68.88 -9.54 -23.17
O4 PSU S 620 67.41 -12.33 -26.38
C1' PSU S 620 67.10 -14.52 -24.62
C2' PSU S 620 68.11 -15.29 -25.48
O2' PSU S 620 67.39 -16.05 -26.42
C3' PSU S 620 68.76 -16.18 -24.44
C4' PSU S 620 67.60 -16.51 -23.53
O3' PSU S 620 69.36 -17.34 -25.00
O4' PSU S 620 66.84 -15.29 -23.48
C5' PSU S 620 67.97 -16.96 -22.14
O5' PSU S 620 69.07 -16.22 -21.63
P PSU S 620 69.22 -15.93 -20.08
OP1 PSU S 620 69.83 -17.11 -19.43
OP2 PSU S 620 69.86 -14.61 -19.98
P OMG S 622 74.29 -15.82 -29.66
OP1 OMG S 622 74.81 -17.22 -29.96
OP2 OMG S 622 74.60 -15.16 -28.32
O5' OMG S 622 74.79 -14.84 -30.81
C5' OMG S 622 75.83 -13.90 -30.55
C4' OMG S 622 75.49 -12.53 -31.08
O4' OMG S 622 74.45 -11.94 -30.27
C3' OMG S 622 76.62 -11.52 -31.04
O3' OMG S 622 77.51 -11.65 -32.13
C2' OMG S 622 75.88 -10.19 -31.00
O2' OMG S 622 75.39 -9.86 -32.28
CM2 OMG S 622 75.13 -8.48 -32.43
C1' OMG S 622 74.69 -10.55 -30.11
N9 OMG S 622 74.96 -10.30 -28.68
C8 OMG S 622 74.93 -11.24 -27.66
N7 OMG S 622 75.22 -10.72 -26.51
C5 OMG S 622 75.45 -9.40 -26.76
C6 OMG S 622 75.80 -8.34 -25.88
O6 OMG S 622 75.98 -8.37 -24.67
N1 OMG S 622 75.94 -7.13 -26.57
C2 OMG S 622 75.76 -6.96 -27.91
N2 OMG S 622 75.94 -5.72 -28.39
N3 OMG S 622 75.44 -7.93 -28.71
C4 OMG S 622 75.29 -9.11 -28.10
N1 PSU S 625 86.73 -10.32 -33.80
C2 PSU S 625 86.99 -9.78 -32.56
N3 PSU S 625 88.16 -9.08 -32.34
C4 PSU S 625 89.07 -8.93 -33.37
C5 PSU S 625 88.80 -9.49 -34.62
C6 PSU S 625 87.61 -10.19 -34.81
O2 PSU S 625 86.18 -9.92 -31.65
O4 PSU S 625 90.11 -8.31 -33.18
C1' PSU S 625 89.77 -9.33 -35.74
C2' PSU S 625 91.01 -10.23 -35.60
O2' PSU S 625 92.12 -9.53 -36.13
C3' PSU S 625 90.64 -11.41 -36.49
C4' PSU S 625 89.85 -10.76 -37.61
O3' PSU S 625 91.77 -12.12 -36.97
O4' PSU S 625 89.13 -9.67 -36.96
C5' PSU S 625 88.86 -11.66 -38.30
O5' PSU S 625 88.10 -12.39 -37.37
P PSU S 625 86.65 -12.96 -37.74
OP1 PSU S 625 86.83 -14.15 -38.59
OP2 PSU S 625 85.92 -13.05 -36.45
N1 OMU S 670 93.04 -17.82 -18.47
C2 OMU S 670 91.63 -17.27 -18.45
N3 OMU S 670 90.90 -17.04 -19.73
C4 OMU S 670 91.57 -17.34 -21.00
C5 OMU S 670 92.95 -17.88 -21.00
C6 OMU S 670 93.68 -18.11 -19.73
O2 OMU S 670 91.07 -17.02 -17.40
O4 OMU S 670 91.01 -17.17 -21.98
C1' OMU S 670 93.80 -18.05 -17.22
C2' OMU S 670 93.20 -19.17 -16.37
O2' OMU S 670 93.35 -18.83 -15.00
CM2 OMU S 670 92.38 -17.95 -14.52
C3' OMU S 670 94.09 -20.36 -16.72
C4' OMU S 670 95.43 -19.70 -16.93
O3' OMU S 670 94.11 -21.37 -15.74
O4' OMU S 670 95.12 -18.43 -17.56
C5' OMU S 670 96.41 -20.47 -17.79
O5' OMU S 670 97.27 -19.61 -18.53
P OMU S 670 97.94 -20.11 -19.89
OP1 OMU S 670 98.70 -21.36 -19.60
OP2 OMU S 670 96.89 -20.11 -20.97
N1 PSU S 672 87.35 -22.96 -20.59
C2 PSU S 672 86.68 -22.47 -21.70
N3 PSU S 672 85.37 -22.07 -21.59
C4 PSU S 672 84.72 -22.16 -20.37
C5 PSU S 672 85.39 -22.65 -19.27
C6 PSU S 672 86.73 -23.05 -19.40
O2 PSU S 672 87.26 -22.39 -22.77
O4 PSU S 672 83.54 -21.80 -20.29
C1' PSU S 672 84.72 -22.78 -17.93
C2' PSU S 672 83.69 -23.91 -17.98
O2' PSU S 672 82.67 -23.64 -17.04
C3' PSU S 672 84.54 -25.09 -17.52
C4' PSU S 672 85.41 -24.47 -16.45
O3' PSU S 672 83.78 -26.19 -17.06
O4' PSU S 672 85.68 -23.13 -16.94
C5' PSU S 672 86.73 -25.17 -16.19
O5' PSU S 672 87.10 -25.07 -14.82
P PSU S 672 88.51 -24.45 -14.40
OP1 PSU S 672 88.77 -24.84 -13.00
OP2 PSU S 672 89.53 -24.73 -15.44
N1 PSU S 685 66.74 -57.46 -17.58
C2 PSU S 685 67.14 -56.19 -17.94
N3 PSU S 685 66.20 -55.22 -18.19
C4 PSU S 685 64.86 -55.51 -18.07
C5 PSU S 685 64.46 -56.79 -17.70
C6 PSU S 685 65.43 -57.76 -17.47
O2 PSU S 685 68.33 -55.93 -18.05
O4 PSU S 685 64.03 -54.62 -18.29
C1' PSU S 685 63.00 -57.13 -17.57
C2' PSU S 685 62.36 -57.23 -18.95
O2' PSU S 685 60.99 -56.85 -18.82
C3' PSU S 685 62.48 -58.71 -19.23
C4' PSU S 685 62.22 -59.32 -17.86
O3' PSU S 685 61.58 -59.17 -20.23
O4' PSU S 685 62.86 -58.39 -16.94
C5' PSU S 685 62.78 -60.70 -17.65
O5' PSU S 685 64.14 -60.77 -18.04
P PSU S 685 65.10 -61.92 -17.49
OP1 PSU S 685 64.65 -63.21 -18.05
OP2 PSU S 685 66.47 -61.42 -17.77
N1 PSU S 734 86.59 -22.79 -30.56
C2 PSU S 734 86.25 -23.39 -29.36
N3 PSU S 734 84.93 -23.70 -29.10
C4 PSU S 734 83.96 -23.40 -30.03
C5 PSU S 734 84.31 -22.78 -31.23
C6 PSU S 734 85.65 -22.50 -31.47
O2 PSU S 734 87.12 -23.65 -28.54
O4 PSU S 734 82.78 -23.67 -29.78
C1' PSU S 734 83.26 -22.46 -32.25
C2' PSU S 734 82.54 -21.16 -31.94
O2' PSU S 734 81.20 -21.25 -32.40
C3' PSU S 734 83.33 -20.17 -32.80
C4' PSU S 734 83.69 -20.99 -34.02
O3' PSU S 734 82.62 -18.99 -33.12
O4' PSU S 734 83.88 -22.33 -33.51
C5' PSU S 734 84.92 -20.54 -34.75
O5' PSU S 734 86.07 -21.16 -34.22
P PSU S 734 87.51 -20.49 -34.34
OP1 PSU S 734 87.45 -19.44 -35.36
OP2 PSU S 734 87.97 -20.17 -32.97
N1 PSU S 737 86.61 -14.78 -23.85
C2 PSU S 737 87.69 -15.63 -23.88
N3 PSU S 737 88.16 -16.20 -22.71
C4 PSU S 737 87.55 -15.91 -21.52
C5 PSU S 737 86.46 -15.05 -21.49
C6 PSU S 737 86.00 -14.49 -22.67
O2 PSU S 737 88.24 -15.89 -24.95
O4 PSU S 737 87.96 -16.42 -20.49
C1' PSU S 737 85.79 -14.74 -20.18
C2' PSU S 737 86.53 -13.61 -19.45
O2' PSU S 737 86.44 -13.85 -18.06
C3' PSU S 737 85.68 -12.40 -19.84
C4' PSU S 737 84.28 -12.99 -19.87
O3' PSU S 737 85.81 -11.31 -18.95
O4' PSU S 737 84.46 -14.32 -20.39
C5' PSU S 737 83.28 -12.24 -20.72
O5' PSU S 737 83.64 -12.27 -22.08
P PSU S 737 82.61 -11.82 -23.21
OP1 PSU S 737 81.92 -10.59 -22.77
OP2 PSU S 737 83.32 -11.84 -24.51
P OMG S 738 85.61 -9.81 -19.49
OP1 OMG S 738 84.45 -9.17 -18.72
OP2 OMG S 738 85.60 -9.84 -21.01
O5' OMG S 738 86.95 -9.07 -19.04
C5' OMG S 738 88.21 -9.49 -19.54
C4' OMG S 738 89.14 -9.91 -18.43
O4' OMG S 738 89.11 -11.35 -18.30
C3' OMG S 738 90.61 -9.52 -18.63
O3' OMG S 738 90.95 -8.36 -17.89
C2' OMG S 738 91.39 -10.77 -18.20
O2' OMG S 738 91.68 -10.72 -16.82
CM2 OMG S 738 92.46 -11.81 -16.37
C1' OMG S 738 90.39 -11.88 -18.45
N9 OMG S 738 90.49 -12.51 -19.78
C8 OMG S 738 89.53 -12.51 -20.76
N7 OMG S 738 89.89 -13.18 -21.81
C5 OMG S 738 91.14 -13.65 -21.52
C6 OMG S 738 92.03 -14.44 -22.29
O6 OMG S 738 91.87 -14.89 -23.41
N1 OMG S 738 93.21 -14.69 -21.59
C2 OMG S 738 93.50 -14.24 -20.33
N2 OMG S 738 94.70 -14.59 -19.82
N3 OMG S 738 92.68 -13.51 -19.62
C4 OMG S 738 91.53 -13.25 -20.25
N1 PSU S 837 2.93 25.83 -39.20
C2 PSU S 837 3.53 26.08 -40.41
N3 PSU S 837 4.90 26.21 -40.50
C4 PSU S 837 5.67 26.08 -39.35
C5 PSU S 837 5.05 25.84 -38.13
C6 PSU S 837 3.67 25.72 -38.08
O2 PSU S 837 2.85 26.19 -41.43
O4 PSU S 837 6.89 26.19 -39.41
C1' PSU S 837 5.88 25.69 -36.89
C2' PSU S 837 6.21 27.03 -36.25
O2' PSU S 837 7.51 26.95 -35.69
C3' PSU S 837 5.16 27.12 -35.14
C4' PSU S 837 5.00 25.67 -34.72
O3' PSU S 837 5.55 27.95 -34.06
O4' PSU S 837 5.17 24.92 -35.94
C5' PSU S 837 3.69 25.33 -34.09
O5' PSU S 837 2.67 25.20 -35.07
P PSU S 837 1.16 24.84 -34.67
OP1 PSU S 837 0.98 25.29 -33.27
OP2 PSU S 837 0.27 25.33 -35.74
N1 PSU S 875 51.15 33.03 -37.34
C2 PSU S 875 51.00 32.86 -35.98
N3 PSU S 875 51.49 33.80 -35.11
C4 PSU S 875 52.12 34.93 -35.60
C5 PSU S 875 52.28 35.09 -36.96
C6 PSU S 875 51.78 34.12 -37.82
O2 PSU S 875 50.43 31.86 -35.55
O4 PSU S 875 52.55 35.76 -34.80
C1' PSU S 875 52.95 36.30 -37.54
C2' PSU S 875 54.46 36.27 -37.25
O2' PSU S 875 54.91 37.61 -37.11
C3' PSU S 875 55.00 35.64 -38.52
C4' PSU S 875 54.09 36.22 -39.60
O3' PSU S 875 56.37 35.94 -38.75
O4' PSU S 875 52.80 36.30 -38.94
C5' PSU S 875 53.97 35.41 -40.86
O5' PSU S 875 53.38 34.15 -40.60
P PSU S 875 52.98 33.18 -41.80
OP1 PSU S 875 54.02 33.33 -42.83
OP2 PSU S 875 52.67 31.85 -41.25
P A2M S 902 52.27 6.23 -15.92
OP1 A2M S 902 51.57 7.13 -14.96
O5' A2M S 902 52.77 7.00 -17.48
C5' A2M S 902 53.66 8.00 -17.39
C4' A2M S 902 54.02 8.50 -18.78
O4' A2M S 902 54.79 7.54 -19.45
C3' A2M S 902 52.78 8.77 -19.61
O3' A2M S 902 52.23 9.96 -19.16
C2' A2M S 902 53.33 8.67 -21.03
O2' A2M S 902 54.07 9.79 -21.43
C1' A2M S 902 54.28 7.48 -20.76
CM' A2M S 902 54.83 9.50 -22.58
N9 A2M S 902 53.73 6.18 -20.99
C8 A2M S 902 53.33 5.16 -20.13
N7 A2M S 902 52.85 4.09 -20.78
C5 A2M S 902 52.93 4.45 -22.12
C6 A2M S 902 52.61 3.83 -23.29
N6 A2M S 902 52.08 2.56 -23.31
N1 A2M S 902 52.80 4.41 -24.51
C2 A2M S 902 53.33 5.66 -24.48
N3 A2M S 902 53.69 6.41 -23.44
C4 A2M S 902 53.48 5.75 -22.27
OP2 A2M S 902 51.47 5.17 -16.63
N1 PSU S 916 27.58 27.62 -29.84
C2 PSU S 916 28.26 26.71 -30.63
N3 PSU S 916 28.28 26.88 -32.00
C4 PSU S 916 27.62 27.94 -32.58
C5 PSU S 916 26.94 28.84 -31.77
C6 PSU S 916 26.93 28.67 -30.39
O2 PSU S 916 28.85 25.76 -30.12
O4 PSU S 916 27.65 28.07 -33.79
C1' PSU S 916 26.22 30.02 -32.38
C2' PSU S 916 24.93 29.59 -33.09
O2' PSU S 916 24.75 30.41 -34.22
C3' PSU S 916 23.88 29.88 -32.03
C4' PSU S 916 24.43 31.13 -31.35
O3' PSU S 916 22.59 30.09 -32.57
O4' PSU S 916 25.86 30.93 -31.36
C5' PSU S 916 23.96 31.39 -29.95
O5' PSU S 916 23.12 30.35 -29.48
P PSU S 916 23.21 29.84 -27.98
OP1 PSU S 916 22.97 31.00 -27.08
OP2 PSU S 916 22.37 28.63 -27.84
N1 PSU S 917 24.93 25.69 -31.28
C2 PSU S 917 25.67 24.57 -30.96
N3 PSU S 917 26.25 23.81 -31.95
C4 PSU S 917 26.08 24.17 -33.27
C5 PSU S 917 25.32 25.29 -33.58
C6 PSU S 917 24.76 26.04 -32.57
O2 PSU S 917 25.82 24.26 -29.77
O4 PSU S 917 26.59 23.48 -34.14
C1' PSU S 917 25.12 25.72 -35.01
C2' PSU S 917 24.19 24.78 -35.77
O2' PSU S 917 24.60 24.73 -37.12
C3' PSU S 917 22.85 25.50 -35.64
C4' PSU S 917 23.26 26.97 -35.72
O3' PSU S 917 21.92 25.15 -36.65
O4' PSU S 917 24.55 27.01 -35.05
C5' PSU S 917 22.32 27.95 -35.07
O5' PSU S 917 22.34 27.83 -33.66
P PSU S 917 21.56 28.86 -32.74
OP1 PSU S 917 20.42 29.33 -33.55
OP2 PSU S 917 21.31 28.24 -31.42
N1 PSU S 927 2.27 8.71 -39.45
C2 PSU S 927 2.65 7.72 -38.58
N3 PSU S 927 3.47 6.70 -38.99
C4 PSU S 927 3.92 6.66 -40.30
C5 PSU S 927 3.51 7.66 -41.18
C6 PSU S 927 2.70 8.68 -40.74
O2 PSU S 927 2.26 7.75 -37.41
O4 PSU S 927 4.65 5.75 -40.66
C1' PSU S 927 4.00 7.66 -42.60
C2' PSU S 927 3.33 6.59 -43.45
O2' PSU S 927 4.25 6.16 -44.44
C3' PSU S 927 2.19 7.37 -44.09
C4' PSU S 927 2.82 8.73 -44.33
O3' PSU S 927 1.68 6.79 -45.27
O4' PSU S 927 3.70 8.91 -43.19
C5' PSU S 927 1.86 9.89 -44.42
O5' PSU S 927 0.72 9.66 -43.59
P PSU S 927 -0.15 10.88 -43.06
OP1 PSU S 927 -1.06 11.30 -44.14
OP2 PSU S 927 -0.70 10.51 -41.74
N1 PSU S 952 41.34 3.59 -25.49
C2 PSU S 952 40.84 4.63 -26.23
N3 PSU S 952 39.49 4.73 -26.49
C4 PSU S 952 38.65 3.76 -26.00
C5 PSU S 952 39.16 2.70 -25.26
C6 PSU S 952 40.52 2.64 -25.00
O2 PSU S 952 41.59 5.50 -26.67
O4 PSU S 952 37.45 3.82 -26.22
C1' PSU S 952 38.22 1.65 -24.72
C2' PSU S 952 37.75 0.67 -25.78
O2' PSU S 952 36.35 0.50 -25.64
C3' PSU S 952 38.49 -0.61 -25.39
C4' PSU S 952 38.58 -0.50 -23.88
O3' PSU S 952 37.81 -1.80 -25.80
O4' PSU S 952 38.79 0.91 -23.65
C5' PSU S 952 39.67 -1.30 -23.23
O5' PSU S 952 40.95 -0.95 -23.72
P PSU S 952 42.01 -0.22 -22.79
OP1 PSU S 952 42.39 -1.14 -21.71
OP2 PSU S 952 43.05 0.36 -23.66
N1 PSU S 1045 33.96 -13.44 -12.16
C2 PSU S 1045 35.26 -13.49 -12.61
N3 PSU S 1045 36.17 -14.35 -12.02
C4 PSU S 1045 35.77 -15.15 -10.99
C5 PSU S 1045 34.45 -15.11 -10.53
C6 PSU S 1045 33.56 -14.24 -11.15
O2 PSU S 1045 35.62 -12.76 -13.53
O4 PSU S 1045 36.56 -15.92 -10.46
C1' PSU S 1045 34.01 -15.99 -9.40
C2' PSU S 1045 34.45 -15.40 -8.06
O2' PSU S 1045 34.68 -16.46 -7.16
C3' PSU S 1045 33.21 -14.62 -7.67
C4' PSU S 1045 32.09 -15.53 -8.15
O3' PSU S 1045 33.13 -14.32 -6.28
O4' PSU S 1045 32.61 -16.09 -9.38
C5' PSU S 1045 30.78 -14.84 -8.41
O5' PSU S 1045 30.92 -13.84 -9.40
P PSU S 1045 29.64 -13.09 -9.98
OP1 PSU S 1045 28.74 -12.92 -8.83
OP2 PSU S 1045 30.09 -11.92 -10.75
N1 PSU S 1048 39.52 -5.99 -7.80
C2 PSU S 1048 38.81 -5.70 -8.95
N3 PSU S 1048 39.45 -5.18 -10.04
C4 PSU S 1048 40.81 -4.96 -10.01
C5 PSU S 1048 41.53 -5.26 -8.86
C6 PSU S 1048 40.86 -5.78 -7.76
O2 PSU S 1048 37.60 -5.88 -8.98
O4 PSU S 1048 41.39 -4.51 -10.99
C1' PSU S 1048 43.01 -5.02 -8.83
C2' PSU S 1048 43.29 -3.56 -8.51
O2' PSU S 1048 44.48 -3.17 -9.18
C3' PSU S 1048 43.52 -3.61 -7.01
C4' PSU S 1048 44.24 -4.93 -6.83
O3' PSU S 1048 44.24 -2.51 -6.50
O4' PSU S 1048 43.62 -5.80 -7.82
C5' PSU S 1048 44.13 -5.55 -5.47
O5' PSU S 1048 42.79 -5.82 -5.14
P PSU S 1048 42.42 -6.59 -3.79
OP1 PSU S 1048 43.41 -6.15 -2.78
OP2 PSU S 1048 40.97 -6.41 -3.54
N1 PSU S 1103 -25.20 -23.78 -66.21
C2 PSU S 1103 -24.34 -22.78 -65.81
N3 PSU S 1103 -23.10 -22.65 -66.40
C4 PSU S 1103 -22.72 -23.53 -67.38
C5 PSU S 1103 -23.58 -24.54 -67.78
C6 PSU S 1103 -24.83 -24.65 -67.17
O2 PSU S 1103 -24.69 -21.99 -64.94
O4 PSU S 1103 -21.62 -23.43 -67.90
C1' PSU S 1103 -23.15 -25.51 -68.84
C2' PSU S 1103 -22.36 -26.65 -68.24
O2' PSU S 1103 -21.40 -27.09 -69.19
C3' PSU S 1103 -23.43 -27.71 -68.04
C4' PSU S 1103 -24.31 -27.51 -69.27
O3' PSU S 1103 -22.94 -29.03 -67.94
O4' PSU S 1103 -24.28 -26.07 -69.48
C5' PSU S 1103 -25.74 -27.97 -69.15
O5' PSU S 1103 -26.45 -27.21 -68.18
P PSU S 1103 -28.02 -27.31 -68.07
OP1 PSU S 1103 -28.40 -28.71 -68.37
OP2 PSU S 1103 -28.45 -26.69 -66.79
N1 PSU S 1115 -17.21 -36.89 -60.48
C2 PSU S 1115 -17.00 -36.51 -61.80
N3 PSU S 1115 -16.02 -37.12 -62.54
C4 PSU S 1115 -15.24 -38.10 -61.98
C5 PSU S 1115 -15.45 -38.48 -60.65
C6 PSU S 1115 -16.45 -37.85 -59.92
O2 PSU S 1115 -17.70 -35.64 -62.30
O4 PSU S 1115 -14.37 -38.65 -62.65
C1' PSU S 1115 -14.61 -39.55 -60.03
C2' PSU S 1115 -13.24 -39.02 -59.62
O2' PSU S 1115 -12.28 -40.05 -59.84
C3' PSU S 1115 -13.43 -38.79 -58.13
C4' PSU S 1115 -14.37 -39.91 -57.73
O3' PSU S 1115 -12.23 -38.80 -57.39
O4' PSU S 1115 -15.24 -40.06 -58.87
C5' PSU S 1115 -15.18 -39.66 -56.49
O5' PSU S 1115 -16.33 -38.87 -56.76
P PSU S 1115 -17.47 -38.67 -55.67
OP1 PSU S 1115 -16.82 -38.78 -54.35
OP2 PSU S 1115 -18.24 -37.47 -56.02
O5' B8N S 1119 -3.86 -22.50 -58.61
C5' B8N S 1119 -4.76 -22.40 -59.70
C4' B8N S 1119 -4.48 -21.16 -60.51
O4' B8N S 1119 -3.51 -20.34 -59.81
C3' B8N S 1119 -3.85 -21.39 -61.88
O3' B8N S 1119 -4.83 -21.64 -62.87
C2' B8N S 1119 -3.05 -20.11 -62.14
O2' B8N S 1119 -3.88 -19.13 -62.74
C1' B8N S 1119 -2.70 -19.64 -60.73
C5 B8N S 1119 -1.19 -19.84 -60.28
C6 B8N S 1119 -0.87 -21.06 -59.61
N1 B8N S 1119 0.61 -21.16 -59.17
C2 B8N S 1119 1.60 -19.98 -59.46
N3 B8N S 1119 1.17 -18.81 -60.11
C4 B8N S 1119 -0.03 -18.71 -60.48
C34 B8N S 1119 4.66 -16.54 -60.32
CN1 B8N S 1119 1.09 -22.36 -58.48
N34 B8N S 1119 4.08 -15.28 -58.32
O2 B8N S 1119 2.73 -20.09 -59.12
O4 B8N S 1119 -0.32 -17.70 -61.03
OP1 B8N S 1119 -2.60 -24.64 -59.03
OP2 B8N S 1119 -2.93 -23.71 -56.61
P B8N S 1119 -3.46 -23.92 -58.01
C31 B8N S 1119 2.12 -17.72 -60.39
C32 B8N S 1119 2.48 -16.90 -59.15
C33 B8N S 1119 3.53 -15.86 -59.52
O36 B8N S 1119 5.39 -17.40 -59.77
O35 B8N S 1119 4.86 -16.22 -61.53
N1 OMC S 1143 -24.68 -65.17 -62.68
C2 OMC S 1143 -23.75 -64.11 -62.66
N3 OMC S 1143 -23.43 -63.57 -61.47
C4 OMC S 1143 -23.94 -64.03 -60.34
C5 OMC S 1143 -24.88 -65.10 -60.32
C6 OMC S 1143 -25.20 -65.63 -61.52
O2 OMC S 1143 -23.28 -63.69 -63.70
N4 OMC S 1143 -23.58 -63.46 -59.20
C1' OMC S 1143 -25.09 -65.82 -63.96
C2' OMC S 1143 -23.99 -66.72 -64.52
O2' OMC S 1143 -23.94 -66.53 -65.93
CM2 OMC S 1143 -22.90 -65.67 -66.33
C3' OMC S 1143 -24.53 -68.11 -64.19
C4' OMC S 1143 -26.02 -67.92 -64.32
O4' OMC S 1143 -26.23 -66.61 -63.73
O3' OMC S 1143 -24.04 -69.14 -65.01
C5' OMC S 1143 -26.87 -68.96 -63.65
O5' OMC S 1143 -27.91 -68.38 -62.89
P OMC S 1143 -28.01 -68.62 -61.32
OP1 OMC S 1143 -28.51 -70.04 -61.11
OP2 OMC S 1143 -26.69 -68.19 -60.68
N1 OMU S 1159 -25.66 -84.20 -64.10
C2 OMU S 1159 -26.49 -84.39 -65.35
N3 OMU S 1159 -27.77 -85.15 -65.27
C4 OMU S 1159 -28.21 -85.70 -64.00
C5 OMU S 1159 -27.38 -85.51 -62.77
C6 OMU S 1159 -26.11 -84.76 -62.84
O2 OMU S 1159 -26.13 -83.93 -66.42
O4 OMU S 1159 -29.19 -86.28 -63.94
C1' OMU S 1159 -24.38 -83.45 -64.15
C2' OMU S 1159 -24.60 -81.96 -64.38
O2' OMU S 1159 -23.52 -81.46 -65.16
CM2 OMU S 1159 -23.54 -81.85 -66.49
C3' OMU S 1159 -24.53 -81.42 -62.95
C4' OMU S 1159 -23.47 -82.30 -62.33
O3' OMU S 1159 -24.24 -80.03 -62.88
O4' OMU S 1159 -23.71 -83.60 -62.91
C5' OMU S 1159 -23.50 -82.40 -60.82
O5' OMU S 1159 -23.59 -83.74 -60.38
P OMU S 1159 -22.77 -84.25 -59.12
OP1 OMU S 1159 -22.27 -83.05 -58.37
OP2 OMU S 1159 -23.63 -85.27 -58.40
N1 OMU S 1197 -13.25 -46.95 -66.77
C2 OMU S 1197 -14.02 -45.70 -67.08
N3 OMU S 1197 -13.96 -45.11 -68.45
C4 OMU S 1197 -13.16 -45.76 -69.48
C5 OMU S 1197 -12.40 -47.00 -69.16
C6 OMU S 1197 -12.46 -47.58 -67.80
O2 OMU S 1197 -14.68 -45.15 -66.21
O4 OMU S 1197 -13.11 -45.32 -70.53
C1' OMU S 1197 -13.28 -47.54 -65.43
C2' OMU S 1197 -13.98 -48.89 -65.36
O2' OMU S 1197 -15.37 -48.75 -65.21
CM2 OMU S 1197 -16.07 -49.95 -65.33
C3' OMU S 1197 -13.28 -49.56 -64.18
C4' OMU S 1197 -11.86 -49.01 -64.27
O3' OMU S 1197 -13.88 -49.13 -62.96
O4' OMU S 1197 -11.94 -47.78 -65.04
C5' OMU S 1197 -10.85 -49.93 -64.91
O5' OMU S 1197 -11.34 -50.52 -66.10
P OMU S 1197 -11.24 -52.09 -66.34
OP1 OMU S 1197 -12.15 -52.45 -67.49
OP2 OMU S 1197 -9.80 -52.46 -66.40
P OMG S 1199 -9.50 -46.41 -58.85
OP1 OMG S 1199 -10.11 -45.03 -58.76
OP2 OMG S 1199 -8.86 -46.87 -60.18
O5' OMG S 1199 -8.41 -46.55 -57.70
C5' OMG S 1199 -8.77 -46.41 -56.34
C4' OMG S 1199 -7.59 -46.64 -55.43
O4' OMG S 1199 -7.24 -48.05 -55.42
C3' OMG S 1199 -6.30 -45.95 -55.85
O3' OMG S 1199 -6.25 -44.59 -55.46
C2' OMG S 1199 -5.23 -46.82 -55.18
O2' OMG S 1199 -5.11 -46.49 -53.81
CM2 OMG S 1199 -4.08 -47.19 -53.15
C1' OMG S 1199 -5.85 -48.21 -55.31
N9 OMG S 1199 -5.36 -48.95 -56.47
C8 OMG S 1199 -6.06 -49.22 -57.63
N7 OMG S 1199 -5.36 -49.91 -58.47
C5 OMG S 1199 -4.15 -50.11 -57.86
C6 OMG S 1199 -2.98 -50.78 -58.30
O6 OMG S 1199 -2.79 -51.37 -59.35
N1 OMG S 1199 -1.98 -50.73 -57.33
C2 OMG S 1199 -2.07 -50.12 -56.11
N2 OMG S 1199 -0.99 -50.18 -55.32
N3 OMG S 1199 -3.14 -49.49 -55.71
C4 OMG S 1199 -4.14 -49.51 -56.60
P 4AC S 1208 2.85 -35.78 -78.17
OP1 4AC S 1208 2.59 -35.34 -79.59
OP2 4AC S 1208 4.28 -35.92 -77.68
O5' 4AC S 1208 2.09 -34.77 -77.19
C5' 4AC S 1208 0.67 -34.64 -77.22
C4' 4AC S 1208 0.16 -34.09 -75.91
O4' 4AC S 1208 0.42 -35.06 -74.85
C3' 4AC S 1208 0.80 -32.82 -75.43
O3' 4AC S 1208 0.25 -31.65 -76.02
C2' 4AC S 1208 0.62 -32.88 -73.92
O2' 4AC S 1208 -0.71 -32.52 -73.56
C1' 4AC S 1208 0.79 -34.37 -73.67
N1 4AC S 1208 2.20 -34.73 -73.35
C2 4AC S 1208 2.64 -34.61 -72.03
O2 4AC S 1208 1.85 -34.20 -71.17
N3 4AC S 1208 3.93 -34.94 -71.74
C4 4AC S 1208 4.73 -35.37 -72.69
N4 4AC S 1208 6.06 -35.71 -72.34
C5 4AC S 1208 4.31 -35.51 -74.03
C6 4AC S 1208 3.05 -35.19 -74.31
C7 4AC S 1208 6.67 -35.65 -71.13
O7 4AC S 1208 6.13 -35.26 -70.11
CM7 4AC S 1208 8.11 -36.09 -71.14
N1 PSU S 1238 24.01 -5.37 -83.38
C2 PSU S 1238 23.98 -6.72 -83.12
N3 PSU S 1238 23.63 -7.61 -84.11
C4 PSU S 1238 23.30 -7.16 -85.36
C5 PSU S 1238 23.32 -5.80 -85.62
C6 PSU S 1238 23.68 -4.91 -84.62
O2 PSU S 1238 24.28 -7.13 -82.00
O4 PSU S 1238 22.98 -7.96 -86.24
C1' PSU S 1238 22.96 -5.27 -86.99
C2' PSU S 1238 21.44 -5.26 -87.16
O2' PSU S 1238 21.15 -5.50 -88.53
C3' PSU S 1238 21.10 -3.83 -86.79
C4' PSU S 1238 22.29 -3.06 -87.34
O3' PSU S 1238 19.87 -3.38 -87.32
O4' PSU S 1238 23.42 -3.95 -87.12
C5' PSU S 1238 22.56 -1.72 -86.68
O5' PSU S 1238 22.43 -1.81 -85.27
P PSU S 1238 22.99 -0.64 -84.33
OP1 PSU S 1238 22.17 0.57 -84.56
OP2 PSU S 1238 23.10 -1.22 -82.98
P A2M S 1254 28.15 -28.22 -88.80
OP1 A2M S 1254 27.72 -28.55 -90.20
O5' A2M S 1254 27.20 -28.98 -87.48
C5' A2M S 1254 27.46 -30.27 -87.22
C4' A2M S 1254 26.68 -30.72 -86.01
O4' A2M S 1254 27.45 -30.48 -84.84
C3' A2M S 1254 25.40 -29.95 -85.85
O3' A2M S 1254 24.54 -30.33 -86.87
C2' A2M S 1254 25.08 -30.21 -84.39
O2' A2M S 1254 24.74 -31.55 -84.11
C1' A2M S 1254 26.53 -29.94 -83.91
CM' A2M S 1254 24.98 -31.86 -82.76
N9 A2M S 1254 26.83 -28.56 -83.70
C8 A2M S 1254 27.67 -27.66 -84.38
N7 A2M S 1254 27.66 -26.42 -83.85
C5 A2M S 1254 26.77 -26.55 -82.78
C6 A2M S 1254 26.30 -25.66 -81.82
N6 A2M S 1254 26.71 -24.35 -81.78
N1 A2M S 1254 25.41 -26.04 -80.87
C2 A2M S 1254 25.01 -27.33 -80.90
N3 A2M S 1254 25.36 -28.32 -81.75
C4 A2M S 1254 26.25 -27.85 -82.67
OP2 A2M S 1254 27.92 -26.83 -88.28
N1 OMC S 1262 2.29 -25.60 -96.34
C2 OMC S 1262 2.01 -24.45 -95.58
N3 OMC S 1262 2.92 -23.45 -95.60
C4 OMC S 1262 4.03 -23.52 -96.30
C5 OMC S 1262 4.34 -24.67 -97.07
C6 OMC S 1262 3.44 -25.67 -97.05
O2 OMC S 1262 0.99 -24.38 -94.93
N4 OMC S 1262 4.87 -22.49 -96.27
C1' OMC S 1262 1.39 -26.78 -96.38
C2' OMC S 1262 0.12 -26.53 -97.21
O2' OMC S 1262 -0.96 -27.20 -96.59
CM2 OMC S 1262 -1.31 -26.68 -95.33
C3' OMC S 1262 0.48 -27.20 -98.53
C4' OMC S 1262 1.32 -28.38 -98.08
O4' OMC S 1262 2.08 -27.86 -96.96
O3' OMC S 1262 -0.64 -27.59 -99.29
C5' OMC S 1262 2.26 -28.97 -99.10
O5' OMC S 1262 3.20 -28.01 -99.55
P OMC S 1262 4.52 -28.45 -100.33
OP1 OMC S 1262 4.10 -29.37 -101.46
OP2 OMC S 1262 5.34 -27.21 -100.62
N1 OMU S 1313 -11.83 -17.15 -120.30
C2 OMU S 1313 -13.33 -17.04 -120.08
N3 OMU S 1313 -14.25 -18.05 -120.70
C4 OMU S 1313 -13.70 -19.13 -121.51
C5 OMU S 1313 -12.22 -19.22 -121.72
C6 OMU S 1313 -11.31 -18.23 -121.12
O2 OMU S 1313 -13.79 -16.13 -119.40
O4 OMU S 1313 -14.39 -19.89 -121.97
C1' OMU S 1313 -10.90 -16.17 -119.72
C2' OMU S 1313 -10.79 -16.29 -118.20
O2' OMU S 1313 -10.58 -15.01 -117.65
CM2 OMU S 1313 -11.66 -14.13 -117.80
C3' OMU S 1313 -9.54 -17.15 -118.06
C4' OMU S 1313 -8.67 -16.65 -119.20
O3' OMU S 1313 -8.91 -17.04 -116.81
O4' OMU S 1313 -9.62 -16.37 -120.27
C5' OMU S 1313 -7.62 -17.60 -119.70
O5' OMU S 1313 -7.41 -18.66 -118.77
P OMU S 1313 -6.89 -20.07 -119.25
OP1 OMU S 1313 -5.70 -19.86 -120.13
OP2 OMU S 1313 -6.77 -20.97 -118.04
P OMG S 1361 4.60 -34.26 -60.79
OP1 OMG S 1361 3.52 -34.55 -59.77
OP2 OMG S 1361 4.56 -34.94 -62.16
O5' OMG S 1361 4.66 -32.69 -61.01
C5' OMG S 1361 3.80 -31.81 -60.30
C4' OMG S 1361 2.83 -31.13 -61.24
O4' OMG S 1361 3.55 -30.63 -62.40
C3' OMG S 1361 1.76 -32.04 -61.83
O3' OMG S 1361 0.65 -32.19 -60.95
C2' OMG S 1361 1.42 -31.35 -63.14
O2' OMG S 1361 0.57 -30.23 -62.92
CM2 OMG S 1361 0.29 -29.49 -64.08
C1' OMG S 1361 2.79 -30.83 -63.56
N9 OMG S 1361 3.51 -31.79 -64.42
C8 OMG S 1361 4.68 -32.44 -64.10
N7 OMG S 1361 5.10 -33.21 -65.05
C5 OMG S 1361 4.16 -33.08 -66.04
C6 OMG S 1361 4.11 -33.69 -67.32
O6 OMG S 1361 4.88 -34.48 -67.81
N1 OMG S 1361 2.97 -33.26 -68.02
C2 OMG S 1361 2.04 -32.38 -67.56
N2 OMG S 1361 1.03 -32.09 -68.40
N3 OMG S 1361 2.10 -31.82 -66.38
C4 OMG S 1361 3.17 -32.19 -65.67
P G7M S 1510 -19.29 -0.14 -63.60
OP1 G7M S 1510 -19.67 1.26 -64.04
OP2 G7M S 1510 -18.49 -1.01 -64.54
O5' G7M S 1510 -18.49 -0.01 -62.24
C5' G7M S 1510 -18.84 0.98 -61.29
C4' G7M S 1510 -18.38 0.61 -59.90
O4' G7M S 1510 -19.21 -0.43 -59.38
C3' G7M S 1510 -16.98 0.02 -59.82
O3' G7M S 1510 -15.97 1.03 -59.75
C2' G7M S 1510 -17.02 -0.89 -58.59
O2' G7M S 1510 -16.53 -0.21 -57.44
C1' G7M S 1510 -18.52 -1.12 -58.38
N9 G7M S 1510 -18.93 -2.54 -58.40
C8 G7M S 1510 -19.19 -2.71 -59.71
N7 G7M S 1510 -19.62 -3.98 -59.86
CN7 G7M S 1510 -19.96 -4.49 -61.19
C5 G7M S 1510 -19.63 -4.56 -58.66
C6 G7M S 1510 -20.02 -5.98 -58.21
O6 G7M S 1510 -20.40 -6.78 -59.00
N1 G7M S 1510 -19.95 -6.34 -56.83
C2 G7M S 1510 -19.50 -5.37 -55.87
N2 G7M S 1510 -19.43 -5.73 -54.46
N3 G7M S 1510 -19.14 -4.02 -56.31
C4 G7M S 1510 -19.22 -3.65 -57.74
N1 OMC S 1574 15.88 -17.19 -45.25
C2 OMC S 1574 15.87 -15.85 -44.85
N3 OMC S 1574 14.68 -15.26 -44.61
C4 OMC S 1574 13.55 -15.92 -44.76
C5 OMC S 1574 13.52 -17.27 -45.18
C6 OMC S 1574 14.71 -17.86 -45.41
O2 OMC S 1574 16.92 -15.24 -44.71
N4 OMC S 1574 12.41 -15.28 -44.53
C1' OMC S 1574 17.14 -17.91 -45.53
C2' OMC S 1574 17.92 -18.29 -44.27
O2' OMC S 1574 19.30 -18.18 -44.55
CM2 OMC S 1574 19.84 -16.92 -44.27
C3' OMC S 1574 17.51 -19.74 -44.06
C4' OMC S 1574 17.37 -20.24 -45.49
O4' OMC S 1574 16.83 -19.11 -46.21
O3' OMC S 1574 18.44 -20.48 -43.30
C5' OMC S 1574 16.45 -21.44 -45.68
O5' OMC S 1574 15.09 -21.04 -45.68
P OMC S 1574 13.97 -21.93 -46.38
OP1 OMC S 1574 14.28 -23.39 -46.05
OP2 OMC S 1574 12.61 -21.35 -46.03
C2 6MZ S 1703 18.62 -13.05 -42.72
C4 6MZ S 1703 18.58 -10.91 -41.81
C5 6MZ S 1703 17.25 -10.87 -41.94
O1P 6MZ S 1703 16.76 -5.39 -42.12
O2P 6MZ S 1703 18.65 -3.79 -42.27
N9 6MZ S 1703 18.96 -9.74 -41.28
N3 6MZ S 1703 19.27 -11.98 -42.19
N1 6MZ S 1703 17.27 -13.02 -42.85
C6 6MZ S 1703 16.59 -11.96 -42.47
N6 6MZ S 1703 15.12 -12.03 -42.65
C9 6MZ S 1703 14.37 -10.92 -43.22
N7 6MZ S 1703 16.83 -9.69 -41.49
C8 6MZ S 1703 17.89 -8.99 -41.07
O5' 6MZ S 1703 19.02 -6.16 -41.22
C5' 6MZ S 1703 20.32 -5.97 -40.57
C4' 6MZ S 1703 21.02 -7.14 -40.74
O4' 6MZ S 1703 20.28 -8.33 -40.08
C1' 6MZ S 1703 20.32 -9.31 -40.94
C2' 6MZ S 1703 21.15 -8.78 -42.23
O2' 6MZ S 1703 22.54 -9.10 -42.03
C3' 6MZ S 1703 21.01 -7.49 -42.23
O3' 6MZ S 1703 22.15 -6.82 -42.90
P 6MZ S 1703 17.98 -4.88 -41.41
P 4AC S 1713 29.09 -4.71 -34.28
OP1 4AC S 1713 29.13 -5.87 -33.31
OP2 4AC S 1713 28.00 -3.68 -34.20
O5' 4AC S 1713 30.46 -3.91 -34.17
C5' 4AC S 1713 31.72 -4.57 -34.14
C4' 4AC S 1713 32.82 -3.61 -33.79
O4' 4AC S 1713 32.91 -2.58 -34.81
C3' 4AC S 1713 32.62 -2.84 -32.50
O3' 4AC S 1713 33.00 -3.58 -31.35
C2' 4AC S 1713 33.47 -1.59 -32.73
O2' 4AC S 1713 34.85 -1.90 -32.53
C1' 4AC S 1713 33.24 -1.35 -34.21
N1 4AC S 1713 32.14 -0.39 -34.46
C2 4AC S 1713 32.39 0.97 -34.34
O2 4AC S 1713 33.54 1.34 -34.03
N3 4AC S 1713 31.39 1.86 -34.57
C4 4AC S 1713 30.19 1.42 -34.90
N4 4AC S 1713 29.26 2.46 -35.09
C5 4AC S 1713 29.89 0.04 -35.03
C6 4AC S 1713 30.89 -0.82 -34.81
C7 4AC S 1713 27.95 2.38 -35.48
O7 4AC S 1713 27.38 1.34 -35.74
CM7 4AC S 1713 27.25 3.71 -35.54
C2 MA6 S 1721 9.15 -7.09 -32.76
C4 MA6 S 1721 9.98 -6.48 -30.66
C5 MA6 S 1721 9.55 -5.21 -30.84
P MA6 S 1721 12.00 -4.02 -25.41
OP1 MA6 S 1721 13.04 -4.00 -24.30
OP2 MA6 S 1721 12.07 -2.75 -26.22
O5' MA6 S 1721 12.24 -5.33 -26.40
C5' MA6 S 1721 12.42 -6.61 -25.82
C4' MA6 S 1721 12.36 -7.56 -26.83
O4' MA6 S 1721 10.97 -7.55 -27.48
C1' MA6 S 1721 11.15 -7.63 -28.79
N9 MA6 S 1721 10.55 -6.51 -29.45
N3 MA6 S 1721 9.79 -7.41 -31.61
N1 MA6 S 1721 8.72 -5.80 -32.95
C6 MA6 S 1721 8.91 -4.89 -32.02
N6 MA6 S 1721 8.30 -3.70 -32.60
C9 MA6 S 1721 7.84 -3.69 -34.00
C10 MA6 S 1721 8.16 -2.47 -31.77
N7 MA6 S 1721 9.86 -4.49 -29.74
C8 MA6 S 1721 10.50 -5.29 -28.87
C2' MA6 S 1721 12.73 -7.64 -29.06
O2' MA6 S 1721 13.11 -9.02 -29.30
C3' MA6 S 1721 13.31 -7.17 -27.98
O3' MA6 S 1721 14.66 -7.82 -27.81
C2 MA6 S 1722 11.87 -6.60 -35.85
C4 MA6 S 1722 13.02 -6.50 -33.82
C5 MA6 S 1722 12.65 -5.21 -33.65
P MA6 S 1722 15.99 -6.93 -27.91
OP1 MA6 S 1722 16.69 -6.97 -26.56
OP2 MA6 S 1722 15.60 -5.59 -28.51
O5' MA6 S 1722 16.89 -7.70 -28.96
C5' MA6 S 1722 17.05 -7.20 -30.28
C4' MA6 S 1722 16.43 -8.11 -31.30
O4' MA6 S 1722 14.98 -8.05 -31.19
C1' MA6 S 1722 14.38 -8.12 -32.46
N9 MA6 S 1722 13.75 -6.83 -32.74
N3 MA6 S 1722 12.64 -7.20 -34.90
N1 MA6 S 1722 11.50 -5.29 -35.70
C6 MA6 S 1722 11.87 -4.61 -34.63
N6 MA6 S 1722 11.26 -3.31 -34.88
C9 MA6 S 1722 11.26 -2.31 -33.82
C10 MA6 S 1722 10.66 -2.98 -36.21
N7 MA6 S 1722 13.17 -4.76 -32.49
C8 MA6 S 1722 13.86 -5.77 -31.91
C2' MA6 S 1722 15.50 -8.41 -33.45
O2' MA6 S 1722 15.68 -9.81 -33.53
C3' MA6 S 1722 16.68 -7.76 -32.76
O3' MA6 S 1722 17.94 -8.19 -33.22
N SER T 1 33.52 31.32 83.67
CA SER T 1 32.47 30.41 83.26
C SER T 1 32.65 29.96 81.81
N MET T 2 32.32 30.83 80.87
CA MET T 2 32.45 30.55 79.45
C MET T 2 33.67 31.27 78.91
N LEU T 3 34.63 30.51 78.39
CA LEU T 3 35.89 31.05 77.88
C LEU T 3 35.92 31.14 76.37
N ARG T 4 34.77 31.40 75.74
CA ARG T 4 34.73 31.55 74.29
C ARG T 4 35.53 32.76 73.83
N LEU T 5 35.43 33.87 74.57
CA LEU T 5 36.17 35.08 74.19
C LEU T 5 37.67 34.89 74.34
N GLN T 6 38.10 34.25 75.42
CA GLN T 6 39.53 34.14 75.70
C GLN T 6 40.24 33.21 74.74
N LYS T 7 39.56 32.15 74.29
CA LYS T 7 40.17 31.27 73.29
C LYS T 7 40.33 31.97 71.95
N ARG T 8 39.40 32.85 71.60
CA ARG T 8 39.51 33.59 70.35
C ARG T 8 40.66 34.60 70.41
N LEU T 9 40.79 35.31 71.53
CA LEU T 9 41.87 36.28 71.66
C LEU T 9 43.23 35.61 71.71
N ALA T 10 43.32 34.45 72.37
CA ALA T 10 44.59 33.73 72.43
C ALA T 10 44.99 33.22 71.06
N SER T 11 44.02 32.82 70.24
CA SER T 11 44.33 32.38 68.88
C SER T 11 44.95 33.50 68.05
N SER T 12 44.43 34.72 68.20
CA SER T 12 44.95 35.84 67.42
C SER T 12 46.32 36.27 67.92
N VAL T 13 46.53 36.27 69.24
CA VAL T 13 47.81 36.70 69.79
C VAL T 13 48.91 35.70 69.45
N LEU T 14 48.62 34.42 69.60
CA LEU T 14 49.59 33.37 69.30
C LEU T 14 49.76 33.13 67.80
N ARG T 15 48.92 33.76 66.97
CA ARG T 15 48.96 33.59 65.51
C ARG T 15 48.83 32.12 65.11
N CYS T 16 47.95 31.41 65.81
CA CYS T 16 47.62 30.03 65.49
C CYS T 16 46.11 29.89 65.33
N GLY T 17 45.62 28.67 65.23
CA GLY T 17 44.21 28.41 65.24
C GLY T 17 43.71 28.08 66.63
N LYS T 18 42.38 28.03 66.76
CA LYS T 18 41.80 27.60 68.02
C LYS T 18 42.02 26.12 68.28
N LYS T 19 42.45 25.36 67.27
CA LYS T 19 42.90 24.00 67.49
C LYS T 19 44.11 23.96 68.43
N LYS T 20 45.00 24.94 68.30
CA LYS T 20 46.29 24.91 68.97
C LYS T 20 46.33 25.76 70.24
N VAL T 21 45.19 26.26 70.68
CA VAL T 21 45.14 27.07 71.90
C VAL T 21 44.79 26.16 73.06
N TRP T 22 45.63 26.15 74.09
CA TRP T 22 45.40 25.36 75.29
C TRP T 22 45.22 26.32 76.46
N LEU T 23 44.02 26.33 77.03
CA LEU T 23 43.74 27.09 78.24
C LEU T 23 43.77 26.14 79.42
N ASP T 24 44.34 26.58 80.53
CA ASP T 24 44.47 25.74 81.69
C ASP T 24 43.09 25.39 82.24
N PRO T 25 42.73 24.10 82.32
CA PRO T 25 41.42 23.74 82.88
C PRO T 25 41.30 24.01 84.37
N ASN T 26 42.43 24.13 85.09
CA ASN T 26 42.37 24.41 86.52
C ASN T 26 42.28 25.89 86.82
N GLU T 27 42.96 26.72 86.04
CA GLU T 27 42.93 28.17 86.22
C GLU T 27 41.88 28.81 85.32
N THR T 28 40.64 28.32 85.41
CA THR T 28 39.56 28.90 84.61
C THR T 28 39.21 30.30 85.08
N ASN T 29 39.20 30.53 86.39
CA ASN T 29 38.86 31.85 86.91
C ASN T 29 39.89 32.89 86.54
N GLU T 30 41.18 32.53 86.56
CA GLU T 30 42.22 33.47 86.18
C GLU T 30 42.10 33.88 84.72
N ILE T 31 41.87 32.92 83.84
CA ILE T 31 41.74 33.23 82.41
C ILE T 31 40.47 34.02 82.13
N ALA T 32 39.39 33.73 82.87
CA ALA T 32 38.13 34.42 82.65
C ALA T 32 38.21 35.91 82.93
N ASN T 33 39.20 36.34 83.71
CA ASN T 33 39.38 37.75 84.00
C ASN T 33 40.11 38.52 82.91
N ALA T 34 40.62 37.82 81.88
CA ALA T 34 41.40 38.45 80.84
C ALA T 34 40.49 38.79 79.67
N ASN T 35 39.99 40.02 79.65
CA ASN T 35 39.09 40.47 78.60
C ASN T 35 39.79 41.32 77.55
N SER T 36 41.12 41.38 77.57
CA SER T 36 41.87 42.15 76.59
C SER T 36 43.08 41.36 76.16
N ARG T 37 43.58 41.68 74.97
CA ARG T 37 44.72 40.96 74.41
C ARG T 37 45.99 41.22 75.21
N GLN T 38 46.05 42.32 75.96
CA GLN T 38 47.21 42.57 76.79
C GLN T 38 47.29 41.59 77.95
N GLN T 39 46.15 41.29 78.58
CA GLN T 39 46.15 40.27 79.64
C GLN T 39 46.34 38.88 79.06
N ILE T 40 45.87 38.64 77.84
CA ILE T 40 46.13 37.37 77.17
C ILE T 40 47.62 37.16 76.98
N ARG T 41 48.34 38.23 76.63
CA ARG T 41 49.79 38.14 76.51
C ARG T 41 50.43 37.81 77.84
N LYS T 42 49.91 38.38 78.94
CA LYS T 42 50.44 38.07 80.26
C LYS T 42 50.22 36.61 80.62
N LEU T 43 49.04 36.08 80.30
CA LEU T 43 48.76 34.68 80.61
C LEU T 43 49.63 33.74 79.78
N ILE T 44 49.90 34.11 78.53
CA ILE T 44 50.78 33.30 77.69
C ILE T 44 52.19 33.27 78.25
N LYS T 45 52.68 34.43 78.69
CA LYS T 45 54.01 34.50 79.29
C LYS T 45 54.07 33.71 80.60
N ASP T 46 53.00 33.79 81.39
CA ASP T 46 52.96 33.08 82.67
C ASP T 46 52.81 31.58 82.49
N GLY T 47 52.29 31.13 81.36
CA GLY T 47 52.13 29.71 81.10
C GLY T 47 50.73 29.17 81.30
N LEU T 48 49.75 30.02 81.61
CA LEU T 48 48.38 29.54 81.70
C LEU T 48 47.78 29.27 80.33
N ILE T 49 48.25 29.96 79.30
CA ILE T 49 47.85 29.72 77.92
C ILE T 49 49.07 29.24 77.17
N ILE T 50 48.93 28.11 76.48
CA ILE T 50 50.06 27.44 75.84
C ILE T 50 49.64 27.06 74.42
N ARG T 51 50.54 27.30 73.46
CA ARG T 51 50.32 26.89 72.09
C ARG T 51 50.73 25.43 71.93
N LYS T 52 49.76 24.57 71.62
CA LYS T 52 50.04 23.16 71.45
C LYS T 52 50.84 22.93 70.17
N PRO T 53 51.69 21.91 70.15
CA PRO T 53 52.50 21.65 68.95
C PRO T 53 51.67 21.09 67.81
N VAL T 54 52.23 21.22 66.60
CA VAL T 54 51.56 20.73 65.41
C VAL T 54 51.47 19.21 65.45
N THR T 55 50.30 18.69 65.08
CA THR T 55 50.10 17.24 65.01
C THR T 55 51.11 16.63 64.05
N VAL T 56 51.71 15.52 64.47
CA VAL T 56 52.81 14.92 63.72
C VAL T 56 52.28 14.26 62.46
N HIS T 57 52.84 14.67 61.31
CA HIS T 57 52.59 14.01 60.03
C HIS T 57 53.97 13.71 59.45
N SER T 58 54.50 12.54 59.82
CA SER T 58 55.85 12.16 59.43
C SER T 58 55.88 11.73 57.97
N ARG T 59 57.04 11.96 57.34
CA ARG T 59 57.31 11.47 56.00
C ARG T 59 58.35 10.36 56.01
N ALA T 60 58.60 9.76 57.17
CA ALA T 60 59.55 8.66 57.25
C ALA T 60 59.05 7.45 56.46
N ARG T 61 57.75 7.21 56.49
CA ARG T 61 57.18 6.13 55.69
C ARG T 61 57.32 6.41 54.20
N CYS T 62 57.09 7.66 53.79
CA CYS T 62 57.22 8.01 52.38
C CYS T 62 58.68 7.96 51.93
N ARG T 63 59.60 8.40 52.77
CA ARG T 63 61.02 8.35 52.40
C ARG T 63 61.49 6.91 52.26
N LYS T 64 61.04 6.03 53.15
CA LYS T 64 61.42 4.62 53.05
C LYS T 64 60.88 3.99 51.76
N ASN T 65 59.66 4.34 51.38
CA ASN T 65 59.10 3.83 50.13
C ASN T 65 59.79 4.44 48.91
N THR T 66 60.20 5.71 49.02
CA THR T 66 60.90 6.36 47.91
C THR T 66 62.26 5.73 47.67
N LEU T 67 62.97 5.36 48.74
CA LEU T 67 64.25 4.70 48.57
C LEU T 67 64.10 3.35 47.87
N ALA T 68 63.02 2.62 48.20
CA ALA T 68 62.75 1.37 47.49
C ALA T 68 62.41 1.62 46.03
N ARG T 69 61.59 2.63 45.75
CA ARG T 69 61.23 2.93 44.37
C ARG T 69 62.44 3.41 43.57
N ARG T 70 63.40 4.05 44.22
CA ARG T 70 64.62 4.45 43.54
C ARG T 70 65.46 3.25 43.16
N LYS T 71 65.33 2.15 43.90
CA LYS T 71 66.01 0.91 43.56
C LYS T 71 65.21 0.04 42.60
N GLY T 72 63.97 0.39 42.31
CA GLY T 72 63.15 -0.32 41.35
C GLY T 72 61.95 -1.02 41.92
N ARG T 73 61.79 -1.06 43.24
CA ARG T 73 60.65 -1.74 43.84
C ARG T 73 59.37 -0.94 43.60
N HIS T 74 58.25 -1.65 43.64
CA HIS T 74 56.91 -1.09 43.49
C HIS T 74 56.71 -0.40 42.14
N MET T 75 57.55 -0.70 41.15
CA MET T 75 57.33 -0.18 39.81
C MET T 75 56.52 -1.18 38.98
N GLY T 76 57.12 -2.35 38.71
CA GLY T 76 56.43 -3.52 38.21
C GLY T 76 55.53 -3.33 37.01
N ILE T 77 54.63 -4.28 36.81
CA ILE T 77 53.58 -4.19 35.80
C ILE T 77 52.23 -3.94 36.43
N GLY T 78 51.95 -4.59 37.55
CA GLY T 78 50.73 -4.41 38.30
C GLY T 78 50.72 -3.22 39.23
N LYS T 79 51.70 -2.32 39.12
CA LYS T 79 51.70 -1.09 39.87
C LYS T 79 51.61 0.14 38.96
N ARG T 80 51.36 -0.06 37.68
CA ARG T 80 51.28 1.03 36.72
C ARG T 80 49.82 1.28 36.36
N LYS T 81 49.36 2.52 36.54
CA LYS T 81 48.01 2.90 36.20
C LYS T 81 47.93 3.86 35.03
N GLY T 82 49.03 4.49 34.65
CA GLY T 82 49.05 5.39 33.53
C GLY T 82 49.66 4.74 32.30
N THR T 83 49.35 5.32 31.15
CA THR T 83 49.94 4.89 29.90
C THR T 83 51.45 5.14 29.95
N ALA T 84 52.20 4.42 29.11
CA ALA T 84 53.63 4.64 29.02
C ALA T 84 53.94 6.08 28.65
N ASN T 85 53.10 6.69 27.82
CA ASN T 85 53.27 8.10 27.47
C ASN T 85 52.85 9.00 28.63
N ALA T 86 51.92 8.56 29.47
CA ALA T 86 51.52 9.38 30.60
C ALA T 86 52.53 9.35 31.74
N ARG T 87 53.27 8.25 31.87
CA ARG T 87 54.29 8.13 32.91
C ARG T 87 55.62 8.73 32.50
N MET T 88 55.92 8.75 31.21
CA MET T 88 57.15 9.31 30.66
C MET T 88 56.89 9.67 29.21
N PRO T 89 56.52 10.92 28.92
CA PRO T 89 56.08 11.27 27.57
C PRO T 89 57.17 11.08 26.53
N GLU T 90 56.74 10.68 25.33
CA GLU T 90 57.68 10.47 24.24
C GLU T 90 58.26 11.78 23.74
N LYS T 91 57.49 12.86 23.84
CA LYS T 91 58.03 14.16 23.43
C LYS T 91 59.13 14.63 24.36
N VAL T 92 58.98 14.36 25.66
CA VAL T 92 60.03 14.73 26.62
C VAL T 92 61.28 13.88 26.38
N THR T 93 61.10 12.59 26.10
CA THR T 93 62.25 11.73 25.81
C THR T 93 62.96 12.18 24.54
N TRP T 94 62.20 12.56 23.52
CA TRP T 94 62.81 13.07 22.29
C TRP T 94 63.48 14.41 22.52
N MET T 95 62.91 15.25 23.38
CA MET T 95 63.52 16.54 23.72
C MET T 95 64.87 16.33 24.37
N ARG T 96 64.96 15.37 25.29
CA ARG T 96 66.21 15.13 25.98
C ARG T 96 67.27 14.55 25.04
N ARG T 97 66.87 13.60 24.19
CA ARG T 97 67.82 13.04 23.24
C ARG T 97 68.31 14.09 22.25
N MET T 98 67.42 14.96 21.79
CA MET T 98 67.82 15.99 20.85
C MET T 98 68.80 16.97 21.49
N ARG T 99 68.52 17.41 22.71
CA ARG T 99 69.40 18.35 23.38
C ARG T 99 70.74 17.71 23.72
N ILE T 100 70.74 16.46 24.15
CA ILE T 100 71.99 15.79 24.58
C ILE T 100 72.87 15.52 23.35
N LEU T 101 72.28 15.14 22.23
CA LEU T 101 73.09 14.74 21.05
C LEU T 101 73.51 15.97 20.26
N ARG T 102 72.68 17.00 20.22
CA ARG T 102 73.11 18.23 19.56
C ARG T 102 74.18 18.95 20.36
N ARG T 103 74.11 18.87 21.69
CA ARG T 103 75.16 19.43 22.52
C ARG T 103 76.48 18.70 22.27
N LEU T 104 76.43 17.39 22.12
CA LEU T 104 77.67 16.63 21.83
C LEU T 104 78.22 17.10 20.48
N LEU T 105 77.38 17.09 19.46
CA LEU T 105 77.87 17.45 18.14
C LEU T 105 78.47 18.84 18.11
N ARG T 106 77.87 19.77 18.87
CA ARG T 106 78.42 21.11 18.96
C ARG T 106 79.80 21.09 19.60
N ARG T 107 79.96 20.35 20.70
CA ARG T 107 81.24 20.30 21.38
C ARG T 107 82.33 19.66 20.53
N TYR T 108 81.95 18.68 19.71
CA TYR T 108 82.91 18.09 18.80
C TYR T 108 83.31 19.06 17.69
N ARG T 109 82.44 20.01 17.35
CA ARG T 109 82.77 20.93 16.28
C ARG T 109 83.73 22.03 16.73
N GLU T 110 83.56 22.55 17.94
CA GLU T 110 84.50 23.53 18.46
C GLU T 110 85.66 22.89 19.22
N SER T 111 85.76 21.57 19.25
CA SER T 111 86.98 20.90 19.64
C SER T 111 87.73 20.35 18.44
N LYS T 112 87.25 20.66 17.23
CA LYS T 112 87.85 20.27 15.96
C LYS T 112 87.93 18.76 15.78
N LYS T 113 87.13 17.99 16.51
CA LYS T 113 87.02 16.57 16.22
C LYS T 113 86.27 16.32 14.93
N ILE T 114 85.32 17.18 14.60
CA ILE T 114 84.61 17.16 13.33
C ILE T 114 84.57 18.58 12.78
N ASP T 115 84.42 18.68 11.47
CA ASP T 115 84.35 19.97 10.81
C ASP T 115 82.89 20.34 10.53
N ARG T 116 82.69 21.44 9.80
CA ARG T 116 81.34 21.90 9.50
C ARG T 116 80.55 20.87 8.71
N HIS T 117 81.19 20.24 7.72
CA HIS T 117 80.47 19.37 6.81
C HIS T 117 80.08 18.06 7.48
N MET T 118 80.97 17.50 8.31
CA MET T 118 80.59 16.30 9.04
C MET T 118 79.58 16.62 10.14
N TYR T 119 79.67 17.80 10.75
CA TYR T 119 78.69 18.20 11.76
C TYR T 119 77.30 18.33 11.15
N HIS T 120 77.19 19.01 10.02
CA HIS T 120 75.88 19.26 9.43
C HIS T 120 75.23 17.98 8.93
N SER T 121 76.03 17.07 8.37
CA SER T 121 75.50 15.79 7.93
C SER T 121 75.02 14.96 9.12
N LEU T 122 75.78 14.96 10.21
CA LEU T 122 75.38 14.23 11.41
C LEU T 122 74.19 14.90 12.09
N TYR T 123 74.10 16.22 12.01
CA TYR T 123 73.00 16.94 12.64
C TYR T 123 71.67 16.54 12.02
N LEU T 124 71.63 16.41 10.71
CA LEU T 124 70.40 15.95 10.06
C LEU T 124 70.16 14.47 10.33
N LYS T 125 71.22 13.72 10.62
CA LYS T 125 71.04 12.30 10.90
C LYS T 125 70.44 12.08 12.29
N VAL T 126 70.87 12.85 13.29
CA VAL T 126 70.27 12.71 14.61
C VAL T 126 68.81 13.15 14.58
N LYS T 127 68.49 14.18 13.79
CA LYS T 127 67.10 14.57 13.60
C LYS T 127 66.32 13.48 12.90
N GLY T 128 66.98 12.68 12.06
CA GLY T 128 66.36 11.57 11.38
C GLY T 128 66.22 10.32 12.19
N ASN T 129 66.63 10.34 13.46
CA ASN T 129 66.49 9.23 14.38
C ASN T 129 67.27 8.01 13.89
N VAL T 130 68.58 8.19 13.74
CA VAL T 130 69.48 7.08 13.41
C VAL T 130 70.44 6.75 14.54
N PHE T 131 70.47 7.55 15.60
CA PHE T 131 71.28 7.27 16.78
C PHE T 131 70.36 7.29 17.99
N LYS T 132 70.00 6.11 18.50
CA LYS T 132 69.12 6.05 19.65
C LYS T 132 69.78 6.61 20.91
N ASN T 133 71.10 6.80 20.92
CA ASN T 133 71.74 7.41 22.12
C ASN T 133 73.13 7.99 21.81
N LYS T 134 73.87 8.39 22.84
CA LYS T 134 75.11 9.19 22.68
C LYS T 134 76.27 8.29 22.29
N ARG T 135 76.44 7.17 23.00
CA ARG T 135 77.60 6.30 22.71
C ARG T 135 77.44 5.77 21.29
N ILE T 136 76.22 5.49 20.85
CA ILE T 136 76.12 4.92 19.48
C ILE T 136 76.45 6.04 18.49
N LEU T 137 76.39 7.30 18.91
CA LEU T 137 76.84 8.39 18.00
C LEU T 137 78.35 8.45 18.12
N MET T 138 78.89 8.58 19.33
CA MET T 138 80.36 8.73 19.44
C MET T 138 80.99 7.62 18.61
N GLU T 139 80.58 6.37 18.82
CA GLU T 139 81.21 5.27 18.10
C GLU T 139 81.06 5.45 16.60
N HIS T 140 79.93 5.99 16.15
CA HIS T 140 79.76 6.28 14.73
C HIS T 140 80.76 7.33 14.25
N ILE T 141 81.01 8.35 15.08
CA ILE T 141 81.98 9.38 14.71
C ILE T 141 83.38 8.78 14.63
N HIS T 142 83.72 7.89 15.57
CA HIS T 142 85.02 7.22 15.52
C HIS T 142 85.16 6.38 14.27
N LYS T 143 84.08 5.70 13.86
CA LYS T 143 84.11 4.92 12.63
C LYS T 143 84.27 5.83 11.42
N LEU T 144 83.58 6.97 11.41
CA LEU T 144 83.72 7.91 10.30
C LEU T 144 85.14 8.47 10.22
N LYS T 145 85.72 8.78 11.37
CA LYS T 145 87.11 9.26 11.41
C LYS T 145 88.06 8.17 10.94
N ALA T 146 87.78 6.92 11.29
CA ALA T 146 88.71 5.82 11.00
C ALA T 146 88.82 5.59 9.50
N ASP T 147 87.70 5.45 8.81
CA ASP T 147 87.77 5.14 7.38
C ASP T 147 88.06 6.37 6.54
N LYS T 148 87.76 7.57 7.05
CA LYS T 148 88.18 8.78 6.35
C LYS T 148 89.70 8.93 6.39
N ALA T 149 90.32 8.64 7.53
CA ALA T 149 91.77 8.63 7.60
C ALA T 149 92.36 7.46 6.83
N ARG T 150 91.64 6.33 6.80
CA ARG T 150 92.13 5.16 6.06
C ARG T 150 92.22 5.46 4.58
N LYS T 151 91.19 6.11 4.02
CA LYS T 151 91.26 6.48 2.61
C LYS T 151 92.17 7.68 2.40
N LYS T 152 92.44 8.45 3.45
CA LYS T 152 93.33 9.60 3.31
C LYS T 152 94.76 9.15 3.05
N LEU T 153 95.27 8.22 3.85
CA LEU T 153 96.62 7.74 3.61
C LEU T 153 96.69 6.81 2.40
N LEU T 154 95.58 6.14 2.09
CA LEU T 154 95.53 5.32 0.88
C LEU T 154 95.65 6.19 -0.37
N ALA T 155 94.96 7.33 -0.37
CA ALA T 155 95.07 8.25 -1.50
C ALA T 155 96.40 8.99 -1.48
N ASP T 156 96.96 9.21 -0.29
CA ASP T 156 98.23 9.90 -0.18
C ASP T 156 99.38 9.04 -0.70
N GLN T 157 99.39 7.76 -0.33
CA GLN T 157 100.43 6.87 -0.82
C GLN T 157 100.21 6.50 -2.28
N ALA T 158 98.96 6.58 -2.76
CA ALA T 158 98.71 6.41 -4.18
C ALA T 158 99.24 7.61 -4.96
N GLU T 159 99.06 8.82 -4.43
CA GLU T 159 99.64 10.00 -5.07
C GLU T 159 101.16 9.97 -5.01
N ALA T 160 101.71 9.47 -3.91
CA ALA T 160 103.16 9.30 -3.83
C ALA T 160 103.67 8.29 -4.84
N ARG T 161 102.93 7.20 -5.03
CA ARG T 161 103.31 6.20 -6.03
C ARG T 161 103.24 6.78 -7.43
N ARG T 162 102.19 7.54 -7.73
CA ARG T 162 102.05 8.15 -9.05
C ARG T 162 103.14 9.18 -9.29
N SER T 163 103.46 9.98 -8.26
CA SER T 163 104.53 10.96 -8.40
C SER T 163 105.90 10.27 -8.47
N LYS T 164 105.99 9.05 -7.97
CA LYS T 164 107.26 8.33 -8.01
C LYS T 164 107.63 7.94 -9.44
N THR T 165 106.69 7.34 -10.17
CA THR T 165 106.96 6.95 -11.55
C THR T 165 107.01 8.15 -12.48
N LYS T 166 106.18 9.17 -12.20
CA LYS T 166 106.21 10.38 -13.02
C LYS T 166 107.53 11.12 -12.87
N GLU T 167 108.05 11.19 -11.65
CA GLU T 167 109.36 11.81 -11.44
C GLU T 167 110.47 10.98 -12.06
N ALA T 168 110.38 9.65 -11.95
CA ALA T 168 111.38 8.78 -12.54
C ALA T 168 111.31 8.74 -14.06
N ARG T 169 110.27 9.33 -14.65
CA ARG T 169 110.12 9.41 -16.10
C ARG T 169 110.43 10.79 -16.65
N LYS T 170 110.04 11.85 -15.93
CA LYS T 170 110.30 13.20 -16.42
C LYS T 170 111.79 13.49 -16.49
N ARG T 171 112.57 12.95 -15.57
CA ARG T 171 114.02 13.05 -15.66
C ARG T 171 114.63 11.95 -16.50
N ARG T 172 113.87 10.88 -16.77
CA ARG T 172 114.36 9.82 -17.65
C ARG T 172 114.59 10.35 -19.06
N GLU T 173 113.65 11.15 -19.56
CA GLU T 173 113.84 11.79 -20.85
C GLU T 173 114.87 12.91 -20.77
N GLU T 174 115.16 13.40 -19.56
CA GLU T 174 116.10 14.50 -19.42
C GLU T 174 117.54 14.05 -19.67
N ARG T 175 117.93 12.90 -19.12
CA ARG T 175 119.26 12.38 -19.42
C ARG T 175 119.27 11.50 -20.66
N LEU T 176 118.11 11.19 -21.24
CA LEU T 176 118.09 10.63 -22.58
C LEU T 176 118.41 11.70 -23.61
N GLN T 177 117.81 12.89 -23.48
CA GLN T 177 118.14 13.99 -24.36
C GLN T 177 119.48 14.62 -24.02
N ALA T 178 120.02 14.34 -22.82
CA ALA T 178 121.38 14.76 -22.53
C ALA T 178 122.39 14.00 -23.38
N LYS T 179 122.03 12.79 -23.82
CA LYS T 179 122.89 12.03 -24.71
C LYS T 179 122.57 12.31 -26.17
N LYS T 180 121.31 12.61 -26.50
CA LYS T 180 120.95 12.95 -27.86
C LYS T 180 121.51 14.31 -28.26
N GLU T 181 121.44 15.30 -27.37
CA GLU T 181 121.85 16.66 -27.69
C GLU T 181 123.31 16.94 -27.35
N GLU T 182 124.04 15.97 -26.81
CA GLU T 182 125.49 16.10 -26.68
C GLU T 182 126.22 15.65 -27.94
N ILE T 183 125.49 15.17 -28.94
CA ILE T 183 126.08 14.78 -30.21
C ILE T 183 126.07 15.93 -31.21
N ILE T 184 124.97 16.67 -31.28
CA ILE T 184 124.87 17.77 -32.23
C ILE T 184 125.78 18.93 -31.84
N LYS T 185 126.19 19.02 -30.58
CA LYS T 185 127.09 20.08 -30.14
C LYS T 185 128.52 19.86 -30.58
N THR T 186 128.84 18.68 -31.13
CA THR T 186 130.17 18.40 -31.66
C THR T 186 130.14 17.83 -33.06
N LEU T 187 128.96 17.55 -33.61
CA LEU T 187 128.78 16.93 -34.92
C LEU T 187 129.56 15.62 -35.04
N MET U 1 29.54 -47.69 61.65
CA MET U 1 30.12 -49.03 61.45
C MET U 1 30.32 -49.33 59.98
N LYS U 2 30.10 -48.33 59.13
CA LYS U 2 30.27 -48.49 57.69
C LYS U 2 31.75 -48.34 57.32
N VAL U 3 32.01 -48.18 56.02
CA VAL U 3 33.35 -47.87 55.56
C VAL U 3 33.79 -46.55 56.18
N GLU U 4 35.06 -46.48 56.57
CA GLU U 4 35.64 -45.29 57.19
C GLU U 4 36.51 -44.60 56.17
N LEU U 5 36.19 -43.35 55.87
CA LEU U 5 36.81 -42.64 54.76
C LEU U 5 37.83 -41.64 55.29
N CYS U 6 38.67 -41.14 54.37
CA CYS U 6 39.68 -40.16 54.72
C CYS U 6 39.64 -39.00 53.72
N SER U 7 39.92 -37.80 54.21
CA SER U 7 39.63 -36.57 53.49
C SER U 7 40.86 -36.06 52.73
N PHE U 8 40.72 -34.88 52.14
CA PHE U 8 41.85 -34.09 51.67
C PHE U 8 42.83 -33.82 52.80
N SER U 9 42.32 -33.57 54.00
CA SER U 9 43.14 -33.37 55.18
C SER U 9 43.64 -34.68 55.77
N GLY U 10 43.15 -35.83 55.29
CA GLY U 10 43.53 -37.10 55.85
C GLY U 10 42.82 -37.45 57.14
N TYR U 11 41.89 -36.62 57.59
CA TYR U 11 41.15 -36.90 58.82
C TYR U 11 40.14 -38.00 58.58
N LYS U 12 39.66 -38.58 59.68
CA LYS U 12 38.70 -39.66 59.62
C LYS U 12 37.29 -39.11 59.45
N ILE U 13 36.55 -39.67 58.49
CA ILE U 13 35.19 -39.22 58.18
C ILE U 13 34.21 -40.28 58.63
N TYR U 14 33.37 -39.92 59.59
CA TYR U 14 32.34 -40.81 60.10
C TYR U 14 31.08 -40.71 59.25
N PRO U 15 30.25 -41.75 59.23
CA PRO U 15 29.06 -41.73 58.37
C PRO U 15 28.12 -40.59 58.73
N GLY U 16 27.50 -40.01 57.70
CA GLY U 16 26.63 -38.87 57.88
C GLY U 16 27.34 -37.54 57.94
N HIS U 17 28.62 -37.47 57.57
CA HIS U 17 29.38 -36.23 57.64
C HIS U 17 30.07 -35.98 56.30
N GLY U 18 30.20 -34.70 55.98
CA GLY U 18 30.95 -34.29 54.80
C GLY U 18 30.19 -34.51 53.50
N ARG U 19 30.93 -34.45 52.40
CA ARG U 19 30.39 -34.64 51.08
C ARG U 19 31.32 -35.53 50.27
N ARG U 20 30.82 -36.00 49.13
CA ARG U 20 31.58 -36.85 48.23
C ARG U 20 31.58 -36.22 46.84
N TYR U 21 32.74 -36.26 46.20
CA TYR U 21 32.96 -35.62 44.90
C TYR U 21 33.31 -36.68 43.87
N ALA U 22 32.65 -36.63 42.72
CA ALA U 22 32.88 -37.59 41.64
C ALA U 22 33.24 -36.82 40.38
N ARG U 23 34.53 -36.78 40.06
CA ARG U 23 34.99 -36.04 38.91
C ARG U 23 34.62 -36.75 37.61
N THR U 24 34.77 -36.03 36.49
CA THR U 24 34.41 -36.59 35.20
C THR U 24 35.40 -37.66 34.75
N ASP U 25 36.66 -37.57 35.18
CA ASP U 25 37.64 -38.56 34.79
C ASP U 25 37.45 -39.90 35.50
N GLY U 26 36.55 -39.96 36.46
CA GLY U 26 36.24 -41.20 37.14
C GLY U 26 36.81 -41.37 38.53
N LYS U 27 37.46 -40.34 39.07
CA LYS U 27 38.02 -40.42 40.41
C LYS U 27 37.02 -39.89 41.42
N VAL U 28 37.00 -40.51 42.60
CA VAL U 28 36.05 -40.16 43.65
C VAL U 28 36.84 -39.72 44.87
N PHE U 29 36.53 -38.52 45.35
CA PHE U 29 37.12 -37.97 46.56
C PHE U 29 36.04 -37.81 47.62
N GLN U 30 36.47 -37.68 48.87
CA GLN U 30 35.56 -37.42 49.98
C GLN U 30 36.17 -36.39 50.89
N PHE U 31 35.34 -35.49 51.42
CA PHE U 31 35.79 -34.38 52.23
C PHE U 31 35.05 -34.38 53.56
N LEU U 32 35.72 -33.86 54.59
CA LEU U 32 35.12 -33.84 55.92
C LEU U 32 34.23 -32.63 56.13
N ASN U 33 34.58 -31.49 55.55
CA ASN U 33 33.75 -30.30 55.64
C ASN U 33 34.06 -29.42 54.43
N ALA U 34 33.43 -28.24 54.41
CA ALA U 34 33.63 -27.32 53.30
C ALA U 34 35.01 -26.67 53.34
N LYS U 35 35.67 -26.64 54.49
CA LYS U 35 37.03 -26.11 54.55
C LYS U 35 38.00 -27.02 53.81
N CYS U 36 37.93 -28.33 54.09
CA CYS U 36 38.79 -29.28 53.39
C CYS U 36 38.40 -29.41 51.93
N GLU U 37 37.11 -29.29 51.62
CA GLU U 37 36.65 -29.42 50.24
C GLU U 37 37.10 -28.24 49.40
N SER U 38 36.91 -27.02 49.90
CA SER U 38 37.23 -25.84 49.11
C SER U 38 38.73 -25.67 48.92
N ALA U 39 39.53 -26.12 49.90
CA ALA U 39 40.97 -26.15 49.70
C ALA U 39 41.35 -27.09 48.56
N PHE U 40 40.70 -28.25 48.50
CA PHE U 40 40.94 -29.17 47.38
C PHE U 40 40.50 -28.56 46.06
N LEU U 41 39.36 -27.87 46.04
CA LEU U 41 38.82 -27.33 44.81
C LEU U 41 39.64 -26.15 44.29
N SER U 42 40.44 -25.53 45.13
CA SER U 42 41.31 -24.43 44.71
C SER U 42 42.70 -24.90 44.33
N LYS U 43 42.87 -26.19 44.05
CA LYS U 43 44.15 -26.78 43.64
C LYS U 43 45.26 -26.48 44.66
N ARG U 44 44.92 -26.62 45.93
CA ARG U 44 45.85 -26.34 47.01
C ARG U 44 46.47 -27.63 47.52
N ASN U 45 47.79 -27.61 47.69
CA ASN U 45 48.52 -28.83 48.07
C ASN U 45 48.32 -29.11 49.54
N PRO U 46 47.85 -30.31 49.91
CA PRO U 46 47.68 -30.63 51.34
C PRO U 46 48.98 -30.70 52.12
N ARG U 47 50.12 -30.88 51.45
CA ARG U 47 51.40 -30.96 52.15
C ARG U 47 51.91 -29.60 52.61
N GLN U 48 51.21 -28.52 52.30
CA GLN U 48 51.61 -27.18 52.68
C GLN U 48 50.64 -26.52 53.65
N ILE U 49 49.70 -27.28 54.21
CA ILE U 49 48.72 -26.77 55.15
C ILE U 49 48.98 -27.42 56.50
N ASN U 50 49.27 -26.60 57.51
CA ASN U 50 49.91 -27.11 58.72
C ASN U 50 49.03 -28.03 59.56
N TRP U 51 47.71 -27.99 59.38
CA TRP U 51 46.83 -28.87 60.14
C TRP U 51 46.45 -30.13 59.38
N THR U 52 47.02 -30.35 58.21
CA THR U 52 46.73 -31.52 57.39
C THR U 52 47.62 -32.67 57.82
N VAL U 53 47.06 -33.89 57.79
CA VAL U 53 47.83 -35.08 58.15
C VAL U 53 49.04 -35.24 57.23
N LEU U 54 48.86 -34.94 55.94
CA LEU U 54 49.95 -35.09 54.99
C LEU U 54 51.10 -34.13 55.30
N TYR U 55 50.79 -32.94 55.82
CA TYR U 55 51.85 -32.02 56.23
C TYR U 55 52.59 -32.56 57.44
N ARG U 56 51.84 -33.01 58.45
CA ARG U 56 52.45 -33.41 59.71
C ARG U 56 53.34 -34.64 59.55
N ARG U 57 53.00 -35.53 58.61
CA ARG U 57 53.88 -36.66 58.37
C ARG U 57 55.11 -36.27 57.56
N LYS U 58 54.98 -35.29 56.67
CA LYS U 58 56.14 -34.83 55.90
C LYS U 58 57.14 -34.11 56.78
N HIS U 59 56.66 -33.25 57.67
CA HIS U 59 57.52 -32.52 58.59
C HIS U 59 57.81 -33.29 59.87
N LYS U 60 57.24 -34.48 60.01
CA LYS U 60 57.48 -35.36 61.16
C LYS U 60 57.16 -34.67 62.48
N LYS U 61 55.88 -34.31 62.62
CA LYS U 61 55.41 -33.64 63.82
C LYS U 61 54.94 -34.69 64.82
N GLY U 62 55.56 -34.72 66.00
CA GLY U 62 55.28 -35.73 66.98
C GLY U 62 55.95 -37.07 66.73
N GLN U 63 56.73 -37.19 65.67
CA GLN U 63 57.38 -38.44 65.32
C GLN U 63 58.78 -38.19 64.75
N THR U 66 64.03 -54.55 65.17
CA THR U 66 65.39 -54.92 65.53
C THR U 66 65.86 -56.11 64.72
N ARG U 67 66.91 -56.77 65.19
CA ARG U 67 67.48 -57.92 64.50
C ARG U 67 66.81 -59.19 64.99
N ARG U 68 66.26 -59.96 64.06
CA ARG U 68 65.66 -61.25 64.36
C ARG U 68 66.17 -62.28 63.37
N ALA U 69 66.62 -63.42 63.89
CA ALA U 69 67.20 -64.46 63.04
C ALA U 69 67.12 -65.78 63.80
N VAL U 70 66.41 -66.74 63.24
CA VAL U 70 66.27 -68.06 63.83
C VAL U 70 66.53 -69.10 62.73
N LYS U 71 67.34 -70.11 63.05
CA LYS U 71 67.62 -71.21 62.15
C LYS U 71 67.19 -72.50 62.82
N PHE U 72 66.49 -73.34 62.08
CA PHE U 72 65.93 -74.58 62.61
C PHE U 72 66.34 -75.75 61.72
N GLN U 73 66.43 -76.92 62.33
CA GLN U 73 66.81 -78.13 61.63
C GLN U 73 65.56 -78.98 61.40
N ARG U 74 65.31 -79.32 60.14
CA ARG U 74 64.16 -80.13 59.75
C ARG U 74 64.64 -81.38 59.05
N ALA U 75 64.00 -82.50 59.36
CA ALA U 75 64.27 -83.73 58.62
C ALA U 75 63.83 -83.57 57.18
N ILE U 76 64.64 -84.09 56.27
CA ILE U 76 64.36 -83.99 54.84
C ILE U 76 63.90 -85.36 54.33
N THR U 77 63.47 -85.38 53.07
CA THR U 77 62.97 -86.60 52.47
C THR U 77 64.08 -87.64 52.34
N GLY U 78 64.03 -88.69 53.17
CA GLY U 78 65.03 -89.73 53.12
C GLY U 78 65.77 -89.93 54.43
N ALA U 79 66.05 -88.84 55.13
CA ALA U 79 66.80 -88.90 56.39
C ALA U 79 66.00 -88.20 57.48
N SER U 80 65.86 -88.86 58.62
CA SER U 80 65.20 -88.26 59.76
C SER U 80 66.16 -87.34 60.49
N LEU U 81 65.61 -86.55 61.42
CA LEU U 81 66.46 -85.68 62.24
C LEU U 81 67.42 -86.49 63.09
N ALA U 82 67.01 -87.69 63.51
CA ALA U 82 67.91 -88.55 64.26
C ALA U 82 69.10 -88.99 63.41
N ASP U 83 68.87 -89.29 62.14
CA ASP U 83 69.96 -89.71 61.27
C ASP U 83 70.95 -88.59 61.02
N ILE U 84 70.42 -87.40 60.67
CA ILE U 84 71.31 -86.28 60.36
C ILE U 84 72.04 -85.80 61.62
N MET U 85 71.44 -86.01 62.79
CA MET U 85 72.13 -85.66 64.03
C MET U 85 73.34 -86.56 64.26
N ALA U 86 73.20 -87.86 63.99
CA ALA U 86 74.31 -88.78 64.18
C ALA U 86 75.46 -88.47 63.23
N LYS U 87 75.14 -88.14 61.98
CA LYS U 87 76.19 -87.85 61.00
C LYS U 87 76.97 -86.61 61.39
N ARG U 88 76.30 -85.56 61.85
CA ARG U 88 76.98 -84.35 62.26
C ARG U 88 77.59 -84.44 63.66
N ASN U 89 77.29 -85.49 64.41
CA ASN U 89 77.87 -85.70 65.74
C ASN U 89 78.90 -86.81 65.74
N GLN U 90 79.64 -86.97 64.63
CA GLN U 90 80.78 -87.87 64.56
C GLN U 90 82.09 -87.12 64.73
N LYS U 91 82.06 -86.03 65.50
CA LYS U 91 83.25 -85.21 65.69
C LYS U 91 84.42 -85.92 66.36
N PRO U 92 84.24 -86.71 67.46
CA PRO U 92 85.46 -87.28 68.11
C PRO U 92 86.09 -88.45 67.38
N GLU U 93 86.90 -88.12 66.37
CA GLU U 93 87.77 -89.05 65.64
C GLU U 93 87.01 -90.10 64.85
N VAL U 94 85.67 -90.05 64.85
CA VAL U 94 84.90 -90.91 63.96
C VAL U 94 85.06 -90.43 62.51
N ARG U 95 85.01 -89.12 62.30
CA ARG U 95 85.30 -88.57 60.98
C ARG U 95 86.76 -88.77 60.61
N LYS U 96 87.65 -88.72 61.60
CA LYS U 96 89.06 -89.00 61.35
C LYS U 96 89.25 -90.42 60.83
N ALA U 97 88.51 -91.37 61.40
CA ALA U 97 88.55 -92.74 60.90
C ALA U 97 88.03 -92.81 59.47
N GLN U 98 87.04 -91.98 59.15
CA GLN U 98 86.49 -91.99 57.79
C GLN U 98 87.46 -91.40 56.78
N ARG U 99 88.19 -90.35 57.17
CA ARG U 99 89.11 -89.72 56.23
C ARG U 99 90.37 -90.57 56.04
N GLU U 100 90.76 -91.34 57.06
CA GLU U 100 91.94 -92.18 56.91
C GLU U 100 91.60 -93.48 56.17
N GLN U 101 90.41 -94.02 56.38
CA GLN U 101 90.00 -95.22 55.64
C GLN U 101 89.73 -94.88 54.18
N ALA U 102 89.32 -93.64 53.90
CA ALA U 102 89.17 -93.20 52.52
C ALA U 102 90.52 -93.07 51.84
N ILE U 103 91.53 -92.59 52.57
CA ILE U 103 92.85 -92.40 51.99
C ILE U 103 93.49 -93.74 51.65
N ARG U 104 93.44 -94.69 52.58
CA ARG U 104 94.09 -95.98 52.35
C ARG U 104 93.34 -96.80 51.30
N ALA U 105 92.01 -96.70 51.28
CA ALA U 105 91.24 -97.45 50.28
C ALA U 105 91.43 -96.87 48.89
N ALA U 106 91.42 -95.54 48.77
CA ALA U 106 91.63 -94.92 47.47
C ALA U 106 93.05 -95.13 46.97
N LYS U 107 94.03 -95.07 47.87
CA LYS U 107 95.42 -95.31 47.47
C LYS U 107 95.64 -96.76 47.06
N GLU U 108 95.05 -97.71 47.80
CA GLU U 108 95.23 -99.12 47.45
C GLU U 108 94.45 -99.50 46.20
N ALA U 109 93.36 -98.79 45.91
CA ALA U 109 92.64 -99.02 44.67
C ALA U 109 93.37 -98.38 43.49
N LYS U 110 93.96 -97.20 43.71
CA LYS U 110 94.74 -96.54 42.66
C LYS U 110 95.97 -97.36 42.30
N LYS U 111 96.67 -97.89 43.30
CA LYS U 111 97.85 -98.71 43.04
C LYS U 111 97.47 -100.01 42.36
N ALA U 112 96.36 -100.63 42.77
CA ALA U 112 95.91 -101.87 42.14
C ALA U 112 95.42 -101.64 40.72
N LYS U 113 94.90 -100.44 40.42
CA LYS U 113 94.48 -100.13 39.06
C LYS U 113 95.67 -100.01 38.13
N GLN U 114 96.78 -99.46 38.61
CA GLN U 114 97.99 -99.40 37.81
C GLN U 114 98.54 -100.80 37.55
N ALA U 115 98.37 -101.72 38.52
CA ALA U 115 98.81 -103.09 38.33
C ALA U 115 97.86 -103.86 37.42
N SER U 116 96.59 -103.47 37.37
CA SER U 116 95.62 -104.17 36.54
C SER U 116 95.98 -104.04 35.05
N LYS U 117 96.43 -102.87 34.64
CA LYS U 117 97.03 -102.71 33.32
C LYS U 117 98.48 -103.16 33.36
N LYS U 118 98.99 -103.55 32.20
CA LYS U 118 100.35 -104.06 32.14
C LYS U 118 101.04 -103.63 30.84
N MET V 1 14.26 -4.54 -92.13
CA MET V 1 14.33 -5.35 -90.92
C MET V 1 14.07 -6.82 -91.24
N GLY V 2 14.75 -7.69 -90.49
CA GLY V 2 14.56 -9.13 -90.65
C GLY V 2 14.97 -9.68 -91.99
N ARG V 3 16.07 -9.17 -92.56
CA ARG V 3 16.56 -9.64 -93.84
C ARG V 3 18.07 -9.84 -93.78
N VAL V 4 18.51 -10.50 -92.72
CA VAL V 4 19.92 -10.87 -92.57
C VAL V 4 20.11 -12.27 -93.14
N ARG V 5 21.20 -12.46 -93.87
CA ARG V 5 21.47 -13.72 -94.53
C ARG V 5 22.24 -14.67 -93.62
N THR V 6 21.80 -15.92 -93.56
CA THR V 6 22.33 -16.92 -92.65
C THR V 6 23.67 -17.45 -93.19
N LYS V 7 24.26 -18.42 -92.48
CA LYS V 7 25.52 -19.00 -92.91
C LYS V 7 25.37 -19.72 -94.25
N THR V 8 24.28 -20.45 -94.44
CA THR V 8 24.14 -21.30 -95.62
C THR V 8 24.11 -20.46 -96.89
N VAL V 9 23.31 -19.40 -96.91
CA VAL V 9 23.23 -18.55 -98.09
C VAL V 9 24.53 -17.78 -98.31
N LYS V 10 25.13 -17.28 -97.22
CA LYS V 10 26.32 -16.45 -97.36
C LYS V 10 27.53 -17.27 -97.81
N LYS V 11 27.75 -18.41 -97.17
CA LYS V 11 28.91 -19.24 -97.50
C LYS V 11 28.80 -19.84 -98.89
N ALA V 12 27.59 -20.23 -99.28
CA ALA V 12 27.39 -20.75 -100.63
C ALA V 12 27.71 -19.69 -101.68
N ALA V 13 27.29 -18.45 -101.43
CA ALA V 13 27.62 -17.37 -102.35
C ALA V 13 29.12 -17.14 -102.40
N ARG V 14 29.79 -17.14 -101.24
CA ARG V 14 31.22 -16.89 -101.22
C ARG V 14 32.00 -18.01 -101.89
N VAL V 15 31.50 -19.25 -101.82
CA VAL V 15 32.18 -20.36 -102.48
C VAL V 15 32.05 -20.26 -103.99
N ILE V 16 30.84 -19.96 -104.48
CA ILE V 16 30.59 -20.03 -105.91
C ILE V 16 31.00 -18.76 -106.65
N ILE V 17 31.08 -17.62 -105.97
CA ILE V 17 31.41 -16.38 -106.67
C ILE V 17 32.87 -16.40 -107.12
N GLU V 18 33.79 -16.74 -106.22
CA GLU V 18 35.19 -16.67 -106.56
C GLU V 18 35.66 -17.86 -107.39
N LYS V 19 34.95 -18.99 -107.33
CA LYS V 19 35.26 -20.09 -108.24
C LYS V 19 34.69 -19.84 -109.63
N TYR V 20 33.55 -19.15 -109.72
CA TYR V 20 32.89 -18.92 -111.00
C TYR V 20 32.77 -17.43 -111.27
N TYR V 21 33.87 -16.69 -111.07
CA TYR V 21 33.85 -15.25 -111.29
C TYR V 21 33.64 -14.92 -112.76
N THR V 22 34.18 -15.75 -113.66
CA THR V 22 34.03 -15.50 -115.09
C THR V 22 32.57 -15.68 -115.53
N ARG V 23 31.85 -16.60 -114.90
CA ARG V 23 30.49 -16.94 -115.31
C ARG V 23 29.43 -16.04 -114.69
N LEU V 24 29.82 -15.08 -113.86
CA LEU V 24 28.86 -14.28 -113.12
C LEU V 24 28.93 -12.81 -113.52
N GLY V 25 27.77 -12.15 -113.49
CA GLY V 25 27.68 -10.73 -113.72
C GLY V 25 27.09 -10.01 -112.53
N ASN V 26 26.35 -8.93 -112.77
CA ASN V 26 25.70 -8.17 -111.71
C ASN V 26 24.18 -8.31 -111.73
N ASP V 27 23.62 -9.05 -112.67
CA ASP V 27 22.18 -9.19 -112.81
C ASP V 27 21.66 -10.30 -111.91
N PHE V 28 20.60 -10.00 -111.17
CA PHE V 28 19.99 -11.02 -110.31
C PHE V 28 19.42 -12.16 -111.13
N HIS V 29 18.75 -11.84 -112.24
CA HIS V 29 18.12 -12.89 -113.04
C HIS V 29 19.15 -13.72 -113.79
N THR V 30 20.21 -13.09 -114.29
CA THR V 30 21.26 -13.83 -114.99
C THR V 30 22.00 -14.75 -114.03
N ASN V 31 22.43 -14.22 -112.88
CA ASN V 31 23.20 -15.00 -111.93
C ASN V 31 22.38 -16.14 -111.35
N LYS V 32 21.07 -15.93 -111.14
CA LYS V 32 20.22 -16.99 -110.60
C LYS V 32 20.10 -18.16 -111.55
N ARG V 33 20.32 -17.94 -112.85
CA ARG V 33 20.36 -19.06 -113.78
C ARG V 33 21.72 -19.73 -113.80
N VAL V 34 22.78 -18.99 -113.49
CA VAL V 34 24.11 -19.58 -113.38
C VAL V 34 24.18 -20.57 -112.23
N CYS V 35 23.60 -20.20 -111.09
CA CYS V 35 23.71 -21.04 -109.89
C CYS V 35 23.02 -22.39 -110.04
N GLU V 36 22.09 -22.51 -110.99
CA GLU V 36 21.33 -23.76 -111.10
C GLU V 36 22.19 -24.91 -111.62
N GLU V 37 23.03 -24.65 -112.63
CA GLU V 37 23.82 -25.72 -113.22
C GLU V 37 25.15 -25.93 -112.53
N ILE V 38 25.64 -24.96 -111.74
CA ILE V 38 26.89 -25.12 -111.02
C ILE V 38 26.68 -25.47 -109.55
N ALA V 39 25.45 -25.37 -109.05
CA ALA V 39 25.15 -25.69 -107.66
C ALA V 39 23.80 -26.34 -107.56
N ILE V 40 23.76 -27.57 -107.04
CA ILE V 40 22.51 -28.29 -106.84
C ILE V 40 21.87 -27.73 -105.58
N ILE V 41 20.95 -26.79 -105.77
CA ILE V 41 20.26 -26.13 -104.67
C ILE V 41 18.86 -26.74 -104.59
N PRO V 42 18.52 -27.46 -103.52
CA PRO V 42 17.24 -28.17 -103.48
C PRO V 42 16.02 -27.28 -103.56
N SER V 43 16.10 -26.05 -103.04
CA SER V 43 14.95 -25.17 -102.98
C SER V 43 15.17 -23.94 -103.84
N LYS V 44 14.12 -23.55 -104.57
CA LYS V 44 14.16 -22.32 -105.36
C LYS V 44 14.29 -21.10 -104.48
N LYS V 45 13.60 -21.09 -103.34
CA LYS V 45 13.66 -19.95 -102.43
C LYS V 45 15.07 -19.77 -101.86
N LEU V 46 15.85 -20.84 -101.79
CA LEU V 46 17.24 -20.71 -101.37
C LEU V 46 18.11 -20.12 -102.48
N ARG V 47 17.88 -20.55 -103.73
CA ARG V 47 18.80 -20.18 -104.80
C ARG V 47 18.68 -18.70 -105.16
N ASN V 48 17.48 -18.13 -105.07
CA ASN V 48 17.33 -16.71 -105.38
C ASN V 48 17.66 -15.82 -104.19
N LYS V 49 17.73 -16.37 -102.98
CA LYS V 49 18.35 -15.64 -101.88
C LYS V 49 19.87 -15.61 -102.04
N ILE V 50 20.44 -16.72 -102.52
CA ILE V 50 21.88 -16.78 -102.76
C ILE V 50 22.27 -15.84 -103.89
N ALA V 51 21.55 -15.90 -105.01
CA ALA V 51 21.90 -15.10 -106.17
C ALA V 51 21.72 -13.61 -105.92
N GLY V 52 20.73 -13.23 -105.10
CA GLY V 52 20.59 -11.84 -104.72
C GLY V 52 21.80 -11.34 -103.95
N TYR V 53 22.39 -12.20 -103.12
CA TYR V 53 23.63 -11.86 -102.45
C TYR V 53 24.82 -11.94 -103.39
N VAL V 54 24.74 -12.77 -104.43
CA VAL V 54 25.82 -12.88 -105.39
C VAL V 54 26.01 -11.56 -106.14
N THR V 55 24.92 -10.95 -106.57
CA THR V 55 25.01 -9.65 -107.23
C THR V 55 25.51 -8.59 -106.27
N HIS V 56 25.10 -8.66 -105.00
CA HIS V 56 25.55 -7.67 -104.02
C HIS V 56 27.05 -7.74 -103.81
N LEU V 57 27.61 -8.95 -103.73
CA LEU V 57 29.05 -9.09 -103.59
C LEU V 57 29.78 -8.72 -104.87
N MET V 58 29.16 -8.98 -106.02
CA MET V 58 29.78 -8.62 -107.30
C MET V 58 29.89 -7.11 -107.45
N LYS V 59 28.90 -6.36 -106.95
CA LYS V 59 28.97 -4.91 -107.00
C LYS V 59 30.10 -4.36 -106.14
N ARG V 60 30.50 -5.08 -105.10
CA ARG V 60 31.63 -4.65 -104.28
C ARG V 60 32.97 -5.13 -104.85
N ILE V 61 33.00 -6.33 -105.43
CA ILE V 61 34.23 -6.83 -106.02
C ILE V 61 34.58 -6.10 -107.30
N GLN V 62 33.62 -5.40 -107.91
CA GLN V 62 33.94 -4.56 -109.06
C GLN V 62 34.68 -3.29 -108.67
N ARG V 63 34.75 -2.98 -107.38
CA ARG V 63 35.40 -1.78 -106.89
C ARG V 63 36.62 -2.07 -106.02
N GLY V 64 36.46 -2.86 -104.97
CA GLY V 64 37.53 -3.06 -104.02
C GLY V 64 37.87 -4.51 -103.74
N PRO V 65 38.88 -4.72 -102.90
CA PRO V 65 39.31 -6.10 -102.58
C PRO V 65 38.47 -6.75 -101.49
N VAL V 66 37.36 -7.37 -101.89
CA VAL V 66 36.52 -8.10 -100.94
C VAL V 66 37.32 -9.27 -100.34
N ARG V 67 36.90 -9.68 -99.13
CA ARG V 67 37.54 -10.80 -98.46
C ARG V 67 37.55 -12.06 -99.33
N GLY V 68 36.49 -12.28 -100.10
CA GLY V 68 36.49 -13.31 -101.12
C GLY V 68 37.56 -13.04 -102.16
N ILE V 69 38.37 -14.05 -102.47
CA ILE V 69 39.50 -13.87 -103.38
C ILE V 69 39.01 -13.71 -104.81
N SER V 70 39.91 -13.29 -105.70
CA SER V 70 39.61 -13.22 -107.12
C SER V 70 40.92 -13.31 -107.88
N ILE V 71 40.86 -13.90 -109.07
CA ILE V 71 42.09 -14.11 -109.84
C ILE V 71 42.69 -12.78 -110.26
N LYS V 72 41.85 -11.85 -110.75
CA LYS V 72 42.37 -10.56 -111.16
C LYS V 72 42.74 -9.68 -109.97
N LEU V 73 42.11 -9.92 -108.82
CA LEU V 73 42.48 -9.16 -107.62
C LEU V 73 43.80 -9.64 -107.04
N GLN V 74 44.01 -10.97 -107.01
CA GLN V 74 45.24 -11.51 -106.46
C GLN V 74 46.45 -11.14 -107.31
N GLU V 75 46.31 -11.16 -108.63
CA GLU V 75 47.43 -10.77 -109.49
C GLU V 75 47.69 -9.27 -109.38
N GLU V 76 46.62 -8.49 -109.25
CA GLU V 76 46.77 -7.02 -109.14
C GLU V 76 47.75 -6.77 -108.00
N GLU V 77 47.43 -7.26 -106.81
CA GLU V 77 48.34 -7.10 -105.65
C GLU V 77 49.64 -7.85 -105.95
N ARG V 78 49.55 -9.08 -106.45
CA ARG V 78 50.78 -9.89 -106.67
C ARG V 78 51.84 -9.00 -107.33
N GLU V 79 51.51 -8.45 -108.50
CA GLU V 79 52.47 -7.56 -109.20
C GLU V 79 52.65 -6.30 -108.36
N ARG V 80 51.56 -5.78 -107.79
CA ARG V 80 51.63 -4.48 -107.07
C ARG V 80 52.62 -4.61 -105.92
N ARG V 81 53.04 -5.83 -105.61
CA ARG V 81 53.95 -6.05 -104.46
C ARG V 81 55.33 -6.47 -104.95
N ASP V 82 55.41 -7.57 -105.71
CA ASP V 82 56.74 -8.09 -106.15
C ASP V 82 57.38 -7.15 -107.15
N ASN V 83 56.86 -5.93 -107.29
CA ASN V 83 57.42 -5.03 -108.32
C ASN V 83 57.63 -3.62 -107.77
N TYR V 84 57.38 -2.62 -108.61
CA TYR V 84 57.59 -1.23 -108.22
C TYR V 84 58.92 -1.06 -107.51
N VAL V 85 59.94 -1.74 -108.01
CA VAL V 85 61.31 -1.48 -107.59
C VAL V 85 61.69 -0.16 -108.22
N PRO V 86 61.98 0.88 -107.43
CA PRO V 86 62.38 2.17 -108.02
C PRO V 86 63.71 2.05 -108.74
N GLU V 87 63.86 2.87 -109.79
CA GLU V 87 65.10 2.86 -110.56
C GLU V 87 66.29 3.30 -109.72
N VAL V 88 66.06 4.06 -108.66
CA VAL V 88 67.09 4.41 -107.69
C VAL V 88 66.59 3.98 -106.31
N SER V 89 67.45 3.35 -105.54
CA SER V 89 67.09 2.94 -104.20
C SER V 89 66.91 4.16 -103.30
N ALA V 90 66.19 3.96 -102.19
CA ALA V 90 66.02 4.99 -101.19
C ALA V 90 67.17 5.03 -100.18
N LEU V 91 68.17 4.16 -100.35
CA LEU V 91 69.25 4.03 -99.38
C LEU V 91 70.60 4.41 -99.98
N ASP V 92 70.61 5.13 -101.10
CA ASP V 92 71.85 5.61 -101.69
C ASP V 92 71.80 7.11 -101.89
N GLN V 93 71.35 7.83 -100.87
CA GLN V 93 71.15 9.26 -100.97
C GLN V 93 72.48 9.98 -101.10
N GLU V 94 72.41 11.23 -101.60
CA GLU V 94 73.61 12.02 -101.81
C GLU V 94 74.32 12.32 -100.49
N ILE V 95 73.58 12.84 -99.52
CA ILE V 95 74.14 13.14 -98.21
C ILE V 95 73.28 12.45 -97.16
N ILE V 96 73.89 12.11 -96.03
CA ILE V 96 73.23 11.42 -94.93
C ILE V 96 73.37 12.28 -93.69
N GLU V 97 72.24 12.62 -93.07
CA GLU V 97 72.26 13.39 -91.84
C GLU V 97 72.65 12.49 -90.68
N VAL V 98 73.74 12.85 -90.01
CA VAL V 98 74.39 12.00 -89.01
C VAL V 98 74.52 12.77 -87.71
N ASP V 99 74.08 12.15 -86.62
CA ASP V 99 74.18 12.75 -85.30
C ASP V 99 75.65 12.82 -84.87
N PRO V 100 76.02 13.83 -84.08
CA PRO V 100 77.36 13.82 -83.48
C PRO V 100 77.62 12.60 -82.62
N ASP V 101 76.61 12.12 -81.90
CA ASP V 101 76.77 10.92 -81.08
C ASP V 101 76.98 9.68 -81.95
N THR V 102 76.24 9.57 -83.06
CA THR V 102 76.44 8.44 -83.95
C THR V 102 77.78 8.51 -84.67
N LYS V 103 78.27 9.72 -84.94
CA LYS V 103 79.62 9.85 -85.49
C LYS V 103 80.66 9.42 -84.47
N GLU V 104 80.40 9.67 -83.18
CA GLU V 104 81.27 9.14 -82.14
C GLU V 104 81.28 7.62 -82.14
N MET V 105 80.11 7.01 -82.31
CA MET V 105 80.04 5.55 -82.37
C MET V 105 80.79 5.01 -83.60
N LEU V 106 80.66 5.71 -84.73
CA LEU V 106 81.37 5.28 -85.94
C LEU V 106 82.88 5.35 -85.76
N LYS V 107 83.36 6.39 -85.08
CA LYS V 107 84.79 6.53 -84.85
C LYS V 107 85.32 5.42 -83.94
N LEU V 108 84.57 5.07 -82.89
CA LEU V 108 84.96 3.96 -82.04
C LEU V 108 84.88 2.64 -82.79
N LEU V 109 83.95 2.54 -83.74
CA LEU V 109 83.86 1.38 -84.61
C LEU V 109 85.04 1.31 -85.58
N ASP V 110 85.71 2.44 -85.81
CA ASP V 110 86.77 2.77 -86.76
C ASP V 110 86.26 2.82 -88.20
N PHE V 111 84.94 2.80 -88.39
CA PHE V 111 84.32 2.97 -89.70
C PHE V 111 83.88 4.40 -89.96
N GLY V 112 84.27 5.33 -89.10
CA GLY V 112 83.86 6.71 -89.24
C GLY V 112 84.52 7.41 -90.41
N SER V 113 84.37 8.73 -90.40
CA SER V 113 84.97 9.64 -91.40
C SER V 113 84.54 9.31 -92.83
N LEU V 114 83.35 8.75 -92.99
CA LEU V 114 82.82 8.49 -94.32
C LEU V 114 82.34 9.80 -94.95
N SER V 115 82.72 10.01 -96.21
CA SER V 115 82.44 11.28 -96.88
C SER V 115 80.95 11.48 -97.10
N ASN V 116 80.18 10.40 -97.22
CA ASN V 116 78.75 10.51 -97.45
C ASN V 116 78.00 11.08 -96.25
N LEU V 117 78.68 11.18 -95.10
CA LEU V 117 78.02 11.55 -93.85
C LEU V 117 78.34 13.00 -93.51
N GLN V 118 77.28 13.78 -93.26
CA GLN V 118 77.40 15.16 -92.81
C GLN V 118 76.85 15.26 -91.40
N VAL V 119 77.70 15.69 -90.46
CA VAL V 119 77.30 15.77 -89.06
C VAL V 119 76.39 16.99 -88.88
N THR V 120 75.26 16.77 -88.24
CA THR V 120 74.26 17.81 -88.03
C THR V 120 74.45 18.46 -86.65
N GLN V 121 73.77 19.59 -86.47
CA GLN V 121 73.82 20.29 -85.20
C GLN V 121 72.85 19.63 -84.21
N PRO V 122 73.32 19.14 -83.07
CA PRO V 122 72.40 18.54 -82.10
C PRO V 122 71.45 19.58 -81.52
N THR V 123 70.20 19.16 -81.31
CA THR V 123 69.20 20.07 -80.77
C THR V 123 69.49 20.36 -79.30
N VAL V 124 69.05 21.52 -78.85
CA VAL V 124 69.28 21.98 -77.48
C VAL V 124 67.92 22.27 -76.85
N GLY V 125 67.70 21.72 -75.66
CA GLY V 125 66.46 21.95 -74.93
C GLY V 125 65.94 20.69 -74.26
N MET V 126 66.20 19.54 -74.87
CA MET V 126 65.80 18.24 -74.33
C MET V 126 64.32 18.20 -74.01
N ASN V 127 63.51 18.71 -74.93
CA ASN V 127 62.08 18.92 -74.72
C ASN V 127 61.25 17.65 -74.93
N PHE V 128 61.87 16.47 -74.90
CA PHE V 128 61.11 15.24 -74.97
C PHE V 128 60.33 15.02 -73.67
N LYS V 129 59.53 13.95 -73.67
CA LYS V 129 58.59 13.59 -72.61
C LYS V 129 57.43 14.57 -72.55
N THR V 130 56.25 14.09 -72.23
CA THR V 130 55.02 14.87 -72.20
C THR V 130 54.67 15.24 -70.76
N PRO V 131 53.98 16.36 -70.57
CA PRO V 131 53.55 16.75 -69.21
C PRO V 131 52.73 15.65 -68.55
N ARG V 132 53.27 15.10 -67.47
CA ARG V 132 52.70 13.92 -66.85
C ARG V 132 51.35 14.21 -66.22
N GLY V 133 50.49 13.20 -66.20
CA GLY V 133 49.16 13.33 -65.65
C GLY V 133 48.30 14.23 -66.51
N PRO V 134 47.20 14.71 -65.94
CA PRO V 134 46.35 15.68 -66.64
C PRO V 134 46.99 17.06 -66.58
N VAL V 135 46.31 18.02 -67.22
CA VAL V 135 46.72 19.42 -67.26
C VAL V 135 48.13 19.56 -67.85
N MET W 1 -21.36 -48.37 -107.90
CA MET W 1 -22.77 -48.43 -107.53
C MET W 1 -22.93 -48.50 -106.02
N ALA W 2 -24.17 -48.72 -105.56
CA ALA W 2 -24.43 -48.83 -104.13
C ALA W 2 -23.74 -50.03 -103.50
N VAL W 3 -23.43 -51.06 -104.30
CA VAL W 3 -22.64 -52.18 -103.79
C VAL W 3 -21.24 -51.70 -103.41
N GLN W 4 -20.62 -50.89 -104.26
CA GLN W 4 -19.31 -50.34 -103.96
C GLN W 4 -19.42 -49.25 -102.90
N ILE W 5 -18.32 -49.04 -102.19
CA ILE W 5 -18.25 -48.02 -101.15
C ILE W 5 -17.60 -46.77 -101.74
N SER W 6 -17.86 -45.63 -101.11
CA SER W 6 -17.32 -44.36 -101.57
C SER W 6 -15.80 -44.34 -101.40
N LYS W 7 -15.14 -43.52 -102.21
CA LYS W 7 -13.69 -43.42 -102.16
C LYS W 7 -13.21 -42.84 -100.83
N LYS W 8 -13.99 -41.96 -100.22
CA LYS W 8 -13.59 -41.37 -98.95
C LYS W 8 -13.49 -42.43 -97.86
N ARG W 9 -14.46 -43.32 -97.79
CA ARG W 9 -14.43 -44.39 -96.79
C ARG W 9 -13.54 -45.54 -97.21
N LYS W 10 -13.32 -45.71 -98.52
CA LYS W 10 -12.48 -46.80 -99.00
C LYS W 10 -11.02 -46.56 -98.65
N PHE W 11 -10.52 -45.35 -98.90
CA PHE W 11 -9.13 -45.05 -98.59
C PHE W 11 -8.88 -45.03 -97.09
N VAL W 12 -9.90 -44.68 -96.30
CA VAL W 12 -9.78 -44.78 -94.85
C VAL W 12 -9.61 -46.24 -94.45
N ALA W 13 -10.45 -47.11 -95.01
CA ALA W 13 -10.38 -48.53 -94.68
C ALA W 13 -9.08 -49.16 -95.14
N ASP W 14 -8.49 -48.66 -96.23
CA ASP W 14 -7.19 -49.13 -96.66
C ASP W 14 -6.12 -48.80 -95.62
N GLY W 15 -6.18 -47.60 -95.05
CA GLY W 15 -5.29 -47.26 -93.97
C GLY W 15 -5.56 -48.09 -92.72
N ILE W 16 -6.82 -48.47 -92.52
CA ILE W 16 -7.16 -49.33 -91.39
C ILE W 16 -6.52 -50.70 -91.56
N PHE W 17 -6.59 -51.26 -92.77
CA PHE W 17 -6.01 -52.57 -93.03
C PHE W 17 -4.50 -52.54 -92.91
N LYS W 18 -3.86 -51.49 -93.43
CA LYS W 18 -2.40 -51.40 -93.36
C LYS W 18 -1.92 -51.27 -91.93
N ALA W 19 -2.65 -50.48 -91.12
CA ALA W 19 -2.25 -50.32 -89.72
C ALA W 19 -2.51 -51.59 -88.91
N GLU W 20 -3.64 -52.24 -89.16
CA GLU W 20 -3.94 -53.50 -88.48
C GLU W 20 -2.92 -54.58 -88.83
N LEU W 21 -2.57 -54.68 -90.12
CA LEU W 21 -1.59 -55.67 -90.54
C LEU W 21 -0.21 -55.36 -89.97
N ASN W 22 0.15 -54.07 -89.94
CA ASN W 22 1.44 -53.68 -89.40
C ASN W 22 1.56 -54.03 -87.92
N GLU W 23 0.48 -53.80 -87.15
CA GLU W 23 0.50 -54.15 -85.74
C GLU W 23 0.57 -55.65 -85.54
N PHE W 24 -0.17 -56.41 -86.34
CA PHE W 24 -0.18 -57.86 -86.20
C PHE W 24 1.18 -58.46 -86.54
N LEU W 25 1.81 -57.98 -87.61
CA LEU W 25 3.13 -58.47 -87.97
C LEU W 25 4.16 -58.07 -86.94
N THR W 26 3.95 -56.94 -86.27
CA THR W 26 4.85 -56.55 -85.18
C THR W 26 4.73 -57.49 -84.00
N ARG W 27 3.50 -57.81 -83.58
CA ARG W 27 3.31 -58.66 -82.42
C ARG W 27 3.76 -60.08 -82.69
N GLU W 28 3.38 -60.65 -83.84
CA GLU W 28 3.70 -62.04 -84.13
C GLU W 28 5.18 -62.24 -84.45
N LEU W 29 5.81 -61.28 -85.11
CA LEU W 29 7.18 -61.41 -85.58
C LEU W 29 8.13 -60.48 -84.82
N ALA W 30 7.83 -60.21 -83.55
CA ALA W 30 8.65 -59.27 -82.77
C ALA W 30 10.08 -59.79 -82.61
N GLU W 31 10.22 -61.03 -82.13
CA GLU W 31 11.54 -61.61 -81.93
C GLU W 31 12.22 -62.00 -83.24
N ASP W 32 11.52 -61.94 -84.36
CA ASP W 32 12.04 -62.36 -85.65
C ASP W 32 12.74 -61.23 -86.40
N GLY W 33 12.92 -60.07 -85.77
CA GLY W 33 13.51 -58.94 -86.45
C GLY W 33 12.63 -58.36 -87.53
N TYR W 34 11.32 -58.29 -87.28
CA TYR W 34 10.40 -57.70 -88.25
C TYR W 34 10.67 -56.21 -88.38
N SER W 35 10.68 -55.72 -89.62
CA SER W 35 11.05 -54.34 -89.92
C SER W 35 9.88 -53.49 -90.42
N GLY W 36 9.02 -54.06 -91.25
CA GLY W 36 7.91 -53.29 -91.79
C GLY W 36 7.15 -54.12 -92.80
N VAL W 37 6.05 -53.54 -93.29
CA VAL W 37 5.17 -54.22 -94.23
C VAL W 37 4.89 -53.30 -95.41
N GLU W 38 4.91 -53.86 -96.61
CA GLU W 38 4.54 -53.17 -97.82
C GLU W 38 3.42 -53.93 -98.50
N VAL W 39 2.43 -53.22 -99.02
CA VAL W 39 1.26 -53.83 -99.65
C VAL W 39 1.26 -53.45 -101.13
N ARG W 40 1.25 -54.45 -101.99
CA ARG W 40 1.09 -54.27 -103.43
C ARG W 40 -0.27 -54.86 -103.81
N VAL W 41 -1.27 -54.01 -103.90
CA VAL W 41 -2.67 -54.43 -104.06
C VAL W 41 -3.12 -54.12 -105.48
N THR W 42 -3.74 -55.11 -106.11
CA THR W 42 -4.39 -54.98 -107.41
C THR W 42 -5.80 -55.53 -107.27
N PRO W 43 -6.73 -55.09 -108.12
CA PRO W 43 -8.11 -55.59 -108.02
C PRO W 43 -8.25 -57.09 -108.15
N THR W 44 -7.41 -57.74 -108.96
CA THR W 44 -7.49 -59.19 -109.09
C THR W 44 -7.14 -59.88 -107.78
N ARG W 45 -6.08 -59.43 -107.12
CA ARG W 45 -5.65 -59.98 -105.83
C ARG W 45 -4.62 -59.04 -105.23
N THR W 46 -4.47 -59.13 -103.92
CA THR W 46 -3.48 -58.33 -103.20
C THR W 46 -2.29 -59.19 -102.81
N GLU W 47 -1.17 -58.52 -102.53
CA GLU W 47 0.05 -59.17 -102.12
C GLU W 47 0.66 -58.41 -100.95
N ILE W 48 1.22 -59.16 -100.01
CA ILE W 48 1.77 -58.62 -98.77
C ILE W 48 3.25 -58.98 -98.70
N ILE W 49 4.08 -57.98 -98.45
CA ILE W 49 5.53 -58.18 -98.30
C ILE W 49 5.89 -57.91 -96.86
N ILE W 50 6.57 -58.85 -96.23
CA ILE W 50 7.03 -58.71 -94.86
C ILE W 50 8.52 -58.39 -94.91
N LEU W 51 8.86 -57.10 -94.80
CA LEU W 51 10.24 -56.67 -94.68
C LEU W 51 10.75 -57.13 -93.32
N ALA W 52 11.76 -58.00 -93.32
CA ALA W 52 12.31 -58.53 -92.08
C ALA W 52 13.81 -58.75 -92.27
N THR W 53 14.53 -58.74 -91.15
CA THR W 53 15.98 -58.87 -91.16
C THR W 53 16.44 -60.32 -91.23
N ARG W 54 15.71 -61.23 -90.57
CA ARG W 54 16.10 -62.63 -90.45
C ARG W 54 14.96 -63.48 -91.02
N THR W 55 15.02 -63.77 -92.32
CA THR W 55 13.91 -64.44 -92.98
C THR W 55 13.86 -65.95 -92.72
N GLN W 56 14.96 -66.56 -92.29
CA GLN W 56 14.95 -68.02 -92.13
C GLN W 56 14.09 -68.49 -90.98
N ASN W 57 13.66 -67.59 -90.08
CA ASN W 57 12.79 -67.99 -88.99
C ASN W 57 11.33 -67.61 -89.22
N VAL W 58 11.07 -66.58 -90.03
CA VAL W 58 9.69 -66.27 -90.38
C VAL W 58 9.14 -67.28 -91.38
N LEU W 59 10.00 -68.00 -92.09
CA LEU W 59 9.60 -69.14 -92.90
C LEU W 59 9.83 -70.39 -92.07
N GLY W 60 8.74 -71.04 -91.66
CA GLY W 60 8.84 -72.18 -90.77
C GLY W 60 9.37 -73.43 -91.44
N GLU W 61 9.05 -74.59 -90.86
CA GLU W 61 9.47 -75.88 -91.41
C GLU W 61 8.77 -76.09 -92.74
N LYS W 62 9.55 -76.04 -93.83
CA LYS W 62 9.03 -76.06 -95.20
C LYS W 62 8.00 -74.95 -95.39
N GLY W 63 8.28 -73.78 -94.81
CA GLY W 63 7.36 -72.66 -94.90
C GLY W 63 6.05 -72.84 -94.17
N ARG W 64 6.06 -73.49 -93.00
CA ARG W 64 4.82 -73.64 -92.24
C ARG W 64 4.32 -72.29 -91.73
N ARG W 65 5.24 -71.46 -91.23
CA ARG W 65 4.84 -70.18 -90.65
C ARG W 65 4.30 -69.22 -91.71
N ILE W 66 4.93 -69.16 -92.88
CA ILE W 66 4.48 -68.23 -93.91
C ILE W 66 3.11 -68.63 -94.44
N ARG W 67 2.82 -69.94 -94.48
CA ARG W 67 1.48 -70.39 -94.85
C ARG W 67 0.48 -70.05 -93.75
N GLU W 68 0.88 -70.19 -92.49
CA GLU W 68 -0.02 -69.90 -91.38
C GLU W 68 -0.42 -68.43 -91.35
N LEU W 69 0.55 -67.53 -91.60
CA LEU W 69 0.24 -66.12 -91.66
C LEU W 69 -0.69 -65.81 -92.83
N THR W 70 -0.52 -66.52 -93.95
CA THR W 70 -1.39 -66.33 -95.11
C THR W 70 -2.83 -66.69 -94.77
N ALA W 71 -3.03 -67.80 -94.08
CA ALA W 71 -4.37 -68.22 -93.72
C ALA W 71 -4.99 -67.28 -92.69
N VAL W 72 -4.18 -66.73 -91.79
CA VAL W 72 -4.71 -65.89 -90.73
C VAL W 72 -5.25 -64.58 -91.29
N VAL W 73 -4.46 -63.91 -92.15
CA VAL W 73 -4.94 -62.66 -92.73
C VAL W 73 -6.10 -62.92 -93.68
N GLN W 74 -6.11 -64.06 -94.35
CA GLN W 74 -7.23 -64.41 -95.23
C GLN W 74 -8.53 -64.57 -94.43
N LYS W 75 -8.45 -65.22 -93.27
CA LYS W 75 -9.65 -65.47 -92.49
C LYS W 75 -10.16 -64.21 -91.80
N ARG W 76 -9.24 -63.37 -91.31
CA ARG W 76 -9.65 -62.19 -90.57
C ARG W 76 -10.37 -61.19 -91.46
N PHE W 77 -9.77 -60.84 -92.59
CA PHE W 77 -10.32 -59.84 -93.49
C PHE W 77 -11.29 -60.43 -94.51
N GLY W 78 -11.50 -61.75 -94.48
CA GLY W 78 -12.47 -62.37 -95.36
C GLY W 78 -12.12 -62.29 -96.83
N PHE W 79 -10.84 -62.35 -97.17
CA PHE W 79 -10.44 -62.33 -98.56
C PHE W 79 -10.79 -63.67 -99.21
N PRO W 80 -11.13 -63.67 -100.50
CA PRO W 80 -11.40 -64.93 -101.20
C PRO W 80 -10.15 -65.80 -101.27
N GLU W 81 -10.39 -67.09 -101.50
CA GLU W 81 -9.30 -68.07 -101.50
C GLU W 81 -8.27 -67.74 -102.57
N GLY W 82 -6.99 -67.75 -102.18
CA GLY W 82 -5.92 -67.51 -103.11
C GLY W 82 -5.76 -66.08 -103.56
N SER W 83 -6.48 -65.14 -102.95
CA SER W 83 -6.40 -63.73 -103.33
C SER W 83 -5.32 -62.98 -102.58
N VAL W 84 -4.56 -63.65 -101.72
CA VAL W 84 -3.47 -63.03 -100.98
C VAL W 84 -2.25 -63.93 -101.05
N GLU W 85 -1.09 -63.34 -101.34
CA GLU W 85 0.18 -64.03 -101.32
C GLU W 85 1.16 -63.23 -100.47
N LEU W 86 2.11 -63.92 -99.86
CA LEU W 86 3.06 -63.29 -98.95
C LEU W 86 4.48 -63.57 -99.42
N TYR W 87 5.27 -62.51 -99.55
CA TYR W 87 6.69 -62.60 -99.85
C TYR W 87 7.47 -62.04 -98.67
N ALA W 88 8.37 -62.83 -98.10
CA ALA W 88 9.25 -62.38 -97.04
C ALA W 88 10.62 -62.09 -97.64
N GLU W 89 11.09 -60.86 -97.47
CA GLU W 89 12.31 -60.39 -98.10
C GLU W 89 13.29 -59.92 -97.03
N LYS W 90 14.57 -60.24 -97.21
CA LYS W 90 15.61 -59.78 -96.29
C LYS W 90 15.92 -58.31 -96.57
N VAL W 91 15.62 -57.46 -95.59
CA VAL W 91 15.88 -56.03 -95.75
C VAL W 91 17.38 -55.77 -95.72
N ALA W 92 17.86 -54.99 -96.66
CA ALA W 92 19.27 -54.60 -96.67
C ALA W 92 19.55 -53.59 -95.58
N THR W 93 20.80 -53.55 -95.12
CA THR W 93 21.28 -52.69 -94.05
C THR W 93 20.32 -52.71 -92.85
N ARG W 94 20.26 -53.90 -92.23
CA ARG W 94 19.34 -54.12 -91.12
C ARG W 94 19.65 -53.23 -89.91
N GLY W 95 20.84 -52.65 -89.84
CA GLY W 95 21.15 -51.70 -88.79
C GLY W 95 20.60 -50.32 -89.00
N LEU W 96 19.99 -50.05 -90.16
CA LEU W 96 19.44 -48.75 -90.49
C LEU W 96 17.94 -48.66 -90.23
N CYS W 97 17.33 -49.71 -89.69
CA CYS W 97 15.90 -49.73 -89.43
C CYS W 97 15.66 -49.48 -87.95
N ALA W 98 14.84 -48.46 -87.64
CA ALA W 98 14.57 -48.14 -86.25
C ALA W 98 13.79 -49.24 -85.55
N ILE W 99 12.80 -49.80 -86.24
CA ILE W 99 11.99 -50.86 -85.63
C ILE W 99 12.83 -52.11 -85.39
N ALA W 100 13.67 -52.47 -86.37
CA ALA W 100 14.52 -53.65 -86.22
C ALA W 100 15.52 -53.47 -85.08
N GLN W 101 16.09 -52.27 -84.96
CA GLN W 101 17.07 -52.03 -83.90
C GLN W 101 16.40 -51.93 -82.54
N ALA W 102 15.17 -51.41 -82.49
CA ALA W 102 14.45 -51.33 -81.22
C ALA W 102 14.06 -52.72 -80.73
N GLU W 103 13.72 -53.62 -81.65
CA GLU W 103 13.44 -55.00 -81.26
C GLU W 103 14.72 -55.72 -80.87
N SER W 104 15.84 -55.38 -81.52
CA SER W 104 17.12 -55.94 -81.13
C SER W 104 17.49 -55.54 -79.71
N LEU W 105 17.28 -54.26 -79.37
CA LEU W 105 17.57 -53.81 -78.01
C LEU W 105 16.60 -54.41 -77.02
N ARG W 106 15.35 -54.64 -77.42
CA ARG W 106 14.37 -55.28 -76.55
C ARG W 106 14.79 -56.70 -76.19
N TYR W 107 15.30 -57.44 -77.18
CA TYR W 107 15.75 -58.81 -76.92
C TYR W 107 16.98 -58.82 -76.03
N LYS W 108 17.84 -57.81 -76.15
CA LYS W 108 19.03 -57.75 -75.31
C LYS W 108 18.68 -57.50 -73.85
N LEU W 109 17.80 -56.52 -73.60
CA LEU W 109 17.43 -56.19 -72.23
C LEU W 109 16.64 -57.33 -71.58
N LEU W 110 15.75 -57.97 -72.34
CA LEU W 110 15.06 -59.14 -71.82
C LEU W 110 16.01 -60.30 -71.59
N GLY W 111 17.12 -60.33 -72.32
CA GLY W 111 18.17 -61.31 -72.03
C GLY W 111 18.81 -61.08 -70.68
N GLY W 112 18.93 -59.82 -70.27
CA GLY W 112 19.47 -59.51 -68.96
C GLY W 112 20.70 -58.63 -69.01
N LEU W 113 21.04 -58.13 -70.20
CA LEU W 113 22.20 -57.28 -70.34
C LEU W 113 21.99 -55.95 -69.63
N ALA W 114 23.08 -55.36 -69.15
CA ALA W 114 23.03 -54.05 -68.53
C ALA W 114 22.58 -53.00 -69.55
N VAL W 115 21.79 -52.04 -69.08
CA VAL W 115 21.19 -51.06 -69.99
C VAL W 115 22.28 -50.19 -70.62
N ARG W 116 23.33 -49.86 -69.86
CA ARG W 116 24.40 -49.02 -70.39
C ARG W 116 25.19 -49.76 -71.45
N ARG W 117 25.45 -51.06 -71.25
CA ARG W 117 26.24 -51.79 -72.22
C ARG W 117 25.44 -52.12 -73.48
N ALA W 118 24.18 -52.50 -73.31
CA ALA W 118 23.35 -52.86 -74.45
C ALA W 118 23.13 -51.67 -75.38
N CYS W 119 22.92 -50.47 -74.81
CA CYS W 119 22.70 -49.29 -75.63
C CYS W 119 23.95 -48.94 -76.44
N TYR W 120 25.13 -49.15 -75.87
CA TYR W 120 26.37 -48.88 -76.60
C TYR W 120 26.54 -49.84 -77.76
N GLY W 121 26.18 -51.11 -77.57
CA GLY W 121 26.28 -52.07 -78.66
C GLY W 121 25.34 -51.78 -79.80
N VAL W 122 24.10 -51.40 -79.48
CA VAL W 122 23.14 -51.06 -80.52
C VAL W 122 23.55 -49.78 -81.24
N LEU W 123 23.99 -48.76 -80.48
CA LEU W 123 24.40 -47.50 -81.07
C LEU W 123 25.60 -47.70 -82.01
N ARG W 124 26.57 -48.50 -81.58
CA ARG W 124 27.73 -48.77 -82.43
C ARG W 124 27.33 -49.58 -83.66
N PHE W 125 26.38 -50.49 -83.51
CA PHE W 125 25.91 -51.30 -84.63
C PHE W 125 25.27 -50.43 -85.71
N ILE W 126 24.51 -49.41 -85.28
CA ILE W 126 23.84 -48.54 -86.24
C ILE W 126 24.85 -47.66 -86.97
N MET W 127 25.81 -47.10 -86.23
CA MET W 127 26.82 -46.25 -86.86
C MET W 127 27.74 -47.04 -87.77
N GLU W 128 28.03 -48.30 -87.41
CA GLU W 128 28.88 -49.13 -88.25
C GLU W 128 28.18 -49.49 -89.56
N SER W 129 26.87 -49.70 -89.54
CA SER W 129 26.14 -50.02 -90.75
C SER W 129 25.98 -48.82 -91.67
N GLY W 130 26.32 -47.61 -91.21
CA GLY W 130 26.28 -46.44 -92.06
C GLY W 130 25.10 -45.53 -91.83
N ALA W 131 25.33 -44.43 -91.11
CA ALA W 131 24.30 -43.43 -90.88
C ALA W 131 24.98 -42.12 -90.53
N LYS W 132 24.22 -41.02 -90.67
CA LYS W 132 24.75 -39.72 -90.28
C LYS W 132 24.77 -39.54 -88.77
N GLY W 133 23.82 -40.15 -88.07
CA GLY W 133 23.76 -40.05 -86.62
C GLY W 133 22.68 -40.94 -86.09
N CYS W 134 22.67 -41.09 -84.76
CA CYS W 134 21.70 -41.95 -84.12
C CYS W 134 21.53 -41.50 -82.67
N GLU W 135 20.32 -41.66 -82.14
CA GLU W 135 20.01 -41.32 -80.76
C GLU W 135 19.10 -42.39 -80.19
N VAL W 136 19.43 -42.89 -79.01
CA VAL W 136 18.63 -43.87 -78.30
C VAL W 136 18.33 -43.34 -76.90
N VAL W 137 17.08 -43.42 -76.49
CA VAL W 137 16.64 -42.99 -75.18
C VAL W 137 15.97 -44.16 -74.48
N VAL W 138 16.42 -44.47 -73.27
CA VAL W 138 15.84 -45.53 -72.46
C VAL W 138 15.29 -44.89 -71.20
N SER W 139 14.00 -45.08 -70.97
CA SER W 139 13.31 -44.47 -69.83
C SER W 139 12.56 -45.55 -69.06
N GLY W 140 12.62 -45.47 -67.75
CA GLY W 140 11.94 -46.44 -66.90
C GLY W 140 12.60 -46.51 -65.54
N LYS W 141 12.26 -47.56 -64.81
CA LYS W 141 12.71 -47.75 -63.43
C LYS W 141 14.10 -48.39 -63.42
N LEU W 142 15.08 -47.61 -63.84
CA LEU W 142 16.47 -48.02 -63.76
C LEU W 142 17.03 -47.76 -62.37
N ARG W 143 18.06 -48.55 -62.00
CA ARG W 143 18.66 -48.54 -60.68
C ARG W 143 17.63 -48.50 -59.56
N GLY W 144 17.49 -47.35 -58.92
CA GLY W 144 16.62 -47.22 -57.78
C GLY W 144 15.15 -47.26 -58.15
N GLN W 145 14.31 -46.97 -57.15
CA GLN W 145 12.86 -47.00 -57.34
C GLN W 145 12.43 -45.89 -58.30
N ARG W 146 12.95 -44.69 -58.12
CA ARG W 146 12.55 -43.57 -58.97
C ARG W 146 13.03 -43.77 -60.40
N ALA W 147 12.17 -43.44 -61.36
CA ALA W 147 12.49 -43.64 -62.76
C ALA W 147 13.51 -42.61 -63.25
N LYS W 148 14.26 -42.99 -64.28
CA LYS W 148 15.26 -42.13 -64.89
C LYS W 148 15.23 -42.35 -66.40
N SER W 149 15.78 -41.39 -67.13
CA SER W 149 15.83 -41.44 -68.58
C SER W 149 17.27 -41.19 -69.04
N MET W 150 17.91 -42.23 -69.55
CA MET W 150 19.28 -42.13 -70.03
C MET W 150 19.26 -42.02 -71.56
N LYS W 151 19.94 -41.02 -72.09
CA LYS W 151 19.95 -40.72 -73.51
C LYS W 151 21.38 -40.81 -74.03
N PHE W 152 21.55 -41.44 -75.19
CA PHE W 152 22.85 -41.63 -75.82
C PHE W 152 22.74 -41.18 -77.27
N VAL W 153 23.44 -40.10 -77.62
CA VAL W 153 23.33 -39.49 -78.94
C VAL W 153 24.72 -39.37 -79.56
N ASP W 154 24.81 -39.58 -80.87
CA ASP W 154 26.03 -39.36 -81.60
C ASP W 154 25.71 -39.02 -83.05
N GLY W 155 26.68 -38.39 -83.73
CA GLY W 155 26.48 -38.00 -85.10
C GLY W 155 25.56 -36.80 -85.23
N LEU W 156 25.01 -36.66 -86.43
CA LEU W 156 24.09 -35.56 -86.74
C LEU W 156 22.66 -35.99 -86.50
N MET W 157 21.85 -35.08 -85.98
CA MET W 157 20.46 -35.41 -85.65
C MET W 157 19.64 -34.11 -85.67
N ILE W 158 18.84 -33.91 -86.71
CA ILE W 158 17.92 -32.78 -86.75
C ILE W 158 16.64 -33.13 -85.99
N HIS W 159 15.89 -32.10 -85.65
CA HIS W 159 14.67 -32.29 -84.85
C HIS W 159 13.47 -31.52 -85.36
N SER W 160 13.60 -30.65 -86.36
CA SER W 160 12.55 -29.73 -86.72
C SER W 160 12.24 -29.79 -88.20
N GLY W 161 11.07 -29.28 -88.55
CA GLY W 161 10.72 -29.02 -89.93
C GLY W 161 10.29 -30.24 -90.71
N ASP W 162 9.96 -29.98 -91.97
CA ASP W 162 9.61 -31.05 -92.90
C ASP W 162 10.70 -32.11 -93.08
N PRO W 163 12.00 -31.78 -93.21
CA PRO W 163 12.98 -32.84 -93.55
C PRO W 163 13.08 -33.96 -92.53
N VAL W 164 12.61 -33.76 -91.30
CA VAL W 164 12.64 -34.84 -90.31
C VAL W 164 11.73 -35.99 -90.70
N ASN W 165 10.76 -35.75 -91.59
CA ASN W 165 9.83 -36.80 -91.98
C ASN W 165 10.51 -37.90 -92.77
N TYR W 166 11.51 -37.56 -93.57
CA TYR W 166 12.16 -38.53 -94.44
C TYR W 166 13.66 -38.65 -94.19
N TYR W 167 14.18 -38.06 -93.11
CA TYR W 167 15.59 -38.18 -92.79
C TYR W 167 15.87 -39.04 -91.57
N VAL W 168 14.88 -39.31 -90.73
CA VAL W 168 15.07 -40.15 -89.56
C VAL W 168 14.00 -41.23 -89.55
N ASP W 169 14.31 -42.33 -88.87
CA ASP W 169 13.36 -43.40 -88.59
C ASP W 169 13.19 -43.48 -87.08
N THR W 170 11.94 -43.41 -86.63
CA THR W 170 11.62 -43.37 -85.21
C THR W 170 10.81 -44.60 -84.84
N ALA W 171 11.22 -45.27 -83.76
CA ALA W 171 10.51 -46.43 -83.25
C ALA W 171 10.43 -46.35 -81.74
N VAL W 172 9.25 -46.65 -81.19
CA VAL W 172 9.03 -46.65 -79.76
C VAL W 172 8.53 -48.03 -79.37
N ARG W 173 9.22 -48.68 -78.43
CA ARG W 173 8.89 -50.03 -78.02
C ARG W 173 8.88 -50.12 -76.50
N HIS W 174 8.16 -51.11 -75.99
CA HIS W 174 8.00 -51.33 -74.57
C HIS W 174 8.62 -52.65 -74.17
N VAL W 175 9.34 -52.65 -73.05
CA VAL W 175 9.94 -53.86 -72.50
C VAL W 175 9.24 -54.17 -71.19
N LEU W 176 8.59 -55.32 -71.13
CA LEU W 176 7.78 -55.70 -69.96
C LEU W 176 8.67 -56.43 -68.96
N LEU W 177 9.53 -55.66 -68.31
CA LEU W 177 10.39 -56.19 -67.28
C LEU W 177 9.60 -56.48 -66.01
N ARG W 178 10.24 -57.19 -65.08
CA ARG W 178 9.58 -57.51 -63.82
C ARG W 178 9.36 -56.26 -62.98
N GLN W 179 10.24 -55.28 -63.08
CA GLN W 179 10.08 -54.03 -62.34
C GLN W 179 8.93 -53.20 -62.90
N GLY W 180 8.75 -53.20 -64.21
CA GLY W 180 7.73 -52.39 -64.85
C GLY W 180 7.86 -52.37 -66.36
N VAL W 181 7.82 -51.18 -66.94
CA VAL W 181 7.93 -50.99 -68.39
C VAL W 181 9.15 -50.14 -68.67
N LEU W 182 9.96 -50.55 -69.63
CA LEU W 182 11.12 -49.79 -70.08
C LEU W 182 10.86 -49.33 -71.51
N GLY W 183 10.67 -48.01 -71.68
CA GLY W 183 10.42 -47.44 -72.98
C GLY W 183 11.71 -47.14 -73.72
N ILE W 184 11.74 -47.50 -75.00
CA ILE W 184 12.90 -47.31 -75.85
C ILE W 184 12.49 -46.43 -77.02
N LYS W 185 13.21 -45.33 -77.22
CA LYS W 185 13.00 -44.44 -78.36
C LYS W 185 14.26 -44.45 -79.21
N VAL W 186 14.14 -44.95 -80.43
CA VAL W 186 15.27 -45.07 -81.34
C VAL W 186 15.05 -44.15 -82.52
N LYS W 187 16.02 -43.26 -82.76
CA LYS W 187 16.02 -42.37 -83.90
C LYS W 187 17.31 -42.57 -84.68
N ILE W 188 17.19 -42.77 -85.99
CA ILE W 188 18.34 -43.08 -86.84
C ILE W 188 18.30 -42.16 -88.05
N MET W 189 19.24 -41.23 -88.13
CA MET W 189 19.32 -40.32 -89.26
C MET W 189 19.97 -41.06 -90.43
N LEU W 190 19.18 -41.32 -91.46
CA LEU W 190 19.64 -42.05 -92.63
C LEU W 190 20.53 -41.16 -93.49
N PRO W 191 21.59 -41.71 -94.07
CA PRO W 191 22.43 -40.92 -94.97
C PRO W 191 21.70 -40.61 -96.27
N TRP W 192 22.12 -39.52 -96.92
CA TRP W 192 21.56 -39.18 -98.22
C TRP W 192 21.95 -40.23 -99.25
N ASP W 193 20.98 -40.61 -100.07
CA ASP W 193 21.23 -41.65 -101.07
C ASP W 193 20.48 -41.35 -102.35
N PRO W 194 21.19 -41.04 -103.44
CA PRO W 194 20.50 -40.74 -104.70
C PRO W 194 19.67 -41.89 -105.24
N THR W 195 20.09 -43.13 -105.02
CA THR W 195 19.33 -44.27 -105.51
C THR W 195 18.00 -44.40 -104.78
N GLY W 196 17.99 -44.14 -103.48
CA GLY W 196 16.77 -44.24 -102.68
C GLY W 196 16.48 -45.60 -102.13
N LYS W 197 17.35 -46.59 -102.34
CA LYS W 197 17.11 -47.91 -101.77
C LYS W 197 17.37 -47.93 -100.27
N ILE W 198 18.44 -47.26 -99.83
CA ILE W 198 18.82 -47.28 -98.41
C ILE W 198 18.47 -45.99 -97.69
N GLY W 199 18.23 -44.89 -98.40
CA GLY W 199 17.97 -43.63 -97.75
C GLY W 199 17.14 -42.69 -98.58
N PRO W 200 16.94 -41.47 -98.07
CA PRO W 200 16.16 -40.47 -98.81
C PRO W 200 16.85 -40.05 -100.09
N LYS W 201 16.04 -39.67 -101.07
CA LYS W 201 16.55 -39.25 -102.37
C LYS W 201 16.89 -37.77 -102.41
N LYS W 202 16.12 -36.93 -101.74
CA LYS W 202 16.38 -35.51 -101.76
C LYS W 202 17.56 -35.16 -100.85
N PRO W 203 18.44 -34.26 -101.28
CA PRO W 203 19.51 -33.79 -100.40
C PRO W 203 18.98 -32.80 -99.38
N LEU W 204 19.81 -32.51 -98.39
CA LEU W 204 19.41 -31.63 -97.29
C LEU W 204 19.10 -30.24 -97.82
N PRO W 205 17.96 -29.64 -97.43
CA PRO W 205 17.60 -28.32 -97.96
C PRO W 205 18.61 -27.23 -97.67
N ASP W 206 19.28 -27.28 -96.52
CA ASP W 206 20.27 -26.27 -96.15
C ASP W 206 21.69 -26.67 -96.54
N HIS W 207 21.85 -27.77 -97.27
CA HIS W 207 23.14 -28.23 -97.73
C HIS W 207 23.20 -28.14 -99.25
N VAL W 208 24.24 -27.53 -99.78
CA VAL W 208 24.39 -27.29 -101.20
C VAL W 208 25.64 -28.01 -101.70
N SER W 209 25.55 -28.57 -102.90
CA SER W 209 26.67 -29.23 -103.57
C SER W 209 27.03 -28.45 -104.81
N ILE W 210 28.30 -28.09 -104.94
CA ILE W 210 28.77 -27.22 -106.01
C ILE W 210 29.81 -27.97 -106.84
N VAL W 211 29.64 -27.97 -108.16
CA VAL W 211 30.56 -28.64 -109.06
C VAL W 211 31.82 -27.80 -109.22
N GLU W 212 32.93 -28.46 -109.54
CA GLU W 212 34.21 -27.79 -109.65
C GLU W 212 34.50 -27.46 -111.11
N PRO W 213 34.76 -26.20 -111.45
CA PRO W 213 35.10 -25.87 -112.84
C PRO W 213 36.48 -26.37 -113.23
N LYS W 214 36.65 -26.58 -114.53
CA LYS W 214 37.94 -26.97 -115.08
C LYS W 214 38.71 -25.71 -115.49
N ASP W 215 39.80 -25.88 -116.25
CA ASP W 215 40.67 -24.77 -116.60
C ASP W 215 39.97 -23.71 -117.44
N GLU W 216 39.57 -24.05 -118.68
CA GLU W 216 38.90 -23.13 -119.60
C GLU W 216 39.66 -21.80 -119.71
N ILE W 217 40.96 -21.89 -119.95
CA ILE W 217 41.85 -20.73 -119.85
C ILE W 217 41.95 -20.01 -121.19
N LEU W 218 42.51 -20.70 -122.18
CA LEU W 218 42.88 -20.14 -123.48
C LEU W 218 43.75 -18.91 -123.27
N PRO W 219 45.03 -19.08 -122.94
CA PRO W 219 45.94 -17.93 -122.83
C PRO W 219 46.59 -17.52 -124.14
N THR W 220 46.31 -18.21 -125.23
CA THR W 220 47.05 -18.03 -126.47
C THR W 220 46.35 -17.03 -127.38
N THR W 221 46.94 -16.84 -128.57
CA THR W 221 46.37 -15.96 -129.57
C THR W 221 45.12 -16.59 -130.19
N PRO W 222 44.19 -15.77 -130.68
CA PRO W 222 43.02 -16.33 -131.40
C PRO W 222 43.44 -17.05 -132.66
N ILE W 223 43.18 -18.36 -132.69
CA ILE W 223 43.44 -19.19 -133.85
C ILE W 223 42.13 -19.86 -134.26
N SER W 224 42.14 -20.48 -135.44
CA SER W 224 40.97 -21.18 -135.96
C SER W 224 41.36 -22.60 -136.35
N GLU W 225 40.64 -23.57 -135.80
CA GLU W 225 40.85 -24.98 -136.12
C GLU W 225 39.72 -25.43 -137.03
N GLN W 226 40.04 -25.63 -138.30
CA GLN W 226 39.03 -25.98 -139.29
C GLN W 226 38.51 -27.40 -139.05
N LYS W 227 37.19 -27.56 -139.20
CA LYS W 227 36.56 -28.87 -139.04
C LYS W 227 35.78 -29.24 -140.29
N ASP X 1 -16.48 19.21 -108.07
CA ASP X 1 -16.48 18.60 -109.40
C ASP X 1 -16.80 17.12 -109.31
N ILE X 2 -16.31 16.46 -108.26
CA ILE X 2 -16.51 15.02 -108.13
C ILE X 2 -17.93 14.69 -107.69
N LYS X 3 -18.68 15.67 -107.17
CA LYS X 3 -20.08 15.49 -106.82
C LYS X 3 -20.27 14.35 -105.81
N LEU X 4 -19.73 14.57 -104.61
CA LEU X 4 -19.87 13.61 -103.53
C LEU X 4 -21.34 13.45 -103.15
N PHE X 5 -21.79 12.19 -103.11
CA PHE X 5 -23.21 11.83 -102.94
C PHE X 5 -24.07 12.38 -104.07
N GLY X 6 -23.47 12.71 -105.21
CA GLY X 6 -24.19 13.27 -106.33
C GLY X 6 -24.28 14.79 -106.35
N LYS X 7 -23.72 15.47 -105.36
CA LYS X 7 -23.84 16.92 -105.26
C LYS X 7 -22.65 17.43 -104.44
N TRP X 8 -22.73 18.67 -103.98
CA TRP X 8 -21.78 19.22 -103.00
C TRP X 8 -20.35 19.19 -103.54
N SER X 9 -20.13 19.99 -104.58
CA SER X 9 -18.81 20.07 -105.20
C SER X 9 -17.75 20.46 -104.18
N THR X 10 -16.61 19.78 -104.24
CA THR X 10 -15.57 19.88 -103.23
C THR X 10 -14.52 20.93 -103.54
N ASP X 11 -14.70 21.71 -104.61
CA ASP X 11 -13.71 22.71 -104.99
C ASP X 11 -13.89 24.05 -104.30
N ASP X 12 -15.00 24.27 -103.59
CA ASP X 12 -15.23 25.52 -102.90
C ASP X 12 -14.87 25.46 -101.42
N VAL X 13 -14.73 24.26 -100.84
CA VAL X 13 -14.38 24.16 -99.43
C VAL X 13 -12.89 24.45 -99.25
N GLN X 14 -12.55 24.91 -98.06
CA GLN X 14 -11.18 25.30 -97.76
C GLN X 14 -10.94 25.17 -96.26
N ILE X 15 -9.68 24.91 -95.91
CA ILE X 15 -9.27 24.77 -94.51
C ILE X 15 -8.63 26.09 -94.09
N ASN X 16 -9.13 26.66 -92.99
CA ASN X 16 -8.72 28.00 -92.55
C ASN X 16 -7.51 27.97 -91.63
N ASP X 17 -6.72 26.90 -91.65
CA ASP X 17 -5.47 26.84 -90.91
C ASP X 17 -4.55 25.84 -91.58
N ILE X 18 -3.29 26.23 -91.77
CA ILE X 18 -2.35 25.40 -92.52
C ILE X 18 -1.91 24.17 -91.72
N SER X 19 -2.08 24.19 -90.40
CA SER X 19 -1.69 23.04 -89.59
C SER X 19 -2.53 21.81 -89.94
N LEU X 20 -3.76 22.01 -90.39
CA LEU X 20 -4.63 20.92 -90.78
C LEU X 20 -4.90 20.86 -92.28
N GLN X 21 -4.32 21.77 -93.07
CA GLN X 21 -4.54 21.75 -94.51
C GLN X 21 -4.01 20.48 -95.14
N ASP X 22 -2.86 20.00 -94.68
CA ASP X 22 -2.18 18.85 -95.26
C ASP X 22 -2.61 17.52 -94.65
N TYR X 23 -3.51 17.54 -93.66
CA TYR X 23 -3.99 16.31 -93.05
C TYR X 23 -5.47 16.03 -93.28
N ILE X 24 -6.24 17.02 -93.69
CA ILE X 24 -7.61 16.78 -94.13
C ILE X 24 -7.59 16.45 -95.61
N ALA X 25 -8.48 15.55 -96.04
CA ALA X 25 -8.47 15.02 -97.40
C ALA X 25 -9.72 15.44 -98.18
N VAL X 26 -10.08 16.72 -98.09
CA VAL X 26 -11.22 17.25 -98.83
C VAL X 26 -10.76 17.78 -100.18
N LYS X 27 -9.47 17.64 -100.46
CA LYS X 27 -8.91 18.20 -101.69
C LYS X 27 -9.29 17.34 -102.90
N GLU X 28 -9.00 17.88 -104.09
CA GLU X 28 -9.46 17.27 -105.32
C GLU X 28 -8.84 15.90 -105.56
N LYS X 29 -7.60 15.69 -105.09
CA LYS X 29 -6.98 14.37 -105.22
C LYS X 29 -7.76 13.33 -104.43
N TYR X 30 -8.23 13.69 -103.24
CA TYR X 30 -9.03 12.81 -102.41
C TYR X 30 -10.51 13.19 -102.44
N ALA X 31 -10.98 13.68 -103.58
CA ALA X 31 -12.39 13.98 -103.78
C ALA X 31 -13.05 12.74 -104.39
N LYS X 32 -14.00 12.16 -103.67
CA LYS X 32 -14.56 10.87 -104.04
C LYS X 32 -16.08 10.97 -104.22
N TYR X 33 -16.59 10.14 -105.13
CA TYR X 33 -18.04 10.11 -105.38
C TYR X 33 -18.80 9.66 -104.14
N LEU X 34 -18.28 8.66 -103.44
CA LEU X 34 -18.98 8.07 -102.31
C LEU X 34 -17.98 7.79 -101.20
N PRO X 35 -18.37 7.96 -99.94
CA PRO X 35 -17.45 7.68 -98.81
C PRO X 35 -17.40 6.20 -98.47
N HIS X 36 -16.84 5.41 -99.39
CA HIS X 36 -16.79 3.97 -99.22
C HIS X 36 -15.65 3.44 -100.07
N SER X 37 -14.56 3.02 -99.43
CA SER X 37 -13.42 2.49 -100.14
C SER X 37 -12.61 1.59 -99.22
N ALA X 38 -12.32 0.38 -99.67
CA ALA X 38 -11.44 -0.53 -98.95
C ALA X 38 -10.03 -0.42 -99.53
N GLY X 39 -9.42 0.72 -99.27
CA GLY X 39 -8.13 1.05 -99.85
C GLY X 39 -6.94 0.68 -98.98
N ARG X 40 -7.16 -0.20 -98.00
CA ARG X 40 -6.11 -0.67 -97.09
C ARG X 40 -5.44 0.50 -96.37
N TYR X 41 -6.24 1.21 -95.58
CA TYR X 41 -5.81 2.42 -94.91
C TYR X 41 -5.09 2.16 -93.60
N ALA X 42 -4.96 0.90 -93.18
CA ALA X 42 -4.26 0.55 -91.94
C ALA X 42 -3.00 -0.26 -92.22
N ALA X 43 -2.50 -0.24 -93.46
CA ALA X 43 -1.33 -1.03 -93.80
C ALA X 43 -0.05 -0.42 -93.22
N LYS X 44 0.01 0.91 -93.15
CA LYS X 44 1.23 1.58 -92.73
C LYS X 44 0.87 2.88 -92.02
N ARG X 45 1.80 3.35 -91.19
CA ARG X 45 1.66 4.64 -90.53
C ARG X 45 1.63 5.76 -91.56
N PHE X 46 0.92 6.84 -91.21
CA PHE X 46 0.78 8.03 -92.05
C PHE X 46 0.10 7.71 -93.38
N ARG X 47 -0.86 6.79 -93.34
CA ARG X 47 -1.69 6.48 -94.50
C ARG X 47 -3.15 6.84 -94.31
N LYS X 48 -3.58 7.14 -93.08
CA LYS X 48 -4.93 7.62 -92.86
C LYS X 48 -5.10 9.08 -93.25
N ALA X 49 -4.01 9.79 -93.50
CA ALA X 49 -4.12 11.16 -94.00
C ALA X 49 -4.70 11.17 -95.41
N GLN X 50 -4.17 10.36 -96.31
CA GLN X 50 -4.68 10.31 -97.68
C GLN X 50 -6.05 9.64 -97.76
N CYS X 51 -6.50 8.98 -96.70
CA CYS X 51 -7.87 8.48 -96.68
C CYS X 51 -8.84 9.65 -96.60
N PRO X 52 -9.87 9.67 -97.44
CA PRO X 52 -10.82 10.80 -97.41
C PRO X 52 -11.50 10.92 -96.05
N ILE X 53 -11.62 12.17 -95.58
CA ILE X 53 -12.16 12.43 -94.25
C ILE X 53 -13.64 12.07 -94.18
N VAL X 54 -14.37 12.21 -95.28
CA VAL X 54 -15.76 11.77 -95.30
C VAL X 54 -15.85 10.28 -95.04
N GLU X 55 -14.92 9.51 -95.63
CA GLU X 55 -14.83 8.09 -95.32
C GLU X 55 -14.40 7.86 -93.87
N ARG X 56 -13.51 8.72 -93.35
CA ARG X 56 -13.03 8.57 -91.98
C ARG X 56 -14.16 8.74 -90.97
N LEU X 57 -15.05 9.71 -91.19
CA LEU X 57 -16.20 9.88 -90.33
C LEU X 57 -17.13 8.67 -90.42
N THR X 58 -17.30 8.13 -91.62
CA THR X 58 -18.12 6.94 -91.80
C THR X 58 -17.56 5.76 -91.01
N ASN X 59 -16.23 5.60 -91.05
CA ASN X 59 -15.59 4.53 -90.30
C ASN X 59 -15.85 4.67 -88.79
N SER X 60 -15.71 5.89 -88.27
CA SER X 60 -15.80 6.09 -86.84
C SER X 60 -17.24 6.14 -86.33
N MET X 61 -18.23 6.21 -87.22
CA MET X 61 -19.61 6.33 -86.79
C MET X 61 -20.24 5.00 -86.42
N MET X 62 -19.58 3.88 -86.69
CA MET X 62 -20.09 2.56 -86.32
C MET X 62 -19.35 2.09 -85.07
N MET X 63 -20.08 1.98 -83.97
CA MET X 63 -19.48 1.57 -82.70
C MET X 63 -20.58 0.98 -81.81
N HIS X 64 -20.21 0.75 -80.54
CA HIS X 64 -21.13 0.27 -79.51
C HIS X 64 -21.76 -1.08 -79.87
N GLY X 65 -20.98 -1.95 -80.49
CA GLY X 65 -21.34 -3.35 -80.60
C GLY X 65 -22.28 -3.71 -81.74
N ARG X 66 -23.52 -3.25 -81.66
CA ARG X 66 -24.53 -3.58 -82.66
C ARG X 66 -24.13 -3.11 -84.06
N ASN X 67 -23.23 -2.14 -84.16
CA ASN X 67 -22.83 -1.54 -85.43
C ASN X 67 -21.32 -1.60 -85.50
N ASN X 68 -20.78 -2.71 -85.98
CA ASN X 68 -19.34 -2.86 -86.12
C ASN X 68 -18.89 -3.22 -87.52
N GLY X 69 -19.81 -3.66 -88.38
CA GLY X 69 -19.45 -3.92 -89.76
C GLY X 69 -20.30 -3.12 -90.72
N LYS X 70 -21.50 -2.74 -90.29
CA LYS X 70 -22.51 -2.14 -91.17
C LYS X 70 -22.01 -0.78 -91.65
N LYS X 71 -21.57 -0.74 -92.92
CA LYS X 71 -21.14 0.49 -93.55
C LYS X 71 -22.18 1.06 -94.50
N LEU X 72 -23.06 0.22 -95.04
CA LEU X 72 -24.15 0.73 -95.86
C LEU X 72 -25.10 1.60 -95.05
N MET X 73 -25.39 1.18 -93.82
CA MET X 73 -26.23 2.00 -92.94
C MET X 73 -25.52 3.29 -92.56
N THR X 74 -24.21 3.22 -92.30
CA THR X 74 -23.48 4.42 -91.91
C THR X 74 -23.39 5.43 -93.04
N VAL X 75 -23.16 4.94 -94.26
CA VAL X 75 -23.10 5.84 -95.42
C VAL X 75 -24.47 6.49 -95.65
N ARG X 76 -25.55 5.74 -95.47
CA ARG X 76 -26.87 6.33 -95.67
C ARG X 76 -27.24 7.32 -94.57
N ILE X 77 -26.72 7.13 -93.35
CA ILE X 77 -26.93 8.12 -92.30
C ILE X 77 -26.12 9.38 -92.58
N VAL X 78 -24.89 9.22 -93.07
CA VAL X 78 -24.09 10.37 -93.45
C VAL X 78 -24.74 11.10 -94.62
N LYS X 79 -25.27 10.35 -95.58
CA LYS X 79 -25.96 10.96 -96.72
C LYS X 79 -27.17 11.76 -96.27
N HIS X 80 -27.95 11.20 -95.33
CA HIS X 80 -29.09 11.94 -94.79
C HIS X 80 -28.63 13.18 -94.03
N ALA X 81 -27.57 13.03 -93.22
CA ALA X 81 -27.14 14.12 -92.34
C ALA X 81 -26.54 15.27 -93.12
N PHE X 82 -25.72 14.98 -94.14
CA PHE X 82 -25.14 16.06 -94.94
C PHE X 82 -26.21 16.84 -95.69
N GLU X 83 -27.22 16.14 -96.22
CA GLU X 83 -28.35 16.82 -96.84
C GLU X 83 -29.10 17.66 -95.82
N ILE X 84 -29.17 17.18 -94.57
CA ILE X 84 -29.89 17.90 -93.53
C ILE X 84 -29.16 19.17 -93.13
N ILE X 85 -27.83 19.09 -92.96
CA ILE X 85 -27.07 20.28 -92.60
C ILE X 85 -27.05 21.28 -93.74
N HIS X 86 -27.09 20.79 -94.99
CA HIS X 86 -27.23 21.70 -96.12
C HIS X 86 -28.57 22.42 -96.07
N LEU X 87 -29.62 21.69 -95.69
CA LEU X 87 -30.94 22.31 -95.59
C LEU X 87 -31.03 23.27 -94.42
N LEU X 88 -30.14 23.13 -93.43
CA LEU X 88 -30.25 23.93 -92.21
C LEU X 88 -29.24 25.07 -92.15
N THR X 89 -28.20 25.04 -92.97
CA THR X 89 -27.19 26.10 -92.99
C THR X 89 -27.10 26.83 -94.32
N GLY X 90 -27.39 26.17 -95.43
CA GLY X 90 -27.37 26.80 -96.73
C GLY X 90 -26.02 26.85 -97.41
N GLU X 91 -24.98 26.25 -96.83
CA GLU X 91 -23.67 26.19 -97.46
C GLU X 91 -23.31 24.73 -97.74
N ASN X 92 -22.09 24.52 -98.20
CA ASN X 92 -21.65 23.16 -98.52
C ASN X 92 -21.57 22.33 -97.24
N PRO X 93 -22.11 21.10 -97.24
CA PRO X 93 -21.95 20.24 -96.06
C PRO X 93 -20.51 19.93 -95.72
N LEU X 94 -19.63 19.85 -96.72
CA LEU X 94 -18.22 19.60 -96.46
C LEU X 94 -17.58 20.76 -95.72
N GLN X 95 -17.97 22.00 -96.06
CA GLN X 95 -17.46 23.15 -95.33
C GLN X 95 -17.92 23.14 -93.88
N VAL X 96 -19.13 22.62 -93.63
CA VAL X 96 -19.58 22.41 -92.26
C VAL X 96 -18.72 21.36 -91.57
N LEU X 97 -18.35 20.30 -92.30
CA LEU X 97 -17.53 19.24 -91.73
C LEU X 97 -16.14 19.75 -91.35
N VAL X 98 -15.53 20.54 -92.22
CA VAL X 98 -14.17 21.04 -91.94
C VAL X 98 -14.20 22.03 -90.78
N ASN X 99 -15.24 22.86 -90.71
CA ASN X 99 -15.39 23.75 -89.57
C ASN X 99 -15.56 22.97 -88.28
N ALA X 100 -16.36 21.90 -88.31
CA ALA X 100 -16.58 21.08 -87.12
C ALA X 100 -15.30 20.36 -86.70
N ILE X 101 -14.54 19.83 -87.67
CA ILE X 101 -13.36 19.05 -87.35
C ILE X 101 -12.30 19.92 -86.67
N ILE X 102 -12.07 21.11 -87.21
CA ILE X 102 -11.08 22.01 -86.65
C ILE X 102 -11.51 22.49 -85.27
N ASN X 103 -12.79 22.83 -85.12
CA ASN X 103 -13.29 23.40 -83.87
C ASN X 103 -13.53 22.36 -82.80
N SER X 104 -13.41 21.07 -83.12
CA SER X 104 -13.62 20.00 -82.14
C SER X 104 -12.33 19.39 -81.63
N GLY X 105 -11.29 19.31 -82.46
CA GLY X 105 -10.03 18.74 -82.07
C GLY X 105 -9.35 19.56 -80.99
N PRO X 106 -9.18 18.96 -79.81
CA PRO X 106 -8.47 19.65 -78.74
C PRO X 106 -7.00 19.86 -79.10
N ARG X 107 -6.50 21.05 -78.78
CA ARG X 107 -5.14 21.42 -79.18
C ARG X 107 -4.11 21.08 -78.11
N GLU X 108 -4.53 20.73 -76.90
CA GLU X 108 -3.64 20.34 -75.83
C GLU X 108 -4.28 19.23 -75.00
N ASP X 109 -3.44 18.51 -74.27
CA ASP X 109 -3.90 17.46 -73.35
C ASP X 109 -2.82 17.26 -72.30
N SER X 110 -2.96 16.18 -71.52
CA SER X 110 -2.02 15.87 -70.46
C SER X 110 -1.98 14.36 -70.26
N THR X 111 -0.77 13.84 -70.03
CA THR X 111 -0.58 12.40 -69.86
C THR X 111 0.75 12.14 -69.18
N ARG X 112 0.72 11.46 -68.03
CA ARG X 112 1.91 11.09 -67.29
C ARG X 112 1.64 9.75 -66.60
N ILE X 113 2.63 9.28 -65.85
CA ILE X 113 2.52 8.02 -65.12
C ILE X 113 2.77 8.27 -63.64
N GLY X 114 3.48 9.37 -63.33
CA GLY X 114 3.76 9.72 -61.96
C GLY X 114 2.53 10.18 -61.22
N ARG X 115 2.77 10.83 -60.08
CA ARG X 115 1.69 11.35 -59.26
C ARG X 115 0.93 12.43 -60.02
N ALA X 116 -0.40 12.35 -59.99
CA ALA X 116 -1.27 13.27 -60.70
C ALA X 116 -2.18 13.99 -59.71
N GLY X 117 -2.33 15.30 -59.90
CA GLY X 117 -3.19 16.09 -59.06
C GLY X 117 -4.67 15.80 -59.27
N THR X 118 -5.18 16.12 -60.46
CA THR X 118 -6.60 15.94 -60.76
C THR X 118 -6.84 14.81 -61.75
N VAL X 119 -6.23 14.87 -62.94
CA VAL X 119 -6.35 13.78 -63.91
C VAL X 119 -4.95 13.29 -64.25
N ARG X 120 -4.12 14.19 -64.80
CA ARG X 120 -2.74 13.86 -65.14
C ARG X 120 -1.80 14.89 -64.52
N ARG X 121 -0.52 14.86 -64.90
CA ARG X 121 0.49 15.67 -64.26
C ARG X 121 1.04 16.77 -65.16
N GLN X 122 1.54 16.44 -66.34
CA GLN X 122 2.24 17.40 -67.19
C GLN X 122 1.44 17.68 -68.46
N ALA X 123 1.42 18.94 -68.86
CA ALA X 123 0.70 19.38 -70.04
C ALA X 123 1.54 19.20 -71.29
N VAL X 124 0.94 18.61 -72.31
CA VAL X 124 1.60 18.35 -73.58
C VAL X 124 0.65 18.73 -74.71
N ASP X 125 1.11 19.56 -75.63
CA ASP X 125 0.31 19.92 -76.79
C ASP X 125 0.27 18.77 -77.78
N VAL X 126 -0.86 18.63 -78.47
CA VAL X 126 -1.13 17.46 -79.31
C VAL X 126 -0.67 17.70 -80.74
N SER X 127 -0.59 16.62 -81.52
CA SER X 127 -0.22 16.68 -82.93
C SER X 127 -1.44 17.00 -83.79
N PRO X 128 -1.21 17.52 -85.00
CA PRO X 128 -2.35 17.70 -85.92
C PRO X 128 -3.06 16.41 -86.29
N LEU X 129 -2.32 15.30 -86.40
CA LEU X 129 -2.96 14.03 -86.74
C LEU X 129 -3.83 13.53 -85.60
N ARG X 130 -3.37 13.70 -84.35
CA ARG X 130 -4.21 13.37 -83.21
C ARG X 130 -5.36 14.34 -83.05
N ARG X 131 -5.19 15.58 -83.53
CA ARG X 131 -6.27 16.56 -83.50
C ARG X 131 -7.47 16.06 -84.30
N VAL X 132 -7.22 15.55 -85.50
CA VAL X 132 -8.31 15.08 -86.36
C VAL X 132 -8.94 13.82 -85.77
N ASN X 133 -8.11 12.88 -85.31
CA ASN X 133 -8.62 11.61 -84.81
C ASN X 133 -9.49 11.80 -83.59
N GLN X 134 -9.06 12.67 -82.67
CA GLN X 134 -9.88 12.97 -81.50
C GLN X 134 -11.13 13.75 -81.89
N ALA X 135 -11.02 14.59 -82.92
CA ALA X 135 -12.17 15.38 -83.37
C ALA X 135 -13.28 14.48 -83.89
N ILE X 136 -12.93 13.54 -84.77
CA ILE X 136 -13.95 12.66 -85.36
C ILE X 136 -14.58 11.78 -84.29
N TRP X 137 -13.76 11.23 -83.39
CA TRP X 137 -14.30 10.37 -82.34
C TRP X 137 -15.21 11.14 -81.40
N LEU X 138 -14.83 12.38 -81.05
CA LEU X 138 -15.66 13.17 -80.16
C LEU X 138 -16.99 13.52 -80.81
N LEU X 139 -16.98 13.80 -82.12
CA LEU X 139 -18.22 14.10 -82.82
C LEU X 139 -19.13 12.88 -82.89
N CYS X 140 -18.54 11.71 -83.16
CA CYS X 140 -19.34 10.49 -83.25
C CYS X 140 -19.96 10.13 -81.89
N THR X 141 -19.18 10.28 -80.82
CA THR X 141 -19.71 9.97 -79.49
C THR X 141 -20.78 10.97 -79.07
N GLY X 142 -20.61 12.24 -79.44
CA GLY X 142 -21.62 13.23 -79.12
C GLY X 142 -22.94 12.96 -79.81
N ALA X 143 -22.89 12.58 -81.09
CA ALA X 143 -24.10 12.23 -81.82
C ALA X 143 -24.75 10.99 -81.24
N ARG X 144 -23.94 9.96 -80.98
CA ARG X 144 -24.48 8.69 -80.47
C ARG X 144 -25.12 8.88 -79.10
N GLU X 145 -24.44 9.59 -78.20
CA GLU X 145 -24.97 9.76 -76.85
C GLU X 145 -26.26 10.56 -76.83
N ALA X 146 -26.36 11.60 -77.66
CA ALA X 146 -27.59 12.38 -77.73
C ALA X 146 -28.73 11.56 -78.32
N ALA X 147 -28.42 10.64 -79.23
CA ALA X 147 -29.42 9.87 -79.95
C ALA X 147 -29.76 8.54 -79.27
N PHE X 148 -29.20 8.26 -78.09
CA PHE X 148 -29.31 6.91 -77.54
C PHE X 148 -30.73 6.63 -77.04
N ARG X 149 -31.36 7.59 -76.37
CA ARG X 149 -32.68 7.34 -75.77
C ARG X 149 -33.60 8.53 -76.01
N ASN X 150 -33.61 9.05 -77.22
CA ASN X 150 -34.55 10.08 -77.61
C ASN X 150 -35.12 9.74 -78.99
N ILE X 151 -36.19 10.43 -79.36
CA ILE X 151 -36.89 10.10 -80.60
C ILE X 151 -36.13 10.61 -81.82
N LYS X 152 -35.20 11.55 -81.65
CA LYS X 152 -34.41 12.04 -82.77
C LYS X 152 -33.48 10.94 -83.27
N THR X 153 -33.36 10.83 -84.59
CA THR X 153 -32.60 9.76 -85.20
C THR X 153 -31.13 10.13 -85.31
N ILE X 154 -30.33 9.20 -85.84
CA ILE X 154 -28.88 9.39 -85.91
C ILE X 154 -28.52 10.50 -86.87
N ALA X 155 -29.22 10.58 -88.00
CA ALA X 155 -28.90 11.61 -89.00
C ALA X 155 -29.16 13.01 -88.46
N GLU X 156 -30.26 13.18 -87.72
CA GLU X 156 -30.56 14.49 -87.14
C GLU X 156 -29.62 14.83 -85.99
N CYS X 157 -29.36 13.86 -85.10
CA CYS X 157 -28.48 14.12 -83.97
C CYS X 157 -27.05 14.38 -84.42
N LEU X 158 -26.59 13.66 -85.44
CA LEU X 158 -25.28 13.96 -86.01
C LEU X 158 -25.28 15.34 -86.66
N ALA X 159 -26.42 15.75 -87.20
CA ALA X 159 -26.51 17.05 -87.86
C ALA X 159 -26.32 18.19 -86.86
N ASP X 160 -27.08 18.17 -85.77
CA ASP X 160 -26.99 19.26 -84.80
C ASP X 160 -25.68 19.22 -84.05
N GLU X 161 -25.04 18.04 -83.96
CA GLU X 161 -23.73 17.96 -83.32
C GLU X 161 -22.68 18.69 -84.15
N LEU X 162 -22.66 18.43 -85.46
CA LEU X 162 -21.70 19.10 -86.33
C LEU X 162 -22.05 20.57 -86.55
N ILE X 163 -23.35 20.90 -86.54
CA ILE X 163 -23.75 22.30 -86.72
C ILE X 163 -23.34 23.13 -85.50
N ASN X 164 -23.64 22.63 -84.30
CA ASN X 164 -23.22 23.33 -83.09
C ASN X 164 -21.70 23.33 -82.96
N ALA X 165 -21.02 22.35 -83.54
CA ALA X 165 -19.56 22.35 -83.51
C ALA X 165 -18.99 23.36 -84.50
N ALA X 166 -19.63 23.53 -85.65
CA ALA X 166 -19.15 24.46 -86.65
C ALA X 166 -19.25 25.90 -86.16
N LYS X 167 -20.34 26.24 -85.49
CA LYS X 167 -20.46 27.56 -84.88
C LYS X 167 -19.63 27.64 -83.60
N GLY X 168 -19.97 26.80 -82.63
CA GLY X 168 -19.37 26.83 -81.32
C GLY X 168 -20.29 27.49 -80.32
N SER X 169 -21.01 26.68 -79.53
CA SER X 169 -21.97 27.22 -78.59
C SER X 169 -21.93 26.49 -77.24
N SER X 170 -20.85 25.75 -76.97
CA SER X 170 -20.69 24.95 -75.76
C SER X 170 -21.80 23.91 -75.60
N ASN X 171 -22.51 23.60 -76.68
CA ASN X 171 -23.52 22.55 -76.67
C ASN X 171 -23.05 21.27 -77.37
N SER X 172 -22.10 21.39 -78.30
CA SER X 172 -21.52 20.21 -78.91
C SER X 172 -20.69 19.45 -77.88
N TYR X 173 -20.91 18.14 -77.80
CA TYR X 173 -20.14 17.31 -76.88
C TYR X 173 -18.66 17.31 -77.25
N ALA X 174 -18.36 17.48 -78.53
CA ALA X 174 -16.98 17.50 -78.99
C ALA X 174 -16.25 18.75 -78.49
N ILE X 175 -16.88 19.91 -78.59
CA ILE X 175 -16.24 21.13 -78.11
C ILE X 175 -16.34 21.23 -76.59
N LYS X 176 -17.33 20.56 -75.99
CA LYS X 176 -17.43 20.57 -74.53
C LYS X 176 -16.27 19.82 -73.90
N LYS X 177 -15.99 18.62 -74.39
CA LYS X 177 -14.83 17.88 -73.90
C LYS X 177 -13.53 18.54 -74.36
N LYS X 178 -13.56 19.24 -75.49
CA LYS X 178 -12.37 19.97 -75.93
C LYS X 178 -11.98 21.05 -74.93
N ASP X 179 -12.96 21.83 -74.47
CA ASP X 179 -12.67 22.87 -73.49
C ASP X 179 -12.24 22.28 -72.17
N GLU X 180 -12.82 21.14 -71.79
CA GLU X 180 -12.42 20.47 -70.55
C GLU X 180 -10.97 20.00 -70.63
N LEU X 181 -10.57 19.45 -71.79
CA LEU X 181 -9.19 19.00 -71.96
C LEU X 181 -8.23 20.18 -71.95
N GLU X 182 -8.61 21.30 -72.56
CA GLU X 182 -7.74 22.47 -72.57
C GLU X 182 -7.58 23.04 -71.17
N ARG X 183 -8.66 23.10 -70.41
CA ARG X 183 -8.58 23.65 -69.05
C ARG X 183 -7.73 22.77 -68.15
N VAL X 184 -7.87 21.44 -68.29
CA VAL X 184 -7.06 20.52 -67.50
C VAL X 184 -5.59 20.65 -67.88
N ALA X 185 -5.31 20.78 -69.18
CA ALA X 185 -3.93 20.99 -69.61
C ALA X 185 -3.36 22.30 -69.09
N LYS X 186 -4.18 23.36 -69.08
CA LYS X 186 -3.73 24.63 -68.55
C LYS X 186 -3.37 24.53 -67.08
N SER X 187 -4.19 23.83 -66.29
CA SER X 187 -3.88 23.63 -64.89
C SER X 187 -2.63 22.79 -64.69
N ASN X 188 -2.40 21.81 -65.57
CA ASN X 188 -1.27 20.89 -65.46
C ASN X 188 -0.04 21.39 -66.20
N ARG X 189 0.06 22.69 -66.45
CA ARG X 189 1.20 23.25 -67.17
C ARG X 189 2.51 23.04 -66.43
N MET Y 1 -15.83 -75.65 -69.94
CA MET Y 1 -17.00 -75.08 -70.60
C MET Y 1 -18.05 -76.15 -70.86
N LEU Y 2 -19.32 -75.75 -70.78
CA LEU Y 2 -20.45 -76.67 -70.92
C LEU Y 2 -20.98 -76.73 -72.35
N MET Y 3 -20.11 -76.55 -73.34
CA MET Y 3 -20.53 -76.57 -74.73
C MET Y 3 -20.96 -77.98 -75.14
N PRO Y 4 -21.89 -78.10 -76.09
CA PRO Y 4 -22.32 -79.44 -76.53
C PRO Y 4 -21.25 -80.14 -77.35
N LYS Y 5 -21.43 -81.46 -77.49
CA LYS Y 5 -20.44 -82.28 -78.16
C LYS Y 5 -20.26 -81.90 -79.62
N LYS Y 6 -21.37 -81.66 -80.33
CA LYS Y 6 -21.27 -81.35 -81.75
C LYS Y 6 -20.57 -80.02 -81.98
N ASN Y 7 -20.71 -79.08 -81.03
CA ASN Y 7 -19.99 -77.82 -81.13
C ASN Y 7 -18.50 -78.03 -80.92
N ARG Y 8 -18.13 -78.78 -79.88
CA ARG Y 8 -16.71 -78.97 -79.56
C ARG Y 8 -15.98 -79.69 -80.67
N ILE Y 9 -16.59 -80.75 -81.22
CA ILE Y 9 -15.92 -81.49 -82.29
C ILE Y 9 -15.86 -80.67 -83.57
N ALA Y 10 -16.84 -79.79 -83.79
CA ALA Y 10 -16.80 -78.93 -84.98
C ALA Y 10 -15.65 -77.94 -84.91
N ILE Y 11 -15.43 -77.34 -83.74
CA ILE Y 11 -14.31 -76.42 -83.57
C ILE Y 11 -12.99 -77.16 -83.71
N TYR Y 12 -12.89 -78.34 -83.10
CA TYR Y 12 -11.66 -79.12 -83.17
C TYR Y 12 -11.35 -79.55 -84.59
N GLU Y 13 -12.37 -79.99 -85.33
CA GLU Y 13 -12.12 -80.46 -86.71
C GLU Y 13 -11.84 -79.31 -87.65
N LEU Y 14 -12.38 -78.12 -87.37
CA LEU Y 14 -12.01 -76.94 -88.17
C LEU Y 14 -10.57 -76.53 -87.89
N LEU Y 15 -10.16 -76.60 -86.63
CA LEU Y 15 -8.76 -76.39 -86.28
C LEU Y 15 -7.86 -77.49 -86.84
N PHE Y 16 -8.43 -78.63 -87.23
CA PHE Y 16 -7.64 -79.67 -87.87
C PHE Y 16 -7.63 -79.53 -89.38
N LYS Y 17 -8.66 -78.92 -89.96
CA LYS Y 17 -8.65 -78.66 -91.39
C LYS Y 17 -7.57 -77.66 -91.76
N GLU Y 18 -7.43 -76.60 -90.96
CA GLU Y 18 -6.32 -75.67 -91.08
C GLU Y 18 -5.84 -75.31 -89.68
N GLY Y 19 -4.53 -75.10 -89.54
CA GLY Y 19 -3.94 -74.90 -88.23
C GLY Y 19 -4.03 -73.49 -87.71
N VAL Y 20 -5.06 -72.75 -88.12
CA VAL Y 20 -5.26 -71.37 -87.67
C VAL Y 20 -6.70 -71.22 -87.20
N MET Y 21 -6.94 -70.17 -86.42
CA MET Y 21 -8.27 -69.89 -85.91
C MET Y 21 -8.37 -68.41 -85.60
N VAL Y 22 -9.20 -67.70 -86.35
CA VAL Y 22 -9.46 -66.28 -86.13
C VAL Y 22 -10.82 -66.14 -85.49
N ALA Y 23 -10.89 -65.43 -84.36
CA ALA Y 23 -12.15 -65.24 -83.65
C ALA Y 23 -12.13 -63.91 -82.93
N LYS Y 24 -13.18 -63.12 -83.14
CA LYS Y 24 -13.33 -61.87 -82.43
C LYS Y 24 -13.62 -62.14 -80.96
N LYS Y 25 -13.12 -61.25 -80.09
CA LYS Y 25 -13.36 -61.36 -78.65
C LYS Y 25 -14.74 -60.76 -78.37
N ASP Y 26 -15.77 -61.58 -78.63
CA ASP Y 26 -17.14 -61.15 -78.41
C ASP Y 26 -17.95 -62.37 -77.97
N VAL Y 27 -18.15 -62.50 -76.66
CA VAL Y 27 -18.94 -63.60 -76.13
C VAL Y 27 -20.43 -63.40 -76.40
N HIS Y 28 -20.86 -62.20 -76.75
CA HIS Y 28 -22.24 -61.90 -77.06
C HIS Y 28 -22.56 -62.04 -78.55
N MET Y 29 -21.59 -62.44 -79.36
CA MET Y 29 -21.86 -62.71 -80.76
C MET Y 29 -22.81 -63.89 -80.88
N PRO Y 30 -23.81 -63.81 -81.76
CA PRO Y 30 -24.73 -64.96 -81.91
C PRO Y 30 -24.04 -66.23 -82.37
N LYS Y 31 -23.27 -66.17 -83.45
CA LYS Y 31 -22.57 -67.32 -83.97
C LYS Y 31 -21.21 -66.89 -84.49
N HIS Y 32 -20.29 -67.84 -84.54
CA HIS Y 32 -19.01 -67.60 -85.19
C HIS Y 32 -19.24 -67.37 -86.69
N PRO Y 33 -18.46 -66.48 -87.32
CA PRO Y 33 -18.61 -66.27 -88.77
C PRO Y 33 -18.47 -67.56 -89.57
N GLU Y 34 -17.35 -68.25 -89.41
CA GLU Y 34 -17.23 -69.58 -89.96
C GLU Y 34 -17.96 -70.59 -89.08
N LEU Y 35 -18.41 -71.68 -89.70
CA LEU Y 35 -19.13 -72.75 -89.01
C LEU Y 35 -20.38 -72.24 -88.32
N ALA Y 36 -21.05 -71.27 -88.95
CA ALA Y 36 -22.32 -70.79 -88.43
C ALA Y 36 -23.44 -71.80 -88.63
N ASP Y 37 -23.27 -72.75 -89.57
CA ASP Y 37 -24.27 -73.78 -89.81
C ASP Y 37 -24.40 -74.76 -88.65
N LYS Y 38 -23.43 -74.80 -87.74
CA LYS Y 38 -23.51 -75.65 -86.56
C LYS Y 38 -24.19 -74.97 -85.39
N ASN Y 39 -24.58 -73.71 -85.53
CA ASN Y 39 -25.23 -72.93 -84.47
C ASN Y 39 -24.37 -72.90 -83.21
N VAL Y 40 -23.07 -72.75 -83.39
CA VAL Y 40 -22.12 -72.64 -82.28
C VAL Y 40 -21.93 -71.17 -81.95
N PRO Y 41 -22.05 -70.77 -80.69
CA PRO Y 41 -21.74 -69.38 -80.31
C PRO Y 41 -20.24 -69.13 -80.36
N ASN Y 42 -19.89 -67.85 -80.52
CA ASN Y 42 -18.49 -67.47 -80.55
C ASN Y 42 -17.81 -67.68 -79.20
N LEU Y 43 -18.59 -67.65 -78.11
CA LEU Y 43 -18.02 -67.89 -76.79
C LEU Y 43 -17.45 -69.29 -76.68
N HIS Y 44 -18.15 -70.28 -77.23
CA HIS Y 44 -17.68 -71.67 -77.15
C HIS Y 44 -16.38 -71.86 -77.90
N VAL Y 45 -16.20 -71.15 -79.02
CA VAL Y 45 -14.95 -71.20 -79.75
C VAL Y 45 -13.81 -70.63 -78.91
N MET Y 46 -14.08 -69.52 -78.21
CA MET Y 46 -13.05 -68.88 -77.41
C MET Y 46 -12.61 -69.77 -76.25
N LYS Y 47 -13.56 -70.41 -75.57
CA LYS Y 47 -13.22 -71.18 -74.38
C LYS Y 47 -12.54 -72.50 -74.76
N ALA Y 48 -12.99 -73.12 -75.86
CA ALA Y 48 -12.36 -74.37 -76.29
C ALA Y 48 -10.90 -74.15 -76.66
N MET Y 49 -10.60 -73.04 -77.34
CA MET Y 49 -9.23 -72.74 -77.69
C MET Y 49 -8.41 -72.26 -76.50
N GLN Y 50 -9.08 -71.66 -75.50
CA GLN Y 50 -8.39 -71.28 -74.27
C GLN Y 50 -7.85 -72.51 -73.54
N SER Y 51 -8.66 -73.57 -73.47
CA SER Y 51 -8.20 -74.80 -72.83
C SER Y 51 -7.02 -75.40 -73.58
N LEU Y 52 -6.97 -75.23 -74.90
CA LEU Y 52 -5.84 -75.73 -75.67
C LEU Y 52 -4.58 -74.92 -75.38
N LYS Y 53 -4.72 -73.61 -75.17
CA LYS Y 53 -3.57 -72.78 -74.83
C LYS Y 53 -2.98 -73.20 -73.48
N SER Y 54 -3.85 -73.44 -72.49
CA SER Y 54 -3.38 -73.82 -71.17
C SER Y 54 -2.73 -75.20 -71.18
N ARG Y 55 -3.11 -76.06 -72.12
CA ARG Y 55 -2.53 -77.39 -72.22
C ARG Y 55 -1.41 -77.48 -73.24
N GLY Y 56 -1.03 -76.36 -73.86
CA GLY Y 56 0.09 -76.33 -74.77
C GLY Y 56 -0.19 -76.83 -76.18
N TYR Y 57 -1.45 -77.12 -76.50
CA TYR Y 57 -1.78 -77.59 -77.84
C TYR Y 57 -1.89 -76.46 -78.86
N VAL Y 58 -1.99 -75.20 -78.41
CA VAL Y 58 -2.09 -74.06 -79.31
C VAL Y 58 -1.35 -72.89 -78.67
N LYS Y 59 -0.78 -72.03 -79.52
CA LYS Y 59 -0.15 -70.81 -79.06
C LYS Y 59 -1.02 -69.63 -79.45
N GLU Y 60 -1.26 -68.73 -78.49
CA GLU Y 60 -2.24 -67.67 -78.64
C GLU Y 60 -1.55 -66.34 -78.88
N GLN Y 61 -2.00 -65.62 -79.92
CA GLN Y 61 -1.53 -64.28 -80.23
C GLN Y 61 -2.75 -63.41 -80.48
N PHE Y 62 -2.82 -62.26 -79.81
CA PHE Y 62 -3.99 -61.40 -79.85
C PHE Y 62 -3.69 -60.13 -80.63
N ALA Y 63 -4.57 -59.82 -81.58
CA ALA Y 63 -4.53 -58.58 -82.34
C ALA Y 63 -5.32 -57.51 -81.61
N TRP Y 64 -5.68 -56.44 -82.32
CA TRP Y 64 -6.55 -55.40 -81.76
C TRP Y 64 -7.77 -56.00 -81.07
N ARG Y 65 -8.60 -56.74 -81.82
CA ARG Y 65 -9.78 -57.35 -81.26
C ARG Y 65 -10.04 -58.75 -81.82
N HIS Y 66 -8.99 -59.49 -82.16
CA HIS Y 66 -9.17 -60.79 -82.79
C HIS Y 66 -8.07 -61.75 -82.37
N PHE Y 67 -8.45 -62.90 -81.83
CA PHE Y 67 -7.49 -63.96 -81.53
C PHE Y 67 -6.97 -64.58 -82.82
N TYR Y 68 -5.73 -65.06 -82.77
CA TYR Y 68 -5.01 -65.59 -83.92
C TYR Y 68 -4.31 -66.89 -83.55
N TRP Y 69 -5.06 -67.83 -82.98
CA TRP Y 69 -4.49 -69.08 -82.48
C TRP Y 69 -3.77 -69.85 -83.58
N TYR Y 70 -2.56 -70.32 -83.26
CA TYR Y 70 -1.73 -71.09 -84.17
C TYR Y 70 -1.52 -72.49 -83.61
N LEU Y 71 -1.88 -73.51 -84.40
CA LEU Y 71 -1.74 -74.88 -83.96
C LEU Y 71 -0.26 -75.26 -83.87
N THR Y 72 0.05 -76.11 -82.89
CA THR Y 72 1.40 -76.56 -82.64
C THR Y 72 1.53 -78.03 -83.04
N ASN Y 73 2.77 -78.51 -83.05
CA ASN Y 73 3.01 -79.94 -83.27
C ASN Y 73 2.41 -80.76 -82.16
N GLU Y 74 2.48 -80.28 -80.91
CA GLU Y 74 1.86 -80.99 -79.79
C GLU Y 74 0.36 -81.08 -79.96
N GLY Y 75 -0.26 -80.03 -80.51
CA GLY Y 75 -1.69 -80.08 -80.76
C GLY Y 75 -2.07 -80.98 -81.92
N ILE Y 76 -1.10 -81.40 -82.73
CA ILE Y 76 -1.41 -82.27 -83.86
C ILE Y 76 -1.84 -83.65 -83.37
N GLN Y 77 -1.07 -84.24 -82.46
CA GLN Y 77 -1.43 -85.59 -82.02
C GLN Y 77 -2.63 -85.58 -81.08
N TYR Y 78 -2.86 -84.48 -80.38
CA TYR Y 78 -4.05 -84.41 -79.53
C TYR Y 78 -5.32 -84.39 -80.36
N LEU Y 79 -5.30 -83.67 -81.48
CA LEU Y 79 -6.42 -83.76 -82.41
C LEU Y 79 -6.45 -85.12 -83.09
N ARG Y 80 -5.29 -85.74 -83.26
CA ARG Y 80 -5.20 -87.03 -83.94
C ARG Y 80 -5.90 -88.12 -83.14
N ASP Y 81 -5.68 -88.17 -81.83
CA ASP Y 81 -6.28 -89.22 -81.01
C ASP Y 81 -7.60 -88.80 -80.38
N TYR Y 82 -8.01 -87.54 -80.52
CA TYR Y 82 -9.35 -87.16 -80.08
C TYR Y 82 -10.39 -87.43 -81.15
N LEU Y 83 -10.03 -87.22 -82.42
CA LEU Y 83 -10.90 -87.55 -83.54
C LEU Y 83 -10.65 -88.95 -84.08
N HIS Y 84 -9.65 -89.66 -83.55
CA HIS Y 84 -9.31 -91.02 -83.93
C HIS Y 84 -9.06 -91.13 -85.44
N LEU Y 85 -8.03 -90.41 -85.88
CA LEU Y 85 -7.68 -90.34 -87.29
C LEU Y 85 -6.34 -91.03 -87.55
N PRO Y 86 -6.13 -91.55 -88.75
CA PRO Y 86 -4.82 -92.11 -89.09
C PRO Y 86 -3.77 -91.02 -89.18
N PRO Y 87 -2.48 -91.37 -89.02
CA PRO Y 87 -1.39 -90.39 -89.11
C PRO Y 87 -1.03 -90.00 -90.55
N GLU Y 88 -2.03 -89.70 -91.35
CA GLU Y 88 -1.88 -89.24 -92.72
C GLU Y 88 -2.62 -87.94 -92.98
N ILE Y 89 -3.77 -87.74 -92.35
CA ILE Y 89 -4.54 -86.51 -92.54
C ILE Y 89 -3.87 -85.39 -91.76
N VAL Y 90 -3.62 -84.28 -92.44
CA VAL Y 90 -2.89 -83.16 -91.85
C VAL Y 90 -3.63 -81.86 -92.16
N PRO Y 91 -3.42 -80.83 -91.34
CA PRO Y 91 -3.96 -79.51 -91.66
C PRO Y 91 -3.31 -78.93 -92.91
N ALA Y 92 -4.05 -78.02 -93.55
CA ALA Y 92 -3.57 -77.40 -94.79
C ALA Y 92 -2.30 -76.60 -94.56
N THR Y 93 -2.10 -76.07 -93.35
CA THR Y 93 -0.86 -75.37 -93.06
C THR Y 93 0.32 -76.33 -92.98
N LEU Y 94 0.08 -77.55 -92.51
CA LEU Y 94 1.15 -78.54 -92.37
C LEU Y 94 1.67 -78.98 -93.74
N ARG Y 95 0.76 -79.29 -94.67
CA ARG Y 95 1.14 -79.79 -95.97
C ARG Y 95 0.33 -79.08 -97.05
N ARG Y 96 0.96 -78.79 -98.18
CA ARG Y 96 0.29 -78.23 -99.33
C ARG Y 96 0.52 -79.15 -100.53
N SER Y 97 -0.47 -80.00 -100.82
CA SER Y 97 -0.50 -80.89 -101.98
C SER Y 97 0.69 -81.85 -102.04
N ARG Y 98 1.44 -82.00 -100.96
CA ARG Y 98 2.63 -82.85 -100.95
C ARG Y 98 2.71 -83.66 -99.66
N VAL Z 1 -16.10 -119.43 -79.15
CA VAL Z 1 -16.62 -118.29 -78.42
C VAL Z 1 -15.55 -117.20 -78.40
N MET Z 2 -14.30 -117.59 -78.65
CA MET Z 2 -13.21 -116.61 -78.67
C MET Z 2 -13.28 -115.70 -79.89
N ASP Z 3 -13.72 -116.23 -81.04
CA ASP Z 3 -13.89 -115.40 -82.22
C ASP Z 3 -14.97 -114.34 -82.00
N VAL Z 4 -16.07 -114.74 -81.34
CA VAL Z 4 -17.09 -113.76 -80.97
C VAL Z 4 -16.55 -112.80 -79.92
N ASN Z 5 -15.67 -113.28 -79.03
CA ASN Z 5 -15.15 -112.44 -77.96
C ASN Z 5 -14.34 -111.27 -78.50
N THR Z 6 -13.52 -111.51 -79.52
CA THR Z 6 -12.81 -110.44 -80.20
C THR Z 6 -13.69 -109.72 -81.21
N ALA Z 7 -14.91 -110.21 -81.45
CA ALA Z 7 -15.80 -109.60 -82.42
C ALA Z 7 -16.63 -108.48 -81.82
N LEU Z 8 -17.16 -108.66 -80.61
CA LEU Z 8 -17.88 -107.56 -79.98
C LEU Z 8 -16.93 -106.52 -79.42
N GLN Z 9 -15.67 -106.86 -79.21
CA GLN Z 9 -14.67 -105.87 -78.81
C GLN Z 9 -14.45 -104.86 -79.94
N GLU Z 10 -14.32 -105.33 -81.17
CA GLU Z 10 -14.10 -104.42 -82.29
C GLU Z 10 -15.39 -103.72 -82.70
N VAL Z 11 -16.56 -104.33 -82.44
CA VAL Z 11 -17.82 -103.65 -82.67
C VAL Z 11 -18.01 -102.52 -81.66
N LEU Z 12 -17.63 -102.77 -80.40
CA LEU Z 12 -17.63 -101.69 -79.41
C LEU Z 12 -16.58 -100.63 -79.77
N LYS Z 13 -15.51 -101.03 -80.46
CA LYS Z 13 -14.53 -100.06 -80.93
C LYS Z 13 -15.12 -99.18 -82.02
N THR Z 14 -15.76 -99.79 -83.02
CA THR Z 14 -16.36 -99.02 -84.11
C THR Z 14 -17.53 -98.18 -83.59
N ALA Z 15 -18.25 -98.68 -82.60
CA ALA Z 15 -19.27 -97.86 -81.94
C ALA Z 15 -18.65 -96.66 -81.26
N LEU Z 16 -17.48 -96.84 -80.64
CA LEU Z 16 -16.80 -95.73 -79.98
C LEU Z 16 -16.32 -94.69 -80.99
N ILE Z 17 -15.90 -95.14 -82.17
CA ILE Z 17 -15.46 -94.19 -83.21
C ILE Z 17 -16.63 -93.30 -83.64
N HIS Z 18 -17.81 -93.88 -83.76
CA HIS Z 18 -19.02 -93.12 -84.05
C HIS Z 18 -19.68 -92.71 -82.73
N ASP Z 19 -20.93 -92.25 -82.79
CA ASP Z 19 -21.58 -91.71 -81.61
C ASP Z 19 -22.85 -92.48 -81.25
N GLY Z 20 -22.77 -93.81 -81.25
CA GLY Z 20 -23.93 -94.62 -80.98
C GLY Z 20 -23.76 -95.63 -79.85
N LEU Z 21 -23.10 -95.23 -78.77
CA LEU Z 21 -22.85 -96.16 -77.66
C LEU Z 21 -24.13 -96.45 -76.90
N ALA Z 22 -24.90 -95.40 -76.58
CA ALA Z 22 -26.09 -95.50 -75.74
C ALA Z 22 -25.80 -96.15 -74.39
N ARG Z 23 -24.60 -95.90 -73.85
CA ARG Z 23 -24.23 -96.48 -72.56
C ARG Z 23 -25.01 -95.79 -71.45
N GLY Z 24 -25.74 -96.58 -70.68
CA GLY Z 24 -26.66 -96.04 -69.69
C GLY Z 24 -28.09 -96.39 -70.04
N ILE Z 25 -28.91 -96.56 -69.00
CA ILE Z 25 -30.29 -97.01 -69.20
C ILE Z 25 -31.10 -95.97 -69.97
N ARG Z 26 -30.91 -94.69 -69.64
CA ARG Z 26 -31.72 -93.63 -70.25
C ARG Z 26 -31.47 -93.54 -71.75
N GLU Z 27 -30.30 -93.94 -72.23
CA GLU Z 27 -30.00 -93.92 -73.66
C GLU Z 27 -30.22 -95.27 -74.32
N ALA Z 28 -29.94 -96.37 -73.62
CA ALA Z 28 -30.10 -97.69 -74.20
C ALA Z 28 -31.57 -98.04 -74.38
N ALA Z 29 -32.38 -97.80 -73.34
CA ALA Z 29 -33.82 -98.07 -73.45
C ALA Z 29 -34.50 -97.14 -74.43
N LYS Z 30 -34.02 -95.89 -74.53
CA LYS Z 30 -34.55 -94.96 -75.53
C LYS Z 30 -34.26 -95.45 -76.94
N ALA Z 31 -33.08 -96.02 -77.16
CA ALA Z 31 -32.73 -96.53 -78.47
C ALA Z 31 -33.60 -97.72 -78.85
N LEU Z 32 -33.97 -98.56 -77.88
CA LEU Z 32 -34.72 -99.77 -78.16
C LEU Z 32 -36.15 -99.46 -78.57
N ASP Z 33 -36.83 -98.60 -77.80
CA ASP Z 33 -38.23 -98.32 -78.09
C ASP Z 33 -38.41 -97.27 -79.19
N LYS Z 34 -37.33 -96.67 -79.67
CA LYS Z 34 -37.36 -95.92 -80.92
C LYS Z 34 -37.07 -96.80 -82.13
N ARG Z 35 -36.69 -98.06 -81.91
CA ARG Z 35 -36.40 -99.05 -82.93
C ARG Z 35 -35.19 -98.70 -83.79
N GLN Z 36 -34.44 -97.67 -83.42
CA GLN Z 36 -33.23 -97.30 -84.15
C GLN Z 36 -31.99 -97.95 -83.53
N ALA Z 37 -32.03 -99.27 -83.38
CA ALA Z 37 -30.96 -100.02 -82.73
C ALA Z 37 -30.55 -101.19 -83.60
N HIS Z 38 -29.43 -101.78 -83.25
CA HIS Z 38 -28.89 -102.95 -83.95
C HIS Z 38 -28.60 -104.11 -83.03
N LEU Z 39 -28.10 -103.84 -81.81
CA LEU Z 39 -27.64 -104.90 -80.92
C LEU Z 39 -27.55 -104.33 -79.51
N CYS Z 40 -27.68 -105.22 -78.52
CA CYS Z 40 -27.57 -104.84 -77.12
C CYS Z 40 -26.62 -105.80 -76.40
N VAL Z 41 -25.78 -105.24 -75.53
CA VAL Z 41 -24.88 -106.00 -74.68
C VAL Z 41 -25.24 -105.70 -73.23
N LEU Z 42 -25.45 -106.76 -72.45
CA LEU Z 42 -25.91 -106.64 -71.07
C LEU Z 42 -24.94 -107.34 -70.13
N ALA Z 43 -24.66 -106.70 -68.99
CA ALA Z 43 -23.78 -107.31 -68.00
C ALA Z 43 -24.49 -108.45 -67.28
N SER Z 44 -23.84 -109.61 -67.24
CA SER Z 44 -24.42 -110.77 -66.57
C SER Z 44 -24.33 -110.63 -65.04
N ASN Z 45 -23.22 -110.12 -64.54
CA ASN Z 45 -23.02 -109.98 -63.09
C ASN Z 45 -23.64 -108.66 -62.66
N CYS Z 46 -24.94 -108.69 -62.37
CA CYS Z 46 -25.65 -107.54 -61.84
C CYS Z 46 -26.49 -108.00 -60.66
N ASP Z 47 -26.32 -107.34 -59.51
CA ASP Z 47 -26.97 -107.79 -58.28
C ASP Z 47 -28.42 -107.36 -58.15
N GLU Z 48 -28.90 -106.49 -59.04
CA GLU Z 48 -30.29 -106.06 -58.99
C GLU Z 48 -31.08 -106.77 -60.07
N PRO Z 49 -32.01 -107.67 -59.72
CA PRO Z 49 -32.73 -108.45 -60.74
C PRO Z 49 -33.60 -107.61 -61.65
N MET Z 50 -34.20 -106.53 -61.15
CA MET Z 50 -35.07 -105.72 -61.99
C MET Z 50 -34.30 -105.01 -63.11
N TYR Z 51 -32.98 -104.88 -62.95
CA TYR Z 51 -32.17 -104.26 -63.98
C TYR Z 51 -32.12 -105.14 -65.22
N VAL Z 52 -31.60 -106.36 -65.08
CA VAL Z 52 -31.49 -107.28 -66.22
C VAL Z 52 -32.87 -107.71 -66.70
N LYS Z 53 -33.86 -107.71 -65.81
CA LYS Z 53 -35.22 -108.04 -66.23
C LYS Z 53 -35.76 -107.01 -67.21
N LEU Z 54 -35.50 -105.73 -66.94
CA LEU Z 54 -35.94 -104.67 -67.85
C LEU Z 54 -35.19 -104.73 -69.17
N VAL Z 55 -33.90 -105.08 -69.13
CA VAL Z 55 -33.11 -105.15 -70.35
C VAL Z 55 -33.56 -106.31 -71.23
N GLU Z 56 -33.79 -107.47 -70.62
CA GLU Z 56 -34.17 -108.65 -71.39
C GLU Z 56 -35.57 -108.50 -71.96
N ALA Z 57 -36.48 -107.85 -71.22
CA ALA Z 57 -37.84 -107.70 -71.70
C ALA Z 57 -37.89 -106.79 -72.92
N LEU Z 58 -37.25 -105.62 -72.85
CA LEU Z 58 -37.27 -104.68 -73.96
C LEU Z 58 -36.53 -105.23 -75.18
N CYS Z 59 -35.47 -105.99 -74.96
CA CYS Z 59 -34.69 -106.57 -76.05
C CYS Z 59 -35.33 -107.83 -76.63
N ALA Z 60 -36.37 -108.37 -75.98
CA ALA Z 60 -37.10 -109.51 -76.51
C ALA Z 60 -38.41 -109.14 -77.18
N GLU Z 61 -39.07 -108.08 -76.70
CA GLU Z 61 -40.29 -107.60 -77.35
C GLU Z 61 -40.00 -107.14 -78.78
N HIS Z 62 -38.88 -106.44 -78.97
CA HIS Z 62 -38.37 -106.16 -80.30
C HIS Z 62 -37.31 -107.18 -80.64
N GLN Z 63 -37.15 -107.43 -81.95
CA GLN Z 63 -36.24 -108.47 -82.45
C GLN Z 63 -34.81 -107.92 -82.51
N ILE Z 64 -34.21 -107.79 -81.33
CA ILE Z 64 -32.87 -107.22 -81.17
C ILE Z 64 -31.99 -108.26 -80.49
N ASN Z 65 -30.74 -108.34 -80.95
CA ASN Z 65 -29.79 -109.29 -80.37
C ASN Z 65 -29.50 -108.95 -78.92
N LEU Z 66 -29.44 -109.98 -78.08
CA LEU Z 66 -29.10 -109.84 -76.66
C LEU Z 66 -27.85 -110.67 -76.39
N ILE Z 67 -26.72 -110.00 -76.20
CA ILE Z 67 -25.45 -110.64 -75.92
C ILE Z 67 -25.04 -110.31 -74.50
N LYS Z 68 -24.61 -111.31 -73.74
CA LYS Z 68 -24.26 -111.16 -72.34
C LYS Z 68 -22.75 -111.07 -72.19
N VAL Z 69 -22.28 -110.01 -71.56
CA VAL Z 69 -20.88 -109.84 -71.21
C VAL Z 69 -20.71 -110.30 -69.77
N ASP Z 70 -19.47 -110.66 -69.40
CA ASP Z 70 -19.25 -111.34 -68.13
C ASP Z 70 -19.44 -110.42 -66.92
N ASP Z 71 -19.16 -109.13 -67.06
CA ASP Z 71 -19.17 -108.26 -65.89
C ASP Z 71 -19.49 -106.84 -66.31
N ASN Z 72 -19.92 -106.03 -65.32
CA ASN Z 72 -20.16 -104.61 -65.56
C ASN Z 72 -18.84 -103.85 -65.69
N LYS Z 73 -17.83 -104.22 -64.89
CA LYS Z 73 -16.55 -103.54 -64.96
C LYS Z 73 -15.84 -103.83 -66.28
N LYS Z 74 -15.90 -105.07 -66.74
CA LYS Z 74 -15.29 -105.42 -68.03
C LYS Z 74 -16.00 -104.70 -69.18
N LEU Z 75 -17.33 -104.59 -69.10
CA LEU Z 75 -18.07 -103.86 -70.12
C LEU Z 75 -17.70 -102.38 -70.09
N GLY Z 76 -17.50 -101.81 -68.90
CA GLY Z 76 -17.06 -100.43 -68.81
C GLY Z 76 -15.70 -100.21 -69.41
N GLU Z 77 -14.81 -101.21 -69.31
CA GLU Z 77 -13.50 -101.11 -69.94
C GLU Z 77 -13.63 -101.12 -71.46
N TRP Z 78 -14.44 -102.03 -72.00
CA TRP Z 78 -14.53 -102.19 -73.45
C TRP Z 78 -15.34 -101.09 -74.11
N VAL Z 79 -16.31 -100.51 -73.40
CA VAL Z 79 -17.17 -99.49 -73.99
C VAL Z 79 -16.45 -98.16 -74.20
N GLY Z 80 -15.29 -97.97 -73.56
CA GLY Z 80 -14.58 -96.71 -73.65
C GLY Z 80 -14.86 -95.73 -72.54
N LEU Z 81 -15.45 -96.20 -71.43
CA LEU Z 81 -15.67 -95.34 -70.27
C LEU Z 81 -14.49 -95.41 -69.30
N CYS Z 82 -13.29 -95.19 -69.83
CA CYS Z 82 -12.07 -95.21 -69.03
C CYS Z 82 -11.19 -94.03 -69.43
N LYS Z 83 -10.13 -93.82 -68.65
CA LYS Z 83 -9.24 -92.70 -68.90
C LYS Z 83 -8.40 -92.90 -70.15
N ILE Z 84 -8.25 -94.15 -70.60
CA ILE Z 84 -7.42 -94.50 -71.75
C ILE Z 84 -6.00 -93.99 -71.50
N ASP Z 85 -5.43 -94.40 -70.38
CA ASP Z 85 -4.09 -94.00 -69.95
C ASP Z 85 -3.26 -95.23 -69.61
N ARG Z 86 -3.26 -96.19 -70.55
CA ARG Z 86 -2.67 -97.51 -70.31
C ARG Z 86 -1.22 -97.44 -69.88
N GLU Z 87 -0.49 -96.42 -70.34
CA GLU Z 87 0.94 -96.35 -70.03
C GLU Z 87 1.21 -95.97 -68.58
N GLY Z 88 0.36 -95.15 -67.97
CA GLY Z 88 0.66 -94.64 -66.64
C GLY Z 88 -0.40 -94.85 -65.58
N LYS Z 89 -1.50 -95.53 -65.94
CA LYS Z 89 -2.58 -95.76 -65.00
C LYS Z 89 -3.41 -96.93 -65.50
N PRO Z 90 -3.91 -97.77 -64.59
CA PRO Z 90 -4.92 -98.76 -64.97
C PRO Z 90 -6.27 -98.17 -65.34
N ARG Z 91 -6.43 -96.85 -65.30
CA ARG Z 91 -7.62 -96.14 -65.76
C ARG Z 91 -8.86 -96.63 -65.00
N LYS Z 92 -8.89 -96.29 -63.71
CA LYS Z 92 -9.98 -96.66 -62.82
C LYS Z 92 -11.32 -96.35 -63.47
N VAL Z 93 -12.10 -97.40 -63.73
CA VAL Z 93 -13.15 -97.37 -64.74
C VAL Z 93 -14.50 -97.61 -64.09
N VAL Z 94 -15.49 -96.83 -64.50
CA VAL Z 94 -16.87 -97.04 -64.08
C VAL Z 94 -17.42 -98.28 -64.79
N GLY Z 95 -18.30 -99.00 -64.09
CA GLY Z 95 -18.83 -100.23 -64.63
C GLY Z 95 -20.14 -100.06 -65.38
N CYS Z 96 -20.08 -99.97 -66.70
CA CYS Z 96 -21.27 -99.91 -67.52
C CYS Z 96 -21.92 -101.29 -67.60
N SER Z 97 -23.26 -101.32 -67.61
CA SER Z 97 -23.98 -102.58 -67.62
C SER Z 97 -25.06 -102.66 -68.69
N CYS Z 98 -25.09 -101.72 -69.63
CA CYS Z 98 -25.97 -101.84 -70.80
C CYS Z 98 -25.43 -100.95 -71.90
N VAL Z 99 -25.20 -101.54 -73.08
CA VAL Z 99 -24.71 -100.82 -74.25
C VAL Z 99 -25.56 -101.22 -75.44
N VAL Z 100 -26.06 -100.24 -76.18
CA VAL Z 100 -26.81 -100.48 -77.41
C VAL Z 100 -25.97 -99.95 -78.56
N VAL Z 101 -25.42 -100.85 -79.36
CA VAL Z 101 -24.63 -100.46 -80.52
C VAL Z 101 -25.58 -100.14 -81.66
N LYS Z 102 -25.97 -98.87 -81.76
CA LYS Z 102 -26.99 -98.43 -82.71
C LYS Z 102 -26.41 -97.70 -83.91
N ASP Z 103 -25.09 -97.65 -84.05
CA ASP Z 103 -24.48 -96.93 -85.18
C ASP Z 103 -24.21 -97.85 -86.36
N TYR Z 104 -23.37 -98.87 -86.15
CA TYR Z 104 -22.92 -99.79 -87.21
C TYR Z 104 -22.33 -99.00 -88.38
N GLY Z 105 -21.56 -97.96 -88.06
CA GLY Z 105 -21.03 -97.10 -89.12
C GLY Z 105 -20.01 -97.80 -89.99
N LYS Z 106 -19.11 -98.57 -89.39
CA LYS Z 106 -18.08 -99.28 -90.12
C LYS Z 106 -18.06 -100.74 -89.66
N GLU Z 107 -17.96 -101.65 -90.62
CA GLU Z 107 -18.00 -103.09 -90.36
C GLU Z 107 -16.75 -103.74 -90.92
N SER Z 108 -15.95 -104.35 -90.03
CA SER Z 108 -14.80 -105.15 -90.43
C SER Z 108 -14.95 -106.60 -90.03
N GLN Z 109 -15.20 -106.88 -88.74
CA GLN Z 109 -15.53 -108.21 -88.26
C GLN Z 109 -16.97 -108.30 -87.78
N ALA Z 110 -17.78 -107.27 -88.04
CA ALA Z 110 -19.18 -107.29 -87.66
C ALA Z 110 -19.96 -108.35 -88.42
N LYS Z 111 -19.41 -108.88 -89.51
CA LYS Z 111 -20.03 -109.99 -90.20
C LYS Z 111 -20.11 -111.21 -89.28
N ASP Z 112 -19.06 -111.47 -88.51
CA ASP Z 112 -19.11 -112.55 -87.53
C ASP Z 112 -20.16 -112.29 -86.46
N VAL Z 113 -20.31 -111.03 -86.05
CA VAL Z 113 -21.31 -110.69 -85.04
C VAL Z 113 -22.72 -110.97 -85.57
N ILE Z 114 -23.01 -110.55 -86.80
CA ILE Z 114 -24.33 -110.78 -87.37
C ILE Z 114 -24.55 -112.26 -87.62
N GLU Z 115 -23.50 -112.99 -88.00
CA GLU Z 115 -23.61 -114.43 -88.18
C GLU Z 115 -23.94 -115.12 -86.86
N GLU Z 116 -23.34 -114.67 -85.76
CA GLU Z 116 -23.68 -115.21 -84.45
C GLU Z 116 -25.11 -114.88 -84.07
N TYR Z 117 -25.61 -113.72 -84.50
CA TYR Z 117 -27.02 -113.40 -84.32
C TYR Z 117 -27.91 -114.39 -85.07
N PHE Z 118 -27.51 -114.75 -86.29
CA PHE Z 118 -28.26 -115.74 -87.04
C PHE Z 118 -28.28 -117.09 -86.31
N LYS Z 119 -27.12 -117.52 -85.80
CA LYS Z 119 -27.05 -118.79 -85.09
C LYS Z 119 -27.90 -118.77 -83.82
N CYS Z 120 -27.88 -117.67 -83.09
CA CYS Z 120 -28.64 -117.58 -81.85
C CYS Z 120 -30.14 -117.67 -82.11
N LYS Z 121 -30.61 -117.05 -83.19
CA LYS Z 121 -32.04 -117.06 -83.50
C LYS Z 121 -32.50 -118.36 -84.15
N LYS Z 122 -31.57 -119.23 -84.57
CA LYS Z 122 -31.94 -120.49 -85.19
C LYS Z 122 -32.58 -121.43 -84.16
N THR AA 1 -64.62 -37.51 -64.45
CA THR AA 1 -64.74 -36.56 -65.55
C THR AA 1 -63.36 -36.24 -66.14
N TYR AA 2 -62.91 -37.08 -67.06
CA TYR AA 2 -61.62 -36.87 -67.70
C TYR AA 2 -61.72 -35.88 -68.85
N ARG AA 3 -62.52 -36.20 -69.86
CA ARG AA 3 -62.79 -35.32 -70.98
C ARG AA 3 -64.28 -35.16 -71.16
N GLY AA 4 -64.98 -34.90 -70.06
CA GLY AA 4 -66.43 -34.90 -70.05
C GLY AA 4 -67.04 -36.27 -69.87
N VAL AA 5 -66.22 -37.29 -69.65
CA VAL AA 5 -66.68 -38.66 -69.48
C VAL AA 5 -66.31 -39.13 -68.08
N ASP AA 6 -67.29 -39.67 -67.37
CA ASP AA 6 -67.07 -40.14 -66.01
C ASP AA 6 -66.47 -41.55 -66.03
N LEU AA 7 -66.14 -42.05 -64.84
CA LEU AA 7 -65.55 -43.37 -64.70
C LEU AA 7 -66.54 -44.50 -64.98
N ASP AA 8 -67.82 -44.19 -65.12
CA ASP AA 8 -68.83 -45.23 -65.31
C ASP AA 8 -68.60 -46.00 -66.60
N GLN AA 9 -68.29 -45.31 -67.69
CA GLN AA 9 -68.01 -45.95 -68.97
C GLN AA 9 -66.55 -45.86 -69.38
N LEU AA 10 -65.68 -45.39 -68.49
CA LEU AA 10 -64.25 -45.40 -68.77
C LEU AA 10 -63.59 -46.72 -68.45
N LEU AA 11 -64.33 -47.67 -67.88
CA LEU AA 11 -63.77 -48.99 -67.60
C LEU AA 11 -64.02 -49.98 -68.74
N ASP AA 12 -65.20 -49.92 -69.36
CA ASP AA 12 -65.50 -50.73 -70.53
C ASP AA 12 -65.14 -50.02 -71.83
N MET AA 13 -64.21 -49.08 -71.78
CA MET AA 13 -63.79 -48.32 -72.93
C MET AA 13 -62.49 -48.90 -73.47
N SER AA 14 -62.49 -49.30 -74.73
CA SER AA 14 -61.35 -50.00 -75.30
C SER AA 14 -60.20 -49.04 -75.55
N TYR AA 15 -59.02 -49.61 -75.82
CA TYR AA 15 -57.81 -48.81 -75.96
C TYR AA 15 -57.88 -47.87 -77.16
N GLU AA 16 -58.43 -48.36 -78.28
CA GLU AA 16 -58.40 -47.61 -79.54
C GLU AA 16 -59.16 -46.29 -79.44
N GLN AA 17 -60.16 -46.21 -78.56
CA GLN AA 17 -60.89 -44.98 -78.34
C GLN AA 17 -60.41 -44.22 -77.11
N LEU AA 18 -59.75 -44.91 -76.17
CA LEU AA 18 -59.11 -44.20 -75.06
C LEU AA 18 -57.99 -43.29 -75.55
N MET AA 19 -57.37 -43.63 -76.68
CA MET AA 19 -56.31 -42.80 -77.23
C MET AA 19 -56.83 -41.41 -77.61
N GLN AA 20 -58.03 -41.36 -78.19
CA GLN AA 20 -58.63 -40.06 -78.53
C GLN AA 20 -58.88 -39.21 -77.29
N LEU AA 21 -58.91 -39.82 -76.11
CA LEU AA 21 -59.11 -39.10 -74.86
C LEU AA 21 -57.80 -38.71 -74.19
N TYR AA 22 -56.74 -39.47 -74.40
CA TYR AA 22 -55.47 -39.22 -73.73
C TYR AA 22 -54.74 -38.04 -74.38
N SER AA 23 -53.69 -37.58 -73.69
CA SER AA 23 -52.83 -36.56 -74.24
C SER AA 23 -51.87 -37.20 -75.26
N ALA AA 24 -51.09 -36.35 -75.93
CA ALA AA 24 -50.30 -36.79 -77.08
C ALA AA 24 -49.26 -37.84 -76.69
N ARG AA 25 -48.61 -37.66 -75.53
CA ARG AA 25 -47.60 -38.62 -75.10
C ARG AA 25 -48.21 -40.00 -74.85
N GLN AA 26 -49.40 -40.04 -74.23
CA GLN AA 26 -50.04 -41.32 -74.00
C GLN AA 26 -50.62 -41.90 -75.28
N ARG AA 27 -50.95 -41.05 -76.25
CA ARG AA 27 -51.46 -41.54 -77.53
C ARG AA 27 -50.38 -42.33 -78.28
N ARG AA 28 -49.17 -41.78 -78.34
CA ARG AA 28 -48.07 -42.49 -78.98
C ARG AA 28 -47.63 -43.68 -78.13
N ARG AA 29 -47.81 -43.59 -76.82
CA ARG AA 29 -47.47 -44.70 -75.93
C ARG AA 29 -48.36 -45.90 -76.20
N LEU AA 30 -49.65 -45.67 -76.45
CA LEU AA 30 -50.57 -46.76 -76.76
C LEU AA 30 -50.52 -47.15 -78.22
N ASN AA 31 -50.26 -46.20 -79.12
CA ASN AA 31 -50.13 -46.51 -80.54
C ASN AA 31 -48.94 -47.44 -80.78
N ARG AA 32 -47.81 -47.12 -80.17
CA ARG AA 32 -46.72 -48.08 -80.13
C ARG AA 32 -47.08 -49.22 -79.19
N GLY AA 33 -46.42 -50.35 -79.39
CA GLY AA 33 -46.76 -51.56 -78.66
C GLY AA 33 -46.61 -51.47 -77.16
N LEU AA 34 -47.65 -51.86 -76.43
CA LEU AA 34 -47.55 -52.02 -74.99
C LEU AA 34 -46.86 -53.34 -74.71
N ARG AA 35 -45.72 -53.29 -74.02
CA ARG AA 35 -44.83 -54.43 -73.97
C ARG AA 35 -45.35 -55.50 -73.01
N ARG AA 36 -44.65 -56.64 -73.02
CA ARG AA 36 -45.09 -57.81 -72.28
C ARG AA 36 -45.08 -57.57 -70.78
N LYS AA 37 -44.03 -56.91 -70.26
CA LYS AA 37 -43.94 -56.66 -68.84
C LYS AA 37 -45.01 -55.68 -68.37
N GLN AA 38 -45.42 -54.75 -69.24
CA GLN AA 38 -46.51 -53.84 -68.91
C GLN AA 38 -47.83 -54.58 -68.83
N HIS AA 39 -48.07 -55.52 -69.74
CA HIS AA 39 -49.32 -56.28 -69.71
C HIS AA 39 -49.36 -57.21 -68.51
N SER AA 40 -48.20 -57.73 -68.09
CA SER AA 40 -48.16 -58.57 -66.89
C SER AA 40 -48.55 -57.77 -65.65
N LEU AA 41 -48.22 -56.48 -65.62
CA LEU AA 41 -48.66 -55.63 -64.53
C LEU AA 41 -50.17 -55.46 -64.55
N LEU AA 42 -50.76 -55.28 -65.73
CA LEU AA 42 -52.21 -55.14 -65.84
C LEU AA 42 -52.92 -56.42 -65.43
N LYS AA 43 -52.39 -57.58 -65.85
CA LYS AA 43 -52.97 -58.85 -65.42
C LYS AA 43 -52.86 -59.03 -63.92
N ARG AA 44 -51.73 -58.65 -63.34
CA ARG AA 44 -51.54 -58.75 -61.90
C ARG AA 44 -52.49 -57.83 -61.15
N LEU AA 45 -52.74 -56.63 -61.70
CA LEU AA 45 -53.69 -55.72 -61.06
C LEU AA 45 -55.12 -56.23 -61.20
N ARG AA 46 -55.42 -56.92 -62.30
CA ARG AA 46 -56.69 -57.62 -62.41
C ARG AA 46 -56.81 -58.71 -61.34
N LYS AA 47 -55.69 -59.38 -61.05
CA LYS AA 47 -55.68 -60.39 -60.00
C LYS AA 47 -55.96 -59.77 -58.63
N ALA AA 48 -55.35 -58.63 -58.35
CA ALA AA 48 -55.55 -57.98 -57.06
C ALA AA 48 -56.98 -57.47 -56.90
N LYS AA 49 -57.71 -57.31 -58.00
CA LYS AA 49 -59.08 -56.83 -57.94
C LYS AA 49 -60.09 -57.98 -57.94
N LYS AA 50 -59.75 -59.11 -58.57
CA LYS AA 50 -60.75 -60.15 -58.79
C LYS AA 50 -61.05 -60.93 -57.52
N GLU AA 51 -60.07 -61.07 -56.61
CA GLU AA 51 -60.34 -61.66 -55.30
C GLU AA 51 -60.36 -60.60 -54.19
N ALA AA 52 -60.50 -59.34 -54.54
CA ALA AA 52 -60.55 -58.28 -53.53
C ALA AA 52 -61.87 -58.36 -52.77
N PRO AA 53 -61.86 -58.51 -51.46
CA PRO AA 53 -63.11 -58.55 -50.71
C PRO AA 53 -63.81 -57.21 -50.74
N PRO AA 54 -65.13 -57.18 -50.61
CA PRO AA 54 -65.86 -55.91 -50.65
C PRO AA 54 -65.47 -54.99 -49.50
N MET AA 55 -65.43 -53.69 -49.80
CA MET AA 55 -65.11 -52.65 -48.83
C MET AA 55 -63.73 -52.88 -48.19
N GLU AA 56 -62.81 -53.41 -48.98
CA GLU AA 56 -61.43 -53.64 -48.53
C GLU AA 56 -60.49 -53.24 -49.64
N LYS AA 57 -59.48 -52.43 -49.31
CA LYS AA 57 -58.53 -51.99 -50.31
C LYS AA 57 -57.71 -53.17 -50.81
N PRO AA 58 -57.34 -53.19 -52.09
CA PRO AA 58 -56.60 -54.33 -52.63
C PRO AA 58 -55.19 -54.40 -52.05
N GLU AA 59 -54.64 -55.61 -52.09
CA GLU AA 59 -53.28 -55.83 -51.63
C GLU AA 59 -52.29 -55.13 -52.55
N VAL AA 60 -51.16 -54.72 -51.98
CA VAL AA 60 -50.17 -53.94 -52.71
C VAL AA 60 -49.48 -54.82 -53.75
N VAL AA 61 -49.34 -54.28 -54.96
CA VAL AA 61 -48.67 -54.96 -56.06
C VAL AA 61 -47.47 -54.13 -56.46
N LYS AA 62 -46.28 -54.66 -56.27
CA LYS AA 62 -45.05 -53.91 -56.46
C LYS AA 62 -44.54 -54.05 -57.89
N THR AA 63 -43.71 -53.09 -58.31
CA THR AA 63 -43.17 -53.07 -59.66
C THR AA 63 -42.00 -52.10 -59.73
N HIS AA 64 -41.01 -52.44 -60.56
CA HIS AA 64 -39.98 -51.47 -60.89
C HIS AA 64 -40.42 -50.52 -61.99
N LEU AA 65 -41.16 -51.04 -62.98
CA LEU AA 65 -41.47 -50.26 -64.17
C LEU AA 65 -42.38 -49.09 -63.81
N ARG AA 66 -41.84 -47.88 -63.93
CA ARG AA 66 -42.53 -46.67 -63.53
C ARG AA 66 -42.93 -45.82 -64.73
N ASP AA 67 -42.75 -46.33 -65.94
CA ASP AA 67 -43.21 -45.68 -67.15
C ASP AA 67 -44.59 -46.17 -67.58
N MET AA 68 -45.22 -47.02 -66.79
CA MET AA 68 -46.57 -47.47 -67.09
C MET AA 68 -47.55 -46.30 -66.95
N ILE AA 69 -48.29 -46.03 -68.02
CA ILE AA 69 -49.31 -45.00 -67.96
C ILE AA 69 -50.49 -45.52 -67.13
N ILE AA 70 -51.09 -44.64 -66.34
CA ILE AA 70 -52.16 -45.04 -65.45
C ILE AA 70 -53.44 -45.20 -66.27
N LEU AA 71 -53.93 -46.42 -66.34
CA LEU AA 71 -55.18 -46.71 -67.03
C LEU AA 71 -56.37 -46.55 -66.09
N PRO AA 72 -57.53 -46.17 -66.63
CA PRO AA 72 -58.72 -46.05 -65.78
C PRO AA 72 -59.13 -47.34 -65.10
N GLU AA 73 -58.87 -48.49 -65.74
CA GLU AA 73 -59.19 -49.77 -65.11
C GLU AA 73 -58.27 -50.08 -63.94
N MET AA 74 -57.14 -49.40 -63.82
CA MET AA 74 -56.23 -49.59 -62.70
C MET AA 74 -56.62 -48.76 -61.47
N VAL AA 75 -57.69 -47.98 -61.57
CA VAL AA 75 -58.10 -47.10 -60.48
C VAL AA 75 -58.66 -47.94 -59.34
N GLY AA 76 -58.24 -47.63 -58.11
CA GLY AA 76 -58.66 -48.33 -56.93
C GLY AA 76 -57.63 -49.28 -56.36
N SER AA 77 -56.61 -49.63 -57.14
CA SER AA 77 -55.60 -50.56 -56.67
C SER AA 77 -54.51 -49.84 -55.88
N MET AA 78 -53.83 -50.60 -55.04
CA MET AA 78 -52.67 -50.13 -54.29
C MET AA 78 -51.42 -50.73 -54.95
N VAL AA 79 -50.52 -49.87 -55.42
CA VAL AA 79 -49.37 -50.30 -56.20
C VAL AA 79 -48.11 -49.76 -55.54
N GLY AA 80 -47.15 -50.64 -55.30
CA GLY AA 80 -45.84 -50.23 -54.83
C GLY AA 80 -44.96 -49.87 -56.01
N VAL AA 81 -44.36 -48.68 -55.95
CA VAL AA 81 -43.58 -48.13 -57.06
C VAL AA 81 -42.15 -47.97 -56.58
N TYR AA 82 -41.20 -48.50 -57.36
CA TYR AA 82 -39.79 -48.40 -56.98
C TYR AA 82 -39.27 -47.01 -57.32
N ASN AA 83 -38.64 -46.38 -56.34
CA ASN AA 83 -37.97 -45.11 -56.53
C ASN AA 83 -36.45 -45.26 -56.64
N GLY AA 84 -35.96 -46.49 -56.72
CA GLY AA 84 -34.53 -46.73 -56.71
C GLY AA 84 -34.10 -47.48 -55.46
N LYS AA 85 -34.79 -47.23 -54.35
CA LYS AA 85 -34.47 -47.90 -53.09
C LYS AA 85 -35.61 -48.75 -52.57
N THR AA 86 -36.82 -48.19 -52.44
CA THR AA 86 -37.95 -48.85 -51.80
C THR AA 86 -39.15 -48.85 -52.74
N PHE AA 87 -40.21 -49.52 -52.29
CA PHE AA 87 -41.48 -49.59 -53.02
C PHE AA 87 -42.47 -48.68 -52.29
N ASN AA 88 -42.62 -47.45 -52.78
CA ASN AA 88 -43.53 -46.49 -52.16
C ASN AA 88 -44.97 -46.90 -52.38
N GLN AA 89 -45.78 -46.77 -51.34
CA GLN AA 89 -47.19 -47.11 -51.41
C GLN AA 89 -47.98 -45.94 -51.99
N VAL AA 90 -48.65 -46.17 -53.13
CA VAL AA 90 -49.48 -45.16 -53.76
C VAL AA 90 -50.81 -45.79 -54.13
N GLU AA 91 -51.86 -44.96 -54.09
CA GLU AA 91 -53.21 -45.38 -54.42
C GLU AA 91 -53.67 -44.61 -55.66
N ILE AA 92 -54.24 -45.33 -56.62
CA ILE AA 92 -54.65 -44.73 -57.89
C ILE AA 92 -56.07 -44.22 -57.70
N LYS AA 93 -56.19 -42.96 -57.28
CA LYS AA 93 -57.47 -42.29 -57.34
C LYS AA 93 -57.78 -41.96 -58.81
N PRO AA 94 -59.05 -41.84 -59.18
CA PRO AA 94 -59.39 -41.73 -60.61
C PRO AA 94 -59.05 -40.40 -61.26
N GLU AA 95 -58.32 -39.52 -60.59
CA GLU AA 95 -57.86 -38.27 -61.18
C GLU AA 95 -56.39 -38.33 -61.61
N MET AA 96 -55.81 -39.52 -61.62
CA MET AA 96 -54.41 -39.72 -61.97
C MET AA 96 -54.23 -40.39 -63.34
N ILE AA 97 -55.27 -40.40 -64.17
CA ILE AA 97 -55.25 -41.19 -65.39
C ILE AA 97 -54.21 -40.65 -66.36
N GLY AA 98 -54.20 -39.35 -66.58
CA GLY AA 98 -53.32 -38.76 -67.57
C GLY AA 98 -51.93 -38.43 -67.06
N HIS AA 99 -51.23 -39.43 -66.53
CA HIS AA 99 -49.92 -39.23 -65.94
C HIS AA 99 -49.14 -40.53 -66.06
N TYR AA 100 -48.03 -40.61 -65.32
CA TYR AA 100 -47.23 -41.82 -65.24
C TYR AA 100 -47.28 -42.38 -63.83
N LEU AA 101 -47.24 -43.70 -63.73
CA LEU AA 101 -47.31 -44.37 -62.43
C LEU AA 101 -46.11 -44.03 -61.57
N GLY AA 102 -44.96 -43.71 -62.19
CA GLY AA 102 -43.79 -43.33 -61.41
C GLY AA 102 -43.75 -41.88 -60.98
N GLU AA 103 -44.60 -41.04 -61.55
CA GLU AA 103 -44.62 -39.64 -61.17
C GLU AA 103 -45.09 -39.44 -59.72
N PHE AA 104 -45.74 -40.44 -59.16
CA PHE AA 104 -46.30 -40.37 -57.81
C PHE AA 104 -45.45 -41.11 -56.79
N SER AA 105 -44.23 -41.49 -57.16
CA SER AA 105 -43.22 -41.93 -56.21
C SER AA 105 -41.96 -41.12 -56.49
N ILE AA 106 -41.39 -40.52 -55.47
CA ILE AA 106 -40.29 -39.57 -55.65
C ILE AA 106 -38.96 -40.28 -55.44
N THR AA 107 -37.98 -39.91 -56.26
CA THR AA 107 -36.66 -40.53 -56.26
C THR AA 107 -35.68 -39.88 -55.29
N TYR AA 108 -35.99 -38.68 -54.81
CA TYR AA 108 -35.10 -37.94 -53.95
C TYR AA 108 -35.90 -37.36 -52.79
N LYS AA 109 -35.28 -37.27 -51.65
CA LYS AA 109 -36.02 -36.49 -50.68
C LYS AA 109 -35.63 -35.02 -50.78
N PRO AA 110 -36.56 -34.11 -50.50
CA PRO AA 110 -36.29 -32.68 -50.69
C PRO AA 110 -35.13 -32.20 -49.83
N VAL AA 111 -34.36 -31.27 -50.40
CA VAL AA 111 -33.14 -30.82 -49.75
C VAL AA 111 -33.47 -29.95 -48.56
N LYS AA 112 -32.79 -30.19 -47.44
CA LYS AA 112 -32.87 -29.37 -46.24
C LYS AA 112 -31.45 -28.88 -45.95
N HIS AA 113 -31.17 -27.64 -46.32
CA HIS AA 113 -29.81 -27.13 -46.25
C HIS AA 113 -29.34 -27.00 -44.80
N GLY AA 114 -28.07 -27.35 -44.59
CA GLY AA 114 -27.40 -27.11 -43.33
C GLY AA 114 -26.41 -25.96 -43.43
N ARG AA 115 -25.52 -25.90 -42.45
CA ARG AA 115 -24.48 -24.89 -42.48
C ARG AA 115 -23.48 -25.20 -43.59
N PRO AA 116 -23.21 -24.25 -44.49
CA PRO AA 116 -22.23 -24.51 -45.55
C PRO AA 116 -20.85 -24.80 -44.99
N GLY AA 117 -20.12 -25.66 -45.69
CA GLY AA 117 -18.79 -26.07 -45.26
C GLY AA 117 -17.72 -25.08 -45.63
N ILE AA 118 -16.53 -25.58 -46.01
CA ILE AA 118 -15.42 -24.71 -46.35
C ILE AA 118 -15.52 -24.11 -47.73
N GLY AA 119 -16.60 -24.39 -48.47
CA GLY AA 119 -16.79 -23.81 -49.77
C GLY AA 119 -17.11 -22.34 -49.71
N ALA AA 120 -17.06 -21.70 -50.88
CA ALA AA 120 -17.26 -20.26 -51.03
C ALA AA 120 -16.26 -19.47 -50.19
N THR AA 121 -14.98 -19.80 -50.38
CA THR AA 121 -13.85 -19.14 -49.70
C THR AA 121 -13.97 -19.21 -48.17
N SER BA 1 -18.33 -3.70 -141.80
CA SER BA 1 -19.78 -3.56 -141.68
C SER BA 1 -20.37 -4.59 -140.71
N LYS BA 2 -19.88 -5.83 -140.81
CA LYS BA 2 -20.33 -6.92 -139.95
C LYS BA 2 -19.14 -7.74 -139.47
N GLY BA 3 -18.06 -7.05 -139.07
CA GLY BA 3 -16.84 -7.72 -138.67
C GLY BA 3 -16.98 -8.46 -137.35
N PRO BA 4 -16.87 -9.78 -137.39
CA PRO BA 4 -17.00 -10.58 -136.17
C PRO BA 4 -15.69 -10.77 -135.43
N LEU BA 5 -15.73 -11.57 -134.36
CA LEU BA 5 -14.53 -11.98 -133.62
C LEU BA 5 -13.79 -10.78 -133.03
N GLN BA 6 -14.54 -9.79 -132.56
CA GLN BA 6 -13.98 -8.67 -131.80
C GLN BA 6 -14.56 -8.76 -130.40
N SER BA 7 -13.92 -9.57 -129.56
CA SER BA 7 -14.40 -9.88 -128.22
C SER BA 7 -13.22 -10.04 -127.28
N VAL BA 8 -13.32 -9.42 -126.10
CA VAL BA 8 -12.33 -9.58 -125.04
C VAL BA 8 -13.06 -9.91 -123.74
N GLN BA 9 -12.63 -10.97 -123.07
CA GLN BA 9 -13.21 -11.42 -121.81
C GLN BA 9 -12.20 -11.18 -120.70
N VAL BA 10 -12.51 -10.23 -119.82
CA VAL BA 10 -11.61 -9.85 -118.73
C VAL BA 10 -12.38 -9.91 -117.42
N PHE BA 11 -11.79 -10.54 -116.41
CA PHE BA 11 -12.43 -10.73 -115.11
C PHE BA 11 -11.73 -9.91 -114.03
N GLY BA 12 -12.49 -9.57 -113.00
CA GLY BA 12 -11.95 -8.91 -111.83
C GLY BA 12 -12.50 -9.54 -110.56
N ARG BA 13 -11.68 -9.65 -109.52
CA ARG BA 13 -12.05 -10.37 -108.31
C ARG BA 13 -11.78 -9.51 -107.08
N LYS BA 14 -12.61 -9.69 -106.05
CA LYS BA 14 -12.41 -9.00 -104.78
C LYS BA 14 -13.18 -9.76 -103.70
N LYS BA 15 -12.44 -10.29 -102.72
CA LYS BA 15 -13.01 -10.98 -101.56
C LYS BA 15 -13.91 -12.14 -101.99
N THR BA 16 -13.30 -13.08 -102.72
CA THR BA 16 -13.91 -14.34 -103.16
C THR BA 16 -15.00 -14.10 -104.21
N ALA BA 17 -15.29 -12.84 -104.52
CA ALA BA 17 -16.32 -12.49 -105.49
C ALA BA 17 -15.68 -12.32 -106.86
N THR BA 18 -16.00 -13.22 -107.79
CA THR BA 18 -15.50 -13.17 -109.14
C THR BA 18 -16.58 -12.64 -110.08
N ALA BA 19 -16.16 -11.81 -111.03
CA ALA BA 19 -17.05 -11.28 -112.06
C ALA BA 19 -16.28 -11.21 -113.36
N VAL BA 20 -16.88 -11.70 -114.45
CA VAL BA 20 -16.25 -11.74 -115.75
C VAL BA 20 -17.04 -10.85 -116.70
N ALA BA 21 -16.35 -9.95 -117.38
CA ALA BA 21 -16.95 -8.99 -118.29
C ALA BA 21 -16.66 -9.41 -119.73
N HIS BA 22 -17.71 -9.57 -120.52
CA HIS BA 22 -17.58 -9.91 -121.94
C HIS BA 22 -17.79 -8.63 -122.74
N CYS BA 23 -16.71 -8.08 -123.26
CA CYS BA 23 -16.74 -6.85 -124.04
C CYS BA 23 -16.76 -7.19 -125.53
N LYS BA 24 -17.57 -6.45 -126.28
CA LYS BA 24 -17.78 -6.69 -127.70
C LYS BA 24 -18.02 -5.35 -128.37
N ARG BA 25 -17.79 -5.31 -129.69
CA ARG BA 25 -18.06 -4.10 -130.46
C ARG BA 25 -19.56 -4.00 -130.71
N GLY BA 26 -20.20 -3.05 -130.04
CA GLY BA 26 -21.64 -2.88 -130.19
C GLY BA 26 -22.05 -1.52 -129.64
N ASN BA 27 -23.34 -1.25 -129.75
CA ASN BA 27 -23.87 0.02 -129.28
C ASN BA 27 -23.77 0.10 -127.75
N GLY BA 28 -24.02 1.30 -127.22
CA GLY BA 28 -23.95 1.52 -125.80
C GLY BA 28 -24.93 0.68 -125.02
N LEU BA 29 -24.41 -0.32 -124.31
CA LEU BA 29 -25.24 -1.26 -123.56
C LEU BA 29 -24.40 -1.88 -122.47
N ILE BA 30 -24.79 -1.68 -121.21
CA ILE BA 30 -24.08 -2.21 -120.06
C ILE BA 30 -25.07 -3.02 -119.24
N LYS BA 31 -24.79 -4.31 -119.07
CA LYS BA 31 -25.69 -5.21 -118.38
C LYS BA 31 -24.89 -6.24 -117.59
N VAL BA 32 -25.29 -6.48 -116.35
CA VAL BA 32 -24.68 -7.48 -115.49
C VAL BA 32 -25.79 -8.38 -114.94
N ASN BA 33 -25.56 -9.70 -115.00
CA ASN BA 33 -26.55 -10.71 -114.62
C ASN BA 33 -27.83 -10.58 -115.43
N GLY BA 34 -27.72 -10.09 -116.66
CA GLY BA 34 -28.88 -9.86 -117.50
C GLY BA 34 -29.70 -8.65 -117.14
N ARG BA 35 -29.33 -7.92 -116.11
CA ARG BA 35 -30.05 -6.74 -115.65
C ARG BA 35 -29.28 -5.47 -116.00
N PRO BA 36 -29.98 -4.34 -116.15
CA PRO BA 36 -29.28 -3.08 -116.37
C PRO BA 36 -28.46 -2.68 -115.15
N LEU BA 37 -27.42 -1.88 -115.41
CA LEU BA 37 -26.51 -1.47 -114.35
C LEU BA 37 -27.23 -0.71 -113.25
N GLU BA 38 -28.13 0.20 -113.64
CA GLU BA 38 -28.85 1.00 -112.65
C GLU BA 38 -29.84 0.15 -111.85
N MET BA 39 -30.41 -0.89 -112.47
CA MET BA 39 -31.38 -1.76 -111.79
C MET BA 39 -30.60 -2.83 -111.02
N ILE BA 40 -30.08 -2.41 -109.87
CA ILE BA 40 -29.22 -3.26 -109.05
C ILE BA 40 -29.62 -3.08 -107.58
N GLU BA 41 -29.36 -4.11 -106.77
CA GLU BA 41 -29.79 -4.09 -105.38
C GLU BA 41 -29.20 -2.96 -104.54
N PRO BA 42 -27.87 -2.68 -104.55
CA PRO BA 42 -27.38 -1.66 -103.61
C PRO BA 42 -27.47 -0.24 -104.18
N ARG BA 43 -28.68 0.32 -104.08
CA ARG BA 43 -28.92 1.67 -104.59
C ARG BA 43 -28.08 2.70 -103.85
N THR BA 44 -27.70 2.43 -102.60
CA THR BA 44 -26.82 3.33 -101.87
C THR BA 44 -25.43 3.34 -102.49
N LEU BA 45 -24.96 2.19 -102.97
CA LEU BA 45 -23.63 2.05 -103.53
C LEU BA 45 -23.62 2.09 -105.05
N GLN BA 46 -24.74 2.50 -105.67
CA GLN BA 46 -24.80 2.56 -107.12
C GLN BA 46 -23.82 3.59 -107.69
N TYR BA 47 -23.48 4.61 -106.91
CA TYR BA 47 -22.53 5.61 -107.40
C TYR BA 47 -21.13 5.03 -107.57
N LYS BA 48 -20.81 3.97 -106.82
CA LYS BA 48 -19.54 3.28 -107.04
C LYS BA 48 -19.51 2.63 -108.42
N LEU BA 49 -20.62 2.02 -108.84
CA LEU BA 49 -20.66 1.36 -110.14
C LEU BA 49 -20.75 2.37 -111.28
N LEU BA 50 -21.32 3.55 -111.02
CA LEU BA 50 -21.35 4.61 -112.02
C LEU BA 50 -20.05 5.39 -112.09
N GLU BA 51 -19.13 5.14 -111.17
CA GLU BA 51 -17.83 5.82 -111.22
C GLU BA 51 -17.02 5.51 -112.48
N PRO BA 52 -16.89 4.24 -112.93
CA PRO BA 52 -16.11 4.01 -114.16
C PRO BA 52 -16.65 4.74 -115.39
N VAL BA 53 -17.97 4.84 -115.55
CA VAL BA 53 -18.48 5.55 -116.72
C VAL BA 53 -18.35 7.06 -116.53
N LEU BA 54 -18.33 7.51 -115.27
CA LEU BA 54 -18.19 8.95 -115.01
C LEU BA 54 -16.77 9.43 -115.27
N LEU BA 55 -15.77 8.62 -114.90
CA LEU BA 55 -14.38 9.05 -115.03
C LEU BA 55 -13.88 9.04 -116.46
N LEU BA 56 -14.57 8.34 -117.36
CA LEU BA 56 -14.10 8.18 -118.73
C LEU BA 56 -15.05 8.71 -119.78
N GLY BA 57 -16.30 8.98 -119.44
CA GLY BA 57 -17.27 9.48 -120.39
C GLY BA 57 -17.95 8.35 -121.16
N LYS BA 58 -19.14 8.69 -121.71
CA LYS BA 58 -19.92 7.71 -122.43
C LYS BA 58 -19.44 7.50 -123.85
N GLU BA 59 -18.59 8.39 -124.37
CA GLU BA 59 -18.07 8.22 -125.72
C GLU BA 59 -17.18 7.00 -125.81
N ARG BA 60 -16.40 6.72 -124.77
CA ARG BA 60 -15.56 5.53 -124.75
C ARG BA 60 -16.40 4.26 -124.70
N PHE BA 61 -17.61 4.34 -124.14
CA PHE BA 61 -18.50 3.20 -124.05
C PHE BA 61 -19.49 3.10 -125.21
N ALA BA 62 -19.42 4.03 -126.17
CA ALA BA 62 -20.40 4.03 -127.27
C ALA BA 62 -20.23 2.82 -128.17
N GLY BA 63 -18.99 2.50 -128.54
CA GLY BA 63 -18.73 1.37 -129.42
C GLY BA 63 -18.42 0.11 -128.64
N VAL BA 64 -18.86 0.07 -127.39
CA VAL BA 64 -18.51 -1.01 -126.47
C VAL BA 64 -19.80 -1.57 -125.87
N ASP BA 65 -19.94 -2.89 -125.89
CA ASP BA 65 -21.06 -3.60 -125.30
C ASP BA 65 -20.52 -4.63 -124.33
N ILE BA 66 -20.87 -4.50 -123.05
CA ILE BA 66 -20.32 -5.33 -121.98
C ILE BA 66 -21.45 -6.13 -121.35
N ARG BA 67 -21.22 -7.43 -121.18
CA ARG BA 67 -22.14 -8.32 -120.48
C ARG BA 67 -21.37 -9.04 -119.38
N VAL BA 68 -21.71 -8.75 -118.13
CA VAL BA 68 -20.96 -9.21 -116.97
C VAL BA 68 -21.78 -10.27 -116.25
N ARG BA 69 -21.10 -11.27 -115.69
CA ARG BA 69 -21.72 -12.32 -114.89
C ARG BA 69 -21.00 -12.42 -113.56
N VAL BA 70 -21.77 -12.64 -112.49
CA VAL BA 70 -21.23 -12.78 -111.14
C VAL BA 70 -21.66 -14.14 -110.60
N LYS BA 71 -20.69 -14.93 -110.13
CA LYS BA 71 -20.95 -16.30 -109.69
C LYS BA 71 -20.21 -16.57 -108.37
N GLY BA 72 -20.36 -15.68 -107.40
CA GLY BA 72 -19.79 -15.92 -106.09
C GLY BA 72 -19.48 -14.64 -105.36
N GLY BA 73 -19.34 -14.76 -104.05
CA GLY BA 73 -18.94 -13.66 -103.20
C GLY BA 73 -20.03 -13.12 -102.31
N GLY BA 74 -19.99 -11.82 -102.04
CA GLY BA 74 -20.98 -11.17 -101.19
C GLY BA 74 -21.68 -10.02 -101.89
N HIS BA 75 -22.31 -9.14 -101.11
CA HIS BA 75 -23.08 -8.06 -101.70
C HIS BA 75 -22.18 -6.95 -102.24
N VAL BA 76 -21.38 -6.33 -101.38
CA VAL BA 76 -20.52 -5.24 -101.84
C VAL BA 76 -19.25 -5.76 -102.51
N ALA BA 77 -18.83 -6.99 -102.21
CA ALA BA 77 -17.72 -7.58 -102.94
C ALA BA 77 -18.12 -7.87 -104.38
N GLN BA 78 -19.42 -8.09 -104.62
CA GLN BA 78 -19.92 -8.14 -105.98
C GLN BA 78 -19.72 -6.80 -106.68
N ILE BA 79 -19.97 -5.70 -105.97
CA ILE BA 79 -19.81 -4.37 -106.56
C ILE BA 79 -18.34 -4.12 -106.91
N TYR BA 80 -17.44 -4.39 -105.96
CA TYR BA 80 -16.03 -4.10 -106.19
C TYR BA 80 -15.44 -5.01 -107.26
N ALA BA 81 -16.02 -6.19 -107.45
CA ALA BA 81 -15.58 -7.05 -108.54
C ALA BA 81 -16.00 -6.49 -109.89
N ILE BA 82 -17.26 -6.07 -110.00
CA ILE BA 82 -17.80 -5.62 -111.28
C ILE BA 82 -17.13 -4.32 -111.72
N ARG BA 83 -16.99 -3.37 -110.81
CA ARG BA 83 -16.44 -2.07 -111.18
C ARG BA 83 -14.98 -2.18 -111.63
N GLN BA 84 -14.25 -3.16 -111.10
CA GLN BA 84 -12.91 -3.44 -111.61
C GLN BA 84 -12.98 -4.19 -112.94
N SER BA 85 -13.97 -5.07 -113.09
CA SER BA 85 -14.08 -5.88 -114.30
C SER BA 85 -14.35 -5.02 -115.54
N ILE BA 86 -15.23 -4.02 -115.40
CA ILE BA 86 -15.62 -3.22 -116.55
C ILE BA 86 -14.43 -2.41 -117.06
N SER BA 87 -13.70 -1.77 -116.14
CA SER BA 87 -12.55 -0.96 -116.55
C SER BA 87 -11.43 -1.83 -117.10
N LYS BA 88 -11.19 -3.00 -116.50
CA LYS BA 88 -10.15 -3.89 -117.00
C LYS BA 88 -10.51 -4.44 -118.38
N ALA BA 89 -11.79 -4.71 -118.62
CA ALA BA 89 -12.22 -5.15 -119.94
C ALA BA 89 -12.07 -4.04 -120.96
N LEU BA 90 -12.33 -2.80 -120.55
CA LEU BA 90 -12.21 -1.68 -121.47
C LEU BA 90 -10.77 -1.42 -121.88
N VAL BA 91 -9.85 -1.44 -120.91
CA VAL BA 91 -8.46 -1.16 -121.24
C VAL BA 91 -7.84 -2.29 -122.05
N ALA BA 92 -8.27 -3.53 -121.81
CA ALA BA 92 -7.79 -4.63 -122.63
C ALA BA 92 -8.38 -4.57 -124.04
N TYR BA 93 -9.61 -4.04 -124.16
CA TYR BA 93 -10.19 -3.82 -125.47
C TYR BA 93 -9.41 -2.77 -126.25
N TYR BA 94 -9.00 -1.70 -125.59
CA TYR BA 94 -8.19 -0.68 -126.25
C TYR BA 94 -6.76 -1.16 -126.47
N GLN BA 95 -6.32 -2.15 -125.69
CA GLN BA 95 -4.93 -2.60 -125.79
C GLN BA 95 -4.74 -3.47 -127.03
N LYS BA 96 -5.75 -4.26 -127.41
CA LYS BA 96 -5.61 -5.25 -128.46
C LYS BA 96 -6.19 -4.81 -129.80
N TYR BA 97 -7.19 -3.94 -129.81
CA TYR BA 97 -7.89 -3.59 -131.03
C TYR BA 97 -7.54 -2.22 -131.58
N VAL BA 98 -7.20 -1.26 -130.71
CA VAL BA 98 -6.71 0.04 -131.17
C VAL BA 98 -5.31 0.23 -130.61
N ASP BA 99 -4.69 1.37 -130.94
CA ASP BA 99 -3.37 1.65 -130.44
C ASP BA 99 -3.39 1.86 -128.93
N GLU BA 100 -2.30 1.50 -128.27
CA GLU BA 100 -2.19 1.62 -126.82
C GLU BA 100 -1.95 3.05 -126.38
N ALA BA 101 -1.85 4.00 -127.31
CA ALA BA 101 -1.90 5.41 -126.92
C ALA BA 101 -3.24 5.76 -126.30
N SER BA 102 -4.32 5.22 -126.88
CA SER BA 102 -5.65 5.40 -126.28
C SER BA 102 -5.77 4.58 -125.00
N LYS BA 103 -5.09 3.42 -124.94
CA LYS BA 103 -5.14 2.60 -123.74
C LYS BA 103 -4.42 3.30 -122.58
N LYS BA 104 -3.32 3.98 -122.86
CA LYS BA 104 -2.57 4.68 -121.81
C LYS BA 104 -3.38 5.83 -121.23
N GLU BA 105 -4.03 6.61 -122.08
CA GLU BA 105 -4.75 7.79 -121.63
C GLU BA 105 -6.06 7.46 -120.94
N ILE BA 106 -6.49 6.19 -120.95
CA ILE BA 106 -7.68 5.80 -120.22
C ILE BA 106 -7.25 5.02 -118.98
N LYS BA 107 -6.07 4.41 -119.03
CA LYS BA 107 -5.55 3.67 -117.90
C LYS BA 107 -5.00 4.59 -116.82
N ASP BA 108 -4.40 5.72 -117.21
CA ASP BA 108 -3.80 6.61 -116.24
C ASP BA 108 -4.85 7.29 -115.37
N ILE BA 109 -6.05 7.49 -115.91
CA ILE BA 109 -7.13 8.11 -115.13
C ILE BA 109 -7.62 7.15 -114.05
N LEU BA 110 -7.82 5.89 -114.42
CA LEU BA 110 -8.34 4.92 -113.46
C LEU BA 110 -7.30 4.58 -112.39
N ILE BA 111 -6.03 4.48 -112.78
CA ILE BA 111 -4.99 4.14 -111.82
C ILE BA 111 -4.73 5.27 -110.83
N GLN BA 112 -4.93 6.53 -111.24
CA GLN BA 112 -4.70 7.65 -110.34
C GLN BA 112 -5.89 7.90 -109.41
N TYR BA 113 -7.10 7.51 -109.81
CA TYR BA 113 -8.26 7.72 -108.97
C TYR BA 113 -8.40 6.59 -107.95
N ASP BA 114 -8.40 5.34 -108.42
CA ASP BA 114 -8.54 4.19 -107.54
C ASP BA 114 -7.85 3.01 -108.21
N ARG BA 115 -6.68 2.64 -107.70
CA ARG BA 115 -5.94 1.53 -108.29
C ARG BA 115 -6.61 0.19 -108.09
N THR BA 116 -7.63 0.11 -107.25
CA THR BA 116 -8.41 -1.11 -107.12
C THR BA 116 -9.18 -1.44 -108.39
N LEU BA 117 -9.41 -0.46 -109.26
CA LEU BA 117 -10.08 -0.70 -110.54
C LEU BA 117 -9.18 -1.42 -111.54
N LEU BA 118 -7.90 -1.53 -111.26
CA LEU BA 118 -6.99 -2.23 -112.16
C LEU BA 118 -6.23 -3.36 -111.48
N VAL BA 119 -5.91 -3.23 -110.20
CA VAL BA 119 -5.23 -4.25 -109.43
C VAL BA 119 -6.18 -4.73 -108.35
N ALA BA 120 -6.45 -6.03 -108.34
CA ALA BA 120 -7.35 -6.60 -107.34
C ALA BA 120 -6.72 -6.56 -105.96
N ASP BA 121 -7.57 -6.50 -104.94
CA ASP BA 121 -7.09 -6.50 -103.57
C ASP BA 121 -6.61 -7.91 -103.21
N PRO BA 122 -5.35 -8.09 -102.84
CA PRO BA 122 -4.84 -9.45 -102.62
C PRO BA 122 -5.39 -10.11 -101.37
N ARG BA 123 -5.78 -9.35 -100.36
CA ARG BA 123 -6.26 -9.93 -99.11
C ARG BA 123 -7.60 -10.62 -99.30
N ARG BA 124 -7.70 -11.86 -98.81
CA ARG BA 124 -8.95 -12.62 -98.91
C ARG BA 124 -9.58 -12.88 -97.55
N CYS BA 125 -8.88 -13.58 -96.67
CA CYS BA 125 -9.40 -14.01 -95.37
C CYS BA 125 -8.24 -14.41 -94.48
N GLU BA 126 -8.56 -15.00 -93.33
CA GLU BA 126 -7.58 -15.63 -92.46
C GLU BA 126 -8.28 -16.75 -91.70
N SER BA 127 -7.48 -17.70 -91.22
CA SER BA 127 -8.01 -18.90 -90.61
C SER BA 127 -8.18 -18.73 -89.10
N LYS BA 128 -9.29 -19.26 -88.58
CA LYS BA 128 -9.52 -19.28 -87.15
C LYS BA 128 -8.65 -20.35 -86.51
N LYS BA 129 -7.95 -19.99 -85.44
CA LYS BA 129 -7.11 -20.93 -84.70
C LYS BA 129 -7.85 -21.41 -83.46
N PHE BA 130 -7.36 -22.53 -82.91
CA PHE BA 130 -8.07 -23.24 -81.87
C PHE BA 130 -7.80 -22.70 -80.47
N GLY BA 131 -7.41 -21.44 -80.35
CA GLY BA 131 -7.22 -20.85 -79.03
C GLY BA 131 -8.33 -19.90 -78.64
N GLY BA 132 -9.21 -19.58 -79.58
CA GLY BA 132 -10.26 -18.62 -79.34
C GLY BA 132 -11.42 -18.76 -80.29
N PRO BA 133 -12.33 -17.78 -80.29
CA PRO BA 133 -13.46 -17.81 -81.23
C PRO BA 133 -13.16 -17.21 -82.59
N GLY BA 134 -12.06 -16.47 -82.73
CA GLY BA 134 -11.73 -15.86 -83.99
C GLY BA 134 -10.36 -16.23 -84.51
N ALA BA 135 -9.93 -15.58 -85.59
CA ALA BA 135 -8.61 -15.85 -86.15
C ALA BA 135 -7.50 -15.45 -85.18
N ARG BA 136 -7.65 -14.32 -84.50
CA ARG BA 136 -6.64 -13.86 -83.57
C ARG BA 136 -7.14 -13.67 -82.15
N ALA BA 137 -8.42 -13.37 -81.95
CA ALA BA 137 -8.95 -13.23 -80.60
C ALA BA 137 -8.94 -14.56 -79.87
N ARG BA 138 -8.50 -14.53 -78.61
CA ARG BA 138 -8.42 -15.71 -77.78
C ARG BA 138 -9.55 -15.73 -76.76
N TYR BA 139 -9.87 -16.92 -76.27
CA TYR BA 139 -10.94 -17.08 -75.30
C TYR BA 139 -10.58 -16.38 -73.99
N GLN BA 140 -11.61 -15.89 -73.31
CA GLN BA 140 -11.41 -15.18 -72.06
C GLN BA 140 -10.87 -16.12 -71.00
N LYS BA 141 -9.71 -15.78 -70.45
CA LYS BA 141 -9.04 -16.61 -69.46
C LYS BA 141 -9.32 -16.07 -68.06
N SER BA 142 -9.31 -16.98 -67.09
CA SER BA 142 -9.53 -16.64 -65.71
C SER BA 142 -8.45 -17.29 -64.85
N TYR BA 143 -8.18 -16.68 -63.70
CA TYR BA 143 -7.15 -17.16 -62.80
C TYR BA 143 -7.68 -17.67 -61.46
N ARG BA 144 -8.87 -17.27 -61.07
CA ARG BA 144 -9.40 -17.64 -59.76
C ARG BA 144 -10.77 -18.29 -59.89
N MET CA 1 -56.94 11.30 -91.76
CA MET CA 1 -56.78 12.72 -92.05
C MET CA 1 -55.95 13.37 -90.95
N SER CA 2 -55.58 12.55 -89.95
CA SER CA 2 -54.88 13.00 -88.76
C SER CA 2 -55.65 14.13 -88.08
N LEU CA 3 -56.96 13.94 -87.99
CA LEU CA 3 -57.86 14.95 -87.43
C LEU CA 3 -57.73 14.95 -85.91
N VAL CA 4 -58.50 15.82 -85.26
CA VAL CA 4 -58.51 15.93 -83.81
C VAL CA 4 -59.16 14.69 -83.21
N ILE CA 5 -59.00 14.52 -81.90
CA ILE CA 5 -59.51 13.33 -81.21
C ILE CA 5 -61.03 13.33 -81.27
N PRO CA 6 -61.67 12.17 -81.48
CA PRO CA 6 -63.13 12.14 -81.46
C PRO CA 6 -63.69 12.52 -80.10
N GLU CA 7 -64.88 13.13 -80.11
CA GLU CA 7 -65.51 13.55 -78.87
C GLU CA 7 -65.85 12.36 -77.98
N LYS CA 8 -66.32 11.27 -78.58
CA LYS CA 8 -66.66 10.05 -77.86
C LYS CA 8 -65.46 9.12 -77.74
N PHE CA 9 -64.35 9.66 -77.25
CA PHE CA 9 -63.12 8.91 -77.09
C PHE CA 9 -62.96 8.51 -75.64
N GLN CA 10 -62.79 7.21 -75.40
CA GLN CA 10 -62.49 6.69 -74.08
C GLN CA 10 -60.98 6.54 -73.97
N HIS CA 11 -60.37 7.39 -73.15
CA HIS CA 11 -58.92 7.33 -72.97
C HIS CA 11 -58.50 6.00 -72.34
N ILE CA 12 -59.29 5.49 -71.40
CA ILE CA 12 -59.16 4.13 -70.91
C ILE CA 12 -60.53 3.48 -70.93
N LEU CA 13 -60.63 2.34 -71.63
CA LEU CA 13 -61.88 1.60 -71.71
C LEU CA 13 -62.01 0.72 -70.48
N ARG CA 14 -62.98 -0.19 -70.50
CA ARG CA 14 -63.09 -1.21 -69.46
C ARG CA 14 -63.78 -2.42 -70.08
N VAL CA 15 -62.98 -3.44 -70.39
CA VAL CA 15 -63.47 -4.67 -71.00
C VAL CA 15 -63.35 -5.79 -69.98
N LEU CA 16 -64.44 -6.55 -69.81
CA LEU CA 16 -64.54 -7.60 -68.79
C LEU CA 16 -64.20 -7.06 -67.41
N ASN CA 17 -63.03 -7.43 -66.89
CA ASN CA 17 -62.59 -6.98 -65.57
C ASN CA 17 -61.21 -6.34 -65.64
N THR CA 18 -60.88 -5.73 -66.78
CA THR CA 18 -59.59 -5.08 -66.97
C THR CA 18 -59.78 -3.84 -67.83
N ASN CA 19 -58.86 -2.89 -67.68
CA ASN CA 19 -58.86 -1.69 -68.49
C ASN CA 19 -57.85 -1.82 -69.63
N ILE CA 20 -58.12 -1.11 -70.71
CA ILE CA 20 -57.25 -1.11 -71.89
C ILE CA 20 -57.00 0.32 -72.32
N ASP CA 21 -55.74 0.66 -72.54
CA ASP CA 21 -55.38 2.02 -72.94
C ASP CA 21 -55.85 2.30 -74.36
N GLY CA 22 -56.56 3.41 -74.54
CA GLY CA 22 -56.99 3.83 -75.86
C GLY CA 22 -55.96 4.62 -76.63
N ARG CA 23 -54.86 5.01 -75.99
CA ARG CA 23 -53.84 5.82 -76.65
C ARG CA 23 -52.85 4.99 -77.45
N ARG CA 24 -53.03 3.68 -77.52
CA ARG CA 24 -52.23 2.81 -78.35
C ARG CA 24 -53.09 2.24 -79.47
N LYS CA 25 -52.52 1.33 -80.24
CA LYS CA 25 -53.26 0.66 -81.30
C LYS CA 25 -54.29 -0.28 -80.69
N ILE CA 26 -55.37 -0.53 -81.45
CA ILE CA 26 -56.43 -1.42 -80.98
C ILE CA 26 -55.92 -2.85 -80.82
N ALA CA 27 -55.09 -3.31 -81.75
CA ALA CA 27 -54.62 -4.68 -81.71
C ALA CA 27 -53.57 -4.90 -80.63
N PHE CA 28 -53.00 -3.83 -80.07
CA PHE CA 28 -52.02 -3.94 -79.00
C PHE CA 28 -52.57 -3.47 -77.67
N ALA CA 29 -53.81 -2.99 -77.62
CA ALA CA 29 -54.43 -2.63 -76.35
C ALA CA 29 -55.13 -3.82 -75.70
N ILE CA 30 -55.86 -4.60 -76.50
CA ILE CA 30 -56.54 -5.78 -75.96
C ILE CA 30 -55.57 -6.88 -75.55
N THR CA 31 -54.29 -6.75 -75.89
CA THR CA 31 -53.28 -7.66 -75.34
C THR CA 31 -53.14 -7.47 -73.84
N ALA CA 32 -53.47 -6.28 -73.32
CA ALA CA 32 -53.42 -6.05 -71.88
C ALA CA 32 -54.40 -6.91 -71.12
N ILE CA 33 -55.43 -7.44 -71.79
CA ILE CA 33 -56.31 -8.41 -71.16
C ILE CA 33 -55.55 -9.70 -70.94
N LYS CA 34 -55.64 -10.23 -69.72
CA LYS CA 34 -54.98 -11.50 -69.41
C LYS CA 34 -55.59 -12.62 -70.25
N GLY CA 35 -54.73 -13.35 -70.95
CA GLY CA 35 -55.14 -14.41 -71.84
C GLY CA 35 -55.10 -14.05 -73.30
N VAL CA 36 -54.97 -12.77 -73.64
CA VAL CA 36 -54.94 -12.31 -75.01
C VAL CA 36 -53.51 -11.90 -75.35
N GLY CA 37 -52.93 -12.56 -76.34
CA GLY CA 37 -51.62 -12.20 -76.86
C GLY CA 37 -51.74 -11.39 -78.14
N ARG CA 38 -50.57 -11.10 -78.73
CA ARG CA 38 -50.55 -10.34 -79.97
C ARG CA 38 -51.13 -11.14 -81.12
N ARG CA 39 -50.90 -12.45 -81.13
CA ARG CA 39 -51.43 -13.29 -82.21
C ARG CA 39 -52.94 -13.46 -82.08
N TYR CA 40 -53.43 -13.65 -80.86
CA TYR CA 40 -54.87 -13.75 -80.65
C TYR CA 40 -55.58 -12.45 -81.00
N ALA CA 41 -54.96 -11.32 -80.66
CA ALA CA 41 -55.57 -10.03 -80.94
C ALA CA 41 -55.62 -9.75 -82.44
N HIS CA 42 -54.64 -10.22 -83.19
CA HIS CA 42 -54.50 -9.86 -84.59
C HIS CA 42 -55.27 -10.77 -85.53
N VAL CA 43 -56.15 -11.62 -85.00
CA VAL CA 43 -56.99 -12.45 -85.86
C VAL CA 43 -58.45 -12.24 -85.51
N VAL CA 44 -58.73 -11.87 -84.24
CA VAL CA 44 -60.10 -11.62 -83.85
C VAL CA 44 -60.61 -10.32 -84.49
N LEU CA 45 -59.74 -9.33 -84.62
CA LEU CA 45 -60.12 -8.11 -85.31
C LEU CA 45 -60.29 -8.32 -86.80
N ARG CA 46 -59.52 -9.25 -87.38
CA ARG CA 46 -59.72 -9.61 -88.77
C ARG CA 46 -61.10 -10.23 -88.98
N LYS CA 47 -61.51 -11.12 -88.07
CA LYS CA 47 -62.82 -11.76 -88.18
C LYS CA 47 -63.96 -10.86 -87.74
N ALA CA 48 -63.67 -9.80 -87.00
CA ALA CA 48 -64.66 -8.77 -86.71
C ALA CA 48 -64.72 -7.69 -87.78
N ASP CA 49 -63.79 -7.72 -88.74
CA ASP CA 49 -63.77 -6.80 -89.88
C ASP CA 49 -63.74 -5.35 -89.42
N ILE CA 50 -62.79 -5.05 -88.52
CA ILE CA 50 -62.62 -3.70 -88.00
C ILE CA 50 -61.28 -3.17 -88.49
N ASP CA 51 -61.19 -1.85 -88.55
CA ASP CA 51 -59.99 -1.21 -89.07
C ASP CA 51 -58.85 -1.31 -88.07
N LEU CA 52 -57.70 -1.78 -88.54
CA LEU CA 52 -56.53 -1.88 -87.68
C LEU CA 52 -55.84 -0.54 -87.47
N THR CA 53 -55.85 0.33 -88.48
CA THR CA 53 -55.07 1.56 -88.41
C THR CA 53 -55.62 2.58 -87.41
N LYS CA 54 -56.83 2.38 -86.91
CA LYS CA 54 -57.38 3.27 -85.90
C LYS CA 54 -56.95 2.83 -84.50
N ARG CA 55 -56.82 3.82 -83.62
CA ARG CA 55 -56.41 3.55 -82.25
C ARG CA 55 -57.54 2.91 -81.46
N ALA CA 56 -57.20 2.43 -80.26
CA ALA CA 56 -58.15 1.67 -79.47
C ALA CA 56 -59.29 2.53 -78.94
N GLY CA 57 -58.98 3.77 -78.55
CA GLY CA 57 -59.97 4.59 -77.88
C GLY CA 57 -61.09 5.09 -78.77
N GLU CA 58 -60.85 5.20 -80.08
CA GLU CA 58 -61.86 5.70 -80.98
C GLU CA 58 -62.79 4.61 -81.51
N LEU CA 59 -62.61 3.36 -81.07
CA LEU CA 59 -63.56 2.32 -81.40
C LEU CA 59 -64.93 2.65 -80.84
N THR CA 60 -65.96 2.45 -81.65
CA THR CA 60 -67.32 2.65 -81.18
C THR CA 60 -67.71 1.55 -80.19
N GLU CA 61 -68.67 1.89 -79.33
CA GLU CA 61 -69.03 0.98 -78.24
C GLU CA 61 -69.70 -0.29 -78.77
N ASP CA 62 -70.42 -0.19 -79.89
CA ASP CA 62 -71.03 -1.39 -80.45
C ASP CA 62 -69.97 -2.29 -81.08
N GLU CA 63 -68.92 -1.68 -81.66
CA GLU CA 63 -67.80 -2.48 -82.13
C GLU CA 63 -67.08 -3.15 -80.97
N VAL CA 64 -66.96 -2.46 -79.84
CA VAL CA 64 -66.21 -2.99 -78.70
C VAL CA 64 -66.94 -4.21 -78.13
N GLU CA 65 -68.24 -4.10 -77.91
CA GLU CA 65 -68.99 -5.25 -77.41
C GLU CA 65 -69.05 -6.38 -78.43
N ARG CA 66 -68.96 -6.03 -79.72
CA ARG CA 66 -68.86 -7.06 -80.75
C ARG CA 66 -67.55 -7.83 -80.62
N VAL CA 67 -66.44 -7.12 -80.39
CA VAL CA 67 -65.15 -7.76 -80.25
C VAL CA 67 -65.13 -8.64 -79.01
N ILE CA 68 -65.76 -8.19 -77.93
CA ILE CA 68 -65.77 -8.95 -76.69
C ILE CA 68 -66.50 -10.28 -76.88
N THR CA 69 -67.66 -10.25 -77.53
CA THR CA 69 -68.44 -11.48 -77.66
C THR CA 69 -67.83 -12.43 -78.70
N ILE CA 70 -67.07 -11.90 -79.66
CA ILE CA 70 -66.33 -12.78 -80.58
C ILE CA 70 -65.23 -13.51 -79.85
N MET CA 71 -64.44 -12.79 -79.05
CA MET CA 71 -63.36 -13.42 -78.31
C MET CA 71 -63.88 -14.35 -77.22
N GLN CA 72 -65.01 -14.01 -76.60
CA GLN CA 72 -65.61 -14.86 -75.59
C GLN CA 72 -66.23 -16.12 -76.19
N ASN CA 73 -66.54 -16.10 -77.48
CA ASN CA 73 -67.15 -17.24 -78.19
C ASN CA 73 -66.31 -17.53 -79.42
N PRO CA 74 -65.17 -18.18 -79.26
CA PRO CA 74 -64.28 -18.40 -80.41
C PRO CA 74 -64.67 -19.60 -81.27
N ARG CA 75 -65.28 -20.62 -80.65
CA ARG CA 75 -65.57 -21.85 -81.37
C ARG CA 75 -66.64 -21.68 -82.45
N GLN CA 76 -67.44 -20.62 -82.38
CA GLN CA 76 -68.57 -20.44 -83.27
C GLN CA 76 -68.33 -19.38 -84.34
N TYR CA 77 -67.11 -18.87 -84.47
CA TYR CA 77 -66.82 -17.81 -85.42
C TYR CA 77 -65.53 -18.11 -86.19
N LYS CA 78 -65.40 -19.34 -86.66
CA LYS CA 78 -64.35 -19.78 -87.58
C LYS CA 78 -62.95 -19.65 -86.99
N ILE CA 79 -62.82 -19.55 -85.69
CA ILE CA 79 -61.49 -19.53 -85.06
C ILE CA 79 -60.99 -20.96 -84.93
N PRO CA 80 -59.77 -21.25 -85.39
CA PRO CA 80 -59.30 -22.64 -85.41
C PRO CA 80 -59.15 -23.21 -84.01
N ASP CA 81 -59.32 -24.53 -83.92
CA ASP CA 81 -59.21 -25.21 -82.63
C ASP CA 81 -57.79 -25.21 -82.10
N TRP CA 82 -56.78 -25.02 -82.96
CA TRP CA 82 -55.40 -24.94 -82.53
C TRP CA 82 -55.00 -23.54 -82.13
N PHE CA 83 -55.98 -22.69 -81.79
CA PHE CA 83 -55.70 -21.31 -81.45
C PHE CA 83 -56.16 -20.94 -80.04
N LEU CA 84 -56.66 -21.90 -79.26
CA LEU CA 84 -57.21 -21.61 -77.95
C LEU CA 84 -56.16 -21.89 -76.87
N ASN CA 85 -56.54 -21.62 -75.61
CA ASN CA 85 -55.68 -21.88 -74.47
C ASN CA 85 -56.03 -23.20 -73.79
N ARG CA 86 -57.28 -23.33 -73.33
CA ARG CA 86 -57.72 -24.55 -72.65
C ARG CA 86 -58.33 -25.50 -73.68
N GLN CA 87 -57.48 -25.89 -74.63
CA GLN CA 87 -57.85 -26.91 -75.60
C GLN CA 87 -57.83 -28.28 -74.93
N LYS CA 88 -58.91 -29.04 -75.10
CA LYS CA 88 -59.02 -30.39 -74.55
C LYS CA 88 -58.87 -30.34 -73.02
N ASP CA 89 -59.88 -29.73 -72.40
CA ASP CA 89 -59.85 -29.44 -70.96
C ASP CA 89 -59.65 -30.69 -70.13
N VAL CA 90 -58.86 -30.55 -69.05
CA VAL CA 90 -58.67 -31.63 -68.10
C VAL CA 90 -59.97 -31.95 -67.36
N LYS CA 91 -60.87 -30.98 -67.21
CA LYS CA 91 -62.11 -31.20 -66.49
C LYS CA 91 -63.18 -31.84 -67.36
N ASP CA 92 -63.46 -31.25 -68.52
CA ASP CA 92 -64.57 -31.69 -69.35
C ASP CA 92 -64.21 -31.87 -70.82
N GLY CA 93 -62.96 -31.64 -71.22
CA GLY CA 93 -62.52 -31.95 -72.55
C GLY CA 93 -62.88 -30.95 -73.62
N LYS CA 94 -63.77 -30.00 -73.33
CA LYS CA 94 -64.16 -29.03 -74.35
C LYS CA 94 -63.03 -28.03 -74.57
N TYR CA 95 -63.02 -27.45 -75.75
CA TYR CA 95 -61.95 -26.56 -76.19
C TYR CA 95 -62.40 -25.12 -75.93
N SER CA 96 -61.96 -24.57 -74.80
CA SER CA 96 -62.35 -23.24 -74.37
C SER CA 96 -61.16 -22.29 -74.43
N GLN CA 97 -61.47 -21.00 -74.34
CA GLN CA 97 -60.45 -19.96 -74.30
C GLN CA 97 -60.91 -18.92 -73.27
N VAL CA 98 -60.09 -18.69 -72.25
CA VAL CA 98 -60.47 -17.85 -71.12
C VAL CA 98 -59.60 -16.60 -71.11
N LEU CA 99 -60.24 -15.45 -70.87
CA LEU CA 99 -59.58 -14.16 -71.02
C LEU CA 99 -59.86 -13.23 -69.84
N ALA CA 100 -59.87 -13.74 -68.62
CA ALA CA 100 -60.18 -12.91 -67.46
C ALA CA 100 -59.44 -13.49 -66.26
N ASN CA 101 -59.87 -13.09 -65.06
CA ASN CA 101 -59.39 -13.73 -63.84
C ASN CA 101 -59.83 -15.19 -63.75
N GLY CA 102 -60.78 -15.62 -64.58
CA GLY CA 102 -61.07 -17.03 -64.70
C GLY CA 102 -59.89 -17.83 -65.20
N LEU CA 103 -59.00 -17.19 -65.95
CA LEU CA 103 -57.73 -17.83 -66.30
C LEU CA 103 -56.88 -18.07 -65.04
N ASP CA 104 -56.90 -17.10 -64.12
CA ASP CA 104 -56.12 -17.23 -62.90
C ASP CA 104 -56.63 -18.37 -62.01
N ASN CA 105 -57.96 -18.48 -61.86
CA ASN CA 105 -58.49 -19.55 -61.04
C ASN CA 105 -58.52 -20.89 -61.76
N LYS CA 106 -58.43 -20.90 -63.09
CA LYS CA 106 -58.17 -22.14 -63.79
C LYS CA 106 -56.74 -22.59 -63.57
N LEU CA 107 -55.80 -21.65 -63.51
CA LEU CA 107 -54.43 -21.97 -63.14
C LEU CA 107 -54.37 -22.48 -61.71
N ARG CA 108 -55.14 -21.86 -60.80
CA ARG CA 108 -55.21 -22.35 -59.43
C ARG CA 108 -55.82 -23.74 -59.38
N GLU CA 109 -56.88 -23.98 -60.17
CA GLU CA 109 -57.54 -25.28 -60.16
C GLU CA 109 -56.61 -26.38 -60.67
N ASP CA 110 -55.87 -26.10 -61.74
CA ASP CA 110 -54.88 -27.06 -62.22
C ASP CA 110 -53.76 -27.24 -61.20
N LEU CA 111 -53.43 -26.18 -60.47
CA LEU CA 111 -52.39 -26.27 -59.46
C LEU CA 111 -52.79 -27.21 -58.33
N GLU CA 112 -53.99 -27.01 -57.77
CA GLU CA 112 -54.45 -27.88 -56.70
C GLU CA 112 -54.81 -29.26 -57.22
N ARG CA 113 -55.07 -29.39 -58.52
CA ARG CA 113 -55.27 -30.70 -59.11
C ARG CA 113 -53.97 -31.50 -59.11
N LEU CA 114 -52.87 -30.86 -59.51
CA LEU CA 114 -51.56 -31.50 -59.45
C LEU CA 114 -51.15 -31.79 -58.01
N LYS CA 115 -51.50 -30.88 -57.09
CA LYS CA 115 -51.12 -31.04 -55.69
C LYS CA 115 -51.93 -32.14 -55.01
N LYS CA 116 -53.21 -32.27 -55.35
CA LYS CA 116 -54.06 -33.26 -54.70
C LYS CA 116 -53.59 -34.68 -55.01
N ILE CA 117 -53.31 -34.95 -56.29
CA ILE CA 117 -52.72 -36.23 -56.67
C ILE CA 117 -51.25 -36.30 -56.31
N ARG CA 118 -50.67 -35.18 -55.87
CA ARG CA 118 -49.26 -35.01 -55.53
C ARG CA 118 -48.34 -35.72 -56.52
N ALA CA 119 -48.45 -35.29 -57.77
CA ALA CA 119 -47.51 -35.71 -58.79
C ALA CA 119 -46.17 -35.03 -58.54
N HIS CA 120 -45.16 -35.42 -59.34
CA HIS CA 120 -43.84 -34.81 -59.18
C HIS CA 120 -43.90 -33.32 -59.53
N ARG CA 121 -44.67 -32.95 -60.55
CA ARG CA 121 -44.87 -31.54 -60.85
C ARG CA 121 -45.67 -30.86 -59.75
N GLY CA 122 -46.63 -31.58 -59.16
CA GLY CA 122 -47.45 -30.99 -58.12
C GLY CA 122 -46.67 -30.67 -56.86
N LEU CA 123 -45.77 -31.58 -56.47
CA LEU CA 123 -45.00 -31.37 -55.26
C LEU CA 123 -44.01 -30.22 -55.40
N ARG CA 124 -43.38 -30.11 -56.58
CA ARG CA 124 -42.40 -29.05 -56.78
C ARG CA 124 -43.07 -27.69 -56.88
N HIS CA 125 -44.33 -27.65 -57.32
CA HIS CA 125 -45.09 -26.40 -57.26
C HIS CA 125 -45.37 -26.03 -55.81
N PHE CA 126 -45.57 -27.03 -54.95
CA PHE CA 126 -45.80 -26.76 -53.53
C PHE CA 126 -44.55 -26.16 -52.88
N TRP CA 127 -43.36 -26.65 -53.27
CA TRP CA 127 -42.12 -26.17 -52.70
C TRP CA 127 -41.58 -24.93 -53.39
N GLY CA 128 -42.20 -24.50 -54.49
CA GLY CA 128 -41.74 -23.31 -55.18
C GLY CA 128 -40.52 -23.49 -56.04
N LEU CA 129 -40.07 -24.72 -56.25
CA LEU CA 129 -38.91 -24.98 -57.09
C LEU CA 129 -39.33 -24.95 -58.56
N ARG CA 130 -38.44 -25.37 -59.46
CA ARG CA 130 -38.80 -25.50 -60.86
C ARG CA 130 -39.76 -26.66 -61.05
N VAL CA 131 -40.36 -26.73 -62.23
CA VAL CA 131 -41.16 -27.89 -62.61
C VAL CA 131 -40.79 -28.47 -63.97
N ARG CA 132 -40.17 -27.70 -64.86
CA ARG CA 132 -39.88 -28.18 -66.21
C ARG CA 132 -38.55 -28.91 -66.30
N GLY CA 133 -37.93 -29.23 -65.17
CA GLY CA 133 -36.78 -30.10 -65.15
C GLY CA 133 -35.43 -29.43 -65.33
N GLN CA 134 -35.37 -28.10 -65.37
CA GLN CA 134 -34.09 -27.44 -65.55
C GLN CA 134 -33.27 -27.52 -64.27
N HIS CA 135 -31.98 -27.21 -64.40
CA HIS CA 135 -31.07 -27.32 -63.28
C HIS CA 135 -31.31 -26.22 -62.26
N THR CA 136 -31.10 -26.53 -60.98
CA THR CA 136 -31.21 -25.58 -59.89
C THR CA 136 -29.88 -25.43 -59.15
N LYS CA 137 -28.78 -25.75 -59.83
CA LYS CA 137 -27.48 -25.65 -59.18
C LYS CA 137 -27.09 -24.20 -58.93
N THR CA 138 -27.31 -23.33 -59.91
CA THR CA 138 -26.81 -21.97 -59.83
C THR CA 138 -27.84 -20.88 -60.13
N THR CA 139 -28.95 -21.23 -60.77
CA THR CA 139 -29.88 -20.23 -61.26
C THR CA 139 -31.16 -20.22 -60.42
N GLY CA 140 -31.89 -19.12 -60.51
CA GLY CA 140 -33.04 -18.90 -59.67
C GLY CA 140 -32.73 -18.38 -58.29
N ARG CA 141 -31.49 -17.92 -58.06
CA ARG CA 141 -31.07 -17.45 -56.74
C ARG CA 141 -31.55 -16.04 -56.44
N ARG CA 142 -32.07 -15.32 -57.42
CA ARG CA 142 -32.51 -13.95 -57.17
C ARG CA 142 -33.66 -13.89 -56.17
N GLY CA 143 -34.61 -14.81 -56.28
CA GLY CA 143 -35.75 -14.84 -55.38
C GLY CA 143 -35.47 -15.44 -54.03
N ARG CA 144 -34.25 -15.93 -53.79
CA ARG CA 144 -33.90 -16.55 -52.53
C ARG CA 144 -32.98 -15.69 -51.68
N THR CA 145 -32.08 -14.92 -52.30
CA THR CA 145 -31.28 -13.91 -51.61
C THR CA 145 -31.16 -12.67 -52.48
N PRO DA 1 -38.29 -0.98 -128.43
CA PRO DA 1 -38.03 -0.83 -126.99
C PRO DA 1 -38.74 -1.88 -126.15
N GLY DA 2 -38.43 -3.15 -126.39
CA GLY DA 2 -39.00 -4.20 -125.57
C GLY DA 2 -38.52 -4.11 -124.13
N VAL DA 3 -39.41 -4.46 -123.21
CA VAL DA 3 -39.15 -4.33 -121.78
C VAL DA 3 -39.27 -5.70 -121.13
N THR DA 4 -38.25 -6.09 -120.38
CA THR DA 4 -38.23 -7.34 -119.64
C THR DA 4 -38.38 -7.04 -118.15
N VAL DA 5 -38.94 -7.99 -117.41
CA VAL DA 5 -39.02 -7.86 -115.96
C VAL DA 5 -37.63 -7.78 -115.35
N LYS DA 6 -36.63 -8.38 -116.02
CA LYS DA 6 -35.25 -8.26 -115.58
C LYS DA 6 -34.71 -6.83 -115.73
N ASP DA 7 -35.41 -5.97 -116.46
CA ASP DA 7 -34.96 -4.61 -116.73
C ASP DA 7 -35.68 -3.55 -115.90
N VAL DA 8 -36.50 -3.96 -114.94
CA VAL DA 8 -37.26 -3.00 -114.13
C VAL DA 8 -36.94 -3.22 -112.66
N ASN DA 9 -37.57 -2.41 -111.80
CA ASN DA 9 -37.42 -2.57 -110.36
C ASN DA 9 -38.28 -3.74 -109.89
N GLN DA 10 -37.67 -4.68 -109.17
CA GLN DA 10 -38.39 -5.86 -108.74
C GLN DA 10 -39.43 -5.53 -107.66
N GLN DA 11 -39.13 -4.57 -106.79
CA GLN DA 11 -40.09 -4.21 -105.75
C GLN DA 11 -41.30 -3.51 -106.33
N GLU DA 12 -41.10 -2.71 -107.38
CA GLU DA 12 -42.24 -2.08 -108.04
C GLU DA 12 -43.00 -3.09 -108.89
N PHE DA 13 -42.28 -4.04 -109.49
CA PHE DA 13 -42.93 -5.07 -110.29
C PHE DA 13 -43.81 -5.98 -109.43
N VAL DA 14 -43.31 -6.38 -108.26
CA VAL DA 14 -44.07 -7.29 -107.40
C VAL DA 14 -45.29 -6.58 -106.83
N ARG DA 15 -45.21 -5.27 -106.66
CA ARG DA 15 -46.38 -4.52 -106.20
C ARG DA 15 -47.41 -4.38 -107.31
N ALA DA 16 -46.94 -4.12 -108.54
CA ALA DA 16 -47.86 -3.94 -109.66
C ALA DA 16 -48.63 -5.22 -109.96
N LEU DA 17 -47.95 -6.36 -109.94
CA LEU DA 17 -48.62 -7.63 -110.23
C LEU DA 17 -49.53 -8.04 -109.08
N ALA DA 18 -49.19 -7.64 -107.85
CA ALA DA 18 -50.05 -7.96 -106.71
C ALA DA 18 -51.41 -7.29 -106.84
N ALA DA 19 -51.43 -6.02 -107.25
CA ALA DA 19 -52.70 -5.33 -107.50
C ALA DA 19 -53.41 -5.92 -108.71
N PHE DA 20 -52.64 -6.40 -109.69
CA PHE DA 20 -53.23 -7.03 -110.87
C PHE DA 20 -54.01 -8.28 -110.49
N LEU DA 21 -53.44 -9.10 -109.60
CA LEU DA 21 -54.14 -10.29 -109.13
C LEU DA 21 -55.28 -9.93 -108.20
N LYS DA 22 -55.16 -8.84 -107.45
CA LYS DA 22 -56.23 -8.43 -106.55
C LYS DA 22 -57.49 -8.03 -107.33
N LYS DA 23 -57.32 -7.29 -108.43
CA LYS DA 23 -58.48 -6.82 -109.18
C LYS DA 23 -59.12 -7.93 -110.00
N SER DA 24 -58.33 -8.87 -110.51
CA SER DA 24 -58.87 -10.02 -111.25
C SER DA 24 -59.06 -11.16 -110.27
N GLY DA 25 -60.30 -11.36 -109.83
CA GLY DA 25 -60.59 -12.33 -108.79
C GLY DA 25 -60.67 -13.77 -109.25
N LYS DA 26 -59.57 -14.30 -109.79
CA LYS DA 26 -59.49 -15.70 -110.16
C LYS DA 26 -58.53 -16.50 -109.30
N LEU DA 27 -57.76 -15.85 -108.42
CA LEU DA 27 -56.80 -16.54 -107.58
C LEU DA 27 -57.53 -17.35 -106.52
N LYS DA 28 -57.18 -18.63 -106.41
CA LYS DA 28 -57.80 -19.52 -105.43
C LYS DA 28 -57.17 -19.23 -104.06
N VAL DA 29 -57.96 -18.69 -103.15
CA VAL DA 29 -57.50 -18.26 -101.84
C VAL DA 29 -58.16 -19.15 -100.79
N PRO DA 30 -57.41 -19.78 -99.90
CA PRO DA 30 -58.00 -20.66 -98.89
C PRO DA 30 -58.67 -19.88 -97.77
N GLU DA 31 -59.20 -20.63 -96.81
CA GLU DA 31 -60.03 -20.07 -95.75
C GLU DA 31 -59.27 -19.64 -94.51
N TRP DA 32 -57.98 -19.94 -94.41
CA TRP DA 32 -57.19 -19.65 -93.22
C TRP DA 32 -56.15 -18.57 -93.47
N VAL DA 33 -56.39 -17.70 -94.46
CA VAL DA 33 -55.38 -16.70 -94.81
C VAL DA 33 -55.23 -15.66 -93.70
N ASP DA 34 -56.32 -15.29 -93.05
CA ASP DA 34 -56.26 -14.26 -92.03
C ASP DA 34 -55.74 -14.78 -90.69
N THR DA 35 -55.54 -16.09 -90.55
CA THR DA 35 -55.18 -16.67 -89.25
C THR DA 35 -53.74 -17.16 -89.19
N VAL DA 36 -53.27 -17.86 -90.20
CA VAL DA 36 -52.00 -18.57 -90.09
C VAL DA 36 -50.83 -17.60 -90.24
N LYS DA 37 -49.66 -18.04 -89.77
CA LYS DA 37 -48.43 -17.30 -89.95
C LYS DA 37 -47.72 -17.80 -91.20
N LEU DA 38 -47.18 -16.86 -91.97
CA LEU DA 38 -46.53 -17.19 -93.23
C LEU DA 38 -45.28 -18.04 -93.04
N ALA DA 39 -44.61 -17.91 -91.90
CA ALA DA 39 -43.45 -18.73 -91.60
C ALA DA 39 -43.52 -19.19 -90.16
N LYS DA 40 -42.94 -20.38 -89.91
CA LYS DA 40 -42.81 -20.87 -88.55
C LYS DA 40 -41.88 -19.99 -87.72
N HIS DA 41 -40.93 -19.32 -88.38
CA HIS DA 41 -39.96 -18.47 -87.72
C HIS DA 41 -40.39 -17.01 -87.64
N LYS DA 42 -41.61 -16.70 -88.04
CA LYS DA 42 -42.15 -15.35 -87.95
C LYS DA 42 -43.24 -15.32 -86.88
N GLU DA 43 -43.12 -14.37 -85.96
CA GLU DA 43 -43.97 -14.35 -84.78
C GLU DA 43 -45.38 -13.86 -85.06
N LEU DA 44 -45.54 -12.94 -86.01
CA LEU DA 44 -46.82 -12.28 -86.23
C LEU DA 44 -47.26 -12.43 -87.68
N ALA DA 45 -48.59 -12.44 -87.87
CA ALA DA 45 -49.16 -12.44 -89.21
C ALA DA 45 -48.83 -11.11 -89.90
N PRO DA 46 -48.73 -11.12 -91.23
CA PRO DA 46 -48.38 -9.89 -91.95
C PRO DA 46 -49.45 -8.82 -91.82
N TYR DA 47 -49.02 -7.56 -91.95
CA TYR DA 47 -49.92 -6.43 -91.82
C TYR DA 47 -50.92 -6.37 -92.97
N ASP DA 48 -50.44 -6.60 -94.20
CA ASP DA 48 -51.30 -6.47 -95.36
C ASP DA 48 -52.33 -7.61 -95.39
N GLU DA 49 -53.58 -7.24 -95.62
CA GLU DA 49 -54.63 -8.24 -95.72
C GLU DA 49 -54.47 -9.07 -96.99
N ASN DA 50 -54.01 -8.47 -98.08
CA ASN DA 50 -53.83 -9.17 -99.34
C ASN DA 50 -52.41 -9.74 -99.46
N TRP DA 51 -52.00 -10.48 -98.44
CA TRP DA 51 -50.65 -11.05 -98.47
C TRP DA 51 -50.56 -12.25 -99.40
N PHE DA 52 -51.69 -12.94 -99.64
CA PHE DA 52 -51.67 -14.05 -100.58
C PHE DA 52 -51.38 -13.56 -101.99
N TYR DA 53 -51.94 -12.42 -102.36
CA TYR DA 53 -51.61 -11.81 -103.65
C TYR DA 53 -50.16 -11.34 -103.67
N THR DA 54 -49.60 -11.05 -102.50
CA THR DA 54 -48.20 -10.68 -102.42
C THR DA 54 -47.30 -11.89 -102.66
N ARG DA 55 -47.63 -13.02 -102.05
CA ARG DA 55 -46.86 -14.24 -102.26
C ARG DA 55 -46.93 -14.69 -103.72
N ALA DA 56 -48.12 -14.64 -104.31
CA ALA DA 56 -48.27 -15.06 -105.69
C ALA DA 56 -47.51 -14.15 -106.64
N ALA DA 57 -47.53 -12.84 -106.36
CA ALA DA 57 -46.75 -11.91 -107.18
C ALA DA 57 -45.26 -12.16 -107.04
N SER DA 58 -44.81 -12.51 -105.83
CA SER DA 58 -43.39 -12.74 -105.61
C SER DA 58 -42.93 -14.03 -106.29
N THR DA 59 -43.69 -15.12 -106.12
CA THR DA 59 -43.26 -16.39 -106.68
C THR DA 59 -43.38 -16.42 -108.19
N ALA DA 60 -44.32 -15.66 -108.77
CA ALA DA 60 -44.38 -15.55 -110.22
C ALA DA 60 -43.15 -14.82 -110.76
N ARG DA 61 -42.65 -13.85 -109.99
CA ARG DA 61 -41.41 -13.19 -110.35
C ARG DA 61 -40.22 -14.14 -110.28
N HIS DA 62 -40.21 -15.04 -109.28
CA HIS DA 62 -39.11 -15.98 -109.13
C HIS DA 62 -39.14 -17.08 -110.18
N LEU DA 63 -40.33 -17.56 -110.53
CA LEU DA 63 -40.44 -18.61 -111.54
C LEU DA 63 -39.96 -18.12 -112.90
N TYR DA 64 -40.08 -16.83 -113.18
CA TYR DA 64 -39.49 -16.27 -114.38
C TYR DA 64 -37.97 -16.39 -114.37
N LEU DA 65 -37.36 -16.13 -113.21
CA LEU DA 65 -35.91 -16.17 -113.11
C LEU DA 65 -35.39 -17.59 -113.28
N ARG DA 66 -35.97 -18.54 -112.54
CA ARG DA 66 -35.60 -19.94 -112.66
C ARG DA 66 -36.79 -20.79 -112.26
N GLY DA 67 -36.91 -21.96 -112.89
CA GLY DA 67 -37.99 -22.87 -112.63
C GLY DA 67 -37.55 -24.14 -111.93
N GLY DA 68 -38.43 -25.13 -111.93
CA GLY DA 68 -38.14 -26.40 -111.30
C GLY DA 68 -38.20 -26.38 -109.79
N ALA DA 69 -38.69 -25.30 -109.19
CA ALA DA 69 -38.74 -25.18 -107.74
C ALA DA 69 -40.06 -25.72 -107.22
N GLY DA 70 -39.99 -26.69 -106.32
CA GLY DA 70 -41.16 -27.25 -105.68
C GLY DA 70 -41.46 -26.58 -104.36
N VAL DA 71 -42.11 -27.32 -103.47
CA VAL DA 71 -42.43 -26.81 -102.14
C VAL DA 71 -41.14 -26.56 -101.35
N GLY DA 72 -40.21 -27.51 -101.41
CA GLY DA 72 -38.99 -27.39 -100.62
C GLY DA 72 -38.10 -26.24 -101.08
N SER DA 73 -37.96 -26.06 -102.39
CA SER DA 73 -37.14 -24.96 -102.88
C SER DA 73 -37.81 -23.62 -102.61
N MET DA 74 -39.13 -23.55 -102.74
CA MET DA 74 -39.84 -22.29 -102.53
C MET DA 74 -39.74 -21.82 -101.09
N THR DA 75 -39.91 -22.74 -100.14
CA THR DA 75 -39.86 -22.35 -98.73
C THR DA 75 -38.46 -21.95 -98.30
N LYS DA 76 -37.44 -22.41 -99.03
CA LYS DA 76 -36.08 -21.96 -98.77
C LYS DA 76 -35.86 -20.55 -99.33
N ILE DA 77 -36.50 -20.25 -100.47
CA ILE DA 77 -36.41 -18.90 -101.03
C ILE DA 77 -37.02 -17.88 -100.08
N TYR DA 78 -38.10 -18.25 -99.42
CA TYR DA 78 -38.79 -17.39 -98.48
C TYR DA 78 -38.31 -17.57 -97.04
N GLY DA 79 -37.29 -18.39 -96.83
CA GLY DA 79 -36.76 -18.56 -95.49
C GLY DA 79 -36.10 -17.31 -94.96
N GLY DA 80 -35.93 -17.27 -93.64
CA GLY DA 80 -35.39 -16.09 -92.99
C GLY DA 80 -34.60 -16.39 -91.74
N ARG DA 81 -34.84 -15.62 -90.68
CA ARG DA 81 -34.09 -15.72 -89.44
C ARG DA 81 -35.03 -15.99 -88.28
N GLN DA 82 -34.69 -17.00 -87.47
CA GLN DA 82 -35.45 -17.36 -86.28
C GLN DA 82 -34.65 -16.99 -85.05
N ARG DA 83 -35.24 -16.18 -84.17
CA ARG DA 83 -34.51 -15.68 -83.01
C ARG DA 83 -34.39 -16.75 -81.92
N ASN DA 84 -35.37 -17.65 -81.80
CA ASN DA 84 -35.38 -18.73 -80.82
C ASN DA 84 -35.33 -18.22 -79.38
N GLY DA 85 -35.70 -16.97 -79.15
CA GLY DA 85 -35.68 -16.42 -77.82
C GLY DA 85 -34.29 -16.21 -77.26
N VAL DA 86 -33.93 -17.02 -76.25
CA VAL DA 86 -32.62 -16.88 -75.62
C VAL DA 86 -31.55 -17.66 -76.37
N MET DA 87 -31.91 -18.67 -77.14
CA MET DA 87 -30.94 -19.43 -77.91
C MET DA 87 -30.40 -18.57 -79.06
N PRO DA 88 -29.21 -18.90 -79.57
CA PRO DA 88 -28.70 -18.20 -80.74
C PRO DA 88 -29.58 -18.42 -81.96
N SER DA 89 -29.55 -17.45 -82.87
CA SER DA 89 -30.40 -17.46 -84.04
C SER DA 89 -30.02 -18.58 -85.00
N HIS DA 90 -31.01 -19.04 -85.76
CA HIS DA 90 -30.82 -20.08 -86.77
C HIS DA 90 -31.63 -19.72 -88.01
N PHE DA 91 -31.50 -20.54 -89.04
CA PHE DA 91 -32.24 -20.36 -90.28
C PHE DA 91 -33.38 -21.37 -90.31
N SER DA 92 -34.60 -20.87 -90.53
CA SER DA 92 -35.78 -21.71 -90.58
C SER DA 92 -36.57 -21.40 -91.84
N ARG DA 93 -37.05 -22.44 -92.52
CA ARG DA 93 -37.84 -22.27 -93.71
C ARG DA 93 -39.26 -21.82 -93.34
N GLY DA 94 -39.96 -21.27 -94.34
CA GLY DA 94 -41.31 -20.81 -94.16
C GLY DA 94 -42.32 -21.95 -94.21
N SER DA 95 -43.58 -21.56 -94.34
CA SER DA 95 -44.67 -22.54 -94.38
C SER DA 95 -44.66 -23.30 -95.70
N LYS DA 96 -45.02 -24.58 -95.64
CA LYS DA 96 -45.06 -25.42 -96.82
C LYS DA 96 -46.43 -25.40 -97.50
N SER DA 97 -47.51 -25.45 -96.72
CA SER DA 97 -48.84 -25.36 -97.29
C SER DA 97 -49.09 -24.00 -97.92
N VAL DA 98 -48.43 -22.96 -97.42
CA VAL DA 98 -48.56 -21.64 -98.03
C VAL DA 98 -47.97 -21.66 -99.43
N ALA DA 99 -46.73 -22.15 -99.56
CA ALA DA 99 -46.09 -22.18 -100.87
C ALA DA 99 -46.77 -23.15 -101.81
N ARG DA 100 -47.23 -24.30 -101.28
CA ARG DA 100 -47.92 -25.28 -102.11
C ARG DA 100 -49.23 -24.73 -102.65
N ARG DA 101 -50.00 -24.02 -101.81
CA ARG DA 101 -51.30 -23.53 -102.24
C ARG DA 101 -51.17 -22.34 -103.19
N VAL DA 102 -50.14 -21.51 -103.01
CA VAL DA 102 -49.91 -20.41 -103.93
C VAL DA 102 -49.63 -20.94 -105.32
N LEU DA 103 -48.76 -21.94 -105.42
CA LEU DA 103 -48.49 -22.57 -106.71
C LEU DA 103 -49.72 -23.31 -107.23
N GLN DA 104 -50.49 -23.92 -106.32
CA GLN DA 104 -51.67 -24.67 -106.73
C GLN DA 104 -52.71 -23.75 -107.38
N ALA DA 105 -52.90 -22.55 -106.83
CA ALA DA 105 -53.83 -21.60 -107.42
C ALA DA 105 -53.35 -21.09 -108.78
N LEU DA 106 -52.06 -21.16 -109.06
CA LEU DA 106 -51.55 -20.63 -110.31
C LEU DA 106 -51.88 -21.54 -111.49
N GLU DA 107 -52.12 -22.84 -111.24
CA GLU DA 107 -52.66 -23.69 -112.29
C GLU DA 107 -54.08 -23.28 -112.65
N GLY DA 108 -54.86 -22.86 -111.65
CA GLY DA 108 -56.20 -22.36 -111.94
C GLY DA 108 -56.19 -21.10 -112.76
N LEU DA 109 -55.20 -20.23 -112.52
CA LEU DA 109 -55.04 -19.02 -113.32
C LEU DA 109 -54.30 -19.29 -114.63
N LYS DA 110 -53.81 -20.52 -114.81
CA LYS DA 110 -53.23 -20.98 -116.08
C LYS DA 110 -51.99 -20.17 -116.46
N MET DA 111 -51.05 -20.07 -115.53
CA MET DA 111 -49.77 -19.43 -115.80
C MET DA 111 -48.57 -20.24 -115.30
N VAL DA 112 -48.78 -21.30 -114.52
CA VAL DA 112 -47.70 -22.16 -114.05
C VAL DA 112 -48.14 -23.61 -114.22
N GLU DA 113 -47.28 -24.42 -114.84
CA GLU DA 113 -47.56 -25.83 -115.05
C GLU DA 113 -46.31 -26.63 -114.70
N LYS DA 114 -46.51 -27.90 -114.33
CA LYS DA 114 -45.41 -28.74 -113.90
C LYS DA 114 -44.56 -29.16 -115.10
N ASP DA 115 -43.36 -29.66 -114.79
CA ASP DA 115 -42.38 -30.06 -115.79
C ASP DA 115 -42.39 -31.58 -115.99
N GLN DA 116 -41.58 -32.02 -116.95
CA GLN DA 116 -41.37 -33.47 -117.09
C GLN DA 116 -40.62 -34.02 -115.89
N ASP DA 117 -39.69 -33.25 -115.33
CA ASP DA 117 -39.05 -33.58 -114.08
C ASP DA 117 -39.87 -32.96 -112.94
N GLY DA 118 -39.30 -32.94 -111.73
CA GLY DA 118 -39.99 -32.29 -110.63
C GLY DA 118 -40.02 -30.79 -110.78
N GLY DA 119 -40.87 -30.16 -109.96
CA GLY DA 119 -41.03 -28.72 -110.00
C GLY DA 119 -41.92 -28.26 -111.14
N ARG DA 120 -42.12 -26.95 -111.20
CA ARG DA 120 -43.01 -26.34 -112.17
C ARG DA 120 -42.33 -25.13 -112.81
N LYS DA 121 -42.88 -24.70 -113.94
CA LYS DA 121 -42.36 -23.56 -114.68
C LYS DA 121 -43.54 -22.75 -115.20
N LEU DA 122 -43.24 -21.67 -115.92
CA LEU DA 122 -44.27 -20.79 -116.45
C LEU DA 122 -44.81 -21.30 -117.78
N THR DA 123 -46.10 -21.07 -117.99
CA THR DA 123 -46.72 -21.28 -119.30
C THR DA 123 -46.35 -20.13 -120.23
N PRO DA 124 -46.49 -20.34 -121.54
CA PRO DA 124 -46.27 -19.21 -122.47
C PRO DA 124 -47.19 -18.02 -122.21
N GLN DA 125 -48.42 -18.28 -121.78
CA GLN DA 125 -49.30 -17.18 -121.39
C GLN DA 125 -48.76 -16.45 -120.17
N GLY DA 126 -48.24 -17.20 -119.20
CA GLY DA 126 -47.65 -16.56 -118.04
C GLY DA 126 -46.41 -15.75 -118.38
N GLN DA 127 -45.60 -16.26 -119.32
CA GLN DA 127 -44.45 -15.50 -119.79
C GLN DA 127 -44.89 -14.25 -120.55
N ARG DA 128 -46.07 -14.28 -121.14
CA ARG DA 128 -46.62 -13.10 -121.79
C ARG DA 128 -47.04 -12.05 -120.77
N ASP DA 129 -47.73 -12.49 -119.70
CA ASP DA 129 -48.22 -11.55 -118.70
C ASP DA 129 -47.08 -10.97 -117.88
N LEU DA 130 -46.10 -11.82 -117.51
CA LEU DA 130 -45.02 -11.39 -116.65
C LEU DA 130 -44.12 -10.34 -117.30
N ASP DA 131 -44.07 -10.31 -118.64
CA ASP DA 131 -43.35 -9.26 -119.34
C ASP DA 131 -44.24 -8.09 -119.74
N ARG DA 132 -45.54 -8.33 -119.93
CA ARG DA 132 -46.46 -7.23 -120.22
C ARG DA 132 -46.59 -6.30 -119.02
N ILE DA 133 -46.69 -6.85 -117.82
CA ILE DA 133 -46.73 -6.02 -116.62
C ILE DA 133 -45.41 -5.29 -116.43
N ALA DA 134 -44.32 -5.90 -116.89
CA ALA DA 134 -43.02 -5.21 -116.86
C ALA DA 134 -43.04 -3.99 -117.77
N GLY DA 135 -43.70 -4.10 -118.92
CA GLY DA 135 -43.73 -2.97 -119.85
C GLY DA 135 -44.47 -1.78 -119.30
N GLN DA 136 -45.61 -2.02 -118.66
CA GLN DA 136 -46.42 -0.92 -118.14
C GLN DA 136 -45.77 -0.29 -116.91
N VAL DA 137 -45.02 -1.07 -116.13
CA VAL DA 137 -44.38 -0.50 -114.94
C VAL DA 137 -43.10 0.22 -115.34
N ALA DA 138 -42.51 -0.12 -116.49
CA ALA DA 138 -41.35 0.61 -116.96
C ALA DA 138 -41.74 1.97 -117.52
N ALA DA 139 -42.85 2.02 -118.28
CA ALA DA 139 -43.33 3.29 -118.79
C ALA DA 139 -43.83 4.19 -117.68
N ALA DA 140 -44.49 3.61 -116.68
CA ALA DA 140 -44.97 4.41 -115.55
C ALA DA 140 -43.81 4.97 -114.76
N ASN DA 141 -42.76 4.17 -114.55
CA ASN DA 141 -41.57 4.67 -113.85
C ASN DA 141 -40.87 5.76 -114.65
N LYS DA 142 -40.79 5.60 -115.98
CA LYS DA 142 -40.11 6.58 -116.81
C LYS DA 142 -40.87 7.91 -116.83
N LYS DA 143 -42.18 7.86 -117.04
CA LYS DA 143 -42.99 9.07 -117.11
C LYS DA 143 -43.89 9.19 -115.88
CA ALA EA 1 -16.26 -53.55 -132.39
C ALA EA 1 -15.98 -52.13 -131.91
N ILE EA 2 -17.05 -51.36 -131.69
CA ILE EA 2 -16.92 -49.99 -131.22
C ILE EA 2 -16.83 -49.99 -129.71
N HIS EA 3 -15.80 -49.34 -129.18
CA HIS EA 3 -15.56 -49.31 -127.74
C HIS EA 3 -15.21 -47.91 -127.30
N ARG EA 4 -15.51 -47.62 -126.03
CA ARG EA 4 -15.19 -46.35 -125.40
C ARG EA 4 -15.07 -46.61 -123.90
N ILE EA 5 -13.92 -46.32 -123.32
CA ILE EA 5 -13.64 -46.66 -121.93
C ILE EA 5 -13.29 -45.38 -121.16
N ARG EA 6 -13.96 -45.19 -120.02
CA ARG EA 6 -13.62 -44.16 -119.06
C ARG EA 6 -12.73 -44.79 -117.98
N ILE EA 7 -11.53 -44.24 -117.80
CA ILE EA 7 -10.55 -44.74 -116.84
C ILE EA 7 -10.35 -43.66 -115.78
N THR EA 8 -10.50 -44.03 -114.52
CA THR EA 8 -10.29 -43.11 -113.41
C THR EA 8 -9.19 -43.65 -112.49
N LEU EA 9 -8.35 -42.75 -112.02
CA LEU EA 9 -7.25 -43.09 -111.11
C LEU EA 9 -7.39 -42.25 -109.86
N THR EA 10 -7.51 -42.91 -108.71
CA THR EA 10 -7.67 -42.24 -107.42
C THR EA 10 -6.56 -42.68 -106.49
N SER EA 11 -5.78 -41.72 -105.99
CA SER EA 11 -4.64 -42.04 -105.15
C SER EA 11 -4.54 -40.98 -104.05
N ARG EA 12 -3.40 -40.97 -103.36
CA ARG EA 12 -3.15 -40.03 -102.27
C ARG EA 12 -1.96 -39.12 -102.51
N ASN EA 13 -1.00 -39.54 -103.31
CA ASN EA 13 0.21 -38.77 -103.56
C ASN EA 13 0.25 -38.35 -105.02
N VAL EA 14 0.62 -37.08 -105.25
CA VAL EA 14 0.68 -36.55 -106.61
C VAL EA 14 1.89 -37.13 -107.35
N LYS EA 15 2.91 -37.58 -106.62
CA LYS EA 15 4.13 -38.07 -107.25
C LYS EA 15 3.86 -39.31 -108.09
N SER EA 16 3.22 -40.32 -107.50
CA SER EA 16 2.91 -41.52 -108.25
C SER EA 16 1.73 -41.32 -109.20
N LEU EA 17 0.82 -40.40 -108.85
CA LEU EA 17 -0.36 -40.19 -109.68
C LEU EA 17 0.01 -39.55 -111.01
N GLU EA 18 0.91 -38.56 -110.99
CA GLU EA 18 1.36 -37.96 -112.24
C GLU EA 18 2.19 -38.94 -113.06
N LYS EA 19 2.87 -39.87 -112.38
CA LYS EA 19 3.65 -40.87 -113.09
C LYS EA 19 2.76 -41.88 -113.80
N VAL EA 20 1.71 -42.35 -113.12
CA VAL EA 20 0.83 -43.35 -113.72
C VAL EA 20 -0.03 -42.74 -114.82
N CYS EA 21 -0.41 -41.46 -114.66
CA CYS EA 21 -1.13 -40.79 -115.72
C CYS EA 21 -0.26 -40.58 -116.95
N ALA EA 22 1.00 -40.20 -116.75
CA ALA EA 22 1.87 -39.84 -117.87
C ALA EA 22 2.19 -41.05 -118.73
N ASP EA 23 2.58 -42.17 -118.12
CA ASP EA 23 3.01 -43.31 -118.91
C ASP EA 23 1.84 -44.08 -119.53
N LEU EA 24 0.67 -44.07 -118.88
CA LEU EA 24 -0.49 -44.72 -119.49
C LEU EA 24 -0.94 -44.00 -120.75
N ILE EA 25 -0.99 -42.67 -120.72
CA ILE EA 25 -1.32 -41.93 -121.94
C ILE EA 25 -0.16 -41.92 -122.92
N ARG EA 26 1.07 -42.17 -122.45
CA ARG EA 26 2.21 -42.24 -123.35
C ARG EA 26 2.21 -43.51 -124.18
N GLY EA 27 1.78 -44.63 -123.60
CA GLY EA 27 1.67 -45.85 -124.38
C GLY EA 27 0.57 -45.79 -125.42
N ALA EA 28 -0.50 -45.03 -125.12
CA ALA EA 28 -1.60 -44.91 -126.05
C ALA EA 28 -1.21 -44.18 -127.32
N LYS EA 29 -0.30 -43.20 -127.23
CA LYS EA 29 0.19 -42.52 -128.41
C LYS EA 29 0.94 -43.48 -129.33
N GLU EA 30 1.74 -44.37 -128.75
CA GLU EA 30 2.40 -45.41 -129.55
C GLU EA 30 1.39 -46.39 -130.13
N LYS EA 31 0.22 -46.52 -129.50
CA LYS EA 31 -0.84 -47.38 -129.98
C LYS EA 31 -1.87 -46.63 -130.82
N ASN EA 32 -1.58 -45.38 -131.18
CA ASN EA 32 -2.44 -44.47 -131.94
C ASN EA 32 -3.89 -44.49 -131.51
N LEU EA 33 -4.13 -44.46 -130.20
CA LEU EA 33 -5.48 -44.32 -129.65
C LEU EA 33 -5.79 -42.84 -129.41
N LYS EA 34 -7.05 -42.48 -129.66
CA LYS EA 34 -7.52 -41.13 -129.36
C LYS EA 34 -7.81 -41.02 -127.87
N VAL EA 35 -7.15 -40.09 -127.20
CA VAL EA 35 -7.19 -39.97 -125.75
C VAL EA 35 -7.67 -38.58 -125.37
N LYS EA 36 -8.65 -38.51 -124.48
CA LYS EA 36 -9.03 -37.27 -123.85
C LYS EA 36 -7.99 -36.90 -122.79
N GLY EA 37 -7.86 -35.60 -122.53
CA GLY EA 37 -6.87 -35.11 -121.60
C GLY EA 37 -7.18 -35.50 -120.17
N PRO EA 38 -6.19 -35.33 -119.28
CA PRO EA 38 -6.41 -35.68 -117.87
C PRO EA 38 -7.35 -34.72 -117.17
N VAL EA 39 -8.50 -35.22 -116.74
CA VAL EA 39 -9.51 -34.40 -116.07
C VAL EA 39 -9.20 -34.43 -114.57
N ARG EA 40 -8.56 -33.37 -114.08
CA ARG EA 40 -8.16 -33.30 -112.68
C ARG EA 40 -9.37 -32.86 -111.86
N MET EA 41 -10.03 -33.82 -111.23
CA MET EA 41 -11.18 -33.53 -110.39
C MET EA 41 -10.75 -32.78 -109.14
N PRO EA 42 -11.65 -32.00 -108.54
CA PRO EA 42 -11.30 -31.30 -107.28
C PRO EA 42 -10.94 -32.28 -106.18
N THR EA 43 -9.98 -31.88 -105.36
CA THR EA 43 -9.39 -32.77 -104.37
C THR EA 43 -10.32 -32.95 -103.19
N LYS EA 44 -10.46 -34.20 -102.74
CA LYS EA 44 -11.19 -34.50 -101.51
C LYS EA 44 -10.19 -34.51 -100.35
N THR EA 45 -10.30 -33.53 -99.47
CA THR EA 45 -9.41 -33.40 -98.32
C THR EA 45 -10.16 -33.83 -97.07
N LEU EA 46 -9.70 -34.91 -96.45
CA LEU EA 46 -10.30 -35.42 -95.23
C LEU EA 46 -9.62 -34.75 -94.04
N ARG EA 47 -10.37 -33.93 -93.31
CA ARG EA 47 -9.83 -33.13 -92.22
C ARG EA 47 -10.39 -33.63 -90.90
N ILE EA 48 -9.50 -33.94 -89.95
CA ILE EA 48 -9.88 -34.36 -88.62
C ILE EA 48 -9.11 -33.52 -87.61
N THR EA 49 -9.82 -32.92 -86.67
CA THR EA 49 -9.23 -32.08 -85.63
C THR EA 49 -9.48 -32.73 -84.28
N THR EA 50 -8.45 -33.39 -83.75
CA THR EA 50 -8.55 -34.14 -82.50
C THR EA 50 -7.58 -33.54 -81.48
N ARG EA 51 -8.03 -33.44 -80.24
CA ARG EA 51 -7.22 -32.89 -79.17
C ARG EA 51 -5.92 -33.67 -79.01
N LYS EA 52 -4.81 -32.94 -78.88
CA LYS EA 52 -3.49 -33.58 -78.83
C LYS EA 52 -3.32 -34.43 -77.57
N THR EA 53 -3.75 -33.91 -76.42
CA THR EA 53 -3.56 -34.64 -75.18
C THR EA 53 -4.47 -35.87 -75.15
N PRO EA 54 -4.02 -36.97 -74.56
CA PRO EA 54 -4.89 -38.13 -74.36
C PRO EA 54 -5.63 -38.13 -73.04
N CYS EA 55 -5.51 -37.07 -72.26
CA CYS EA 55 -6.11 -37.00 -70.92
C CYS EA 55 -7.12 -35.88 -70.76
N GLY EA 56 -6.84 -34.70 -71.33
CA GLY EA 56 -7.69 -33.54 -71.14
C GLY EA 56 -7.14 -32.49 -70.22
N GLU EA 57 -5.85 -32.52 -69.91
CA GLU EA 57 -5.19 -31.50 -69.11
C GLU EA 57 -4.13 -30.83 -69.95
N GLY EA 58 -4.12 -29.52 -69.95
CA GLY EA 58 -3.13 -28.78 -70.71
C GLY EA 58 -3.66 -27.44 -71.15
N SER EA 59 -3.11 -26.95 -72.26
CA SER EA 59 -3.45 -25.62 -72.78
C SER EA 59 -4.34 -25.71 -74.01
N LYS EA 60 -5.15 -26.75 -74.10
CA LYS EA 60 -6.18 -26.90 -75.14
C LYS EA 60 -5.58 -26.88 -76.54
N THR EA 61 -4.61 -27.76 -76.76
CA THR EA 61 -3.98 -27.89 -78.06
C THR EA 61 -4.68 -28.95 -78.90
N TRP EA 62 -4.78 -28.70 -80.20
CA TRP EA 62 -5.44 -29.61 -81.11
C TRP EA 62 -4.47 -30.03 -82.21
N ASP EA 63 -4.77 -31.19 -82.79
CA ASP EA 63 -4.00 -31.77 -83.88
C ASP EA 63 -4.89 -31.89 -85.11
N ARG EA 64 -4.40 -31.43 -86.26
CA ARG EA 64 -5.19 -31.38 -87.49
C ARG EA 64 -4.54 -32.30 -88.52
N PHE EA 65 -5.17 -33.44 -88.77
CA PHE EA 65 -4.69 -34.40 -89.74
C PHE EA 65 -5.43 -34.21 -91.06
N GLN EA 66 -4.68 -34.02 -92.13
CA GLN EA 66 -5.24 -33.80 -93.46
C GLN EA 66 -4.84 -34.94 -94.38
N MET EA 67 -5.82 -35.54 -95.04
CA MET EA 67 -5.60 -36.62 -96.00
C MET EA 67 -6.03 -36.11 -97.37
N ARG EA 68 -5.11 -36.16 -98.33
CA ARG EA 68 -5.36 -35.65 -99.67
C ARG EA 68 -5.68 -36.79 -100.62
N ILE EA 69 -6.77 -36.65 -101.36
CA ILE EA 69 -7.21 -37.64 -102.33
C ILE EA 69 -7.37 -36.94 -103.68
N HIS EA 70 -6.69 -37.44 -104.70
CA HIS EA 70 -6.69 -36.81 -106.01
C HIS EA 70 -7.16 -37.80 -107.06
N LYS EA 71 -8.00 -37.33 -107.97
CA LYS EA 71 -8.63 -38.17 -108.98
C LYS EA 71 -8.44 -37.57 -110.36
N ARG EA 72 -8.10 -38.42 -111.33
CA ARG EA 72 -7.98 -38.01 -112.72
C ARG EA 72 -8.85 -38.90 -113.58
N LEU EA 73 -9.41 -38.31 -114.64
CA LEU EA 73 -10.24 -39.03 -115.61
C LEU EA 73 -9.55 -39.00 -116.97
N ILE EA 74 -9.33 -40.19 -117.53
CA ILE EA 74 -8.67 -40.34 -118.82
C ILE EA 74 -9.54 -41.24 -119.69
N ASP EA 75 -9.91 -40.74 -120.87
CA ASP EA 75 -10.81 -41.44 -121.78
C ASP EA 75 -10.00 -42.06 -122.91
N LEU EA 76 -10.08 -43.37 -123.06
CA LEU EA 76 -9.46 -44.08 -124.18
C LEU EA 76 -10.59 -44.40 -125.15
N HIS EA 77 -10.66 -43.66 -126.25
CA HIS EA 77 -11.74 -43.78 -127.23
C HIS EA 77 -11.14 -43.98 -128.61
N SER EA 78 -10.83 -45.23 -128.95
CA SER EA 78 -10.42 -45.48 -130.32
C SER EA 78 -11.63 -45.92 -131.14
N PRO EA 79 -11.62 -45.65 -132.46
CA PRO EA 79 -12.75 -46.09 -133.29
C PRO EA 79 -12.98 -47.59 -133.28
N SER EA 80 -11.91 -48.37 -133.19
CA SER EA 80 -11.98 -49.82 -133.18
C SER EA 80 -12.06 -50.33 -131.75
N GLU EA 81 -11.87 -51.65 -131.59
CA GLU EA 81 -11.85 -52.26 -130.27
C GLU EA 81 -10.66 -51.74 -129.47
N ILE EA 82 -10.83 -51.70 -128.14
CA ILE EA 82 -9.82 -51.09 -127.27
C ILE EA 82 -9.31 -52.08 -126.23
N VAL EA 83 -10.15 -53.03 -125.83
CA VAL EA 83 -9.84 -53.87 -124.67
C VAL EA 83 -8.63 -54.75 -124.94
N LYS EA 84 -8.60 -55.42 -126.09
CA LYS EA 84 -7.49 -56.31 -126.40
C LYS EA 84 -6.21 -55.53 -126.68
N GLN EA 85 -6.32 -54.27 -127.10
CA GLN EA 85 -5.15 -53.48 -127.40
C GLN EA 85 -4.42 -53.06 -126.12
N ILE EA 86 -5.15 -52.82 -125.05
CA ILE EA 86 -4.57 -52.42 -123.77
C ILE EA 86 -5.10 -53.39 -122.72
N THR EA 87 -4.37 -54.48 -122.48
CA THR EA 87 -4.63 -55.38 -121.38
C THR EA 87 -3.59 -55.27 -120.27
N SER EA 88 -2.67 -54.31 -120.38
CA SER EA 88 -1.62 -54.11 -119.40
C SER EA 88 -1.94 -52.90 -118.55
N ILE EA 89 -1.84 -53.06 -117.24
CA ILE EA 89 -2.16 -51.99 -116.29
C ILE EA 89 -0.91 -51.21 -115.88
N SER EA 90 0.19 -51.92 -115.61
CA SER EA 90 1.48 -51.32 -115.23
C SER EA 90 1.33 -50.29 -114.11
N ILE EA 91 0.65 -50.71 -113.05
CA ILE EA 91 0.33 -49.82 -111.95
C ILE EA 91 1.33 -50.03 -110.82
N GLU EA 92 1.34 -49.11 -109.87
CA GLU EA 92 2.18 -49.15 -108.69
C GLU EA 92 1.30 -49.06 -107.46
N PRO EA 93 1.78 -49.52 -106.31
CA PRO EA 93 1.00 -49.37 -105.08
C PRO EA 93 0.77 -47.90 -104.75
N GLY EA 94 -0.39 -47.62 -104.16
CA GLY EA 94 -0.78 -46.28 -103.77
C GLY EA 94 -1.81 -45.64 -104.66
N VAL EA 95 -2.02 -46.16 -105.86
CA VAL EA 95 -3.02 -45.63 -106.80
C VAL EA 95 -4.02 -46.73 -107.12
N GLU EA 96 -5.30 -46.39 -107.07
CA GLU EA 96 -6.39 -47.31 -107.35
C GLU EA 96 -6.98 -46.98 -108.71
N VAL EA 97 -7.23 -48.01 -109.51
CA VAL EA 97 -7.75 -47.85 -110.86
C VAL EA 97 -9.16 -48.41 -110.92
N GLU EA 98 -9.91 -47.97 -111.93
CA GLU EA 98 -11.26 -48.47 -112.16
C GLU EA 98 -11.57 -48.33 -113.64
N VAL EA 99 -11.93 -49.44 -114.28
CA VAL EA 99 -12.27 -49.44 -115.69
C VAL EA 99 -13.78 -49.37 -115.85
N THR EA 100 -14.24 -48.45 -116.70
CA THR EA 100 -15.66 -48.23 -116.92
C THR EA 100 -15.94 -48.23 -118.40
N ILE EA 101 -16.92 -49.00 -118.83
CA ILE EA 101 -17.35 -48.95 -120.22
C ILE EA 101 -18.18 -47.70 -120.45
N ALA EA 102 -18.41 -47.38 -121.73
CA ALA EA 102 -19.21 -46.21 -122.07
C ALA EA 102 -20.66 -46.37 -121.61
N ASP EA 103 -21.15 -47.61 -121.58
CA ASP EA 103 -22.52 -47.84 -121.13
C ASP EA 103 -22.66 -47.62 -119.63
N ALA EA 104 -21.63 -47.98 -118.86
CA ALA EA 104 -21.66 -47.79 -117.42
C ALA EA 104 -21.11 -46.42 -117.03
N ARG FA 1 -38.40 15.43 -66.69
CA ARG FA 1 -37.75 14.32 -67.38
C ARG FA 1 -38.09 13.00 -66.69
N ASP FA 2 -39.37 12.65 -66.72
CA ASP FA 2 -39.82 11.33 -66.25
C ASP FA 2 -40.55 10.56 -67.33
N LYS FA 3 -41.53 11.18 -68.00
CA LYS FA 3 -42.32 10.52 -69.03
C LYS FA 3 -42.83 11.57 -69.99
N LEU FA 4 -42.85 11.23 -71.28
CA LEU FA 4 -43.22 12.20 -72.30
C LEU FA 4 -44.71 12.47 -72.34
N ASN FA 5 -45.54 11.45 -72.12
CA ASN FA 5 -47.01 11.49 -72.23
C ASN FA 5 -47.47 12.33 -73.43
N ASN FA 6 -46.90 12.01 -74.59
CA ASN FA 6 -47.13 12.78 -75.80
C ASN FA 6 -48.57 12.60 -76.30
N LEU FA 7 -48.89 13.31 -77.38
CA LEU FA 7 -50.26 13.39 -77.88
C LEU FA 7 -50.46 12.35 -78.98
N VAL FA 8 -51.19 11.28 -78.67
CA VAL FA 8 -51.48 10.25 -79.66
C VAL FA 8 -52.41 10.80 -80.74
N LEU FA 9 -53.41 11.58 -80.35
CA LEU FA 9 -54.35 12.20 -81.26
C LEU FA 9 -54.33 13.71 -81.08
N PHE FA 10 -54.69 14.42 -82.14
CA PHE FA 10 -54.62 15.87 -82.14
C PHE FA 10 -55.72 16.46 -81.26
N ASP FA 11 -55.52 17.73 -80.92
CA ASP FA 11 -56.57 18.59 -80.37
C ASP FA 11 -56.52 19.90 -81.13
N LYS FA 12 -57.49 20.78 -80.86
CA LYS FA 12 -57.59 22.02 -81.63
C LYS FA 12 -56.41 22.95 -81.34
N ALA FA 13 -55.94 22.97 -80.08
CA ALA FA 13 -54.87 23.89 -79.70
C ALA FA 13 -53.53 23.55 -80.33
N THR FA 14 -53.35 22.31 -80.79
CA THR FA 14 -52.11 21.90 -81.43
C THR FA 14 -52.25 21.73 -82.93
N TYR FA 15 -53.44 21.33 -83.40
CA TYR FA 15 -53.67 21.16 -84.83
C TYR FA 15 -53.47 22.46 -85.58
N ASP FA 16 -53.99 23.57 -85.04
CA ASP FA 16 -53.77 24.86 -85.66
C ASP FA 16 -52.30 25.25 -85.64
N LYS FA 17 -51.59 24.89 -84.57
CA LYS FA 17 -50.16 25.18 -84.51
C LYS FA 17 -49.40 24.42 -85.59
N LEU FA 18 -49.85 23.20 -85.89
CA LEU FA 18 -49.31 22.47 -87.02
C LEU FA 18 -49.58 23.18 -88.33
N CYS FA 19 -50.80 23.73 -88.47
CA CYS FA 19 -51.23 24.28 -89.75
C CYS FA 19 -50.61 25.63 -90.06
N LYS FA 20 -50.11 26.36 -89.07
CA LYS FA 20 -49.67 27.73 -89.30
C LYS FA 20 -48.17 27.95 -89.17
N GLU FA 21 -47.49 27.29 -88.23
CA GLU FA 21 -46.09 27.58 -87.98
C GLU FA 21 -45.13 26.44 -88.28
N VAL FA 22 -45.63 25.21 -88.41
CA VAL FA 22 -44.76 24.09 -88.75
C VAL FA 22 -44.12 24.24 -90.13
N PRO FA 23 -44.88 24.55 -91.24
CA PRO FA 23 -44.25 24.68 -92.56
C PRO FA 23 -43.60 26.04 -92.80
N ASN FA 24 -42.83 26.51 -91.83
CA ASN FA 24 -42.18 27.81 -91.90
C ASN FA 24 -40.67 27.77 -91.70
N TYR FA 25 -40.11 26.71 -91.14
CA TYR FA 25 -38.68 26.61 -90.92
C TYR FA 25 -38.06 25.53 -91.80
N LYS FA 26 -36.74 25.56 -91.88
CA LYS FA 26 -36.01 24.89 -92.96
C LYS FA 26 -36.12 23.37 -92.87
N LEU FA 27 -36.01 22.81 -91.66
CA LEU FA 27 -35.88 21.37 -91.49
C LEU FA 27 -37.07 20.84 -90.69
N ILE FA 28 -38.00 20.18 -91.38
CA ILE FA 28 -39.13 19.52 -90.75
C ILE FA 28 -39.05 18.02 -90.99
N THR FA 29 -39.05 17.26 -89.90
CA THR FA 29 -39.00 15.81 -89.89
C THR FA 29 -39.93 15.32 -88.80
N PRO FA 30 -40.40 14.08 -88.87
CA PRO FA 30 -41.31 13.58 -87.83
C PRO FA 30 -40.73 13.63 -86.43
N ALA FA 31 -39.42 13.52 -86.29
CA ALA FA 31 -38.80 13.62 -84.96
C ALA FA 31 -38.84 15.05 -84.44
N VAL FA 32 -38.60 16.03 -85.30
CA VAL FA 32 -38.53 17.41 -84.87
C VAL FA 32 -39.91 17.91 -84.43
N VAL FA 33 -40.94 17.62 -85.22
CA VAL FA 33 -42.28 18.05 -84.87
C VAL FA 33 -42.79 17.32 -83.62
N SER FA 34 -42.40 16.05 -83.45
CA SER FA 34 -42.84 15.30 -82.28
C SER FA 34 -42.30 15.89 -80.99
N GLU FA 35 -41.03 16.28 -80.98
CA GLU FA 35 -40.45 16.88 -79.79
C GLU FA 35 -40.89 18.32 -79.59
N ARG FA 36 -41.25 19.03 -80.65
CA ARG FA 36 -41.60 20.43 -80.56
C ARG FA 36 -43.04 20.63 -80.11
N LEU FA 37 -43.97 19.90 -80.72
CA LEU FA 37 -45.38 20.03 -80.38
C LEU FA 37 -45.84 19.00 -79.36
N LYS FA 38 -44.92 18.17 -78.86
CA LYS FA 38 -45.21 17.13 -77.86
C LYS FA 38 -46.26 16.14 -78.35
N ILE FA 39 -46.35 15.96 -79.67
CA ILE FA 39 -47.21 14.93 -80.24
C ILE FA 39 -46.43 13.62 -80.18
N ARG FA 40 -47.12 12.51 -80.44
CA ARG FA 40 -46.52 11.19 -80.31
C ARG FA 40 -45.34 11.00 -81.25
N GLY FA 41 -45.60 11.02 -82.56
CA GLY FA 41 -44.55 10.76 -83.53
C GLY FA 41 -45.04 9.86 -84.64
N SER FA 42 -45.93 8.93 -84.30
CA SER FA 42 -46.72 8.25 -85.33
C SER FA 42 -47.72 9.21 -85.93
N LEU FA 43 -48.35 10.05 -85.09
CA LEU FA 43 -49.18 11.13 -85.57
C LEU FA 43 -48.37 12.13 -86.37
N ALA FA 44 -47.08 12.26 -86.04
CA ALA FA 44 -46.21 13.19 -86.77
C ALA FA 44 -45.98 12.70 -88.20
N ARG FA 45 -45.70 11.40 -88.37
CA ARG FA 45 -45.49 10.87 -89.71
C ARG FA 45 -46.75 10.97 -90.56
N ALA FA 46 -47.91 10.70 -89.98
CA ALA FA 46 -49.15 10.79 -90.73
C ALA FA 46 -49.46 12.23 -91.10
N ALA FA 47 -49.31 13.15 -90.15
CA ALA FA 47 -49.66 14.55 -90.42
C ALA FA 47 -48.71 15.18 -91.43
N LEU FA 48 -47.44 14.79 -91.42
CA LEU FA 48 -46.48 15.36 -92.38
C LEU FA 48 -46.85 14.98 -93.81
N GLN FA 49 -47.26 13.73 -94.03
CA GLN FA 49 -47.65 13.33 -95.37
C GLN FA 49 -49.05 13.84 -95.73
N GLU FA 50 -49.85 14.21 -94.74
CA GLU FA 50 -51.07 14.95 -95.04
C GLU FA 50 -50.75 16.33 -95.59
N LEU FA 51 -49.74 17.00 -95.02
CA LEU FA 51 -49.31 18.28 -95.55
C LEU FA 51 -48.58 18.12 -96.87
N LEU FA 52 -48.01 16.94 -97.11
CA LEU FA 52 -47.45 16.65 -98.42
C LEU FA 52 -48.55 16.60 -99.48
N SER FA 53 -49.69 16.00 -99.14
CA SER FA 53 -50.81 15.95 -100.09
C SER FA 53 -51.39 17.34 -100.32
N LYS FA 54 -51.40 18.18 -99.29
CA LYS FA 54 -51.86 19.56 -99.45
C LYS FA 54 -50.86 20.39 -100.25
N GLY FA 55 -49.63 19.93 -100.39
CA GLY FA 55 -48.66 20.55 -101.28
C GLY FA 55 -47.87 21.70 -100.70
N LEU FA 56 -48.10 22.05 -99.44
CA LEU FA 56 -47.39 23.17 -98.83
C LEU FA 56 -46.05 22.75 -98.23
N ILE FA 57 -45.66 21.49 -98.35
CA ILE FA 57 -44.42 20.97 -97.79
C ILE FA 57 -43.77 20.05 -98.83
N LYS FA 58 -42.48 20.25 -99.07
CA LYS FA 58 -41.74 19.50 -100.08
C LYS FA 58 -40.91 18.40 -99.42
N LEU FA 59 -41.02 17.19 -99.96
CA LEU FA 59 -40.22 16.05 -99.52
C LEU FA 59 -38.96 15.94 -100.36
N VAL FA 60 -37.88 15.45 -99.73
CA VAL FA 60 -36.57 15.34 -100.38
C VAL FA 60 -36.04 13.91 -100.37
N SER FA 61 -36.10 13.23 -99.22
CA SER FA 61 -35.39 11.96 -99.06
C SER FA 61 -36.29 10.74 -99.23
N LYS FA 62 -37.35 10.62 -98.43
CA LYS FA 62 -38.26 9.47 -98.45
C LYS FA 62 -37.50 8.16 -98.22
N HIS FA 63 -37.00 8.01 -97.00
CA HIS FA 63 -36.41 6.77 -96.55
C HIS FA 63 -37.26 6.13 -95.46
N ARG FA 64 -37.16 4.80 -95.35
CA ARG FA 64 -37.92 4.07 -94.35
C ARG FA 64 -37.55 4.49 -92.93
N ALA FA 65 -36.32 4.95 -92.74
CA ALA FA 65 -35.85 5.38 -91.42
C ALA FA 65 -35.77 6.89 -91.29
N GLN FA 66 -35.26 7.58 -92.31
CA GLN FA 66 -35.07 9.03 -92.27
C GLN FA 66 -35.81 9.66 -93.45
N VAL FA 67 -37.05 10.05 -93.22
CA VAL FA 67 -37.83 10.78 -94.22
C VAL FA 67 -37.79 12.26 -93.86
N ILE FA 68 -37.40 13.09 -94.82
CA ILE FA 68 -37.08 14.49 -94.57
C ILE FA 68 -37.98 15.36 -95.43
N TYR FA 69 -38.51 16.42 -94.83
CA TYR FA 69 -39.34 17.39 -95.51
C TYR FA 69 -38.72 18.77 -95.35
N THR FA 70 -39.37 19.76 -95.97
CA THR FA 70 -38.89 21.14 -95.91
C THR FA 70 -40.05 22.08 -96.21
N ARG FA 71 -39.87 23.33 -95.81
CA ARG FA 71 -40.81 24.38 -96.17
C ARG FA 71 -40.71 24.70 -97.65
N ASN FA 72 -41.74 25.34 -98.19
CA ASN FA 72 -41.70 25.79 -99.56
C ASN FA 72 -40.70 26.92 -99.72
N THR FA 73 -40.23 27.09 -100.96
CA THR FA 73 -39.29 28.17 -101.25
C THR FA 73 -40.00 29.52 -101.21
N LYS FA 74 -39.34 30.50 -100.59
CA LYS FA 74 -39.86 31.85 -100.49
C LYS FA 74 -38.96 32.79 -101.27
N GLY FA 75 -39.54 33.54 -102.20
CA GLY FA 75 -38.78 34.46 -103.04
C GLY FA 75 -38.69 33.99 -104.48
N ARG GA 1 -0.61 41.67 -72.55
CA ARG GA 1 -0.63 40.96 -71.28
C ARG GA 1 -0.69 39.46 -71.49
N VAL GA 2 -1.41 39.03 -72.53
CA VAL GA 2 -1.63 37.63 -72.83
C VAL GA 2 -0.97 37.28 -74.16
N GLN GA 3 -0.24 36.19 -74.19
CA GLN GA 3 0.42 35.72 -75.41
C GLN GA 3 -0.58 34.97 -76.28
N PRO GA 4 -0.72 35.34 -77.55
CA PRO GA 4 -1.73 34.70 -78.40
C PRO GA 4 -1.26 33.35 -78.95
N ILE GA 5 -2.24 32.61 -79.47
CA ILE GA 5 -1.96 31.29 -80.04
C ILE GA 5 -1.15 31.45 -81.31
N LYS GA 6 -0.15 30.57 -81.49
CA LYS GA 6 0.71 30.62 -82.66
C LYS GA 6 0.94 29.23 -83.23
N LEU GA 7 1.84 29.13 -84.21
CA LEU GA 7 2.14 27.86 -84.86
C LEU GA 7 3.65 27.70 -84.99
N ALA GA 8 4.10 26.45 -85.07
CA ALA GA 8 5.52 26.15 -85.23
C ALA GA 8 5.66 24.93 -86.12
N ARG GA 9 6.76 24.86 -86.86
CA ARG GA 9 7.00 23.80 -87.83
C ARG GA 9 8.07 22.84 -87.30
N VAL GA 10 7.76 21.55 -87.35
CA VAL GA 10 8.70 20.53 -86.91
C VAL GA 10 9.85 20.43 -87.90
N THR GA 11 11.08 20.44 -87.39
CA THR GA 11 12.28 20.31 -88.20
C THR GA 11 12.87 18.91 -88.12
N LYS GA 12 13.02 18.36 -86.92
CA LYS GA 12 13.62 17.04 -86.76
C LYS GA 12 13.02 16.36 -85.54
N VAL GA 13 13.00 15.03 -85.57
CA VAL GA 13 12.48 14.22 -84.48
C VAL GA 13 13.64 13.79 -83.59
N LEU GA 14 13.50 13.99 -82.28
CA LEU GA 14 14.58 13.68 -81.35
C LEU GA 14 14.43 12.30 -80.75
N GLY GA 15 13.22 11.93 -80.35
CA GLY GA 15 12.97 10.59 -79.82
C GLY GA 15 11.77 10.58 -78.91
N ARG GA 16 11.34 9.37 -78.57
CA ARG GA 16 10.19 9.18 -77.71
C ARG GA 16 10.52 9.59 -76.27
N THR GA 17 9.47 9.88 -75.51
CA THR GA 17 9.63 10.30 -74.12
C THR GA 17 8.36 9.96 -73.36
N GLY GA 18 8.44 10.00 -72.04
CA GLY GA 18 7.34 9.67 -71.17
C GLY GA 18 7.37 8.27 -70.60
N SER GA 19 8.38 7.47 -70.95
CA SER GA 19 8.56 6.10 -70.50
C SER GA 19 7.36 5.20 -70.83
N GLN GA 20 6.54 5.63 -71.79
CA GLN GA 20 5.50 4.79 -72.36
C GLN GA 20 5.40 4.87 -73.87
N GLY GA 21 6.08 5.82 -74.51
CA GLY GA 21 5.84 6.09 -75.91
C GLY GA 21 4.62 6.94 -76.17
N GLN GA 22 3.90 7.34 -75.11
CA GLN GA 22 2.74 8.21 -75.23
C GLN GA 22 3.10 9.60 -75.74
N CYS GA 23 4.37 9.97 -75.72
CA CYS GA 23 4.81 11.26 -76.22
C CYS GA 23 6.07 11.10 -77.05
N THR GA 24 6.18 11.95 -78.06
CA THR GA 24 7.39 12.09 -78.86
C THR GA 24 7.92 13.50 -78.66
N GLN GA 25 9.24 13.65 -78.67
CA GLN GA 25 9.87 14.95 -78.49
C GLN GA 25 10.56 15.36 -79.78
N VAL GA 26 10.18 16.52 -80.31
CA VAL GA 26 10.68 17.00 -81.59
C VAL GA 26 11.10 18.46 -81.45
N ARG GA 27 11.96 18.89 -82.36
CA ARG GA 27 12.39 20.28 -82.43
C ARG GA 27 11.48 21.05 -83.38
N VAL GA 28 11.03 22.22 -82.95
CA VAL GA 28 10.14 23.06 -83.74
C VAL GA 28 10.80 24.41 -83.95
N GLU GA 29 10.86 24.84 -85.20
CA GLU GA 29 11.19 26.21 -85.54
C GLU GA 29 9.92 27.04 -85.58
N PHE GA 30 10.08 28.35 -85.43
CA PHE GA 30 8.95 29.27 -85.38
C PHE GA 30 8.73 29.88 -86.75
N MET GA 31 7.48 29.84 -87.22
CA MET GA 31 7.17 30.46 -88.51
C MET GA 31 7.27 31.97 -88.44
N ASP GA 32 6.90 32.57 -87.30
CA ASP GA 32 7.06 34.01 -87.13
C ASP GA 32 8.52 34.42 -87.16
N ASP GA 33 9.40 33.65 -86.54
CA ASP GA 33 10.84 33.95 -86.55
C ASP GA 33 11.57 32.62 -86.74
N THR GA 34 12.06 32.40 -87.96
CA THR GA 34 12.71 31.12 -88.28
C THR GA 34 13.97 30.90 -87.44
N SER GA 35 14.68 31.97 -87.10
CA SER GA 35 15.83 31.83 -86.22
C SER GA 35 15.44 31.35 -84.83
N ARG GA 36 14.26 31.77 -84.35
CA ARG GA 36 13.75 31.33 -83.06
C ARG GA 36 13.27 29.89 -83.18
N SER GA 37 13.80 29.01 -82.33
CA SER GA 37 13.45 27.60 -82.37
C SER GA 37 13.66 26.99 -80.99
N ILE GA 38 12.70 26.17 -80.57
CA ILE GA 38 12.74 25.47 -79.30
C ILE GA 38 12.52 23.99 -79.54
N ILE GA 39 12.51 23.21 -78.46
CA ILE GA 39 12.21 21.79 -78.51
C ILE GA 39 10.97 21.54 -77.65
N ARG GA 40 10.01 20.81 -78.21
CA ARG GA 40 8.72 20.59 -77.56
C ARG GA 40 8.37 19.11 -77.62
N ASN GA 41 7.75 18.62 -76.56
CA ASN GA 41 7.25 17.25 -76.51
C ASN GA 41 5.76 17.26 -76.81
N VAL GA 42 5.35 16.43 -77.77
CA VAL GA 42 3.99 16.39 -78.27
C VAL GA 42 3.48 14.95 -78.20
N LYS GA 43 2.16 14.82 -78.16
CA LYS GA 43 1.51 13.52 -78.22
C LYS GA 43 0.90 13.32 -79.59
N GLY GA 44 0.65 12.07 -79.94
CA GLY GA 44 0.14 11.73 -81.24
C GLY GA 44 1.25 11.59 -82.26
N PRO GA 45 0.91 11.09 -83.46
CA PRO GA 45 1.95 10.86 -84.48
C PRO GA 45 2.45 12.18 -85.07
N VAL GA 46 3.77 12.32 -85.13
CA VAL GA 46 4.42 13.48 -85.72
C VAL GA 46 5.53 13.01 -86.64
N ARG GA 47 5.59 13.56 -87.84
CA ARG GA 47 6.70 13.34 -88.75
C ARG GA 47 7.35 14.69 -89.07
N GLU GA 48 8.34 14.65 -89.96
CA GLU GA 48 9.10 15.84 -90.27
C GLU GA 48 8.30 16.81 -91.13
N GLY GA 49 8.40 18.10 -90.81
CA GLY GA 49 7.89 19.15 -91.64
C GLY GA 49 6.50 19.66 -91.30
N ASP GA 50 5.71 18.89 -90.55
CA ASP GA 50 4.35 19.31 -90.25
C ASP GA 50 4.35 20.47 -89.26
N VAL GA 51 3.37 21.35 -89.41
CA VAL GA 51 3.22 22.53 -88.57
C VAL GA 51 2.05 22.29 -87.62
N LEU GA 52 2.26 22.64 -86.35
CA LEU GA 52 1.27 22.39 -85.31
C LEU GA 52 1.14 23.62 -84.43
N THR GA 53 -0.03 23.75 -83.81
CA THR GA 53 -0.31 24.88 -82.93
C THR GA 53 0.48 24.77 -81.63
N LEU GA 54 0.71 25.93 -81.01
CA LEU GA 54 1.36 26.01 -79.71
C LEU GA 54 0.73 27.14 -78.94
N LEU GA 55 0.05 26.81 -77.85
CA LEU GA 55 -0.72 27.79 -77.10
C LEU GA 55 0.13 28.67 -76.20
N GLU GA 56 1.42 28.36 -76.06
CA GLU GA 56 2.28 29.12 -75.16
C GLU GA 56 3.72 29.01 -75.67
N SER GA 57 4.51 30.04 -75.37
CA SER GA 57 5.82 30.17 -76.00
C SER GA 57 6.82 29.16 -75.46
N GLU GA 58 7.15 29.24 -74.17
CA GLU GA 58 8.16 28.37 -73.59
C GLU GA 58 7.59 27.65 -72.37
N ARG GA 59 7.65 26.31 -72.40
CA ARG GA 59 7.23 25.51 -71.26
C ARG GA 59 8.36 24.65 -70.71
N GLU GA 60 8.99 23.85 -71.56
CA GLU GA 60 9.98 22.87 -71.10
C GLU GA 60 11.00 22.61 -72.21
N ALA GA 61 12.20 22.24 -71.79
CA ALA GA 61 13.26 21.88 -72.74
C ALA GA 61 14.27 21.01 -72.01
N ARG GA 62 14.34 19.73 -72.37
CA ARG GA 62 15.29 18.81 -71.76
C ARG GA 62 15.87 17.90 -72.83
N ARG GA 63 17.10 17.47 -72.60
CA ARG GA 63 17.83 16.62 -73.53
C ARG GA 63 17.80 15.18 -73.04
N LEU GA 64 17.45 14.26 -73.94
CA LEU GA 64 17.42 12.84 -73.61
C LEU GA 64 18.68 12.15 -74.09
N GLY HA 1 -27.63 -64.73 -66.40
CA GLY HA 1 -28.65 -65.75 -66.27
C GLY HA 1 -28.66 -66.71 -67.43
N HIS HA 2 -29.85 -67.18 -67.80
CA HIS HA 2 -29.98 -68.08 -68.94
C HIS HA 2 -29.99 -67.27 -70.24
N GLN HA 3 -30.35 -67.91 -71.34
CA GLN HA 3 -30.18 -67.31 -72.67
C GLN HA 3 -31.10 -66.12 -72.89
N GLN HA 4 -32.21 -66.01 -72.16
CA GLN HA 4 -33.22 -65.01 -72.47
C GLN HA 4 -32.92 -63.63 -71.87
N LEU HA 5 -31.96 -63.52 -70.95
CA LEU HA 5 -31.71 -62.23 -70.31
C LEU HA 5 -30.24 -61.85 -70.19
N TYR HA 6 -29.32 -62.68 -70.67
CA TYR HA 6 -27.90 -62.36 -70.53
C TYR HA 6 -27.52 -61.12 -71.34
N TRP HA 7 -28.09 -60.99 -72.54
CA TRP HA 7 -27.83 -59.85 -73.42
C TRP HA 7 -29.14 -59.28 -73.94
N SER HA 8 -30.21 -59.41 -73.15
CA SER HA 8 -31.55 -59.07 -73.63
C SER HA 8 -31.72 -57.58 -73.84
N HIS HA 9 -31.15 -56.77 -72.95
CA HIS HA 9 -31.39 -55.34 -72.99
C HIS HA 9 -30.84 -54.74 -74.28
N PRO HA 10 -31.62 -53.92 -75.00
CA PRO HA 10 -31.20 -53.49 -76.34
C PRO HA 10 -29.96 -52.60 -76.30
N ARG HA 11 -29.12 -52.80 -77.31
CA ARG HA 11 -27.94 -51.96 -77.53
C ARG HA 11 -27.79 -51.67 -79.02
N LYS HA 12 -28.89 -51.29 -79.65
CA LYS HA 12 -28.90 -51.04 -81.08
C LYS HA 12 -28.46 -49.62 -81.44
N PHE HA 13 -28.19 -48.77 -80.44
CA PHE HA 13 -27.87 -47.38 -80.67
C PHE HA 13 -27.19 -46.80 -79.44
N GLY HA 14 -26.59 -45.63 -79.62
CA GLY HA 14 -25.99 -44.92 -78.51
C GLY HA 14 -24.52 -45.26 -78.30
N GLN HA 15 -23.99 -44.71 -77.20
CA GLN HA 15 -22.58 -44.94 -76.86
C GLN HA 15 -22.33 -46.41 -76.53
N GLY HA 16 -23.28 -47.06 -75.85
CA GLY HA 16 -23.11 -48.45 -75.48
C GLY HA 16 -23.18 -49.40 -76.65
N SER HA 17 -23.75 -48.97 -77.77
CA SER HA 17 -23.79 -49.80 -78.97
C SER HA 17 -22.44 -49.83 -79.68
N ARG HA 18 -21.65 -48.76 -79.55
CA ARG HA 18 -20.42 -48.60 -80.30
C ARG HA 18 -19.23 -48.69 -79.37
N SER HA 19 -18.29 -49.56 -79.70
CA SER HA 19 -17.04 -49.70 -78.96
C SER HA 19 -15.87 -49.58 -79.94
N CYS HA 20 -14.72 -49.18 -79.40
CA CYS HA 20 -13.57 -48.90 -80.24
C CYS HA 20 -13.02 -50.19 -80.85
N ARG HA 21 -12.57 -50.08 -82.10
CA ARG HA 21 -12.02 -51.23 -82.81
C ARG HA 21 -10.63 -51.62 -82.32
N VAL HA 22 -9.95 -50.76 -81.55
CA VAL HA 22 -8.61 -51.08 -81.07
C VAL HA 22 -8.62 -51.25 -79.56
N CYS HA 23 -8.98 -50.19 -78.84
CA CYS HA 23 -8.91 -50.19 -77.38
C CYS HA 23 -10.19 -50.64 -76.72
N SER HA 24 -11.23 -50.98 -77.50
CA SER HA 24 -12.48 -51.55 -77.00
C SER HA 24 -13.18 -50.62 -76.00
N ASN HA 25 -12.92 -49.32 -76.11
CA ASN HA 25 -13.49 -48.34 -75.20
C ASN HA 25 -14.67 -47.63 -75.84
N ARG HA 26 -15.59 -47.17 -74.99
CA ARG HA 26 -16.82 -46.53 -75.43
C ARG HA 26 -16.77 -45.01 -75.20
N HIS HA 27 -15.60 -44.41 -75.40
CA HIS HA 27 -15.42 -42.98 -75.19
C HIS HA 27 -14.47 -42.43 -76.23
N GLY HA 28 -14.78 -41.22 -76.71
CA GLY HA 28 -13.91 -40.56 -77.67
C GLY HA 28 -13.91 -41.18 -79.05
N LEU HA 29 -14.97 -41.90 -79.42
CA LEU HA 29 -15.00 -42.57 -80.70
C LEU HA 29 -15.07 -41.57 -81.85
N ILE HA 30 -14.20 -41.75 -82.83
CA ILE HA 30 -14.22 -40.95 -84.05
C ILE HA 30 -14.91 -41.82 -85.10
N ARG HA 31 -16.21 -41.62 -85.25
CA ARG HA 31 -16.98 -42.39 -86.21
C ARG HA 31 -16.96 -41.79 -87.61
N LYS HA 32 -16.29 -40.65 -87.79
CA LYS HA 32 -16.24 -40.03 -89.10
C LYS HA 32 -15.47 -40.91 -90.08
N TYR HA 33 -15.96 -40.94 -91.32
CA TYR HA 33 -15.40 -41.77 -92.40
C TYR HA 33 -15.39 -43.24 -92.05
N GLY HA 34 -16.24 -43.68 -91.12
CA GLY HA 34 -16.27 -45.07 -90.73
C GLY HA 34 -15.04 -45.55 -89.99
N LEU HA 35 -14.34 -44.62 -89.33
CA LEU HA 35 -13.13 -44.99 -88.60
C LEU HA 35 -13.46 -45.91 -87.43
N ASN HA 36 -14.42 -45.52 -86.59
CA ASN HA 36 -14.81 -46.27 -85.39
C ASN HA 36 -13.59 -46.56 -84.51
N MET HA 37 -12.70 -45.58 -84.40
CA MET HA 37 -11.43 -45.73 -83.72
C MET HA 37 -11.36 -44.80 -82.52
N CYS HA 38 -10.54 -45.19 -81.55
CA CYS HA 38 -10.43 -44.48 -80.29
C CYS HA 38 -9.84 -43.09 -80.54
N ARG HA 39 -10.14 -42.15 -79.64
CA ARG HA 39 -9.61 -40.81 -79.78
C ARG HA 39 -8.09 -40.82 -79.72
N GLN HA 40 -7.52 -41.61 -78.82
CA GLN HA 40 -6.07 -41.70 -78.65
C GLN HA 40 -5.43 -42.70 -79.60
N CYS HA 41 -6.12 -43.79 -79.91
CA CYS HA 41 -5.59 -44.77 -80.87
C CYS HA 41 -5.46 -44.17 -82.26
N PHE HA 42 -6.35 -43.24 -82.62
CA PHE HA 42 -6.23 -42.57 -83.91
C PHE HA 42 -4.94 -41.77 -83.99
N ARG HA 43 -4.57 -41.10 -82.90
CA ARG HA 43 -3.29 -40.39 -82.86
C ARG HA 43 -2.12 -41.35 -82.97
N GLN HA 44 -2.28 -42.57 -82.48
CA GLN HA 44 -1.21 -43.55 -82.54
C GLN HA 44 -1.01 -44.09 -83.95
N TYR HA 45 -2.10 -44.36 -84.66
CA TYR HA 45 -2.05 -45.01 -85.96
C TYR HA 45 -2.27 -44.05 -87.12
N ALA HA 46 -2.22 -42.74 -86.88
CA ALA HA 46 -2.50 -41.77 -87.93
C ALA HA 46 -1.49 -41.86 -89.07
N LYS HA 47 -0.20 -41.98 -88.74
CA LYS HA 47 0.84 -42.02 -89.76
C LYS HA 47 0.69 -43.26 -90.64
N ASP HA 48 0.38 -44.41 -90.04
CA ASP HA 48 0.26 -45.64 -90.81
C ASP HA 48 -1.02 -45.66 -91.63
N ILE HA 49 -2.07 -44.99 -91.17
CA ILE HA 49 -3.32 -44.95 -91.92
C ILE HA 49 -3.15 -44.12 -93.18
N GLY HA 50 -2.53 -42.96 -93.08
CA GLY HA 50 -2.36 -42.08 -94.22
C GLY HA 50 -2.63 -40.63 -93.88
N PHE HA 51 -3.26 -40.39 -92.72
CA PHE HA 51 -3.46 -39.04 -92.24
C PHE HA 51 -2.13 -38.47 -91.78
N ILE HA 52 -1.80 -37.26 -92.23
CA ILE HA 52 -0.54 -36.63 -91.90
C ILE HA 52 -0.81 -35.23 -91.35
N LYS HA 53 0.15 -34.72 -90.60
CA LYS HA 53 0.07 -33.38 -90.03
C LYS HA 53 0.64 -32.39 -91.03
N LEU HA 54 -0.24 -31.69 -91.74
CA LEU HA 54 0.16 -30.70 -92.72
C LEU HA 54 0.17 -29.27 -92.16
N ASP HA 55 -0.82 -28.95 -91.33
CA ASP HA 55 -0.85 -27.65 -90.67
C ASP HA 55 -1.69 -27.73 -89.38
N TYR IA 1 -20.74 -54.27 -46.37
CA TYR IA 1 -21.20 -55.64 -46.59
C TYR IA 1 -22.35 -55.98 -45.65
N THR IA 2 -22.44 -57.26 -45.27
CA THR IA 2 -23.43 -57.76 -44.32
C THR IA 2 -24.85 -57.42 -44.76
N THR IA 3 -25.22 -58.03 -45.89
CA THR IA 3 -26.55 -57.81 -46.46
C THR IA 3 -27.63 -58.27 -45.48
N PRO IA 4 -28.65 -57.44 -45.23
CA PRO IA 4 -29.73 -57.88 -44.33
C PRO IA 4 -30.44 -59.14 -44.79
N LYS IA 5 -30.63 -59.29 -46.10
CA LYS IA 5 -31.21 -60.52 -46.62
C LYS IA 5 -30.20 -61.65 -46.55
N LYS IA 6 -30.67 -62.84 -46.20
CA LYS IA 6 -29.78 -63.98 -46.01
C LYS IA 6 -29.27 -64.50 -47.35
N ASN IA 7 -28.13 -65.18 -47.30
CA ASN IA 7 -27.57 -65.84 -48.48
C ASN IA 7 -28.57 -66.82 -49.08
N LYS IA 8 -28.99 -66.55 -50.31
CA LYS IA 8 -29.94 -67.40 -50.99
C LYS IA 8 -29.36 -68.78 -51.23
N HIS IA 9 -30.14 -69.81 -50.93
CA HIS IA 9 -29.68 -71.19 -51.05
C HIS IA 9 -29.94 -71.66 -52.48
N LYS IA 10 -28.87 -71.95 -53.22
CA LYS IA 10 -29.00 -72.50 -54.55
C LYS IA 10 -29.57 -73.91 -54.49
N ARG IA 11 -30.30 -74.29 -55.54
CA ARG IA 11 -31.02 -75.55 -55.54
C ARG IA 11 -30.06 -76.73 -55.60
N LYS IA 12 -30.30 -77.72 -54.76
CA LYS IA 12 -29.61 -79.00 -54.81
C LYS IA 12 -30.57 -80.04 -55.37
N LYS IA 13 -30.12 -80.81 -56.36
CA LYS IA 13 -30.96 -81.84 -56.93
C LYS IA 13 -31.16 -82.98 -55.93
N VAL IA 14 -32.32 -83.62 -56.02
CA VAL IA 14 -32.76 -84.58 -55.01
C VAL IA 14 -32.09 -85.93 -55.20
N LYS IA 15 -31.22 -86.04 -56.21
CA LYS IA 15 -30.49 -87.26 -56.53
C LYS IA 15 -31.45 -88.43 -56.81
N LEU IA 16 -32.20 -88.26 -57.89
CA LEU IA 16 -33.15 -89.28 -58.33
C LEU IA 16 -32.43 -90.59 -58.61
N ALA IA 17 -33.04 -91.70 -58.16
CA ALA IA 17 -32.49 -93.02 -58.37
C ALA IA 17 -32.82 -93.49 -59.79
N VAL IA 18 -32.63 -94.78 -60.06
CA VAL IA 18 -32.91 -95.31 -61.39
C VAL IA 18 -34.41 -95.19 -61.66
N LEU IA 19 -34.74 -94.79 -62.89
CA LEU IA 19 -36.11 -94.43 -63.26
C LEU IA 19 -37.10 -95.58 -63.09
N LYS IA 20 -36.95 -96.66 -63.87
CA LYS IA 20 -37.76 -97.88 -63.77
C LYS IA 20 -39.26 -97.59 -63.76
N TYR IA 21 -39.71 -96.56 -64.46
CA TYR IA 21 -41.14 -96.26 -64.43
C TYR IA 21 -41.89 -96.88 -65.62
N TYR IA 22 -41.69 -98.17 -65.83
CA TYR IA 22 -42.57 -98.97 -66.66
C TYR IA 22 -42.34 -100.44 -66.33
N LYS IA 23 -43.44 -101.15 -66.08
CA LYS IA 23 -43.40 -102.50 -65.51
C LYS IA 23 -43.94 -103.50 -66.52
N VAL IA 24 -43.54 -104.76 -66.35
CA VAL IA 24 -44.00 -105.86 -67.16
C VAL IA 24 -44.61 -106.92 -66.26
N ASP IA 25 -45.46 -107.77 -66.85
CA ASP IA 25 -46.08 -108.88 -66.14
C ASP IA 25 -46.04 -110.11 -67.03
N GLU IA 26 -46.57 -111.21 -66.50
CA GLU IA 26 -46.61 -112.55 -67.13
C GLU IA 26 -45.29 -112.91 -67.81
N ASN IA 27 -44.23 -113.03 -67.00
CA ASN IA 27 -42.88 -113.37 -67.45
C ASN IA 27 -42.32 -112.36 -68.44
N GLY IA 28 -42.83 -111.14 -68.41
CA GLY IA 28 -42.32 -110.07 -69.24
C GLY IA 28 -43.16 -109.78 -70.46
N LYS IA 29 -44.01 -108.76 -70.36
CA LYS IA 29 -44.78 -108.24 -71.48
C LYS IA 29 -44.99 -106.76 -71.21
N ILE IA 30 -44.64 -105.93 -72.19
CA ILE IA 30 -44.52 -104.49 -71.94
C ILE IA 30 -45.88 -103.87 -71.62
N SER IA 31 -45.86 -102.83 -70.80
CA SER IA 31 -47.05 -102.03 -70.52
C SER IA 31 -46.59 -100.68 -70.02
N ARG IA 32 -46.79 -99.65 -70.85
CA ARG IA 32 -46.38 -98.30 -70.50
C ARG IA 32 -47.33 -97.71 -69.46
N LEU IA 33 -46.76 -97.18 -68.37
CA LEU IA 33 -47.54 -96.47 -67.36
C LEU IA 33 -47.36 -94.96 -67.46
N ARG IA 34 -46.81 -94.48 -68.58
CA ARG IA 34 -46.64 -93.05 -68.83
C ARG IA 34 -47.31 -92.67 -70.14
N ARG IA 35 -47.11 -91.44 -70.59
CA ARG IA 35 -47.65 -90.97 -71.86
C ARG IA 35 -46.51 -90.61 -72.80
N GLU IA 36 -46.68 -90.96 -74.07
CA GLU IA 36 -45.67 -90.63 -75.06
C GLU IA 36 -45.80 -89.18 -75.51
N CYS IA 37 -44.71 -88.65 -76.07
CA CYS IA 37 -44.68 -87.26 -76.51
C CYS IA 37 -45.04 -87.20 -77.99
N PRO IA 38 -46.13 -86.50 -78.36
CA PRO IA 38 -46.59 -86.54 -79.76
C PRO IA 38 -45.75 -85.70 -80.72
N SER IA 39 -44.95 -84.75 -80.23
CA SER IA 39 -44.21 -83.88 -81.14
C SER IA 39 -43.07 -84.65 -81.80
N ASP IA 40 -42.66 -84.15 -82.97
CA ASP IA 40 -41.73 -84.84 -83.86
C ASP IA 40 -40.28 -84.82 -83.38
N GLU IA 41 -39.83 -83.73 -82.76
CA GLU IA 41 -38.44 -83.70 -82.29
C GLU IA 41 -38.27 -84.48 -81.00
N CYS IA 42 -39.35 -84.75 -80.28
CA CYS IA 42 -39.27 -85.54 -79.05
C CYS IA 42 -39.18 -87.02 -79.40
N GLY IA 43 -40.19 -87.53 -80.12
CA GLY IA 43 -40.16 -88.91 -80.57
C GLY IA 43 -40.81 -89.89 -79.61
N ALA IA 44 -40.46 -91.17 -79.74
CA ALA IA 44 -41.05 -92.23 -78.93
C ALA IA 44 -40.16 -92.71 -77.80
N GLY IA 45 -38.86 -92.42 -77.83
CA GLY IA 45 -37.96 -92.79 -76.77
C GLY IA 45 -37.97 -91.87 -75.58
N VAL IA 46 -38.75 -90.80 -75.64
CA VAL IA 46 -38.87 -89.86 -74.56
C VAL IA 46 -40.14 -90.16 -73.78
N PHE IA 47 -40.27 -89.58 -72.60
CA PHE IA 47 -41.40 -89.83 -71.72
C PHE IA 47 -41.93 -88.52 -71.19
N MET IA 48 -43.22 -88.49 -70.88
CA MET IA 48 -43.81 -87.33 -70.25
C MET IA 48 -43.72 -87.46 -68.73
N ALA IA 49 -44.19 -86.42 -68.04
CA ALA IA 49 -44.10 -86.35 -66.59
C ALA IA 49 -45.32 -87.01 -65.97
N SER IA 50 -45.46 -86.92 -64.66
CA SER IA 50 -46.61 -87.47 -63.95
C SER IA 50 -47.06 -86.52 -62.84
N HIS IA 51 -47.12 -85.23 -63.16
CA HIS IA 51 -47.67 -84.25 -62.23
C HIS IA 51 -49.16 -84.51 -62.05
N PHE IA 52 -49.68 -84.11 -60.89
CA PHE IA 52 -51.03 -84.50 -60.50
C PHE IA 52 -52.10 -83.93 -61.42
N ASP IA 53 -51.82 -82.84 -62.13
CA ASP IA 53 -52.81 -82.25 -63.01
C ASP IA 53 -52.36 -82.12 -64.45
N ARG IA 54 -51.12 -82.48 -64.78
CA ARG IA 54 -50.64 -82.40 -66.15
C ARG IA 54 -49.46 -83.34 -66.32
N HIS IA 55 -49.12 -83.61 -67.58
CA HIS IA 55 -47.94 -84.38 -67.92
C HIS IA 55 -47.04 -83.54 -68.81
N TYR IA 56 -45.72 -83.70 -68.63
CA TYR IA 56 -44.76 -82.77 -69.19
C TYR IA 56 -43.58 -83.52 -69.80
N CYS IA 57 -43.38 -83.34 -71.11
CA CYS IA 57 -42.26 -83.94 -71.82
C CYS IA 57 -40.99 -83.13 -71.57
N GLY IA 58 -39.96 -83.34 -72.38
CA GLY IA 58 -38.71 -82.64 -72.21
C GLY IA 58 -38.59 -81.45 -73.15
N LYS IA 59 -37.90 -81.65 -74.28
CA LYS IA 59 -37.75 -80.57 -75.26
C LYS IA 59 -39.09 -80.09 -75.80
N CYS IA 60 -40.13 -80.93 -75.68
CA CYS IA 60 -41.46 -80.56 -76.16
C CYS IA 60 -42.00 -79.33 -75.41
N CYS IA 61 -41.98 -79.39 -74.08
CA CYS IA 61 -42.49 -78.34 -73.20
C CYS IA 61 -43.97 -78.06 -73.43
N LEU IA 62 -44.66 -78.97 -74.10
CA LEU IA 62 -46.09 -78.80 -74.41
C LEU IA 62 -46.89 -79.73 -73.50
N THR IA 63 -47.28 -79.18 -72.34
CA THR IA 63 -48.02 -79.97 -71.37
C THR IA 63 -49.45 -80.19 -71.81
N TYR IA 64 -50.03 -81.28 -71.33
CA TYR IA 64 -51.44 -81.58 -71.52
C TYR IA 64 -52.11 -81.53 -70.15
N CYS IA 65 -52.95 -80.52 -69.93
CA CYS IA 65 -53.62 -80.32 -68.66
C CYS IA 65 -55.01 -80.94 -68.73
N PHE IA 66 -55.27 -81.92 -67.87
CA PHE IA 66 -56.58 -82.53 -67.76
C PHE IA 66 -57.32 -81.88 -66.60
N ASN IA 67 -58.54 -81.42 -66.88
CA ASN IA 67 -59.31 -80.66 -65.90
C ASN IA 67 -60.34 -81.53 -65.20
N THR JA 1 32.37 15.69 -141.17
CA THR JA 1 31.27 16.62 -140.95
C THR JA 1 30.07 15.91 -140.35
N GLU JA 2 30.22 14.60 -140.13
CA GLU JA 2 29.15 13.77 -139.61
C GLU JA 2 29.50 13.28 -138.22
N GLN JA 3 28.55 13.42 -137.30
CA GLN JA 3 28.67 12.89 -135.95
C GLN JA 3 27.33 12.30 -135.54
N MET JA 4 27.38 11.35 -134.62
CA MET JA 4 26.15 10.76 -134.10
C MET JA 4 25.60 11.65 -132.98
N THR JA 5 24.33 12.01 -133.10
CA THR JA 5 23.70 12.93 -132.17
C THR JA 5 22.39 12.33 -131.63
N LEU JA 6 22.06 12.69 -130.40
CA LEU JA 6 20.86 12.16 -129.74
C LEU JA 6 19.64 12.88 -130.30
N ARG JA 7 18.92 12.20 -131.21
CA ARG JA 7 17.73 12.79 -131.78
C ARG JA 7 16.55 12.77 -130.80
N GLY JA 8 16.45 11.72 -129.99
CA GLY JA 8 15.36 11.65 -129.04
C GLY JA 8 15.47 10.40 -128.19
N THR JA 9 14.48 10.25 -127.31
CA THR JA 9 14.35 9.09 -126.45
C THR JA 9 12.96 8.48 -126.63
N LEU JA 10 12.80 7.25 -126.17
CA LEU JA 10 11.54 6.53 -126.32
C LEU JA 10 11.25 5.77 -125.03
N LYS JA 11 10.20 6.18 -124.33
CA LYS JA 11 9.74 5.51 -123.12
C LYS JA 11 8.74 4.42 -123.50
N GLY JA 12 8.03 3.87 -122.53
CA GLY JA 12 6.90 2.98 -122.76
C GLY JA 12 7.06 1.61 -122.13
N HIS JA 13 8.28 1.09 -122.06
CA HIS JA 13 8.48 -0.23 -121.49
C HIS JA 13 8.52 -0.16 -119.97
N ASN JA 14 8.48 -1.34 -119.34
CA ASN JA 14 8.63 -1.47 -117.90
C ASN JA 14 9.78 -2.39 -117.53
N GLY JA 15 10.44 -3.00 -118.51
CA GLY JA 15 11.61 -3.81 -118.27
C GLY JA 15 12.74 -3.37 -119.18
N TRP JA 16 13.86 -4.09 -119.07
CA TRP JA 16 15.01 -3.80 -119.92
C TRP JA 16 14.68 -4.12 -121.37
N VAL JA 17 14.99 -3.19 -122.28
CA VAL JA 17 14.72 -3.39 -123.69
C VAL JA 17 15.82 -4.26 -124.28
N THR JA 18 15.65 -5.57 -124.18
CA THR JA 18 16.73 -6.51 -124.49
C THR JA 18 16.99 -6.67 -125.98
N GLN JA 19 16.02 -6.35 -126.83
CA GLN JA 19 16.19 -6.57 -128.27
C GLN JA 19 15.56 -5.41 -129.03
N ILE JA 20 16.18 -5.05 -130.15
CA ILE JA 20 15.65 -4.05 -131.07
C ILE JA 20 15.54 -4.70 -132.46
N ALA JA 21 14.36 -4.63 -133.05
CA ALA JA 21 14.09 -5.27 -134.33
C ALA JA 21 13.65 -4.21 -135.32
N THR JA 22 14.33 -4.15 -136.47
CA THR JA 22 14.08 -3.16 -137.49
C THR JA 22 13.82 -3.85 -138.83
N THR JA 23 12.93 -3.27 -139.63
CA THR JA 23 12.60 -3.87 -140.91
C THR JA 23 12.73 -2.86 -142.04
N PRO JA 24 13.18 -3.29 -143.22
CA PRO JA 24 13.21 -2.37 -144.37
C PRO JA 24 11.85 -2.16 -145.00
N GLN JA 25 10.91 -3.09 -144.82
CA GLN JA 25 9.60 -2.97 -145.43
C GLN JA 25 8.84 -1.77 -144.86
N PHE JA 26 8.92 -1.58 -143.55
CA PHE JA 26 8.18 -0.52 -142.86
C PHE JA 26 9.20 0.35 -142.11
N PRO JA 27 9.82 1.31 -142.77
CA PRO JA 27 10.81 2.16 -142.10
C PRO JA 27 10.22 3.00 -140.97
N ASP JA 28 8.91 3.22 -140.96
CA ASP JA 28 8.25 3.98 -139.91
C ASP JA 28 7.77 3.09 -138.77
N MET JA 29 8.16 1.82 -138.74
CA MET JA 29 7.74 0.89 -137.70
C MET JA 29 8.92 0.02 -137.30
N ILE JA 30 9.27 0.06 -136.02
CA ILE JA 30 10.21 -0.87 -135.42
C ILE JA 30 9.59 -1.40 -134.13
N LEU JA 31 9.92 -2.64 -133.79
CA LEU JA 31 9.41 -3.27 -132.58
C LEU JA 31 10.58 -3.76 -131.73
N SER JA 32 10.40 -3.71 -130.42
CA SER JA 32 11.46 -4.02 -129.47
C SER JA 32 10.95 -4.96 -128.39
N ALA JA 33 11.78 -5.95 -128.05
CA ALA JA 33 11.49 -6.87 -126.95
C ALA JA 33 11.95 -6.28 -125.63
N SER JA 34 11.26 -6.68 -124.56
CA SER JA 34 11.52 -6.08 -123.25
C SER JA 34 11.26 -7.12 -122.16
N ARG JA 35 11.86 -6.85 -121.00
CA ARG JA 35 11.73 -7.74 -119.85
C ARG JA 35 10.35 -7.67 -119.19
N ASP JA 36 9.50 -6.74 -119.60
CA ASP JA 36 8.14 -6.66 -119.07
C ASP JA 36 7.19 -7.64 -119.75
N LYS JA 37 7.73 -8.67 -120.42
CA LYS JA 37 6.94 -9.68 -121.13
C LYS JA 37 6.05 -9.03 -122.20
N THR JA 38 6.57 -8.00 -122.85
CA THR JA 38 5.82 -7.27 -123.85
C THR JA 38 6.75 -6.90 -125.01
N ILE JA 39 6.28 -7.12 -126.23
CA ILE JA 39 6.97 -6.69 -127.44
C ILE JA 39 6.15 -5.56 -128.03
N ILE JA 40 6.75 -4.37 -128.12
CA ILE JA 40 6.04 -3.15 -128.49
C ILE JA 40 6.57 -2.66 -129.82
N MET JA 41 5.70 -2.59 -130.82
CA MET JA 41 6.00 -1.95 -132.08
C MET JA 41 5.58 -0.49 -132.04
N TRP JA 42 6.10 0.29 -132.97
CA TRP JA 42 6.03 1.74 -132.86
C TRP JA 42 5.61 2.37 -134.18
N LYS JA 43 4.90 3.49 -134.07
CA LYS JA 43 4.63 4.38 -135.20
C LYS JA 43 5.54 5.59 -135.03
N LEU JA 44 6.55 5.70 -135.88
CA LEU JA 44 7.66 6.64 -135.67
C LEU JA 44 7.27 8.01 -136.18
N THR JA 45 6.40 8.69 -135.42
CA THR JA 45 6.04 10.07 -135.68
C THR JA 45 7.14 10.95 -135.07
N ARG JA 46 8.15 11.26 -135.88
CA ARG JA 46 9.35 11.96 -135.41
C ARG JA 46 9.10 13.46 -135.41
N ASP JA 47 8.23 13.90 -134.50
CA ASP JA 47 7.91 15.31 -134.33
C ASP JA 47 8.61 15.83 -133.08
N GLU JA 48 8.32 17.09 -132.74
CA GLU JA 48 9.04 17.78 -131.68
C GLU JA 48 8.75 17.22 -130.29
N THR JA 49 7.63 16.53 -130.10
CA THR JA 49 7.30 16.01 -128.78
C THR JA 49 8.00 14.68 -128.50
N ASN JA 50 7.71 13.66 -129.30
CA ASN JA 50 8.27 12.33 -129.11
C ASN JA 50 8.72 11.79 -130.46
N TYR JA 51 9.68 10.87 -130.44
CA TYR JA 51 10.13 10.27 -131.67
C TYR JA 51 9.16 9.22 -132.19
N GLY JA 52 8.23 8.76 -131.37
CA GLY JA 52 7.28 7.75 -131.80
C GLY JA 52 6.20 7.54 -130.76
N ILE JA 53 5.24 6.70 -131.14
CA ILE JA 53 4.12 6.35 -130.27
C ILE JA 53 3.93 4.84 -130.33
N PRO JA 54 3.72 4.16 -129.20
CA PRO JA 54 3.54 2.70 -129.24
C PRO JA 54 2.26 2.32 -129.98
N GLN JA 55 2.40 1.54 -131.04
CA GLN JA 55 1.28 1.20 -131.91
C GLN JA 55 0.55 -0.05 -131.43
N ARG JA 56 1.25 -1.18 -131.37
CA ARG JA 56 0.66 -2.45 -130.94
C ARG JA 56 1.55 -3.07 -129.88
N ALA JA 57 0.97 -3.36 -128.72
CA ALA JA 57 1.69 -3.94 -127.60
C ALA JA 57 1.28 -5.42 -127.52
N LEU JA 58 2.14 -6.29 -128.01
CA LEU JA 58 1.85 -7.72 -128.07
C LEU JA 58 2.09 -8.36 -126.70
N ARG JA 59 1.16 -9.22 -126.29
CA ARG JA 59 1.23 -9.91 -125.01
C ARG JA 59 1.12 -11.41 -125.22
N GLY JA 60 1.53 -12.16 -124.20
CA GLY JA 60 1.46 -13.61 -124.27
C GLY JA 60 2.67 -14.32 -123.70
N HIS JA 61 3.85 -13.70 -123.81
CA HIS JA 61 5.05 -14.31 -123.27
C HIS JA 61 5.04 -14.34 -121.75
N SER JA 62 5.47 -15.47 -121.19
CA SER JA 62 5.44 -15.67 -119.75
C SER JA 62 6.67 -15.12 -119.04
N HIS JA 63 7.75 -14.83 -119.77
CA HIS JA 63 9.00 -14.41 -119.15
C HIS JA 63 9.63 -13.35 -120.04
N PHE JA 64 10.90 -13.07 -119.80
CA PHE JA 64 11.61 -12.02 -120.54
C PHE JA 64 11.71 -12.41 -122.01
N VAL JA 65 11.20 -11.55 -122.88
CA VAL JA 65 11.34 -11.77 -124.31
C VAL JA 65 12.76 -11.44 -124.72
N SER JA 66 13.50 -12.44 -125.18
CA SER JA 66 14.93 -12.27 -125.43
C SER JA 66 15.20 -11.62 -126.78
N ASP JA 67 14.76 -12.28 -127.85
CA ASP JA 67 15.11 -11.89 -129.21
C ASP JA 67 13.84 -11.71 -130.03
N VAL JA 68 13.85 -10.73 -130.93
CA VAL JA 68 12.76 -10.51 -131.87
C VAL JA 68 13.34 -10.16 -133.23
N VAL JA 69 12.81 -10.81 -134.27
CA VAL JA 69 13.28 -10.66 -135.64
C VAL JA 69 12.07 -10.61 -136.57
N ILE JA 70 12.07 -9.67 -137.51
CA ILE JA 70 11.00 -9.61 -138.51
C ILE JA 70 11.37 -10.55 -139.65
N SER JA 71 10.35 -11.20 -140.22
CA SER JA 71 10.55 -11.93 -141.47
C SER JA 71 10.78 -10.94 -142.62
N SER JA 72 11.21 -11.47 -143.77
CA SER JA 72 11.64 -10.61 -144.87
C SER JA 72 10.49 -9.75 -145.40
N ASP JA 73 9.29 -10.33 -145.51
CA ASP JA 73 8.17 -9.59 -146.09
C ASP JA 73 7.60 -8.53 -145.14
N GLY JA 74 7.98 -8.55 -143.87
CA GLY JA 74 7.52 -7.54 -142.93
C GLY JA 74 6.17 -7.79 -142.31
N GLN JA 75 5.58 -8.96 -142.54
CA GLN JA 75 4.27 -9.28 -141.99
C GLN JA 75 4.31 -10.15 -140.75
N PHE JA 76 5.39 -10.89 -140.54
CA PHE JA 76 5.52 -11.79 -139.39
C PHE JA 76 6.72 -11.38 -138.55
N ALA JA 77 6.77 -11.92 -137.33
CA ALA JA 77 7.86 -11.61 -136.40
C ALA JA 77 8.06 -12.78 -135.45
N LEU JA 78 9.22 -13.44 -135.58
CA LEU JA 78 9.62 -14.46 -134.62
C LEU JA 78 10.08 -13.80 -133.33
N SER JA 79 9.85 -14.47 -132.21
CA SER JA 79 10.27 -13.94 -130.92
C SER JA 79 10.57 -15.09 -129.97
N GLY JA 80 11.80 -15.12 -129.45
CA GLY JA 80 12.20 -16.06 -128.42
C GLY JA 80 12.09 -15.42 -127.05
N SER JA 81 11.97 -16.26 -126.03
CA SER JA 81 11.79 -15.79 -124.67
C SER JA 81 12.33 -16.83 -123.69
N TRP JA 82 12.58 -16.38 -122.46
CA TRP JA 82 13.04 -17.28 -121.41
C TRP JA 82 11.98 -18.26 -120.95
N ASP JA 83 10.73 -18.09 -121.38
CA ASP JA 83 9.62 -18.96 -120.99
C ASP JA 83 9.69 -20.36 -121.64
N GLY JA 84 10.76 -20.68 -122.38
CA GLY JA 84 10.90 -21.97 -123.02
C GLY JA 84 10.17 -22.10 -124.34
N THR JA 85 9.55 -21.04 -124.83
CA THR JA 85 8.78 -21.09 -126.07
C THR JA 85 9.26 -20.00 -127.02
N LEU JA 86 9.00 -20.22 -128.30
CA LEU JA 86 9.13 -19.20 -129.33
C LEU JA 86 7.77 -18.95 -129.94
N ARG JA 87 7.32 -17.69 -129.89
CA ARG JA 87 6.02 -17.31 -130.42
C ARG JA 87 6.22 -16.55 -131.72
N LEU JA 88 5.46 -16.93 -132.75
CA LEU JA 88 5.48 -16.23 -134.02
C LEU JA 88 4.23 -15.36 -134.08
N TRP JA 89 4.42 -14.10 -134.49
CA TRP JA 89 3.35 -13.12 -134.46
C TRP JA 89 3.02 -12.64 -135.87
N ASP JA 90 1.75 -12.34 -136.08
CA ASP JA 90 1.31 -11.56 -137.23
C ASP JA 90 1.11 -10.11 -136.80
N LEU JA 91 1.67 -9.19 -137.57
CA LEU JA 91 1.66 -7.80 -137.15
C LEU JA 91 0.36 -7.08 -137.47
N THR JA 92 -0.56 -7.72 -138.19
CA THR JA 92 -1.86 -7.11 -138.43
C THR JA 92 -2.74 -7.15 -137.18
N THR JA 93 -2.74 -8.29 -136.48
CA THR JA 93 -3.61 -8.46 -135.32
C THR JA 93 -2.87 -8.65 -134.01
N GLY JA 94 -1.55 -8.87 -134.04
CA GLY JA 94 -0.80 -9.08 -132.81
C GLY JA 94 -1.16 -10.32 -132.04
N THR JA 95 -1.47 -11.41 -132.74
CA THR JA 95 -1.94 -12.64 -132.12
C THR JA 95 -0.98 -13.78 -132.44
N THR JA 96 -0.83 -14.72 -131.50
CA THR JA 96 0.01 -15.88 -131.71
C THR JA 96 -0.49 -16.70 -132.89
N THR JA 97 0.36 -16.91 -133.88
CA THR JA 97 0.04 -17.75 -135.02
C THR JA 97 0.76 -19.08 -135.02
N ARG JA 98 1.80 -19.23 -134.20
CA ARG JA 98 2.52 -20.49 -134.09
C ARG JA 98 3.30 -20.50 -132.78
N ARG JA 99 3.21 -21.62 -132.06
CA ARG JA 99 3.84 -21.77 -130.75
C ARG JA 99 4.92 -22.84 -130.86
N PHE JA 100 6.14 -22.41 -131.14
CA PHE JA 100 7.28 -23.31 -131.24
C PHE JA 100 7.68 -23.75 -129.84
N VAL JA 101 7.42 -25.01 -129.51
CA VAL JA 101 7.73 -25.56 -128.20
C VAL JA 101 8.55 -26.83 -128.38
N GLY JA 102 9.38 -27.13 -127.39
CA GLY JA 102 10.33 -28.23 -127.48
C GLY JA 102 11.63 -27.91 -126.78
N HIS JA 103 11.96 -26.63 -126.67
CA HIS JA 103 13.10 -26.23 -125.85
C HIS JA 103 12.74 -26.32 -124.38
N THR JA 104 13.64 -26.91 -123.59
CA THR JA 104 13.38 -27.14 -122.17
C THR JA 104 13.89 -26.02 -121.27
N LYS JA 105 14.59 -25.04 -121.82
CA LYS JA 105 15.15 -23.97 -120.99
C LYS JA 105 14.94 -22.59 -121.61
N ASP JA 106 15.62 -21.60 -121.06
CA ASP JA 106 15.44 -20.21 -121.48
C ASP JA 106 15.95 -20.04 -122.90
N VAL JA 107 15.03 -19.85 -123.85
CA VAL JA 107 15.43 -19.57 -125.22
C VAL JA 107 16.00 -18.16 -125.27
N LEU JA 108 17.24 -18.04 -125.75
CA LEU JA 108 17.98 -16.78 -125.66
C LEU JA 108 18.03 -16.01 -126.97
N SER JA 109 17.88 -16.67 -128.11
CA SER JA 109 17.96 -15.97 -129.38
C SER JA 109 17.21 -16.75 -130.45
N VAL JA 110 16.88 -16.05 -131.53
CA VAL JA 110 16.20 -16.64 -132.68
C VAL JA 110 16.61 -15.86 -133.93
N ALA JA 111 16.87 -16.57 -135.02
CA ALA JA 111 17.30 -15.96 -136.26
C ALA JA 111 16.44 -16.47 -137.41
N PHE JA 112 16.31 -15.64 -138.43
CA PHE JA 112 15.43 -15.91 -139.57
C PHE JA 112 16.27 -16.05 -140.84
N SER JA 113 16.04 -17.12 -141.58
CA SER JA 113 16.76 -17.37 -142.82
C SER JA 113 16.27 -16.43 -143.92
N SER JA 114 17.15 -16.23 -144.92
CA SER JA 114 16.82 -15.34 -146.03
C SER JA 114 15.70 -15.91 -146.89
N ASP JA 115 15.65 -17.23 -147.07
CA ASP JA 115 14.60 -17.87 -147.86
C ASP JA 115 13.33 -18.11 -147.06
N ASN JA 116 13.29 -17.66 -145.80
CA ASN JA 116 12.08 -17.65 -144.97
C ASN JA 116 11.53 -19.04 -144.73
N ARG JA 117 12.38 -20.06 -144.86
CA ARG JA 117 11.96 -21.44 -144.66
C ARG JA 117 12.58 -22.08 -143.42
N GLN JA 118 13.57 -21.46 -142.81
CA GLN JA 118 14.25 -22.02 -141.64
C GLN JA 118 14.25 -21.00 -140.51
N ILE JA 119 13.86 -21.44 -139.32
CA ILE JA 119 13.89 -20.60 -138.12
C ILE JA 119 14.72 -21.35 -137.08
N VAL JA 120 15.86 -20.79 -136.71
CA VAL JA 120 16.77 -21.42 -135.78
C VAL JA 120 16.58 -20.78 -134.41
N SER JA 121 16.88 -21.54 -133.36
CA SER JA 121 16.74 -21.08 -131.99
C SER JA 121 17.97 -21.47 -131.18
N GLY JA 122 18.52 -20.52 -130.44
CA GLY JA 122 19.62 -20.79 -129.54
C GLY JA 122 19.20 -20.62 -128.09
N SER JA 123 19.39 -21.65 -127.27
CA SER JA 123 18.88 -21.66 -125.91
C SER JA 123 19.98 -22.13 -124.96
N ARG JA 124 19.69 -22.04 -123.66
CA ARG JA 124 20.63 -22.44 -122.63
C ARG JA 124 20.79 -23.95 -122.53
N ASP JA 125 19.97 -24.73 -123.23
CA ASP JA 125 20.01 -26.18 -123.14
C ASP JA 125 21.14 -26.81 -123.94
N LYS JA 126 22.13 -26.01 -124.37
CA LYS JA 126 23.35 -26.47 -125.05
C LYS JA 126 23.06 -27.13 -126.40
N THR JA 127 21.87 -26.94 -126.96
CA THR JA 127 21.52 -27.49 -128.25
C THR JA 127 20.91 -26.40 -129.12
N ILE JA 128 21.11 -26.53 -130.43
CA ILE JA 128 20.60 -25.58 -131.42
C ILE JA 128 19.51 -26.26 -132.21
N LYS JA 129 18.31 -25.70 -132.17
CA LYS JA 129 17.14 -26.29 -132.81
C LYS JA 129 16.81 -25.55 -134.11
N LEU JA 130 16.54 -26.31 -135.16
CA LEU JA 130 16.12 -25.76 -136.44
C LEU JA 130 14.65 -26.12 -136.68
N TRP JA 131 13.91 -25.17 -137.24
CA TRP JA 131 12.46 -25.30 -137.36
C TRP JA 131 12.01 -24.94 -138.76
N ASN JA 132 10.92 -25.57 -139.19
CA ASN JA 132 10.25 -25.18 -140.42
C ASN JA 132 9.22 -24.10 -140.10
N THR JA 133 8.39 -23.75 -141.08
CA THR JA 133 7.35 -22.76 -140.84
C THR JA 133 6.22 -23.33 -139.99
N LEU JA 134 5.94 -24.63 -140.12
CA LEU JA 134 4.80 -25.26 -139.47
C LEU JA 134 4.95 -25.43 -137.97
N GLY JA 135 6.12 -25.15 -137.42
CA GLY JA 135 6.31 -25.30 -135.99
C GLY JA 135 6.79 -26.65 -135.53
N VAL JA 136 7.39 -27.44 -136.42
CA VAL JA 136 7.92 -28.76 -136.08
C VAL JA 136 9.44 -28.70 -136.22
N CYS JA 137 10.14 -29.03 -135.14
CA CYS JA 137 11.59 -28.99 -135.12
C CYS JA 137 12.13 -30.14 -135.95
N LYS JA 138 12.59 -29.84 -137.16
CA LYS JA 138 13.09 -30.87 -138.06
C LYS JA 138 14.34 -31.53 -137.51
N TYR JA 139 15.27 -30.74 -137.00
CA TYR JA 139 16.55 -31.25 -136.52
C TYR JA 139 16.91 -30.59 -135.21
N THR JA 140 17.46 -31.40 -134.28
CA THR JA 140 17.98 -30.92 -133.01
C THR JA 140 19.50 -31.15 -133.01
N VAL JA 141 20.27 -30.08 -133.13
CA VAL JA 141 21.72 -30.17 -133.14
C VAL JA 141 22.19 -30.33 -131.69
N GLN JA 142 22.44 -31.57 -131.29
CA GLN JA 142 22.92 -31.86 -129.95
C GLN JA 142 24.38 -32.25 -129.90
N ASP JA 143 24.88 -32.94 -130.93
CA ASP JA 143 26.27 -33.35 -130.99
C ASP JA 143 27.12 -32.23 -131.60
N GLU JA 144 28.34 -32.10 -131.09
CA GLU JA 144 29.36 -31.15 -131.53
C GLU JA 144 28.99 -29.70 -131.19
N SER JA 145 27.84 -29.46 -130.55
CA SER JA 145 27.43 -28.10 -130.20
C SER JA 145 28.23 -27.62 -128.99
N HIS JA 146 27.91 -26.42 -128.54
CA HIS JA 146 28.61 -25.84 -127.40
C HIS JA 146 28.33 -26.62 -126.13
N SER JA 147 29.37 -26.82 -125.32
CA SER JA 147 29.22 -27.49 -124.04
C SER JA 147 28.53 -26.63 -122.99
N GLU JA 148 28.33 -25.34 -123.28
CA GLU JA 148 27.69 -24.42 -122.34
C GLU JA 148 26.49 -23.75 -123.01
N TRP JA 149 25.98 -22.70 -122.37
CA TRP JA 149 24.84 -21.97 -122.89
C TRP JA 149 25.14 -21.41 -124.28
N VAL JA 150 24.19 -21.60 -125.20
CA VAL JA 150 24.24 -20.97 -126.51
C VAL JA 150 23.29 -19.79 -126.47
N SER JA 151 23.83 -18.58 -126.57
CA SER JA 151 23.05 -17.38 -126.33
C SER JA 151 22.68 -16.59 -127.58
N CYS JA 152 23.31 -16.88 -128.72
CA CYS JA 152 23.07 -16.06 -129.90
C CYS JA 152 23.39 -16.87 -131.16
N VAL JA 153 22.50 -16.78 -132.15
CA VAL JA 153 22.68 -17.41 -133.45
C VAL JA 153 22.18 -16.45 -134.52
N ARG JA 154 22.87 -16.40 -135.65
CA ARG JA 154 22.50 -15.54 -136.77
C ARG JA 154 22.71 -16.28 -138.09
N PHE JA 155 21.74 -16.15 -138.99
CA PHE JA 155 21.79 -16.83 -140.27
C PHE JA 155 22.75 -16.12 -141.23
N SER JA 156 22.79 -16.62 -142.45
CA SER JA 156 23.64 -16.05 -143.51
C SER JA 156 22.80 -15.16 -144.42
N PRO JA 157 23.25 -13.94 -144.70
CA PRO JA 157 22.53 -13.07 -145.63
C PRO JA 157 22.72 -13.52 -147.07
N ASN JA 158 23.94 -13.97 -147.39
CA ASN JA 158 24.23 -14.44 -148.74
C ASN JA 158 23.59 -15.79 -148.98
N SER JA 159 23.00 -15.95 -150.17
CA SER JA 159 22.43 -17.23 -150.54
C SER JA 159 23.50 -18.31 -150.70
N SER JA 160 24.68 -17.93 -151.18
CA SER JA 160 25.78 -18.87 -151.26
C SER JA 160 26.24 -19.28 -149.86
N ASN JA 161 26.84 -20.49 -149.80
CA ASN JA 161 27.33 -21.21 -148.62
C ASN JA 161 26.48 -20.92 -147.38
N PRO JA 162 25.20 -21.34 -147.37
CA PRO JA 162 24.31 -21.00 -146.25
C PRO JA 162 24.84 -21.46 -144.91
N ILE JA 163 25.16 -20.50 -144.04
CA ILE JA 163 25.85 -20.77 -142.79
C ILE JA 163 25.01 -20.23 -141.65
N ILE JA 164 25.16 -20.85 -140.48
CA ILE JA 164 24.53 -20.39 -139.26
C ILE JA 164 25.62 -20.27 -138.19
N VAL JA 165 25.74 -19.08 -137.60
CA VAL JA 165 26.72 -18.86 -136.55
C VAL JA 165 26.09 -19.17 -135.21
N SER JA 166 26.95 -19.36 -134.20
CA SER JA 166 26.48 -19.69 -132.86
C SER JA 166 27.56 -19.30 -131.86
N CYS JA 167 27.16 -18.65 -130.78
CA CYS JA 167 28.07 -18.27 -129.71
C CYS JA 167 27.73 -19.05 -128.45
N GLY JA 168 28.78 -19.47 -127.74
CA GLY JA 168 28.62 -20.24 -126.53
C GLY JA 168 29.37 -19.61 -125.37
N TRP JA 169 29.11 -20.14 -124.18
CA TRP JA 169 29.80 -19.69 -122.98
C TRP JA 169 31.02 -20.55 -122.66
N ASP JA 170 31.42 -21.41 -123.58
CA ASP JA 170 32.67 -22.16 -123.49
C ASP JA 170 33.82 -21.47 -124.22
N LYS JA 171 33.65 -20.18 -124.55
CA LYS JA 171 34.65 -19.40 -125.29
C LYS JA 171 34.98 -20.05 -126.63
N LEU JA 172 33.94 -20.16 -127.48
CA LEU JA 172 34.08 -20.84 -128.75
C LEU JA 172 33.03 -20.33 -129.73
N VAL JA 173 33.45 -20.19 -130.99
CA VAL JA 173 32.59 -19.72 -132.07
C VAL JA 173 32.43 -20.86 -133.06
N LYS JA 174 31.18 -21.27 -133.29
CA LYS JA 174 30.86 -22.39 -134.17
C LYS JA 174 30.03 -21.90 -135.35
N VAL JA 175 30.41 -22.30 -136.55
CA VAL JA 175 29.64 -22.04 -137.76
C VAL JA 175 29.25 -23.39 -138.37
N TRP JA 176 27.99 -23.52 -138.76
CA TRP JA 176 27.44 -24.78 -139.26
C TRP JA 176 26.89 -24.56 -140.65
N ASN JA 177 27.33 -25.39 -141.60
CA ASN JA 177 26.73 -25.40 -142.93
C ASN JA 177 25.30 -25.89 -142.82
N LEU JA 178 24.39 -25.18 -143.50
CA LEU JA 178 22.97 -25.49 -143.43
C LEU JA 178 22.54 -26.58 -144.40
N ALA JA 179 23.41 -26.97 -145.34
CA ALA JA 179 23.05 -28.03 -146.26
C ALA JA 179 22.96 -29.38 -145.57
N ASN JA 180 23.87 -29.64 -144.63
CA ASN JA 180 23.91 -30.90 -143.90
C ASN JA 180 23.84 -30.74 -142.40
N CYS JA 181 23.76 -29.51 -141.89
CA CYS JA 181 23.74 -29.22 -140.46
C CYS JA 181 24.96 -29.81 -139.75
N LYS JA 182 26.14 -29.45 -140.28
CA LYS JA 182 27.40 -29.96 -139.78
C LYS JA 182 28.38 -28.81 -139.58
N LEU JA 183 29.32 -29.00 -138.66
CA LEU JA 183 30.28 -27.95 -138.33
C LEU JA 183 31.23 -27.70 -139.50
N LYS JA 184 31.67 -26.45 -139.61
CA LYS JA 184 32.63 -26.03 -140.63
C LYS JA 184 33.99 -25.68 -140.06
N THR JA 185 34.04 -24.78 -139.08
CA THR JA 185 35.31 -24.45 -138.43
C THR JA 185 35.01 -23.85 -137.06
N ASN JA 186 35.96 -24.05 -136.14
CA ASN JA 186 35.89 -23.47 -134.81
C ASN JA 186 36.81 -22.26 -134.73
N HIS JA 187 36.29 -21.16 -134.19
CA HIS JA 187 37.05 -19.93 -134.00
C HIS JA 187 37.22 -19.71 -132.50
N ILE JA 188 38.43 -19.98 -132.01
CA ILE JA 188 38.75 -19.78 -130.61
C ILE JA 188 39.56 -18.50 -130.47
N GLY JA 189 39.68 -18.02 -129.23
CA GLY JA 189 40.47 -16.83 -128.98
C GLY JA 189 39.91 -15.91 -127.90
N HIS JA 190 38.71 -16.20 -127.42
CA HIS JA 190 38.06 -15.34 -126.44
C HIS JA 190 38.54 -15.68 -125.04
N THR JA 191 38.65 -14.66 -124.20
CA THR JA 191 38.97 -14.82 -122.79
C THR JA 191 37.72 -14.66 -121.91
N GLY JA 192 36.55 -14.92 -122.49
CA GLY JA 192 35.31 -14.84 -121.75
C GLY JA 192 34.18 -15.31 -122.64
N TYR JA 193 33.01 -15.46 -122.02
CA TYR JA 193 31.84 -15.95 -122.74
C TYR JA 193 31.40 -14.95 -123.81
N LEU JA 194 30.47 -15.37 -124.66
CA LEU JA 194 30.03 -14.58 -125.77
C LEU JA 194 28.54 -14.31 -125.68
N ASN JA 195 28.14 -13.12 -126.12
CA ASN JA 195 26.74 -12.70 -126.06
C ASN JA 195 26.13 -12.41 -127.42
N THR JA 196 26.90 -11.87 -128.37
CA THR JA 196 26.36 -11.48 -129.66
C THR JA 196 27.41 -11.66 -130.74
N VAL JA 197 27.14 -12.52 -131.72
CA VAL JA 197 27.92 -12.62 -132.94
C VAL JA 197 27.00 -12.30 -134.12
N THR JA 198 27.46 -11.41 -135.00
CA THR JA 198 26.65 -10.97 -136.12
C THR JA 198 27.45 -11.08 -137.41
N VAL JA 199 26.73 -11.21 -138.52
CA VAL JA 199 27.32 -11.35 -139.84
C VAL JA 199 27.16 -10.04 -140.59
N SER JA 200 28.15 -9.74 -141.42
CA SER JA 200 28.10 -8.57 -142.27
C SER JA 200 27.06 -8.79 -143.37
N PRO JA 201 26.54 -7.71 -143.96
CA PRO JA 201 25.52 -7.87 -145.01
C PRO JA 201 25.99 -8.70 -146.21
N ASP JA 202 27.27 -8.62 -146.55
CA ASP JA 202 27.81 -9.39 -147.67
C ASP JA 202 28.35 -10.75 -147.24
N GLY JA 203 28.14 -11.15 -145.99
CA GLY JA 203 28.55 -12.46 -145.52
C GLY JA 203 30.04 -12.68 -145.53
N SER JA 204 30.80 -11.75 -144.94
CA SER JA 204 32.25 -11.84 -144.99
C SER JA 204 32.88 -11.66 -143.61
N LEU JA 205 32.18 -11.00 -142.69
CA LEU JA 205 32.72 -10.70 -141.36
C LEU JA 205 31.75 -11.18 -140.29
N CYS JA 206 32.28 -11.88 -139.29
CA CYS JA 206 31.46 -12.44 -138.21
C CYS JA 206 32.11 -12.18 -136.85
N ALA JA 207 32.47 -10.93 -136.58
CA ALA JA 207 33.02 -10.57 -135.29
C ALA JA 207 31.98 -10.76 -134.19
N SER JA 208 32.48 -10.97 -132.96
CA SER JA 208 31.62 -11.24 -131.82
C SER JA 208 32.15 -10.51 -130.59
N GLY JA 209 31.24 -10.08 -129.72
CA GLY JA 209 31.61 -9.42 -128.49
C GLY JA 209 31.00 -10.13 -127.30
N GLY JA 210 31.61 -9.89 -126.13
CA GLY JA 210 31.15 -10.53 -124.91
C GLY JA 210 31.94 -10.15 -123.68
N LYS JA 211 32.26 -11.16 -122.86
CA LYS JA 211 32.91 -10.91 -121.58
C LYS JA 211 34.31 -10.34 -121.76
N ASP JA 212 35.06 -10.84 -122.75
CA ASP JA 212 36.44 -10.38 -122.94
C ASP JA 212 36.52 -8.91 -123.33
N GLY JA 213 35.45 -8.35 -123.91
CA GLY JA 213 35.43 -6.95 -124.25
C GLY JA 213 36.07 -6.59 -125.57
N GLN JA 214 36.65 -7.56 -126.28
CA GLN JA 214 37.22 -7.32 -127.60
C GLN JA 214 36.47 -8.16 -128.63
N ALA JA 215 36.41 -7.63 -129.85
CA ALA JA 215 35.74 -8.30 -130.96
C ALA JA 215 36.75 -8.60 -132.05
N MET JA 216 36.88 -9.87 -132.42
CA MET JA 216 37.84 -10.31 -133.43
C MET JA 216 37.11 -10.54 -134.74
N LEU JA 217 37.53 -9.84 -135.78
CA LEU JA 217 36.93 -9.97 -137.09
C LEU JA 217 37.38 -11.27 -137.73
N TRP JA 218 36.43 -12.02 -138.29
CA TRP JA 218 36.71 -13.30 -138.92
C TRP JA 218 36.12 -13.32 -140.32
N ASP JA 219 36.63 -14.24 -141.13
CA ASP JA 219 36.23 -14.39 -142.53
C ASP JA 219 35.23 -15.52 -142.67
N LEU JA 220 34.23 -15.32 -143.54
CA LEU JA 220 33.24 -16.36 -143.80
C LEU JA 220 33.61 -17.23 -144.99
N ASN JA 221 34.18 -16.64 -146.03
CA ASN JA 221 34.51 -17.39 -147.24
C ASN JA 221 35.57 -18.46 -146.98
N GLU JA 222 36.61 -18.11 -146.21
CA GLU JA 222 37.68 -19.04 -145.88
C GLU JA 222 37.72 -19.39 -144.40
N GLY JA 223 37.80 -18.39 -143.53
CA GLY JA 223 37.77 -18.62 -142.09
C GLY JA 223 39.12 -18.53 -141.42
N LYS JA 224 39.40 -17.36 -140.84
CA LYS JA 224 40.62 -17.10 -140.07
C LYS JA 224 40.47 -15.75 -139.41
N HIS JA 225 41.39 -15.44 -138.51
CA HIS JA 225 41.39 -14.14 -137.85
C HIS JA 225 41.88 -13.05 -138.80
N LEU JA 226 41.24 -11.89 -138.73
CA LEU JA 226 41.56 -10.77 -139.60
C LEU JA 226 42.09 -9.55 -138.84
N TYR JA 227 41.38 -9.09 -137.82
CA TYR JA 227 41.79 -7.91 -137.06
C TYR JA 227 41.10 -7.94 -135.71
N THR JA 228 41.81 -7.47 -134.69
CA THR JA 228 41.28 -7.41 -133.33
C THR JA 228 40.89 -5.99 -132.98
N LEU JA 229 39.64 -5.79 -132.59
CA LEU JA 229 39.15 -4.50 -132.12
C LEU JA 229 38.98 -4.56 -130.61
N ASP JA 230 39.37 -3.48 -129.93
CA ASP JA 230 39.38 -3.45 -128.48
C ASP JA 230 38.30 -2.50 -127.95
N GLY JA 231 37.71 -2.88 -126.82
CA GLY JA 231 36.72 -2.05 -126.18
C GLY JA 231 37.05 -1.87 -124.70
N GLY JA 232 36.38 -0.88 -124.10
CA GLY JA 232 36.62 -0.60 -122.70
C GLY JA 232 36.18 -1.70 -121.77
N ASP JA 233 35.00 -2.28 -122.01
CA ASP JA 233 34.45 -3.31 -121.14
C ASP JA 233 33.61 -4.25 -122.00
N ILE JA 234 32.73 -5.01 -121.34
CA ILE JA 234 31.96 -6.04 -122.03
C ILE JA 234 31.01 -5.44 -123.06
N ILE JA 235 30.61 -6.26 -124.02
CA ILE JA 235 29.67 -5.89 -125.07
C ILE JA 235 28.58 -6.94 -125.13
N ASN JA 236 27.32 -6.50 -125.14
CA ASN JA 236 26.18 -7.41 -125.22
C ASN JA 236 25.34 -7.19 -126.47
N ALA JA 237 25.78 -6.32 -127.39
CA ALA JA 237 25.00 -6.04 -128.59
C ALA JA 237 25.95 -5.66 -129.72
N LEU JA 238 25.65 -6.17 -130.92
CA LEU JA 238 26.51 -5.98 -132.08
C LEU JA 238 25.66 -6.10 -133.33
N CYS JA 239 26.13 -5.47 -134.41
CA CYS JA 239 25.48 -5.53 -135.72
C CYS JA 239 26.41 -4.93 -136.75
N PHE JA 240 25.94 -4.86 -137.99
CA PHE JA 240 26.67 -4.30 -139.12
C PHE JA 240 25.81 -3.26 -139.82
N SER JA 241 26.45 -2.17 -140.25
CA SER JA 241 25.74 -1.16 -141.01
C SER JA 241 25.44 -1.67 -142.42
N PRO JA 242 24.22 -1.47 -142.94
CA PRO JA 242 23.93 -1.96 -144.29
C PRO JA 242 24.55 -1.13 -145.39
N ASN JA 243 24.50 0.21 -145.29
CA ASN JA 243 25.00 1.06 -146.36
C ASN JA 243 26.52 1.27 -146.30
N ARG JA 244 27.14 0.95 -145.16
CA ARG JA 244 28.58 1.13 -145.01
C ARG JA 244 29.20 -0.12 -144.41
N TYR JA 245 30.46 -0.03 -144.00
CA TYR JA 245 31.14 -1.11 -143.31
C TYR JA 245 31.21 -0.87 -141.80
N TRP JA 246 30.46 0.09 -141.29
CA TRP JA 246 30.56 0.46 -139.88
C TRP JA 246 30.03 -0.63 -138.97
N LEU JA 247 30.72 -0.82 -137.84
CA LEU JA 247 30.37 -1.81 -136.85
C LEU JA 247 30.26 -1.11 -135.50
N CYS JA 248 29.09 -1.21 -134.87
CA CYS JA 248 28.84 -0.59 -133.59
C CYS JA 248 28.62 -1.68 -132.54
N ALA JA 249 29.10 -1.40 -131.32
CA ALA JA 249 29.00 -2.33 -130.21
C ALA JA 249 28.51 -1.60 -128.98
N ALA JA 250 27.71 -2.30 -128.17
CA ALA JA 250 27.24 -1.76 -126.90
C ALA JA 250 28.30 -1.98 -125.82
N THR JA 251 29.34 -1.16 -125.90
CA THR JA 251 30.43 -1.24 -124.95
C THR JA 251 30.01 -0.66 -123.61
N GLY JA 252 29.52 -1.53 -122.72
CA GLY JA 252 28.97 -1.09 -121.46
C GLY JA 252 27.75 -0.20 -121.67
N PRO JA 253 27.72 0.94 -120.99
CA PRO JA 253 26.61 1.88 -121.15
C PRO JA 253 26.78 2.87 -122.29
N SER JA 254 27.74 2.67 -123.19
CA SER JA 254 28.05 3.65 -124.22
C SER JA 254 27.99 2.97 -125.59
N ILE JA 255 27.53 3.75 -126.58
CA ILE JA 255 27.51 3.29 -127.96
C ILE JA 255 28.82 3.70 -128.62
N LYS JA 256 29.64 2.72 -128.95
CA LYS JA 256 30.92 2.95 -129.61
C LYS JA 256 30.85 2.43 -131.04
N ILE JA 257 31.13 3.29 -131.99
CA ILE JA 257 31.05 2.97 -133.41
C ILE JA 257 32.44 3.06 -134.02
N TRP JA 258 32.77 2.08 -134.87
CA TRP JA 258 34.08 2.02 -135.50
C TRP JA 258 33.93 1.83 -137.00
N ASP JA 259 34.98 2.22 -137.73
CA ASP JA 259 35.10 1.95 -139.15
C ASP JA 259 36.07 0.81 -139.36
N LEU JA 260 35.65 -0.23 -140.08
CA LEU JA 260 36.49 -1.40 -140.29
C LEU JA 260 37.73 -1.08 -141.12
N GLU JA 261 37.58 -0.19 -142.11
CA GLU JA 261 38.67 0.07 -143.03
C GLU JA 261 39.84 0.74 -142.34
N GLY JA 262 39.58 1.80 -141.57
CA GLY JA 262 40.62 2.50 -140.87
C GLY JA 262 40.91 2.03 -139.46
N LYS JA 263 40.03 1.18 -138.92
CA LYS JA 263 40.15 0.68 -137.54
C LYS JA 263 40.22 1.82 -136.53
N ILE JA 264 39.42 2.85 -136.76
CA ILE JA 264 39.39 4.04 -135.91
C ILE JA 264 38.05 4.11 -135.19
N ILE JA 265 38.00 4.95 -134.17
CA ILE JA 265 36.77 5.20 -133.42
C ILE JA 265 36.04 6.36 -134.08
N VAL JA 266 34.91 6.04 -134.74
CA VAL JA 266 34.15 7.08 -135.43
C VAL JA 266 33.53 8.05 -134.41
N ASP JA 267 32.88 7.52 -133.39
CA ASP JA 267 32.19 8.35 -132.41
C ASP JA 267 31.91 7.53 -131.17
N GLU JA 268 31.61 8.23 -130.08
CA GLU JA 268 31.19 7.63 -128.83
C GLU JA 268 29.96 8.36 -128.31
N LEU JA 269 29.00 7.60 -127.78
CA LEU JA 269 27.73 8.13 -127.31
C LEU JA 269 27.55 7.76 -125.84
N LYS JA 270 27.75 8.73 -124.96
CA LYS JA 270 27.69 8.53 -123.51
C LYS JA 270 26.32 8.85 -122.94
N GLN JA 271 25.27 8.73 -123.75
CA GLN JA 271 23.87 8.93 -123.36
C GLN JA 271 23.57 10.35 -122.89
N GLU JA 272 24.56 11.25 -122.96
CA GLU JA 272 24.43 12.63 -122.49
C GLU JA 272 24.01 12.67 -121.02
N VAL JA 273 24.46 11.69 -120.24
CA VAL JA 273 24.08 11.57 -118.84
C VAL JA 273 24.98 12.48 -118.00
N ILE JA 274 24.36 13.25 -117.11
CA ILE JA 274 25.09 14.20 -116.29
C ILE JA 274 24.72 14.03 -114.82
N SER JA 275 24.25 12.83 -114.46
CA SER JA 275 23.85 12.59 -113.08
C SER JA 275 25.04 12.63 -112.13
N THR JA 276 26.15 11.98 -112.51
CA THR JA 276 27.42 11.88 -111.78
C THR JA 276 27.23 11.71 -110.27
N SER JA 277 26.26 10.89 -109.87
CA SER JA 277 26.01 10.64 -108.46
C SER JA 277 27.09 9.77 -107.83
N SER JA 278 27.91 9.10 -108.65
CA SER JA 278 29.06 8.29 -108.26
C SER JA 278 28.69 7.04 -107.46
N LYS JA 279 27.40 6.77 -107.26
CA LYS JA 279 26.98 5.58 -106.53
C LYS JA 279 26.20 4.59 -107.38
N ALA JA 280 25.57 5.04 -108.46
CA ALA JA 280 24.84 4.17 -109.37
C ALA JA 280 25.49 4.23 -110.75
N GLU JA 281 25.87 3.07 -111.26
CA GLU JA 281 26.38 3.01 -112.61
C GLU JA 281 25.28 3.37 -113.61
N PRO JA 282 25.63 3.97 -114.74
CA PRO JA 282 24.61 4.35 -115.72
C PRO JA 282 23.95 3.12 -116.32
N PRO JA 283 22.71 3.25 -116.82
CA PRO JA 283 22.03 2.11 -117.46
C PRO JA 283 22.83 1.55 -118.63
N GLN JA 284 23.29 0.30 -118.49
CA GLN JA 284 24.11 -0.31 -119.52
C GLN JA 284 23.32 -0.50 -120.80
N CYS JA 285 23.96 -0.23 -121.93
CA CYS JA 285 23.33 -0.49 -123.22
C CYS JA 285 23.09 -1.98 -123.37
N THR JA 286 21.89 -2.34 -123.80
CA THR JA 286 21.46 -3.73 -123.88
C THR JA 286 21.41 -4.25 -125.32
N SER JA 287 20.69 -3.55 -126.20
CA SER JA 287 20.53 -3.99 -127.58
C SER JA 287 20.97 -2.88 -128.52
N LEU JA 288 21.33 -3.27 -129.74
CA LEU JA 288 21.79 -2.34 -130.76
C LEU JA 288 21.32 -2.84 -132.12
N ALA JA 289 20.80 -1.92 -132.93
CA ALA JA 289 20.27 -2.29 -134.24
C ALA JA 289 20.30 -1.09 -135.17
N TRP JA 290 20.73 -1.33 -136.41
CA TRP JA 290 20.74 -0.30 -137.44
C TRP JA 290 19.38 -0.26 -138.13
N SER JA 291 19.29 0.46 -139.24
CA SER JA 291 18.07 0.57 -140.01
C SER JA 291 18.39 0.47 -141.49
N ALA JA 292 17.34 0.33 -142.30
CA ALA JA 292 17.53 0.19 -143.75
C ALA JA 292 18.19 1.42 -144.35
N ASP JA 293 17.77 2.61 -143.93
CA ASP JA 293 18.39 3.84 -144.44
C ASP JA 293 19.82 4.01 -143.95
N GLY JA 294 20.20 3.33 -142.87
CA GLY JA 294 21.54 3.46 -142.33
C GLY JA 294 21.82 4.78 -141.64
N GLN JA 295 20.78 5.59 -141.40
CA GLN JA 295 20.97 6.91 -140.81
C GLN JA 295 20.42 7.02 -139.40
N THR JA 296 19.63 6.06 -138.93
CA THR JA 296 19.13 6.07 -137.57
C THR JA 296 19.54 4.79 -136.86
N LEU JA 297 19.89 4.94 -135.59
CA LEU JA 297 20.35 3.83 -134.76
C LEU JA 297 19.55 3.81 -133.47
N PHE JA 298 19.25 2.60 -132.99
CA PHE JA 298 18.48 2.41 -131.78
C PHE JA 298 19.28 1.59 -130.78
N ALA JA 299 19.23 1.99 -129.51
CA ALA JA 299 20.00 1.34 -128.47
C ALA JA 299 19.16 1.24 -127.21
N GLY JA 300 18.76 0.03 -126.84
CA GLY JA 300 17.97 -0.15 -125.64
C GLY JA 300 18.79 0.07 -124.39
N TYR JA 301 18.09 0.43 -123.31
CA TYR JA 301 18.74 0.68 -122.03
C TYR JA 301 17.89 0.11 -120.91
N THR JA 302 18.55 -0.12 -119.77
CA THR JA 302 17.90 -0.75 -118.62
C THR JA 302 16.89 0.16 -117.93
N ASP JA 303 16.81 1.44 -118.31
CA ASP JA 303 15.89 2.38 -117.69
C ASP JA 303 14.52 2.38 -118.36
N ASN JA 304 14.13 1.25 -118.98
CA ASN JA 304 12.87 1.12 -119.71
C ASN JA 304 12.74 2.18 -120.81
N LEU JA 305 13.86 2.46 -121.47
CA LEU JA 305 13.91 3.53 -122.45
C LEU JA 305 15.00 3.21 -123.48
N VAL JA 306 14.68 3.49 -124.74
CA VAL JA 306 15.60 3.29 -125.86
C VAL JA 306 15.88 4.64 -126.50
N ARG JA 307 17.15 4.97 -126.67
CA ARG JA 307 17.55 6.24 -127.23
C ARG JA 307 17.81 6.10 -128.73
N VAL JA 308 17.22 6.99 -129.51
CA VAL JA 308 17.36 6.99 -130.96
C VAL JA 308 18.33 8.09 -131.37
N TRP JA 309 19.24 7.77 -132.28
CA TRP JA 309 20.30 8.67 -132.70
C TRP JA 309 20.32 8.76 -134.22
N GLN JA 310 20.83 9.88 -134.72
CA GLN JA 310 20.97 10.10 -136.15
C GLN JA 310 22.42 10.43 -136.48
N VAL JA 311 22.81 10.17 -137.72
CA VAL JA 311 24.06 10.69 -138.25
C VAL JA 311 23.80 12.08 -138.83
N THR JA 312 24.54 13.07 -138.35
CA THR JA 312 24.25 14.46 -138.68
C THR JA 312 24.57 14.75 -140.14
N ILE JA 313 23.65 15.43 -140.80
CA ILE JA 313 23.83 15.82 -142.19
C ILE JA 313 24.64 17.13 -142.26
N ILE NA 1 64.21 23.48 97.67
CA ILE NA 1 64.90 22.45 96.92
C ILE NA 1 63.93 21.29 96.66
N MET NA 2 64.13 20.59 95.54
CA MET NA 2 63.23 19.52 95.15
C MET NA 2 63.41 18.30 96.04
N ASN NA 3 62.35 17.93 96.75
CA ASN NA 3 62.32 16.72 97.55
C ASN NA 3 61.36 15.72 96.91
N GLN NA 4 61.16 14.58 97.59
CA GLN NA 4 60.34 13.51 97.03
C GLN NA 4 58.89 13.93 96.86
N GLU NA 5 58.36 14.69 97.83
CA GLU NA 5 56.96 15.10 97.76
C GLU NA 5 56.73 16.13 96.64
N LYS NA 6 57.64 17.09 96.50
CA LYS NA 6 57.49 18.07 95.43
C LYS NA 6 57.65 17.43 94.06
N LEU NA 7 58.54 16.44 93.94
CA LEU NA 7 58.70 15.73 92.68
C LEU NA 7 57.46 14.91 92.35
N ALA NA 8 56.83 14.31 93.36
CA ALA NA 8 55.64 13.49 93.13
C ALA NA 8 54.51 14.32 92.55
N LYS NA 9 54.27 15.52 93.09
CA LYS NA 9 53.23 16.38 92.55
C LYS NA 9 53.65 17.00 91.23
N LEU NA 10 54.97 17.17 91.01
CA LEU NA 10 55.45 17.74 89.76
C LEU NA 10 55.08 16.86 88.57
N GLN NA 11 55.04 15.54 88.78
CA GLN NA 11 54.61 14.63 87.72
C GLN NA 11 53.18 14.95 87.28
N ALA NA 12 52.33 15.42 88.19
CA ALA NA 12 50.95 15.73 87.85
C ALA NA 12 50.86 17.03 87.05
N GLN NA 13 51.49 18.11 87.55
CA GLN NA 13 51.32 19.41 86.92
C GLN NA 13 52.17 19.59 85.68
N VAL NA 14 53.01 18.63 85.31
CA VAL NA 14 53.79 18.72 84.09
C VAL NA 14 53.16 17.92 82.95
N ARG NA 15 52.31 16.94 83.25
CA ARG NA 15 51.62 16.17 82.23
C ARG NA 15 50.24 16.78 81.98
N ILE NA 16 50.09 17.43 80.83
CA ILE NA 16 48.83 18.04 80.45
C ILE NA 16 48.09 17.21 79.41
N GLY NA 17 48.49 15.95 79.25
CA GLY NA 17 47.87 15.11 78.25
C GLY NA 17 48.41 13.70 78.32
N GLY NA 18 48.06 12.92 77.32
CA GLY NA 18 48.48 11.53 77.23
C GLY NA 18 49.80 11.38 76.49
N LYS NA 19 50.01 10.18 75.94
CA LYS NA 19 51.24 9.90 75.20
C LYS NA 19 51.29 10.73 73.93
N GLY NA 20 52.45 11.33 73.67
CA GLY NA 20 52.65 12.14 72.50
C GLY NA 20 52.34 13.61 72.67
N THR NA 21 51.82 14.03 73.81
CA THR NA 21 51.51 15.43 74.04
C THR NA 21 52.68 16.14 74.69
N ALA NA 22 52.73 17.46 74.50
CA ALA NA 22 53.83 18.26 75.02
C ALA NA 22 53.76 18.38 76.53
N ARG NA 23 54.92 18.35 77.17
CA ARG NA 23 55.01 18.56 78.60
C ARG NA 23 54.92 20.05 78.92
N ARG NA 24 54.21 20.36 80.00
CA ARG NA 24 54.07 21.75 80.43
C ARG NA 24 55.42 22.29 80.89
N LYS NA 25 55.74 23.51 80.43
CA LYS NA 25 57.05 24.08 80.73
C LYS NA 25 57.07 24.93 81.99
N LYS NA 26 55.98 25.65 82.26
CA LYS NA 26 55.95 26.53 83.42
C LYS NA 26 54.51 26.83 83.79
N LYS NA 27 54.32 27.21 85.06
CA LYS NA 27 53.04 27.75 85.53
C LYS NA 27 53.39 28.79 86.60
N VAL NA 28 53.49 30.05 86.16
CA VAL NA 28 53.92 31.15 87.02
C VAL NA 28 52.69 31.98 87.36
N VAL NA 29 52.62 32.43 88.61
CA VAL NA 29 51.54 33.30 89.08
C VAL NA 29 52.13 34.65 89.45
N HIS NA 30 51.62 35.71 88.84
CA HIS NA 30 52.08 37.06 89.09
C HIS NA 30 50.89 38.00 89.12
N ARG NA 31 51.04 39.11 89.84
CA ARG NA 31 49.99 40.11 89.96
C ARG NA 31 50.59 41.51 89.99
P A2M OA 398 3.47 35.53 86.88
OP1 A2M OA 398 2.48 36.28 86.06
O5' A2M OA 398 2.80 34.16 87.87
C5' A2M OA 398 2.17 33.18 87.20
C4' A2M OA 398 2.30 31.87 87.98
O4' A2M OA 398 3.62 31.73 88.45
C3' A2M OA 398 1.40 31.84 89.19
O3' A2M OA 398 0.10 31.71 88.75
C2' A2M OA 398 2.06 30.76 90.03
O2' A2M OA 398 1.91 29.47 89.49
C1' A2M OA 398 3.49 31.25 89.78
CM' A2M OA 398 2.68 28.55 90.22
N9 A2M OA 398 3.98 32.25 90.68
C8 A2M OA 398 4.10 33.64 90.60
N7 A2M OA 398 4.62 34.20 91.70
C5 A2M OA 398 4.85 33.10 92.53
C6 A2M OA 398 5.38 32.97 93.80
N6 A2M OA 398 5.79 34.06 94.53
N1 A2M OA 398 5.49 31.76 94.41
C2 A2M OA 398 5.07 30.70 93.69
N3 A2M OA 398 4.55 30.65 92.46
C4 A2M OA 398 4.47 31.89 91.92
OP2 A2M OA 398 4.07 36.19 88.09
P A2M OA 400 -3.70 31.44 95.79
OP1 A2M OA 400 -5.11 31.02 95.52
O5' A2M OA 400 -3.14 31.20 97.47
C5' A2M OA 400 -3.08 29.94 97.90
C4' A2M OA 400 -2.59 29.92 99.34
O4' A2M OA 400 -1.21 30.18 99.33
C3' A2M OA 400 -3.27 31.01 100.14
O3' A2M OA 400 -4.50 30.51 100.50
C2' A2M OA 400 -2.24 31.33 101.20
O2' A2M OA 400 -2.21 30.41 102.25
C1' A2M OA 400 -0.98 31.16 100.31
CM' A2M OA 400 -1.01 30.51 102.97
N9 A2M OA 400 -0.46 32.33 99.67
C8 A2M OA 400 -0.53 32.80 98.36
N7 A2M OA 400 0.13 33.94 98.17
C5 A2M OA 400 0.65 34.22 99.43
C6 A2M OA 400 1.43 35.24 99.93
N6 A2M OA 400 1.85 36.29 99.13
N1 A2M OA 400 1.82 35.29 101.23
C2 A2M OA 400 1.41 34.26 102.01
N3 A2M OA 400 0.66 33.19 101.68
C4 A2M OA 400 0.31 33.23 100.37
OP2 A2M OA 400 -3.36 32.90 95.80
P OMG OA 902 -36.44 18.64 55.61
OP1 OMG OA 902 -37.53 19.59 56.03
OP2 OMG OA 902 -36.75 17.39 54.80
O5' OMG OA 902 -35.37 19.49 54.80
C5' OMG OA 902 -35.39 20.91 54.86
C4' OMG OA 902 -34.26 21.51 54.08
O4' OMG OA 902 -33.02 20.80 54.33
C3' OMG OA 902 -34.37 21.46 52.57
O3' OMG OA 902 -35.27 22.42 52.04
C2' OMG OA 902 -32.94 21.67 52.14
O2' OMG OA 902 -32.56 23.02 52.31
CM2 OMG OA 902 -31.29 23.32 51.77
C1' OMG OA 902 -32.20 20.84 53.18
N9 OMG OA 902 -31.97 19.47 52.72
C8 OMG OA 902 -32.55 18.32 53.21
N7 OMG OA 902 -32.13 17.27 52.59
C5 OMG OA 902 -31.24 17.74 51.66
C6 OMG OA 902 -30.46 17.04 50.70
O6 OMG OA 902 -30.41 15.84 50.48
N1 OMG OA 902 -29.69 17.93 49.96
C2 OMG OA 902 -29.66 19.28 50.11
N2 OMG OA 902 -28.85 19.98 49.30
N3 OMG OA 902 -30.38 19.91 50.99
C4 OMG OA 902 -31.13 19.10 51.73
P 1MA OA 908 -39.18 11.20 46.64
OP1 1MA OA 908 -40.07 11.35 47.87
OP2 1MA OA 908 -38.92 12.40 45.76
O5' 1MA OA 908 -37.77 10.64 47.13
C5' 1MA OA 908 -37.69 9.46 47.92
C4' 1MA OA 908 -36.47 9.45 48.80
O4' 1MA OA 908 -35.28 9.43 47.97
C3' 1MA OA 908 -36.31 10.66 49.73
O3' 1MA OA 908 -35.76 10.21 50.97
C2' 1MA OA 908 -35.29 11.52 49.00
O2' 1MA OA 908 -34.55 12.38 49.84
C1' 1MA OA 908 -34.40 10.46 48.36
N9 1MA OA 908 -33.69 10.93 47.18
C8 1MA OA 908 -33.76 12.16 46.61
N7 1MA OA 908 -32.99 12.25 45.55
C5 1MA OA 908 -32.43 11.03 45.42
C6 1MA OA 908 -31.50 10.54 44.44
N6 1MA OA 908 -31.06 11.24 43.48
N1 1MA OA 908 -31.18 9.20 44.69
CM1 1MA OA 908 -30.24 8.57 43.78
C2 1MA OA 908 -31.66 8.47 45.73
N3 1MA OA 908 -32.49 8.90 46.61
C4 1MA OA 908 -32.84 10.19 46.42
P A2M OA 909 -36.74 9.78 52.16
OP1 A2M OA 909 -37.87 8.93 51.71
O5' A2M OA 909 -35.65 9.02 53.39
C5' A2M OA 909 -34.81 9.84 54.03
C4' A2M OA 909 -33.52 9.10 54.34
O4' A2M OA 909 -33.82 7.78 54.63
C3' A2M OA 909 -32.60 9.12 53.15
O3' A2M OA 909 -31.97 10.34 53.15
C2' A2M OA 909 -31.79 7.86 53.32
O2' A2M OA 909 -30.76 7.99 54.26
C1' A2M OA 909 -32.91 7.00 53.91
CM' A2M OA 909 -29.67 7.19 53.92
N9 A2M OA 909 -33.65 6.12 53.04
C8 A2M OA 909 -35.00 6.02 52.75
N7 A2M OA 909 -35.30 5.04 51.89
C5 A2M OA 909 -34.06 4.47 51.63
C6 A2M OA 909 -33.65 3.42 50.84
N6 A2M OA 909 -34.56 2.69 50.09
N1 A2M OA 909 -32.35 3.04 50.75
C2 A2M OA 909 -31.48 3.77 51.48
N3 A2M OA 909 -31.70 4.81 52.29
C4 A2M OA 909 -33.03 5.12 52.33
OP2 A2M OA 909 -37.02 10.95 53.06
P A2M OA 912 -26.40 7.11 44.51
OP1 A2M OA 912 -27.80 6.98 45.00
O5' A2M OA 912 -26.13 8.63 45.46
C5' A2M OA 912 -25.06 9.35 45.15
C4' A2M OA 912 -25.47 10.58 44.37
O4' A2M OA 912 -26.86 10.54 44.17
C3' A2M OA 912 -25.15 11.86 45.12
O3' A2M OA 912 -23.81 12.09 44.91
C2' A2M OA 912 -26.19 12.83 44.57
O2' A2M OA 912 -25.84 13.37 43.32
C1' A2M OA 912 -27.35 11.83 44.40
CM' A2M OA 912 -26.76 14.34 42.94
N9 A2M OA 912 -28.32 11.74 45.46
C8 A2M OA 912 -28.77 10.66 46.21
N7 A2M OA 912 -29.70 11.00 47.12
C5 A2M OA 912 -29.83 12.36 46.95
C6 A2M OA 912 -30.60 13.33 47.55
N6 A2M OA 912 -31.48 13.01 48.58
N1 A2M OA 912 -30.56 14.64 47.19
C2 A2M OA 912 -29.70 14.93 46.20
N3 A2M OA 912 -28.88 14.13 45.51
C4 A2M OA 912 -28.99 12.85 45.92
OP2 A2M OA 912 -26.14 7.21 43.05
N1 OMC OA 926 -36.39 50.63 45.82
C2 OMC OA 926 -35.74 50.34 44.61
N3 OMC OA 926 -36.26 49.38 43.82
C4 OMC OA 926 -37.33 48.71 44.15
C5 OMC OA 926 -38.04 48.97 45.36
C6 OMC OA 926 -37.51 49.93 46.13
O2 OMC OA 926 -34.74 50.96 44.30
N4 OMC OA 926 -37.78 47.78 43.32
C1' OMC OA 926 -35.87 51.67 46.73
C2' OMC OA 926 -36.52 53.03 46.50
O2' OMC OA 926 -35.58 54.04 46.85
CM2 OMC OA 926 -34.47 54.11 45.99
C3' OMC OA 926 -37.64 52.99 47.53
C4' OMC OA 926 -36.97 52.30 48.70
O4' OMC OA 926 -36.13 51.30 48.07
O3' OMC OA 926 -38.21 54.24 47.84
C5' OMC OA 926 -37.89 51.63 49.69
O5' OMC OA 926 -38.78 50.75 49.02
P OMC OA 926 -39.21 49.37 49.69
OP1 OMC OA 926 -39.92 49.68 51.00
OP2 OMC OA 926 -39.90 48.53 48.63
P OMG OA 1108 -21.13 37.94 42.78
OP1 OMG OA 1108 -19.88 38.78 42.82
OP2 OMG OA 1108 -22.43 38.53 42.26
O5' OMG OA 1108 -20.84 36.63 41.92
C5' OMG OA 1108 -19.87 35.69 42.35
C4' OMG OA 1108 -19.97 34.41 41.57
O4' OMG OA 1108 -21.24 33.75 41.84
C3' OMG OA 1108 -19.98 34.54 40.06
O3' OMG OA 1108 -18.70 34.81 39.52
C2' OMG OA 1108 -20.58 33.21 39.62
O2' OMG OA 1108 -19.62 32.17 39.73
CM2 OMG OA 1108 -19.78 31.17 38.74
C1' OMG OA 1108 -21.63 33.00 40.71
N9 OMG OA 1108 -22.94 33.48 40.25
C8 OMG OA 1108 -23.53 34.70 40.48
N7 OMG OA 1108 -24.68 34.79 39.88
C5 OMG OA 1108 -24.86 33.60 39.24
C6 OMG OA 1108 -25.91 33.13 38.43
O6 OMG OA 1108 -26.96 33.69 38.12
N1 OMG OA 1108 -25.65 31.84 37.98
C2 OMG OA 1108 -24.54 31.11 38.25
N2 OMG OA 1108 -24.46 29.88 37.72
N3 OMG OA 1108 -23.56 31.55 39.00
C4 OMG OA 1108 -23.77 32.78 39.45
P A2M OA 1110 -14.04 34.34 34.66
OP1 A2M OA 1110 -12.99 34.39 35.73
O5' A2M OA 1110 -13.56 33.51 33.15
C5' A2M OA 1110 -13.63 32.18 33.19
C4' A2M OA 1110 -13.96 31.65 31.81
O4' A2M OA 1110 -15.35 31.63 31.62
C3' A2M OA 1110 -13.41 32.54 30.73
O3' A2M OA 1110 -12.04 32.38 30.77
C2' A2M OA 1110 -14.19 32.09 29.51
O2' A2M OA 1110 -13.59 31.02 28.82
C1' A2M OA 1110 -15.48 31.57 30.22
CM' A2M OA 1110 -13.44 31.36 27.47
N9 A2M OA 1110 -16.72 32.16 29.78
C8 A2M OA 1110 -17.70 31.72 28.92
N7 A2M OA 1110 -18.71 32.59 28.76
C5 A2M OA 1110 -18.32 33.66 29.55
C6 A2M OA 1110 -18.88 34.89 29.84
N6 A2M OA 1110 -20.09 35.28 29.29
N1 A2M OA 1110 -18.30 35.78 30.66
C2 A2M OA 1110 -17.12 35.39 31.20
N3 A2M OA 1110 -16.43 34.26 31.03
C4 A2M OA 1110 -17.08 33.42 30.20
OP2 A2M OA 1110 -14.45 35.59 33.95
P A2M OA 1120 16.26 41.71 33.89
OP1 A2M OA 1120 16.27 43.15 34.29
O5' A2M OA 1120 15.24 41.21 35.31
C5' A2M OA 1120 15.56 41.72 36.51
C4' A2M OA 1120 16.30 40.68 37.37
O4' A2M OA 1120 16.49 41.24 38.65
C3' A2M OA 1120 15.51 39.41 37.55
O3' A2M OA 1120 16.45 38.42 37.82
C2' A2M OA 1120 14.54 39.79 38.66
O2' A2M OA 1120 14.11 38.71 39.42
C1' A2M OA 1120 15.53 40.66 39.49
CM' A2M OA 1120 13.19 37.94 38.70
N9 A2M OA 1120 14.95 41.69 40.30
C8 A2M OA 1120 14.16 42.79 40.00
N7 A2M OA 1120 13.86 43.54 41.06
C5 A2M OA 1120 14.49 42.90 42.09
C6 A2M OA 1120 14.58 43.14 43.45
N6 A2M OA 1120 13.96 44.22 44.03
N1 A2M OA 1120 15.29 42.34 44.28
C2 A2M OA 1120 15.90 41.28 43.70
N3 A2M OA 1120 15.91 40.89 42.42
C4 A2M OA 1120 15.18 41.74 41.65
OP2 A2M OA 1120 17.57 41.00 33.74
N1 PSU OA 1122 15.22 36.35 32.08
C2 PSU OA 1122 14.48 37.26 31.36
N3 PSU OA 1122 13.38 36.86 30.65
C4 PSU OA 1122 13.00 35.54 30.65
C5 PSU OA 1122 13.75 34.62 31.38
C6 PSU OA 1122 14.85 35.05 32.09
O2 PSU OA 1122 14.83 38.44 31.35
O4 PSU OA 1122 12.01 35.19 30.02
C1' PSU OA 1122 13.37 33.17 31.42
C2' PSU OA 1122 13.69 32.47 30.10
O2' PSU OA 1122 12.77 31.40 29.93
C3' PSU OA 1122 15.08 31.92 30.38
C4' PSU OA 1122 14.98 31.52 31.83
O3' PSU OA 1122 15.46 30.85 29.54
O4' PSU OA 1122 14.14 32.54 32.42
C5' PSU OA 1122 16.30 31.44 32.55
O5' PSU OA 1122 16.16 31.74 33.93
P PSU OA 1122 17.14 32.77 34.63
OP1 PSU OA 1122 18.35 32.01 35.00
OP2 PSU OA 1122 17.28 33.98 33.80
N1 PSU OA 1168 36.05 16.68 32.63
C2 PSU OA 1168 36.39 18.01 32.64
N3 PSU OA 1168 36.85 18.59 33.79
C4 PSU OA 1168 36.99 17.84 34.94
C5 PSU OA 1168 36.64 16.49 34.92
C6 PSU OA 1168 36.18 15.93 33.75
O2 PSU OA 1168 36.28 18.69 31.62
O4 PSU OA 1168 37.41 18.41 35.93
C1' PSU OA 1168 36.75 15.56 36.11
C2' PSU OA 1168 36.14 16.10 37.41
O2' PSU OA 1168 36.83 15.52 38.50
C3' PSU OA 1168 34.73 15.53 37.32
C4' PSU OA 1168 34.96 14.17 36.69
O3' PSU OA 1168 34.07 15.44 38.57
O4' PSU OA 1168 36.06 14.39 35.76
C5' PSU OA 1168 33.79 13.58 35.98
O5' PSU OA 1168 34.12 12.36 35.34
P PSU OA 1168 33.08 11.59 34.44
OP1 PSU OA 1168 32.05 10.98 35.31
OP2 PSU OA 1168 32.66 12.49 33.35
P OMG OA 1211 -2.58 44.04 23.74
OP1 OMG OA 1211 -2.39 45.56 23.70
OP2 OMG OA 1211 -3.67 43.44 24.62
O5' OMG OA 1211 -2.82 43.55 22.24
C5' OMG OA 1211 -2.07 44.10 21.17
C4' OMG OA 1211 -1.45 43.04 20.31
O4' OMG OA 1211 -1.59 41.75 20.96
C3' OMG OA 1211 -2.07 42.88 18.93
O3' OMG OA 1211 -1.06 42.48 18.00
C2' OMG OA 1211 -3.07 41.75 19.13
O2' OMG OA 1211 -3.37 41.01 17.95
CM2 OMG OA 1211 -4.22 41.68 17.06
C1' OMG OA 1211 -2.35 40.87 20.16
N9 OMG OA 1211 -3.27 40.16 21.05
C8 OMG OA 1211 -3.46 40.41 22.38
N7 OMG OA 1211 -4.35 39.61 22.90
C5 OMG OA 1211 -4.76 38.82 21.87
C6 OMG OA 1211 -5.71 37.76 21.85
O6 OMG OA 1211 -6.38 37.34 22.77
N1 OMG OA 1211 -5.81 37.23 20.57
C2 OMG OA 1211 -5.11 37.63 19.48
N2 OMG OA 1211 -5.36 36.98 18.33
N3 OMG OA 1211 -4.24 38.59 19.50
C4 OMG OA 1211 -4.10 39.14 20.71
N1 PSU OA 1263 -39.23 26.59 16.64
C2 PSU OA 1263 -40.14 25.56 16.45
N3 PSU OA 1263 -40.78 25.01 17.53
C4 PSU OA 1263 -40.50 25.47 18.79
C5 PSU OA 1263 -39.58 26.49 18.96
C6 PSU OA 1263 -38.96 27.05 17.87
O2 PSU OA 1263 -40.38 25.14 15.32
O4 PSU OA 1263 -41.07 24.98 19.76
C1' PSU OA 1263 -39.34 26.99 20.36
C2' PSU OA 1263 -38.28 26.30 21.23
O2' PSU OA 1263 -38.94 25.72 22.35
C3' PSU OA 1263 -37.39 27.47 21.66
C4' PSU OA 1263 -38.30 28.68 21.55
O3' PSU OA 1263 -36.88 27.31 22.98
O4' PSU OA 1263 -39.11 28.38 20.42
C5' PSU OA 1263 -37.61 30.00 21.37
O5' PSU OA 1263 -36.46 29.89 20.56
P PSU OA 1263 -35.44 31.10 20.43
OP1 PSU OA 1263 -36.09 32.33 19.96
OP2 PSU OA 1263 -34.72 31.14 21.73
N1 PSU OA 1269 -49.14 31.42 28.14
C2 PSU OA 1269 -49.21 30.05 28.15
N3 PSU OA 1269 -49.96 29.38 27.20
C4 PSU OA 1269 -50.63 30.10 26.25
C5 PSU OA 1269 -50.55 31.48 26.24
C6 PSU OA 1269 -49.80 32.12 27.21
O2 PSU OA 1269 -48.61 29.41 29.02
O4 PSU OA 1269 -51.29 29.51 25.40
C1' PSU OA 1269 -51.30 32.27 25.20
C2' PSU OA 1269 -52.76 32.39 25.59
O2' PSU OA 1269 -53.53 32.50 24.40
C3' PSU OA 1269 -52.76 33.73 26.32
C4' PSU OA 1269 -51.79 34.54 25.50
O3' PSU OA 1269 -54.03 34.33 26.45
O4' PSU OA 1269 -50.76 33.58 25.12
C5' PSU OA 1269 -51.14 35.70 26.20
O5' PSU OA 1269 -50.39 35.28 27.33
P PSU OA 1269 -49.63 36.33 28.23
OP1 PSU OA 1269 -50.51 37.51 28.16
OP2 PSU OA 1269 -49.30 35.71 29.53
N1 PSU OA 1321 -64.77 -7.99 -2.91
C2 PSU OA 1321 -64.08 -8.25 -1.74
N3 PSU OA 1321 -63.08 -7.39 -1.33
C4 PSU OA 1321 -62.76 -6.29 -2.09
C5 PSU OA 1321 -63.45 -6.05 -3.27
C6 PSU OA 1321 -64.47 -6.92 -3.65
O2 PSU OA 1321 -64.36 -9.23 -1.06
O4 PSU OA 1321 -61.87 -5.54 -1.72
C1' PSU OA 1321 -63.14 -4.84 -4.11
C2' PSU OA 1321 -61.89 -5.04 -4.96
O2' PSU OA 1321 -61.22 -3.80 -5.06
C3' PSU OA 1321 -62.49 -5.43 -6.31
C4' PSU OA 1321 -63.76 -4.61 -6.36
O3' PSU OA 1321 -61.65 -5.17 -7.41
O4' PSU OA 1321 -64.22 -4.58 -4.98
C5' PSU OA 1321 -64.85 -5.19 -7.23
O5' PSU OA 1321 -65.16 -6.52 -6.87
P PSU OA 1321 -65.95 -7.49 -7.86
OP1 PSU OA 1321 -65.60 -7.07 -9.23
OP2 PSU OA 1321 -65.69 -8.88 -7.44
N1 PSU OA 1358 -68.19 -23.20 -6.58
C2 PSU OA 1358 -66.94 -23.75 -6.43
N3 PSU OA 1358 -66.79 -25.00 -5.89
C4 PSU OA 1358 -67.90 -25.72 -5.49
C5 PSU OA 1358 -69.16 -25.15 -5.65
C6 PSU OA 1358 -69.28 -23.89 -6.20
O2 PSU OA 1358 -65.94 -23.11 -6.79
O4 PSU OA 1358 -67.74 -26.84 -5.01
C1' PSU OA 1358 -70.41 -25.88 -5.23
C2' PSU OA 1358 -70.46 -26.07 -3.72
O2' PSU OA 1358 -71.17 -27.27 -3.45
C3' PSU OA 1358 -71.27 -24.86 -3.29
C4' PSU OA 1358 -72.29 -24.74 -4.41
O3' PSU OA 1358 -71.87 -24.99 -2.02
O4' PSU OA 1358 -71.54 -25.11 -5.60
C5' PSU OA 1358 -72.91 -23.39 -4.60
O5' PSU OA 1358 -74.08 -23.45 -5.39
P PSU OA 1358 -74.62 -22.18 -6.16
OP1 PSU OA 1358 -75.78 -21.54 -5.50
OP2 PSU OA 1358 -73.44 -21.37 -6.49
N1 PSU OA 1359 -67.08 -22.75 -3.09
C2 PSU OA 1359 -65.84 -22.24 -3.42
N3 PSU OA 1359 -64.70 -22.95 -3.13
C4 PSU OA 1359 -64.81 -24.18 -2.50
C5 PSU OA 1359 -66.05 -24.69 -2.17
C6 PSU OA 1359 -67.18 -23.94 -2.48
O2 PSU OA 1359 -65.75 -21.15 -3.98
O4 PSU OA 1359 -63.78 -24.81 -2.25
C1' PSU OA 1359 -66.18 -26.02 -1.49
C2' PSU OA 1359 -65.80 -25.87 -0.01
O2' PSU OA 1359 -65.24 -27.10 0.42
C3' PSU OA 1359 -67.16 -25.65 0.61
C4' PSU OA 1359 -68.04 -26.58 -0.19
O3' PSU OA 1359 -67.21 -25.90 1.99
O4' PSU OA 1359 -67.51 -26.47 -1.54
C5' PSU OA 1359 -69.51 -26.24 -0.19
O5' PSU OA 1359 -69.73 -24.94 -0.71
P PSU OA 1359 -71.20 -24.31 -0.74
OP1 PSU OA 1359 -71.90 -24.82 0.46
OP2 PSU OA 1359 -71.06 -22.87 -0.97
N1 PSU OA 1369 -72.48 -4.64 6.97
C2 PSU OA 1369 -71.72 -5.11 8.01
N3 PSU OA 1369 -72.25 -6.04 8.88
C4 PSU OA 1369 -73.54 -6.49 8.70
C5 PSU OA 1369 -74.30 -6.01 7.65
C6 PSU OA 1369 -73.75 -5.07 6.78
O2 PSU OA 1369 -70.57 -4.71 8.17
O4 PSU OA 1369 -73.97 -7.32 9.49
C1' PSU OA 1369 -75.70 -6.49 7.41
C2' PSU OA 1369 -76.66 -6.03 8.51
O2' PSU OA 1369 -77.62 -7.04 8.73
C3' PSU OA 1369 -77.30 -4.81 7.86
C4' PSU OA 1369 -77.42 -5.25 6.41
O3' PSU OA 1369 -78.55 -4.46 8.44
O4' PSU OA 1369 -76.20 -6.00 6.18
C5' PSU OA 1369 -77.54 -4.13 5.40
O5' PSU OA 1369 -76.31 -3.46 5.21
P PSU OA 1369 -76.22 -2.17 4.28
OP1 PSU OA 1369 -77.60 -1.66 4.15
OP2 PSU OA 1369 -75.15 -1.30 4.79
N1 PSU OA 1437 -55.67 -1.03 31.01
C2 PSU OA 1437 -55.60 0.26 30.52
N3 PSU OA 1437 -56.71 0.85 29.99
C4 PSU OA 1437 -57.90 0.17 29.94
C5 PSU OA 1437 -57.97 -1.12 30.42
C6 PSU OA 1437 -56.83 -1.71 30.97
O2 PSU OA 1437 -54.54 0.87 30.56
O4 PSU OA 1437 -58.90 0.71 29.46
C1' PSU OA 1437 -59.27 -1.87 30.38
C2' PSU OA 1437 -59.45 -2.53 29.01
O2' PSU OA 1437 -60.84 -2.57 28.71
C3' PSU OA 1437 -58.92 -3.92 29.27
C4' PSU OA 1437 -59.39 -4.19 30.69
O3' PSU OA 1437 -59.37 -4.90 28.35
O4' PSU OA 1437 -59.28 -2.90 31.34
C5' PSU OA 1437 -58.58 -5.21 31.46
O5' PSU OA 1437 -57.20 -4.91 31.41
P PSU OA 1437 -56.17 -5.57 32.43
OP1 PSU OA 1437 -56.30 -7.03 32.32
OP2 PSU OA 1437 -54.87 -4.91 32.21
N1 PSU OA 1439 -53.75 -2.29 24.66
C2 PSU OA 1439 -52.58 -1.81 25.21
N3 PSU OA 1439 -51.98 -0.68 24.68
C4 PSU OA 1439 -52.55 -0.05 23.61
C5 PSU OA 1439 -53.73 -0.53 23.06
C6 PSU OA 1439 -54.32 -1.67 23.61
O2 PSU OA 1439 -52.07 -2.38 26.16
O4 PSU OA 1439 -52.01 0.96 23.15
C1' PSU OA 1439 -54.36 0.15 21.89
C2' PSU OA 1439 -53.56 -0.20 20.64
O2' PSU OA 1439 -53.62 0.91 19.75
C3' PSU OA 1439 -54.37 -1.36 20.10
C4' PSU OA 1439 -55.79 -0.94 20.38
O3' PSU OA 1439 -54.14 -1.64 18.73
O4' PSU OA 1439 -55.69 -0.29 21.68
C5' PSU OA 1439 -56.82 -2.05 20.44
O5' PSU OA 1439 -56.47 -3.03 21.39
P PSU OA 1439 -57.55 -4.10 21.88
OP1 PSU OA 1439 -58.05 -4.84 20.71
OP2 PSU OA 1439 -56.89 -4.81 23.00
P A2M OA 1448 -39.57 4.34 28.82
OP1 A2M OA 1448 -38.94 5.52 29.49
O5' A2M OA 1448 -40.11 4.63 27.13
C5' A2M OA 1448 -39.21 5.16 26.29
C4' A2M OA 1448 -39.77 5.24 24.89
O4' A2M OA 1448 -39.91 3.94 24.35
C3' A2M OA 1448 -41.15 5.84 24.85
O3' A2M OA 1448 -41.06 7.18 25.15
C2' A2M OA 1448 -41.61 5.40 23.47
O2' A2M OA 1448 -40.92 6.02 22.43
C1' A2M OA 1448 -41.13 3.96 23.63
CM' A2M OA 1448 -41.57 5.81 21.20
N9 A2M OA 1448 -42.04 3.07 24.26
C8 A2M OA 1448 -42.07 2.48 25.52
N7 A2M OA 1448 -43.13 1.68 25.70
C5 A2M OA 1448 -43.82 1.78 24.51
C6 A2M OA 1448 -44.98 1.23 24.03
N6 A2M OA 1448 -45.74 0.37 24.80
N1 A2M OA 1448 -45.46 1.49 22.79
C2 A2M OA 1448 -44.71 2.33 22.05
N3 A2M OA 1448 -43.56 2.95 22.33
C4 A2M OA 1448 -43.17 2.64 23.60
OP2 A2M OA 1448 -40.92 3.88 29.26
N1 OMC OA 1792 -22.83 31.12 53.85
C2 OMC OA 1792 -23.24 32.25 54.59
N3 OMC OA 1792 -23.68 32.05 55.85
C4 OMC OA 1792 -23.74 30.85 56.38
C5 OMC OA 1792 -23.35 29.70 55.67
C6 OMC OA 1792 -22.92 29.89 54.41
O2 OMC OA 1792 -23.19 33.36 54.10
N4 OMC OA 1792 -24.17 30.73 57.62
C1' OMC OA 1792 -22.35 31.21 52.44
C2' OMC OA 1792 -21.03 31.98 52.33
O2' OMC OA 1792 -20.95 32.54 51.03
CM2 OMC OA 1792 -22.05 33.32 50.64
C3' OMC OA 1792 -20.03 30.85 52.48
C4' OMC OA 1792 -20.70 29.70 51.75
O4' OMC OA 1792 -22.11 29.91 51.98
O3' OMC OA 1792 -18.76 31.16 51.94
C5' OMC OA 1792 -20.32 28.32 52.23
O5' OMC OA 1792 -18.95 28.05 51.98
P OMC OA 1792 -18.25 26.79 52.63
OP1 OMC OA 1792 -16.79 26.79 52.21
OP2 OMC OA 1792 -18.61 26.81 54.11
P A2M OA 1804 2.21 7.79 65.93
OP1 A2M OA 1804 2.68 6.39 65.78
O5' A2M OA 1804 2.21 8.76 64.40
C5' A2M OA 1804 1.70 8.16 63.32
C4' A2M OA 1804 1.61 9.15 62.18
O4' A2M OA 1804 0.86 10.25 62.61
C3' A2M OA 1804 2.97 9.66 61.75
O3' A2M OA 1804 3.52 8.70 60.92
C2' A2M OA 1804 2.63 11.03 61.16
O2' A2M OA 1804 2.08 10.95 59.87
C1' A2M OA 1804 1.52 11.40 62.14
CM' A2M OA 1804 3.04 11.32 58.91
N9 A2M OA 1804 1.84 12.23 63.28
C8 A2M OA 1804 1.79 12.01 64.64
N7 A2M OA 1804 2.17 13.08 65.37
C5 A2M OA 1804 2.45 14.02 64.41
C6 A2M OA 1804 2.89 15.33 64.47
N6 A2M OA 1804 3.13 15.95 65.68
N1 A2M OA 1804 3.11 16.07 63.36
C2 A2M OA 1804 2.88 15.44 62.18
N3 A2M OA 1804 2.46 14.19 61.94
C4 A2M OA 1804 2.26 13.52 63.10
OP2 A2M OA 1804 3.07 8.78 66.66
P OMG OA 1805 4.91 7.99 61.30
OP1 OMG OA 1805 5.47 7.35 60.03
OP2 OMG OA 1805 4.70 7.16 62.54
O5' OMG OA 1805 5.87 9.20 61.70
C5' OMG OA 1805 6.43 10.05 60.71
C4' OMG OA 1805 6.43 11.49 61.16
O4' OMG OA 1805 5.42 11.67 62.17
C3' OMG OA 1805 7.69 11.97 61.84
O3' OMG OA 1805 8.70 12.33 60.92
C2' OMG OA 1805 7.21 13.15 62.68
O2' OMG OA 1805 7.13 14.33 61.88
CM2 OMG OA 1805 6.65 15.46 62.55
C1' OMG OA 1805 5.78 12.73 63.02
N9 OMG OA 1805 5.60 12.27 64.42
C8 OMG OA 1805 5.21 11.02 64.82
N7 OMG OA 1805 5.13 10.94 66.12
C5 OMG OA 1805 5.47 12.18 66.58
C6 OMG OA 1805 5.57 12.67 67.91
O6 OMG OA 1805 5.35 12.09 68.96
N1 OMG OA 1805 5.97 14.01 67.90
C2 OMG OA 1805 6.23 14.76 66.81
N2 OMG OA 1805 6.59 16.03 67.00
N3 OMG OA 1805 6.14 14.29 65.59
C4 OMG OA 1805 5.77 13.01 65.54
N1 OMC OA 1806 10.27 14.56 65.99
C2 OMC OA 1806 10.09 14.77 67.37
N3 OMC OA 1806 9.54 13.79 68.10
C4 OMC OA 1806 9.16 12.65 67.56
C5 OMC OA 1806 9.33 12.39 66.16
C6 OMC OA 1806 9.87 13.39 65.44
O2 OMC OA 1806 10.44 15.83 67.85
N4 OMC OA 1806 8.63 11.71 68.34
C1' OMC OA 1806 10.87 15.62 65.15
C2' OMC OA 1806 12.39 15.52 65.10
O2' OMC OA 1806 12.91 16.83 64.98
CM2 OMC OA 1806 13.22 17.43 66.22
C3' OMC OA 1806 12.60 14.74 63.81
C4' OMC OA 1806 11.50 15.29 62.92
O4' OMC OA 1806 10.38 15.47 63.83
O3' OMC OA 1806 13.88 14.90 63.26
C5' OMC OA 1806 11.06 14.40 61.78
O5' OMC OA 1806 10.69 13.12 62.24
P OMC OA 1806 10.24 11.99 61.21
OP1 OMC OA 1806 11.02 12.19 59.93
OP2 OMC OA 1806 10.30 10.65 61.93
P A2M OA 1842 39.53 35.25 57.47
OP1 A2M OA 1842 40.14 36.38 58.26
O5' A2M OA 1842 39.83 36.08 55.89
C5' A2M OA 1842 38.81 36.78 55.37
C4' A2M OA 1842 39.23 37.27 54.00
O4' A2M OA 1842 39.47 36.16 53.16
C3' A2M OA 1842 38.16 38.11 53.34
O3' A2M OA 1842 38.17 39.35 53.94
C2' A2M OA 1842 38.54 37.97 51.86
O2' A2M OA 1842 39.66 38.72 51.49
C1' A2M OA 1842 38.91 36.48 51.91
CM' A2M OA 1842 39.47 39.34 50.25
N9 A2M OA 1842 37.82 35.57 51.66
C8 A2M OA 1842 37.10 34.70 52.47
N7 A2M OA 1842 36.14 34.04 51.80
C5 A2M OA 1842 36.26 34.53 50.51
C6 A2M OA 1842 35.60 34.28 49.33
N6 A2M OA 1842 34.56 33.37 49.25
N1 A2M OA 1842 35.92 34.90 48.16
C2 A2M OA 1842 36.94 35.79 48.24
N3 A2M OA 1842 37.69 36.16 49.28
C4 A2M OA 1842 37.30 35.48 50.40
OP2 A2M OA 1842 38.13 34.84 57.74
N1 OMC OA 1863 15.17 19.03 71.96
C2 OMC OA 1863 16.46 18.88 72.53
N3 OMC OA 1863 17.52 19.28 71.80
C4 OMC OA 1863 17.38 19.78 70.60
C5 OMC OA 1863 16.11 19.94 69.99
C6 OMC OA 1863 15.05 19.54 70.72
O2 OMC OA 1863 16.59 18.41 73.64
N4 OMC OA 1863 18.48 20.16 69.94
C1' OMC OA 1863 13.93 18.59 72.65
C2' OMC OA 1863 13.56 19.51 73.83
O2' OMC OA 1863 13.02 18.69 74.85
CM2 OMC OA 1863 13.96 17.86 75.49
C3' OMC OA 1863 12.46 20.37 73.21
C4' OMC OA 1863 11.78 19.40 72.26
O4' OMC OA 1863 12.87 18.63 71.72
O3' OMC OA 1863 11.57 20.91 74.17
C5' OMC OA 1863 10.97 20.01 71.15
O5' OMC OA 1863 11.52 21.24 70.74
P OMC OA 1863 10.57 22.48 70.40
OP1 OMC OA 1863 9.30 22.32 71.21
OP2 OMC OA 1863 11.40 23.75 70.56
P OMG OA 1865 15.24 24.88 79.07
OP1 OMG OA 1865 14.87 25.03 80.55
OP2 OMG OA 1865 14.42 25.60 78.02
O5' OMG OA 1865 16.76 25.33 78.91
C5' OMG OA 1865 17.78 24.77 79.72
C4' OMG OA 1865 19.15 25.11 79.19
O4' OMG OA 1865 19.33 24.48 77.89
C3' OMG OA 1865 19.38 26.59 78.92
O3' OMG OA 1865 19.84 27.28 80.06
C2' OMG OA 1865 20.41 26.58 77.79
O2' OMG OA 1865 21.71 26.33 78.29
CM2 OMG OA 1865 22.71 26.33 77.30
C1' OMG OA 1865 19.96 25.35 77.00
N9 OMG OA 1865 19.01 25.69 75.92
C8 OMG OA 1865 17.65 25.83 76.01
N7 OMG OA 1865 17.11 26.11 74.86
C5 OMG OA 1865 18.15 26.15 73.98
C6 OMG OA 1865 18.17 26.41 72.60
O6 OMG OA 1865 17.23 26.66 71.86
N1 OMG OA 1865 19.47 26.35 72.09
C2 OMG OA 1865 20.59 26.08 72.81
N2 OMG OA 1865 21.76 26.07 72.15
N3 OMG OA 1865 20.57 25.85 74.10
C4 OMG OA 1865 19.34 25.89 74.62
N1 PSU OA 2073 67.46 12.71 66.43
C2 PSU OA 2073 66.56 13.04 67.42
N3 PSU OA 2073 65.45 12.28 67.64
C4 PSU OA 2073 65.22 11.15 66.87
C5 PSU OA 2073 66.12 10.82 65.87
C6 PSU OA 2073 67.25 11.61 65.67
O2 PSU OA 2073 66.78 14.04 68.10
O4 PSU OA 2073 64.23 10.47 67.08
C1' PSU OA 2073 65.91 9.61 65.02
C2' PSU OA 2073 64.82 9.81 63.97
O2' PSU OA 2073 64.12 8.59 63.81
C3' PSU OA 2073 65.66 10.10 62.72
C4' PSU OA 2073 66.88 9.23 62.92
O3' PSU OA 2073 64.97 9.80 61.51
O4' PSU OA 2073 67.11 9.28 64.36
C5' PSU OA 2073 68.12 9.64 62.18
O5' PSU OA 2073 68.19 11.04 62.01
P PSU OA 2073 69.56 11.82 62.26
OP1 PSU OA 2073 70.60 11.23 61.39
OP2 PSU OA 2073 69.26 13.26 62.18
P A2M OA 2228 30.93 31.74 51.35
OP1 A2M OA 2228 31.81 32.17 52.48
O5' A2M OA 2228 29.93 30.68 52.41
C5' A2M OA 2228 28.80 30.20 51.86
C4' A2M OA 2228 27.83 29.83 52.97
O4' A2M OA 2228 27.16 30.99 53.42
C3' A2M OA 2228 26.81 28.80 52.49
O3' A2M OA 2228 27.29 27.55 52.81
C2' A2M OA 2228 25.46 29.30 53.05
O2' A2M OA 2228 24.98 28.73 54.29
C1' A2M OA 2228 25.79 30.80 53.20
CM' A2M OA 2228 25.72 29.10 55.44
N9 A2M OA 2228 25.41 31.58 52.06
C8 A2M OA 2228 25.10 31.22 50.75
N7 A2M OA 2228 24.80 32.28 49.99
C5 A2M OA 2228 24.95 33.35 50.84
C6 A2M OA 2228 24.80 34.71 50.69
N6 A2M OA 2228 24.43 35.27 49.49
N1 A2M OA 2228 25.00 35.58 51.72
C2 A2M OA 2228 25.36 35.02 52.90
N3 A2M OA 2228 25.55 33.73 53.22
C4 A2M OA 2228 25.33 32.94 52.14
OP2 A2M OA 2228 31.54 31.06 50.17
N1 OMC OA 2245 39.42 33.76 45.07
C2 OMC OA 2245 39.43 33.74 46.47
N3 OMC OA 2245 38.52 32.98 47.10
C4 OMC OA 2245 37.63 32.28 46.42
C5 OMC OA 2245 37.59 32.28 45.01
C6 OMC OA 2245 38.50 33.04 44.39
O2 OMC OA 2245 40.25 34.39 47.08
N4 OMC OA 2245 36.75 31.55 47.11
C1' OMC OA 2245 40.39 34.58 44.29
C2' OMC OA 2245 41.76 33.91 44.17
O2' OMC OA 2245 42.75 34.93 44.21
CM2 OMC OA 2245 43.21 35.19 45.50
C3' OMC OA 2245 41.68 33.29 42.78
C4' OMC OA 2245 40.82 34.27 42.01
O4' OMC OA 2245 39.87 34.75 42.99
O3' OMC OA 2245 42.95 33.11 42.18
C5' OMC OA 2245 40.07 33.69 40.85
O5' OMC OA 2245 39.40 32.50 41.23
P OMC OA 2245 38.37 31.80 40.24
OP1 OMC OA 2245 39.10 31.46 38.96
OP2 OMC OA 2245 37.61 30.73 41.00
P A2M OA 2256 42.00 15.60 42.48
OP1 A2M OA 2256 40.90 15.43 43.46
O5' A2M OA 2256 41.15 14.61 41.22
C5' A2M OA 2256 39.84 14.87 41.05
C4' A2M OA 2256 39.13 13.60 40.61
O4' A2M OA 2256 39.98 12.88 39.74
C3' A2M OA 2256 38.75 12.72 41.78
O3' A2M OA 2256 37.55 13.23 42.27
C2' A2M OA 2256 38.78 11.32 41.17
O2' A2M OA 2256 37.60 11.00 40.48
C1' A2M OA 2256 39.93 11.54 40.16
CM' A2M OA 2256 37.51 9.62 40.27
N9 A2M OA 2256 41.26 11.12 40.54
C8 A2M OA 2256 42.48 11.80 40.57
N7 A2M OA 2256 43.50 11.05 40.99
C5 A2M OA 2256 42.91 9.82 41.26
C6 A2M OA 2256 43.38 8.61 41.72
N6 A2M OA 2256 44.71 8.43 42.04
N1 A2M OA 2256 42.58 7.53 41.90
C2 A2M OA 2256 41.27 7.71 41.59
N3 A2M OA 2256 40.65 8.80 41.13
C4 A2M OA 2256 41.52 9.83 40.98
OP2 A2M OA 2256 43.38 15.13 42.84
N1 OMC OA 2265 34.61 20.84 63.65
C2 OMC OA 2265 34.84 19.45 63.72
N3 OMC OA 2265 36.00 19.04 64.28
C4 OMC OA 2265 36.90 19.89 64.72
C5 OMC OA 2265 36.70 21.29 64.65
C6 OMC OA 2265 35.55 21.71 64.10
O2 OMC OA 2265 34.01 18.66 63.31
N4 OMC OA 2265 38.01 19.40 65.26
C1' OMC OA 2265 33.40 21.41 63.02
C2' OMC OA 2265 32.16 21.38 63.91
O2' OMC OA 2265 31.04 21.04 63.10
CM2 OMC OA 2265 31.18 19.87 62.33
C3' OMC OA 2265 32.06 22.82 64.37
C4' OMC OA 2265 32.61 23.60 63.20
O4' OMC OA 2265 33.66 22.76 62.69
O3' OMC OA 2265 30.74 23.22 64.70
C5' OMC OA 2265 33.16 24.96 63.52
O5' OMC OA 2265 34.20 24.88 64.48
P OMC OA 2265 35.22 26.09 64.70
OP1 OMC OA 2265 34.43 27.30 65.16
OP2 OMC OA 2265 36.38 25.56 65.52
N1 OMU OA 2278 7.53 -3.55 57.23
C2 OMU OA 2278 7.82 -2.12 57.57
N3 OMU OA 2278 9.00 -1.78 58.43
C4 OMU OA 2278 9.85 -2.84 58.92
C5 OMU OA 2278 9.55 -4.26 58.57
C6 OMU OA 2278 8.38 -4.59 57.72
O2 OMU OA 2278 7.10 -1.23 57.16
O4 OMU OA 2278 10.74 -2.59 59.58
C1' OMU OA 2278 6.36 -3.84 56.37
C2' OMU OA 2278 6.71 -3.62 54.89
O2' OMU OA 2278 5.52 -3.26 54.20
CM2 OMU OA 2278 5.33 -1.90 54.06
C3' OMU OA 2278 7.15 -5.02 54.50
C4' OMU OA 2278 6.13 -5.87 55.22
O3' OMU OA 2278 7.23 -5.24 53.11
O4' OMU OA 2278 6.00 -5.20 56.50
C5' OMU OA 2278 6.50 -7.32 55.44
O5' OMU OA 2278 7.79 -7.45 56.00
P OMU OA 2278 8.35 -8.87 56.46
OP1 OMU OA 2278 7.85 -9.90 55.49
OP2 OMU OA 2278 9.82 -8.74 56.74
N1 PSU OA 2280 13.89 -0.72 53.16
C2 PSU OA 2280 14.93 -0.85 54.05
N3 PSU OA 2280 15.69 0.24 54.39
C4 PSU OA 2280 15.41 1.48 53.86
C5 PSU OA 2280 14.37 1.61 52.98
C6 PSU OA 2280 13.61 0.50 52.64
O2 PSU OA 2280 15.18 -1.95 54.52
O4 PSU OA 2280 16.09 2.44 54.18
C1' PSU OA 2280 14.03 2.95 52.39
C2' PSU OA 2280 14.96 3.31 51.24
O2' PSU OA 2280 15.08 4.72 51.19
C3' PSU OA 2280 14.17 2.80 50.04
C4' PSU OA 2280 12.73 3.09 50.44
O3' PSU OA 2280 14.54 3.42 48.82
O4' PSU OA 2280 12.72 2.90 51.88
C5' PSU OA 2280 11.68 2.22 49.80
O5' PSU OA 2280 12.06 0.86 49.84
P PSU OA 2280 11.00 -0.30 49.55
OP1 PSU OA 2280 10.43 -0.06 48.22
OP2 PSU OA 2280 11.60 -1.61 49.86
N1 OMC OA 2302 33.00 -5.57 32.78
C2 OMC OA 2302 32.79 -4.19 32.60
N3 OMC OA 2302 32.08 -3.54 33.54
C4 OMC OA 2302 31.59 -4.14 34.59
C5 OMC OA 2302 31.78 -5.54 34.81
C6 OMC OA 2302 32.49 -6.19 33.87
O2 OMC OA 2302 33.23 -3.62 31.63
N4 OMC OA 2302 30.91 -3.43 35.48
C1' OMC OA 2302 33.72 -6.44 31.81
C2' OMC OA 2302 35.22 -6.14 31.72
O2' OMC OA 2302 35.62 -6.25 30.36
CM2 OMC OA 2302 35.02 -5.31 29.51
C3' OMC OA 2302 35.83 -7.29 32.53
C4' OMC OA 2302 34.84 -8.43 32.30
O4' OMC OA 2302 33.56 -7.77 32.20
O3' OMC OA 2302 37.14 -7.63 32.12
C5' OMC OA 2302 34.78 -9.45 33.41
O5' OMC OA 2302 34.37 -8.86 34.63
P OMC OA 2302 34.03 -9.74 35.91
OP1 OMC OA 2302 35.16 -10.75 36.07
OP2 OMC OA 2302 33.69 -8.80 37.04
P OMG OA 2317 43.23 7.58 4.10
OP1 OMG OA 2317 43.29 8.59 2.96
OP2 OMG OA 2317 44.37 6.61 4.34
O5' OMG OA 2317 42.96 8.41 5.43
C5' OMG OA 2317 42.60 7.76 6.65
C4' OMG OA 2317 41.71 8.66 7.48
O4' OMG OA 2317 40.55 9.01 6.70
C3' OMG OA 2317 41.13 8.04 8.74
O3' OMG OA 2317 42.03 8.08 9.83
C2' OMG OA 2317 39.86 8.87 8.98
O2' OMG OA 2317 40.16 10.03 9.73
CM2 OMG OA 2317 39.73 9.96 11.07
C1' OMG OA 2317 39.47 9.29 7.56
N9 OMG OA 2317 38.27 8.60 7.04
C8 OMG OA 2317 37.07 9.18 6.74
N7 OMG OA 2317 36.20 8.32 6.30
C5 OMG OA 2317 36.85 7.13 6.31
C6 OMG OA 2317 36.40 5.83 5.93
O6 OMG OA 2317 35.31 5.50 5.51
N1 OMG OA 2317 37.41 4.88 6.09
C2 OMG OA 2317 38.67 5.13 6.56
N2 OMG OA 2317 39.49 4.08 6.64
N3 OMG OA 2317 39.07 6.33 6.90
C4 OMG OA 2317 38.14 7.27 6.77
P OMG OA 2395 30.52 -2.86 25.50
OP1 OMG OA 2395 31.51 -1.85 24.93
OP2 OMG OA 2395 29.04 -2.55 25.49
O5' OMG OA 2395 30.74 -4.24 24.72
C5' OMG OA 2395 32.04 -4.65 24.33
C4' OMG OA 2395 32.03 -6.03 23.73
O4' OMG OA 2395 31.24 -6.91 24.57
C3' OMG OA 2395 31.39 -6.18 22.37
O3' OMG OA 2395 32.22 -5.74 21.31
C2' OMG OA 2395 31.06 -7.65 22.33
O2' OMG OA 2395 32.22 -8.44 22.08
CM2 OMG OA 2395 31.98 -9.81 22.14
C1' OMG OA 2395 30.62 -7.89 23.77
N9 OMG OA 2395 29.16 -7.76 23.92
C8 OMG OA 2395 28.45 -6.77 24.54
N7 OMG OA 2395 27.17 -6.98 24.49
C5 OMG OA 2395 27.03 -8.16 23.81
C6 OMG OA 2395 25.87 -8.89 23.45
O6 OMG OA 2395 24.70 -8.63 23.66
N1 OMG OA 2395 26.22 -10.06 22.75
C2 OMG OA 2395 27.49 -10.46 22.45
N2 OMG OA 2395 27.62 -11.61 21.78
N3 OMG OA 2395 28.55 -9.78 22.79
C4 OMG OA 2395 28.27 -8.66 23.45
N1 PSU OA 2405 25.27 18.07 14.58
C2 PSU OA 2405 25.13 19.44 14.45
N3 PSU OA 2405 26.05 20.28 15.00
C4 PSU OA 2405 27.13 19.78 15.66
C5 PSU OA 2405 27.28 18.40 15.78
C6 PSU OA 2405 26.33 17.55 15.23
O2 PSU OA 2405 24.17 19.90 13.86
O4 PSU OA 2405 27.94 20.56 16.14
C1' PSU OA 2405 28.45 17.85 16.53
C2' PSU OA 2405 28.13 18.10 18.01
O2' PSU OA 2405 29.33 18.36 18.71
C3' PSU OA 2405 27.55 16.75 18.42
C4' PSU OA 2405 28.42 15.78 17.63
O3' PSU OA 2405 27.59 16.53 19.82
O4' PSU OA 2405 28.60 16.46 16.36
C5' PSU OA 2405 27.83 14.41 17.40
O5' PSU OA 2405 26.44 14.48 17.13
P PSU OA 2405 25.64 13.19 16.67
OP1 PSU OA 2405 25.76 12.18 17.75
OP2 PSU OA 2405 24.30 13.60 16.22
N1 PSU OA 2407 20.15 18.90 20.40
C2 PSU OA 2407 19.08 18.21 19.90
N3 PSU OA 2407 17.95 18.88 19.47
C4 PSU OA 2407 17.91 20.25 19.54
C5 PSU OA 2407 18.99 20.95 20.06
C6 PSU OA 2407 20.11 20.24 20.47
O2 PSU OA 2407 19.11 16.99 19.82
O4 PSU OA 2407 16.90 20.85 19.16
C1' PSU OA 2407 18.97 22.45 20.13
C2' PSU OA 2407 18.14 23.00 21.28
O2' PSU OA 2407 17.56 24.22 20.85
C3' PSU OA 2407 19.22 23.26 22.33
C4' PSU OA 2407 20.40 23.70 21.49
O3' PSU OA 2407 18.84 24.22 23.29
O4' PSU OA 2407 20.30 22.90 20.29
C5' PSU OA 2407 21.75 23.47 22.12
O5' PSU OA 2407 22.01 22.09 22.26
P PSU OA 2407 23.36 21.57 22.94
OP1 PSU OA 2407 23.73 22.46 24.05
OP2 PSU OA 2407 23.21 20.13 23.19
N1 PSU OA 2463 23.31 11.15 -5.07
C2 PSU OA 2463 22.05 11.25 -4.52
N3 PSU OA 2463 21.08 10.34 -4.86
C4 PSU OA 2463 21.36 9.34 -5.75
C5 PSU OA 2463 22.62 9.26 -6.32
C6 PSU OA 2463 23.59 10.17 -5.96
O2 PSU OA 2463 21.81 12.13 -3.71
O4 PSU OA 2463 20.48 8.54 -6.06
C1' PSU OA 2463 22.94 8.16 -7.29
C2' PSU OA 2463 22.48 8.43 -8.73
O2' PSU OA 2463 22.04 7.20 -9.30
C3' PSU OA 2463 23.78 8.89 -9.38
C4' PSU OA 2463 24.83 8.05 -8.67
O3' PSU OA 2463 23.82 8.71 -10.78
O4' PSU OA 2463 24.33 7.94 -7.32
C5' PSU OA 2463 26.20 8.66 -8.66
O5' PSU OA 2463 26.14 10.02 -8.27
P PSU OA 2463 27.47 10.87 -8.07
OP1 PSU OA 2463 28.35 10.64 -9.24
OP2 PSU OA 2463 27.09 12.24 -7.69
N1 OMC OA 2469 1.30 24.22 -16.27
C2 OMC OA 2469 2.65 23.88 -16.58
N3 OMC OA 2469 3.58 24.04 -15.62
C4 OMC OA 2469 3.29 24.50 -14.43
C5 OMC OA 2469 1.97 24.84 -14.07
C6 OMC OA 2469 1.03 24.67 -15.01
O2 OMC OA 2469 3.02 23.44 -17.66
N4 OMC OA 2469 4.26 24.64 -13.54
C1' OMC OA 2469 0.08 24.14 -17.09
C2' OMC OA 2469 0.28 24.18 -18.60
O2' OMC OA 2469 0.44 25.50 -19.08
CM2 OMC OA 2469 1.37 25.60 -20.13
C3' OMC OA 2469 -0.97 23.47 -19.09
C4' OMC OA 2469 -1.21 22.42 -18.02
O4' OMC OA 2469 -0.55 22.90 -16.82
O3' OMC OA 2469 -2.07 24.38 -19.11
C5' OMC OA 2469 -0.70 21.05 -18.35
O5' OMC OA 2469 -0.06 21.02 -19.62
P OMC OA 2469 1.07 19.94 -19.93
OP1 OMC OA 2469 1.18 19.81 -21.44
OP2 OMC OA 2469 2.30 20.28 -19.12
P A2M OA 2486 -20.09 56.89 -10.94
OP1 A2M OA 2486 -21.22 57.53 -10.20
O5' A2M OA 2486 -18.88 58.10 -10.30
C5' A2M OA 2486 -18.99 58.42 -9.00
C4' A2M OA 2486 -17.70 59.09 -8.53
O4' A2M OA 2486 -16.62 58.22 -8.73
C3' A2M OA 2486 -17.41 60.36 -9.29
O3' A2M OA 2486 -18.28 61.33 -8.82
C2' A2M OA 2486 -15.91 60.51 -9.06
O2' A2M OA 2486 -15.59 60.90 -7.76
C1' A2M OA 2486 -15.58 59.02 -9.26
CM' A2M OA 2486 -14.29 61.44 -7.72
N9 A2M OA 2486 -15.28 58.59 -10.60
C8 A2M OA 2486 -15.95 57.74 -11.49
N7 A2M OA 2486 -15.34 57.60 -12.67
C5 A2M OA 2486 -14.22 58.42 -12.53
C6 A2M OA 2486 -13.17 58.74 -13.36
N6 A2M OA 2486 -13.07 58.22 -14.64
N1 A2M OA 2486 -12.18 59.58 -12.99
C2 A2M OA 2486 -12.29 60.09 -11.74
N3 A2M OA 2486 -13.23 59.88 -10.80
C4 A2M OA 2486 -14.17 59.04 -11.26
OP2 A2M OA 2486 -20.14 56.78 -12.43
P OMG OA 2512 2.63 28.34 -23.49
OP1 OMG OA 2512 3.14 27.30 -24.48
OP2 OMG OA 2512 1.31 28.13 -22.76
O5' OMG OA 2512 3.77 28.57 -22.40
C5' OMG OA 2512 4.94 29.30 -22.73
C4' OMG OA 2512 5.57 29.90 -21.51
O4' OMG OA 2512 4.76 31.00 -21.02
C3' OMG OA 2512 5.68 28.99 -20.30
O3' OMG OA 2512 6.75 28.07 -20.39
C2' OMG OA 2512 5.82 29.99 -19.15
O2' OMG OA 2512 7.13 30.51 -19.11
CM2 OMG OA 2512 7.41 31.26 -17.95
C1' OMG OA 2512 4.88 31.09 -19.62
N9 OMG OA 2512 3.54 30.99 -19.02
C8 OMG OA 2512 2.36 30.62 -19.64
N7 OMG OA 2512 1.35 30.63 -18.83
C5 OMG OA 2512 1.87 31.02 -17.63
C6 OMG OA 2512 1.25 31.20 -16.37
O6 OMG OA 2512 0.08 31.06 -16.05
N1 OMG OA 2512 2.18 31.61 -15.41
C2 OMG OA 2512 3.51 31.80 -15.62
N2 OMG OA 2512 4.24 32.19 -14.57
N3 OMG OA 2512 4.08 31.63 -16.78
C4 OMG OA 2512 3.22 31.24 -17.73
P 5MC OA 2550 12.75 -3.34 -0.58
OP1 5MC OA 2550 13.62 -3.82 0.56
OP2 5MC OA 2550 12.77 -4.04 -1.93
O5' 5MC OA 2550 11.24 -3.33 -0.05
C5' 5MC OA 2550 10.95 -2.96 1.28
C4' 5MC OA 2550 9.47 -2.73 1.47
O4' 5MC OA 2550 8.92 -2.13 0.28
C3' 5MC OA 2550 8.63 -3.97 1.69
O3' 5MC OA 2550 8.68 -4.44 3.02
C2' 5MC OA 2550 7.25 -3.52 1.25
O2' 5MC OA 2550 6.57 -2.88 2.33
C1' 5MC OA 2550 7.56 -2.47 0.17
N1 5MC OA 2550 7.30 -2.97 -1.20
C2 5MC OA 2550 6.01 -3.21 -1.67
O2 5MC OA 2550 5.04 -3.03 -0.95
N3 5MC OA 2550 5.87 -3.65 -2.93
C4 5MC OA 2550 6.91 -3.84 -3.70
N4 5MC OA 2550 6.69 -4.27 -4.94
C5 5MC OA 2550 8.26 -3.60 -3.27
C6 5MC OA 2550 8.37 -3.16 -2.01
CM5 5MC OA 2550 9.43 -3.81 -4.17
P A2M OA 2553 7.87 -1.81 10.35
OP1 A2M OA 2553 8.93 -2.42 11.21
O5' A2M OA 2553 7.59 -0.46 11.50
C5' A2M OA 2553 8.20 0.70 11.22
C4' A2M OA 2553 7.23 1.84 11.47
O4' A2M OA 2553 7.96 2.95 11.94
C3' A2M OA 2553 6.48 2.21 10.18
O3' A2M OA 2553 5.11 1.94 10.38
C2' A2M OA 2553 6.94 3.63 9.89
O2' A2M OA 2553 5.92 4.51 9.45
C1' A2M OA 2553 7.37 4.04 11.31
CM' A2M OA 2553 6.32 5.19 8.29
N9 A2M OA 2553 8.20 5.20 11.38
C8 A2M OA 2553 9.22 5.68 10.58
N7 A2M OA 2553 9.73 6.85 11.00
C5 A2M OA 2553 8.97 7.12 12.13
C6 A2M OA 2553 8.96 8.15 13.04
N6 A2M OA 2553 9.83 9.21 12.91
N1 A2M OA 2553 8.12 8.20 14.08
C2 A2M OA 2553 7.27 7.16 14.19
N3 A2M OA 2553 7.13 6.08 13.40
C4 A2M OA 2553 8.02 6.12 12.38
OP2 A2M OA 2553 6.65 -2.61 10.02
P OMG OA 2560 0.39 -12.43 8.67
OP1 OMG OA 2560 1.43 -13.42 8.14
OP2 OMG OA 2560 0.83 -11.02 9.03
O5' OMG OA 2560 -0.79 -12.30 7.61
C5' OMG OA 2560 -1.47 -13.45 7.13
C4' OMG OA 2560 -1.60 -13.45 5.64
O4' OMG OA 2560 -1.22 -12.15 5.12
C3' OMG OA 2560 -0.69 -14.42 4.91
O3' OMG OA 2560 -1.21 -15.73 4.89
C2' OMG OA 2560 -0.56 -13.80 3.53
O2' OMG OA 2560 -1.69 -14.12 2.73
CM2 OMG OA 2560 -1.40 -14.14 1.35
C1' OMG OA 2560 -0.63 -12.30 3.85
N9 OMG OA 2560 0.69 -11.64 3.88
C8 OMG OA 2560 1.13 -10.83 4.90
N7 OMG OA 2560 2.31 -10.35 4.69
C5 OMG OA 2560 2.68 -10.86 3.48
C6 OMG OA 2560 3.88 -10.68 2.75
O6 OMG OA 2560 4.87 -10.02 3.05
N1 OMG OA 2560 3.85 -11.40 1.56
C2 OMG OA 2560 2.82 -12.17 1.12
N2 OMG OA 2560 2.97 -12.77 -0.07
N3 OMG OA 2560 1.71 -12.33 1.79
C4 OMG OA 2560 1.69 -11.67 2.95
N1 OMC OA 2576 7.22 -11.28 -2.26
C2 OMC OA 2576 6.00 -11.13 -1.55
N3 OMC OA 2576 6.02 -10.44 -0.39
C4 OMC OA 2576 7.13 -9.94 0.09
C5 OMC OA 2576 8.38 -10.09 -0.58
C6 OMC OA 2576 8.36 -10.77 -1.74
O2 OMC OA 2576 4.97 -11.58 -2.00
N4 OMC OA 2576 7.08 -9.28 1.24
C1' OMC OA 2576 7.35 -12.04 -3.52
C2' OMC OA 2576 6.82 -11.31 -4.76
O2' OMC OA 2576 6.01 -12.23 -5.49
CM2 OMC OA 2576 4.72 -12.44 -4.99
C3' OMC OA 2576 8.10 -11.01 -5.54
C4' OMC OA 2576 9.05 -12.10 -5.10
O4' OMC OA 2576 8.72 -12.33 -3.73
O3' OMC OA 2576 7.91 -11.01 -6.95
C5' OMC OA 2576 10.51 -11.76 -5.22
O5' OMC OA 2576 10.80 -10.53 -4.57
P OMC OA 2576 12.29 -10.04 -4.39
OP1 OMC OA 2576 12.93 -9.95 -5.77
OP2 OMC OA 2576 12.28 -8.81 -3.48
C1' UY1 OA 2586 5.28 17.23 -0.68
C2 UY1 OA 2586 2.87 13.94 -2.64
C2' UY1 OA 2586 6.04 16.71 0.55
C3' UY1 OA 2586 7.48 16.63 0.02
C4 UY1 OA 2586 2.98 15.98 -1.09
C4' UY1 OA 2586 7.53 17.77 -0.99
C5 UY1 OA 2586 4.45 16.08 -1.36
C5' UY1 OA 2586 8.58 17.66 -2.05
C6 UY1 OA 2586 5.12 15.11 -2.27
CM2 UY1 OA 2586 4.65 17.79 2.04
N1 UY1 OA 2586 4.37 14.06 -2.89
N3 UY1 OA 2586 2.20 14.92 -1.74
O2 UY1 OA 2586 2.26 13.10 -3.15
O2' UY1 OA 2586 5.94 17.69 1.58
O3' UY1 OA 2586 8.47 16.77 1.02
O4 UY1 OA 2586 2.46 16.75 -0.39
O4' UY1 OA 2586 6.22 17.74 -1.59
O5' UY1 OA 2586 8.73 18.89 -2.75
OP1 UY1 OA 2586 9.49 21.25 -3.03
OP2 UY1 OA 2586 9.40 20.10 -0.72
P UY1 OA 2586 9.66 20.03 -2.18
N1 PSU OA 2590 19.67 6.34 1.37
C2 PSU OA 2590 20.56 7.38 1.42
N3 PSU OA 2590 21.77 7.30 0.77
C4 PSU OA 2590 22.09 6.15 0.07
C5 PSU OA 2590 21.19 5.10 0.03
C6 PSU OA 2590 19.96 5.22 0.68
O2 PSU OA 2590 20.27 8.40 2.05
O4 PSU OA 2590 23.17 6.09 -0.51
C1' PSU OA 2590 21.46 3.85 -0.76
C2' PSU OA 2590 22.64 2.96 -0.37
O2' PSU OA 2590 23.38 2.67 -1.55
C3' PSU OA 2590 21.96 1.70 0.15
C4' PSU OA 2590 20.66 1.66 -0.62
O3' PSU OA 2590 22.72 0.52 -0.05
O4' PSU OA 2590 20.30 3.05 -0.79
C5' PSU OA 2590 19.53 0.93 0.06
O5' PSU OA 2590 18.35 0.98 -0.72
P PSU OA 2590 16.93 1.20 -0.05
OP1 PSU OA 2590 16.41 -0.12 0.37
OP2 PSU OA 2590 17.05 2.30 0.93
P A2M OA 2593 30.59 1.91 10.59
OP1 A2M OA 2593 31.32 0.80 11.26
O5' A2M OA 2593 30.86 3.54 11.29
C5' A2M OA 2593 32.10 4.02 11.23
C4' A2M OA 2593 32.11 5.44 11.72
O4' A2M OA 2593 31.65 6.28 10.69
C3' A2M OA 2593 31.21 5.64 12.91
O3' A2M OA 2593 31.86 5.13 14.01
C2' A2M OA 2593 30.92 7.13 12.82
O2' A2M OA 2593 32.03 7.92 13.17
C1' A2M OA 2593 30.73 7.17 11.30
CM' A2M OA 2593 31.64 9.25 13.37
N9 A2M OA 2593 29.42 6.88 10.79
C8 A2M OA 2593 28.87 5.74 10.21
N7 A2M OA 2593 27.59 5.89 9.85
C5 A2M OA 2593 27.31 7.20 10.22
C6 A2M OA 2593 26.19 7.99 10.15
N6 A2M OA 2593 25.01 7.53 9.60
N1 A2M OA 2593 26.17 9.27 10.59
C2 A2M OA 2593 27.33 9.73 11.12
N3 A2M OA 2593 28.51 9.10 11.27
C4 A2M OA 2593 28.43 7.82 10.80
OP2 A2M OA 2593 29.10 2.02 10.75
P A2M OA 2598 14.50 3.82 22.74
OP1 A2M OA 2598 13.94 3.70 24.11
O5' A2M OA 2598 13.58 2.93 21.45
C5' A2M OA 2598 12.34 3.35 21.20
C4' A2M OA 2598 11.76 2.58 20.01
O4' A2M OA 2598 12.26 3.13 18.81
C3' A2M OA 2598 12.15 1.12 20.03
O3' A2M OA 2598 11.38 0.50 21.00
C2' A2M OA 2598 11.98 0.75 18.57
O2' A2M OA 2598 10.63 0.72 18.16
C1' A2M OA 2598 12.65 2.02 18.03
CM' A2M OA 2598 10.56 0.60 16.77
N9 A2M OA 2598 14.08 1.98 17.99
C8 A2M OA 2598 15.07 2.57 18.76
N7 A2M OA 2598 16.30 2.26 18.36
C5 A2M OA 2598 16.10 1.41 17.29
C6 A2M OA 2598 16.93 0.74 16.44
N6 A2M OA 2598 18.30 0.82 16.55
N1 A2M OA 2598 16.47 -0.05 15.43
C2 A2M OA 2598 15.11 -0.13 15.32
N3 A2M OA 2598 14.16 0.47 16.06
C4 A2M OA 2598 14.72 1.23 17.03
OP2 A2M OA 2598 15.77 3.12 22.40
N1 OMC OA 2609 13.92 -16.30 38.62
C2 OMC OA 2609 14.79 -17.34 38.31
N3 OMC OA 2609 16.05 -17.30 38.80
C4 OMC OA 2609 16.46 -16.30 39.54
C5 OMC OA 2609 15.60 -15.21 39.87
C6 OMC OA 2609 14.35 -15.27 39.38
O2 OMC OA 2609 14.40 -18.26 37.62
N4 OMC OA 2609 17.70 -16.31 39.99
C1' OMC OA 2609 12.53 -16.27 38.11
C2' OMC OA 2609 11.58 -17.18 38.87
O2' OMC OA 2609 10.63 -17.71 37.95
CM2 OMC OA 2609 11.20 -18.58 37.00
C3' OMC OA 2609 10.90 -16.19 39.81
C4' OMC OA 2609 10.83 -14.92 38.99
O4' OMC OA 2609 12.04 -14.94 38.20
O3' OMC OA 2609 9.63 -16.61 40.26
C5' OMC OA 2609 10.77 -13.64 39.77
O5' OMC OA 2609 12.01 -13.38 40.42
P OMC OA 2609 12.28 -12.02 41.21
OP1 OMC OA 2609 10.99 -11.64 41.92
OP2 OMC OA 2609 13.56 -12.19 42.00
N1 PSU OA 2612 13.57 -14.97 46.82
C2 PSU OA 2612 14.93 -14.83 46.93
N3 PSU OA 2612 15.66 -15.75 47.65
C4 PSU OA 2612 15.05 -16.81 48.24
C5 PSU OA 2612 13.67 -16.96 48.13
C6 PSU OA 2612 12.95 -16.02 47.39
O2 PSU OA 2612 15.49 -13.87 46.40
O4 PSU OA 2612 15.72 -17.62 48.87
C1' PSU OA 2612 12.95 -18.11 48.76
C2' PSU OA 2612 12.94 -17.90 50.28
O2' PSU OA 2612 12.85 -19.18 50.89
C3' PSU OA 2612 11.64 -17.14 50.46
C4' PSU OA 2612 10.73 -17.82 49.45
O3' PSU OA 2612 11.15 -17.16 51.79
O4' PSU OA 2612 11.60 -18.12 48.34
C5' PSU OA 2612 9.56 -16.99 48.97
O5' PSU OA 2612 8.79 -17.72 48.03
P PSU OA 2612 8.81 -17.32 46.49
OP1 PSU OA 2612 7.62 -17.97 45.89
OP2 PSU OA 2612 8.98 -15.86 46.39
N1 PSU OA 2619 14.48 0.65 61.72
C2 PSU OA 2619 13.66 -0.30 61.17
N3 PSU OA 2619 12.61 0.08 60.36
C4 PSU OA 2619 12.39 1.42 60.10
C5 PSU OA 2619 13.22 2.37 60.68
C6 PSU OA 2619 14.27 1.96 61.49
O2 PSU OA 2619 13.85 -1.49 61.39
O4 PSU OA 2619 11.45 1.74 59.38
C1' PSU OA 2619 13.03 3.84 60.42
C2' PSU OA 2619 11.72 4.45 60.94
O2' PSU OA 2619 11.23 5.34 59.97
C3' PSU OA 2619 12.20 5.19 62.17
C4' PSU OA 2619 13.58 5.68 61.76
O3' PSU OA 2619 11.34 6.25 62.55
O4' PSU OA 2619 14.10 4.59 60.96
C5' PSU OA 2619 14.53 5.99 62.87
O5' PSU OA 2619 15.69 6.63 62.37
P PSU OA 2619 17.07 6.54 63.14
OP1 PSU OA 2619 17.31 7.78 63.91
OP2 PSU OA 2619 17.10 5.23 63.82
N1 PSU OA 2621 10.62 2.45 66.67
C2 PSU OA 2621 11.56 2.43 67.67
N3 PSU OA 2621 11.38 1.60 68.76
C4 PSU OA 2621 10.28 0.79 68.84
C5 PSU OA 2621 9.33 0.83 67.82
C6 PSU OA 2621 9.53 1.66 66.74
O2 PSU OA 2621 12.54 3.16 67.61
O4 PSU OA 2621 10.15 0.06 69.81
C1' PSU OA 2621 8.11 -0.05 67.82
C2' PSU OA 2621 7.14 0.19 68.98
O2' PSU OA 2621 6.59 -1.06 69.37
C3' PSU OA 2621 6.07 1.06 68.31
C4' PSU OA 2621 6.03 0.52 66.89
O3' PSU OA 2621 4.81 0.98 68.95
O4' PSU OA 2621 7.40 0.17 66.62
C5' PSU OA 2621 5.54 1.49 65.86
O5' PSU OA 2621 6.12 2.77 66.04
P PSU OA 2621 5.63 4.02 65.20
OP1 PSU OA 2621 4.17 4.08 65.30
OP2 PSU OA 2621 6.45 5.17 65.62
P A2M OA 2635 -22.18 11.29 66.32
OP1 A2M OA 2635 -21.95 11.97 67.64
O5' A2M OA 2635 -22.21 9.48 66.37
C5' A2M OA 2635 -21.48 8.85 65.43
C4' A2M OA 2635 -22.27 7.66 64.90
O4' A2M OA 2635 -22.80 8.01 63.65
C3' A2M OA 2635 -21.39 6.44 64.73
O3' A2M OA 2635 -21.41 5.75 65.93
C2' A2M OA 2635 -21.98 5.76 63.51
O2' A2M OA 2635 -23.10 4.99 63.84
C1' A2M OA 2635 -22.43 7.01 62.75
CM' A2M OA 2635 -23.82 4.65 62.70
N9 A2M OA 2635 -21.54 7.59 61.78
C8 A2M OA 2635 -20.75 8.74 61.80
N7 A2M OA 2635 -20.07 8.93 60.67
C5 A2M OA 2635 -20.43 7.84 59.89
C6 A2M OA 2635 -20.09 7.42 58.62
N6 A2M OA 2635 -19.21 8.14 57.83
N1 A2M OA 2635 -20.59 6.29 58.07
C2 A2M OA 2635 -21.45 5.59 58.85
N3 A2M OA 2635 -21.89 5.85 60.09
C4 A2M OA 2635 -21.34 7.00 60.57
OP2 A2M OA 2635 -21.10 11.34 65.28
N1 OMC OA 2637 -22.49 -6.21 62.76
C2 OMC OA 2637 -23.30 -7.35 62.67
N3 OMC OA 2637 -24.63 -7.20 62.88
C4 OMC OA 2637 -25.15 -6.04 63.16
C5 OMC OA 2637 -24.36 -4.86 63.26
C6 OMC OA 2637 -23.05 -5.00 63.05
O2 OMC OA 2637 -22.80 -8.42 62.40
N4 OMC OA 2637 -26.46 -5.97 63.35
C1' OMC OA 2637 -21.03 -6.30 62.55
C2' OMC OA 2637 -20.66 -6.41 61.07
O2' OMC OA 2637 -19.47 -7.16 60.97
CM2 OMC OA 2637 -19.63 -8.38 60.31
C3' OMC OA 2637 -20.41 -4.94 60.73
C4' OMC OA 2637 -19.75 -4.42 61.99
O4' OMC OA 2637 -20.42 -5.13 63.06
O3' OMC OA 2637 -19.63 -4.75 59.57
C5' OMC OA 2637 -19.86 -2.94 62.22
O5' OMC OA 2637 -21.23 -2.56 62.27
P OMC OA 2637 -21.72 -1.45 63.31
OP1 OMC OA 2637 -23.24 -1.38 63.24
OP2 OMC OA 2637 -21.04 -1.72 64.64
N1 PSU OA 2652 -35.27 -7.36 59.65
C2 PSU OA 2652 -34.04 -7.66 59.10
N3 PSU OA 2652 -33.89 -8.81 58.35
C4 PSU OA 2652 -34.96 -9.64 58.15
C5 PSU OA 2652 -36.19 -9.33 58.71
C6 PSU OA 2652 -36.31 -8.17 59.46
O2 PSU OA 2652 -33.09 -6.92 59.27
O4 PSU OA 2652 -34.84 -10.66 57.49
C1' PSU OA 2652 -37.35 -10.25 58.49
C2' PSU OA 2652 -37.33 -11.30 59.60
O2' PSU OA 2652 -37.77 -12.53 59.07
C3' PSU OA 2652 -38.36 -10.75 60.58
C4' PSU OA 2652 -39.38 -10.10 59.66
O3' PSU OA 2652 -38.93 -11.73 61.41
O4' PSU OA 2652 -38.58 -9.57 58.57
C5' PSU OA 2652 -40.18 -8.98 60.27
O5' PSU OA 2652 -39.37 -8.18 61.11
P PSU OA 2652 -39.87 -6.74 61.60
OP1 PSU OA 2652 -41.07 -6.94 62.42
OP2 PSU OA 2652 -38.68 -6.07 62.17
N1 OMC OA 2655 -27.99 -11.67 67.91
C2 OMC OA 2655 -28.41 -10.37 68.25
N3 OMC OA 2655 -29.22 -10.22 69.31
C4 OMC OA 2655 -29.63 -11.25 70.02
C5 OMC OA 2655 -29.22 -12.58 69.71
C6 OMC OA 2655 -28.41 -12.72 68.65
O2 OMC OA 2655 -28.04 -9.42 67.59
N4 OMC OA 2655 -30.44 -11.02 71.05
C1' OMC OA 2655 -27.08 -11.91 66.77
C2' OMC OA 2655 -25.64 -11.52 67.09
O2' OMC OA 2655 -25.02 -11.10 65.88
CM2 OMC OA 2655 -24.85 -9.71 65.79
C3' OMC OA 2655 -25.08 -12.84 67.56
C4' OMC OA 2655 -25.74 -13.83 66.61
O4' OMC OA 2655 -27.09 -13.28 66.45
O3' OMC OA 2655 -23.66 -12.92 67.53
C5' OMC OA 2655 -25.82 -15.25 67.08
O5' OMC OA 2655 -26.16 -16.13 66.03
P OMC OA 2655 -27.53 -16.93 66.03
OP1 OMC OA 2655 -27.27 -18.34 66.51
OP2 OMC OA 2655 -28.56 -16.07 66.74
P OMG OA 2667 -12.99 -2.96 48.12
OP1 OMG OA 2667 -13.07 -2.72 46.63
OP2 OMG OA 2667 -12.25 -1.97 49.02
O5' OMG OA 2667 -14.47 -3.11 48.68
C5' OMG OA 2667 -15.28 -1.96 48.90
C4' OMG OA 2667 -16.01 -2.03 50.21
O4' OMG OA 2667 -15.15 -2.58 51.23
C3' OMG OA 2667 -16.42 -0.69 50.77
O3' OMG OA 2667 -17.57 -0.17 50.14
C2' OMG OA 2667 -16.63 -1.01 52.24
O2' OMG OA 2667 -17.85 -1.70 52.44
CM2 OMG OA 2667 -18.51 -1.34 53.61
C1' OMG OA 2667 -15.48 -1.99 52.48
N9 OMG OA 2667 -14.27 -1.34 53.01
C8 OMG OA 2667 -13.01 -1.39 52.48
N7 OMG OA 2667 -12.14 -0.73 53.18
C5 OMG OA 2667 -12.86 -0.22 54.23
C6 OMG OA 2667 -12.44 0.58 55.32
O6 OMG OA 2667 -11.33 1.02 55.57
N1 OMG OA 2667 -13.51 0.87 56.16
C2 OMG OA 2667 -14.80 0.46 55.99
N2 OMG OA 2667 -15.69 0.85 56.90
N3 OMG OA 2667 -15.17 -0.28 54.99
C4 OMG OA 2667 -14.18 -0.59 54.14
N1 PSU OA 2688 -9.81 31.08 11.63
C2 PSU OA 2688 -11.14 31.05 11.28
N3 PSU OA 2688 -11.59 30.16 10.35
C4 PSU OA 2688 -10.72 29.28 9.77
C5 PSU OA 2688 -9.37 29.32 10.11
C6 PSU OA 2688 -8.94 30.22 11.06
O2 PSU OA 2688 -11.93 31.84 11.81
O4 PSU OA 2688 -11.13 28.48 8.93
C1' PSU OA 2688 -8.38 28.36 9.51
C2' PSU OA 2688 -8.07 28.65 8.05
O2' PSU OA 2688 -7.94 27.41 7.36
C3' PSU OA 2688 -6.73 29.36 8.14
C4' PSU OA 2688 -6.07 28.69 9.34
O3' PSU OA 2688 -5.95 29.22 6.97
O4' PSU OA 2688 -7.17 28.41 10.23
C5' PSU OA 2688 -5.04 29.51 10.06
O5' PSU OA 2688 -5.57 30.75 10.51
P PSU OA 2688 -4.77 31.68 11.51
OP1 PSU OA 2688 -3.56 32.21 10.85
OP2 PSU OA 2688 -5.83 32.59 11.98
N1 OMU OA 2693 -18.55 41.36 6.96
C2 OMU OA 2693 -17.37 41.48 7.88
N3 OMU OA 2693 -16.17 40.62 7.68
C4 OMU OA 2693 -16.14 39.67 6.59
C5 OMU OA 2693 -17.32 39.56 5.67
C6 OMU OA 2693 -18.51 40.41 5.88
O2 OMU OA 2693 -17.40 42.28 8.80
O4 OMU OA 2693 -15.23 39.01 6.43
C1' OMU OA 2693 -19.73 42.21 7.17
C2' OMU OA 2693 -19.57 43.59 6.52
O2' OMU OA 2693 -20.25 44.54 7.33
CM2 OMU OA 2693 -19.64 44.75 8.57
C3' OMU OA 2693 -20.30 43.38 5.21
C4' OMU OA 2693 -21.46 42.50 5.62
O3' OMU OA 2693 -20.71 44.58 4.58
O4' OMU OA 2693 -20.86 41.60 6.58
C5' OMU OA 2693 -22.10 41.70 4.51
O5' OMU OA 2693 -21.13 41.13 3.66
P OMU OA 2693 -21.54 40.05 2.57
OP1 OMU OA 2693 -22.60 40.66 1.70
OP2 OMU OA 2693 -20.27 39.51 1.95
P OMG OA 2863 -30.58 7.55 21.53
OP1 OMG OA 2863 -30.18 7.18 20.10
OP2 OMG OA 2863 -29.86 6.90 22.71
O5' OMG OA 2863 -30.41 9.14 21.66
C5' OMG OA 2863 -30.68 9.79 22.90
C4' OMG OA 2863 -29.50 10.63 23.31
O4' OMG OA 2863 -28.45 9.78 23.82
C3' OMG OA 2863 -28.82 11.41 22.21
O3' OMG OA 2863 -29.50 12.62 21.90
C2' OMG OA 2863 -27.42 11.64 22.77
O2' OMG OA 2863 -27.43 12.69 23.72
CM2 OMG OA 2863 -26.26 12.79 24.50
C1' OMG OA 2863 -27.18 10.32 23.51
N9 OMG OA 2863 -26.43 9.33 22.71
C8 OMG OA 2863 -26.88 8.10 22.31
N7 OMG OA 2863 -26.00 7.44 21.63
C5 OMG OA 2863 -24.91 8.27 21.57
C6 OMG OA 2863 -23.66 8.09 20.94
O6 OMG OA 2863 -23.24 7.13 20.31
N1 OMG OA 2863 -22.84 9.21 21.13
C2 OMG OA 2863 -23.19 10.34 21.82
N2 OMG OA 2863 -22.26 11.30 21.88
N3 OMG OA 2863 -24.34 10.50 22.39
C4 OMG OA 2863 -25.17 9.46 22.24
C2 6MZ OA 2887 -46.47 3.98 17.24
C4 6MZ OA 2887 -46.07 6.27 17.12
C5 6MZ OA 2887 -47.22 6.44 16.48
O1P 6MZ OA 2887 -46.59 11.26 16.08
O2P 6MZ OA 2887 -45.31 13.49 16.62
N9 6MZ OA 2887 -45.50 7.46 17.26
N3 6MZ OA 2887 -45.69 5.04 17.51
N1 6MZ OA 2887 -47.64 4.15 16.59
C6 6MZ OA 2887 -48.01 5.35 16.21
N6 6MZ OA 2887 -49.30 5.48 15.49
C9 6MZ OA 2887 -50.07 4.27 15.22
N7 6MZ OA 2887 -47.36 7.74 16.21
C8 6MZ OA 2887 -46.28 8.37 16.70
O5' 6MZ OA 2887 -45.07 11.43 18.07
C5' 6MZ OA 2887 -43.69 11.32 17.80
C4' 6MZ OA 2887 -43.23 9.89 17.86
O4' 6MZ OA 2887 -44.27 9.07 18.45
C1' 6MZ OA 2887 -44.21 7.77 17.91
C2' 6MZ OA 2887 -43.05 7.74 16.90
O2' 6MZ OA 2887 -41.90 7.32 17.60
C3' 6MZ OA 2887 -42.95 9.21 16.54
O3' 6MZ OA 2887 -41.69 9.56 15.98
P 6MZ OA 2887 -46.05 12.21 17.10
N1 OMU OA 2894 -46.74 18.04 -1.62
C2 OMU OA 2894 -46.36 18.89 -0.43
N3 OMU OA 2894 -45.31 18.42 0.52
C4 OMU OA 2894 -44.68 17.13 0.31
C5 OMU OA 2894 -45.07 16.30 -0.86
C6 OMU OA 2894 -46.10 16.77 -1.81
O2 OMU OA 2894 -46.89 19.98 -0.26
O4 OMU OA 2894 -43.89 16.77 1.03
C1' OMU OA 2894 -47.77 18.51 -2.56
C2' OMU OA 2894 -47.22 19.56 -3.54
O2' OMU OA 2894 -48.25 20.48 -3.83
CM2 OMU OA 2894 -48.56 21.34 -2.76
C3' OMU OA 2894 -46.91 18.71 -4.75
C4' OMU OA 2894 -48.05 17.70 -4.74
O3' OMU OA 2894 -46.84 19.43 -5.96
O4' OMU OA 2894 -48.22 17.41 -3.33
C5' OMU OA 2894 -47.81 16.43 -5.50
O5' OMU OA 2894 -46.64 15.76 -5.06
P OMU OA 2894 -46.17 14.40 -5.71
OP1 OMU OA 2894 -46.07 14.60 -7.19
OP2 OMU OA 2894 -44.97 13.89 -4.93
P OMG OA 2895 -45.43 19.71 -6.65
OP1 OMG OA 2895 -45.52 19.31 -8.12
OP2 OMG OA 2895 -44.34 19.11 -5.76
O5' OMG OA 2895 -45.30 21.30 -6.59
C5' OMG OA 2895 -46.44 22.11 -6.32
C4' OMG OA 2895 -46.07 23.45 -5.73
O4' OMG OA 2895 -45.83 23.29 -4.30
C3' OMG OA 2895 -44.80 24.10 -6.28
O3' OMG OA 2895 -44.94 25.51 -6.15
C2' OMG OA 2895 -43.74 23.63 -5.29
O2' OMG OA 2895 -42.58 24.42 -5.26
CM2 OMG OA 2895 -41.47 23.79 -5.89
C1' OMG OA 2895 -44.53 23.71 -3.99
N9 OMG OA 2895 -44.01 22.87 -2.91
C8 OMG OA 2895 -43.54 21.58 -2.94
N7 OMG OA 2895 -43.18 21.17 -1.76
C5 OMG OA 2895 -43.42 22.24 -0.92
C6 OMG OA 2895 -43.24 22.40 0.47
O6 OMG OA 2895 -42.80 21.61 1.28
N1 OMG OA 2895 -43.64 23.68 0.87
C2 OMG OA 2895 -44.15 24.65 0.07
N2 OMG OA 2895 -44.48 25.82 0.63
N3 OMG OA 2895 -44.31 24.49 -1.21
C4 OMG OA 2895 -43.95 23.29 -1.63
N1 PSU OA 2960 -66.85 38.71 -10.88
C2 PSU OA 2960 -68.04 39.39 -11.01
N3 PSU OA 2960 -68.12 40.47 -11.85
C4 PSU OA 2960 -67.01 40.88 -12.55
C5 PSU OA 2960 -65.82 40.18 -12.42
C6 PSU OA 2960 -65.76 39.10 -11.57
O2 PSU OA 2960 -69.03 39.03 -10.37
O4 PSU OA 2960 -67.09 41.85 -13.30
C1' PSU OA 2960 -64.62 40.63 -13.20
C2' PSU OA 2960 -63.87 41.71 -12.42
O2' PSU OA 2960 -63.31 42.63 -13.35
C3' PSU OA 2960 -62.78 40.90 -11.75
C4' PSU OA 2960 -62.44 39.87 -12.80
O3' PSU OA 2960 -61.66 41.67 -11.34
O4' PSU OA 2960 -63.72 39.57 -13.41
C5' PSU OA 2960 -61.81 38.60 -12.30
O5' PSU OA 2960 -62.65 37.93 -11.37
P PSU OA 2960 -62.11 36.72 -10.50
OP1 PSU OA 2960 -60.95 37.23 -9.74
OP2 PSU OA 2960 -63.22 36.11 -9.77
N1 PSU OA 2963 -68.40 42.80 -0.04
C2 PSU OA 2963 -69.50 42.03 0.25
N3 PSU OA 2963 -70.50 42.52 1.06
C4 PSU OA 2963 -70.39 43.80 1.58
C5 PSU OA 2963 -69.27 44.57 1.27
C6 PSU OA 2963 -68.29 44.06 0.46
O2 PSU OA 2963 -69.59 40.90 -0.20
O4 PSU OA 2963 -71.27 44.24 2.29
C1' PSU OA 2963 -69.15 45.96 1.83
C2' PSU OA 2963 -68.67 45.92 3.28
O2' PSU OA 2963 -69.28 46.99 3.98
C3' PSU OA 2963 -67.18 46.18 3.10
C4' PSU OA 2963 -67.15 47.17 1.96
O3' PSU OA 2963 -66.55 46.66 4.27
O4' PSU OA 2963 -68.21 46.72 1.09
C5' PSU OA 2963 -65.85 47.25 1.21
O5' PSU OA 2963 -65.46 45.97 0.74
P PSU OA 2963 -64.23 45.83 -0.27
OP1 PSU OA 2963 -63.13 46.64 0.29
OP2 PSU OA 2963 -64.04 44.40 -0.58
N1 PSU OA 2966 -66.97 35.24 8.17
C2 PSU OA 2966 -66.29 34.66 7.12
N3 PSU OA 2966 -66.75 33.48 6.59
C4 PSU OA 2966 -67.88 32.88 7.09
C5 PSU OA 2966 -68.55 33.46 8.15
C6 PSU OA 2966 -68.07 34.66 8.68
O2 PSU OA 2966 -65.28 35.19 6.67
O4 PSU OA 2966 -68.28 31.83 6.60
C1' PSU OA 2966 -69.79 32.83 8.72
C2' PSU OA 2966 -69.45 31.60 9.57
O2' PSU OA 2966 -70.53 30.70 9.46
C3' PSU OA 2966 -69.40 32.22 10.96
C4' PSU OA 2966 -70.51 33.24 10.92
O3' PSU OA 2966 -69.57 31.27 12.00
O4' PSU OA 2966 -70.46 33.75 9.56
C5' PSU OA 2966 -70.39 34.38 11.89
O5' PSU OA 2966 -69.15 35.06 11.75
P PSU OA 2966 -68.95 36.54 12.27
OP1 PSU OA 2966 -69.05 36.53 13.74
OP2 PSU OA 2966 -67.73 37.02 11.59
N1 OMU OA 2973 -55.47 34.22 16.50
C2 OMU OA 2973 -54.18 33.95 15.78
N3 OMU OA 2973 -53.79 32.55 15.44
C4 OMU OA 2973 -54.65 31.45 15.81
C5 OMU OA 2973 -55.94 31.72 16.52
C6 OMU OA 2973 -56.32 33.11 16.85
O2 OMU OA 2973 -53.44 34.87 15.46
O4 OMU OA 2973 -54.35 30.39 15.56
C1' OMU OA 2973 -55.87 35.60 16.82
C2' OMU OA 2973 -56.30 36.37 15.58
O2' OMU OA 2973 -56.11 37.76 15.83
CM2 OMU OA 2973 -54.79 38.18 15.77
C3' OMU OA 2973 -57.77 36.03 15.52
C4' OMU OA 2973 -58.16 36.07 16.99
O3' OMU OA 2973 -58.54 36.89 14.72
O4' OMU OA 2973 -57.00 35.56 17.68
C5' OMU OA 2973 -59.37 35.26 17.38
O5' OMU OA 2973 -59.51 35.22 18.79
P OMU OA 2973 -60.93 34.99 19.46
OP1 OMU OA 2973 -60.77 35.17 20.94
OP2 OMU OA 2973 -61.94 35.82 18.72
N1 PSU OA 2979 -67.52 31.09 1.40
C2 PSU OA 2979 -67.89 32.17 2.18
N3 PSU OA 2979 -68.85 32.02 3.15
C4 PSU OA 2979 -69.45 30.80 3.34
C5 PSU OA 2979 -69.06 29.72 2.56
C6 PSU OA 2979 -68.09 29.89 1.59
O2 PSU OA 2979 -67.37 33.26 2.00
O4 PSU OA 2979 -70.30 30.67 4.21
C1' PSU OA 2979 -69.70 28.37 2.77
C2' PSU OA 2979 -71.07 28.33 2.10
O2' PSU OA 2979 -71.90 27.46 2.86
C3' PSU OA 2979 -70.74 27.72 0.75
C4' PSU OA 2979 -69.67 26.71 1.11
O3' PSU OA 2979 -71.84 27.14 0.09
O4' PSU OA 2979 -68.91 27.36 2.16
C5' PSU OA 2979 -68.75 26.31 -0.01
O5' PSU OA 2979 -68.30 27.43 -0.74
P PSU OA 2979 -67.14 27.30 -1.83
OP1 PSU OA 2979 -67.67 26.48 -2.94
OP2 PSU OA 2979 -66.63 28.65 -2.08
N1 PSU OA 3020 -48.71 69.45 -1.51
C2 PSU OA 3020 -48.25 68.98 -2.73
N3 PSU OA 3020 -46.96 68.52 -2.84
C4 PSU OA 3020 -46.14 68.50 -1.74
C5 PSU OA 3020 -46.60 68.97 -0.53
C6 PSU OA 3020 -47.91 69.44 -0.43
O2 PSU OA 3020 -48.98 68.99 -3.71
O4 PSU OA 3020 -45.00 68.08 -1.85
C1' PSU OA 3020 -45.71 68.95 0.67
C2' PSU OA 3020 -44.73 70.13 0.62
O2' PSU OA 3020 -43.49 69.71 1.17
C3' PSU OA 3020 -45.41 71.13 1.56
C4' PSU OA 3020 -46.01 70.22 2.62
O3' PSU OA 3020 -44.51 72.08 2.11
O4' PSU OA 3020 -46.44 69.06 1.87
C5' PSU OA 3020 -47.16 70.80 3.40
O5' PSU OA 3020 -48.27 71.08 2.55
P PSU OA 3020 -49.64 71.65 3.16
OP1 PSU OA 3020 -49.26 72.53 4.28
OP2 PSU OA 3020 -50.47 72.16 2.06
N1 PSU OA 3028 -44.55 66.88 -7.17
C2 PSU OA 3028 -44.87 67.21 -5.87
N3 PSU OA 3028 -43.91 67.20 -4.89
C4 PSU OA 3028 -42.61 66.86 -5.21
C5 PSU OA 3028 -42.28 66.53 -6.52
C6 PSU OA 3028 -43.28 66.55 -7.50
O2 PSU OA 3028 -46.03 67.52 -5.58
O4 PSU OA 3028 -41.76 66.85 -4.33
C1' PSU OA 3028 -40.88 66.16 -6.91
C2' PSU OA 3028 -40.51 64.79 -6.35
O2' PSU OA 3028 -39.12 64.80 -6.05
C3' PSU OA 3028 -40.78 63.89 -7.54
C4' PSU OA 3028 -40.32 64.76 -8.70
O3' PSU OA 3028 -40.10 62.66 -7.48
O4' PSU OA 3028 -40.74 66.09 -8.31
C5' PSU OA 3028 -40.91 64.40 -10.04
O5' PSU OA 3028 -42.31 64.62 -10.08
P PSU OA 3028 -43.10 64.55 -11.45
OP1 PSU OA 3028 -42.56 63.39 -12.21
OP2 PSU OA 3028 -44.54 64.64 -11.16
P OMG OA 3037 -45.43 37.77 -6.01
OP1 OMG OA 3037 -45.20 36.38 -6.57
OP2 OMG OA 3037 -46.08 37.94 -4.63
O5' OMG OA 3037 -44.05 38.53 -6.00
C5' OMG OA 3037 -43.20 38.51 -7.13
C4' OMG OA 3037 -41.95 39.32 -6.88
O4' OMG OA 3037 -42.31 40.71 -6.73
C3' OMG OA 3037 -41.20 38.98 -5.59
O3' OMG OA 3037 -40.34 37.87 -5.75
C2' OMG OA 3037 -40.46 40.28 -5.30
O2' OMG OA 3037 -39.30 40.39 -6.10
CM2 OMG OA 3037 -38.11 40.38 -5.34
C1' OMG OA 3037 -41.47 41.32 -5.77
N9 OMG OA 3037 -42.30 41.81 -4.66
C8 OMG OA 3037 -43.59 41.45 -4.35
N7 OMG OA 3037 -44.04 42.07 -3.31
C5 OMG OA 3037 -43.01 42.86 -2.90
C6 OMG OA 3037 -42.91 43.77 -1.82
O6 OMG OA 3037 -43.74 44.05 -0.98
N1 OMG OA 3037 -41.65 44.38 -1.79
C2 OMG OA 3037 -40.65 44.16 -2.67
N2 OMG OA 3037 -39.51 44.85 -2.47
N3 OMG OA 3037 -40.74 43.32 -3.67
C4 OMG OA 3037 -41.92 42.72 -3.74
P OMG OA 3059 -26.44 20.42 37.47
OP1 OMG OA 3059 -27.56 20.38 38.48
OP2 OMG OA 3059 -25.06 19.90 37.85
O5' OMG OA 3059 -26.94 19.64 36.18
C5' OMG OA 3059 -28.23 19.88 35.62
C4' OMG OA 3059 -28.45 19.03 34.41
O4' OMG OA 3059 -27.45 19.36 33.40
C3' OMG OA 3059 -28.27 17.53 34.62
O3' OMG OA 3059 -29.46 16.91 35.09
C2' OMG OA 3059 -27.82 17.03 33.26
O2' OMG OA 3059 -28.94 16.88 32.39
CM2 OMG OA 3059 -28.65 16.04 31.30
C1' OMG OA 3059 -26.99 18.21 32.76
N9 OMG OA 3059 -25.56 18.03 33.06
C8 OMG OA 3059 -24.87 18.54 34.13
N7 OMG OA 3059 -23.61 18.21 34.10
C5 OMG OA 3059 -23.47 17.46 32.96
C6 OMG OA 3059 -22.33 16.83 32.41
O6 OMG OA 3059 -21.18 16.80 32.82
N1 OMG OA 3059 -22.66 16.17 31.23
C2 OMG OA 3059 -23.89 16.12 30.67
N2 OMG OA 3059 -24.01 15.44 29.52
N3 OMG OA 3059 -24.94 16.70 31.18
C4 OMG OA 3059 -24.67 17.35 32.30
N1 PSU OA 3070 -32.51 -7.63 30.64
C2 PSU OA 3070 -31.59 -7.47 29.62
N3 PSU OA 3070 -31.99 -7.56 28.32
C4 PSU OA 3070 -33.30 -7.78 28.01
C5 PSU OA 3070 -34.23 -7.94 29.04
C6 PSU OA 3070 -33.81 -7.85 30.35
O2 PSU OA 3070 -30.41 -7.27 29.89
O4 PSU OA 3070 -33.65 -7.85 26.83
C1' PSU OA 3070 -35.68 -8.15 28.72
C2' PSU OA 3070 -36.10 -9.48 28.11
O2' PSU OA 3070 -36.95 -9.21 27.01
C3' PSU OA 3070 -36.87 -10.14 29.25
C4' PSU OA 3070 -37.47 -8.96 29.98
O3' PSU OA 3070 -37.86 -11.04 28.78
O4' PSU OA 3070 -36.47 -7.93 29.87
C5' PSU OA 3070 -37.80 -9.20 31.44
O5' PSU OA 3070 -36.67 -9.73 32.12
P PSU OA 3070 -36.62 -9.78 33.71
OP1 PSU OA 3070 -37.65 -10.71 34.20
OP2 PSU OA 3070 -35.19 -9.98 34.01
N1 PSU OA 3098 -38.93 -26.12 17.45
C2 PSU OA 3098 -38.01 -26.67 18.30
N3 PSU OA 3098 -38.42 -27.37 19.42
C4 PSU OA 3098 -39.76 -27.51 19.67
C5 PSU OA 3098 -40.69 -26.95 18.81
C6 PSU OA 3098 -40.25 -26.25 17.69
O2 PSU OA 3098 -36.81 -26.54 18.07
O4 PSU OA 3098 -40.12 -28.14 20.67
C1' PSU OA 3098 -42.17 -27.09 19.08
C2' PSU OA 3098 -42.57 -26.13 20.18
O2' PSU OA 3098 -43.66 -26.69 20.89
C3' PSU OA 3098 -43.04 -24.93 19.37
C4' PSU OA 3098 -43.74 -25.60 18.20
O3' PSU OA 3098 -43.88 -24.03 20.07
O4' PSU OA 3098 -42.91 -26.77 17.93
C5' PSU OA 3098 -43.86 -24.76 16.95
O5' PSU OA 3098 -42.57 -24.46 16.43
P PSU OA 3098 -42.41 -23.95 14.93
OP1 PSU OA 3098 -43.50 -23.00 14.67
OP2 PSU OA 3098 -41.00 -23.54 14.75
N1 PSU OA 3109 -29.85 -0.42 26.03
C2 PSU OA 3109 -29.27 -0.49 27.28
N3 PSU OA 3109 -30.01 -0.24 28.41
C4 PSU OA 3109 -31.34 0.08 28.29
C5 PSU OA 3109 -31.92 0.17 27.03
C6 PSU OA 3109 -31.16 -0.11 25.91
O2 PSU OA 3109 -28.08 -0.78 27.38
O4 PSU OA 3109 -32.00 0.31 29.30
C1' PSU OA 3109 -33.38 0.48 26.86
C2' PSU OA 3109 -33.84 1.88 27.23
O2' PSU OA 3109 -35.04 1.78 27.97
C3' PSU OA 3109 -34.11 2.52 25.86
C4' PSU OA 3109 -34.54 1.33 25.01
O3' PSU OA 3109 -35.10 3.53 25.91
O4' PSU OA 3109 -33.77 0.22 25.53
C5' PSU OA 3109 -34.31 1.46 23.54
O5' PSU OA 3109 -33.00 1.93 23.27
P PSU OA 3109 -32.15 1.37 22.05
OP1 PSU OA 3109 -32.40 2.19 20.85
OP2 PSU OA 3109 -30.78 1.17 22.54
P 5MC OA 3114 -23.94 12.65 40.16
OP1 5MC OA 3114 -23.28 13.47 41.26
OP2 5MC OA 3114 -25.43 12.75 39.91
O5' 5MC OA 3114 -23.19 13.00 38.81
C5' 5MC OA 3114 -21.80 12.77 38.67
C4' 5MC OA 3114 -21.19 13.70 37.65
O4' 5MC OA 3114 -21.35 13.13 36.33
C3' 5MC OA 3114 -21.78 15.10 37.61
O3' 5MC OA 3114 -20.78 16.08 37.90
C2' 5MC OA 3114 -22.29 15.27 36.17
O2' 5MC OA 3114 -21.99 16.53 35.63
C1' 5MC OA 3114 -21.56 14.17 35.42
N1 5MC OA 3114 -22.31 13.63 34.27
C2 5MC OA 3114 -21.71 12.73 33.41
O2 5MC OA 3114 -20.56 12.38 33.61
N3 5MC OA 3114 -22.42 12.26 32.37
C4 5MC OA 3114 -23.66 12.64 32.17
N4 5MC OA 3114 -24.32 12.14 31.14
C5 5MC OA 3114 -24.33 13.57 33.03
C6 5MC OA 3114 -23.59 14.03 34.06
CM5 5MC OA 3114 -25.73 13.97 32.75
N1 OMC OA 3123 -0.85 -10.11 38.54
C2 OMC OA 3123 -1.22 -9.43 39.72
N3 OMC OA 3123 -2.49 -9.02 39.84
C4 OMC OA 3123 -3.38 -9.23 38.90
C5 OMC OA 3123 -3.05 -9.91 37.70
C6 OMC OA 3123 -1.77 -10.31 37.58
O2 OMC OA 3123 -0.41 -9.25 40.60
N4 OMC OA 3123 -4.63 -8.79 39.08
C1' OMC OA 3123 0.52 -10.61 38.29
C2' OMC OA 3123 0.94 -11.69 39.28
O2' OMC OA 3123 2.32 -11.53 39.57
CM2 OMC OA 3123 2.53 -10.66 40.65
C3' OMC OA 3123 0.71 -12.95 38.47
C4' OMC OA 3123 1.07 -12.52 37.07
O4' OMC OA 3123 0.57 -11.16 37.00
O3' OMC OA 3123 1.46 -14.07 38.92
C5' OMC OA 3123 0.49 -13.34 35.97
O5' OMC OA 3123 -0.87 -13.66 36.24
P OMC OA 3123 -1.89 -13.95 35.06
OP1 OMC OA 3123 -1.65 -15.37 34.59
OP2 OMC OA 3123 -3.28 -13.54 35.54
N1 PSU OA 3124 -3.17 -12.18 40.46
C2 PSU OA 3124 -4.35 -11.61 40.83
N3 PSU OA 3124 -4.51 -11.10 42.09
C4 PSU OA 3124 -3.47 -11.17 42.99
C5 PSU OA 3124 -2.28 -11.76 42.62
C6 PSU OA 3124 -2.14 -12.26 41.34
O2 PSU OA 3124 -5.28 -11.55 40.03
O4 PSU OA 3124 -3.62 -10.72 44.12
C1' PSU OA 3124 -1.12 -11.82 43.56
C2' PSU OA 3124 -1.17 -12.89 44.65
O2' PSU OA 3124 -0.61 -12.35 45.84
C3' PSU OA 3124 -0.25 -13.97 44.08
C4' PSU OA 3124 0.78 -13.17 43.31
O3' PSU OA 3124 0.35 -14.78 45.07
O4' PSU OA 3124 0.05 -12.03 42.81
C5' PSU OA 3124 1.41 -13.90 42.16
O5' PSU OA 3124 0.43 -14.25 41.20
P PSU OA 3124 0.80 -15.12 39.93
OP1 PSU OA 3124 1.88 -15.94 40.51
OP2 PSU OA 3124 -0.42 -15.71 39.35
N1 PSU OA 3138 -19.05 -45.84 38.25
C2 PSU OA 3138 -19.48 -44.92 37.33
N3 PSU OA 3138 -20.80 -44.53 37.30
C4 PSU OA 3138 -21.70 -45.07 38.20
C5 PSU OA 3138 -21.26 -46.02 39.12
C6 PSU OA 3138 -19.92 -46.39 39.13
O2 PSU OA 3138 -18.68 -44.43 36.54
O4 PSU OA 3138 -22.86 -44.71 38.15
C1' PSU OA 3138 -22.19 -46.63 40.12
C2' PSU OA 3138 -23.18 -47.58 39.45
O2' PSU OA 3138 -24.39 -47.54 40.19
C3' PSU OA 3138 -22.48 -48.92 39.65
C4' PSU OA 3138 -21.84 -48.76 41.01
O3' PSU OA 3138 -23.36 -50.03 39.58
O4' PSU OA 3138 -21.44 -47.37 41.06
C5' PSU OA 3138 -20.66 -49.65 41.29
O5' PSU OA 3138 -20.19 -49.47 42.61
P PSU OA 3138 -18.67 -49.78 43.00
OP1 PSU OA 3138 -18.52 -51.15 43.54
OP2 PSU OA 3138 -17.83 -49.37 41.86
N1 PSU OA 3160 -1.76 -26.96 31.94
C2 PSU OA 3160 -0.99 -27.49 30.94
N3 PSU OA 3160 0.25 -27.99 31.21
C4 PSU OA 3160 0.74 -27.97 32.49
C5 PSU OA 3160 -0.04 -27.43 33.51
C6 PSU OA 3160 -1.31 -26.93 33.21
O2 PSU OA 3160 -1.42 -27.51 29.78
O4 PSU OA 3160 1.85 -28.42 32.73
C1' PSU OA 3160 0.47 -27.39 34.92
C2' PSU OA 3160 1.48 -26.25 35.02
O2' PSU OA 3160 2.45 -26.60 35.99
C3' PSU OA 3160 0.59 -25.13 35.53
C4' PSU OA 3160 -0.33 -25.85 36.49
O3' PSU OA 3160 1.31 -24.06 36.13
O4' PSU OA 3160 -0.57 -27.13 35.84
C5' PSU OA 3160 -1.64 -25.18 36.79
O5' PSU OA 3160 -2.30 -24.76 35.60
P PSU OA 3160 -3.84 -25.08 35.36
OP1 PSU OA 3160 -4.63 -24.42 36.42
OP2 PSU OA 3160 -4.16 -24.83 33.94
P OMG OA 3161 1.89 -22.88 35.21
OP1 OMG OA 3161 2.29 -21.72 36.09
OP2 OMG OA 3161 0.89 -22.63 34.07
O5' OMG OA 3161 3.20 -23.49 34.57
C5' OMG OA 3161 4.27 -23.96 35.38
C4' OMG OA 3161 5.45 -24.34 34.55
O4' OMG OA 3161 5.16 -25.56 33.81
C3' OMG OA 3161 5.83 -23.35 33.46
O3' OMG OA 3161 6.63 -22.28 33.95
C2' OMG OA 3161 6.53 -24.22 32.44
O2' OMG OA 3161 7.84 -24.56 32.87
CM2 OMG OA 3161 8.82 -24.38 31.88
C1' OMG OA 3161 5.67 -25.48 32.50
N9 OMG OA 3161 4.53 -25.41 31.57
C8 OMG OA 3161 3.23 -25.10 31.88
N7 OMG OA 3161 2.47 -25.13 30.84
C5 OMG OA 3161 3.29 -25.45 29.79
C6 OMG OA 3161 3.00 -25.62 28.42
O6 OMG OA 3161 1.94 -25.51 27.84
N1 OMG OA 3161 4.16 -25.96 27.71
C2 OMG OA 3161 5.40 -26.12 28.24
N2 OMG OA 3161 6.38 -26.45 27.39
N3 OMG OA 3161 5.66 -25.97 29.51
C4 OMG OA 3161 4.58 -25.64 30.24
N1 OMU OA 3165 1.23 -12.32 22.07
C2 OMU OA 3165 0.06 -13.04 22.68
N3 OMU OA 3165 0.24 -13.88 23.91
C4 OMU OA 3165 1.57 -14.00 24.49
C5 OMU OA 3165 2.72 -13.28 23.88
C6 OMU OA 3165 2.53 -12.44 22.67
O2 OMU OA 3165 -1.05 -12.94 22.18
O4 OMU OA 3165 1.73 -14.64 25.41
C1' OMU OA 3165 1.02 -11.48 20.87
C2' OMU OA 3165 0.74 -10.02 21.23
O2' OMU OA 3165 -0.21 -9.52 20.31
CM2 OMU OA 3165 -1.12 -8.63 20.88
C3' OMU OA 3165 2.10 -9.38 21.00
C4' OMU OA 3165 2.63 -10.17 19.82
O3' OMU OA 3165 2.05 -7.99 20.76
O4' OMU OA 3165 2.19 -11.51 20.09
C5' OMU OA 3165 4.13 -10.15 19.63
O5' OMU OA 3165 4.80 -10.32 20.87
P OMU OA 3165 6.20 -11.07 20.92
OP1 OMU OA 3165 7.25 -10.11 20.45
OP2 OMU OA 3165 6.33 -11.71 22.28
P OMG OA 3166 2.70 -6.97 21.80
OP1 OMG OA 3166 2.23 -5.57 21.46
OP2 OMG OA 3166 4.21 -7.27 21.86
O5' OMG OA 3166 2.06 -7.39 23.19
C5' OMG OA 3166 2.60 -6.93 24.43
C4' OMG OA 3166 1.51 -6.59 25.42
O4' OMG OA 3166 0.79 -5.43 24.95
C3' OMG OA 3166 0.44 -7.64 25.59
O3' OMG OA 3166 0.83 -8.69 26.45
C2' OMG OA 3166 -0.74 -6.82 26.13
O2' OMG OA 3166 -0.56 -6.57 27.52
CM2 OMG OA 3166 -1.56 -7.16 28.33
C1' OMG OA 3166 -0.55 -5.50 25.39
N9 OMG OA 3166 -1.42 -5.39 24.20
C8 OMG OA 3166 -1.03 -5.49 22.89
N7 OMG OA 3166 -2.03 -5.36 22.07
C5 OMG OA 3166 -3.12 -5.14 22.87
C6 OMG OA 3166 -4.48 -4.92 22.53
O6 OMG OA 3166 -4.99 -4.87 21.43
N1 OMG OA 3166 -5.25 -4.76 23.69
C2 OMG OA 3166 -4.79 -4.79 24.97
N2 OMG OA 3166 -5.70 -4.61 25.94
N3 OMG OA 3166 -3.54 -5.00 25.28
C4 OMG OA 3166 -2.75 -5.16 24.20
N1 PSU OA 3167 -4.47 -10.31 21.23
C2 PSU OA 3167 -5.59 -9.66 20.77
N3 PSU OA 3167 -6.20 -8.72 21.57
C4 PSU OA 3167 -5.69 -8.42 22.81
C5 PSU OA 3167 -4.56 -9.10 23.25
C6 PSU OA 3167 -3.95 -10.04 22.44
O2 PSU OA 3167 -6.05 -9.93 19.67
O4 PSU OA 3167 -6.23 -7.59 23.53
C1' PSU OA 3167 -3.98 -8.78 24.60
C2' PSU OA 3167 -4.63 -9.63 25.69
O2' PSU OA 3167 -4.69 -8.84 26.88
C3' PSU OA 3167 -3.62 -10.76 25.85
C4' PSU OA 3167 -2.31 -10.06 25.59
O3' PSU OA 3167 -3.66 -11.39 27.11
O4' PSU OA 3167 -2.60 -9.07 24.59
C5' PSU OA 3167 -1.17 -10.93 25.11
O5' PSU OA 3167 -0.13 -11.00 26.05
P PSU OA 3167 1.20 -10.14 25.86
OP1 PSU OA 3167 2.24 -10.76 26.70
OP2 PSU OA 3167 1.43 -9.99 24.41
N1 PSU OA 3188 -9.51 -8.60 39.23
C2 PSU OA 3188 -8.51 -9.52 39.06
N3 PSU OA 3188 -7.66 -9.82 40.10
C4 PSU OA 3188 -7.82 -9.18 41.31
C5 PSU OA 3188 -8.83 -8.25 41.46
C6 PSU OA 3188 -9.68 -7.97 40.40
O2 PSU OA 3188 -8.37 -10.10 37.99
O4 PSU OA 3188 -7.07 -9.43 42.24
C1' PSU OA 3188 -9.00 -7.55 42.78
C2' PSU OA 3188 -8.07 -6.36 42.93
O2' PSU OA 3188 -7.66 -6.28 44.28
C3' PSU OA 3188 -8.99 -5.20 42.59
C4' PSU OA 3188 -10.33 -5.66 43.15
O3' PSU OA 3188 -8.56 -3.97 43.14
O4' PSU OA 3188 -10.33 -7.09 42.93
C5' PSU OA 3188 -11.54 -5.07 42.51
O5' PSU OA 3188 -11.64 -5.44 41.15
P PSU OA 3188 -12.96 -5.20 40.31
OP1 PSU OA 3188 -13.50 -3.92 40.77
OP2 PSU OA 3188 -12.67 -5.41 38.88
P A2M OA 3190 -6.71 1.00 45.15
OP1 A2M OA 3190 -7.69 -0.04 45.57
O5' A2M OA 3190 -5.77 1.78 46.50
C5' A2M OA 3190 -4.54 2.19 46.18
C4' A2M OA 3190 -3.96 3.09 47.27
O4' A2M OA 3190 -4.83 4.17 47.51
C3' A2M OA 3190 -3.79 2.39 48.59
O3' A2M OA 3190 -2.71 1.52 48.47
C2' A2M OA 3190 -3.66 3.57 49.53
O2' A2M OA 3190 -2.45 4.24 49.44
C1' A2M OA 3190 -4.79 4.41 48.89
CM' A2M OA 3190 -2.49 5.42 50.18
N9 A2M OA 3190 -6.08 4.19 49.45
C8 A2M OA 3190 -7.12 3.32 49.12
N7 A2M OA 3190 -8.18 3.42 49.93
C5 A2M OA 3190 -7.78 4.41 50.84
C6 A2M OA 3190 -8.39 4.99 51.92
N6 A2M OA 3190 -9.65 4.63 52.32
N1 A2M OA 3190 -7.78 5.95 52.67
C2 A2M OA 3190 -6.53 6.30 52.26
N3 A2M OA 3190 -5.80 5.84 51.24
C4 A2M OA 3190 -6.48 4.89 50.56
OP2 A2M OA 3190 -7.19 2.31 44.62
P UR3 OA 3197 -2.55 1.92 21.93
OP1 UR3 OA 3197 -2.47 1.99 20.45
OP2 UR3 OA 3197 -1.53 2.65 22.76
O5' UR3 OA 3197 -4.00 2.43 22.37
C5' UR3 OA 3197 -5.15 1.66 22.09
C4' UR3 OA 3197 -6.26 1.95 23.08
O4' UR3 OA 3197 -5.88 1.46 24.38
C1' UR3 OA 3197 -6.36 2.34 25.38
N1 UR3 OA 3197 -5.20 2.86 26.14
C6 UR3 OA 3197 -3.88 2.78 25.58
C2 UR3 OA 3197 -5.39 3.45 27.48
O2 UR3 OA 3197 -6.46 3.51 27.95
N3 UR3 OA 3197 -4.21 3.96 28.24
C3U UR3 OA 3197 -4.41 4.56 29.61
C4 UR3 OA 3197 -2.90 3.89 27.68
O4 UR3 OA 3197 -1.96 4.31 28.30
C5 UR3 OA 3197 -2.71 3.29 26.33
C2' UR3 OA 3197 -7.15 3.44 24.69
O2' UR3 OA 3197 -8.51 3.06 24.65
C3' UR3 OA 3197 -6.55 3.43 23.29
O3' UR3 OA 3197 -7.39 3.98 22.30
N1 PSU OA 3199 -1.81 12.47 28.18
C2 PSU OA 3199 -1.03 13.40 28.82
N3 PSU OA 3199 -1.34 14.74 28.75
C4 PSU OA 3199 -2.44 15.14 28.02
C5 PSU OA 3199 -3.23 14.19 27.37
C6 PSU OA 3199 -2.88 12.85 27.47
O2 PSU OA 3199 -0.05 13.04 29.47
O4 PSU OA 3199 -2.71 16.34 27.96
C1' PSU OA 3199 -4.43 14.60 26.57
C2' PSU OA 3199 -3.94 15.24 25.27
O2' PSU OA 3199 -4.92 16.17 24.86
C3' PSU OA 3199 -3.94 14.04 24.34
C4' PSU OA 3199 -5.17 13.28 24.78
O3' PSU OA 3199 -3.97 14.39 22.96
O4' PSU OA 3199 -5.18 13.46 26.22
C5' PSU OA 3199 -5.16 11.81 24.47
O5' PSU OA 3199 -4.07 11.15 25.09
P PSU OA 3199 -3.68 9.67 24.67
OP1 PSU OA 3199 -3.89 9.52 23.22
OP2 PSU OA 3199 -2.36 9.40 25.26
N1 OMC OA 3203 5.18 10.62 12.32
C2 OMC OA 3203 4.44 9.43 12.41
N3 OMC OA 3203 3.22 9.48 12.98
C4 OMC OA 3203 2.72 10.60 13.44
C5 OMC OA 3203 3.44 11.82 13.36
C6 OMC OA 3203 4.65 11.77 12.79
O2 OMC OA 3203 4.92 8.39 11.99
N4 OMC OA 3203 1.52 10.57 13.99
C1' OMC OA 3203 6.53 10.64 11.71
C2' OMC OA 3203 6.47 10.69 10.17
O2' OMC OA 3203 7.61 10.03 9.66
CM2 OMC OA 3203 7.45 8.63 9.54
C3' OMC OA 3203 6.58 12.18 9.92
C4' OMC OA 3203 7.58 12.60 10.98
O4' OMC OA 3203 7.20 11.81 12.14
O3' OMC OA 3203 6.98 12.51 8.61
C5' OMC OA 3203 7.57 14.07 11.34
O5' OMC OA 3203 6.25 14.52 11.57
P OMC OA 3203 6.00 15.94 12.23
OP1 OMC OA 3203 6.58 17.00 11.30
OP2 OMC OA 3203 4.54 16.03 12.64
N1 PSU OA 3219 3.71 5.84 19.17
C2 PSU OA 3219 3.32 7.13 19.40
N3 PSU OA 3219 4.25 8.14 19.44
C4 PSU OA 3219 5.57 7.87 19.25
C5 PSU OA 3219 5.97 6.56 19.00
C6 PSU OA 3219 5.01 5.55 18.97
O2 PSU OA 3219 2.13 7.38 19.59
O4 PSU OA 3219 6.40 8.76 19.28
C1' PSU OA 3219 7.42 6.27 18.79
C2' PSU OA 3219 8.10 6.16 20.16
O2' PSU OA 3219 9.44 6.61 20.03
C3' PSU OA 3219 8.07 4.65 20.38
C4' PSU OA 3219 8.33 4.12 18.99
O3' PSU OA 3219 9.00 4.19 21.34
O4' PSU OA 3219 7.60 5.03 18.13
C5' PSU OA 3219 7.88 2.71 18.73
O5' PSU OA 3219 6.48 2.57 18.87
P PSU OA 3219 5.76 1.22 18.46
OP1 PSU OA 3219 6.67 0.10 18.75
OP2 PSU OA 3219 4.39 1.23 19.02
P A2M OA 3238 -8.65 -8.01 83.59
OP1 A2M OA 3238 -8.14 -7.87 84.99
O5' A2M OA 3238 -10.36 -7.48 83.32
C5' A2M OA 3238 -10.55 -6.16 83.20
C4' A2M OA 3238 -11.87 -5.92 82.48
O4' A2M OA 3238 -11.69 -6.23 81.13
C3' A2M OA 3238 -12.95 -6.83 83.02
O3' A2M OA 3238 -13.38 -6.23 84.20
C2' A2M OA 3238 -13.90 -6.93 81.83
O2' A2M OA 3238 -14.69 -5.79 81.66
C1' A2M OA 3238 -12.82 -6.97 80.74
CM' A2M OA 3238 -15.92 -6.15 81.06
N9 A2M OA 3238 -12.36 -8.27 80.30
C8 A2M OA 3238 -11.22 -9.01 80.58
N7 A2M OA 3238 -11.19 -10.19 79.96
C5 A2M OA 3238 -12.38 -10.21 79.25
C6 A2M OA 3238 -12.98 -11.12 78.39
N6 A2M OA 3238 -12.39 -12.33 78.10
N1 A2M OA 3238 -14.18 -10.89 77.80
C2 A2M OA 3238 -14.76 -9.71 78.11
N3 A2M OA 3238 -14.33 -8.71 78.90
C4 A2M OA 3238 -13.12 -9.02 79.44
OP2 A2M OA 3238 -8.90 -9.37 83.03
N1 PSU OA 3243 -11.19 -16.08 96.78
C2 PSU OA 3243 -10.31 -17.04 97.26
N3 PSU OA 3243 -9.03 -16.70 97.58
C4 PSU OA 3243 -8.60 -15.40 97.44
C5 PSU OA 3243 -9.48 -14.44 96.96
C6 PSU OA 3243 -10.78 -14.80 96.64
O2 PSU OA 3243 -10.68 -18.20 97.39
O4 PSU OA 3243 -7.45 -15.10 97.73
C1' PSU OA 3243 -9.06 -13.01 96.81
C2' PSU OA 3243 -8.15 -12.77 95.61
O2' PSU OA 3243 -7.21 -11.76 95.95
C3' PSU OA 3243 -9.13 -12.27 94.56
C4' PSU OA 3243 -10.13 -11.48 95.39
O3' PSU OA 3243 -8.52 -11.48 93.56
O4' PSU OA 3243 -10.21 -12.20 96.65
C5' PSU OA 3243 -11.51 -11.37 94.80
O5' PSU OA 3243 -12.10 -12.66 94.63
P PSU OA 3243 -13.37 -12.86 93.70
OP1 PSU OA 3243 -13.29 -11.78 92.70
OP2 PSU OA 3243 -13.42 -14.27 93.26
N1 PSU OA 3246 -5.67 -23.08 89.42
C2 PSU OA 3246 -6.72 -23.93 89.63
N3 PSU OA 3246 -6.49 -25.23 90.01
C4 PSU OA 3246 -5.21 -25.68 90.19
C5 PSU OA 3246 -4.14 -24.81 89.98
C6 PSU OA 3246 -4.41 -23.50 89.59
O2 PSU OA 3246 -7.88 -23.53 89.47
O4 PSU OA 3246 -5.01 -26.84 90.53
C1' PSU OA 3246 -2.72 -25.26 90.17
C2' PSU OA 3246 -2.27 -26.18 89.04
O2' PSU OA 3246 -1.36 -27.12 89.58
C3' PSU OA 3246 -1.56 -25.20 88.12
C4' PSU OA 3246 -0.89 -24.27 89.11
O3' PSU OA 3246 -0.65 -25.83 87.25
O4' PSU OA 3246 -1.85 -24.15 90.19
C5' PSU OA 3246 -0.55 -22.90 88.58
O5' PSU OA 3246 -1.73 -22.21 88.18
P PSU OA 3246 -1.67 -20.67 87.78
OP1 PSU OA 3246 -0.49 -20.58 86.88
OP2 PSU OA 3246 -3.00 -20.22 87.31
P A2M OA 3257 -8.32 -35.85 57.11
OP1 A2M OA 3257 -9.77 -35.69 57.47
O5' A2M OA 3257 -8.00 -36.86 55.64
C5' A2M OA 3257 -6.75 -36.80 55.13
C4' A2M OA 3257 -6.69 -35.68 54.11
O4' A2M OA 3257 -5.58 -34.87 54.39
C3' A2M OA 3257 -6.52 -36.20 52.70
O3' A2M OA 3257 -7.74 -36.66 52.25
C2' A2M OA 3257 -5.89 -34.99 52.01
O2' A2M OA 3257 -6.79 -33.94 51.81
C1' A2M OA 3257 -4.95 -34.64 53.16
CM' A2M OA 3257 -6.21 -32.93 51.03
N9 A2M OA 3257 -3.66 -35.29 53.17
C8 A2M OA 3257 -3.08 -36.23 54.02
N7 A2M OA 3257 -1.82 -36.56 53.65
C5 A2M OA 3257 -1.62 -35.80 52.51
C6 A2M OA 3257 -0.56 -35.66 51.63
N6 A2M OA 3257 0.62 -36.36 51.79
N1 A2M OA 3257 -0.61 -34.82 50.57
C2 A2M OA 3257 -1.76 -34.13 50.42
N3 A2M OA 3257 -2.87 -34.14 51.15
C4 A2M OA 3257 -2.74 -35.00 52.19
OP2 A2M OA 3257 -7.44 -36.70 57.98
P OMG OA 3285 10.53 -41.69 48.27
OP1 OMG OA 3285 11.85 -41.55 49.00
OP2 OMG OA 3285 9.22 -41.66 49.07
O5' OMG OA 3285 10.44 -40.53 47.18
C5' OMG OA 3285 9.20 -39.91 46.90
C4' OMG OA 3285 8.93 -39.87 45.42
O4' OMG OA 3285 8.26 -41.10 45.02
C3' OMG OA 3285 8.00 -38.74 44.97
O3' OMG OA 3285 8.72 -37.60 44.54
C2' OMG OA 3285 7.15 -39.37 43.88
O2' OMG OA 3285 7.84 -39.39 42.65
CM2 OMG OA 3285 6.99 -39.11 41.55
C1' OMG OA 3285 7.04 -40.80 44.39
N9 OMG OA 3285 5.95 -40.98 45.36
C8 OMG OA 3285 6.07 -41.55 46.61
N7 OMG OA 3285 4.94 -41.58 47.25
C5 OMG OA 3285 4.03 -41.03 46.39
C6 OMG OA 3285 2.64 -40.81 46.54
O6 OMG OA 3285 1.92 -41.07 47.50
N1 OMG OA 3285 2.10 -40.22 45.39
C2 OMG OA 3285 2.80 -39.89 44.27
N2 OMG OA 3285 2.13 -39.32 43.27
N3 OMG OA 3285 4.07 -40.09 44.14
C4 OMG OA 3285 4.64 -40.66 45.21
N1 OMU OA 3287 1.31 -32.56 46.14
C2 OMU OA 3287 0.40 -33.02 47.24
N3 OMU OA 3287 0.92 -33.96 48.29
C4 OMU OA 3287 2.30 -34.42 48.24
C5 OMU OA 3287 3.20 -33.94 47.15
C6 OMU OA 3287 2.68 -33.02 46.12
O2 OMU OA 3287 -0.76 -32.65 47.28
O4 OMU OA 3287 2.69 -35.12 49.04
C1' OMU OA 3287 0.79 -31.64 45.11
C2' OMU OA 3287 0.72 -30.20 45.60
O2' OMU OA 3287 -0.28 -29.53 44.87
CM2 OMU OA 3287 -1.58 -30.01 45.11
C3' OMU OA 3287 2.10 -29.70 45.19
C4' OMU OA 3287 2.27 -30.34 43.82
O3' OMU OA 3287 2.23 -28.29 45.20
O4' OMU OA 3287 1.67 -31.65 44.00
C5' OMU OA 3287 3.68 -30.48 43.33
O5' OMU OA 3287 4.53 -30.99 44.33
P OMU OA 3287 5.92 -31.65 43.97
OP1 OMU OA 3287 6.79 -30.62 43.31
OP2 OMU OA 3287 6.42 -32.38 45.18
P OMG OA 3290 0.79 -25.04 57.21
OP1 OMG OA 3290 0.06 -23.76 57.60
OP2 OMG OA 3290 1.94 -25.00 56.21
O5' OMG OA 3290 1.29 -25.75 58.54
C5' OMG OA 3290 0.36 -26.34 59.44
C4' OMG OA 3290 1.04 -27.32 60.34
O4' OMG OA 3290 1.30 -28.56 59.65
C3' OMG OA 3290 2.40 -26.91 60.86
O3' OMG OA 3290 2.33 -25.96 61.91
C2' OMG OA 3290 3.00 -28.24 61.27
O2' OMG OA 3290 2.45 -28.69 62.49
CM2 OMG OA 3290 3.25 -29.66 63.14
C1' OMG OA 3290 2.49 -29.15 60.15
N9 OMG OA 3290 3.46 -29.25 59.04
C8 OMG OA 3290 3.50 -28.50 57.90
N7 OMG OA 3290 4.48 -28.86 57.12
C5 OMG OA 3290 5.10 -29.90 57.78
C6 OMG OA 3290 6.22 -30.68 57.42
O6 OMG OA 3290 6.92 -30.61 56.42
N1 OMG OA 3290 6.51 -31.62 58.41
C2 OMG OA 3290 5.81 -31.78 59.56
N2 OMG OA 3290 6.25 -32.75 60.39
N3 OMG OA 3290 4.78 -31.07 59.89
C4 OMG OA 3290 4.48 -30.14 58.98
N1 PSU OA 3295 21.28 -31.45 60.02
C2 PSU OA 3295 20.45 -31.08 58.99
N3 PSU OA 3295 20.63 -31.64 57.75
C4 PSU OA 3295 21.63 -32.57 57.54
C5 PSU OA 3295 22.47 -32.91 58.59
C6 PSU OA 3295 22.26 -32.34 59.82
O2 PSU OA 3295 19.55 -30.26 59.18
O4 PSU OA 3295 21.76 -33.04 56.42
C1' PSU OA 3295 23.56 -33.93 58.43
C2' PSU OA 3295 24.69 -33.52 57.48
O2' PSU OA 3295 25.17 -34.68 56.83
C3' PSU OA 3295 25.72 -32.98 58.45
C4' PSU OA 3295 25.55 -33.88 59.66
O3' PSU OA 3295 27.04 -33.01 57.94
O4' PSU OA 3295 24.13 -34.17 59.70
C5' PSU OA 3295 25.98 -33.29 60.98
O5' PSU OA 3295 25.12 -32.24 61.38
P PSU OA 3295 25.32 -31.51 62.78
OP1 PSU OA 3295 26.77 -31.57 63.04
OP2 PSU OA 3295 24.62 -30.20 62.74
N1 PSU OA 3303 35.35 -4.24 63.85
C2 PSU OA 3303 35.76 -3.84 62.60
N3 PSU OA 3303 35.46 -4.60 61.49
C4 PSU OA 3303 34.75 -5.76 61.64
C5 PSU OA 3303 34.34 -6.15 62.90
C6 PSU OA 3303 34.65 -5.38 64.01
O2 PSU OA 3303 36.40 -2.80 62.46
O4 PSU OA 3303 34.48 -6.45 60.66
C1' PSU OA 3303 33.58 -7.42 63.03
C2' PSU OA 3303 34.35 -8.43 63.89
O2' PSU OA 3303 34.35 -9.68 63.24
C3' PSU OA 3303 33.51 -8.48 65.17
C4' PSU OA 3303 32.11 -8.18 64.68
O3' PSU OA 3303 33.58 -9.74 65.83
O4' PSU OA 3303 32.30 -7.24 63.60
C5' PSU OA 3303 31.18 -7.59 65.71
O5' PSU OA 3303 31.06 -8.45 66.83
P PSU OA 3303 29.65 -8.94 67.37
OP1 PSU OA 3303 29.42 -8.39 68.72
OP2 PSU OA 3303 28.66 -8.66 66.30
P OMG OA 3304 34.68 -10.01 66.96
OP1 OMG OA 3304 34.09 -9.59 68.29
OP2 OMG OA 3304 36.01 -9.42 66.50
O5' OMG OA 3304 34.82 -11.59 66.97
C5' OMG OA 3304 35.74 -12.24 67.82
C4' OMG OA 3304 36.18 -13.56 67.25
O4' OMG OA 3304 35.21 -14.03 66.28
C3' OMG OA 3304 37.47 -13.55 66.47
O3' OMG OA 3304 38.61 -13.52 67.30
C2' OMG OA 3304 37.36 -14.82 65.63
O2' OMG OA 3304 37.69 -15.96 66.41
CM2 OMG OA 3304 37.44 -17.18 65.76
C1' OMG OA 3304 35.85 -14.86 65.35
N9 OMG OA 3304 35.51 -14.40 63.99
C8 OMG OA 3304 34.80 -13.28 63.65
N7 OMG OA 3304 34.65 -13.17 62.37
C5 OMG OA 3304 35.27 -14.26 61.84
C6 OMG OA 3304 35.43 -14.66 60.48
O6 OMG OA 3304 35.03 -14.12 59.47
N1 OMG OA 3304 36.15 -15.85 60.40
C2 OMG OA 3304 36.64 -16.55 61.45
N2 OMG OA 3304 37.31 -17.68 61.16
N3 OMG OA 3304 36.50 -16.18 62.69
C4 OMG OA 3304 35.81 -15.04 62.83
N1 PSU OA 3340 14.00 -32.11 54.79
C2 PSU OA 3340 13.10 -31.39 55.54
N3 PSU OA 3340 12.98 -31.63 56.87
C4 PSU OA 3340 13.76 -32.58 57.48
C5 PSU OA 3340 14.67 -33.30 56.72
C6 PSU OA 3340 14.77 -33.04 55.36
O2 PSU OA 3340 12.39 -30.53 55.00
O4 PSU OA 3340 13.64 -32.79 58.69
C1' PSU OA 3340 15.53 -34.34 57.37
C2' PSU OA 3340 14.74 -35.62 57.62
O2' PSU OA 3340 15.25 -36.25 58.78
C3' PSU OA 3340 15.09 -36.44 56.38
C4' PSU OA 3340 16.54 -36.06 56.14
O3' PSU OA 3340 14.91 -37.83 56.54
O4' PSU OA 3340 16.60 -34.65 56.52
C5' PSU OA 3340 17.03 -36.22 54.72
O5' PSU OA 3340 16.08 -35.71 53.80
P PSU OA 3340 16.54 -35.21 52.36
OP1 PSU OA 3340 16.77 -36.37 51.49
OP2 PSU OA 3340 15.53 -34.19 52.00
N1 PSU OA 3356 -38.23 -58.71 48.72
C2 PSU OA 3356 -38.88 -57.51 48.86
N3 PSU OA 3356 -39.63 -57.28 49.99
C4 PSU OA 3356 -39.74 -58.22 50.97
C5 PSU OA 3356 -39.09 -59.42 50.82
C6 PSU OA 3356 -38.34 -59.65 49.68
O2 PSU OA 3356 -38.79 -56.65 48.00
O4 PSU OA 3356 -40.42 -57.99 51.97
C1' PSU OA 3356 -39.18 -60.48 51.89
C2' PSU OA 3356 -40.52 -61.20 51.81
O2' PSU OA 3356 -40.86 -61.65 53.11
C3' PSU OA 3356 -40.17 -62.39 50.93
C4' PSU OA 3356 -38.76 -62.74 51.41
O3' PSU OA 3356 -41.07 -63.47 51.06
O4' PSU OA 3356 -38.17 -61.44 51.69
C5' PSU OA 3356 -37.90 -63.47 50.42
O5' PSU OA 3356 -37.63 -62.68 49.29
P PSU OA 3356 -36.50 -63.09 48.24
OP1 PSU OA 3356 -36.48 -64.57 48.28
OP2 PSU OA 3356 -36.73 -62.39 46.98
N1 PSU OA 3558 11.66 -7.64 88.51
C2 PSU OA 3558 11.47 -9.00 88.61
N3 PSU OA 3558 12.43 -9.80 89.17
C4 PSU OA 3558 13.60 -9.24 89.62
C5 PSU OA 3558 13.80 -7.87 89.52
C6 PSU OA 3558 12.81 -7.09 88.95
O2 PSU OA 3558 10.42 -9.50 88.20
O4 PSU OA 3558 14.45 -9.98 90.12
C1' PSU OA 3558 15.07 -7.22 90.01
C2' PSU OA 3558 16.26 -7.65 89.16
O2' PSU OA 3558 17.42 -7.62 89.97
C3' PSU OA 3558 16.29 -6.52 88.13
C4' PSU OA 3558 15.93 -5.31 88.96
O3' PSU OA 3558 17.55 -6.39 87.47
O4' PSU OA 3558 14.94 -5.82 89.90
C5' PSU OA 3558 15.36 -4.14 88.21
O5' PSU OA 3558 14.12 -4.47 87.60
P PSU OA 3558 13.33 -3.38 86.75
OP1 PSU OA 3558 14.33 -2.49 86.12
OP2 PSU OA 3558 12.34 -4.08 85.91
N1 PSU OA 3559 13.51 -9.49 85.73
C2 PSU OA 3559 12.50 -10.39 85.47
N3 PSU OA 3559 12.72 -11.74 85.67
C4 PSU OA 3559 13.94 -12.17 86.15
C5 PSU OA 3559 14.94 -11.25 86.41
C6 PSU OA 3559 14.70 -9.90 86.20
O2 PSU OA 3559 11.42 -10.01 85.04
O4 PSU OA 3559 14.12 -13.37 86.33
C1' PSU OA 3559 16.27 -11.69 86.94
C2' PSU OA 3559 17.17 -12.35 85.90
O2' PSU OA 3559 17.89 -13.39 86.53
C3' PSU OA 3559 18.11 -11.20 85.54
C4' PSU OA 3559 18.27 -10.47 86.86
O3' PSU OA 3559 19.35 -11.64 85.02
O4' PSU OA 3559 16.96 -10.58 87.48
C5' PSU OA 3559 18.65 -9.01 86.76
O5' PSU OA 3559 17.80 -8.31 85.87
P PSU OA 3559 17.68 -6.73 85.91
OP1 PSU OA 3559 18.93 -6.15 85.39
OP2 PSU OA 3559 16.38 -6.44 85.29
N1 PSU OA 3587 37.33 -26.26 74.18
C2 PSU OA 3587 37.12 -24.95 73.81
N3 PSU OA 3587 35.96 -24.59 73.17
C4 PSU OA 3587 34.99 -25.54 72.89
C5 PSU OA 3587 35.21 -26.87 73.27
C6 PSU OA 3587 36.39 -27.19 73.92
O2 PSU OA 3587 37.98 -24.11 74.04
O4 PSU OA 3587 33.96 -25.20 72.33
C1' PSU OA 3587 34.18 -27.93 73.02
C2' PSU OA 3587 34.02 -28.28 71.54
O2' PSU OA 3587 32.67 -28.63 71.32
C3' PSU OA 3587 34.93 -29.50 71.42
C4' PSU OA 3587 34.70 -30.20 72.74
O3' PSU OA 3587 34.62 -30.32 70.31
O4' PSU OA 3587 34.55 -29.12 73.70
C5' PSU OA 3587 35.82 -31.11 73.19
O5' PSU OA 3587 37.02 -30.37 73.37
P PSU OA 3587 38.28 -31.04 74.06
OP1 PSU OA 3587 38.51 -32.40 73.53
OP2 PSU OA 3587 39.38 -30.06 74.04
N1 PSU OA 3596 62.94 -14.79 66.95
C2 PSU OA 3596 62.61 -16.06 66.51
N3 PSU OA 3596 63.03 -17.16 67.23
C4 PSU OA 3596 63.76 -16.99 68.38
C5 PSU OA 3596 64.08 -15.72 68.81
C6 PSU OA 3596 63.65 -14.62 68.08
O2 PSU OA 3596 61.96 -16.20 65.48
O4 PSU OA 3596 64.12 -17.98 69.02
C1' PSU OA 3596 64.88 -15.52 70.08
C2' PSU OA 3596 66.36 -15.74 69.81
O2' PSU OA 3596 66.95 -16.28 70.99
C3' PSU OA 3596 66.83 -14.31 69.59
C4' PSU OA 3596 65.99 -13.52 70.57
O3' PSU OA 3596 68.22 -14.11 69.80
O4' PSU OA 3596 64.71 -14.21 70.56
C5' PSU OA 3596 65.77 -12.07 70.24
O5' PSU OA 3596 65.03 -11.91 69.05
P PSU OA 3596 64.44 -10.49 68.64
OP1 PSU OA 3596 65.45 -9.50 69.04
OP2 PSU OA 3596 63.97 -10.55 67.24
N1 PSU QA 55 4.37 63.77 65.02
C2 PSU QA 55 5.34 64.35 65.81
N3 PSU QA 55 4.99 65.20 66.82
C4 PSU QA 55 3.67 65.48 67.06
C5 PSU QA 55 2.69 64.90 66.27
C6 PSU QA 55 3.07 64.04 65.25
O2 PSU QA 55 6.53 64.11 65.60
O4 PSU QA 55 3.37 66.24 67.98
C1' PSU QA 55 1.24 65.20 66.52
C2' PSU QA 55 0.90 66.56 65.95
O2' PSU QA 55 -0.15 67.12 66.74
C3' PSU QA 55 0.39 66.20 64.57
C4' PSU QA 55 -0.37 64.91 64.84
O3' PSU QA 55 -0.41 67.20 63.98
O4' PSU QA 55 0.43 64.25 65.85
C5' PSU QA 55 -0.56 63.99 63.66
O5' PSU QA 55 0.69 63.49 63.19
P PSU QA 55 0.74 62.42 62.02
OP1 PSU QA 55 -0.43 62.67 61.14
OP2 PSU QA 55 2.10 62.42 61.44
N1 PSU QA 69 -2.50 87.94 77.82
C2 PSU QA 69 -1.50 87.05 78.15
N3 PSU QA 69 -1.82 85.82 78.66
C4 PSU QA 69 -3.13 85.45 78.83
C5 PSU QA 69 -4.13 86.35 78.51
C6 PSU QA 69 -3.80 87.59 77.99
O2 PSU QA 69 -0.33 87.38 78.00
O4 PSU QA 69 -3.39 84.34 79.28
C1' PSU QA 69 -5.59 86.00 78.64
C2' PSU QA 69 -6.14 85.79 80.05
O2' PSU QA 69 -6.98 84.66 80.03
C3' PSU QA 69 -6.95 87.07 80.26
C4' PSU QA 69 -7.45 87.40 78.87
O3' PSU QA 69 -8.02 86.89 81.17
O4' PSU QA 69 -6.38 86.97 77.99
C5' PSU QA 69 -7.74 88.85 78.63
O5' PSU QA 69 -6.53 89.61 78.60
P PSU QA 69 -6.53 91.12 78.11
OP1 PSU QA 69 -7.75 91.73 78.68
OP2 PSU QA 69 -5.20 91.70 78.39
P OMG QA 75 1.47 63.63 82.70
OP1 OMG QA 75 1.85 62.53 81.74
OP2 OMG QA 75 0.02 64.11 82.66
O5' OMG QA 75 1.87 63.19 84.17
C5' OMG QA 75 1.73 61.85 84.62
C4' OMG QA 75 3.06 61.14 84.70
O4' OMG QA 75 3.58 60.89 83.38
C3' OMG QA 75 4.19 61.89 85.40
O3' OMG QA 75 4.11 61.83 86.81
C2' OMG QA 75 5.43 61.21 84.83
O2' OMG QA 75 5.69 59.99 85.50
CM2 OMG QA 75 6.74 59.23 84.94
C1' OMG QA 75 4.98 60.90 83.40
N9 OMG QA 75 5.46 61.89 82.43
C8 OMG QA 75 4.71 62.81 81.74
N7 OMG QA 75 5.43 63.54 80.95
C5 OMG QA 75 6.70 63.09 81.13
C6 OMG QA 75 7.91 63.51 80.54
O6 OMG QA 75 8.09 64.39 79.71
N1 OMG QA 75 8.99 62.76 81.02
C2 OMG QA 75 8.91 61.76 81.94
N2 OMG QA 75 10.05 61.15 82.28
N3 OMG QA 75 7.80 61.37 82.49
C4 OMG QA 75 6.74 62.06 82.05
N GLY RA 1 -2.28 34.77 13.94
CA GLY RA 1 -2.73 35.84 14.82
C GLY RA 1 -1.59 36.57 15.49
N ARG RA 2 -0.37 36.16 15.19
CA ARG RA 2 0.82 36.70 15.81
C ARG RA 2 1.80 37.15 14.74
N VAL RA 3 2.52 38.25 15.01
CA VAL RA 3 3.43 38.83 14.03
C VAL RA 3 4.53 37.84 13.70
N ILE RA 4 4.74 37.60 12.42
CA ILE RA 4 5.64 36.55 11.96
C ILE RA 4 7.08 37.07 11.95
N ARG RA 5 8.02 36.14 11.86
CA ARG RA 5 9.41 36.52 11.68
C ARG RA 5 9.62 37.01 10.25
N GLY RA 6 10.43 38.05 10.11
CA GLY RA 6 10.56 38.72 8.83
C GLY RA 6 9.71 39.96 8.86
N GLN RA 7 8.53 39.84 9.47
CA GLN RA 7 7.74 41.01 9.82
C GLN RA 7 8.32 41.71 11.03
N ARG RA 8 9.02 40.98 11.90
CA ARG RA 8 9.67 41.56 13.06
C ARG RA 8 11.06 42.10 12.75
N LYS RA 9 11.61 41.78 11.59
CA LYS RA 9 12.96 42.24 11.27
C LYS RA 9 13.01 43.73 11.00
N GLY RA 10 11.91 44.31 10.52
CA GLY RA 10 11.89 45.74 10.26
C GLY RA 10 11.81 46.60 11.50
N ALA RA 11 11.39 46.02 12.63
CA ALA RA 11 11.34 46.78 13.87
C ALA RA 11 12.73 47.17 14.36
N GLY RA 12 13.74 46.39 14.04
CA GLY RA 12 15.13 46.79 14.23
C GLY RA 12 15.82 46.43 15.52
N SER RA 13 15.06 46.04 16.53
CA SER RA 13 15.60 45.83 17.87
C SER RA 13 16.71 44.77 17.92
N VAL RA 14 16.37 43.53 17.63
CA VAL RA 14 17.34 42.45 17.72
C VAL RA 14 18.01 42.18 16.36
N PHE RA 15 17.29 42.42 15.27
CA PHE RA 15 17.79 42.15 13.92
C PHE RA 15 18.61 43.30 13.37
N ARG RA 16 19.10 44.19 14.24
CA ARG RA 16 20.00 45.25 13.82
C ARG RA 16 21.36 44.68 13.46
N ALA RA 17 22.04 45.36 12.53
CA ALA RA 17 23.35 44.90 12.08
C ALA RA 17 24.39 45.09 13.18
N HIS RA 18 25.37 44.20 13.19
CA HIS RA 18 26.46 44.23 14.16
C HIS RA 18 27.59 45.06 13.59
N VAL RA 19 27.70 46.31 14.05
CA VAL RA 19 28.62 47.27 13.46
C VAL RA 19 29.65 47.76 14.49
N LYS RA 20 29.87 46.97 15.56
CA LYS RA 20 30.77 47.42 16.62
C LYS RA 20 32.21 47.43 16.15
N HIS RA 21 32.66 46.36 15.50
CA HIS RA 21 34.06 46.22 15.12
C HIS RA 21 34.29 46.54 13.65
N ARG RA 22 33.30 47.07 12.95
CA ARG RA 22 33.49 47.46 11.56
C ARG RA 22 34.40 48.68 11.50
N LYS RA 23 35.21 48.73 10.43
CA LYS RA 23 36.29 49.70 10.31
C LYS RA 23 35.82 51.03 9.72
N GLY RA 24 34.55 51.16 9.38
CA GLY RA 24 34.03 52.38 8.77
C GLY RA 24 33.39 52.10 7.43
N ALA RA 25 32.70 53.13 6.94
CA ALA RA 25 32.06 53.05 5.64
C ALA RA 25 33.12 53.14 4.55
N ALA RA 26 33.11 52.18 3.63
CA ALA RA 26 34.07 52.13 2.54
C ALA RA 26 33.51 52.92 1.37
N ARG RA 27 34.11 54.08 1.11
CA ARG RA 27 33.62 54.99 0.09
C ARG RA 27 34.80 55.60 -0.65
N LEU RA 28 34.53 56.06 -1.87
CA LEU RA 28 35.51 56.87 -2.57
C LEU RA 28 35.61 58.24 -1.92
N ARG RA 29 36.65 58.98 -2.28
CA ARG RA 29 36.80 60.32 -1.74
C ARG RA 29 35.79 61.26 -2.39
N ALA RA 30 35.43 62.30 -1.65
CA ALA RA 30 34.44 63.24 -2.14
C ALA RA 30 34.95 63.96 -3.38
N VAL RA 31 34.06 64.15 -4.35
CA VAL RA 31 34.46 64.81 -5.59
C VAL RA 31 34.74 66.27 -5.31
N ASP RA 32 35.86 66.77 -5.83
CA ASP RA 32 36.32 68.11 -5.55
C ASP RA 32 37.01 68.64 -6.81
N PHE RA 33 37.71 69.76 -6.67
CA PHE RA 33 38.35 70.39 -7.82
C PHE RA 33 39.43 69.49 -8.41
N ALA RA 34 40.24 68.87 -7.55
CA ALA RA 34 41.34 68.04 -8.04
C ALA RA 34 40.83 66.85 -8.83
N GLU RA 35 39.77 66.20 -8.34
CA GLU RA 35 39.20 65.05 -9.02
C GLU RA 35 38.40 65.43 -10.25
N ARG RA 36 38.05 66.71 -10.40
CA ARG RA 36 37.20 67.16 -11.49
C ARG RA 36 38.00 67.66 -12.68
N HIS RA 37 39.23 68.09 -12.47
CA HIS RA 37 40.03 68.67 -13.55
C HIS RA 37 41.38 67.98 -13.73
N GLY RA 38 41.99 67.50 -12.65
CA GLY RA 38 43.26 66.81 -12.74
C GLY RA 38 43.24 65.47 -12.04
N TYR RA 39 44.31 65.14 -11.34
CA TYR RA 39 44.35 63.96 -10.49
C TYR RA 39 44.99 64.32 -9.16
N ILE RA 40 44.71 63.51 -8.15
CA ILE RA 40 45.35 63.64 -6.84
C ILE RA 40 45.95 62.29 -6.48
N LYS RA 41 47.19 62.31 -6.00
CA LYS RA 41 47.95 61.09 -5.76
C LYS RA 41 47.90 60.73 -4.28
N GLY RA 42 47.35 59.55 -3.99
CA GLY RA 42 47.36 59.00 -2.66
C GLY RA 42 48.23 57.76 -2.60
N ILE RA 43 48.53 57.33 -1.38
CA ILE RA 43 49.39 56.18 -1.14
C ILE RA 43 48.65 55.20 -0.25
N VAL RA 44 48.63 53.93 -0.65
CA VAL RA 44 48.04 52.90 0.17
C VAL RA 44 48.93 52.67 1.40
N LYS RA 45 48.33 52.78 2.58
CA LYS RA 45 49.06 52.61 3.83
C LYS RA 45 48.75 51.30 4.53
N ASP RA 46 47.57 50.73 4.33
CA ASP RA 46 47.22 49.48 4.96
C ASP RA 46 46.13 48.80 4.15
N ILE RA 47 46.03 47.49 4.31
CA ILE RA 47 44.91 46.71 3.80
C ILE RA 47 44.38 45.89 4.96
N ILE RA 48 43.12 46.10 5.33
CA ILE RA 48 42.58 45.59 6.57
C ILE RA 48 41.34 44.75 6.29
N HIS RA 49 41.03 43.87 7.22
CA HIS RA 49 39.87 43.01 7.13
C HIS RA 49 38.69 43.69 7.81
N ASP RA 50 37.66 43.99 7.04
CA ASP RA 50 36.44 44.58 7.60
C ASP RA 50 35.53 43.45 8.08
N PRO RA 51 35.21 43.38 9.37
CA PRO RA 51 34.32 42.33 9.85
C PRO RA 51 32.95 42.39 9.19
N GLY RA 52 32.41 41.22 8.87
CA GLY RA 52 31.15 41.14 8.17
C GLY RA 52 31.23 41.32 6.67
N ARG RA 53 32.43 41.41 6.11
CA ARG RA 53 32.60 41.63 4.69
C ARG RA 53 33.67 40.70 4.14
N GLY RA 54 33.48 40.27 2.90
CA GLY RA 54 34.49 39.45 2.24
C GLY RA 54 35.57 40.28 1.59
N ALA RA 55 35.21 41.47 1.14
CA ALA RA 55 36.14 42.35 0.45
C ALA RA 55 37.02 43.08 1.46
N PRO RA 56 38.34 43.03 1.29
CA PRO RA 56 39.22 43.82 2.17
C PRO RA 56 39.12 45.30 1.85
N LEU RA 57 39.55 46.11 2.80
CA LEU RA 57 39.50 47.56 2.68
C LEU RA 57 40.91 48.14 2.63
N ALA RA 58 41.11 49.11 1.76
CA ALA RA 58 42.40 49.79 1.63
C ALA RA 58 42.34 51.13 2.33
N LYS RA 59 43.40 51.43 3.08
CA LYS RA 59 43.50 52.69 3.83
C LYS RA 59 44.45 53.61 3.07
N VAL RA 60 43.89 54.39 2.16
CA VAL RA 60 44.66 55.29 1.30
C VAL RA 60 44.77 56.65 1.98
N VAL RA 61 45.93 57.28 1.84
CA VAL RA 61 46.19 58.59 2.45
C VAL RA 61 46.48 59.58 1.34
N PHE RA 62 45.68 60.63 1.27
CA PHE RA 62 45.83 61.72 0.31
C PHE RA 62 46.31 62.98 1.02
N ARG RA 63 46.63 63.99 0.23
CA ARG RA 63 46.97 65.31 0.74
C ARG RA 63 45.78 66.24 0.56
N ASP RA 64 45.41 66.96 1.61
CA ASP RA 64 44.35 67.93 1.47
C ASP RA 64 44.87 69.12 0.67
N PRO RA 65 44.20 69.50 -0.43
CA PRO RA 65 44.75 70.53 -1.31
C PRO RA 65 44.57 71.95 -0.80
N TYR RA 66 43.84 72.17 0.28
CA TYR RA 66 43.53 73.52 0.74
C TYR RA 66 44.17 73.88 2.06
N ARG RA 67 44.38 72.91 2.95
CA ARG RA 67 45.04 73.17 4.21
C ARG RA 67 46.05 72.06 4.47
N PHE RA 68 47.02 72.36 5.32
CA PHE RA 68 48.08 71.42 5.67
C PHE RA 68 47.48 70.33 6.53
N LYS RA 69 47.20 69.18 5.92
CA LYS RA 69 46.59 68.05 6.61
C LYS RA 69 46.72 66.83 5.73
N LYS RA 70 46.54 65.66 6.32
CA LYS RA 70 46.52 64.39 5.61
C LYS RA 70 45.14 63.78 5.74
N ARG RA 71 44.51 63.48 4.61
CA ARG RA 71 43.19 62.88 4.58
C ARG RA 71 43.30 61.38 4.42
N THR RA 72 42.54 60.63 5.22
CA THR RA 72 42.59 59.18 5.21
C THR RA 72 41.26 58.66 4.67
N GLU RA 73 41.30 58.08 3.48
CA GLU RA 73 40.14 57.45 2.87
C GLU RA 73 40.13 55.96 3.19
N LEU RA 74 38.97 55.35 2.99
CA LEU RA 74 38.78 53.91 3.20
C LEU RA 74 38.18 53.36 1.92
N PHE RA 75 39.03 53.00 0.96
CA PHE RA 75 38.56 52.43 -0.28
C PHE RA 75 38.22 50.96 -0.09
N ILE RA 76 37.57 50.39 -1.10
CA ILE RA 76 37.41 48.95 -1.19
C ILE RA 76 38.55 48.43 -2.04
N ALA RA 77 39.33 47.51 -1.48
CA ALA RA 77 40.58 47.09 -2.11
C ALA RA 77 40.29 46.36 -3.41
N ALA RA 78 40.87 46.84 -4.50
CA ALA RA 78 40.85 46.13 -5.77
C ALA RA 78 41.94 45.07 -5.77
N GLU RA 79 41.64 43.94 -6.40
CA GLU RA 79 42.58 42.81 -6.40
C GLU RA 79 43.81 43.17 -7.20
N GLY RA 80 44.95 43.28 -6.51
CA GLY RA 80 46.19 43.63 -7.16
C GLY RA 80 46.93 44.74 -6.45
N ILE RA 81 46.18 45.61 -5.75
CA ILE RA 81 46.82 46.73 -5.07
C ILE RA 81 47.55 46.24 -3.83
N HIS RA 82 48.59 46.98 -3.45
CA HIS RA 82 49.41 46.61 -2.31
C HIS RA 82 49.76 47.87 -1.53
N THR RA 83 50.30 47.67 -0.33
CA THR RA 83 50.73 48.78 0.50
C THR RA 83 51.96 49.43 -0.11
N GLY RA 84 52.10 50.73 0.12
CA GLY RA 84 53.19 51.46 -0.48
C GLY RA 84 53.06 51.65 -1.98
N GLN RA 85 51.83 51.69 -2.48
CA GLN RA 85 51.57 51.89 -3.90
C GLN RA 85 50.79 53.19 -4.07
N PHE RA 86 51.14 53.96 -5.09
CA PHE RA 86 50.41 55.18 -5.40
C PHE RA 86 49.18 54.87 -6.22
N VAL RA 87 48.06 55.46 -5.84
CA VAL RA 87 46.84 55.41 -6.61
C VAL RA 87 46.43 56.84 -6.93
N TYR RA 88 45.81 57.03 -8.08
CA TYR RA 88 45.54 58.36 -8.61
C TYR RA 88 44.05 58.48 -8.89
N CYS RA 89 43.43 59.51 -8.33
CA CYS RA 89 42.00 59.73 -8.48
C CYS RA 89 41.77 61.05 -9.18
N GLY RA 90 41.03 61.02 -10.27
CA GLY RA 90 40.67 62.24 -10.96
C GLY RA 90 40.36 61.98 -12.42
N LYS RA 91 40.08 63.08 -13.13
CA LYS RA 91 39.80 62.99 -14.55
C LYS RA 91 41.04 62.60 -15.34
N LYS RA 92 42.20 63.11 -14.94
CA LYS RA 92 43.44 62.89 -15.68
C LYS RA 92 44.19 61.65 -15.24
N ALA RA 93 43.66 60.90 -14.28
CA ALA RA 93 44.27 59.61 -13.93
C ALA RA 93 44.17 58.65 -15.11
N GLN RA 94 45.14 57.76 -15.21
CA GLN RA 94 45.22 56.84 -16.33
C GLN RA 94 44.84 55.43 -15.88
N LEU RA 95 44.68 54.54 -16.86
CA LEU RA 95 44.16 53.20 -16.62
C LEU RA 95 45.17 52.37 -15.84
N ASN RA 96 44.94 52.22 -14.55
CA ASN RA 96 45.71 51.32 -13.72
C ASN RA 96 44.80 50.76 -12.64
N ILE RA 97 45.12 49.56 -12.18
CA ILE RA 97 44.32 48.93 -11.13
C ILE RA 97 44.41 49.76 -9.86
N GLY RA 98 43.25 50.14 -9.33
CA GLY RA 98 43.17 50.95 -8.14
C GLY RA 98 42.91 52.41 -8.37
N ASN RA 99 43.15 52.92 -9.57
CA ASN RA 99 42.91 54.33 -9.85
C ASN RA 99 41.41 54.60 -9.96
N VAL RA 100 41.01 55.79 -9.53
CA VAL RA 100 39.61 56.18 -9.45
C VAL RA 100 39.39 57.30 -10.47
N LEU RA 101 38.90 56.93 -11.65
CA LEU RA 101 38.73 57.90 -12.72
C LEU RA 101 37.37 57.73 -13.35
N PRO RA 102 36.79 58.81 -13.92
CA PRO RA 102 35.40 58.74 -14.36
C PRO RA 102 35.18 57.75 -15.49
N VAL RA 103 33.98 57.20 -15.56
CA VAL RA 103 33.67 56.20 -16.56
C VAL RA 103 33.53 56.81 -17.94
N GLY RA 104 33.30 58.11 -18.04
CA GLY RA 104 33.18 58.75 -19.33
C GLY RA 104 34.48 58.85 -20.09
N THR RA 105 35.61 58.81 -19.39
CA THR RA 105 36.93 58.89 -20.02
C THR RA 105 37.56 57.51 -20.17
N MET RA 106 36.83 56.46 -19.89
CA MET RA 106 37.31 55.10 -19.99
C MET RA 106 37.10 54.55 -21.39
N PRO RA 107 37.85 53.51 -21.77
CA PRO RA 107 37.56 52.81 -23.01
C PRO RA 107 36.29 51.99 -22.91
N GLU RA 108 35.87 51.44 -24.04
CA GLU RA 108 34.57 50.79 -24.15
C GLU RA 108 34.57 49.34 -23.70
N GLY RA 109 35.63 48.87 -23.04
CA GLY RA 109 35.64 47.50 -22.58
C GLY RA 109 36.23 47.31 -21.20
N THR RA 110 36.66 48.41 -20.59
CA THR RA 110 37.27 48.34 -19.27
C THR RA 110 36.25 47.93 -18.23
N ILE RA 111 36.73 47.31 -17.16
CA ILE RA 111 35.87 46.86 -16.07
C ILE RA 111 36.27 47.59 -14.80
N VAL RA 112 35.28 47.85 -13.94
CA VAL RA 112 35.42 48.75 -12.81
C VAL RA 112 35.02 48.04 -11.53
N CYS RA 113 35.36 48.66 -10.40
CA CYS RA 113 35.23 48.06 -9.09
C CYS RA 113 34.15 48.70 -8.24
N CYS RA 114 34.25 49.98 -7.95
CA CYS RA 114 33.31 50.64 -7.03
C CYS RA 114 32.63 51.76 -7.81
N LEU RA 115 31.58 51.38 -8.52
CA LEU RA 115 30.92 52.29 -9.44
C LEU RA 115 29.89 53.14 -8.72
N GLU RA 116 29.82 54.42 -9.08
CA GLU RA 116 28.81 55.29 -8.52
C GLU RA 116 27.48 55.08 -9.23
N GLU RA 117 26.40 55.07 -8.46
CA GLU RA 117 25.06 55.01 -9.05
C GLU RA 117 24.66 56.37 -9.62
N LYS RA 118 25.05 57.44 -8.94
CA LYS RA 118 24.75 58.81 -9.33
C LYS RA 118 26.05 59.60 -9.40
N PRO RA 119 26.10 60.66 -10.19
CA PRO RA 119 27.32 61.49 -10.21
C PRO RA 119 27.40 62.32 -8.94
N GLY RA 120 28.55 62.25 -8.27
CA GLY RA 120 28.77 63.04 -7.09
C GLY RA 120 28.87 62.24 -5.81
N ASP RA 121 28.02 61.23 -5.66
CA ASP RA 121 28.08 60.40 -4.47
C ASP RA 121 29.32 59.50 -4.55
N ARG RA 122 29.49 58.67 -3.55
CA ARG RA 122 30.62 57.77 -3.53
C ARG RA 122 30.16 56.39 -3.98
N GLY RA 123 31.05 55.40 -3.90
CA GLY RA 123 30.82 54.14 -4.58
C GLY RA 123 29.60 53.39 -4.05
N LYS RA 124 28.82 52.83 -4.98
CA LYS RA 124 27.61 52.10 -4.62
C LYS RA 124 27.42 50.78 -5.35
N LEU RA 125 28.20 50.46 -6.38
CA LEU RA 125 27.95 49.30 -7.21
C LEU RA 125 29.19 48.40 -7.30
N ALA RA 126 28.94 47.11 -7.44
CA ALA RA 126 29.98 46.09 -7.61
C ALA RA 126 30.98 46.07 -6.45
N ARG RA 127 30.47 46.27 -5.24
CA ARG RA 127 31.33 46.39 -4.07
C ARG RA 127 31.65 45.06 -3.39
N ALA RA 128 30.74 44.09 -3.46
CA ALA RA 128 30.97 42.80 -2.81
C ALA RA 128 32.13 42.07 -3.48
N SER RA 129 32.79 41.22 -2.70
CA SER RA 129 34.09 40.66 -3.08
C SER RA 129 34.00 39.86 -4.37
N GLY RA 130 34.98 40.07 -5.25
CA GLY RA 130 35.07 39.38 -6.51
C GLY RA 130 34.23 39.96 -7.62
N ASN RA 131 33.46 41.01 -7.36
CA ASN RA 131 32.51 41.53 -8.33
C ASN RA 131 33.11 42.71 -9.10
N TYR RA 132 32.50 43.00 -10.24
CA TYR RA 132 32.93 44.09 -11.09
C TYR RA 132 31.79 44.46 -12.02
N ALA RA 133 31.83 45.69 -12.53
CA ALA RA 133 30.99 46.12 -13.62
C ALA RA 133 31.83 46.23 -14.88
N THR RA 134 31.16 46.37 -16.02
CA THR RA 134 31.86 46.52 -17.29
C THR RA 134 31.29 47.72 -18.04
N VAL RA 135 32.18 48.51 -18.63
CA VAL RA 135 31.77 49.64 -19.45
C VAL RA 135 31.42 49.11 -20.84
N ILE RA 136 30.20 49.38 -21.28
CA ILE RA 136 29.72 48.88 -22.56
C ILE RA 136 29.85 49.93 -23.65
N SER RA 137 29.31 51.12 -23.42
CA SER RA 137 29.30 52.16 -24.44
C SER RA 137 29.13 53.51 -23.78
N HIS RA 138 29.55 54.55 -24.50
CA HIS RA 138 29.23 55.92 -24.16
C HIS RA 138 28.49 56.56 -25.32
N ASN RA 139 28.10 57.80 -25.10
CA ASN RA 139 27.77 58.70 -26.20
C ASN RA 139 28.12 60.11 -25.76
N PRO RA 140 28.97 60.81 -26.51
CA PRO RA 140 29.33 62.19 -26.11
C PRO RA 140 28.14 63.11 -25.95
N GLU RA 141 27.12 62.94 -26.79
CA GLU RA 141 25.87 63.64 -26.55
C GLU RA 141 25.20 63.10 -25.28
N THR RA 142 24.53 64.01 -24.57
CA THR RA 142 23.75 63.81 -23.34
C THR RA 142 24.53 63.15 -22.20
N LYS RA 143 25.86 62.99 -22.34
CA LYS RA 143 26.75 62.65 -21.23
C LYS RA 143 26.37 61.34 -20.53
N LYS RA 144 26.05 60.32 -21.32
CA LYS RA 144 25.57 59.06 -20.77
C LYS RA 144 26.52 57.92 -21.10
N THR RA 145 26.53 56.92 -20.23
CA THR RA 145 27.38 55.75 -20.36
C THR RA 145 26.61 54.52 -19.88
N ARG RA 146 26.61 53.47 -20.68
CA ARG RA 146 25.90 52.24 -20.37
C ARG RA 146 26.88 51.22 -19.83
N VAL RA 147 26.54 50.59 -18.70
CA VAL RA 147 27.40 49.64 -18.03
C VAL RA 147 26.63 48.35 -17.76
N LYS RA 148 27.39 47.29 -17.49
CA LYS RA 148 26.82 45.99 -17.15
C LYS RA 148 27.10 45.70 -15.69
N LEU RA 149 26.05 45.58 -14.90
CA LEU RA 149 26.16 45.32 -13.47
C LEU RA 149 26.50 43.85 -13.22
N PRO RA 150 26.95 43.53 -12.00
CA PRO RA 150 27.26 42.13 -11.69
C PRO RA 150 26.11 41.16 -11.93
N SER RA 151 24.86 41.60 -11.79
CA SER RA 151 23.72 40.71 -12.01
C SER RA 151 23.43 40.49 -13.48
N GLY RA 152 24.13 41.18 -14.39
CA GLY RA 152 23.86 41.10 -15.80
C GLY RA 152 22.96 42.20 -16.32
N SER RA 153 22.39 43.01 -15.44
CA SER RA 153 21.51 44.08 -15.89
C SER RA 153 22.32 45.20 -16.51
N LYS RA 154 21.84 45.72 -17.63
CA LYS RA 154 22.44 46.89 -18.27
C LYS RA 154 21.81 48.14 -17.70
N LYS RA 155 22.66 49.12 -17.35
CA LYS RA 155 22.20 50.32 -16.69
C LYS RA 155 22.87 51.54 -17.32
N VAL RA 156 22.11 52.62 -17.45
CA VAL RA 156 22.61 53.87 -18.01
C VAL RA 156 22.89 54.83 -16.86
N ILE RA 157 24.14 55.26 -16.75
CA ILE RA 157 24.57 56.19 -15.72
C ILE RA 157 25.27 57.36 -16.39
N SER RA 158 25.52 58.41 -15.62
CA SER RA 158 26.19 59.57 -16.16
C SER RA 158 27.66 59.27 -16.44
N SER RA 159 28.23 60.03 -17.37
CA SER RA 159 29.63 59.84 -17.72
C SER RA 159 30.58 60.44 -16.68
N ALA RA 160 30.06 61.16 -15.70
CA ALA RA 160 30.89 61.74 -14.65
C ALA RA 160 31.04 60.83 -13.44
N ASN RA 161 30.37 59.69 -13.43
CA ASN RA 161 30.43 58.78 -12.30
C ASN RA 161 31.82 58.15 -12.20
N ARG RA 162 32.41 58.20 -11.02
CA ARG RA 162 33.75 57.68 -10.80
C ARG RA 162 33.69 56.22 -10.38
N ALA RA 163 34.80 55.50 -10.63
CA ALA RA 163 34.89 54.11 -10.27
C ALA RA 163 36.35 53.69 -10.22
N VAL RA 164 36.65 52.76 -9.31
CA VAL RA 164 37.97 52.15 -9.26
C VAL RA 164 38.12 51.23 -10.47
N VAL RA 165 39.36 51.00 -10.90
CA VAL RA 165 39.63 50.14 -12.05
C VAL RA 165 40.07 48.78 -11.56
N GLY RA 166 39.43 47.74 -12.07
CA GLY RA 166 39.75 46.36 -11.73
C GLY RA 166 38.62 45.68 -10.98
N VAL RA 167 38.84 44.42 -10.67
CA VAL RA 167 37.92 43.67 -9.82
C VAL RA 167 38.24 43.97 -8.38
N VAL RA 168 37.30 43.68 -7.50
CA VAL RA 168 37.49 43.87 -6.07
C VAL RA 168 38.05 42.60 -5.47
N ALA RA 169 39.01 42.76 -4.56
CA ALA RA 169 39.67 41.62 -3.95
C ALA RA 169 38.68 40.83 -3.10
N GLY RA 170 39.08 39.61 -2.77
CA GLY RA 170 38.22 38.69 -2.05
C GLY RA 170 37.86 37.45 -2.84
N GLY RA 171 38.27 37.36 -4.10
CA GLY RA 171 38.25 36.19 -4.98
C GLY RA 171 36.93 35.44 -4.95
N GLY RA 172 37.03 34.14 -5.16
CA GLY RA 172 35.87 33.28 -5.11
C GLY RA 172 35.61 32.76 -3.71
N ARG RA 173 35.18 33.66 -2.83
CA ARG RA 173 34.95 33.30 -1.43
C ARG RA 173 33.85 32.25 -1.29
N ILE RA 174 32.81 32.33 -2.12
CA ILE RA 174 31.69 31.40 -2.03
C ILE RA 174 32.01 30.02 -2.55
N ASP RA 175 33.22 29.79 -3.05
CA ASP RA 175 33.57 28.48 -3.59
C ASP RA 175 33.80 27.45 -2.50
N LYS RA 176 34.35 27.88 -1.36
CA LYS RA 176 34.62 26.95 -0.27
C LYS RA 176 33.32 26.56 0.42
N PRO RA 177 33.02 25.28 0.53
CA PRO RA 177 31.89 24.87 1.37
C PRO RA 177 32.13 25.24 2.82
N ILE RA 178 31.07 25.70 3.49
CA ILE RA 178 31.19 26.08 4.88
C ILE RA 178 31.45 24.86 5.76
N LEU RA 179 30.79 23.75 5.45
CA LEU RA 179 31.02 22.42 6.00
C LEU RA 179 30.55 22.25 7.44
N LYS RA 180 30.15 23.33 8.10
CA LYS RA 180 29.89 23.25 9.52
C LYS RA 180 28.84 24.28 9.89
N ALA RA 181 27.88 23.85 10.72
CA ALA RA 181 26.95 24.82 11.28
C ALA RA 181 27.67 25.85 12.11
N GLY RA 182 28.77 25.46 12.76
CA GLY RA 182 29.51 26.41 13.58
C GLY RA 182 30.19 27.50 12.77
N ARG RA 183 30.68 27.15 11.59
CA ARG RA 183 31.32 28.16 10.74
C ARG RA 183 30.29 29.09 10.13
N ALA RA 184 29.06 28.61 9.94
CA ALA RA 184 27.97 29.50 9.56
C ALA RA 184 27.55 30.38 10.73
N TYR RA 185 27.68 29.87 11.95
CA TYR RA 185 27.37 30.66 13.13
C TYR RA 185 28.33 31.82 13.28
N HIS RA 186 29.63 31.56 13.06
CA HIS RA 186 30.63 32.61 13.19
C HIS RA 186 30.52 33.63 12.06
N LYS RA 187 30.17 33.16 10.86
CA LYS RA 187 30.06 34.06 9.72
C LYS RA 187 28.95 35.09 9.93
N TYR RA 188 27.80 34.65 10.45
CA TYR RA 188 26.68 35.55 10.64
C TYR RA 188 26.70 36.28 11.97
N LYS RA 189 27.51 35.81 12.93
CA LYS RA 189 27.69 36.58 14.16
C LYS RA 189 28.38 37.91 13.89
N ALA RA 190 29.12 38.01 12.80
CA ALA RA 190 29.75 39.27 12.43
C ALA RA 190 28.86 40.16 11.58
N LYS RA 191 27.69 39.68 11.15
CA LYS RA 191 26.85 40.45 10.25
C LYS RA 191 25.56 40.92 10.92
N ARG RA 192 24.73 39.99 11.41
CA ARG RA 192 23.43 40.31 12.00
C ARG RA 192 22.75 39.05 12.52
N ASN RA 193 21.62 39.20 13.19
CA ASN RA 193 20.90 38.07 13.78
C ASN RA 193 19.89 37.55 12.77
N CYS RA 194 20.35 36.65 11.90
CA CYS RA 194 19.47 36.06 10.91
C CYS RA 194 19.73 34.58 10.64
N TRP RA 195 20.74 33.97 11.25
CA TRP RA 195 21.26 32.75 10.66
C TRP RA 195 20.39 31.51 10.87
N PRO RA 196 20.10 31.06 12.11
CA PRO RA 196 19.38 29.79 12.24
C PRO RA 196 17.95 29.96 11.77
N ARG RA 197 17.64 29.41 10.59
CA ARG RA 197 16.40 29.70 9.90
C ARG RA 197 15.44 28.54 10.09
N VAL RA 198 14.35 28.79 10.79
CA VAL RA 198 13.31 27.79 10.99
C VAL RA 198 12.36 27.84 9.81
N ARG RA 199 12.09 26.69 9.23
CA ARG RA 199 11.14 26.61 8.12
C ARG RA 199 9.74 26.96 8.59
N GLY RA 200 9.00 27.66 7.74
CA GLY RA 200 7.64 28.04 8.08
C GLY RA 200 6.72 26.85 8.26
N VAL RA 201 6.95 25.77 7.50
CA VAL RA 201 6.14 24.57 7.63
C VAL RA 201 6.34 23.90 8.98
N ALA RA 202 7.44 24.19 9.67
CA ALA RA 202 7.71 23.65 10.99
C ALA RA 202 7.16 24.52 12.11
N MET RA 203 6.46 25.60 11.78
CA MET RA 203 5.85 26.47 12.76
C MET RA 203 4.37 26.13 12.91
N ASN RA 204 3.71 26.85 13.78
CA ASN RA 204 2.27 26.75 13.99
C ASN RA 204 1.55 27.79 13.15
N PRO RA 205 0.25 27.62 12.90
CA PRO RA 205 -0.45 28.59 12.04
C PRO RA 205 -0.44 30.00 12.57
N VAL RA 206 -0.22 30.20 13.86
CA VAL RA 206 -0.23 31.55 14.40
C VAL RA 206 1.04 32.31 14.03
N GLU RA 207 2.16 31.62 13.79
CA GLU RA 207 3.40 32.31 13.49
C GLU RA 207 3.72 32.39 12.00
N HIS RA 208 2.94 31.76 11.13
CA HIS RA 208 3.32 31.72 9.72
C HIS RA 208 2.11 31.35 8.89
N PRO RA 209 2.02 31.85 7.65
CA PRO RA 209 0.99 31.34 6.73
C PRO RA 209 1.13 29.87 6.43
N PHE RA 210 2.34 29.33 6.48
CA PHE RA 210 2.58 27.94 6.13
C PHE RA 210 2.47 26.99 7.30
N GLY RA 211 2.32 27.51 8.52
CA GLY RA 211 2.37 26.66 9.69
C GLY RA 211 1.14 25.80 9.85
N GLY RA 212 1.29 24.76 10.67
CA GLY RA 212 0.20 23.87 10.99
C GLY RA 212 0.05 22.71 10.02
N GLY RA 213 -0.86 21.82 10.38
CA GLY RA 213 -1.13 20.61 9.63
C GLY RA 213 -0.47 19.40 10.26
N ASN RA 214 -1.12 18.24 10.10
CA ASN RA 214 -0.58 17.02 10.65
C ASN RA 214 0.54 16.44 9.81
N HIS RA 215 0.71 16.92 8.58
CA HIS RA 215 1.92 16.72 7.80
C HIS RA 215 2.53 18.08 7.51
N GLN RA 216 3.85 18.10 7.31
CA GLN RA 216 4.56 19.35 7.04
C GLN RA 216 4.43 19.67 5.56
N HIS RA 217 3.26 20.18 5.20
CA HIS RA 217 2.96 20.59 3.84
C HIS RA 217 2.57 22.06 3.84
N ILE RA 218 2.79 22.72 2.70
CA ILE RA 218 2.50 24.15 2.63
C ILE RA 218 1.00 24.39 2.66
N GLY RA 219 0.24 23.61 1.90
CA GLY RA 219 -1.20 23.73 1.89
C GLY RA 219 -1.75 24.83 1.00
N LYS RA 220 -0.90 25.59 0.35
CA LYS RA 220 -1.31 26.68 -0.54
C LYS RA 220 -0.15 26.96 -1.47
N PRO RA 221 -0.41 27.58 -2.62
CA PRO RA 221 0.69 27.88 -3.54
C PRO RA 221 1.73 28.78 -2.88
N SER RA 222 2.98 28.33 -2.92
CA SER RA 222 4.06 29.08 -2.28
C SER RA 222 4.37 30.37 -3.02
N THR RA 223 4.01 30.46 -4.31
CA THR RA 223 4.11 31.72 -5.01
C THR RA 223 3.04 32.67 -4.49
N ILE RA 224 3.43 33.90 -4.20
CA ILE RA 224 2.54 34.88 -3.59
C ILE RA 224 2.59 36.15 -4.41
N ARG RA 225 1.45 36.85 -4.48
CA ARG RA 225 1.34 38.03 -5.31
C ARG RA 225 2.22 39.14 -4.77
N ARG RA 226 2.56 40.08 -5.66
CA ARG RA 226 3.46 41.17 -5.28
C ARG RA 226 2.83 42.08 -4.24
N ASP RA 227 1.55 42.40 -4.40
CA ASP RA 227 0.86 43.33 -3.50
C ASP RA 227 0.22 42.64 -2.31
N ALA RA 228 0.76 41.50 -1.89
CA ALA RA 228 0.26 40.84 -0.70
C ALA RA 228 0.58 41.67 0.54
N PRO RA 229 -0.29 41.64 1.55
CA PRO RA 229 0.00 42.38 2.79
C PRO RA 229 1.22 41.82 3.49
N ALA RA 230 1.90 42.69 4.24
CA ALA RA 230 3.01 42.25 5.06
C ALA RA 230 2.52 41.28 6.11
N GLY RA 231 3.33 40.27 6.41
CA GLY RA 231 2.89 39.16 7.22
C GLY RA 231 2.20 38.07 6.44
N ARG RA 232 2.02 38.24 5.13
CA ARG RA 232 1.45 37.23 4.26
C ARG RA 232 2.39 36.81 3.14
N LYS RA 233 3.12 37.74 2.53
CA LYS RA 233 3.98 37.35 1.41
C LYS RA 233 5.18 36.57 1.93
N VAL RA 234 5.08 35.25 1.84
CA VAL RA 234 6.17 34.35 2.16
C VAL RA 234 6.23 33.31 1.04
N GLY RA 235 7.38 32.67 0.93
CA GLY RA 235 7.62 31.77 -0.20
C GLY RA 235 8.26 32.53 -1.33
N LEU RA 236 7.74 32.33 -2.53
CA LEU RA 236 8.31 32.91 -3.74
C LEU RA 236 7.49 34.15 -4.10
N ILE RA 237 8.07 35.31 -3.87
CA ILE RA 237 7.35 36.58 -4.05
C ILE RA 237 7.39 36.96 -5.52
N ALA RA 238 6.21 37.10 -6.13
CA ALA RA 238 6.05 37.60 -7.50
C ALA RA 238 6.89 36.79 -8.49
N ALA RA 239 6.86 35.47 -8.33
CA ALA RA 239 7.72 34.61 -9.13
C ALA RA 239 7.25 34.59 -10.58
N ARG RA 240 8.11 35.03 -11.50
CA ARG RA 240 7.80 34.92 -12.92
C ARG RA 240 7.75 33.47 -13.37
N ARG RA 241 8.44 32.59 -12.66
CA ARG RA 241 8.46 31.16 -12.94
C ARG RA 241 8.99 30.47 -11.70
N THR RA 242 8.96 29.14 -11.72
CA THR RA 242 9.50 28.30 -10.66
C THR RA 242 10.13 27.08 -11.30
N GLY RA 243 10.63 26.17 -10.48
CA GLY RA 243 11.08 24.90 -10.98
C GLY RA 243 12.58 24.72 -11.10
N ARG RA 244 13.08 24.54 -12.32
CA ARG RA 244 14.43 24.04 -12.51
C ARG RA 244 15.34 24.97 -13.32
N LEU RA 245 14.79 25.84 -14.17
CA LEU RA 245 15.58 26.73 -15.03
C LEU RA 245 16.48 25.92 -15.97
N ARG RA 246 15.84 25.13 -16.84
CA ARG RA 246 16.53 24.28 -17.78
C ARG RA 246 16.93 25.07 -19.02
N GLY RA 247 18.17 24.88 -19.48
CA GLY RA 247 18.60 25.40 -20.76
C GLY RA 247 19.49 26.62 -20.71
N THR RA 248 19.12 27.60 -19.88
CA THR RA 248 19.86 28.86 -19.81
C THR RA 248 19.62 29.56 -18.48
N SER SA 1 -14.56 -12.30 38.14
CA SER SA 1 -14.38 -13.45 37.26
C SER SA 1 -13.43 -14.46 37.90
N HIS SA 2 -13.38 -15.66 37.32
CA HIS SA 2 -12.53 -16.72 37.84
C HIS SA 2 -11.06 -16.36 37.66
N ARG SA 3 -10.24 -16.82 38.60
CA ARG SA 3 -8.81 -16.68 38.45
C ARG SA 3 -8.31 -17.54 37.29
N LYS SA 4 -7.28 -17.06 36.62
CA LYS SA 4 -6.87 -17.66 35.35
C LYS SA 4 -6.40 -19.09 35.53
N PHE SA 5 -5.49 -19.32 36.48
CA PHE SA 5 -4.89 -20.63 36.66
C PHE SA 5 -5.19 -21.11 38.08
N SER SA 6 -5.57 -22.37 38.19
CA SER SA 6 -5.85 -22.98 39.48
C SER SA 6 -4.57 -23.11 40.29
N ALA SA 7 -4.71 -22.97 41.61
CA ALA SA 7 -3.58 -23.16 42.52
C ALA SA 7 -4.13 -23.48 43.89
N PRO SA 8 -3.54 -24.42 44.61
CA PRO SA 8 -4.01 -24.70 45.98
C PRO SA 8 -3.72 -23.53 46.91
N ARG SA 9 -4.53 -23.42 47.95
CA ARG SA 9 -4.37 -22.32 48.89
C ARG SA 9 -3.15 -22.55 49.78
N HIS SA 10 -2.59 -21.45 50.28
CA HIS SA 10 -1.41 -21.49 51.12
C HIS SA 10 -1.83 -21.63 52.58
N GLY SA 11 -1.27 -22.62 53.27
CA GLY SA 11 -1.54 -22.81 54.67
C GLY SA 11 -2.83 -23.55 54.93
N SER SA 12 -2.81 -24.46 55.89
CA SER SA 12 -4.00 -25.20 56.25
C SER SA 12 -4.90 -24.34 57.12
N LEU SA 13 -6.20 -24.49 56.92
CA LEU SA 13 -7.18 -23.82 57.76
C LEU SA 13 -7.51 -24.61 59.03
N GLY SA 14 -6.87 -25.76 59.23
CA GLY SA 14 -7.07 -26.53 60.43
C GLY SA 14 -6.30 -26.05 61.63
N PHE SA 15 -5.49 -25.01 61.48
CA PHE SA 15 -4.72 -24.42 62.57
C PHE SA 15 -4.96 -22.92 62.62
N LEU SA 16 -6.19 -22.49 62.33
CA LEU SA 16 -6.49 -21.10 62.01
C LEU SA 16 -6.34 -20.09 63.14
N PRO SA 17 -6.55 -20.41 64.41
CA PRO SA 17 -6.11 -19.47 65.45
C PRO SA 17 -4.61 -19.50 65.56
N ARG SA 18 -3.94 -18.77 64.67
CA ARG SA 18 -2.49 -18.80 64.55
C ARG SA 18 -1.91 -17.84 65.59
N LYS SA 19 -2.04 -18.25 66.84
CA LYS SA 19 -1.77 -17.40 67.99
C LYS SA 19 -0.82 -18.10 68.94
N ARG SA 20 -0.20 -17.31 69.81
CA ARG SA 20 0.62 -17.88 70.87
C ARG SA 20 -0.23 -18.82 71.71
N SER SA 21 0.30 -20.02 71.96
CA SER SA 21 -0.41 -21.00 72.74
C SER SA 21 -0.64 -20.49 74.16
N SER SA 22 -1.84 -20.74 74.68
CA SER SA 22 -2.15 -20.32 76.04
C SER SA 22 -1.41 -21.13 77.08
N ARG SA 23 -0.75 -22.20 76.68
CA ARG SA 23 -0.03 -23.08 77.60
C ARG SA 23 1.41 -23.24 77.12
N HIS SA 24 2.28 -23.57 78.05
CA HIS SA 24 3.67 -23.86 77.74
C HIS SA 24 4.00 -25.34 77.73
N ARG SA 25 3.24 -26.14 78.47
CA ARG SA 25 3.55 -27.56 78.60
C ARG SA 25 3.06 -28.36 77.40
N GLY SA 26 1.82 -28.12 76.98
CA GLY SA 26 1.25 -28.90 75.90
C GLY SA 26 0.37 -30.01 76.41
N LYS SA 27 -0.95 -29.82 76.33
CA LYS SA 27 -1.87 -30.76 76.92
C LYS SA 27 -2.24 -31.87 75.94
N VAL SA 28 -2.65 -33.01 76.51
CA VAL SA 28 -2.81 -34.23 75.73
C VAL SA 28 -3.99 -34.10 74.76
N LYS SA 29 -5.13 -33.62 75.25
CA LYS SA 29 -6.36 -33.33 74.50
C LYS SA 29 -7.11 -34.57 74.06
N SER SA 30 -6.49 -35.74 74.16
CA SER SA 30 -7.15 -37.00 73.83
C SER SA 30 -6.31 -38.14 74.39
N PHE SA 31 -6.84 -38.86 75.34
CA PHE SA 31 -6.13 -40.03 75.78
C PHE SA 31 -6.62 -41.26 75.01
N PRO SA 32 -5.80 -42.30 74.91
CA PRO SA 32 -6.23 -43.51 74.20
C PRO SA 32 -7.48 -44.11 74.82
N LYS SA 33 -8.33 -44.67 73.96
CA LYS SA 33 -9.61 -45.20 74.40
C LYS SA 33 -9.42 -46.31 75.42
N ASP SA 34 -10.10 -46.19 76.54
CA ASP SA 34 -9.91 -47.11 77.66
C ASP SA 34 -10.65 -48.40 77.40
N ASP SA 35 -9.93 -49.51 77.39
CA ASP SA 35 -10.52 -50.84 77.32
C ASP SA 35 -10.11 -51.64 78.56
N PRO SA 36 -11.06 -52.18 79.31
CA PRO SA 36 -10.71 -52.85 80.58
C PRO SA 36 -10.03 -54.20 80.40
N SER SA 37 -9.88 -54.71 79.18
CA SER SA 37 -9.25 -56.00 79.00
C SER SA 37 -7.74 -55.96 79.20
N LYS SA 38 -7.10 -54.85 78.84
CA LYS SA 38 -5.65 -54.74 78.96
C LYS SA 38 -5.26 -54.59 80.43
N PRO SA 39 -3.99 -54.84 80.75
CA PRO SA 39 -3.52 -54.57 82.12
C PRO SA 39 -3.45 -53.07 82.39
N VAL SA 40 -3.41 -52.73 83.68
CA VAL SA 40 -3.39 -51.34 84.09
C VAL SA 40 -2.06 -50.72 83.69
N HIS SA 41 -2.12 -49.58 82.99
CA HIS SA 41 -0.92 -48.94 82.49
C HIS SA 41 -1.15 -47.45 82.36
N LEU SA 42 -0.06 -46.70 82.28
CA LEU SA 42 -0.11 -45.27 82.04
C LEU SA 42 -0.05 -44.98 80.55
N THR SA 43 -0.56 -43.81 80.17
CA THR SA 43 -0.68 -43.45 78.77
C THR SA 43 0.16 -42.26 78.35
N ALA SA 44 0.81 -41.57 79.28
CA ALA SA 44 1.53 -40.35 78.95
C ALA SA 44 2.76 -40.20 79.83
N PHE SA 45 3.62 -39.28 79.44
CA PHE SA 45 4.86 -39.01 80.13
C PHE SA 45 5.34 -37.62 79.76
N LEU SA 46 6.24 -37.08 80.56
CA LEU SA 46 6.82 -35.76 80.31
C LEU SA 46 8.32 -35.90 80.09
N GLY SA 47 8.81 -35.28 79.01
CA GLY SA 47 10.23 -35.26 78.71
C GLY SA 47 10.69 -33.86 78.35
N TYR SA 48 11.98 -33.75 78.07
CA TYR SA 48 12.59 -32.46 77.76
C TYR SA 48 13.51 -32.65 76.56
N LYS SA 49 13.30 -31.83 75.53
CA LYS SA 49 14.04 -31.98 74.29
C LYS SA 49 15.50 -31.60 74.53
N ALA SA 50 16.37 -32.61 74.59
CA ALA SA 50 17.78 -32.37 74.87
C ALA SA 50 18.52 -31.88 73.63
N GLY SA 51 18.31 -32.53 72.50
CA GLY SA 51 19.01 -32.17 71.29
C GLY SA 51 18.74 -33.18 70.21
N MET SA 52 19.59 -33.13 69.18
CA MET SA 52 19.49 -34.04 68.05
C MET SA 52 20.86 -34.62 67.74
N THR SA 53 20.85 -35.77 67.09
CA THR SA 53 22.04 -36.43 66.56
C THR SA 53 21.56 -37.36 65.45
N HIS SA 54 22.44 -38.23 64.98
CA HIS SA 54 22.04 -39.20 63.97
C HIS SA 54 22.68 -40.55 64.28
N ILE SA 55 22.05 -41.60 63.75
CA ILE SA 55 22.45 -42.96 64.05
C ILE SA 55 22.86 -43.67 62.77
N VAL SA 56 23.26 -44.94 62.90
CA VAL SA 56 23.43 -45.85 61.78
C VAL SA 56 22.72 -47.14 62.15
N ARG SA 57 21.88 -47.65 61.25
CA ARG SA 57 21.14 -48.86 61.57
C ARG SA 57 20.96 -49.71 60.33
N GLU SA 58 20.67 -50.98 60.55
CA GLU SA 58 20.43 -51.95 59.49
C GLU SA 58 18.93 -52.05 59.24
N VAL SA 59 18.53 -51.88 57.99
CA VAL SA 59 17.11 -51.87 57.63
C VAL SA 59 16.68 -53.29 57.28
N ASP SA 60 15.51 -53.69 57.77
CA ASP SA 60 14.97 -55.01 57.50
C ASP SA 60 13.62 -54.89 56.80
N ARG SA 61 13.53 -54.04 55.79
CA ARG SA 61 12.30 -53.82 55.05
C ARG SA 61 12.38 -54.54 53.71
N PRO SA 62 11.77 -55.71 53.56
CA PRO SA 62 11.90 -56.47 52.31
C PRO SA 62 11.24 -55.76 51.14
N GLY SA 63 11.82 -55.96 49.96
CA GLY SA 63 11.33 -55.34 48.75
C GLY SA 63 11.80 -53.92 48.52
N SER SA 64 12.50 -53.32 49.47
CA SER SA 64 12.99 -51.95 49.35
C SER SA 64 14.45 -51.97 48.89
N LYS SA 65 14.88 -50.84 48.34
CA LYS SA 65 16.27 -50.72 47.92
C LYS SA 65 17.22 -50.77 49.10
N VAL SA 66 16.81 -50.23 50.24
CA VAL SA 66 17.68 -50.13 51.41
C VAL SA 66 17.56 -51.37 52.27
N ASN SA 67 16.94 -52.42 51.75
CA ASN SA 67 16.86 -53.68 52.48
C ASN SA 67 18.25 -54.25 52.68
N LYS SA 68 18.53 -54.67 53.91
CA LYS SA 68 19.83 -55.21 54.30
C LYS SA 68 20.95 -54.21 54.03
N LYS SA 69 20.67 -52.93 54.22
CA LYS SA 69 21.62 -51.86 53.98
C LYS SA 69 21.69 -50.96 55.20
N GLU SA 70 22.79 -50.24 55.33
CA GLU SA 70 22.95 -49.28 56.41
C GLU SA 70 22.43 -47.91 55.99
N VAL SA 71 21.66 -47.29 56.87
CA VAL SA 71 21.15 -45.94 56.66
C VAL SA 71 21.51 -45.10 57.87
N VAL SA 72 21.56 -43.79 57.68
CA VAL SA 72 21.66 -42.86 58.79
C VAL SA 72 20.33 -42.12 58.89
N GLU SA 73 19.97 -41.78 60.12
CA GLU SA 73 18.67 -41.18 60.38
C GLU SA 73 18.80 -40.20 61.54
N ALA SA 74 18.27 -39.00 61.35
CA ALA SA 74 18.24 -38.03 62.43
C ALA SA 74 17.34 -38.52 63.55
N VAL SA 75 17.75 -38.27 64.78
CA VAL SA 75 17.00 -38.67 65.96
C VAL SA 75 16.98 -37.51 66.94
N THR SA 76 15.97 -37.50 67.81
CA THR SA 76 15.84 -36.49 68.84
C THR SA 76 15.95 -37.17 70.20
N ILE SA 77 16.85 -36.66 71.04
CA ILE SA 77 17.01 -37.17 72.39
C ILE SA 77 16.09 -36.37 73.31
N VAL SA 78 15.29 -37.07 74.10
CA VAL SA 78 14.33 -36.46 75.01
C VAL SA 78 14.64 -37.00 76.39
N GLU SA 79 15.28 -36.19 77.24
CA GLU SA 79 15.60 -36.64 78.59
C GLU SA 79 14.32 -36.79 79.41
N THR SA 80 14.15 -37.97 80.00
CA THR SA 80 12.93 -38.34 80.72
C THR SA 80 13.30 -38.91 82.08
N PRO SA 81 13.56 -38.07 83.06
CA PRO SA 81 13.70 -38.55 84.43
C PRO SA 81 12.37 -39.07 84.94
N PRO SA 82 12.39 -39.99 85.91
CA PRO SA 82 11.13 -40.60 86.36
C PRO SA 82 10.16 -39.58 86.95
N MET SA 83 8.88 -39.76 86.64
CA MET SA 83 7.83 -38.93 87.21
C MET SA 83 7.48 -39.42 88.61
N VAL SA 84 6.92 -38.52 89.40
CA VAL SA 84 6.49 -38.83 90.76
C VAL SA 84 5.00 -38.57 90.86
N VAL SA 85 4.23 -39.60 91.25
CA VAL SA 85 2.79 -39.51 91.36
C VAL SA 85 2.45 -38.85 92.69
N VAL SA 86 1.63 -37.80 92.65
CA VAL SA 86 1.28 -37.04 93.84
C VAL SA 86 -0.21 -36.92 94.06
N GLY SA 87 -1.04 -37.47 93.18
CA GLY SA 87 -2.48 -37.34 93.36
C GLY SA 87 -3.25 -38.21 92.39
N ILE SA 88 -4.55 -38.29 92.62
CA ILE SA 88 -5.49 -39.03 91.79
C ILE SA 88 -6.73 -38.17 91.57
N VAL SA 89 -7.17 -38.06 90.31
CA VAL SA 89 -8.41 -37.38 89.95
C VAL SA 89 -9.39 -38.41 89.43
N GLY SA 90 -10.64 -38.29 89.86
CA GLY SA 90 -11.73 -39.08 89.31
C GLY SA 90 -12.56 -38.23 88.39
N TYR SA 91 -13.15 -38.86 87.38
CA TYR SA 91 -14.04 -38.18 86.45
C TYR SA 91 -15.32 -38.97 86.32
N VAL SA 92 -16.44 -38.26 86.19
CA VAL SA 92 -17.74 -38.87 86.00
C VAL SA 92 -18.31 -38.41 84.68
N GLU SA 93 -18.85 -39.34 83.91
CA GLU SA 93 -19.42 -39.01 82.61
C GLU SA 93 -20.81 -38.44 82.79
N THR SA 94 -21.04 -37.26 82.25
CA THR SA 94 -22.30 -36.52 82.35
C THR SA 94 -22.78 -36.22 80.95
N PRO SA 95 -24.06 -35.86 80.79
CA PRO SA 95 -24.52 -35.43 79.46
C PRO SA 95 -23.96 -34.09 79.01
N ARG SA 96 -23.03 -33.53 79.78
CA ARG SA 96 -22.33 -32.31 79.39
C ARG SA 96 -20.82 -32.52 79.25
N GLY SA 97 -20.33 -33.74 79.40
CA GLY SA 97 -18.93 -34.05 79.26
C GLY SA 97 -18.41 -34.73 80.51
N LEU SA 98 -17.08 -34.85 80.59
CA LEU SA 98 -16.45 -35.32 81.82
C LEU SA 98 -16.28 -34.16 82.77
N ARG SA 99 -16.58 -34.39 84.04
CA ARG SA 99 -16.31 -33.39 85.06
C ARG SA 99 -15.56 -34.03 86.22
N THR SA 100 -14.65 -33.25 86.81
CA THR SA 100 -13.85 -33.73 87.93
C THR SA 100 -14.73 -34.07 89.12
N PHE SA 101 -14.77 -35.35 89.47
CA PHE SA 101 -15.55 -35.79 90.62
C PHE SA 101 -14.85 -35.41 91.92
N LYS SA 102 -13.63 -35.90 92.12
CA LYS SA 102 -12.91 -35.66 93.35
C LYS SA 102 -11.42 -35.86 93.08
N THR SA 103 -10.60 -35.01 93.72
CA THR SA 103 -9.16 -35.10 93.61
C THR SA 103 -8.57 -35.35 94.99
N VAL SA 104 -7.73 -36.37 95.11
CA VAL SA 104 -7.09 -36.73 96.37
C VAL SA 104 -5.59 -36.72 96.14
N PHE SA 105 -4.88 -35.86 96.86
CA PHE SA 105 -3.44 -35.82 96.78
C PHE SA 105 -2.82 -36.72 97.84
N ALA SA 106 -1.49 -36.81 97.80
CA ALA SA 106 -0.75 -37.64 98.73
C ALA SA 106 -0.11 -36.77 99.81
N GLU SA 107 0.46 -37.44 100.80
CA GLU SA 107 1.30 -36.77 101.77
C GLU SA 107 2.71 -36.60 101.19
N HIS SA 108 3.47 -35.68 101.78
CA HIS SA 108 4.86 -35.42 101.42
C HIS SA 108 4.99 -35.06 99.93
N ILE SA 109 4.36 -33.94 99.59
CA ILE SA 109 4.55 -33.38 98.25
C ILE SA 109 5.90 -32.68 98.21
N SER SA 110 6.70 -33.01 97.20
CA SER SA 110 8.06 -32.51 97.11
C SER SA 110 8.07 -30.99 96.91
N ASP SA 111 9.18 -30.38 97.32
CA ASP SA 111 9.31 -28.93 97.20
C ASP SA 111 9.28 -28.48 95.75
N GLU SA 112 9.92 -29.24 94.86
CA GLU SA 112 9.91 -28.87 93.45
C GLU SA 112 8.51 -28.92 92.86
N CYS SA 113 7.71 -29.90 93.29
CA CYS SA 113 6.32 -29.95 92.86
C CYS SA 113 5.52 -28.79 93.43
N LYS SA 114 5.79 -28.43 94.69
CA LYS SA 114 5.04 -27.37 95.35
C LYS SA 114 5.34 -26.00 94.77
N ARG SA 115 6.46 -25.84 94.06
CA ARG SA 115 6.74 -24.56 93.42
C ARG SA 115 5.77 -24.26 92.29
N ARG SA 116 5.12 -25.30 91.74
CA ARG SA 116 4.16 -25.08 90.67
C ARG SA 116 2.97 -24.24 91.14
N PHE SA 117 2.66 -24.30 92.43
CA PHE SA 117 1.52 -23.58 92.97
C PHE SA 117 1.82 -22.13 93.29
N TYR SA 118 3.04 -21.67 93.10
CA TYR SA 118 3.46 -20.34 93.50
C TYR SA 118 4.06 -19.59 92.33
N LYS SA 119 3.54 -18.39 92.07
CA LYS SA 119 4.15 -17.49 91.10
C LYS SA 119 5.45 -16.91 91.62
N ASN SA 120 5.56 -16.72 92.94
CA ASN SA 120 6.76 -16.17 93.57
C ASN SA 120 7.10 -17.06 94.75
N TRP SA 121 7.91 -18.10 94.49
CA TRP SA 121 8.32 -19.03 95.53
C TRP SA 121 9.28 -18.39 96.50
N HIS SA 122 9.98 -17.33 96.07
CA HIS SA 122 10.99 -16.69 96.92
C HIS SA 122 10.34 -16.00 98.11
N LYS SA 123 9.31 -15.21 97.88
CA LYS SA 123 8.62 -14.51 98.94
C LYS SA 123 7.51 -15.34 99.58
N SER SA 124 7.24 -16.53 99.06
CA SER SA 124 6.22 -17.39 99.61
C SER SA 124 6.65 -17.92 100.97
N LYS SA 125 5.65 -18.27 101.78
CA LYS SA 125 5.89 -18.91 103.07
C LYS SA 125 5.70 -20.41 103.02
N LYS SA 126 5.53 -20.98 101.83
CA LYS SA 126 5.57 -22.43 101.60
C LYS SA 126 4.44 -23.13 102.36
N LYS SA 127 3.25 -22.55 102.33
CA LYS SA 127 2.13 -23.06 103.10
C LYS SA 127 1.25 -24.03 102.33
N ALA SA 128 1.56 -24.30 101.06
CA ALA SA 128 0.66 -25.13 100.25
C ALA SA 128 0.62 -26.56 100.76
N PHE SA 129 -0.59 -27.10 100.87
CA PHE SA 129 -0.87 -28.46 101.32
C PHE SA 129 -0.37 -28.75 102.73
N THR SA 130 -0.17 -27.71 103.55
CA THR SA 130 0.28 -27.97 104.92
C THR SA 130 -0.84 -28.52 105.78
N LYS SA 131 -2.08 -28.06 105.56
CA LYS SA 131 -3.21 -28.59 106.30
C LYS SA 131 -3.79 -29.83 105.63
N TYR SA 132 -3.68 -29.92 104.31
CA TYR SA 132 -4.19 -31.10 103.61
C TYR SA 132 -3.39 -32.35 103.98
N CYS SA 133 -2.07 -32.23 104.06
CA CYS SA 133 -1.25 -33.37 104.43
C CYS SA 133 -1.49 -33.82 105.86
N LYS SA 134 -2.13 -32.98 106.68
CA LYS SA 134 -2.40 -33.35 108.06
C LYS SA 134 -3.54 -34.35 108.19
N LYS SA 135 -4.42 -34.44 107.20
CA LYS SA 135 -5.54 -35.38 107.29
C LYS SA 135 -5.15 -36.79 106.87
N TRP SA 136 -3.91 -37.00 106.44
CA TRP SA 136 -3.41 -38.34 106.18
C TRP SA 136 -2.97 -39.04 107.46
N GLN SA 137 -2.98 -38.34 108.59
CA GLN SA 137 -2.49 -38.89 109.85
C GLN SA 137 -3.55 -38.97 110.94
N ASP SA 138 -4.51 -38.05 110.98
CA ASP SA 138 -5.52 -38.06 112.01
C ASP SA 138 -6.56 -39.15 111.73
N GLU SA 139 -7.61 -39.18 112.55
CA GLU SA 139 -8.60 -40.25 112.45
C GLU SA 139 -9.77 -39.87 111.55
N ASP SA 140 -10.37 -38.70 111.78
CA ASP SA 140 -11.51 -38.28 110.97
C ASP SA 140 -11.09 -38.00 109.54
N GLY SA 141 -9.92 -37.40 109.35
CA GLY SA 141 -9.45 -37.11 108.00
C GLY SA 141 -9.14 -38.37 107.21
N LYS SA 142 -8.53 -39.37 107.86
CA LYS SA 142 -8.22 -40.61 107.18
C LYS SA 142 -9.48 -41.35 106.77
N LYS SA 143 -10.50 -41.34 107.63
CA LYS SA 143 -11.78 -41.94 107.26
C LYS SA 143 -12.42 -41.20 106.10
N GLN SA 144 -12.26 -39.87 106.07
CA GLN SA 144 -12.78 -39.09 104.95
C GLN SA 144 -12.07 -39.44 103.65
N LEU SA 145 -10.76 -39.68 103.72
CA LEU SA 145 -10.01 -40.08 102.54
C LEU SA 145 -10.49 -41.43 102.01
N GLU SA 146 -10.85 -42.34 102.92
CA GLU SA 146 -11.40 -43.62 102.49
C GLU SA 146 -12.74 -43.44 101.79
N LYS SA 147 -13.56 -42.52 102.29
CA LYS SA 147 -14.84 -42.24 101.64
C LYS SA 147 -14.63 -41.66 100.24
N ASP SA 148 -13.60 -40.83 100.06
CA ASP SA 148 -13.32 -40.26 98.75
C ASP SA 148 -12.87 -41.34 97.77
N PHE SA 149 -12.09 -42.31 98.25
CA PHE SA 149 -11.64 -43.39 97.39
C PHE SA 149 -12.78 -44.33 97.05
N SER SA 150 -13.68 -44.57 98.00
CA SER SA 150 -14.83 -45.43 97.75
C SER SA 150 -15.80 -44.78 96.77
N SER SA 151 -16.04 -43.48 96.91
CA SER SA 151 -16.95 -42.79 96.01
C SER SA 151 -16.35 -42.66 94.61
N MET SA 152 -15.02 -42.53 94.53
CA MET SA 152 -14.35 -42.61 93.24
C MET SA 152 -14.48 -44.01 92.65
N LYS SA 153 -14.57 -45.03 93.51
CA LYS SA 153 -14.62 -46.40 93.04
C LYS SA 153 -15.99 -46.75 92.47
N LYS SA 154 -17.02 -45.99 92.81
CA LYS SA 154 -18.37 -46.34 92.42
C LYS SA 154 -19.05 -45.32 91.51
N TYR SA 155 -18.48 -44.12 91.37
CA TYR SA 155 -19.10 -43.09 90.55
C TYR SA 155 -18.23 -42.62 89.39
N CYS SA 156 -16.96 -43.01 89.34
CA CYS SA 156 -16.05 -42.50 88.33
C CYS SA 156 -15.88 -43.50 87.20
N GLN SA 157 -15.75 -42.98 85.98
CA GLN SA 157 -15.52 -43.78 84.79
C GLN SA 157 -14.04 -43.84 84.42
N VAL SA 158 -13.35 -42.70 84.41
CA VAL SA 158 -11.94 -42.63 84.11
C VAL SA 158 -11.23 -41.93 85.26
N ILE SA 159 -10.09 -42.47 85.67
CA ILE SA 159 -9.27 -41.82 86.70
C ILE SA 159 -7.93 -41.48 86.08
N ARG SA 160 -7.30 -40.46 86.63
CA ARG SA 160 -5.99 -40.00 86.19
C ARG SA 160 -5.11 -39.79 87.41
N VAL SA 161 -3.81 -39.71 87.19
CA VAL SA 161 -2.83 -39.48 88.25
C VAL SA 161 -2.11 -38.18 87.97
N ILE SA 162 -1.97 -37.34 88.99
CA ILE SA 162 -1.13 -36.17 88.88
C ILE SA 162 0.30 -36.64 89.07
N ALA SA 163 1.16 -36.34 88.11
CA ALA SA 163 2.57 -36.69 88.17
C ALA SA 163 3.39 -35.47 87.84
N HIS SA 164 4.54 -35.34 88.47
CA HIS SA 164 5.41 -34.20 88.25
C HIS SA 164 6.82 -34.67 87.93
N THR SA 165 7.54 -33.83 87.18
CA THR SA 165 8.91 -34.10 86.84
C THR SA 165 9.84 -33.69 87.98
N GLN SA 166 10.97 -34.36 88.06
CA GLN SA 166 12.00 -34.04 89.05
C GLN SA 166 12.98 -33.08 88.38
N MET SA 167 12.65 -31.78 88.45
CA MET SA 167 13.46 -30.77 87.77
C MET SA 167 14.85 -30.63 88.37
N ARG SA 168 15.06 -31.11 89.60
CA ARG SA 168 16.37 -31.01 90.22
C ARG SA 168 17.42 -31.87 89.51
N LEU SA 169 17.00 -32.90 88.79
CA LEU SA 169 17.92 -33.80 88.11
C LEU SA 169 18.32 -33.30 86.72
N LEU SA 170 17.74 -32.23 86.28
CA LEU SA 170 18.02 -31.65 84.98
C LEU SA 170 19.00 -30.49 85.10
N PRO SA 171 19.79 -30.20 84.06
CA PRO SA 171 20.76 -29.11 84.14
C PRO SA 171 20.17 -27.73 83.89
N LEU SA 172 18.85 -27.60 83.91
CA LEU SA 172 18.21 -26.35 83.52
C LEU SA 172 18.22 -25.35 84.67
N ARG SA 173 17.99 -24.08 84.32
CA ARG SA 173 17.81 -23.05 85.32
C ARG SA 173 16.56 -23.30 86.16
N GLN SA 174 15.48 -23.75 85.52
CA GLN SA 174 14.21 -23.90 86.19
C GLN SA 174 14.25 -25.00 87.25
N LYS SA 175 13.68 -24.70 88.41
CA LYS SA 175 13.51 -25.67 89.48
C LYS SA 175 12.06 -26.06 89.70
N LYS SA 176 11.11 -25.33 89.12
CA LYS SA 176 9.70 -25.57 89.32
C LYS SA 176 9.25 -26.76 88.48
N ALA SA 177 8.60 -27.73 89.12
CA ALA SA 177 8.25 -28.97 88.45
C ALA SA 177 7.03 -28.76 87.54
N HIS SA 178 6.88 -29.66 86.58
CA HIS SA 178 5.75 -29.65 85.66
C HIS SA 178 4.75 -30.72 86.06
N LEU SA 179 3.55 -30.29 86.41
CA LEU SA 179 2.47 -31.20 86.76
C LEU SA 179 1.71 -31.61 85.50
N MET SA 180 1.16 -32.82 85.52
CA MET SA 180 0.35 -33.29 84.41
C MET SA 180 -0.56 -34.41 84.89
N GLU SA 181 -1.75 -34.49 84.29
CA GLU SA 181 -2.67 -35.59 84.53
C GLU SA 181 -2.42 -36.67 83.49
N ILE SA 182 -2.18 -37.90 83.94
CA ILE SA 182 -1.96 -39.03 83.06
C ILE SA 182 -3.09 -40.03 83.29
N GLN SA 183 -3.86 -40.30 82.25
CA GLN SA 183 -4.99 -41.21 82.38
C GLN SA 183 -4.49 -42.64 82.60
N VAL SA 184 -5.15 -43.34 83.50
CA VAL SA 184 -4.87 -44.74 83.75
C VAL SA 184 -5.84 -45.58 82.93
N ASN SA 185 -5.31 -46.44 82.07
CA ASN SA 185 -6.11 -47.28 81.20
C ASN SA 185 -5.98 -48.74 81.59
N GLY SA 186 -6.84 -49.56 81.00
CA GLY SA 186 -6.69 -50.99 81.09
C GLY SA 186 -7.13 -51.63 82.39
N GLY SA 187 -8.41 -51.54 82.71
CA GLY SA 187 -8.92 -52.24 83.87
C GLY SA 187 -10.18 -51.58 84.39
N THR SA 188 -10.77 -52.22 85.39
CA THR SA 188 -11.91 -51.65 86.06
C THR SA 188 -11.48 -50.42 86.87
N VAL SA 189 -12.46 -49.61 87.24
CA VAL SA 189 -12.16 -48.41 88.02
C VAL SA 189 -11.62 -48.79 89.39
N ALA SA 190 -12.10 -49.89 89.97
CA ALA SA 190 -11.56 -50.37 91.22
C ALA SA 190 -10.11 -50.81 91.06
N GLU SA 191 -9.79 -51.50 89.97
CA GLU SA 191 -8.43 -52.01 89.78
C GLU SA 191 -7.45 -50.87 89.54
N LYS SA 192 -7.83 -49.91 88.69
CA LYS SA 192 -6.92 -48.81 88.39
C LYS SA 192 -6.78 -47.86 89.58
N LEU SA 193 -7.79 -47.83 90.46
CA LEU SA 193 -7.64 -47.05 91.68
C LEU SA 193 -6.72 -47.74 92.68
N ASP SA 194 -6.80 -49.07 92.77
CA ASP SA 194 -5.87 -49.80 93.62
C ASP SA 194 -4.44 -49.64 93.13
N TRP SA 195 -4.24 -49.71 91.81
CA TRP SA 195 -2.91 -49.51 91.24
C TRP SA 195 -2.42 -48.09 91.50
N ALA SA 196 -3.24 -47.10 91.17
CA ALA SA 196 -2.81 -45.71 91.29
C ALA SA 196 -2.60 -45.29 92.73
N ARG SA 197 -3.27 -45.96 93.67
CA ARG SA 197 -3.11 -45.59 95.08
C ARG SA 197 -1.79 -46.10 95.63
N GLU SA 198 -1.33 -47.26 95.19
CA GLU SA 198 -0.06 -47.79 95.67
C GLU SA 198 1.14 -47.24 94.91
N ARG SA 199 0.92 -46.45 93.86
CA ARG SA 199 1.98 -45.69 93.22
C ARG SA 199 2.06 -44.27 93.74
N LEU SA 200 1.29 -43.94 94.76
CA LEU SA 200 1.37 -42.61 95.36
C LEU SA 200 2.72 -42.41 96.01
N GLU SA 201 3.34 -41.27 95.71
CA GLU SA 201 4.69 -40.86 96.11
C GLU SA 201 5.77 -41.67 95.41
N GLN SA 202 5.41 -42.66 94.60
CA GLN SA 202 6.40 -43.53 93.97
C GLN SA 202 6.88 -42.93 92.66
N GLN SA 203 8.02 -43.44 92.19
CA GLN SA 203 8.62 -43.00 90.94
C GLN SA 203 8.24 -43.97 89.83
N VAL SA 204 7.74 -43.42 88.73
CA VAL SA 204 7.40 -44.19 87.54
C VAL SA 204 8.43 -43.84 86.47
N PRO SA 205 9.34 -44.73 86.12
CA PRO SA 205 10.31 -44.43 85.06
C PRO SA 205 9.65 -44.51 83.69
N VAL SA 206 10.39 -44.05 82.68
CA VAL SA 206 9.89 -44.10 81.32
C VAL SA 206 9.88 -45.52 80.78
N ASN SA 207 10.57 -46.45 81.46
CA ASN SA 207 10.54 -47.85 81.04
C ASN SA 207 9.15 -48.44 81.16
N GLN SA 208 8.43 -48.13 82.23
CA GLN SA 208 7.13 -48.74 82.48
C GLN SA 208 6.04 -48.20 81.58
N VAL SA 209 6.20 -46.99 81.05
CA VAL SA 209 5.19 -46.40 80.19
C VAL SA 209 5.38 -46.80 78.73
N PHE SA 210 6.58 -46.59 78.20
CA PHE SA 210 6.86 -46.83 76.79
C PHE SA 210 7.84 -47.99 76.63
N GLY SA 211 7.80 -48.59 75.44
CA GLY SA 211 8.65 -49.72 75.14
C GLY SA 211 9.49 -49.45 73.91
N GLN SA 212 10.37 -50.41 73.61
CA GLN SA 212 11.25 -50.31 72.45
C GLN SA 212 10.44 -50.35 71.16
N ASP SA 213 10.93 -49.60 70.17
CA ASP SA 213 10.43 -49.53 68.79
C ASP SA 213 8.91 -49.58 68.69
N GLU SA 214 8.28 -48.64 69.37
CA GLU SA 214 6.85 -48.40 69.21
C GLU SA 214 6.63 -46.96 68.78
N MET SA 215 5.49 -46.73 68.13
CA MET SA 215 5.13 -45.41 67.63
C MET SA 215 4.30 -44.68 68.67
N ILE SA 216 4.77 -43.51 69.08
CA ILE SA 216 4.06 -42.69 70.06
C ILE SA 216 3.76 -41.33 69.44
N ASP SA 217 3.09 -40.47 70.19
CA ASP SA 217 2.74 -39.14 69.73
C ASP SA 217 3.41 -38.11 70.64
N VAL SA 218 3.94 -37.05 70.05
CA VAL SA 218 4.64 -36.01 70.79
C VAL SA 218 3.83 -34.73 70.70
N ILE SA 219 3.49 -34.19 71.86
CA ILE SA 219 2.64 -33.01 71.98
C ILE SA 219 3.44 -31.91 72.66
N GLY SA 220 3.53 -30.76 72.01
CA GLY SA 220 4.29 -29.67 72.60
C GLY SA 220 3.99 -28.37 71.89
N VAL SA 221 4.81 -27.37 72.20
CA VAL SA 221 4.70 -26.04 71.62
C VAL SA 221 5.92 -25.81 70.75
N THR SA 222 5.70 -25.32 69.53
CA THR SA 222 6.78 -25.13 68.59
C THR SA 222 7.63 -23.92 68.97
N LYS SA 223 8.70 -23.73 68.21
CA LYS SA 223 9.59 -22.59 68.44
C LYS SA 223 8.88 -21.30 68.08
N GLY SA 224 8.93 -20.33 68.99
CA GLY SA 224 8.37 -19.03 68.70
C GLY SA 224 9.25 -18.26 67.73
N LYS SA 225 8.60 -17.55 66.81
CA LYS SA 225 9.30 -16.77 65.81
C LYS SA 225 8.91 -15.31 65.83
N GLY SA 226 8.06 -14.89 66.76
CA GLY SA 226 7.65 -13.52 66.85
C GLY SA 226 6.63 -13.16 65.79
N TYR SA 227 6.36 -11.87 65.71
CA TYR SA 227 5.49 -11.34 64.66
C TYR SA 227 6.15 -11.59 63.31
N LYS SA 228 5.35 -11.95 62.31
CA LYS SA 228 5.89 -12.30 61.01
C LYS SA 228 4.94 -11.84 59.92
N GLY SA 229 5.50 -11.58 58.74
CA GLY SA 229 4.70 -11.18 57.59
C GLY SA 229 4.10 -12.38 56.89
N VAL SA 230 3.38 -12.08 55.81
CA VAL SA 230 2.62 -13.13 55.15
C VAL SA 230 3.54 -14.07 54.37
N THR SA 231 4.72 -13.60 53.96
CA THR SA 231 5.61 -14.46 53.18
C THR SA 231 6.28 -15.51 54.06
N SER SA 232 6.49 -15.20 55.33
CA SER SA 232 7.07 -16.18 56.24
C SER SA 232 6.01 -16.96 57.01
N ARG SA 233 4.90 -16.31 57.38
CA ARG SA 233 3.84 -16.98 58.12
C ARG SA 233 3.07 -17.95 57.25
N TRP SA 234 2.70 -17.54 56.04
CA TRP SA 234 1.85 -18.34 55.17
C TRP SA 234 2.53 -18.81 53.90
N HIS SA 235 3.77 -18.39 53.66
CA HIS SA 235 4.58 -18.82 52.51
C HIS SA 235 3.87 -18.52 51.19
N THR SA 236 3.33 -17.30 51.09
CA THR SA 236 2.73 -16.85 49.85
C THR SA 236 3.82 -16.40 48.88
N LYS SA 237 3.42 -16.18 47.63
CA LYS SA 237 4.35 -15.79 46.60
C LYS SA 237 4.83 -14.36 46.81
N LYS SA 238 6.14 -14.15 46.74
CA LYS SA 238 6.68 -12.80 46.82
C LYS SA 238 6.35 -12.03 45.55
N LEU SA 239 5.93 -10.79 45.73
CA LEU SA 239 5.56 -9.94 44.62
C LEU SA 239 6.82 -9.47 43.88
N PRO SA 240 6.68 -9.02 42.64
CA PRO SA 240 7.85 -8.64 41.84
C PRO SA 240 8.63 -7.49 42.45
N ARG SA 241 9.84 -7.30 41.94
CA ARG SA 241 10.75 -6.29 42.43
C ARG SA 241 10.22 -4.87 42.20
N LYS SA 242 9.36 -4.68 41.21
CA LYS SA 242 8.88 -3.35 40.85
C LYS SA 242 7.73 -2.85 41.72
N THR SA 243 7.29 -3.64 42.70
CA THR SA 243 6.15 -3.24 43.51
C THR SA 243 6.48 -2.02 44.36
N HIS SA 244 5.51 -1.10 44.45
CA HIS SA 244 5.75 0.19 45.10
C HIS SA 244 5.78 0.06 46.61
N ARG SA 245 4.67 -0.37 47.22
CA ARG SA 245 4.58 -0.37 48.68
C ARG SA 245 5.30 -1.54 49.32
N GLY SA 246 5.79 -2.49 48.54
CA GLY SA 246 6.48 -3.64 49.09
C GLY SA 246 6.02 -4.95 48.49
N LEU SA 247 6.93 -5.93 48.47
CA LEU SA 247 6.71 -7.17 47.77
C LEU SA 247 6.42 -8.36 48.69
N ARG SA 248 6.74 -8.25 49.97
CA ARG SA 248 6.42 -9.31 50.93
C ARG SA 248 5.02 -9.16 51.49
N LYS SA 249 4.04 -9.05 50.59
CA LYS SA 249 2.66 -8.84 50.97
C LYS SA 249 1.77 -9.71 50.08
N VAL SA 250 0.52 -9.84 50.49
CA VAL SA 250 -0.51 -10.44 49.65
C VAL SA 250 -1.19 -9.33 48.87
N ALA SA 251 -1.23 -9.47 47.55
CA ALA SA 251 -1.66 -8.36 46.71
C ALA SA 251 -3.15 -8.07 46.88
N CYS SA 252 -3.99 -9.08 46.80
CA CYS SA 252 -5.43 -8.92 46.97
C CYS SA 252 -5.88 -9.68 48.20
N ILE SA 253 -6.53 -8.97 49.12
CA ILE SA 253 -7.03 -9.59 50.35
C ILE SA 253 -8.54 -9.81 50.28
N GLY SA 254 -9.11 -9.83 49.09
CA GLY SA 254 -10.52 -10.13 48.92
C GLY SA 254 -11.10 -9.35 47.78
N ALA SA 255 -12.22 -9.86 47.26
CA ALA SA 255 -12.94 -9.17 46.21
C ALA SA 255 -13.73 -7.99 46.80
N TRP SA 256 -14.36 -7.23 45.91
CA TRP SA 256 -15.22 -6.13 46.37
C TRP SA 256 -16.36 -6.67 47.22
N HIS SA 257 -16.94 -7.79 46.84
CA HIS SA 257 -17.93 -8.43 47.68
C HIS SA 257 -17.47 -9.84 48.03
N PRO SA 258 -17.70 -10.31 49.27
CA PRO SA 258 -18.61 -9.83 50.33
C PRO SA 258 -18.26 -8.58 51.14
N ALA SA 259 -17.46 -7.62 50.65
CA ALA SA 259 -17.23 -6.32 51.31
C ALA SA 259 -16.60 -6.46 52.68
N ARG SA 260 -15.93 -7.57 52.92
CA ARG SA 260 -15.22 -7.81 54.18
C ARG SA 260 -13.99 -8.64 53.87
N VAL SA 261 -13.05 -8.64 54.79
CA VAL SA 261 -11.88 -9.51 54.70
C VAL SA 261 -12.22 -10.84 55.33
N ALA SA 262 -11.99 -11.92 54.61
CA ALA SA 262 -12.37 -13.23 55.11
C ALA SA 262 -11.30 -13.77 56.06
N PHE SA 263 -11.73 -14.72 56.89
CA PHE SA 263 -10.83 -15.41 57.81
C PHE SA 263 -9.83 -16.31 57.08
N SER SA 264 -10.05 -16.58 55.81
CA SER SA 264 -9.21 -17.49 55.03
C SER SA 264 -8.11 -16.77 54.27
N VAL SA 265 -7.97 -15.47 54.46
CA VAL SA 265 -6.96 -14.69 53.76
C VAL SA 265 -5.69 -14.64 54.60
N ALA SA 266 -4.54 -14.81 53.96
CA ALA SA 266 -3.27 -14.82 54.67
C ALA SA 266 -2.93 -13.41 55.12
N ARG SA 267 -2.65 -13.25 56.41
CA ARG SA 267 -2.32 -11.94 56.96
C ARG SA 267 -1.21 -12.08 57.98
N ALA SA 268 -0.52 -10.98 58.22
CA ALA SA 268 0.65 -10.98 59.10
C ALA SA 268 0.24 -11.04 60.55
N GLY SA 269 1.04 -11.75 61.34
CA GLY SA 269 0.75 -11.91 62.76
C GLY SA 269 1.75 -12.84 63.40
N GLN SA 270 1.40 -13.32 64.59
CA GLN SA 270 2.30 -14.19 65.34
C GLN SA 270 2.57 -15.48 64.58
N LYS SA 271 3.84 -15.84 64.47
CA LYS SA 271 4.27 -17.10 63.88
C LYS SA 271 5.08 -17.88 64.90
N GLY SA 272 4.84 -19.18 64.98
CA GLY SA 272 5.52 -20.01 65.94
C GLY SA 272 4.86 -19.96 67.29
N TYR SA 273 5.42 -20.76 68.21
CA TYR SA 273 4.87 -20.94 69.55
C TYR SA 273 3.41 -21.38 69.50
N HIS SA 274 3.14 -22.35 68.64
CA HIS SA 274 1.82 -22.93 68.49
C HIS SA 274 1.80 -24.31 69.13
N HIS SA 275 0.65 -24.66 69.70
CA HIS SA 275 0.48 -25.99 70.26
C HIS SA 275 0.22 -26.98 69.14
N ARG SA 276 1.03 -28.03 69.07
CA ARG SA 276 0.96 -28.99 67.98
C ARG SA 276 1.13 -30.40 68.53
N THR SA 277 0.50 -31.36 67.86
CA THR SA 277 0.73 -32.78 68.12
C THR SA 277 1.20 -33.44 66.84
N GLU SA 278 2.19 -34.32 66.96
CA GLU SA 278 2.68 -35.11 65.85
C GLU SA 278 2.60 -36.58 66.23
N ILE SA 279 2.04 -37.39 65.34
CA ILE SA 279 1.80 -38.78 65.63
C ILE SA 279 2.86 -39.63 64.92
N ASN SA 280 2.96 -40.89 65.35
CA ASN SA 280 3.81 -41.90 64.73
C ASN SA 280 5.29 -41.49 64.75
N LYS SA 281 5.81 -41.33 65.96
CA LYS SA 281 7.23 -41.10 66.21
C LYS SA 281 7.79 -42.34 66.88
N LYS SA 282 8.69 -43.04 66.19
CA LYS SA 282 9.18 -44.32 66.67
C LYS SA 282 10.25 -44.12 67.73
N ILE SA 283 10.29 -45.03 68.70
CA ILE SA 283 11.26 -44.98 69.78
C ILE SA 283 12.42 -45.90 69.39
N TYR SA 284 13.51 -45.31 68.91
CA TYR SA 284 14.66 -46.13 68.55
C TYR SA 284 15.43 -46.64 69.76
N LYS SA 285 15.29 -46.02 70.92
CA LYS SA 285 16.07 -46.44 72.09
C LYS SA 285 15.48 -45.79 73.34
N ILE SA 286 15.56 -46.53 74.45
CA ILE SA 286 15.29 -46.00 75.79
C ILE SA 286 16.60 -46.14 76.56
N GLY SA 287 17.25 -45.01 76.84
CA GLY SA 287 18.52 -45.03 77.52
C GLY SA 287 18.38 -45.34 79.00
N GLN SA 288 19.48 -45.83 79.58
CA GLN SA 288 19.45 -46.31 80.95
C GLN SA 288 19.79 -45.25 81.98
N GLY SA 289 20.41 -44.15 81.57
CA GLY SA 289 20.82 -43.12 82.51
C GLY SA 289 22.05 -43.51 83.29
N TYR SA 290 22.63 -42.52 83.95
CA TYR SA 290 23.86 -42.76 84.70
C TYR SA 290 23.56 -43.55 85.96
N LEU SA 291 24.43 -44.50 86.26
CA LEU SA 291 24.30 -45.37 87.43
C LEU SA 291 25.63 -45.40 88.18
N ILE SA 292 25.59 -45.92 89.39
CA ILE SA 292 26.78 -46.17 90.18
C ILE SA 292 26.57 -47.49 90.92
N LYS SA 293 27.33 -48.51 90.54
CA LYS SA 293 27.40 -49.75 91.31
C LYS SA 293 28.70 -49.88 92.06
N ASP SA 294 29.83 -49.78 91.37
CA ASP SA 294 31.13 -49.55 91.98
C ASP SA 294 31.79 -48.28 91.48
N GLY SA 295 31.74 -48.03 90.18
CA GLY SA 295 32.17 -46.78 89.60
C GLY SA 295 31.00 -46.09 88.92
N LYS SA 296 31.27 -45.02 88.18
CA LYS SA 296 30.20 -44.29 87.48
C LYS SA 296 29.98 -44.96 86.13
N LEU SA 297 28.84 -45.64 86.00
CA LEU SA 297 28.51 -46.39 84.79
C LEU SA 297 27.83 -45.47 83.78
N ILE SA 298 28.49 -45.22 82.65
CA ILE SA 298 28.07 -44.21 81.70
C ILE SA 298 27.90 -44.87 80.34
N LYS SA 299 28.43 -46.09 80.21
CA LYS SA 299 28.61 -46.72 78.90
C LYS SA 299 27.29 -46.95 78.18
N ASN SA 300 26.27 -47.44 78.89
CA ASN SA 300 25.08 -47.99 78.26
C ASN SA 300 24.24 -46.96 77.53
N ASN SA 301 24.53 -45.67 77.66
CA ASN SA 301 23.70 -44.66 77.02
C ASN SA 301 23.82 -44.71 75.51
N ALA SA 302 25.05 -44.75 74.98
CA ALA SA 302 25.26 -44.74 73.54
C ALA SA 302 26.21 -45.82 73.09
N SER SA 303 26.24 -46.95 73.79
CA SER SA 303 27.06 -48.09 73.41
C SER SA 303 26.15 -49.14 72.77
N THR SA 304 26.13 -49.18 71.45
CA THR SA 304 25.42 -50.24 70.76
C THR SA 304 26.24 -51.52 70.79
N ASP SA 305 25.56 -52.64 70.55
CA ASP SA 305 26.24 -53.93 70.57
C ASP SA 305 27.23 -54.10 69.44
N TYR SA 306 27.19 -53.24 68.41
CA TYR SA 306 28.22 -53.24 67.38
C TYR SA 306 29.34 -52.28 67.70
N ASP SA 307 29.08 -51.20 68.43
CA ASP SA 307 30.11 -50.22 68.77
C ASP SA 307 31.02 -50.72 69.87
N LEU SA 308 30.44 -51.08 71.02
CA LEU SA 308 31.18 -51.51 72.20
C LEU SA 308 32.17 -50.46 72.66
N SER SA 309 31.77 -49.19 72.55
CA SER SA 309 32.58 -48.07 72.99
C SER SA 309 31.97 -47.45 74.24
N ASP SA 310 32.80 -47.19 75.24
CA ASP SA 310 32.37 -46.61 76.51
C ASP SA 310 32.12 -45.13 76.28
N LYS SA 311 30.89 -44.79 75.91
CA LYS SA 311 30.52 -43.40 75.71
C LYS SA 311 29.03 -43.24 75.95
N SER SA 312 28.63 -42.02 76.27
CA SER SA 312 27.24 -41.70 76.56
C SER SA 312 26.60 -40.98 75.38
N ILE SA 313 25.31 -40.70 75.52
CA ILE SA 313 24.56 -40.00 74.50
C ILE SA 313 25.03 -38.56 74.36
N ASN SA 314 25.77 -38.06 75.34
CA ASN SA 314 26.24 -36.69 75.32
C ASN SA 314 27.24 -36.50 74.19
N PRO SA 315 27.08 -35.49 73.34
CA PRO SA 315 28.08 -35.20 72.31
C PRO SA 315 29.36 -34.71 72.94
N LEU SA 316 30.37 -34.54 72.09
CA LEU SA 316 31.66 -34.05 72.54
C LEU SA 316 31.54 -32.57 72.91
N GLY SA 317 31.62 -32.27 74.20
CA GLY SA 317 31.41 -30.92 74.66
C GLY SA 317 30.00 -30.61 75.10
N GLY SA 318 29.14 -31.60 75.23
CA GLY SA 318 27.80 -31.41 75.74
C GLY SA 318 26.81 -31.00 74.65
N PHE SA 319 25.54 -31.22 74.94
CA PHE SA 319 24.47 -30.76 74.05
C PHE SA 319 24.48 -29.24 74.00
N VAL SA 320 24.38 -28.69 72.79
CA VAL SA 320 24.41 -27.24 72.63
C VAL SA 320 23.11 -26.65 73.17
N HIS SA 321 23.26 -25.61 74.01
CA HIS SA 321 22.16 -24.85 74.60
C HIS SA 321 21.32 -25.66 75.58
N TYR SA 322 21.68 -26.90 75.87
CA TYR SA 322 20.88 -27.71 76.78
C TYR SA 322 21.62 -28.06 78.07
N GLY SA 323 22.76 -28.72 77.97
CA GLY SA 323 23.42 -29.23 79.16
C GLY SA 323 23.84 -30.67 78.94
N GLU SA 324 24.00 -31.39 80.05
CA GLU SA 324 24.44 -32.78 80.05
C GLU SA 324 23.27 -33.68 80.42
N VAL SA 325 23.03 -34.70 79.62
CA VAL SA 325 21.95 -35.65 79.85
C VAL SA 325 22.45 -36.73 80.79
N THR SA 326 21.86 -36.80 81.98
CA THR SA 326 22.28 -37.72 83.03
C THR SA 326 21.24 -38.78 83.36
N ASN SA 327 19.97 -38.49 83.15
CA ASN SA 327 18.91 -39.42 83.50
C ASN SA 327 18.59 -40.31 82.31
N ASP SA 328 17.48 -41.05 82.39
CA ASP SA 328 17.01 -41.83 81.26
C ASP SA 328 16.60 -40.90 80.13
N PHE SA 329 16.51 -41.46 78.93
CA PHE SA 329 16.10 -40.67 77.78
C PHE SA 329 15.40 -41.56 76.77
N VAL SA 330 14.62 -40.93 75.90
CA VAL SA 330 13.95 -41.61 74.80
C VAL SA 330 14.47 -41.03 73.50
N MET SA 331 14.98 -41.89 72.63
CA MET SA 331 15.55 -41.48 71.35
C MET SA 331 14.47 -41.66 70.29
N LEU SA 332 13.70 -40.60 70.07
CA LEU SA 332 12.71 -40.59 69.02
C LEU SA 332 13.37 -40.50 67.65
N LYS SA 333 12.61 -40.79 66.60
CA LYS SA 333 13.09 -40.72 65.24
C LYS SA 333 12.60 -39.46 64.57
N GLY SA 334 13.52 -38.70 63.98
CA GLY SA 334 13.18 -37.49 63.27
C GLY SA 334 13.20 -36.27 64.18
N CYS SA 335 12.52 -35.22 63.73
CA CYS SA 335 12.46 -33.97 64.47
C CYS SA 335 11.23 -33.93 65.35
N VAL SA 336 11.27 -33.04 66.34
CA VAL SA 336 10.20 -32.89 67.32
C VAL SA 336 10.02 -31.40 67.58
N VAL SA 337 8.77 -30.96 67.76
CA VAL SA 337 8.48 -29.55 67.97
C VAL SA 337 9.19 -29.02 69.21
N GLY SA 338 9.45 -27.73 69.20
CA GLY SA 338 9.97 -27.04 70.36
C GLY SA 338 11.47 -26.74 70.24
N THR SA 339 11.91 -25.79 71.05
CA THR SA 339 13.31 -25.45 71.14
C THR SA 339 14.03 -26.49 72.00
N LYS SA 340 15.29 -26.24 72.31
CA LYS SA 340 15.98 -27.05 73.29
C LYS SA 340 15.38 -26.79 74.67
N LYS SA 341 15.58 -27.76 75.57
CA LYS SA 341 14.98 -27.84 76.91
C LYS SA 341 13.52 -27.42 76.93
N ARG SA 342 12.76 -27.80 75.91
CA ARG SA 342 11.33 -27.57 75.88
C ARG SA 342 10.61 -28.82 76.36
N VAL SA 343 9.66 -28.63 77.27
CA VAL SA 343 8.94 -29.76 77.86
C VAL SA 343 7.97 -30.34 76.83
N LEU SA 344 8.04 -31.66 76.65
CA LEU SA 344 7.24 -32.36 75.66
C LEU SA 344 6.41 -33.42 76.34
N THR SA 345 5.20 -33.62 75.84
CA THR SA 345 4.33 -34.70 76.29
C THR SA 345 4.45 -35.86 75.31
N LEU SA 346 4.67 -37.05 75.82
CA LEU SA 346 4.74 -38.27 75.02
C LEU SA 346 3.52 -39.11 75.35
N ARG SA 347 2.75 -39.46 74.33
CA ARG SA 347 1.46 -40.11 74.50
C ARG SA 347 1.42 -41.40 73.70
N LYS SA 348 0.76 -42.41 74.25
CA LYS SA 348 0.52 -43.63 73.51
C LYS SA 348 -0.31 -43.32 72.27
N SER SA 349 0.01 -44.02 71.18
CA SER SA 349 -0.68 -43.77 69.91
C SER SA 349 -2.15 -44.14 70.03
N LEU SA 350 -3.03 -43.24 69.57
CA LEU SA 350 -4.46 -43.52 69.58
C LEU SA 350 -4.82 -44.58 68.56
N LEU SA 351 -4.04 -44.69 67.49
CA LEU SA 351 -4.36 -45.59 66.39
C LEU SA 351 -3.93 -47.02 66.72
N VAL SA 352 -4.20 -47.92 65.79
CA VAL SA 352 -3.75 -49.30 65.87
C VAL SA 352 -2.64 -49.47 64.83
N GLN SA 353 -1.44 -49.79 65.30
CA GLN SA 353 -0.28 -49.86 64.42
C GLN SA 353 -0.23 -51.24 63.76
N THR SA 354 -0.53 -51.28 62.46
CA THR SA 354 -0.48 -52.52 61.69
C THR SA 354 0.44 -52.46 60.49
N LYS SA 355 0.84 -51.27 60.04
CA LYS SA 355 1.69 -51.15 58.87
C LYS SA 355 3.08 -51.71 59.15
N ARG SA 356 3.81 -52.01 58.07
CA ARG SA 356 5.14 -52.59 58.22
C ARG SA 356 6.14 -51.55 58.69
N ARG SA 357 5.89 -50.26 58.41
CA ARG SA 357 6.78 -49.21 58.93
C ARG SA 357 6.74 -49.19 60.45
N ALA SA 358 5.55 -49.30 61.03
CA ALA SA 358 5.43 -49.58 62.45
C ALA SA 358 5.73 -51.05 62.71
N LEU SA 359 5.78 -51.40 64.00
CA LEU SA 359 6.07 -52.77 64.48
C LEU SA 359 7.31 -53.37 63.80
N GLU SA 360 8.25 -52.52 63.41
CA GLU SA 360 9.50 -52.94 62.81
C GLU SA 360 10.60 -52.79 63.86
N LYS SA 361 11.30 -53.87 64.15
CA LYS SA 361 12.30 -53.85 65.21
C LYS SA 361 13.50 -53.02 64.80
N ILE SA 362 13.97 -52.18 65.71
CA ILE SA 362 15.06 -51.24 65.44
C ILE SA 362 16.30 -51.74 66.15
N ASP SA 363 17.38 -51.91 65.38
CA ASP SA 363 18.65 -52.41 65.90
C ASP SA 363 19.75 -51.40 65.55
N LEU SA 364 20.10 -50.56 66.51
CA LEU SA 364 21.10 -49.53 66.26
C LEU SA 364 22.49 -50.16 66.13
N LYS SA 365 23.24 -49.69 65.14
CA LYS SA 365 24.63 -50.10 64.94
C LYS SA 365 25.62 -49.05 65.41
N PHE SA 366 25.24 -47.78 65.44
CA PHE SA 366 26.17 -46.71 65.76
C PHE SA 366 25.37 -45.48 66.16
N ILE SA 367 25.86 -44.76 67.16
CA ILE SA 367 25.26 -43.51 67.61
C ILE SA 367 26.32 -42.43 67.54
N ASP SA 368 26.05 -41.39 66.76
CA ASP SA 368 27.02 -40.32 66.59
C ASP SA 368 27.10 -39.47 67.84
N THR SA 369 28.33 -39.16 68.27
CA THR SA 369 28.55 -38.34 69.44
C THR SA 369 29.62 -37.28 69.19
N THR SA 370 29.80 -36.88 67.93
CA THR SA 370 30.70 -35.79 67.63
C THR SA 370 30.13 -34.48 68.15
N SER SA 371 30.98 -33.46 68.21
CA SER SA 371 30.55 -32.17 68.73
C SER SA 371 29.56 -31.53 67.78
N LYS SA 372 28.42 -31.12 68.33
CA LYS SA 372 27.43 -30.36 67.56
C LYS SA 372 27.66 -28.86 67.67
N PHE SA 373 28.61 -28.43 68.49
CA PHE SA 373 28.99 -27.03 68.62
C PHE SA 373 30.02 -26.63 67.58
N GLY SA 374 29.75 -26.96 66.32
CA GLY SA 374 30.68 -26.80 65.23
C GLY SA 374 30.76 -28.08 64.43
N HIS SA 375 31.72 -28.14 63.51
CA HIS SA 375 31.94 -29.34 62.71
C HIS SA 375 32.78 -30.32 63.53
N GLY SA 376 32.10 -31.05 64.40
CA GLY SA 376 32.79 -32.06 65.20
C GLY SA 376 33.30 -33.20 64.34
N ARG SA 377 34.46 -33.73 64.73
CA ARG SA 377 35.08 -34.79 63.96
C ARG SA 377 35.67 -35.89 64.83
N PHE SA 378 35.39 -35.89 66.12
CA PHE SA 378 35.85 -36.95 67.02
C PHE SA 378 34.66 -37.44 67.85
N GLN SA 379 34.62 -38.75 68.10
CA GLN SA 379 33.49 -39.31 68.81
C GLN SA 379 33.66 -39.21 70.32
N THR SA 380 34.87 -39.40 70.82
CA THR SA 380 35.13 -39.38 72.25
C THR SA 380 36.36 -38.54 72.56
N MET SA 381 36.50 -38.21 73.84
CA MET SA 381 37.71 -37.52 74.30
C MET SA 381 38.94 -38.38 74.08
N GLU SA 382 38.82 -39.68 74.36
CA GLU SA 382 39.97 -40.58 74.26
C GLU SA 382 40.42 -40.72 72.82
N GLU SA 383 39.48 -40.80 71.88
CA GLU SA 383 39.84 -40.86 70.48
C GLU SA 383 40.52 -39.59 70.01
N LYS SA 384 40.04 -38.43 70.48
CA LYS SA 384 40.66 -37.16 70.12
C LYS SA 384 42.08 -37.06 70.65
N LYS SA 385 42.29 -37.48 71.90
CA LYS SA 385 43.64 -37.43 72.47
C LYS SA 385 44.57 -38.41 71.79
N ALA SA 386 44.05 -39.58 71.41
CA ALA SA 386 44.90 -40.56 70.73
C ALA SA 386 45.28 -40.10 69.33
N PHE SA 387 44.35 -39.46 68.63
CA PHE SA 387 44.63 -39.01 67.27
C PHE SA 387 45.65 -37.88 67.26
N MET SA 388 45.45 -36.86 68.09
CA MET SA 388 46.29 -35.68 68.06
C MET SA 388 47.57 -35.81 68.87
N GLY SA 389 47.58 -36.67 69.89
CA GLY SA 389 48.72 -36.79 70.75
C GLY SA 389 48.78 -35.66 71.75
N PRO SA 390 49.88 -35.55 72.49
CA PRO SA 390 50.01 -34.50 73.49
C PRO SA 390 50.10 -33.11 72.84
N LEU SA 391 49.61 -32.12 73.58
CA LEU SA 391 49.61 -30.74 73.14
C LEU SA 391 50.53 -29.92 74.04
N LYS SA 392 50.61 -28.62 73.76
CA LYS SA 392 51.45 -27.73 74.56
C LYS SA 392 50.90 -27.59 75.97
N LYS SA 393 49.58 -27.56 76.12
CA LYS SA 393 48.98 -27.41 77.45
C LYS SA 393 49.29 -28.62 78.32
N ASP SA 394 49.32 -29.82 77.72
CA ASP SA 394 49.65 -31.01 78.49
C ASP SA 394 51.15 -31.11 78.73
N ARG SA 395 51.95 -30.62 77.77
CA ARG SA 395 53.40 -30.65 77.94
C ARG SA 395 53.83 -29.79 79.11
N ILE SA 396 53.22 -28.61 79.28
CA ILE SA 396 53.52 -27.78 80.42
C ILE SA 396 52.80 -28.29 81.67
N ALA SA 397 51.71 -29.04 81.50
CA ALA SA 397 51.01 -29.59 82.66
C ALA SA 397 51.89 -30.60 83.39
N LYS SA 398 52.60 -31.45 82.63
CA LYS SA 398 53.51 -32.41 83.25
C LYS SA 398 54.78 -31.73 83.74
N GLU SA 399 55.10 -30.54 83.21
CA GLU SA 399 56.30 -29.83 83.65
C GLU SA 399 56.06 -29.10 84.96
N GLU SA 400 54.91 -28.43 85.10
CA GLU SA 400 54.63 -27.68 86.32
C GLU SA 400 54.24 -28.58 87.48
N GLY SA 401 53.56 -29.68 87.21
CA GLY SA 401 53.10 -30.58 88.24
C GLY SA 401 53.89 -31.85 88.43
N ALA SA 402 54.93 -32.07 87.61
CA ALA SA 402 55.78 -33.26 87.67
C ALA SA 402 54.96 -34.56 87.56
N MET TA 1 -78.20 69.96 67.82
CA MET TA 1 -76.95 70.38 68.43
C MET TA 1 -76.09 71.17 67.45
N ALA TA 2 -76.06 70.71 66.20
CA ALA TA 2 -75.21 71.34 65.19
C ALA TA 2 -75.65 72.76 64.89
N CYS TA 3 -76.96 72.99 64.79
CA CYS TA 3 -77.48 74.31 64.46
C CYS TA 3 -77.52 75.26 65.65
N ALA TA 4 -77.20 74.78 66.84
CA ALA TA 4 -77.21 75.60 68.06
C ALA TA 4 -75.77 75.87 68.48
N ARG TA 5 -75.45 77.14 68.71
CA ARG TA 5 -74.11 77.54 69.13
C ARG TA 5 -74.21 78.27 70.46
N PRO TA 6 -73.71 77.69 71.55
CA PRO TA 6 -73.86 78.34 72.86
C PRO TA 6 -72.95 79.53 73.03
N LEU TA 7 -73.05 80.19 74.19
CA LEU TA 7 -72.23 81.36 74.50
C LEU TA 7 -71.16 80.95 75.50
N ILE TA 8 -69.91 81.32 75.21
CA ILE TA 8 -68.76 81.00 76.04
C ILE TA 8 -68.31 82.27 76.74
N SER TA 9 -68.26 82.22 78.06
CA SER TA 9 -67.75 83.34 78.83
C SER TA 9 -66.25 83.48 78.65
N VAL TA 10 -65.78 84.72 78.63
CA VAL TA 10 -64.36 85.03 78.55
C VAL TA 10 -63.86 85.27 79.97
N TYR TA 11 -62.75 84.63 80.32
CA TYR TA 11 -62.26 84.62 81.69
C TYR TA 11 -61.09 85.59 81.81
N SER TA 12 -61.14 86.43 82.84
CA SER TA 12 -60.09 87.41 83.09
C SER TA 12 -58.82 86.71 83.57
N GLU TA 13 -57.75 87.49 83.66
CA GLU TA 13 -56.47 86.98 84.15
C GLU TA 13 -56.52 86.58 85.62
N LYS TA 14 -57.54 87.02 86.37
CA LYS TA 14 -57.72 86.58 87.74
C LYS TA 14 -58.40 85.23 87.84
N GLY TA 15 -58.85 84.65 86.72
CA GLY TA 15 -59.41 83.33 86.69
C GLY TA 15 -60.92 83.28 86.64
N GLU TA 16 -61.61 84.37 86.99
CA GLU TA 16 -63.06 84.41 86.98
C GLU TA 16 -63.58 85.09 85.73
N SER TA 17 -64.85 84.82 85.42
CA SER TA 17 -65.45 85.33 84.20
C SER TA 17 -65.58 86.85 84.24
N SER TA 18 -65.30 87.49 83.11
CA SER TA 18 -65.35 88.94 83.00
C SER TA 18 -66.71 89.46 82.54
N GLY TA 19 -67.68 88.57 82.33
CA GLY TA 19 -69.00 88.98 81.89
C GLY TA 19 -69.17 89.10 80.39
N LYS TA 20 -68.10 88.97 79.62
CA LYS TA 20 -68.19 88.99 78.17
C LYS TA 20 -68.44 87.57 77.65
N ASN TA 21 -69.16 87.49 76.54
CA ASN TA 21 -69.49 86.21 75.93
C ASN TA 21 -69.18 86.25 74.44
N VAL TA 22 -68.70 85.12 73.93
CA VAL TA 22 -68.50 84.93 72.50
C VAL TA 22 -69.29 83.70 72.09
N THR TA 23 -70.11 83.84 71.05
CA THR TA 23 -70.82 82.69 70.52
C THR TA 23 -69.82 81.69 69.96
N LEU TA 24 -70.11 80.41 70.13
CA LEU TA 24 -69.20 79.35 69.73
C LEU TA 24 -68.99 79.40 68.23
N PRO TA 25 -67.76 79.49 67.75
CA PRO TA 25 -67.53 79.44 66.29
C PRO TA 25 -68.00 78.12 65.72
N ALA TA 26 -68.51 78.18 64.49
CA ALA TA 26 -69.11 77.00 63.89
C ALA TA 26 -68.09 75.90 63.63
N VAL TA 27 -66.79 76.22 63.64
CA VAL TA 27 -65.77 75.20 63.42
C VAL TA 27 -65.73 74.21 64.57
N PHE TA 28 -66.24 74.59 65.75
CA PHE TA 28 -66.31 73.65 66.86
C PHE TA 28 -67.46 72.66 66.72
N LYS TA 29 -68.35 72.87 65.75
CA LYS TA 29 -69.40 71.93 65.44
C LYS TA 29 -69.11 71.15 64.17
N ALA TA 30 -67.88 71.21 63.67
CA ALA TA 30 -67.48 70.48 62.50
C ALA TA 30 -67.43 68.98 62.81
N PRO TA 31 -67.51 68.13 61.79
CA PRO TA 31 -67.43 66.68 62.04
C PRO TA 31 -66.07 66.28 62.60
N ILE TA 32 -66.10 65.61 63.74
CA ILE TA 32 -64.89 65.05 64.34
C ILE TA 32 -64.61 63.72 63.67
N ARG TA 33 -63.55 63.66 62.87
CA ARG TA 33 -63.28 62.51 62.02
C ARG TA 33 -61.84 62.08 62.22
N PRO TA 34 -61.58 61.23 63.22
CA PRO TA 34 -60.19 60.92 63.59
C PRO TA 34 -59.44 60.10 62.56
N ASP TA 35 -60.13 59.48 61.60
CA ASP TA 35 -59.42 58.76 60.55
C ASP TA 35 -58.78 59.71 59.56
N ILE TA 36 -59.42 60.86 59.31
CA ILE TA 36 -58.78 61.85 58.45
C ILE TA 36 -57.65 62.55 59.20
N VAL TA 37 -57.87 62.88 60.47
CA VAL TA 37 -56.82 63.51 61.27
C VAL TA 37 -55.60 62.61 61.36
N ASN TA 38 -55.81 61.31 61.55
CA ASN TA 38 -54.69 60.38 61.57
C ASN TA 38 -54.00 60.31 60.22
N PHE TA 39 -54.78 60.40 59.13
CA PHE TA 39 -54.19 60.33 57.80
C PHE TA 39 -53.35 61.56 57.50
N VAL TA 40 -53.90 62.76 57.76
CA VAL TA 40 -53.16 63.99 57.51
C VAL TA 40 -51.94 64.06 58.41
N HIS TA 41 -52.08 63.68 59.68
CA HIS TA 41 -50.96 63.70 60.60
C HIS TA 41 -49.86 62.73 60.16
N THR TA 42 -50.25 61.55 59.68
CA THR TA 42 -49.27 60.56 59.24
C THR TA 42 -48.48 61.08 58.03
N ASN TA 43 -49.17 61.69 57.07
CA ASN TA 43 -48.52 62.11 55.85
C ASN TA 43 -47.85 63.48 55.97
N LEU TA 44 -48.12 64.24 57.03
CA LEU TA 44 -47.47 65.53 57.20
C LEU TA 44 -46.25 65.48 58.12
N ARG TA 45 -46.14 64.46 58.98
CA ARG TA 45 -44.92 64.29 59.74
C ARG TA 45 -43.75 63.78 58.91
N LYS TA 46 -44.01 63.32 57.70
CA LYS TA 46 -42.92 62.88 56.85
C LYS TA 46 -42.22 64.05 56.16
N ASN TA 47 -42.73 65.27 56.32
CA ASN TA 47 -42.25 66.40 55.57
C ASN TA 47 -41.16 67.18 56.28
N ASN TA 48 -41.05 67.07 57.59
CA ASN TA 48 -39.91 67.61 58.32
C ASN TA 48 -38.76 66.63 58.39
N ARG TA 49 -38.90 65.47 57.78
CA ARG TA 49 -37.86 64.46 57.80
C ARG TA 49 -36.65 64.93 57.01
N GLN TA 50 -35.48 64.47 57.45
CA GLN TA 50 -34.21 64.80 56.87
C GLN TA 50 -33.60 63.53 56.30
N PRO TA 51 -33.10 63.56 55.06
CA PRO TA 51 -32.72 62.31 54.39
C PRO TA 51 -31.54 61.62 55.05
N TYR TA 52 -31.58 60.29 54.99
CA TYR TA 52 -30.44 59.46 55.36
C TYR TA 52 -30.19 58.43 54.27
N ALA TA 53 -28.92 58.08 54.09
CA ALA TA 53 -28.51 57.07 53.14
C ALA TA 53 -27.14 56.59 53.54
N VAL TA 54 -26.73 55.46 53.00
CA VAL TA 54 -25.36 54.99 53.17
C VAL TA 54 -24.51 55.51 52.03
N SER TA 55 -23.21 55.49 52.23
CA SER TA 55 -22.29 55.93 51.19
C SER TA 55 -22.41 55.02 49.98
N GLU TA 56 -22.41 55.62 48.79
CA GLU TA 56 -22.49 54.84 47.57
C GLU TA 56 -21.21 54.07 47.29
N LEU TA 57 -20.11 54.44 47.93
CA LEU TA 57 -18.84 53.74 47.79
C LEU TA 57 -18.67 52.63 48.81
N ALA TA 58 -19.61 52.48 49.74
CA ALA TA 58 -19.41 51.57 50.87
C ALA TA 58 -19.41 50.12 50.39
N GLY TA 59 -18.35 49.40 50.75
CA GLY TA 59 -18.23 48.00 50.40
C GLY TA 59 -17.87 47.71 48.97
N HIS TA 60 -17.54 48.72 48.17
CA HIS TA 60 -17.29 48.53 46.75
C HIS TA 60 -16.00 49.21 46.32
N GLN TA 61 -15.00 49.21 47.19
CA GLN TA 61 -13.69 49.79 46.91
C GLN TA 61 -12.61 48.80 47.31
N THR TA 62 -12.77 47.56 46.83
CA THR TA 62 -11.95 46.43 47.25
C THR TA 62 -11.17 45.77 46.11
N SER TA 63 -11.57 46.00 44.85
CA SER TA 63 -10.98 45.38 43.67
C SER TA 63 -10.99 43.85 43.73
N ALA TA 64 -11.88 43.28 44.55
CA ALA TA 64 -11.94 41.85 44.73
C ALA TA 64 -12.54 41.16 43.50
N GLU TA 65 -12.27 39.87 43.38
CA GLU TA 65 -12.82 39.07 42.31
C GLU TA 65 -12.89 37.62 42.74
N SER TA 66 -13.75 36.86 42.07
CA SER TA 66 -13.95 35.46 42.44
C SER TA 66 -12.72 34.63 42.14
N TRP TA 67 -12.43 33.67 43.01
CA TRP TA 67 -11.30 32.77 42.81
C TRP TA 67 -11.56 31.70 41.77
N GLY TA 68 -12.80 31.52 41.33
CA GLY TA 68 -13.13 30.47 40.40
C GLY TA 68 -13.95 29.39 41.07
N THR TA 69 -13.72 28.14 40.69
CA THR TA 69 -14.47 27.05 41.29
C THR TA 69 -13.64 25.84 41.68
N GLY TA 70 -12.36 25.77 41.32
CA GLY TA 70 -11.59 24.58 41.61
C GLY TA 70 -10.73 24.67 42.85
N ARG TA 71 -11.06 25.61 43.75
CA ARG TA 71 -10.23 25.87 44.92
C ARG TA 71 -10.91 25.52 46.23
N ALA TA 72 -12.02 24.77 46.17
CA ALA TA 72 -12.71 24.23 47.36
C ALA TA 72 -13.20 25.32 48.30
N VAL TA 73 -13.50 26.49 47.76
CA VAL TA 73 -14.06 27.59 48.54
C VAL TA 73 -15.25 28.15 47.78
N ALA TA 74 -16.10 28.87 48.52
CA ALA TA 74 -17.29 29.45 47.90
C ALA TA 74 -16.90 30.49 46.87
N ARG TA 75 -17.80 30.70 45.91
CA ARG TA 75 -17.51 31.51 44.73
C ARG TA 75 -17.75 32.99 44.95
N ILE TA 76 -17.77 33.45 46.20
CA ILE TA 76 -17.87 34.87 46.51
C ILE TA 76 -16.56 35.52 46.08
N PRO TA 77 -16.56 36.79 45.65
CA PRO TA 77 -15.29 37.45 45.37
C PRO TA 77 -14.40 37.53 46.59
N ARG TA 78 -13.10 37.39 46.36
CA ARG TA 78 -12.09 37.43 47.42
C ARG TA 78 -11.17 38.62 47.18
N VAL TA 79 -10.73 39.24 48.28
CA VAL TA 79 -9.78 40.33 48.19
C VAL TA 79 -8.46 39.82 47.64
N ARG TA 80 -7.86 40.58 46.74
CA ARG TA 80 -6.64 40.18 46.08
C ARG TA 80 -5.43 40.49 46.95
N GLY TA 81 -4.27 40.02 46.52
CA GLY TA 81 -3.03 40.29 47.22
C GLY TA 81 -2.75 39.29 48.33
N GLY TA 82 -1.82 39.68 49.20
CA GLY TA 82 -1.43 38.85 50.32
C GLY TA 82 -0.82 39.70 51.41
N GLY TA 83 -0.38 39.02 52.47
CA GLY TA 83 0.33 39.67 53.55
C GLY TA 83 -0.54 40.32 54.60
N THR TA 84 -1.86 40.31 54.46
CA THR TA 84 -2.74 40.93 55.42
C THR TA 84 -3.93 40.02 55.67
N HIS TA 85 -4.59 40.22 56.81
CA HIS TA 85 -5.77 39.44 57.15
C HIS TA 85 -6.84 39.57 56.09
N ARG TA 86 -6.95 40.74 55.46
CA ARG TA 86 -7.99 41.00 54.48
C ARG TA 86 -7.84 40.14 53.23
N SER TA 87 -6.63 39.66 52.94
CA SER TA 87 -6.40 38.92 51.71
C SER TA 87 -7.14 37.59 51.71
N GLY TA 88 -7.82 37.31 50.60
CA GLY TA 88 -8.56 36.08 50.45
C GLY TA 88 -9.92 36.07 51.11
N GLN TA 89 -10.36 37.18 51.68
CA GLN TA 89 -11.62 37.26 52.40
C GLN TA 89 -12.74 37.68 51.45
N GLY TA 90 -13.96 37.27 51.78
CA GLY TA 90 -15.09 37.60 50.93
C GLY TA 90 -15.36 39.09 50.91
N ALA TA 91 -15.87 39.56 49.78
CA ALA TA 91 -16.14 40.98 49.58
C ALA TA 91 -17.34 41.15 48.67
N PHE TA 92 -17.88 42.38 48.66
CA PHE TA 92 -18.91 42.87 47.75
C PHE TA 92 -20.30 42.31 48.05
N GLY TA 93 -20.40 41.39 49.01
CA GLY TA 93 -21.65 40.72 49.28
C GLY TA 93 -22.37 41.30 50.49
N ASN TA 94 -23.70 41.26 50.45
CA ASN TA 94 -24.48 41.63 51.62
C ASN TA 94 -24.30 40.63 52.75
N MET TA 95 -23.92 39.39 52.43
CA MET TA 95 -23.62 38.40 53.45
C MET TA 95 -22.22 38.54 54.00
N CYS TA 96 -21.35 39.27 53.31
CA CYS TA 96 -19.94 39.35 53.68
C CYS TA 96 -19.69 40.44 54.69
N ARG TA 97 -18.79 40.17 55.63
CA ARG TA 97 -18.36 41.20 56.57
C ARG TA 97 -17.50 42.22 55.84
N GLY TA 98 -17.83 43.51 56.03
CA GLY TA 98 -17.14 44.56 55.33
C GLY TA 98 -17.62 44.78 53.91
N GLY TA 99 -18.67 44.10 53.49
CA GLY TA 99 -19.20 44.23 52.14
C GLY TA 99 -20.19 45.37 52.02
N ARG TA 100 -21.03 45.26 51.01
CA ARG TA 100 -22.05 46.25 50.72
C ARG TA 100 -23.40 45.71 51.15
N MET TA 101 -24.16 46.52 51.87
CA MET TA 101 -25.48 46.10 52.32
C MET TA 101 -26.41 45.86 51.14
N PHE TA 102 -27.37 44.97 51.32
CA PHE TA 102 -28.34 44.71 50.26
C PHE TA 102 -29.20 45.95 50.04
N ALA TA 103 -29.33 46.34 48.78
CA ALA TA 103 -30.14 47.49 48.37
C ALA TA 103 -29.77 48.70 49.20
N PRO TA 104 -28.61 49.31 48.97
CA PRO TA 104 -28.18 50.43 49.81
C PRO TA 104 -29.21 51.54 49.80
N THR TA 105 -29.45 52.09 50.99
CA THR TA 105 -30.41 53.18 51.12
C THR TA 105 -29.93 54.39 50.34
N LYS TA 106 -30.85 55.07 49.67
CA LYS TA 106 -30.51 56.17 48.79
C LYS TA 106 -31.29 57.42 49.18
N THR TA 107 -30.69 58.57 48.88
CA THR TA 107 -31.27 59.83 49.34
C THR TA 107 -32.55 60.18 48.61
N TRP TA 108 -32.83 59.56 47.47
CA TRP TA 108 -34.09 59.81 46.78
C TRP TA 108 -35.11 58.74 47.14
N ARG TA 109 -35.49 58.76 48.42
CA ARG TA 109 -36.46 57.82 48.95
C ARG TA 109 -37.89 58.37 48.92
N ARG TA 110 -38.09 59.58 48.41
CA ARG TA 110 -39.39 60.25 48.46
C ARG TA 110 -39.86 60.38 49.90
N TRP TA 111 -39.12 61.19 50.65
CA TRP TA 111 -39.39 61.37 52.07
C TRP TA 111 -40.67 62.15 52.32
N HIS TA 112 -41.04 63.03 51.40
CA HIS TA 112 -42.15 63.95 51.63
C HIS TA 112 -43.41 63.47 50.92
N ARG TA 113 -44.55 63.75 51.55
CA ARG TA 113 -45.85 63.51 50.97
C ARG TA 113 -46.58 64.84 50.84
N ARG TA 114 -47.44 64.94 49.84
CA ARG TA 114 -48.32 66.09 49.70
C ARG TA 114 -49.73 65.66 50.02
N VAL TA 115 -50.40 66.45 50.86
CA VAL TA 115 -51.79 66.22 51.23
C VAL TA 115 -52.62 67.33 50.59
N ASN TA 116 -53.86 67.00 50.24
CA ASN TA 116 -54.73 68.00 49.65
C ASN TA 116 -55.01 69.12 50.64
N THR TA 117 -55.16 70.34 50.11
CA THR TA 117 -55.46 71.48 50.97
C THR TA 117 -56.79 71.31 51.68
N THR TA 118 -57.78 70.73 50.99
CA THR TA 118 -59.07 70.51 51.62
C THR TA 118 -58.97 69.42 52.68
N GLN TA 119 -58.12 68.42 52.46
CA GLN TA 119 -57.85 67.42 53.49
C GLN TA 119 -57.25 68.06 54.74
N LYS TA 120 -56.25 68.92 54.55
CA LYS TA 120 -55.56 69.52 55.68
C LYS TA 120 -56.47 70.47 56.44
N ARG TA 121 -57.32 71.20 55.72
CA ARG TA 121 -58.29 72.07 56.38
C ARG TA 121 -59.33 71.24 57.13
N TYR TA 122 -59.70 70.09 56.59
CA TYR TA 122 -60.66 69.22 57.27
C TYR TA 122 -60.12 68.75 58.61
N ALA TA 123 -58.85 68.32 58.62
CA ALA TA 123 -58.26 67.77 59.84
C ALA TA 123 -58.11 68.83 60.91
N ILE TA 124 -57.87 70.08 60.52
CA ILE TA 124 -57.84 71.15 61.50
C ILE TA 124 -59.22 71.36 62.10
N CYS TA 125 -60.26 71.33 61.26
CA CYS TA 125 -61.62 71.50 61.77
C CYS TA 125 -62.00 70.39 62.73
N SER TA 126 -61.61 69.15 62.41
CA SER TA 126 -61.90 68.03 63.31
C SER TA 126 -61.13 68.14 64.61
N ALA TA 127 -59.88 68.63 64.54
CA ALA TA 127 -59.09 68.78 65.75
C ALA TA 127 -59.64 69.89 66.63
N LEU TA 128 -60.11 70.99 66.03
CA LEU TA 128 -60.70 72.07 66.80
C LEU TA 128 -62.00 71.64 67.45
N ALA TA 129 -62.85 70.93 66.71
CA ALA TA 129 -64.13 70.49 67.25
C ALA TA 129 -63.94 69.52 68.39
N ALA TA 130 -62.90 68.68 68.31
CA ALA TA 130 -62.64 67.73 69.38
C ALA TA 130 -62.10 68.40 70.63
N SER TA 131 -61.38 69.51 70.48
CA SER TA 131 -60.80 70.20 71.62
C SER TA 131 -61.84 70.87 72.50
N ALA TA 132 -63.09 70.97 72.06
CA ALA TA 132 -64.17 71.53 72.85
C ALA TA 132 -65.03 70.46 73.53
N LEU TA 133 -64.70 69.19 73.35
CA LEU TA 133 -65.45 68.10 73.96
C LEU TA 133 -64.74 67.64 75.22
N PRO TA 134 -65.39 67.65 76.37
CA PRO TA 134 -64.69 67.25 77.61
C PRO TA 134 -64.16 65.84 77.61
N ALA TA 135 -64.87 64.88 77.03
CA ALA TA 135 -64.41 63.49 77.08
C ALA TA 135 -63.19 63.28 76.21
N LEU TA 136 -63.09 63.98 75.08
CA LEU TA 136 -61.97 63.76 74.18
C LEU TA 136 -60.68 64.36 74.73
N VAL TA 137 -60.76 65.56 75.29
CA VAL TA 137 -59.58 66.17 75.89
C VAL TA 137 -59.17 65.44 77.15
N MET TA 138 -60.14 64.93 77.90
CA MET TA 138 -59.81 64.11 79.07
C MET TA 138 -59.13 62.81 78.65
N SER TA 139 -59.52 62.26 77.50
CA SER TA 139 -58.93 61.01 77.04
C SER TA 139 -57.53 61.21 76.47
N LYS TA 140 -57.11 62.45 76.25
CA LYS TA 140 -55.70 62.73 76.00
C LYS TA 140 -54.91 62.89 77.28
N GLY TA 141 -55.56 62.77 78.44
CA GLY TA 141 -54.88 62.85 79.71
C GLY TA 141 -54.44 64.24 80.11
N HIS TA 142 -55.28 65.25 79.87
CA HIS TA 142 -54.87 66.64 79.98
C HIS TA 142 -55.23 67.27 81.32
N ARG TA 143 -55.73 66.50 82.27
CA ARG TA 143 -55.97 66.96 83.65
C ARG TA 143 -56.89 68.19 83.69
N ILE TA 144 -57.96 68.13 82.91
CA ILE TA 144 -58.98 69.17 82.92
C ILE TA 144 -60.10 68.78 83.88
N GLU TA 145 -59.95 69.15 85.14
CA GLU TA 145 -60.93 68.84 86.17
C GLU TA 145 -61.55 70.10 86.77
N GLU TA 146 -60.74 71.12 87.01
CA GLU TA 146 -61.21 72.37 87.57
C GLU TA 146 -61.22 73.49 86.55
N VAL TA 147 -61.05 73.17 85.27
CA VAL TA 147 -61.11 74.19 84.22
C VAL TA 147 -62.55 74.68 84.10
N PRO TA 148 -62.81 75.99 84.20
CA PRO TA 148 -64.19 76.46 84.24
C PRO TA 148 -64.98 76.20 82.96
N GLU TA 149 -64.35 76.22 81.80
CA GLU TA 149 -65.04 75.99 80.55
C GLU TA 149 -64.02 75.50 79.53
N LEU TA 150 -64.35 74.40 78.86
CA LEU TA 150 -63.36 73.71 78.02
C LEU TA 150 -63.06 74.39 76.69
N PRO TA 151 -64.02 75.05 76.04
CA PRO TA 151 -63.61 76.08 75.08
C PRO TA 151 -63.09 77.29 75.85
N LEU TA 152 -61.89 77.16 76.41
CA LEU TA 152 -61.39 78.12 77.38
C LEU TA 152 -60.87 79.35 76.67
N VAL TA 153 -61.44 80.51 77.01
CA VAL TA 153 -61.09 81.78 76.38
C VAL TA 153 -60.69 82.76 77.46
N VAL TA 154 -59.59 83.47 77.24
CA VAL TA 154 -59.12 84.48 78.17
C VAL TA 154 -59.04 85.82 77.44
N GLU TA 155 -58.93 86.88 78.23
CA GLU TA 155 -58.92 88.23 77.69
C GLU TA 155 -57.62 88.49 76.94
N ASP TA 156 -57.64 89.55 76.13
CA ASP TA 156 -56.50 89.89 75.29
C ASP TA 156 -55.32 90.43 76.09
N LYS TA 157 -55.49 90.70 77.39
CA LYS TA 157 -54.39 91.12 78.23
C LYS TA 157 -53.26 90.09 78.29
N VAL TA 158 -53.56 88.83 77.99
CA VAL TA 158 -52.55 87.79 78.01
C VAL TA 158 -51.53 88.01 76.92
N GLU TA 159 -51.96 88.51 75.76
CA GLU TA 159 -51.06 88.69 74.62
C GLU TA 159 -49.94 89.68 74.91
N GLY TA 160 -50.11 90.57 75.88
CA GLY TA 160 -49.12 91.55 76.24
C GLY TA 160 -48.26 91.20 77.43
N TYR TA 161 -48.27 89.95 77.88
CA TYR TA 161 -47.44 89.55 79.00
C TYR TA 161 -45.96 89.63 78.62
N LYS TA 162 -45.12 89.80 79.64
CA LYS TA 162 -43.69 89.97 79.41
C LYS TA 162 -42.81 89.08 80.28
N LYS TA 163 -43.28 88.64 81.44
CA LYS TA 163 -42.49 87.80 82.33
C LYS TA 163 -43.08 86.40 82.41
N THR TA 164 -42.21 85.44 82.70
CA THR TA 164 -42.66 84.07 82.88
C THR TA 164 -43.49 83.91 84.14
N LYS TA 165 -43.21 84.71 85.17
CA LYS TA 165 -43.92 84.59 86.44
C LYS TA 165 -45.40 84.86 86.28
N GLU TA 166 -45.76 85.88 85.52
CA GLU TA 166 -47.18 86.19 85.33
C GLU TA 166 -47.83 85.22 84.36
N ALA TA 167 -47.04 84.53 83.53
CA ALA TA 167 -47.59 83.46 82.72
C ALA TA 167 -47.95 82.24 83.57
N VAL TA 168 -47.14 81.97 84.59
CA VAL TA 168 -47.42 80.85 85.49
C VAL TA 168 -48.63 81.17 86.35
N LEU TA 169 -48.75 82.42 86.80
CA LEU TA 169 -49.84 82.80 87.68
C LEU TA 169 -51.19 82.67 86.98
N LEU TA 170 -51.24 82.99 85.68
CA LEU TA 170 -52.48 82.86 84.94
C LEU TA 170 -52.84 81.40 84.71
N LEU TA 171 -51.85 80.55 84.46
CA LEU TA 171 -52.13 79.12 84.34
C LEU TA 171 -52.60 78.53 85.65
N LYS TA 172 -52.08 79.04 86.77
CA LYS TA 172 -52.52 78.57 88.07
C LYS TA 172 -53.96 78.97 88.36
N LYS TA 173 -54.33 80.20 88.00
CA LYS TA 173 -55.67 80.70 88.28
C LYS TA 173 -56.71 80.13 87.33
N LEU TA 174 -56.30 79.73 86.13
CA LEU TA 174 -57.20 79.05 85.20
C LEU TA 174 -57.35 77.58 85.52
N LYS TA 175 -56.70 77.09 86.58
CA LYS TA 175 -56.69 75.69 86.97
C LYS TA 175 -56.06 74.78 85.92
N ALA TA 176 -55.30 75.36 85.00
CA ALA TA 176 -54.57 74.59 84.00
C ALA TA 176 -53.17 74.23 84.45
N TRP TA 177 -52.76 74.65 85.64
CA TRP TA 177 -51.43 74.36 86.13
C TRP TA 177 -51.24 72.89 86.46
N ASN TA 178 -52.32 72.17 86.79
CA ASN TA 178 -52.20 70.75 87.06
C ASN TA 178 -51.75 69.98 85.82
N ASP TA 179 -52.11 70.45 84.64
CA ASP TA 179 -51.60 69.84 83.42
C ASP TA 179 -50.10 70.06 83.27
N ILE TA 180 -49.62 71.23 83.67
CA ILE TA 180 -48.19 71.49 83.64
C ILE TA 180 -47.46 70.63 84.65
N LYS TA 181 -48.06 70.41 85.82
CA LYS TA 181 -47.45 69.54 86.82
C LYS TA 181 -47.37 68.10 86.31
N LYS TA 182 -48.34 67.68 85.50
CA LYS TA 182 -48.26 66.36 84.87
C LYS TA 182 -47.12 66.29 83.88
N VAL TA 183 -46.87 67.39 83.15
CA VAL TA 183 -45.75 67.44 82.21
C VAL TA 183 -44.44 67.35 82.97
N TYR TA 184 -44.35 68.03 84.12
CA TYR TA 184 -43.14 67.96 84.94
C TYR TA 184 -42.88 66.54 85.41
N ALA TA 185 -43.93 65.85 85.84
CA ALA TA 185 -43.77 64.50 86.39
C ALA TA 185 -43.40 63.48 85.33
N SER TA 186 -43.47 63.83 84.05
CA SER TA 186 -43.21 62.91 82.97
C SER TA 186 -41.89 63.17 82.26
N GLN TA 187 -41.02 64.00 82.82
CA GLN TA 187 -39.72 64.26 82.21
C GLN TA 187 -38.78 63.13 82.59
N ARG TA 188 -38.57 62.20 81.68
CA ARG TA 188 -37.68 61.07 81.91
C ARG TA 188 -36.81 60.87 80.69
N MET TA 189 -35.85 59.96 80.80
CA MET TA 189 -34.96 59.67 79.69
C MET TA 189 -35.64 58.78 78.67
N ARG TA 190 -35.29 59.00 77.41
CA ARG TA 190 -35.82 58.19 76.32
C ARG TA 190 -35.06 56.88 76.22
N ALA TA 191 -35.79 55.79 75.95
CA ALA TA 191 -35.18 54.48 75.83
C ALA TA 191 -34.65 54.26 74.42
N GLY TA 192 -33.38 53.86 74.31
CA GLY TA 192 -32.83 53.40 73.06
C GLY TA 192 -31.76 54.33 72.52
N LYS TA 193 -31.55 54.25 71.21
CA LYS TA 193 -30.51 54.98 70.52
C LYS TA 193 -30.86 56.44 70.28
N GLY TA 194 -32.04 56.89 70.67
CA GLY TA 194 -32.36 58.31 70.58
C GLY TA 194 -31.48 59.15 71.47
N LYS TA 195 -31.00 58.59 72.57
CA LYS TA 195 -30.10 59.31 73.46
C LYS TA 195 -28.79 59.65 72.77
N MET TA 196 -28.27 58.74 71.95
CA MET TA 196 -27.04 59.01 71.21
C MET TA 196 -27.27 60.00 70.07
N ARG TA 197 -28.53 60.24 69.71
CA ARG TA 197 -28.87 61.08 68.56
C ARG TA 197 -29.64 62.33 68.97
N ASN TA 198 -29.25 62.96 70.07
CA ASN TA 198 -29.68 64.28 70.53
C ASN TA 198 -31.13 64.33 71.01
N ARG TA 199 -31.87 63.23 70.98
CA ARG TA 199 -33.18 63.17 71.60
C ARG TA 199 -33.08 62.52 72.98
N ARG TA 200 -32.34 63.20 73.86
CA ARG TA 200 -31.96 62.62 75.14
C ARG TA 200 -33.14 62.55 76.10
N ARG TA 201 -33.97 63.60 76.13
CA ARG TA 201 -35.07 63.68 77.09
C ARG TA 201 -36.40 63.71 76.36
N ILE TA 202 -37.42 63.14 77.00
CA ILE TA 202 -38.78 63.14 76.50
C ILE TA 202 -39.72 63.60 77.60
N GLN TA 203 -40.86 64.17 77.20
CA GLN TA 203 -41.84 64.65 78.17
C GLN TA 203 -43.20 64.73 77.51
N ARG TA 204 -44.21 64.88 78.34
CA ARG TA 204 -45.60 64.93 77.88
C ARG TA 204 -45.91 66.31 77.28
N ARG TA 205 -46.83 66.31 76.32
CA ARG TA 205 -47.37 67.57 75.81
C ARG TA 205 -48.28 68.23 76.84
N GLY TA 206 -48.27 69.56 76.85
CA GLY TA 206 -49.11 70.32 77.74
C GLY TA 206 -50.20 71.08 77.00
N PRO TA 207 -50.80 72.06 77.66
CA PRO TA 207 -51.81 72.88 76.98
C PRO TA 207 -51.20 73.72 75.87
N CYS TA 208 -52.03 74.01 74.87
CA CYS TA 208 -51.63 74.81 73.71
C CYS TA 208 -52.27 76.18 73.84
N ILE TA 209 -51.45 77.22 73.87
CA ILE TA 209 -51.91 78.60 73.96
C ILE TA 209 -52.05 79.14 72.55
N ILE TA 210 -53.22 79.64 72.21
CA ILE TA 210 -53.49 80.14 70.86
C ILE TA 210 -53.75 81.64 70.95
N TYR TA 211 -52.92 82.41 70.26
CA TYR TA 211 -52.97 83.86 70.30
C TYR TA 211 -53.27 84.41 68.91
N ASN TA 212 -53.61 85.69 68.87
CA ASN TA 212 -53.76 86.42 67.62
C ASN TA 212 -52.60 87.37 67.36
N GLU TA 213 -52.26 88.20 68.34
CA GLU TA 213 -51.15 89.14 68.23
C GLU TA 213 -50.10 88.78 69.27
N ASP TA 214 -48.85 88.61 68.82
CA ASP TA 214 -47.76 88.27 69.72
C ASP TA 214 -47.13 89.56 70.21
N ASN TA 215 -47.69 90.11 71.28
CA ASN TA 215 -47.14 91.30 71.91
C ASN TA 215 -46.26 90.96 73.11
N GLY TA 216 -45.74 89.74 73.15
CA GLY TA 216 -44.89 89.32 74.24
C GLY TA 216 -45.34 88.02 74.87
N ILE TA 217 -46.47 87.49 74.40
CA ILE TA 217 -47.02 86.26 74.97
C ILE TA 217 -46.07 85.09 74.72
N ILE TA 218 -45.38 85.09 73.58
CA ILE TA 218 -44.46 84.01 73.27
C ILE TA 218 -43.31 83.97 74.27
N LYS TA 219 -42.72 85.13 74.56
CA LYS TA 219 -41.60 85.17 75.49
C LYS TA 219 -42.04 84.92 76.92
N ALA TA 220 -43.24 85.36 77.30
CA ALA TA 220 -43.72 85.11 78.65
C ALA TA 220 -43.87 83.62 78.91
N PHE TA 221 -44.49 82.90 77.99
CA PHE TA 221 -44.48 81.45 77.96
C PHE TA 221 -43.17 81.01 77.31
N ARG TA 222 -43.11 79.79 76.80
CA ARG TA 222 -41.99 79.19 76.07
C ARG TA 222 -40.88 78.74 77.02
N ASN TA 223 -40.93 79.09 78.30
CA ASN TA 223 -40.08 78.42 79.29
C ASN TA 223 -40.87 77.47 80.16
N ILE TA 224 -42.19 77.41 79.98
CA ILE TA 224 -43.03 76.42 80.66
C ILE TA 224 -42.94 75.13 79.86
N PRO TA 225 -42.51 74.03 80.47
CA PRO TA 225 -42.44 72.76 79.74
C PRO TA 225 -43.83 72.28 79.33
N GLY TA 226 -43.95 71.86 78.07
CA GLY TA 226 -45.20 71.37 77.54
C GLY TA 226 -46.06 72.41 76.86
N ILE TA 227 -45.84 73.69 77.14
CA ILE TA 227 -46.63 74.74 76.52
C ILE TA 227 -46.15 74.97 75.09
N THR TA 228 -47.08 74.93 74.15
CA THR TA 228 -46.81 75.32 72.76
C THR TA 228 -47.74 76.46 72.38
N LEU TA 229 -47.18 77.50 71.79
CA LEU TA 229 -47.95 78.66 71.37
C LEU TA 229 -48.15 78.60 69.86
N LEU TA 230 -49.40 78.76 69.43
CA LEU TA 230 -49.75 78.63 68.02
C LEU TA 230 -50.55 79.85 67.61
N ASN TA 231 -50.11 80.50 66.54
CA ASN TA 231 -50.86 81.64 66.01
C ASN TA 231 -52.16 81.14 65.38
N VAL TA 232 -53.22 81.90 65.58
CA VAL TA 232 -54.55 81.45 65.14
C VAL TA 232 -54.59 81.36 63.62
N SER TA 233 -53.93 82.28 62.92
CA SER TA 233 -53.93 82.29 61.47
C SER TA 233 -53.09 81.17 60.87
N LYS TA 234 -52.32 80.46 61.68
CA LYS TA 234 -51.38 79.44 61.20
C LYS TA 234 -51.51 78.17 62.03
N LEU TA 235 -52.75 77.69 62.17
CA LEU TA 235 -52.99 76.50 62.97
C LEU TA 235 -52.31 75.28 62.35
N ASN TA 236 -51.65 74.50 63.19
CA ASN TA 236 -50.85 73.36 62.76
C ASN TA 236 -51.47 72.08 63.30
N ILE TA 237 -51.72 71.12 62.40
CA ILE TA 237 -52.30 69.85 62.84
C ILE TA 237 -51.28 69.02 63.61
N LEU TA 238 -49.99 69.29 63.42
CA LEU TA 238 -48.97 68.58 64.18
C LEU TA 238 -48.89 69.09 65.61
N LYS TA 239 -49.52 70.22 65.91
CA LYS TA 239 -49.57 70.75 67.26
C LYS TA 239 -50.96 70.66 67.89
N LEU TA 240 -52.02 70.58 67.08
CA LEU TA 240 -53.37 70.46 67.61
C LEU TA 240 -53.73 69.01 67.89
N ALA TA 241 -53.17 68.08 67.13
CA ALA TA 241 -53.35 66.64 67.34
C ALA TA 241 -51.96 66.05 67.44
N PRO TA 242 -51.33 66.14 68.62
CA PRO TA 242 -49.88 65.85 68.70
C PRO TA 242 -49.50 64.46 68.24
N GLY TA 243 -50.21 63.42 68.66
CA GLY TA 243 -49.87 62.07 68.27
C GLY TA 243 -50.69 61.50 67.14
N GLY TA 244 -51.41 62.33 66.39
CA GLY TA 244 -52.44 61.85 65.51
C GLY TA 244 -53.77 61.63 66.19
N HIS TA 245 -53.85 61.89 67.49
CA HIS TA 245 -55.08 61.74 68.25
C HIS TA 245 -55.64 63.13 68.55
N VAL TA 246 -56.93 63.30 68.33
CA VAL TA 246 -57.56 64.57 68.57
C VAL TA 246 -57.79 64.76 70.07
N GLY TA 247 -57.85 66.02 70.49
CA GLY TA 247 -58.23 66.32 71.86
C GLY TA 247 -57.15 66.94 72.71
N ARG TA 248 -56.26 67.72 72.11
CA ARG TA 248 -55.30 68.46 72.90
C ARG TA 248 -56.00 69.62 73.61
N PHE TA 249 -55.65 69.83 74.87
CA PHE TA 249 -56.15 70.97 75.62
C PHE TA 249 -55.63 72.26 74.99
N CYS TA 250 -56.53 73.19 74.71
CA CYS TA 250 -56.19 74.47 74.11
C CYS TA 250 -56.80 75.60 74.92
N ILE TA 251 -56.01 76.65 75.11
CA ILE TA 251 -56.46 77.88 75.75
C ILE TA 251 -56.40 78.98 74.70
N TRP TA 252 -57.51 79.69 74.52
CA TRP TA 252 -57.66 80.64 73.45
C TRP TA 252 -57.62 82.07 73.99
N THR TA 253 -57.00 82.95 73.21
CA THR TA 253 -57.15 84.38 73.46
C THR TA 253 -58.40 84.88 72.76
N GLU TA 254 -59.02 85.92 73.32
CA GLU TA 254 -60.33 86.35 72.85
C GLU TA 254 -60.27 86.83 71.40
N SER TA 255 -59.19 87.54 71.03
CA SER TA 255 -59.04 87.98 69.65
C SER TA 255 -58.93 86.79 68.70
N ALA TA 256 -58.21 85.74 69.12
CA ALA TA 256 -58.10 84.55 68.29
C ALA TA 256 -59.44 83.83 68.18
N PHE TA 257 -60.22 83.83 69.26
CA PHE TA 257 -61.52 83.15 69.24
C PHE TA 257 -62.48 83.85 68.28
N ARG TA 258 -62.47 85.19 68.26
CA ARG TA 258 -63.36 85.92 67.38
C ARG TA 258 -62.94 85.81 65.92
N LYS TA 259 -61.62 85.76 65.67
CA LYS TA 259 -61.13 85.60 64.30
C LYS TA 259 -61.43 84.23 63.74
N LEU TA 260 -61.81 83.27 64.60
CA LEU TA 260 -61.93 81.89 64.15
C LEU TA 260 -63.15 81.71 63.27
N ASP TA 261 -64.15 82.58 63.40
CA ASP TA 261 -65.29 82.55 62.48
C ASP TA 261 -64.91 83.04 61.10
N GLU TA 262 -64.06 84.07 61.03
CA GLU TA 262 -63.59 84.55 59.72
C GLU TA 262 -62.65 83.56 59.07
N LEU TA 263 -61.92 82.78 59.86
CA LEU TA 263 -60.84 81.96 59.33
C LEU TA 263 -61.38 80.73 58.61
N TYR TA 264 -62.41 80.09 59.17
CA TYR TA 264 -62.95 78.86 58.59
C TYR TA 264 -64.42 78.99 58.19
N GLY TA 265 -65.11 80.03 58.61
CA GLY TA 265 -66.47 80.28 58.17
C GLY TA 265 -67.49 79.53 58.99
N THR TA 266 -68.74 79.96 58.82
CA THR TA 266 -69.89 79.25 59.35
C THR TA 266 -70.34 78.27 58.27
N TRP TA 267 -71.52 77.67 58.40
CA TRP TA 267 -72.09 76.95 57.28
C TRP TA 267 -72.91 77.85 56.38
N ARG TA 268 -73.36 78.99 56.89
CA ARG TA 268 -74.05 80.00 56.10
C ARG TA 268 -73.08 80.95 55.42
N LYS TA 269 -71.88 81.12 55.96
CA LYS TA 269 -70.86 81.99 55.39
C LYS TA 269 -69.61 81.19 55.06
N ALA TA 270 -69.04 81.48 53.90
CA ALA TA 270 -67.72 80.96 53.58
C ALA TA 270 -66.66 81.73 54.36
N ALA TA 271 -65.47 81.15 54.42
CA ALA TA 271 -64.36 81.81 55.11
C ALA TA 271 -63.95 83.07 54.35
N SER TA 272 -63.77 84.16 55.08
CA SER TA 272 -63.34 85.42 54.49
C SER TA 272 -61.83 85.57 54.47
N LEU TA 273 -61.09 84.61 55.01
CA LEU TA 273 -59.64 84.64 55.01
C LEU TA 273 -59.04 83.45 54.28
N LYS TA 274 -59.85 82.73 53.50
CA LYS TA 274 -59.36 81.60 52.71
C LYS TA 274 -59.92 81.57 51.30
N SER TA 275 -60.89 82.43 50.97
CA SER TA 275 -61.31 82.84 49.63
C SER TA 275 -62.03 81.75 48.84
N ASN TA 276 -61.98 80.52 49.29
CA ASN TA 276 -62.84 79.49 48.72
C ASN TA 276 -63.32 78.45 49.71
N TYR TA 277 -62.95 78.56 50.99
CA TYR TA 277 -63.23 77.49 51.93
C TYR TA 277 -64.58 77.67 52.59
N ASN TA 278 -65.24 76.55 52.85
CA ASN TA 278 -66.43 76.52 53.69
C ASN TA 278 -66.35 75.28 54.56
N LEU TA 279 -67.08 75.31 55.67
CA LEU TA 279 -66.99 74.23 56.63
C LEU TA 279 -67.50 72.93 56.01
N PRO TA 280 -66.90 71.80 56.35
CA PRO TA 280 -67.39 70.52 55.80
C PRO TA 280 -68.75 70.16 56.37
N MET TA 281 -69.48 69.37 55.60
CA MET TA 281 -70.86 69.04 55.91
C MET TA 281 -70.95 67.69 56.61
N HIS TA 282 -72.08 67.48 57.29
CA HIS TA 282 -72.32 66.27 58.08
C HIS TA 282 -73.09 65.27 57.23
N LYS TA 283 -72.64 64.02 57.24
CA LYS TA 283 -73.42 62.93 56.68
C LYS TA 283 -74.35 62.30 57.70
N MET TA 284 -74.33 62.79 58.94
CA MET TA 284 -75.24 62.31 59.98
C MET TA 284 -75.49 63.50 60.91
N ILE TA 285 -76.66 64.12 60.76
CA ILE TA 285 -76.95 65.33 61.52
C ILE TA 285 -77.08 65.01 63.01
N ASN TA 286 -77.85 63.98 63.34
CA ASN TA 286 -78.05 63.57 64.72
C ASN TA 286 -77.27 62.29 64.99
N THR TA 287 -76.27 62.37 65.85
CA THR TA 287 -75.42 61.23 66.18
C THR TA 287 -75.83 60.55 67.48
N ASP TA 288 -76.93 60.98 68.09
CA ASP TA 288 -77.42 60.37 69.33
C ASP TA 288 -78.19 59.11 68.95
N LEU TA 289 -77.47 58.00 68.88
CA LEU TA 289 -78.07 56.74 68.43
C LEU TA 289 -79.13 56.24 69.41
N SER TA 290 -78.88 56.39 70.72
CA SER TA 290 -79.86 55.94 71.71
C SER TA 290 -81.15 56.75 71.62
N ARG TA 291 -81.04 58.05 71.36
CA ARG TA 291 -82.23 58.87 71.21
C ARG TA 291 -83.03 58.46 69.98
N ILE TA 292 -82.35 58.18 68.88
CA ILE TA 292 -83.03 57.79 67.64
C ILE TA 292 -83.74 56.46 67.83
N LEU TA 293 -83.06 55.49 68.42
CA LEU TA 293 -83.63 54.14 68.54
C LEU TA 293 -84.80 54.10 69.51
N LYS TA 294 -84.79 54.96 70.52
CA LYS TA 294 -85.88 55.03 71.49
C LYS TA 294 -87.00 55.96 71.05
N SER TA 295 -86.88 56.57 69.88
CA SER TA 295 -87.91 57.48 69.40
C SER TA 295 -89.18 56.70 69.08
N PRO TA 296 -90.36 57.28 69.30
CA PRO TA 296 -91.61 56.56 68.97
C PRO TA 296 -91.75 56.22 67.51
N GLU TA 297 -91.21 57.03 66.60
CA GLU TA 297 -91.31 56.72 65.18
C GLU TA 297 -90.59 55.42 64.85
N ILE TA 298 -89.38 55.24 65.38
CA ILE TA 298 -88.65 54.00 65.14
C ILE TA 298 -89.34 52.83 65.83
N GLN TA 299 -89.75 53.03 67.08
CA GLN TA 299 -90.26 51.92 67.88
C GLN TA 299 -91.60 51.42 67.37
N ARG TA 300 -92.40 52.28 66.75
CA ARG TA 300 -93.70 51.86 66.25
C ARG TA 300 -93.59 50.93 65.04
N ALA TA 301 -92.46 50.93 64.36
CA ALA TA 301 -92.26 50.12 63.16
C ALA TA 301 -91.54 48.81 63.44
N LEU TA 302 -91.10 48.57 64.67
CA LEU TA 302 -90.32 47.38 64.98
C LEU TA 302 -91.23 46.22 65.34
N ARG TA 303 -90.76 45.01 65.04
CA ARG TA 303 -91.40 43.81 65.54
C ARG TA 303 -90.94 43.56 66.97
N ALA TA 304 -91.59 42.59 67.62
CA ALA TA 304 -91.24 42.28 69.00
C ALA TA 304 -89.91 41.55 69.05
N PRO TA 305 -89.08 41.82 70.06
CA PRO TA 305 -87.80 41.11 70.17
C PRO TA 305 -88.00 39.64 70.47
N ARG TA 306 -87.05 38.82 70.02
CA ARG TA 306 -87.04 37.39 70.29
C ARG TA 306 -85.90 37.15 71.27
N LYS TA 307 -86.19 37.30 72.55
CA LYS TA 307 -85.17 37.25 73.59
C LYS TA 307 -85.06 35.89 74.26
N LYS TA 308 -85.81 34.90 73.82
CA LYS TA 308 -85.73 33.56 74.38
C LYS TA 308 -84.67 32.75 73.64
N ILE TA 309 -83.67 32.28 74.37
CA ILE TA 309 -82.60 31.47 73.80
C ILE TA 309 -83.07 30.04 73.70
N HIS TA 310 -83.02 29.48 72.49
CA HIS TA 310 -83.37 28.09 72.25
C HIS TA 310 -82.07 27.30 72.09
N ARG TA 311 -81.72 26.53 73.12
CA ARG TA 311 -80.53 25.71 73.06
C ARG TA 311 -80.85 24.38 72.40
N ARG TA 312 -79.80 23.62 72.12
CA ARG TA 312 -79.98 22.34 71.44
C ARG TA 312 -80.67 21.34 72.36
N VAL TA 313 -81.61 20.59 71.79
CA VAL TA 313 -82.36 19.59 72.53
C VAL TA 313 -81.64 18.27 72.41
N LEU TA 314 -81.28 17.67 73.55
CA LEU TA 314 -80.67 16.34 73.54
C LEU TA 314 -81.69 15.35 73.01
N LYS TA 315 -81.41 14.75 71.87
CA LYS TA 315 -82.34 13.81 71.25
C LYS TA 315 -82.39 12.54 72.09
N LYS TA 316 -83.51 12.35 72.79
CA LYS TA 316 -83.74 11.12 73.52
C LYS TA 316 -84.43 10.13 72.60
N ASN TA 317 -83.94 8.90 72.58
CA ASN TA 317 -84.43 7.93 71.62
C ASN TA 317 -85.82 7.45 72.00
N PRO TA 318 -86.81 7.59 71.13
CA PRO TA 318 -88.03 6.79 71.29
C PRO TA 318 -87.72 5.34 70.98
N LEU TA 319 -88.68 4.46 71.30
CA LEU TA 319 -88.54 3.00 71.29
C LEU TA 319 -87.71 2.56 72.48
N LYS TA 320 -87.18 3.52 73.22
CA LYS TA 320 -86.48 3.34 74.49
C LYS TA 320 -87.03 4.24 75.57
N ASN TA 321 -87.40 5.48 75.23
CA ASN TA 321 -87.97 6.45 76.16
C ASN TA 321 -89.46 6.53 75.88
N LEU TA 322 -90.27 6.05 76.82
CA LEU TA 322 -91.70 5.94 76.57
C LEU TA 322 -92.36 7.30 76.41
N ARG TA 323 -92.03 8.25 77.29
CA ARG TA 323 -92.71 9.54 77.24
C ARG TA 323 -92.27 10.38 76.05
N ILE TA 324 -91.02 10.22 75.62
CA ILE TA 324 -90.58 10.85 74.38
C ILE TA 324 -91.35 10.26 73.19
N MET TA 325 -91.60 8.95 73.24
CA MET TA 325 -92.40 8.30 72.20
C MET TA 325 -93.82 8.85 72.16
N LEU TA 326 -94.42 9.04 73.33
CA LEU TA 326 -95.78 9.56 73.37
C LEU TA 326 -95.84 11.05 73.06
N LYS TA 327 -94.70 11.74 73.04
CA LYS TA 327 -94.69 13.14 72.66
C LYS TA 327 -94.85 13.29 71.15
N LEU TA 328 -94.40 12.29 70.38
CA LEU TA 328 -94.52 12.30 68.93
C LEU TA 328 -95.70 11.48 68.43
N ASN TA 329 -95.97 10.34 69.07
CA ASN TA 329 -97.06 9.45 68.68
C ASN TA 329 -97.86 9.12 69.93
N PRO TA 330 -98.86 9.94 70.26
CA PRO TA 330 -99.69 9.65 71.45
C PRO TA 330 -100.47 8.35 71.35
N TYR TA 331 -100.69 7.83 70.14
CA TYR TA 331 -101.37 6.55 69.98
C TYR TA 331 -100.49 5.38 70.40
N ALA TA 332 -99.19 5.60 70.55
CA ALA TA 332 -98.31 4.49 70.91
C ALA TA 332 -98.59 3.96 72.31
N LYS TA 333 -99.22 4.76 73.16
CA LYS TA 333 -99.53 4.28 74.51
C LYS TA 333 -100.65 3.26 74.49
N THR TA 334 -101.71 3.52 73.73
CA THR TA 334 -102.82 2.57 73.68
C THR TA 334 -102.45 1.32 72.90
N MET TA 335 -101.58 1.47 71.90
CA MET TA 335 -101.02 0.30 71.25
C MET TA 335 -100.17 -0.51 72.22
N ARG TA 336 -99.43 0.17 73.08
CA ARG TA 336 -98.54 -0.51 74.02
C ARG TA 336 -99.34 -1.25 75.10
N ARG TA 337 -100.40 -0.63 75.63
CA ARG TA 337 -101.17 -1.32 76.65
C ARG TA 337 -102.04 -2.42 76.04
N ASN TA 338 -102.40 -2.28 74.76
CA ASN TA 338 -103.18 -3.33 74.12
C ASN TA 338 -102.36 -4.60 73.95
N THR TA 339 -101.09 -4.47 73.57
CA THR TA 339 -100.27 -5.66 73.39
C THR TA 339 -99.82 -6.25 74.71
N ILE TA 340 -99.70 -5.44 75.76
CA ILE TA 340 -99.37 -5.99 77.07
C ILE TA 340 -100.54 -6.80 77.61
N LEU TA 341 -101.75 -6.25 77.51
CA LEU TA 341 -102.93 -6.98 77.94
C LEU TA 341 -103.16 -8.21 77.08
N ARG TA 342 -102.96 -8.10 75.77
CA ARG TA 342 -103.15 -9.23 74.87
C ARG TA 342 -102.18 -10.35 75.18
N GLN TA 343 -100.91 -10.01 75.39
CA GLN TA 343 -99.91 -11.03 75.68
C GLN TA 343 -100.16 -11.67 77.04
N ALA TA 344 -100.75 -10.91 77.97
CA ALA TA 344 -101.09 -11.48 79.27
C ALA TA 344 -102.20 -12.52 79.12
N ARG TA 345 -103.22 -12.21 78.32
CA ARG TA 345 -104.33 -13.13 78.13
C ARG TA 345 -103.88 -14.38 77.39
N ASN TA 346 -103.07 -14.20 76.33
CA ASN TA 346 -102.59 -15.35 75.57
C ASN TA 346 -101.67 -16.22 76.40
N HIS TA 347 -100.81 -15.61 77.22
CA HIS TA 347 -99.95 -16.38 78.10
C HIS TA 347 -100.76 -17.12 79.14
N LYS TA 348 -101.80 -16.48 79.69
CA LYS TA 348 -102.68 -17.15 80.64
C LYS TA 348 -103.40 -18.32 80.00
N LEU TA 349 -103.89 -18.14 78.77
CA LEU TA 349 -104.63 -19.19 78.08
C LEU TA 349 -103.75 -20.41 77.84
N ARG TA 350 -102.51 -20.19 77.41
CA ARG TA 350 -101.62 -21.30 77.15
C ARG TA 350 -101.22 -22.02 78.43
N VAL TA 351 -101.13 -21.28 79.54
CA VAL TA 351 -100.73 -21.89 80.81
C VAL TA 351 -101.80 -22.87 81.28
N ASP TA 352 -103.06 -22.45 81.29
CA ASP TA 352 -104.11 -23.33 81.77
C ASP TA 352 -104.44 -24.42 80.74
N LYS TA 353 -104.20 -24.15 79.46
CA LYS TA 353 -104.45 -25.18 78.44
C LYS TA 353 -103.40 -26.27 78.52
N ALA TA 354 -102.15 -25.91 78.81
CA ALA TA 354 -101.11 -26.92 79.02
C ALA TA 354 -101.34 -27.66 80.34
N ALA TA 355 -101.89 -26.97 81.34
CA ALA TA 355 -102.26 -27.63 82.58
C ALA TA 355 -103.36 -28.67 82.35
N ALA TA 356 -104.33 -28.33 81.50
CA ALA TA 356 -105.38 -29.28 81.16
C ALA TA 356 -104.81 -30.47 80.39
N ALA TA 357 -103.85 -30.22 79.51
CA ALA TA 357 -103.25 -31.30 78.73
C ALA TA 357 -102.48 -32.25 79.64
N ALA TA 358 -101.73 -31.73 80.61
CA ALA TA 358 -100.98 -32.58 81.52
C ALA TA 358 -101.92 -33.38 82.42
N ALA TA 359 -102.97 -32.74 82.94
CA ALA TA 359 -103.91 -33.44 83.81
C ALA TA 359 -104.69 -34.50 83.04
N ALA TA 360 -105.10 -34.19 81.81
CA ALA TA 360 -105.81 -35.18 81.00
C ALA TA 360 -104.88 -36.31 80.58
N LEU TA 361 -103.60 -36.02 80.39
CA LEU TA 361 -102.62 -37.08 80.13
C LEU TA 361 -102.51 -38.02 81.33
N GLN TA 362 -102.61 -37.47 82.54
CA GLN TA 362 -102.67 -38.32 83.73
C GLN TA 362 -104.00 -39.06 83.82
N ALA TA 363 -105.05 -38.48 83.23
CA ALA TA 363 -106.36 -39.12 83.25
C ALA TA 363 -106.40 -40.32 82.32
N LYS TA 364 -105.84 -40.20 81.11
CA LYS TA 364 -105.85 -41.28 80.15
C LYS TA 364 -104.83 -42.36 80.47
N SER TA 365 -103.88 -42.08 81.35
CA SER TA 365 -102.92 -43.09 81.80
C SER TA 365 -103.31 -43.72 83.13
N ASP TA 366 -104.07 -42.99 83.96
CA ASP TA 366 -104.48 -43.44 85.28
C ASP TA 366 -105.99 -43.34 85.43
N GLU TA 367 -106.71 -43.87 84.44
CA GLU TA 367 -108.17 -43.81 84.49
C GLU TA 367 -108.72 -44.65 85.64
N LYS TA 368 -108.11 -45.81 85.90
CA LYS TA 368 -108.46 -46.68 87.02
C LYS TA 368 -109.95 -47.03 87.10
N GLY UA 1 -71.55 -21.73 -22.79
CA GLY UA 1 -71.09 -20.43 -22.35
C GLY UA 1 -69.59 -20.40 -22.07
N PHE UA 2 -68.93 -19.33 -22.54
CA PHE UA 2 -67.49 -19.21 -22.40
C PHE UA 2 -67.06 -17.82 -21.95
N VAL UA 3 -68.02 -16.97 -21.58
CA VAL UA 3 -67.72 -15.66 -21.02
C VAL UA 3 -68.57 -15.49 -19.77
N LYS UA 4 -68.09 -14.65 -18.87
CA LYS UA 4 -68.77 -14.43 -17.59
C LYS UA 4 -70.19 -13.91 -17.82
N VAL UA 5 -71.13 -14.47 -17.06
CA VAL UA 5 -72.50 -13.98 -17.11
C VAL UA 5 -72.55 -12.60 -16.47
N VAL UA 6 -72.86 -11.58 -17.27
CA VAL UA 6 -72.88 -10.21 -16.76
C VAL UA 6 -73.97 -10.04 -15.72
N LYS UA 7 -75.17 -10.54 -16.01
CA LYS UA 7 -76.31 -10.38 -15.11
C LYS UA 7 -76.49 -11.64 -14.25
N ASN UA 8 -75.49 -11.87 -13.40
CA ASN UA 8 -75.52 -12.99 -12.46
C ASN UA 8 -76.28 -12.55 -11.21
N LYS UA 9 -76.18 -13.36 -10.15
CA LYS UA 9 -76.83 -13.02 -8.89
C LYS UA 9 -76.23 -11.76 -8.29
N ALA UA 10 -74.91 -11.60 -8.40
CA ALA UA 10 -74.24 -10.45 -7.78
C ALA UA 10 -74.61 -9.15 -8.47
N TYR UA 11 -74.86 -9.20 -9.78
CA TYR UA 11 -75.22 -8.00 -10.51
C TYR UA 11 -76.54 -7.44 -10.03
N PHE UA 12 -77.52 -8.32 -9.79
CA PHE UA 12 -78.83 -7.86 -9.35
C PHE UA 12 -78.82 -7.46 -7.88
N LYS UA 13 -77.91 -8.02 -7.08
CA LYS UA 13 -77.88 -7.67 -5.67
C LYS UA 13 -77.42 -6.24 -5.46
N ARG UA 14 -76.50 -5.76 -6.29
CA ARG UA 14 -75.99 -4.41 -6.17
C ARG UA 14 -76.71 -3.40 -7.07
N TYR UA 15 -77.63 -3.86 -7.90
CA TYR UA 15 -78.26 -2.97 -8.85
C TYR UA 15 -79.15 -1.95 -8.13
N GLN UA 16 -78.99 -0.68 -8.48
CA GLN UA 16 -79.82 0.39 -7.93
C GLN UA 16 -80.68 0.95 -9.05
N VAL UA 17 -81.98 0.67 -8.98
CA VAL UA 17 -82.89 1.16 -10.00
C VAL UA 17 -82.98 2.68 -9.93
N LYS UA 18 -83.18 3.31 -11.08
CA LYS UA 18 -83.39 4.74 -11.12
C LYS UA 18 -84.81 5.05 -10.66
N PHE UA 19 -85.14 6.34 -10.59
CA PHE UA 19 -86.49 6.74 -10.23
C PHE UA 19 -87.48 6.18 -11.24
N ARG UA 20 -88.70 5.91 -10.77
CA ARG UA 20 -89.68 5.23 -11.60
C ARG UA 20 -89.98 6.01 -12.87
N ARG UA 21 -90.16 7.32 -12.76
CA ARG UA 21 -90.46 8.13 -13.93
C ARG UA 21 -89.21 8.47 -14.74
N ARG UA 22 -88.02 8.08 -14.27
CA ARG UA 22 -86.82 8.11 -15.09
C ARG UA 22 -86.65 6.80 -15.86
N ARG UA 23 -86.96 5.67 -15.22
CA ARG UA 23 -86.97 4.40 -15.92
C ARG UA 23 -88.01 4.39 -17.02
N GLU UA 24 -89.18 5.00 -16.76
CA GLU UA 24 -90.22 5.13 -17.75
C GLU UA 24 -89.87 6.11 -18.85
N GLY UA 25 -88.80 6.89 -18.68
CA GLY UA 25 -88.40 7.86 -19.69
C GLY UA 25 -89.36 9.00 -19.89
N LYS UA 26 -89.87 9.57 -18.79
CA LYS UA 26 -90.82 10.67 -18.87
C LYS UA 26 -90.32 11.95 -18.21
N THR UA 27 -89.60 11.84 -17.10
CA THR UA 27 -89.19 12.99 -16.31
C THR UA 27 -87.69 13.16 -16.38
N ASP UA 28 -87.25 14.39 -16.63
CA ASP UA 28 -85.84 14.76 -16.57
C ASP UA 28 -85.62 15.43 -15.22
N TYR UA 29 -85.05 14.68 -14.28
CA TYR UA 29 -84.97 15.17 -12.91
C TYR UA 29 -83.89 16.22 -12.74
N TYR UA 30 -82.96 16.32 -13.69
CA TYR UA 30 -82.00 17.42 -13.67
C TYR UA 30 -82.70 18.74 -13.90
N ALA UA 31 -83.54 18.81 -14.92
CA ALA UA 31 -84.27 20.04 -15.21
C ALA UA 31 -85.43 20.26 -14.26
N ARG UA 32 -86.02 19.19 -13.74
CA ARG UA 32 -87.15 19.33 -12.83
C ARG UA 32 -86.73 20.02 -11.54
N LYS UA 33 -85.54 19.71 -11.03
CA LYS UA 33 -85.08 20.33 -9.80
C LYS UA 33 -84.95 21.84 -9.95
N ARG UA 34 -84.44 22.30 -11.10
CA ARG UA 34 -84.32 23.73 -11.32
C ARG UA 34 -85.67 24.39 -11.60
N LEU UA 35 -86.65 23.62 -12.07
CA LEU UA 35 -87.93 24.20 -12.45
C LEU UA 35 -88.85 24.36 -11.25
N VAL UA 36 -89.03 23.30 -10.46
CA VAL UA 36 -90.14 23.24 -9.51
C VAL UA 36 -89.76 23.67 -8.11
N ILE UA 37 -88.49 23.85 -7.81
CA ILE UA 37 -88.04 24.14 -6.46
C ILE UA 37 -88.05 25.65 -6.24
N GLN UA 38 -88.81 26.09 -5.23
CA GLN UA 38 -88.88 27.50 -4.86
C GLN UA 38 -87.74 27.85 -3.92
N ASP UA 39 -87.30 29.11 -3.99
CA ASP UA 39 -86.29 29.61 -3.07
C ASP UA 39 -86.81 29.53 -1.64
N LYS UA 40 -85.93 29.14 -0.72
CA LYS UA 40 -86.38 28.84 0.63
C LYS UA 40 -86.74 30.08 1.44
N ASN UA 41 -86.29 31.26 1.04
CA ASN UA 41 -86.75 32.48 1.68
C ASN UA 41 -88.08 32.98 1.12
N LYS UA 42 -88.70 32.20 0.24
CA LYS UA 42 -90.05 32.48 -0.22
C LYS UA 42 -91.09 31.54 0.36
N TYR UA 43 -90.66 30.48 1.05
CA TYR UA 43 -91.52 29.64 1.90
C TYR UA 43 -92.58 28.97 1.03
N ASN UA 44 -93.86 29.04 1.39
CA ASN UA 44 -94.92 28.33 0.71
C ASN UA 44 -95.48 29.09 -0.49
N THR UA 45 -94.72 30.02 -1.03
CA THR UA 45 -95.14 30.69 -2.25
C THR UA 45 -95.08 29.70 -3.40
N PRO UA 46 -96.17 29.43 -4.10
CA PRO UA 46 -96.14 28.43 -5.16
C PRO UA 46 -95.36 28.92 -6.37
N LYS UA 47 -94.55 28.03 -6.92
CA LYS UA 47 -93.79 28.31 -8.13
C LYS UA 47 -94.51 27.61 -9.28
N TYR UA 48 -95.37 28.35 -9.97
CA TYR UA 48 -96.17 27.77 -11.03
C TYR UA 48 -95.32 27.48 -12.25
N ARG UA 49 -95.85 26.62 -13.12
CA ARG UA 49 -95.19 26.31 -14.38
C ARG UA 49 -96.24 25.80 -15.35
N MET UA 50 -95.93 25.90 -16.63
CA MET UA 50 -96.84 25.51 -17.71
C MET UA 50 -96.24 24.29 -18.41
N ILE UA 51 -96.77 23.12 -18.11
CA ILE UA 51 -96.35 21.89 -18.76
C ILE UA 51 -97.00 21.82 -20.14
N VAL UA 52 -96.19 21.58 -21.16
CA VAL UA 52 -96.68 21.38 -22.51
C VAL UA 52 -96.14 20.05 -23.02
N ARG UA 53 -97.04 19.13 -23.30
CA ARG UA 53 -96.67 17.80 -23.80
C ARG UA 53 -97.41 17.57 -25.11
N VAL UA 54 -96.65 17.31 -26.17
CA VAL UA 54 -97.23 17.07 -27.49
C VAL UA 54 -97.26 15.57 -27.71
N THR UA 55 -98.48 15.04 -27.84
CA THR UA 55 -98.73 13.62 -28.00
C THR UA 55 -98.89 13.34 -29.50
N ASN UA 56 -99.09 12.07 -29.87
CA ASN UA 56 -99.31 11.73 -31.27
C ASN UA 56 -100.58 12.38 -31.82
N ARG UA 57 -101.65 12.38 -31.02
CA ARG UA 57 -102.93 12.90 -31.50
C ARG UA 57 -103.51 13.95 -30.56
N ASP UA 58 -102.70 14.56 -29.70
CA ASP UA 58 -103.22 15.48 -28.71
C ASP UA 58 -102.12 16.43 -28.28
N ILE UA 59 -102.54 17.54 -27.65
CA ILE UA 59 -101.64 18.47 -26.98
C ILE UA 59 -102.18 18.71 -25.58
N ILE UA 60 -101.32 18.61 -24.58
CA ILE UA 60 -101.72 18.76 -23.18
C ILE UA 60 -100.99 19.97 -22.61
N CYS UA 61 -101.75 20.92 -22.08
CA CYS UA 61 -101.21 22.13 -21.49
C CYS UA 61 -101.78 22.28 -20.09
N GLN UA 62 -100.96 21.99 -19.08
CA GLN UA 62 -101.37 22.09 -17.69
C GLN UA 62 -100.58 23.18 -17.00
N ILE UA 63 -101.10 23.63 -15.86
CA ILE UA 63 -100.40 24.58 -14.99
C ILE UA 63 -100.35 23.95 -13.61
N ALA UA 64 -99.15 23.76 -13.09
CA ALA UA 64 -98.96 23.02 -11.86
C ALA UA 64 -97.90 23.68 -10.99
N TYR UA 65 -97.98 23.39 -9.69
CA TYR UA 65 -96.95 23.77 -8.74
C TYR UA 65 -96.62 22.56 -7.88
N ALA UA 66 -95.35 22.43 -7.52
CA ALA UA 66 -94.87 21.25 -6.84
C ALA UA 66 -95.25 21.24 -5.37
N ARG UA 67 -95.63 20.07 -4.88
CA ARG UA 67 -95.86 19.83 -3.46
C ARG UA 67 -95.17 18.54 -3.08
N ILE UA 68 -94.96 18.35 -1.77
CA ILE UA 68 -94.28 17.16 -1.28
C ILE UA 68 -95.09 15.91 -1.59
N GLU UA 69 -96.40 15.95 -1.34
CA GLU UA 69 -97.25 14.80 -1.60
C GLU UA 69 -97.46 14.55 -3.09
N GLY UA 70 -97.06 15.47 -3.94
CA GLY UA 70 -97.25 15.35 -5.38
C GLY UA 70 -97.67 16.67 -5.97
N ASP UA 71 -97.40 16.83 -7.27
CA ASP UA 71 -97.71 18.07 -7.95
C ASP UA 71 -99.21 18.33 -7.97
N MET UA 72 -99.58 19.61 -7.83
CA MET UA 72 -100.97 20.03 -7.83
C MET UA 72 -101.25 20.82 -9.09
N ILE UA 73 -102.27 20.41 -9.84
CA ILE UA 73 -102.64 21.06 -11.09
C ILE UA 73 -103.85 21.94 -10.83
N VAL UA 74 -103.78 23.20 -11.25
CA VAL UA 74 -104.85 24.16 -10.98
C VAL UA 74 -105.70 24.34 -12.23
N CYS UA 75 -105.11 24.15 -13.40
CA CYS UA 75 -105.86 24.31 -14.64
C CYS UA 75 -105.21 23.47 -15.72
N ALA UA 76 -106.04 22.82 -16.53
CA ALA UA 76 -105.58 22.00 -17.64
C ALA UA 76 -106.46 22.23 -18.85
N ALA UA 77 -105.83 22.30 -20.03
CA ALA UA 77 -106.54 22.50 -21.28
C ALA UA 77 -105.96 21.57 -22.33
N TYR UA 78 -106.75 20.62 -22.78
CA TYR UA 78 -106.35 19.65 -23.79
C TYR UA 78 -106.75 20.13 -25.18
N ALA UA 79 -106.07 19.58 -26.18
CA ALA UA 79 -106.38 19.89 -27.57
C ALA UA 79 -107.53 19.05 -28.11
N HIS UA 80 -107.91 17.97 -27.43
CA HIS UA 80 -109.02 17.15 -27.90
C HIS UA 80 -110.38 17.80 -27.65
N GLU UA 81 -110.44 18.83 -26.82
CA GLU UA 81 -111.67 19.60 -26.65
C GLU UA 81 -111.75 20.79 -27.60
N LEU UA 82 -110.78 20.94 -28.49
CA LEU UA 82 -110.90 21.92 -29.57
C LEU UA 82 -112.13 21.71 -30.45
N PRO UA 83 -112.54 20.49 -30.83
CA PRO UA 83 -113.77 20.35 -31.64
C PRO UA 83 -115.03 20.89 -30.99
N LYS UA 84 -115.01 21.26 -29.71
CA LYS UA 84 -116.15 21.91 -29.10
C LYS UA 84 -116.49 23.21 -29.81
N TYR UA 85 -115.51 23.85 -30.44
CA TYR UA 85 -115.73 25.12 -31.12
C TYR UA 85 -114.76 25.25 -32.27
N GLY UA 86 -115.27 25.69 -33.42
CA GLY UA 86 -114.41 26.01 -34.55
C GLY UA 86 -113.62 24.85 -35.11
N VAL UA 87 -112.32 24.83 -34.80
CA VAL UA 87 -111.44 23.81 -35.34
C VAL UA 87 -111.84 22.44 -34.82
N LYS UA 88 -112.00 21.49 -35.74
CA LYS UA 88 -112.33 20.11 -35.41
C LYS UA 88 -111.33 19.10 -35.94
N VAL UA 89 -110.52 19.46 -36.94
CA VAL UA 89 -109.61 18.53 -37.58
C VAL UA 89 -108.23 19.19 -37.61
N GLY UA 90 -107.21 18.37 -37.85
CA GLY UA 90 -105.85 18.88 -37.86
C GLY UA 90 -105.36 19.35 -36.52
N LEU UA 91 -105.64 18.59 -35.46
CA LEU UA 91 -105.14 18.91 -34.13
C LEU UA 91 -103.64 18.60 -34.09
N THR UA 92 -103.05 18.74 -32.89
CA THR UA 92 -101.65 18.48 -32.57
C THR UA 92 -100.67 19.13 -33.57
N ASN UA 93 -101.09 20.21 -34.23
CA ASN UA 93 -100.19 21.01 -35.06
C ASN UA 93 -99.91 22.32 -34.36
N TYR UA 94 -99.12 23.17 -35.02
CA TYR UA 94 -98.69 24.42 -34.39
C TYR UA 94 -99.87 25.34 -34.14
N ALA UA 95 -100.80 25.43 -35.09
CA ALA UA 95 -101.95 26.30 -34.91
C ALA UA 95 -102.83 25.84 -33.75
N ALA UA 96 -102.99 24.52 -33.59
CA ALA UA 96 -103.73 24.01 -32.43
C ALA UA 96 -102.96 24.20 -31.14
N ALA UA 97 -101.63 24.23 -31.22
CA ALA UA 97 -100.83 24.51 -30.03
C ALA UA 97 -101.10 25.92 -29.51
N TYR UA 98 -101.23 26.88 -30.43
CA TYR UA 98 -101.63 28.23 -30.03
C TYR UA 98 -103.03 28.24 -29.43
N CYS UA 99 -103.94 27.46 -30.02
CA CYS UA 99 -105.32 27.47 -29.55
C CYS UA 99 -105.45 26.88 -28.16
N THR UA 100 -104.74 25.80 -27.89
CA THR UA 100 -104.83 25.17 -26.57
C THR UA 100 -104.04 25.93 -25.52
N GLY UA 101 -102.95 26.58 -25.91
CA GLY UA 101 -102.23 27.43 -24.96
C GLY UA 101 -103.04 28.67 -24.59
N LEU UA 102 -103.70 29.26 -25.58
CA LEU UA 102 -104.57 30.40 -25.31
C LEU UA 102 -105.79 29.98 -24.50
N LEU UA 103 -106.31 28.79 -24.76
CA LEU UA 103 -107.45 28.29 -23.98
C LEU UA 103 -107.06 28.05 -22.54
N LEU UA 104 -105.84 27.56 -22.31
CA LEU UA 104 -105.34 27.39 -20.95
C LEU UA 104 -105.21 28.73 -20.25
N ALA UA 105 -104.71 29.74 -20.98
CA ALA UA 105 -104.55 31.06 -20.38
C ALA UA 105 -105.89 31.69 -20.03
N ARG UA 106 -106.87 31.57 -20.92
CA ARG UA 106 -108.17 32.19 -20.66
C ARG UA 106 -108.97 31.42 -19.61
N ARG UA 107 -108.78 30.10 -19.55
CA ARG UA 107 -109.46 29.33 -18.52
C ARG UA 107 -108.92 29.65 -17.13
N LEU UA 108 -107.61 29.85 -17.03
CA LEU UA 108 -107.00 30.15 -15.74
C LEU UA 108 -107.41 31.52 -15.23
N LEU UA 109 -107.33 32.54 -16.08
CA LEU UA 109 -107.73 33.88 -15.68
C LEU UA 109 -109.22 33.94 -15.36
N ASN UA 110 -110.02 33.11 -16.02
CA ASN UA 110 -111.44 33.03 -15.66
C ASN UA 110 -111.62 32.48 -14.25
N ARG UA 111 -110.85 31.46 -13.90
CA ARG UA 111 -110.95 30.87 -12.57
C ARG UA 111 -110.51 31.86 -11.49
N PHE UA 112 -109.45 32.61 -11.75
CA PHE UA 112 -108.95 33.58 -10.79
C PHE UA 112 -109.73 34.88 -10.79
N GLY UA 113 -110.61 35.09 -11.76
CA GLY UA 113 -111.39 36.30 -11.85
C GLY UA 113 -110.70 37.46 -12.54
N MET UA 114 -109.46 37.29 -13.00
CA MET UA 114 -108.73 38.35 -13.68
C MET UA 114 -109.03 38.33 -15.18
N ASP UA 115 -110.33 38.44 -15.49
CA ASP UA 115 -110.80 38.33 -16.86
C ASP UA 115 -110.74 39.68 -17.59
N LYS UA 116 -111.43 40.69 -17.05
CA LYS UA 116 -111.50 41.98 -17.72
C LYS UA 116 -110.13 42.63 -17.81
N ILE UA 117 -109.37 42.58 -16.73
CA ILE UA 117 -107.96 42.96 -16.79
C ILE UA 117 -107.17 41.83 -17.42
N TYR UA 118 -106.04 42.17 -18.03
CA TYR UA 118 -105.17 41.21 -18.72
C TYR UA 118 -105.94 40.49 -19.84
N GLU UA 119 -106.50 41.29 -20.75
CA GLU UA 119 -107.18 40.72 -21.91
C GLU UA 119 -106.21 40.08 -22.88
N GLY UA 120 -104.93 40.45 -22.84
CA GLY UA 120 -103.95 39.90 -23.75
C GLY UA 120 -104.03 40.52 -25.12
N GLN UA 121 -103.22 39.97 -26.03
CA GLN UA 121 -103.16 40.44 -27.41
C GLN UA 121 -104.30 39.80 -28.20
N VAL UA 122 -105.47 40.45 -28.15
CA VAL UA 122 -106.65 39.92 -28.82
C VAL UA 122 -106.43 39.89 -30.34
N GLU UA 123 -105.89 40.97 -30.89
CA GLU UA 123 -105.55 41.02 -32.30
C GLU UA 123 -104.24 40.27 -32.49
N VAL UA 124 -104.29 39.11 -33.13
CA VAL UA 124 -103.16 38.20 -33.13
C VAL UA 124 -102.15 38.63 -34.17
N THR UA 125 -100.93 38.90 -33.71
CA THR UA 125 -99.78 39.12 -34.58
C THR UA 125 -98.62 38.32 -34.03
N GLY UA 126 -97.67 38.00 -34.92
CA GLY UA 126 -96.55 37.18 -34.50
C GLY UA 126 -95.50 37.88 -33.69
N ASP UA 127 -95.63 39.19 -33.49
CA ASP UA 127 -94.63 39.97 -32.80
C ASP UA 127 -94.58 39.61 -31.32
N GLU UA 128 -93.53 40.10 -30.66
CA GLU UA 128 -93.35 39.84 -29.23
C GLU UA 128 -94.38 40.62 -28.43
N TYR UA 129 -95.04 39.92 -27.51
CA TYR UA 129 -95.96 40.54 -26.56
C TYR UA 129 -95.69 39.99 -25.18
N ASN UA 130 -95.60 40.89 -24.20
CA ASN UA 130 -95.38 40.51 -22.81
C ASN UA 130 -96.37 41.30 -21.95
N VAL UA 131 -97.31 40.59 -21.33
CA VAL UA 131 -98.31 41.26 -20.52
C VAL UA 131 -97.64 41.86 -19.29
N GLU UA 132 -98.04 43.08 -18.93
CA GLU UA 132 -97.49 43.79 -17.80
C GLU UA 132 -98.53 43.92 -16.71
N SER UA 133 -98.07 43.84 -15.46
CA SER UA 133 -98.97 44.00 -14.32
C SER UA 133 -99.52 45.43 -14.28
N ILE UA 134 -100.78 45.55 -13.87
CA ILE UA 134 -101.46 46.83 -13.79
C ILE UA 134 -101.52 47.25 -12.34
N ASP UA 135 -101.15 48.50 -12.07
CA ASP UA 135 -101.08 48.99 -10.69
C ASP UA 135 -102.46 49.03 -10.05
N GLY UA 136 -102.52 48.63 -8.79
CA GLY UA 136 -103.79 48.55 -8.08
C GLY UA 136 -104.52 47.25 -8.33
N GLN UA 137 -104.53 46.81 -9.59
CA GLN UA 137 -105.10 45.53 -9.94
C GLN UA 137 -104.22 44.40 -9.41
N PRO UA 138 -104.79 43.21 -9.22
CA PRO UA 138 -103.96 42.05 -8.86
C PRO UA 138 -102.92 41.78 -9.96
N GLY UA 139 -101.74 41.34 -9.54
CA GLY UA 139 -100.65 41.19 -10.46
C GLY UA 139 -100.88 40.08 -11.47
N ALA UA 140 -100.11 40.16 -12.55
CA ALA UA 140 -100.23 39.17 -13.62
C ALA UA 140 -99.74 37.81 -13.15
N PHE UA 141 -100.42 36.77 -13.60
CA PHE UA 141 -100.00 35.42 -13.28
C PHE UA 141 -98.70 35.09 -13.97
N THR UA 142 -97.72 34.61 -13.21
CA THR UA 142 -96.40 34.31 -13.72
C THR UA 142 -96.11 32.82 -13.58
N CYS UA 143 -95.76 32.19 -14.69
CA CYS UA 143 -95.35 30.79 -14.70
C CYS UA 143 -94.16 30.66 -15.63
N TYR UA 144 -93.60 29.45 -15.70
CA TYR UA 144 -92.44 29.19 -16.54
C TYR UA 144 -92.69 27.93 -17.36
N LEU UA 145 -92.15 27.92 -18.58
CA LEU UA 145 -92.44 26.83 -19.50
C LEU UA 145 -91.68 25.57 -19.12
N ASP UA 146 -92.40 24.48 -18.92
CA ASP UA 146 -91.82 23.16 -18.70
C ASP UA 146 -91.87 22.42 -20.03
N ALA UA 147 -90.77 22.48 -20.77
CA ALA UA 147 -90.73 21.86 -22.09
C ALA UA 147 -90.62 20.35 -22.02
N GLY UA 148 -89.99 19.82 -20.97
CA GLY UA 148 -89.84 18.39 -20.83
C GLY UA 148 -88.65 17.85 -21.60
N LEU UA 149 -88.82 16.70 -22.24
CA LEU UA 149 -87.76 16.09 -23.02
C LEU UA 149 -87.77 16.51 -24.48
N ALA UA 150 -88.66 17.40 -24.86
CA ALA UA 150 -88.73 17.85 -26.25
C ALA UA 150 -87.50 18.69 -26.60
N ARG UA 151 -86.94 18.43 -27.77
CA ARG UA 151 -85.80 19.19 -28.26
C ARG UA 151 -86.27 20.59 -28.66
N THR UA 152 -85.95 21.58 -27.83
CA THR UA 152 -86.43 22.95 -28.02
C THR UA 152 -85.56 23.63 -29.08
N THR UA 153 -85.87 23.35 -30.34
CA THR UA 153 -85.30 24.07 -31.47
C THR UA 153 -86.31 25.11 -31.94
N THR UA 154 -85.91 25.90 -32.91
CA THR UA 154 -86.79 26.90 -33.47
C THR UA 154 -87.95 26.23 -34.19
N GLY UA 155 -89.17 26.56 -33.81
CA GLY UA 155 -90.35 25.98 -34.42
C GLY UA 155 -91.02 24.88 -33.63
N ASN UA 156 -90.55 24.58 -32.43
CA ASN UA 156 -91.19 23.57 -31.60
C ASN UA 156 -92.59 24.01 -31.21
N LYS UA 157 -93.52 23.04 -31.17
CA LYS UA 157 -94.91 23.35 -30.87
C LYS UA 157 -95.12 23.74 -29.42
N VAL UA 158 -94.18 23.44 -28.54
CA VAL UA 158 -94.31 23.87 -27.15
C VAL UA 158 -94.19 25.38 -27.06
N PHE UA 159 -93.44 26.00 -27.98
CA PHE UA 159 -93.37 27.45 -28.03
C PHE UA 159 -94.61 28.05 -28.66
N GLY UA 160 -95.31 27.29 -29.50
CA GLY UA 160 -96.61 27.74 -29.96
C GLY UA 160 -97.64 27.78 -28.84
N ALA UA 161 -97.57 26.80 -27.93
CA ALA UA 161 -98.41 26.84 -26.74
C ALA UA 161 -98.03 28.02 -25.84
N LEU UA 162 -96.73 28.30 -25.73
CA LEU UA 162 -96.29 29.46 -24.96
C LEU UA 162 -96.79 30.76 -25.59
N LYS UA 163 -96.76 30.86 -26.92
CA LYS UA 163 -97.22 32.07 -27.57
C LYS UA 163 -98.71 32.28 -27.34
N GLY UA 164 -99.50 31.19 -27.36
CA GLY UA 164 -100.91 31.32 -27.06
C GLY UA 164 -101.16 31.73 -25.62
N ALA UA 165 -100.39 31.17 -24.70
CA ALA UA 165 -100.59 31.46 -23.28
C ALA UA 165 -100.24 32.90 -22.94
N VAL UA 166 -99.16 33.42 -23.53
CA VAL UA 166 -98.79 34.80 -23.23
C VAL UA 166 -99.76 35.78 -23.88
N ASP UA 167 -100.35 35.41 -25.02
CA ASP UA 167 -101.35 36.24 -25.64
C ASP UA 167 -102.70 36.14 -24.94
N GLY UA 168 -102.89 35.11 -24.10
CA GLY UA 168 -104.07 35.04 -23.27
C GLY UA 168 -104.01 35.92 -22.04
N GLY UA 169 -102.81 36.31 -21.61
CA GLY UA 169 -102.68 37.19 -20.47
C GLY UA 169 -101.80 36.66 -19.37
N LEU UA 170 -100.95 35.67 -19.67
CA LEU UA 170 -100.01 35.13 -18.71
C LEU UA 170 -98.61 35.67 -18.96
N SER UA 171 -97.92 36.02 -17.88
CA SER UA 171 -96.57 36.56 -17.94
C SER UA 171 -95.60 35.40 -17.83
N ILE UA 172 -95.21 34.85 -18.98
CA ILE UA 172 -94.24 33.76 -19.07
C ILE UA 172 -92.94 34.35 -19.63
N PRO UA 173 -91.84 34.32 -18.89
CA PRO UA 173 -90.58 34.84 -19.45
C PRO UA 173 -90.12 33.99 -20.63
N HIS UA 174 -89.74 34.66 -21.71
CA HIS UA 174 -89.34 34.00 -22.93
C HIS UA 174 -88.65 35.01 -23.84
N SER UA 175 -88.15 34.50 -24.96
CA SER UA 175 -87.64 35.32 -26.05
C SER UA 175 -88.20 34.79 -27.35
N THR UA 176 -88.05 35.58 -28.42
CA THR UA 176 -88.58 35.22 -29.71
C THR UA 176 -87.60 34.41 -30.56
N LYS UA 177 -86.53 33.89 -29.95
CA LYS UA 177 -85.55 33.13 -30.71
C LYS UA 177 -86.10 31.80 -31.20
N ARG UA 178 -87.05 31.21 -30.48
CA ARG UA 178 -87.52 29.87 -30.79
C ARG UA 178 -88.88 29.86 -31.48
N PHE UA 179 -89.39 31.01 -31.86
CA PHE UA 179 -90.58 31.01 -32.69
C PHE UA 179 -90.21 30.74 -34.14
N PRO UA 180 -91.15 30.21 -34.94
CA PRO UA 180 -90.81 29.88 -36.34
C PRO UA 180 -90.41 31.08 -37.17
N GLY UA 181 -90.77 32.29 -36.77
CA GLY UA 181 -90.38 33.46 -37.52
C GLY UA 181 -88.90 33.80 -37.43
N TYR UA 182 -88.22 33.33 -36.39
CA TYR UA 182 -86.83 33.69 -36.17
C TYR UA 182 -85.95 33.14 -37.27
N ASP UA 183 -85.02 33.97 -37.74
CA ASP UA 183 -84.07 33.59 -38.77
C ASP UA 183 -82.71 33.34 -38.14
N SER UA 184 -82.12 32.18 -38.44
CA SER UA 184 -80.88 31.79 -37.78
C SER UA 184 -79.70 32.61 -38.29
N GLU UA 185 -79.60 32.79 -39.61
CA GLU UA 185 -78.42 33.45 -40.17
C GLU UA 185 -78.43 34.95 -39.88
N SER UA 186 -79.58 35.60 -40.09
CA SER UA 186 -79.67 37.04 -39.90
C SER UA 186 -79.95 37.44 -38.46
N LYS UA 187 -80.26 36.48 -37.59
CA LYS UA 187 -80.56 36.73 -36.17
C LYS UA 187 -81.68 37.76 -36.02
N GLU UA 188 -82.68 37.67 -36.90
CA GLU UA 188 -83.78 38.61 -36.94
C GLU UA 188 -85.10 37.85 -36.89
N PHE UA 189 -86.01 38.29 -36.03
CA PHE UA 189 -87.31 37.66 -35.91
C PHE UA 189 -88.27 38.27 -36.92
N ASN UA 190 -88.76 37.44 -37.85
CA ASN UA 190 -89.64 37.94 -38.90
C ASN UA 190 -90.95 38.47 -38.35
N ALA UA 191 -91.54 37.76 -37.37
CA ALA UA 191 -92.78 38.11 -36.69
C ALA UA 191 -94.00 38.13 -37.61
N GLU UA 192 -93.84 37.75 -38.87
CA GLU UA 192 -94.96 37.64 -39.79
C GLU UA 192 -95.20 36.23 -40.26
N VAL UA 193 -94.14 35.49 -40.62
CA VAL UA 193 -94.30 34.07 -40.91
C VAL UA 193 -94.66 33.32 -39.64
N HIS UA 194 -94.31 33.88 -38.47
CA HIS UA 194 -94.82 33.32 -37.22
C HIS UA 194 -96.33 33.45 -37.14
N ARG UA 195 -96.88 34.58 -37.60
CA ARG UA 195 -98.32 34.75 -37.63
C ARG UA 195 -98.95 33.76 -38.60
N LYS UA 196 -98.25 33.43 -39.68
CA LYS UA 196 -98.75 32.43 -40.61
C LYS UA 196 -98.87 31.07 -39.93
N HIS UA 197 -97.84 30.67 -39.18
CA HIS UA 197 -97.88 29.38 -38.50
C HIS UA 197 -98.97 29.34 -37.45
N ILE UA 198 -99.23 30.47 -36.79
CA ILE UA 198 -100.32 30.54 -35.82
C ILE UA 198 -101.66 30.32 -36.51
N MET UA 199 -101.84 30.91 -37.69
CA MET UA 199 -103.08 30.76 -38.43
C MET UA 199 -103.12 29.50 -39.27
N GLY UA 200 -102.08 28.67 -39.24
CA GLY UA 200 -102.07 27.45 -40.01
C GLY UA 200 -101.83 27.64 -41.50
N GLN UA 201 -101.32 28.79 -41.90
CA GLN UA 201 -101.10 29.06 -43.32
C GLN UA 201 -100.01 28.16 -43.92
N ASN UA 202 -99.10 27.63 -43.10
CA ASN UA 202 -98.14 26.68 -43.63
C ASN UA 202 -98.81 25.35 -43.95
N VAL UA 203 -99.84 25.00 -43.18
CA VAL UA 203 -100.64 23.81 -43.50
C VAL UA 203 -101.48 24.06 -44.74
N ALA UA 204 -102.09 25.24 -44.84
CA ALA UA 204 -102.90 25.56 -46.01
C ALA UA 204 -102.05 25.62 -47.28
N ASP UA 205 -100.81 26.09 -47.16
CA ASP UA 205 -99.92 26.11 -48.30
C ASP UA 205 -99.66 24.70 -48.82
N TYR UA 206 -99.51 23.74 -47.92
CA TYR UA 206 -99.26 22.36 -48.31
C TYR UA 206 -100.51 21.70 -48.86
N MET UA 207 -101.69 22.11 -48.40
CA MET UA 207 -102.93 21.59 -48.97
C MET UA 207 -103.09 22.03 -50.42
N ARG UA 208 -102.89 23.32 -50.69
CA ARG UA 208 -102.94 23.79 -52.07
C ARG UA 208 -101.70 23.40 -52.85
N TYR UA 209 -100.69 22.85 -52.19
CA TYR UA 209 -99.53 22.31 -52.89
C TYR UA 209 -99.85 20.92 -53.43
N LEU UA 210 -100.25 20.01 -52.55
CA LEU UA 210 -100.56 18.64 -52.97
C LEU UA 210 -101.77 18.60 -53.89
N MET UA 211 -102.66 19.59 -53.79
CA MET UA 211 -103.80 19.65 -54.69
C MET UA 211 -103.38 19.74 -56.14
N GLU UA 212 -102.14 20.20 -56.40
CA GLU UA 212 -101.65 20.36 -57.76
C GLU UA 212 -100.63 19.30 -58.16
N GLU UA 213 -99.53 19.13 -57.41
CA GLU UA 213 -98.49 18.22 -57.85
C GLU UA 213 -98.92 16.76 -57.75
N ASP UA 214 -99.69 16.41 -56.71
CA ASP UA 214 -100.07 15.00 -56.54
C ASP UA 214 -101.44 14.95 -55.88
N GLU UA 215 -102.49 14.82 -56.69
CA GLU UA 215 -103.85 14.86 -56.17
C GLU UA 215 -104.16 13.68 -55.27
N ASP UA 216 -103.72 12.48 -55.66
CA ASP UA 216 -104.03 11.30 -54.85
C ASP UA 216 -103.21 11.26 -53.57
N ALA UA 217 -102.03 11.86 -53.57
CA ALA UA 217 -101.28 12.02 -52.32
C ALA UA 217 -101.98 13.00 -51.39
N TYR UA 218 -102.64 14.01 -51.96
CA TYR UA 218 -103.41 14.95 -51.15
C TYR UA 218 -104.56 14.22 -50.44
N LYS UA 219 -105.19 13.28 -51.12
CA LYS UA 219 -106.25 12.49 -50.48
C LYS UA 219 -105.68 11.63 -49.35
N LYS UA 220 -104.50 11.07 -49.55
CA LYS UA 220 -103.87 10.27 -48.51
C LYS UA 220 -103.50 11.12 -47.29
N GLN UA 221 -102.95 12.31 -47.53
CA GLN UA 221 -102.47 13.15 -46.44
C GLN UA 221 -103.64 13.74 -45.64
N PHE UA 222 -104.44 14.57 -46.29
CA PHE UA 222 -105.57 15.23 -45.65
C PHE UA 222 -106.87 14.50 -45.95
N SER UA 223 -106.98 13.27 -45.44
CA SER UA 223 -108.20 12.50 -45.67
C SER UA 223 -109.34 13.01 -44.80
N GLN UA 224 -109.06 13.35 -43.54
CA GLN UA 224 -110.09 13.85 -42.65
C GLN UA 224 -110.39 15.33 -42.88
N TYR UA 225 -109.49 16.05 -43.56
CA TYR UA 225 -109.80 17.41 -43.97
C TYR UA 225 -110.87 17.44 -45.04
N ILE UA 226 -110.91 16.43 -45.92
CA ILE UA 226 -111.98 16.34 -46.91
C ILE UA 226 -113.33 16.20 -46.22
N LYS UA 227 -113.38 15.40 -45.16
CA LYS UA 227 -114.58 15.35 -44.33
C LYS UA 227 -114.84 16.71 -43.71
N ASN UA 228 -116.07 17.19 -43.84
CA ASN UA 228 -116.53 18.51 -43.43
C ASN UA 228 -115.85 19.65 -44.19
N SER UA 229 -115.07 19.33 -45.23
CA SER UA 229 -114.56 20.28 -46.23
C SER UA 229 -113.85 21.48 -45.59
N VAL UA 230 -112.71 21.20 -44.97
CA VAL UA 230 -111.85 22.26 -44.43
C VAL UA 230 -110.92 22.67 -45.56
N THR UA 231 -111.41 23.58 -46.41
CA THR UA 231 -110.65 24.03 -47.56
C THR UA 231 -109.50 24.93 -47.11
N PRO UA 232 -108.41 25.01 -47.89
CA PRO UA 232 -107.25 25.81 -47.47
C PRO UA 232 -107.55 27.29 -47.27
N ASP UA 233 -108.46 27.86 -48.04
CA ASP UA 233 -108.70 29.30 -47.95
C ASP UA 233 -109.44 29.70 -46.68
N MET UA 234 -110.23 28.80 -46.10
CA MET UA 234 -111.00 29.12 -44.91
C MET UA 234 -110.28 28.74 -43.61
N MET UA 235 -109.03 28.26 -43.70
CA MET UA 235 -108.31 27.86 -42.50
C MET UA 235 -108.04 29.04 -41.59
N GLU UA 236 -107.60 30.18 -42.16
CA GLU UA 236 -107.27 31.33 -41.34
C GLU UA 236 -108.49 31.88 -40.63
N GLU UA 237 -109.64 31.94 -41.33
CA GLU UA 237 -110.86 32.39 -40.69
C GLU UA 237 -111.34 31.42 -39.63
N MET UA 238 -111.14 30.11 -39.88
CA MET UA 238 -111.56 29.10 -38.91
C MET UA 238 -110.79 29.23 -37.60
N TYR UA 239 -109.48 29.47 -37.69
CA TYR UA 239 -108.69 29.62 -36.47
C TYR UA 239 -109.00 30.92 -35.75
N LYS UA 240 -109.30 31.98 -36.51
CA LYS UA 240 -109.71 33.23 -35.88
C LYS UA 240 -111.02 33.07 -35.13
N LYS UA 241 -111.97 32.35 -35.71
CA LYS UA 241 -113.24 32.13 -35.03
C LYS UA 241 -113.05 31.27 -33.79
N ALA UA 242 -112.09 30.34 -33.83
CA ALA UA 242 -111.77 29.56 -32.65
C ALA UA 242 -111.21 30.44 -31.54
N HIS UA 243 -110.34 31.39 -31.90
CA HIS UA 243 -109.76 32.29 -30.91
C HIS UA 243 -110.84 33.16 -30.27
N ALA UA 244 -111.77 33.67 -31.08
CA ALA UA 244 -112.85 34.50 -30.54
C ALA UA 244 -113.76 33.69 -29.63
N ALA UA 245 -113.99 32.42 -29.96
CA ALA UA 245 -114.81 31.58 -29.10
C ALA UA 245 -114.11 31.29 -27.77
N ILE UA 246 -112.78 31.27 -27.77
CA ILE UA 246 -112.02 31.02 -26.54
C ILE UA 246 -112.19 32.17 -25.57
N ARG UA 247 -112.05 33.41 -26.07
CA ARG UA 247 -112.18 34.57 -25.19
C ARG UA 247 -113.60 34.71 -24.65
N GLU UA 248 -114.59 34.22 -25.40
CA GLU UA 248 -115.98 34.33 -24.97
C GLU UA 248 -116.28 33.39 -23.82
N ASN UA 249 -116.15 32.08 -24.05
CA ASN UA 249 -116.43 31.07 -23.05
C ASN UA 249 -115.27 30.08 -22.97
N PRO UA 250 -114.31 30.30 -22.08
CA PRO UA 250 -113.23 29.32 -21.86
C PRO UA 250 -113.46 28.35 -20.71
N VAL UA 251 -114.63 28.38 -20.07
CA VAL UA 251 -114.86 27.54 -18.90
C VAL UA 251 -115.07 26.09 -19.33
N TYR UA 252 -114.45 25.17 -18.59
CA TYR UA 252 -114.56 23.74 -18.86
C TYR UA 252 -115.65 23.13 -17.99
N GLU UA 253 -116.43 22.24 -18.58
CA GLU UA 253 -117.43 21.47 -17.87
C GLU UA 253 -117.13 19.99 -18.03
N LYS UA 254 -117.45 19.21 -17.00
CA LYS UA 254 -117.19 17.79 -16.99
C LYS UA 254 -118.46 17.03 -17.35
N LYS UA 255 -118.36 16.17 -18.35
CA LYS UA 255 -119.49 15.33 -18.72
C LYS UA 255 -119.76 14.30 -17.63
N PRO UA 256 -121.01 14.07 -17.27
CA PRO UA 256 -121.32 13.05 -16.25
C PRO UA 256 -121.59 11.68 -16.87
N LYS UA 257 -121.03 10.65 -16.24
CA LYS UA 257 -121.25 9.28 -16.67
C LYS UA 257 -121.03 8.37 -15.46
N LYS UA 258 -122.11 7.77 -14.96
CA LYS UA 258 -122.03 6.88 -13.81
C LYS UA 258 -122.86 5.61 -14.00
N GLU UA 259 -123.46 5.42 -15.19
CA GLU UA 259 -124.28 4.25 -15.48
C GLU UA 259 -123.43 3.07 -15.95
N VAL UA 260 -122.45 2.70 -15.14
CA VAL UA 260 -121.41 1.75 -15.52
C VAL UA 260 -121.38 0.59 -14.52
N LYS UA 261 -121.29 -0.62 -15.06
CA LYS UA 261 -121.12 -1.81 -14.26
C LYS UA 261 -119.69 -1.91 -13.76
N LYS UA 262 -119.48 -2.74 -12.74
CA LYS UA 262 -118.14 -2.98 -12.20
C LYS UA 262 -117.51 -4.21 -12.84
N LYS UA 263 -117.43 -4.16 -14.17
CA LYS UA 263 -116.80 -5.23 -14.93
C LYS UA 263 -115.29 -5.15 -14.78
N ARG UA 264 -114.66 -6.27 -14.47
CA ARG UA 264 -113.21 -6.34 -14.29
C ARG UA 264 -112.58 -6.98 -15.52
N TRP UA 265 -111.65 -6.26 -16.14
CA TRP UA 265 -111.00 -6.71 -17.36
C TRP UA 265 -109.61 -7.26 -17.13
N ASN UA 266 -109.21 -7.46 -15.88
CA ASN UA 266 -107.89 -7.95 -15.54
C ASN UA 266 -108.00 -9.23 -14.72
N ARG UA 267 -107.03 -10.10 -14.90
CA ARG UA 267 -106.99 -11.33 -14.11
C ARG UA 267 -106.54 -11.00 -12.69
N PRO UA 268 -107.31 -11.37 -11.67
CA PRO UA 268 -106.85 -11.16 -10.29
C PRO UA 268 -105.62 -12.00 -9.99
N LYS UA 269 -104.81 -11.50 -9.06
CA LYS UA 269 -103.56 -12.15 -8.73
C LYS UA 269 -103.83 -13.50 -8.07
N MET UA 270 -103.11 -14.53 -8.51
CA MET UA 270 -103.29 -15.87 -7.97
C MET UA 270 -102.90 -15.93 -6.50
N SER UA 271 -103.76 -16.56 -5.69
CA SER UA 271 -103.51 -16.69 -4.27
C SER UA 271 -102.43 -17.73 -4.02
N LEU UA 272 -101.90 -17.71 -2.79
CA LEU UA 272 -100.84 -18.64 -2.42
C LEU UA 272 -101.31 -20.08 -2.48
N ALA UA 273 -102.57 -20.33 -2.10
CA ALA UA 273 -103.11 -21.68 -2.17
C ALA UA 273 -103.15 -22.18 -3.61
N GLN UA 274 -103.57 -21.33 -4.54
CA GLN UA 274 -103.63 -21.74 -5.94
C GLN UA 274 -102.25 -21.94 -6.53
N LYS UA 275 -101.27 -21.13 -6.13
CA LYS UA 275 -99.91 -21.31 -6.61
C LYS UA 275 -99.33 -22.63 -6.10
N LYS UA 276 -99.55 -22.95 -4.83
CA LYS UA 276 -99.07 -24.21 -4.28
C LYS UA 276 -99.75 -25.40 -4.93
N ASP UA 277 -101.07 -25.30 -5.14
CA ASP UA 277 -101.80 -26.41 -5.74
C ASP UA 277 -101.39 -26.64 -7.18
N ARG UA 278 -101.12 -25.56 -7.91
CA ARG UA 278 -100.69 -25.70 -9.31
C ARG UA 278 -99.36 -26.41 -9.39
N VAL UA 279 -98.43 -26.13 -8.47
CA VAL UA 279 -97.18 -26.86 -8.41
C VAL UA 279 -97.43 -28.32 -8.07
N ALA UA 280 -98.39 -28.57 -7.15
CA ALA UA 280 -98.69 -29.94 -6.75
C ALA UA 280 -99.23 -30.75 -7.92
N GLN UA 281 -100.13 -30.15 -8.72
CA GLN UA 281 -100.66 -30.84 -9.88
C GLN UA 281 -99.57 -31.07 -10.93
N LYS UA 282 -98.69 -30.09 -11.11
CA LYS UA 282 -97.63 -30.22 -12.11
C LYS UA 282 -96.65 -31.32 -11.74
N LYS UA 283 -96.38 -31.49 -10.45
CA LYS UA 283 -95.50 -32.58 -10.02
C LYS UA 283 -96.15 -33.94 -10.27
N ALA UA 284 -97.45 -34.06 -9.99
CA ALA UA 284 -98.13 -35.33 -10.14
C ALA UA 284 -98.17 -35.78 -11.61
N SER UA 285 -98.42 -34.84 -12.52
CA SER UA 285 -98.49 -35.19 -13.94
C SER UA 285 -97.15 -35.67 -14.47
N PHE UA 286 -96.05 -35.04 -14.04
CA PHE UA 286 -94.74 -35.47 -14.50
C PHE UA 286 -94.42 -36.88 -14.02
N LEU UA 287 -94.73 -37.17 -12.75
CA LEU UA 287 -94.46 -38.50 -12.22
C LEU UA 287 -95.34 -39.55 -12.88
N ARG UA 288 -96.62 -39.22 -13.10
CA ARG UA 288 -97.53 -40.16 -13.75
C ARG UA 288 -97.08 -40.45 -15.19
N ALA UA 289 -96.67 -39.41 -15.91
CA ALA UA 289 -96.16 -39.60 -17.26
C ALA UA 289 -94.87 -40.41 -17.27
N GLN UA 290 -94.10 -40.33 -16.19
CA GLN UA 290 -92.90 -41.16 -16.08
C GLN UA 290 -93.27 -42.63 -15.93
N GLU UA 291 -94.35 -42.92 -15.19
CA GLU UA 291 -94.79 -44.30 -15.04
C GLU UA 291 -95.41 -44.83 -16.33
N ARG UA 292 -96.00 -43.95 -17.14
CA ARG UA 292 -96.61 -44.38 -18.40
C ARG UA 292 -95.59 -44.99 -19.34
N ALA UA 293 -94.41 -44.37 -19.43
CA ALA UA 293 -93.31 -44.84 -20.27
C ALA UA 293 -93.74 -45.01 -21.73
N LYS VA 1 -113.22 19.23 101.30
CA LYS VA 1 -112.18 18.22 101.10
C LYS VA 1 -112.72 16.82 101.36
N GLY VA 2 -112.53 15.93 100.39
CA GLY VA 2 -112.92 14.55 100.53
C GLY VA 2 -111.75 13.66 100.88
N LYS VA 3 -112.05 12.48 101.40
CA LYS VA 3 -111.00 11.53 101.74
C LYS VA 3 -110.33 11.03 100.47
N PRO VA 4 -109.00 11.13 100.36
CA PRO VA 4 -108.33 10.73 99.12
C PRO VA 4 -108.52 9.26 98.83
N HIS VA 5 -108.68 8.94 97.56
CA HIS VA 5 -108.96 7.60 97.09
C HIS VA 5 -107.68 6.97 96.52
N CYS VA 6 -107.69 5.65 96.40
CA CYS VA 6 -106.61 4.96 95.73
C CYS VA 6 -106.60 5.31 94.25
N SER VA 7 -105.58 4.82 93.54
CA SER VA 7 -105.31 5.29 92.19
C SER VA 7 -106.43 4.94 91.21
N ARG VA 8 -107.13 3.82 91.42
CA ARG VA 8 -108.22 3.35 90.56
C ARG VA 8 -107.75 3.03 89.15
N ASN VA 9 -106.45 3.15 88.90
CA ASN VA 9 -105.83 2.80 87.62
C ASN VA 9 -104.64 1.93 87.96
N PRO VA 10 -104.85 0.62 88.09
CA PRO VA 10 -103.74 -0.27 88.45
C PRO VA 10 -102.62 -0.23 87.42
N VAL VA 11 -101.39 -0.23 87.90
CA VAL VA 11 -100.25 -0.24 87.01
C VAL VA 11 -99.98 -1.66 86.56
N LEU VA 12 -99.74 -1.82 85.26
CA LEU VA 12 -99.36 -3.10 84.70
C LEU VA 12 -97.96 -3.08 84.12
N VAL VA 13 -97.53 -1.96 83.56
CA VAL VA 13 -96.14 -1.69 83.22
C VAL VA 13 -95.89 -0.24 83.63
N ARG VA 14 -94.68 0.04 84.12
CA ARG VA 14 -94.36 1.36 84.64
C ARG VA 14 -94.64 2.45 83.60
N GLY VA 15 -95.36 3.48 84.01
CA GLY VA 15 -95.75 4.55 83.12
C GLY VA 15 -97.05 4.33 82.38
N ILE VA 16 -97.64 3.15 82.48
CA ILE VA 16 -98.86 2.81 81.76
C ILE VA 16 -99.88 2.24 82.74
N GLY VA 17 -101.08 2.78 82.73
CA GLY VA 17 -102.15 2.22 83.51
C GLY VA 17 -102.94 1.20 82.71
N ARG VA 18 -103.74 0.41 83.43
CA ARG VA 18 -104.49 -0.66 82.79
C ARG VA 18 -105.72 -0.15 82.06
N TYR VA 19 -106.22 1.03 82.40
CA TYR VA 19 -107.42 1.57 81.80
C TYR VA 19 -107.10 2.79 80.94
N SER VA 20 -107.90 2.98 79.91
CA SER VA 20 -107.67 4.06 78.95
C SER VA 20 -108.21 5.37 79.48
N ARG VA 21 -108.21 6.40 78.63
CA ARG VA 21 -108.73 7.71 79.03
C ARG VA 21 -110.23 7.64 79.31
N SER VA 22 -110.99 7.00 78.41
CA SER VA 22 -112.43 6.93 78.58
C SER VA 22 -112.82 5.93 79.65
N ALA VA 23 -112.04 4.85 79.79
CA ALA VA 23 -112.31 3.88 80.84
C ALA VA 23 -112.12 4.50 82.22
N MET VA 24 -111.08 5.32 82.38
CA MET VA 24 -110.87 6.00 83.66
C MET VA 24 -111.87 7.13 83.85
N TYR VA 25 -112.44 7.65 82.75
CA TYR VA 25 -113.48 8.65 82.85
C TYR VA 25 -114.72 8.09 83.53
N SER VA 26 -115.10 6.86 83.18
CA SER VA 26 -116.27 6.25 83.79
C SER VA 26 -116.01 5.88 85.24
N ARG VA 27 -114.81 5.37 85.54
CA ARG VA 27 -114.48 4.99 86.91
C ARG VA 27 -114.45 6.20 87.84
N LYS VA 28 -113.93 7.33 87.36
CA LYS VA 28 -113.88 8.53 88.17
C LYS VA 28 -115.21 9.26 88.23
N ALA VA 29 -116.22 8.82 87.46
CA ALA VA 29 -117.51 9.49 87.35
C ALA VA 29 -117.36 10.96 86.96
N MET VA 30 -116.42 11.23 86.06
CA MET VA 30 -116.19 12.60 85.60
C MET VA 30 -117.37 13.16 84.81
N TYR VA 31 -118.31 12.31 84.39
CA TYR VA 31 -119.49 12.78 83.69
C TYR VA 31 -120.40 13.63 84.58
N LYS VA 32 -120.31 13.47 85.90
CA LYS VA 32 -121.10 14.27 86.82
C LYS VA 32 -120.26 15.15 87.73
N ARG VA 33 -118.95 15.00 87.72
CA ARG VA 33 -118.06 15.83 88.52
C ARG VA 33 -117.50 16.99 87.68
N LYS VA 34 -118.38 17.86 87.23
CA LYS VA 34 -118.01 19.00 86.40
C LYS VA 34 -118.13 20.28 87.20
N TYR VA 35 -117.09 21.11 87.13
CA TYR VA 35 -116.99 22.32 87.93
C TYR VA 35 -116.73 23.48 86.99
N SER VA 36 -117.64 24.46 86.97
CA SER VA 36 -117.55 25.56 86.02
C SER VA 36 -116.81 26.77 86.61
N ALA VA 37 -117.31 27.29 87.73
CA ALA VA 37 -116.75 28.48 88.36
C ALA VA 37 -116.51 28.21 89.84
N ALA VA 38 -116.07 29.24 90.55
CA ALA VA 38 -115.78 29.13 91.98
C ALA VA 38 -117.07 28.97 92.78
N LYS VA 49 -100.45 36.43 103.04
CA LYS VA 49 -100.09 35.11 103.55
C LYS VA 49 -99.02 35.23 104.63
N VAL VA 50 -97.83 35.64 104.22
CA VAL VA 50 -96.70 35.85 105.11
C VAL VA 50 -96.49 37.34 105.27
N LEU VA 51 -96.50 37.82 106.51
CA LEU VA 51 -96.34 39.24 106.79
C LEU VA 51 -94.86 39.54 106.91
N ALA VA 52 -94.32 40.27 105.92
CA ALA VA 52 -92.91 40.63 105.94
C ALA VA 52 -92.60 41.55 107.12
N THR VA 53 -93.47 42.51 107.38
CA THR VA 53 -93.27 43.48 108.45
C THR VA 53 -94.20 43.18 109.62
N VAL VA 54 -93.95 43.87 110.72
CA VAL VA 54 -94.81 43.82 111.89
C VAL VA 54 -94.57 45.08 112.71
N THR VA 55 -95.65 45.71 113.15
CA THR VA 55 -95.55 46.90 113.97
C THR VA 55 -95.37 46.49 115.43
N LYS VA 56 -94.46 47.19 116.12
CA LYS VA 56 -94.16 46.90 117.51
C LYS VA 56 -94.08 48.19 118.30
N PRO VA 57 -94.61 48.21 119.52
CA PRO VA 57 -94.45 49.40 120.38
C PRO VA 57 -93.01 49.57 120.83
N VAL VA 58 -92.34 50.60 120.31
CA VAL VA 58 -90.95 50.84 120.68
C VAL VA 58 -90.84 51.28 122.13
N GLY VA 59 -91.81 52.06 122.61
CA GLY VA 59 -91.76 52.60 123.95
C GLY VA 59 -90.98 53.89 124.05
N GLY VA 60 -91.03 54.50 125.23
CA GLY VA 60 -90.35 55.76 125.45
C GLY VA 60 -91.24 56.95 125.14
N ASP VA 61 -91.21 57.95 126.01
CA ASP VA 61 -92.00 59.16 125.81
C ASP VA 61 -91.50 59.94 124.60
N LYS VA 62 -92.45 60.55 123.88
CA LYS VA 62 -92.25 61.29 122.63
C LYS VA 62 -91.31 60.58 121.67
N ASN VA 63 -91.37 59.25 121.63
CA ASN VA 63 -90.57 58.44 120.71
C ASN VA 63 -91.40 58.00 119.51
N GLY VA 64 -92.55 58.62 119.28
CA GLY VA 64 -93.48 58.15 118.27
C GLY VA 64 -94.33 57.01 118.78
N GLY VA 65 -95.30 56.62 117.95
CA GLY VA 65 -96.20 55.57 118.34
C GLY VA 65 -95.55 54.19 118.39
N THR VA 66 -95.20 53.66 117.23
CA THR VA 66 -94.63 52.33 117.11
C THR VA 66 -93.50 52.38 116.09
N ARG VA 67 -93.00 51.20 115.72
CA ARG VA 67 -92.00 51.05 114.67
C ARG VA 67 -92.44 49.94 113.74
N VAL VA 68 -92.33 50.18 112.43
CA VAL VA 68 -92.66 49.17 111.42
C VAL VA 68 -91.40 48.35 111.20
N VAL VA 69 -91.23 47.31 112.01
CA VAL VA 69 -90.04 46.47 111.93
C VAL VA 69 -90.26 45.43 110.83
N LYS VA 70 -89.52 45.56 109.74
CA LYS VA 70 -89.58 44.60 108.65
C LYS VA 70 -88.58 43.48 108.92
N LEU VA 71 -88.94 42.27 108.48
CA LEU VA 71 -88.10 41.11 108.66
C LEU VA 71 -87.32 40.82 107.39
N ARG VA 72 -86.18 40.13 107.55
CA ARG VA 72 -85.31 39.75 106.45
C ARG VA 72 -84.85 40.98 105.66
N LYS VA 73 -84.08 41.81 106.36
CA LYS VA 73 -83.61 43.08 105.81
C LYS VA 73 -82.73 42.87 104.59
N MET VA 74 -82.46 43.96 103.88
CA MET VA 74 -81.61 43.91 102.71
C MET VA 74 -80.18 43.56 103.11
N PRO VA 75 -79.43 42.91 102.23
CA PRO VA 75 -78.03 42.59 102.54
C PRO VA 75 -77.21 43.85 102.75
N ARG VA 76 -76.27 43.78 103.69
CA ARG VA 76 -75.39 44.90 103.94
C ARG VA 76 -74.08 44.80 103.17
N TYR VA 77 -73.91 43.77 102.36
CA TYR VA 77 -72.72 43.63 101.54
C TYR VA 77 -73.05 42.72 100.37
N TYR VA 78 -72.56 43.10 99.18
CA TYR VA 78 -72.69 42.30 97.98
C TYR VA 78 -71.30 41.95 97.46
N PRO VA 79 -71.08 40.71 97.05
CA PRO VA 79 -69.81 40.37 96.40
C PRO VA 79 -69.67 41.10 95.07
N THR VA 80 -68.43 41.18 94.59
CA THR VA 80 -68.17 41.89 93.35
C THR VA 80 -68.87 41.23 92.17
N GLU VA 81 -69.10 39.93 92.24
CA GLU VA 81 -69.80 39.22 91.17
C GLU VA 81 -70.42 37.96 91.75
N ASP VA 82 -71.42 37.45 91.03
CA ASP VA 82 -72.19 36.28 91.45
C ASP VA 82 -72.20 35.24 90.34
N VAL VA 83 -72.77 34.09 90.67
CA VAL VA 83 -72.89 32.96 89.75
C VAL VA 83 -74.33 32.87 89.30
N PRO VA 84 -74.59 32.75 88.00
CA PRO VA 84 -75.98 32.59 87.55
C PRO VA 84 -76.57 31.28 88.07
N ARG VA 85 -77.88 31.30 88.29
CA ARG VA 85 -78.56 30.13 88.81
C ARG VA 85 -78.68 29.05 87.74
N LYS VA 86 -78.77 27.80 88.18
CA LYS VA 86 -78.80 26.67 87.29
C LYS VA 86 -80.18 26.52 86.65
N LEU VA 87 -80.21 25.80 85.53
CA LEU VA 87 -81.47 25.43 84.91
C LEU VA 87 -82.15 24.35 85.75
N LEU VA 88 -83.34 23.94 85.31
CA LEU VA 88 -84.13 22.95 86.02
C LEU VA 88 -84.00 21.59 85.34
N SER VA 89 -83.95 20.53 86.13
CA SER VA 89 -83.49 19.22 85.65
C SER VA 89 -84.54 18.12 85.68
N HIS VA 90 -85.72 18.37 86.25
CA HIS VA 90 -86.91 17.51 86.19
C HIS VA 90 -86.63 16.06 86.60
N GLY VA 91 -85.59 15.83 87.39
CA GLY VA 91 -85.34 14.52 87.96
C GLY VA 91 -84.42 14.65 89.16
N LYS VA 92 -83.49 13.72 89.29
CA LYS VA 92 -82.34 13.88 90.20
C LYS VA 92 -82.79 14.06 91.65
N LYS VA 93 -83.54 13.08 92.13
CA LYS VA 93 -84.04 13.11 93.48
C LYS VA 93 -82.89 12.99 94.48
N PRO VA 94 -83.08 13.48 95.70
CA PRO VA 94 -82.05 13.30 96.74
C PRO VA 94 -81.92 11.85 97.14
N PHE VA 95 -80.82 11.55 97.84
CA PHE VA 95 -80.49 10.16 98.16
C PHE VA 95 -81.55 9.54 99.07
N SER VA 96 -82.13 10.33 99.98
CA SER VA 96 -83.16 9.81 100.86
C SER VA 96 -84.43 9.44 100.13
N GLN VA 97 -84.64 9.95 98.93
CA GLN VA 97 -85.82 9.65 98.14
C GLN VA 97 -85.56 8.61 97.05
N HIS VA 98 -84.34 8.09 96.96
CA HIS VA 98 -84.05 7.05 95.99
C HIS VA 98 -84.77 5.76 96.36
N VAL VA 99 -85.08 4.96 95.34
CA VAL VA 99 -85.66 3.64 95.55
C VAL VA 99 -84.54 2.65 95.86
N ARG VA 100 -84.78 1.79 96.85
CA ARG VA 100 -83.74 0.91 97.37
C ARG VA 100 -83.93 -0.48 96.78
N LYS VA 101 -83.05 -0.83 95.83
CA LYS VA 101 -83.07 -2.16 95.24
C LYS VA 101 -82.29 -3.14 96.11
N LEU VA 102 -82.78 -4.37 96.16
CA LEU VA 102 -82.11 -5.45 96.87
C LEU VA 102 -82.05 -6.67 95.96
N ARG VA 103 -80.89 -7.32 95.93
CA ARG VA 103 -80.71 -8.47 95.05
C ARG VA 103 -81.65 -9.60 95.44
N ALA VA 104 -82.13 -10.32 94.43
CA ALA VA 104 -83.09 -11.39 94.66
C ALA VA 104 -82.50 -12.55 95.45
N SER VA 105 -81.18 -12.69 95.46
CA SER VA 105 -80.54 -13.76 96.21
C SER VA 105 -80.32 -13.41 97.67
N ILE VA 106 -80.71 -12.23 98.11
CA ILE VA 106 -80.55 -11.80 99.49
C ILE VA 106 -81.94 -11.68 100.10
N THR VA 107 -82.26 -12.58 101.02
CA THR VA 107 -83.52 -12.62 101.74
C THR VA 107 -83.22 -12.76 103.22
N PRO VA 108 -84.13 -12.33 104.09
CA PRO VA 108 -83.87 -12.42 105.55
C PRO VA 108 -83.55 -13.84 105.98
N GLY VA 109 -82.33 -14.01 106.51
CA GLY VA 109 -81.84 -15.31 106.91
C GLY VA 109 -80.72 -15.85 106.05
N THR VA 110 -80.37 -15.18 104.97
CA THR VA 110 -79.30 -15.65 104.10
C THR VA 110 -77.95 -15.48 104.77
N ILE VA 111 -77.11 -16.50 104.67
CA ILE VA 111 -75.72 -16.40 105.10
C ILE VA 111 -74.96 -15.64 104.03
N LEU VA 112 -74.35 -14.53 104.40
CA LEU VA 112 -73.56 -13.72 103.49
C LEU VA 112 -72.08 -13.92 103.78
N ILE VA 113 -71.25 -13.43 102.87
CA ILE VA 113 -69.81 -13.44 103.03
C ILE VA 113 -69.30 -12.01 102.87
N ILE VA 114 -68.73 -11.45 103.92
CA ILE VA 114 -68.16 -10.11 103.85
C ILE VA 114 -66.93 -10.13 102.95
N LEU VA 115 -66.77 -9.08 102.14
CA LEU VA 115 -65.66 -9.00 101.22
C LEU VA 115 -64.68 -7.88 101.52
N THR VA 116 -65.09 -6.85 102.27
CA THR VA 116 -64.24 -5.72 102.60
C THR VA 116 -64.39 -5.38 104.08
N GLY VA 117 -63.38 -4.73 104.62
CA GLY VA 117 -63.40 -4.30 106.01
C GLY VA 117 -62.54 -5.18 106.89
N ARG VA 118 -62.58 -4.86 108.19
CA ARG VA 118 -61.84 -5.66 109.16
C ARG VA 118 -62.43 -7.06 109.29
N HIS VA 119 -63.72 -7.21 109.00
CA HIS VA 119 -64.39 -8.50 109.01
C HIS VA 119 -64.33 -9.18 107.65
N ARG VA 120 -63.26 -8.94 106.91
CA ARG VA 120 -63.08 -9.48 105.58
C ARG VA 120 -63.10 -11.00 105.59
N GLY VA 121 -63.90 -11.58 104.71
CA GLY VA 121 -63.95 -13.01 104.54
C GLY VA 121 -64.89 -13.76 105.45
N LYS VA 122 -65.37 -13.12 106.53
CA LYS VA 122 -66.21 -13.83 107.47
C LYS VA 122 -67.60 -14.11 106.87
N ARG VA 123 -68.31 -15.04 107.49
CA ARG VA 123 -69.64 -15.44 107.06
C ARG VA 123 -70.65 -14.99 108.11
N VAL VA 124 -71.56 -14.10 107.72
CA VAL VA 124 -72.49 -13.49 108.65
C VAL VA 124 -73.92 -13.86 108.28
N VAL VA 125 -74.88 -13.37 109.06
CA VAL VA 125 -76.30 -13.66 108.86
C VAL VA 125 -77.02 -12.36 108.54
N PHE VA 126 -77.81 -12.36 107.47
CA PHE VA 126 -78.51 -11.17 107.02
C PHE VA 126 -79.87 -11.08 107.71
N LEU VA 127 -80.19 -9.90 108.23
CA LEU VA 127 -81.44 -9.71 108.97
C LEU VA 127 -82.47 -8.92 108.18
N LYS VA 128 -82.12 -7.72 107.74
CA LYS VA 128 -83.07 -6.84 107.05
C LYS VA 128 -82.29 -5.81 106.27
N GLN VA 129 -82.97 -5.16 105.33
CA GLN VA 129 -82.40 -4.04 104.60
C GLN VA 129 -82.88 -2.75 105.26
N LEU VA 130 -81.93 -1.86 105.55
CA LEU VA 130 -82.26 -0.62 106.23
C LEU VA 130 -82.78 0.43 105.25
N ALA VA 131 -83.26 1.54 105.80
CA ALA VA 131 -83.87 2.58 104.98
C ALA VA 131 -82.88 3.27 104.06
N SER VA 132 -81.59 3.17 104.34
CA SER VA 132 -80.56 3.74 103.48
C SER VA 132 -80.03 2.75 102.46
N GLY VA 133 -80.60 1.55 102.40
CA GLY VA 133 -80.17 0.52 101.48
C GLY VA 133 -79.09 -0.39 102.01
N LEU VA 134 -78.40 0.00 103.08
CA LEU VA 134 -77.36 -0.84 103.65
C LEU VA 134 -77.99 -2.00 104.40
N LEU VA 135 -77.44 -3.20 104.20
CA LEU VA 135 -77.93 -4.37 104.91
C LEU VA 135 -77.57 -4.29 106.38
N LEU VA 136 -78.46 -4.82 107.22
CA LEU VA 136 -78.18 -5.00 108.64
C LEU VA 136 -77.89 -6.47 108.87
N VAL VA 137 -76.66 -6.80 109.23
CA VAL VA 137 -76.23 -8.17 109.38
C VAL VA 137 -75.64 -8.37 110.75
N THR VA 138 -75.70 -9.61 111.23
CA THR VA 138 -74.93 -10.02 112.40
C THR VA 138 -74.68 -11.53 112.31
N GLY VA 139 -73.48 -11.89 111.85
CA GLY VA 139 -72.95 -13.17 112.20
C GLY VA 139 -72.70 -13.08 113.67
N PRO VA 140 -73.35 -13.95 114.46
CA PRO VA 140 -73.47 -13.70 115.90
C PRO VA 140 -72.11 -13.50 116.55
N LEU VA 141 -72.07 -12.57 117.51
CA LEU VA 141 -70.80 -12.14 118.09
C LEU VA 141 -70.08 -13.29 118.79
N VAL VA 142 -70.82 -14.26 119.33
CA VAL VA 142 -70.20 -15.41 119.96
C VAL VA 142 -69.61 -16.38 118.96
N LEU VA 143 -69.92 -16.24 117.67
CA LEU VA 143 -69.47 -17.15 116.64
C LEU VA 143 -68.28 -16.63 115.86
N ASN VA 144 -68.32 -15.37 115.41
CA ASN VA 144 -67.25 -14.84 114.58
C ASN VA 144 -66.88 -13.40 114.92
N ARG VA 145 -67.31 -12.91 116.08
CA ARG VA 145 -66.96 -11.56 116.58
C ARG VA 145 -67.45 -10.46 115.66
N VAL VA 146 -68.57 -10.68 114.98
CA VAL VA 146 -69.21 -9.65 114.15
C VAL VA 146 -70.40 -9.10 114.92
N PRO VA 147 -70.42 -7.82 115.25
CA PRO VA 147 -71.56 -7.28 115.99
C PRO VA 147 -72.74 -7.00 115.09
N LEU VA 148 -73.80 -6.41 115.64
CA LEU VA 148 -74.88 -5.87 114.82
C LEU VA 148 -74.33 -4.71 114.01
N ARG VA 149 -74.08 -4.96 112.73
CA ARG VA 149 -73.30 -4.05 111.92
C ARG VA 149 -73.97 -3.83 110.57
N ARG VA 150 -73.79 -2.64 110.03
CA ARG VA 150 -74.23 -2.38 108.67
C ARG VA 150 -73.21 -2.94 107.69
N THR VA 151 -73.66 -3.13 106.45
CA THR VA 151 -72.79 -3.55 105.36
C THR VA 151 -73.47 -3.16 104.06
N HIS VA 152 -72.70 -3.19 102.97
CA HIS VA 152 -73.23 -2.83 101.67
C HIS VA 152 -73.48 -4.09 100.84
N GLN VA 153 -74.63 -4.13 100.17
CA GLN VA 153 -75.02 -5.33 99.43
C GLN VA 153 -74.11 -5.60 98.25
N LYS VA 154 -73.40 -4.60 97.75
CA LYS VA 154 -72.50 -4.82 96.63
C LYS VA 154 -71.20 -5.47 97.07
N PHE VA 155 -70.88 -5.46 98.36
CA PHE VA 155 -69.61 -5.99 98.85
C PHE VA 155 -69.81 -7.26 99.66
N VAL VA 156 -70.89 -7.99 99.41
CA VAL VA 156 -71.14 -9.28 100.06
C VAL VA 156 -71.48 -10.30 99.00
N ILE VA 157 -71.22 -11.56 99.31
CA ILE VA 157 -71.58 -12.69 98.46
C ILE VA 157 -72.72 -13.44 99.15
N ALA VA 158 -73.88 -13.48 98.51
CA ALA VA 158 -75.02 -14.18 99.07
C ALA VA 158 -74.90 -15.66 98.72
N THR VA 159 -74.69 -16.49 99.73
CA THR VA 159 -74.64 -17.93 99.52
C THR VA 159 -76.05 -18.52 99.51
N SER VA 160 -76.16 -19.75 99.06
CA SER VA 160 -77.45 -20.41 98.92
C SER VA 160 -78.03 -20.87 100.26
N THR VA 161 -77.19 -21.15 101.24
CA THR VA 161 -77.69 -21.60 102.54
C THR VA 161 -78.44 -20.47 103.25
N LYS VA 162 -79.53 -20.83 103.90
CA LYS VA 162 -80.41 -19.86 104.53
C LYS VA 162 -81.01 -20.48 105.78
N ILE VA 163 -81.13 -19.67 106.83
CA ILE VA 163 -81.87 -20.06 108.02
C ILE VA 163 -83.15 -19.25 108.06
N ASP VA 164 -84.20 -19.83 108.64
CA ASP VA 164 -85.51 -19.20 108.71
C ASP VA 164 -85.53 -18.32 109.96
N ILE VA 165 -85.27 -17.04 109.78
CA ILE VA 165 -85.26 -16.10 110.91
C ILE VA 165 -86.51 -15.26 110.88
N SER VA 166 -87.59 -15.81 110.30
CA SER VA 166 -88.89 -15.18 110.46
C SER VA 166 -89.34 -15.31 111.91
N ASN VA 167 -90.45 -14.65 112.23
CA ASN VA 167 -91.03 -14.57 113.58
C ASN VA 167 -89.98 -14.30 114.66
N VAL VA 168 -88.95 -13.51 114.33
CA VAL VA 168 -88.04 -12.97 115.32
C VAL VA 168 -88.27 -11.46 115.36
N LYS VA 169 -87.94 -10.85 116.48
CA LYS VA 169 -88.24 -9.44 116.72
C LYS VA 169 -86.96 -8.63 116.63
N ILE VA 170 -86.70 -8.11 115.43
CA ILE VA 170 -85.65 -7.10 115.26
C ILE VA 170 -86.18 -5.82 115.88
N PRO VA 171 -85.50 -5.23 116.84
CA PRO VA 171 -86.04 -4.05 117.52
C PRO VA 171 -86.23 -2.88 116.57
N LYS VA 172 -87.22 -2.04 116.89
CA LYS VA 172 -87.63 -0.97 115.99
C LYS VA 172 -86.57 0.12 115.86
N HIS VA 173 -85.77 0.33 116.90
CA HIS VA 173 -84.83 1.44 116.93
C HIS VA 173 -83.52 1.14 116.22
N LEU VA 174 -83.37 -0.04 115.65
CA LEU VA 174 -82.17 -0.38 114.87
C LEU VA 174 -82.32 0.21 113.48
N THR VA 175 -81.96 1.47 113.35
CA THR VA 175 -82.10 2.21 112.10
C THR VA 175 -80.73 2.72 111.65
N ASP VA 176 -80.74 3.44 110.54
CA ASP VA 176 -79.48 4.02 110.04
C ASP VA 176 -78.96 5.10 110.97
N ALA VA 177 -79.85 5.84 111.63
CA ALA VA 177 -79.42 6.81 112.63
C ALA VA 177 -78.77 6.13 113.81
N TYR VA 178 -79.21 4.90 114.13
CA TYR VA 178 -78.61 4.16 115.22
C TYR VA 178 -77.16 3.79 114.90
N PHE VA 179 -76.90 3.36 113.67
CA PHE VA 179 -75.58 2.86 113.29
C PHE VA 179 -74.68 3.95 112.71
N LYS VA 180 -75.19 5.16 112.54
CA LYS VA 180 -74.39 6.24 111.97
C LYS VA 180 -73.24 6.60 112.92
N LYS VA 181 -72.08 6.85 112.35
CA LYS VA 181 -70.89 7.13 113.15
C LYS VA 181 -71.05 8.46 113.89
N LYS VA 182 -70.49 8.50 115.09
CA LYS VA 182 -70.47 9.70 115.91
C LYS VA 182 -69.05 10.23 115.99
N LYS VA 183 -68.93 11.55 116.18
CA LYS VA 183 -67.62 12.18 116.28
C LYS VA 183 -67.64 13.21 117.40
N LEU VA 184 -66.46 13.42 117.98
CA LEU VA 184 -66.23 14.51 118.92
C LEU VA 184 -65.25 15.55 118.39
N ARG VA 185 -64.63 15.29 117.24
CA ARG VA 185 -63.70 16.21 116.62
C ARG VA 185 -64.40 17.06 115.56
N LYS VA 186 -63.99 18.33 115.45
CA LYS VA 186 -62.99 18.96 116.32
C LYS VA 186 -63.32 20.41 116.62
N PRO VA 187 -64.35 20.65 117.44
CA PRO VA 187 -64.62 22.03 117.89
C PRO VA 187 -63.75 22.40 119.08
N ARG VA 188 -64.00 23.57 119.67
CA ARG VA 188 -63.28 24.16 120.81
C ARG VA 188 -61.76 24.04 120.67
N HIS VA 189 -61.27 24.02 119.43
CA HIS VA 189 -59.85 23.86 119.14
C HIS VA 189 -59.60 24.29 117.69
N GLN VA 190 -58.76 25.29 117.48
CA GLN VA 190 -58.58 25.88 116.16
C GLN VA 190 -57.20 25.63 115.59
N GLU VA 191 -56.14 26.04 116.29
CA GLU VA 191 -54.78 25.82 115.84
C GLU VA 191 -54.25 24.53 116.44
N GLY VA 192 -53.64 23.70 115.61
CA GLY VA 192 -53.18 22.41 116.08
C GLY VA 192 -51.82 22.47 116.75
N GLU VA 193 -51.83 22.52 118.08
CA GLU VA 193 -50.61 22.45 118.87
C GLU VA 193 -50.72 21.55 120.08
N ILE VA 194 -51.92 21.15 120.49
CA ILE VA 194 -52.14 20.22 121.59
C ILE VA 194 -52.93 19.03 121.06
N PHE VA 195 -52.47 17.83 121.40
CA PHE VA 195 -53.11 16.62 120.90
C PHE VA 195 -54.51 16.47 121.49
N ASP VA 196 -55.46 16.12 120.64
CA ASP VA 196 -56.82 15.78 121.04
C ASP VA 196 -57.09 14.30 120.78
N THR VA 197 -56.09 13.45 121.03
CA THR VA 197 -56.10 12.03 120.71
C THR VA 197 -57.05 11.21 121.58
N GLU VA 198 -57.85 11.84 122.44
CA GLU VA 198 -58.88 11.11 123.15
C GLU VA 198 -60.02 10.75 122.20
N LYS VA 199 -60.90 9.87 122.68
CA LYS VA 199 -62.07 9.34 121.97
C LYS VA 199 -61.62 8.36 120.88
N GLU VA 200 -60.31 8.27 120.66
CA GLU VA 200 -59.79 7.29 119.70
C GLU VA 200 -60.09 5.86 120.16
N LYS VA 201 -60.24 5.66 121.46
CA LYS VA 201 -60.81 4.43 121.99
C LYS VA 201 -62.32 4.55 121.91
N TYR VA 202 -62.88 4.08 120.80
CA TYR VA 202 -64.33 4.06 120.64
C TYR VA 202 -64.94 3.11 121.67
N GLU VA 203 -65.98 3.57 122.35
CA GLU VA 203 -66.56 2.85 123.46
C GLU VA 203 -67.90 2.24 123.02
N ILE VA 204 -68.08 0.96 123.33
CA ILE VA 204 -69.32 0.27 123.01
C ILE VA 204 -70.39 0.70 124.01
N THR VA 205 -71.48 1.27 123.52
CA THR VA 205 -72.58 1.65 124.37
C THR VA 205 -73.21 0.43 125.01
N GLU VA 206 -73.66 0.58 126.27
CA GLU VA 206 -74.36 -0.50 126.93
C GLU VA 206 -75.64 -0.88 126.19
N GLN VA 207 -76.27 0.08 125.54
CA GLN VA 207 -77.45 -0.22 124.72
C GLN VA 207 -77.09 -1.13 123.56
N ARG VA 208 -75.91 -0.93 122.96
CA ARG VA 208 -75.46 -1.80 121.89
C ARG VA 208 -75.28 -3.23 122.36
N LYS VA 209 -74.78 -3.40 123.59
CA LYS VA 209 -74.63 -4.75 124.14
C LYS VA 209 -75.98 -5.38 124.46
N ILE VA 210 -76.95 -4.56 124.87
CA ILE VA 210 -78.29 -5.08 125.14
C ILE VA 210 -78.95 -5.56 123.86
N ASP VA 211 -78.86 -4.76 122.80
CA ASP VA 211 -79.46 -5.15 121.52
C ASP VA 211 -78.76 -6.36 120.93
N GLN VA 212 -77.43 -6.44 121.08
CA GLN VA 212 -76.69 -7.60 120.60
C GLN VA 212 -77.17 -8.87 121.28
N LYS VA 213 -77.36 -8.81 122.60
CA LYS VA 213 -77.85 -9.98 123.33
C LYS VA 213 -79.27 -10.34 122.92
N ALA VA 214 -80.11 -9.33 122.70
CA ALA VA 214 -81.50 -9.59 122.35
C ALA VA 214 -81.62 -10.26 120.98
N VAL VA 215 -80.86 -9.77 120.00
CA VAL VA 215 -80.94 -10.32 118.66
C VAL VA 215 -80.30 -11.71 118.60
N ASP VA 216 -79.16 -11.87 119.27
CA ASP VA 216 -78.45 -13.15 119.21
C ASP VA 216 -79.23 -14.25 119.94
N SER VA 217 -79.93 -13.90 121.00
CA SER VA 217 -80.60 -14.92 121.82
C SER VA 217 -81.72 -15.62 121.06
N GLN VA 218 -82.27 -15.01 120.02
CA GLN VA 218 -83.31 -15.64 119.23
C GLN VA 218 -82.83 -16.12 117.86
N ILE VA 219 -81.57 -15.87 117.52
CA ILE VA 219 -81.00 -16.36 116.28
C ILE VA 219 -80.11 -17.56 116.51
N LEU VA 220 -79.31 -17.51 117.58
CA LEU VA 220 -78.40 -18.61 117.89
C LEU VA 220 -79.10 -19.97 118.07
N PRO VA 221 -80.23 -20.08 118.78
CA PRO VA 221 -80.92 -21.39 118.80
C PRO VA 221 -81.33 -21.88 117.42
N LYS VA 222 -81.66 -20.98 116.51
CA LYS VA 222 -81.99 -21.39 115.15
C LYS VA 222 -80.75 -21.85 114.40
N ILE VA 223 -79.59 -21.30 114.74
CA ILE VA 223 -78.35 -21.74 114.11
C ILE VA 223 -77.97 -23.14 114.57
N LYS VA 224 -78.07 -23.41 115.87
CA LYS VA 224 -77.76 -24.73 116.40
C LYS VA 224 -78.78 -25.78 115.96
N ALA VA 225 -79.90 -25.37 115.40
CA ALA VA 225 -80.93 -26.33 115.00
C ALA VA 225 -80.47 -27.22 113.86
N ILE VA 226 -79.62 -26.71 112.98
CA ILE VA 226 -79.13 -27.51 111.86
C ILE VA 226 -77.67 -27.87 112.11
N PRO VA 227 -77.23 -29.06 111.69
CA PRO VA 227 -75.90 -29.52 112.10
C PRO VA 227 -74.78 -28.72 111.45
N GLN VA 228 -73.72 -28.52 112.23
CA GLN VA 228 -72.47 -27.86 111.86
C GLN VA 228 -72.69 -26.64 110.97
N LEU VA 229 -73.63 -25.79 111.40
CA LEU VA 229 -73.71 -24.43 110.86
C LEU VA 229 -72.90 -23.45 111.68
N GLN VA 230 -72.86 -23.63 113.01
CA GLN VA 230 -72.06 -22.76 113.86
C GLN VA 230 -70.58 -22.89 113.52
N GLY VA 231 -70.16 -24.10 113.11
CA GLY VA 231 -68.81 -24.25 112.59
C GLY VA 231 -68.62 -23.52 111.27
N TYR VA 232 -69.65 -23.49 110.43
CA TYR VA 232 -69.57 -22.80 109.15
C TYR VA 232 -69.44 -21.30 109.34
N LEU VA 233 -70.26 -20.73 110.24
CA LEU VA 233 -70.18 -19.30 110.53
C LEU VA 233 -68.90 -18.95 111.26
N ARG VA 234 -68.26 -19.92 111.90
CA ARG VA 234 -67.04 -19.66 112.66
C ARG VA 234 -65.84 -19.47 111.74
N SER VA 235 -65.81 -20.18 110.62
CA SER VA 235 -64.66 -20.16 109.73
C SER VA 235 -64.84 -19.12 108.62
N VAL VA 236 -63.73 -18.65 108.08
CA VAL VA 236 -63.74 -17.60 107.08
C VAL VA 236 -63.67 -18.23 105.70
N PHE VA 237 -64.04 -17.43 104.69
CA PHE VA 237 -63.98 -17.84 103.30
C PHE VA 237 -62.63 -17.46 102.71
N ALA VA 238 -62.09 -18.35 101.88
CA ALA VA 238 -60.78 -18.14 101.30
C ALA VA 238 -60.72 -18.81 99.94
N LEU VA 239 -59.77 -18.36 99.13
CA LEU VA 239 -59.59 -18.90 97.79
C LEU VA 239 -58.37 -19.81 97.78
N THR VA 240 -58.61 -21.09 97.50
CA THR VA 240 -57.55 -22.07 97.32
C THR VA 240 -57.10 -22.04 95.87
N ASN VA 241 -55.83 -22.38 95.63
CA ASN VA 241 -55.26 -22.25 94.29
C ASN VA 241 -55.96 -23.12 93.26
N GLY VA 242 -56.67 -24.16 93.69
CA GLY VA 242 -57.42 -24.96 92.74
C GLY VA 242 -58.76 -24.37 92.35
N ILE VA 243 -59.38 -23.62 93.25
CA ILE VA 243 -60.76 -23.19 93.07
C ILE VA 243 -60.81 -21.81 92.43
N TYR VA 244 -61.82 -21.60 91.59
CA TYR VA 244 -62.01 -20.36 90.86
C TYR VA 244 -63.42 -19.85 91.14
N PRO VA 245 -63.57 -18.56 91.46
CA PRO VA 245 -64.90 -18.07 91.89
C PRO VA 245 -65.98 -18.17 90.83
N HIS VA 246 -65.62 -18.19 89.55
CA HIS VA 246 -66.63 -18.32 88.51
C HIS VA 246 -67.16 -19.75 88.39
N LYS VA 247 -66.33 -20.74 88.71
CA LYS VA 247 -66.77 -22.12 88.72
C LYS VA 247 -67.51 -22.48 90.00
N LEU VA 248 -67.42 -21.66 91.03
CA LEU VA 248 -68.04 -21.98 92.30
C LEU VA 248 -69.56 -21.79 92.24
N VAL VA 249 -70.25 -22.53 93.10
CA VAL VA 249 -71.67 -22.32 93.37
C VAL VA 249 -71.76 -21.88 94.81
N PHE VA 250 -72.26 -20.67 95.05
CA PHE VA 250 -72.31 -20.12 96.39
C PHE VA 250 -73.67 -20.39 97.02
N ASN WA 1 -107.94 48.77 84.55
CA ASN WA 1 -107.67 48.10 83.29
C ASN WA 1 -106.79 46.86 83.52
N PHE WA 2 -106.30 46.69 84.75
CA PHE WA 2 -105.49 45.52 85.06
C PHE WA 2 -106.30 44.24 84.94
N ALA WA 3 -107.55 44.27 85.42
CA ALA WA 3 -108.39 43.08 85.32
C ALA WA 3 -108.89 42.85 83.89
N GLU WA 4 -109.07 43.92 83.13
CA GLU WA 4 -109.51 43.77 81.74
C GLU WA 4 -108.45 43.06 80.90
N LEU WA 5 -107.19 43.44 81.08
CA LEU WA 5 -106.11 42.73 80.39
C LEU WA 5 -105.87 41.36 81.01
N LYS WA 6 -106.22 41.19 82.28
CA LYS WA 6 -106.09 39.88 82.92
C LYS WA 6 -107.01 38.86 82.27
N ILE WA 7 -108.25 39.24 82.01
CA ILE WA 7 -109.21 38.33 81.39
C ILE WA 7 -108.83 38.08 79.94
N LYS WA 8 -108.37 39.12 79.24
CA LYS WA 8 -108.03 38.96 77.83
C LYS WA 8 -106.84 38.02 77.64
N ARG WA 9 -105.85 38.09 78.54
CA ARG WA 9 -104.74 37.15 78.48
C ARG WA 9 -105.20 35.73 78.80
N LEU WA 10 -106.12 35.59 79.76
CA LEU WA 10 -106.61 34.26 80.12
C LEU WA 10 -107.42 33.65 78.98
N ARG WA 11 -108.16 34.47 78.24
CA ARG WA 11 -108.87 33.97 77.08
C ARG WA 11 -107.91 33.48 76.01
N LYS WA 12 -106.80 34.20 75.80
CA LYS WA 12 -105.82 33.77 74.82
C LYS WA 12 -105.11 32.49 75.26
N LYS WA 13 -104.80 32.38 76.54
CA LYS WA 13 -104.15 31.18 77.05
C LYS WA 13 -105.05 29.96 76.91
N PHE WA 14 -106.34 30.12 77.21
CA PHE WA 14 -107.28 29.01 77.08
C PHE WA 14 -107.49 28.64 75.62
N ALA WA 15 -107.53 29.64 74.73
CA ALA WA 15 -107.74 29.36 73.31
C ALA WA 15 -106.56 28.61 72.72
N GLN WA 16 -105.34 28.98 73.10
CA GLN WA 16 -104.16 28.23 72.66
C GLN WA 16 -104.15 26.83 73.26
N LYS WA 17 -104.63 26.69 74.50
CA LYS WA 17 -104.71 25.38 75.13
C LYS WA 17 -105.68 24.47 74.38
N MET WA 18 -106.82 25.03 73.96
CA MET WA 18 -107.82 24.23 73.24
C MET WA 18 -107.33 23.85 71.85
N LEU WA 19 -106.57 24.74 71.20
CA LEU WA 19 -106.04 24.42 69.88
C LEU WA 19 -105.02 23.29 69.96
N ARG WA 20 -104.14 23.34 70.96
CA ARG WA 20 -103.19 22.26 71.15
C ARG WA 20 -103.90 20.95 71.48
N LYS WA 21 -104.94 21.01 72.32
CA LYS WA 21 -105.68 19.82 72.70
C LYS WA 21 -106.39 19.20 71.50
N ALA WA 22 -106.95 20.03 70.63
CA ALA WA 22 -107.65 19.51 69.46
C ALA WA 22 -106.68 18.93 68.45
N ARG WA 23 -105.49 19.54 68.32
CA ARG WA 23 -104.47 19.00 67.43
C ARG WA 23 -103.97 17.66 67.93
N ARG WA 24 -103.81 17.51 69.24
CA ARG WA 24 -103.35 16.25 69.80
C ARG WA 24 -104.37 15.14 69.56
N LYS WA 25 -105.67 15.47 69.64
CA LYS WA 25 -106.69 14.48 69.35
C LYS WA 25 -106.66 14.06 67.89
N LEU WA 26 -106.39 15.00 66.98
CA LEU WA 26 -106.27 14.67 65.58
C LEU WA 26 -105.06 13.78 65.33
N ILE WA 27 -103.93 14.10 65.97
CA ILE WA 27 -102.72 13.29 65.81
C ILE WA 27 -102.95 11.88 66.33
N TYR WA 28 -103.65 11.74 67.45
CA TYR WA 28 -103.94 10.42 68.00
C TYR WA 28 -104.82 9.60 67.05
N GLU WA 29 -105.85 10.24 66.49
CA GLU WA 29 -106.80 9.49 65.67
C GLU WA 29 -106.23 9.18 64.29
N LYS WA 30 -105.36 10.05 63.77
CA LYS WA 30 -104.70 9.75 62.50
C LYS WA 30 -103.80 8.52 62.63
N ALA WA 31 -103.09 8.41 63.75
CA ALA WA 31 -102.24 7.25 63.96
C ALA WA 31 -103.06 5.98 64.19
N LYS WA 32 -104.22 6.12 64.82
CA LYS WA 32 -105.12 4.98 64.98
C LYS WA 32 -105.61 4.51 63.62
N HIS WA 33 -105.96 5.45 62.75
CA HIS WA 33 -106.44 5.10 61.41
C HIS WA 33 -105.32 4.49 60.58
N TYR WA 34 -104.09 4.96 60.76
CA TYR WA 34 -102.96 4.39 60.02
C TYR WA 34 -102.69 2.96 60.46
N HIS WA 35 -102.86 2.67 61.74
CA HIS WA 35 -102.68 1.31 62.22
C HIS WA 35 -103.69 0.37 61.58
N LYS WA 36 -104.94 0.81 61.45
CA LYS WA 36 -105.95 -0.01 60.79
C LYS WA 36 -105.62 -0.18 59.31
N GLU WA 37 -105.05 0.85 58.69
CA GLU WA 37 -104.71 0.77 57.27
C GLU WA 37 -103.53 -0.17 57.04
N TYR WA 38 -102.55 -0.16 57.96
CA TYR WA 38 -101.37 -1.01 57.79
C TYR WA 38 -101.72 -2.48 57.88
N ARG WA 39 -102.55 -2.85 58.86
CA ARG WA 39 -102.89 -4.26 59.01
C ARG WA 39 -103.84 -4.72 57.92
N GLN WA 40 -104.58 -3.79 57.31
CA GLN WA 40 -105.40 -4.16 56.15
C GLN WA 40 -104.52 -4.48 54.95
N MET WA 41 -103.46 -3.71 54.74
CA MET WA 41 -102.54 -3.99 53.64
C MET WA 41 -101.80 -5.29 53.86
N TYR WA 42 -101.37 -5.54 55.10
CA TYR WA 42 -100.66 -6.78 55.42
C TYR WA 42 -101.55 -8.00 55.20
N ARG WA 43 -102.79 -7.94 55.69
CA ARG WA 43 -103.67 -9.09 55.58
C ARG WA 43 -104.15 -9.30 54.16
N THR WA 44 -104.28 -8.23 53.37
CA THR WA 44 -104.75 -8.37 52.00
C THR WA 44 -103.76 -9.14 51.14
N GLU WA 45 -102.46 -8.84 51.26
CA GLU WA 45 -101.46 -9.54 50.49
C GLU WA 45 -101.38 -11.02 50.86
N ILE WA 46 -101.87 -11.38 52.05
CA ILE WA 46 -101.90 -12.77 52.46
C ILE WA 46 -103.16 -13.48 51.97
N ARG WA 47 -104.31 -12.82 52.10
CA ARG WA 47 -105.56 -13.40 51.63
C ARG WA 47 -105.57 -13.56 50.12
N MET WA 48 -105.00 -12.60 49.38
CA MET WA 48 -104.94 -12.71 47.93
C MET WA 48 -104.12 -13.91 47.51
N ALA WA 49 -103.01 -14.16 48.19
CA ALA WA 49 -102.20 -15.33 47.89
C ALA WA 49 -102.91 -16.63 48.25
N ARG WA 50 -103.69 -16.63 49.33
CA ARG WA 50 -104.45 -17.81 49.70
C ARG WA 50 -105.47 -18.18 48.63
N MET WA 51 -106.19 -17.17 48.12
CA MET WA 51 -107.25 -17.43 47.16
C MET WA 51 -106.69 -17.82 45.79
N ALA WA 52 -105.46 -17.44 45.47
CA ALA WA 52 -104.84 -17.92 44.25
C ALA WA 52 -104.40 -19.35 44.39
N ARG WA 53 -103.79 -19.71 45.52
CA ARG WA 53 -103.36 -21.08 45.74
C ARG WA 53 -104.55 -22.03 45.87
N LYS WA 54 -105.68 -21.52 46.36
CA LYS WA 54 -106.89 -22.33 46.42
C LYS WA 54 -107.35 -22.73 45.02
N ALA WA 55 -107.26 -21.82 44.07
CA ALA WA 55 -107.66 -22.10 42.70
C ALA WA 55 -106.55 -22.72 41.86
N GLY WA 56 -105.36 -22.91 42.43
CA GLY WA 56 -104.25 -23.49 41.71
C GLY WA 56 -103.44 -22.50 40.90
N ASN WA 57 -103.82 -21.23 40.87
CA ASN WA 57 -103.08 -20.21 40.14
C ASN WA 57 -102.00 -19.62 41.03
N PHE WA 58 -101.36 -18.57 40.55
CA PHE WA 58 -100.32 -17.86 41.29
C PHE WA 58 -100.71 -16.41 41.47
N TYR WA 59 -100.50 -15.88 42.67
CA TYR WA 59 -100.69 -14.46 42.93
C TYR WA 59 -99.31 -13.80 42.96
N VAL WA 60 -99.05 -12.95 41.98
CA VAL WA 60 -97.80 -12.20 41.91
C VAL WA 60 -98.02 -10.88 42.65
N PRO WA 61 -97.30 -10.63 43.75
CA PRO WA 61 -97.48 -9.39 44.47
C PRO WA 61 -97.00 -8.20 43.64
N ALA WA 62 -97.51 -7.02 43.99
CA ALA WA 62 -97.10 -5.83 43.29
C ALA WA 62 -95.62 -5.58 43.45
N GLU WA 63 -94.99 -5.10 42.39
CA GLU WA 63 -93.57 -4.75 42.47
C GLU WA 63 -93.39 -3.65 43.51
N PRO WA 64 -92.37 -3.75 44.36
CA PRO WA 64 -92.23 -2.78 45.45
C PRO WA 64 -91.92 -1.38 44.92
N LYS WA 65 -92.60 -0.40 45.51
CA LYS WA 65 -92.45 0.99 45.10
C LYS WA 65 -91.57 1.79 46.04
N LEU WA 66 -91.00 1.17 47.07
CA LEU WA 66 -90.14 1.83 48.03
C LEU WA 66 -88.84 1.06 48.17
N ALA WA 67 -87.74 1.80 48.26
CA ALA WA 67 -86.42 1.20 48.46
C ALA WA 67 -85.65 1.98 49.50
N PHE WA 68 -84.80 1.28 50.22
CA PHE WA 68 -83.84 1.91 51.12
C PHE WA 68 -82.43 1.61 50.60
N VAL WA 69 -81.73 2.66 50.21
CA VAL WA 69 -80.44 2.54 49.55
C VAL WA 69 -79.36 3.00 50.53
N ILE WA 70 -78.40 2.12 50.80
CA ILE WA 70 -77.30 2.40 51.71
C ILE WA 70 -76.00 2.37 50.92
N ARG WA 71 -75.28 3.48 50.94
CA ARG WA 71 -73.94 3.48 50.36
C ARG WA 71 -73.03 2.64 51.24
N ILE WA 72 -72.24 1.76 50.63
CA ILE WA 72 -71.38 0.87 51.39
C ILE WA 72 -69.90 1.05 51.08
N ARG WA 73 -69.55 1.75 50.01
CA ARG WA 73 -68.15 1.98 49.67
C ARG WA 73 -67.79 3.44 49.92
N GLY WA 74 -66.50 3.68 50.13
CA GLY WA 74 -66.01 4.99 50.48
C GLY WA 74 -65.94 5.93 49.29
N ILE WA 75 -65.28 7.06 49.51
CA ILE WA 75 -65.29 8.18 48.58
C ILE WA 75 -63.95 8.31 47.85
N ASN WA 76 -63.09 7.31 47.92
CA ASN WA 76 -61.78 7.37 47.29
C ASN WA 76 -61.79 6.63 45.97
N GLY WA 77 -61.43 7.32 44.89
CA GLY WA 77 -61.35 6.71 43.59
C GLY WA 77 -62.68 6.27 43.02
N VAL WA 78 -63.54 7.22 42.72
CA VAL WA 78 -64.87 6.94 42.19
C VAL WA 78 -64.98 7.58 40.81
N SER WA 79 -65.47 6.81 39.84
CA SER WA 79 -65.66 7.33 38.49
C SER WA 79 -66.70 8.44 38.49
N PRO WA 80 -66.59 9.40 37.57
CA PRO WA 80 -67.45 10.60 37.65
C PRO WA 80 -68.94 10.31 37.53
N LYS WA 81 -69.33 9.31 36.75
CA LYS WA 81 -70.75 9.02 36.62
C LYS WA 81 -71.32 8.39 37.89
N VAL WA 82 -70.55 7.52 38.53
CA VAL WA 82 -70.97 6.96 39.81
C VAL WA 82 -71.00 8.05 40.88
N ARG WA 83 -70.03 8.97 40.83
CA ARG WA 83 -69.99 10.08 41.78
C ARG WA 83 -71.23 10.96 41.63
N LYS WA 84 -71.63 11.25 40.39
CA LYS WA 84 -72.78 12.13 40.16
C LYS WA 84 -74.08 11.49 40.63
N VAL WA 85 -74.25 10.19 40.40
CA VAL WA 85 -75.48 9.53 40.80
C VAL WA 85 -75.57 9.45 42.32
N LEU WA 86 -74.45 9.18 42.98
CA LEU WA 86 -74.47 9.09 44.44
C LEU WA 86 -74.78 10.44 45.07
N GLN WA 87 -74.39 11.54 44.42
CA GLN WA 87 -74.76 12.86 44.90
C GLN WA 87 -76.25 13.12 44.70
N LEU WA 88 -76.82 12.59 43.62
CA LEU WA 88 -78.24 12.75 43.38
C LEU WA 88 -79.07 11.90 44.35
N LEU WA 89 -78.51 10.81 44.84
CA LEU WA 89 -79.17 10.01 45.86
C LEU WA 89 -78.91 10.54 47.27
N ARG WA 90 -78.15 11.62 47.38
CA ARG WA 90 -77.77 12.23 48.66
C ARG WA 90 -77.00 11.27 49.54
N LEU WA 91 -76.22 10.37 48.93
CA LEU WA 91 -75.34 9.47 49.65
C LEU WA 91 -73.92 9.93 49.38
N ARG WA 92 -73.46 10.90 50.17
CA ARG WA 92 -72.12 11.44 50.02
C ARG WA 92 -71.13 10.86 51.02
N GLN WA 93 -71.57 9.94 51.85
CA GLN WA 93 -70.73 9.33 52.87
C GLN WA 93 -70.98 7.83 52.88
N ILE WA 94 -69.99 7.08 53.34
CA ILE WA 94 -70.17 5.64 53.50
C ILE WA 94 -71.14 5.38 54.65
N PHE WA 95 -71.96 4.35 54.50
CA PHE WA 95 -73.01 4.00 55.45
C PHE WA 95 -73.98 5.16 55.66
N ASN WA 96 -74.34 5.82 54.57
CA ASN WA 96 -75.44 6.76 54.52
C ASN WA 96 -76.61 6.09 53.83
N GLY WA 97 -77.80 6.24 54.40
CA GLY WA 97 -78.98 5.63 53.82
C GLY WA 97 -80.02 6.64 53.40
N THR WA 98 -80.86 6.27 52.44
CA THR WA 98 -81.92 7.16 52.00
C THR WA 98 -83.05 6.32 51.43
N PHE WA 99 -84.23 6.92 51.37
CA PHE WA 99 -85.40 6.28 50.78
C PHE WA 99 -85.54 6.72 49.34
N VAL WA 100 -85.72 5.76 48.44
CA VAL WA 100 -85.81 6.02 47.02
C VAL WA 100 -87.13 5.44 46.51
N LYS WA 101 -87.94 6.28 45.89
CA LYS WA 101 -89.17 5.82 45.26
C LYS WA 101 -88.82 5.14 43.95
N LEU WA 102 -89.34 3.93 43.76
CA LEU WA 102 -88.90 3.06 42.68
C LEU WA 102 -89.76 3.26 41.44
N ASN WA 103 -89.12 3.60 40.33
CA ASN WA 103 -89.74 3.63 39.01
C ASN WA 103 -88.64 3.32 38.00
N LYS WA 104 -88.95 3.47 36.71
CA LYS WA 104 -87.95 3.17 35.69
C LYS WA 104 -86.77 4.13 35.77
N ALA WA 105 -87.04 5.41 36.06
CA ALA WA 105 -85.97 6.39 36.13
C ALA WA 105 -85.04 6.13 37.31
N SER WA 106 -85.60 5.78 38.47
CA SER WA 106 -84.76 5.61 39.65
C SER WA 106 -84.03 4.28 39.64
N ILE WA 107 -84.66 3.21 39.13
CA ILE WA 107 -84.01 1.90 39.12
C ILE WA 107 -82.78 1.91 38.22
N ASN WA 108 -82.87 2.55 37.06
CA ASN WA 108 -81.72 2.65 36.18
C ASN WA 108 -80.58 3.43 36.82
N MET WA 109 -80.91 4.36 37.71
CA MET WA 109 -79.87 5.05 38.48
C MET WA 109 -79.20 4.11 39.47
N LEU WA 110 -79.98 3.25 40.12
CA LEU WA 110 -79.41 2.30 41.06
C LEU WA 110 -78.54 1.26 40.37
N ARG WA 111 -78.74 1.06 39.07
CA ARG WA 111 -77.90 0.13 38.32
C ARG WA 111 -76.49 0.68 38.15
N ILE WA 112 -76.37 1.99 37.93
CA ILE WA 112 -75.05 2.60 37.73
C ILE WA 112 -74.20 2.47 38.98
N VAL WA 113 -74.81 2.69 40.14
CA VAL WA 113 -74.09 2.67 41.40
C VAL WA 113 -74.18 1.31 42.08
N GLU WA 114 -74.49 0.26 41.33
CA GLU WA 114 -74.66 -1.08 41.89
C GLU WA 114 -73.48 -1.58 42.70
N PRO WA 115 -72.21 -1.44 42.28
CA PRO WA 115 -71.11 -1.86 43.15
C PRO WA 115 -70.97 -1.04 44.42
N TYR WA 116 -71.51 0.18 44.45
CA TYR WA 116 -71.26 1.10 45.55
C TYR WA 116 -72.37 1.13 46.58
N ILE WA 117 -73.50 0.48 46.34
CA ILE WA 117 -74.64 0.55 47.24
C ILE WA 117 -75.14 -0.84 47.57
N ALA WA 118 -75.84 -0.94 48.68
CA ALA WA 118 -76.64 -2.10 49.04
C ALA WA 118 -78.04 -1.61 49.34
N TRP WA 119 -79.03 -2.10 48.59
CA TRP WA 119 -80.38 -1.61 48.75
C TRP WA 119 -81.36 -2.76 48.77
N GLY WA 120 -82.63 -2.42 48.96
CA GLY WA 120 -83.66 -3.42 49.08
C GLY WA 120 -84.98 -2.77 49.39
N TYR WA 121 -85.92 -3.57 49.87
CA TYR WA 121 -87.29 -3.11 50.08
C TYR WA 121 -87.59 -3.11 51.58
N PRO WA 122 -87.56 -1.95 52.24
CA PRO WA 122 -87.82 -1.94 53.69
C PRO WA 122 -89.26 -2.25 54.01
N ASN WA 123 -89.47 -2.87 55.16
CA ASN WA 123 -90.78 -3.15 55.67
C ASN WA 123 -91.20 -2.02 56.62
N LEU WA 124 -92.38 -2.19 57.24
CA LEU WA 124 -92.92 -1.15 58.09
C LEU WA 124 -92.04 -0.92 59.32
N LYS WA 125 -91.54 -2.00 59.92
CA LYS WA 125 -90.73 -1.86 61.12
C LYS WA 125 -89.42 -1.14 60.83
N SER WA 126 -88.82 -1.40 59.66
CA SER WA 126 -87.59 -0.71 59.30
C SER WA 126 -87.81 0.79 59.15
N VAL WA 127 -88.93 1.18 58.55
CA VAL WA 127 -89.23 2.60 58.38
C VAL WA 127 -89.42 3.27 59.74
N ASN WA 128 -90.12 2.59 60.66
CA ASN WA 128 -90.36 3.16 61.98
C ASN WA 128 -89.07 3.38 62.74
N GLU WA 129 -88.17 2.40 62.71
CA GLU WA 129 -86.95 2.50 63.50
C GLU WA 129 -85.99 3.52 62.90
N LEU WA 130 -86.03 3.70 61.58
CA LEU WA 130 -85.15 4.69 60.95
C LEU WA 130 -85.62 6.10 61.27
N ILE WA 131 -86.92 6.36 61.19
CA ILE WA 131 -87.43 7.70 61.45
C ILE WA 131 -87.33 8.04 62.92
N TYR WA 132 -87.69 7.10 63.80
CA TYR WA 132 -87.75 7.42 65.22
C TYR WA 132 -86.36 7.54 65.83
N LYS WA 133 -85.43 6.67 65.45
CA LYS WA 133 -84.12 6.67 66.07
C LYS WA 133 -83.13 7.59 65.38
N ARG WA 134 -83.13 7.63 64.04
CA ARG WA 134 -82.14 8.40 63.29
C ARG WA 134 -82.78 9.47 62.42
N GLY WA 135 -84.05 9.79 62.67
CA GLY WA 135 -84.73 10.77 61.84
C GLY WA 135 -84.35 12.20 62.15
N TYR WA 136 -83.73 12.86 61.17
CA TYR WA 136 -83.41 14.27 61.25
C TYR WA 136 -84.06 14.98 60.07
N GLY WA 137 -84.45 16.23 60.29
CA GLY WA 137 -85.10 17.03 59.27
C GLY WA 137 -84.20 18.14 58.79
N LYS WA 138 -84.33 18.47 57.50
CA LYS WA 138 -83.61 19.60 56.90
C LYS WA 138 -84.50 20.82 57.03
N ILE WA 139 -84.32 21.57 58.12
CA ILE WA 139 -85.10 22.76 58.40
C ILE WA 139 -84.15 23.95 58.29
N ASN WA 140 -84.40 24.81 57.30
CA ASN WA 140 -83.56 25.97 57.02
C ASN WA 140 -82.12 25.54 56.81
N LYS WA 141 -81.92 24.53 55.97
CA LYS WA 141 -80.62 23.99 55.59
C LYS WA 141 -79.83 23.46 56.79
N LYS WA 142 -80.51 23.13 57.88
CA LYS WA 142 -79.86 22.63 59.08
C LYS WA 142 -80.37 21.23 59.39
N ARG WA 143 -79.50 20.42 59.99
CA ARG WA 143 -79.87 19.07 60.40
C ARG WA 143 -80.42 19.14 61.82
N ILE WA 144 -81.74 19.16 61.93
CA ILE WA 144 -82.42 19.30 63.22
C ILE WA 144 -83.05 17.97 63.58
N ALA WA 145 -82.80 17.50 64.79
CA ALA WA 145 -83.40 16.24 65.24
C ALA WA 145 -84.91 16.37 65.34
N LEU WA 146 -85.61 15.30 64.99
CA LEU WA 146 -87.07 15.30 65.00
C LEU WA 146 -87.56 14.93 66.41
N THR WA 147 -87.41 15.90 67.31
CA THR WA 147 -87.79 15.72 68.71
C THR WA 147 -89.20 16.20 69.01
N ASP WA 148 -89.79 17.00 68.14
CA ASP WA 148 -91.14 17.52 68.36
C ASP WA 148 -91.93 17.41 67.06
N ASN WA 149 -93.25 17.29 67.21
CA ASN WA 149 -94.12 17.27 66.05
C ASN WA 149 -94.21 18.62 65.37
N ALA WA 150 -93.97 19.71 66.10
CA ALA WA 150 -94.07 21.04 65.52
C ALA WA 150 -92.98 21.29 64.48
N LEU WA 151 -91.87 20.57 64.57
CA LEU WA 151 -90.83 20.70 63.55
C LEU WA 151 -91.31 20.15 62.21
N ILE WA 152 -92.06 19.06 62.22
CA ILE WA 152 -92.59 18.51 60.99
C ILE WA 152 -93.72 19.38 60.46
N ALA WA 153 -94.61 19.83 61.34
CA ALA WA 153 -95.79 20.55 60.89
C ALA WA 153 -95.44 21.92 60.31
N ARG WA 154 -94.36 22.54 60.79
CA ARG WA 154 -94.03 23.88 60.32
C ARG WA 154 -93.44 23.88 58.92
N SER WA 155 -92.96 22.74 58.43
CA SER WA 155 -92.37 22.65 57.10
C SER WA 155 -93.19 21.82 56.13
N LEU WA 156 -93.82 20.74 56.60
CA LEU WA 156 -94.62 19.87 55.76
C LEU WA 156 -96.11 19.98 56.05
N GLY WA 157 -96.52 20.99 56.83
CA GLY WA 157 -97.93 21.14 57.16
C GLY WA 157 -98.79 21.42 55.96
N LYS WA 158 -98.27 22.15 54.98
CA LYS WA 158 -99.01 22.46 53.76
C LYS WA 158 -99.33 21.22 52.94
N TYR WA 159 -98.69 20.09 53.22
CA TYR WA 159 -98.96 18.84 52.53
C TYR WA 159 -99.81 17.88 53.35
N GLY WA 160 -100.34 18.33 54.49
CA GLY WA 160 -101.10 17.46 55.36
C GLY WA 160 -100.26 16.55 56.24
N ILE WA 161 -98.96 16.79 56.34
CA ILE WA 161 -98.07 15.99 57.16
C ILE WA 161 -97.74 16.82 58.40
N ILE WA 162 -98.20 16.36 59.57
CA ILE WA 162 -98.12 17.16 60.78
C ILE WA 162 -97.58 16.35 61.96
N CYS WA 163 -97.19 15.10 61.70
CA CYS WA 163 -96.69 14.26 62.77
C CYS WA 163 -95.69 13.26 62.22
N MET WA 164 -94.93 12.63 63.11
CA MET WA 164 -94.03 11.56 62.71
C MET WA 164 -94.79 10.40 62.10
N GLU WA 165 -96.04 10.20 62.51
CA GLU WA 165 -96.86 9.16 61.91
C GLU WA 165 -97.25 9.52 60.48
N ASP WA 166 -97.50 10.80 60.23
CA ASP WA 166 -97.74 11.25 58.86
C ASP WA 166 -96.50 11.07 58.00
N LEU WA 167 -95.33 11.38 58.56
CA LEU WA 167 -94.08 11.20 57.82
C LEU WA 167 -93.83 9.74 57.52
N ILE WA 168 -94.10 8.85 58.48
CA ILE WA 168 -93.89 7.43 58.27
C ILE WA 168 -94.88 6.89 57.26
N HIS WA 169 -96.12 7.37 57.29
CA HIS WA 169 -97.12 6.92 56.33
C HIS WA 169 -96.76 7.34 54.91
N GLU WA 170 -96.30 8.58 54.74
CA GLU WA 170 -95.96 9.06 53.40
C GLU WA 170 -94.72 8.37 52.86
N ILE WA 171 -93.84 7.88 53.74
CA ILE WA 171 -92.65 7.19 53.28
C ILE WA 171 -92.94 5.73 52.98
N TYR WA 172 -93.60 5.03 53.91
CA TYR WA 172 -93.83 3.60 53.74
C TYR WA 172 -94.76 3.33 52.56
N THR WA 173 -95.91 4.01 52.53
CA THR WA 173 -96.77 4.01 51.36
C THR WA 173 -96.43 5.25 50.55
N VAL WA 174 -95.94 5.05 49.34
CA VAL WA 174 -95.43 6.17 48.54
C VAL WA 174 -96.63 7.03 48.13
N GLY WA 175 -96.77 8.18 48.78
CA GLY WA 175 -97.93 9.03 48.60
C GLY WA 175 -97.74 10.07 47.52
N LYS WA 176 -98.69 10.99 47.46
CA LYS WA 176 -98.62 12.07 46.48
C LYS WA 176 -97.50 13.04 46.79
N ARG WA 177 -97.12 13.15 48.07
CA ARG WA 177 -96.09 14.08 48.50
C ARG WA 177 -94.84 13.35 48.99
N PHE WA 178 -94.47 12.26 48.32
CA PHE WA 178 -93.29 11.52 48.74
C PHE WA 178 -92.01 12.34 48.56
N LYS WA 179 -91.92 13.08 47.45
CA LYS WA 179 -90.71 13.83 47.17
C LYS WA 179 -90.45 14.89 48.24
N GLU WA 180 -91.50 15.59 48.67
CA GLU WA 180 -91.34 16.64 49.66
C GLU WA 180 -90.99 16.05 51.03
N ALA WA 181 -91.65 14.96 51.40
CA ALA WA 181 -91.40 14.37 52.71
C ALA WA 181 -90.05 13.70 52.78
N ASN WA 182 -89.66 12.99 51.73
CA ASN WA 182 -88.38 12.28 51.73
C ASN WA 182 -87.22 13.24 51.64
N ASN WA 183 -87.34 14.30 50.84
CA ASN WA 183 -86.27 15.29 50.78
C ASN WA 183 -86.20 16.11 52.05
N PHE WA 184 -87.33 16.24 52.76
CA PHE WA 184 -87.30 16.88 54.07
C PHE WA 184 -86.40 16.10 55.03
N LEU WA 185 -86.40 14.78 54.92
CA LEU WA 185 -85.55 13.96 55.76
C LEU WA 185 -84.09 14.14 55.37
N TRP WA 186 -83.26 14.49 56.34
CA TRP WA 186 -81.83 14.42 56.14
C TRP WA 186 -81.44 12.96 55.92
N PRO WA 187 -80.52 12.68 55.00
CA PRO WA 187 -80.12 11.29 54.76
C PRO WA 187 -79.58 10.65 56.03
N PHE WA 188 -79.98 9.39 56.25
CA PHE WA 188 -79.74 8.73 57.52
C PHE WA 188 -78.25 8.42 57.67
N LYS WA 189 -77.68 8.81 58.80
CA LYS WA 189 -76.27 8.55 59.10
C LYS WA 189 -76.24 7.30 59.96
N LEU WA 190 -76.21 6.15 59.31
CA LEU WA 190 -76.20 4.88 60.01
C LEU WA 190 -74.78 4.51 60.44
N SER WA 191 -74.70 3.57 61.37
CA SER WA 191 -73.42 3.15 61.92
C SER WA 191 -72.80 2.07 61.05
N SER WA 192 -71.67 1.54 61.48
CA SER WA 192 -71.12 0.36 60.84
C SER WA 192 -72.01 -0.84 61.12
N PRO WA 193 -72.09 -1.79 60.19
CA PRO WA 193 -72.93 -2.97 60.43
C PRO WA 193 -72.39 -3.85 61.54
N ARG WA 194 -73.10 -3.89 62.67
CA ARG WA 194 -72.67 -4.72 63.79
C ARG WA 194 -72.77 -6.19 63.41
N GLY WA 195 -71.68 -6.92 63.60
CA GLY WA 195 -71.55 -8.27 63.11
C GLY WA 195 -70.77 -8.40 61.83
N GLY WA 196 -70.46 -7.28 61.17
CA GLY WA 196 -69.61 -7.29 60.01
C GLY WA 196 -70.37 -7.56 58.73
N MET WA 197 -69.70 -7.29 57.62
CA MET WA 197 -70.21 -7.53 56.29
C MET WA 197 -69.75 -8.89 55.79
N LYS WA 198 -70.36 -9.35 54.69
CA LYS WA 198 -69.90 -10.59 54.06
C LYS WA 198 -68.70 -10.32 53.17
N LYS WA 199 -68.90 -9.54 52.11
CA LYS WA 199 -67.80 -9.05 51.28
C LYS WA 199 -68.33 -7.84 50.51
N LYS WA 200 -67.88 -6.65 50.86
CA LYS WA 200 -68.45 -5.45 50.29
C LYS WA 200 -68.10 -5.26 48.82
N THR WA 201 -67.10 -5.97 48.31
CA THR WA 201 -66.59 -5.72 46.97
C THR WA 201 -67.31 -6.52 45.90
N THR WA 202 -68.25 -7.39 46.26
CA THR WA 202 -68.97 -8.20 45.28
C THR WA 202 -70.46 -8.02 45.48
N HIS WA 203 -71.23 -8.57 44.55
CA HIS WA 203 -72.68 -8.49 44.60
C HIS WA 203 -73.23 -9.44 45.65
N PHE WA 204 -74.45 -9.15 46.10
CA PHE WA 204 -75.08 -9.95 47.15
C PHE WA 204 -75.32 -11.38 46.69
N VAL WA 205 -75.74 -11.55 45.43
CA VAL WA 205 -76.05 -12.87 44.91
C VAL WA 205 -74.81 -13.74 44.71
N GLU WA 206 -73.62 -13.18 44.86
CA GLU WA 206 -72.39 -13.96 44.81
C GLU WA 206 -71.66 -13.89 46.14
N GLY WA 207 -72.42 -13.96 47.24
CA GLY WA 207 -71.83 -14.03 48.56
C GLY WA 207 -71.31 -12.71 49.09
N GLY WA 208 -71.73 -11.59 48.52
CA GLY WA 208 -71.21 -10.30 48.95
C GLY WA 208 -72.22 -9.40 49.61
N ASP WA 209 -72.12 -8.09 49.36
CA ASP WA 209 -73.01 -7.12 49.98
C ASP WA 209 -73.64 -6.14 49.01
N ALA WA 210 -73.03 -5.88 47.85
CA ALA WA 210 -73.54 -4.86 46.96
C ALA WA 210 -74.83 -5.32 46.28
N GLY WA 211 -75.40 -4.42 45.49
CA GLY WA 211 -76.55 -4.76 44.70
C GLY WA 211 -77.84 -4.86 45.50
N ASN WA 212 -78.85 -5.42 44.83
CA ASN WA 212 -80.20 -5.51 45.37
C ASN WA 212 -80.37 -6.84 46.09
N ARG WA 213 -80.55 -6.76 47.41
CA ARG WA 213 -81.11 -7.85 48.19
C ARG WA 213 -82.57 -7.49 48.45
N GLU WA 214 -83.49 -8.35 48.01
CA GLU WA 214 -84.89 -7.92 47.92
C GLU WA 214 -85.47 -7.51 49.26
N ASP WA 215 -85.65 -8.45 50.18
CA ASP WA 215 -86.19 -8.11 51.49
C ASP WA 215 -85.17 -8.32 52.60
N GLN WA 216 -83.92 -8.65 52.25
CA GLN WA 216 -82.88 -8.83 53.24
C GLN WA 216 -82.27 -7.51 53.69
N ILE WA 217 -82.70 -6.39 53.11
CA ILE WA 217 -82.21 -5.09 53.57
C ILE WA 217 -82.65 -4.80 54.99
N ASN WA 218 -83.75 -5.44 55.43
CA ASN WA 218 -84.21 -5.25 56.79
C ASN WA 218 -83.25 -5.87 57.80
N ARG WA 219 -82.66 -7.02 57.45
CA ARG WA 219 -81.64 -7.62 58.30
C ARG WA 219 -80.43 -6.72 58.43
N LEU WA 220 -80.04 -6.07 57.33
CA LEU WA 220 -78.92 -5.14 57.38
C LEU WA 220 -79.25 -3.92 58.22
N ILE WA 221 -80.51 -3.47 58.18
CA ILE WA 221 -80.89 -2.26 58.90
C ILE WA 221 -80.80 -2.48 60.41
N ARG WA 222 -81.27 -3.64 60.89
CA ARG WA 222 -81.25 -3.90 62.33
C ARG WA 222 -79.84 -3.83 62.89
N ARG WA 223 -78.86 -4.36 62.15
CA ARG WA 223 -77.48 -4.32 62.61
C ARG WA 223 -76.83 -2.96 62.37
N MET WA 224 -77.37 -2.16 61.44
CA MET WA 224 -76.64 -0.97 61.02
C MET WA 224 -77.10 0.28 61.76
N ASN WA 225 -78.37 0.37 62.16
CA ASN WA 225 -78.76 1.48 63.03
C ASN WA 225 -78.97 1.02 64.47
N LYS XA 1 71.21 96.97 -6.64
CA LYS XA 1 72.66 97.13 -6.60
C LYS XA 1 73.22 96.72 -5.23
N VAL XA 2 72.69 97.30 -4.16
CA VAL XA 2 73.13 96.98 -2.80
C VAL XA 2 72.30 95.84 -2.22
N VAL XA 3 71.48 95.18 -3.04
CA VAL XA 3 70.59 94.12 -2.55
C VAL XA 3 71.42 92.93 -2.07
N ASN XA 4 71.04 92.40 -0.92
CA ASN XA 4 71.72 91.23 -0.36
C ASN XA 4 71.56 90.04 -1.30
N PRO XA 5 72.65 89.34 -1.63
CA PRO XA 5 72.51 88.14 -2.48
C PRO XA 5 71.69 87.03 -1.84
N LEU XA 6 71.50 87.07 -0.53
CA LEU XA 6 70.72 86.05 0.16
C LEU XA 6 69.23 86.15 -0.11
N PHE XA 7 68.77 87.22 -0.75
CA PHE XA 7 67.36 87.36 -1.09
C PHE XA 7 67.09 86.77 -2.47
N GLU XA 8 66.03 85.99 -2.57
CA GLU XA 8 65.64 85.42 -3.85
C GLU XA 8 64.15 85.17 -3.84
N LYS XA 9 63.60 84.97 -5.04
CA LYS XA 9 62.19 84.63 -5.16
C LYS XA 9 61.97 83.17 -4.76
N ARG XA 10 60.87 82.92 -4.07
CA ARG XA 10 60.46 81.56 -3.70
C ARG XA 10 59.03 81.36 -4.17
N PRO XA 11 58.81 81.28 -5.48
CA PRO XA 11 57.45 81.21 -6.00
C PRO XA 11 56.83 79.84 -5.77
N LYS XA 12 55.62 79.83 -5.24
CA LYS XA 12 54.86 78.59 -5.09
C LYS XA 12 53.79 78.57 -6.17
N ASN XA 13 53.75 77.49 -6.94
CA ASN XA 13 52.77 77.36 -8.00
C ASN XA 13 51.58 76.56 -7.51
N PHE XA 14 50.39 77.01 -7.89
CA PHE XA 14 49.14 76.48 -7.36
C PHE XA 14 48.43 75.58 -8.36
N GLY XA 15 49.19 74.79 -9.11
CA GLY XA 15 48.59 73.76 -9.93
C GLY XA 15 48.01 72.65 -9.08
N ILE XA 16 47.26 71.77 -9.73
CA ILE XA 16 46.60 70.68 -9.02
C ILE XA 16 47.65 69.72 -8.46
N GLY XA 17 47.48 69.33 -7.20
CA GLY XA 17 48.38 68.40 -6.56
C GLY XA 17 49.69 68.99 -6.09
N GLN XA 18 49.99 70.22 -6.47
CA GLN XA 18 51.21 70.91 -6.07
C GLN XA 18 50.91 71.73 -4.81
N ASP XA 19 51.79 72.70 -4.49
CA ASP XA 19 51.66 73.56 -3.31
C ASP XA 19 50.22 73.98 -3.07
N ILE XA 20 49.79 73.89 -1.80
CA ILE XA 20 48.37 73.98 -1.47
C ILE XA 20 47.84 75.36 -1.80
N GLN XA 21 46.52 75.43 -1.96
CA GLN XA 21 45.87 76.60 -2.52
C GLN XA 21 45.95 77.78 -1.55
N PRO XA 22 46.05 79.00 -2.07
CA PRO XA 22 46.07 80.19 -1.20
C PRO XA 22 44.71 80.46 -0.60
N LYS XA 23 44.71 81.30 0.43
CA LYS XA 23 43.48 81.70 1.09
C LYS XA 23 42.80 82.76 0.23
N ARG XA 24 42.01 82.31 -0.73
CA ARG XA 24 41.35 83.20 -1.67
C ARG XA 24 39.90 83.40 -1.25
N ASP XA 25 39.17 84.14 -2.08
CA ASP XA 25 37.80 84.52 -1.77
C ASP XA 25 36.84 83.38 -2.09
N LEU XA 26 36.01 83.03 -1.11
CA LEU XA 26 35.02 81.97 -1.28
C LEU XA 26 33.61 82.47 -0.99
N THR XA 27 33.37 83.78 -1.18
CA THR XA 27 32.06 84.36 -0.87
C THR XA 27 30.96 83.70 -1.69
N ARG XA 28 31.26 83.34 -2.94
CA ARG XA 28 30.26 82.72 -3.80
C ARG XA 28 29.84 81.35 -3.30
N PHE XA 29 30.70 80.67 -2.55
CA PHE XA 29 30.43 79.31 -2.10
C PHE XA 29 30.30 79.22 -0.58
N VAL XA 30 29.95 80.31 0.08
CA VAL XA 30 29.73 80.28 1.52
C VAL XA 30 28.39 79.63 1.81
N LYS XA 31 28.38 78.69 2.75
CA LYS XA 31 27.13 78.15 3.27
C LYS XA 31 26.48 79.23 4.13
N TRP XA 32 25.47 79.87 3.58
CA TRP XA 32 24.87 81.04 4.21
C TRP XA 32 23.81 80.64 5.22
N PRO XA 33 23.50 81.52 6.16
CA PRO XA 33 22.35 81.29 7.05
C PRO XA 33 21.05 81.23 6.25
N ARG XA 34 20.07 80.54 6.83
CA ARG XA 34 18.81 80.31 6.13
C ARG XA 34 18.09 81.61 5.81
N TYR XA 35 18.19 82.60 6.69
CA TYR XA 35 17.52 83.87 6.44
C TYR XA 35 18.17 84.63 5.30
N ILE XA 36 19.46 84.41 5.08
CA ILE XA 36 20.14 85.05 3.95
C ILE XA 36 19.78 84.33 2.65
N ARG XA 37 19.75 83.00 2.68
CA ARG XA 37 19.39 82.24 1.49
C ARG XA 37 17.95 82.51 1.09
N LEU XA 38 17.05 82.64 2.06
CA LEU XA 38 15.65 82.88 1.76
C LEU XA 38 15.44 84.24 1.10
N GLN XA 39 16.09 85.27 1.63
CA GLN XA 39 15.88 86.61 1.09
C GLN XA 39 16.58 86.81 -0.24
N ARG XA 40 17.66 86.09 -0.50
CA ARG XA 40 18.29 86.15 -1.81
C ARG XA 40 17.47 85.37 -2.84
N GLN XA 41 16.96 84.20 -2.46
CA GLN XA 41 16.15 83.42 -3.38
C GLN XA 41 14.81 84.08 -3.66
N ARG XA 42 14.34 84.93 -2.75
CA ARG XA 42 13.13 85.70 -3.01
C ARG XA 42 13.37 86.71 -4.12
N ALA XA 43 14.55 87.31 -4.16
CA ALA XA 43 14.90 88.22 -5.25
C ALA XA 43 14.98 87.48 -6.57
N ILE XA 44 15.51 86.26 -6.55
CA ILE XA 44 15.62 85.49 -7.78
C ILE XA 44 14.25 85.06 -8.27
N LEU XA 45 13.35 84.72 -7.35
CA LEU XA 45 12.00 84.32 -7.75
C LEU XA 45 11.24 85.46 -8.41
N TYR XA 46 11.50 86.70 -7.99
CA TYR XA 46 10.87 87.83 -8.62
C TYR XA 46 11.42 88.11 -10.02
N LYS XA 47 12.48 87.41 -10.42
CA LYS XA 47 13.01 87.49 -11.77
C LYS XA 47 12.58 86.32 -12.65
N ARG XA 48 12.48 85.11 -12.08
CA ARG XA 48 12.01 83.98 -12.87
C ARG XA 48 10.53 84.11 -13.18
N LEU XA 49 9.73 84.39 -12.15
CA LEU XA 49 8.28 84.36 -12.30
C LEU XA 49 7.79 85.53 -13.14
N LYS XA 50 6.62 85.35 -13.72
CA LYS XA 50 5.97 86.42 -14.48
C LYS XA 50 5.25 87.33 -13.51
N VAL XA 51 5.83 88.49 -13.24
CA VAL XA 51 5.24 89.43 -12.29
C VAL XA 51 4.11 90.19 -12.99
N PRO XA 52 2.91 90.22 -12.42
CA PRO XA 52 1.81 90.95 -13.06
C PRO XA 52 2.11 92.44 -13.13
N PRO XA 53 1.48 93.16 -14.06
CA PRO XA 53 1.77 94.59 -14.19
C PRO XA 53 1.42 95.40 -12.95
N ALA XA 54 0.47 94.94 -12.14
CA ALA XA 54 0.11 95.68 -10.93
C ALA XA 54 1.21 95.69 -9.89
N ILE XA 55 2.14 94.75 -9.97
CA ILE XA 55 3.26 94.69 -9.04
C ILE XA 55 4.53 95.16 -9.75
N ASN XA 56 4.62 94.87 -11.04
CA ASN XA 56 5.78 95.27 -11.83
C ASN XA 56 5.84 96.77 -12.05
N GLN XA 57 4.71 97.47 -11.89
CA GLN XA 57 4.70 98.92 -12.11
C GLN XA 57 5.54 99.65 -11.07
N PHE XA 58 5.88 99.01 -9.96
CA PHE XA 58 6.71 99.62 -8.94
C PHE XA 58 8.20 99.45 -9.19
N THR XA 59 8.58 98.64 -10.18
CA THR XA 59 9.99 98.57 -10.54
C THR XA 59 10.41 99.82 -11.31
N GLN XA 60 9.50 100.37 -12.13
CA GLN XA 60 9.75 101.63 -12.82
C GLN XA 60 9.56 102.76 -11.82
N ALA XA 61 10.67 103.33 -11.35
CA ALA XA 61 10.61 104.43 -10.42
C ALA XA 61 11.42 105.59 -10.95
N LEU XA 62 11.45 106.68 -10.19
CA LEU XA 62 12.12 107.90 -10.62
C LEU XA 62 13.63 107.70 -10.68
N ASP XA 63 14.26 108.38 -11.63
CA ASP XA 63 15.70 108.35 -11.76
C ASP XA 63 16.34 109.21 -10.65
N ARG XA 64 17.67 109.26 -10.67
CA ARG XA 64 18.39 109.98 -9.62
C ARG XA 64 18.12 111.48 -9.68
N GLN XA 65 18.01 112.03 -10.90
CA GLN XA 65 17.88 113.48 -11.03
C GLN XA 65 16.52 113.97 -10.52
N THR XA 66 15.44 113.31 -10.95
CA THR XA 66 14.11 113.79 -10.57
C THR XA 66 13.82 113.54 -9.10
N ALA XA 67 14.26 112.39 -8.57
CA ALA XA 67 14.02 112.09 -7.17
C ALA XA 67 14.77 113.05 -6.26
N THR XA 68 15.94 113.53 -6.71
CA THR XA 68 16.71 114.47 -5.90
C THR XA 68 15.98 115.80 -5.76
N GLN XA 69 15.48 116.34 -6.87
CA GLN XA 69 14.81 117.64 -6.80
C GLN XA 69 13.41 117.52 -6.22
N LEU XA 70 12.76 116.36 -6.38
CA LEU XA 70 11.45 116.16 -5.77
C LEU XA 70 11.57 116.14 -4.26
N LEU XA 71 12.58 115.44 -3.73
CA LEU XA 71 12.79 115.43 -2.29
C LEU XA 71 13.34 116.77 -1.80
N LYS XA 72 13.99 117.53 -2.69
CA LYS XA 72 14.45 118.87 -2.33
C LYS XA 72 13.27 119.79 -2.05
N LEU XA 73 12.24 119.73 -2.91
CA LEU XA 73 11.02 120.48 -2.64
C LEU XA 73 10.30 119.95 -1.42
N ALA XA 74 10.23 118.62 -1.29
CA ALA XA 74 9.51 118.00 -0.19
C ALA XA 74 10.14 118.28 1.16
N HIS XA 75 11.43 118.62 1.19
CA HIS XA 75 12.07 118.98 2.45
C HIS XA 75 11.53 120.29 3.02
N LYS XA 76 10.92 121.12 2.20
CA LYS XA 76 10.41 122.42 2.67
C LYS XA 76 9.05 122.31 3.34
N TYR XA 77 8.45 121.13 3.38
CA TYR XA 77 7.10 120.97 3.92
C TYR XA 77 7.01 119.79 4.86
N ARG XA 78 8.11 119.48 5.55
CA ARG XA 78 8.08 118.40 6.52
C ARG XA 78 7.15 118.77 7.67
N PRO XA 79 6.38 117.82 8.20
CA PRO XA 79 5.59 118.09 9.40
C PRO XA 79 6.49 118.43 10.57
N GLU XA 80 5.99 119.31 11.44
CA GLU XA 80 6.74 119.69 12.61
C GLU XA 80 6.89 118.51 13.56
N THR XA 81 8.07 118.39 14.16
CA THR XA 81 8.33 117.31 15.08
C THR XA 81 7.66 117.58 16.42
N LYS XA 82 7.88 116.67 17.37
CA LYS XA 82 7.37 116.86 18.72
C LYS XA 82 8.02 118.04 19.41
N GLN XA 83 9.21 118.46 18.96
CA GLN XA 83 9.92 119.55 19.62
C GLN XA 83 9.35 120.91 19.25
N GLU XA 84 9.43 121.29 17.96
CA GLU XA 84 8.95 122.61 17.59
C GLU XA 84 7.44 122.71 17.58
N LYS XA 85 6.72 121.58 17.68
CA LYS XA 85 5.30 121.70 17.95
C LYS XA 85 5.06 122.24 19.35
N LYS XA 86 5.87 121.79 20.33
CA LYS XA 86 5.76 122.33 21.68
C LYS XA 86 6.09 123.81 21.71
N GLN XA 87 7.12 124.21 20.96
CA GLN XA 87 7.47 125.63 20.89
C GLN XA 87 6.35 126.44 20.23
N ARG XA 88 5.73 125.88 19.20
CA ARG XA 88 4.60 126.55 18.56
C ARG XA 88 3.42 126.68 19.52
N LEU XA 89 3.15 125.63 20.29
CA LEU XA 89 2.00 125.65 21.19
C LEU XA 89 2.24 126.56 22.38
N LEU XA 90 3.48 126.61 22.88
CA LEU XA 90 3.80 127.52 23.99
C LEU XA 90 3.65 128.97 23.57
N ALA XA 91 4.18 129.32 22.38
CA ALA XA 91 4.07 130.69 21.90
C ALA XA 91 2.61 131.04 21.60
N ARG XA 92 1.86 130.09 21.04
CA ARG XA 92 0.44 130.33 20.78
C ARG XA 92 -0.33 130.50 22.08
N ALA XA 93 0.04 129.75 23.12
CA ALA XA 93 -0.62 129.90 24.41
C ALA XA 93 -0.34 131.27 25.02
N GLU XA 94 0.90 131.77 24.88
CA GLU XA 94 1.24 133.09 25.41
C GLU XA 94 0.46 134.18 24.70
N LYS XA 95 0.33 134.07 23.37
CA LYS XA 95 -0.39 135.09 22.62
C LYS XA 95 -1.90 134.97 22.80
N LYS XA 96 -2.40 133.76 23.04
CA LYS XA 96 -3.82 133.60 23.34
C LYS XA 96 -4.17 134.24 24.68
N ALA XA 97 -3.24 134.16 25.65
CA ALA XA 97 -3.45 134.83 26.92
C ALA XA 97 -3.48 136.34 26.75
N ALA XA 98 -2.60 136.88 25.90
CA ALA XA 98 -2.58 138.31 25.62
C ALA XA 98 -1.91 138.52 24.27
N GLY XA 99 -2.68 138.90 23.25
CA GLY XA 99 -4.12 139.06 23.37
C GLY XA 99 -4.87 138.66 22.12
N LYS XA 100 -4.23 137.85 21.28
CA LYS XA 100 -4.79 137.49 19.98
C LYS XA 100 -6.06 136.66 20.13
N GLY XA 101 -6.01 135.62 20.96
CA GLY XA 101 -7.18 134.78 21.14
C GLY XA 101 -7.26 133.63 20.15
N ASP XA 102 -8.04 133.83 19.08
CA ASP XA 102 -8.18 132.79 18.06
C ASP XA 102 -6.84 132.50 17.38
N VAL XA 103 -6.29 133.50 16.68
CA VAL XA 103 -4.98 133.45 16.05
C VAL XA 103 -4.86 132.24 15.12
N PRO XA 104 -5.53 132.24 13.96
CA PRO XA 104 -5.30 131.15 13.01
C PRO XA 104 -3.92 131.18 12.38
N THR XA 105 -3.36 132.39 12.19
CA THR XA 105 -1.98 132.62 11.77
C THR XA 105 -1.60 131.91 10.49
N LYS XA 106 -2.59 131.61 9.63
CA LYS XA 106 -2.37 131.08 8.29
C LYS XA 106 -1.57 129.77 8.34
N ARG XA 107 -2.23 128.74 8.87
CA ARG XA 107 -1.71 127.38 8.99
C ARG XA 107 -1.00 126.95 7.71
N PRO XA 108 0.30 126.70 7.78
CA PRO XA 108 1.11 126.57 6.56
C PRO XA 108 0.82 125.27 5.83
N PRO XA 109 1.09 125.22 4.53
CA PRO XA 109 0.99 123.94 3.80
C PRO XA 109 1.98 122.93 4.36
N VAL XA 110 1.56 121.67 4.37
CA VAL XA 110 2.34 120.59 4.96
C VAL XA 110 2.24 119.36 4.06
N LEU XA 111 3.16 118.43 4.25
CA LEU XA 111 3.20 117.20 3.48
C LEU XA 111 2.35 116.15 4.19
N ARG XA 112 1.24 115.76 3.56
CA ARG XA 112 0.40 114.73 4.12
C ARG XA 112 1.08 113.37 3.94
N ALA XA 113 0.91 112.50 4.93
CA ALA XA 113 1.61 111.22 4.94
C ALA XA 113 0.66 110.14 5.41
N GLY XA 114 0.97 108.90 5.02
CA GLY XA 114 0.14 107.77 5.36
C GLY XA 114 -0.72 107.34 4.19
N VAL XA 115 -0.84 106.03 3.97
CA VAL XA 115 -1.60 105.55 2.82
C VAL XA 115 -3.08 105.84 3.00
N ASN XA 116 -3.58 105.82 4.23
CA ASN XA 116 -5.00 106.08 4.46
C ASN XA 116 -5.33 107.57 4.30
N THR XA 117 -4.42 108.44 4.71
CA THR XA 117 -4.64 109.87 4.51
C THR XA 117 -4.53 110.25 3.05
N VAL XA 118 -3.52 109.72 2.35
CA VAL XA 118 -3.30 110.09 0.96
C VAL XA 118 -4.42 109.60 0.07
N THR XA 119 -4.89 108.37 0.29
CA THR XA 119 -5.90 107.81 -0.60
C THR XA 119 -7.22 108.56 -0.51
N THR XA 120 -7.49 109.22 0.62
CA THR XA 120 -8.70 110.02 0.71
C THR XA 120 -8.55 111.34 -0.03
N LEU XA 121 -7.34 111.91 -0.01
CA LEU XA 121 -7.10 113.14 -0.75
C LEU XA 121 -7.16 112.88 -2.26
N VAL XA 122 -6.73 111.70 -2.70
CA VAL XA 122 -6.84 111.35 -4.10
C VAL XA 122 -8.31 111.24 -4.50
N GLU XA 123 -9.13 110.63 -3.64
CA GLU XA 123 -10.55 110.49 -3.93
C GLU XA 123 -11.24 111.85 -4.00
N ASN XA 124 -10.85 112.77 -3.13
CA ASN XA 124 -11.46 114.09 -3.07
C ASN XA 124 -10.78 115.10 -3.97
N LYS XA 125 -9.82 114.67 -4.78
CA LYS XA 125 -9.07 115.50 -5.73
C LYS XA 125 -8.28 116.61 -5.05
N LYS XA 126 -8.06 116.53 -3.74
CA LYS XA 126 -7.33 117.56 -3.01
C LYS XA 126 -5.82 117.34 -3.07
N ALA XA 127 -5.36 116.29 -3.75
CA ALA XA 127 -3.94 116.05 -3.92
C ALA XA 127 -3.45 116.67 -5.22
N GLN XA 128 -2.23 117.20 -5.20
CA GLN XA 128 -1.58 117.76 -6.36
C GLN XA 128 -0.46 116.89 -6.90
N LEU XA 129 0.13 116.04 -6.07
CA LEU XA 129 1.20 115.14 -6.47
C LEU XA 129 1.35 114.07 -5.40
N VAL XA 130 1.28 112.81 -5.79
CA VAL XA 130 1.38 111.69 -4.88
C VAL XA 130 2.70 110.97 -5.13
N VAL XA 131 3.46 110.76 -4.06
CA VAL XA 131 4.73 110.05 -4.13
C VAL XA 131 4.56 108.72 -3.41
N ILE XA 132 4.87 107.63 -4.10
CA ILE XA 132 4.65 106.28 -3.59
C ILE XA 132 5.99 105.58 -3.49
N ALA XA 133 6.25 104.99 -2.32
CA ALA XA 133 7.45 104.17 -2.17
C ALA XA 133 7.34 102.91 -3.00
N HIS XA 134 8.48 102.41 -3.47
CA HIS XA 134 8.49 101.28 -4.38
C HIS XA 134 8.65 99.94 -3.68
N ASP XA 135 8.95 99.92 -2.38
CA ASP XA 135 9.31 98.69 -1.69
C ASP XA 135 8.44 98.47 -0.47
N VAL XA 136 7.13 98.66 -0.63
CA VAL XA 136 6.17 98.36 0.42
C VAL XA 136 6.03 96.84 0.48
N ASP XA 137 6.58 96.22 1.53
CA ASP XA 137 6.75 94.77 1.54
C ASP XA 137 5.43 94.01 1.51
N PRO XA 138 4.42 94.32 2.35
CA PRO XA 138 3.09 93.78 2.09
C PRO XA 138 2.46 94.55 0.94
N ILE XA 139 2.74 94.15 -0.30
CA ILE XA 139 2.40 95.02 -1.43
C ILE XA 139 0.93 94.76 -1.78
N GLU XA 140 0.06 95.34 -0.96
CA GLU XA 140 -1.36 95.52 -1.23
C GLU XA 140 -1.81 96.89 -0.81
N LEU XA 141 -1.02 97.60 -0.01
CA LEU XA 141 -1.35 98.94 0.43
C LEU XA 141 -1.32 99.96 -0.70
N VAL XA 142 -0.54 99.71 -1.75
CA VAL XA 142 -0.36 100.72 -2.79
C VAL XA 142 -0.54 100.14 -4.19
N VAL XA 143 -0.98 98.90 -4.31
CA VAL XA 143 -1.21 98.36 -5.65
C VAL XA 143 -2.33 99.11 -6.36
N PHE XA 144 -3.30 99.62 -5.60
CA PHE XA 144 -4.40 100.36 -6.19
C PHE XA 144 -4.10 101.84 -6.36
N LEU XA 145 -3.06 102.35 -5.72
CA LEU XA 145 -2.80 103.79 -5.77
C LEU XA 145 -2.43 104.31 -7.17
N PRO XA 146 -1.58 103.66 -7.96
CA PRO XA 146 -1.39 104.15 -9.34
C PRO XA 146 -2.66 104.21 -10.16
N ALA XA 147 -3.52 103.21 -10.04
CA ALA XA 147 -4.76 103.21 -10.81
C ALA XA 147 -5.74 104.24 -10.28
N LEU XA 148 -5.82 104.37 -8.95
CA LEU XA 148 -6.72 105.36 -8.36
C LEU XA 148 -6.26 106.78 -8.66
N CYS XA 149 -4.94 107.02 -8.62
CA CYS XA 149 -4.43 108.35 -8.93
C CYS XA 149 -4.62 108.68 -10.40
N ARG XA 150 -4.54 107.69 -11.28
CA ARG XA 150 -4.79 107.94 -12.69
C ARG XA 150 -6.26 108.24 -12.95
N LYS XA 151 -7.15 107.48 -12.32
CA LYS XA 151 -8.58 107.69 -12.53
C LYS XA 151 -9.03 109.05 -12.01
N MET XA 152 -8.48 109.46 -10.86
CA MET XA 152 -8.82 110.77 -10.30
C MET XA 152 -8.04 111.90 -10.94
N GLY XA 153 -7.10 111.60 -11.84
CA GLY XA 153 -6.41 112.63 -12.57
C GLY XA 153 -5.36 113.39 -11.79
N VAL XA 154 -4.87 112.85 -10.68
CA VAL XA 154 -3.80 113.46 -9.91
C VAL XA 154 -2.49 112.83 -10.33
N PRO XA 155 -1.44 113.61 -10.59
CA PRO XA 155 -0.16 113.02 -10.99
C PRO XA 155 0.48 112.27 -9.85
N TYR XA 156 1.02 111.10 -10.15
CA TYR XA 156 1.65 110.25 -9.17
C TYR XA 156 3.00 109.80 -9.67
N CYS XA 157 3.96 109.67 -8.75
CA CYS XA 157 5.30 109.19 -9.07
C CYS XA 157 5.67 108.10 -8.07
N ILE XA 158 6.57 107.23 -8.49
CA ILE XA 158 7.09 106.17 -7.64
C ILE XA 158 8.55 106.47 -7.36
N ILE XA 159 8.91 106.55 -6.09
CA ILE XA 159 10.26 106.87 -5.66
C ILE XA 159 10.89 105.64 -5.02
N LYS XA 160 12.22 105.63 -4.99
CA LYS XA 160 12.98 104.51 -4.43
C LYS XA 160 13.18 104.74 -2.94
N GLY XA 161 12.71 103.80 -2.12
CA GLY XA 161 13.01 103.83 -0.71
C GLY XA 161 11.90 104.35 0.18
N LYS XA 162 11.20 103.45 0.87
CA LYS XA 162 10.27 103.88 1.90
C LYS XA 162 10.99 104.46 3.11
N ALA XA 163 12.27 104.14 3.26
CA ALA XA 163 13.07 104.75 4.31
C ALA XA 163 13.27 106.24 4.05
N ARG XA 164 13.46 106.62 2.79
CA ARG XA 164 13.62 108.03 2.45
C ARG XA 164 12.34 108.80 2.73
N LEU XA 165 11.18 108.21 2.43
CA LEU XA 165 9.91 108.85 2.75
C LEU XA 165 9.71 108.96 4.25
N GLY XA 166 10.15 107.94 5.00
CA GLY XA 166 10.06 108.02 6.44
C GLY XA 166 10.93 109.10 7.03
N ARG XA 167 12.16 109.23 6.51
CA ARG XA 167 13.06 110.28 6.98
C ARG XA 167 12.49 111.66 6.70
N LEU XA 168 11.62 111.77 5.70
CA LEU XA 168 10.95 113.04 5.42
C LEU XA 168 9.97 113.40 6.53
N VAL XA 169 9.27 112.41 7.07
CA VAL XA 169 8.22 112.63 8.04
C VAL XA 169 8.69 112.31 9.47
N HIS XA 170 10.01 112.23 9.68
CA HIS XA 170 10.60 111.99 10.99
C HIS XA 170 10.11 110.68 11.60
N ARG XA 171 10.01 109.66 10.76
CA ARG XA 171 9.68 108.30 11.19
C ARG XA 171 10.62 107.33 10.50
N LYS XA 172 10.48 106.05 10.84
CA LYS XA 172 11.36 105.06 10.22
C LYS XA 172 10.94 104.78 8.78
N THR XA 173 9.64 104.73 8.52
CA THR XA 173 9.14 104.33 7.23
C THR XA 173 7.83 105.05 6.95
N CYS XA 174 7.70 105.61 5.75
CA CYS XA 174 6.42 106.11 5.27
C CYS XA 174 6.12 105.43 3.95
N THR XA 175 4.84 105.11 3.74
CA THR XA 175 4.44 104.43 2.51
C THR XA 175 4.23 105.42 1.38
N THR XA 176 3.43 106.47 1.62
CA THR XA 176 3.17 107.48 0.63
C THR XA 176 3.15 108.85 1.28
N VAL XA 177 3.52 109.86 0.50
CA VAL XA 177 3.34 111.26 0.87
C VAL XA 177 2.62 111.94 -0.28
N ALA XA 178 1.96 113.06 0.04
CA ALA XA 178 1.17 113.77 -0.96
C ALA XA 178 1.30 115.27 -0.72
N PHE XA 179 1.12 116.03 -1.80
CA PHE XA 179 1.16 117.48 -1.76
C PHE XA 179 -0.26 118.01 -1.85
N THR XA 180 -0.70 118.71 -0.81
CA THR XA 180 -1.89 119.54 -0.91
C THR XA 180 -1.44 120.88 -1.46
N GLN XA 181 -2.24 121.94 -1.30
CA GLN XA 181 -1.83 123.28 -1.71
C GLN XA 181 -0.42 123.59 -1.24
N VAL XA 182 0.29 124.39 -2.03
CA VAL XA 182 1.72 124.61 -1.83
C VAL XA 182 1.95 126.12 -1.75
N ASN XA 183 3.14 126.49 -1.27
CA ASN XA 183 3.49 127.90 -1.17
C ASN XA 183 3.62 128.52 -2.55
N SER XA 184 3.36 129.83 -2.62
CA SER XA 184 3.41 130.53 -3.90
C SER XA 184 4.80 130.53 -4.49
N GLU XA 185 5.82 130.68 -3.65
CA GLU XA 185 7.20 130.71 -4.13
C GLU XA 185 7.69 129.36 -4.64
N ASP XA 186 6.94 128.28 -4.37
CA ASP XA 186 7.29 126.96 -4.87
C ASP XA 186 6.28 126.41 -5.87
N LYS XA 187 5.33 127.23 -6.33
CA LYS XA 187 4.35 126.75 -7.30
C LYS XA 187 5.01 126.40 -8.62
N GLY XA 188 5.97 127.22 -9.06
CA GLY XA 188 6.67 126.93 -10.30
C GLY XA 188 7.53 125.68 -10.19
N ALA XA 189 8.19 125.49 -9.04
CA ALA XA 189 9.00 124.30 -8.85
C ALA XA 189 8.16 123.04 -8.84
N LEU XA 190 6.98 123.10 -8.23
CA LEU XA 190 6.08 121.94 -8.24
C LEU XA 190 5.56 121.67 -9.65
N ALA XA 191 5.23 122.72 -10.39
CA ALA XA 191 4.67 122.54 -11.74
C ALA XA 191 5.69 121.92 -12.69
N LYS XA 192 6.97 122.28 -12.53
CA LYS XA 192 8.01 121.67 -13.34
C LYS XA 192 8.10 120.17 -13.06
N LEU XA 193 7.97 119.78 -11.79
CA LEU XA 193 7.95 118.37 -11.45
C LEU XA 193 6.71 117.68 -11.99
N VAL XA 194 5.55 118.33 -11.86
CA VAL XA 194 4.28 117.69 -12.20
C VAL XA 194 4.22 117.35 -13.69
N GLU XA 195 4.68 118.25 -14.56
CA GLU XA 195 4.59 117.98 -15.99
C GLU XA 195 5.49 116.81 -16.39
N ALA XA 196 6.65 116.67 -15.73
CA ALA XA 196 7.51 115.53 -16.00
C ALA XA 196 6.94 114.24 -15.43
N ILE XA 197 6.38 114.30 -14.23
CA ILE XA 197 5.80 113.12 -13.60
C ILE XA 197 4.60 112.63 -14.39
N ARG XA 198 3.74 113.55 -14.83
CA ARG XA 198 2.57 113.18 -15.61
C ARG XA 198 2.96 112.53 -16.93
N THR XA 199 4.07 112.98 -17.50
CA THR XA 199 4.55 112.38 -18.75
C THR XA 199 4.94 110.92 -18.55
N ASN XA 200 5.62 110.61 -17.45
CA ASN XA 200 6.18 109.28 -17.27
C ASN XA 200 5.23 108.28 -16.65
N TYR XA 201 4.20 108.74 -15.92
CA TYR XA 201 3.34 107.81 -15.19
C TYR XA 201 1.89 107.87 -15.63
N ASN XA 202 1.26 109.06 -15.63
CA ASN XA 202 -0.16 109.14 -15.93
C ASN XA 202 -0.44 109.00 -17.42
N ASP XA 203 0.39 109.60 -18.27
CA ASP XA 203 0.12 109.64 -19.69
C ASP XA 203 0.36 108.31 -20.38
N ARG XA 204 1.26 107.48 -19.86
CA ARG XA 204 1.53 106.16 -20.43
C ARG XA 204 1.02 105.05 -19.53
N TYR XA 205 -0.11 105.28 -18.87
CA TYR XA 205 -0.70 104.29 -17.98
C TYR XA 205 -1.23 103.07 -18.72
N ASP XA 206 -1.50 103.21 -20.02
CA ASP XA 206 -2.05 102.09 -20.78
C ASP XA 206 -1.03 100.96 -20.92
N GLU XA 207 0.20 101.28 -21.33
CA GLU XA 207 1.22 100.24 -21.44
C GLU XA 207 1.82 99.86 -20.10
N ILE XA 208 1.69 100.73 -19.09
CA ILE XA 208 2.02 100.32 -17.73
C ILE XA 208 1.08 99.22 -17.28
N ARG XA 209 -0.19 99.32 -17.68
CA ARG XA 209 -1.19 98.33 -17.31
C ARG XA 209 -0.92 96.96 -17.91
N ARG XA 210 -0.15 96.88 -18.98
CA ARG XA 210 0.06 95.63 -19.69
C ARG XA 210 1.49 95.12 -19.64
N HIS XA 211 2.40 95.80 -18.95
CA HIS XA 211 3.81 95.43 -18.97
C HIS XA 211 4.09 94.43 -17.87
N TRP XA 212 4.33 93.18 -18.25
CA TRP XA 212 4.68 92.14 -17.30
C TRP XA 212 6.18 92.15 -17.02
N GLY XA 213 6.54 91.82 -15.78
CA GLY XA 213 7.91 91.77 -15.35
C GLY XA 213 8.42 90.35 -15.16
N GLY XA 214 9.70 90.27 -14.82
CA GLY XA 214 10.30 88.96 -14.61
C GLY XA 214 10.44 88.19 -15.90
N ASN XA 215 10.20 86.88 -15.82
CA ASN XA 215 10.27 85.97 -16.96
C ASN XA 215 11.64 86.03 -17.65
N VAL XA 216 12.70 86.08 -16.85
CA VAL XA 216 14.07 86.02 -17.34
C VAL XA 216 14.77 84.85 -16.67
N LEU XA 217 15.48 84.05 -17.44
CA LEU XA 217 16.18 82.90 -16.91
C LEU XA 217 17.51 83.32 -16.29
N GLY XA 218 18.14 82.37 -15.61
CA GLY XA 218 19.42 82.60 -14.98
C GLY XA 218 20.52 82.79 -15.99
N PRO XA 219 21.63 83.40 -15.56
CA PRO XA 219 22.76 83.57 -16.48
C PRO XA 219 23.31 82.26 -17.02
N LYS XA 220 23.29 81.20 -16.21
CA LYS XA 220 23.74 79.91 -16.70
C LYS XA 220 22.79 79.34 -17.74
N SER XA 221 21.48 79.42 -17.49
CA SER XA 221 20.51 78.91 -18.45
C SER XA 221 20.55 79.69 -19.75
N VAL XA 222 20.69 81.01 -19.66
CA VAL XA 222 20.80 81.84 -20.85
C VAL XA 222 22.09 81.54 -21.60
N ALA XA 223 23.17 81.25 -20.86
CA ALA XA 223 24.45 80.97 -21.49
C ALA XA 223 24.39 79.70 -22.32
N ARG XA 224 23.86 78.62 -21.76
CA ARG XA 224 23.85 77.36 -22.51
C ARG XA 224 22.75 77.37 -23.56
N ILE XA 225 21.75 78.23 -23.43
CA ILE XA 225 20.81 78.40 -24.54
C ILE XA 225 21.51 79.06 -25.72
N ALA XA 226 22.31 80.09 -25.44
CA ALA XA 226 23.07 80.75 -26.51
C ALA XA 226 24.14 79.84 -27.07
N LYS XA 227 24.73 78.98 -26.23
CA LYS XA 227 25.77 78.07 -26.70
C LYS XA 227 25.20 77.02 -27.64
N LEU XA 228 24.03 76.46 -27.33
CA LEU XA 228 23.38 75.54 -28.26
C LEU XA 228 22.97 76.27 -29.53
N GLU XA 229 22.46 77.49 -29.41
CA GLU XA 229 22.06 78.25 -30.60
C GLU XA 229 23.22 78.49 -31.54
N LYS XA 230 24.36 78.92 -30.99
CA LYS XA 230 25.54 79.14 -31.82
C LYS XA 230 26.06 77.83 -32.40
N ALA XA 231 26.01 76.75 -31.61
CA ALA XA 231 26.56 75.48 -32.06
C ALA XA 231 25.74 74.85 -33.18
N LYS XA 232 24.41 75.00 -33.13
CA LYS XA 232 23.57 74.43 -34.19
C LYS XA 232 23.28 75.42 -35.30
N ALA XA 233 23.86 76.62 -35.27
CA ALA XA 233 23.72 77.55 -36.36
C ALA XA 233 24.99 77.70 -37.18
N LYS XA 234 26.13 77.19 -36.69
CA LYS XA 234 27.35 77.26 -37.47
C LYS XA 234 27.31 76.33 -38.67
N GLU XA 235 26.67 75.17 -38.53
CA GLU XA 235 26.54 74.25 -39.66
C GLU XA 235 25.42 74.65 -40.60
N LEU XA 236 24.42 75.41 -40.11
CA LEU XA 236 23.40 75.93 -41.00
C LEU XA 236 23.90 77.13 -41.79
N ALA XA 237 24.76 77.95 -41.17
CA ALA XA 237 25.36 79.07 -41.89
C ALA XA 237 26.26 78.58 -43.02
N THR XA 238 26.98 77.47 -42.79
CA THR XA 238 27.75 76.86 -43.86
C THR XA 238 26.86 76.11 -44.84
N LYS XA 239 25.70 75.64 -44.38
CA LYS XA 239 24.75 75.00 -45.30
C LYS XA 239 24.22 76.00 -46.32
N LEU XA 240 23.92 77.22 -45.87
CA LEU XA 240 23.51 78.28 -46.78
C LEU XA 240 24.73 78.98 -47.36
N GLY XA 241 24.47 79.84 -48.34
CA GLY XA 241 25.55 80.54 -49.02
C GLY XA 241 26.03 79.83 -50.27
N MET YA 1 -61.51 -43.26 48.62
CA MET YA 1 -62.51 -44.12 49.24
C MET YA 1 -61.93 -44.91 50.40
N LYS YA 2 -62.64 -44.93 51.51
CA LYS YA 2 -62.29 -45.74 52.67
C LYS YA 2 -63.18 -46.97 52.67
N THR YA 3 -62.57 -48.15 52.78
CA THR YA 3 -63.30 -49.40 52.81
C THR YA 3 -63.64 -49.74 54.27
N ILE YA 4 -64.89 -50.12 54.51
CA ILE YA 4 -65.35 -50.34 55.89
C ILE YA 4 -64.54 -51.44 56.55
N LEU YA 5 -64.35 -52.56 55.86
CA LEU YA 5 -63.61 -53.68 56.43
C LEU YA 5 -62.91 -54.44 55.32
N SER YA 6 -61.63 -54.73 55.53
CA SER YA 6 -60.87 -55.64 54.70
C SER YA 6 -60.21 -56.66 55.60
N ASN YA 7 -60.55 -57.93 55.43
CA ASN YA 7 -60.05 -58.98 56.30
C ASN YA 7 -59.46 -60.12 55.48
N GLN YA 8 -58.59 -60.87 56.14
CA GLN YA 8 -57.97 -62.04 55.53
C GLN YA 8 -57.61 -63.02 56.64
N THR YA 9 -57.74 -64.31 56.35
CA THR YA 9 -57.54 -65.36 57.35
C THR YA 9 -56.47 -66.32 56.87
N VAL YA 10 -55.59 -66.72 57.79
CA VAL YA 10 -54.62 -67.77 57.55
C VAL YA 10 -55.01 -68.96 58.41
N ASP YA 11 -54.59 -70.15 57.97
CA ASP YA 11 -54.88 -71.39 58.68
C ASP YA 11 -53.60 -71.91 59.32
N ILE YA 12 -53.67 -72.20 60.60
CA ILE YA 12 -52.53 -72.67 61.38
C ILE YA 12 -52.64 -74.18 61.51
N PRO YA 13 -51.67 -74.95 61.03
CA PRO YA 13 -51.71 -76.42 61.19
C PRO YA 13 -51.69 -76.82 62.66
N GLU YA 14 -51.99 -78.11 62.89
CA GLU YA 14 -52.16 -78.61 64.24
C GLU YA 14 -50.84 -78.83 64.97
N ASN YA 15 -49.72 -78.91 64.25
CA ASN YA 15 -48.41 -79.11 64.88
C ASN YA 15 -47.73 -77.80 65.24
N VAL YA 16 -48.38 -76.67 65.00
CA VAL YA 16 -47.81 -75.36 65.26
C VAL YA 16 -48.85 -74.52 65.99
N ASP YA 17 -48.42 -73.78 67.01
CA ASP YA 17 -49.31 -72.90 67.76
C ASP YA 17 -48.79 -71.47 67.67
N ILE YA 18 -49.73 -70.51 67.62
CA ILE YA 18 -49.41 -69.11 67.46
C ILE YA 18 -49.95 -68.37 68.67
N THR YA 19 -49.10 -67.54 69.27
CA THR YA 19 -49.45 -66.74 70.44
C THR YA 19 -49.39 -65.27 70.07
N LEU YA 20 -50.43 -64.52 70.40
CA LEU YA 20 -50.52 -63.10 70.06
C LEU YA 20 -50.27 -62.27 71.31
N LYS YA 21 -49.30 -61.36 71.22
CA LYS YA 21 -49.09 -60.32 72.22
C LYS YA 21 -49.36 -58.99 71.52
N GLY YA 22 -50.63 -58.59 71.49
CA GLY YA 22 -51.01 -57.41 70.75
C GLY YA 22 -50.83 -57.60 69.26
N ARG YA 23 -49.86 -56.89 68.68
CA ARG YA 23 -49.52 -57.05 67.28
C ARG YA 23 -48.21 -57.81 67.07
N THR YA 24 -47.71 -58.44 68.12
CA THR YA 24 -46.54 -59.31 68.02
C THR YA 24 -47.00 -60.76 67.88
N VAL YA 25 -46.52 -61.45 66.86
CA VAL YA 25 -46.90 -62.81 66.58
C VAL YA 25 -45.74 -63.72 66.95
N ILE YA 26 -46.03 -64.71 67.80
CA ILE YA 26 -45.04 -65.69 68.24
C ILE YA 26 -45.46 -67.04 67.70
N VAL YA 27 -44.78 -67.50 66.66
CA VAL YA 27 -45.10 -68.76 66.01
C VAL YA 27 -44.12 -69.81 66.53
N LYS YA 28 -44.64 -70.81 67.23
CA LYS YA 28 -43.84 -71.88 67.78
C LYS YA 28 -44.18 -73.18 67.06
N GLY YA 29 -43.17 -73.84 66.52
CA GLY YA 29 -43.36 -75.08 65.80
C GLY YA 29 -42.29 -76.10 66.16
N PRO YA 30 -42.31 -77.23 65.46
CA PRO YA 30 -41.31 -78.28 65.75
C PRO YA 30 -39.88 -77.88 65.45
N ARG YA 31 -39.65 -76.87 64.60
CA ARG YA 31 -38.30 -76.49 64.19
C ARG YA 31 -37.76 -75.30 64.97
N GLY YA 32 -38.51 -74.73 65.90
CA GLY YA 32 -38.03 -73.63 66.68
C GLY YA 32 -39.11 -72.60 66.90
N THR YA 33 -38.67 -71.38 67.21
CA THR YA 33 -39.56 -70.27 67.53
C THR YA 33 -39.25 -69.10 66.63
N LEU YA 34 -40.30 -68.52 66.04
CA LEU YA 34 -40.18 -67.29 65.27
C LEU YA 34 -41.06 -66.23 65.94
N ARG YA 35 -40.60 -64.99 65.89
CA ARG YA 35 -41.32 -63.90 66.54
C ARG YA 35 -41.11 -62.62 65.74
N ARG YA 36 -42.21 -61.96 65.41
CA ARG YA 36 -42.15 -60.76 64.59
C ARG YA 36 -43.27 -59.83 65.01
N ASP YA 37 -42.97 -58.54 65.15
CA ASP YA 37 -43.94 -57.56 65.58
C ASP YA 37 -44.37 -56.70 64.39
N PHE YA 38 -45.67 -56.45 64.31
CA PHE YA 38 -46.26 -55.66 63.24
C PHE YA 38 -46.81 -54.35 63.78
N ASN YA 39 -46.09 -53.75 64.72
CA ASN YA 39 -46.53 -52.51 65.34
C ASN YA 39 -46.48 -51.32 64.38
N HIS YA 40 -45.85 -51.47 63.23
CA HIS YA 40 -45.84 -50.42 62.22
C HIS YA 40 -47.09 -50.41 61.36
N ILE YA 41 -47.99 -51.37 61.54
CA ILE YA 41 -49.21 -51.48 60.77
C ILE YA 41 -50.39 -51.51 61.73
N ASN YA 42 -51.35 -50.60 61.54
CA ASN YA 42 -52.52 -50.49 62.40
C ASN YA 42 -53.59 -51.47 61.92
N VAL YA 43 -53.53 -52.69 62.44
CA VAL YA 43 -54.51 -53.73 62.13
C VAL YA 43 -54.94 -54.41 63.42
N GLU YA 44 -55.94 -55.28 63.29
CA GLU YA 44 -56.50 -56.02 64.41
C GLU YA 44 -56.24 -57.51 64.17
N LEU YA 45 -55.34 -58.09 64.95
CA LEU YA 45 -55.03 -59.51 64.86
C LEU YA 45 -55.87 -60.27 65.87
N SER YA 46 -56.52 -61.34 65.41
CA SER YA 46 -57.41 -62.12 66.25
C SER YA 46 -57.18 -63.60 66.00
N LEU YA 47 -57.18 -64.38 67.08
CA LEU YA 47 -57.15 -65.84 67.00
C LEU YA 47 -58.59 -66.33 67.14
N LEU YA 48 -59.16 -66.80 66.04
CA LEU YA 48 -60.60 -67.09 66.02
C LEU YA 48 -60.92 -68.40 66.72
N GLY YA 49 -60.41 -69.51 66.21
CA GLY YA 49 -60.83 -70.84 66.66
C GLY YA 49 -59.80 -71.51 67.54
N LYS YA 50 -60.30 -72.23 68.54
CA LYS YA 50 -59.49 -73.14 69.34
C LYS YA 50 -59.41 -74.53 68.74
N LYS YA 51 -60.30 -74.84 67.80
CA LYS YA 51 -60.37 -76.13 67.13
C LYS YA 51 -59.34 -76.27 66.00
N LYS YA 52 -59.27 -75.28 65.12
CA LYS YA 52 -58.48 -75.35 63.91
C LYS YA 52 -57.47 -74.21 63.79
N LYS YA 53 -57.50 -73.26 64.73
CA LYS YA 53 -56.52 -72.19 64.83
C LYS YA 53 -56.48 -71.34 63.54
N ARG YA 54 -57.58 -70.62 63.33
CA ARG YA 54 -57.60 -69.60 62.29
C ARG YA 54 -57.12 -68.28 62.87
N LEU YA 55 -56.31 -67.55 62.11
CA LEU YA 55 -55.84 -66.23 62.51
C LEU YA 55 -56.34 -65.21 61.48
N ARG YA 56 -57.12 -64.25 61.94
CA ARG YA 56 -57.74 -63.27 61.06
C ARG YA 56 -57.15 -61.89 61.34
N VAL YA 57 -56.81 -61.17 60.27
CA VAL YA 57 -56.35 -59.80 60.37
C VAL YA 57 -57.43 -58.90 59.80
N ASP YA 58 -57.69 -57.78 60.47
CA ASP YA 58 -58.75 -56.86 60.07
C ASP YA 58 -58.18 -55.47 59.90
N LYS YA 59 -58.73 -54.74 58.94
CA LYS YA 59 -58.42 -53.33 58.75
C LYS YA 59 -59.72 -52.58 58.50
N TRP YA 60 -60.04 -51.66 59.41
CA TRP YA 60 -61.26 -50.86 59.29
C TRP YA 60 -60.90 -49.47 58.82
N TRP YA 61 -61.64 -48.98 57.82
CA TRP YA 61 -61.51 -47.62 57.30
C TRP YA 61 -60.09 -47.36 56.80
N GLY YA 62 -59.72 -48.09 55.77
CA GLY YA 62 -58.42 -47.94 55.13
C GLY YA 62 -58.55 -47.44 53.71
N ASN YA 63 -57.56 -46.66 53.29
CA ASN YA 63 -57.46 -46.21 51.91
C ASN YA 63 -56.76 -47.28 51.09
N ARG YA 64 -56.40 -46.96 49.84
CA ARG YA 64 -55.82 -47.96 48.96
C ARG YA 64 -54.48 -48.48 49.48
N LYS YA 65 -53.64 -47.59 50.00
CA LYS YA 65 -52.29 -47.99 50.40
C LYS YA 65 -52.32 -48.90 51.63
N GLU YA 66 -53.20 -48.64 52.57
CA GLU YA 66 -53.19 -49.39 53.82
C GLU YA 66 -54.13 -50.59 53.82
N LEU YA 67 -54.86 -50.82 52.73
CA LEU YA 67 -55.40 -52.17 52.48
C LEU YA 67 -54.36 -53.10 51.90
N ALA YA 68 -53.24 -52.59 51.41
CA ALA YA 68 -52.16 -53.44 50.91
C ALA YA 68 -51.39 -54.12 52.03
N THR YA 69 -51.58 -53.70 53.28
CA THR YA 69 -50.87 -54.30 54.40
C THR YA 69 -51.61 -55.48 55.01
N VAL YA 70 -52.85 -55.74 54.61
CA VAL YA 70 -53.60 -56.86 55.17
C VAL YA 70 -53.02 -58.18 54.69
N ARG YA 71 -52.79 -58.29 53.38
CA ARG YA 71 -52.23 -59.54 52.86
C ARG YA 71 -50.74 -59.64 53.11
N THR YA 72 -50.04 -58.51 53.22
CA THR YA 72 -48.62 -58.54 53.52
C THR YA 72 -48.36 -59.19 54.87
N ILE YA 73 -49.19 -58.87 55.87
CA ILE YA 73 -49.07 -59.50 57.17
C ILE YA 73 -49.41 -60.98 57.09
N CYS YA 74 -50.46 -61.32 56.35
CA CYS YA 74 -50.87 -62.72 56.24
C CYS YA 74 -49.79 -63.56 55.60
N SER YA 75 -49.11 -63.02 54.59
CA SER YA 75 -48.03 -63.76 53.95
C SER YA 75 -46.80 -63.85 54.84
N HIS YA 76 -46.58 -62.86 55.70
CA HIS YA 76 -45.45 -62.94 56.62
C HIS YA 76 -45.69 -64.00 57.69
N VAL YA 77 -46.93 -64.12 58.17
CA VAL YA 77 -47.25 -65.16 59.14
C VAL YA 77 -47.20 -66.52 58.48
N GLN YA 78 -47.64 -66.61 57.22
CA GLN YA 78 -47.57 -67.89 56.51
C GLN YA 78 -46.13 -68.33 56.29
N ASN YA 79 -45.22 -67.38 56.11
CA ASN YA 79 -43.81 -67.74 56.01
C ASN YA 79 -43.22 -68.11 57.37
N MET YA 80 -43.81 -67.61 58.45
CA MET YA 80 -43.39 -68.02 59.78
C MET YA 80 -43.85 -69.44 60.09
N ILE YA 81 -45.09 -69.76 59.72
CA ILE YA 81 -45.59 -71.13 59.86
C ILE YA 81 -44.77 -72.07 58.99
N LYS YA 82 -44.46 -71.65 57.78
CA LYS YA 82 -43.63 -72.46 56.89
C LYS YA 82 -42.24 -72.66 57.47
N GLY YA 83 -41.68 -71.63 58.10
CA GLY YA 83 -40.34 -71.73 58.64
C GLY YA 83 -40.22 -72.66 59.83
N VAL YA 84 -41.20 -72.63 60.73
CA VAL YA 84 -41.10 -73.42 61.95
C VAL YA 84 -41.60 -74.85 61.78
N THR YA 85 -42.16 -75.20 60.62
CA THR YA 85 -42.58 -76.57 60.36
C THR YA 85 -41.69 -77.26 59.34
N LEU YA 86 -41.34 -76.57 58.25
CA LEU YA 86 -40.50 -77.14 57.23
C LEU YA 86 -39.12 -76.49 57.12
N GLY YA 87 -38.99 -75.23 57.52
CA GLY YA 87 -37.74 -74.52 57.35
C GLY YA 87 -37.55 -74.05 55.93
N PHE YA 88 -36.57 -73.17 55.75
CA PHE YA 88 -36.26 -72.61 54.43
C PHE YA 88 -34.86 -73.04 54.04
N ARG YA 89 -34.71 -73.54 52.81
CA ARG YA 89 -33.44 -74.00 52.30
C ARG YA 89 -33.21 -73.40 50.92
N TYR YA 90 -32.12 -72.66 50.78
CA TYR YA 90 -31.76 -72.01 49.53
C TYR YA 90 -30.51 -72.68 48.97
N LYS YA 91 -30.60 -73.18 47.75
CA LYS YA 91 -29.46 -73.78 47.06
C LYS YA 91 -28.86 -72.74 46.11
N MET YA 92 -27.55 -72.55 46.21
CA MET YA 92 -26.84 -71.60 45.37
C MET YA 92 -25.76 -72.32 44.60
N ARG YA 93 -25.82 -72.24 43.27
CA ARG YA 93 -24.79 -72.81 42.41
C ARG YA 93 -23.78 -71.73 42.04
N SER YA 94 -22.50 -72.05 42.20
CA SER YA 94 -21.44 -71.16 41.78
C SER YA 94 -21.07 -71.48 40.33
N VAL YA 95 -21.02 -70.45 39.49
CA VAL YA 95 -20.69 -70.63 38.09
C VAL YA 95 -19.39 -69.88 37.81
N TYR YA 96 -18.61 -70.43 36.89
CA TYR YA 96 -17.33 -69.84 36.51
C TYR YA 96 -16.93 -70.39 35.16
N ALA YA 97 -16.08 -69.65 34.47
CA ALA YA 97 -15.54 -70.08 33.18
C ALA YA 97 -14.15 -70.68 33.32
N HIS YA 98 -13.23 -69.98 33.95
CA HIS YA 98 -11.84 -70.43 34.08
C HIS YA 98 -11.44 -70.71 35.52
N PHE YA 99 -11.59 -69.74 36.41
CA PHE YA 99 -11.11 -69.90 37.78
C PHE YA 99 -12.20 -70.50 38.65
N PRO YA 100 -12.01 -71.69 39.21
CA PRO YA 100 -13.00 -72.25 40.13
C PRO YA 100 -13.13 -71.39 41.38
N ILE YA 101 -14.34 -71.29 41.90
CA ILE YA 101 -14.61 -70.54 43.11
C ILE YA 101 -14.54 -71.49 44.29
N ASN YA 102 -13.63 -71.23 45.22
CA ASN YA 102 -13.39 -72.11 46.36
C ASN YA 102 -14.11 -71.56 47.58
N VAL YA 103 -15.17 -72.26 47.99
CA VAL YA 103 -15.99 -71.85 49.13
C VAL YA 103 -15.55 -72.66 50.34
N VAL YA 104 -15.14 -71.96 51.40
CA VAL YA 104 -14.71 -72.58 52.65
C VAL YA 104 -15.69 -72.15 53.73
N ILE YA 105 -16.26 -73.12 54.43
CA ILE YA 105 -17.28 -72.86 55.44
C ILE YA 105 -16.62 -72.83 56.81
N GLN YA 106 -16.68 -71.67 57.46
CA GLN YA 106 -16.07 -71.46 58.77
C GLN YA 106 -17.05 -71.88 59.85
N GLU YA 107 -16.78 -71.46 61.10
CA GLU YA 107 -17.39 -72.02 62.30
C GLU YA 107 -18.92 -72.10 62.20
N ASN YA 108 -19.42 -73.32 62.35
CA ASN YA 108 -20.85 -73.62 62.46
C ASN YA 108 -21.64 -73.18 61.23
N GLY YA 109 -20.98 -72.92 60.12
CA GLY YA 109 -21.66 -72.44 58.94
C GLY YA 109 -22.06 -70.99 58.96
N SER YA 110 -21.55 -70.20 59.90
CA SER YA 110 -21.93 -68.79 60.02
C SER YA 110 -21.03 -67.86 59.25
N LEU YA 111 -19.97 -68.37 58.61
CA LEU YA 111 -19.08 -67.55 57.81
C LEU YA 111 -18.73 -68.30 56.53
N VAL YA 112 -18.57 -67.55 55.44
CA VAL YA 112 -18.28 -68.11 54.13
C VAL YA 112 -17.03 -67.44 53.58
N GLU YA 113 -16.12 -68.23 53.03
CA GLU YA 113 -14.84 -67.76 52.49
C GLU YA 113 -14.82 -68.05 50.99
N ILE YA 114 -14.89 -67.00 50.18
CA ILE YA 114 -14.79 -67.12 48.73
C ILE YA 114 -13.36 -66.75 48.34
N ARG YA 115 -12.62 -67.71 47.82
CA ARG YA 115 -11.18 -67.56 47.66
C ARG YA 115 -10.78 -67.06 46.27
N ASN YA 116 -11.11 -67.81 45.23
CA ASN YA 116 -10.55 -67.61 43.90
C ASN YA 116 -11.58 -67.07 42.92
N PHE YA 117 -12.41 -66.13 43.36
CA PHE YA 117 -13.41 -65.56 42.48
C PHE YA 117 -12.73 -64.73 41.40
N LEU YA 118 -12.87 -65.16 40.15
CA LEU YA 118 -12.25 -64.51 38.99
C LEU YA 118 -10.73 -64.45 39.13
N GLY YA 119 -10.16 -65.40 39.85
CA GLY YA 119 -8.71 -65.53 39.95
C GLY YA 119 -8.01 -64.36 40.58
N GLU YA 120 -8.56 -63.83 41.66
CA GLU YA 120 -7.94 -62.71 42.38
C GLU YA 120 -7.70 -63.10 43.82
N LYS YA 121 -6.71 -62.44 44.42
CA LYS YA 121 -6.17 -62.86 45.72
C LYS YA 121 -6.96 -62.33 46.91
N TYR YA 122 -7.93 -61.46 46.68
CA TYR YA 122 -8.74 -60.97 47.79
C TYR YA 122 -9.68 -62.06 48.26
N ILE YA 123 -9.72 -62.27 49.58
CA ILE YA 123 -10.58 -63.29 50.17
C ILE YA 123 -11.85 -62.61 50.66
N ARG YA 124 -12.99 -63.03 50.12
CA ARG YA 124 -14.28 -62.50 50.52
C ARG YA 124 -14.77 -63.26 51.74
N ARG YA 125 -15.05 -62.54 52.82
CA ARG YA 125 -15.57 -63.12 54.04
C ARG YA 125 -16.97 -62.56 54.27
N VAL YA 126 -17.97 -63.43 54.17
CA VAL YA 126 -19.37 -63.05 54.32
C VAL YA 126 -19.92 -63.75 55.56
N ARG YA 127 -20.47 -62.97 56.48
CA ARG YA 127 -21.05 -63.51 57.69
C ARG YA 127 -22.56 -63.64 57.50
N MET YA 128 -23.08 -64.83 57.78
CA MET YA 128 -24.51 -65.07 57.65
C MET YA 128 -25.26 -64.39 58.79
N ARG YA 129 -26.52 -64.09 58.53
CA ARG YA 129 -27.38 -63.57 59.58
C ARG YA 129 -27.57 -64.64 60.66
N PRO YA 130 -27.72 -64.22 61.92
CA PRO YA 130 -27.86 -65.22 62.99
C PRO YA 130 -29.10 -66.09 62.80
N GLY YA 131 -28.93 -67.38 63.06
CA GLY YA 131 -29.97 -68.35 62.80
C GLY YA 131 -29.89 -69.00 61.43
N VAL YA 132 -28.96 -68.60 60.59
CA VAL YA 132 -28.77 -69.16 59.26
C VAL YA 132 -27.47 -69.95 59.25
N ALA YA 133 -27.53 -71.17 58.72
CA ALA YA 133 -26.37 -72.03 58.61
C ALA YA 133 -26.11 -72.32 57.14
N CYS YA 134 -24.85 -72.18 56.74
CA CYS YA 134 -24.43 -72.45 55.37
C CYS YA 134 -23.54 -73.69 55.33
N SER YA 135 -23.72 -74.50 54.30
CA SER YA 135 -22.94 -75.73 54.16
C SER YA 135 -22.72 -76.01 52.69
N VAL YA 136 -21.72 -76.83 52.42
CA VAL YA 136 -21.43 -77.30 51.07
C VAL YA 136 -22.08 -78.64 50.87
N SER YA 137 -22.89 -78.78 49.82
CA SER YA 137 -23.63 -80.01 49.62
C SER YA 137 -22.72 -81.11 49.08
N GLN YA 138 -23.17 -82.35 49.25
CA GLN YA 138 -22.50 -83.50 48.66
C GLN YA 138 -23.22 -84.02 47.43
N ALA YA 139 -24.23 -83.31 46.95
CA ALA YA 139 -24.95 -83.73 45.75
C ALA YA 139 -24.22 -83.31 44.49
N GLN YA 140 -24.02 -82.02 44.30
CA GLN YA 140 -23.34 -81.47 43.14
C GLN YA 140 -22.05 -80.80 43.56
N LYS YA 141 -21.20 -80.51 42.57
CA LYS YA 141 -19.86 -80.02 42.87
C LYS YA 141 -19.89 -78.58 43.39
N ASP YA 142 -20.72 -77.72 42.80
CA ASP YA 142 -20.79 -76.31 43.16
C ASP YA 142 -22.17 -76.02 43.72
N GLU YA 143 -22.36 -76.24 45.02
CA GLU YA 143 -23.62 -75.92 45.68
C GLU YA 143 -23.37 -75.37 47.06
N LEU YA 144 -24.24 -74.47 47.49
CA LEU YA 144 -24.27 -73.96 48.86
C LEU YA 144 -25.69 -74.13 49.37
N ILE YA 145 -25.84 -74.72 50.55
CA ILE YA 145 -27.14 -74.95 51.16
C ILE YA 145 -27.25 -74.02 52.36
N LEU YA 146 -28.15 -73.06 52.28
CA LEU YA 146 -28.42 -72.12 53.37
C LEU YA 146 -29.75 -72.49 53.98
N GLU YA 147 -29.73 -72.91 55.24
CA GLU YA 147 -30.94 -73.40 55.91
C GLU YA 147 -31.19 -72.58 57.17
N GLY YA 148 -32.47 -72.30 57.41
CA GLY YA 148 -32.85 -71.55 58.59
C GLY YA 148 -34.35 -71.55 58.76
N ASN YA 149 -34.81 -70.79 59.75
CA ASN YA 149 -36.23 -70.70 60.05
C ASN YA 149 -36.88 -69.46 59.45
N ASP YA 150 -36.28 -68.29 59.62
CA ASP YA 150 -36.82 -67.05 59.08
C ASP YA 150 -36.47 -66.98 57.59
N ILE YA 151 -37.48 -66.77 56.75
CA ILE YA 151 -37.22 -66.61 55.33
C ILE YA 151 -36.43 -65.33 55.08
N GLU YA 152 -36.72 -64.29 55.86
CA GLU YA 152 -36.04 -63.01 55.70
C GLU YA 152 -34.54 -63.15 55.87
N LEU YA 153 -34.11 -63.88 56.90
CA LEU YA 153 -32.68 -64.02 57.18
C LEU YA 153 -32.00 -64.93 56.16
N VAL YA 154 -32.69 -65.99 55.73
CA VAL YA 154 -32.07 -66.95 54.81
C VAL YA 154 -31.82 -66.30 53.46
N SER YA 155 -32.82 -65.61 52.92
CA SER YA 155 -32.67 -65.02 51.60
C SER YA 155 -31.79 -63.78 51.63
N ASN YA 156 -31.72 -63.09 52.77
CA ASN YA 156 -30.81 -61.96 52.87
C ASN YA 156 -29.37 -62.42 52.91
N SER YA 157 -29.10 -63.53 53.61
CA SER YA 157 -27.76 -64.10 53.63
C SER YA 157 -27.35 -64.60 52.25
N ALA YA 158 -28.31 -65.17 51.51
CA ALA YA 158 -28.01 -65.58 50.14
C ALA YA 158 -27.72 -64.39 49.25
N ALA YA 159 -28.40 -63.26 49.51
CA ALA YA 159 -28.13 -62.05 48.74
C ALA YA 159 -26.75 -61.49 49.04
N LEU YA 160 -26.30 -61.63 50.29
CA LEU YA 160 -24.96 -61.17 50.66
C LEU YA 160 -23.88 -61.95 49.90
N ILE YA 161 -24.06 -63.27 49.80
CA ILE YA 161 -23.09 -64.09 49.07
C ILE YA 161 -23.11 -63.74 47.59
N GLN YA 162 -24.30 -63.61 47.01
CA GLN YA 162 -24.42 -63.32 45.59
C GLN YA 162 -23.84 -61.96 45.24
N GLN YA 163 -24.08 -60.96 46.08
CA GLN YA 163 -23.54 -59.63 45.83
C GLN YA 163 -22.07 -59.52 46.20
N ALA YA 164 -21.54 -60.45 46.98
CA ALA YA 164 -20.11 -60.45 47.25
C ALA YA 164 -19.32 -60.82 46.00
N THR YA 165 -19.84 -61.76 45.20
CA THR YA 165 -19.17 -62.22 43.98
C THR YA 165 -19.74 -61.44 42.79
N THR YA 166 -19.38 -60.15 42.73
CA THR YA 166 -19.84 -59.27 41.67
C THR YA 166 -18.65 -58.84 40.83
N VAL YA 167 -18.76 -59.04 39.51
CA VAL YA 167 -17.73 -58.59 38.58
C VAL YA 167 -17.78 -57.07 38.47
N LYS YA 168 -16.60 -56.46 38.34
CA LYS YA 168 -16.50 -55.02 38.25
C LYS YA 168 -15.60 -54.63 37.09
N ASN YA 169 -15.95 -53.51 36.45
CA ASN YA 169 -15.19 -52.95 35.32
C ASN YA 169 -15.07 -53.95 34.17
N LYS YA 170 -16.08 -54.81 34.01
CA LYS YA 170 -16.10 -55.78 32.93
C LYS YA 170 -17.52 -55.89 32.41
N ASP YA 171 -17.65 -56.44 31.20
CA ASP YA 171 -18.96 -56.68 30.62
C ASP YA 171 -19.67 -57.77 31.41
N ILE YA 172 -20.77 -57.40 32.07
CA ILE YA 172 -21.46 -58.32 32.96
C ILE YA 172 -22.16 -59.43 32.19
N ARG YA 173 -22.42 -59.23 30.90
CA ARG YA 173 -23.07 -60.26 30.09
C ARG YA 173 -22.10 -61.28 29.53
N LYS YA 174 -20.80 -61.03 29.63
CA LYS YA 174 -19.76 -61.96 29.18
C LYS YA 174 -19.09 -62.66 30.36
N PHE YA 175 -18.72 -61.90 31.39
CA PHE YA 175 -18.14 -62.46 32.60
C PHE YA 175 -19.28 -62.81 33.54
N LEU YA 176 -19.78 -64.04 33.41
CA LEU YA 176 -20.96 -64.49 34.12
C LEU YA 176 -20.65 -65.06 35.49
N ASP YA 177 -19.40 -65.02 35.92
CA ASP YA 177 -18.98 -65.73 37.12
C ASP YA 177 -19.63 -65.14 38.37
N GLY YA 178 -19.90 -66.01 39.33
CA GLY YA 178 -20.50 -65.59 40.58
C GLY YA 178 -21.16 -66.77 41.25
N ILE YA 179 -21.89 -66.47 42.32
CA ILE YA 179 -22.69 -67.44 43.05
C ILE YA 179 -24.13 -66.95 43.03
N TYR YA 180 -25.04 -67.77 42.51
CA TYR YA 180 -26.41 -67.36 42.27
C TYR YA 180 -27.38 -68.35 42.90
N VAL YA 181 -28.48 -67.83 43.43
CA VAL YA 181 -29.51 -68.66 44.05
C VAL YA 181 -30.24 -69.45 42.97
N SER YA 182 -29.94 -70.74 42.87
CA SER YA 182 -30.54 -71.55 41.81
C SER YA 182 -32.00 -71.87 42.13
N GLU YA 183 -32.30 -72.24 43.37
CA GLU YA 183 -33.66 -72.59 43.72
C GLU YA 183 -33.93 -72.23 45.18
N LYS YA 184 -35.21 -72.00 45.47
CA LYS YA 184 -35.68 -71.72 46.82
C LYS YA 184 -36.67 -72.81 47.21
N GLY YA 185 -36.46 -73.39 48.37
CA GLY YA 185 -37.29 -74.49 48.80
C GLY YA 185 -37.35 -74.60 50.30
N THR YA 186 -37.65 -75.80 50.78
CA THR YA 186 -37.81 -76.06 52.20
C THR YA 186 -36.98 -77.28 52.60
N VAL YA 187 -37.11 -77.65 53.87
CA VAL YA 187 -36.54 -78.88 54.39
C VAL YA 187 -37.72 -79.77 54.79
N GLN YA 188 -37.44 -81.08 54.86
CA GLN YA 188 -38.38 -82.12 55.28
C GLN YA 188 -39.46 -82.39 54.25
N GLN YA 189 -39.54 -81.56 53.21
CA GLN YA 189 -40.26 -81.82 51.97
C GLN YA 189 -41.68 -82.33 52.20
N ALA YA 190 -42.47 -81.47 52.84
CA ALA YA 190 -43.88 -81.78 53.07
C ALA YA 190 -44.76 -80.59 52.77
N GLY ZA 1 -31.35 -19.11 11.72
CA GLY ZA 1 -32.02 -18.60 10.53
C GLY ZA 1 -33.38 -18.00 10.82
N ARG ZA 2 -34.16 -18.69 11.65
CA ARG ZA 2 -35.48 -18.24 12.05
C ARG ZA 2 -35.54 -18.10 13.56
N ARG ZA 3 -36.34 -17.15 14.02
CA ARG ZA 3 -36.56 -16.97 15.44
C ARG ZA 3 -37.34 -18.15 16.02
N PRO ZA 4 -37.23 -18.39 17.32
CA PRO ZA 4 -38.09 -19.40 17.95
C PRO ZA 4 -39.55 -19.01 17.82
N ALA ZA 5 -40.41 -20.02 17.75
CA ALA ZA 5 -41.83 -19.79 17.56
C ALA ZA 5 -42.49 -19.14 18.77
N ARG ZA 6 -41.79 -19.09 19.92
CA ARG ZA 6 -42.33 -18.38 21.07
C ARG ZA 6 -42.34 -16.87 20.87
N CYS ZA 7 -41.55 -16.35 19.93
CA CYS ZA 7 -41.52 -14.92 19.69
C CYS ZA 7 -42.77 -14.43 18.97
N TYR ZA 8 -43.48 -15.31 18.29
CA TYR ZA 8 -44.70 -14.94 17.58
C TYR ZA 8 -45.84 -15.89 17.92
N ARG ZA 9 -45.92 -16.32 19.19
CA ARG ZA 9 -46.93 -17.30 19.56
C ARG ZA 9 -48.31 -16.68 19.68
N TYR ZA 10 -48.38 -15.45 20.15
CA TYR ZA 10 -49.65 -14.85 20.54
C TYR ZA 10 -50.10 -13.82 19.51
N CYS ZA 11 -51.42 -13.68 19.40
CA CYS ZA 11 -52.04 -12.72 18.48
C CYS ZA 11 -52.00 -11.34 19.12
N LYS ZA 12 -50.87 -10.67 18.97
CA LYS ZA 12 -50.67 -9.37 19.58
C LYS ZA 12 -50.97 -8.21 18.64
N ASN ZA 13 -50.88 -8.43 17.33
CA ASN ZA 13 -51.07 -7.38 16.35
C ASN ZA 13 -52.39 -7.56 15.62
N LYS ZA 14 -52.80 -6.51 14.93
CA LYS ZA 14 -53.90 -6.61 13.98
C LYS ZA 14 -53.45 -7.49 12.82
N PRO ZA 15 -54.41 -8.10 12.09
CA PRO ZA 15 -54.05 -8.87 10.92
C PRO ZA 15 -53.28 -8.02 9.91
N TYR ZA 16 -52.21 -8.60 9.38
CA TYR ZA 16 -51.28 -7.91 8.47
C TYR ZA 16 -51.17 -8.72 7.21
N PRO ZA 17 -52.21 -8.75 6.39
CA PRO ZA 17 -52.21 -9.63 5.22
C PRO ZA 17 -51.27 -9.13 4.13
N LYS ZA 18 -50.83 -10.08 3.32
CA LYS ZA 18 -50.03 -9.76 2.14
C LYS ZA 18 -50.92 -9.04 1.14
N SER ZA 19 -50.65 -7.76 0.91
CA SER ZA 19 -51.52 -6.94 0.08
C SER ZA 19 -50.65 -5.92 -0.65
N ARG ZA 20 -51.30 -4.89 -1.19
CA ARG ZA 20 -50.58 -3.83 -1.89
C ARG ZA 20 -49.78 -2.94 -0.95
N PHE ZA 21 -50.04 -3.00 0.35
CA PHE ZA 21 -49.26 -2.25 1.33
C PHE ZA 21 -48.12 -3.08 1.90
N CYS ZA 22 -48.35 -4.36 2.14
CA CYS ZA 22 -47.32 -5.27 2.62
C CYS ZA 22 -46.75 -6.02 1.42
N ARG ZA 23 -45.63 -5.53 0.92
CA ARG ZA 23 -44.97 -6.12 -0.23
C ARG ZA 23 -43.60 -6.63 0.17
N GLY ZA 24 -43.11 -7.62 -0.59
CA GLY ZA 24 -41.88 -8.27 -0.24
C GLY ZA 24 -42.03 -9.44 0.70
N VAL ZA 25 -43.22 -10.01 0.80
CA VAL ZA 25 -43.46 -11.13 1.73
C VAL ZA 25 -42.85 -12.40 1.14
N PRO ZA 26 -42.02 -13.11 1.89
CA PRO ZA 26 -41.56 -14.43 1.42
C PRO ZA 26 -42.72 -15.41 1.35
N ASP ZA 27 -42.61 -16.35 0.42
CA ASP ZA 27 -43.66 -17.33 0.23
C ASP ZA 27 -43.79 -18.23 1.46
N ALA ZA 28 -45.02 -18.62 1.77
CA ALA ZA 28 -45.28 -19.42 2.95
C ALA ZA 28 -44.67 -20.81 2.80
N LYS ZA 29 -44.35 -21.43 3.95
CA LYS ZA 29 -43.72 -22.74 3.93
C LYS ZA 29 -44.67 -23.81 3.43
N ILE ZA 30 -45.95 -23.72 3.78
CA ILE ZA 30 -46.94 -24.71 3.37
C ILE ZA 30 -47.62 -24.23 2.09
N ARG ZA 31 -47.61 -25.08 1.07
CA ARG ZA 31 -48.28 -24.81 -0.19
C ARG ZA 31 -49.37 -25.81 -0.53
N ILE ZA 32 -49.22 -27.06 -0.11
CA ILE ZA 32 -50.19 -28.10 -0.38
C ILE ZA 32 -51.08 -28.25 0.84
N PHE ZA 33 -52.40 -28.14 0.64
CA PHE ZA 33 -53.35 -28.20 1.73
C PHE ZA 33 -54.25 -29.43 1.68
N ASP ZA 34 -54.27 -30.16 0.57
CA ASP ZA 34 -55.07 -31.38 0.45
C ASP ZA 34 -54.16 -32.51 0.00
N LEU ZA 35 -54.27 -33.65 0.69
CA LEU ZA 35 -53.43 -34.80 0.42
C LEU ZA 35 -54.29 -36.05 0.39
N GLY ZA 36 -53.70 -37.15 -0.06
CA GLY ZA 36 -54.42 -38.39 -0.17
C GLY ZA 36 -55.26 -38.44 -1.43
N ARG ZA 37 -56.30 -39.27 -1.38
CA ARG ZA 37 -57.23 -39.39 -2.50
C ARG ZA 37 -58.28 -38.30 -2.35
N LYS ZA 38 -57.93 -37.10 -2.84
CA LYS ZA 38 -58.86 -35.98 -2.80
C LYS ZA 38 -60.09 -36.24 -3.66
N LYS ZA 39 -59.92 -36.93 -4.79
CA LYS ZA 39 -60.99 -37.16 -5.75
C LYS ZA 39 -61.96 -38.24 -5.31
N ALA ZA 40 -61.89 -38.70 -4.06
CA ALA ZA 40 -62.86 -39.68 -3.57
C ALA ZA 40 -64.23 -39.04 -3.43
N LYS ZA 41 -65.26 -39.83 -3.68
CA LYS ZA 41 -66.62 -39.36 -3.54
C LYS ZA 41 -67.02 -39.30 -2.06
N VAL ZA 42 -68.17 -38.70 -1.80
CA VAL ZA 42 -68.60 -38.47 -0.43
C VAL ZA 42 -68.91 -39.78 0.28
N ASP ZA 43 -69.47 -40.75 -0.43
CA ASP ZA 43 -69.86 -42.01 0.20
C ASP ZA 43 -68.67 -42.90 0.52
N GLU ZA 44 -67.47 -42.55 0.06
CA GLU ZA 44 -66.31 -43.40 0.27
C GLU ZA 44 -65.67 -43.18 1.64
N PHE ZA 45 -65.74 -41.97 2.18
CA PHE ZA 45 -65.06 -41.62 3.42
C PHE ZA 45 -66.08 -41.05 4.40
N PRO ZA 46 -66.90 -41.92 5.03
CA PRO ZA 46 -67.93 -41.41 5.94
C PRO ZA 46 -67.39 -40.79 7.21
N LEU ZA 47 -66.26 -41.29 7.74
CA LEU ZA 47 -65.75 -40.84 9.02
C LEU ZA 47 -64.96 -39.55 8.84
N GLY ZA 48 -65.25 -38.56 9.68
CA GLY ZA 48 -64.49 -37.32 9.68
C GLY ZA 48 -63.87 -37.02 11.03
N GLY ZA 49 -62.58 -36.71 11.06
CA GLY ZA 49 -61.91 -36.41 12.31
C GLY ZA 49 -61.16 -35.10 12.26
N HIS ZA 50 -61.33 -34.28 13.30
CA HIS ZA 50 -60.76 -32.95 13.35
C HIS ZA 50 -59.73 -32.83 14.48
N MET ZA 51 -58.76 -31.95 14.29
CA MET ZA 51 -57.92 -31.46 15.36
C MET ZA 51 -58.32 -30.02 15.63
N VAL ZA 52 -58.81 -29.76 16.83
CA VAL ZA 52 -59.43 -28.49 17.17
C VAL ZA 52 -58.60 -27.83 18.26
N SER ZA 53 -58.15 -26.60 18.00
CA SER ZA 53 -57.29 -25.91 18.94
C SER ZA 53 -58.07 -25.42 20.15
N ASP ZA 54 -57.35 -25.30 21.28
CA ASP ZA 54 -57.91 -24.79 22.51
C ASP ZA 54 -57.41 -23.39 22.85
N GLU ZA 55 -56.56 -22.81 22.02
CA GLU ZA 55 -55.93 -21.54 22.34
C GLU ZA 55 -56.14 -20.55 21.21
N TYR ZA 56 -56.21 -19.28 21.58
CA TYR ZA 56 -56.20 -18.18 20.61
C TYR ZA 56 -54.74 -17.78 20.43
N GLU ZA 57 -54.15 -18.18 19.30
CA GLU ZA 57 -52.72 -18.02 19.12
C GLU ZA 57 -52.42 -18.03 17.61
N GLN ZA 58 -51.13 -18.06 17.27
CA GLN ZA 58 -50.67 -18.06 15.90
C GLN ZA 58 -49.84 -19.31 15.65
N LEU ZA 59 -50.20 -20.06 14.61
CA LEU ZA 59 -49.44 -21.24 14.19
C LEU ZA 59 -48.68 -20.89 12.93
N SER ZA 60 -47.36 -21.00 12.98
CA SER ZA 60 -46.54 -20.62 11.84
C SER ZA 60 -46.78 -21.55 10.66
N SER ZA 61 -46.50 -21.03 9.46
CA SER ZA 61 -46.63 -21.85 8.26
C SER ZA 61 -45.66 -23.03 8.28
N GLU ZA 62 -44.53 -22.87 8.97
CA GLU ZA 62 -43.60 -23.99 9.12
C GLU ZA 62 -44.20 -25.09 9.99
N ALA ZA 63 -44.96 -24.70 11.02
CA ALA ZA 63 -45.61 -25.69 11.87
C ALA ZA 63 -46.74 -26.40 11.15
N LEU ZA 64 -47.51 -25.66 10.35
CA LEU ZA 64 -48.59 -26.28 9.57
C LEU ZA 64 -48.03 -27.27 8.56
N GLU ZA 65 -46.92 -26.93 7.93
CA GLU ZA 65 -46.27 -27.84 6.98
C GLU ZA 65 -45.73 -29.08 7.70
N ALA ZA 66 -45.10 -28.88 8.85
CA ALA ZA 66 -44.49 -30.00 9.57
C ALA ZA 66 -45.54 -30.99 10.05
N ALA ZA 67 -46.66 -30.49 10.58
CA ALA ZA 67 -47.73 -31.37 11.03
C ALA ZA 67 -48.43 -32.04 9.87
N ARG ZA 68 -48.47 -31.37 8.71
CA ARG ZA 68 -49.11 -31.96 7.54
C ARG ZA 68 -48.33 -33.18 7.05
N ILE ZA 69 -47.00 -33.09 7.03
CA ILE ZA 69 -46.19 -34.23 6.63
C ILE ZA 69 -46.24 -35.33 7.69
N CYS ZA 70 -46.29 -34.94 8.96
CA CYS ZA 70 -46.32 -35.91 10.05
C CYS ZA 70 -47.60 -36.75 10.01
N ALA ZA 71 -48.74 -36.12 9.76
CA ALA ZA 71 -49.98 -36.86 9.64
C ALA ZA 71 -50.05 -37.64 8.34
N ASN ZA 72 -49.46 -37.10 7.27
CA ASN ZA 72 -49.48 -37.77 5.99
C ASN ZA 72 -48.69 -39.08 6.02
N LYS ZA 73 -47.53 -39.07 6.65
CA LYS ZA 73 -46.67 -40.24 6.66
C LYS ZA 73 -47.29 -41.38 7.45
N TYR ZA 74 -47.93 -41.07 8.58
CA TYR ZA 74 -48.58 -42.11 9.36
C TYR ZA 74 -49.81 -42.65 8.65
N MET ZA 75 -50.60 -41.75 8.04
CA MET ZA 75 -51.82 -42.18 7.36
C MET ZA 75 -51.51 -43.06 6.15
N VAL ZA 76 -50.44 -42.73 5.42
CA VAL ZA 76 -50.03 -43.55 4.29
C VAL ZA 76 -49.57 -44.92 4.78
N LYS ZA 77 -48.79 -44.93 5.86
CA LYS ZA 77 -48.23 -46.19 6.36
C LYS ZA 77 -49.31 -47.11 6.93
N SER ZA 78 -50.31 -46.54 7.60
CA SER ZA 78 -51.30 -47.34 8.31
C SER ZA 78 -52.57 -47.62 7.51
N CYS ZA 79 -53.01 -46.67 6.68
CA CYS ZA 79 -54.24 -46.82 5.93
C CYS ZA 79 -54.04 -46.98 4.44
N GLY ZA 80 -52.81 -46.84 3.95
CA GLY ZA 80 -52.56 -46.87 2.52
C GLY ZA 80 -52.56 -45.49 1.90
N ARG ZA 81 -51.99 -45.39 0.71
CA ARG ZA 81 -51.85 -44.12 0.04
C ARG ZA 81 -53.16 -43.60 -0.56
N ASP ZA 82 -54.18 -44.45 -0.66
CA ASP ZA 82 -55.46 -44.03 -1.22
C ASP ZA 82 -56.62 -44.31 -0.27
N GLY ZA 83 -56.35 -44.44 1.02
CA GLY ZA 83 -57.38 -44.72 1.99
C GLY ZA 83 -57.86 -43.54 2.80
N PHE ZA 84 -57.33 -42.34 2.54
CA PHE ZA 84 -57.62 -41.19 3.37
C PHE ZA 84 -57.53 -39.92 2.52
N HIS ZA 85 -58.14 -38.85 3.03
CA HIS ZA 85 -58.03 -37.53 2.43
C HIS ZA 85 -57.92 -36.51 3.54
N MET ZA 86 -56.81 -35.78 3.57
CA MET ZA 86 -56.57 -34.77 4.59
C MET ZA 86 -56.78 -33.38 4.00
N ARG ZA 87 -57.27 -32.48 4.83
CA ARG ZA 87 -57.48 -31.09 4.45
C ARG ZA 87 -56.99 -30.20 5.59
N VAL ZA 88 -55.94 -29.44 5.33
CA VAL ZA 88 -55.44 -28.46 6.29
C VAL ZA 88 -56.29 -27.22 6.18
N ARG ZA 89 -56.99 -26.87 7.25
CA ARG ZA 89 -57.99 -25.80 7.23
C ARG ZA 89 -57.48 -24.52 7.86
N LEU ZA 90 -56.19 -24.26 7.77
CA LEU ZA 90 -55.61 -23.00 8.18
C LEU ZA 90 -54.68 -22.51 7.10
N HIS ZA 91 -54.80 -21.23 6.73
CA HIS ZA 91 -53.93 -20.64 5.74
C HIS ZA 91 -53.14 -19.50 6.38
N PRO ZA 92 -51.84 -19.43 6.12
CA PRO ZA 92 -51.01 -18.38 6.74
C PRO ZA 92 -51.12 -17.03 6.05
N PHE ZA 93 -52.16 -16.29 6.42
CA PHE ZA 93 -52.46 -15.01 5.79
C PHE ZA 93 -51.95 -13.81 6.58
N HIS ZA 94 -51.37 -14.03 7.76
CA HIS ZA 94 -50.92 -12.93 8.62
C HIS ZA 94 -49.40 -12.88 8.57
N VAL ZA 95 -48.86 -11.73 8.17
CA VAL ZA 95 -47.43 -11.57 7.99
C VAL ZA 95 -46.82 -11.00 9.26
N ILE ZA 96 -45.87 -11.72 9.83
CA ILE ZA 96 -45.14 -11.27 11.00
C ILE ZA 96 -43.83 -10.64 10.54
N ARG ZA 97 -43.40 -9.59 11.24
CA ARG ZA 97 -42.25 -8.80 10.85
C ARG ZA 97 -41.08 -9.03 11.80
N ILE ZA 98 -39.91 -8.58 11.38
CA ILE ZA 98 -38.69 -8.68 12.18
C ILE ZA 98 -37.94 -7.36 12.09
N ASN ZA 99 -37.49 -6.85 13.24
CA ASN ZA 99 -36.64 -5.67 13.29
C ASN ZA 99 -35.21 -6.17 13.44
N LYS ZA 100 -34.56 -6.39 12.31
CA LYS ZA 100 -33.26 -7.05 12.29
C LYS ZA 100 -32.17 -6.10 12.76
N MET ZA 101 -31.41 -6.53 13.76
CA MET ZA 101 -30.24 -5.81 14.25
C MET ZA 101 -28.98 -6.56 13.83
N LEU ZA 102 -27.87 -5.81 13.79
CA LEU ZA 102 -26.59 -6.42 13.46
C LEU ZA 102 -26.10 -7.25 14.63
N SER ZA 103 -25.82 -8.53 14.38
CA SER ZA 103 -25.30 -9.42 15.41
C SER ZA 103 -23.77 -9.43 15.41
N CYS ZA 104 -23.18 -8.24 15.45
CA CYS ZA 104 -21.74 -8.06 15.50
C CYS ZA 104 -21.35 -7.47 16.85
N ALA ZA 105 -20.04 -7.34 17.07
CA ALA ZA 105 -19.52 -6.82 18.33
C ALA ZA 105 -19.48 -5.28 18.28
N GLY ZA 106 -20.67 -4.70 18.18
CA GLY ZA 106 -20.80 -3.26 18.21
C GLY ZA 106 -22.16 -2.71 17.83
N ALA ZA 107 -22.64 -1.74 18.60
CA ALA ZA 107 -23.79 -0.93 18.23
C ALA ZA 107 -23.38 0.33 17.48
N ASP ZA 108 -22.06 0.57 17.36
CA ASP ZA 108 -21.55 1.75 16.68
C ASP ZA 108 -21.78 1.70 15.17
N ARG ZA 109 -21.92 0.51 14.59
CA ARG ZA 109 -22.00 0.34 13.14
C ARG ZA 109 -23.39 0.60 12.60
N LEU ZA 110 -23.94 1.78 12.89
CA LEU ZA 110 -25.27 2.18 12.44
C LEU ZA 110 -26.34 1.17 12.86
N GLN ZA 111 -26.33 0.85 14.16
CA GLN ZA 111 -27.35 -0.05 14.68
C GLN ZA 111 -28.72 0.61 14.65
N THR ZA 112 -28.78 1.91 14.90
CA THR ZA 112 -29.95 2.79 14.81
C THR ZA 112 -30.92 2.54 15.97
N GLY ZA 113 -30.65 1.49 16.76
CA GLY ZA 113 -31.46 1.23 17.93
C GLY ZA 113 -32.92 0.99 17.59
N MET ZA 114 -33.80 1.61 18.37
CA MET ZA 114 -35.24 1.53 18.15
C MET ZA 114 -35.76 2.62 17.22
N ARG ZA 115 -34.87 3.44 16.65
CA ARG ZA 115 -35.31 4.45 15.69
C ARG ZA 115 -35.69 3.78 14.37
N GLY ZA 116 -36.88 4.10 13.87
CA GLY ZA 116 -37.36 3.51 12.65
C GLY ZA 116 -37.50 2.01 12.74
N ALA ZA 117 -38.12 1.54 13.82
CA ALA ZA 117 -38.06 0.13 14.19
C ALA ZA 117 -39.07 -0.73 13.45
N PHE ZA 118 -39.92 -0.17 12.60
CA PHE ZA 118 -40.89 -0.98 11.88
C PHE ZA 118 -40.19 -1.98 10.98
N GLY ZA 119 -40.43 -3.26 11.23
CA GLY ZA 119 -39.66 -4.32 10.59
C GLY ZA 119 -40.19 -4.71 9.23
N LYS ZA 120 -39.46 -5.61 8.59
CA LYS ZA 120 -39.62 -6.23 7.29
C LYS ZA 120 -40.31 -7.58 7.43
N PRO ZA 121 -41.07 -8.01 6.41
CA PRO ZA 121 -41.76 -9.30 6.50
C PRO ZA 121 -40.84 -10.49 6.71
N GLN ZA 122 -40.99 -11.16 7.84
CA GLN ZA 122 -40.19 -12.31 8.22
C GLN ZA 122 -40.82 -13.63 7.79
N GLY ZA 123 -42.15 -13.70 7.83
CA GLY ZA 123 -42.83 -14.93 7.50
C GLY ZA 123 -44.32 -14.76 7.65
N THR ZA 124 -45.02 -15.89 7.55
CA THR ZA 124 -46.48 -15.89 7.65
C THR ZA 124 -46.91 -16.92 8.68
N VAL ZA 125 -47.96 -16.58 9.42
CA VAL ZA 125 -48.57 -17.46 10.41
C VAL ZA 125 -50.07 -17.48 10.17
N ALA ZA 126 -50.73 -18.46 10.78
CA ALA ZA 126 -52.17 -18.61 10.69
C ALA ZA 126 -52.78 -18.26 12.03
N ARG ZA 127 -53.67 -17.27 12.04
CA ARG ZA 127 -54.33 -16.84 13.26
C ARG ZA 127 -55.50 -17.78 13.54
N VAL ZA 128 -55.49 -18.41 14.72
CA VAL ZA 128 -56.43 -19.46 15.04
C VAL ZA 128 -57.15 -19.11 16.35
N HIS ZA 129 -58.38 -19.58 16.47
CA HIS ZA 129 -59.24 -19.26 17.59
C HIS ZA 129 -59.60 -20.54 18.35
N ILE ZA 130 -60.08 -20.35 19.58
CA ILE ZA 130 -60.54 -21.50 20.37
C ILE ZA 130 -61.74 -22.13 19.69
N GLY ZA 131 -61.71 -23.46 19.57
CA GLY ZA 131 -62.78 -24.17 18.92
C GLY ZA 131 -62.70 -24.22 17.41
N GLN ZA 132 -61.60 -23.76 16.83
CA GLN ZA 132 -61.44 -23.75 15.38
C GLN ZA 132 -60.62 -24.95 14.94
N VAL ZA 133 -61.00 -25.51 13.79
CA VAL ZA 133 -60.35 -26.71 13.27
C VAL ZA 133 -59.04 -26.33 12.59
N ILE ZA 134 -58.00 -27.10 12.87
CA ILE ZA 134 -56.70 -26.94 12.25
C ILE ZA 134 -56.51 -27.90 11.08
N MET ZA 135 -56.81 -29.18 11.32
CA MET ZA 135 -56.60 -30.23 10.34
C MET ZA 135 -57.78 -31.18 10.38
N SER ZA 136 -58.09 -31.77 9.23
CA SER ZA 136 -59.19 -32.72 9.14
C SER ZA 136 -58.78 -33.88 8.25
N ILE ZA 137 -59.19 -35.08 8.63
CA ILE ZA 137 -58.95 -36.29 7.84
C ILE ZA 137 -60.27 -37.03 7.71
N ARG ZA 138 -60.61 -37.41 6.48
CA ARG ZA 138 -61.78 -38.25 6.23
C ARG ZA 138 -61.32 -39.60 5.71
N THR ZA 139 -61.95 -40.65 6.19
CA THR ZA 139 -61.53 -42.02 5.90
C THR ZA 139 -62.71 -42.95 6.14
N LYS ZA 140 -62.49 -44.24 5.91
CA LYS ZA 140 -63.48 -45.26 6.19
C LYS ZA 140 -63.68 -45.40 7.69
N LEU ZA 141 -64.80 -46.03 8.07
CA LEU ZA 141 -65.14 -46.13 9.48
C LEU ZA 141 -64.21 -47.05 10.26
N GLN ZA 142 -63.51 -47.96 9.60
CA GLN ZA 142 -62.63 -48.90 10.28
C GLN ZA 142 -61.25 -48.32 10.56
N ASN ZA 143 -61.02 -47.06 10.21
CA ASN ZA 143 -59.73 -46.40 10.45
C ASN ZA 143 -59.85 -45.29 11.48
N GLU ZA 144 -60.79 -45.41 12.41
CA GLU ZA 144 -60.98 -44.37 13.42
C GLU ZA 144 -59.78 -44.27 14.34
N GLU ZA 145 -59.25 -45.41 14.79
CA GLU ZA 145 -58.10 -45.39 15.68
C GLU ZA 145 -56.84 -44.91 14.96
N HIS ZA 146 -56.78 -45.09 13.64
CA HIS ZA 146 -55.64 -44.60 12.88
C HIS ZA 146 -55.68 -43.08 12.73
N VAL ZA 147 -56.88 -42.52 12.54
CA VAL ZA 147 -57.01 -41.08 12.41
C VAL ZA 147 -56.65 -40.38 13.72
N ILE ZA 148 -57.10 -40.95 14.84
CA ILE ZA 148 -56.78 -40.37 16.14
C ILE ZA 148 -55.28 -40.36 16.38
N GLU ZA 149 -54.60 -41.43 15.95
CA GLU ZA 149 -53.16 -41.49 16.16
C GLU ZA 149 -52.41 -40.56 15.22
N ALA ZA 150 -52.89 -40.44 13.98
CA ALA ZA 150 -52.25 -39.52 13.04
C ALA ZA 150 -52.37 -38.08 13.51
N LEU ZA 151 -53.54 -37.71 14.04
CA LEU ZA 151 -53.74 -36.36 14.54
C LEU ZA 151 -52.98 -36.15 15.85
N ARG ZA 152 -52.89 -37.19 16.68
CA ARG ZA 152 -52.18 -37.08 17.94
C ARG ZA 152 -50.69 -36.85 17.72
N ARG ZA 153 -50.12 -37.48 16.72
CA ARG ZA 153 -48.71 -37.26 16.40
C ARG ZA 153 -48.49 -35.86 15.84
N ALA ZA 154 -49.44 -35.36 15.04
CA ALA ZA 154 -49.32 -34.02 14.50
C ALA ZA 154 -49.48 -32.95 15.55
N LYS ZA 155 -50.06 -33.29 16.72
CA LYS ZA 155 -50.23 -32.31 17.78
C LYS ZA 155 -48.90 -31.80 18.31
N PHE ZA 156 -47.86 -32.61 18.21
CA PHE ZA 156 -46.56 -32.26 18.78
C PHE ZA 156 -45.82 -31.21 17.97
N LYS ZA 157 -46.35 -30.83 16.82
CA LYS ZA 157 -45.74 -29.79 16.00
C LYS ZA 157 -46.36 -28.41 16.24
N PHE ZA 158 -47.27 -28.30 17.20
CA PHE ZA 158 -47.97 -27.05 17.44
C PHE ZA 158 -47.71 -26.55 18.85
N PRO ZA 159 -47.67 -25.22 19.05
CA PRO ZA 159 -47.28 -24.67 20.35
C PRO ZA 159 -48.27 -24.92 21.48
N GLY ZA 160 -49.54 -24.62 21.25
CA GLY ZA 160 -50.51 -24.61 22.33
C GLY ZA 160 -51.08 -25.96 22.69
N ARG ZA 161 -52.38 -26.00 22.92
CA ARG ZA 161 -53.09 -27.23 23.26
C ARG ZA 161 -54.14 -27.51 22.20
N GLN ZA 162 -54.24 -28.77 21.78
CA GLN ZA 162 -55.19 -29.17 20.77
C GLN ZA 162 -55.95 -30.40 21.25
N LYS ZA 163 -57.16 -30.57 20.73
CA LYS ZA 163 -58.03 -31.69 21.04
C LYS ZA 163 -58.36 -32.44 19.77
N ILE ZA 164 -58.54 -33.75 19.88
CA ILE ZA 164 -58.87 -34.61 18.74
C ILE ZA 164 -60.33 -35.00 18.88
N HIS ZA 165 -61.15 -34.53 17.95
CA HIS ZA 165 -62.60 -34.70 18.02
C HIS ZA 165 -63.07 -35.40 16.75
N ILE ZA 166 -63.65 -36.58 16.91
CA ILE ZA 166 -64.27 -37.30 15.79
C ILE ZA 166 -65.64 -36.69 15.55
N SER ZA 167 -65.78 -35.92 14.48
CA SER ZA 167 -67.01 -35.17 14.25
C SER ZA 167 -68.15 -36.10 13.85
N LYS ZA 168 -69.37 -35.63 14.11
CA LYS ZA 168 -70.58 -36.35 13.78
C LYS ZA 168 -71.13 -36.03 12.41
N LYS ZA 169 -70.45 -35.19 11.64
CA LYS ZA 169 -70.83 -34.93 10.27
C LYS ZA 169 -70.32 -36.05 9.36
N TRP ZA 170 -70.95 -36.17 8.20
CA TRP ZA 170 -70.56 -37.18 7.22
C TRP ZA 170 -69.41 -36.63 6.38
N GLY ZA 171 -68.20 -37.14 6.63
CA GLY ZA 171 -67.05 -36.72 5.86
C GLY ZA 171 -66.76 -35.25 6.04
N PHE ZA 172 -66.49 -34.57 4.93
CA PHE ZA 172 -66.19 -33.15 4.94
C PHE ZA 172 -67.42 -32.27 4.72
N THR ZA 173 -68.61 -32.87 4.63
CA THR ZA 173 -69.82 -32.10 4.44
C THR ZA 173 -70.25 -31.45 5.75
N LYS ZA 174 -71.29 -30.63 5.68
CA LYS ZA 174 -71.84 -29.97 6.84
C LYS ZA 174 -73.14 -30.60 7.30
N PHE ZA 175 -73.41 -31.82 6.87
CA PHE ZA 175 -74.63 -32.55 7.22
C PHE ZA 175 -74.29 -33.72 8.12
N ASN ZA 176 -75.18 -34.00 9.06
CA ASN ZA 176 -74.95 -35.06 10.03
C ASN ZA 176 -74.94 -36.42 9.35
N ALA ZA 177 -74.16 -37.35 9.92
CA ALA ZA 177 -74.04 -38.67 9.33
C ALA ZA 177 -75.33 -39.48 9.45
N ASP ZA 178 -76.06 -39.32 10.54
CA ASP ZA 178 -77.32 -40.05 10.73
C ASP ZA 178 -78.44 -39.54 9.84
N GLU ZA 179 -78.26 -38.39 9.19
CA GLU ZA 179 -79.24 -37.87 8.25
C GLU ZA 179 -78.72 -37.80 6.83
N PHE ZA 180 -77.45 -38.12 6.59
CA PHE ZA 180 -76.88 -37.95 5.26
C PHE ZA 180 -77.44 -38.95 4.27
N GLU ZA 181 -77.51 -40.23 4.67
CA GLU ZA 181 -77.84 -41.29 3.72
C GLU ZA 181 -79.25 -41.15 3.18
N ASP ZA 182 -80.22 -40.95 4.07
CA ASP ZA 182 -81.60 -40.82 3.61
C ASP ZA 182 -81.87 -39.48 2.95
N MET ZA 183 -81.05 -38.47 3.20
CA MET ZA 183 -81.17 -37.21 2.48
C MET ZA 183 -80.85 -37.41 1.00
N VAL ZA 184 -79.82 -38.19 0.69
CA VAL ZA 184 -79.51 -38.53 -0.69
C VAL ZA 184 -80.61 -39.41 -1.27
N ALA ZA 185 -81.21 -40.26 -0.44
CA ALA ZA 185 -82.30 -41.12 -0.90
C ALA ZA 185 -83.50 -40.29 -1.35
N LYS ZA 186 -83.85 -39.25 -0.61
CA LYS ZA 186 -84.92 -38.35 -0.99
C LYS ZA 186 -84.46 -37.24 -1.92
N LYS ZA 187 -83.24 -37.36 -2.47
CA LYS ZA 187 -82.70 -36.45 -3.48
C LYS ZA 187 -82.61 -35.00 -2.99
N CYS ZA 188 -82.48 -34.80 -1.68
CA CYS ZA 188 -82.17 -33.49 -1.16
C CYS ZA 188 -80.67 -33.19 -1.22
N LEU ZA 189 -79.85 -34.18 -1.54
CA LEU ZA 189 -78.42 -33.99 -1.72
C LEU ZA 189 -77.98 -34.72 -2.99
N ILE ZA 190 -77.02 -34.13 -3.69
CA ILE ZA 190 -76.50 -34.71 -4.92
C ILE ZA 190 -74.98 -34.72 -4.85
N PRO ZA 191 -74.34 -35.88 -5.06
CA PRO ZA 191 -72.87 -35.92 -5.02
C PRO ZA 191 -72.25 -35.09 -6.12
N ASP ZA 192 -71.14 -34.43 -5.79
CA ASP ZA 192 -70.33 -33.74 -6.80
C ASP ZA 192 -68.91 -33.64 -6.24
N GLY ZA 193 -68.00 -34.41 -6.81
CA GLY ZA 193 -66.65 -34.45 -6.27
C GLY ZA 193 -66.62 -34.99 -4.87
N CYS ZA 194 -65.85 -34.31 -4.01
CA CYS ZA 194 -65.73 -34.70 -2.61
C CYS ZA 194 -66.77 -34.03 -1.72
N GLY ZA 195 -67.71 -33.30 -2.30
CA GLY ZA 195 -68.77 -32.66 -1.54
C GLY ZA 195 -70.13 -33.03 -2.09
N VAL ZA 196 -71.16 -32.42 -1.50
CA VAL ZA 196 -72.54 -32.62 -1.93
C VAL ZA 196 -73.14 -31.25 -2.22
N LYS ZA 197 -74.19 -31.26 -3.02
CA LYS ZA 197 -74.93 -30.05 -3.38
C LYS ZA 197 -76.32 -30.14 -2.78
N TYR ZA 198 -76.59 -29.32 -1.77
CA TYR ZA 198 -77.92 -29.27 -1.19
C TYR ZA 198 -78.91 -28.76 -2.22
N VAL ZA 199 -80.03 -29.45 -2.36
CA VAL ZA 199 -81.04 -29.07 -3.34
C VAL ZA 199 -82.28 -28.61 -2.60
N PRO ZA 200 -82.48 -27.30 -2.43
CA PRO ZA 200 -83.66 -26.82 -1.72
C PRO ZA 200 -84.91 -26.98 -2.57
N SER ZA 201 -86.06 -26.98 -1.89
CA SER ZA 201 -87.34 -27.09 -2.56
C SER ZA 201 -87.85 -25.74 -3.04
N HIS ZA 202 -86.99 -25.01 -3.76
CA HIS ZA 202 -87.40 -23.77 -4.41
C HIS ZA 202 -86.56 -23.60 -5.66
N GLY ZA 203 -87.07 -22.80 -6.59
CA GLY ZA 203 -86.47 -22.64 -7.89
C GLY ZA 203 -87.40 -23.12 -8.96
N PRO ZA 204 -86.93 -23.14 -10.21
CA PRO ZA 204 -87.76 -23.67 -11.30
C PRO ZA 204 -88.07 -25.14 -11.10
N LEU ZA 205 -89.28 -25.53 -11.48
CA LEU ZA 205 -89.65 -26.94 -11.49
C LEU ZA 205 -88.92 -27.70 -12.58
N ASP ZA 206 -88.33 -27.00 -13.55
CA ASP ZA 206 -87.53 -27.67 -14.57
C ASP ZA 206 -86.31 -28.33 -13.95
N LYS ZA 207 -85.69 -27.69 -12.97
CA LYS ZA 207 -84.59 -28.31 -12.25
C LYS ZA 207 -85.07 -29.39 -11.28
N TRP ZA 208 -86.35 -29.41 -10.94
CA TRP ZA 208 -86.88 -30.52 -10.15
C TRP ZA 208 -87.14 -31.74 -11.02
N ARG ZA 209 -87.61 -31.53 -12.25
CA ARG ZA 209 -87.96 -32.64 -13.12
C ARG ZA 209 -86.78 -33.21 -13.89
N VAL ZA 210 -85.64 -32.52 -13.92
CA VAL ZA 210 -84.43 -33.18 -14.39
C VAL ZA 210 -83.97 -34.20 -13.35
N LEU ZA 211 -84.22 -33.93 -12.07
CA LEU ZA 211 -84.20 -34.98 -11.07
C LEU ZA 211 -85.51 -35.77 -11.13
N HIS ZA 212 -85.55 -36.87 -10.41
CA HIS ZA 212 -86.70 -37.79 -10.41
C HIS ZA 212 -87.04 -38.24 -11.83
N SER ZA 213 -86.03 -38.36 -12.67
CA SER ZA 213 -86.21 -38.77 -14.05
C SER ZA 213 -84.96 -39.45 -14.58
N LYS AB 6 -102.67 -14.37 -41.78
CA LYS AB 6 -102.11 -15.24 -40.76
C LYS AB 6 -101.13 -14.48 -39.87
N GLU AB 7 -100.00 -14.08 -40.44
CA GLU AB 7 -99.02 -13.28 -39.72
C GLU AB 7 -99.45 -11.82 -39.69
N ASN AB 8 -99.03 -11.13 -38.63
CA ASN AB 8 -99.38 -9.73 -38.49
C ASN AB 8 -98.58 -8.89 -39.47
N PRO AB 9 -99.20 -7.94 -40.17
CA PRO AB 9 -98.44 -7.07 -41.08
C PRO AB 9 -97.39 -6.22 -40.38
N MET AB 10 -97.49 -6.04 -39.08
CA MET AB 10 -96.51 -5.25 -38.34
C MET AB 10 -95.26 -6.06 -37.98
N ARG AB 11 -95.22 -7.35 -38.30
CA ARG AB 11 -94.06 -8.18 -38.02
C ARG AB 11 -93.18 -8.41 -39.24
N GLU AB 12 -93.50 -7.79 -40.38
CA GLU AB 12 -92.76 -8.09 -41.60
C GLU AB 12 -91.35 -7.49 -41.52
N LEU AB 13 -90.37 -8.28 -41.95
CA LEU AB 13 -88.99 -7.81 -41.94
C LEU AB 13 -88.77 -6.77 -43.04
N ARG AB 14 -87.87 -5.84 -42.76
CA ARG AB 14 -87.53 -4.80 -43.72
C ARG AB 14 -86.13 -4.32 -43.41
N ILE AB 15 -85.53 -3.63 -44.37
CA ILE AB 15 -84.17 -3.12 -44.22
C ILE AB 15 -84.21 -1.78 -43.50
N ARG AB 16 -83.42 -1.65 -42.44
CA ARG AB 16 -83.28 -0.38 -41.74
C ARG AB 16 -82.22 0.51 -42.38
N LYS AB 17 -80.99 0.01 -42.47
CA LYS AB 17 -79.92 0.74 -43.12
C LYS AB 17 -79.01 -0.26 -43.83
N LEU AB 18 -77.95 0.26 -44.43
CA LEU AB 18 -77.06 -0.58 -45.21
C LEU AB 18 -75.59 -0.46 -44.81
N CYS AB 19 -75.16 0.70 -44.32
CA CYS AB 19 -73.89 0.87 -43.61
C CYS AB 19 -72.68 0.41 -44.45
N LEU AB 20 -72.45 1.15 -45.52
CA LEU AB 20 -71.23 0.96 -46.31
C LEU AB 20 -70.02 1.45 -45.52
N ASN AB 21 -68.86 0.89 -45.83
CA ASN AB 21 -67.62 1.25 -45.13
C ASN AB 21 -66.43 0.89 -45.99
N ILE AB 22 -65.50 1.83 -46.13
CA ILE AB 22 -64.23 1.59 -46.81
C ILE AB 22 -63.12 2.03 -45.87
N CYS AB 23 -62.28 1.09 -45.46
CA CYS AB 23 -61.14 1.39 -44.60
C CYS AB 23 -59.85 1.27 -45.40
N VAL AB 24 -59.07 2.34 -45.40
CA VAL AB 24 -57.80 2.34 -46.13
C VAL AB 24 -56.67 2.51 -45.12
N GLY AB 25 -55.43 2.53 -45.61
CA GLY AB 25 -54.29 2.64 -44.74
C GLY AB 25 -54.21 3.93 -43.95
N GLU AB 26 -53.98 5.05 -44.64
CA GLU AB 26 -53.76 6.32 -43.98
C GLU AB 26 -54.63 7.42 -44.58
N SER AB 27 -54.35 8.68 -44.21
CA SER AB 27 -55.04 9.83 -44.76
C SER AB 27 -54.44 10.18 -46.12
N GLY AB 28 -54.77 11.36 -46.63
CA GLY AB 28 -54.22 11.86 -47.86
C GLY AB 28 -55.19 11.74 -49.02
N ASP AB 29 -54.64 11.84 -50.23
CA ASP AB 29 -55.46 11.73 -51.43
C ASP AB 29 -56.04 10.34 -51.58
N ARG AB 30 -55.42 9.34 -50.96
CA ARG AB 30 -55.96 7.97 -51.02
C ARG AB 30 -57.33 7.90 -50.38
N LEU AB 31 -57.50 8.57 -49.23
CA LEU AB 31 -58.78 8.54 -48.54
C LEU AB 31 -59.81 9.44 -49.22
N THR AB 32 -59.40 10.60 -49.70
CA THR AB 32 -60.34 11.52 -50.34
C THR AB 32 -60.89 10.91 -51.63
N ARG AB 33 -60.05 10.24 -52.42
CA ARG AB 33 -60.54 9.54 -53.59
C ARG AB 33 -61.41 8.36 -53.21
N ALA AB 34 -61.12 7.72 -52.07
CA ALA AB 34 -61.98 6.64 -51.59
C ALA AB 34 -63.37 7.15 -51.25
N ALA AB 35 -63.46 8.35 -50.67
CA ALA AB 35 -64.75 8.93 -50.34
C ALA AB 35 -65.58 9.21 -51.59
N LYS AB 36 -64.92 9.55 -52.70
CA LYS AB 36 -65.63 9.80 -53.95
C LYS AB 36 -66.30 8.53 -54.46
N VAL AB 37 -65.78 7.36 -54.10
CA VAL AB 37 -66.41 6.10 -54.48
C VAL AB 37 -67.78 5.99 -53.83
N LEU AB 38 -67.87 6.30 -52.54
CA LEU AB 38 -69.15 6.26 -51.84
C LEU AB 38 -70.08 7.36 -52.33
N GLU AB 39 -69.51 8.49 -52.77
CA GLU AB 39 -70.33 9.61 -53.21
C GLU AB 39 -71.09 9.25 -54.48
N GLN AB 40 -70.41 8.64 -55.45
CA GLN AB 40 -71.08 8.30 -56.71
C GLN AB 40 -71.97 7.07 -56.56
N LEU AB 41 -71.63 6.17 -55.64
CA LEU AB 41 -72.42 4.95 -55.47
C LEU AB 41 -73.79 5.25 -54.90
N THR AB 42 -73.88 6.17 -53.94
CA THR AB 42 -75.12 6.44 -53.22
C THR AB 42 -75.72 7.79 -53.55
N GLY AB 43 -75.00 8.67 -54.24
CA GLY AB 43 -75.48 10.03 -54.43
C GLY AB 43 -75.63 10.76 -53.12
N GLN AB 44 -74.66 10.61 -52.22
CA GLN AB 44 -74.83 11.01 -50.83
C GLN AB 44 -73.46 11.13 -50.19
N THR AB 45 -73.26 12.20 -49.41
CA THR AB 45 -71.93 12.56 -48.94
C THR AB 45 -71.48 11.72 -47.76
N PRO AB 46 -70.43 10.92 -47.90
CA PRO AB 46 -69.97 10.09 -46.79
C PRO AB 46 -69.19 10.90 -45.75
N VAL AB 47 -68.85 10.22 -44.66
CA VAL AB 47 -68.20 10.85 -43.51
C VAL AB 47 -66.88 10.13 -43.22
N PHE AB 48 -65.84 10.90 -42.94
CA PHE AB 48 -64.55 10.35 -42.57
C PHE AB 48 -64.50 10.04 -41.08
N SER AB 49 -63.96 8.87 -40.74
CA SER AB 49 -63.87 8.43 -39.36
C SER AB 49 -62.40 8.37 -38.95
N LYS AB 50 -62.12 8.80 -37.72
CA LYS AB 50 -60.76 8.88 -37.21
C LYS AB 50 -60.31 7.54 -36.65
N ALA AB 51 -59.05 7.49 -36.24
CA ALA AB 51 -58.46 6.30 -35.64
C ALA AB 51 -58.48 6.42 -34.12
N ARG AB 52 -58.84 5.33 -33.45
CA ARG AB 52 -58.95 5.34 -32.01
C ARG AB 52 -57.59 5.47 -31.33
N TYR AB 53 -56.62 4.66 -31.77
CA TYR AB 53 -55.29 4.63 -31.16
C TYR AB 53 -54.23 4.65 -32.24
N THR AB 54 -52.97 4.65 -31.81
CA THR AB 54 -51.82 4.62 -32.70
C THR AB 54 -51.26 3.20 -32.74
N VAL AB 55 -51.11 2.67 -33.95
CA VAL AB 55 -50.55 1.34 -34.15
C VAL AB 55 -49.29 1.48 -34.99
N ARG AB 56 -48.15 1.08 -34.41
CA ARG AB 56 -46.88 1.19 -35.14
C ARG AB 56 -46.85 0.24 -36.32
N SER AB 57 -47.33 -0.99 -36.14
CA SER AB 57 -47.29 -1.97 -37.22
C SER AB 57 -48.20 -1.58 -38.38
N PHE AB 58 -49.39 -1.05 -38.07
CA PHE AB 58 -50.31 -0.63 -39.12
C PHE AB 58 -49.92 0.70 -39.74
N GLY AB 59 -49.02 1.45 -39.12
CA GLY AB 59 -48.64 2.74 -39.65
C GLY AB 59 -49.65 3.84 -39.43
N ILE AB 60 -50.66 3.59 -38.61
CA ILE AB 60 -51.72 4.57 -38.36
C ILE AB 60 -51.38 5.34 -37.10
N ARG AB 61 -51.93 6.54 -37.00
CA ARG AB 61 -51.75 7.41 -35.84
C ARG AB 61 -53.12 7.72 -35.24
N ARG AB 62 -53.10 8.16 -33.99
CA ARG AB 62 -54.35 8.46 -33.28
C ARG AB 62 -55.00 9.70 -33.86
N ASN AB 63 -56.33 9.69 -33.92
CA ASN AB 63 -57.16 10.78 -34.45
C ASN AB 63 -56.86 11.07 -35.91
N GLU AB 64 -56.31 10.10 -36.63
CA GLU AB 64 -55.97 10.25 -38.03
C GLU AB 64 -57.08 9.69 -38.89
N LYS AB 65 -57.42 10.40 -39.96
CA LYS AB 65 -58.47 9.96 -40.87
C LYS AB 65 -58.08 8.64 -41.52
N ILE AB 66 -58.78 7.56 -41.17
CA ILE AB 66 -58.45 6.23 -41.62
C ILE AB 66 -59.46 5.71 -42.64
N ALA AB 67 -60.74 5.83 -42.35
CA ALA AB 67 -61.77 5.23 -43.16
C ALA AB 67 -62.83 6.25 -43.53
N VAL AB 68 -63.68 5.86 -44.47
CA VAL AB 68 -64.85 6.63 -44.85
C VAL AB 68 -66.04 5.68 -44.89
N HIS AB 69 -67.20 6.17 -44.46
CA HIS AB 69 -68.36 5.30 -44.38
C HIS AB 69 -69.63 6.12 -44.57
N CYS AB 70 -70.71 5.40 -44.87
CA CYS AB 70 -72.00 6.03 -45.13
C CYS AB 70 -73.09 5.04 -44.73
N THR AB 71 -74.28 5.57 -44.46
CA THR AB 71 -75.46 4.77 -44.16
C THR AB 71 -76.56 5.14 -45.14
N VAL AB 72 -77.19 4.13 -45.73
CA VAL AB 72 -78.21 4.31 -46.75
C VAL AB 72 -79.50 3.67 -46.26
N ARG AB 73 -80.59 4.41 -46.30
CA ARG AB 73 -81.89 3.94 -45.84
C ARG AB 73 -82.93 4.15 -46.93
N GLY AB 74 -84.08 3.52 -46.74
CA GLY AB 74 -85.17 3.66 -47.68
C GLY AB 74 -84.98 2.82 -48.92
N ALA AB 75 -85.63 3.26 -50.01
CA ALA AB 75 -85.58 2.52 -51.26
C ALA AB 75 -84.17 2.51 -51.84
N LYS AB 76 -83.36 3.52 -51.53
CA LYS AB 76 -82.00 3.56 -52.04
C LYS AB 76 -81.18 2.41 -51.50
N ALA AB 77 -81.42 2.00 -50.25
CA ALA AB 77 -80.71 0.88 -49.68
C ALA AB 77 -81.06 -0.42 -50.39
N GLU AB 78 -82.31 -0.56 -50.81
CA GLU AB 78 -82.72 -1.79 -51.49
C GLU AB 78 -82.00 -1.96 -52.82
N GLU AB 79 -81.88 -0.87 -53.60
CA GLU AB 79 -81.27 -1.00 -54.92
C GLU AB 79 -79.75 -1.15 -54.82
N ILE AB 80 -79.13 -0.55 -53.82
CA ILE AB 80 -77.69 -0.75 -53.63
C ILE AB 80 -77.41 -2.17 -53.14
N LEU AB 81 -78.30 -2.71 -52.30
CA LEU AB 81 -78.10 -4.07 -51.80
C LEU AB 81 -78.17 -5.09 -52.92
N GLU AB 82 -79.13 -4.94 -53.83
CA GLU AB 82 -79.22 -5.88 -54.95
C GLU AB 82 -78.10 -5.66 -55.95
N LYS AB 83 -77.56 -4.46 -56.01
CA LYS AB 83 -76.37 -4.23 -56.83
C LYS AB 83 -75.19 -5.02 -56.29
N GLY AB 84 -74.98 -5.00 -54.97
CA GLY AB 84 -73.86 -5.73 -54.40
C GLY AB 84 -74.09 -7.23 -54.34
N LEU AB 85 -75.35 -7.65 -54.21
CA LEU AB 85 -75.65 -9.08 -54.19
C LEU AB 85 -75.39 -9.71 -55.55
N LYS AB 86 -75.47 -8.93 -56.63
CA LYS AB 86 -75.19 -9.44 -57.96
C LYS AB 86 -73.71 -9.82 -58.08
N VAL AB 87 -72.83 -9.14 -57.35
CA VAL AB 87 -71.40 -9.47 -57.38
C VAL AB 87 -71.16 -10.87 -56.84
N ARG AB 88 -71.82 -11.22 -55.73
CA ARG AB 88 -71.73 -12.56 -55.17
C ARG AB 88 -72.64 -13.55 -55.88
N GLU AB 89 -73.44 -13.09 -56.84
CA GLU AB 89 -74.42 -13.91 -57.54
C GLU AB 89 -75.37 -14.60 -56.56
N TYR AB 90 -75.82 -13.83 -55.56
CA TYR AB 90 -76.86 -14.25 -54.62
C TYR AB 90 -76.42 -15.45 -53.80
N GLU AB 91 -75.14 -15.48 -53.42
CA GLU AB 91 -74.59 -16.55 -52.60
C GLU AB 91 -73.96 -15.95 -51.35
N LEU AB 92 -74.48 -16.32 -50.18
CA LEU AB 92 -73.92 -15.90 -48.90
C LEU AB 92 -73.64 -17.12 -48.04
N ARG AB 93 -72.50 -17.10 -47.36
CA ARG AB 93 -72.16 -18.17 -46.42
C ARG AB 93 -73.03 -18.05 -45.17
N LYS AB 94 -73.23 -19.18 -44.49
CA LYS AB 94 -74.08 -19.18 -43.31
C LYS AB 94 -73.42 -18.49 -42.12
N ASN AB 95 -72.11 -18.28 -42.16
CA ASN AB 95 -71.43 -17.51 -41.13
C ASN AB 95 -71.39 -16.02 -41.44
N ASN AB 96 -71.85 -15.60 -42.62
CA ASN AB 96 -71.95 -14.18 -42.92
C ASN AB 96 -73.09 -13.51 -42.17
N PHE AB 97 -74.01 -14.29 -41.60
CA PHE AB 97 -75.07 -13.76 -40.75
C PHE AB 97 -74.59 -13.70 -39.31
N SER AB 98 -75.32 -12.96 -38.50
CA SER AB 98 -74.96 -12.79 -37.10
C SER AB 98 -76.12 -13.24 -36.21
N ASP AB 99 -75.83 -13.35 -34.91
CA ASP AB 99 -76.82 -13.77 -33.95
C ASP AB 99 -77.90 -12.73 -33.70
N THR AB 100 -77.69 -11.49 -34.12
CA THR AB 100 -78.66 -10.41 -33.91
C THR AB 100 -79.60 -10.22 -35.09
N GLY AB 101 -79.48 -11.04 -36.14
CA GLY AB 101 -80.42 -10.99 -37.24
C GLY AB 101 -80.05 -10.11 -38.40
N ASN AB 102 -78.80 -9.69 -38.51
CA ASN AB 102 -78.35 -8.88 -39.63
C ASN AB 102 -77.04 -9.43 -40.17
N PHE AB 103 -76.82 -9.24 -41.47
CA PHE AB 103 -75.73 -9.89 -42.18
C PHE AB 103 -74.99 -8.87 -43.02
N GLY AB 104 -73.91 -9.33 -43.65
CA GLY AB 104 -73.09 -8.46 -44.48
C GLY AB 104 -72.11 -9.26 -45.30
N PHE AB 105 -71.47 -8.57 -46.23
CA PHE AB 105 -70.52 -9.20 -47.15
C PHE AB 105 -69.58 -8.13 -47.68
N GLY AB 106 -68.46 -8.58 -48.25
CA GLY AB 106 -67.44 -7.69 -48.78
C GLY AB 106 -67.40 -7.74 -50.28
N ILE AB 107 -67.02 -6.62 -50.89
CA ILE AB 107 -66.91 -6.48 -52.34
C ILE AB 107 -65.47 -6.12 -52.67
N GLN AB 108 -64.86 -6.88 -53.58
CA GLN AB 108 -63.46 -6.65 -53.92
C GLN AB 108 -63.27 -5.44 -54.83
N GLU AB 109 -64.18 -5.25 -55.79
CA GLU AB 109 -64.04 -4.21 -56.81
C GLU AB 109 -65.26 -3.30 -56.77
N HIS AB 110 -65.03 -2.01 -56.60
CA HIS AB 110 -66.12 -1.04 -56.66
C HIS AB 110 -66.58 -0.75 -58.08
N ILE AB 111 -65.70 -0.94 -59.07
CA ILE AB 111 -65.99 -0.56 -60.44
C ILE AB 111 -67.08 -1.43 -61.05
N ASP AB 112 -67.21 -2.67 -60.59
CA ASP AB 112 -68.02 -3.66 -61.29
C ASP AB 112 -69.50 -3.31 -61.33
N LEU AB 113 -69.98 -2.42 -60.47
CA LEU AB 113 -71.38 -2.02 -60.46
C LEU AB 113 -71.50 -0.53 -60.77
N GLY AB 114 -72.09 -0.22 -61.92
CA GLY AB 114 -72.47 1.13 -62.24
C GLY AB 114 -71.36 2.04 -62.73
N ILE AB 115 -70.45 2.41 -61.83
CA ILE AB 115 -69.46 3.43 -62.16
C ILE AB 115 -68.38 2.83 -63.04
N LYS AB 116 -68.08 3.50 -64.15
CA LYS AB 116 -67.00 3.09 -65.02
C LYS AB 116 -65.66 3.45 -64.38
N TYR AB 117 -64.62 2.69 -64.74
CA TYR AB 117 -63.31 2.89 -64.15
C TYR AB 117 -62.75 4.25 -64.53
N ASP AB 118 -62.24 4.96 -63.55
CA ASP AB 118 -61.68 6.28 -63.72
C ASP AB 118 -60.21 6.26 -63.33
N PRO AB 119 -59.33 7.01 -64.00
CA PRO AB 119 -57.90 6.94 -63.65
C PRO AB 119 -57.58 7.47 -62.27
N SER AB 120 -58.18 8.59 -61.87
CA SER AB 120 -57.90 9.14 -60.54
C SER AB 120 -58.49 8.25 -59.45
N ILE AB 121 -59.71 7.76 -59.68
CA ILE AB 121 -60.33 6.84 -58.74
C ILE AB 121 -59.55 5.53 -58.71
N GLY AB 122 -59.25 5.04 -57.51
CA GLY AB 122 -58.40 3.88 -57.37
C GLY AB 122 -59.09 2.56 -57.63
N ILE AB 123 -58.76 1.55 -56.82
CA ILE AB 123 -59.24 0.18 -56.98
C ILE AB 123 -59.98 -0.28 -55.73
N TYR AB 124 -60.39 0.67 -54.88
CA TYR AB 124 -60.84 0.37 -53.53
C TYR AB 124 -62.06 -0.55 -53.53
N GLY AB 125 -61.97 -1.62 -52.75
CA GLY AB 125 -63.15 -2.40 -52.40
C GLY AB 125 -63.92 -1.74 -51.29
N LEU AB 126 -65.00 -2.38 -50.87
CA LEU AB 126 -65.85 -1.78 -49.87
C LEU AB 126 -66.53 -2.88 -49.05
N ASP AB 127 -67.47 -2.47 -48.20
CA ASP AB 127 -68.08 -3.33 -47.21
C ASP AB 127 -69.58 -3.04 -47.22
N PHE AB 128 -70.38 -4.10 -47.31
CA PHE AB 128 -71.83 -4.03 -47.15
C PHE AB 128 -72.18 -4.69 -45.82
N TYR AB 129 -73.00 -4.03 -45.01
CA TYR AB 129 -73.54 -4.66 -43.80
C TYR AB 129 -74.97 -4.18 -43.63
N VAL AB 130 -75.91 -4.92 -44.21
CA VAL AB 130 -77.32 -4.56 -44.12
C VAL AB 130 -77.85 -4.92 -42.73
N VAL AB 131 -78.56 -3.97 -42.12
CA VAL AB 131 -79.17 -4.15 -40.82
C VAL AB 131 -80.68 -4.29 -41.02
N LEU AB 132 -81.25 -5.34 -40.47
CA LEU AB 132 -82.68 -5.62 -40.64
C LEU AB 132 -83.46 -5.04 -39.46
N GLY AB 133 -84.78 -5.09 -39.59
CA GLY AB 133 -85.64 -4.53 -38.56
C GLY AB 133 -87.09 -4.86 -38.82
N ARG AB 134 -87.94 -4.36 -37.96
CA ARG AB 134 -89.39 -4.51 -38.03
C ARG AB 134 -90.03 -3.18 -37.68
N PRO AB 135 -91.28 -2.97 -38.09
CA PRO AB 135 -92.02 -1.78 -37.63
C PRO AB 135 -92.14 -1.79 -36.12
N GLY AB 136 -91.53 -0.80 -35.48
CA GLY AB 136 -91.47 -0.70 -34.04
C GLY AB 136 -90.08 -0.73 -33.46
N PHE AB 137 -89.07 -1.04 -34.26
CA PHE AB 137 -87.69 -1.09 -33.78
C PHE AB 137 -87.15 0.29 -33.38
N SER AB 138 -87.84 1.37 -33.77
CA SER AB 138 -87.34 2.71 -33.51
C SER AB 138 -87.48 3.12 -32.05
N ILE AB 139 -88.19 2.36 -31.22
CA ILE AB 139 -88.36 2.74 -29.83
C ILE AB 139 -87.06 2.64 -29.05
N ALA AB 140 -86.10 1.84 -29.53
CA ALA AB 140 -84.79 1.80 -28.88
C ALA AB 140 -83.99 3.07 -29.16
N ASP AB 141 -84.36 3.85 -30.16
CA ASP AB 141 -83.69 5.09 -30.49
C ASP AB 141 -84.51 6.32 -30.15
N LYS AB 142 -85.77 6.15 -29.75
CA LYS AB 142 -86.62 7.26 -29.38
C LYS AB 142 -86.07 7.96 -28.14
N LYS AB 143 -86.28 9.27 -28.07
CA LYS AB 143 -85.80 10.04 -26.92
C LYS AB 143 -86.73 9.90 -25.74
N ARG AB 144 -88.02 10.18 -25.94
CA ARG AB 144 -89.01 10.10 -24.88
C ARG AB 144 -89.63 8.71 -24.87
N ARG AB 145 -89.72 8.11 -23.68
CA ARG AB 145 -90.33 6.79 -23.48
C ARG AB 145 -89.64 5.72 -24.32
N THR AB 146 -88.32 5.69 -24.27
CA THR AB 146 -87.56 4.66 -24.95
C THR AB 146 -87.74 3.31 -24.24
N GLY AB 147 -87.56 2.23 -24.99
CA GLY AB 147 -87.70 0.91 -24.41
C GLY AB 147 -87.17 -0.17 -25.32
N CYS AB 148 -87.00 -1.36 -24.75
CA CYS AB 148 -86.57 -2.53 -25.51
C CYS AB 148 -87.71 -3.02 -26.39
N ILE AB 149 -87.36 -3.88 -27.35
CA ILE AB 149 -88.30 -4.23 -28.41
C ILE AB 149 -89.01 -5.55 -28.11
N GLY AB 150 -88.83 -6.09 -26.92
CA GLY AB 150 -89.51 -7.33 -26.59
C GLY AB 150 -88.89 -8.55 -27.24
N ALA AB 151 -89.08 -9.72 -26.64
CA ALA AB 151 -88.38 -10.92 -27.10
C ALA AB 151 -88.93 -11.44 -28.42
N LYS AB 152 -90.25 -11.51 -28.55
CA LYS AB 152 -90.84 -12.09 -29.75
C LYS AB 152 -90.61 -11.24 -30.99
N HIS AB 153 -90.38 -9.95 -30.83
CA HIS AB 153 -90.18 -9.04 -31.95
C HIS AB 153 -88.76 -9.04 -32.49
N ARG AB 154 -87.83 -9.68 -31.79
CA ARG AB 154 -86.45 -9.67 -32.23
C ARG AB 154 -86.26 -10.56 -33.45
N ILE AB 155 -85.24 -10.24 -34.24
CA ILE AB 155 -84.88 -11.02 -35.41
C ILE AB 155 -83.75 -11.97 -35.04
N SER AB 156 -83.96 -13.25 -35.26
CA SER AB 156 -82.94 -14.25 -35.01
C SER AB 156 -82.13 -14.51 -36.27
N LYS AB 157 -81.05 -15.28 -36.10
CA LYS AB 157 -80.23 -15.65 -37.25
C LYS AB 157 -81.02 -16.50 -38.24
N GLU AB 158 -81.89 -17.37 -37.74
CA GLU AB 158 -82.67 -18.23 -38.60
C GLU AB 158 -83.71 -17.43 -39.38
N GLU AB 159 -84.33 -16.43 -38.75
CA GLU AB 159 -85.33 -15.62 -39.43
C GLU AB 159 -84.69 -14.76 -40.50
N ALA AB 160 -83.44 -14.34 -40.30
CA ALA AB 160 -82.73 -13.59 -41.33
C ALA AB 160 -82.49 -14.45 -42.56
N MET AB 161 -82.19 -15.73 -42.36
CA MET AB 161 -81.95 -16.62 -43.49
C MET AB 161 -83.24 -16.88 -44.28
N ARG AB 162 -84.38 -16.95 -43.59
CA ARG AB 162 -85.65 -17.07 -44.28
C ARG AB 162 -85.92 -15.86 -45.17
N TRP AB 163 -85.65 -14.66 -44.64
CA TRP AB 163 -85.90 -13.44 -45.40
C TRP AB 163 -84.98 -13.35 -46.61
N PHE AB 164 -83.72 -13.78 -46.46
CA PHE AB 164 -82.80 -13.77 -47.60
C PHE AB 164 -83.20 -14.80 -48.64
N GLN AB 165 -83.78 -15.92 -48.21
CA GLN AB 165 -84.17 -16.97 -49.14
C GLN AB 165 -85.53 -16.72 -49.78
N GLN AB 166 -86.30 -15.75 -49.29
CA GLN AB 166 -87.59 -15.43 -49.89
C GLN AB 166 -87.52 -14.19 -50.77
N LYS AB 167 -87.07 -13.07 -50.20
CA LYS AB 167 -87.07 -11.81 -50.94
C LYS AB 167 -86.06 -11.82 -52.08
N TYR AB 168 -84.89 -12.42 -51.85
CA TYR AB 168 -83.83 -12.44 -52.85
C TYR AB 168 -83.55 -13.84 -53.37
N ASP AB 169 -84.33 -14.84 -52.94
CA ASP AB 169 -84.18 -16.26 -53.27
C ASP AB 169 -82.72 -16.70 -53.29
N GLY AB 170 -81.94 -16.26 -52.32
CA GLY AB 170 -80.52 -16.49 -52.31
C GLY AB 170 -80.16 -17.91 -51.92
N ILE AB 171 -78.85 -18.18 -51.94
CA ILE AB 171 -78.30 -19.48 -51.64
C ILE AB 171 -77.44 -19.35 -50.40
N ILE AB 172 -77.73 -20.16 -49.38
CA ILE AB 172 -76.93 -20.17 -48.15
C ILE AB 172 -75.99 -21.36 -48.25
N LEU AB 173 -74.72 -21.08 -48.52
CA LEU AB 173 -73.73 -22.14 -48.62
C LEU AB 173 -73.42 -22.69 -47.22
N PRO AB 174 -73.04 -23.97 -47.13
CA PRO AB 174 -72.59 -24.52 -45.83
C PRO AB 174 -71.16 -24.10 -45.50
N GLY AB 175 -71.03 -22.88 -44.98
CA GLY AB 175 -69.74 -22.34 -44.61
C GLY AB 175 -69.72 -21.69 -43.25
N ALA BB 1 -41.13 40.94 30.11
CA ALA BB 1 -42.13 40.03 29.59
C ALA BB 1 -43.54 40.53 29.93
N PRO BB 2 -44.37 40.70 28.90
CA PRO BB 2 -45.73 41.16 29.14
C PRO BB 2 -46.56 40.11 29.87
N SER BB 3 -47.58 40.57 30.58
CA SER BB 3 -48.46 39.70 31.35
C SER BB 3 -49.89 40.20 31.21
N ARG BB 4 -50.70 39.46 30.47
CA ARG BB 4 -52.12 39.74 30.27
C ARG BB 4 -52.26 41.14 29.68
N ASN BB 5 -53.37 41.82 29.96
CA ASN BB 5 -53.57 43.16 29.46
C ASN BB 5 -52.66 44.15 30.20
N GLY BB 6 -52.36 45.25 29.53
CA GLY BB 6 -51.50 46.25 30.11
C GLY BB 6 -51.18 47.31 29.08
N MET BB 7 -50.29 48.23 29.46
CA MET BB 7 -49.83 49.29 28.60
C MET BB 7 -48.38 49.01 28.20
N VAL BB 8 -48.09 49.14 26.90
CA VAL BB 8 -46.71 48.99 26.43
C VAL BB 8 -45.92 50.20 26.90
N LEU BB 9 -44.98 49.97 27.82
CA LEU BB 9 -44.28 51.04 28.50
C LEU BB 9 -42.84 51.09 28.02
N LYS BB 10 -42.31 52.31 27.91
CA LYS BB 10 -40.93 52.54 27.46
C LYS BB 10 -40.23 53.44 28.46
N PRO BB 11 -39.77 52.88 29.58
CA PRO BB 11 -39.02 53.69 30.54
C PRO BB 11 -37.64 54.04 29.99
N HIS BB 12 -37.25 55.30 30.18
CA HIS BB 12 -35.96 55.79 29.68
C HIS BB 12 -34.89 55.69 30.76
N PHE BB 13 -34.71 54.47 31.25
CA PHE BB 13 -33.76 54.18 32.32
C PHE BB 13 -32.68 53.23 31.85
N HIS BB 14 -32.27 53.37 30.59
CA HIS BB 14 -31.24 52.53 30.00
C HIS BB 14 -29.88 53.21 29.95
N LYS BB 15 -29.71 54.33 30.65
CA LYS BB 15 -28.59 55.21 30.35
C LYS BB 15 -27.87 55.70 31.59
N ASP BB 16 -27.76 54.86 32.63
CA ASP BB 16 -27.00 55.17 33.84
C ASP BB 16 -27.47 56.46 34.49
N TRP BB 17 -28.79 56.55 34.73
CA TRP BB 17 -29.40 57.75 35.27
C TRP BB 17 -29.00 58.03 36.71
N GLN BB 18 -28.58 57.01 37.46
CA GLN BB 18 -28.31 57.19 38.88
C GLN BB 18 -27.11 58.09 39.14
N ARG BB 19 -26.22 58.27 38.15
CA ARG BB 19 -25.12 59.20 38.31
C ARG BB 19 -25.57 60.65 38.20
N ARG BB 20 -26.66 60.90 37.49
CA ARG BB 20 -27.19 62.24 37.30
C ARG BB 20 -28.63 62.27 37.80
N VAL BB 21 -28.77 62.51 39.10
CA VAL BB 21 -30.08 62.66 39.74
C VAL BB 21 -30.06 63.96 40.53
N ALA BB 22 -31.03 64.83 40.27
CA ALA BB 22 -31.11 66.13 40.95
C ALA BB 22 -32.12 66.02 42.08
N THR BB 23 -31.63 65.90 43.30
CA THR BB 23 -32.51 65.98 44.45
C THR BB 23 -32.80 67.42 44.80
N TRP BB 24 -33.90 67.64 45.52
CA TRP BB 24 -34.40 68.96 45.80
C TRP BB 24 -34.43 69.27 47.29
N PHE BB 25 -33.48 68.73 48.05
CA PHE BB 25 -33.44 69.00 49.48
C PHE BB 25 -32.98 70.42 49.79
N ASN BB 26 -32.39 71.11 48.81
CA ASN BB 26 -32.03 72.51 48.95
C ASN BB 26 -33.11 73.44 48.39
N GLN BB 27 -34.29 72.90 48.09
CA GLN BB 27 -35.39 73.76 47.65
C GLN BB 27 -35.85 74.73 48.73
N PRO BB 28 -36.13 74.31 49.97
CA PRO BB 28 -36.50 75.32 50.98
C PRO BB 28 -35.40 76.31 51.27
N ALA BB 29 -34.14 75.88 51.21
CA ALA BB 29 -33.03 76.80 51.44
C ALA BB 29 -32.88 77.78 50.29
N ARG BB 30 -33.16 77.33 49.06
CA ARG BB 30 -33.05 78.21 47.91
C ARG BB 30 -34.12 79.29 47.93
N LYS BB 31 -35.32 78.94 48.41
CA LYS BB 31 -36.38 79.95 48.54
C LYS BB 31 -36.03 80.97 49.61
N ILE BB 32 -35.40 80.53 50.69
CA ILE BB 32 -35.00 81.44 51.76
C ILE BB 32 -33.91 82.38 51.26
N ARG BB 33 -32.93 81.85 50.55
CA ARG BB 33 -31.84 82.68 50.03
C ARG BB 33 -32.36 83.67 49.01
N ARG BB 34 -33.29 83.25 48.16
CA ARG BB 34 -33.88 84.15 47.18
C ARG BB 34 -34.66 85.27 47.85
N ARG BB 35 -35.43 84.94 48.88
CA ARG BB 35 -36.22 85.95 49.57
C ARG BB 35 -35.33 86.96 50.28
N LYS BB 36 -34.21 86.51 50.83
CA LYS BB 36 -33.26 87.42 51.45
C LYS BB 36 -32.63 88.35 50.41
N ALA BB 37 -32.36 87.82 49.22
CA ALA BB 37 -31.79 88.65 48.16
C ALA BB 37 -32.80 89.66 47.65
N ARG BB 38 -34.08 89.30 47.64
CA ARG BB 38 -35.13 90.23 47.26
C ARG BB 38 -35.22 91.38 48.26
N GLN BB 39 -35.15 91.04 49.55
CA GLN BB 39 -35.26 92.06 50.59
C GLN BB 39 -34.04 92.96 50.59
N ALA BB 40 -32.86 92.39 50.36
CA ALA BB 40 -31.65 93.20 50.32
C ALA BB 40 -31.64 94.14 49.12
N LYS BB 41 -32.10 93.65 47.96
CA LYS BB 41 -32.16 94.49 46.78
C LYS BB 41 -33.16 95.62 46.96
N ALA BB 42 -34.31 95.33 47.57
CA ALA BB 42 -35.32 96.36 47.80
C ALA BB 42 -34.80 97.44 48.73
N ARG BB 43 -34.03 97.05 49.75
CA ARG BB 43 -33.42 98.04 50.63
C ARG BB 43 -32.35 98.85 49.91
N ARG BB 44 -31.67 98.25 48.95
CA ARG BB 44 -30.62 98.94 48.21
C ARG BB 44 -31.19 100.10 47.40
N ILE BB 45 -32.21 99.82 46.59
CA ILE BB 45 -32.92 100.86 45.84
C ILE BB 45 -34.11 101.26 46.73
N ALA BB 46 -33.85 102.21 47.64
CA ALA BB 46 -34.78 102.40 48.76
C ALA BB 46 -36.14 102.93 48.34
N PRO BB 47 -36.27 104.03 47.60
CA PRO BB 47 -37.60 104.49 47.20
C PRO BB 47 -38.08 103.96 45.86
N ARG BB 48 -37.18 103.41 45.04
CA ARG BB 48 -37.57 102.88 43.74
C ARG BB 48 -38.42 101.63 43.92
N PRO BB 49 -39.27 101.30 42.95
CA PRO BB 49 -40.09 100.09 43.06
C PRO BB 49 -39.23 98.85 43.21
N ALA BB 50 -39.66 97.95 44.09
CA ALA BB 50 -38.88 96.77 44.41
C ALA BB 50 -38.86 95.78 43.26
N SER BB 51 -39.94 95.69 42.49
CA SER BB 51 -40.00 94.72 41.41
C SER BB 51 -39.15 95.12 40.21
N GLY BB 52 -38.84 96.41 40.06
CA GLY BB 52 -37.97 96.85 39.00
C GLY BB 52 -38.62 97.90 38.12
N PRO BB 53 -38.24 97.91 36.84
CA PRO BB 53 -38.81 98.89 35.91
C PRO BB 53 -40.26 98.60 35.56
N ILE BB 54 -40.84 99.43 34.71
CA ILE BB 54 -42.19 99.23 34.20
C ILE BB 54 -42.08 98.56 32.84
N ARG BB 55 -42.82 97.49 32.65
CA ARG BB 55 -42.78 96.75 31.40
C ARG BB 55 -43.99 97.09 30.54
N PRO BB 56 -43.88 97.00 29.22
CA PRO BB 56 -45.00 97.41 28.36
C PRO BB 56 -46.11 96.37 28.31
N ILE BB 57 -47.22 96.80 27.72
CA ILE BB 57 -48.34 95.91 27.44
C ILE BB 57 -48.08 95.20 26.13
N VAL BB 58 -48.19 93.87 26.15
CA VAL BB 58 -47.72 93.02 25.07
C VAL BB 58 -48.73 91.91 24.82
N ARG BB 59 -49.05 91.67 23.56
CA ARG BB 59 -49.91 90.56 23.19
C ARG BB 59 -49.08 89.31 22.94
N CYS BB 60 -49.62 88.17 23.32
CA CYS BB 60 -48.89 86.92 23.16
C CYS BB 60 -48.90 86.48 21.70
N PRO BB 61 -47.82 85.85 21.22
CA PRO BB 61 -47.69 85.61 19.78
C PRO BB 61 -48.70 84.67 19.16
N THR BB 62 -48.76 83.42 19.59
CA THR BB 62 -49.37 82.40 18.77
C THR BB 62 -50.89 82.47 18.89
N VAL BB 63 -51.61 81.79 17.98
CA VAL BB 63 -53.06 81.79 17.97
C VAL BB 63 -53.65 81.14 19.20
N ARG BB 64 -52.85 80.43 20.00
CA ARG BB 64 -53.34 79.87 21.24
C ARG BB 64 -53.54 80.94 22.30
N TYR BB 65 -52.65 81.93 22.35
CA TYR BB 65 -52.65 82.92 23.43
C TYR BB 65 -52.82 84.34 22.92
N HIS BB 66 -53.18 84.54 21.65
CA HIS BB 66 -53.20 85.89 21.11
C HIS BB 66 -54.39 86.70 21.61
N THR BB 67 -55.30 86.08 22.36
CA THR BB 67 -56.35 86.79 23.06
C THR BB 67 -55.91 87.32 24.42
N LYS BB 68 -54.67 87.05 24.81
CA LYS BB 68 -54.17 87.31 26.16
C LYS BB 68 -53.04 88.34 26.09
N VAL BB 69 -52.99 89.21 27.08
CA VAL BB 69 -52.01 90.29 27.15
C VAL BB 69 -51.17 90.11 28.41
N ARG BB 70 -49.85 90.19 28.24
CA ARG BB 70 -48.90 90.08 29.34
C ARG BB 70 -47.93 91.26 29.33
N ALA BB 71 -46.90 91.19 30.15
CA ALA BB 71 -45.88 92.23 30.22
C ALA BB 71 -44.68 91.81 29.38
N GLY BB 72 -44.19 92.73 28.54
CA GLY BB 72 -43.08 92.48 27.67
C GLY BB 72 -41.74 92.79 28.30
N ARG BB 73 -40.73 92.91 27.45
CA ARG BB 73 -39.37 93.18 27.91
C ARG BB 73 -39.11 94.67 28.09
N GLY BB 74 -39.52 95.49 27.14
CA GLY BB 74 -39.31 96.91 27.26
C GLY BB 74 -40.10 97.67 26.20
N PHE BB 75 -40.27 98.96 26.46
CA PHE BB 75 -41.00 99.81 25.53
C PHE BB 75 -40.18 100.03 24.27
N SER BB 76 -40.86 100.05 23.14
CA SER BB 76 -40.19 100.25 21.86
C SER BB 76 -39.72 101.70 21.72
N LEU BB 77 -38.77 101.91 20.82
CA LEU BB 77 -38.26 103.25 20.59
C LEU BB 77 -39.30 104.14 19.92
N GLU BB 78 -40.21 103.54 19.15
CA GLU BB 78 -41.31 104.32 18.59
C GLU BB 78 -42.29 104.75 19.68
N GLU BB 79 -42.51 103.89 20.67
CA GLU BB 79 -43.36 104.24 21.81
C GLU BB 79 -42.75 105.40 22.60
N LEU BB 80 -41.43 105.38 22.78
CA LEU BB 80 -40.77 106.44 23.53
C LEU BB 80 -40.78 107.75 22.76
N ARG BB 81 -40.60 107.69 21.44
CA ARG BB 81 -40.50 108.91 20.64
C ARG BB 81 -41.78 109.71 20.70
N VAL BB 82 -42.94 109.05 20.59
CA VAL BB 82 -44.22 109.76 20.65
C VAL BB 82 -44.65 110.06 22.07
N ALA BB 83 -43.97 109.49 23.07
CA ALA BB 83 -44.21 109.84 24.46
C ALA BB 83 -43.28 110.95 24.95
N GLY BB 84 -42.33 111.39 24.13
CA GLY BB 84 -41.43 112.45 24.52
C GLY BB 84 -40.37 112.06 25.50
N ILE BB 85 -39.95 110.79 25.50
CA ILE BB 85 -38.95 110.29 26.43
C ILE BB 85 -37.73 109.84 25.63
N HIS BB 86 -36.56 110.34 26.02
CA HIS BB 86 -35.32 109.94 25.38
C HIS BB 86 -35.02 108.48 25.71
N LYS BB 87 -34.47 107.76 24.74
CA LYS BB 87 -34.21 106.34 24.93
C LYS BB 87 -33.05 106.08 25.88
N LYS BB 88 -32.25 107.09 26.21
CA LYS BB 88 -31.20 106.95 27.21
C LYS BB 88 -31.61 107.47 28.57
N VAL BB 89 -32.52 108.43 28.63
CA VAL BB 89 -33.05 108.90 29.90
C VAL BB 89 -34.08 107.93 30.45
N ALA BB 90 -34.69 107.12 29.58
CA ALA BB 90 -35.76 106.23 30.01
C ALA BB 90 -35.28 105.21 31.03
N ARG BB 91 -34.09 104.64 30.80
CA ARG BB 91 -33.60 103.61 31.70
C ARG BB 91 -33.18 104.15 33.06
N THR BB 92 -32.92 105.45 33.16
CA THR BB 92 -32.50 106.04 34.42
C THR BB 92 -33.67 106.46 35.30
N ILE BB 93 -34.89 106.40 34.80
CA ILE BB 93 -36.06 106.76 35.57
C ILE BB 93 -37.05 105.60 35.67
N GLY BB 94 -36.56 104.37 35.51
CA GLY BB 94 -37.38 103.20 35.75
C GLY BB 94 -38.19 102.71 34.58
N ILE BB 95 -37.89 103.15 33.36
CA ILE BB 95 -38.57 102.68 32.18
C ILE BB 95 -37.65 101.72 31.45
N SER BB 96 -38.10 100.49 31.26
CA SER BB 96 -37.34 99.52 30.49
C SER BB 96 -37.62 99.70 29.02
N VAL BB 97 -36.59 99.58 28.19
CA VAL BB 97 -36.73 99.77 26.76
C VAL BB 97 -36.29 98.51 26.03
N ASP BB 98 -36.72 98.40 24.78
CA ASP BB 98 -36.44 97.23 23.96
C ASP BB 98 -36.25 97.72 22.52
N PRO BB 99 -35.01 97.97 22.12
CA PRO BB 99 -34.79 98.51 20.76
C PRO BB 99 -35.22 97.58 19.65
N ARG BB 100 -35.16 96.27 19.86
CA ARG BB 100 -35.40 95.32 18.79
C ARG BB 100 -36.87 95.00 18.57
N ARG BB 101 -37.77 95.60 19.35
CA ARG BB 101 -39.21 95.41 19.18
C ARG BB 101 -39.78 96.57 18.37
N ARG BB 102 -40.55 96.24 17.34
CA ARG BB 102 -41.25 97.23 16.53
C ARG BB 102 -42.75 97.03 16.65
N ASN BB 103 -43.50 98.04 16.23
CA ASN BB 103 -44.95 98.07 16.35
C ASN BB 103 -45.57 97.87 14.98
N LYS BB 104 -46.40 96.83 14.85
CA LYS BB 104 -47.09 96.57 13.59
C LYS BB 104 -48.46 97.23 13.52
N SER BB 105 -49.01 97.67 14.64
CA SER BB 105 -50.34 98.28 14.67
C SER BB 105 -50.31 99.50 15.57
N THR BB 106 -51.12 100.51 15.23
CA THR BB 106 -51.17 101.71 16.04
C THR BB 106 -52.00 101.53 17.31
N GLU BB 107 -52.78 100.45 17.40
CA GLU BB 107 -53.56 100.22 18.61
C GLU BB 107 -52.66 99.84 19.77
N SER BB 108 -51.69 98.98 19.54
CA SER BB 108 -50.75 98.62 20.60
C SER BB 108 -49.75 99.75 20.85
N LEU BB 109 -49.39 100.47 19.79
CA LEU BB 109 -48.48 101.61 19.96
C LEU BB 109 -49.12 102.70 20.82
N GLN BB 110 -50.39 102.99 20.59
CA GLN BB 110 -51.08 104.01 21.38
C GLN BB 110 -51.41 103.51 22.78
N ALA BB 111 -51.60 102.21 22.94
CA ALA BB 111 -51.86 101.66 24.27
C ALA BB 111 -50.63 101.81 25.17
N ASN BB 112 -49.43 101.73 24.59
CA ASN BB 112 -48.23 101.74 25.40
C ASN BB 112 -47.71 103.15 25.64
N VAL BB 113 -48.34 104.15 25.05
CA VAL BB 113 -47.97 105.52 25.38
C VAL BB 113 -48.93 106.13 26.37
N GLN BB 114 -50.17 105.62 26.44
CA GLN BB 114 -51.02 105.94 27.58
C GLN BB 114 -50.45 105.31 28.85
N ARG BB 115 -49.79 104.16 28.70
CA ARG BB 115 -49.08 103.55 29.81
C ARG BB 115 -47.88 104.38 30.23
N LEU BB 116 -47.13 104.89 29.24
CA LEU BB 116 -45.92 105.65 29.55
C LEU BB 116 -46.26 107.02 30.12
N LYS BB 117 -47.31 107.66 29.60
CA LYS BB 117 -47.69 108.97 30.11
C LYS BB 117 -48.32 108.85 31.50
N GLU BB 118 -49.04 107.76 31.76
CA GLU BB 118 -49.55 107.51 33.10
C GLU BB 118 -48.41 107.30 34.09
N TYR BB 119 -47.38 106.55 33.69
CA TYR BB 119 -46.23 106.35 34.55
C TYR BB 119 -45.49 107.66 34.79
N ARG BB 120 -45.37 108.49 33.74
CA ARG BB 120 -44.66 109.75 33.88
C ARG BB 120 -45.37 110.68 34.86
N SER BB 121 -46.70 110.64 34.88
CA SER BB 121 -47.45 111.45 35.83
C SER BB 121 -47.34 110.90 37.25
N LYS BB 122 -47.21 109.59 37.40
CA LYS BB 122 -47.09 108.96 38.71
C LYS BB 122 -45.67 108.95 39.24
N LEU BB 123 -44.71 109.46 38.48
CA LEU BB 123 -43.31 109.38 38.88
C LEU BB 123 -42.93 110.54 39.79
N ILE BB 124 -42.23 110.22 40.87
CA ILE BB 124 -41.67 111.20 41.78
C ILE BB 124 -40.17 111.20 41.59
N LEU BB 125 -39.63 112.30 41.08
CA LEU BB 125 -38.21 112.41 40.77
C LEU BB 125 -37.53 113.22 41.86
N PHE BB 126 -36.67 112.58 42.64
CA PHE BB 126 -35.90 113.30 43.63
C PHE BB 126 -34.87 114.19 42.95
N PRO BB 127 -34.56 115.35 43.52
CA PRO BB 127 -33.48 116.17 42.98
C PRO BB 127 -32.15 115.44 43.06
N ARG BB 128 -31.29 115.69 42.08
CA ARG BB 128 -29.99 115.04 42.05
C ARG BB 128 -29.16 115.44 43.26
N LYS BB 129 -29.18 116.71 43.63
CA LYS BB 129 -28.64 117.18 44.89
C LYS BB 129 -29.81 117.58 45.77
N PRO BB 130 -30.00 116.94 46.93
CA PRO BB 130 -31.19 117.25 47.75
C PRO BB 130 -31.27 118.70 48.20
N SER BB 131 -30.13 119.36 48.39
CA SER BB 131 -30.16 120.77 48.79
C SER BB 131 -30.59 121.68 47.66
N ALA BB 132 -30.37 121.27 46.40
CA ALA BB 132 -30.67 122.11 45.24
C ALA BB 132 -31.56 121.36 44.27
N PRO BB 133 -32.89 121.58 44.32
CA PRO BB 133 -33.79 120.97 43.32
C PRO BB 133 -33.82 121.80 42.05
N LYS BB 134 -33.46 121.17 40.93
CA LYS BB 134 -33.40 121.86 39.65
C LYS BB 134 -34.69 121.69 38.85
N LYS BB 135 -35.05 120.45 38.51
CA LYS BB 135 -36.32 120.19 37.83
C LYS BB 135 -36.96 118.89 38.31
N GLY BB 136 -36.53 118.35 39.45
CA GLY BB 136 -37.04 117.07 39.90
C GLY BB 136 -38.48 117.11 40.36
N ASP BB 137 -38.74 117.76 41.50
CA ASP BB 137 -40.08 117.81 42.06
C ASP BB 137 -40.14 118.90 43.12
N SER BB 138 -41.37 119.22 43.53
CA SER BB 138 -41.57 120.01 44.73
C SER BB 138 -41.24 119.16 45.95
N SER BB 139 -40.64 119.80 46.96
CA SER BB 139 -40.18 119.05 48.13
C SER BB 139 -41.33 118.55 48.98
N ALA BB 140 -42.49 119.19 48.91
CA ALA BB 140 -43.60 118.84 49.79
C ALA BB 140 -44.14 117.44 49.47
N GLU BB 141 -44.42 117.17 48.20
CA GLU BB 141 -45.06 115.91 47.84
C GLU BB 141 -44.08 114.74 47.87
N GLU BB 142 -42.79 115.00 47.74
CA GLU BB 142 -41.81 113.92 47.77
C GLU BB 142 -41.35 113.58 49.18
N LEU BB 143 -41.75 114.37 50.17
CA LEU BB 143 -41.50 113.98 51.57
C LEU BB 143 -42.30 112.73 51.94
N LYS BB 144 -43.57 112.68 51.54
CA LYS BB 144 -44.50 111.67 52.02
C LYS BB 144 -44.89 110.65 50.97
N LEU BB 145 -45.25 111.08 49.76
CA LEU BB 145 -45.70 110.15 48.73
C LEU BB 145 -44.59 109.26 48.22
N ALA BB 146 -43.33 109.55 48.56
CA ALA BB 146 -42.23 108.68 48.19
C ALA BB 146 -42.30 107.40 49.02
N THR BB 147 -42.60 106.29 48.36
CA THR BB 147 -42.72 105.00 49.02
C THR BB 147 -42.30 103.92 48.04
N GLN BB 148 -41.56 102.93 48.54
CA GLN BB 148 -41.17 101.81 47.70
C GLN BB 148 -42.41 101.00 47.33
N LEU BB 149 -42.57 100.74 46.04
CA LEU BB 149 -43.76 100.10 45.52
C LEU BB 149 -43.53 98.59 45.44
N THR BB 150 -44.39 97.82 46.10
CA THR BB 150 -44.33 96.37 46.02
C THR BB 150 -45.12 95.87 44.82
N GLY BB 151 -44.68 94.75 44.27
CA GLY BB 151 -45.32 94.17 43.12
C GLY BB 151 -44.92 94.90 41.84
N PRO BB 152 -45.35 94.37 40.70
CA PRO BB 152 -45.00 95.00 39.42
C PRO BB 152 -45.63 96.38 39.29
N VAL BB 153 -44.92 97.27 38.60
CA VAL BB 153 -45.38 98.64 38.42
C VAL BB 153 -46.54 98.64 37.44
N MET BB 154 -47.72 99.05 37.91
CA MET BB 154 -48.96 99.09 37.13
C MET BB 154 -49.19 97.74 36.48
N PRO BB 155 -49.59 96.72 37.25
CA PRO BB 155 -49.60 95.36 36.71
C PRO BB 155 -50.55 95.22 35.53
N VAL BB 156 -50.11 94.43 34.55
CA VAL BB 156 -50.84 94.29 33.30
C VAL BB 156 -51.98 93.29 33.50
N ARG BB 157 -53.19 93.70 33.18
CA ARG BB 157 -54.37 92.87 33.34
C ARG BB 157 -55.14 92.81 32.03
N ASN BB 158 -55.84 91.69 31.81
CA ASN BB 158 -56.64 91.51 30.61
C ASN BB 158 -58.01 92.13 30.81
N VAL BB 159 -58.33 93.12 29.99
CA VAL BB 159 -59.60 93.82 30.09
C VAL BB 159 -60.60 93.17 29.14
N TYR BB 160 -61.83 92.99 29.61
CA TYR BB 160 -62.91 92.42 28.81
C TYR BB 160 -64.01 93.45 28.65
N LYS BB 161 -64.38 93.73 27.41
CA LYS BB 161 -65.44 94.69 27.14
C LYS BB 161 -66.80 93.98 27.26
N LYS BB 162 -67.68 94.54 28.08
CA LYS BB 162 -68.99 93.95 28.28
C LYS BB 162 -69.92 94.33 27.13
N GLU BB 163 -70.56 93.32 26.54
CA GLU BB 163 -71.51 93.53 25.46
C GLU BB 163 -72.91 93.55 26.05
N LYS BB 164 -73.49 94.73 26.13
CA LYS BB 164 -74.86 94.88 26.62
C LYS BB 164 -75.83 94.20 25.68
N ALA BB 165 -76.82 93.51 26.25
CA ALA BB 165 -77.77 92.75 25.44
C ALA BB 165 -78.54 93.66 24.50
N ARG BB 166 -78.73 93.18 23.27
CA ARG BB 166 -79.37 93.97 22.23
C ARG BB 166 -80.38 93.09 21.49
N VAL BB 167 -81.31 93.75 20.80
CA VAL BB 167 -82.30 93.02 20.02
C VAL BB 167 -81.66 92.49 18.75
N ILE BB 168 -81.86 91.21 18.48
CA ILE BB 168 -81.28 90.59 17.30
C ILE BB 168 -81.97 91.10 16.06
N THR BB 169 -81.19 91.57 15.10
CA THR BB 169 -81.72 92.05 13.83
C THR BB 169 -81.99 90.88 12.89
N GLU BB 170 -82.80 91.15 11.86
CA GLU BB 170 -83.12 90.11 10.88
C GLU BB 170 -81.89 89.73 10.07
N GLU BB 171 -80.99 90.68 9.81
CA GLU BB 171 -79.78 90.37 9.06
C GLU BB 171 -78.89 89.41 9.83
N GLU BB 172 -78.79 89.59 11.15
CA GLU BB 172 -77.99 88.68 11.97
C GLU BB 172 -78.60 87.30 11.99
N LYS BB 173 -79.93 87.20 11.98
CA LYS BB 173 -80.58 85.90 11.96
C LYS BB 173 -80.38 85.19 10.63
N ASN BB 174 -80.34 85.94 9.54
CA ASN BB 174 -80.19 85.36 8.22
C ASN BB 174 -78.75 85.01 7.88
N PHE BB 175 -77.78 85.48 8.66
CA PHE BB 175 -76.38 85.18 8.36
C PHE BB 175 -76.09 83.71 8.59
N LYS BB 176 -75.41 83.10 7.62
CA LYS BB 176 -75.11 81.67 7.64
C LYS BB 176 -73.65 81.50 8.08
N ALA BB 177 -73.46 81.18 9.36
CA ALA BB 177 -72.11 81.09 9.91
C ALA BB 177 -71.35 79.90 9.34
N PHE BB 178 -71.97 78.73 9.34
CA PHE BB 178 -71.29 77.53 8.85
C PHE BB 178 -71.02 77.62 7.35
N ALA BB 179 -72.00 78.13 6.59
CA ALA BB 179 -71.81 78.26 5.16
C ALA BB 179 -70.70 79.25 4.83
N SER BB 180 -70.62 80.35 5.59
CA SER BB 180 -69.56 81.32 5.36
C SER BB 180 -68.18 80.73 5.65
N LEU BB 181 -68.06 79.96 6.73
CA LEU BB 181 -66.79 79.35 7.06
C LEU BB 181 -66.37 78.32 6.00
N ARG BB 182 -67.31 77.51 5.54
CA ARG BB 182 -66.99 76.50 4.54
C ARG BB 182 -66.63 77.15 3.21
N MET BB 183 -67.30 78.24 2.84
CA MET BB 183 -66.99 78.90 1.59
C MET BB 183 -65.69 79.69 1.69
N ALA BB 184 -65.39 80.26 2.86
CA ALA BB 184 -64.13 80.97 3.04
C ALA BB 184 -62.95 80.03 2.95
N ARG BB 185 -63.08 78.81 3.50
CA ARG BB 185 -62.03 77.82 3.37
C ARG BB 185 -61.82 77.42 1.91
N ALA BB 186 -62.91 77.27 1.17
CA ALA BB 186 -62.80 76.91 -0.24
C ALA BB 186 -62.22 78.04 -1.06
N ASN BB 187 -62.61 79.28 -0.77
CA ASN BB 187 -62.10 80.42 -1.52
C ASN BB 187 -60.62 80.62 -1.29
N ALA BB 188 -60.15 80.39 -0.07
CA ALA BB 188 -58.71 80.46 0.19
C ALA BB 188 -57.96 79.28 -0.40
N ARG BB 189 -58.61 78.10 -0.45
CA ARG BB 189 -57.94 76.92 -0.98
C ARG BB 189 -57.81 77.00 -2.50
N LEU BB 190 -58.82 77.53 -3.18
CA LEU BB 190 -58.87 77.53 -4.63
C LEU BB 190 -58.55 78.89 -5.24
N PHE BB 191 -58.02 79.83 -4.44
CA PHE BB 191 -57.72 81.15 -4.97
C PHE BB 191 -56.64 81.10 -6.03
N GLY BB 192 -55.53 80.41 -5.75
CA GLY BB 192 -54.42 80.38 -6.68
C GLY BB 192 -54.75 79.66 -7.98
N ILE BB 193 -55.44 78.52 -7.88
CA ILE BB 193 -55.75 77.75 -9.08
C ILE BB 193 -56.79 78.47 -9.93
N ARG BB 194 -57.72 79.18 -9.30
CA ARG BB 194 -58.71 79.93 -10.07
C ARG BB 194 -58.05 81.06 -10.85
N ALA BB 195 -57.06 81.72 -10.25
CA ALA BB 195 -56.35 82.78 -10.95
C ALA BB 195 -55.59 82.24 -12.15
N LYS BB 196 -54.96 81.06 -11.99
CA LYS BB 196 -54.23 80.46 -13.09
C LYS BB 196 -55.17 80.06 -14.23
N ARG BB 197 -56.34 79.52 -13.90
CA ARG BB 197 -57.28 79.12 -14.92
C ARG BB 197 -57.91 80.32 -15.62
N ALA BB 198 -58.04 81.44 -14.92
CA ALA BB 198 -58.50 82.66 -15.57
C ALA BB 198 -57.47 83.19 -16.56
N LYS BB 199 -56.19 83.12 -16.19
CA LYS BB 199 -55.13 83.56 -17.10
C LYS BB 199 -55.03 82.63 -18.31
N GLU BB 200 -55.16 81.32 -18.09
CA GLU BB 200 -55.12 80.37 -19.19
C GLU BB 200 -56.30 80.57 -20.13
N ALA BB 201 -57.48 80.85 -19.57
CA ALA BB 201 -58.64 81.13 -20.41
C ALA BB 201 -58.46 82.43 -21.19
N ALA BB 202 -57.78 83.41 -20.57
CA ALA BB 202 -57.53 84.67 -21.26
C ALA BB 202 -56.59 84.47 -22.45
N GLU BB 203 -55.59 83.60 -22.30
CA GLU BB 203 -54.69 83.32 -23.40
C GLU BB 203 -55.37 82.54 -24.51
N GLN BB 204 -56.30 81.65 -24.17
CA GLN BB 204 -57.05 80.94 -25.19
C GLN BB 204 -58.02 81.85 -25.93
N ASP BB 205 -58.49 82.91 -25.27
CA ASP BB 205 -59.49 83.79 -25.87
C ASP BB 205 -58.89 84.79 -26.84
N VAL BB 206 -57.61 85.12 -26.70
CA VAL BB 206 -56.99 86.13 -27.55
C VAL BB 206 -56.50 85.50 -28.85
N GLU BB 207 -56.73 84.20 -29.00
CA GLU BB 207 -56.33 83.46 -30.19
C GLU BB 207 -57.48 82.64 -30.76
N LYS BB 208 -58.71 83.10 -30.54
CA LYS BB 208 -59.87 82.36 -31.02
C LYS BB 208 -60.01 82.39 -32.53
N LYS BB 209 -59.65 83.50 -33.16
CA LYS BB 209 -59.80 83.67 -34.61
C LYS BB 209 -58.43 83.97 -35.21
N LYS BB 210 -57.76 82.93 -35.70
CA LYS BB 210 -56.44 83.08 -36.30
C LYS BB 210 -56.37 82.37 -37.65
N VAL CB 1 -59.78 -57.15 69.04
CA VAL CB 1 -59.40 -56.10 69.96
C VAL CB 1 -60.61 -55.23 70.31
N PHE CB 2 -61.38 -54.86 69.30
CA PHE CB 2 -62.53 -54.00 69.49
C PHE CB 2 -63.70 -54.80 70.07
N ARG CB 3 -64.33 -54.24 71.10
CA ARG CB 3 -65.48 -54.85 71.71
C ARG CB 3 -66.77 -54.09 71.46
N ARG CB 4 -66.70 -52.80 71.17
CA ARG CB 4 -67.87 -51.97 70.94
C ARG CB 4 -67.89 -51.53 69.48
N PHE CB 5 -69.05 -51.62 68.86
CA PHE CB 5 -69.18 -51.38 67.43
C PHE CB 5 -70.33 -50.43 67.16
N VAL CB 6 -70.27 -49.76 66.02
CA VAL CB 6 -71.38 -48.99 65.51
C VAL CB 6 -72.25 -49.93 64.70
N GLU CB 7 -73.49 -50.12 65.14
CA GLU CB 7 -74.39 -51.05 64.49
C GLU CB 7 -75.82 -50.62 64.73
N VAL CB 8 -76.75 -51.33 64.10
CA VAL CB 8 -78.17 -51.03 64.28
C VAL CB 8 -78.60 -51.51 65.66
N GLY CB 9 -78.98 -50.57 66.52
CA GLY CB 9 -79.38 -50.87 67.87
C GLY CB 9 -78.38 -50.48 68.93
N ARG CB 10 -77.14 -50.18 68.55
CA ARG CB 10 -76.13 -49.81 69.53
C ARG CB 10 -76.50 -48.51 70.22
N VAL CB 11 -76.47 -48.53 71.54
CA VAL CB 11 -76.81 -47.36 72.35
C VAL CB 11 -75.55 -46.53 72.55
N ALA CB 12 -75.66 -45.23 72.30
CA ALA CB 12 -74.53 -44.32 72.41
C ALA CB 12 -74.86 -43.19 73.36
N TYR CB 13 -73.82 -42.67 74.02
CA TYR CB 13 -73.95 -41.56 74.94
C TYR CB 13 -73.44 -40.30 74.27
N VAL CB 14 -74.25 -39.26 74.27
CA VAL CB 14 -73.91 -38.02 73.58
C VAL CB 14 -72.97 -37.22 74.47
N SER CB 15 -71.79 -36.89 73.97
CA SER CB 15 -70.79 -36.21 74.77
C SER CB 15 -70.89 -34.69 74.67
N PHE CB 16 -71.30 -34.16 73.53
CA PHE CB 16 -71.44 -32.72 73.36
C PHE CB 16 -72.46 -32.45 72.27
N GLY CB 17 -72.73 -31.17 72.05
CA GLY CB 17 -73.74 -30.77 71.10
C GLY CB 17 -75.04 -30.41 71.80
N PRO CB 18 -76.09 -30.21 71.00
CA PRO CB 18 -77.40 -29.88 71.60
C PRO CB 18 -77.95 -30.94 72.53
N HIS CB 19 -77.67 -32.22 72.27
CA HIS CB 19 -78.25 -33.32 73.02
C HIS CB 19 -77.25 -33.95 73.99
N ALA CB 20 -76.30 -33.17 74.50
CA ALA CB 20 -75.28 -33.70 75.38
C ALA CB 20 -75.88 -34.27 76.66
N GLY CB 21 -75.34 -35.39 77.12
CA GLY CB 21 -75.78 -36.01 78.34
C GLY CB 21 -76.90 -37.01 78.20
N LYS CB 22 -77.39 -37.24 76.99
CA LYS CB 22 -78.51 -38.14 76.77
C LYS CB 22 -78.04 -39.40 76.05
N LEU CB 23 -78.76 -40.49 76.27
CA LEU CB 23 -78.56 -41.73 75.54
C LEU CB 23 -79.36 -41.70 74.26
N VAL CB 24 -78.85 -42.38 73.23
CA VAL CB 24 -79.53 -42.50 71.95
C VAL CB 24 -79.32 -43.91 71.42
N ALA CB 25 -80.15 -44.28 70.44
CA ALA CB 25 -80.02 -45.55 69.75
C ALA CB 25 -79.68 -45.30 68.29
N ILE CB 26 -78.77 -46.10 67.75
CA ILE CB 26 -78.35 -45.94 66.36
C ILE CB 26 -79.30 -46.72 65.47
N VAL CB 27 -80.02 -46.02 64.61
CA VAL CB 27 -81.02 -46.63 63.74
C VAL CB 27 -80.42 -47.02 62.40
N ASP CB 28 -79.61 -46.14 61.81
CA ASP CB 28 -78.99 -46.41 60.52
C ASP CB 28 -77.66 -45.68 60.48
N VAL CB 29 -76.96 -45.79 59.35
CA VAL CB 29 -75.65 -45.19 59.18
C VAL CB 29 -75.57 -44.57 57.78
N ILE CB 30 -74.92 -43.41 57.69
CA ILE CB 30 -74.76 -42.69 56.43
C ILE CB 30 -73.34 -42.15 56.33
N ASP CB 31 -72.71 -42.36 55.17
CA ASP CB 31 -71.53 -41.63 54.71
C ASP CB 31 -70.39 -41.57 55.73
N GLN CB 32 -70.25 -42.62 56.54
CA GLN CB 32 -69.09 -42.92 57.38
C GLN CB 32 -68.77 -41.86 58.44
N ASN CB 33 -69.60 -40.83 58.55
CA ASN CB 33 -69.40 -39.77 59.52
C ASN CB 33 -70.65 -39.47 60.33
N ARG CB 34 -71.83 -39.76 59.79
CA ARG CB 34 -73.10 -39.53 60.47
C ARG CB 34 -73.85 -40.83 60.62
N ALA CB 35 -74.80 -40.83 61.54
CA ALA CB 35 -75.70 -41.96 61.72
C ALA CB 35 -77.10 -41.43 61.98
N LEU CB 36 -78.10 -42.22 61.60
CA LEU CB 36 -79.46 -41.91 62.00
C LEU CB 36 -79.62 -42.28 63.46
N VAL CB 37 -80.13 -41.34 64.24
CA VAL CB 37 -80.08 -41.42 65.70
C VAL CB 37 -81.47 -41.12 66.25
N ASP CB 38 -81.92 -41.93 67.21
CA ASP CB 38 -83.27 -41.79 67.75
C ASP CB 38 -83.28 -42.32 69.17
N GLY CB 39 -83.40 -41.43 70.14
CA GLY CB 39 -83.73 -41.83 71.48
C GLY CB 39 -85.15 -41.43 71.82
N PRO CB 40 -86.06 -42.40 71.78
CA PRO CB 40 -87.48 -42.08 72.01
C PRO CB 40 -87.83 -41.96 73.48
N CYS CB 41 -87.11 -42.68 74.34
CA CYS CB 41 -87.34 -42.64 75.77
C CYS CB 41 -86.40 -41.67 76.48
N THR CB 42 -85.57 -40.94 75.74
CA THR CB 42 -84.61 -40.02 76.31
C THR CB 42 -84.75 -38.60 75.76
N GLN CB 43 -85.83 -38.33 75.03
CA GLN CB 43 -86.09 -37.02 74.43
C GLN CB 43 -84.98 -36.62 73.47
N VAL CB 44 -84.78 -37.46 72.46
CA VAL CB 44 -83.96 -37.14 71.30
C VAL CB 44 -84.69 -37.66 70.07
N ARG CB 45 -85.37 -36.79 69.35
CA ARG CB 45 -86.12 -37.25 68.20
C ARG CB 45 -85.19 -37.60 67.04
N ARG CB 46 -85.73 -38.34 66.08
CA ARG CB 46 -84.91 -38.89 65.01
C ARG CB 46 -84.25 -37.79 64.19
N GLN CB 47 -82.95 -37.94 63.94
CA GLN CB 47 -82.15 -36.93 63.27
C GLN CB 47 -80.80 -37.53 62.91
N ALA CB 48 -80.10 -36.89 61.99
CA ALA CB 48 -78.73 -37.26 61.70
C ALA CB 48 -77.81 -36.74 62.79
N MET CB 49 -76.73 -37.47 63.05
CA MET CB 49 -75.87 -37.09 64.14
C MET CB 49 -74.48 -37.64 63.90
N PRO CB 50 -73.44 -36.81 64.02
CA PRO CB 50 -72.08 -37.27 63.73
C PRO CB 50 -71.58 -38.27 64.76
N PHE CB 51 -70.64 -39.11 64.32
CA PHE CB 51 -70.03 -40.08 65.21
C PHE CB 51 -69.04 -39.45 66.18
N LYS CB 52 -68.67 -38.18 65.96
CA LYS CB 52 -67.67 -37.56 66.81
C LYS CB 52 -68.23 -37.20 68.18
N CYS CB 53 -69.54 -37.00 68.28
CA CYS CB 53 -70.17 -36.68 69.55
C CYS CB 53 -70.75 -37.90 70.23
N MET CB 54 -70.49 -39.10 69.72
CA MET CB 54 -71.00 -40.33 70.29
C MET CB 54 -69.90 -41.05 71.07
N GLN CB 55 -70.28 -41.64 72.20
CA GLN CB 55 -69.41 -42.55 72.95
C GLN CB 55 -70.21 -43.83 73.16
N LEU CB 56 -69.81 -44.89 72.47
CA LEU CB 56 -70.61 -46.11 72.46
C LEU CB 56 -70.67 -46.73 73.85
N THR CB 57 -71.86 -47.15 74.24
CA THR CB 57 -72.07 -47.90 75.48
C THR CB 57 -72.05 -49.39 75.15
N ASP CB 58 -72.42 -50.22 76.12
CA ASP CB 58 -72.37 -51.67 75.96
C ASP CB 58 -73.75 -52.29 75.79
N PHE CB 59 -74.76 -51.48 75.45
CA PHE CB 59 -76.12 -51.97 75.23
C PHE CB 59 -76.43 -51.99 73.76
N ILE CB 60 -76.95 -53.12 73.28
CA ILE CB 60 -77.40 -53.26 71.91
C ILE CB 60 -78.87 -53.65 71.92
N LEU CB 61 -79.69 -52.91 71.19
CA LEU CB 61 -81.10 -53.23 71.03
C LEU CB 61 -81.29 -54.13 69.82
N LYS CB 62 -82.50 -54.67 69.69
CA LYS CB 62 -82.82 -55.61 68.62
C LYS CB 62 -84.02 -55.09 67.85
N PHE CB 63 -83.75 -54.23 66.87
CA PHE CB 63 -84.73 -53.79 65.90
C PHE CB 63 -84.05 -53.68 64.55
N PRO CB 64 -84.78 -53.87 63.46
CA PRO CB 64 -84.18 -53.70 62.13
C PRO CB 64 -83.89 -52.24 61.82
N HIS CB 65 -83.03 -52.05 60.84
CA HIS CB 65 -82.60 -50.70 60.48
C HIS CB 65 -83.74 -49.92 59.86
N SER CB 66 -83.79 -48.63 60.20
CA SER CB 66 -84.80 -47.68 59.70
C SER CB 66 -86.21 -48.07 60.09
N ALA CB 67 -86.38 -48.82 61.16
CA ALA CB 67 -87.71 -49.08 61.70
C ALA CB 67 -88.27 -47.81 62.32
N HIS CB 68 -89.59 -47.77 62.47
CA HIS CB 68 -90.23 -46.57 62.98
C HIS CB 68 -89.94 -46.38 64.46
N GLN CB 69 -90.25 -45.17 64.95
CA GLN CB 69 -89.97 -44.83 66.33
C GLN CB 69 -90.73 -45.72 67.31
N LYS CB 70 -91.88 -46.25 66.89
CA LYS CB 70 -92.65 -47.11 67.77
C LYS CB 70 -91.87 -48.37 68.12
N TYR CB 71 -91.21 -48.97 67.12
CA TYR CB 71 -90.49 -50.22 67.36
C TYR CB 71 -89.19 -49.97 68.10
N VAL CB 72 -88.56 -48.83 67.85
CA VAL CB 72 -87.36 -48.46 68.60
C VAL CB 72 -87.72 -48.24 70.07
N ARG CB 73 -88.85 -47.61 70.33
CA ARG CB 73 -89.30 -47.36 71.70
C ARG CB 73 -89.64 -48.67 72.41
N GLN CB 74 -90.30 -49.60 71.71
CA GLN CB 74 -90.65 -50.87 72.33
C GLN CB 74 -89.40 -51.66 72.71
N ALA CB 75 -88.40 -51.67 71.84
CA ALA CB 75 -87.15 -52.37 72.16
C ALA CB 75 -86.38 -51.64 73.24
N TRP CB 76 -86.58 -50.34 73.39
CA TRP CB 76 -85.91 -49.60 74.45
C TRP CB 76 -86.55 -49.90 75.80
N GLN CB 77 -87.87 -49.94 75.87
CA GLN CB 77 -88.56 -50.18 77.14
C GLN CB 77 -88.47 -51.64 77.55
N LYS CB 78 -88.60 -52.55 76.59
CA LYS CB 78 -88.33 -53.95 76.87
C LYS CB 78 -86.83 -54.13 77.11
N ALA CB 79 -86.48 -54.80 78.20
CA ALA CB 79 -85.11 -54.79 78.73
C ALA CB 79 -84.64 -53.34 78.86
N ASP CB 80 -85.31 -52.63 79.76
CA ASP CB 80 -85.29 -51.18 79.79
C ASP CB 80 -83.89 -50.61 79.97
N ILE CB 81 -83.55 -49.65 79.12
CA ILE CB 81 -82.22 -49.05 79.14
C ILE CB 81 -82.10 -47.95 80.19
N ASN CB 82 -83.21 -47.33 80.59
CA ASN CB 82 -83.13 -46.22 81.53
C ASN CB 82 -82.62 -46.67 82.90
N THR CB 83 -83.18 -47.76 83.43
CA THR CB 83 -82.71 -48.25 84.72
C THR CB 83 -81.40 -49.00 84.59
N LYS CB 84 -81.21 -49.72 83.48
CA LYS CB 84 -79.96 -50.45 83.29
C LYS CB 84 -78.77 -49.50 83.18
N TRP CB 85 -78.94 -48.41 82.43
CA TRP CB 85 -77.86 -47.43 82.30
C TRP CB 85 -77.56 -46.77 83.63
N ALA CB 86 -78.59 -46.39 84.39
CA ALA CB 86 -78.40 -45.67 85.63
C ALA CB 86 -77.65 -46.47 86.68
N ALA CB 87 -77.60 -47.80 86.53
CA ALA CB 87 -76.88 -48.63 87.48
C ALA CB 87 -75.43 -48.89 87.08
N THR CB 88 -75.02 -48.50 85.88
CA THR CB 88 -73.66 -48.74 85.46
C THR CB 88 -72.71 -47.77 86.17
N ARG CB 89 -71.43 -48.17 86.23
CA ARG CB 89 -70.42 -47.30 86.81
C ARG CB 89 -70.23 -46.04 86.00
N TRP CB 90 -70.49 -46.10 84.69
CA TRP CB 90 -70.38 -44.92 83.83
C TRP CB 90 -71.38 -43.86 84.25
N ALA CB 91 -72.64 -44.24 84.44
CA ALA CB 91 -73.68 -43.25 84.73
C ALA CB 91 -73.50 -42.62 86.11
N LYS CB 92 -73.15 -43.43 87.11
CA LYS CB 92 -73.00 -42.87 88.45
C LYS CB 92 -71.71 -42.08 88.58
N LYS CB 93 -70.74 -42.30 87.70
CA LYS CB 93 -69.60 -41.41 87.61
C LYS CB 93 -70.02 -40.04 87.10
N ILE CB 94 -70.90 -40.02 86.09
CA ILE CB 94 -71.43 -38.77 85.57
C ILE CB 94 -72.29 -38.08 86.62
N GLU CB 95 -73.12 -38.85 87.32
CA GLU CB 95 -73.96 -38.29 88.37
C GLU CB 95 -73.14 -37.70 89.49
N ALA CB 96 -72.08 -38.40 89.90
CA ALA CB 96 -71.21 -37.88 90.95
C ALA CB 96 -70.51 -36.60 90.52
N ARG CB 97 -70.05 -36.55 89.27
CA ARG CB 97 -69.46 -35.32 88.76
C ARG CB 97 -70.49 -34.20 88.71
N GLU CB 98 -71.76 -34.53 88.49
CA GLU CB 98 -72.80 -33.52 88.43
C GLU CB 98 -73.08 -32.92 89.81
N ARG CB 99 -73.22 -33.76 90.82
CA ARG CB 99 -73.55 -33.25 92.15
C ARG CB 99 -72.35 -32.57 92.80
N LYS CB 100 -71.14 -32.96 92.42
CA LYS CB 100 -69.96 -32.26 92.93
C LYS CB 100 -69.89 -30.83 92.41
N ALA CB 101 -70.26 -30.63 91.14
CA ALA CB 101 -70.23 -29.29 90.57
C ALA CB 101 -71.26 -28.39 91.22
N LYS CB 102 -72.43 -28.93 91.56
CA LYS CB 102 -73.49 -28.15 92.16
C LYS CB 102 -73.32 -27.97 93.67
N MET CB 103 -72.25 -28.52 94.24
CA MET CB 103 -71.98 -28.41 95.66
C MET CB 103 -71.78 -26.94 96.06
N THR CB 104 -72.44 -26.53 97.13
CA THR CB 104 -72.44 -25.14 97.55
C THR CB 104 -71.26 -24.86 98.48
N ASP CB 105 -71.16 -23.64 98.99
CA ASP CB 105 -70.07 -23.29 99.89
C ASP CB 105 -70.24 -23.96 101.26
N PHE CB 106 -71.48 -24.04 101.74
CA PHE CB 106 -71.74 -24.76 102.98
C PHE CB 106 -71.46 -26.24 102.82
N ASP CB 107 -71.84 -26.82 101.67
CA ASP CB 107 -71.58 -28.23 101.42
C ASP CB 107 -70.08 -28.50 101.29
N ARG CB 108 -69.34 -27.56 100.72
CA ARG CB 108 -67.89 -27.73 100.63
C ARG CB 108 -67.25 -27.70 102.01
N PHE CB 109 -67.83 -26.94 102.94
CA PHE CB 109 -67.34 -26.92 104.31
C PHE CB 109 -67.59 -28.25 105.01
N LYS CB 110 -68.79 -28.79 104.86
CA LYS CB 110 -69.11 -30.06 105.49
C LYS CB 110 -68.30 -31.20 104.88
N VAL CB 111 -68.05 -31.13 103.57
CA VAL CB 111 -67.22 -32.14 102.91
C VAL CB 111 -65.79 -32.05 103.42
N MET CB 112 -65.28 -30.83 103.62
CA MET CB 112 -63.92 -30.66 104.12
C MET CB 112 -63.76 -31.25 105.51
N LYS CB 113 -64.78 -31.08 106.36
CA LYS CB 113 -64.69 -31.63 107.72
C LYS CB 113 -64.76 -33.15 107.69
N ALA CB 114 -65.69 -33.72 106.92
CA ALA CB 114 -65.82 -35.18 106.86
C ALA CB 114 -64.59 -35.81 106.24
N LYS CB 115 -64.03 -35.18 105.20
CA LYS CB 115 -62.81 -35.68 104.58
C LYS CB 115 -61.63 -35.55 105.53
N LYS CB 116 -61.65 -34.53 106.39
CA LYS CB 116 -60.58 -34.34 107.36
C LYS CB 116 -60.54 -35.49 108.36
N MET CB 117 -61.70 -35.87 108.90
CA MET CB 117 -61.73 -36.95 109.87
C MET CB 117 -61.53 -38.30 109.21
N ARG CB 118 -62.11 -38.50 108.03
CA ARG CB 118 -61.97 -39.78 107.34
C ARG CB 118 -60.52 -40.06 106.98
N ASN CB 119 -59.81 -39.05 106.49
CA ASN CB 119 -58.41 -39.24 106.12
C ASN CB 119 -57.54 -39.51 107.35
N ARG CB 120 -57.88 -38.90 108.49
CA ARG CB 120 -57.06 -39.08 109.68
C ARG CB 120 -57.21 -40.48 110.26
N ILE CB 121 -58.41 -41.05 110.20
CA ILE CB 121 -58.62 -42.41 110.68
C ILE CB 121 -57.92 -43.41 109.77
N ILE CB 122 -58.07 -43.23 108.46
CA ILE CB 122 -57.47 -44.15 107.49
C ILE CB 122 -55.95 -44.09 107.57
N LYS CB 123 -55.39 -42.89 107.66
CA LYS CB 123 -53.93 -42.74 107.75
C LYS CB 123 -53.39 -43.38 109.03
N ASN CB 124 -54.15 -43.28 110.12
CA ASN CB 124 -53.74 -43.94 111.35
C ASN CB 124 -53.72 -45.45 111.20
N GLU CB 125 -54.74 -46.01 110.53
CA GLU CB 125 -54.78 -47.45 110.34
C GLU CB 125 -53.66 -47.94 109.44
N VAL CB 126 -53.27 -47.12 108.46
CA VAL CB 126 -52.16 -47.49 107.57
C VAL CB 126 -50.87 -47.57 108.37
N LYS CB 127 -50.64 -46.62 109.27
CA LYS CB 127 -49.47 -46.68 110.14
C LYS CB 127 -49.52 -47.92 111.03
N LYS CB 128 -50.71 -48.27 111.52
CA LYS CB 128 -50.86 -49.47 112.34
C LYS CB 128 -50.51 -50.73 111.55
N LEU CB 129 -50.95 -50.79 110.29
CA LEU CB 129 -50.63 -51.94 109.44
C LEU CB 129 -49.14 -52.00 109.12
N GLN CB 130 -48.52 -50.85 108.86
CA GLN CB 130 -47.10 -50.82 108.53
C GLN CB 130 -46.25 -51.28 109.70
N LYS CB 131 -46.60 -50.85 110.91
CA LYS CB 131 -45.87 -51.28 112.10
C LYS CB 131 -46.00 -52.79 112.30
N ALA CB 132 -47.22 -53.31 112.11
CA ALA CB 132 -47.44 -54.75 112.30
C ALA CB 132 -46.68 -55.57 111.27
N ALA CB 133 -46.64 -55.09 110.02
CA ALA CB 133 -45.90 -55.80 108.98
C ALA CB 133 -44.40 -55.75 109.21
N LEU CB 134 -43.92 -54.76 109.97
CA LEU CB 134 -42.49 -54.60 110.21
C LEU CB 134 -41.93 -55.63 111.18
N LEU CB 135 -42.79 -56.31 111.94
CA LEU CB 135 -42.33 -57.29 112.94
C LEU CB 135 -42.06 -58.62 112.27
N LYS CB 136 -40.97 -58.66 111.50
CA LYS CB 136 -40.53 -59.85 110.78
C LYS CB 136 -39.13 -60.22 111.26
N ALA CB 137 -38.90 -61.51 111.50
CA ALA CB 137 -37.58 -62.01 111.87
C ALA CB 137 -37.45 -63.41 111.30
N SER CB 138 -36.86 -63.52 110.10
CA SER CB 138 -36.75 -64.78 109.39
C SER CB 138 -35.33 -64.95 108.87
N PRO CB 139 -34.83 -66.20 108.81
CA PRO CB 139 -33.51 -66.49 108.26
C PRO CB 139 -33.49 -66.47 106.74
N GLY DB 1 -9.10 105.77 3.60
CA GLY DB 1 -10.01 104.94 2.83
C GLY DB 1 -9.32 103.76 2.20
N ALA DB 2 -8.05 103.55 2.57
CA ALA DB 2 -7.25 102.52 1.92
C ALA DB 2 -7.67 101.11 2.33
N TYR DB 3 -8.13 100.94 3.58
CA TYR DB 3 -8.48 99.62 4.05
C TYR DB 3 -9.66 99.04 3.28
N LYS DB 4 -10.55 99.89 2.77
CA LYS DB 4 -11.64 99.41 1.93
C LYS DB 4 -11.10 98.82 0.64
N TYR DB 5 -10.08 99.46 0.06
CA TYR DB 5 -9.47 98.92 -1.15
C TYR DB 5 -8.76 97.61 -0.89
N ILE DB 6 -8.13 97.48 0.28
CA ILE DB 6 -7.35 96.28 0.56
C ILE DB 6 -8.26 95.08 0.77
N GLN DB 7 -9.38 95.26 1.48
CA GLN DB 7 -10.24 94.12 1.74
C GLN DB 7 -11.04 93.72 0.49
N GLU DB 8 -11.35 94.69 -0.38
CA GLU DB 8 -11.90 94.34 -1.68
C GLU DB 8 -10.89 93.59 -2.52
N LEU DB 9 -9.62 93.99 -2.43
CA LEU DB 9 -8.56 93.32 -3.16
C LEU DB 9 -8.37 91.89 -2.69
N TRP DB 10 -8.40 91.67 -1.37
CA TRP DB 10 -8.20 90.34 -0.83
C TRP DB 10 -9.41 89.43 -1.01
N ARG DB 11 -10.52 89.96 -1.51
CA ARG DB 11 -11.63 89.14 -1.94
C ARG DB 11 -11.48 88.67 -3.37
N LYS DB 12 -10.35 88.97 -4.00
CA LYS DB 12 -10.07 88.61 -5.39
C LYS DB 12 -8.86 87.71 -5.44
N LYS DB 13 -8.83 86.68 -4.61
CA LYS DB 13 -7.66 85.82 -4.45
C LYS DB 13 -7.30 85.06 -5.72
N GLN DB 14 -8.19 84.99 -6.70
CA GLN DB 14 -7.90 84.30 -7.95
C GLN DB 14 -7.56 85.25 -9.08
N SER DB 15 -7.33 86.51 -8.79
CA SER DB 15 -6.81 87.43 -9.80
C SER DB 15 -5.35 87.13 -10.07
N ASP DB 16 -4.83 87.69 -11.16
CA ASP DB 16 -3.44 87.48 -11.51
C ASP DB 16 -2.52 88.09 -10.46
N VAL DB 17 -2.87 89.27 -9.95
CA VAL DB 17 -2.03 89.93 -8.96
C VAL DB 17 -2.05 89.19 -7.62
N MET DB 18 -3.22 88.75 -7.19
CA MET DB 18 -3.31 88.10 -5.88
C MET DB 18 -2.81 86.66 -5.93
N ARG DB 19 -2.94 85.99 -7.08
CA ARG DB 19 -2.39 84.64 -7.20
C ARG DB 19 -0.87 84.68 -7.11
N PHE DB 20 -0.24 85.69 -7.69
CA PHE DB 20 1.21 85.81 -7.61
C PHE DB 20 1.66 86.02 -6.18
N LEU DB 21 0.99 86.93 -5.46
CA LEU DB 21 1.40 87.24 -4.10
C LEU DB 21 1.16 86.08 -3.16
N LEU DB 22 0.04 85.36 -3.33
CA LEU DB 22 -0.22 84.20 -2.50
C LEU DB 22 0.78 83.08 -2.78
N ARG DB 23 1.17 82.93 -4.05
CA ARG DB 23 2.11 81.87 -4.41
C ARG DB 23 3.51 82.17 -3.87
N VAL DB 24 3.96 83.41 -4.02
CA VAL DB 24 5.30 83.78 -3.57
C VAL DB 24 5.39 83.72 -2.05
N ARG DB 25 4.37 84.24 -1.36
CA ARG DB 25 4.38 84.23 0.10
C ARG DB 25 4.31 82.81 0.64
N CYS DB 26 3.51 81.95 0.01
CA CYS DB 26 3.41 80.57 0.47
C CYS DB 26 4.74 79.84 0.31
N TRP DB 27 5.50 80.15 -0.73
CA TRP DB 27 6.84 79.60 -0.85
C TRP DB 27 7.74 80.08 0.27
N GLN DB 28 7.67 81.38 0.59
CA GLN DB 28 8.54 81.93 1.62
C GLN DB 28 8.22 81.36 2.99
N TYR DB 29 6.93 81.25 3.33
CA TYR DB 29 6.54 80.67 4.60
C TYR DB 29 6.94 79.21 4.69
N ARG DB 30 7.02 78.53 3.55
CA ARG DB 30 7.41 77.13 3.53
C ARG DB 30 8.86 76.95 3.93
N GLN DB 31 9.67 77.99 3.80
CA GLN DB 31 11.10 77.93 4.10
C GLN DB 31 11.41 78.32 5.53
N LEU DB 32 10.40 78.45 6.38
CA LEU DB 32 10.60 78.88 7.76
C LEU DB 32 10.13 77.77 8.70
N SER DB 33 10.11 78.08 9.99
CA SER DB 33 9.72 77.10 10.99
C SER DB 33 8.20 76.98 11.05
N ALA DB 34 7.75 75.90 11.68
CA ALA DB 34 6.30 75.69 11.86
C ALA DB 34 5.71 76.80 12.72
N LEU DB 35 6.39 77.17 13.79
CA LEU DB 35 6.02 78.30 14.61
C LEU DB 35 7.11 79.37 14.49
N HIS DB 36 6.71 80.54 14.04
CA HIS DB 36 7.64 81.62 13.75
C HIS DB 36 6.93 82.93 14.07
N ARG DB 37 7.71 83.92 14.52
CA ARG DB 37 7.13 85.20 14.89
C ARG DB 37 7.20 86.15 13.71
N ALA DB 38 6.06 86.66 13.29
CA ALA DB 38 6.01 87.66 12.24
C ALA DB 38 6.44 89.01 12.79
N PRO DB 39 7.20 89.80 12.02
CA PRO DB 39 7.57 91.13 12.48
C PRO DB 39 6.39 92.10 12.52
N ARG DB 40 5.33 91.82 11.78
CA ARG DB 40 4.17 92.69 11.67
C ARG DB 40 3.05 91.89 11.00
N PRO DB 41 1.80 92.35 11.10
CA PRO DB 41 0.71 91.67 10.39
C PRO DB 41 0.88 91.79 8.88
N THR DB 42 0.86 90.65 8.19
CA THR DB 42 0.90 90.64 6.74
C THR DB 42 -0.35 91.28 6.17
N ARG DB 43 -1.50 91.04 6.80
CA ARG DB 43 -2.77 91.66 6.43
C ARG DB 43 -3.14 92.67 7.49
N PRO DB 44 -2.64 93.91 7.41
CA PRO DB 44 -2.96 94.89 8.46
C PRO DB 44 -4.44 95.21 8.57
N ASP DB 45 -5.17 95.19 7.45
CA ASP DB 45 -6.59 95.49 7.48
C ASP DB 45 -7.38 94.36 8.13
N LYS DB 46 -7.02 93.11 7.82
CA LYS DB 46 -7.73 91.97 8.40
C LYS DB 46 -7.39 91.82 9.87
N ALA DB 47 -6.16 92.15 10.27
CA ALA DB 47 -5.76 92.02 11.65
C ALA DB 47 -6.53 92.98 12.55
N ARG DB 48 -6.58 94.26 12.16
CA ARG DB 48 -7.27 95.25 12.98
C ARG DB 48 -8.78 95.04 12.95
N ARG DB 49 -9.29 94.45 11.88
CA ARG DB 49 -10.70 94.06 11.84
C ARG DB 49 -10.99 93.01 12.91
N LEU DB 50 -9.99 92.20 13.24
CA LEU DB 50 -10.16 91.12 14.21
C LEU DB 50 -9.73 91.50 15.62
N GLY DB 51 -9.33 92.75 15.84
CA GLY DB 51 -9.06 93.20 17.20
C GLY DB 51 -7.66 93.74 17.41
N TYR DB 52 -6.79 93.55 16.42
CA TYR DB 52 -5.41 93.98 16.54
C TYR DB 52 -5.31 95.50 16.47
N LYS DB 53 -4.36 96.06 17.21
CA LYS DB 53 -4.05 97.48 17.16
C LYS DB 53 -2.54 97.64 17.18
N ALA DB 54 -2.03 98.60 16.42
CA ALA DB 54 -0.59 98.80 16.28
C ALA DB 54 -0.08 99.58 17.48
N LYS DB 55 0.13 98.87 18.58
CA LYS DB 55 0.73 99.43 19.78
C LYS DB 55 1.50 98.34 20.48
N GLN DB 56 2.33 98.74 21.43
CA GLN DB 56 3.14 97.79 22.18
C GLN DB 56 2.24 96.84 22.97
N GLY DB 57 2.61 95.56 22.98
CA GLY DB 57 1.81 94.53 23.59
C GLY DB 57 1.04 93.66 22.63
N TYR DB 58 1.01 94.01 21.34
CA TYR DB 58 0.39 93.19 20.32
C TYR DB 58 1.49 92.56 19.49
N VAL DB 59 1.49 91.23 19.40
CA VAL DB 59 2.47 90.50 18.61
C VAL DB 59 1.74 89.55 17.67
N ILE DB 60 2.43 89.15 16.62
CA ILE DB 60 1.87 88.30 15.57
C ILE DB 60 2.76 87.07 15.43
N TYR DB 61 2.15 85.90 15.39
CA TYR DB 61 2.87 84.63 15.22
C TYR DB 61 2.28 83.89 14.04
N ARG DB 62 3.11 83.59 13.05
CA ARG DB 62 2.70 82.79 11.90
C ARG DB 62 2.87 81.32 12.22
N ILE DB 63 1.78 80.56 12.07
CA ILE DB 63 1.74 79.14 12.39
C ILE DB 63 1.45 78.36 11.13
N ARG DB 64 2.15 77.25 10.95
CA ARG DB 64 1.95 76.36 9.81
C ARG DB 64 1.48 75.00 10.32
N VAL DB 65 0.30 74.59 9.88
CA VAL DB 65 -0.27 73.31 10.26
C VAL DB 65 -0.40 72.44 9.01
N ARG DB 66 -0.49 71.14 9.22
CA ARG DB 66 -0.62 70.20 8.12
C ARG DB 66 -2.09 69.96 7.78
N ARG DB 67 -2.37 69.87 6.49
CA ARG DB 67 -3.72 69.73 6.00
C ARG DB 67 -4.19 68.28 6.07
N GLY DB 68 -5.49 68.10 5.92
CA GLY DB 68 -6.09 66.78 5.82
C GLY DB 68 -6.90 66.42 7.04
N GLY DB 69 -7.43 65.20 7.01
CA GLY DB 69 -8.23 64.67 8.08
C GLY DB 69 -7.37 64.12 9.21
N ARG DB 70 -8.04 63.48 10.16
CA ARG DB 70 -7.39 62.94 11.34
C ARG DB 70 -7.43 61.42 11.26
N LYS DB 71 -6.32 60.82 10.84
CA LYS DB 71 -6.21 59.37 10.86
C LYS DB 71 -6.21 58.88 12.30
N ARG DB 72 -6.96 57.83 12.57
CA ARG DB 72 -7.05 57.30 13.93
C ARG DB 72 -5.71 56.67 14.31
N PRO DB 73 -5.14 57.04 15.46
CA PRO DB 73 -3.80 56.58 15.82
C PRO DB 73 -3.80 55.20 16.50
N VAL DB 74 -4.27 54.20 15.77
CA VAL DB 74 -4.32 52.83 16.27
C VAL DB 74 -3.22 52.03 15.59
N PRO DB 75 -2.61 51.07 16.28
CA PRO DB 75 -1.54 50.29 15.65
C PRO DB 75 -2.08 49.39 14.56
N LYS DB 76 -1.49 49.50 13.37
CA LYS DB 76 -1.81 48.68 12.20
C LYS DB 76 -3.27 48.81 11.77
N GLY DB 77 -3.93 49.89 12.15
CA GLY DB 77 -5.31 50.10 11.77
C GLY DB 77 -6.31 49.26 12.53
N ALA DB 78 -5.88 48.57 13.58
CA ALA DB 78 -6.77 47.67 14.32
C ALA DB 78 -7.53 48.47 15.37
N THR DB 79 -8.84 48.60 15.18
CA THR DB 79 -9.74 49.20 16.15
C THR DB 79 -10.62 48.08 16.67
N TYR DB 80 -10.18 47.45 17.75
CA TYR DB 80 -10.84 46.25 18.26
C TYR DB 80 -12.23 46.61 18.77
N GLY DB 81 -13.24 46.21 18.01
CA GLY DB 81 -14.60 46.54 18.36
C GLY DB 81 -15.54 46.20 17.22
N LYS DB 82 -16.76 46.73 17.33
CA LYS DB 82 -17.77 46.49 16.34
C LYS DB 82 -17.41 47.19 15.03
N PRO DB 83 -17.94 46.70 13.90
CA PRO DB 83 -17.51 47.24 12.60
C PRO DB 83 -17.85 48.71 12.40
N VAL DB 84 -18.78 49.27 13.15
CA VAL DB 84 -19.11 50.68 12.99
C VAL DB 84 -17.94 51.57 13.42
N HIS DB 85 -17.02 51.04 14.21
CA HIS DB 85 -15.87 51.80 14.68
C HIS DB 85 -14.57 51.34 14.02
N HIS DB 86 -14.67 50.64 12.89
CA HIS DB 86 -13.49 50.19 12.17
C HIS DB 86 -12.84 51.29 11.33
N GLY DB 87 -13.45 52.46 11.27
CA GLY DB 87 -12.91 53.52 10.43
C GLY DB 87 -11.57 54.00 10.94
N VAL DB 88 -10.59 54.07 10.03
CA VAL DB 88 -9.26 54.61 10.32
C VAL DB 88 -8.99 55.85 9.48
N ASN DB 89 -9.18 55.75 8.16
CA ASN DB 89 -9.06 56.89 7.28
C ASN DB 89 -10.41 57.55 7.10
N GLN DB 90 -10.43 58.64 6.33
CA GLN DB 90 -11.62 59.43 6.06
C GLN DB 90 -12.28 59.94 7.33
N LEU DB 91 -11.54 60.04 8.42
CA LEU DB 91 -12.04 60.61 9.66
C LEU DB 91 -11.64 62.07 9.74
N LYS DB 92 -12.45 62.86 10.44
CA LYS DB 92 -12.27 64.29 10.48
C LYS DB 92 -12.22 64.77 11.93
N PHE DB 93 -11.23 65.59 12.23
CA PHE DB 93 -11.12 66.22 13.54
C PHE DB 93 -12.29 67.17 13.75
N ALA DB 94 -12.75 67.27 15.00
CA ALA DB 94 -13.90 68.11 15.30
C ALA DB 94 -13.59 69.59 15.17
N ARG DB 95 -12.35 69.99 15.47
CA ARG DB 95 -11.97 71.39 15.41
C ARG DB 95 -11.23 71.68 14.10
N SER DB 96 -11.37 72.92 13.64
CA SER DB 96 -10.78 73.31 12.37
C SER DB 96 -9.27 73.45 12.49
N LEU DB 97 -8.61 73.54 11.34
CA LEU DB 97 -7.17 73.74 11.32
C LEU DB 97 -6.79 75.11 11.87
N GLN DB 98 -7.69 76.09 11.74
CA GLN DB 98 -7.44 77.40 12.34
C GLN DB 98 -7.43 77.33 13.85
N SER DB 99 -8.31 76.52 14.44
CA SER DB 99 -8.30 76.33 15.88
C SER DB 99 -7.01 75.66 16.34
N VAL DB 100 -6.50 74.71 15.56
CA VAL DB 100 -5.27 74.03 15.92
C VAL DB 100 -4.09 74.99 15.86
N ALA DB 101 -4.09 75.88 14.87
CA ALA DB 101 -3.00 76.85 14.75
C ALA DB 101 -2.99 77.82 15.93
N GLU DB 102 -4.17 78.26 16.37
CA GLU DB 102 -4.23 79.11 17.55
C GLU DB 102 -3.79 78.36 18.79
N GLU DB 103 -4.16 77.08 18.90
CA GLU DB 103 -3.78 76.28 20.06
C GLU DB 103 -2.27 76.05 20.11
N ARG DB 104 -1.62 75.96 18.94
CA ARG DB 104 -0.19 75.75 18.92
C ARG DB 104 0.56 77.04 19.25
N ALA DB 105 0.02 78.19 18.82
CA ALA DB 105 0.63 79.46 19.18
C ALA DB 105 0.46 79.75 20.67
N GLY DB 106 -0.71 79.45 21.22
CA GLY DB 106 -0.95 79.74 22.62
C GLY DB 106 -0.12 78.88 23.56
N ARG DB 107 0.05 77.60 23.22
CA ARG DB 107 0.83 76.71 24.07
C ARG DB 107 2.28 77.12 24.14
N HIS DB 108 2.87 77.48 22.99
CA HIS DB 108 4.26 77.92 22.99
C HIS DB 108 4.43 79.22 23.76
N CYS DB 109 3.56 80.19 23.49
CA CYS DB 109 3.56 81.46 24.22
C CYS DB 109 2.51 81.43 25.32
N GLY DB 110 2.84 80.73 26.40
CA GLY DB 110 1.90 80.58 27.50
C GLY DB 110 1.66 81.84 28.28
N ALA DB 111 2.58 82.80 28.20
CA ALA DB 111 2.39 84.06 28.90
C ALA DB 111 1.40 84.97 28.19
N LEU DB 112 1.31 84.89 26.86
CA LEU DB 112 0.47 85.78 26.09
C LEU DB 112 -0.95 85.21 26.00
N ARG DB 113 -1.85 86.01 25.43
CA ARG DB 113 -3.26 85.65 25.30
C ARG DB 113 -3.65 85.67 23.83
N VAL DB 114 -4.14 84.55 23.33
CA VAL DB 114 -4.59 84.49 21.94
C VAL DB 114 -5.86 85.31 21.79
N LEU DB 115 -5.88 86.22 20.82
CA LEU DB 115 -7.04 87.06 20.56
C LEU DB 115 -7.86 86.54 19.38
N ASN DB 116 -7.24 86.43 18.22
CA ASN DB 116 -7.87 85.89 17.02
C ASN DB 116 -6.77 85.41 16.07
N SER DB 117 -7.16 85.06 14.85
CA SER DB 117 -6.22 84.65 13.82
C SER DB 117 -6.88 84.79 12.46
N TYR DB 118 -6.08 84.74 11.41
CA TYR DB 118 -6.61 84.83 10.06
C TYR DB 118 -5.74 84.01 9.11
N TRP DB 119 -6.21 83.91 7.87
CA TRP DB 119 -5.65 83.04 6.86
C TRP DB 119 -4.71 83.86 5.96
N VAL DB 120 -3.50 83.36 5.75
CA VAL DB 120 -2.48 84.09 5.00
C VAL DB 120 -1.92 83.28 3.84
N GLY DB 121 -2.48 82.11 3.56
CA GLY DB 121 -2.03 81.30 2.44
C GLY DB 121 -2.12 79.82 2.74
N GLU DB 122 -2.28 79.03 1.70
CA GLU DB 122 -2.37 77.59 1.84
C GLU DB 122 -1.59 76.90 0.73
N ASP DB 123 -1.29 75.63 0.98
CA ASP DB 123 -0.55 74.75 0.10
C ASP DB 123 -1.37 73.47 -0.09
N SER DB 124 -0.76 72.47 -0.71
CA SER DB 124 -1.39 71.16 -0.73
C SER DB 124 -1.20 70.42 0.59
N THR DB 125 -0.11 70.69 1.29
CA THR DB 125 0.23 69.98 2.51
C THR DB 125 0.22 70.87 3.75
N TYR DB 126 0.19 72.19 3.59
CA TYR DB 126 0.26 73.10 4.72
C TYR DB 126 -0.82 74.17 4.61
N LYS DB 127 -1.20 74.70 5.76
CA LYS DB 127 -2.01 75.91 5.85
C LYS DB 127 -1.29 76.87 6.78
N PHE DB 128 -1.27 78.15 6.39
CA PHE DB 128 -0.57 79.17 7.15
C PHE DB 128 -1.56 80.17 7.72
N PHE DB 129 -1.48 80.40 9.03
CA PHE DB 129 -2.32 81.35 9.72
C PHE DB 129 -1.43 82.31 10.51
N GLU DB 130 -1.92 83.52 10.69
CA GLU DB 130 -1.24 84.49 11.55
C GLU DB 130 -2.12 84.78 12.75
N VAL DB 131 -1.58 84.57 13.95
CA VAL DB 131 -2.33 84.63 15.19
C VAL DB 131 -1.97 85.91 15.92
N ILE DB 132 -2.98 86.62 16.38
CA ILE DB 132 -2.80 87.83 17.16
C ILE DB 132 -2.71 87.45 18.63
N LEU DB 133 -1.60 87.82 19.27
CA LEU DB 133 -1.39 87.60 20.69
C LEU DB 133 -1.30 88.95 21.39
N ILE DB 134 -1.65 88.96 22.67
CA ILE DB 134 -1.58 90.15 23.50
C ILE DB 134 -0.79 89.81 24.75
N ASP DB 135 0.16 90.65 25.11
CA ASP DB 135 0.83 90.52 26.39
C ASP DB 135 -0.04 91.14 27.46
N PRO DB 136 -0.59 90.34 28.38
CA PRO DB 136 -1.55 90.88 29.34
C PRO DB 136 -0.92 91.67 30.47
N PHE DB 137 0.40 91.76 30.53
CA PHE DB 137 1.08 92.46 31.62
C PHE DB 137 1.82 93.70 31.13
N HIS DB 138 1.82 93.97 29.83
CA HIS DB 138 2.36 95.22 29.34
C HIS DB 138 1.44 96.37 29.74
N LYS DB 139 2.04 97.49 30.11
CA LYS DB 139 1.24 98.60 30.65
C LYS DB 139 0.38 99.26 29.59
N ALA DB 140 0.73 99.14 28.32
CA ALA DB 140 -0.12 99.68 27.26
C ALA DB 140 -1.46 98.96 27.21
N ILE DB 141 -1.43 97.64 27.32
CA ILE DB 141 -2.67 96.86 27.43
C ILE DB 141 -3.30 97.05 28.80
N ARG DB 142 -2.46 97.15 29.83
CA ARG DB 142 -2.94 97.05 31.20
C ARG DB 142 -3.65 98.31 31.65
N ARG DB 143 -3.18 99.47 31.20
CA ARG DB 143 -3.72 100.76 31.62
C ARG DB 143 -4.85 101.25 30.74
N ASN DB 144 -5.21 100.51 29.70
CA ASN DB 144 -6.22 100.94 28.75
C ASN DB 144 -7.47 100.10 28.92
N PRO DB 145 -8.63 100.69 29.19
CA PRO DB 145 -9.87 99.92 29.12
C PRO DB 145 -10.18 99.50 27.69
N ASP DB 146 -11.12 98.57 27.57
CA ASP DB 146 -11.51 97.90 26.34
C ASP DB 146 -10.44 96.90 25.90
N THR DB 147 -9.32 96.89 26.62
CA THR DB 147 -8.34 95.82 26.51
C THR DB 147 -8.03 95.21 27.87
N GLN DB 148 -8.56 95.77 28.96
CA GLN DB 148 -8.35 95.20 30.27
C GLN DB 148 -9.11 93.89 30.47
N TRP DB 149 -10.05 93.56 29.59
CA TRP DB 149 -10.78 92.31 29.73
C TRP DB 149 -9.88 91.11 29.48
N ILE DB 150 -8.96 91.23 28.52
CA ILE DB 150 -8.07 90.11 28.18
C ILE DB 150 -7.08 89.83 29.31
N THR DB 151 -6.86 90.79 30.21
CA THR DB 151 -5.91 90.61 31.30
C THR DB 151 -6.51 89.94 32.51
N LYS DB 152 -7.82 89.70 32.53
CA LYS DB 152 -8.46 89.06 33.65
C LYS DB 152 -8.06 87.58 33.72
N PRO DB 153 -8.06 87.00 34.91
CA PRO DB 153 -7.65 85.59 35.04
C PRO DB 153 -8.53 84.62 34.28
N VAL DB 154 -9.82 84.94 34.12
CA VAL DB 154 -10.74 84.02 33.45
C VAL DB 154 -10.50 83.92 31.95
N HIS DB 155 -9.65 84.77 31.40
CA HIS DB 155 -9.43 84.83 29.95
C HIS DB 155 -8.09 84.25 29.54
N LYS DB 156 -7.46 83.44 30.38
CA LYS DB 156 -6.17 82.85 30.03
C LYS DB 156 -6.41 81.54 29.30
N HIS DB 157 -5.67 81.34 28.20
CA HIS DB 157 -5.82 80.18 27.33
C HIS DB 157 -7.25 80.06 26.81
N ARG DB 158 -7.70 81.11 26.14
CA ARG DB 158 -9.00 81.07 25.48
C ARG DB 158 -9.02 80.04 24.35
N GLU DB 159 -7.90 79.91 23.64
CA GLU DB 159 -7.83 79.04 22.48
C GLU DB 159 -7.93 77.56 22.86
N MET DB 160 -7.68 77.21 24.12
CA MET DB 160 -7.76 75.83 24.56
C MET DB 160 -9.11 75.49 25.18
N ARG DB 161 -10.03 76.44 25.24
CA ARG DB 161 -11.39 76.20 25.67
C ARG DB 161 -12.41 76.57 24.59
N GLY DB 162 -11.96 76.87 23.38
CA GLY DB 162 -12.87 77.23 22.32
C GLY DB 162 -13.59 78.55 22.53
N LEU DB 163 -12.89 79.56 23.02
CA LEU DB 163 -13.47 80.89 23.20
C LEU DB 163 -12.99 81.89 22.17
N THR DB 164 -11.99 81.55 21.37
CA THR DB 164 -11.64 82.37 20.22
C THR DB 164 -12.68 82.17 19.12
N SER DB 165 -12.63 83.05 18.12
CA SER DB 165 -13.60 82.96 17.03
C SER DB 165 -13.43 81.66 16.25
N ALA DB 166 -12.18 81.25 16.03
CA ALA DB 166 -11.94 80.00 15.30
C ALA DB 166 -12.41 78.80 16.10
N GLY DB 167 -12.09 78.77 17.40
CA GLY DB 167 -12.45 77.63 18.23
C GLY DB 167 -13.92 77.57 18.60
N ARG DB 168 -14.63 78.69 18.56
CA ARG DB 168 -16.04 78.71 18.89
C ARG DB 168 -16.90 78.11 17.81
N LYS DB 169 -16.44 78.12 16.56
CA LYS DB 169 -17.27 77.68 15.44
C LYS DB 169 -17.51 76.17 15.46
N SER DB 170 -16.67 75.40 16.15
CA SER DB 170 -16.84 73.96 16.22
C SER DB 170 -17.73 73.51 17.35
N ARG DB 171 -18.20 74.44 18.18
CA ARG DB 171 -19.01 74.09 19.35
C ARG DB 171 -20.49 74.02 19.05
N GLY DB 172 -20.92 74.42 17.85
CA GLY DB 172 -22.33 74.39 17.52
C GLY DB 172 -23.18 75.42 18.21
N LEU DB 173 -22.58 76.52 18.65
CA LEU DB 173 -23.35 77.56 19.31
C LEU DB 173 -24.08 78.41 18.28
N GLY DB 174 -25.10 79.11 18.74
CA GLY DB 174 -25.91 79.95 17.89
C GLY DB 174 -27.33 80.01 18.41
N LYS DB 175 -28.12 80.84 17.74
CA LYS DB 175 -29.50 81.09 18.13
C LYS DB 175 -30.45 80.46 17.12
N GLY DB 176 -31.46 79.78 17.61
CA GLY DB 176 -32.56 79.36 16.78
C GLY DB 176 -32.65 77.86 16.60
N HIS DB 177 -33.41 77.47 15.57
CA HIS DB 177 -33.77 76.08 15.37
C HIS DB 177 -32.61 75.23 14.90
N LYS DB 178 -31.57 75.83 14.35
CA LYS DB 178 -30.44 75.06 13.85
C LYS DB 178 -29.45 74.68 14.95
N PHE DB 179 -29.56 75.27 16.13
CA PHE DB 179 -28.56 75.11 17.18
C PHE DB 179 -29.21 74.68 18.48
N HIS DB 180 -30.11 73.71 18.41
CA HIS DB 180 -30.76 73.18 19.60
C HIS DB 180 -29.82 72.29 20.41
N HIS DB 181 -28.69 71.89 19.86
CA HIS DB 181 -27.77 70.99 20.57
C HIS DB 181 -27.10 71.68 21.75
N THR DB 182 -26.99 73.00 21.73
CA THR DB 182 -26.18 73.73 22.69
C THR DB 182 -26.99 74.72 23.50
N ILE DB 183 -28.27 74.43 23.70
CA ILE DB 183 -29.08 75.28 24.57
C ILE DB 183 -28.66 75.03 26.01
N GLY DB 184 -28.14 76.06 26.66
CA GLY DB 184 -27.57 75.93 27.98
C GLY DB 184 -26.09 76.26 28.07
N GLY DB 185 -25.43 76.60 26.95
CA GLY DB 185 -24.04 77.02 26.95
C GLY DB 185 -23.15 76.15 26.10
N SER DB 186 -23.43 74.84 26.04
CA SER DB 186 -22.57 73.91 25.32
C SER DB 186 -23.34 72.62 25.09
N ARG DB 187 -22.71 71.70 24.35
CA ARG DB 187 -23.30 70.39 24.15
C ARG DB 187 -23.39 69.63 25.47
N ARG DB 188 -22.36 69.70 26.30
CA ARG DB 188 -22.38 69.02 27.59
C ARG DB 188 -23.43 69.63 28.52
N ALA DB 189 -23.57 70.96 28.49
CA ALA DB 189 -24.56 71.61 29.32
C ALA DB 189 -25.97 71.18 28.95
N ALA DB 190 -26.25 71.11 27.65
CA ALA DB 190 -27.57 70.68 27.20
C ALA DB 190 -27.81 69.20 27.48
N TRP DB 191 -26.79 68.37 27.27
CA TRP DB 191 -26.93 66.94 27.50
C TRP DB 191 -27.19 66.64 28.97
N ARG DB 192 -26.51 67.33 29.87
CA ARG DB 192 -26.70 67.10 31.30
C ARG DB 192 -28.12 67.45 31.72
N ARG DB 193 -28.61 68.61 31.28
CA ARG DB 193 -29.94 69.05 31.68
C ARG DB 193 -31.02 68.12 31.15
N ARG DB 194 -30.81 67.53 29.99
CA ARG DB 194 -31.78 66.61 29.41
C ARG DB 194 -31.67 65.20 29.97
N ASN DB 195 -30.52 64.85 30.53
CA ASN DB 195 -30.28 63.50 31.05
C ASN DB 195 -30.23 63.47 32.57
N THR DB 196 -30.70 64.51 33.23
CA THR DB 196 -30.76 64.54 34.69
C THR DB 196 -32.19 64.31 35.13
N LEU DB 197 -32.38 63.37 36.06
CA LEU DB 197 -33.70 63.04 36.59
C LEU DB 197 -34.00 63.98 37.75
N GLN DB 198 -34.85 64.96 37.51
CA GLN DB 198 -35.25 65.90 38.55
C GLN DB 198 -36.22 65.19 39.49
N LEU DB 199 -35.77 64.86 40.68
CA LEU DB 199 -36.56 64.17 41.69
C LEU DB 199 -36.93 65.18 42.77
N HIS DB 200 -38.10 65.77 42.63
CA HIS DB 200 -38.53 66.83 43.53
C HIS DB 200 -38.82 66.27 44.91
N ARG DB 201 -38.90 67.16 45.90
CA ARG DB 201 -39.22 66.74 47.25
C ARG DB 201 -40.63 66.16 47.32
N TYR DB 202 -41.59 66.85 46.70
CA TYR DB 202 -42.95 66.35 46.56
C TYR DB 202 -43.13 65.93 45.10
N ARG DB 203 -43.34 64.64 44.89
CA ARG DB 203 -43.46 64.12 43.52
C ARG DB 203 -44.90 63.75 43.21
N GLU EB 1 -49.42 -19.92 85.97
CA GLU EB 1 -49.46 -20.20 87.39
C GLU EB 1 -48.12 -19.86 88.06
N VAL EB 2 -48.17 -19.58 89.36
CA VAL EB 2 -46.99 -19.10 90.07
C VAL EB 2 -45.93 -20.18 90.24
N GLN EB 3 -46.31 -21.45 90.18
CA GLN EB 3 -45.36 -22.54 90.33
C GLN EB 3 -44.51 -22.69 89.07
N VAL EB 4 -43.61 -23.67 89.09
CA VAL EB 4 -42.78 -23.99 87.93
C VAL EB 4 -43.41 -25.15 87.18
N LEU EB 5 -43.65 -24.95 85.89
CA LEU EB 5 -44.28 -25.95 85.05
C LEU EB 5 -43.21 -26.83 84.43
N VAL EB 6 -43.16 -28.10 84.82
CA VAL EB 6 -42.20 -29.05 84.30
C VAL EB 6 -42.91 -29.94 83.29
N LEU EB 7 -42.39 -30.00 82.07
CA LEU EB 7 -42.99 -30.74 80.98
C LEU EB 7 -42.08 -31.87 80.55
N ASP EB 8 -42.68 -33.02 80.23
CA ASP EB 8 -41.95 -34.16 79.70
C ASP EB 8 -41.95 -34.07 78.19
N GLY EB 9 -40.77 -34.08 77.60
CA GLY EB 9 -40.63 -33.90 76.17
C GLY EB 9 -40.84 -35.12 75.32
N ARG EB 10 -41.00 -36.30 75.90
CA ARG EB 10 -41.18 -37.50 75.11
C ARG EB 10 -42.54 -37.47 74.41
N GLY EB 11 -42.54 -37.80 73.13
CA GLY EB 11 -43.77 -37.87 72.37
C GLY EB 11 -44.36 -36.54 71.99
N HIS EB 12 -43.63 -35.46 72.13
CA HIS EB 12 -44.12 -34.11 71.84
C HIS EB 12 -43.52 -33.62 70.53
N LEU EB 13 -44.37 -33.10 69.65
CA LEU EB 13 -43.90 -32.53 68.40
C LEU EB 13 -43.14 -31.24 68.69
N LEU EB 14 -42.12 -30.97 67.88
CA LEU EB 14 -41.15 -29.91 68.20
C LEU EB 14 -41.82 -28.54 68.22
N GLY EB 15 -42.35 -28.09 67.08
CA GLY EB 15 -42.90 -26.75 67.02
C GLY EB 15 -44.24 -26.61 67.71
N ARG EB 16 -44.97 -27.72 67.85
CA ARG EB 16 -46.22 -27.68 68.60
C ARG EB 16 -45.96 -27.41 70.07
N LEU EB 17 -44.97 -28.08 70.65
CA LEU EB 17 -44.62 -27.83 72.05
C LEU EB 17 -43.95 -26.49 72.22
N ALA EB 18 -43.14 -26.08 71.25
CA ALA EB 18 -42.42 -24.82 71.35
C ALA EB 18 -43.37 -23.63 71.32
N ALA EB 19 -44.46 -23.74 70.56
CA ALA EB 19 -45.44 -22.66 70.52
C ALA EB 19 -46.15 -22.50 71.86
N ILE EB 20 -46.52 -23.62 72.48
CA ILE EB 20 -47.17 -23.56 73.79
C ILE EB 20 -46.20 -23.02 74.84
N VAL EB 21 -44.95 -23.47 74.79
CA VAL EB 21 -43.95 -23.04 75.77
C VAL EB 21 -43.67 -21.55 75.63
N ALA EB 22 -43.57 -21.07 74.39
CA ALA EB 22 -43.22 -19.67 74.16
C ALA EB 22 -44.28 -18.73 74.72
N LYS EB 23 -45.55 -19.07 74.57
CA LYS EB 23 -46.61 -18.25 75.14
C LYS EB 23 -46.61 -18.33 76.67
N GLN EB 24 -46.17 -19.45 77.22
CA GLN EB 24 -46.15 -19.60 78.67
C GLN EB 24 -45.11 -18.70 79.30
N VAL EB 25 -43.89 -18.71 78.77
CA VAL EB 25 -42.84 -17.87 79.34
C VAL EB 25 -43.07 -16.40 79.07
N LEU EB 26 -43.86 -16.06 78.06
CA LEU EB 26 -44.21 -14.65 77.84
C LEU EB 26 -45.21 -14.15 78.88
N LEU EB 27 -45.97 -15.06 79.48
CA LEU EB 27 -46.90 -14.72 80.54
C LEU EB 27 -46.28 -14.84 81.93
N GLY EB 28 -44.97 -14.71 82.03
CA GLY EB 28 -44.30 -14.72 83.31
C GLY EB 28 -44.24 -16.05 84.01
N ARG EB 29 -44.38 -17.15 83.28
CA ARG EB 29 -44.36 -18.48 83.87
C ARG EB 29 -43.02 -19.15 83.60
N LYS EB 30 -42.47 -19.80 84.64
CA LYS EB 30 -41.21 -20.51 84.53
C LYS EB 30 -41.49 -21.93 84.04
N VAL EB 31 -40.88 -22.30 82.93
CA VAL EB 31 -41.12 -23.59 82.28
C VAL EB 31 -39.80 -24.34 82.21
N VAL EB 32 -39.85 -25.62 82.55
CA VAL EB 32 -38.72 -26.53 82.41
C VAL EB 32 -39.15 -27.68 81.52
N VAL EB 33 -38.38 -27.95 80.47
CA VAL EB 33 -38.66 -29.04 79.54
C VAL EB 33 -37.53 -30.05 79.65
N VAL EB 34 -37.86 -31.26 80.07
CA VAL EB 34 -36.88 -32.32 80.23
C VAL EB 34 -37.10 -33.37 79.13
N ARG EB 35 -36.10 -34.23 78.95
CA ARG EB 35 -36.10 -35.25 77.91
C ARG EB 35 -36.35 -34.65 76.53
N CYS EB 36 -35.49 -33.68 76.19
CA CYS EB 36 -35.59 -33.06 74.87
C CYS EB 36 -35.19 -34.01 73.75
N GLU EB 37 -34.52 -35.12 74.06
CA GLU EB 37 -34.20 -36.11 73.04
C GLU EB 37 -35.41 -36.95 72.66
N GLY EB 38 -36.46 -36.97 73.48
CA GLY EB 38 -37.67 -37.67 73.17
C GLY EB 38 -38.66 -36.90 72.32
N ILE EB 39 -38.35 -35.64 72.01
CA ILE EB 39 -39.22 -34.84 71.16
C ILE EB 39 -39.20 -35.41 69.75
N ASN EB 40 -40.38 -35.48 69.13
CA ASN EB 40 -40.51 -35.97 67.77
C ASN EB 40 -40.72 -34.81 66.80
N ILE EB 41 -40.39 -35.04 65.55
CA ILE EB 41 -40.62 -34.09 64.47
C ILE EB 41 -41.33 -34.82 63.34
N SER EB 42 -42.36 -34.20 62.79
CA SER EB 42 -43.12 -34.83 61.73
C SER EB 42 -42.30 -34.95 60.46
N GLY EB 43 -42.63 -35.95 59.65
CA GLY EB 43 -41.83 -36.22 58.45
C GLY EB 43 -40.73 -37.23 58.73
N ASN EB 44 -40.38 -37.98 57.69
CA ASN EB 44 -39.44 -39.07 57.88
C ASN EB 44 -38.06 -38.53 58.25
N PHE EB 45 -37.21 -39.43 58.77
CA PHE EB 45 -35.96 -39.00 59.38
C PHE EB 45 -35.04 -38.34 58.38
N TYR EB 46 -34.92 -38.91 57.18
CA TYR EB 46 -34.02 -38.35 56.18
C TYR EB 46 -34.45 -36.94 55.79
N ARG EB 47 -35.75 -36.71 55.76
CA ARG EB 47 -36.25 -35.37 55.42
C ARG EB 47 -35.85 -34.35 56.47
N ASN EB 48 -35.94 -34.72 57.75
CA ASN EB 48 -35.64 -33.77 58.80
C ASN EB 48 -34.14 -33.59 58.98
N LYS EB 49 -33.37 -34.62 58.69
CA LYS EB 49 -31.92 -34.49 58.71
C LYS EB 49 -31.44 -33.53 57.62
N LEU EB 50 -32.09 -33.57 56.45
CA LEU EB 50 -31.75 -32.64 55.38
C LEU EB 50 -32.03 -31.21 55.78
N LYS EB 51 -33.08 -30.99 56.57
CA LYS EB 51 -33.40 -29.64 57.03
C LYS EB 51 -32.30 -29.10 57.93
N TYR EB 52 -31.78 -29.93 58.83
CA TYR EB 52 -30.74 -29.45 59.73
C TYR EB 52 -29.39 -29.34 59.05
N LEU EB 53 -29.10 -30.23 58.09
CA LEU EB 53 -27.86 -30.11 57.34
C LEU EB 53 -27.84 -28.83 56.51
N ALA EB 54 -29.00 -28.43 55.99
CA ALA EB 54 -29.10 -27.14 55.33
C ALA EB 54 -28.87 -25.99 56.31
N PHE EB 55 -29.30 -26.17 57.55
CA PHE EB 55 -29.01 -25.18 58.59
C PHE EB 55 -27.52 -25.10 58.88
N LEU EB 56 -26.83 -26.25 58.86
CA LEU EB 56 -25.38 -26.25 59.08
C LEU EB 56 -24.65 -25.50 57.98
N ARG EB 57 -25.23 -25.47 56.78
CA ARG EB 57 -24.59 -24.78 55.67
C ARG EB 57 -24.66 -23.26 55.84
N LYS EB 58 -25.73 -22.76 56.45
CA LYS EB 58 -25.86 -21.33 56.67
C LYS EB 58 -24.84 -20.86 57.70
N ARG EB 59 -23.77 -20.22 57.22
CA ARG EB 59 -22.75 -19.69 58.10
C ARG EB 59 -22.19 -18.43 57.46
N MET EB 60 -21.59 -17.58 58.28
CA MET EB 60 -21.02 -16.35 57.76
C MET EB 60 -19.78 -16.70 56.94
N ASN EB 61 -19.81 -16.37 55.65
CA ASN EB 61 -18.71 -16.71 54.76
C ASN EB 61 -17.43 -15.97 55.18
N THR EB 62 -17.58 -14.73 55.63
CA THR EB 62 -16.42 -13.94 56.02
C THR EB 62 -15.77 -14.48 57.30
N ASN EB 63 -16.57 -14.79 58.31
CA ASN EB 63 -16.05 -15.30 59.57
C ASN EB 63 -17.11 -16.17 60.22
N PRO EB 64 -17.00 -17.49 60.06
CA PRO EB 64 -18.04 -18.38 60.62
C PRO EB 64 -18.11 -18.36 62.13
N SER EB 65 -17.07 -17.88 62.83
CA SER EB 65 -17.13 -17.81 64.28
C SER EB 65 -18.15 -16.78 64.76
N ARG EB 66 -18.55 -15.85 63.89
CA ARG EB 66 -19.60 -14.89 64.22
C ARG EB 66 -20.96 -15.30 63.71
N GLY EB 67 -21.03 -16.26 62.78
CA GLY EB 67 -22.26 -16.57 62.08
C GLY EB 67 -23.26 -17.30 62.95
N PRO EB 68 -24.23 -17.95 62.33
CA PRO EB 68 -25.21 -18.71 63.10
C PRO EB 68 -24.52 -19.79 63.93
N TYR EB 69 -24.96 -19.92 65.18
CA TYR EB 69 -24.44 -20.92 66.08
C TYR EB 69 -25.36 -22.13 66.03
N HIS EB 70 -24.84 -23.25 65.54
CA HIS EB 70 -25.61 -24.46 65.35
C HIS EB 70 -25.41 -25.36 66.56
N PHE EB 71 -26.44 -25.47 67.38
CA PHE EB 71 -26.37 -26.21 68.64
C PHE EB 71 -26.87 -27.63 68.41
N ARG EB 72 -26.05 -28.60 68.77
CA ARG EB 72 -26.31 -29.99 68.43
C ARG EB 72 -26.97 -30.78 69.55
N ALA EB 73 -27.01 -30.26 70.76
CA ALA EB 73 -27.75 -30.99 71.79
C ALA EB 73 -29.24 -30.82 71.57
N PRO EB 74 -30.04 -31.87 71.78
CA PRO EB 74 -31.50 -31.74 71.60
C PRO EB 74 -32.13 -30.69 72.48
N SER EB 75 -31.60 -30.50 73.69
CA SER EB 75 -32.09 -29.43 74.56
C SER EB 75 -31.84 -28.07 73.92
N ARG EB 76 -30.68 -27.89 73.32
CA ARG EB 76 -30.35 -26.61 72.71
C ARG EB 76 -31.07 -26.41 71.39
N ILE EB 77 -31.42 -27.49 70.69
CA ILE EB 77 -32.22 -27.38 69.49
C ILE EB 77 -33.63 -26.90 69.83
N PHE EB 78 -34.22 -27.50 70.86
CA PHE EB 78 -35.55 -27.06 71.30
C PHE EB 78 -35.49 -25.65 71.86
N TRP EB 79 -34.42 -25.32 72.57
CA TRP EB 79 -34.26 -23.96 73.10
C TRP EB 79 -34.22 -22.94 71.97
N ARG EB 80 -33.49 -23.25 70.90
CA ARG EB 80 -33.42 -22.34 69.76
C ARG EB 80 -34.75 -22.27 69.01
N THR EB 81 -35.50 -23.37 68.98
CA THR EB 81 -36.82 -23.34 68.35
C THR EB 81 -37.77 -22.44 69.13
N VAL EB 82 -37.72 -22.49 70.46
CA VAL EB 82 -38.53 -21.58 71.27
C VAL EB 82 -38.06 -20.15 71.08
N ARG EB 83 -36.75 -19.95 70.93
CA ARG EB 83 -36.22 -18.59 70.76
C ARG EB 83 -36.72 -17.96 69.47
N GLY EB 84 -36.96 -18.76 68.44
CA GLY EB 84 -37.50 -18.22 67.20
C GLY EB 84 -38.95 -17.81 67.31
N MET EB 85 -39.62 -18.19 68.39
CA MET EB 85 -40.99 -17.79 68.66
C MET EB 85 -41.08 -16.68 69.71
N LEU EB 86 -40.01 -16.17 70.14
CA LEU EB 86 -40.04 -15.09 71.10
C LEU EB 86 -39.46 -13.82 70.48
N PRO EB 87 -39.84 -12.64 70.99
CA PRO EB 87 -39.15 -11.41 70.59
C PRO EB 87 -37.83 -11.25 71.35
N HIS EB 88 -36.88 -12.14 71.05
CA HIS EB 88 -35.69 -12.30 71.86
C HIS EB 88 -34.72 -11.13 71.77
N LYS EB 89 -34.96 -10.18 70.86
CA LYS EB 89 -34.10 -9.02 70.75
C LYS EB 89 -34.59 -7.84 71.59
N THR EB 90 -35.72 -7.98 72.28
CA THR EB 90 -36.18 -6.99 73.23
C THR EB 90 -36.00 -7.51 74.64
N LYS EB 91 -36.02 -6.59 75.60
CA LYS EB 91 -35.81 -6.96 76.99
C LYS EB 91 -36.94 -7.85 77.50
N ARG EB 92 -38.13 -7.73 76.92
CA ARG EB 92 -39.25 -8.58 77.33
C ARG EB 92 -39.05 -10.01 76.83
N GLY EB 93 -38.56 -10.17 75.61
CA GLY EB 93 -38.31 -11.50 75.09
C GLY EB 93 -37.12 -12.18 75.74
N GLN EB 94 -36.12 -11.38 76.12
CA GLN EB 94 -34.97 -11.94 76.84
C GLN EB 94 -35.37 -12.41 78.23
N ALA EB 95 -36.23 -11.65 78.91
CA ALA EB 95 -36.71 -12.08 80.22
C ALA EB 95 -37.54 -13.35 80.12
N ALA EB 96 -38.37 -13.46 79.08
CA ALA EB 96 -39.14 -14.68 78.86
C ALA EB 96 -38.22 -15.85 78.58
N LEU EB 97 -37.16 -15.62 77.79
CA LEU EB 97 -36.21 -16.68 77.47
C LEU EB 97 -35.50 -17.17 78.73
N ASP EB 98 -35.33 -16.30 79.72
CA ASP EB 98 -34.64 -16.69 80.94
C ASP EB 98 -35.53 -17.55 81.84
N ARG EB 99 -36.84 -17.51 81.64
CA ARG EB 99 -37.75 -18.32 82.43
C ARG EB 99 -37.82 -19.76 81.95
N LEU EB 100 -37.19 -20.08 80.83
CA LEU EB 100 -37.24 -21.41 80.23
C LEU EB 100 -35.90 -22.11 80.40
N LYS EB 101 -35.95 -23.33 80.91
CA LYS EB 101 -34.78 -24.18 81.06
C LYS EB 101 -35.05 -25.50 80.35
N VAL EB 102 -34.04 -26.01 79.65
CA VAL EB 102 -34.17 -27.21 78.84
C VAL EB 102 -33.07 -28.19 79.20
N PHE EB 103 -33.42 -29.48 79.24
CA PHE EB 103 -32.48 -30.51 79.61
C PHE EB 103 -32.64 -31.72 78.71
N ASP EB 104 -31.51 -32.34 78.35
CA ASP EB 104 -31.52 -33.70 77.84
C ASP EB 104 -31.61 -34.64 79.03
N GLY EB 105 -32.47 -35.64 78.93
CA GLY EB 105 -32.72 -36.49 80.07
C GLY EB 105 -33.44 -35.73 81.18
N ILE EB 106 -33.42 -36.31 82.36
CA ILE EB 106 -34.04 -35.66 83.52
C ILE EB 106 -33.00 -35.50 84.63
N PRO EB 107 -32.51 -34.30 84.89
CA PRO EB 107 -31.51 -34.11 85.95
C PRO EB 107 -32.13 -34.31 87.33
N PRO EB 108 -31.30 -34.51 88.34
CA PRO EB 108 -31.80 -34.82 89.70
C PRO EB 108 -32.72 -33.76 90.30
N PRO EB 109 -32.60 -32.47 89.96
CA PRO EB 109 -33.60 -31.53 90.50
C PRO EB 109 -35.02 -31.85 90.10
N TYR EB 110 -35.25 -32.41 88.91
CA TYR EB 110 -36.58 -32.62 88.39
C TYR EB 110 -36.97 -34.08 88.22
N ASP EB 111 -36.09 -35.02 88.54
CA ASP EB 111 -36.43 -36.43 88.35
C ASP EB 111 -37.28 -36.99 89.47
N LYS EB 112 -37.40 -36.26 90.59
CA LYS EB 112 -38.28 -36.65 91.68
C LYS EB 112 -39.61 -35.89 91.65
N LYS EB 113 -39.88 -35.15 90.58
CA LYS EB 113 -41.10 -34.37 90.47
C LYS EB 113 -41.99 -34.95 89.38
N LYS EB 114 -43.31 -34.88 89.61
CA LYS EB 114 -44.27 -35.28 88.60
C LYS EB 114 -44.17 -34.35 87.39
N ARG EB 115 -44.19 -34.94 86.20
CA ARG EB 115 -43.96 -34.19 84.96
C ARG EB 115 -45.26 -34.07 84.19
N MET EB 116 -45.54 -32.86 83.71
CA MET EB 116 -46.75 -32.55 82.96
C MET EB 116 -46.60 -32.99 81.50
N VAL EB 117 -47.68 -32.81 80.75
CA VAL EB 117 -47.81 -33.21 79.37
C VAL EB 117 -48.74 -32.23 78.68
N VAL EB 118 -48.40 -31.85 77.45
CA VAL EB 118 -49.25 -30.97 76.65
C VAL EB 118 -49.97 -31.82 75.61
N PRO EB 119 -51.26 -32.13 75.80
CA PRO EB 119 -51.98 -32.92 74.79
C PRO EB 119 -52.04 -32.28 73.42
N ALA EB 120 -52.10 -30.95 73.36
CA ALA EB 120 -52.18 -30.27 72.08
C ALA EB 120 -50.89 -30.38 71.27
N ALA EB 121 -49.82 -30.88 71.86
CA ALA EB 121 -48.55 -31.01 71.16
C ALA EB 121 -48.07 -32.46 71.09
N LEU EB 122 -48.93 -33.43 71.40
CA LEU EB 122 -48.52 -34.82 71.41
C LEU EB 122 -48.63 -35.43 70.02
N LYS EB 123 -47.69 -36.33 69.71
CA LYS EB 123 -47.67 -36.97 68.41
C LYS EB 123 -48.85 -37.92 68.21
N VAL EB 124 -49.33 -38.54 69.30
CA VAL EB 124 -50.39 -39.52 69.18
C VAL EB 124 -51.69 -38.89 68.69
N VAL EB 125 -51.93 -37.62 69.03
CA VAL EB 125 -53.20 -37.00 68.71
C VAL EB 125 -53.05 -35.99 67.58
N ARG EB 126 -51.85 -35.43 67.41
CA ARG EB 126 -51.64 -34.41 66.39
C ARG EB 126 -51.15 -34.97 65.07
N LEU EB 127 -50.86 -36.26 64.99
CA LEU EB 127 -50.30 -36.84 63.79
C LEU EB 127 -51.07 -38.08 63.42
N LYS EB 128 -51.31 -38.27 62.12
CA LYS EB 128 -52.01 -39.46 61.66
C LYS EB 128 -51.14 -40.69 61.92
N PRO EB 129 -51.74 -41.82 62.27
CA PRO EB 129 -50.95 -42.99 62.66
C PRO EB 129 -50.06 -43.55 61.56
N THR EB 130 -50.33 -43.25 60.29
CA THR EB 130 -49.54 -43.77 59.19
C THR EB 130 -48.44 -42.83 58.73
N ARG EB 131 -48.32 -41.65 59.34
CA ARG EB 131 -47.29 -40.70 58.94
C ARG EB 131 -45.98 -41.01 59.64
N LYS EB 132 -44.88 -40.74 58.94
CA LYS EB 132 -43.56 -40.97 59.50
C LYS EB 132 -43.12 -39.79 60.36
N PHE EB 133 -42.17 -40.06 61.25
CA PHE EB 133 -41.63 -39.03 62.11
C PHE EB 133 -40.20 -39.38 62.50
N ALA EB 134 -39.49 -38.39 63.00
CA ALA EB 134 -38.10 -38.54 63.42
C ALA EB 134 -37.99 -38.22 64.90
N TYR EB 135 -36.93 -38.72 65.51
CA TYR EB 135 -36.63 -38.46 66.91
C TYR EB 135 -35.55 -37.40 67.00
N LEU EB 136 -35.74 -36.45 67.92
CA LEU EB 136 -34.76 -35.38 68.09
C LEU EB 136 -33.45 -35.92 68.63
N GLY EB 137 -33.50 -36.99 69.42
CA GLY EB 137 -32.27 -37.59 69.90
C GLY EB 137 -31.44 -38.21 68.80
N ARG EB 138 -32.09 -38.94 67.89
CA ARG EB 138 -31.37 -39.54 66.78
C ARG EB 138 -30.90 -38.49 65.80
N LEU EB 139 -31.74 -37.50 65.51
CA LEU EB 139 -31.37 -36.43 64.60
C LEU EB 139 -30.17 -35.66 65.12
N ALA EB 140 -30.16 -35.34 66.42
CA ALA EB 140 -29.04 -34.59 66.99
C ALA EB 140 -27.77 -35.43 67.01
N HIS EB 141 -27.89 -36.72 67.34
CA HIS EB 141 -26.72 -37.58 67.43
C HIS EB 141 -26.01 -37.70 66.08
N GLU EB 142 -26.77 -37.80 65.00
CA GLU EB 142 -26.22 -37.98 63.68
C GLU EB 142 -25.84 -36.68 63.00
N VAL EB 143 -25.81 -35.57 63.75
CA VAL EB 143 -25.42 -34.29 63.20
C VAL EB 143 -24.38 -33.58 64.06
N GLY EB 144 -23.97 -34.19 65.18
CA GLY EB 144 -22.88 -33.63 65.94
C GLY EB 144 -22.97 -33.80 67.45
N TRP EB 145 -24.10 -34.27 67.94
CA TRP EB 145 -24.26 -34.48 69.38
C TRP EB 145 -23.35 -35.62 69.85
N LYS EB 146 -22.72 -35.42 71.00
CA LYS EB 146 -21.71 -36.34 71.50
C LYS EB 146 -22.16 -37.15 72.71
N TYR EB 147 -23.39 -36.98 73.18
CA TYR EB 147 -23.79 -37.55 74.45
C TYR EB 147 -25.07 -38.32 74.33
N GLN EB 148 -25.32 -38.96 73.19
CA GLN EB 148 -26.49 -39.82 73.09
C GLN EB 148 -26.31 -41.07 73.94
N ALA EB 149 -25.10 -41.61 73.99
CA ALA EB 149 -24.86 -42.86 74.71
C ALA EB 149 -24.93 -42.65 76.22
N VAL EB 150 -24.25 -41.62 76.72
CA VAL EB 150 -24.19 -41.41 78.17
C VAL EB 150 -25.55 -41.00 78.71
N THR EB 151 -26.32 -40.22 77.95
CA THR EB 151 -27.68 -39.90 78.37
C THR EB 151 -28.57 -41.14 78.34
N ALA EB 152 -28.30 -42.06 77.41
CA ALA EB 152 -29.07 -43.29 77.36
C ALA EB 152 -28.86 -44.14 78.60
N THR EB 153 -27.60 -44.28 79.05
CA THR EB 153 -27.34 -45.10 80.23
C THR EB 153 -27.84 -44.43 81.49
N LEU EB 154 -27.73 -43.10 81.57
CA LEU EB 154 -28.22 -42.40 82.75
C LEU EB 154 -29.74 -42.41 82.81
N GLU EB 155 -30.40 -42.41 81.65
CA GLU EB 155 -31.86 -42.53 81.64
C GLU EB 155 -32.30 -43.92 82.07
N GLU EB 156 -31.50 -44.93 81.74
CA GLU EB 156 -31.82 -46.29 82.19
C GLU EB 156 -31.67 -46.42 83.70
N LYS EB 157 -30.63 -45.80 84.26
CA LYS EB 157 -30.46 -45.81 85.71
C LYS EB 157 -31.58 -45.08 86.41
N ARG EB 158 -32.01 -43.94 85.85
CA ARG EB 158 -33.13 -43.20 86.44
C ARG EB 158 -34.41 -44.00 86.40
N LYS EB 159 -34.64 -44.73 85.31
CA LYS EB 159 -35.86 -45.52 85.19
C LYS EB 159 -35.84 -46.70 86.14
N GLU EB 160 -34.65 -47.25 86.42
CA GLU EB 160 -34.55 -48.35 87.38
C GLU EB 160 -34.92 -47.88 88.78
N LYS EB 161 -34.45 -46.69 89.16
CA LYS EB 161 -34.76 -46.17 90.48
C LYS EB 161 -36.23 -45.76 90.59
N ALA EB 162 -36.80 -45.29 89.48
CA ALA EB 162 -38.21 -44.89 89.50
C ALA EB 162 -39.13 -46.09 89.60
N LYS EB 163 -38.73 -47.23 89.03
CA LYS EB 163 -39.52 -48.44 89.15
C LYS EB 163 -39.59 -48.89 90.61
N ILE EB 164 -38.48 -48.79 91.34
CA ILE EB 164 -38.46 -49.16 92.74
C ILE EB 164 -39.39 -48.24 93.54
N HIS EB 165 -39.34 -46.94 93.26
CA HIS EB 165 -40.22 -46.00 93.95
C HIS EB 165 -41.69 -46.29 93.64
N TYR EB 166 -41.99 -46.66 92.40
CA TYR EB 166 -43.38 -46.93 92.01
C TYR EB 166 -43.91 -48.17 92.70
N ARG EB 167 -43.06 -49.17 92.91
CA ARG EB 167 -43.52 -50.38 93.59
C ARG EB 167 -43.70 -50.14 95.07
N LYS EB 168 -43.03 -49.13 95.62
CA LYS EB 168 -43.33 -48.69 96.98
C LYS EB 168 -44.65 -47.95 97.03
N LYS EB 169 -44.95 -47.17 96.00
CA LYS EB 169 -46.23 -46.46 95.93
C LYS EB 169 -47.38 -47.45 95.76
N LYS EB 170 -47.18 -48.49 94.96
CA LYS EB 170 -48.20 -49.53 94.83
C LYS EB 170 -48.40 -50.26 96.16
N GLN EB 171 -47.31 -50.55 96.86
CA GLN EB 171 -47.42 -51.22 98.15
C GLN EB 171 -48.12 -50.34 99.17
N LEU EB 172 -47.97 -49.02 99.04
CA LEU EB 172 -48.66 -48.10 99.94
C LEU EB 172 -50.15 -48.04 99.61
N MET EB 173 -50.49 -47.97 98.33
CA MET EB 173 -51.89 -47.87 97.94
C MET EB 173 -52.64 -49.18 98.23
N ARG EB 174 -51.96 -50.31 98.09
CA ARG EB 174 -52.56 -51.59 98.46
C ARG EB 174 -52.87 -51.63 99.94
N LEU EB 175 -51.96 -51.09 100.76
CA LEU EB 175 -52.20 -51.04 102.20
C LEU EB 175 -53.33 -50.08 102.53
N ARG EB 176 -53.42 -48.95 101.81
CA ARG EB 176 -54.45 -47.97 102.11
C ARG EB 176 -55.84 -48.48 101.75
N LYS EB 177 -55.98 -49.14 100.60
CA LYS EB 177 -57.26 -49.71 100.23
C LYS EB 177 -57.67 -50.81 101.20
N GLN EB 178 -56.71 -51.60 101.68
CA GLN EB 178 -57.00 -52.59 102.71
C GLN EB 178 -57.43 -51.92 104.00
N ALA EB 179 -56.83 -50.77 104.33
CA ALA EB 179 -57.21 -50.05 105.54
C ALA EB 179 -58.65 -49.58 105.47
N GLU EB 180 -59.09 -49.10 104.31
CA GLU EB 180 -60.47 -48.64 104.16
C GLU EB 180 -61.48 -49.76 104.37
N LYS EB 181 -61.05 -51.02 104.27
CA LYS EB 181 -61.92 -52.13 104.66
C LYS EB 181 -61.83 -52.40 106.15
N ASN EB 182 -60.64 -52.25 106.73
CA ASN EB 182 -60.46 -52.55 108.15
C ASN EB 182 -61.22 -51.57 109.03
N VAL EB 183 -61.04 -50.27 108.79
CA VAL EB 183 -61.85 -49.24 109.42
C VAL EB 183 -62.96 -48.91 108.42
N GLU EB 184 -64.04 -49.68 108.49
CA GLU EB 184 -65.20 -49.50 107.64
C GLU EB 184 -66.42 -49.01 108.41
N LYS EB 185 -66.61 -49.51 109.63
CA LYS EB 185 -67.77 -49.11 110.42
C LYS EB 185 -67.62 -47.70 110.98
N LYS EB 186 -66.39 -47.28 111.28
CA LYS EB 186 -66.15 -45.95 111.82
C LYS EB 186 -65.75 -44.95 110.74
N ILE EB 187 -65.95 -45.29 109.47
CA ILE EB 187 -65.57 -44.42 108.36
C ILE EB 187 -66.82 -44.10 107.54
N ASP EB 188 -67.81 -45.01 107.56
CA ASP EB 188 -68.99 -44.85 106.73
C ASP EB 188 -69.80 -43.61 107.09
N LYS EB 189 -69.66 -43.09 108.32
CA LYS EB 189 -70.31 -41.84 108.67
C LYS EB 189 -69.79 -40.69 107.81
N TYR EB 190 -68.48 -40.68 107.57
CA TYR EB 190 -67.86 -39.66 106.74
C TYR EB 190 -67.85 -40.03 105.27
N THR EB 191 -67.99 -41.31 104.95
CA THR EB 191 -68.07 -41.72 103.55
C THR EB 191 -69.40 -41.32 102.93
N GLU EB 192 -70.49 -41.45 103.69
CA GLU EB 192 -71.80 -41.09 103.15
C GLU EB 192 -71.89 -39.60 102.85
N VAL EB 193 -71.24 -38.77 103.65
CA VAL EB 193 -71.19 -37.35 103.37
C VAL EB 193 -70.47 -37.09 102.05
N LEU EB 194 -69.36 -37.79 101.83
CA LEU EB 194 -68.60 -37.62 100.59
C LEU EB 194 -69.40 -38.05 99.37
N LYS EB 195 -70.09 -39.19 99.47
CA LYS EB 195 -70.78 -39.75 98.32
C LYS EB 195 -71.93 -38.86 97.85
N THR EB 196 -72.68 -38.27 98.79
CA THR EB 196 -73.80 -37.42 98.40
C THR EB 196 -73.35 -36.12 97.75
N HIS EB 197 -72.08 -35.76 97.88
CA HIS EB 197 -71.55 -34.55 97.26
C HIS EB 197 -70.58 -34.85 96.14
N GLY EB 198 -70.66 -36.03 95.53
CA GLY EB 198 -69.95 -36.35 94.32
C GLY EB 198 -68.60 -37.00 94.52
N LEU EB 199 -67.82 -36.54 95.49
CA LEU EB 199 -66.53 -37.14 95.76
C LEU EB 199 -66.71 -38.58 96.21
N LEU EB 200 -65.77 -39.44 95.81
CA LEU EB 200 -65.74 -40.84 96.25
C LEU EB 200 -67.02 -41.58 95.85
N VAL EB 201 -67.17 -41.77 94.55
CA VAL EB 201 -68.23 -42.58 93.94
C VAL EB 201 -68.57 -43.82 94.74
N VAL FB 1 -9.06 34.75 94.50
CA VAL FB 1 -9.37 33.91 93.35
C VAL FB 1 -10.47 32.92 93.73
N ARG FB 2 -11.22 32.44 92.75
CA ARG FB 2 -12.33 31.53 92.98
C ARG FB 2 -11.89 30.10 92.65
N TYR FB 3 -11.69 29.30 93.69
CA TYR FB 3 -11.51 27.87 93.51
C TYR FB 3 -12.86 27.21 93.29
N SER FB 4 -12.89 26.21 92.42
CA SER FB 4 -14.02 25.30 92.41
C SER FB 4 -13.89 24.34 93.58
N LEU FB 5 -15.03 23.88 94.09
CA LEU FB 5 -15.07 22.96 95.22
C LEU FB 5 -14.37 23.54 96.45
N ASP FB 6 -14.96 24.60 96.98
CA ASP FB 6 -14.45 25.16 98.22
C ASP FB 6 -14.45 24.11 99.32
N PRO FB 7 -13.44 24.09 100.19
CA PRO FB 7 -13.31 22.99 101.15
C PRO FB 7 -14.45 22.99 102.17
N GLU FB 8 -14.72 21.81 102.72
CA GLU FB 8 -15.80 21.66 103.69
C GLU FB 8 -15.56 22.50 104.93
N ASN FB 9 -14.32 22.81 105.24
CA ASN FB 9 -13.97 23.74 106.29
C ASN FB 9 -12.60 24.34 106.00
N PRO FB 10 -12.52 25.65 105.74
CA PRO FB 10 -11.24 26.24 105.35
C PRO FB 10 -10.36 26.61 106.54
N THR FB 11 -10.24 25.70 107.49
CA THR FB 11 -9.30 25.84 108.59
C THR FB 11 -8.39 24.63 108.73
N LYS FB 12 -8.85 23.44 108.36
CA LYS FB 12 -8.01 22.28 108.20
C LYS FB 12 -7.65 22.04 106.73
N SER FB 13 -7.56 23.12 105.96
CA SER FB 13 -7.37 23.03 104.52
C SER FB 13 -6.26 23.99 104.08
N CYS FB 14 -5.61 23.65 102.98
CA CYS FB 14 -4.64 24.52 102.34
C CYS FB 14 -4.82 24.43 100.84
N LYS FB 15 -4.53 25.53 100.15
CA LYS FB 15 -4.76 25.64 98.71
C LYS FB 15 -3.47 26.00 97.99
N SER FB 16 -3.33 25.47 96.77
CA SER FB 16 -2.23 25.82 95.90
C SER FB 16 -2.77 25.98 94.48
N ARG FB 17 -2.10 26.81 93.70
CA ARG FB 17 -2.61 27.16 92.39
C ARG FB 17 -1.45 27.42 91.44
N GLY FB 18 -1.72 27.29 90.15
CA GLY FB 18 -0.78 27.65 89.11
C GLY FB 18 -1.54 27.95 87.83
N SER FB 19 -1.17 29.01 87.13
CA SER FB 19 -1.82 29.40 85.90
C SER FB 19 -0.82 29.42 84.76
N ASN FB 20 -1.29 29.03 83.57
CA ASN FB 20 -0.51 29.05 82.34
C ASN FB 20 0.77 28.23 82.47
N LEU FB 21 0.71 27.13 83.19
CA LEU FB 21 1.88 26.27 83.34
C LEU FB 21 2.14 25.52 82.04
N ARG FB 22 3.40 25.49 81.63
CA ARG FB 22 3.77 24.97 80.31
C ARG FB 22 4.01 23.47 80.36
N VAL FB 23 2.96 22.73 80.71
CA VAL FB 23 2.94 21.28 80.60
C VAL FB 23 1.70 20.88 79.80
N HIS FB 24 1.80 19.72 79.17
CA HIS FB 24 0.70 19.24 78.35
C HIS FB 24 -0.52 18.98 79.22
N PHE FB 25 -1.67 19.48 78.77
CA PHE FB 25 -2.90 19.34 79.55
C PHE FB 25 -3.27 17.87 79.71
N LYS FB 26 -3.18 17.09 78.63
CA LYS FB 26 -3.61 15.70 78.68
C LYS FB 26 -2.75 14.89 79.63
N ASN FB 27 -1.44 15.11 79.61
CA ASN FB 27 -0.55 14.38 80.51
C ASN FB 27 -0.82 14.76 81.96
N THR FB 28 -1.00 16.05 82.24
CA THR FB 28 -1.17 16.49 83.61
C THR FB 28 -2.54 16.08 84.17
N ARG FB 29 -3.55 15.98 83.31
CA ARG FB 29 -4.86 15.52 83.77
C ARG FB 29 -4.79 14.09 84.27
N GLU FB 30 -4.05 13.23 83.56
CA GLU FB 30 -3.93 11.84 83.99
C GLU FB 30 -3.10 11.74 85.27
N THR FB 31 -2.03 12.53 85.36
CA THR FB 31 -1.19 12.49 86.56
C THR FB 31 -1.95 13.00 87.78
N ALA FB 32 -2.74 14.05 87.61
CA ALA FB 32 -3.52 14.58 88.72
C ALA FB 32 -4.57 13.59 89.20
N GLN FB 33 -5.21 12.88 88.26
CA GLN FB 33 -6.20 11.89 88.63
C GLN FB 33 -5.60 10.74 89.41
N ALA FB 34 -4.32 10.43 89.16
CA ALA FB 34 -3.67 9.35 89.90
C ALA FB 34 -3.42 9.73 91.35
N ILE FB 35 -2.99 10.96 91.60
CA ILE FB 35 -2.65 11.38 92.96
C ILE FB 35 -3.86 11.93 93.71
N LYS FB 36 -5.04 11.93 93.12
CA LYS FB 36 -6.23 12.43 93.80
C LYS FB 36 -6.64 11.45 94.90
N GLY FB 37 -6.89 11.99 96.10
CA GLY FB 37 -7.21 11.19 97.25
C GLY FB 37 -6.01 10.63 97.98
N MET FB 38 -4.82 10.79 97.44
CA MET FB 38 -3.62 10.23 98.05
C MET FB 38 -3.22 11.05 99.27
N HIS FB 39 -2.56 10.39 100.22
CA HIS FB 39 -1.85 11.11 101.26
C HIS FB 39 -0.71 11.90 100.65
N ILE FB 40 -0.35 13.01 101.30
CA ILE FB 40 0.66 13.89 100.72
C ILE FB 40 2.03 13.22 100.72
N ARG FB 41 2.31 12.39 101.72
CA ARG FB 41 3.57 11.66 101.73
C ARG FB 41 3.57 10.56 100.68
N LYS FB 42 2.42 9.91 100.47
CA LYS FB 42 2.30 8.91 99.43
C LYS FB 42 2.42 9.52 98.05
N ALA FB 43 1.84 10.71 97.87
CA ALA FB 43 1.86 11.35 96.56
C ALA FB 43 3.25 11.85 96.19
N THR FB 44 3.98 12.38 97.17
CA THR FB 44 5.34 12.85 96.90
C THR FB 44 6.25 11.70 96.50
N LYS FB 45 6.15 10.57 97.21
CA LYS FB 45 6.92 9.39 96.83
C LYS FB 45 6.49 8.87 95.46
N TYR FB 46 5.18 8.87 95.20
CA TYR FB 46 4.66 8.35 93.94
C TYR FB 46 5.13 9.20 92.76
N LEU FB 47 5.08 10.53 92.90
CA LEU FB 47 5.49 11.40 91.80
C LEU FB 47 6.98 11.36 91.58
N LYS FB 48 7.77 11.09 92.64
CA LYS FB 48 9.19 10.85 92.45
C LYS FB 48 9.43 9.54 91.71
N ASP FB 49 8.59 8.52 91.99
CA ASP FB 49 8.75 7.24 91.31
C ASP FB 49 8.36 7.34 89.85
N VAL FB 50 7.43 8.23 89.50
CA VAL FB 50 7.09 8.43 88.09
C VAL FB 50 8.29 8.96 87.33
N THR FB 51 9.05 9.86 87.94
CA THR FB 51 10.26 10.40 87.31
C THR FB 51 11.30 9.29 87.12
N LEU FB 52 11.42 8.39 88.08
CA LEU FB 52 12.36 7.28 88.00
C LEU FB 52 11.82 6.11 87.20
N GLN FB 53 10.59 6.20 86.69
CA GLN FB 53 9.94 5.14 85.92
C GLN FB 53 9.84 3.84 86.72
N LYS FB 54 9.50 3.98 88.01
CA LYS FB 54 9.21 2.84 88.86
C LYS FB 54 7.72 2.66 89.14
N GLN FB 55 6.93 3.73 88.99
CA GLN FB 55 5.48 3.65 89.03
C GLN FB 55 4.95 4.54 87.91
N CYS FB 56 3.94 4.05 87.20
CA CYS FB 56 3.39 4.79 86.07
C CYS FB 56 2.07 5.44 86.47
N VAL FB 57 1.64 6.40 85.66
CA VAL FB 57 0.30 6.95 85.79
C VAL FB 57 -0.56 6.22 84.76
N PRO FB 58 -1.80 5.84 85.09
CA PRO FB 58 -2.65 5.20 84.09
C PRO FB 58 -3.33 6.25 83.21
N PHE FB 59 -3.07 6.17 81.91
CA PHE FB 59 -3.70 7.06 80.93
C PHE FB 59 -5.07 6.48 80.61
N ARG FB 60 -6.11 7.04 81.21
CA ARG FB 60 -7.44 6.45 81.13
C ARG FB 60 -8.33 7.11 80.08
N ARG FB 61 -8.33 8.43 79.98
CA ARG FB 61 -9.18 9.13 79.03
C ARG FB 61 -8.43 9.52 77.76
N TYR FB 62 -7.26 10.14 77.90
CA TYR FB 62 -6.45 10.55 76.76
C TYR FB 62 -5.38 9.49 76.49
N ASN FB 63 -5.87 8.35 76.01
CA ASN FB 63 -5.05 7.15 75.84
C ASN FB 63 -4.91 6.74 74.38
N GLY FB 64 -5.16 7.64 73.44
CA GLY FB 64 -5.02 7.30 72.04
C GLY FB 64 -3.57 7.11 71.63
N GLY FB 65 -3.19 5.87 71.37
CA GLY FB 65 -1.84 5.54 71.00
C GLY FB 65 -0.89 5.34 72.16
N VAL FB 66 -1.35 5.49 73.40
CA VAL FB 66 -0.48 5.29 74.55
C VAL FB 66 -0.16 3.81 74.68
N GLY FB 67 1.11 3.50 74.83
CA GLY FB 67 1.54 2.11 74.88
C GLY FB 67 1.21 1.45 76.19
N ARG FB 68 1.37 0.13 76.20
CA ARG FB 68 1.13 -0.68 77.37
C ARG FB 68 2.38 -0.77 78.24
N CYS FB 69 2.18 -1.11 79.50
CA CYS FB 69 3.29 -1.31 80.42
C CYS FB 69 2.86 -2.29 81.50
N ALA FB 70 3.85 -2.87 82.17
CA ALA FB 70 3.56 -3.82 83.24
C ALA FB 70 3.08 -3.13 84.50
N GLN FB 71 3.49 -1.87 84.69
CA GLN FB 71 3.16 -1.16 85.91
C GLN FB 71 1.75 -0.58 85.91
N ALA FB 72 1.03 -0.70 84.80
CA ALA FB 72 -0.37 -0.28 84.78
C ALA FB 72 -1.27 -1.28 85.48
N LYS FB 73 -0.77 -2.46 85.84
CA LYS FB 73 -1.58 -3.46 86.52
C LYS FB 73 -1.78 -3.14 87.98
N GLN FB 74 -0.96 -2.26 88.56
CA GLN FB 74 -1.22 -1.78 89.91
C GLN FB 74 -2.57 -1.09 89.97
N TRP FB 75 -2.84 -0.24 88.98
CA TRP FB 75 -4.17 0.27 88.72
C TRP FB 75 -4.96 -0.77 87.93
N GLY FB 76 -6.25 -0.52 87.74
CA GLY FB 76 -7.04 -1.46 86.99
C GLY FB 76 -7.01 -1.17 85.51
N TRP FB 77 -5.82 -1.04 84.94
CA TRP FB 77 -5.69 -0.51 83.59
C TRP FB 77 -4.59 -1.26 82.85
N THR FB 78 -4.39 -0.88 81.59
CA THR FB 78 -3.45 -1.52 80.70
C THR FB 78 -2.43 -0.56 80.11
N GLN FB 79 -2.82 0.68 79.85
CA GLN FB 79 -1.94 1.68 79.27
C GLN FB 79 -1.43 2.61 80.37
N GLY FB 80 -0.13 2.90 80.35
CA GLY FB 80 0.43 3.82 81.30
C GLY FB 80 1.71 4.44 80.76
N ARG FB 81 2.05 5.59 81.31
CA ARG FB 81 3.25 6.32 80.94
C ARG FB 81 3.86 6.93 82.19
N TRP FB 82 4.98 7.63 81.99
CA TRP FB 82 5.71 8.26 83.09
C TRP FB 82 6.02 9.70 82.74
N PRO FB 83 5.02 10.57 82.74
CA PRO FB 83 5.24 11.96 82.31
C PRO FB 83 6.09 12.72 83.29
N LYS FB 84 7.36 12.96 82.92
CA LYS FB 84 8.29 13.59 83.83
C LYS FB 84 7.92 15.03 84.10
N LYS FB 85 7.59 15.79 83.05
CA LYS FB 85 7.31 17.21 83.23
C LYS FB 85 6.02 17.43 84.01
N SER FB 86 5.01 16.58 83.80
CA SER FB 86 3.78 16.70 84.57
C SER FB 86 4.01 16.36 86.03
N ALA FB 87 4.88 15.39 86.30
CA ALA FB 87 5.16 15.01 87.68
C ALA FB 87 5.94 16.08 88.42
N GLU FB 88 6.89 16.72 87.74
CA GLU FB 88 7.69 17.75 88.40
C GLU FB 88 6.87 18.99 88.71
N PHE FB 89 5.96 19.37 87.80
CA PHE FB 89 5.11 20.53 88.03
C PHE FB 89 4.17 20.29 89.19
N LEU FB 90 3.63 19.07 89.31
CA LEU FB 90 2.77 18.76 90.44
C LEU FB 90 3.55 18.62 91.73
N LEU FB 91 4.84 18.26 91.65
CA LEU FB 91 5.66 18.20 92.85
C LEU FB 91 5.94 19.60 93.40
N HIS FB 92 6.16 20.57 92.51
CA HIS FB 92 6.32 21.95 92.96
C HIS FB 92 5.03 22.48 93.57
N MET FB 93 3.89 22.12 93.00
CA MET FB 93 2.61 22.55 93.56
C MET FB 93 2.33 21.88 94.90
N LEU FB 94 2.78 20.64 95.06
CA LEU FB 94 2.66 19.97 96.34
C LEU FB 94 3.55 20.63 97.38
N LYS FB 95 4.74 21.06 96.98
CA LYS FB 95 5.63 21.76 97.91
C LYS FB 95 5.05 23.11 98.30
N ASN FB 96 4.49 23.84 97.34
CA ASN FB 96 3.90 25.14 97.64
C ASN FB 96 2.68 24.97 98.54
N ALA FB 97 1.87 23.94 98.30
CA ALA FB 97 0.72 23.68 99.15
C ALA FB 97 1.16 23.32 100.56
N GLU FB 98 2.22 22.53 100.68
CA GLU FB 98 2.70 22.12 102.00
C GLU FB 98 3.24 23.31 102.78
N SER FB 99 3.93 24.24 102.12
CA SER FB 99 4.40 25.44 102.80
C SER FB 99 3.24 26.32 103.20
N ASN FB 100 2.16 26.32 102.42
CA ASN FB 100 0.96 27.04 102.81
C ASN FB 100 0.31 26.40 104.03
N ALA FB 101 0.39 25.07 104.12
CA ALA FB 101 -0.13 24.37 105.30
C ALA FB 101 0.65 24.76 106.55
N GLU FB 102 1.98 24.86 106.43
CA GLU FB 102 2.80 25.27 107.56
C GLU FB 102 2.47 26.69 108.00
N LEU FB 103 2.22 27.58 107.05
CA LEU FB 103 1.86 28.95 107.38
C LEU FB 103 0.52 29.00 108.09
N LYS FB 104 -0.42 28.14 107.72
CA LYS FB 104 -1.72 28.09 108.38
C LYS FB 104 -1.65 27.39 109.73
N GLY FB 105 -0.49 26.82 110.09
CA GLY FB 105 -0.31 26.26 111.41
C GLY FB 105 -0.76 24.84 111.59
N LEU FB 106 -1.25 24.18 110.54
CA LEU FB 106 -1.72 22.81 110.63
C LEU FB 106 -0.64 21.86 110.17
N ASP FB 107 -0.50 20.73 110.87
CA ASP FB 107 0.61 19.82 110.61
C ASP FB 107 0.46 19.16 109.24
N VAL FB 108 1.59 18.91 108.57
CA VAL FB 108 1.58 18.50 107.18
C VAL FB 108 1.63 17.00 107.01
N ASP FB 109 1.67 16.23 108.10
CA ASP FB 109 1.75 14.78 108.02
C ASP FB 109 0.39 14.10 107.98
N SER FB 110 -0.69 14.88 107.97
CA SER FB 110 -2.04 14.32 107.88
C SER FB 110 -2.78 14.81 106.64
N LEU FB 111 -2.07 15.43 105.69
CA LEU FB 111 -2.71 16.04 104.55
C LEU FB 111 -3.04 15.01 103.48
N VAL FB 112 -4.21 15.16 102.87
CA VAL FB 112 -4.70 14.31 101.80
C VAL FB 112 -5.19 15.21 100.68
N ILE FB 113 -4.87 14.86 99.45
CA ILE FB 113 -5.24 15.70 98.31
C ILE FB 113 -6.71 15.45 98.00
N GLU FB 114 -7.60 16.21 98.64
CA GLU FB 114 -9.02 15.96 98.46
C GLU FB 114 -9.54 16.52 97.16
N HIS FB 115 -8.94 17.58 96.63
CA HIS FB 115 -9.38 18.17 95.39
C HIS FB 115 -8.16 18.49 94.53
N ILE FB 116 -8.25 18.16 93.25
CA ILE FB 116 -7.24 18.54 92.28
C ILE FB 116 -7.92 18.64 90.93
N GLN FB 117 -7.51 19.61 90.13
CA GLN FB 117 -8.20 19.88 88.88
C GLN FB 117 -7.26 20.56 87.91
N VAL FB 118 -7.28 20.10 86.66
CA VAL FB 118 -6.47 20.65 85.59
C VAL FB 118 -7.42 21.20 84.52
N ASN FB 119 -7.30 22.49 84.24
CA ASN FB 119 -8.08 23.17 83.22
C ASN FB 119 -7.16 23.54 82.06
N LYS FB 120 -7.75 23.85 80.92
CA LYS FB 120 -6.98 24.25 79.76
C LYS FB 120 -6.69 25.74 79.80
N ALA FB 121 -5.42 26.10 79.68
CA ALA FB 121 -5.00 27.49 79.60
C ALA FB 121 -5.10 27.96 78.16
N PRO FB 122 -5.09 29.27 77.92
CA PRO FB 122 -5.09 29.76 76.53
C PRO FB 122 -3.88 29.25 75.76
N LYS FB 123 -4.12 28.75 74.55
CA LYS FB 123 -3.07 28.12 73.77
C LYS FB 123 -2.09 29.16 73.24
N MET FB 124 -0.83 28.75 73.15
CA MET FB 124 0.24 29.60 72.65
C MET FB 124 0.59 29.15 71.23
N ARG FB 125 0.68 30.11 70.32
CA ARG FB 125 0.75 29.82 68.90
C ARG FB 125 2.19 29.78 68.41
N ARG FB 126 2.55 28.72 67.72
CA ARG FB 126 3.81 28.62 67.00
C ARG FB 126 3.51 28.15 65.58
N ARG FB 127 4.57 27.93 64.80
CA ARG FB 127 4.41 27.77 63.36
C ARG FB 127 5.25 26.60 62.88
N THR FB 128 4.68 25.82 61.96
CA THR FB 128 5.39 24.72 61.31
C THR FB 128 5.24 24.87 59.81
N TYR FB 129 6.19 24.28 59.08
CA TYR FB 129 6.28 24.42 57.63
C TYR FB 129 6.07 23.07 56.97
N ARG FB 130 5.14 23.02 56.02
CA ARG FB 130 4.69 21.78 55.40
C ARG FB 130 5.08 21.74 53.93
N ALA FB 131 4.54 20.74 53.23
CA ALA FB 131 5.11 20.30 51.96
C ALA FB 131 5.03 21.37 50.89
N HIS FB 132 3.82 21.69 50.43
CA HIS FB 132 3.67 22.50 49.23
C HIS FB 132 3.45 23.97 49.58
N GLY FB 133 4.47 24.55 50.23
CA GLY FB 133 4.44 25.94 50.61
C GLY FB 133 3.32 26.29 51.57
N ARG FB 134 3.02 25.41 52.52
CA ARG FB 134 1.87 25.57 53.40
C ARG FB 134 2.33 25.79 54.84
N ILE FB 135 1.47 26.46 55.60
CA ILE FB 135 1.71 26.79 56.99
C ILE FB 135 0.59 26.18 57.82
N ASN FB 136 0.95 25.49 58.90
CA ASN FB 136 -0.01 24.92 59.82
C ASN FB 136 0.35 25.29 61.24
N PRO FB 137 -0.63 25.31 62.14
CA PRO FB 137 -0.35 25.66 63.54
C PRO FB 137 0.53 24.64 64.23
N TYR FB 138 1.26 25.13 65.23
CA TYR FB 138 2.12 24.33 66.09
C TYR FB 138 1.86 24.69 67.55
N MET FB 139 0.57 24.73 67.89
CA MET FB 139 0.14 25.31 69.16
C MET FB 139 0.58 24.46 70.36
N SER FB 140 0.75 25.14 71.48
CA SER FB 140 1.01 24.52 72.77
C SER FB 140 -0.29 24.48 73.57
N SER FB 141 -0.35 23.54 74.52
CA SER FB 141 -1.54 23.33 75.34
C SER FB 141 -1.14 23.43 76.81
N PRO FB 142 -0.99 24.63 77.33
CA PRO FB 142 -0.70 24.81 78.76
C PRO FB 142 -1.94 24.51 79.59
N CYS FB 143 -1.82 24.69 80.91
CA CYS FB 143 -2.91 24.31 81.78
C CYS FB 143 -2.84 25.09 83.08
N HIS FB 144 -4.03 25.31 83.66
CA HIS FB 144 -4.16 25.79 85.03
C HIS FB 144 -4.37 24.60 85.96
N ILE FB 145 -3.65 24.58 87.07
CA ILE FB 145 -3.78 23.51 88.05
C ILE FB 145 -4.12 24.12 89.40
N GLU FB 146 -5.12 23.55 90.07
CA GLU FB 146 -5.46 23.95 91.43
C GLU FB 146 -5.63 22.70 92.28
N MET FB 147 -5.37 22.85 93.58
CA MET FB 147 -5.48 21.72 94.48
C MET FB 147 -5.86 22.21 95.87
N ILE FB 148 -6.48 21.32 96.64
CA ILE FB 148 -6.85 21.57 98.02
C ILE FB 148 -6.49 20.33 98.84
N LEU FB 149 -5.74 20.53 99.91
CA LEU FB 149 -5.34 19.44 100.80
C LEU FB 149 -5.99 19.63 102.16
N THR FB 150 -6.44 18.52 102.75
CA THR FB 150 -7.17 18.58 104.00
C THR FB 150 -6.58 17.59 105.00
N GLU FB 151 -6.69 17.94 106.28
CA GLU FB 151 -6.24 17.05 107.36
C GLU FB 151 -7.26 15.94 107.57
N LYS FB 152 -6.77 14.70 107.65
CA LYS FB 152 -7.60 13.58 108.04
C LYS FB 152 -6.70 12.42 108.44
N GLU FB 153 -6.85 11.94 109.66
CA GLU FB 153 -6.07 10.82 110.17
C GLU FB 153 -6.81 10.12 111.31
N GLY GB 1 -65.06 10.21 55.47
CA GLY GB 1 -65.11 11.49 54.81
C GLY GB 1 -66.37 11.66 53.98
N VAL GB 2 -66.65 12.90 53.58
CA VAL GB 2 -67.81 13.22 52.78
C VAL GB 2 -67.37 13.73 51.42
N ASP GB 3 -68.19 13.46 50.40
CA ASP GB 3 -67.85 13.83 49.03
C ASP GB 3 -68.48 15.19 48.72
N ILE GB 4 -67.89 16.22 49.33
CA ILE GB 4 -68.28 17.60 49.06
C ILE GB 4 -67.06 18.38 48.61
N ARG GB 5 -67.25 19.66 48.31
CA ARG GB 5 -66.19 20.52 47.81
C ARG GB 5 -66.25 21.83 48.57
N HIS GB 6 -65.10 22.27 49.09
CA HIS GB 6 -65.04 23.40 50.00
C HIS GB 6 -64.55 24.68 49.35
N ASN GB 7 -64.43 24.71 48.02
CA ASN GB 7 -63.91 25.90 47.36
C ASN GB 7 -64.93 27.03 47.28
N LYS GB 8 -66.22 26.73 47.45
CA LYS GB 8 -67.25 27.76 47.44
C LYS GB 8 -67.94 27.90 48.79
N ASP GB 9 -67.35 27.35 49.87
CA ASP GB 9 -67.99 27.40 51.18
C ASP GB 9 -68.11 28.83 51.68
N ARG GB 10 -67.06 29.62 51.54
CA ARG GB 10 -67.01 30.97 52.09
C ARG GB 10 -67.56 31.95 51.07
N LYS GB 11 -68.69 32.58 51.38
CA LYS GB 11 -69.29 33.56 50.49
C LYS GB 11 -68.56 34.90 50.62
N VAL GB 12 -68.10 35.42 49.49
CA VAL GB 12 -67.34 36.66 49.47
C VAL GB 12 -68.33 37.81 49.33
N ARG GB 13 -68.54 38.54 50.41
CA ARG GB 13 -69.43 39.69 50.40
C ARG GB 13 -69.08 40.60 51.56
N ARG GB 14 -69.44 41.87 51.42
CA ARG GB 14 -69.16 42.86 52.45
C ARG GB 14 -70.10 42.65 53.63
N LYS GB 15 -69.54 42.33 54.79
CA LYS GB 15 -70.30 42.22 56.02
C LYS GB 15 -70.23 43.47 56.88
N GLU GB 16 -69.45 44.46 56.46
CA GLU GB 16 -69.23 45.70 57.18
C GLU GB 16 -68.46 46.64 56.26
N PRO GB 17 -68.51 47.95 56.52
CA PRO GB 17 -67.70 48.87 55.70
C PRO GB 17 -66.22 48.71 56.00
N LYS GB 18 -65.43 48.68 54.95
CA LYS GB 18 -63.98 48.75 55.12
C LYS GB 18 -63.53 50.12 55.57
N SER GB 19 -64.39 51.12 55.45
CA SER GB 19 -64.09 52.47 55.90
C SER GB 19 -64.03 52.54 57.41
N GLN GB 20 -63.19 53.44 57.91
CA GLN GB 20 -63.09 53.71 59.34
C GLN GB 20 -63.85 54.96 59.75
N ASP GB 21 -64.69 55.50 58.85
CA ASP GB 21 -65.49 56.69 59.14
C ASP GB 21 -66.45 56.41 60.28
N ILE GB 22 -66.26 57.08 61.42
CA ILE GB 22 -67.10 56.82 62.58
C ILE GB 22 -68.52 57.31 62.34
N TYR GB 23 -68.70 58.34 61.51
CA TYR GB 23 -70.05 58.80 61.20
C TYR GB 23 -70.78 57.79 60.30
N LEU GB 24 -70.06 57.19 59.36
CA LEU GB 24 -70.66 56.13 58.55
C LEU GB 24 -71.00 54.91 59.40
N ARG GB 25 -70.11 54.55 60.34
CA ARG GB 25 -70.34 53.39 61.18
C ARG GB 25 -71.51 53.60 62.13
N LEU GB 26 -71.78 54.85 62.50
CA LEU GB 26 -72.90 55.12 63.41
C LEU GB 26 -74.23 54.86 62.73
N LEU GB 27 -74.40 55.31 61.49
CA LEU GB 27 -75.63 55.04 60.78
C LEU GB 27 -75.62 53.67 60.10
N VAL GB 28 -74.47 52.99 60.10
CA VAL GB 28 -74.48 51.55 59.84
C VAL GB 28 -75.08 50.81 61.03
N LYS GB 29 -74.77 51.26 62.24
CA LYS GB 29 -75.39 50.69 63.44
C LYS GB 29 -76.89 50.91 63.43
N LEU GB 30 -77.33 52.08 62.96
CA LEU GB 30 -78.76 52.39 62.95
C LEU GB 30 -79.51 51.50 61.98
N TYR GB 31 -78.99 51.35 60.77
CA TYR GB 31 -79.69 50.55 59.77
C TYR GB 31 -79.42 49.06 59.92
N ARG GB 32 -78.44 48.67 60.72
CA ARG GB 32 -78.31 47.26 61.09
C ARG GB 32 -79.42 46.86 62.05
N PHE GB 33 -79.75 47.76 62.98
CA PHE GB 33 -80.88 47.52 63.87
C PHE GB 33 -82.20 47.57 63.12
N LEU GB 34 -82.33 48.51 62.16
CA LEU GB 34 -83.58 48.65 61.43
C LEU GB 34 -83.81 47.47 60.50
N ALA GB 35 -82.75 47.00 59.83
CA ALA GB 35 -82.90 45.83 58.96
C ALA GB 35 -83.25 44.58 59.77
N ARG GB 36 -82.64 44.42 60.94
CA ARG GB 36 -82.90 43.24 61.75
C ARG GB 36 -84.30 43.25 62.34
N ARG GB 37 -84.72 44.39 62.89
CA ARG GB 37 -85.92 44.45 63.72
C ARG GB 37 -87.16 44.89 62.97
N THR GB 38 -87.10 45.04 61.65
CA THR GB 38 -88.29 45.30 60.85
C THR GB 38 -88.31 44.31 59.69
N ASN GB 39 -89.48 44.18 59.07
CA ASN GB 39 -89.64 43.34 57.89
C ASN GB 39 -89.38 44.11 56.60
N SER GB 40 -88.98 45.38 56.69
CA SER GB 40 -88.76 46.19 55.51
C SER GB 40 -87.55 45.70 54.74
N THR GB 41 -87.77 45.26 53.51
CA THR GB 41 -86.65 44.89 52.65
C THR GB 41 -85.91 46.12 52.13
N PHE GB 42 -86.51 47.30 52.25
CA PHE GB 42 -85.81 48.52 51.89
C PHE GB 42 -84.59 48.73 52.76
N ASN GB 43 -84.74 48.51 54.07
CA ASN GB 43 -83.62 48.68 54.98
C ASN GB 43 -82.52 47.67 54.74
N GLN GB 44 -82.86 46.49 54.24
CA GLN GB 44 -81.86 45.50 53.89
C GLN GB 44 -80.98 46.00 52.73
N VAL GB 45 -81.62 46.59 51.72
CA VAL GB 45 -80.86 47.08 50.57
C VAL GB 45 -79.99 48.26 50.97
N VAL GB 46 -80.53 49.16 51.79
CA VAL GB 46 -79.77 50.34 52.22
C VAL GB 46 -78.59 49.93 53.07
N LEU GB 47 -78.80 48.96 53.97
CA LEU GB 47 -77.72 48.52 54.84
C LEU GB 47 -76.57 47.89 54.05
N LYS GB 48 -76.91 47.05 53.07
CA LYS GB 48 -75.86 46.43 52.26
C LYS GB 48 -75.19 47.44 51.35
N ARG GB 49 -75.88 48.53 51.02
CA ARG GB 49 -75.26 49.58 50.21
C ARG GB 49 -74.36 50.48 51.04
N LEU GB 50 -74.58 50.54 52.35
CA LEU GB 50 -73.68 51.30 53.21
C LEU GB 50 -72.34 50.60 53.34
N PHE GB 51 -72.32 49.27 53.23
CA PHE GB 51 -71.06 48.54 53.27
C PHE GB 51 -70.25 48.76 52.00
N MET GB 52 -70.91 49.06 50.89
CA MET GB 52 -70.29 48.98 49.58
C MET GB 52 -69.19 50.02 49.42
N SER GB 53 -68.29 49.74 48.48
CA SER GB 53 -67.15 50.60 48.22
C SER GB 53 -67.60 51.84 47.46
N ARG GB 54 -66.65 52.72 47.14
CA ARG GB 54 -67.00 53.94 46.42
C ARG GB 54 -67.29 53.65 44.96
N THR GB 55 -66.57 52.72 44.35
CA THR GB 55 -66.87 52.35 42.98
C THR GB 55 -68.21 51.63 42.85
N ASN GB 56 -68.68 51.02 43.93
CA ASN GB 56 -70.01 50.43 43.96
C ASN GB 56 -71.06 51.38 44.50
N ARG GB 57 -70.67 52.62 44.80
CA ARG GB 57 -71.61 53.69 45.13
C ARG GB 57 -71.30 54.89 44.23
N PRO GB 58 -71.59 54.79 42.95
CA PRO GB 58 -71.26 55.87 42.02
C PRO GB 58 -72.11 57.09 42.29
N PRO GB 59 -71.63 58.28 41.95
CA PRO GB 59 -72.42 59.49 42.18
C PRO GB 59 -73.65 59.53 41.28
N LEU GB 60 -74.68 60.21 41.78
CA LEU GB 60 -75.94 60.37 41.06
C LEU GB 60 -76.10 61.83 40.69
N SER GB 61 -76.10 62.11 39.38
CA SER GB 61 -76.22 63.48 38.92
C SER GB 61 -77.62 64.02 39.16
N LEU GB 62 -77.73 65.34 39.16
CA LEU GB 62 -79.02 65.98 39.38
C LEU GB 62 -79.98 65.70 38.23
N SER GB 63 -79.46 65.66 37.01
CA SER GB 63 -80.30 65.37 35.85
C SER GB 63 -80.89 63.98 35.93
N ARG GB 64 -80.08 62.99 36.31
CA ARG GB 64 -80.57 61.62 36.39
C ARG GB 64 -81.59 61.47 37.50
N MET GB 65 -81.37 62.11 38.65
CA MET GB 65 -82.32 62.05 39.74
C MET GB 65 -83.64 62.71 39.36
N ILE GB 66 -83.56 63.87 38.70
CA ILE GB 66 -84.77 64.57 38.27
C ILE GB 66 -85.56 63.73 37.28
N ARG GB 67 -84.85 63.09 36.34
CA ARG GB 67 -85.53 62.30 35.31
C ARG GB 67 -86.29 61.12 35.93
N LYS GB 68 -85.68 60.45 36.90
CA LYS GB 68 -86.38 59.34 37.56
C LYS GB 68 -87.50 59.85 38.45
N MET GB 69 -87.38 61.05 39.00
CA MET GB 69 -88.43 61.61 39.83
C MET GB 69 -89.62 62.09 39.02
N LYS GB 70 -89.43 62.32 37.73
CA LYS GB 70 -90.49 62.80 36.85
C LYS GB 70 -91.35 61.68 36.30
N LEU GB 71 -91.02 60.43 36.60
CA LEU GB 71 -91.82 59.31 36.13
C LEU GB 71 -93.18 59.31 36.82
N PRO GB 72 -94.22 58.78 36.17
CA PRO GB 72 -95.57 58.87 36.73
C PRO GB 72 -95.70 58.16 38.07
N GLY GB 73 -96.39 58.80 39.00
CA GLY GB 73 -96.68 58.23 40.29
C GLY GB 73 -95.59 58.38 41.34
N ARG GB 74 -94.51 59.08 41.04
CA ARG GB 74 -93.41 59.26 41.98
C ARG GB 74 -93.44 60.60 42.67
N GLU GB 75 -94.53 61.36 42.52
CA GLU GB 75 -94.66 62.63 43.21
C GLU GB 75 -94.79 62.42 44.71
N ASN GB 76 -94.26 63.37 45.48
CA ASN GB 76 -94.26 63.34 46.94
C ASN GB 76 -93.55 62.10 47.48
N LYS GB 77 -92.53 61.63 46.77
CA LYS GB 77 -91.71 60.51 47.22
C LYS GB 77 -90.29 61.00 47.44
N THR GB 78 -89.60 60.35 48.37
CA THR GB 78 -88.25 60.74 48.74
C THR GB 78 -87.23 59.97 47.91
N ALA GB 79 -86.37 60.69 47.20
CA ALA GB 79 -85.31 60.08 46.42
C ALA GB 79 -84.16 59.73 47.35
N VAL GB 80 -83.91 58.44 47.54
CA VAL GB 80 -82.88 57.95 48.44
C VAL GB 80 -81.76 57.36 47.59
N VAL GB 81 -80.55 57.85 47.80
CA VAL GB 81 -79.36 57.32 47.14
C VAL GB 81 -78.29 57.13 48.19
N VAL GB 82 -77.66 55.96 48.19
CA VAL GB 82 -76.53 55.68 49.10
C VAL GB 82 -75.28 56.10 48.35
N GLY GB 83 -74.99 57.39 48.42
CA GLY GB 83 -73.85 57.93 47.71
C GLY GB 83 -73.97 59.44 47.55
N THR GB 84 -73.03 59.98 46.78
CA THR GB 84 -72.94 61.41 46.58
C THR GB 84 -73.90 61.86 45.49
N ILE GB 85 -74.57 63.00 45.73
CA ILE GB 85 -75.41 63.64 44.72
C ILE GB 85 -74.64 64.80 44.11
N THR GB 86 -74.60 64.83 42.79
CA THR GB 86 -73.74 65.72 42.04
C THR GB 86 -74.57 66.71 41.23
N ASP GB 87 -74.17 67.97 41.23
CA ASP GB 87 -74.83 68.97 40.41
C ASP GB 87 -74.58 68.71 38.92
N ASP GB 88 -75.62 68.89 38.12
CA ASP GB 88 -75.50 68.80 36.67
C ASP GB 88 -75.82 70.16 36.07
N VAL GB 89 -74.84 70.77 35.41
CA VAL GB 89 -75.03 72.10 34.82
C VAL GB 89 -75.67 72.04 33.45
N ARG GB 90 -76.07 70.87 32.99
CA ARG GB 90 -76.75 70.73 31.70
C ARG GB 90 -78.27 70.87 31.82
N VAL GB 91 -78.78 71.07 33.03
CA VAL GB 91 -80.21 71.27 33.24
C VAL GB 91 -80.45 72.70 33.72
N GLN GB 92 -81.63 73.21 33.42
CA GLN GB 92 -82.00 74.58 33.76
C GLN GB 92 -83.10 74.67 34.81
N GLU GB 93 -84.13 73.83 34.68
CA GLU GB 93 -85.24 73.83 35.63
C GLU GB 93 -85.02 72.72 36.65
N VAL GB 94 -84.92 73.10 37.92
CA VAL GB 94 -84.81 72.16 39.03
C VAL GB 94 -86.13 72.18 39.79
N PRO GB 95 -86.85 71.08 39.88
CA PRO GB 95 -88.12 71.05 40.59
C PRO GB 95 -87.90 70.91 42.10
N LYS GB 96 -89.01 70.83 42.82
CA LYS GB 96 -88.97 70.63 44.27
C LYS GB 96 -88.76 69.15 44.55
N LEU GB 97 -87.67 68.83 45.24
CA LEU GB 97 -87.28 67.46 45.48
C LEU GB 97 -87.06 67.23 46.97
N LYS GB 98 -87.68 66.18 47.50
CA LYS GB 98 -87.37 65.69 48.84
C LYS GB 98 -86.40 64.54 48.68
N VAL GB 99 -85.18 64.71 49.17
CA VAL GB 99 -84.08 63.81 48.84
C VAL GB 99 -83.29 63.47 50.09
N CYS GB 100 -83.01 62.18 50.28
CA CYS GB 100 -82.06 61.71 51.29
C CYS GB 100 -80.82 61.18 50.58
N ALA GB 101 -79.66 61.70 50.97
CA ALA GB 101 -78.41 61.29 50.35
C ALA GB 101 -77.34 61.12 51.41
N LEU GB 102 -76.37 60.26 51.12
CA LEU GB 102 -75.23 60.10 52.01
C LEU GB 102 -74.37 61.34 52.03
N ARG GB 103 -74.37 62.11 50.94
CA ARG GB 103 -73.49 63.26 50.77
C ARG GB 103 -73.96 64.02 49.55
N VAL GB 104 -73.90 65.36 49.61
CA VAL GB 104 -74.38 66.21 48.52
C VAL GB 104 -73.32 67.26 48.23
N THR GB 105 -73.03 67.45 46.94
CA THR GB 105 -72.13 68.51 46.50
C THR GB 105 -72.69 69.87 46.89
N SER GB 106 -71.79 70.81 47.20
CA SER GB 106 -72.22 72.12 47.68
C SER GB 106 -73.09 72.86 46.66
N ARG GB 107 -72.76 72.75 45.38
CA ARG GB 107 -73.55 73.44 44.37
C ARG GB 107 -74.86 72.72 44.09
N ALA GB 108 -74.85 71.39 44.16
CA ALA GB 108 -76.09 70.63 44.04
C ALA GB 108 -77.03 70.95 45.20
N ARG GB 109 -76.48 71.07 46.40
CA ARG GB 109 -77.28 71.38 47.58
C ARG GB 109 -77.89 72.77 47.47
N SER GB 110 -77.12 73.75 46.99
CA SER GB 110 -77.64 75.10 46.87
C SER GB 110 -78.75 75.19 45.83
N ARG GB 111 -78.65 74.41 44.75
CA ARG GB 111 -79.68 74.42 43.73
C ARG GB 111 -80.95 73.72 44.21
N ILE GB 112 -80.80 72.64 44.96
CA ILE GB 112 -81.96 71.89 45.43
C ILE GB 112 -82.76 72.72 46.43
N LEU GB 113 -82.08 73.32 47.40
CA LEU GB 113 -82.78 74.08 48.43
C LEU GB 113 -83.35 75.38 47.88
N ARG GB 114 -82.70 75.96 46.86
CA ARG GB 114 -83.22 77.18 46.25
C ARG GB 114 -84.56 76.92 45.56
N ALA GB 115 -84.70 75.77 44.94
CA ALA GB 115 -85.94 75.37 44.28
C ALA GB 115 -87.00 74.92 45.25
N GLY GB 116 -86.83 75.11 46.55
CA GLY GB 116 -87.83 74.70 47.52
C GLY GB 116 -87.72 73.28 47.98
N GLY GB 117 -86.60 72.61 47.71
CA GLY GB 117 -86.45 71.21 48.07
C GLY GB 117 -86.04 71.02 49.52
N LYS GB 118 -85.85 69.75 49.86
CA LYS GB 118 -85.45 69.34 51.20
C LYS GB 118 -84.38 68.27 51.09
N ILE GB 119 -83.37 68.35 51.97
CA ILE GB 119 -82.26 67.42 51.97
C ILE GB 119 -82.18 66.77 53.35
N LEU GB 120 -82.08 65.44 53.36
CA LEU GB 120 -82.03 64.67 54.59
C LEU GB 120 -80.78 63.80 54.61
N THR GB 121 -80.27 63.56 55.81
CA THR GB 121 -79.27 62.54 56.00
C THR GB 121 -79.98 61.21 56.24
N PHE GB 122 -79.20 60.13 56.38
CA PHE GB 122 -79.82 58.83 56.51
C PHE GB 122 -80.38 58.59 57.90
N ASP GB 123 -79.91 59.33 58.91
CA ASP GB 123 -80.52 59.24 60.23
C ASP GB 123 -81.85 59.97 60.27
N GLN GB 124 -81.95 61.10 59.55
CA GLN GB 124 -83.23 61.80 59.45
C GLN GB 124 -84.23 61.01 58.63
N LEU GB 125 -83.75 60.16 57.72
CA LEU GB 125 -84.64 59.30 56.95
C LEU GB 125 -85.24 58.22 57.84
N ALA GB 126 -84.46 57.72 58.80
CA ALA GB 126 -84.98 56.73 59.73
C ALA GB 126 -86.11 57.32 60.58
N LEU GB 127 -85.95 58.57 61.01
CA LEU GB 127 -87.01 59.21 61.80
C LEU GB 127 -88.21 59.57 60.94
N ASP GB 128 -88.00 59.79 59.64
CA ASP GB 128 -89.10 60.15 58.76
C ASP GB 128 -89.87 58.92 58.31
N SER GB 129 -89.20 57.98 57.62
CA SER GB 129 -89.79 56.73 57.17
C SER GB 129 -88.91 55.59 57.67
N PRO GB 130 -89.15 55.08 58.88
CA PRO GB 130 -88.30 53.99 59.40
C PRO GB 130 -88.33 52.73 58.56
N LYS GB 131 -89.45 52.43 57.92
CA LYS GB 131 -89.57 51.26 57.05
C LYS GB 131 -89.27 51.59 55.61
N GLY GB 132 -88.86 52.81 55.31
CA GLY GB 132 -88.62 53.23 53.94
C GLY GB 132 -89.88 53.28 53.10
N CYS GB 133 -90.96 53.81 53.66
CA CYS GB 133 -92.22 53.91 52.94
C CYS GB 133 -92.28 55.23 52.20
N GLY GB 134 -92.83 55.18 50.98
CA GLY GB 134 -92.88 56.37 50.14
C GLY GB 134 -91.52 56.86 49.69
N THR GB 135 -90.64 55.94 49.31
CA THR GB 135 -89.30 56.29 48.86
C THR GB 135 -89.03 55.68 47.49
N VAL GB 136 -88.10 56.28 46.78
CA VAL GB 136 -87.60 55.76 45.51
C VAL GB 136 -86.10 55.57 45.67
N LEU GB 137 -85.64 54.33 45.64
CA LEU GB 137 -84.24 54.01 45.89
C LEU GB 137 -83.51 54.05 44.55
N LEU GB 138 -82.75 55.11 44.32
CA LEU GB 138 -82.01 55.32 43.09
C LEU GB 138 -80.55 54.96 43.27
N SER GB 139 -79.87 54.82 42.14
CA SER GB 139 -78.45 54.50 42.12
C SER GB 139 -77.82 55.16 40.92
N GLY GB 140 -76.58 55.62 41.07
CA GLY GB 140 -75.84 56.20 39.97
C GLY GB 140 -75.40 55.12 39.00
N PRO GB 141 -74.93 55.54 37.82
CA PRO GB 141 -74.49 54.55 36.83
C PRO GB 141 -73.29 53.76 37.30
N ARG GB 142 -73.49 52.48 37.57
CA ARG GB 142 -72.43 51.66 38.14
C ARG GB 142 -71.30 51.43 37.15
N LYS GB 143 -71.65 51.21 35.89
CA LYS GB 143 -70.65 50.95 34.85
C LYS GB 143 -70.23 52.24 34.14
N GLY GB 144 -70.59 53.39 34.68
CA GLY GB 144 -70.16 54.65 34.10
C GLY GB 144 -68.78 55.04 34.58
N ARG GB 145 -67.79 54.21 34.27
CA ARG GB 145 -66.42 54.45 34.66
C ARG GB 145 -65.50 54.13 33.49
N GLU GB 146 -64.33 54.77 33.49
CA GLU GB 146 -63.39 54.60 32.39
C GLU GB 146 -62.87 53.17 32.31
N VAL GB 147 -62.76 52.49 33.45
CA VAL GB 147 -62.20 51.14 33.47
C VAL GB 147 -63.06 50.17 32.68
N TYR GB 148 -64.36 50.42 32.59
CA TYR GB 148 -65.25 49.50 31.91
C TYR GB 148 -65.16 49.58 30.40
N ARG GB 149 -64.47 50.60 29.87
CA ARG GB 149 -64.17 50.61 28.44
C ARG GB 149 -63.09 49.59 28.11
N HIS GB 150 -62.20 49.34 29.06
CA HIS GB 150 -61.11 48.40 28.83
C HIS GB 150 -61.48 46.97 29.19
N PHE GB 151 -62.67 46.74 29.72
CA PHE GB 151 -63.06 45.40 30.11
C PHE GB 151 -63.80 44.70 28.97
N GLY GB 152 -63.94 43.39 29.11
CA GLY GB 152 -64.59 42.59 28.10
C GLY GB 152 -63.61 41.71 27.36
N LYS GB 153 -63.83 41.52 26.06
CA LYS GB 153 -62.87 40.77 25.27
C LYS GB 153 -61.61 41.59 25.08
N ALA GB 154 -60.57 40.93 24.58
CA ALA GB 154 -59.33 41.62 24.30
C ALA GB 154 -59.49 42.54 23.09
N PRO GB 155 -58.76 43.65 23.04
CA PRO GB 155 -58.89 44.57 21.90
C PRO GB 155 -58.50 43.95 20.56
N GLY GB 156 -57.67 42.92 20.55
CA GLY GB 156 -57.20 42.34 19.31
C GLY GB 156 -57.92 41.07 18.93
N THR GB 157 -59.23 41.03 19.16
CA THR GB 157 -60.08 39.92 18.76
C THR GB 157 -61.23 40.47 17.92
N PRO GB 158 -61.80 39.65 17.03
CA PRO GB 158 -62.88 40.15 16.18
C PRO GB 158 -64.12 40.52 17.00
N HIS GB 159 -64.84 41.52 16.51
CA HIS GB 159 -66.08 42.01 17.09
C HIS GB 159 -65.90 42.50 18.53
N SER GB 160 -64.70 42.90 18.89
CA SER GB 160 -64.42 43.50 20.18
C SER GB 160 -64.18 44.99 20.00
N HIS GB 161 -64.83 45.80 20.82
CA HIS GB 161 -64.71 47.25 20.76
C HIS GB 161 -64.26 47.79 22.10
N THR GB 162 -63.28 47.13 22.71
CA THR GB 162 -62.74 47.56 23.99
C THR GB 162 -61.54 48.46 23.77
N LYS GB 163 -61.45 49.49 24.59
CA LYS GB 163 -60.37 50.45 24.47
C LYS GB 163 -59.06 49.81 24.90
N PRO GB 164 -58.02 49.83 24.08
CA PRO GB 164 -56.71 49.35 24.52
C PRO GB 164 -56.02 50.37 25.42
N TYR GB 165 -55.05 49.87 26.17
CA TYR GB 165 -54.25 50.70 27.05
C TYR GB 165 -53.09 51.28 26.23
N VAL GB 166 -53.17 52.58 25.93
CA VAL GB 166 -52.13 53.27 25.18
C VAL GB 166 -51.71 54.50 25.96
N ARG GB 167 -50.39 54.76 25.98
CA ARG GB 167 -49.90 55.95 26.65
C ARG GB 167 -50.27 57.23 25.91
N SER GB 168 -50.58 57.13 24.61
CA SER GB 168 -50.95 58.29 23.83
C SER GB 168 -51.95 57.87 22.76
N LYS GB 169 -52.75 58.83 22.32
CA LYS GB 169 -53.67 58.64 21.21
C LYS GB 169 -53.14 59.42 20.02
N GLY GB 170 -52.90 58.72 18.92
CA GLY GB 170 -52.37 59.36 17.73
C GLY GB 170 -52.22 58.33 16.63
N ARG GB 171 -51.89 58.84 15.44
CA ARG GB 171 -51.79 57.96 14.28
C ARG GB 171 -50.58 57.05 14.33
N LYS GB 172 -49.66 57.27 15.26
CA LYS GB 172 -48.48 56.42 15.41
C LYS GB 172 -48.63 55.39 16.52
N PHE GB 173 -49.74 55.39 17.24
CA PHE GB 173 -49.88 54.62 18.48
C PHE GB 173 -50.95 53.55 18.27
N GLU GB 174 -50.50 52.35 17.88
CA GLU GB 174 -51.33 51.17 17.76
C GLU GB 174 -52.46 51.36 16.76
N ARG GB 175 -52.08 51.64 15.52
CA ARG GB 175 -53.05 51.79 14.44
C ARG GB 175 -52.66 51.11 13.14
N ALA GB 176 -51.54 50.38 13.08
CA ALA GB 176 -51.09 49.88 11.79
C ALA GB 176 -51.49 48.45 11.48
N ARG GB 177 -50.93 47.47 12.19
CA ARG GB 177 -51.01 46.06 11.79
C ARG GB 177 -51.92 45.33 12.76
N GLY GB 178 -53.06 44.87 12.27
CA GLY GB 178 -54.13 44.41 13.12
C GLY GB 178 -55.24 45.42 13.29
N ARG GB 179 -55.11 46.59 12.68
CA ARG GB 179 -56.14 47.61 12.72
C ARG GB 179 -56.69 47.98 11.36
N ARG GB 180 -55.94 47.75 10.29
CA ARG GB 180 -56.41 48.02 8.94
C ARG GB 180 -55.96 46.90 8.03
N ALA GB 181 -56.76 46.63 7.00
CA ALA GB 181 -56.45 45.55 6.07
C ALA GB 181 -55.20 45.83 5.25
N SER GB 182 -54.78 47.09 5.13
CA SER GB 182 -53.60 47.42 4.36
C SER GB 182 -52.32 46.97 5.05
N ARG GB 183 -52.36 46.65 6.34
CA ARG GB 183 -51.20 46.18 7.09
C ARG GB 183 -51.54 44.83 7.70
N GLY GB 184 -51.36 43.77 6.94
CA GLY GB 184 -51.54 42.42 7.46
C GLY GB 184 -52.98 41.97 7.55
N TYR GB 185 -53.71 42.50 8.53
CA TYR GB 185 -55.08 42.07 8.79
C TYR GB 185 -55.78 43.15 9.59
N LYS GB 186 -57.06 42.97 9.83
CA LYS GB 186 -57.82 43.97 10.55
C LYS GB 186 -58.58 43.42 11.75
N ASN GB 187 -59.09 42.19 11.67
CA ASN GB 187 -60.11 41.61 12.56
C ASN GB 187 -61.02 42.59 13.32
N LYS HB 1 -71.57 -17.53 42.78
CA LYS HB 1 -72.44 -18.02 43.85
C LYS HB 1 -71.64 -18.65 44.98
N ALA HB 2 -71.89 -18.19 46.20
CA ALA HB 2 -71.27 -18.76 47.39
C ALA HB 2 -72.15 -19.91 47.88
N SER HB 3 -71.91 -20.37 49.11
CA SER HB 3 -72.61 -21.55 49.60
C SER HB 3 -72.86 -21.38 51.10
N GLY HB 4 -73.15 -22.49 51.77
CA GLY HB 4 -73.63 -22.51 53.13
C GLY HB 4 -74.30 -23.84 53.39
N THR HB 5 -75.56 -23.84 53.79
CA THR HB 5 -76.39 -25.04 53.73
C THR HB 5 -77.50 -24.74 52.72
N LEU HB 6 -77.35 -25.29 51.52
CA LEU HB 6 -78.24 -24.93 50.42
C LEU HB 6 -79.65 -25.43 50.68
N ARG HB 7 -80.61 -24.73 50.10
CA ARG HB 7 -82.01 -25.12 50.16
C ARG HB 7 -82.56 -25.19 48.75
N GLU HB 8 -83.54 -26.06 48.55
CA GLU HB 8 -84.17 -26.20 47.26
C GLU HB 8 -85.31 -25.19 47.13
N TYR HB 9 -85.42 -24.58 45.95
CA TYR HB 9 -86.45 -23.60 45.68
C TYR HB 9 -87.17 -23.97 44.40
N LYS HB 10 -88.49 -24.01 44.45
CA LYS HB 10 -89.29 -24.15 43.24
C LYS HB 10 -89.59 -22.76 42.71
N VAL HB 11 -88.97 -22.40 41.60
CA VAL HB 11 -89.10 -21.06 41.02
C VAL HB 11 -89.87 -21.20 39.73
N VAL HB 12 -90.97 -20.47 39.60
CA VAL HB 12 -91.81 -20.48 38.41
C VAL HB 12 -91.79 -19.08 37.81
N GLY HB 13 -91.44 -18.99 36.53
CA GLY HB 13 -91.34 -17.71 35.86
C GLY HB 13 -91.92 -17.79 34.46
N ARG HB 14 -92.15 -16.62 33.88
CA ARG HB 14 -92.72 -16.52 32.56
C ARG HB 14 -92.36 -15.19 31.95
N CYS HB 15 -92.49 -15.09 30.64
CA CYS HB 15 -92.30 -13.81 29.97
C CYS HB 15 -93.46 -12.88 30.29
N LEU HB 16 -93.22 -11.60 30.12
CA LEU HB 16 -94.29 -10.63 30.27
C LEU HB 16 -95.23 -10.74 29.07
N PRO HB 17 -96.54 -10.57 29.27
CA PRO HB 17 -97.48 -10.74 28.16
C PRO HB 17 -97.40 -9.62 27.15
N THR HB 18 -96.77 -9.90 26.01
CA THR HB 18 -96.74 -9.00 24.88
C THR HB 18 -98.01 -9.15 24.06
N PRO HB 19 -98.31 -8.19 23.16
CA PRO HB 19 -99.45 -8.38 22.27
C PRO HB 19 -99.14 -9.30 21.09
N LYS HB 20 -98.41 -10.38 21.37
CA LYS HB 20 -98.22 -11.48 20.44
C LYS HB 20 -98.68 -12.80 21.04
N CYS HB 21 -98.37 -13.03 22.31
CA CYS HB 21 -98.95 -14.09 23.10
C CYS HB 21 -99.51 -13.50 24.38
N HIS HB 22 -100.82 -13.63 24.58
CA HIS HB 22 -101.44 -13.08 25.77
C HIS HB 22 -101.09 -13.86 27.02
N THR HB 23 -100.90 -15.18 26.88
CA THR HB 23 -100.58 -16.07 28.00
C THR HB 23 -99.32 -16.85 27.64
N PRO HB 24 -98.14 -16.25 27.88
CA PRO HB 24 -96.90 -16.96 27.61
C PRO HB 24 -96.74 -18.16 28.51
N PRO HB 25 -96.02 -19.19 28.08
CA PRO HB 25 -95.91 -20.41 28.89
C PRO HB 25 -95.19 -20.18 30.20
N LEU HB 26 -95.61 -20.93 31.21
CA LEU HB 26 -94.97 -20.91 32.52
C LEU HB 26 -93.89 -21.98 32.57
N TYR HB 27 -92.75 -21.63 33.16
CA TYR HB 27 -91.62 -22.53 33.26
C TYR HB 27 -91.20 -22.67 34.71
N ARG HB 28 -90.86 -23.89 35.11
CA ARG HB 28 -90.55 -24.22 36.49
C ARG HB 28 -89.19 -24.88 36.57
N MET HB 29 -88.41 -24.50 37.57
CA MET HB 29 -87.08 -25.07 37.78
C MET HB 29 -86.88 -25.34 39.26
N ARG HB 30 -85.97 -26.26 39.56
CA ARG HB 30 -85.52 -26.51 40.92
C ARG HB 30 -84.13 -25.90 41.07
N ILE HB 31 -84.00 -24.92 41.96
CA ILE HB 31 -82.77 -24.17 42.15
C ILE HB 31 -82.27 -24.41 43.56
N PHE HB 32 -81.01 -24.80 43.69
CA PHE HB 32 -80.38 -24.98 44.98
C PHE HB 32 -79.50 -23.77 45.26
N ALA HB 33 -79.92 -22.95 46.21
CA ALA HB 33 -79.28 -21.67 46.48
C ALA HB 33 -79.28 -21.42 47.98
N PRO HB 34 -78.36 -20.60 48.48
CA PRO HB 34 -78.40 -20.25 49.90
C PRO HB 34 -79.65 -19.54 50.34
N ASN HB 35 -80.26 -18.73 49.47
CA ASN HB 35 -81.45 -17.98 49.83
C ASN HB 35 -82.23 -17.66 48.56
N HIS HB 36 -83.44 -17.13 48.75
CA HIS HB 36 -84.34 -16.90 47.62
C HIS HB 36 -83.84 -15.79 46.71
N VAL HB 37 -83.01 -14.88 47.22
CA VAL HB 37 -82.43 -13.85 46.37
C VAL HB 37 -81.49 -14.47 45.34
N VAL HB 38 -80.64 -15.38 45.79
CA VAL HB 38 -79.75 -16.08 44.87
C VAL HB 38 -80.54 -17.03 43.98
N ALA HB 39 -81.60 -17.63 44.53
CA ALA HB 39 -82.41 -18.57 43.75
C ALA HB 39 -83.07 -17.89 42.56
N LYS HB 40 -83.56 -16.68 42.76
CA LYS HB 40 -84.17 -15.95 41.65
C LYS HB 40 -83.13 -15.55 40.61
N SER HB 41 -81.92 -15.21 41.06
CA SER HB 41 -80.87 -14.83 40.12
C SER HB 41 -80.40 -16.04 39.31
N ARG HB 42 -80.32 -17.21 39.94
CA ARG HB 42 -79.92 -18.41 39.22
C ARG HB 42 -81.03 -18.89 38.29
N PHE HB 43 -82.29 -18.56 38.60
CA PHE HB 43 -83.37 -18.90 37.69
C PHE HB 43 -83.23 -18.16 36.36
N TRP HB 44 -82.99 -16.85 36.44
CA TRP HB 44 -82.81 -16.06 35.23
C TRP HB 44 -81.51 -16.37 34.53
N TYR HB 45 -80.57 -17.05 35.21
CA TYR HB 45 -79.36 -17.50 34.54
C TYR HB 45 -79.63 -18.71 33.66
N PHE HB 46 -80.59 -19.54 34.07
CA PHE HB 46 -80.84 -20.80 33.37
C PHE HB 46 -81.90 -20.67 32.29
N VAL HB 47 -83.02 -20.01 32.57
CA VAL HB 47 -84.04 -19.83 31.53
C VAL HB 47 -83.55 -18.90 30.44
N SER HB 48 -82.53 -18.09 30.71
CA SER HB 48 -81.93 -17.30 29.64
C SER HB 48 -81.12 -18.18 28.70
N GLN HB 49 -80.52 -19.25 29.22
CA GLN HB 49 -79.77 -20.17 28.36
C GLN HB 49 -80.71 -21.04 27.55
N LEU HB 50 -81.78 -21.55 28.17
CA LEU HB 50 -82.66 -22.48 27.50
C LEU HB 50 -83.60 -21.76 26.54
N LYS HB 51 -84.40 -20.84 27.06
CA LYS HB 51 -85.30 -20.03 26.25
C LYS HB 51 -84.68 -18.65 26.04
N LYS HB 52 -85.26 -17.89 25.12
CA LYS HB 52 -84.81 -16.52 24.88
C LYS HB 52 -85.55 -15.60 25.85
N MET HB 53 -85.20 -15.75 27.11
CA MET HB 53 -85.84 -15.05 28.21
C MET HB 53 -84.88 -14.04 28.82
N LYS HB 54 -85.44 -13.09 29.55
CA LYS HB 54 -84.68 -12.08 30.24
C LYS HB 54 -85.38 -11.70 31.54
N LYS HB 55 -84.60 -11.28 32.52
CA LYS HB 55 -85.19 -10.80 33.76
C LYS HB 55 -86.03 -9.55 33.52
N SER HB 56 -85.56 -8.67 32.63
CA SER HB 56 -86.28 -7.43 32.35
C SER HB 56 -87.57 -7.70 31.58
N SER HB 57 -87.51 -8.58 30.58
CA SER HB 57 -88.68 -8.87 29.76
C SER HB 57 -89.59 -9.91 30.37
N GLY HB 58 -89.22 -10.50 31.50
CA GLY HB 58 -90.04 -11.50 32.14
C GLY HB 58 -90.29 -11.20 33.59
N GLU HB 59 -90.89 -12.14 34.31
CA GLU HB 59 -91.22 -11.95 35.72
C GLU HB 59 -91.30 -13.31 36.38
N ILE HB 60 -91.13 -13.32 37.70
CA ILE HB 60 -91.17 -14.55 38.48
C ILE HB 60 -92.49 -14.56 39.24
N VAL HB 61 -93.29 -15.59 39.02
CA VAL HB 61 -94.62 -15.66 39.62
C VAL HB 61 -94.65 -16.41 40.94
N TYR HB 62 -93.62 -17.21 41.22
CA TYR HB 62 -93.56 -17.94 42.48
C TYR HB 62 -92.12 -18.33 42.77
N CYS HB 63 -91.72 -18.20 44.04
CA CYS HB 63 -90.41 -18.66 44.48
C CYS HB 63 -90.56 -19.11 45.93
N GLY HB 64 -90.60 -20.42 46.14
CA GLY HB 64 -90.79 -20.95 47.47
C GLY HB 64 -89.89 -22.12 47.78
N GLN HB 65 -89.47 -22.24 49.03
CA GLN HB 65 -88.59 -23.33 49.43
C GLN HB 65 -89.34 -24.66 49.38
N VAL HB 66 -88.67 -25.68 48.86
CA VAL HB 66 -89.21 -27.04 48.78
C VAL HB 66 -88.67 -27.82 49.97
N PHE HB 67 -89.51 -28.09 50.95
CA PHE HB 67 -89.10 -28.88 52.10
C PHE HB 67 -88.89 -30.33 51.69
N GLU HB 68 -87.96 -31.00 52.37
CA GLU HB 68 -87.72 -32.41 52.09
C GLU HB 68 -88.89 -33.24 52.60
N LYS HB 69 -89.37 -34.15 51.76
CA LYS HB 69 -90.58 -34.90 52.06
C LYS HB 69 -90.34 -36.08 53.00
N SER HB 70 -89.09 -36.48 53.20
CA SER HB 70 -88.77 -37.59 54.11
C SER HB 70 -87.42 -37.33 54.76
N PRO HB 71 -87.34 -36.33 55.65
CA PRO HB 71 -86.05 -36.01 56.27
C PRO HB 71 -85.61 -37.01 57.32
N LEU HB 72 -86.40 -38.04 57.62
CA LEU HB 72 -86.02 -39.07 58.57
C LEU HB 72 -85.67 -40.39 57.89
N ARG HB 73 -85.60 -40.42 56.57
CA ARG HB 73 -85.34 -41.64 55.83
C ARG HB 73 -84.01 -41.53 55.09
N VAL HB 74 -83.16 -42.54 55.26
CA VAL HB 74 -81.89 -42.59 54.54
C VAL HB 74 -82.15 -42.97 53.10
N LYS HB 75 -81.57 -42.21 52.17
CA LYS HB 75 -81.77 -42.49 50.76
C LYS HB 75 -80.52 -42.13 49.99
N ASN HB 76 -80.39 -42.70 48.81
CA ASN HB 76 -79.26 -42.49 47.92
C ASN HB 76 -79.64 -41.49 46.85
N PHE HB 77 -78.78 -40.50 46.63
CA PHE HB 77 -79.02 -39.45 45.67
C PHE HB 77 -78.03 -39.55 44.53
N GLY HB 78 -78.51 -39.39 43.30
CA GLY HB 78 -77.67 -39.28 42.12
C GLY HB 78 -77.83 -37.91 41.51
N ILE HB 79 -76.70 -37.25 41.28
CA ILE HB 79 -76.67 -35.89 40.76
C ILE HB 79 -75.94 -35.88 39.44
N TRP HB 80 -76.65 -35.54 38.37
CA TRP HB 80 -76.05 -35.27 37.08
C TRP HB 80 -75.72 -33.78 37.01
N LEU HB 81 -74.51 -33.46 36.59
CA LEU HB 81 -74.07 -32.07 36.58
C LEU HB 81 -73.07 -31.87 35.45
N ARG HB 82 -72.79 -30.61 35.16
CA ARG HB 82 -71.70 -30.24 34.28
C ARG HB 82 -70.90 -29.12 34.95
N TYR HB 83 -69.61 -29.07 34.67
CA TYR HB 83 -68.79 -28.03 35.27
C TYR HB 83 -67.64 -27.68 34.33
N ASP HB 84 -67.11 -26.49 34.52
CA ASP HB 84 -65.98 -26.00 33.74
C ASP HB 84 -64.70 -26.23 34.53
N SER HB 85 -63.84 -27.10 34.02
CA SER HB 85 -62.50 -27.28 34.56
C SER HB 85 -61.60 -26.20 33.97
N ARG HB 86 -60.30 -26.29 34.25
CA ARG HB 86 -59.36 -25.36 33.66
C ARG HB 86 -59.15 -25.59 32.17
N SER HB 87 -59.59 -26.72 31.64
CA SER HB 87 -59.29 -27.07 30.26
C SER HB 87 -60.47 -27.71 29.54
N GLY HB 88 -61.69 -27.31 29.87
CA GLY HB 88 -62.85 -27.79 29.15
C GLY HB 88 -64.04 -27.95 30.08
N THR HB 89 -65.08 -28.58 29.56
CA THR HB 89 -66.32 -28.81 30.26
C THR HB 89 -66.63 -30.30 30.26
N HIS HB 90 -67.11 -30.80 31.40
CA HIS HB 90 -67.33 -32.23 31.57
C HIS HB 90 -68.68 -32.48 32.23
N ASN HB 91 -69.30 -33.59 31.85
CA ASN HB 91 -70.52 -34.08 32.50
C ASN HB 91 -70.13 -35.13 33.52
N MET HB 92 -70.70 -35.02 34.72
CA MET HB 92 -70.38 -35.91 35.81
C MET HB 92 -71.66 -36.47 36.42
N TYR HB 93 -71.56 -37.72 36.88
CA TYR HB 93 -72.62 -38.34 37.68
C TYR HB 93 -72.02 -38.74 39.01
N ARG HB 94 -72.53 -38.17 40.09
CA ARG HB 94 -72.03 -38.40 41.43
C ARG HB 94 -73.13 -38.95 42.31
N GLU HB 95 -72.75 -39.68 43.36
CA GLU HB 95 -73.70 -40.29 44.26
C GLU HB 95 -73.36 -39.94 45.70
N TYR HB 96 -74.38 -39.63 46.48
CA TYR HB 96 -74.22 -39.28 47.89
C TYR HB 96 -75.38 -39.87 48.68
N ARG HB 97 -75.22 -39.92 49.99
CA ARG HB 97 -76.28 -40.33 50.89
C ARG HB 97 -76.58 -39.19 51.85
N ASP HB 98 -77.87 -38.85 51.97
CA ASP HB 98 -78.27 -37.80 52.90
C ASP HB 98 -79.75 -37.96 53.18
N LEU HB 99 -80.20 -37.34 54.27
CA LEU HB 99 -81.61 -37.35 54.62
C LEU HB 99 -82.41 -36.39 53.74
N THR HB 100 -81.82 -35.28 53.32
CA THR HB 100 -82.53 -34.28 52.53
C THR HB 100 -81.87 -34.11 51.17
N THR HB 101 -82.68 -33.74 50.19
CA THR HB 101 -82.17 -33.53 48.84
C THR HB 101 -81.18 -32.39 48.79
N ALA HB 102 -81.50 -31.27 49.43
CA ALA HB 102 -80.60 -30.11 49.41
C ALA HB 102 -79.33 -30.40 50.20
N GLY HB 103 -79.42 -31.29 51.19
CA GLY HB 103 -78.21 -31.69 51.91
C GLY HB 103 -77.25 -32.46 51.02
N ALA HB 104 -77.77 -33.26 50.10
CA ALA HB 104 -76.92 -34.01 49.19
C ALA HB 104 -76.29 -33.09 48.14
N VAL HB 105 -77.03 -32.08 47.68
CA VAL HB 105 -76.47 -31.13 46.73
C VAL HB 105 -75.40 -30.28 47.40
N THR HB 106 -75.59 -29.95 48.68
CA THR HB 106 -74.53 -29.28 49.43
C THR HB 106 -73.28 -30.16 49.51
N GLN HB 107 -73.48 -31.46 49.76
CA GLN HB 107 -72.36 -32.40 49.72
C GLN HB 107 -71.66 -32.37 48.37
N CYS HB 108 -72.43 -32.19 47.29
CA CYS HB 108 -71.85 -32.19 45.96
C CYS HB 108 -71.00 -30.97 45.71
N TYR HB 109 -71.44 -29.80 46.20
CA TYR HB 109 -70.65 -28.59 46.02
C TYR HB 109 -69.36 -28.64 46.82
N ARG HB 110 -69.40 -29.26 48.00
CA ARG HB 110 -68.18 -29.48 48.76
C ARG HB 110 -67.25 -30.46 48.05
N ASP HB 111 -67.82 -31.52 47.49
CA ASP HB 111 -67.01 -32.59 46.90
C ASP HB 111 -66.38 -32.14 45.59
N MET HB 112 -67.10 -31.33 44.80
CA MET HB 112 -66.52 -30.80 43.58
C MET HB 112 -65.36 -29.86 43.90
N GLY HB 113 -65.48 -29.07 44.96
CA GLY HB 113 -64.38 -28.22 45.37
C GLY HB 113 -63.20 -29.01 45.90
N ALA HB 114 -63.47 -30.07 46.66
CA ALA HB 114 -62.39 -30.85 47.27
C ALA HB 114 -61.64 -31.66 46.24
N ARG HB 115 -62.36 -32.35 45.36
CA ARG HB 115 -61.73 -33.29 44.43
C ARG HB 115 -61.34 -32.66 43.11
N HIS HB 116 -62.06 -31.64 42.65
CA HIS HB 116 -61.82 -31.08 41.33
C HIS HB 116 -61.54 -29.59 41.35
N ARG HB 117 -61.45 -29.00 42.54
CA ARG HB 117 -61.18 -27.57 42.71
C ARG HB 117 -62.21 -26.72 41.98
N ALA HB 118 -63.43 -27.22 41.87
CA ALA HB 118 -64.48 -26.57 41.10
C ALA HB 118 -65.23 -25.60 42.01
N ARG HB 119 -65.11 -24.31 41.72
CA ARG HB 119 -65.89 -23.31 42.43
C ARG HB 119 -67.35 -23.39 42.00
N ALA HB 120 -68.22 -22.88 42.86
CA ALA HB 120 -69.66 -23.12 42.69
C ALA HB 120 -70.20 -22.50 41.40
N HIS HB 121 -69.56 -21.44 40.89
CA HIS HB 121 -70.03 -20.84 39.65
C HIS HB 121 -69.69 -21.68 38.43
N SER HB 122 -68.73 -22.59 38.55
CA SER HB 122 -68.46 -23.54 37.47
C SER HB 122 -69.50 -24.65 37.45
N ILE HB 123 -69.91 -25.14 38.62
CA ILE HB 123 -70.80 -26.27 38.71
C ILE HB 123 -72.21 -25.86 38.27
N GLN HB 124 -72.88 -26.78 37.57
CA GLN HB 124 -74.19 -26.52 36.98
C GLN HB 124 -75.01 -27.80 37.15
N ILE HB 125 -75.78 -27.85 38.24
CA ILE HB 125 -76.58 -29.03 38.54
C ILE HB 125 -77.77 -29.09 37.58
N MET HB 126 -77.94 -30.25 36.93
CA MET HB 126 -79.01 -30.40 35.97
C MET HB 126 -80.01 -31.50 36.32
N LYS HB 127 -79.73 -32.32 37.33
CA LYS HB 127 -80.68 -33.33 37.77
C LYS HB 127 -80.26 -33.84 39.14
N VAL HB 128 -81.19 -33.84 40.09
CA VAL HB 128 -81.02 -34.51 41.37
C VAL HB 128 -82.17 -35.49 41.53
N GLU HB 129 -81.84 -36.75 41.79
CA GLU HB 129 -82.84 -37.80 41.76
C GLU HB 129 -82.50 -38.86 42.80
N GLU HB 130 -83.48 -39.21 43.62
CA GLU HB 130 -83.30 -40.24 44.62
C GLU HB 130 -83.41 -41.61 43.97
N ILE HB 131 -82.32 -42.38 44.01
CA ILE HB 131 -82.24 -43.66 43.33
C ILE HB 131 -82.32 -44.78 44.36
N ALA HB 132 -82.66 -45.97 43.89
CA ALA HB 132 -82.74 -47.14 44.74
C ALA HB 132 -81.34 -47.65 45.06
N ALA HB 133 -81.26 -48.46 46.12
CA ALA HB 133 -79.96 -48.97 46.56
C ALA HB 133 -79.38 -49.97 45.56
N SER HB 134 -80.23 -50.68 44.83
CA SER HB 134 -79.75 -51.62 43.82
C SER HB 134 -79.35 -50.93 42.53
N LYS HB 135 -79.63 -49.63 42.38
CA LYS HB 135 -79.31 -48.89 41.17
C LYS HB 135 -78.07 -48.01 41.35
N CYS HB 136 -77.38 -48.11 42.47
CA CYS HB 136 -76.20 -47.29 42.69
C CYS HB 136 -75.00 -47.87 41.93
N ARG HB 137 -74.03 -46.99 41.65
CA ARG HB 137 -72.82 -47.37 40.95
C ARG HB 137 -71.54 -47.11 41.72
N ARG HB 138 -71.53 -46.17 42.64
CA ARG HB 138 -70.30 -45.80 43.31
C ARG HB 138 -70.03 -46.74 44.48
N PRO HB 139 -68.85 -47.38 44.53
CA PRO HB 139 -68.57 -48.32 45.62
C PRO HB 139 -68.61 -47.69 47.01
N ALA HB 140 -68.27 -46.41 47.13
CA ALA HB 140 -68.34 -45.76 48.43
C ALA HB 140 -69.77 -45.69 48.95
N VAL HB 141 -70.71 -45.35 48.07
CA VAL HB 141 -72.12 -45.33 48.46
C VAL HB 141 -72.64 -46.74 48.67
N LYS HB 142 -72.25 -47.67 47.79
CA LYS HB 142 -72.82 -49.01 47.82
C LYS HB 142 -72.39 -49.80 49.05
N GLN HB 143 -71.23 -49.48 49.63
CA GLN HB 143 -70.72 -50.25 50.76
C GLN HB 143 -71.53 -50.05 52.03
N PHE HB 144 -72.42 -49.05 52.07
CA PHE HB 144 -73.32 -48.86 53.19
C PHE HB 144 -74.65 -49.58 53.01
N HIS HB 145 -74.81 -50.30 51.90
CA HIS HB 145 -76.02 -51.09 51.66
C HIS HB 145 -75.85 -52.48 52.24
N ASP HB 146 -75.87 -52.53 53.58
CA ASP HB 146 -75.74 -53.78 54.32
C ASP HB 146 -76.71 -53.74 55.49
N SER HB 147 -77.61 -54.70 55.56
CA SER HB 147 -78.57 -54.73 56.66
C SER HB 147 -77.92 -55.05 58.00
N LYS HB 148 -76.73 -55.66 57.98
CA LYS HB 148 -76.00 -56.00 59.19
C LYS HB 148 -74.68 -55.23 59.26
N ILE HB 149 -74.73 -53.94 58.94
CA ILE HB 149 -73.53 -53.13 58.91
C ILE HB 149 -73.01 -52.93 60.33
N LYS HB 150 -71.69 -53.05 60.49
CA LYS HB 150 -71.07 -53.00 61.81
C LYS HB 150 -69.61 -52.65 61.65
N PHE HB 151 -69.16 -51.60 62.35
CA PHE HB 151 -67.77 -51.21 62.28
C PHE HB 151 -67.41 -50.47 63.55
N PRO HB 152 -66.21 -50.64 64.08
CA PRO HB 152 -65.78 -49.87 65.25
C PRO HB 152 -65.24 -48.51 64.81
N LEU HB 153 -64.90 -47.69 65.79
CA LEU HB 153 -64.25 -46.42 65.55
C LEU HB 153 -62.83 -46.51 66.09
N PRO HB 154 -61.84 -46.85 65.24
CA PRO HB 154 -60.56 -47.35 65.75
C PRO HB 154 -59.72 -46.35 66.52
N HIS HB 155 -59.43 -45.20 65.90
CA HIS HB 155 -58.45 -44.25 66.43
C HIS HB 155 -59.20 -42.99 66.85
N ARG HB 156 -59.69 -42.99 68.07
CA ARG HB 156 -60.47 -41.85 68.58
C ARG HB 156 -59.52 -40.75 68.99
N VAL HB 157 -59.33 -39.77 68.10
CA VAL HB 157 -58.42 -38.67 68.38
C VAL HB 157 -59.03 -37.76 69.44
N LEU HB 158 -58.22 -37.39 70.44
CA LEU HB 158 -58.67 -36.45 71.45
C LEU HB 158 -58.89 -35.08 70.82
N ARG HB 159 -60.05 -34.47 71.11
CA ARG HB 159 -60.39 -33.19 70.52
C ARG HB 159 -60.32 -32.02 71.49
N ARG HB 160 -60.53 -32.27 72.79
CA ARG HB 160 -60.38 -31.24 73.80
C ARG HB 160 -58.91 -31.13 74.23
N GLN HB 161 -58.07 -30.75 73.26
CA GLN HB 161 -56.64 -30.70 73.50
C GLN HB 161 -56.22 -29.52 74.34
N HIS HB 162 -57.12 -28.58 74.61
CA HIS HB 162 -56.78 -27.39 75.39
C HIS HB 162 -57.60 -27.25 76.65
N LYS HB 163 -58.48 -28.21 76.95
CA LYS HB 163 -59.22 -28.26 78.22
C LYS HB 163 -59.04 -29.64 78.81
N PRO HB 164 -58.00 -29.86 79.61
CA PRO HB 164 -56.94 -28.93 80.03
C PRO HB 164 -55.81 -28.80 79.02
N ARG HB 165 -55.09 -27.68 79.03
CA ARG HB 165 -53.92 -27.55 78.17
C ARG HB 165 -52.72 -28.29 78.74
N PHE HB 166 -52.61 -28.38 80.07
CA PHE HB 166 -51.54 -29.12 80.72
C PHE HB 166 -52.16 -30.16 81.66
N THR HB 167 -51.67 -31.40 81.57
CA THR HB 167 -52.17 -32.48 82.41
C THR HB 167 -51.08 -33.51 82.59
N THR HB 168 -51.19 -34.32 83.64
CA THR HB 168 -50.18 -35.32 83.94
C THR HB 168 -50.38 -36.63 83.21
N LYS HB 169 -51.52 -36.83 82.55
CA LYS HB 169 -51.83 -38.10 81.93
C LYS HB 169 -51.97 -37.93 80.43
N ARG HB 170 -51.33 -38.82 79.68
CA ARG HB 170 -51.43 -38.83 78.23
C ARG HB 170 -52.77 -39.43 77.82
N PRO HB 171 -53.38 -38.92 76.75
CA PRO HB 171 -54.73 -39.37 76.38
C PRO HB 171 -54.73 -40.82 75.91
N ASN HB 172 -55.89 -41.44 76.05
CA ASN HB 172 -56.12 -42.80 75.62
C ASN HB 172 -56.94 -42.77 74.33
N THR HB 173 -56.47 -43.49 73.31
CA THR HB 173 -57.12 -43.48 72.01
C THR HB 173 -58.12 -44.62 71.86
N PHE HB 174 -57.82 -45.78 72.42
CA PHE HB 174 -58.73 -46.92 72.32
C PHE HB 174 -59.95 -46.70 73.20
N PHE HB 175 -61.12 -47.04 72.66
CA PHE HB 175 -62.36 -46.94 73.41
C PHE HB 175 -63.30 -48.09 73.07
N THR IB 1 -49.66 15.29 14.38
CA THR IB 1 -49.24 14.49 13.24
C THR IB 1 -50.41 14.29 12.28
N ASN IB 2 -51.61 14.35 12.83
CA ASN IB 2 -52.81 14.32 11.99
C ASN IB 2 -52.85 15.55 11.11
N THR IB 3 -53.25 15.34 9.86
CA THR IB 3 -53.48 16.47 8.97
C THR IB 3 -54.73 17.22 9.41
N LYS IB 4 -54.90 18.43 8.90
CA LYS IB 4 -56.02 19.28 9.25
C LYS IB 4 -56.96 19.49 8.07
N GLY IB 5 -57.09 18.49 7.20
CA GLY IB 5 -57.97 18.61 6.06
C GLY IB 5 -59.42 18.71 6.50
N LYS IB 6 -60.19 19.49 5.74
CA LYS IB 6 -61.58 19.73 6.08
C LYS IB 6 -62.44 18.48 5.98
N ARG IB 7 -61.97 17.45 5.28
CA ARG IB 7 -62.73 16.23 5.07
C ARG IB 7 -61.87 15.01 5.38
N ARG IB 8 -61.14 15.07 6.49
CA ARG IB 8 -60.33 13.94 6.93
C ARG IB 8 -61.16 13.06 7.86
N GLY IB 9 -61.10 11.75 7.63
CA GLY IB 9 -61.89 10.82 8.40
C GLY IB 9 -63.35 10.76 8.01
N THR IB 10 -63.74 11.43 6.94
CA THR IB 10 -65.12 11.43 6.46
C THR IB 10 -65.32 10.46 5.31
N ARG IB 11 -64.53 9.39 5.25
CA ARG IB 11 -64.64 8.43 4.17
C ARG IB 11 -66.00 7.74 4.17
N TYR IB 12 -66.48 7.34 5.34
CA TYR IB 12 -67.80 6.75 5.46
C TYR IB 12 -68.86 7.73 5.92
N MET IB 13 -68.46 8.83 6.57
CA MET IB 13 -69.45 9.76 7.12
C MET IB 13 -70.21 10.48 6.02
N PHE IB 14 -69.54 10.79 4.91
CA PHE IB 14 -70.17 11.48 3.80
C PHE IB 14 -70.52 10.55 2.64
N SER IB 15 -70.21 9.26 2.74
CA SER IB 15 -70.58 8.34 1.70
C SER IB 15 -72.08 8.08 1.70
N ARG IB 16 -72.62 7.76 0.53
CA ARG IB 16 -74.03 7.46 0.42
C ARG IB 16 -74.33 6.08 1.00
N PRO IB 17 -75.54 5.85 1.49
CA PRO IB 17 -75.95 4.51 1.88
C PRO IB 17 -75.99 3.58 0.68
N PHE IB 18 -75.92 2.29 0.96
CA PHE IB 18 -75.86 1.28 -0.09
C PHE IB 18 -77.13 1.33 -0.94
N ARG IB 19 -76.94 1.40 -2.25
CA ARG IB 19 -78.02 1.48 -3.23
C ARG IB 19 -78.94 2.69 -2.98
N LYS IB 20 -78.36 3.77 -2.48
CA LYS IB 20 -79.06 5.04 -2.32
C LYS IB 20 -78.30 6.17 -3.00
N HIS IB 21 -77.56 5.84 -4.05
CA HIS IB 21 -76.78 6.81 -4.79
C HIS IB 21 -77.68 7.54 -5.77
N GLY IB 22 -77.08 8.33 -6.66
CA GLY IB 22 -77.82 8.91 -7.77
C GLY IB 22 -78.46 10.25 -7.50
N VAL IB 23 -79.61 10.48 -8.12
CA VAL IB 23 -80.31 11.76 -8.02
C VAL IB 23 -80.82 11.97 -6.60
N VAL IB 24 -80.62 13.16 -6.07
CA VAL IB 24 -81.18 13.49 -4.76
C VAL IB 24 -82.69 13.61 -4.89
N PRO IB 25 -83.47 12.88 -4.09
CA PRO IB 25 -84.92 12.99 -4.17
C PRO IB 25 -85.39 14.42 -3.87
N LEU IB 26 -86.38 14.87 -4.62
CA LEU IB 26 -86.72 16.30 -4.64
C LEU IB 26 -87.57 16.75 -3.46
N ALA IB 27 -88.17 15.84 -2.70
CA ALA IB 27 -88.94 16.27 -1.54
C ALA IB 27 -88.05 16.87 -0.46
N THR IB 28 -86.76 16.55 -0.46
CA THR IB 28 -85.83 17.22 0.45
C THR IB 28 -85.72 18.70 0.10
N TYR IB 29 -85.80 19.03 -1.19
CA TYR IB 29 -85.77 20.43 -1.59
C TYR IB 29 -87.09 21.14 -1.30
N MET IB 30 -88.18 20.39 -1.21
CA MET IB 30 -89.50 20.99 -1.05
C MET IB 30 -89.89 21.22 0.41
N ARG IB 31 -89.03 20.89 1.36
CA ARG IB 31 -89.33 21.17 2.76
C ARG IB 31 -89.24 22.65 3.05
N ILE IB 32 -90.07 23.11 3.97
CA ILE IB 32 -90.13 24.52 4.35
C ILE IB 32 -89.49 24.67 5.71
N TYR IB 33 -88.43 25.48 5.78
CA TYR IB 33 -87.74 25.77 7.03
C TYR IB 33 -87.96 27.23 7.39
N LYS IB 34 -88.50 27.46 8.58
CA LYS IB 34 -88.71 28.80 9.11
C LYS IB 34 -87.71 29.08 10.23
N LYS IB 35 -87.67 30.33 10.65
CA LYS IB 35 -86.85 30.68 11.80
C LYS IB 35 -87.46 30.11 13.07
N GLY IB 36 -86.62 29.48 13.89
CA GLY IB 36 -87.03 28.98 15.18
C GLY IB 36 -87.22 27.48 15.27
N ASP IB 37 -87.28 26.78 14.14
CA ASP IB 37 -87.49 25.34 14.21
C ASP IB 37 -86.16 24.60 14.32
N ILE IB 38 -86.24 23.36 14.76
CA ILE IB 38 -85.08 22.56 15.12
C ILE IB 38 -84.83 21.55 14.01
N VAL IB 39 -83.59 21.52 13.51
CA VAL IB 39 -83.22 20.66 12.40
C VAL IB 39 -81.98 19.86 12.76
N ASP IB 40 -81.85 18.69 12.15
CA ASP IB 40 -80.67 17.85 12.31
C ASP IB 40 -79.75 18.05 11.11
N ILE IB 41 -78.45 18.13 11.37
CA ILE IB 41 -77.45 18.33 10.33
C ILE IB 41 -76.93 16.96 9.93
N LYS IB 42 -77.37 16.46 8.78
CA LYS IB 42 -76.86 15.19 8.25
C LYS IB 42 -75.56 15.41 7.46
N GLY IB 43 -75.63 16.14 6.36
CA GLY IB 43 -74.44 16.36 5.57
C GLY IB 43 -74.14 15.29 4.54
N MET IB 44 -75.06 15.06 3.59
CA MET IB 44 -74.86 14.05 2.57
C MET IB 44 -73.78 14.47 1.59
N GLY IB 45 -73.10 13.47 1.01
CA GLY IB 45 -71.94 13.71 0.18
C GLY IB 45 -72.17 13.91 -1.30
N THR IB 46 -73.41 13.71 -1.77
CA THR IB 46 -73.69 13.94 -3.18
C THR IB 46 -73.53 15.42 -3.54
N VAL IB 47 -74.00 16.31 -2.68
CA VAL IB 47 -73.92 17.74 -2.90
C VAL IB 47 -72.71 18.27 -2.15
N GLN IB 48 -71.77 18.87 -2.88
CA GLN IB 48 -70.53 19.35 -2.28
C GLN IB 48 -70.61 20.79 -1.82
N LYS IB 49 -71.48 21.59 -2.42
CA LYS IB 49 -71.64 22.96 -1.98
C LYS IB 49 -72.40 23.02 -0.66
N GLY IB 50 -72.02 23.98 0.18
CA GLY IB 50 -72.73 24.19 1.43
C GLY IB 50 -72.61 23.07 2.43
N MET IB 51 -71.58 22.25 2.32
CA MET IB 51 -71.43 21.12 3.23
C MET IB 51 -71.09 21.62 4.63
N PRO IB 52 -71.66 21.01 5.67
CA PRO IB 52 -71.21 21.29 7.03
C PRO IB 52 -69.88 20.62 7.31
N HIS IB 53 -69.20 21.09 8.34
CA HIS IB 53 -67.98 20.42 8.75
C HIS IB 53 -68.31 19.12 9.45
N LYS IB 54 -67.31 18.24 9.55
CA LYS IB 54 -67.52 16.91 10.10
C LYS IB 54 -67.89 16.95 11.58
N CYS IB 55 -67.60 18.04 12.28
CA CYS IB 55 -67.95 18.14 13.69
C CYS IB 55 -69.42 18.47 13.91
N TYR IB 56 -70.15 18.84 12.86
CA TYR IB 56 -71.56 19.15 12.97
C TYR IB 56 -72.46 18.04 12.46
N HIS IB 57 -71.89 17.01 11.83
CA HIS IB 57 -72.67 15.85 11.43
C HIS IB 57 -73.24 15.16 12.67
N GLY IB 58 -74.55 14.93 12.67
CA GLY IB 58 -75.21 14.34 13.80
C GLY IB 58 -75.63 15.31 14.89
N LYS IB 59 -75.33 16.59 14.73
CA LYS IB 59 -75.72 17.59 15.70
C LYS IB 59 -77.06 18.21 15.34
N THR IB 60 -77.65 18.92 16.30
CA THR IB 60 -78.97 19.50 16.15
C THR IB 60 -78.92 20.97 16.56
N GLY IB 61 -79.56 21.82 15.76
CA GLY IB 61 -79.56 23.25 16.03
C GLY IB 61 -80.89 23.87 15.64
N ARG IB 62 -80.94 25.19 15.74
CA ARG IB 62 -82.15 25.96 15.48
C ARG IB 62 -81.88 26.95 14.35
N VAL IB 63 -82.80 27.01 13.39
CA VAL IB 63 -82.66 27.90 12.25
C VAL IB 63 -82.85 29.35 12.70
N TYR IB 64 -81.95 30.22 12.29
CA TYR IB 64 -82.09 31.65 12.53
C TYR IB 64 -82.12 32.49 11.27
N ASN IB 65 -81.66 31.95 10.14
CA ASN IB 65 -81.58 32.67 8.88
C ASN IB 65 -82.03 31.76 7.77
N VAL IB 66 -82.74 32.31 6.79
CA VAL IB 66 -83.21 31.54 5.63
C VAL IB 66 -82.78 32.28 4.38
N THR IB 67 -82.16 31.55 3.46
CA THR IB 67 -81.69 32.10 2.19
C THR IB 67 -82.25 31.28 1.04
N GLN IB 68 -81.73 31.53 -0.17
CA GLN IB 68 -82.28 30.90 -1.37
C GLN IB 68 -82.10 29.38 -1.35
N HIS IB 69 -80.93 28.90 -0.93
CA HIS IB 69 -80.62 27.48 -1.02
C HIS IB 69 -80.05 26.93 0.27
N ALA IB 70 -80.12 27.68 1.36
CA ALA IB 70 -79.49 27.26 2.60
C ALA IB 70 -80.21 27.89 3.77
N VAL IB 71 -79.81 27.49 4.98
CA VAL IB 71 -80.27 28.10 6.21
C VAL IB 71 -79.06 28.34 7.10
N GLY IB 72 -79.24 29.26 8.05
CA GLY IB 72 -78.27 29.46 9.11
C GLY IB 72 -78.76 28.77 10.37
N ILE IB 73 -77.87 28.00 10.99
CA ILE IB 73 -78.22 27.14 12.11
C ILE IB 73 -77.36 27.52 13.30
N VAL IB 74 -77.98 27.74 14.45
CA VAL IB 74 -77.28 27.93 15.70
C VAL IB 74 -77.15 26.57 16.37
N VAL IB 75 -75.95 26.00 16.34
CA VAL IB 75 -75.70 24.66 16.82
C VAL IB 75 -74.61 24.72 17.89
N ASN IB 76 -74.83 24.00 18.98
CA ASN IB 76 -73.85 23.97 20.06
C ASN IB 76 -72.68 23.09 19.69
N LYS IB 77 -71.46 23.60 19.90
CA LYS IB 77 -70.24 22.85 19.70
C LYS IB 77 -69.42 22.92 20.99
N GLN IB 78 -68.96 21.77 21.46
CA GLN IB 78 -68.15 21.73 22.68
C GLN IB 78 -66.68 21.81 22.30
N VAL IB 79 -66.01 22.85 22.76
CA VAL IB 79 -64.58 23.05 22.54
C VAL IB 79 -63.92 23.05 23.90
N LYS IB 80 -63.09 22.04 24.15
CA LYS IB 80 -62.39 21.84 25.42
C LYS IB 80 -63.43 21.84 26.53
N GLY IB 81 -63.39 22.76 27.48
CA GLY IB 81 -64.34 22.75 28.57
C GLY IB 81 -65.36 23.86 28.53
N LYS IB 82 -65.80 24.22 27.32
CA LYS IB 82 -66.84 25.22 27.16
C LYS IB 82 -67.66 24.87 25.93
N ILE IB 83 -68.96 25.12 26.01
CA ILE IB 83 -69.87 24.95 24.90
C ILE IB 83 -70.22 26.33 24.37
N LEU IB 84 -70.05 26.53 23.07
CA LEU IB 84 -70.32 27.81 22.44
C LEU IB 84 -71.18 27.61 21.20
N ALA IB 85 -72.05 28.58 20.95
CA ALA IB 85 -73.09 28.46 19.92
C ALA IB 85 -72.54 28.91 18.59
N LYS IB 86 -72.20 27.95 17.75
CA LYS IB 86 -71.75 28.23 16.39
C LYS IB 86 -72.93 28.57 15.49
N ARG IB 87 -72.66 29.38 14.47
CA ARG IB 87 -73.67 29.76 13.48
C ARG IB 87 -73.12 29.37 12.11
N ILE IB 88 -73.72 28.35 11.51
CA ILE IB 88 -73.21 27.75 10.28
C ILE IB 88 -74.25 27.89 9.18
N ASN IB 89 -73.77 28.17 7.97
CA ASN IB 89 -74.63 28.16 6.78
C ASN IB 89 -74.54 26.79 6.13
N VAL IB 90 -75.68 26.13 5.99
CA VAL IB 90 -75.74 24.77 5.48
C VAL IB 90 -76.85 24.69 4.45
N ARG IB 91 -76.53 24.17 3.27
CA ARG IB 91 -77.53 23.99 2.22
C ARG IB 91 -78.55 22.94 2.64
N ILE IB 92 -79.79 23.11 2.16
CA ILE IB 92 -80.93 22.39 2.72
C ILE IB 92 -80.87 20.89 2.46
N GLU IB 93 -80.05 20.43 1.52
CA GLU IB 93 -79.90 18.99 1.32
C GLU IB 93 -79.20 18.31 2.48
N HIS IB 94 -78.49 19.07 3.30
CA HIS IB 94 -77.74 18.51 4.41
C HIS IB 94 -78.48 18.63 5.74
N ILE IB 95 -79.76 19.00 5.73
CA ILE IB 95 -80.54 19.11 6.95
C ILE IB 95 -81.91 18.48 6.74
N LYS IB 96 -82.57 18.18 7.85
CA LYS IB 96 -83.93 17.68 7.85
C LYS IB 96 -84.58 18.10 9.15
N HIS IB 97 -85.92 18.12 9.16
CA HIS IB 97 -86.64 18.53 10.35
C HIS IB 97 -86.45 17.51 11.47
N SER IB 98 -86.22 18.03 12.67
CA SER IB 98 -86.02 17.17 13.83
C SER IB 98 -87.36 16.71 14.37
N LYS IB 99 -87.57 15.40 14.43
CA LYS IB 99 -88.84 14.87 14.88
C LYS IB 99 -89.03 14.96 16.38
N SER IB 100 -87.96 15.21 17.14
CA SER IB 100 -88.11 15.41 18.58
C SER IB 100 -88.92 16.66 18.87
N ARG IB 101 -88.69 17.72 18.12
CA ARG IB 101 -89.48 18.93 18.27
C ARG IB 101 -90.94 18.68 17.89
N ASP IB 102 -91.17 17.92 16.83
CA ASP IB 102 -92.52 17.68 16.35
C ASP IB 102 -93.34 16.91 17.37
N SER IB 103 -92.75 15.87 17.97
CA SER IB 103 -93.50 15.04 18.90
C SER IB 103 -93.85 15.80 20.17
N PHE IB 104 -93.02 16.77 20.55
CA PHE IB 104 -93.33 17.58 21.73
C PHE IB 104 -94.46 18.54 21.46
N LEU IB 105 -94.52 19.11 20.26
CA LEU IB 105 -95.59 20.03 19.90
C LEU IB 105 -96.93 19.30 19.78
N LYS IB 106 -96.91 18.03 19.38
CA LYS IB 106 -98.12 17.24 19.41
C LYS IB 106 -98.58 17.03 20.85
N ARG IB 107 -97.64 16.83 21.77
CA ARG IB 107 -97.99 16.68 23.17
C ARG IB 107 -98.57 17.97 23.74
N VAL IB 108 -98.05 19.12 23.30
CA VAL IB 108 -98.56 20.41 23.78
C VAL IB 108 -99.99 20.63 23.29
N LYS IB 109 -100.24 20.37 22.00
CA LYS IB 109 -101.58 20.56 21.46
C LYS IB 109 -102.59 19.63 22.13
N GLU IB 110 -102.18 18.39 22.39
CA GLU IB 110 -103.05 17.48 23.14
C GLU IB 110 -103.23 17.95 24.58
N ASN IB 111 -102.18 18.51 25.18
CA ASN IB 111 -102.27 18.97 26.57
C ASN IB 111 -103.25 20.13 26.71
N ASP IB 112 -103.19 21.09 25.79
CA ASP IB 112 -104.09 22.23 25.87
C ASP IB 112 -105.53 21.83 25.60
N GLN IB 113 -105.73 20.89 24.68
CA GLN IB 113 -107.06 20.38 24.43
C GLN IB 113 -107.60 19.62 25.64
N LYS IB 114 -106.75 18.83 26.29
CA LYS IB 114 -107.19 18.03 27.41
C LYS IB 114 -107.49 18.90 28.62
N LYS IB 115 -106.70 19.96 28.84
CA LYS IB 115 -107.01 20.91 29.90
C LYS IB 115 -108.33 21.63 29.65
N LYS IB 116 -108.57 22.00 28.39
CA LYS IB 116 -109.81 22.69 28.04
C LYS IB 116 -111.02 21.79 28.25
N GLU IB 117 -110.91 20.53 27.81
CA GLU IB 117 -112.04 19.60 27.94
C GLU IB 117 -112.29 19.24 29.40
N ALA IB 118 -111.23 19.05 30.19
CA ALA IB 118 -111.39 18.66 31.59
C ALA IB 118 -112.04 19.78 32.40
N LYS IB 119 -111.64 21.03 32.15
CA LYS IB 119 -112.30 22.15 32.80
C LYS IB 119 -113.74 22.29 32.32
N GLU IB 120 -114.04 21.80 31.12
CA GLU IB 120 -115.41 21.83 30.63
C GLU IB 120 -116.31 20.89 31.42
N LYS IB 121 -115.85 19.66 31.65
CA LYS IB 121 -116.68 18.62 32.25
C LYS IB 121 -116.37 18.36 33.72
N GLY IB 122 -115.53 19.18 34.34
CA GLY IB 122 -115.51 19.25 35.79
C GLY IB 122 -114.31 18.75 36.58
N THR IB 123 -113.76 17.59 36.24
CA THR IB 123 -112.80 16.93 37.12
C THR IB 123 -111.39 16.99 36.55
N TRP IB 124 -110.42 16.71 37.43
CA TRP IB 124 -109.01 16.80 37.11
C TRP IB 124 -108.54 15.58 36.33
N VAL IB 125 -107.58 15.80 35.43
CA VAL IB 125 -107.03 14.75 34.58
C VAL IB 125 -105.51 14.89 34.57
N GLN IB 126 -104.84 13.80 34.19
CA GLN IB 126 -103.38 13.74 34.25
C GLN IB 126 -102.77 14.30 32.96
N LEU IB 127 -101.82 15.22 33.12
CA LEU IB 127 -101.10 15.81 31.99
C LEU IB 127 -99.63 15.47 31.96
N LYS IB 128 -98.96 15.46 33.11
CA LYS IB 128 -97.57 15.02 33.16
C LYS IB 128 -97.48 13.55 32.79
N ARG IB 129 -96.33 13.16 32.25
CA ARG IB 129 -96.06 11.75 31.97
C ARG IB 129 -95.11 11.23 33.05
N GLN IB 130 -95.54 10.20 33.73
CA GLN IB 130 -94.74 9.59 34.78
C GLN IB 130 -93.78 8.56 34.21
N PRO IB 131 -92.69 8.26 34.89
CA PRO IB 131 -91.87 7.12 34.50
C PRO IB 131 -92.63 5.82 34.70
N ALA IB 132 -92.19 4.78 33.99
CA ALA IB 132 -92.82 3.47 34.04
C ALA IB 132 -92.93 2.97 35.48
N PRO IB 133 -94.13 2.90 36.02
CA PRO IB 133 -94.29 2.56 37.43
C PRO IB 133 -94.02 1.09 37.66
N PRO IB 134 -93.82 0.68 38.92
CA PRO IB 134 -93.71 -0.76 39.21
C PRO IB 134 -94.98 -1.49 38.83
N ARG IB 135 -94.81 -2.73 38.39
CA ARG IB 135 -95.93 -3.53 37.92
C ARG IB 135 -96.91 -3.82 39.06
N GLU IB 136 -98.19 -3.62 38.80
CA GLU IB 136 -99.20 -3.83 39.82
C GLU IB 136 -99.40 -5.33 40.07
N ALA IB 137 -99.99 -5.64 41.22
CA ALA IB 137 -100.25 -7.03 41.56
C ALA IB 137 -101.29 -7.63 40.62
N HIS IB 138 -101.10 -8.89 40.27
CA HIS IB 138 -101.99 -9.56 39.34
C HIS IB 138 -101.94 -11.06 39.58
N PHE IB 139 -102.92 -11.76 39.04
CA PHE IB 139 -102.99 -13.21 39.11
C PHE IB 139 -102.53 -13.81 37.79
N VAL IB 140 -101.92 -14.98 37.87
CA VAL IB 140 -101.47 -15.73 36.69
C VAL IB 140 -102.16 -17.08 36.73
N ARG IB 141 -103.11 -17.29 35.84
CA ARG IB 141 -103.83 -18.55 35.80
C ARG IB 141 -102.95 -19.66 35.21
N THR IB 142 -103.12 -20.87 35.73
CA THR IB 142 -102.44 -22.04 35.18
C THR IB 142 -103.24 -22.71 34.08
N ASN IB 143 -104.56 -22.53 34.09
CA ASN IB 143 -105.48 -23.15 33.13
C ASN IB 143 -105.38 -24.68 33.17
N GLY IB 144 -105.11 -25.24 34.36
CA GLY IB 144 -105.02 -26.67 34.54
C GLY IB 144 -103.69 -27.28 34.19
N LYS IB 145 -102.81 -26.55 33.50
CA LYS IB 145 -101.53 -27.08 33.06
C LYS IB 145 -100.47 -26.85 34.13
N GLU IB 146 -99.70 -27.89 34.41
CA GLU IB 146 -98.53 -27.68 35.25
C GLU IB 146 -97.42 -27.02 34.42
N PRO IB 147 -96.71 -26.05 34.98
CA PRO IB 147 -95.60 -25.43 34.25
C PRO IB 147 -94.55 -26.44 33.87
N GLU IB 148 -94.00 -26.28 32.67
CA GLU IB 148 -93.04 -27.24 32.15
C GLU IB 148 -91.72 -27.13 32.90
N LEU IB 149 -91.19 -28.27 33.32
CA LEU IB 149 -89.91 -28.29 34.01
C LEU IB 149 -88.77 -28.05 33.02
N LEU IB 150 -87.86 -27.16 33.39
CA LEU IB 150 -86.71 -26.82 32.57
C LEU IB 150 -85.44 -27.29 33.27
N GLU IB 151 -84.57 -27.97 32.52
CA GLU IB 151 -83.31 -28.45 33.05
C GLU IB 151 -82.18 -27.96 32.17
N PRO IB 152 -81.03 -27.62 32.76
CA PRO IB 152 -79.84 -27.36 31.94
C PRO IB 152 -79.44 -28.61 31.19
N ILE IB 153 -78.94 -28.42 29.97
CA ILE IB 153 -78.64 -29.52 29.07
C ILE IB 153 -77.19 -29.96 29.27
N PRO IB 154 -76.86 -31.23 29.03
CA PRO IB 154 -75.47 -31.66 29.14
C PRO IB 154 -74.61 -31.02 28.07
N TYR IB 155 -73.34 -30.83 28.40
CA TYR IB 155 -72.39 -30.27 27.46
C TYR IB 155 -71.93 -31.33 26.47
N GLU IB 156 -71.81 -30.94 25.21
CA GLU IB 156 -71.20 -31.79 24.21
C GLU IB 156 -70.57 -30.91 23.15
N PHE IB 157 -69.42 -31.33 22.63
CA PHE IB 157 -68.71 -30.51 21.66
C PHE IB 157 -69.42 -30.56 20.32
N MET IB 158 -69.91 -29.40 19.87
CA MET IB 158 -70.67 -29.34 18.63
C MET IB 158 -69.79 -29.63 17.43
N ALA IB 159 -68.74 -28.83 17.25
CA ALA IB 159 -67.85 -29.01 16.11
C ALA IB 159 -66.44 -28.51 16.44
N GLN JB 1 89.63 22.51 65.21
CA GLN JB 1 89.42 21.10 64.90
C GLN JB 1 88.81 20.37 66.11
N VAL JB 2 88.28 21.15 67.05
CA VAL JB 2 87.70 20.61 68.27
C VAL JB 2 86.28 21.14 68.39
N LEU JB 3 85.32 20.24 68.65
CA LEU JB 3 83.92 20.62 68.79
C LEU JB 3 83.60 21.06 70.22
N LYS JB 4 83.85 20.18 71.19
CA LYS JB 4 83.83 20.49 72.62
C LYS JB 4 82.46 21.01 73.07
N PHE JB 5 81.47 20.12 73.00
CA PHE JB 5 80.17 20.38 73.59
C PHE JB 5 80.16 19.88 75.02
N THR JB 6 79.69 20.71 75.94
CA THR JB 6 79.70 20.40 77.36
C THR JB 6 78.30 20.11 77.86
N LEU JB 7 78.19 19.15 78.76
CA LEU JB 7 76.93 18.80 79.42
C LEU JB 7 77.01 19.24 80.87
N ASP JB 8 75.93 19.83 81.36
CA ASP JB 8 75.91 20.44 82.69
C ASP JB 8 74.90 19.68 83.55
N CYS JB 9 75.36 18.61 84.18
CA CYS JB 9 74.54 17.83 85.11
C CYS JB 9 74.92 18.25 86.53
N THR JB 10 74.42 19.41 86.94
CA THR JB 10 74.70 19.96 88.26
C THR JB 10 73.48 19.96 89.16
N HIS JB 11 72.37 20.55 88.71
CA HIS JB 11 71.15 20.53 89.49
C HIS JB 11 70.64 19.13 89.82
N PRO JB 12 70.62 18.15 88.91
CA PRO JB 12 70.14 16.82 89.31
C PRO JB 12 71.10 16.08 90.22
N VAL JB 13 72.41 16.28 90.09
CA VAL JB 13 73.34 15.55 90.94
C VAL JB 13 73.45 16.15 92.33
N GLU JB 14 73.07 17.41 92.51
CA GLU JB 14 73.01 17.99 93.84
C GLU JB 14 71.69 17.70 94.54
N ASP JB 15 70.79 16.97 93.89
CA ASP JB 15 69.58 16.48 94.51
C ASP JB 15 69.52 14.96 94.57
N GLY JB 16 70.51 14.26 94.02
CA GLY JB 16 70.58 12.82 94.13
C GLY JB 16 69.67 12.04 93.21
N ILE JB 17 68.92 12.72 92.33
CA ILE JB 17 68.03 12.00 91.42
C ILE JB 17 68.80 11.27 90.33
N MET JB 18 70.05 11.65 90.09
CA MET JB 18 70.92 10.90 89.20
C MET JB 18 72.37 11.26 89.52
N ASP JB 19 73.26 10.30 89.29
CA ASP JB 19 74.69 10.48 89.48
C ASP JB 19 75.34 10.60 88.11
N ALA JB 20 76.22 11.60 87.97
CA ALA JB 20 76.87 11.83 86.69
C ALA JB 20 77.86 10.73 86.33
N ALA JB 21 78.28 9.92 87.31
CA ALA JB 21 79.16 8.81 87.01
C ALA JB 21 78.45 7.77 86.14
N ASN JB 22 77.20 7.47 86.45
CA ASN JB 22 76.45 6.51 85.65
C ASN JB 22 76.04 7.10 84.31
N PHE JB 23 75.71 8.38 84.27
CA PHE JB 23 75.40 9.04 83.00
C PHE JB 23 76.62 9.07 82.10
N GLU JB 24 77.79 9.35 82.65
CA GLU JB 24 79.02 9.27 81.87
C GLU JB 24 79.27 7.85 81.39
N GLN JB 25 79.01 6.86 82.25
CA GLN JB 25 79.13 5.47 81.86
C GLN JB 25 78.15 5.11 80.76
N PHE JB 26 77.04 5.84 80.67
CA PHE JB 26 76.05 5.59 79.62
C PHE JB 26 76.54 6.10 78.27
N LEU JB 27 77.22 7.25 78.27
CA LEU JB 27 77.42 7.99 77.03
C LEU JB 27 78.45 7.33 76.11
N GLN JB 28 79.56 6.83 76.68
CA GLN JB 28 80.70 6.50 75.83
C GLN JB 28 80.48 5.26 74.97
N GLU JB 29 79.49 4.43 75.29
CA GLU JB 29 79.16 3.31 74.41
C GLU JB 29 77.92 3.54 73.56
N ARG JB 30 77.03 4.43 73.98
CA ARG JB 30 75.88 4.77 73.13
C ARG JB 30 76.24 5.77 72.05
N ILE JB 31 77.41 6.41 72.15
CA ILE JB 31 77.83 7.36 71.12
C ILE JB 31 78.31 6.61 69.90
N LYS JB 32 77.76 6.93 68.74
CA LYS JB 32 78.12 6.30 67.49
C LYS JB 32 79.06 7.18 66.69
N VAL JB 33 80.10 6.58 66.13
CA VAL JB 33 80.98 7.24 65.19
C VAL JB 33 80.97 6.44 63.89
N ASN JB 34 80.61 7.10 62.79
CA ASN JB 34 80.47 6.47 61.47
C ASN JB 34 79.51 5.29 61.52
N GLY JB 35 78.48 5.39 62.37
CA GLY JB 35 77.47 4.37 62.48
C GLY JB 35 77.76 3.27 63.48
N LYS JB 36 79.01 3.14 63.92
CA LYS JB 36 79.41 2.08 64.84
C LYS JB 36 79.48 2.64 66.24
N ALA JB 37 78.73 2.03 67.16
CA ALA JB 37 78.75 2.43 68.55
C ALA JB 37 79.86 1.70 69.30
N GLY JB 38 80.05 2.07 70.56
CA GLY JB 38 81.07 1.46 71.38
C GLY JB 38 82.46 2.01 71.10
N ASN JB 39 83.29 2.07 72.14
CA ASN JB 39 84.70 2.50 72.11
C ASN JB 39 84.92 3.83 71.39
N LEU JB 40 83.87 4.65 71.28
CA LEU JB 40 83.96 6.03 70.79
C LEU JB 40 84.61 6.11 69.41
N GLY JB 41 84.34 5.11 68.57
CA GLY JB 41 84.93 5.10 67.24
C GLY JB 41 86.44 5.04 67.24
N GLY JB 42 87.02 4.17 68.07
CA GLY JB 42 88.46 4.08 68.19
C GLY JB 42 89.10 5.29 68.84
N GLY JB 43 88.45 5.85 69.86
CA GLY JB 43 89.03 6.97 70.58
C GLY JB 43 89.06 8.28 69.84
N VAL JB 44 88.32 8.39 68.74
CA VAL JB 44 88.30 9.65 67.99
C VAL JB 44 87.40 10.68 68.67
N VAL JB 45 86.54 10.25 69.58
CA VAL JB 45 85.70 11.15 70.36
C VAL JB 45 86.09 10.97 71.81
N THR JB 46 86.85 11.94 72.34
CA THR JB 46 87.36 11.86 73.71
C THR JB 46 86.31 12.37 74.69
N ILE JB 47 86.13 11.65 75.79
CA ILE JB 47 85.10 11.93 76.76
C ILE JB 47 85.72 12.03 78.15
N GLU JB 48 85.33 13.04 78.91
CA GLU JB 48 85.85 13.22 80.26
C GLU JB 48 84.84 14.04 81.06
N ARG JB 49 84.99 13.97 82.38
CA ARG JB 49 84.08 14.64 83.30
C ARG JB 49 84.86 15.38 84.37
N SER JB 50 84.38 16.56 84.75
CA SER JB 50 84.94 17.36 85.83
C SER JB 50 84.14 17.21 87.12
N LYS JB 51 83.60 16.01 87.34
CA LYS JB 51 82.87 15.60 88.55
C LYS JB 51 81.49 16.23 88.64
N SER JB 52 81.18 17.19 87.78
CA SER JB 52 79.82 17.67 87.62
C SER JB 52 79.42 17.93 86.18
N LYS JB 53 80.36 18.04 85.24
CA LYS JB 53 80.07 18.38 83.86
C LYS JB 53 80.78 17.41 82.94
N ILE JB 54 80.05 16.91 81.96
CA ILE JB 54 80.56 15.90 81.04
C ILE JB 54 80.79 16.56 79.69
N THR JB 55 82.06 16.83 79.37
CA THR JB 55 82.42 17.48 78.12
C THR JB 55 82.81 16.44 77.08
N VAL JB 56 82.38 16.67 75.84
CA VAL JB 56 82.59 15.75 74.72
C VAL JB 56 83.40 16.48 73.67
N THR JB 57 84.64 16.04 73.47
CA THR JB 57 85.54 16.65 72.51
C THR JB 57 85.71 15.72 71.32
N SER JB 58 85.55 16.26 70.11
CA SER JB 58 85.63 15.46 68.90
C SER JB 58 86.46 16.19 67.84
N GLU JB 59 87.10 15.42 66.97
CA GLU JB 59 87.80 15.96 65.82
C GLU JB 59 87.14 15.59 64.50
N VAL JB 60 86.15 14.71 64.52
CA VAL JB 60 85.33 14.40 63.35
C VAL JB 60 84.08 15.28 63.43
N PRO JB 61 83.36 15.49 62.33
CA PRO JB 61 82.12 16.27 62.40
C PRO JB 61 81.12 15.63 63.36
N PHE JB 62 80.72 16.39 64.36
CA PHE JB 62 79.82 15.91 65.40
C PHE JB 62 78.63 16.86 65.52
N SER JB 63 77.49 16.30 65.93
CA SER JB 63 76.26 17.07 66.10
C SER JB 63 75.99 17.29 67.57
N LYS JB 64 75.77 18.54 67.94
CA LYS JB 64 75.39 18.86 69.32
C LYS JB 64 74.01 18.31 69.65
N ARG JB 65 73.08 18.35 68.68
CA ARG JB 65 71.74 17.83 68.92
C ARG JB 65 71.77 16.34 69.16
N TYR JB 66 72.80 15.63 68.67
CA TYR JB 66 72.96 14.22 68.99
C TYR JB 66 73.18 14.03 70.48
N LEU JB 67 73.94 14.93 71.12
CA LEU JB 67 74.13 14.84 72.56
C LEU JB 67 72.83 15.05 73.31
N LYS JB 68 71.98 15.96 72.83
CA LYS JB 68 70.66 16.11 73.43
C LYS JB 68 69.82 14.87 73.23
N TYR JB 69 69.92 14.25 72.05
CA TYR JB 69 69.15 13.05 71.78
C TYR JB 69 69.55 11.89 72.70
N LEU JB 70 70.85 11.74 72.93
CA LEU JB 70 71.32 10.68 73.82
C LEU JB 70 71.00 10.98 75.28
N THR JB 71 71.10 12.24 75.67
CA THR JB 71 70.77 12.61 77.05
C THR JB 71 69.29 12.36 77.33
N LYS JB 72 68.41 12.71 76.41
CA LYS JB 72 66.99 12.47 76.60
C LYS JB 72 66.70 10.97 76.63
N LYS JB 73 67.51 10.17 75.93
CA LYS JB 73 67.35 8.72 76.01
C LYS JB 73 67.72 8.20 77.40
N TYR JB 74 68.78 8.76 77.99
CA TYR JB 74 69.19 8.34 79.33
C TYR JB 74 68.16 8.73 80.37
N LEU JB 75 67.58 9.94 80.25
CA LEU JB 75 66.56 10.36 81.19
C LEU JB 75 65.31 9.50 81.09
N LYS JB 76 64.93 9.09 79.87
CA LYS JB 76 63.81 8.19 79.73
C LYS JB 76 64.11 6.84 80.35
N LYS JB 77 65.38 6.41 80.28
CA LYS JB 77 65.77 5.14 80.87
C LYS JB 77 65.61 5.15 82.38
N ASN JB 78 65.92 6.28 83.02
CA ASN JB 78 65.89 6.41 84.47
C ASN JB 78 64.64 7.09 84.98
N ASN JB 79 63.61 7.22 84.16
CA ASN JB 79 62.31 7.83 84.52
C ASN JB 79 62.45 9.29 84.94
N LEU JB 80 63.57 9.92 84.61
CA LEU JB 80 63.80 11.33 84.91
C LEU JB 80 63.27 12.26 83.85
N ARG JB 81 62.83 11.74 82.70
CA ARG JB 81 62.37 12.58 81.61
C ARG JB 81 61.15 13.40 82.00
N ASP JB 82 60.36 12.93 82.97
CA ASP JB 82 59.18 13.67 83.38
C ASP JB 82 59.53 14.88 84.24
N TRP JB 83 60.66 14.84 84.95
CA TRP JB 83 61.04 15.94 85.83
C TRP JB 83 62.10 16.85 85.24
N LEU JB 84 63.09 16.30 84.56
CA LEU JB 84 64.21 17.06 84.03
C LEU JB 84 63.99 17.38 82.56
N ARG JB 85 64.81 18.31 82.06
CA ARG JB 85 64.61 18.89 80.74
C ARG JB 85 65.91 19.46 80.23
N VAL JB 86 66.37 18.96 79.09
CA VAL JB 86 67.65 19.38 78.51
C VAL JB 86 67.45 20.71 77.79
N VAL JB 87 68.20 21.73 78.21
CA VAL JB 87 68.08 23.07 77.68
C VAL JB 87 69.46 23.59 77.32
N ALA JB 88 69.60 24.10 76.10
CA ALA JB 88 70.86 24.71 75.66
C ALA JB 88 71.01 26.05 76.36
N ASN JB 89 71.80 26.08 77.43
CA ASN JB 89 72.00 27.31 78.18
C ASN JB 89 72.92 28.29 77.46
N SER JB 90 73.71 27.81 76.51
CA SER JB 90 74.60 28.66 75.72
C SER JB 90 74.99 27.88 74.47
N LYS JB 91 75.90 28.44 73.68
CA LYS JB 91 76.50 27.69 72.60
C LYS JB 91 77.36 26.57 73.15
N GLU JB 92 77.41 25.46 72.41
CA GLU JB 92 78.18 24.25 72.72
C GLU JB 92 78.06 23.83 74.18
N SER JB 93 76.90 24.04 74.78
CA SER JB 93 76.68 23.67 76.17
C SER JB 93 75.22 23.36 76.39
N TYR JB 94 74.92 22.15 76.82
CA TYR JB 94 73.59 21.75 77.28
C TYR JB 94 73.57 21.77 78.80
N GLU JB 95 72.36 21.87 79.35
CA GLU JB 95 72.18 22.01 80.78
C GLU JB 95 70.76 21.59 81.12
N LEU JB 96 70.63 20.54 81.92
CA LEU JB 96 69.32 20.00 82.27
C LEU JB 96 68.88 20.56 83.60
N ARG JB 97 67.61 20.94 83.69
CA ARG JB 97 67.02 21.55 84.86
C ARG JB 97 65.59 21.06 85.01
N TYR JB 98 64.89 21.58 86.02
CA TYR JB 98 63.56 21.12 86.35
C TYR JB 98 62.50 22.00 85.68
N PHE JB 99 61.28 21.47 85.63
CA PHE JB 99 60.14 22.29 85.23
C PHE JB 99 59.70 23.17 86.40
N GLN JB 100 58.86 24.15 86.09
CA GLN JB 100 58.46 25.15 87.06
C GLN JB 100 57.00 24.98 87.45
N ILE JB 101 56.69 25.32 88.70
CA ILE JB 101 55.32 25.30 89.20
C ILE JB 101 54.95 26.67 89.76
N SER KB 1 12.45 -55.72 43.96
CA SER KB 1 12.31 -54.56 43.09
C SER KB 1 13.04 -53.34 43.66
N GLY KB 2 12.29 -52.43 44.26
CA GLY KB 2 12.86 -51.23 44.83
C GLY KB 2 12.73 -50.03 43.91
N ALA KB 3 12.09 -48.97 44.40
CA ALA KB 3 11.90 -47.76 43.63
C ALA KB 3 12.92 -46.69 44.02
N LYS KB 4 13.05 -45.69 43.14
CA LYS KB 4 14.02 -44.62 43.38
C LYS KB 4 13.53 -43.70 44.49
N PHE KB 5 14.41 -43.39 45.42
CA PHE KB 5 14.09 -42.43 46.46
C PHE KB 5 14.17 -41.01 45.92
N ARG KB 6 13.59 -40.08 46.67
CA ARG KB 6 13.63 -38.68 46.27
C ARG KB 6 15.02 -38.11 46.46
N ILE KB 7 15.44 -37.29 45.48
CA ILE KB 7 16.75 -36.66 45.50
C ILE KB 7 16.56 -35.18 45.15
N SER KB 8 17.56 -34.38 45.50
CA SER KB 8 17.57 -32.99 45.08
C SER KB 8 17.67 -32.91 43.57
N LEU KB 9 16.79 -32.12 42.96
CA LEU KB 9 16.68 -32.13 41.50
C LEU KB 9 17.76 -31.28 40.85
N GLY KB 10 17.74 -29.98 41.09
CA GLY KB 10 18.80 -29.10 40.66
C GLY KB 10 18.80 -28.68 39.22
N LEU KB 11 18.17 -29.44 38.31
CA LEU KB 11 18.21 -29.16 36.88
C LEU KB 11 16.82 -28.81 36.36
N PRO KB 12 16.43 -27.53 36.43
CA PRO KB 12 15.09 -27.15 35.94
C PRO KB 12 15.02 -27.11 34.43
N VAL KB 13 13.84 -26.77 33.90
CA VAL KB 13 13.68 -26.59 32.47
C VAL KB 13 14.48 -25.37 32.02
N GLY KB 14 15.22 -25.53 30.92
CA GLY KB 14 16.09 -24.49 30.43
C GLY KB 14 17.56 -24.73 30.69
N ALA KB 15 17.88 -25.72 31.52
CA ALA KB 15 19.27 -26.05 31.78
C ALA KB 15 19.89 -26.73 30.57
N VAL KB 16 21.15 -26.42 30.32
CA VAL KB 16 21.92 -27.08 29.26
C VAL KB 16 22.97 -27.94 29.93
N ILE KB 17 22.91 -29.25 29.67
CA ILE KB 17 23.80 -30.21 30.28
C ILE KB 17 24.65 -30.84 29.18
N ASN KB 18 25.72 -31.51 29.59
CA ASN KB 18 26.57 -32.19 28.64
C ASN KB 18 25.87 -33.44 28.11
N CYS KB 19 26.27 -33.86 26.92
CA CYS KB 19 25.76 -35.07 26.29
C CYS KB 19 26.90 -36.09 26.30
N ALA KB 20 26.79 -37.10 27.15
CA ALA KB 20 27.91 -37.97 27.47
C ALA KB 20 28.03 -39.17 26.55
N ASP KB 21 27.11 -39.36 25.62
CA ASP KB 21 27.21 -40.48 24.70
C ASP KB 21 28.06 -40.07 23.49
N ASN KB 22 28.08 -40.92 22.46
CA ASN KB 22 28.86 -40.67 21.26
C ASN KB 22 27.96 -40.49 20.04
N THR KB 23 26.75 -39.97 20.24
CA THR KB 23 25.82 -39.75 19.15
C THR KB 23 26.23 -38.58 18.25
N GLY KB 24 27.25 -37.81 18.65
CA GLY KB 24 27.59 -36.60 17.94
C GLY KB 24 26.99 -35.34 18.52
N ALA KB 25 26.13 -35.48 19.53
CA ALA KB 25 25.58 -34.33 20.23
C ALA KB 25 26.55 -33.89 21.33
N LYS KB 26 26.68 -32.58 21.51
CA LYS KB 26 27.59 -32.02 22.49
C LYS KB 26 26.89 -31.58 23.76
N ASN KB 27 25.70 -30.99 23.65
CA ASN KB 27 24.94 -30.59 24.82
C ASN KB 27 23.47 -30.92 24.61
N LEU KB 28 22.74 -30.95 25.72
CA LEU KB 28 21.31 -31.20 25.73
C LEU KB 28 20.61 -30.08 26.47
N TYR KB 29 19.63 -29.46 25.83
CA TYR KB 29 18.85 -28.39 26.43
C TYR KB 29 17.54 -28.97 26.91
N ILE KB 30 17.37 -29.05 28.24
CA ILE KB 30 16.19 -29.69 28.82
C ILE KB 30 14.99 -28.77 28.63
N ILE KB 31 13.92 -29.34 28.05
CA ILE KB 31 12.70 -28.58 27.83
C ILE KB 31 11.55 -29.03 28.74
N SER KB 32 11.64 -30.22 29.32
CA SER KB 32 10.61 -30.73 30.23
C SER KB 32 11.14 -31.96 30.92
N VAL KB 33 10.44 -32.39 31.97
CA VAL KB 33 10.76 -33.58 32.73
C VAL KB 33 9.54 -34.49 32.72
N LYS KB 34 9.76 -35.77 32.43
CA LYS KB 34 8.67 -36.72 32.39
C LYS KB 34 8.16 -37.03 33.79
N GLY KB 35 6.84 -37.22 33.90
CA GLY KB 35 6.23 -37.55 35.17
C GLY KB 35 5.98 -36.38 36.09
N ILE KB 36 6.11 -35.16 35.61
CA ILE KB 36 5.95 -33.97 36.43
C ILE KB 36 4.53 -33.45 36.26
N LYS KB 37 3.73 -33.57 37.33
CA LYS KB 37 2.41 -32.96 37.33
C LYS KB 37 2.52 -31.44 37.40
N GLY KB 38 3.33 -30.94 38.32
CA GLY KB 38 3.66 -29.54 38.38
C GLY KB 38 2.82 -28.76 39.38
N ARG KB 39 3.08 -27.47 39.40
CA ARG KB 39 2.40 -26.52 40.26
C ARG KB 39 2.52 -25.16 39.60
N LEU KB 40 1.69 -24.22 40.04
CA LEU KB 40 1.74 -22.87 39.50
C LEU KB 40 3.12 -22.26 39.70
N ASN KB 41 3.71 -21.78 38.61
CA ASN KB 41 5.00 -21.10 38.53
C ASN KB 41 6.20 -21.99 38.80
N ARG KB 42 6.00 -23.26 39.13
CA ARG KB 42 7.11 -24.14 39.48
C ARG KB 42 7.71 -24.74 38.21
N LEU KB 43 9.00 -24.55 38.03
CA LEU KB 43 9.68 -25.13 36.88
C LEU KB 43 9.87 -26.62 37.08
N PRO KB 44 9.54 -27.44 36.08
CA PRO KB 44 9.83 -28.89 36.19
C PRO KB 44 11.34 -29.12 36.24
N ALA KB 45 11.79 -29.80 37.28
CA ALA KB 45 13.21 -30.04 37.49
C ALA KB 45 13.48 -31.53 37.52
N ALA KB 46 14.73 -31.89 37.22
CA ALA KB 46 15.13 -33.28 37.07
C ALA KB 46 16.43 -33.55 37.81
N GLY KB 47 16.51 -34.73 38.42
CA GLY KB 47 17.74 -35.22 39.00
C GLY KB 47 18.34 -36.35 38.18
N VAL KB 48 19.31 -37.03 38.78
CA VAL KB 48 19.93 -38.17 38.12
C VAL KB 48 18.93 -39.33 38.08
N GLY KB 49 18.89 -40.02 36.95
CA GLY KB 49 17.91 -41.07 36.73
C GLY KB 49 16.57 -40.59 36.23
N ASP KB 50 16.42 -39.29 36.01
CA ASP KB 50 15.16 -38.74 35.53
C ASP KB 50 15.16 -38.70 34.01
N MET KB 51 14.01 -39.01 33.42
CA MET KB 51 13.84 -38.95 31.99
C MET KB 51 13.25 -37.60 31.60
N VAL KB 52 13.88 -36.94 30.63
CA VAL KB 52 13.54 -35.59 30.23
C VAL KB 52 13.33 -35.56 28.72
N MET KB 53 12.73 -34.48 28.26
CA MET KB 53 12.70 -34.15 26.84
C MET KB 53 13.72 -33.05 26.60
N ALA KB 54 14.59 -33.24 25.61
CA ALA KB 54 15.69 -32.33 25.40
C ALA KB 54 15.95 -32.15 23.91
N THR KB 55 16.44 -30.96 23.57
CA THR KB 55 16.86 -30.65 22.21
C THR KB 55 18.34 -30.29 22.26
N VAL KB 56 19.12 -30.86 21.35
CA VAL KB 56 20.54 -30.55 21.34
C VAL KB 56 20.75 -29.19 20.69
N LYS KB 57 21.66 -28.41 21.27
CA LYS KB 57 21.93 -27.07 20.77
C LYS KB 57 23.12 -27.00 19.85
N LYS KB 58 24.19 -27.73 20.15
CA LYS KB 58 25.32 -27.86 19.26
C LYS KB 58 25.67 -29.33 19.10
N GLY KB 59 25.99 -29.73 17.89
CA GLY KB 59 26.24 -31.12 17.57
C GLY KB 59 25.92 -31.39 16.12
N LYS KB 60 25.56 -32.64 15.84
CA LYS KB 60 25.25 -33.02 14.47
C LYS KB 60 23.96 -32.35 14.02
N PRO KB 61 23.93 -31.75 12.82
CA PRO KB 61 22.72 -31.07 12.36
C PRO KB 61 21.53 -31.99 12.16
N GLU KB 62 21.74 -33.30 12.04
CA GLU KB 62 20.62 -34.23 11.93
C GLU KB 62 19.93 -34.46 13.26
N LEU KB 63 20.54 -34.06 14.38
CA LEU KB 63 19.94 -34.18 15.69
C LEU KB 63 19.41 -32.86 16.23
N ARG KB 64 19.66 -31.75 15.53
CA ARG KB 64 19.58 -30.44 16.17
C ARG KB 64 18.14 -30.00 16.40
N LYS KB 65 17.38 -29.84 15.33
CA LYS KB 65 16.03 -29.27 15.44
C LYS KB 65 14.99 -30.37 15.63
N LYS KB 66 15.19 -31.13 16.70
CA LYS KB 66 14.32 -32.25 17.06
C LYS KB 66 14.23 -32.35 18.57
N VAL KB 67 13.22 -33.09 19.04
CA VAL KB 67 13.02 -33.34 20.46
C VAL KB 67 13.40 -34.80 20.72
N HIS KB 68 14.33 -35.00 21.65
CA HIS KB 68 14.84 -36.32 21.99
C HIS KB 68 14.55 -36.65 23.44
N PRO KB 69 14.12 -37.87 23.74
CA PRO KB 69 14.13 -38.32 25.14
C PRO KB 69 15.56 -38.48 25.62
N ALA KB 70 15.81 -38.08 26.86
CA ALA KB 70 17.13 -38.14 27.44
C ALA KB 70 17.02 -38.52 28.91
N VAL KB 71 18.12 -39.04 29.45
CA VAL KB 71 18.17 -39.45 30.85
C VAL KB 71 19.41 -38.82 31.49
N VAL KB 72 19.21 -38.11 32.59
CA VAL KB 72 20.30 -37.48 33.31
C VAL KB 72 21.12 -38.56 34.01
N ILE KB 73 22.45 -38.49 33.88
CA ILE KB 73 23.32 -39.51 34.44
C ILE KB 73 24.24 -38.89 35.49
N ARG KB 74 24.49 -37.59 35.36
CA ARG KB 74 25.35 -36.87 36.30
C ARG KB 74 24.70 -35.53 36.61
N GLN KB 75 24.84 -35.08 37.85
CA GLN KB 75 24.36 -33.77 38.24
C GLN KB 75 25.34 -33.12 39.19
N ARG KB 76 25.40 -31.80 39.12
CA ARG KB 76 26.32 -31.01 39.93
C ARG KB 76 25.71 -30.60 41.27
N LYS KB 77 24.43 -30.86 41.48
CA LYS KB 77 23.76 -30.56 42.74
C LYS KB 77 23.93 -31.74 43.69
N SER KB 78 24.34 -31.46 44.92
CA SER KB 78 24.52 -32.51 45.90
C SER KB 78 23.19 -33.12 46.30
N TYR KB 79 23.16 -34.44 46.43
CA TYR KB 79 21.95 -35.14 46.82
C TYR KB 79 22.29 -36.24 47.82
N ARG KB 80 21.44 -36.37 48.83
CA ARG KB 80 21.64 -37.35 49.88
C ARG KB 80 21.19 -38.72 49.41
N ARG KB 81 21.99 -39.74 49.73
CA ARG KB 81 21.81 -41.08 49.19
C ARG KB 81 21.37 -42.07 50.28
N LYS KB 82 20.50 -41.61 51.17
CA LYS KB 82 19.83 -42.44 52.17
C LYS KB 82 20.78 -43.11 53.17
N ASP KB 83 22.06 -42.79 53.09
CA ASP KB 83 23.04 -43.32 54.03
C ASP KB 83 24.09 -42.28 54.38
N GLY KB 84 23.72 -41.00 54.31
CA GLY KB 84 24.55 -39.91 54.77
C GLY KB 84 25.36 -39.22 53.70
N VAL KB 85 25.83 -39.95 52.70
CA VAL KB 85 26.74 -39.38 51.72
C VAL KB 85 25.99 -38.38 50.86
N PHE KB 86 26.57 -37.19 50.70
CA PHE KB 86 26.02 -36.16 49.84
C PHE KB 86 26.90 -36.12 48.60
N LEU KB 87 26.52 -36.89 47.59
CA LEU KB 87 27.33 -37.03 46.39
C LEU KB 87 26.97 -35.92 45.40
N TYR KB 88 27.99 -35.44 44.69
CA TYR KB 88 27.76 -34.55 43.55
C TYR KB 88 28.91 -34.75 42.57
N PHE KB 89 28.67 -34.36 41.33
CA PHE KB 89 29.59 -34.62 40.24
C PHE KB 89 30.26 -33.34 39.78
N GLU KB 90 31.22 -33.48 38.87
CA GLU KB 90 31.92 -32.33 38.32
C GLU KB 90 31.07 -31.55 37.34
N ASP KB 91 30.07 -32.17 36.73
CA ASP KB 91 29.27 -31.51 35.71
C ASP KB 91 27.93 -32.22 35.57
N ASN KB 92 26.97 -31.50 34.99
CA ASN KB 92 25.71 -32.11 34.61
C ASN KB 92 25.87 -32.82 33.28
N ALA KB 93 25.31 -34.02 33.17
CA ALA KB 93 25.43 -34.77 31.94
C ALA KB 93 24.21 -35.66 31.77
N GLY KB 94 23.97 -36.08 30.52
CA GLY KB 94 22.88 -36.96 30.19
C GLY KB 94 23.13 -37.58 28.84
N VAL KB 95 22.34 -38.62 28.54
CA VAL KB 95 22.48 -39.35 27.30
C VAL KB 95 21.12 -39.39 26.59
N ILE KB 96 21.17 -39.52 25.28
CA ILE KB 96 19.96 -39.57 24.46
C ILE KB 96 19.50 -41.02 24.37
N VAL KB 97 18.21 -41.24 24.67
CA VAL KB 97 17.60 -42.55 24.63
C VAL KB 97 16.28 -42.44 23.87
N ASN KB 98 15.57 -43.56 23.77
CA ASN KB 98 14.20 -43.57 23.29
C ASN KB 98 13.27 -43.87 24.47
N ASN KB 99 11.96 -43.89 24.19
CA ASN KB 99 10.98 -44.04 25.26
C ASN KB 99 11.08 -45.40 25.94
N LYS KB 100 11.53 -46.42 25.21
CA LYS KB 100 11.71 -47.73 25.82
C LYS KB 100 12.89 -47.75 26.79
N GLY KB 101 13.88 -46.90 26.57
CA GLY KB 101 15.05 -46.82 27.43
C GLY KB 101 16.34 -47.23 26.76
N GLU KB 102 16.31 -47.76 25.53
CA GLU KB 102 17.55 -48.05 24.82
C GLU KB 102 18.28 -46.77 24.48
N MET KB 103 19.60 -46.79 24.66
CA MET KB 103 20.42 -45.62 24.40
C MET KB 103 20.71 -45.52 22.91
N LYS KB 104 20.58 -44.31 22.36
CA LYS KB 104 20.88 -44.08 20.95
C LYS KB 104 22.36 -44.32 20.68
N GLY KB 105 23.22 -43.88 21.60
CA GLY KB 105 24.65 -44.11 21.48
C GLY KB 105 25.04 -45.50 21.94
N SER KB 106 26.35 -45.72 22.00
CA SER KB 106 26.91 -47.01 22.37
C SER KB 106 28.00 -46.92 23.42
N ALA KB 107 28.33 -45.72 23.90
CA ALA KB 107 29.34 -45.57 24.94
C ALA KB 107 29.01 -44.33 25.76
N ILE KB 108 29.50 -44.31 26.99
CA ILE KB 108 29.29 -43.20 27.92
C ILE KB 108 30.64 -42.73 28.41
N THR KB 109 30.86 -41.42 28.38
CA THR KB 109 32.09 -40.81 28.88
C THR KB 109 31.85 -40.38 30.32
N GLY KB 110 32.74 -40.81 31.22
CA GLY KB 110 32.67 -40.42 32.61
C GLY KB 110 31.80 -41.34 33.43
N PRO KB 111 31.67 -41.03 34.72
CA PRO KB 111 30.88 -41.88 35.62
C PRO KB 111 29.39 -41.70 35.39
N VAL KB 112 28.62 -42.62 35.96
CA VAL KB 112 27.17 -42.58 35.93
C VAL KB 112 26.67 -42.79 37.36
N ALA KB 113 25.73 -41.96 37.78
CA ALA KB 113 25.20 -42.05 39.13
C ALA KB 113 24.52 -43.39 39.36
N LYS KB 114 24.64 -43.90 40.58
CA LYS KB 114 24.05 -45.19 40.91
C LYS KB 114 22.53 -45.15 40.82
N GLU KB 115 21.93 -43.99 41.09
CA GLU KB 115 20.48 -43.85 40.94
C GLU KB 115 20.06 -44.06 39.50
N CYS KB 116 20.83 -43.53 38.55
CA CYS KB 116 20.51 -43.71 37.14
C CYS KB 116 20.88 -45.11 36.67
N ALA KB 117 21.88 -45.72 37.30
CA ALA KB 117 22.39 -47.00 36.82
C ALA KB 117 21.38 -48.12 37.04
N ASP KB 118 20.82 -48.22 38.24
CA ASP KB 118 19.92 -49.31 38.56
C ASP KB 118 18.47 -49.01 38.23
N LEU KB 119 18.19 -47.84 37.66
CA LEU KB 119 16.87 -47.53 37.12
C LEU KB 119 16.78 -47.79 35.62
N TRP KB 120 17.91 -47.72 34.92
CA TRP KB 120 17.98 -47.96 33.48
C TRP KB 120 19.07 -48.98 33.22
N PRO KB 121 18.74 -50.27 33.18
CA PRO KB 121 19.78 -51.30 32.94
C PRO KB 121 20.46 -51.17 31.60
N ARG KB 122 19.79 -50.61 30.59
CA ARG KB 122 20.44 -50.37 29.31
C ARG KB 122 21.57 -49.35 29.44
N ILE KB 123 21.35 -48.31 30.24
CA ILE KB 123 22.37 -47.29 30.44
C ILE KB 123 23.53 -47.85 31.26
N ALA KB 124 23.23 -48.66 32.27
CA ALA KB 124 24.26 -49.17 33.17
C ALA KB 124 25.28 -50.04 32.44
N SER KB 125 24.82 -50.82 31.46
CA SER KB 125 25.73 -51.68 30.71
C SER KB 125 26.73 -50.84 29.90
N ASN KB 126 26.28 -49.73 29.32
CA ASN KB 126 27.17 -48.87 28.56
C ASN KB 126 28.05 -48.00 29.44
N ALA KB 127 27.76 -47.92 30.74
CA ALA KB 127 28.49 -47.00 31.62
C ALA KB 127 29.91 -47.49 31.85
N GLY KB 128 30.88 -46.59 31.69
CA GLY KB 128 32.25 -46.93 31.97
C GLY KB 128 32.50 -47.19 33.45
N SER KB 129 31.93 -46.35 34.31
CA SER KB 129 32.07 -46.51 35.74
C SER KB 129 30.83 -45.96 36.41
N ILE KB 130 30.58 -46.44 37.64
CA ILE KB 130 29.44 -46.01 38.43
C ILE KB 130 29.96 -45.28 39.66
N ALA KB 131 29.44 -44.08 39.91
CA ALA KB 131 29.86 -43.28 41.04
C ALA KB 131 28.70 -43.03 41.99
N LYS LB 1 36.83 96.23 -0.76
CA LYS LB 1 38.06 95.66 -1.31
C LYS LB 1 38.85 94.93 -0.24
N LYS LB 2 38.39 95.01 1.01
CA LYS LB 2 39.05 94.38 2.13
C LYS LB 2 38.15 93.43 2.90
N LYS LB 3 36.87 93.35 2.58
CA LYS LB 3 35.97 92.40 3.21
C LYS LB 3 36.04 91.09 2.44
N ILE LB 4 36.61 90.07 3.07
CA ILE LB 4 36.88 88.80 2.41
C ILE LB 4 36.32 87.66 3.25
N ARG LB 5 36.09 86.52 2.60
CA ARG LB 5 35.62 85.31 3.25
C ARG LB 5 36.52 84.17 2.78
N THR LB 6 37.57 83.89 3.54
CA THR LB 6 38.50 82.84 3.19
C THR LB 6 38.02 81.46 3.65
N SER LB 7 36.88 81.39 4.32
CA SER LB 7 36.31 80.13 4.75
C SER LB 7 34.90 79.98 4.19
N PRO LB 8 34.53 78.79 3.73
CA PRO LB 8 33.18 78.59 3.19
C PRO LB 8 32.11 78.41 4.24
N THR LB 9 32.41 78.71 5.50
CA THR LB 9 31.45 78.57 6.60
C THR LB 9 31.09 79.94 7.13
N PHE LB 10 29.79 80.17 7.31
CA PHE LB 10 29.31 81.33 8.05
C PHE LB 10 29.17 80.92 9.50
N ARG LB 11 29.90 81.60 10.38
CA ARG LB 11 29.77 81.43 11.81
C ARG LB 11 29.03 82.62 12.39
N ARG LB 12 28.34 82.40 13.50
CA ARG LB 12 27.64 83.49 14.16
C ARG LB 12 28.66 84.49 14.69
N PRO LB 13 28.56 85.77 14.33
CA PRO LB 13 29.55 86.74 14.78
C PRO LB 13 29.50 86.94 16.28
N LYS LB 14 30.65 87.28 16.85
CA LYS LB 14 30.78 87.46 18.29
C LYS LB 14 30.30 88.86 18.66
N THR LB 15 29.21 88.93 19.42
CA THR LB 15 28.62 90.19 19.87
C THR LB 15 28.76 90.29 21.38
N LEU LB 16 29.07 91.50 21.86
CA LEU LB 16 29.40 91.64 23.27
C LEU LB 16 28.17 91.41 24.14
N ARG LB 17 28.42 90.85 25.33
CA ARG LB 17 27.38 90.57 26.31
C ARG LB 17 27.65 91.39 27.55
N LEU LB 18 26.63 92.08 28.03
CA LEU LB 18 26.78 93.00 29.15
C LEU LB 18 26.69 92.26 30.48
N ARG LB 19 27.53 92.65 31.42
CA ARG LB 19 27.42 92.17 32.79
C ARG LB 19 26.14 92.72 33.42
N ARG LB 20 25.50 91.88 34.24
CA ARG LB 20 24.24 92.26 34.87
C ARG LB 20 24.42 93.48 35.76
N GLN LB 21 23.51 94.44 35.65
CA GLN LB 21 23.48 95.63 36.48
C GLN LB 21 22.06 95.79 37.03
N PRO LB 22 21.67 94.95 37.99
CA PRO LB 22 20.29 94.97 38.45
C PRO LB 22 19.94 96.27 39.18
N LYS LB 23 18.67 96.67 39.03
CA LYS LB 23 18.17 97.87 39.70
C LYS LB 23 17.77 97.61 41.14
N TYR LB 24 17.73 96.35 41.57
CA TYR LB 24 17.41 96.02 42.94
C TYR LB 24 17.94 94.63 43.23
N PRO LB 25 18.47 94.36 44.41
CA PRO LB 25 18.85 92.98 44.75
C PRO LB 25 17.61 92.12 44.89
N ARG LB 26 17.73 90.86 44.47
CA ARG LB 26 16.57 89.98 44.51
C ARG LB 26 16.24 89.55 45.93
N LYS LB 27 17.22 89.57 46.82
CA LYS LB 27 16.99 89.41 48.25
C LYS LB 27 17.63 90.59 48.96
N SER LB 28 16.92 91.13 49.95
CA SER LB 28 17.37 92.37 50.59
C SER LB 28 18.69 92.18 51.34
N ALA LB 29 18.84 91.07 52.04
CA ALA LB 29 20.06 90.83 52.80
C ALA LB 29 20.57 89.42 52.53
N PRO LB 30 21.89 89.23 52.57
CA PRO LB 30 22.44 87.87 52.47
C PRO LB 30 21.99 87.02 53.65
N ARG LB 31 21.71 85.75 53.36
CA ARG LB 31 21.37 84.81 54.42
C ARG LB 31 22.62 84.47 55.20
N ARG LB 32 22.54 84.58 56.53
CA ARG LB 32 23.71 84.41 57.37
C ARG LB 32 24.19 82.96 57.34
N ASN LB 33 25.45 82.77 57.69
CA ASN LB 33 26.06 81.44 57.68
C ASN LB 33 25.45 80.61 58.81
N LYS LB 34 24.58 79.67 58.45
CA LYS LB 34 24.02 78.77 59.44
C LYS LB 34 25.07 77.81 59.97
N LEU LB 35 25.98 77.36 59.09
CA LEU LB 35 27.04 76.44 59.48
C LEU LB 35 28.25 77.21 60.01
N ASP LB 36 28.02 77.94 61.11
CA ASP LB 36 29.11 78.60 61.79
C ASP LB 36 29.87 77.60 62.63
N HIS LB 37 30.87 78.08 63.37
CA HIS LB 37 31.77 77.17 64.07
C HIS LB 37 31.10 76.48 65.26
N TYR LB 38 30.16 77.15 65.93
CA TYR LB 38 29.43 76.49 67.00
C TYR LB 38 28.47 75.44 66.47
N ALA LB 39 28.00 75.61 65.23
CA ALA LB 39 27.15 74.60 64.63
C ALA LB 39 27.96 73.45 64.05
N ILE LB 40 29.21 73.71 63.65
CA ILE LB 40 30.04 72.66 63.09
C ILE LB 40 30.38 71.62 64.16
N ILE LB 41 30.81 72.07 65.32
CA ILE LB 41 31.14 71.17 66.43
C ILE LB 41 29.91 71.06 67.31
N LYS LB 42 29.39 69.84 67.46
CA LYS LB 42 28.19 69.63 68.26
C LYS LB 42 28.53 69.26 69.70
N PHE LB 43 29.23 68.15 69.89
CA PHE LB 43 29.66 67.72 71.22
C PHE LB 43 30.77 66.70 71.07
N PRO LB 44 31.73 66.68 71.98
CA PRO LB 44 32.80 65.67 71.90
C PRO LB 44 32.30 64.29 72.31
N LEU LB 45 33.01 63.28 71.81
CA LEU LB 45 32.73 61.90 72.15
C LEU LB 45 33.55 61.50 73.38
N THR LB 46 32.88 60.87 74.34
CA THR LB 46 33.50 60.52 75.62
C THR LB 46 33.46 59.02 75.88
N THR LB 47 33.41 58.22 74.82
CA THR LB 47 33.35 56.77 74.98
C THR LB 47 34.72 56.24 75.40
N GLU LB 48 34.78 54.93 75.64
CA GLU LB 48 36.04 54.31 76.03
C GLU LB 48 37.08 54.41 74.91
N SER LB 49 36.63 54.24 73.66
CA SER LB 49 37.55 54.36 72.54
C SER LB 49 38.03 55.80 72.37
N ALA LB 50 37.15 56.78 72.60
CA ALA LB 50 37.53 58.17 72.45
C ALA LB 50 38.55 58.58 73.52
N MET LB 51 38.37 58.11 74.75
CA MET LB 51 39.33 58.40 75.80
C MET LB 51 40.66 57.72 75.52
N LYS LB 52 40.63 56.56 74.88
CA LYS LB 52 41.87 55.90 74.47
C LYS LB 52 42.61 56.71 73.42
N LYS LB 53 41.88 57.30 72.48
CA LYS LB 53 42.51 58.11 71.44
C LYS LB 53 43.16 59.37 72.02
N ILE LB 54 42.56 59.92 73.09
CA ILE LB 54 43.07 61.17 73.66
C ILE LB 54 44.44 60.95 74.27
N GLU LB 55 44.59 59.90 75.07
CA GLU LB 55 45.82 59.67 75.81
C GLU LB 55 46.79 58.73 75.10
N ASP LB 56 46.50 58.34 73.87
CA ASP LB 56 47.45 57.56 73.07
C ASP LB 56 47.89 58.32 71.83
N ASN LB 57 46.95 58.76 70.98
CA ASN LB 57 47.28 59.32 69.68
C ASN LB 57 47.19 60.83 69.64
N ASN LB 58 47.04 61.48 70.80
CA ASN LB 58 46.94 62.95 70.88
C ASN LB 58 45.79 63.47 70.01
N THR LB 59 44.66 62.77 70.05
CA THR LB 59 43.54 63.03 69.16
C THR LB 59 42.28 63.33 69.98
N LEU LB 60 41.55 64.35 69.57
CA LEU LB 60 40.26 64.69 70.13
C LEU LB 60 39.15 64.21 69.20
N VAL LB 61 38.15 63.55 69.77
CA VAL LB 61 37.05 62.97 69.00
C VAL LB 61 35.82 63.84 69.20
N PHE LB 62 35.23 64.28 68.09
CA PHE LB 62 34.06 65.14 68.12
C PHE LB 62 32.95 64.54 67.28
N ILE LB 63 31.73 64.93 67.59
CA ILE LB 63 30.58 64.70 66.73
C ILE LB 63 30.27 66.03 66.06
N VAL LB 64 30.29 66.05 64.73
CA VAL LB 64 30.23 67.28 63.97
C VAL LB 64 29.01 67.23 63.06
N ASP LB 65 28.72 68.37 62.45
CA ASP LB 65 27.66 68.45 61.46
C ASP LB 65 28.02 67.61 60.24
N VAL LB 66 27.00 67.00 59.64
CA VAL LB 66 27.24 66.09 58.53
C VAL LB 66 27.73 66.81 57.29
N LYS LB 67 27.45 68.11 57.17
CA LYS LB 67 27.89 68.88 56.02
C LYS LB 67 29.28 69.47 56.19
N ALA LB 68 29.87 69.37 57.38
CA ALA LB 68 31.16 69.98 57.64
C ALA LB 68 32.28 69.10 57.11
N ASN LB 69 33.13 69.66 56.26
CA ASN LB 69 34.26 68.93 55.71
C ASN LB 69 35.47 69.12 56.60
N LYS LB 70 36.61 68.55 56.19
CA LYS LB 70 37.80 68.57 57.02
C LYS LB 70 38.36 69.99 57.16
N HIS LB 71 38.22 70.81 56.13
CA HIS LB 71 38.69 72.19 56.22
C HIS LB 71 37.89 72.97 57.25
N GLN LB 72 36.57 72.82 57.24
CA GLN LB 72 35.73 73.54 58.19
C GLN LB 72 35.91 73.01 59.61
N ILE LB 73 36.06 71.70 59.75
CA ILE LB 73 36.24 71.11 61.08
C ILE LB 73 37.54 71.59 61.69
N LYS LB 74 38.61 71.61 60.91
CA LYS LB 74 39.90 72.06 61.42
C LYS LB 74 39.86 73.53 61.82
N GLN LB 75 39.22 74.37 61.01
CA GLN LB 75 39.16 75.79 61.33
C GLN LB 75 38.29 76.05 62.55
N ALA LB 76 37.18 75.31 62.68
CA ALA LB 76 36.31 75.48 63.84
C ALA LB 76 37.03 75.12 65.14
N VAL LB 77 37.72 73.98 65.14
CA VAL LB 77 38.44 73.53 66.33
C VAL LB 77 39.56 74.50 66.66
N LYS LB 78 40.19 75.07 65.64
CA LYS LB 78 41.32 75.97 65.85
C LYS LB 78 40.89 77.23 66.58
N LYS LB 79 39.69 77.74 66.31
CA LYS LB 79 39.37 79.06 66.84
C LYS LB 79 38.67 78.98 68.20
N LEU LB 80 37.75 78.04 68.39
CA LEU LB 80 36.97 78.03 69.62
C LEU LB 80 37.58 77.15 70.71
N TYR LB 81 38.73 76.55 70.46
CA TYR LB 81 39.54 75.95 71.51
C TYR LB 81 40.96 76.51 71.53
N ASP LB 82 41.29 77.41 70.59
CA ASP LB 82 42.58 78.09 70.54
C ASP LB 82 43.75 77.11 70.50
N ILE LB 83 43.59 76.04 69.71
CA ILE LB 83 44.61 75.03 69.57
C ILE LB 83 44.94 74.88 68.09
N ASP LB 84 46.12 74.32 67.83
CA ASP LB 84 46.55 74.03 66.47
C ASP LB 84 46.44 72.54 66.24
N VAL LB 85 45.81 72.16 65.12
CA VAL LB 85 45.58 70.76 64.79
C VAL LB 85 46.44 70.39 63.59
N ALA LB 86 46.89 69.13 63.57
CA ALA LB 86 47.73 68.65 62.48
C ALA LB 86 46.89 68.13 61.32
N LYS LB 87 46.04 67.15 61.59
CA LYS LB 87 45.20 66.55 60.55
C LYS LB 87 43.86 66.18 61.15
N VAL LB 88 42.87 66.01 60.27
CA VAL LB 88 41.52 65.63 60.66
C VAL LB 88 41.10 64.45 59.80
N ASN LB 89 40.68 63.37 60.45
CA ASN LB 89 40.00 62.28 59.79
C ASN LB 89 38.51 62.37 60.06
N THR LB 90 37.74 61.67 59.24
CA THR LB 90 36.29 61.85 59.28
C THR LB 90 35.59 60.60 58.78
N LEU LB 91 34.65 60.11 59.56
CA LEU LB 91 33.76 59.03 59.15
C LEU LB 91 32.34 59.42 59.54
N ILE LB 92 31.37 58.79 58.89
CA ILE LB 92 29.97 58.95 59.23
C ILE LB 92 29.53 57.69 59.96
N ARG LB 93 28.95 57.87 61.13
CA ARG LB 93 28.54 56.75 61.96
C ARG LB 93 27.32 56.07 61.36
N PRO LB 94 27.04 54.82 61.75
CA PRO LB 94 25.85 54.14 61.23
C PRO LB 94 24.54 54.80 61.62
N ASP LB 95 24.53 55.64 62.66
CA ASP LB 95 23.32 56.37 63.03
C ASP LB 95 23.17 57.68 62.27
N GLY LB 96 24.10 58.01 61.39
CA GLY LB 96 24.01 59.19 60.57
C GLY LB 96 24.80 60.38 61.06
N GLU LB 97 25.36 60.32 62.26
CA GLU LB 97 26.13 61.42 62.81
C GLU LB 97 27.58 61.34 62.33
N LYS LB 98 28.11 62.47 61.88
CA LYS LB 98 29.50 62.51 61.44
C LYS LB 98 30.42 62.63 62.65
N LYS LB 99 31.52 61.88 62.63
CA LYS LB 99 32.48 61.86 63.72
C LYS LB 99 33.86 62.23 63.17
N ALA LB 100 34.58 63.08 63.90
CA ALA LB 100 35.86 63.59 63.45
C ALA LB 100 36.94 63.20 64.45
N TYR LB 101 38.03 62.62 63.95
CA TYR LB 101 39.23 62.37 64.74
C TYR LB 101 40.22 63.47 64.44
N VAL LB 102 40.39 64.39 65.38
CA VAL LB 102 41.17 65.60 65.17
C VAL LB 102 42.47 65.45 65.94
N ARG LB 103 43.57 65.18 65.22
CA ARG LB 103 44.87 65.02 65.86
C ARG LB 103 45.48 66.39 66.09
N LEU LB 104 45.82 66.67 67.34
CA LEU LB 104 46.38 67.97 67.67
C LEU LB 104 47.85 68.04 67.26
N ALA LB 105 48.38 69.27 67.25
CA ALA LB 105 49.77 69.48 66.94
C ALA LB 105 50.65 68.89 68.04
N PRO LB 106 51.90 68.53 67.73
CA PRO LB 106 52.76 67.89 68.75
C PRO LB 106 53.03 68.76 69.95
N ASP LB 107 52.94 70.08 69.84
CA ASP LB 107 53.16 70.98 70.95
C ASP LB 107 51.90 71.27 71.75
N TYR LB 108 50.78 70.64 71.39
CA TYR LB 108 49.54 70.72 72.16
C TYR LB 108 49.23 69.34 72.71
N ASP LB 109 49.00 69.27 74.02
CA ASP LB 109 48.66 68.02 74.68
C ASP LB 109 47.16 67.82 74.61
N ALA LB 110 46.72 66.65 74.15
CA ALA LB 110 45.30 66.38 74.05
C ALA LB 110 44.68 66.15 75.42
N LEU LB 111 45.48 65.72 76.40
CA LEU LB 111 44.93 65.42 77.71
C LEU LB 111 44.50 66.69 78.44
N ASP LB 112 45.36 67.70 78.48
CA ASP LB 112 45.01 68.92 79.21
C ASP LB 112 44.13 69.85 78.40
N VAL LB 113 44.05 69.67 77.08
CA VAL LB 113 43.05 70.38 76.29
C VAL LB 113 41.67 69.81 76.60
N ALA LB 114 41.57 68.48 76.68
CA ALA LB 114 40.32 67.84 77.06
C ALA LB 114 39.94 68.16 78.49
N ASN LB 115 40.90 68.53 79.33
CA ASN LB 115 40.59 68.93 80.71
C ASN LB 115 39.78 70.22 80.73
N LYS LB 116 40.25 71.24 80.04
CA LYS LB 116 39.55 72.52 80.03
C LYS LB 116 38.30 72.49 79.18
N ILE LB 117 38.24 71.60 78.17
CA ILE LB 117 36.99 71.38 77.48
C ILE LB 117 35.96 70.79 78.42
N GLY LB 118 36.37 69.84 79.25
CA GLY LB 118 35.50 69.27 80.26
C GLY LB 118 35.08 67.86 79.98
N ILE LB 119 35.97 67.05 79.42
CA ILE LB 119 35.66 65.65 79.13
C ILE LB 119 36.69 64.72 79.75
N ILE LB 120 37.31 65.14 80.84
CA ILE LB 120 38.18 64.26 81.62
C ILE LB 120 37.36 63.10 82.20
N MET MB 1 -34.99 78.34 75.63
CA MET MB 1 -34.00 77.38 75.18
C MET MB 1 -33.05 78.00 74.16
N LYS MB 2 -32.14 77.20 73.62
CA LYS MB 2 -31.09 77.72 72.76
C LYS MB 2 -31.66 78.09 71.39
N PHE MB 3 -31.48 79.34 70.98
CA PHE MB 3 -31.95 79.83 69.70
C PHE MB 3 -30.82 80.20 68.74
N ASN MB 4 -29.60 80.34 69.23
CA ASN MB 4 -28.49 80.76 68.39
C ASN MB 4 -28.14 79.65 67.41
N PRO MB 5 -28.20 79.88 66.11
CA PRO MB 5 -27.86 78.83 65.14
C PRO MB 5 -26.37 78.57 64.97
N PHE MB 6 -25.51 79.19 65.77
CA PHE MB 6 -24.08 78.98 65.68
C PHE MB 6 -23.48 78.38 66.95
N VAL MB 7 -24.29 78.02 67.94
CA VAL MB 7 -23.86 77.22 69.07
C VAL MB 7 -24.58 75.89 69.00
N THR MB 8 -23.84 74.81 69.20
CA THR MB 8 -24.36 73.48 69.00
C THR MB 8 -24.96 72.91 70.29
N SER MB 9 -25.97 72.07 70.13
CA SER MB 9 -26.50 71.26 71.23
C SER MB 9 -26.22 69.78 71.02
N ASP MB 10 -25.32 69.45 70.09
CA ASP MB 10 -24.92 68.07 69.87
C ASP MB 10 -24.17 67.56 71.09
N ARG MB 11 -24.55 66.37 71.57
CA ARG MB 11 -23.85 65.78 72.71
C ARG MB 11 -22.40 65.45 72.35
N SER MB 12 -22.18 64.90 71.15
CA SER MB 12 -20.84 64.55 70.74
C SER MB 12 -19.96 65.78 70.57
N LYS MB 13 -20.54 66.86 70.02
CA LYS MB 13 -19.75 68.07 69.79
C LYS MB 13 -19.38 68.76 71.10
N ASN MB 14 -20.32 68.81 72.05
CA ASN MB 14 -20.03 69.45 73.32
C ASN MB 14 -19.04 68.64 74.16
N ARG MB 15 -19.17 67.32 74.12
CA ARG MB 15 -18.21 66.48 74.84
C ARG MB 15 -16.82 66.58 74.23
N LYS MB 16 -16.73 66.62 72.90
CA LYS MB 16 -15.44 66.78 72.24
C LYS MB 16 -14.83 68.13 72.57
N ARG MB 17 -15.63 69.20 72.55
CA ARG MB 17 -15.12 70.52 72.86
C ARG MB 17 -14.72 70.64 74.32
N HIS MB 18 -15.27 69.79 75.18
CA HIS MB 18 -14.97 69.85 76.60
C HIS MB 18 -13.70 69.08 76.94
N PHE MB 19 -13.56 67.87 76.42
CA PHE MB 19 -12.41 67.03 76.74
C PHE MB 19 -11.17 67.38 75.94
N ASN MB 20 -11.28 68.26 74.95
CA ASN MB 20 -10.13 68.68 74.15
C ASN MB 20 -9.92 70.19 74.24
N ALA MB 21 -10.42 70.80 75.30
CA ALA MB 21 -10.30 72.24 75.45
C ALA MB 21 -8.84 72.61 75.79
N PRO MB 22 -8.34 73.71 75.24
CA PRO MB 22 -7.03 74.21 75.68
C PRO MB 22 -7.08 74.69 77.12
N SER MB 23 -5.89 74.77 77.73
CA SER MB 23 -5.81 75.06 79.16
C SER MB 23 -6.30 76.46 79.50
N HIS MB 24 -6.33 77.37 78.52
CA HIS MB 24 -6.79 78.72 78.83
C HIS MB 24 -8.30 78.81 78.95
N ILE MB 25 -9.03 77.82 78.43
CA ILE MB 25 -10.46 77.71 78.71
C ILE MB 25 -10.78 76.51 79.59
N ARG MB 26 -9.79 75.69 79.95
CA ARG MB 26 -9.98 74.77 81.05
C ARG MB 26 -9.93 75.50 82.38
N ARG MB 27 -9.35 76.71 82.39
CA ARG MB 27 -9.39 77.54 83.58
C ARG MB 27 -10.82 78.01 83.87
N LYS MB 28 -11.54 78.42 82.83
CA LYS MB 28 -12.91 78.89 83.03
C LYS MB 28 -13.87 77.74 83.30
N ILE MB 29 -13.62 76.56 82.71
CA ILE MB 29 -14.44 75.40 83.00
C ILE MB 29 -14.29 74.99 84.46
N MET MB 30 -13.06 75.04 84.98
CA MET MB 30 -12.77 74.67 86.36
C MET MB 30 -13.00 75.88 87.28
N SER MB 31 -14.28 76.19 87.46
CA SER MB 31 -14.70 77.28 88.32
C SER MB 31 -15.41 76.72 89.55
N SER MB 32 -15.38 77.49 90.63
CA SER MB 32 -16.01 77.11 91.87
C SER MB 32 -16.92 78.22 92.35
N PRO MB 33 -18.02 77.88 93.01
CA PRO MB 33 -18.85 78.92 93.63
C PRO MB 33 -18.13 79.55 94.81
N LEU MB 34 -18.42 80.82 95.04
CA LEU MB 34 -17.91 81.46 96.23
C LEU MB 34 -18.84 81.19 97.41
N SER MB 35 -18.31 81.34 98.61
CA SER MB 35 -19.13 81.17 99.81
C SER MB 35 -20.18 82.27 99.87
N LYS MB 36 -21.12 82.12 100.81
CA LYS MB 36 -22.18 83.11 100.94
C LYS MB 36 -21.64 84.45 101.40
N GLU MB 37 -20.58 84.43 102.22
CA GLU MB 37 -19.94 85.68 102.64
C GLU MB 37 -19.26 86.37 101.46
N LEU MB 38 -18.54 85.61 100.64
CA LEU MB 38 -17.87 86.20 99.49
C LEU MB 38 -18.89 86.64 98.44
N ARG MB 39 -19.99 85.91 98.31
CA ARG MB 39 -21.06 86.29 97.39
C ARG MB 39 -21.79 87.54 97.86
N GLN MB 40 -21.62 87.93 99.13
CA GLN MB 40 -22.18 89.18 99.64
C GLN MB 40 -21.17 90.31 99.58
N LYS MB 41 -19.89 90.02 99.88
CA LYS MB 41 -18.85 91.05 99.79
C LYS MB 41 -18.66 91.52 98.36
N TYR MB 42 -18.47 90.58 97.45
CA TYR MB 42 -18.45 90.87 96.02
C TYR MB 42 -19.76 90.44 95.41
N ASN MB 43 -20.22 91.18 94.41
CA ASN MB 43 -21.46 90.82 93.73
C ASN MB 43 -21.20 89.80 92.63
N VAL MB 44 -20.54 88.70 92.99
CA VAL MB 44 -20.20 87.64 92.05
C VAL MB 44 -20.61 86.31 92.67
N ARG MB 45 -20.86 85.33 91.80
CA ARG MB 45 -21.30 84.01 92.22
C ARG MB 45 -20.23 82.94 92.04
N SER MB 46 -19.56 82.94 90.90
CA SER MB 46 -18.55 81.94 90.59
C SER MB 46 -17.20 82.62 90.37
N MET MB 47 -16.16 81.79 90.31
CA MET MB 47 -14.80 82.26 90.09
C MET MB 47 -13.93 81.08 89.67
N PRO MB 48 -13.10 81.25 88.64
CA PRO MB 48 -12.15 80.18 88.28
C PRO MB 48 -11.20 79.91 89.44
N ILE MB 49 -10.91 78.62 89.65
CA ILE MB 49 -10.11 78.23 90.80
C ILE MB 49 -8.65 78.66 90.59
N ARG MB 50 -7.95 78.80 91.71
CA ARG MB 50 -6.63 79.41 91.73
C ARG MB 50 -5.73 78.58 92.62
N LYS MB 51 -4.42 78.78 92.51
CA LYS MB 51 -3.45 77.95 93.22
C LYS MB 51 -3.61 78.05 94.73
N ASP MB 52 -3.68 79.26 95.27
CA ASP MB 52 -3.46 79.45 96.70
C ASP MB 52 -4.69 79.91 97.45
N ASP MB 53 -5.88 79.78 96.88
CA ASP MB 53 -7.10 80.07 97.62
C ASP MB 53 -7.59 78.82 98.32
N GLU MB 54 -8.30 79.02 99.44
CA GLU MB 54 -8.69 77.92 100.31
C GLU MB 54 -10.19 77.66 100.19
N VAL MB 55 -10.55 76.39 100.03
CA VAL MB 55 -11.91 75.96 99.79
C VAL MB 55 -12.28 74.89 100.82
N GLN MB 56 -13.58 74.58 100.89
CA GLN MB 56 -14.06 73.45 101.65
C GLN MB 56 -14.89 72.56 100.75
N VAL MB 57 -14.73 71.25 100.90
CA VAL MB 57 -15.40 70.29 100.04
C VAL MB 57 -16.83 70.09 100.52
N VAL MB 58 -17.78 70.15 99.59
CA VAL MB 58 -19.19 70.06 99.91
C VAL MB 58 -19.83 68.76 99.43
N ARG MB 59 -19.13 67.94 98.66
CA ARG MB 59 -19.67 66.70 98.15
C ARG MB 59 -18.62 65.62 98.23
N GLY MB 60 -19.07 64.37 98.27
CA GLY MB 60 -18.18 63.23 98.25
C GLY MB 60 -17.83 62.72 99.63
N HIS MB 61 -16.76 61.94 99.67
CA HIS MB 61 -16.32 61.35 100.93
C HIS MB 61 -15.67 62.38 101.85
N TYR MB 62 -15.10 63.44 101.27
CA TYR MB 62 -14.36 64.44 102.02
C TYR MB 62 -15.19 65.66 102.37
N LYS MB 63 -16.50 65.49 102.54
CA LYS MB 63 -17.35 66.58 102.99
C LYS MB 63 -16.92 67.02 104.39
N GLY MB 64 -17.05 68.31 104.65
CA GLY MB 64 -16.75 68.81 105.97
C GLY MB 64 -16.71 70.32 105.97
N GLN MB 65 -16.58 70.87 107.18
CA GLN MB 65 -16.43 72.30 107.38
C GLN MB 65 -14.97 72.73 107.43
N GLN MB 66 -14.03 71.80 107.30
CA GLN MB 66 -12.62 72.16 107.35
C GLN MB 66 -12.24 72.97 106.12
N ILE MB 67 -11.38 73.96 106.32
CA ILE MB 67 -10.94 74.85 105.26
C ILE MB 67 -9.52 74.46 104.89
N GLY MB 68 -9.35 73.96 103.68
CA GLY MB 68 -8.05 73.54 103.19
C GLY MB 68 -7.63 74.39 102.00
N LYS MB 69 -6.36 74.73 101.95
CA LYS MB 69 -5.82 75.51 100.84
C LYS MB 69 -5.58 74.62 99.63
N VAL MB 70 -5.96 75.12 98.45
CA VAL MB 70 -5.62 74.44 97.21
C VAL MB 70 -4.10 74.41 97.08
N VAL MB 71 -3.57 73.30 96.57
CA VAL MB 71 -2.14 73.16 96.37
C VAL MB 71 -1.77 72.83 94.93
N GLN MB 72 -2.74 72.50 94.08
CA GLN MB 72 -2.46 72.18 92.69
C GLN MB 72 -3.74 72.24 91.87
N VAL MB 73 -3.74 73.06 90.82
CA VAL MB 73 -4.86 73.06 89.90
C VAL MB 73 -4.46 72.23 88.70
N TYR MB 74 -4.75 70.94 88.75
CA TYR MB 74 -4.30 69.99 87.73
C TYR MB 74 -5.31 70.02 86.59
N ARG MB 75 -5.09 70.89 85.62
CA ARG MB 75 -6.11 71.13 84.61
C ARG MB 75 -6.28 69.96 83.65
N LYS MB 76 -5.26 69.12 83.50
CA LYS MB 76 -5.37 68.05 82.51
C LYS MB 76 -6.41 67.01 82.91
N LYS MB 77 -6.52 66.71 84.20
CA LYS MB 77 -7.51 65.77 84.70
C LYS MB 77 -8.74 66.46 85.26
N TYR MB 78 -8.85 67.78 85.13
CA TYR MB 78 -10.02 68.53 85.57
C TYR MB 78 -10.27 68.36 87.07
N VAL MB 79 -9.18 68.27 87.84
CA VAL MB 79 -9.27 68.07 89.28
C VAL MB 79 -8.32 69.04 89.97
N ILE MB 80 -8.56 69.27 91.25
CA ILE MB 80 -7.69 70.08 92.10
C ILE MB 80 -7.30 69.26 93.31
N TYR MB 81 -6.19 69.66 93.93
CA TYR MB 81 -5.69 69.03 95.15
C TYR MB 81 -5.77 70.02 96.30
N ILE MB 82 -6.12 69.52 97.48
CA ILE MB 82 -6.27 70.35 98.66
C ILE MB 82 -5.35 69.81 99.75
N GLU MB 83 -5.17 70.62 100.79
CA GLU MB 83 -4.19 70.31 101.84
C GLU MB 83 -4.47 68.96 102.50
N ARG MB 84 -5.60 68.86 103.20
CA ARG MB 84 -5.89 67.67 103.98
C ARG MB 84 -6.64 66.60 103.21
N VAL MB 85 -7.08 66.89 101.98
CA VAL MB 85 -7.82 65.91 101.20
C VAL MB 85 -6.83 64.95 100.57
N GLN MB 86 -6.56 63.85 101.26
CA GLN MB 86 -5.56 62.89 100.82
C GLN MB 86 -5.86 61.55 101.45
N ARG MB 87 -5.26 60.51 100.90
CA ARG MB 87 -5.45 59.15 101.41
C ARG MB 87 -4.12 58.43 101.45
N GLU MB 88 -4.04 57.46 102.35
CA GLU MB 88 -2.86 56.61 102.43
C GLU MB 88 -2.95 55.50 101.38
N LYS MB 89 -1.83 55.26 100.69
CA LYS MB 89 -1.77 54.16 99.75
C LYS MB 89 -1.07 52.97 100.42
N ALA MB 90 -0.74 51.95 99.61
CA ALA MB 90 -0.26 50.69 100.17
C ALA MB 90 1.06 50.87 100.90
N ASN MB 91 2.03 51.51 100.27
CA ASN MB 91 3.38 51.60 100.82
C ASN MB 91 3.50 52.64 101.95
N GLY MB 92 2.39 53.13 102.48
CA GLY MB 92 2.41 54.00 103.64
C GLY MB 92 2.55 55.47 103.35
N THR MB 93 2.74 55.87 102.11
CA THR MB 93 2.79 57.28 101.76
C THR MB 93 1.38 57.82 101.54
N THR MB 94 1.26 59.14 101.48
CA THR MB 94 -0.01 59.80 101.23
C THR MB 94 0.02 60.47 99.86
N VAL MB 95 -1.10 60.37 99.15
CA VAL MB 95 -1.27 61.01 97.86
C VAL MB 95 -2.54 61.84 97.91
N HIS MB 96 -2.53 62.96 97.17
CA HIS MB 96 -3.71 63.81 97.13
C HIS MB 96 -4.81 63.15 96.33
N VAL MB 97 -6.06 63.39 96.73
CA VAL MB 97 -7.23 62.89 96.03
C VAL MB 97 -7.80 64.03 95.20
N GLY MB 98 -7.83 63.84 93.88
CA GLY MB 98 -8.33 64.88 93.00
C GLY MB 98 -9.84 64.93 93.04
N ILE MB 99 -10.37 66.12 93.28
CA ILE MB 99 -11.81 66.33 93.29
C ILE MB 99 -12.13 67.46 92.32
N HIS MB 100 -13.36 67.46 91.81
CA HIS MB 100 -13.75 68.45 90.84
C HIS MB 100 -13.91 69.81 91.52
N PRO MB 101 -13.48 70.90 90.88
CA PRO MB 101 -13.64 72.22 91.49
C PRO MB 101 -15.09 72.66 91.64
N SER MB 102 -16.02 72.05 90.92
CA SER MB 102 -17.42 72.41 91.10
C SER MB 102 -18.02 71.81 92.36
N LYS MB 103 -17.26 70.99 93.09
CA LYS MB 103 -17.71 70.37 94.33
C LYS MB 103 -17.10 71.03 95.55
N VAL MB 104 -16.57 72.25 95.42
CA VAL MB 104 -16.05 73.01 96.53
C VAL MB 104 -16.69 74.39 96.51
N VAL MB 105 -16.46 75.15 97.59
CA VAL MB 105 -16.80 76.57 97.63
C VAL MB 105 -15.59 77.33 98.14
N ILE MB 106 -15.26 78.42 97.46
CA ILE MB 106 -14.10 79.22 97.83
C ILE MB 106 -14.48 80.09 99.01
N THR MB 107 -13.76 79.93 100.13
CA THR MB 107 -14.02 80.71 101.32
C THR MB 107 -13.09 81.91 101.47
N ARG MB 108 -11.97 81.92 100.75
CA ARG MB 108 -11.04 83.05 100.80
C ARG MB 108 -10.24 83.04 99.51
N LEU MB 109 -10.27 84.14 98.77
CA LEU MB 109 -9.64 84.21 97.46
C LEU MB 109 -8.20 84.66 97.57
N LYS MB 110 -7.32 84.00 96.82
CA LYS MB 110 -5.95 84.46 96.65
C LYS MB 110 -5.99 85.69 95.73
N LEU MB 111 -5.85 86.86 96.32
CA LEU MB 111 -6.13 88.11 95.63
C LEU MB 111 -4.84 88.76 95.14
N ASP MB 112 -4.86 89.20 93.88
CA ASP MB 112 -3.78 90.00 93.31
C ASP MB 112 -4.43 91.02 92.39
N LYS MB 113 -3.63 91.68 91.55
CA LYS MB 113 -4.16 92.72 90.69
C LYS MB 113 -5.05 92.15 89.59
N ASP MB 114 -4.88 90.86 89.28
CA ASP MB 114 -5.69 90.25 88.22
C ASP MB 114 -7.02 89.75 88.76
N ARG MB 115 -7.00 89.08 89.92
CA ARG MB 115 -8.26 88.62 90.51
C ARG MB 115 -9.18 89.78 90.84
N LYS MB 116 -8.61 90.89 91.34
CA LYS MB 116 -9.42 92.06 91.63
C LYS MB 116 -10.04 92.63 90.37
N LYS MB 117 -9.30 92.63 89.26
CA LYS MB 117 -9.85 93.11 88.00
C LYS MB 117 -10.98 92.22 87.51
N ILE MB 118 -10.84 90.90 87.65
CA ILE MB 118 -11.90 89.98 87.24
C ILE MB 118 -13.10 90.13 88.16
N LEU MB 119 -12.87 90.32 89.45
CA LEU MB 119 -13.97 90.44 90.41
C LEU MB 119 -14.80 91.69 90.14
N GLU MB 120 -14.13 92.81 89.89
CA GLU MB 120 -14.88 94.03 89.60
C GLU MB 120 -15.50 93.99 88.20
N ARG MB 121 -14.93 93.18 87.31
CA ARG MB 121 -15.51 93.03 85.98
C ARG MB 121 -16.83 92.28 86.03
N LYS MB 122 -16.86 91.17 86.77
CA LYS MB 122 -18.07 90.36 86.85
C LYS MB 122 -19.19 91.11 87.59
N ALA MB 123 -18.84 91.80 88.67
CA ALA MB 123 -19.85 92.50 89.45
C ALA MB 123 -20.42 93.68 88.70
N LYS MB 124 -19.61 94.32 87.85
CA LYS MB 124 -20.11 95.40 87.02
C LYS MB 124 -21.15 94.91 86.02
N SER MB 125 -20.89 93.76 85.39
CA SER MB 125 -21.84 93.21 84.43
C SER MB 125 -23.13 92.77 85.12
N ARG MB 126 -23.02 92.18 86.31
CA ARG MB 126 -24.21 91.79 87.05
C ARG MB 126 -25.02 93.01 87.47
N GLN MB 127 -24.34 94.09 87.86
CA GLN MB 127 -25.05 95.31 88.25
C GLN MB 127 -25.83 95.88 87.08
N VAL MB 128 -25.27 95.82 85.87
CA VAL MB 128 -25.95 96.31 84.69
C VAL MB 128 -27.22 95.51 84.43
N GLY MB 129 -27.15 94.19 84.61
CA GLY MB 129 -28.33 93.36 84.42
C GLY MB 129 -29.43 93.65 85.43
N LYS MB 130 -29.04 94.00 86.67
CA LYS MB 130 -30.04 94.33 87.68
C LYS MB 130 -30.77 95.63 87.35
N GLU MB 131 -30.02 96.66 86.94
CA GLU MB 131 -30.65 97.93 86.61
C GLU MB 131 -31.30 97.94 85.23
N LYS MB 132 -31.07 96.91 84.42
CA LYS MB 132 -31.73 96.83 83.12
C LYS MB 132 -33.20 96.45 83.26
N GLY MB 133 -33.50 95.49 84.13
CA GLY MB 133 -34.85 94.99 84.27
C GLY MB 133 -35.61 95.57 85.46
N LYS MB 134 -35.14 96.70 85.97
CA LYS MB 134 -35.80 97.35 87.11
C LYS MB 134 -37.19 97.84 86.76
N GLY NB 1 85.38 56.41 -11.31
CA GLY NB 1 86.53 56.18 -10.45
C GLY NB 1 86.25 56.53 -9.01
N LYS NB 2 87.30 56.84 -8.26
CA LYS NB 2 87.17 57.22 -6.86
C LYS NB 2 86.60 58.62 -6.79
N PHE NB 3 85.30 58.73 -6.55
CA PHE NB 3 84.63 60.02 -6.48
C PHE NB 3 84.61 60.62 -5.08
N MET NB 4 85.06 59.88 -4.08
CA MET NB 4 85.10 60.38 -2.70
C MET NB 4 86.37 61.19 -2.53
N LYS NB 5 86.32 62.45 -2.95
CA LYS NB 5 87.45 63.35 -2.97
C LYS NB 5 87.24 64.48 -1.97
N PRO NB 6 88.30 65.13 -1.52
CA PRO NB 6 88.12 66.34 -0.70
C PRO NB 6 87.37 67.41 -1.48
N GLY NB 7 86.49 68.12 -0.78
CA GLY NB 7 85.61 69.08 -1.40
C GLY NB 7 84.27 68.53 -1.83
N LYS NB 8 84.13 67.21 -1.90
CA LYS NB 8 82.85 66.60 -2.25
C LYS NB 8 81.81 66.88 -1.17
N VAL NB 9 80.56 67.01 -1.59
CA VAL NB 9 79.46 67.27 -0.67
C VAL NB 9 78.71 65.96 -0.45
N VAL NB 10 78.60 65.55 0.81
CA VAL NB 10 77.95 64.32 1.19
C VAL NB 10 76.78 64.63 2.10
N LEU NB 11 75.93 63.62 2.30
CA LEU NB 11 74.81 63.68 3.23
C LEU NB 11 75.04 62.67 4.33
N VAL NB 12 74.99 63.12 5.57
CA VAL NB 12 75.13 62.20 6.70
C VAL NB 12 73.88 61.33 6.78
N LEU NB 13 74.09 60.01 6.85
CA LEU NB 13 72.98 59.08 6.85
C LEU NB 13 72.67 58.51 8.23
N ALA NB 14 73.63 58.52 9.15
CA ALA NB 14 73.43 57.93 10.46
C ALA NB 14 74.09 58.79 11.52
N GLY NB 15 73.64 58.61 12.76
CA GLY NB 15 74.19 59.33 13.88
C GLY NB 15 73.36 60.54 14.27
N ARG NB 16 73.92 61.32 15.18
CA ARG NB 16 73.24 62.51 15.69
C ARG NB 16 72.99 63.51 14.58
N TYR NB 17 73.92 63.63 13.64
CA TYR NB 17 73.84 64.62 12.56
C TYR NB 17 73.21 64.06 11.30
N SER NB 18 72.25 63.15 11.42
CA SER NB 18 71.60 62.58 10.25
C SER NB 18 70.85 63.65 9.47
N GLY NB 19 70.96 63.59 8.15
CA GLY NB 19 70.29 64.53 7.28
C GLY NB 19 70.97 65.86 7.10
N ARG NB 20 72.20 66.01 7.59
CA ARG NB 20 72.92 67.27 7.49
C ARG NB 20 73.87 67.22 6.30
N LYS NB 21 73.82 68.24 5.45
CA LYS NB 21 74.78 68.38 4.38
C LYS NB 21 76.15 68.70 4.93
N ALA NB 22 77.19 68.23 4.23
CA ALA NB 22 78.54 68.34 4.74
C ALA NB 22 79.53 68.24 3.58
N VAL NB 23 80.77 68.64 3.85
CA VAL NB 23 81.85 68.61 2.88
C VAL NB 23 82.98 67.76 3.42
N ILE NB 24 83.55 66.93 2.56
CA ILE NB 24 84.67 66.07 2.93
C ILE NB 24 85.94 66.90 3.02
N VAL NB 25 86.66 66.77 4.12
CA VAL NB 25 87.96 67.43 4.26
C VAL NB 25 89.09 66.51 3.84
N LYS NB 26 89.09 65.27 4.35
CA LYS NB 26 90.09 64.28 3.98
C LYS NB 26 89.39 62.95 3.80
N ASN NB 27 89.89 62.15 2.87
CA ASN NB 27 89.36 60.82 2.61
C ASN NB 27 90.47 59.80 2.78
N ILE NB 28 90.10 58.63 3.30
CA ILE NB 28 91.04 57.54 3.54
C ILE NB 28 90.80 56.36 2.62
N ASP NB 29 89.58 55.79 2.66
CA ASP NB 29 89.15 54.62 1.89
C ASP NB 29 90.19 53.49 1.90
N ASP NB 30 90.96 53.39 2.97
CA ASP NB 30 91.94 52.32 3.11
C ASP NB 30 91.97 51.69 4.50
N GLY NB 31 91.49 52.37 5.53
CA GLY NB 31 91.72 51.91 6.89
C GLY NB 31 93.06 52.39 7.42
N THR NB 32 93.13 52.51 8.75
CA THR NB 32 94.32 53.03 9.41
C THR NB 32 94.69 52.20 10.63
N SER NB 33 94.35 50.91 10.61
CA SER NB 33 94.62 49.88 11.61
C SER NB 33 93.93 50.15 12.94
N ASP NB 34 93.23 51.26 13.08
CA ASP NB 34 92.31 51.49 14.19
C ASP NB 34 90.92 51.91 13.72
N ARG NB 35 90.78 52.26 12.44
CA ARG NB 35 89.48 52.35 11.77
C ARG NB 35 89.61 51.54 10.49
N PRO NB 36 89.55 50.20 10.59
CA PRO NB 36 89.85 49.37 9.42
C PRO NB 36 88.90 49.56 8.26
N TYR NB 37 87.70 50.09 8.50
CA TYR NB 37 86.78 50.39 7.43
C TYR NB 37 87.22 51.65 6.67
N SER NB 38 86.57 51.88 5.54
CA SER NB 38 86.80 53.11 4.78
C SER NB 38 86.10 54.27 5.48
N HIS NB 39 86.85 55.32 5.79
CA HIS NB 39 86.32 56.45 6.51
C HIS NB 39 86.84 57.74 5.90
N ALA NB 40 86.26 58.86 6.35
CA ALA NB 40 86.65 60.18 5.85
C ALA NB 40 86.36 61.23 6.91
N LEU NB 41 87.30 62.15 7.09
CA LEU NB 41 87.07 63.32 7.93
C LEU NB 41 86.15 64.28 7.20
N VAL NB 42 85.14 64.78 7.91
CA VAL NB 42 84.03 65.50 7.31
C VAL NB 42 83.69 66.70 8.19
N ALA NB 43 83.55 67.87 7.57
CA ALA NB 43 83.08 69.07 8.25
C ALA NB 43 81.70 69.43 7.69
N GLY NB 44 80.73 69.64 8.58
CA GLY NB 44 79.36 69.88 8.18
C GLY NB 44 78.74 70.99 9.00
N ILE NB 45 77.47 71.27 8.68
CA ILE NB 45 76.72 72.33 9.35
C ILE NB 45 75.60 71.70 10.16
N ASP NB 46 75.70 71.82 11.49
CA ASP NB 46 74.66 71.30 12.37
C ASP NB 46 73.40 72.14 12.26
N ARG NB 47 73.50 73.43 12.59
CA ARG NB 47 72.36 74.33 12.52
C ARG NB 47 72.47 75.16 11.26
N TYR NB 48 71.50 75.01 10.36
CA TYR NB 48 71.49 75.78 9.14
C TYR NB 48 71.14 77.23 9.44
N PRO NB 49 71.63 78.17 8.64
CA PRO NB 49 71.15 79.55 8.76
C PRO NB 49 69.70 79.66 8.36
N ARG NB 50 69.00 80.59 9.00
CA ARG NB 50 67.58 80.74 8.75
C ARG NB 50 67.34 81.56 7.48
N LYS NB 51 66.13 81.43 6.95
CA LYS NB 51 65.76 82.16 5.75
C LYS NB 51 65.61 83.64 6.06
N VAL NB 52 66.21 84.48 5.22
CA VAL NB 52 66.21 85.92 5.42
C VAL NB 52 65.48 86.57 4.25
N THR NB 53 64.63 87.56 4.57
CA THR NB 53 63.84 88.29 3.59
C THR NB 53 64.26 89.75 3.59
N ALA NB 54 63.83 90.47 2.55
CA ALA NB 54 64.22 91.87 2.38
C ALA NB 54 63.58 92.78 3.41
N ALA NB 55 62.46 92.37 4.00
CA ALA NB 55 61.79 93.19 5.01
C ALA NB 55 62.17 92.72 6.42
N MET NB 56 63.47 92.70 6.67
CA MET NB 56 63.92 92.10 7.93
C MET NB 56 64.83 93.02 8.75
N GLY NB 57 65.69 93.79 8.09
CA GLY NB 57 66.60 94.62 8.85
C GLY NB 57 67.98 93.98 8.98
N LYS NB 58 69.00 94.83 9.07
CA LYS NB 58 70.38 94.34 9.03
C LYS NB 58 70.74 93.55 10.28
N LYS NB 59 70.28 94.00 11.45
CA LYS NB 59 70.63 93.31 12.69
C LYS NB 59 70.02 91.92 12.75
N LYS NB 60 68.77 91.79 12.33
CA LYS NB 60 68.12 90.48 12.34
C LYS NB 60 68.71 89.56 11.29
N ILE NB 61 69.14 90.12 10.16
CA ILE NB 61 69.76 89.32 9.11
C ILE NB 61 71.08 88.74 9.60
N ALA NB 62 71.90 89.57 10.25
CA ALA NB 62 73.19 89.08 10.75
C ALA NB 62 72.99 88.06 11.86
N LYS NB 63 71.97 88.25 12.71
CA LYS NB 63 71.68 87.28 13.75
C LYS NB 63 71.26 85.94 13.15
N ARG NB 64 70.43 85.98 12.10
CA ARG NB 64 69.91 84.76 11.50
C ARG NB 64 70.87 84.11 10.52
N SER NB 65 71.97 84.76 10.17
CA SER NB 65 72.95 84.16 9.27
C SER NB 65 74.02 83.36 10.00
N LYS NB 66 73.92 83.25 11.32
CA LYS NB 66 74.89 82.47 12.09
C LYS NB 66 74.73 80.99 11.81
N ILE NB 67 75.85 80.29 11.84
CA ILE NB 67 75.91 78.88 11.48
C ILE NB 67 76.61 78.11 12.58
N LYS NB 68 75.98 77.04 13.06
CA LYS NB 68 76.63 76.07 13.94
C LYS NB 68 77.12 74.91 13.08
N SER NB 69 78.33 74.45 13.36
CA SER NB 69 78.98 73.44 12.53
C SER NB 69 79.39 72.24 13.39
N PHE NB 70 79.92 71.22 12.72
CA PHE NB 70 80.47 70.06 13.39
C PHE NB 70 81.59 69.49 12.53
N VAL NB 71 82.47 68.73 13.18
CA VAL NB 71 83.50 67.96 12.49
C VAL NB 71 83.44 66.54 13.03
N LYS NB 72 83.49 65.56 12.12
CA LYS NB 72 83.38 64.16 12.48
C LYS NB 72 84.26 63.34 11.55
N VAL NB 73 84.46 62.09 11.91
CA VAL NB 73 85.07 61.09 11.02
C VAL NB 73 84.02 60.01 10.82
N TYR NB 74 83.55 59.88 9.59
CA TYR NB 74 82.39 59.05 9.29
C TYR NB 74 82.81 57.82 8.50
N ASN NB 75 82.17 56.69 8.80
CA ASN NB 75 82.25 55.52 7.94
C ASN NB 75 81.62 55.86 6.59
N TYR NB 76 82.20 55.30 5.52
CA TYR NB 76 81.68 55.56 4.18
C TYR NB 76 80.23 55.10 4.05
N ASN NB 77 79.87 54.01 4.72
CA ASN NB 77 78.52 53.48 4.65
C ASN NB 77 77.50 54.37 5.34
N HIS NB 78 77.94 55.36 6.12
CA HIS NB 78 77.05 56.32 6.74
C HIS NB 78 77.12 57.68 6.06
N LEU NB 79 77.64 57.73 4.84
CA LEU NB 79 77.69 58.94 4.04
C LEU NB 79 77.04 58.67 2.69
N MET NB 80 76.35 59.67 2.16
CA MET NB 80 75.70 59.57 0.85
C MET NB 80 76.27 60.63 -0.06
N PRO NB 81 77.14 60.28 -1.00
CA PRO NB 81 77.75 61.31 -1.86
C PRO NB 81 76.74 61.93 -2.80
N THR NB 82 76.92 63.21 -3.04
CA THR NB 82 76.15 63.94 -4.04
C THR NB 82 77.09 64.34 -5.18
N ARG NB 83 76.51 64.93 -6.22
CA ARG NB 83 77.30 65.39 -7.34
C ARG NB 83 77.97 66.73 -7.09
N TYR NB 84 77.56 67.45 -6.07
CA TYR NB 84 78.03 68.81 -5.84
C TYR NB 84 79.35 68.83 -5.10
N SER NB 85 80.02 69.98 -5.16
CA SER NB 85 81.26 70.19 -4.44
C SER NB 85 81.35 71.66 -4.05
N VAL NB 86 82.02 71.92 -2.94
CA VAL NB 86 82.30 73.28 -2.50
C VAL NB 86 83.80 73.41 -2.23
N ASP NB 87 84.41 74.42 -2.84
CA ASP NB 87 85.85 74.63 -2.67
C ASP NB 87 86.14 75.62 -1.54
N ILE NB 88 85.56 75.35 -0.37
CA ILE NB 88 85.76 76.19 0.80
C ILE NB 88 87.13 75.86 1.40
N PRO NB 89 88.01 76.84 1.54
CA PRO NB 89 89.40 76.56 1.99
C PRO NB 89 89.54 76.40 3.50
N LEU NB 90 89.25 75.19 3.96
CA LEU NB 90 89.43 74.86 5.37
C LEU NB 90 90.90 74.63 5.68
N ASP NB 91 91.35 75.14 6.82
CA ASP NB 91 92.73 74.96 7.25
C ASP NB 91 92.98 73.49 7.56
N LYS NB 92 93.92 72.88 6.84
CA LYS NB 92 94.24 71.47 7.09
C LYS NB 92 95.02 71.28 8.38
N THR NB 93 95.71 72.31 8.84
CA THR NB 93 96.43 72.21 10.11
C THR NB 93 95.51 72.24 11.31
N VAL NB 94 94.26 72.66 11.14
CA VAL NB 94 93.28 72.71 12.21
C VAL NB 94 92.23 71.62 12.04
N VAL NB 95 91.67 71.49 10.85
CA VAL NB 95 90.68 70.44 10.57
C VAL NB 95 91.47 69.23 10.07
N ASN NB 96 91.96 68.44 11.02
CA ASN NB 96 92.69 67.21 10.71
C ASN NB 96 92.23 66.12 11.67
N LYS NB 97 92.67 64.89 11.40
CA LYS NB 97 92.08 63.72 12.06
C LYS NB 97 92.41 63.66 13.54
N ASP NB 98 93.58 64.15 13.95
CA ASP NB 98 94.00 64.04 15.34
C ASP NB 98 93.36 65.10 16.25
N VAL NB 99 92.28 65.73 15.79
CA VAL NB 99 91.63 66.78 16.56
C VAL NB 99 90.68 66.21 17.61
N PHE NB 100 90.41 64.92 17.56
CA PHE NB 100 89.39 64.30 18.41
C PHE NB 100 89.92 63.81 19.74
N ARG NB 101 91.21 64.03 20.04
CA ARG NB 101 91.74 63.67 21.34
C ARG NB 101 91.70 64.83 22.33
N ASP NB 102 91.91 66.05 21.87
CA ASP NB 102 91.85 67.23 22.71
C ASP NB 102 90.58 68.01 22.42
N PRO NB 103 89.68 68.16 23.39
CA PRO NB 103 88.48 68.98 23.16
C PRO NB 103 88.80 70.42 22.81
N ALA NB 104 89.89 70.97 23.32
CA ALA NB 104 90.28 72.33 22.97
C ALA NB 104 90.57 72.45 21.49
N LEU NB 105 91.26 71.46 20.92
CA LEU NB 105 91.50 71.46 19.48
C LEU NB 105 90.21 71.32 18.70
N LYS NB 106 89.30 70.47 19.16
CA LYS NB 106 88.04 70.27 18.44
C LYS NB 106 87.20 71.54 18.45
N ARG NB 107 87.26 72.31 19.54
CA ARG NB 107 86.57 73.60 19.56
C ARG NB 107 87.17 74.55 18.53
N LYS NB 108 88.49 74.51 18.37
CA LYS NB 108 89.14 75.35 17.37
C LYS NB 108 88.78 74.89 15.95
N ALA NB 109 88.62 73.58 15.77
CA ALA NB 109 88.26 73.06 14.45
C ALA NB 109 86.84 73.45 14.07
N ARG NB 110 85.91 73.33 15.00
CA ARG NB 110 84.53 73.73 14.71
C ARG NB 110 84.42 75.24 14.53
N ARG NB 111 85.21 76.00 15.26
CA ARG NB 111 85.22 77.45 15.10
C ARG NB 111 85.76 77.84 13.73
N GLU NB 112 86.83 77.20 13.29
CA GLU NB 112 87.42 77.53 11.99
C GLU NB 112 86.48 77.13 10.86
N ALA NB 113 85.78 76.01 11.00
CA ALA NB 113 84.81 75.61 9.98
C ALA NB 113 83.60 76.55 9.97
N LYS NB 114 83.26 77.10 11.14
CA LYS NB 114 82.10 77.96 11.23
C LYS NB 114 82.33 79.29 10.50
N VAL NB 115 83.49 79.89 10.70
CA VAL NB 115 83.77 81.17 10.05
C VAL NB 115 83.92 80.99 8.54
N LYS NB 116 84.51 79.87 8.11
CA LYS NB 116 84.66 79.61 6.69
C LYS NB 116 83.31 79.36 6.04
N PHE NB 117 82.43 78.63 6.71
CA PHE NB 117 81.10 78.36 6.17
C PHE NB 117 80.28 79.63 6.11
N GLU NB 118 80.41 80.50 7.10
CA GLU NB 118 79.61 81.71 7.14
C GLU NB 118 79.96 82.66 5.99
N GLU NB 119 81.25 82.83 5.70
CA GLU NB 119 81.64 83.72 4.61
C GLU NB 119 81.21 83.18 3.26
N ARG NB 120 81.16 81.86 3.10
CA ARG NB 120 80.63 81.28 1.87
C ARG NB 120 79.12 81.35 1.82
N TYR NB 121 78.46 81.39 2.98
CA TYR NB 121 77.01 81.58 3.01
C TYR NB 121 76.64 82.95 2.47
N LYS NB 122 77.44 83.97 2.78
CA LYS NB 122 77.29 85.26 2.14
C LYS NB 122 77.62 85.14 0.66
N THR NB 123 77.35 86.22 -0.07
CA THR NB 123 77.49 86.33 -1.52
C THR NB 123 76.65 85.32 -2.30
N GLY NB 124 75.75 84.60 -1.62
CA GLY NB 124 74.78 83.75 -2.27
C GLY NB 124 75.33 82.55 -3.01
N LYS NB 125 76.59 82.20 -2.80
CA LYS NB 125 77.18 81.08 -3.51
C LYS NB 125 76.92 79.77 -2.77
N ASN NB 126 76.79 78.70 -3.54
CA ASN NB 126 76.54 77.35 -3.02
C ASN NB 126 75.29 77.33 -2.14
N LYS NB 127 74.17 77.77 -2.73
CA LYS NB 127 72.92 77.88 -1.98
C LYS NB 127 72.39 76.52 -1.55
N TRP NB 128 72.55 75.50 -2.41
CA TRP NB 128 72.05 74.18 -2.06
C TRP NB 128 72.76 73.60 -0.86
N PHE NB 129 74.03 73.92 -0.67
CA PHE NB 129 74.77 73.40 0.47
C PHE NB 129 74.21 73.94 1.79
N PHE NB 130 73.84 75.21 1.83
CA PHE NB 130 73.37 75.83 3.05
C PHE NB 130 71.86 75.74 3.24
N GLN NB 131 71.16 75.06 2.34
CA GLN NB 131 69.75 74.79 2.54
C GLN NB 131 69.55 73.50 3.31
N LYS NB 132 68.48 73.47 4.11
CA LYS NB 132 68.15 72.28 4.90
C LYS NB 132 67.48 71.24 4.02
N LEU NB 133 67.97 70.01 4.07
CA LEU NB 133 67.31 68.92 3.36
C LEU NB 133 66.00 68.59 4.03
N ARG NB 134 64.92 68.58 3.26
CA ARG NB 134 63.58 68.38 3.77
C ARG NB 134 63.20 66.91 3.59
N PHE NB 135 63.24 66.15 4.67
CA PHE NB 135 62.86 64.75 4.63
C PHE NB 135 61.92 64.44 5.79
N PRO OB 1 -45.33 51.57 54.05
CA PRO OB 1 -45.16 50.65 55.17
C PRO OB 1 -44.75 49.26 54.72
N SER OB 2 -43.50 48.89 55.01
CA SER OB 2 -43.00 47.59 54.65
C SER OB 2 -43.55 46.47 55.54
N ARG OB 3 -44.24 46.82 56.62
CA ARG OB 3 -44.82 45.82 57.50
C ARG OB 3 -46.16 45.31 57.00
N LEU OB 4 -46.70 45.88 55.93
CA LEU OB 4 -47.99 45.47 55.38
C LEU OB 4 -47.85 44.70 54.08
N ARG OB 5 -46.66 44.19 53.79
CA ARG OB 5 -46.36 43.61 52.49
C ARG OB 5 -46.08 42.12 52.60
N LYS OB 6 -46.17 41.45 51.44
CA LYS OB 6 -46.05 40.00 51.39
C LYS OB 6 -44.70 39.49 51.87
N THR OB 7 -43.65 40.31 51.79
CA THR OB 7 -42.32 39.87 52.19
C THR OB 7 -42.27 39.54 53.68
N ARG OB 8 -43.13 40.14 54.49
CA ARG OB 8 -43.15 39.78 55.90
C ARG OB 8 -43.84 38.44 56.12
N LYS OB 9 -44.79 38.09 55.28
CA LYS OB 9 -45.50 36.82 55.41
C LYS OB 9 -44.81 35.68 54.69
N LEU OB 10 -43.77 35.95 53.92
CA LEU OB 10 -43.04 34.91 53.20
C LEU OB 10 -41.75 34.51 53.90
N ARG OB 11 -41.56 34.93 55.14
CA ARG OB 11 -40.41 34.49 55.93
C ARG OB 11 -40.64 33.06 56.39
N GLY OB 12 -39.70 32.17 56.06
CA GLY OB 12 -39.82 30.77 56.37
C GLY OB 12 -40.24 29.91 55.20
N HIS OB 13 -40.79 30.50 54.15
CA HIS OB 13 -41.12 29.79 52.93
C HIS OB 13 -39.95 29.94 51.97
N VAL OB 14 -39.36 28.82 51.56
CA VAL OB 14 -38.02 28.85 50.97
C VAL OB 14 -38.02 29.59 49.63
N SER OB 15 -39.08 29.46 48.86
CA SER OB 15 -39.08 29.99 47.50
C SER OB 15 -39.53 31.44 47.41
N HIS OB 16 -40.00 32.01 48.52
CA HIS OB 16 -40.48 33.40 48.57
C HIS OB 16 -41.59 33.64 47.56
N GLY OB 17 -42.46 32.64 47.39
CA GLY OB 17 -43.62 32.80 46.53
C GLY OB 17 -43.33 32.78 45.05
N HIS OB 18 -42.21 32.21 44.63
CA HIS OB 18 -41.86 32.17 43.21
C HIS OB 18 -41.70 30.75 42.67
N GLY OB 19 -42.02 29.74 43.47
CA GLY OB 19 -42.04 28.39 42.96
C GLY OB 19 -40.71 27.68 43.10
N ARG OB 20 -40.77 26.36 43.22
CA ARG OB 20 -39.57 25.53 43.31
C ARG OB 20 -39.09 25.06 41.96
N ILE OB 21 -39.99 24.93 40.98
CA ILE OB 21 -39.62 24.34 39.69
C ILE OB 21 -39.03 25.39 38.76
N GLY OB 22 -39.83 26.39 38.41
CA GLY OB 22 -39.37 27.42 37.49
C GLY OB 22 -38.57 28.51 38.13
N LYS OB 23 -38.62 28.62 39.47
CA LYS OB 23 -37.78 29.53 40.23
C LYS OB 23 -38.03 30.99 39.87
N HIS OB 24 -37.25 31.89 40.43
CA HIS OB 24 -37.25 33.29 40.04
C HIS OB 24 -35.87 33.58 39.44
N ARG OB 25 -35.81 33.64 38.12
CA ARG OB 25 -34.55 33.86 37.42
C ARG OB 25 -34.50 35.31 36.93
N LYS OB 26 -33.35 35.68 36.37
CA LYS OB 26 -33.07 37.07 36.04
C LYS OB 26 -34.05 37.66 35.04
N HIS OB 27 -34.02 37.15 33.80
CA HIS OB 27 -34.87 37.68 32.73
C HIS OB 27 -35.24 36.56 31.77
N PRO OB 28 -36.12 35.65 32.18
CA PRO OB 28 -36.62 34.63 31.26
C PRO OB 28 -37.70 35.20 30.36
N GLY OB 29 -37.38 35.35 29.08
CA GLY OB 29 -38.29 35.95 28.12
C GLY OB 29 -37.76 37.21 27.47
N GLY OB 30 -36.63 37.75 27.91
CA GLY OB 30 -36.07 38.96 27.36
C GLY OB 30 -36.28 40.14 28.29
N ARG OB 31 -35.73 41.28 27.87
CA ARG OB 31 -35.79 42.51 28.64
C ARG OB 31 -36.69 43.50 27.94
N GLY OB 32 -37.61 44.09 28.69
CA GLY OB 32 -38.50 45.09 28.10
C GLY OB 32 -39.50 44.45 27.17
N ASN OB 33 -39.75 45.12 26.05
CA ASN OB 33 -40.65 44.59 25.03
C ASN OB 33 -39.91 43.72 24.03
N ALA OB 34 -39.12 42.79 24.55
CA ALA OB 34 -38.33 41.91 23.69
C ALA OB 34 -39.22 40.87 23.04
N GLY OB 35 -38.93 40.56 21.78
CA GLY OB 35 -39.66 39.52 21.08
C GLY OB 35 -41.13 39.80 20.90
N GLY OB 36 -41.49 41.06 20.66
CA GLY OB 36 -42.88 41.39 20.42
C GLY OB 36 -43.43 40.79 19.15
N LEU OB 37 -42.57 40.30 18.26
CA LEU OB 37 -42.99 39.66 17.03
C LEU OB 37 -42.64 38.18 16.99
N HIS OB 38 -41.90 37.66 17.97
CA HIS OB 38 -41.42 36.29 17.90
C HIS OB 38 -42.02 35.39 18.97
N HIS OB 39 -41.81 35.67 20.25
CA HIS OB 39 -42.32 34.79 21.29
C HIS OB 39 -43.28 35.49 22.24
N HIS OB 40 -43.49 36.79 22.08
CA HIS OB 40 -44.59 37.50 22.72
C HIS OB 40 -45.59 37.99 21.70
N ARG OB 41 -45.62 37.34 20.53
CA ARG OB 41 -46.50 37.79 19.45
C ARG OB 41 -47.96 37.67 19.82
N ILE OB 42 -48.33 36.61 20.55
CA ILE OB 42 -49.72 36.42 20.93
C ILE OB 42 -50.19 37.54 21.84
N ASN OB 43 -49.36 37.93 22.81
CA ASN OB 43 -49.74 39.01 23.71
C ASN OB 43 -49.88 40.33 22.98
N PHE OB 44 -48.94 40.62 22.07
CA PHE OB 44 -48.99 41.90 21.35
C PHE OB 44 -50.15 41.96 20.38
N ASP OB 45 -50.44 40.85 19.70
CA ASP OB 45 -51.57 40.81 18.79
C ASP OB 45 -52.89 40.87 19.56
N LYS OB 46 -52.95 40.21 20.71
CA LYS OB 46 -54.20 40.10 21.47
C LYS OB 46 -54.54 41.40 22.18
N TYR OB 47 -53.55 42.09 22.74
CA TYR OB 47 -53.83 43.24 23.59
C TYR OB 47 -53.41 44.57 23.01
N HIS OB 48 -52.52 44.60 22.02
CA HIS OB 48 -52.08 45.84 21.38
C HIS OB 48 -52.07 45.69 19.87
N PRO OB 49 -53.24 45.56 19.25
CA PRO OB 49 -53.28 45.52 17.78
C PRO OB 49 -52.89 46.87 17.20
N GLY OB 50 -52.23 46.81 16.05
CA GLY OB 50 -51.73 48.00 15.39
C GLY OB 50 -50.36 48.46 15.84
N TYR OB 51 -49.70 47.69 16.70
CA TYR OB 51 -48.47 48.16 17.32
C TYR OB 51 -47.32 48.29 16.32
N PHE OB 52 -47.27 47.42 15.32
CA PHE OB 52 -46.14 47.37 14.39
C PHE OB 52 -46.52 47.97 13.05
N GLY OB 53 -45.68 48.87 12.54
CA GLY OB 53 -45.84 49.43 11.23
C GLY OB 53 -46.12 50.93 11.26
N LYS OB 54 -46.02 51.53 10.08
CA LYS OB 54 -46.29 52.95 9.89
C LYS OB 54 -47.66 53.14 9.25
N VAL OB 55 -48.29 54.26 9.59
CA VAL OB 55 -49.55 54.67 8.99
C VAL OB 55 -49.54 56.17 8.83
N GLY OB 56 -49.87 56.65 7.63
CA GLY OB 56 -50.11 58.07 7.44
C GLY OB 56 -48.88 58.87 7.10
N MET OB 57 -49.10 60.17 7.01
CA MET OB 57 -48.08 61.15 6.65
C MET OB 57 -47.41 61.68 7.90
N LYS OB 58 -46.09 61.87 7.83
CA LYS OB 58 -45.36 62.47 8.93
C LYS OB 58 -45.18 63.95 8.67
N HIS OB 59 -45.33 64.74 9.73
CA HIS OB 59 -45.26 66.19 9.66
C HIS OB 59 -44.13 66.66 10.57
N TYR OB 60 -43.04 67.15 9.97
CA TYR OB 60 -41.94 67.66 10.77
C TYR OB 60 -42.31 68.98 11.43
N HIS OB 61 -41.75 69.20 12.61
CA HIS OB 61 -41.91 70.46 13.35
C HIS OB 61 -43.38 70.79 13.58
N LEU OB 62 -44.05 69.90 14.30
CA LEU OB 62 -45.44 70.16 14.64
C LEU OB 62 -45.52 71.22 15.72
N LYS OB 63 -46.33 72.24 15.48
CA LYS OB 63 -46.60 73.29 16.46
C LYS OB 63 -48.00 73.05 16.99
N ARG OB 64 -48.08 72.54 18.22
CA ARG OB 64 -49.37 72.19 18.83
C ARG OB 64 -50.24 73.41 19.05
N ASN OB 65 -49.66 74.60 19.12
CA ASN OB 65 -50.44 75.81 19.32
C ASN OB 65 -51.18 76.25 18.07
N GLN OB 66 -50.73 75.82 16.88
CA GLN OB 66 -51.40 76.21 15.65
C GLN OB 66 -52.79 75.60 15.54
N SER OB 67 -52.93 74.33 15.93
CA SER OB 67 -54.21 73.63 15.87
C SER OB 67 -54.99 73.75 17.16
N PHE OB 68 -54.75 74.80 17.94
CA PHE OB 68 -55.43 75.00 19.21
C PHE OB 68 -56.84 75.51 18.93
N CYS OB 69 -57.83 74.65 19.15
CA CYS OB 69 -59.23 75.02 18.97
C CYS OB 69 -60.09 74.25 19.95
N PRO OB 70 -60.14 74.70 21.21
CA PRO OB 70 -61.01 74.04 22.19
C PRO OB 70 -62.47 74.22 21.84
N THR OB 71 -63.27 73.22 22.21
CA THR OB 71 -64.67 73.16 21.84
C THR OB 71 -65.56 73.18 23.07
N VAL OB 72 -66.78 73.69 22.89
CA VAL OB 72 -67.81 73.67 23.93
C VAL OB 72 -69.13 73.30 23.28
N ASN OB 73 -69.87 72.41 23.93
CA ASN OB 73 -71.16 72.00 23.40
C ASN OB 73 -72.23 73.02 23.77
N LEU OB 74 -73.40 72.87 23.15
CA LEU OB 74 -74.49 73.79 23.40
C LEU OB 74 -75.10 73.59 24.78
N ASP OB 75 -75.03 72.37 25.33
CA ASP OB 75 -75.63 72.11 26.62
C ASP OB 75 -74.86 72.76 27.76
N LYS OB 76 -73.62 73.19 27.54
CA LYS OB 76 -72.83 73.90 28.53
C LYS OB 76 -72.66 75.37 28.16
N LEU OB 77 -73.50 75.89 27.27
CA LEU OB 77 -73.29 77.24 26.75
C LEU OB 77 -73.65 78.30 27.79
N TRP OB 78 -74.74 78.11 28.52
CA TRP OB 78 -75.21 79.11 29.46
C TRP OB 78 -74.42 79.10 30.77
N THR OB 79 -73.54 78.13 30.98
CA THR OB 79 -72.67 78.16 32.15
C THR OB 79 -71.47 79.08 31.94
N LEU OB 80 -71.29 79.62 30.74
CA LEU OB 80 -70.23 80.58 30.50
C LEU OB 80 -70.58 81.96 31.05
N VAL OB 81 -71.84 82.33 31.01
CA VAL OB 81 -72.30 83.58 31.56
C VAL OB 81 -72.88 83.32 32.94
N SER OB 82 -73.09 84.40 33.70
CA SER OB 82 -73.58 84.26 35.05
C SER OB 82 -75.04 83.83 35.06
N GLU OB 83 -75.50 83.35 36.21
CA GLU OB 83 -76.89 82.96 36.37
C GLU OB 83 -77.82 84.16 36.19
N GLN OB 84 -77.36 85.35 36.59
CA GLN OB 84 -78.18 86.55 36.44
C GLN OB 84 -78.44 86.85 34.98
N THR OB 85 -77.49 86.54 34.10
CA THR OB 85 -77.64 86.86 32.68
C THR OB 85 -78.80 86.09 32.06
N ARG OB 86 -78.92 84.82 32.39
CA ARG OB 86 -79.96 83.99 31.76
C ARG OB 86 -81.34 84.35 32.27
N VAL OB 87 -81.50 84.51 33.59
CA VAL OB 87 -82.83 84.74 34.16
C VAL OB 87 -83.34 86.12 33.77
N ASN OB 88 -82.46 87.12 33.69
CA ASN OB 88 -82.90 88.47 33.34
C ASN OB 88 -83.36 88.54 31.89
N ALA OB 89 -82.77 87.72 31.02
CA ALA OB 89 -83.20 87.69 29.63
C ALA OB 89 -84.53 86.95 29.49
N ALA OB 90 -84.75 85.93 30.32
CA ALA OB 90 -86.00 85.19 30.29
C ALA OB 90 -87.17 86.08 30.69
N LYS OB 91 -86.99 86.89 31.72
CA LYS OB 91 -88.04 87.81 32.16
C LYS OB 91 -88.02 89.14 31.41
N ASN OB 92 -87.11 89.30 30.45
CA ASN OB 92 -87.01 90.54 29.69
C ASN OB 92 -88.23 90.72 28.81
N LYS OB 93 -88.87 91.90 28.92
CA LYS OB 93 -90.00 92.22 28.04
C LYS OB 93 -89.54 92.34 26.60
N THR OB 94 -88.50 93.13 26.35
CA THR OB 94 -87.91 93.21 25.03
C THR OB 94 -87.15 91.93 24.70
N GLY OB 95 -86.99 91.67 23.41
CA GLY OB 95 -86.23 90.52 22.97
C GLY OB 95 -84.74 90.78 22.93
N ALA OB 96 -84.22 91.41 23.98
CA ALA OB 96 -82.80 91.75 24.06
C ALA OB 96 -82.03 90.49 24.43
N ALA OB 97 -81.49 89.82 23.42
CA ALA OB 97 -80.73 88.60 23.64
C ALA OB 97 -79.36 88.94 24.21
N PRO OB 98 -78.94 88.28 25.28
CA PRO OB 98 -77.58 88.51 25.80
C PRO OB 98 -76.53 87.95 24.85
N ILE OB 99 -75.35 88.55 24.89
CA ILE OB 99 -74.23 88.14 24.05
C ILE OB 99 -73.30 87.25 24.86
N ILE OB 100 -73.05 86.05 24.36
CA ILE OB 100 -72.12 85.11 24.95
C ILE OB 100 -70.91 85.03 24.03
N ASP OB 101 -69.74 85.36 24.57
CA ASP OB 101 -68.49 85.35 23.81
C ASP OB 101 -67.67 84.18 24.33
N VAL OB 102 -67.74 83.04 23.62
CA VAL OB 102 -67.07 81.85 24.09
C VAL OB 102 -65.55 81.97 24.00
N VAL OB 103 -65.04 82.89 23.18
CA VAL OB 103 -63.60 83.12 23.12
C VAL OB 103 -63.12 83.70 24.45
N ARG OB 104 -63.94 84.54 25.07
CA ARG OB 104 -63.61 85.08 26.38
C ARG OB 104 -63.51 83.98 27.43
N SER OB 105 -64.37 82.97 27.34
CA SER OB 105 -64.35 81.86 28.28
C SER OB 105 -63.29 80.83 27.96
N GLY OB 106 -62.61 80.94 26.83
CA GLY OB 106 -61.53 80.04 26.49
C GLY OB 106 -61.85 78.97 25.47
N TYR OB 107 -62.87 79.15 24.64
CA TYR OB 107 -63.23 78.19 23.61
C TYR OB 107 -63.29 78.90 22.27
N TYR OB 108 -62.97 78.16 21.21
CA TYR OB 108 -62.97 78.70 19.85
C TYR OB 108 -64.12 78.16 19.02
N LYS OB 109 -64.38 76.86 19.07
CA LYS OB 109 -65.45 76.24 18.30
C LYS OB 109 -66.63 75.92 19.22
N VAL OB 110 -67.83 76.18 18.71
CA VAL OB 110 -69.06 75.83 19.41
C VAL OB 110 -69.66 74.62 18.71
N LEU OB 111 -69.66 73.49 19.39
CA LEU OB 111 -70.29 72.27 18.89
C LEU OB 111 -71.74 72.21 19.35
N GLY OB 112 -72.50 71.30 18.74
CA GLY OB 112 -73.93 71.31 18.94
C GLY OB 112 -74.51 70.09 19.62
N LYS OB 113 -73.85 69.59 20.66
CA LYS OB 113 -74.38 68.48 21.44
C LYS OB 113 -75.31 69.02 22.53
N GLY OB 114 -76.51 68.46 22.59
CA GLY OB 114 -77.49 68.88 23.56
C GLY OB 114 -78.56 69.75 22.95
N LYS OB 115 -79.33 70.39 23.83
CA LYS OB 115 -80.39 71.29 23.42
C LYS OB 115 -80.32 72.57 24.25
N LEU OB 116 -80.81 73.64 23.66
CA LEU OB 116 -80.76 74.94 24.31
C LEU OB 116 -82.10 75.29 24.93
N PRO OB 117 -82.11 76.09 26.00
CA PRO OB 117 -83.37 76.65 26.48
C PRO OB 117 -83.94 77.62 25.46
N LYS OB 118 -85.27 77.76 25.48
CA LYS OB 118 -85.98 78.54 24.46
C LYS OB 118 -85.94 80.02 24.83
N GLN OB 119 -84.80 80.65 24.54
CA GLN OB 119 -84.67 82.09 24.62
C GLN OB 119 -83.54 82.50 23.69
N PRO OB 120 -83.69 83.56 22.91
CA PRO OB 120 -82.66 83.93 21.94
C PRO OB 120 -81.37 84.37 22.62
N VAL OB 121 -80.25 84.13 21.93
CA VAL OB 121 -78.94 84.46 22.45
C VAL OB 121 -78.00 84.64 21.26
N ILE OB 122 -77.13 85.63 21.35
CA ILE OB 122 -76.09 85.85 20.35
C ILE OB 122 -74.82 85.17 20.82
N VAL OB 123 -74.21 84.38 19.94
CA VAL OB 123 -73.02 83.62 20.26
C VAL OB 123 -71.87 84.11 19.39
N LYS OB 124 -70.79 84.54 20.01
CA LYS OB 124 -69.57 84.92 19.31
C LYS OB 124 -68.58 83.77 19.43
N ALA OB 125 -68.08 83.29 18.30
CA ALA OB 125 -67.13 82.20 18.29
C ALA OB 125 -66.30 82.28 17.03
N LYS OB 126 -65.15 81.62 17.06
CA LYS OB 126 -64.31 81.54 15.87
C LYS OB 126 -64.91 80.60 14.84
N PHE OB 127 -65.39 79.44 15.28
CA PHE OB 127 -65.98 78.46 14.39
C PHE OB 127 -67.28 77.93 15.00
N PHE OB 128 -68.18 77.49 14.13
CA PHE OB 128 -69.40 76.83 14.53
C PHE OB 128 -69.53 75.53 13.75
N SER OB 129 -70.25 74.57 14.33
CA SER OB 129 -70.66 73.41 13.57
C SER OB 129 -72.02 73.68 12.95
N ARG OB 130 -72.37 72.86 11.94
CA ARG OB 130 -73.61 73.08 11.21
C ARG OB 130 -74.82 72.90 12.12
N ARG OB 131 -74.79 71.88 12.97
CA ARG OB 131 -75.93 71.63 13.85
C ARG OB 131 -75.97 72.61 15.02
N ALA OB 132 -74.82 73.09 15.46
CA ALA OB 132 -74.81 74.12 16.50
C ALA OB 132 -75.44 75.41 16.00
N GLU OB 133 -75.13 75.79 14.75
CA GLU OB 133 -75.72 77.00 14.18
C GLU OB 133 -77.22 76.82 13.95
N GLU OB 134 -77.64 75.61 13.60
CA GLU OB 134 -79.05 75.36 13.36
C GLU OB 134 -79.84 75.40 14.66
N LYS OB 135 -79.29 74.82 15.73
CA LYS OB 135 -79.98 74.83 17.01
C LYS OB 135 -79.99 76.20 17.65
N ILE OB 136 -78.94 77.00 17.45
CA ILE OB 136 -78.92 78.36 17.97
C ILE OB 136 -79.95 79.21 17.25
N LYS OB 137 -80.10 79.02 15.94
CA LYS OB 137 -81.10 79.77 15.21
C LYS OB 137 -82.51 79.31 15.54
N SER OB 138 -82.68 78.05 15.92
CA SER OB 138 -84.01 77.52 16.20
C SER OB 138 -84.63 78.13 17.44
N VAL OB 139 -83.82 78.60 18.39
CA VAL OB 139 -84.32 79.27 19.57
C VAL OB 139 -84.39 80.78 19.36
N GLY OB 140 -84.28 81.24 18.13
CA GLY OB 140 -84.33 82.66 17.82
C GLY OB 140 -83.02 83.38 17.93
N GLY OB 141 -81.93 82.69 18.25
CA GLY OB 141 -80.64 83.32 18.42
C GLY OB 141 -79.95 83.60 17.10
N ALA OB 142 -78.72 84.09 17.21
CA ALA OB 142 -77.91 84.40 16.05
C ALA OB 142 -76.46 84.00 16.33
N CYS OB 143 -75.74 83.65 15.26
CA CYS OB 143 -74.34 83.27 15.34
C CYS OB 143 -73.51 84.34 14.65
N VAL OB 144 -72.59 84.94 15.40
CA VAL OB 144 -71.67 85.92 14.84
C VAL OB 144 -70.26 85.35 14.94
N LEU OB 145 -69.40 85.79 14.04
CA LEU OB 145 -68.05 85.25 13.92
C LEU OB 145 -67.02 86.28 14.35
N VAL OB 146 -65.98 85.81 15.03
CA VAL OB 146 -64.88 86.65 15.46
C VAL OB 146 -63.58 86.07 14.91
N ALA OB 147 -62.52 86.86 14.97
CA ALA OB 147 -61.23 86.43 14.47
C ALA OB 147 -60.16 86.46 15.55
N ALA PB 1 -33.59 14.76 26.49
CA ALA PB 1 -33.73 15.09 25.08
C ALA PB 1 -35.16 14.89 24.63
N LYS PB 2 -35.58 13.64 24.50
CA LYS PB 2 -36.95 13.33 24.12
C LYS PB 2 -37.88 13.51 25.30
N SER PB 3 -39.14 13.80 24.99
CA SER PB 3 -40.14 14.08 26.02
C SER PB 3 -41.49 13.62 25.51
N LYS PB 4 -42.51 13.82 26.33
CA LYS PB 4 -43.88 13.47 25.93
C LYS PB 4 -44.35 14.41 24.84
N ASN PB 5 -45.14 13.86 23.92
CA ASN PB 5 -45.57 14.59 22.73
C ASN PB 5 -46.92 15.28 22.93
N HIS PB 6 -47.92 14.53 23.40
CA HIS PB 6 -49.26 15.07 23.52
C HIS PB 6 -50.07 14.15 24.42
N THR PB 7 -50.92 14.75 25.25
CA THR PB 7 -51.93 13.98 25.98
C THR PB 7 -53.10 14.88 26.32
N THR PB 8 -54.28 14.29 26.36
CA THR PB 8 -55.47 14.94 26.90
C THR PB 8 -55.80 14.39 28.28
N HIS PB 9 -54.86 13.71 28.90
CA HIS PB 9 -55.04 13.22 30.26
C HIS PB 9 -55.22 14.39 31.21
N ASN PB 10 -56.18 14.25 32.13
CA ASN PB 10 -56.52 15.22 33.17
C ASN PB 10 -57.20 16.45 32.59
N GLN PB 11 -57.33 16.53 31.27
CA GLN PB 11 -58.01 17.65 30.66
C GLN PB 11 -59.49 17.66 31.01
N SER PB 12 -60.13 16.49 31.00
CA SER PB 12 -61.55 16.40 31.30
C SER PB 12 -61.83 16.80 32.74
N ARG PB 13 -60.93 16.42 33.66
CA ARG PB 13 -61.09 16.81 35.06
C ARG PB 13 -60.98 18.31 35.23
N LYS PB 14 -60.08 18.96 34.48
CA LYS PB 14 -59.95 20.41 34.56
C LYS PB 14 -61.18 21.11 34.02
N TRP PB 15 -61.81 20.53 32.99
CA TRP PB 15 -62.95 21.18 32.36
C TRP PB 15 -64.15 21.24 33.28
N HIS PB 16 -64.34 20.22 34.12
CA HIS PB 16 -65.53 20.11 34.94
C HIS PB 16 -65.38 20.73 36.31
N ARG PB 17 -64.21 21.25 36.66
CA ARG PB 17 -64.05 21.88 37.97
C ARG PB 17 -64.84 23.17 38.05
N ASN PB 18 -64.89 23.93 36.96
CA ASN PB 18 -65.79 25.07 36.86
C ASN PB 18 -67.01 24.76 36.01
N GLY PB 19 -67.25 23.49 35.70
CA GLY PB 19 -68.37 23.09 34.89
C GLY PB 19 -68.12 23.36 33.42
N ILE PB 20 -69.00 22.79 32.60
CA ILE PB 20 -69.02 23.04 31.16
C ILE PB 20 -70.35 23.73 30.88
N LYS PB 21 -70.34 25.05 30.87
CA LYS PB 21 -71.57 25.82 30.82
C LYS PB 21 -72.07 25.94 29.39
N LYS PB 22 -73.37 25.69 29.20
CA LYS PB 22 -73.99 25.91 27.91
C LYS PB 22 -74.08 27.41 27.62
N PRO PB 23 -74.17 27.79 26.35
CA PRO PB 23 -74.32 29.21 26.03
C PRO PB 23 -75.60 29.77 26.63
N ARG PB 24 -75.53 31.04 27.04
CA ARG PB 24 -76.61 31.67 27.80
C ARG PB 24 -77.73 32.08 26.84
N SER PB 25 -78.62 31.12 26.58
CA SER PB 25 -79.77 31.39 25.74
C SER PB 25 -80.71 32.38 26.43
N GLN PB 26 -81.36 33.21 25.64
CA GLN PB 26 -82.15 34.31 26.17
C GLN PB 26 -83.10 34.83 25.10
N ARG PB 27 -84.09 35.59 25.54
CA ARG PB 27 -85.01 36.25 24.63
C ARG PB 27 -84.25 37.25 23.77
N TYR PB 28 -84.74 37.47 22.55
CA TYR PB 28 -84.21 38.48 21.63
C TYR PB 28 -82.73 38.22 21.33
N GLU PB 29 -82.50 37.14 20.60
CA GLU PB 29 -81.17 36.87 20.08
C GLU PB 29 -80.80 37.93 19.03
N SER PB 30 -79.49 38.11 18.85
CA SER PB 30 -79.00 39.14 17.95
C SER PB 30 -79.30 38.80 16.50
N LEU PB 31 -79.41 39.84 15.67
CA LEU PB 31 -79.69 39.69 14.25
C LEU PB 31 -78.43 39.72 13.39
N LYS PB 32 -77.29 39.38 13.98
CA LYS PB 32 -76.04 39.35 13.23
C LYS PB 32 -76.07 38.20 12.23
N GLY PB 33 -75.62 38.48 11.01
CA GLY PB 33 -75.53 37.46 9.99
C GLY PB 33 -76.82 37.15 9.27
N VAL PB 34 -77.93 37.81 9.63
CA VAL PB 34 -79.17 37.60 8.91
C VAL PB 34 -79.07 38.26 7.54
N ASP PB 35 -79.90 37.79 6.60
CA ASP PB 35 -79.89 38.27 5.23
C ASP PB 35 -80.08 39.78 5.18
N PRO PB 36 -79.16 40.54 4.58
CA PRO PB 36 -79.33 42.01 4.54
C PRO PB 36 -80.57 42.48 3.83
N LYS PB 37 -81.03 41.74 2.81
CA LYS PB 37 -82.23 42.15 2.10
C LYS PB 37 -83.47 41.98 2.97
N PHE PB 38 -83.53 40.89 3.72
CA PHE PB 38 -84.60 40.71 4.69
C PHE PB 38 -84.50 41.72 5.83
N LEU PB 39 -83.26 42.00 6.27
CA LEU PB 39 -83.06 42.83 7.44
C LEU PB 39 -83.41 44.29 7.18
N ARG PB 40 -83.06 44.80 5.99
CA ARG PB 40 -83.41 46.18 5.67
C ARG PB 40 -84.91 46.34 5.49
N ASN PB 41 -85.60 45.30 5.06
CA ASN PB 41 -87.05 45.34 4.96
C ASN PB 41 -87.68 45.44 6.34
N MET PB 42 -87.20 44.64 7.29
CA MET PB 42 -87.76 44.67 8.64
C MET PB 42 -87.50 46.01 9.32
N ARG PB 43 -86.41 46.69 8.95
CA ARG PB 43 -86.18 48.03 9.48
C ARG PB 43 -87.22 49.00 8.96
N PHE PB 44 -87.64 48.83 7.70
CA PHE PB 44 -88.70 49.68 7.15
C PHE PB 44 -90.04 49.35 7.79
N ALA PB 45 -90.30 48.07 8.05
CA ALA PB 45 -91.54 47.68 8.71
C ALA PB 45 -91.57 48.22 10.14
N LYS PB 46 -90.45 48.16 10.84
CA LYS PB 46 -90.38 48.71 12.19
C LYS PB 46 -90.53 50.22 12.19
N LYS PB 47 -89.95 50.89 11.20
CA LYS PB 47 -90.00 52.34 11.14
C LYS PB 47 -91.43 52.84 10.97
N HIS PB 48 -92.20 52.21 10.10
CA HIS PB 48 -93.54 52.68 9.77
C HIS PB 48 -94.61 52.09 10.66
N ASN PB 49 -94.23 51.55 11.82
CA ASN PB 49 -95.23 51.12 12.78
C ASN PB 49 -95.98 52.29 13.39
N LYS PB 50 -95.43 53.50 13.30
CA LYS PB 50 -96.11 54.68 13.83
C LYS PB 50 -97.46 54.88 13.14
N LYS PB 51 -97.47 54.87 11.81
CA LYS PB 51 -98.73 54.94 11.10
C LYS PB 51 -99.53 53.67 11.33
N GLY PB 52 -100.85 53.79 11.23
CA GLY PB 52 -101.71 52.69 11.59
C GLY PB 52 -101.90 52.52 13.08
N LEU PB 53 -101.36 53.43 13.90
CA LEU PB 53 -101.60 53.38 15.33
C LEU PB 53 -103.05 53.68 15.66
N LYS PB 54 -103.66 54.64 14.96
CA LYS PB 54 -105.05 54.98 15.22
C LYS PB 54 -105.98 53.83 14.87
N LYS PB 55 -105.69 53.12 13.78
CA LYS PB 55 -106.46 51.92 13.47
C LYS PB 55 -106.25 50.84 14.51
N MET PB 56 -105.02 50.71 15.01
CA MET PB 56 -104.70 49.66 15.98
C MET PB 56 -105.43 49.87 17.29
N GLN PB 57 -105.44 51.12 17.79
CA GLN PB 57 -106.08 51.38 19.08
C GLN PB 57 -107.59 51.30 18.99
N ALA PB 58 -108.18 51.67 17.84
CA ALA PB 58 -109.62 51.54 17.67
C ALA PB 58 -110.04 50.08 17.68
N ASN PB 59 -109.26 49.21 17.04
CA ASN PB 59 -109.58 47.78 17.04
C ASN PB 59 -109.40 47.18 18.43
N ASN PB 60 -108.42 47.68 19.19
CA ASN PB 60 -108.23 47.19 20.54
C ASN PB 60 -109.35 47.65 21.47
N ALA PB 61 -109.81 48.89 21.30
CA ALA PB 61 -110.92 49.39 22.11
C ALA PB 61 -112.20 48.62 21.81
N LYS PB 62 -112.45 48.32 20.53
CA LYS PB 62 -113.64 47.53 20.19
C LYS PB 62 -113.51 46.09 20.67
N ALA PB 63 -112.28 45.59 20.78
CA ALA PB 63 -112.08 44.23 21.27
C ALA PB 63 -112.31 44.15 22.77
N MET PB 64 -111.82 45.15 23.51
CA MET PB 64 -112.05 45.18 24.96
C MET PB 64 -113.53 45.39 25.27
N SER PB 65 -114.21 46.23 24.50
CA SER PB 65 -115.64 46.44 24.71
C SER PB 65 -116.44 45.19 24.39
N ALA PB 66 -116.10 44.51 23.28
CA ALA PB 66 -116.81 43.28 22.92
C ALA PB 66 -116.58 42.18 23.94
N ARG PB 67 -115.37 42.13 24.52
CA ARG PB 67 -115.10 41.15 25.57
C ARG PB 67 -115.84 41.51 26.85
N ALA PB 68 -115.90 42.81 27.19
CA ALA PB 68 -116.51 43.22 28.44
C ALA PB 68 -118.01 42.95 28.45
N GLU PB 69 -118.69 43.21 27.33
CA GLU PB 69 -120.13 42.93 27.27
C GLU PB 69 -120.40 41.44 27.27
N ALA PB 70 -119.50 40.64 26.70
CA ALA PB 70 -119.65 39.19 26.75
C ALA PB 70 -119.46 38.65 28.16
N ILE PB 71 -118.49 39.23 28.89
CA ILE PB 71 -118.24 38.81 30.27
C ILE PB 71 -119.42 39.18 31.16
N LYS PB 72 -120.01 40.36 30.93
CA LYS PB 72 -121.04 40.92 31.79
C LYS PB 72 -122.42 40.33 31.54
N ALA PB 73 -122.51 39.16 30.90
CA ALA PB 73 -123.78 38.46 30.73
C ALA PB 73 -124.10 37.73 32.04
N LEU PB 74 -124.58 38.51 33.00
CA LEU PB 74 -124.86 38.03 34.35
C LEU PB 74 -126.37 38.10 34.60
N VAL PB 75 -127.00 36.93 34.64
CA VAL PB 75 -128.44 36.74 34.92
C VAL PB 75 -129.34 37.82 34.34
N VAL PB 76 -122.54 11.51 56.25
CA VAL PB 76 -122.69 11.09 57.64
C VAL PB 76 -121.84 11.96 58.56
N SER PB 77 -121.09 11.32 59.45
CA SER PB 77 -120.28 12.03 60.43
C SER PB 77 -118.84 12.22 59.98
N ARG PB 78 -118.18 11.17 59.48
CA ARG PB 78 -116.81 11.23 58.98
C ARG PB 78 -115.85 11.73 60.06
N LYS PB 79 -115.67 10.89 61.08
CA LYS PB 79 -114.95 11.26 62.30
C LYS PB 79 -113.58 11.88 62.00
N LEU PB 80 -112.80 11.26 61.11
CA LEU PB 80 -111.47 11.78 60.83
C LEU PB 80 -111.53 13.12 60.12
N ASP PB 81 -112.53 13.32 59.24
CA ASP PB 81 -112.72 14.62 58.63
C ASP PB 81 -113.15 15.67 59.65
N ARG PB 82 -113.98 15.28 60.61
CA ARG PB 82 -114.48 16.22 61.60
C ARG PB 82 -113.35 16.74 62.49
N LEU PB 83 -112.44 15.85 62.91
CA LEU PB 83 -111.35 16.27 63.78
C LEU PB 83 -110.39 17.21 63.08
N ALA PB 84 -110.16 17.00 61.79
CA ALA PB 84 -109.31 17.92 61.03
C ALA PB 84 -109.95 19.30 60.95
N TYR PB 85 -111.27 19.35 60.85
CA TYR PB 85 -111.97 20.63 60.86
C TYR PB 85 -111.85 21.32 62.21
N ILE PB 86 -111.98 20.55 63.30
CA ILE PB 86 -111.94 21.13 64.64
C ILE PB 86 -110.54 21.69 64.94
N ALA PB 87 -109.50 20.98 64.52
CA ALA PB 87 -108.14 21.43 64.78
C ALA PB 87 -107.73 22.63 63.95
N HIS PB 88 -108.55 23.03 62.98
CA HIS PB 88 -108.21 24.19 62.15
C HIS PB 88 -108.20 25.46 63.00
N PRO PB 89 -107.13 26.26 62.93
CA PRO PB 89 -107.05 27.45 63.80
C PRO PB 89 -108.14 28.48 63.53
N LYS PB 90 -108.68 28.51 62.32
CA LYS PB 90 -109.68 29.51 61.93
C LYS PB 90 -111.07 28.92 61.78
N LEU PB 91 -111.20 27.79 61.09
CA LEU PB 91 -112.52 27.22 60.83
C LEU PB 91 -113.11 26.54 62.05
N GLY PB 92 -112.28 25.94 62.89
CA GLY PB 92 -112.77 25.17 64.02
C GLY PB 92 -112.77 25.95 65.32
N LYS PB 93 -112.72 27.28 65.24
CA LYS PB 93 -112.72 28.10 66.44
C LYS PB 93 -114.00 27.94 67.24
N ARG PB 94 -115.15 28.03 66.56
CA ARG PB 94 -116.43 27.88 67.25
C ARG PB 94 -116.66 26.43 67.64
N ALA PB 95 -116.16 25.49 66.84
CA ALA PB 95 -116.37 24.07 67.13
C ALA PB 95 -115.70 23.68 68.45
N ARG PB 96 -114.46 24.10 68.66
CA ARG PB 96 -113.77 23.74 69.88
C ARG PB 96 -114.15 24.64 71.05
N ALA PB 97 -114.87 25.73 70.77
CA ALA PB 97 -115.43 26.53 71.86
C ALA PB 97 -116.62 25.82 72.49
N ARG PB 98 -117.42 25.12 71.67
CA ARG PB 98 -118.58 24.42 72.20
C ARG PB 98 -118.18 23.29 73.14
N ILE PB 99 -117.17 22.51 72.75
CA ILE PB 99 -116.75 21.39 73.60
C ILE PB 99 -115.95 21.90 74.80
N ALA PB 100 -115.39 23.10 74.70
CA ALA PB 100 -114.71 23.68 75.85
C ALA PB 100 -115.71 24.13 76.91
N LYS PB 101 -116.78 24.82 76.50
CA LYS PB 101 -117.79 25.24 77.45
C LYS PB 101 -118.63 24.06 77.93
N GLY PB 102 -118.82 23.04 77.08
CA GLY PB 102 -119.53 21.86 77.50
C GLY PB 102 -118.74 20.98 78.44
N LEU PB 103 -117.44 21.20 78.54
CA LEU PB 103 -116.62 20.45 79.48
C LEU PB 103 -116.81 20.95 80.91
N ARG PB 104 -117.20 22.20 81.07
CA ARG PB 104 -117.32 22.83 82.39
C ARG PB 104 -118.75 22.93 82.88
N LEU PB 105 -119.70 23.22 82.00
CA LEU PB 105 -121.07 23.44 82.42
C LEU PB 105 -121.80 22.12 82.60
N CYS PB 106 -122.84 22.15 83.44
CA CYS PB 106 -123.70 21.00 83.64
C CYS PB 106 -125.10 21.50 83.99
N ARG PB 107 -126.11 21.01 83.26
CA ARG PB 107 -127.48 21.38 83.48
C ARG PB 107 -128.36 20.14 83.35
N PRO PB 108 -129.42 20.04 84.14
CA PRO PB 108 -130.26 18.84 84.12
C PRO PB 108 -131.05 18.74 82.82
N LYS PB 109 -131.58 17.54 82.59
CA LYS PB 109 -132.35 17.21 81.39
C LYS PB 109 -131.57 17.47 80.11
N LYS QB 1 66.63 38.86 -28.47
CA LYS QB 1 67.91 38.16 -28.57
C LYS QB 1 68.90 38.70 -27.53
N SER QB 2 68.53 39.83 -26.92
CA SER QB 2 69.41 40.43 -25.92
C SER QB 2 69.36 39.66 -24.60
N LEU QB 3 68.17 39.18 -24.21
CA LEU QB 3 68.04 38.49 -22.94
C LEU QB 3 68.72 37.12 -22.97
N GLU QB 4 68.61 36.41 -24.10
CA GLU QB 4 69.28 35.12 -24.21
C GLU QB 4 70.79 35.28 -24.27
N SER QB 5 71.28 36.41 -24.79
CA SER QB 5 72.71 36.66 -24.83
C SER QB 5 73.25 37.04 -23.45
N ILE QB 6 72.51 37.87 -22.70
CA ILE QB 6 73.01 38.31 -21.41
C ILE QB 6 73.01 37.16 -20.41
N ASN QB 7 72.10 36.20 -20.56
CA ASN QB 7 72.12 35.02 -19.70
C ASN QB 7 73.37 34.18 -19.93
N SER QB 8 73.72 33.95 -21.19
CA SER QB 8 74.90 33.16 -21.50
C SER QB 8 76.18 33.92 -21.17
N ARG QB 9 76.18 35.23 -21.37
CA ARG QB 9 77.37 36.01 -21.10
C ARG QB 9 77.60 36.19 -19.60
N LEU QB 10 76.53 36.31 -18.82
CA LEU QB 10 76.69 36.36 -17.37
C LEU QB 10 77.24 35.04 -16.84
N GLN QB 11 76.85 33.94 -17.48
CA GLN QB 11 77.46 32.64 -17.16
C GLN QB 11 78.95 32.66 -17.46
N LEU QB 12 79.34 33.32 -18.56
CA LEU QB 12 80.75 33.40 -18.91
C LEU QB 12 81.50 34.34 -17.99
N VAL QB 13 80.82 35.32 -17.39
CA VAL QB 13 81.47 36.19 -16.41
C VAL QB 13 81.90 35.39 -15.19
N MET QB 14 81.02 34.51 -14.71
CA MET QB 14 81.42 33.55 -13.70
C MET QB 14 82.45 32.59 -14.28
N LYS QB 15 83.32 32.07 -13.40
CA LYS QB 15 84.40 31.13 -13.68
C LYS QB 15 85.35 31.59 -14.78
N SER QB 16 85.28 32.85 -15.18
CA SER QB 16 86.29 33.43 -16.05
C SER QB 16 86.82 34.76 -15.52
N GLY QB 17 85.97 35.58 -14.94
CA GLY QB 17 86.35 36.87 -14.42
C GLY QB 17 85.92 37.05 -12.97
N LYS QB 18 86.28 38.20 -12.43
CA LYS QB 18 86.01 38.53 -11.04
C LYS QB 18 84.74 39.36 -10.95
N TYR QB 19 83.86 38.97 -10.03
CA TYR QB 19 82.57 39.62 -9.82
C TYR QB 19 82.37 39.81 -8.33
N VAL QB 20 81.23 40.39 -7.96
CA VAL QB 20 80.84 40.49 -6.56
C VAL QB 20 79.33 40.49 -6.50
N LEU QB 21 78.79 39.83 -5.48
CA LEU QB 21 77.35 39.64 -5.35
C LEU QB 21 76.82 40.31 -4.10
N GLY QB 22 75.66 40.93 -4.21
CA GLY QB 22 74.98 41.54 -3.10
C GLY QB 22 75.13 43.06 -3.12
N TYR QB 23 74.18 43.73 -2.46
CA TYR QB 23 74.09 45.18 -2.55
C TYR QB 23 75.16 45.88 -1.74
N LYS QB 24 75.43 45.39 -0.52
CA LYS QB 24 76.42 46.05 0.34
C LYS QB 24 77.81 45.96 -0.25
N GLN QB 25 78.16 44.81 -0.83
CA GLN QB 25 79.46 44.66 -1.47
C GLN QB 25 79.54 45.48 -2.76
N THR QB 26 78.42 45.58 -3.49
CA THR QB 26 78.42 46.33 -4.74
C THR QB 26 78.73 47.80 -4.52
N LEU QB 27 78.17 48.39 -3.45
CA LEU QB 27 78.45 49.79 -3.16
C LEU QB 27 79.92 50.01 -2.85
N LYS QB 28 80.55 49.06 -2.15
CA LYS QB 28 81.95 49.21 -1.80
C LYS QB 28 82.83 49.24 -3.04
N MET QB 29 82.55 48.36 -4.01
CA MET QB 29 83.35 48.33 -5.22
C MET QB 29 83.05 49.52 -6.11
N ILE QB 30 81.82 50.03 -6.09
CA ILE QB 30 81.48 51.21 -6.87
C ILE QB 30 82.22 52.43 -6.35
N ARG QB 31 82.18 52.65 -5.04
CA ARG QB 31 82.85 53.81 -4.46
C ARG QB 31 84.37 53.64 -4.44
N GLN QB 32 84.87 52.42 -4.58
CA GLN QB 32 86.30 52.21 -4.77
C GLN QB 32 86.73 52.43 -6.21
N GLY QB 33 85.78 52.48 -7.15
CA GLY QB 33 86.07 52.77 -8.53
C GLY QB 33 86.40 51.58 -9.39
N LYS QB 34 86.48 50.38 -8.83
CA LYS QB 34 86.86 49.21 -9.61
C LYS QB 34 85.66 48.46 -10.20
N ALA QB 35 84.44 48.87 -9.88
CA ALA QB 35 83.26 48.30 -10.53
C ALA QB 35 83.19 48.81 -11.96
N LYS QB 36 82.74 47.94 -12.87
CA LYS QB 36 82.65 48.30 -14.28
C LYS QB 36 81.22 48.22 -14.81
N LEU QB 37 80.51 47.14 -14.51
CA LEU QB 37 79.12 46.97 -14.93
C LEU QB 37 78.31 46.50 -13.74
N VAL QB 38 77.18 47.16 -13.49
CA VAL QB 38 76.32 46.86 -12.37
C VAL QB 38 74.98 46.39 -12.92
N ILE QB 39 74.59 45.17 -12.57
CA ILE QB 39 73.36 44.55 -13.06
C ILE QB 39 72.36 44.49 -11.91
N LEU QB 40 71.18 45.04 -12.14
CA LEU QB 40 70.14 45.13 -11.12
C LEU QB 40 68.92 44.34 -11.56
N ALA QB 41 68.42 43.49 -10.69
CA ALA QB 41 67.16 42.81 -10.96
C ALA QB 41 66.01 43.80 -10.93
N ASN QB 42 64.98 43.52 -11.72
CA ASN QB 42 63.79 44.38 -11.71
C ASN QB 42 63.01 44.26 -10.41
N ASN QB 43 63.30 43.26 -9.59
CA ASN QB 43 62.71 43.09 -8.29
C ASN QB 43 63.32 44.02 -7.25
N CYS QB 44 64.33 44.79 -7.63
CA CYS QB 44 65.05 45.62 -6.68
C CYS QB 44 64.11 46.67 -6.09
N PRO QB 45 64.27 47.02 -4.81
CA PRO QB 45 63.53 48.15 -4.26
C PRO QB 45 63.83 49.42 -5.04
N ALA QB 46 62.80 50.23 -5.25
CA ALA QB 46 62.94 51.39 -6.13
C ALA QB 46 63.92 52.39 -5.56
N LEU QB 47 63.98 52.51 -4.23
CA LEU QB 47 64.99 53.36 -3.61
C LEU QB 47 66.39 52.84 -3.88
N ARG QB 48 66.57 51.52 -3.80
CA ARG QB 48 67.88 50.93 -4.05
C ARG QB 48 68.29 51.06 -5.52
N LYS QB 49 67.31 50.99 -6.42
CA LYS QB 49 67.59 51.16 -7.84
C LYS QB 49 68.13 52.55 -8.13
N SER QB 50 67.46 53.58 -7.59
CA SER QB 50 67.88 54.94 -7.86
C SER QB 50 69.17 55.30 -7.11
N GLU QB 51 69.40 54.64 -5.98
CA GLU QB 51 70.63 54.90 -5.23
C GLU QB 51 71.84 54.32 -5.95
N ILE QB 52 71.72 53.09 -6.47
CA ILE QB 52 72.81 52.49 -7.20
C ILE QB 52 73.04 53.25 -8.51
N GLU QB 53 71.96 53.68 -9.17
CA GLU QB 53 72.11 54.45 -10.40
C GLU QB 53 72.80 55.78 -10.14
N TYR QB 54 72.51 56.43 -9.03
CA TYR QB 54 73.20 57.67 -8.69
C TYR QB 54 74.67 57.42 -8.38
N TYR QB 55 74.97 56.34 -7.66
CA TYR QB 55 76.35 55.99 -7.38
C TYR QB 55 77.12 55.71 -8.67
N ALA QB 56 76.48 55.00 -9.61
CA ALA QB 56 77.14 54.68 -10.87
C ALA QB 56 77.30 55.91 -11.75
N MET QB 57 76.43 56.91 -11.58
CA MET QB 57 76.63 58.17 -12.29
C MET QB 57 77.89 58.87 -11.81
N LEU QB 58 78.15 58.83 -10.50
CA LEU QB 58 79.37 59.44 -9.96
C LEU QB 58 80.60 58.64 -10.35
N ALA QB 59 80.46 57.32 -10.42
CA ALA QB 59 81.58 56.44 -10.72
C ALA QB 59 81.77 56.21 -12.22
N LYS QB 60 80.88 56.74 -13.05
CA LYS QB 60 80.93 56.57 -14.51
C LYS QB 60 80.96 55.10 -14.91
N THR QB 61 80.11 54.29 -14.27
CA THR QB 61 79.98 52.88 -14.59
C THR QB 61 78.58 52.61 -15.12
N GLY QB 62 78.49 51.68 -16.06
CA GLY QB 62 77.20 51.38 -16.66
C GLY QB 62 76.31 50.55 -15.76
N VAL QB 63 75.01 50.72 -15.92
CA VAL QB 63 74.01 49.99 -15.15
C VAL QB 63 73.09 49.27 -16.13
N HIS QB 64 73.11 47.95 -16.10
CA HIS QB 64 72.20 47.14 -16.89
C HIS QB 64 71.02 46.72 -16.01
N HIS QB 65 69.81 46.91 -16.53
CA HIS QB 65 68.60 46.53 -15.83
C HIS QB 65 68.20 45.14 -16.31
N TYR QB 66 68.47 44.14 -15.48
CA TYR QB 66 68.19 42.76 -15.84
C TYR QB 66 66.70 42.53 -15.97
N SER QB 67 66.30 41.81 -17.02
CA SER QB 67 64.90 41.49 -17.27
C SER QB 67 64.54 40.12 -16.69
N GLY QB 68 64.75 40.00 -15.39
CA GLY QB 68 64.43 38.79 -14.67
C GLY QB 68 63.71 39.09 -13.37
N ASN QB 69 64.28 38.63 -12.27
CA ASN QB 69 64.04 39.15 -10.93
C ASN QB 69 65.22 38.71 -10.07
N ASN QB 70 65.17 38.99 -8.77
CA ASN QB 70 66.31 38.62 -7.95
C ASN QB 70 66.40 37.12 -7.75
N ILE QB 71 65.29 36.40 -7.95
CA ILE QB 71 65.31 34.94 -7.83
C ILE QB 71 66.10 34.33 -8.98
N GLU QB 72 65.79 34.75 -10.21
CA GLU QB 72 66.41 34.14 -11.38
C GLU QB 72 67.62 34.89 -11.89
N LEU QB 73 67.96 36.04 -11.28
CA LEU QB 73 69.30 36.57 -11.45
C LEU QB 73 70.29 35.75 -10.64
N GLY QB 74 69.83 35.16 -9.54
CA GLY QB 74 70.65 34.19 -8.83
C GLY QB 74 70.90 32.94 -9.65
N THR QB 75 69.86 32.44 -10.33
CA THR QB 75 70.04 31.29 -11.19
C THR QB 75 70.90 31.63 -12.39
N ALA QB 76 70.76 32.86 -12.92
CA ALA QB 76 71.60 33.29 -14.03
C ALA QB 76 73.06 33.36 -13.62
N CYS QB 77 73.34 33.83 -12.40
CA CYS QB 77 74.71 33.87 -11.90
C CYS QB 77 75.25 32.49 -11.57
N GLY QB 78 74.39 31.46 -11.58
CA GLY QB 78 74.81 30.12 -11.23
C GLY QB 78 74.76 29.83 -9.76
N LYS QB 79 74.19 30.72 -8.95
CA LYS QB 79 74.13 30.53 -7.50
C LYS QB 79 72.79 29.91 -7.12
N TYR QB 80 72.70 29.48 -5.86
CA TYR QB 80 71.50 28.87 -5.31
C TYR QB 80 70.79 29.80 -4.33
N TYR QB 81 71.10 31.09 -4.39
CA TYR QB 81 70.42 32.10 -3.60
C TYR QB 81 69.96 33.21 -4.53
N ARG QB 82 69.27 34.20 -3.98
CA ARG QB 82 68.81 35.33 -4.75
C ARG QB 82 69.82 36.45 -4.67
N VAL QB 83 70.25 36.96 -5.83
CA VAL QB 83 71.10 38.14 -5.90
C VAL QB 83 70.28 39.25 -6.55
N CYS QB 84 70.23 40.39 -5.87
CA CYS QB 84 69.47 41.54 -6.33
C CYS QB 84 70.34 42.55 -7.07
N THR QB 85 71.62 42.61 -6.73
CA THR QB 85 72.55 43.54 -7.35
C THR QB 85 73.91 42.88 -7.41
N LEU QB 86 74.60 43.03 -8.55
CA LEU QB 86 75.96 42.54 -8.66
C LEU QB 86 76.78 43.50 -9.51
N ALA QB 87 78.08 43.47 -9.29
CA ALA QB 87 79.03 44.28 -10.04
C ALA QB 87 80.11 43.38 -10.62
N ILE QB 88 80.58 43.74 -11.81
CA ILE QB 88 81.64 42.99 -12.50
C ILE QB 88 82.92 43.80 -12.40
N ILE QB 89 83.94 43.22 -11.81
CA ILE QB 89 85.24 43.89 -11.69
C ILE QB 89 85.96 43.87 -13.03
N ASP QB 90 86.17 42.68 -13.59
CA ASP QB 90 86.66 42.53 -14.95
C ASP QB 90 85.85 41.43 -15.61
N PRO QB 91 85.44 41.62 -16.86
CA PRO QB 91 84.56 40.64 -17.51
C PRO QB 91 85.21 39.29 -17.78
N GLY QB 92 86.34 39.29 -18.48
CA GLY QB 92 86.92 38.05 -18.97
C GLY QB 92 86.17 37.41 -20.12
N ASP QB 93 85.11 38.04 -20.63
CA ASP QB 93 84.30 37.45 -21.69
C ASP QB 93 83.83 38.44 -22.74
N SER QB 94 84.26 39.71 -22.66
CA SER QB 94 83.89 40.76 -23.62
C SER QB 94 82.39 41.02 -23.67
N ASP QB 95 81.67 40.81 -22.57
CA ASP QB 95 80.30 41.31 -22.51
C ASP QB 95 80.27 42.82 -22.39
N ILE QB 96 81.39 43.43 -22.01
CA ILE QB 96 81.59 44.87 -22.08
C ILE QB 96 82.72 45.13 -23.05
N ILE QB 97 82.62 46.24 -23.77
CA ILE QB 97 83.53 46.54 -24.87
C ILE QB 97 84.59 47.52 -24.39
N ARG QB 98 85.85 47.23 -24.71
CA ARG QB 98 86.96 48.08 -24.32
C ARG QB 98 86.94 49.39 -25.10
N ASN RB 1 33.61 -2.67 106.19
CA ASN RB 1 34.10 -1.34 105.86
C ASN RB 1 33.53 -0.87 104.53
N GLU RB 2 33.38 0.44 104.37
CA GLU RB 2 32.81 1.02 103.16
C GLU RB 2 33.82 1.91 102.43
N VAL RB 3 35.11 1.77 102.73
CA VAL RB 3 36.14 2.51 102.01
C VAL RB 3 36.99 1.45 101.31
N VAL RB 4 36.34 0.36 100.92
CA VAL RB 4 37.04 -0.75 100.32
C VAL RB 4 37.39 -0.42 98.87
N THR RB 5 38.44 -1.07 98.36
CA THR RB 5 38.79 -0.99 96.96
C THR RB 5 39.23 -2.37 96.48
N ARG RB 6 38.71 -2.78 95.33
CA ARG RB 6 38.97 -4.10 94.78
C ARG RB 6 39.35 -3.97 93.32
N GLU RB 7 40.07 -4.97 92.82
CA GLU RB 7 40.55 -4.99 91.45
C GLU RB 7 39.82 -6.07 90.68
N TYR RB 8 39.05 -5.66 89.68
CA TYR RB 8 38.23 -6.54 88.87
C TYR RB 8 38.77 -6.60 87.45
N THR RB 9 38.35 -7.63 86.73
CA THR RB 9 38.46 -7.67 85.28
C THR RB 9 37.08 -7.89 84.69
N ILE RB 10 36.77 -7.11 83.65
CA ILE RB 10 35.43 -7.07 83.06
C ILE RB 10 35.53 -7.60 81.64
N ASN RB 11 34.69 -8.60 81.33
CA ASN RB 11 34.58 -9.11 79.98
C ASN RB 11 33.76 -8.12 79.17
N ILE RB 12 34.45 -7.16 78.55
CA ILE RB 12 33.78 -6.19 77.68
C ILE RB 12 33.19 -6.90 76.47
N HIS RB 13 33.91 -7.87 75.90
CA HIS RB 13 33.45 -8.60 74.73
C HIS RB 13 32.10 -9.26 74.98
N LYS RB 14 31.91 -9.78 76.20
CA LYS RB 14 30.64 -10.41 76.55
C LYS RB 14 29.50 -9.40 76.54
N ARG RB 15 29.73 -8.20 77.07
CA ARG RB 15 28.66 -7.23 77.25
C ARG RB 15 28.43 -6.34 76.04
N ILE RB 16 29.32 -6.39 75.05
CA ILE RB 16 29.18 -5.57 73.85
C ILE RB 16 28.66 -6.38 72.67
N HIS RB 17 28.63 -7.70 72.78
CA HIS RB 17 28.22 -8.57 71.68
C HIS RB 17 26.82 -8.22 71.19
N GLY RB 18 26.72 -7.87 69.91
CA GLY RB 18 25.47 -7.52 69.28
C GLY RB 18 25.26 -6.03 69.04
N VAL RB 19 26.06 -5.18 69.66
CA VAL RB 19 25.91 -3.74 69.51
C VAL RB 19 26.50 -3.29 68.18
N GLY RB 20 25.88 -2.31 67.55
CA GLY RB 20 26.33 -1.82 66.27
C GLY RB 20 27.66 -1.08 66.37
N PHE RB 21 28.24 -0.85 65.19
CA PHE RB 21 29.62 -0.36 65.11
C PHE RB 21 29.78 1.01 65.76
N LYS RB 22 28.89 1.94 65.43
CA LYS RB 22 28.98 3.29 65.95
C LYS RB 22 28.53 3.41 67.39
N LYS RB 23 28.21 2.30 68.05
CA LYS RB 23 27.73 2.32 69.42
C LYS RB 23 28.45 1.37 70.34
N ARG RB 24 29.52 0.72 69.90
CA ARG RB 24 30.16 -0.31 70.72
C ARG RB 24 30.92 0.32 71.88
N ALA RB 25 31.79 1.29 71.59
CA ALA RB 25 32.55 1.97 72.63
C ALA RB 25 31.66 2.76 73.59
N PRO RB 26 30.67 3.55 73.12
CA PRO RB 26 29.77 4.19 74.08
C PRO RB 26 29.02 3.19 74.96
N ARG RB 27 28.62 2.05 74.41
CA ARG RB 27 27.95 1.03 75.22
C ARG RB 27 28.91 0.40 76.21
N ALA RB 28 30.20 0.34 75.87
CA ALA RB 28 31.17 -0.26 76.78
C ALA RB 28 31.28 0.52 78.08
N LEU RB 29 31.20 1.84 78.00
CA LEU RB 29 31.29 2.65 79.22
C LEU RB 29 29.95 2.68 79.96
N LYS RB 30 28.85 2.48 79.25
CA LYS RB 30 27.58 2.27 79.94
C LYS RB 30 27.57 0.95 80.67
N GLU RB 31 28.20 -0.08 80.08
CA GLU RB 31 28.26 -1.38 80.73
C GLU RB 31 29.28 -1.40 81.86
N ILE RB 32 30.34 -0.61 81.76
CA ILE RB 32 31.29 -0.50 82.85
C ILE RB 32 30.67 0.25 84.03
N ARG RB 33 29.95 1.33 83.74
CA ARG RB 33 29.27 2.07 84.80
C ARG RB 33 28.19 1.22 85.46
N LYS RB 34 27.43 0.48 84.65
CA LYS RB 34 26.43 -0.43 85.20
C LYS RB 34 27.09 -1.56 85.98
N PHE RB 35 28.28 -1.99 85.55
CA PHE RB 35 29.01 -3.04 86.26
C PHE RB 35 29.38 -2.59 87.66
N ALA RB 36 29.99 -1.40 87.78
CA ALA RB 36 30.45 -0.93 89.08
C ALA RB 36 29.28 -0.63 90.01
N MET RB 37 28.11 -0.32 89.45
CA MET RB 37 26.93 -0.11 90.29
C MET RB 37 26.48 -1.42 90.94
N LYS RB 38 26.89 -2.56 90.37
CA LYS RB 38 26.42 -3.83 90.90
C LYS RB 38 27.25 -4.30 92.08
N GLU RB 39 28.57 -4.40 91.90
CA GLU RB 39 29.41 -4.89 92.98
C GLU RB 39 29.62 -3.88 94.10
N MET RB 40 29.33 -2.60 93.87
CA MET RB 40 29.51 -1.59 94.90
C MET RB 40 28.21 -0.97 95.38
N GLY RB 41 27.12 -1.10 94.63
CA GLY RB 41 25.83 -0.60 95.07
C GLY RB 41 25.67 0.90 95.05
N THR RB 42 26.68 1.65 94.61
CA THR RB 42 26.61 3.10 94.63
C THR RB 42 26.13 3.62 93.29
N PRO RB 43 24.99 4.32 93.23
CA PRO RB 43 24.56 4.90 91.94
C PRO RB 43 25.50 5.97 91.43
N ASP RB 44 26.33 6.57 92.28
CA ASP RB 44 27.30 7.58 91.87
C ASP RB 44 28.60 6.86 91.51
N VAL RB 45 28.85 6.69 90.21
CA VAL RB 45 30.07 6.09 89.72
C VAL RB 45 30.79 7.12 88.87
N ARG RB 46 32.07 7.33 89.14
CA ARG RB 46 32.92 8.21 88.36
C ARG RB 46 33.94 7.37 87.62
N ILE RB 47 34.06 7.59 86.32
CA ILE RB 47 34.99 6.84 85.49
C ILE RB 47 36.22 7.71 85.25
N ASP RB 48 37.40 7.17 85.57
CA ASP RB 48 38.63 7.90 85.34
C ASP RB 48 38.85 8.12 83.84
N THR RB 49 39.42 9.28 83.50
CA THR RB 49 39.62 9.61 82.09
C THR RB 49 40.66 8.71 81.45
N ARG RB 50 41.58 8.14 82.23
CA ARG RB 50 42.52 7.19 81.68
C ARG RB 50 41.82 5.89 81.30
N LEU RB 51 40.80 5.51 82.05
CA LEU RB 51 39.98 4.35 81.67
C LEU RB 51 39.17 4.66 80.43
N ASN RB 52 38.67 5.90 80.30
CA ASN RB 52 37.95 6.29 79.11
C ASN RB 52 38.84 6.22 77.88
N LYS RB 53 40.12 6.60 78.03
CA LYS RB 53 41.07 6.45 76.94
C LYS RB 53 41.30 4.99 76.60
N ALA RB 54 41.35 4.12 77.61
CA ALA RB 54 41.61 2.71 77.38
C ALA RB 54 40.49 2.06 76.57
N VAL RB 55 39.24 2.41 76.87
CA VAL RB 55 38.11 1.85 76.12
C VAL RB 55 38.15 2.33 74.68
N TRP RB 56 38.42 3.62 74.47
CA TRP RB 56 38.46 4.20 73.14
C TRP RB 56 39.81 4.08 72.48
N ALA RB 57 40.68 3.18 72.98
CA ALA RB 57 42.05 3.12 72.48
C ALA RB 57 42.12 2.67 71.03
N LYS RB 58 41.23 1.76 70.63
CA LYS RB 58 41.24 1.20 69.27
C LYS RB 58 40.01 1.64 68.47
N GLY RB 59 39.51 2.84 68.72
CA GLY RB 59 38.41 3.36 67.97
C GLY RB 59 37.06 3.12 68.63
N ILE RB 60 36.01 3.27 67.82
CA ILE RB 60 34.65 3.21 68.35
C ILE RB 60 34.03 1.81 68.23
N ARG RB 61 34.56 0.95 67.36
CA ARG RB 61 33.98 -0.37 67.19
C ARG RB 61 34.89 -1.51 67.61
N ASN RB 62 36.20 -1.32 67.63
CA ASN RB 62 37.12 -2.38 68.03
C ASN RB 62 37.53 -2.23 69.49
N VAL RB 63 36.54 -2.33 70.36
CA VAL RB 63 36.75 -2.21 71.80
C VAL RB 63 37.57 -3.41 72.28
N PRO RB 64 38.48 -3.24 73.24
CA PRO RB 64 39.20 -4.40 73.78
C PRO RB 64 38.26 -5.43 74.39
N TYR RB 65 38.64 -6.70 74.26
CA TYR RB 65 37.80 -7.78 74.76
C TYR RB 65 37.72 -7.78 76.28
N ARG RB 66 38.83 -7.51 76.95
CA ARG RB 66 38.87 -7.50 78.40
C ARG RB 66 39.55 -6.23 78.89
N ILE RB 67 39.11 -5.75 80.03
CA ILE RB 67 39.67 -4.57 80.67
C ILE RB 67 39.87 -4.89 82.15
N ARG RB 68 40.98 -4.44 82.70
CA ARG RB 68 41.27 -4.61 84.11
C ARG RB 68 41.09 -3.28 84.82
N VAL RB 69 40.07 -3.19 85.67
CA VAL RB 69 39.72 -1.95 86.35
C VAL RB 69 39.96 -2.12 87.84
N ARG RB 70 39.81 -1.02 88.57
CA ARG RB 70 39.93 -1.01 90.02
C ARG RB 70 38.79 -0.16 90.57
N LEU RB 71 37.79 -0.83 91.15
CA LEU RB 71 36.69 -0.13 91.80
C LEU RB 71 37.16 0.38 93.16
N SER RB 72 36.91 1.65 93.45
CA SER RB 72 37.32 2.27 94.70
C SER RB 72 36.13 3.00 95.30
N ARG RB 73 35.47 2.35 96.26
CA ARG RB 73 34.35 2.98 96.96
C ARG RB 73 34.89 3.96 97.99
N LYS RB 74 34.54 5.23 97.82
CA LYS RB 74 35.04 6.30 98.67
C LYS RB 74 33.88 7.07 99.28
N ARG RB 75 34.17 7.79 100.35
CA ARG RB 75 33.16 8.60 101.00
C ARG RB 75 32.84 9.82 100.16
N ASN RB 76 31.56 10.20 100.12
CA ASN RB 76 31.10 11.38 99.42
C ASN RB 76 30.99 12.59 100.35
N GLU RB 77 31.86 12.67 101.36
CA GLU RB 77 31.82 13.75 102.32
C GLU RB 77 32.54 14.98 101.79
N ASP RB 78 32.18 15.40 100.58
CA ASP RB 78 32.68 16.63 99.98
C ASP RB 78 31.60 17.66 99.76
N GLU RB 79 30.34 17.24 99.65
CA GLU RB 79 29.20 18.15 99.56
C GLU RB 79 27.96 17.38 99.98
N ASP RB 80 26.89 18.12 100.26
CA ASP RB 80 25.62 17.50 100.64
C ASP RB 80 25.01 16.84 99.41
N SER RB 81 24.99 15.52 99.40
CA SER RB 81 24.54 14.74 98.26
C SER RB 81 23.59 13.64 98.70
N PRO RB 82 22.68 13.21 97.82
CA PRO RB 82 21.82 12.07 98.17
C PRO RB 82 22.57 10.77 98.34
N ASN RB 83 23.79 10.67 97.82
CA ASN RB 83 24.61 9.48 97.96
C ASN RB 83 25.73 9.75 98.93
N LYS RB 84 25.88 8.87 99.93
CA LYS RB 84 26.94 9.02 100.91
C LYS RB 84 28.26 8.42 100.44
N LEU RB 85 28.25 7.64 99.36
CA LEU RB 85 29.46 7.03 98.83
C LEU RB 85 29.44 7.12 97.31
N TYR RB 86 30.63 7.11 96.72
CA TYR RB 86 30.76 7.03 95.27
C TYR RB 86 31.92 6.11 94.92
N THR RB 87 31.80 5.43 93.78
CA THR RB 87 32.79 4.49 93.32
C THR RB 87 33.58 5.11 92.18
N LEU RB 88 34.88 5.28 92.36
CA LEU RB 88 35.77 5.77 91.32
C LEU RB 88 36.47 4.57 90.70
N VAL RB 89 36.17 4.29 89.44
CA VAL RB 89 36.75 3.17 88.72
C VAL RB 89 37.93 3.67 87.91
N THR RB 90 39.09 3.06 88.13
CA THR RB 90 40.33 3.45 87.45
C THR RB 90 40.74 2.37 86.47
N TYR RB 91 41.89 2.58 85.84
CA TYR RB 91 42.38 1.70 84.80
C TYR RB 91 43.67 1.03 85.27
N VAL RB 92 43.76 -0.28 85.08
CA VAL RB 92 44.94 -1.05 85.46
C VAL RB 92 45.54 -1.69 84.21
N PRO RB 93 46.70 -1.24 83.75
CA PRO RB 93 47.32 -1.88 82.57
C PRO RB 93 47.89 -3.24 82.93
N VAL RB 94 47.58 -4.24 82.11
CA VAL RB 94 48.06 -5.59 82.31
C VAL RB 94 48.58 -6.13 80.99
N THR RB 95 49.50 -7.09 81.09
CA THR RB 95 50.04 -7.75 79.90
C THR RB 95 49.23 -8.98 79.51
N THR RB 96 48.49 -9.57 80.44
CA THR RB 96 47.69 -10.74 80.14
C THR RB 96 46.55 -10.82 81.13
N PHE RB 97 45.45 -11.46 80.71
CA PHE RB 97 44.30 -11.67 81.56
C PHE RB 97 44.17 -13.11 82.03
N LYS RB 98 45.19 -13.93 81.80
CA LYS RB 98 45.14 -15.33 82.19
C LYS RB 98 45.33 -15.45 83.70
N ASN RB 99 44.47 -16.25 84.33
CA ASN RB 99 44.56 -16.54 85.77
C ASN RB 99 44.49 -15.27 86.61
N LEU RB 100 43.64 -14.33 86.21
CA LEU RB 100 43.48 -13.07 86.91
C LEU RB 100 42.19 -13.12 87.72
N GLN RB 101 42.31 -13.26 89.03
CA GLN RB 101 41.17 -13.30 89.91
C GLN RB 101 40.78 -11.89 90.34
N THR RB 102 39.61 -11.77 90.95
CA THR RB 102 39.20 -10.54 91.60
C THR RB 102 39.89 -10.47 92.95
N VAL RB 103 40.81 -9.54 93.11
CA VAL RB 103 41.67 -9.47 94.30
C VAL RB 103 41.33 -8.22 95.08
N ASN RB 104 41.21 -8.36 96.39
CA ASN RB 104 41.16 -7.20 97.26
C ASN RB 104 42.51 -6.50 97.24
N VAL RB 105 42.48 -5.18 97.19
CA VAL RB 105 43.70 -4.38 97.15
C VAL RB 105 43.63 -3.36 98.28
N ASP RB 106 44.77 -3.13 98.92
CA ASP RB 106 44.82 -2.21 100.06
C ASP RB 106 44.87 -0.77 99.55
N GLU RB 107 45.08 0.17 100.47
CA GLU RB 107 45.15 1.58 100.12
C GLU RB 107 46.51 1.92 99.51
N ALA SB 1 -57.69 30.00 103.77
CA ALA SB 1 -56.33 30.50 103.70
C ALA SB 1 -56.21 31.59 102.66
N ALA SB 2 -55.99 31.19 101.41
CA ALA SB 2 -55.88 32.16 100.32
C ALA SB 2 -57.26 32.54 99.82
N LEU SB 3 -57.30 33.62 99.03
CA LEU SB 3 -58.56 34.07 98.44
C LEU SB 3 -58.99 33.09 97.37
N ARG SB 4 -60.27 32.73 97.38
CA ARG SB 4 -60.72 31.74 96.43
C ARG SB 4 -61.49 32.39 95.28
N PRO SB 5 -61.40 31.83 94.08
CA PRO SB 5 -62.12 32.40 92.95
C PRO SB 5 -63.62 32.17 93.07
N LEU SB 6 -64.35 32.81 92.15
CA LEU SB 6 -65.81 32.70 92.16
C LEU SB 6 -66.25 31.29 91.82
N VAL SB 7 -65.69 30.71 90.76
CA VAL SB 7 -65.93 29.33 90.39
C VAL SB 7 -64.60 28.69 90.05
N LYS SB 8 -64.51 27.39 90.29
CA LYS SB 8 -63.30 26.62 90.00
C LYS SB 8 -63.67 25.42 89.14
N PRO SB 9 -63.83 25.63 87.83
CA PRO SB 9 -64.11 24.51 86.94
C PRO SB 9 -62.90 23.62 86.79
N LYS SB 10 -63.15 22.36 86.42
CA LYS SB 10 -62.08 21.42 86.15
C LYS SB 10 -61.34 21.84 84.89
N ILE SB 11 -60.05 22.12 85.03
CA ILE SB 11 -59.24 22.58 83.90
C ILE SB 11 -58.77 21.37 83.12
N VAL SB 12 -59.21 21.27 81.86
CA VAL SB 12 -58.84 20.16 80.99
C VAL SB 12 -57.85 20.68 79.96
N LYS SB 13 -56.67 20.07 79.91
CA LYS SB 13 -55.65 20.38 78.94
C LYS SB 13 -55.60 19.25 77.92
N LYS SB 14 -55.83 19.58 76.65
CA LYS SB 14 -55.76 18.58 75.60
C LYS SB 14 -54.35 18.04 75.46
N ARG SB 15 -53.35 18.90 75.59
CA ARG SB 15 -51.96 18.50 75.58
C ARG SB 15 -51.23 19.26 76.68
N THR SB 16 -50.35 18.57 77.38
CA THR SB 16 -49.62 19.17 78.49
C THR SB 16 -48.15 19.42 78.19
N LYS SB 17 -47.54 18.58 77.36
CA LYS SB 17 -46.14 18.76 76.98
C LYS SB 17 -45.99 19.92 76.00
N LYS SB 18 -44.75 20.17 75.59
CA LYS SB 18 -44.44 21.25 74.66
C LYS SB 18 -44.27 20.70 73.25
N PHE SB 19 -44.51 21.56 72.26
CA PHE SB 19 -44.29 21.22 70.86
C PHE SB 19 -42.87 21.59 70.51
N ILE SB 20 -41.96 20.63 70.64
CA ILE SB 20 -40.56 20.88 70.34
C ILE SB 20 -40.36 20.90 68.83
N ARG SB 21 -39.41 21.70 68.39
CA ARG SB 21 -39.12 21.78 66.96
C ARG SB 21 -38.50 20.47 66.47
N HIS SB 22 -38.74 20.17 65.19
CA HIS SB 22 -38.14 19.02 64.57
C HIS SB 22 -36.62 19.14 64.56
N GLN SB 23 -35.94 18.08 64.96
CA GLN SB 23 -34.49 17.97 65.00
C GLN SB 23 -33.83 18.96 65.94
N SER SB 24 -34.59 19.63 66.81
CA SER SB 24 -33.99 20.49 67.82
C SER SB 24 -33.22 19.69 68.85
N ASP SB 25 -33.49 18.39 68.97
CA ASP SB 25 -32.74 17.54 69.89
C ASP SB 25 -31.33 17.27 69.39
N ARG SB 26 -31.15 17.18 68.07
CA ARG SB 26 -29.86 16.82 67.51
C ARG SB 26 -28.89 18.00 67.42
N TYR SB 27 -29.38 19.23 67.52
CA TYR SB 27 -28.54 20.40 67.30
C TYR SB 27 -28.73 21.42 68.42
N VAL SB 28 -27.65 22.14 68.70
CA VAL SB 28 -27.75 23.27 69.62
C VAL SB 28 -28.13 24.55 68.90
N LYS SB 29 -27.78 24.67 67.62
CA LYS SB 29 -28.16 25.83 66.82
C LYS SB 29 -29.66 25.91 66.60
N ILE SB 30 -30.36 24.80 66.76
CA ILE SB 30 -31.81 24.74 66.57
C ILE SB 30 -32.46 24.70 67.94
N LYS SB 31 -33.22 25.74 68.25
CA LYS SB 31 -33.85 25.85 69.55
C LYS SB 31 -35.20 25.14 69.55
N ARG SB 32 -35.73 24.91 70.75
CA ARG SB 32 -36.97 24.17 70.90
C ARG SB 32 -38.18 24.96 70.41
N ASN SB 33 -38.02 26.24 70.09
CA ASN SB 33 -39.12 27.05 69.56
C ASN SB 33 -39.67 26.43 68.29
N TRP SB 34 -41.00 26.31 68.23
CA TRP SB 34 -41.63 25.56 67.15
C TRP SB 34 -41.50 26.30 65.83
N ARG SB 35 -41.09 25.58 64.78
CA ARG SB 35 -41.09 26.08 63.42
C ARG SB 35 -41.76 25.04 62.54
N LYS SB 36 -42.66 25.49 61.68
CA LYS SB 36 -43.37 24.57 60.79
C LYS SB 36 -42.40 23.97 59.78
N PRO SB 37 -42.29 22.65 59.69
CA PRO SB 37 -41.37 22.06 58.70
C PRO SB 37 -41.92 22.24 57.30
N ARG SB 38 -41.06 22.69 56.39
CA ARG SB 38 -41.50 22.98 55.03
C ARG SB 38 -40.67 22.27 53.98
N GLY SB 39 -39.85 21.29 54.37
CA GLY SB 39 -39.08 20.55 53.40
C GLY SB 39 -39.96 19.70 52.52
N ILE SB 40 -39.46 19.42 51.31
CA ILE SB 40 -40.23 18.63 50.36
C ILE SB 40 -40.38 17.19 50.82
N ASP SB 41 -39.35 16.65 51.48
CA ASP SB 41 -39.35 15.25 51.91
C ASP SB 41 -39.51 15.11 53.41
N ASN SB 42 -39.83 16.18 54.11
CA ASN SB 42 -39.87 16.15 55.57
C ASN SB 42 -40.99 15.24 56.04
N ARG SB 43 -40.68 14.35 56.99
CA ARG SB 43 -41.65 13.37 57.45
C ARG SB 43 -42.47 13.87 58.64
N VAL SB 44 -42.00 14.89 59.34
CA VAL SB 44 -42.83 15.52 60.36
C VAL SB 44 -43.96 16.31 59.70
N ARG SB 45 -43.64 17.07 58.65
CA ARG SB 45 -44.66 17.80 57.91
C ARG SB 45 -45.65 16.84 57.27
N ARG SB 46 -45.16 15.74 56.71
CA ARG SB 46 -46.03 14.75 56.11
C ARG SB 46 -46.82 13.97 57.15
N ARG SB 47 -46.47 14.09 58.43
CA ARG SB 47 -47.21 13.49 59.55
C ARG SB 47 -47.15 11.96 59.52
N PHE SB 48 -45.95 11.44 59.34
CA PHE SB 48 -45.74 10.01 59.48
C PHE SB 48 -45.92 9.60 60.93
N LYS SB 49 -46.34 8.36 61.14
CA LYS SB 49 -46.59 7.88 62.49
C LYS SB 49 -45.29 7.77 63.28
N GLY SB 50 -45.38 8.02 64.57
CA GLY SB 50 -44.23 7.95 65.45
C GLY SB 50 -43.28 9.11 65.35
N GLN SB 51 -43.69 10.22 64.74
CA GLN SB 51 -42.84 11.38 64.55
C GLN SB 51 -43.21 12.48 65.53
N ILE SB 52 -42.51 13.60 65.41
CA ILE SB 52 -42.80 14.78 66.22
C ILE SB 52 -44.12 15.38 65.76
N LEU SB 53 -45.02 15.63 66.71
CA LEU SB 53 -46.33 16.15 66.37
C LEU SB 53 -46.24 17.62 65.98
N MET SB 54 -47.19 18.06 65.16
CA MET SB 54 -47.28 19.44 64.75
C MET SB 54 -48.48 20.11 65.41
N PRO SB 55 -48.30 21.32 65.95
CA PRO SB 55 -49.43 22.05 66.53
C PRO SB 55 -50.48 22.39 65.49
N ASN SB 56 -51.74 22.33 65.90
CA ASN SB 56 -52.85 22.80 65.09
C ASN SB 56 -53.94 23.30 66.01
N ILE SB 57 -55.00 23.83 65.42
CA ILE SB 57 -56.07 24.45 66.21
C ILE SB 57 -56.87 23.43 67.00
N GLY SB 58 -56.75 22.14 66.70
CA GLY SB 58 -57.51 21.14 67.43
C GLY SB 58 -57.09 20.98 68.88
N TYR SB 59 -55.90 21.48 69.23
CA TYR SB 59 -55.40 21.44 70.60
C TYR SB 59 -55.87 22.62 71.44
N GLY SB 60 -56.71 23.49 70.89
CA GLY SB 60 -57.09 24.69 71.61
C GLY SB 60 -57.84 24.37 72.89
N SER SB 61 -57.52 25.12 73.95
CA SER SB 61 -58.15 24.91 75.24
C SER SB 61 -59.59 25.40 75.23
N ASN SB 62 -60.38 24.83 76.14
CA ASN SB 62 -61.75 25.28 76.35
C ASN SB 62 -61.75 26.76 76.70
N LYS SB 63 -62.62 27.52 76.03
CA LYS SB 63 -62.65 28.97 76.23
C LYS SB 63 -63.08 29.34 77.64
N LYS SB 64 -63.76 28.45 78.35
CA LYS SB 64 -64.12 28.74 79.73
C LYS SB 64 -62.94 28.64 80.67
N THR SB 65 -61.94 27.82 80.34
CA THR SB 65 -60.77 27.63 81.18
C THR SB 65 -59.49 28.12 80.52
N LYS SB 66 -59.59 28.87 79.43
CA LYS SB 66 -58.39 29.36 78.76
C LYS SB 66 -57.75 30.48 79.57
N HIS SB 67 -56.42 30.50 79.58
CA HIS SB 67 -55.61 31.48 80.31
C HIS SB 67 -55.84 31.43 81.81
N MET SB 68 -56.37 30.31 82.31
CA MET SB 68 -56.67 30.18 83.72
C MET SB 68 -55.52 29.51 84.45
N LEU SB 69 -55.07 30.15 85.53
CA LEU SB 69 -54.03 29.59 86.36
C LEU SB 69 -54.57 28.37 87.11
N PRO SB 70 -53.67 27.52 87.63
CA PRO SB 70 -54.15 26.39 88.44
C PRO SB 70 -54.99 26.79 89.64
N SER SB 71 -54.78 27.99 90.19
CA SER SB 71 -55.59 28.46 91.31
C SER SB 71 -57.02 28.77 90.90
N GLY SB 72 -57.28 28.93 89.61
CA GLY SB 72 -58.60 29.29 89.13
C GLY SB 72 -58.76 30.74 88.76
N PHE SB 73 -57.73 31.57 88.97
CA PHE SB 73 -57.75 32.97 88.64
C PHE SB 73 -57.16 33.20 87.26
N ARG SB 74 -57.09 34.46 86.86
CA ARG SB 74 -56.40 34.87 85.65
C ARG SB 74 -55.51 36.05 85.98
N LYS SB 75 -54.22 35.93 85.67
CA LYS SB 75 -53.26 36.94 86.08
C LYS SB 75 -53.41 38.22 85.28
N PHE SB 76 -53.13 39.34 85.93
CA PHE SB 76 -53.11 40.65 85.31
C PHE SB 76 -51.89 41.39 85.82
N LEU SB 77 -50.98 41.72 84.92
CA LEU SB 77 -49.71 42.34 85.32
C LEU SB 77 -49.94 43.79 85.75
N VAL SB 78 -49.43 44.13 86.93
CA VAL SB 78 -49.56 45.48 87.48
C VAL SB 78 -48.17 46.03 87.72
N HIS SB 79 -48.05 47.36 87.67
CA HIS SB 79 -46.76 48.03 87.86
C HIS SB 79 -46.75 49.01 89.02
N ASN SB 80 -47.92 49.41 89.52
CA ASN SB 80 -48.00 50.36 90.62
C ASN SB 80 -49.34 50.17 91.32
N VAL SB 81 -49.54 50.96 92.38
CA VAL SB 81 -50.76 50.84 93.17
C VAL SB 81 -51.97 51.30 92.38
N LYS SB 82 -51.82 52.30 91.51
CA LYS SB 82 -52.94 52.80 90.74
C LYS SB 82 -53.49 51.72 89.81
N GLU SB 83 -52.61 50.95 89.17
CA GLU SB 83 -53.04 49.88 88.30
C GLU SB 83 -53.65 48.71 89.07
N LEU SB 84 -53.52 48.69 90.39
CA LEU SB 84 -54.10 47.62 91.19
C LEU SB 84 -55.61 47.79 91.36
N GLU SB 85 -56.10 49.02 91.45
CA GLU SB 85 -57.52 49.23 91.73
C GLU SB 85 -58.42 48.95 90.53
N VAL SB 86 -57.86 48.70 89.35
CA VAL SB 86 -58.71 48.30 88.23
C VAL SB 86 -59.28 46.91 88.43
N LEU SB 87 -58.69 46.12 89.34
CA LEU SB 87 -59.17 44.78 89.64
C LEU SB 87 -60.05 44.76 90.89
N LEU SB 88 -60.49 45.92 91.37
CA LEU SB 88 -61.32 45.95 92.57
C LEU SB 88 -62.64 45.22 92.35
N MET SB 89 -63.24 45.40 91.17
CA MET SB 89 -64.50 44.74 90.84
C MET SB 89 -64.31 43.38 90.20
N CYS SB 90 -63.07 42.96 89.99
CA CYS SB 90 -62.75 41.64 89.48
C CYS SB 90 -61.95 40.84 90.51
N ASN SB 91 -62.38 40.93 91.77
CA ASN SB 91 -61.67 40.25 92.85
C ASN SB 91 -61.65 38.75 92.66
N LYS SB 92 -62.78 38.17 92.25
CA LYS SB 92 -62.99 36.73 92.29
C LYS SB 92 -62.71 36.04 90.96
N SER SB 93 -62.23 36.77 89.95
CA SER SB 93 -61.92 36.12 88.70
C SER SB 93 -60.50 36.43 88.24
N TYR SB 94 -59.95 37.54 88.71
CA TYR SB 94 -58.63 37.99 88.27
C TYR SB 94 -57.74 38.25 89.48
N CYS SB 95 -56.48 37.84 89.36
CA CYS SB 95 -55.46 38.07 90.37
C CYS SB 95 -54.38 38.95 89.78
N ALA SB 96 -53.85 39.85 90.59
CA ALA SB 96 -52.76 40.71 90.13
C ALA SB 96 -51.41 40.07 90.41
N GLU SB 97 -50.42 40.44 89.62
CA GLU SB 97 -49.05 40.12 89.96
C GLU SB 97 -48.14 41.27 89.56
N ILE SB 98 -47.18 41.55 90.43
CA ILE SB 98 -46.35 42.73 90.29
C ILE SB 98 -45.25 42.45 89.27
N ALA SB 99 -44.91 43.49 88.50
CA ALA SB 99 -43.91 43.33 87.45
C ALA SB 99 -42.53 43.06 88.05
N HIS SB 100 -41.69 42.42 87.24
CA HIS SB 100 -40.37 42.00 87.71
C HIS SB 100 -39.47 43.19 87.99
N ASN SB 101 -39.74 44.34 87.39
CA ASN SB 101 -38.88 45.50 87.52
C ASN SB 101 -39.33 46.44 88.63
N VAL SB 102 -40.38 46.11 89.36
CA VAL SB 102 -40.85 46.95 90.46
C VAL SB 102 -39.95 46.75 91.66
N SER SB 103 -39.60 47.85 92.32
CA SER SB 103 -38.64 47.83 93.41
C SER SB 103 -39.23 47.14 94.64
N SER SB 104 -38.35 46.85 95.61
CA SER SB 104 -38.78 46.14 96.80
C SER SB 104 -39.64 47.02 97.70
N LYS SB 105 -39.32 48.31 97.78
CA LYS SB 105 -40.12 49.19 98.64
C LYS SB 105 -41.41 49.62 97.97
N ASN SB 106 -41.54 49.44 96.66
CA ASN SB 106 -42.78 49.78 95.98
C ASN SB 106 -43.75 48.60 95.94
N ARG SB 107 -43.24 47.38 95.76
CA ARG SB 107 -44.11 46.22 95.76
C ARG SB 107 -44.56 45.84 97.17
N LYS SB 108 -43.93 46.39 98.20
CA LYS SB 108 -44.44 46.25 99.56
C LYS SB 108 -45.78 46.97 99.70
N ALA SB 109 -45.89 48.15 99.10
CA ALA SB 109 -47.14 48.91 99.15
C ALA SB 109 -48.23 48.23 98.33
N ILE SB 110 -47.87 47.68 97.18
CA ILE SB 110 -48.86 47.02 96.33
C ILE SB 110 -49.41 45.78 97.01
N VAL SB 111 -48.53 45.01 97.67
CA VAL SB 111 -48.96 43.81 98.38
C VAL SB 111 -49.90 44.18 99.53
N GLU SB 112 -49.57 45.23 100.26
CA GLU SB 112 -50.41 45.67 101.37
C GLU SB 112 -51.77 46.16 100.88
N ARG SB 113 -51.79 46.92 99.78
CA ARG SB 113 -53.04 47.44 99.25
C ARG SB 113 -53.93 46.33 98.71
N ALA SB 114 -53.32 45.33 98.08
CA ALA SB 114 -54.10 44.23 97.52
C ALA SB 114 -54.77 43.42 98.61
N ALA SB 115 -54.15 43.32 99.79
CA ALA SB 115 -54.80 42.67 100.91
C ALA SB 115 -56.03 43.44 101.35
N GLN SB 116 -55.96 44.76 101.33
CA GLN SB 116 -57.11 45.58 101.69
C GLN SB 116 -58.26 45.38 100.73
N LEU SB 117 -57.97 45.27 99.43
CA LEU SB 117 -58.99 45.14 98.41
C LEU SB 117 -59.39 43.69 98.13
N ALA SB 118 -58.84 42.74 98.89
CA ALA SB 118 -59.10 41.31 98.71
C ALA SB 118 -58.79 40.85 97.28
N ILE SB 119 -57.65 41.30 96.77
CA ILE SB 119 -57.12 40.86 95.48
C ILE SB 119 -55.99 39.88 95.73
N ARG SB 120 -56.01 38.77 95.02
CA ARG SB 120 -54.96 37.76 95.16
C ARG SB 120 -53.73 38.16 94.36
N VAL SB 121 -52.56 37.96 94.97
CA VAL SB 121 -51.29 38.22 94.31
C VAL SB 121 -50.56 36.90 94.14
N THR SB 122 -50.10 36.64 92.91
CA THR SB 122 -49.41 35.38 92.65
C THR SB 122 -48.02 35.36 93.27
N ASN SB 123 -47.41 36.53 93.42
CA ASN SB 123 -46.07 36.66 94.02
C ASN SB 123 -46.12 37.69 95.14
N PRO SB 124 -46.77 37.35 96.27
CA PRO SB 124 -46.87 38.32 97.36
C PRO SB 124 -45.60 38.48 98.16
N ASN SB 125 -44.70 37.50 98.12
CA ASN SB 125 -43.42 37.56 98.82
C ASN SB 125 -42.33 37.34 97.79
N ALA SB 126 -41.92 38.44 97.14
CA ALA SB 126 -41.04 38.37 95.99
C ALA SB 126 -39.81 39.25 96.08
N ARG SB 127 -39.66 40.05 97.14
CA ARG SB 127 -38.44 40.83 97.36
C ARG SB 127 -38.37 41.13 98.85
N LEU SB 128 -37.57 40.36 99.56
CA LEU SB 128 -37.45 40.47 101.01
C LEU SB 128 -36.24 39.70 101.53
N SER TB 1 -56.91 -14.18 106.13
CA SER TB 1 -56.78 -15.61 106.32
C SER TB 1 -56.97 -16.38 105.02
N GLY TB 2 -56.89 -15.68 103.90
CA GLY TB 2 -57.07 -16.30 102.61
C GLY TB 2 -56.82 -15.30 101.51
N ARG TB 3 -56.75 -15.82 100.28
CA ARG TB 3 -56.35 -14.98 99.15
C ARG TB 3 -57.41 -13.95 98.80
N LEU TB 4 -58.67 -14.37 98.70
CA LEU TB 4 -59.82 -13.49 98.50
C LEU TB 4 -59.77 -12.69 97.19
N TRP TB 5 -58.84 -13.00 96.29
CA TRP TB 5 -58.87 -12.41 94.95
C TRP TB 5 -58.37 -13.45 93.96
N SER TB 6 -58.70 -13.23 92.69
CA SER TB 6 -58.29 -14.14 91.64
C SER TB 6 -56.95 -13.73 91.06
N LYS TB 7 -56.18 -14.72 90.64
CA LYS TB 7 -54.88 -14.46 90.05
C LYS TB 7 -55.03 -14.18 88.56
N ALA TB 8 -54.56 -13.02 88.12
CA ALA TB 8 -54.57 -12.65 86.71
C ALA TB 8 -53.17 -12.22 86.29
N ILE TB 9 -52.97 -12.16 84.99
CA ILE TB 9 -51.67 -11.84 84.40
C ILE TB 9 -51.86 -10.70 83.42
N PHE TB 10 -51.07 -9.65 83.56
CA PHE TB 10 -51.09 -8.53 82.62
C PHE TB 10 -50.40 -8.97 81.34
N ALA TB 11 -51.19 -9.39 80.36
CA ALA TB 11 -50.62 -9.89 79.11
C ALA TB 11 -50.06 -8.76 78.25
N GLY TB 12 -50.77 -7.65 78.17
CA GLY TB 12 -50.34 -6.53 77.37
C GLY TB 12 -51.51 -5.63 77.04
N TYR TB 13 -51.18 -4.50 76.43
CA TYR TB 13 -52.22 -3.53 76.09
C TYR TB 13 -53.05 -4.01 74.91
N LYS TB 14 -54.27 -3.49 74.82
CA LYS TB 14 -55.05 -3.69 73.61
C LYS TB 14 -54.34 -3.04 72.44
N ARG TB 15 -54.24 -3.76 71.33
CA ARG TB 15 -53.33 -3.34 70.28
C ARG TB 15 -53.74 -3.94 68.95
N GLY TB 16 -53.30 -3.29 67.89
CA GLY TB 16 -53.19 -3.92 66.59
C GLY TB 16 -51.83 -4.58 66.49
N LEU TB 17 -51.39 -4.80 65.26
CA LEU TB 17 -50.03 -5.30 65.09
C LEU TB 17 -49.00 -4.21 65.34
N ARG TB 18 -49.24 -3.00 64.81
CA ARG TB 18 -48.26 -1.93 64.87
C ARG TB 18 -48.80 -0.69 65.57
N ASN TB 19 -49.87 -0.82 66.34
CA ASN TB 19 -50.39 0.28 67.12
C ASN TB 19 -50.77 -0.23 68.50
N GLN TB 20 -50.58 0.60 69.52
CA GLN TB 20 -50.78 0.19 70.90
C GLN TB 20 -51.66 1.23 71.59
N ARG TB 21 -52.78 0.77 72.12
CA ARG TB 21 -53.71 1.62 72.87
C ARG TB 21 -53.48 1.34 74.34
N GLU TB 22 -52.58 2.13 74.95
CA GLU TB 22 -52.16 1.88 76.32
C GLU TB 22 -53.22 2.21 77.35
N HIS TB 23 -54.32 2.86 76.97
CA HIS TB 23 -55.32 3.22 77.96
C HIS TB 23 -56.09 2.01 78.48
N THR TB 24 -56.06 0.89 77.78
CA THR TB 24 -56.73 -0.32 78.21
C THR TB 24 -55.76 -1.49 78.14
N ALA TB 25 -55.93 -2.43 79.07
CA ALA TB 25 -55.04 -3.57 79.23
C ALA TB 25 -55.81 -4.86 79.04
N LEU TB 26 -55.09 -5.92 78.72
CA LEU TB 26 -55.65 -7.25 78.56
C LEU TB 26 -55.11 -8.16 79.65
N LEU TB 27 -55.99 -8.81 80.38
CA LEU TB 27 -55.62 -9.67 81.50
C LEU TB 27 -56.04 -11.11 81.21
N LYS TB 28 -55.15 -12.04 81.53
CA LYS TB 28 -55.44 -13.46 81.47
C LYS TB 28 -55.73 -13.94 82.88
N ILE TB 29 -57.01 -14.16 83.18
CA ILE TB 29 -57.42 -14.62 84.50
C ILE TB 29 -57.24 -16.14 84.56
N GLU TB 30 -56.62 -16.61 85.64
CA GLU TB 30 -56.34 -18.03 85.78
C GLU TB 30 -57.64 -18.82 85.91
N GLY TB 31 -57.70 -19.95 85.20
CA GLY TB 31 -58.86 -20.81 85.24
C GLY TB 31 -59.99 -20.40 84.32
N VAL TB 32 -59.88 -19.27 83.65
CA VAL TB 32 -60.90 -18.77 82.74
C VAL TB 32 -60.33 -18.85 81.34
N TYR TB 33 -60.81 -19.80 80.54
CA TYR TB 33 -60.23 -20.07 79.23
C TYR TB 33 -61.29 -20.15 78.13
N ALA TB 34 -62.47 -19.57 78.37
CA ALA TB 34 -63.48 -19.46 77.34
C ALA TB 34 -64.22 -18.15 77.54
N ARG TB 35 -64.77 -17.61 76.45
CA ARG TB 35 -65.44 -16.32 76.53
C ARG TB 35 -66.71 -16.38 77.38
N ASP TB 36 -67.37 -17.54 77.41
CA ASP TB 36 -68.60 -17.66 78.19
C ASP TB 36 -68.36 -17.68 79.69
N GLU TB 37 -67.11 -17.84 80.13
CA GLU TB 37 -66.80 -17.86 81.56
C GLU TB 37 -66.42 -16.50 82.12
N THR TB 38 -66.18 -15.52 81.26
CA THR TB 38 -65.74 -14.20 81.70
C THR TB 38 -66.89 -13.34 82.22
N GLU TB 39 -68.13 -13.80 82.10
CA GLU TB 39 -69.26 -12.98 82.52
C GLU TB 39 -69.26 -12.74 84.02
N PHE TB 40 -68.65 -13.64 84.80
CA PHE TB 40 -68.55 -13.42 86.23
C PHE TB 40 -67.70 -12.20 86.55
N TYR TB 41 -66.61 -12.01 85.82
CA TYR TB 41 -65.59 -11.03 86.19
C TYR TB 41 -65.85 -9.65 85.63
N LEU TB 42 -66.90 -9.46 84.83
CA LEU TB 42 -67.17 -8.15 84.26
C LEU TB 42 -67.58 -7.19 85.35
N GLY TB 43 -66.95 -6.02 85.36
CA GLY TB 43 -67.20 -5.01 86.37
C GLY TB 43 -66.44 -5.19 87.66
N LYS TB 44 -65.72 -6.29 87.83
CA LYS TB 44 -64.97 -6.51 89.06
C LYS TB 44 -63.79 -5.57 89.14
N ARG TB 45 -63.50 -5.09 90.34
CA ARG TB 45 -62.35 -4.23 90.56
C ARG TB 45 -61.06 -5.03 90.48
N CYS TB 46 -60.09 -4.51 89.74
CA CYS TB 46 -58.77 -5.12 89.64
C CYS TB 46 -57.74 -4.15 90.15
N ALA TB 47 -56.65 -4.70 90.70
CA ALA TB 47 -55.60 -3.90 91.30
C ALA TB 47 -54.24 -4.43 90.90
N TYR TB 48 -53.36 -3.54 90.47
CA TYR TB 48 -51.96 -3.87 90.24
C TYR TB 48 -51.18 -3.41 91.46
N VAL TB 49 -50.78 -4.37 92.29
CA VAL TB 49 -50.10 -4.08 93.55
C VAL TB 49 -48.60 -4.31 93.36
N TYR TB 50 -47.81 -3.30 93.70
CA TYR TB 50 -46.37 -3.36 93.56
C TYR TB 50 -45.74 -2.68 94.77
N LYS TB 51 -44.41 -2.69 94.82
CA LYS TB 51 -43.66 -2.04 95.88
C LYS TB 51 -42.73 -0.99 95.29
N ALA TB 52 -42.39 0.00 96.10
CA ALA TB 52 -41.48 1.06 95.67
C ALA TB 52 -40.45 1.34 96.76
N LYS TB 53 -39.69 2.42 96.60
CA LYS TB 53 -38.61 2.73 97.51
C LYS TB 53 -39.06 3.58 98.69
N ASN TB 54 -39.98 4.51 98.46
CA ASN TB 54 -40.42 5.44 99.49
C ASN TB 54 -41.77 5.03 100.05
N ASN TB 55 -41.98 5.35 101.32
CA ASN TB 55 -43.23 5.01 101.99
C ASN TB 55 -44.38 5.85 101.46
N THR TB 56 -45.57 5.25 101.49
CA THR TB 56 -46.80 5.91 101.09
C THR TB 56 -47.88 5.60 102.12
N VAL TB 57 -48.86 6.49 102.24
CA VAL TB 57 -49.92 6.29 103.22
C VAL TB 57 -50.74 5.06 102.85
N THR TB 58 -51.13 4.30 103.87
CA THR TB 58 -51.97 3.13 103.71
C THR TB 58 -53.29 3.38 104.42
N PRO TB 59 -54.43 3.29 103.73
CA PRO TB 59 -55.72 3.45 104.41
C PRO TB 59 -55.92 2.36 105.45
N GLY TB 60 -56.16 2.77 106.69
CA GLY TB 60 -56.30 1.83 107.78
C GLY TB 60 -55.02 1.08 108.11
N GLY TB 61 -53.89 1.77 108.14
CA GLY TB 61 -52.63 1.13 108.47
C GLY TB 61 -51.50 2.13 108.41
N LYS TB 62 -50.35 1.68 108.91
CA LYS TB 62 -49.16 2.51 108.90
C LYS TB 62 -48.60 2.61 107.48
N PRO TB 63 -47.85 3.68 107.17
CA PRO TB 63 -47.24 3.79 105.86
C PRO TB 63 -46.24 2.66 105.60
N ASN TB 64 -46.23 2.18 104.36
CA ASN TB 64 -45.31 1.13 103.94
C ASN TB 64 -44.92 1.41 102.50
N LYS TB 65 -44.21 0.46 101.89
CA LYS TB 65 -43.71 0.64 100.54
C LYS TB 65 -44.67 0.16 99.46
N THR TB 66 -45.80 -0.43 99.85
CA THR TB 66 -46.75 -0.97 98.88
C THR TB 66 -47.53 0.16 98.22
N ARG TB 67 -47.53 0.18 96.89
CA ARG TB 67 -48.34 1.06 96.09
C ARG TB 67 -49.30 0.22 95.25
N VAL TB 68 -50.36 0.85 94.75
CA VAL TB 68 -51.38 0.12 94.02
C VAL TB 68 -51.98 1.04 92.95
N ILE TB 69 -52.30 0.46 91.80
CA ILE TB 69 -53.02 1.13 90.73
C ILE TB 69 -54.35 0.40 90.54
N TRP TB 70 -55.45 1.12 90.72
CA TRP TB 70 -56.77 0.51 90.68
C TRP TB 70 -57.35 0.52 89.28
N GLY TB 71 -58.34 -0.32 89.07
CA GLY TB 71 -59.00 -0.44 87.78
C GLY TB 71 -60.20 -1.35 87.89
N LYS TB 72 -60.76 -1.69 86.73
CA LYS TB 72 -61.87 -2.63 86.70
C LYS TB 72 -61.97 -3.30 85.35
N VAL TB 73 -62.52 -4.50 85.34
CA VAL TB 73 -62.74 -5.25 84.11
C VAL TB 73 -63.92 -4.65 83.36
N THR TB 74 -63.73 -4.41 82.07
CA THR TB 74 -64.73 -3.74 81.25
C THR TB 74 -65.50 -4.67 80.33
N ARG TB 75 -64.83 -5.63 79.68
CA ARG TB 75 -65.48 -6.53 78.76
C ARG TB 75 -64.56 -7.72 78.52
N ALA TB 76 -65.07 -8.69 77.76
CA ALA TB 76 -64.29 -9.84 77.34
C ALA TB 76 -63.52 -9.53 76.06
N HIS TB 77 -62.36 -10.17 75.92
CA HIS TB 77 -61.48 -9.98 74.78
C HIS TB 77 -61.18 -11.32 74.15
N GLY TB 78 -61.74 -11.58 72.99
CA GLY TB 78 -61.49 -12.82 72.31
C GLY TB 78 -62.32 -13.98 72.85
N ASN TB 79 -62.05 -15.15 72.30
CA ASN TB 79 -62.80 -16.36 72.62
C ASN TB 79 -62.16 -17.20 73.72
N SER TB 80 -60.96 -16.85 74.18
CA SER TB 80 -60.18 -17.72 75.04
C SER TB 80 -60.14 -17.26 76.49
N GLY TB 81 -61.07 -16.41 76.89
CA GLY TB 81 -61.18 -16.04 78.29
C GLY TB 81 -60.38 -14.84 78.72
N MET TB 82 -59.75 -14.12 77.80
CA MET TB 82 -59.12 -12.87 78.15
C MET TB 82 -60.17 -11.79 78.38
N VAL TB 83 -59.80 -10.78 79.16
CA VAL TB 83 -60.68 -9.65 79.43
C VAL TB 83 -59.90 -8.36 79.27
N ARG TB 84 -60.62 -7.28 79.05
CA ARG TB 84 -60.04 -5.95 79.01
C ARG TB 84 -60.30 -5.24 80.33
N ALA TB 85 -59.33 -4.45 80.76
CA ALA TB 85 -59.45 -3.68 81.98
C ALA TB 85 -59.03 -2.24 81.74
N LYS TB 86 -59.69 -1.32 82.42
CA LYS TB 86 -59.33 0.09 82.39
C LYS TB 86 -58.88 0.50 83.77
N PHE TB 87 -57.63 0.94 83.88
CA PHE TB 87 -57.08 1.40 85.14
C PHE TB 87 -57.11 2.93 85.20
N ARG TB 88 -57.02 3.45 86.43
CA ARG TB 88 -57.10 4.89 86.63
C ARG TB 88 -55.95 5.61 85.94
N SER TB 89 -54.77 5.02 86.00
CA SER TB 89 -53.65 5.43 85.16
C SER TB 89 -53.21 4.23 84.35
N ASN TB 90 -52.74 4.48 83.13
CA ASN TB 90 -52.34 3.40 82.25
C ASN TB 90 -51.25 2.55 82.90
N LEU TB 91 -51.37 1.24 82.76
CA LEU TB 91 -50.46 0.34 83.43
C LEU TB 91 -49.05 0.49 82.89
N PRO TB 92 -48.03 0.45 83.75
CA PRO TB 92 -46.65 0.45 83.25
C PRO TB 92 -46.32 -0.82 82.49
N ALA TB 93 -45.45 -0.69 81.51
CA ALA TB 93 -45.04 -1.84 80.71
C ALA TB 93 -44.10 -2.77 81.45
N LYS TB 94 -43.55 -2.34 82.60
CA LYS TB 94 -42.76 -3.23 83.43
C LYS TB 94 -43.61 -4.30 84.11
N ALA TB 95 -44.93 -4.16 84.09
CA ALA TB 95 -45.84 -5.10 84.74
C ALA TB 95 -46.32 -6.20 83.83
N ILE TB 96 -45.84 -6.27 82.59
CA ILE TB 96 -46.28 -7.30 81.67
C ILE TB 96 -45.75 -8.65 82.14
N GLY TB 97 -46.64 -9.61 82.28
CA GLY TB 97 -46.31 -10.90 82.85
C GLY TB 97 -46.38 -10.98 84.35
N HIS TB 98 -46.91 -9.96 85.01
CA HIS TB 98 -46.98 -9.94 86.47
C HIS TB 98 -48.43 -10.00 86.93
N ARG TB 99 -48.58 -10.17 88.24
CA ARG TB 99 -49.87 -10.48 88.83
C ARG TB 99 -50.78 -9.26 88.89
N ILE TB 100 -52.02 -9.43 88.47
CA ILE TB 100 -53.11 -8.49 88.71
C ILE TB 100 -54.15 -9.20 89.56
N ARG TB 101 -54.57 -8.56 90.64
CA ARG TB 101 -55.58 -9.12 91.52
C ARG TB 101 -56.96 -8.72 91.04
N VAL TB 102 -57.88 -9.68 90.98
CA VAL TB 102 -59.28 -9.41 90.66
C VAL TB 102 -60.07 -9.63 91.93
N MET TB 103 -60.68 -8.56 92.45
CA MET TB 103 -60.96 -8.46 93.87
C MET TB 103 -62.33 -9.01 94.30
N LEU TB 104 -63.20 -9.36 93.36
CA LEU TB 104 -64.58 -9.78 93.60
C LEU TB 104 -65.43 -8.69 94.24
N TYR TB 105 -64.91 -7.47 94.38
CA TYR TB 105 -65.57 -6.46 95.21
C TYR TB 105 -66.96 -6.08 94.72
N PRO TB 106 -67.17 -5.71 93.43
CA PRO TB 106 -68.56 -5.39 93.05
C PRO TB 106 -69.32 -6.66 92.63
N SER TB 107 -69.68 -7.45 93.62
CA SER TB 107 -70.31 -8.74 93.36
C SER TB 107 -71.75 -8.57 92.88
N ARG TB 108 -72.18 -9.50 92.05
CA ARG TB 108 -73.55 -9.53 91.53
C ARG TB 108 -74.21 -10.88 91.79
N ILE TB 109 -73.67 -11.66 92.71
CA ILE TB 109 -74.20 -12.98 92.99
C ILE TB 109 -74.66 -13.07 94.44
N VAL UB 1 51.53 24.53 53.15
CA VAL UB 1 51.58 25.83 52.52
C VAL UB 1 50.63 26.79 53.23
N GLN UB 2 50.92 28.08 53.13
CA GLN UB 2 50.08 29.14 53.66
C GLN UB 2 49.39 29.82 52.48
N ARG UB 3 48.06 29.88 52.51
CA ARG UB 3 47.28 30.38 51.40
C ARG UB 3 47.04 31.87 51.53
N LEU UB 4 46.76 32.51 50.40
CA LEU UB 4 46.73 33.97 50.31
C LEU UB 4 45.34 34.48 49.97
N THR UB 5 45.14 35.77 50.21
CA THR UB 5 43.88 36.45 49.93
C THR UB 5 44.16 37.76 49.23
N TYR UB 6 43.17 38.23 48.47
CA TYR UB 6 43.25 39.56 47.88
C TYR UB 6 43.22 40.63 48.97
N ARG UB 7 43.93 41.72 48.72
CA ARG UB 7 43.98 42.83 49.67
C ARG UB 7 43.08 43.99 49.29
N ARG UB 8 42.38 43.90 48.15
CA ARG UB 8 41.44 44.93 47.72
C ARG UB 8 40.09 44.27 47.49
N ARG UB 9 39.08 45.07 47.20
CA ARG UB 9 37.73 44.57 47.07
C ARG UB 9 37.40 44.07 45.67
N LEU UB 10 38.34 44.14 44.73
CA LEU UB 10 38.17 43.53 43.43
C LEU UB 10 38.56 42.06 43.54
N SER UB 11 37.57 41.17 43.42
CA SER UB 11 37.76 39.75 43.69
C SER UB 11 37.85 38.92 42.42
N TYR UB 12 37.98 39.55 41.26
CA TYR UB 12 37.99 38.84 39.99
C TYR UB 12 39.37 38.96 39.34
N ASN UB 13 39.73 37.94 38.55
CA ASN UB 13 41.03 37.88 37.91
C ASN UB 13 41.05 38.70 36.62
N THR UB 14 40.71 39.98 36.75
CA THR UB 14 40.68 40.88 35.62
C THR UB 14 42.09 41.34 35.29
N ALA UB 15 42.22 42.04 34.15
CA ALA UB 15 43.53 42.47 33.66
C ALA UB 15 44.16 43.54 34.53
N SER UB 16 43.39 44.19 35.40
CA SER UB 16 43.93 45.19 36.32
C SER UB 16 44.04 44.67 37.74
N ASN UB 17 43.78 43.38 37.96
CA ASN UB 17 43.87 42.75 39.26
C ASN UB 17 45.03 41.75 39.31
N LYS UB 18 46.12 42.08 38.63
CA LYS UB 18 47.27 41.20 38.57
C LYS UB 18 48.15 41.40 39.79
N THR UB 19 48.58 40.30 40.39
CA THR UB 19 49.36 40.31 41.61
C THR UB 19 50.67 39.54 41.41
N ARG UB 20 51.55 39.68 42.39
CA ARG UB 20 52.76 38.87 42.47
C ARG UB 20 53.05 38.59 43.94
N LEU UB 21 53.72 37.48 44.20
CA LEU UB 21 53.98 37.05 45.56
C LEU UB 21 55.24 37.74 46.10
N SER UB 22 55.15 38.19 47.34
CA SER UB 22 56.24 38.91 47.98
C SER UB 22 56.36 38.45 49.43
N ARG UB 23 57.59 38.28 49.90
CA ARG UB 23 57.85 37.91 51.28
C ARG UB 23 58.26 39.14 52.06
N THR UB 24 57.44 39.50 53.06
CA THR UB 24 57.66 40.69 53.86
C THR UB 24 58.77 40.46 54.87
N PRO UB 25 59.29 41.53 55.48
CA PRO UB 25 60.20 41.35 56.62
C PRO UB 25 59.60 40.57 57.77
N GLY UB 26 58.27 40.52 57.88
CA GLY UB 26 57.60 39.73 58.88
C GLY UB 26 57.48 38.25 58.55
N ASN UB 27 58.14 37.81 57.48
CA ASN UB 27 58.19 36.40 57.09
C ASN UB 27 56.80 35.85 56.80
N ARG UB 28 56.04 36.59 56.01
CA ARG UB 28 54.77 36.11 55.49
C ARG UB 28 54.68 36.49 54.02
N ILE UB 29 53.95 35.68 53.26
CA ILE UB 29 53.76 35.92 51.83
C ILE UB 29 52.49 36.75 51.65
N VAL UB 30 52.60 37.84 50.90
CA VAL UB 30 51.47 38.71 50.61
C VAL UB 30 51.43 38.99 49.12
N TYR UB 31 50.31 39.53 48.67
CA TYR UB 31 50.18 40.01 47.31
C TYR UB 31 50.75 41.41 47.16
N LEU UB 32 51.42 41.65 46.05
CA LEU UB 32 51.81 42.99 45.63
C LEU UB 32 51.18 43.23 44.26
N TYR UB 33 50.34 44.24 44.17
CA TYR UB 33 49.60 44.48 42.93
C TYR UB 33 50.53 45.14 41.91
N THR UB 34 50.86 44.41 40.87
CA THR UB 34 51.84 44.86 39.90
C THR UB 34 51.27 45.95 39.00
N LYS UB 35 52.17 46.68 38.36
CA LYS UB 35 51.79 47.61 37.31
C LYS UB 35 51.75 46.89 35.98
N LYS UB 36 51.02 47.45 35.03
CA LYS UB 36 50.93 46.84 33.71
C LYS UB 36 52.27 46.96 32.98
N VAL UB 37 52.49 46.04 32.06
CA VAL UB 37 53.72 46.04 31.27
C VAL UB 37 53.62 47.12 30.20
N GLY UB 38 54.59 48.03 30.20
CA GLY UB 38 54.62 49.05 29.17
C GLY UB 38 55.26 48.56 27.89
N LYS UB 39 55.00 49.31 26.82
CA LYS UB 39 55.54 48.98 25.50
C LYS UB 39 56.39 50.14 25.00
N ALA UB 40 57.46 49.82 24.30
CA ALA UB 40 58.23 50.82 23.60
C ALA UB 40 57.41 51.35 22.43
N PRO UB 41 57.69 52.56 21.96
CA PRO UB 41 56.96 53.08 20.81
C PRO UB 41 57.24 52.26 19.55
N LYS UB 42 56.23 52.18 18.70
CA LYS UB 42 56.44 51.69 17.35
C LYS UB 42 57.04 52.79 16.49
N SER UB 43 57.42 52.44 15.28
CA SER UB 43 58.02 53.40 14.36
C SER UB 43 56.94 54.09 13.54
N ALA UB 44 57.16 55.37 13.27
CA ALA UB 44 56.20 56.16 12.50
C ALA UB 44 56.12 55.74 11.04
N CYS UB 45 57.10 54.99 10.55
CA CYS UB 45 57.02 54.48 9.19
C CYS UB 45 55.89 53.48 9.03
N GLY UB 46 55.55 52.75 10.09
CA GLY UB 46 54.48 51.77 10.02
C GLY UB 46 54.80 50.55 9.19
N VAL UB 47 56.07 50.26 8.96
CA VAL UB 47 56.49 49.15 8.11
C VAL UB 47 57.20 48.07 8.92
N CYS UB 48 58.34 48.38 9.50
CA CYS UB 48 59.09 47.39 10.26
C CYS UB 48 58.45 47.16 11.62
N PRO UB 49 58.25 45.91 12.03
CA PRO UB 49 57.42 45.63 13.21
C PRO UB 49 58.13 45.76 14.54
N GLY UB 50 59.45 45.88 14.56
CA GLY UB 50 60.15 46.02 15.81
C GLY UB 50 59.88 47.35 16.48
N ARG UB 51 60.02 47.36 17.80
CA ARG UB 51 59.81 48.57 18.57
C ARG UB 51 61.12 49.33 18.75
N LEU UB 52 61.00 50.62 19.03
CA LEU UB 52 62.14 51.52 19.05
C LEU UB 52 63.09 51.19 20.20
N ARG UB 53 64.35 51.54 20.01
CA ARG UB 53 65.39 51.33 20.99
C ARG UB 53 65.77 52.65 21.65
N GLY UB 54 66.36 52.55 22.83
CA GLY UB 54 66.79 53.71 23.58
C GLY UB 54 65.70 54.45 24.32
N VAL UB 55 64.48 53.93 24.31
CA VAL UB 55 63.33 54.59 24.94
C VAL UB 55 62.75 53.63 25.97
N ARG UB 56 62.54 54.14 27.18
CA ARG UB 56 62.01 53.30 28.26
C ARG UB 56 60.57 52.90 27.95
N ALA UB 57 60.25 51.63 28.22
CA ALA UB 57 58.92 51.08 27.99
C ALA UB 57 58.14 51.18 29.29
N VAL UB 58 57.22 52.13 29.37
CA VAL UB 58 56.42 52.37 30.55
C VAL UB 58 54.98 52.63 30.12
N ARG UB 59 54.09 52.73 31.10
CA ARG UB 59 52.72 53.14 30.84
C ARG UB 59 52.70 54.60 30.39
N PRO UB 60 51.70 55.00 29.60
CA PRO UB 60 51.73 56.36 29.02
C PRO UB 60 51.80 57.48 30.03
N LYS UB 61 51.11 57.36 31.17
CA LYS UB 61 51.14 58.45 32.14
C LYS UB 61 52.43 58.48 32.94
N VAL UB 62 53.22 57.41 32.90
CA VAL UB 62 54.55 57.43 33.51
C VAL UB 62 55.48 58.36 32.73
N LEU UB 63 55.25 58.48 31.42
CA LEU UB 63 56.09 59.32 30.58
C LEU UB 63 56.03 60.80 30.96
N MET UB 64 55.00 61.20 31.70
CA MET UB 64 54.91 62.60 32.12
C MET UB 64 55.98 62.95 33.13
N ARG UB 65 56.34 62.02 34.01
CA ARG UB 65 57.31 62.27 35.07
C ARG UB 65 58.71 61.77 34.72
N LEU UB 66 58.94 61.39 33.47
CA LEU UB 66 60.26 60.96 33.04
C LEU UB 66 61.03 62.14 32.45
N SER UB 67 62.36 62.00 32.43
CA SER UB 67 63.20 63.00 31.81
C SER UB 67 63.05 62.96 30.30
N LYS UB 68 63.41 64.07 29.66
CA LYS UB 68 63.29 64.15 28.21
C LYS UB 68 64.21 63.15 27.52
N THR UB 69 65.43 62.98 28.04
CA THR UB 69 66.41 62.10 27.41
C THR UB 69 65.92 60.66 27.40
N LYS UB 70 65.21 60.24 28.45
CA LYS UB 70 64.72 58.87 28.51
C LYS UB 70 63.60 58.60 27.52
N LYS UB 71 63.05 59.63 26.87
CA LYS UB 71 61.91 59.46 25.99
C LYS UB 71 62.23 59.65 24.52
N HIS UB 72 63.48 59.91 24.16
CA HIS UB 72 63.83 60.11 22.76
C HIS UB 72 65.29 59.76 22.54
N VAL UB 73 65.69 59.78 21.28
CA VAL UB 73 67.06 59.49 20.85
C VAL UB 73 67.62 60.74 20.17
N SER UB 74 68.93 60.92 20.28
CA SER UB 74 69.59 62.10 19.73
C SER UB 74 69.80 61.90 18.23
N ARG UB 75 68.75 62.17 17.48
CA ARG UB 75 68.75 62.04 16.02
C ARG UB 75 67.51 62.73 15.49
N ALA UB 76 67.55 63.08 14.21
CA ALA UB 76 66.34 63.51 13.52
C ALA UB 76 65.32 62.36 13.55
N TYR UB 77 64.09 62.68 13.93
CA TYR UB 77 63.03 61.71 14.19
C TYR UB 77 63.39 60.73 15.29
N GLY UB 78 64.32 61.11 16.17
CA GLY UB 78 64.72 60.21 17.25
C GLY UB 78 63.60 60.07 18.26
N GLY UB 79 63.26 58.82 18.59
CA GLY UB 79 62.16 58.55 19.48
C GLY UB 79 60.81 58.49 18.82
N SER UB 80 60.73 58.78 17.52
CA SER UB 80 59.50 58.65 16.76
C SER UB 80 59.64 57.74 15.54
N MET UB 81 60.85 57.61 15.00
CA MET UB 81 61.08 56.76 13.84
C MET UB 81 62.38 56.00 14.03
N CYS UB 82 62.43 54.79 13.47
CA CYS UB 82 63.61 53.95 13.54
C CYS UB 82 64.76 54.56 12.76
N ALA UB 83 65.98 54.16 13.12
CA ALA UB 83 67.15 54.63 12.41
C ALA UB 83 67.16 54.12 10.97
N LYS UB 84 66.70 52.89 10.74
CA LYS UB 84 66.77 52.29 9.42
C LYS UB 84 65.90 53.05 8.42
N CYS UB 85 64.68 53.39 8.81
CA CYS UB 85 63.78 54.06 7.89
C CYS UB 85 64.03 55.55 7.82
N VAL UB 86 64.85 56.10 8.72
CA VAL UB 86 65.31 57.48 8.56
C VAL UB 86 66.37 57.56 7.48
N ARG UB 87 67.27 56.58 7.41
CA ARG UB 87 68.25 56.54 6.33
C ARG UB 87 67.57 56.43 4.98
N ASP UB 88 66.51 55.64 4.90
CA ASP UB 88 65.79 55.47 3.64
C ASP UB 88 65.11 56.77 3.21
N ARG UB 89 64.54 57.50 4.16
CA ARG UB 89 63.85 58.74 3.80
C ARG UB 89 64.83 59.86 3.48
N ILE UB 90 66.03 59.86 4.09
CA ILE UB 90 67.04 60.83 3.73
C ILE UB 90 67.49 60.61 2.29
N LYS UB 91 67.74 59.35 1.92
CA LYS UB 91 68.10 59.04 0.55
C LYS UB 91 66.96 59.33 -0.41
N ARG UB 92 65.73 58.99 -0.02
CA ARG UB 92 64.58 59.19 -0.89
C ARG UB 92 64.32 60.67 -1.16
N ALA UB 93 64.47 61.51 -0.13
CA ALA UB 93 64.28 62.95 -0.33
C ALA UB 93 65.33 63.51 -1.28
N PHE UB 94 66.58 63.07 -1.12
CA PHE UB 94 67.65 63.59 -1.96
C PHE UB 94 67.51 63.13 -3.40
N LEU UB 95 67.23 61.84 -3.60
CA LEU UB 95 67.24 61.27 -4.94
C LEU UB 95 66.05 61.74 -5.77
N ILE UB 96 64.87 61.87 -5.15
CA ILE UB 96 63.73 62.37 -5.90
C ILE UB 96 63.91 63.83 -6.25
N GLU UB 97 64.47 64.62 -5.34
CA GLU UB 97 64.74 66.02 -5.65
C GLU UB 97 65.78 66.16 -6.75
N GLU UB 98 66.75 65.23 -6.80
CA GLU UB 98 67.67 65.19 -7.93
C GLU UB 98 66.95 64.83 -9.22
N GLN UB 99 65.97 63.93 -9.15
CA GLN UB 99 65.19 63.56 -10.32
C GLN UB 99 64.40 64.76 -10.84
N LYS UB 100 63.92 65.62 -9.94
CA LYS UB 100 63.24 66.83 -10.37
C LYS UB 100 64.18 67.73 -11.15
N ILE UB 101 65.44 67.82 -10.73
CA ILE UB 101 66.43 68.58 -11.48
C ILE UB 101 66.68 67.94 -12.83
N VAL UB 102 66.62 66.60 -12.89
CA VAL UB 102 66.88 65.89 -14.14
C VAL UB 102 65.82 66.23 -15.18
N VAL UB 103 64.55 66.16 -14.79
CA VAL UB 103 63.48 66.39 -15.77
C VAL UB 103 63.33 67.87 -16.06
N LYS UB 104 63.74 68.74 -15.15
CA LYS UB 104 63.71 70.17 -15.42
C LYS UB 104 64.74 70.56 -16.47
N VAL UB 105 65.95 70.00 -16.36
CA VAL UB 105 66.96 70.21 -17.40
C VAL UB 105 66.56 69.50 -18.68
N LEU UB 106 65.94 68.33 -18.56
CA LEU UB 106 65.57 67.55 -19.74
C LEU UB 106 64.54 68.30 -20.59
N LYS UB 107 63.57 68.96 -19.94
CA LYS UB 107 62.65 69.80 -20.68
C LYS UB 107 63.28 71.13 -21.07
N ALA UB 108 64.33 71.55 -20.36
CA ALA UB 108 65.02 72.79 -20.72
C ALA UB 108 65.78 72.63 -22.03
N GLN UB 109 66.38 71.46 -22.25
CA GLN UB 109 66.99 71.19 -23.54
C GLN UB 109 65.97 70.76 -24.58
N ALA UB 110 64.73 70.46 -24.15
CA ALA UB 110 63.65 70.23 -25.10
C ALA UB 110 63.12 71.53 -25.67
N GLN UB 111 63.04 72.59 -24.85
CA GLN UB 111 62.51 73.87 -25.28
C GLN UB 111 63.52 74.71 -26.04
N SER UB 112 64.64 74.12 -26.48
CA SER UB 112 65.57 74.81 -27.37
C SER UB 112 65.01 74.93 -28.78
N GLN UB 113 63.91 74.27 -29.07
CA GLN UB 113 63.28 74.28 -30.39
C GLN UB 113 61.90 74.90 -30.30
N LYS UB 114 61.49 75.53 -31.40
CA LYS UB 114 60.16 76.12 -31.50
C LYS UB 114 59.08 75.06 -31.44
N ALA VB 1 17.46 85.96 85.97
CA ALA VB 1 18.61 85.45 85.24
C ALA VB 1 18.28 85.25 83.77
N LYS VB 2 17.02 85.48 83.41
CA LYS VB 2 16.58 85.30 82.04
C LYS VB 2 16.65 86.62 81.27
N ILE VB 3 16.72 86.51 79.96
CA ILE VB 3 16.73 87.66 79.07
C ILE VB 3 15.38 87.77 78.39
N LYS VB 4 15.00 89.00 78.07
CA LYS VB 4 13.73 89.27 77.40
C LYS VB 4 14.01 89.80 76.01
N ALA VB 5 12.95 90.03 75.25
CA ALA VB 5 13.10 90.54 73.90
C ALA VB 5 12.96 92.05 73.83
N ARG VB 6 12.06 92.63 74.63
CA ARG VB 6 11.82 94.07 74.55
C ARG VB 6 12.98 94.88 75.11
N ASP VB 7 13.77 94.32 76.01
CA ASP VB 7 14.94 95.02 76.53
C ASP VB 7 16.17 94.86 75.64
N LEU VB 8 16.11 93.96 74.66
CA LEU VB 8 17.19 93.80 73.68
C LEU VB 8 17.05 94.75 72.51
N ARG VB 9 15.89 95.37 72.32
CA ARG VB 9 15.65 96.16 71.12
C ARG VB 9 16.46 97.46 71.12
N GLY VB 10 16.75 98.02 72.29
CA GLY VB 10 17.53 99.24 72.34
C GLY VB 10 19.00 99.01 72.05
N LYS VB 11 19.49 97.80 72.31
CA LYS VB 11 20.92 97.52 72.16
C LYS VB 11 21.33 97.54 70.69
N LYS VB 12 22.54 98.03 70.44
CA LYS VB 12 23.04 98.18 69.08
C LYS VB 12 23.51 96.83 68.53
N LYS VB 13 23.99 96.86 67.28
CA LYS VB 13 24.33 95.63 66.58
C LYS VB 13 25.46 94.87 67.27
N GLU VB 14 26.49 95.59 67.73
CA GLU VB 14 27.70 94.93 68.20
C GLU VB 14 27.47 94.21 69.52
N GLU VB 15 26.75 94.84 70.46
CA GLU VB 15 26.49 94.20 71.74
C GLU VB 15 25.47 93.08 71.60
N LEU VB 16 24.63 93.14 70.56
CA LEU VB 16 23.70 92.03 70.32
C LEU VB 16 24.44 90.80 69.81
N LEU VB 17 25.50 91.01 69.03
CA LEU VB 17 26.33 89.87 68.61
C LEU VB 17 27.17 89.34 69.76
N LYS VB 18 27.66 90.23 70.62
CA LYS VB 18 28.38 89.79 71.80
C LYS VB 18 27.48 89.00 72.74
N GLN VB 19 26.23 89.45 72.91
CA GLN VB 19 25.26 88.72 73.72
C GLN VB 19 24.98 87.35 73.12
N LEU VB 20 24.84 87.27 71.80
CA LEU VB 20 24.57 86.00 71.14
C LEU VB 20 25.75 85.05 71.26
N ASP VB 21 26.97 85.57 71.15
CA ASP VB 21 28.15 84.72 71.23
C ASP VB 21 28.33 84.15 72.62
N ASP VB 22 27.95 84.90 73.66
CA ASP VB 22 28.01 84.38 75.02
C ASP VB 22 27.05 83.22 75.20
N LEU VB 23 25.86 83.31 74.58
CA LEU VB 23 24.90 82.23 74.67
C LEU VB 23 25.41 80.98 73.97
N LYS VB 24 26.08 81.15 72.82
CA LYS VB 24 26.50 79.99 72.04
C LYS VB 24 27.62 79.23 72.73
N VAL VB 25 28.57 79.93 73.37
CA VAL VB 25 29.63 79.24 74.08
C VAL VB 25 29.07 78.57 75.32
N GLU VB 26 27.99 79.11 75.89
CA GLU VB 26 27.36 78.47 77.03
C GLU VB 26 26.60 77.22 76.61
N LEU VB 27 25.94 77.28 75.44
CA LEU VB 27 25.19 76.12 74.97
C LEU VB 27 26.11 74.97 74.60
N SER VB 28 27.29 75.27 74.05
CA SER VB 28 28.24 74.22 73.73
C SER VB 28 28.77 73.56 75.00
N GLN VB 29 28.93 74.33 76.07
CA GLN VB 29 29.36 73.75 77.34
C GLN VB 29 28.25 72.91 77.95
N LEU VB 30 26.99 73.31 77.78
CA LEU VB 30 25.88 72.51 78.27
C LEU VB 30 25.77 71.21 77.49
N ARG VB 31 26.12 71.23 76.21
CA ARG VB 31 26.13 70.01 75.42
C ARG VB 31 27.24 69.07 75.87
N VAL VB 32 28.37 69.63 76.32
CA VAL VB 32 29.44 68.80 76.87
C VAL VB 32 28.99 68.19 78.20
N ALA VB 33 28.30 68.97 79.04
CA ALA VB 33 27.83 68.45 80.31
C ALA VB 33 26.78 67.36 80.10
N LYS VB 34 26.03 67.43 79.01
CA LYS VB 34 25.07 66.39 78.70
C LYS VB 34 25.76 65.07 78.37
N VAL VB 35 26.85 65.13 77.62
CA VAL VB 35 27.55 63.91 77.22
C VAL VB 35 28.28 63.30 78.41
N THR VB 36 28.87 64.13 79.26
CA THR VB 36 29.68 63.66 80.38
C THR VB 36 28.88 63.52 81.66
N GLY VB 37 27.60 63.19 81.56
CA GLY VB 37 26.76 63.03 82.74
C GLY VB 37 26.11 64.32 83.17
N GLY VB 38 26.89 65.20 83.78
CA GLY VB 38 26.36 66.48 84.20
C GLY VB 38 25.32 66.33 85.31
N ALA VB 39 24.47 67.34 85.40
CA ALA VB 39 23.41 67.36 86.40
C ALA VB 39 22.11 67.79 85.72
N ALA VB 40 20.99 67.46 86.37
CA ALA VB 40 19.68 67.84 85.83
C ALA VB 40 19.50 69.34 85.83
N SER VB 41 20.22 70.07 86.70
CA SER VB 41 20.15 71.53 86.70
C SER VB 41 20.83 72.11 85.48
N LYS VB 42 21.72 71.37 84.83
CA LYS VB 42 22.37 71.83 83.62
C LYS VB 42 21.71 71.31 82.36
N LEU VB 43 21.07 70.13 82.43
CA LEU VB 43 20.34 69.61 81.29
C LEU VB 43 19.11 70.47 80.99
N SER VB 44 18.43 70.94 82.04
CA SER VB 44 17.27 71.81 81.85
C SER VB 44 17.66 73.16 81.27
N LYS VB 45 18.89 73.61 81.50
CA LYS VB 45 19.33 74.89 80.96
C LYS VB 45 19.61 74.84 79.47
N ILE VB 46 19.64 73.65 78.87
CA ILE VB 46 19.86 73.55 77.44
C ILE VB 46 18.71 74.20 76.68
N ARG VB 47 17.47 73.94 77.11
CA ARG VB 47 16.32 74.54 76.47
C ARG VB 47 16.30 76.06 76.68
N VAL VB 48 16.65 76.51 77.88
CA VAL VB 48 16.59 77.94 78.19
C VAL VB 48 17.57 78.72 77.34
N VAL VB 49 18.80 78.21 77.22
CA VAL VB 49 19.80 78.89 76.41
C VAL VB 49 19.42 78.83 74.93
N ARG VB 50 18.83 77.71 74.50
CA ARG VB 50 18.42 77.59 73.10
C ARG VB 50 17.33 78.59 72.77
N LYS VB 51 16.37 78.79 73.68
CA LYS VB 51 15.32 79.78 73.44
C LYS VB 51 15.88 81.19 73.48
N SER VB 52 16.91 81.42 74.29
CA SER VB 52 17.52 82.74 74.34
C SER VB 52 18.29 83.04 73.06
N ILE VB 53 18.90 82.02 72.47
CA ILE VB 53 19.57 82.19 71.18
C ILE VB 53 18.57 82.56 70.10
N ALA VB 54 17.43 81.87 70.09
CA ALA VB 54 16.35 82.20 69.16
C ALA VB 54 15.82 83.61 69.42
N ARG VB 55 15.82 84.03 70.68
CA ARG VB 55 15.27 85.34 71.03
C ARG VB 55 16.18 86.46 70.57
N VAL VB 56 17.49 86.27 70.71
CA VAL VB 56 18.44 87.28 70.26
C VAL VB 56 18.46 87.34 68.74
N LEU VB 57 18.44 86.19 68.08
CA LEU VB 57 18.55 86.16 66.63
C LEU VB 57 17.30 86.73 65.96
N THR VB 58 16.14 86.62 66.60
CA THR VB 58 14.94 87.21 66.00
C THR VB 58 14.94 88.72 66.16
N VAL VB 59 15.58 89.25 67.20
CA VAL VB 59 15.70 90.71 67.33
C VAL VB 59 16.69 91.24 66.32
N ILE VB 60 17.78 90.52 66.08
CA ILE VB 60 18.75 90.93 65.08
C ILE VB 60 18.12 90.94 63.70
N ASN VB 61 17.36 89.89 63.37
CA ASN VB 61 16.75 89.79 62.05
C ASN VB 61 15.62 90.79 61.87
N GLN VB 62 14.90 91.11 62.95
CA GLN VB 62 13.82 92.07 62.84
C GLN VB 62 14.34 93.50 62.72
N THR VB 63 15.39 93.83 63.48
CA THR VB 63 15.98 95.16 63.39
C THR VB 63 16.62 95.37 62.01
N GLN VB 64 17.28 94.33 61.49
CA GLN VB 64 17.86 94.43 60.16
C GLN VB 64 16.79 94.57 59.08
N LYS VB 65 15.70 93.81 59.21
CA LYS VB 65 14.65 93.85 58.20
C LYS VB 65 13.93 95.20 58.20
N GLU VB 66 13.68 95.76 59.39
CA GLU VB 66 12.98 97.04 59.46
C GLU VB 66 13.84 98.17 58.90
N ASN VB 67 15.16 98.08 59.08
CA ASN VB 67 16.05 99.09 58.50
C ASN VB 67 16.08 99.00 56.99
N LEU VB 68 16.00 97.79 56.45
CA LEU VB 68 15.95 97.62 55.00
C LEU VB 68 14.62 98.10 54.43
N ARG VB 69 13.53 97.90 55.18
CA ARG VB 69 12.23 98.40 54.74
C ARG VB 69 12.22 99.92 54.70
N LYS VB 70 12.83 100.56 55.70
CA LYS VB 70 12.90 102.02 55.71
C LYS VB 70 13.81 102.54 54.60
N PHE VB 71 14.87 101.81 54.29
CA PHE VB 71 15.78 102.24 53.23
C PHE VB 71 15.12 102.14 51.86
N TYR VB 72 14.33 101.10 51.63
CA TYR VB 72 13.69 100.87 50.35
C TYR VB 72 12.31 101.47 50.26
N LYS VB 73 11.86 102.18 51.29
CA LYS VB 73 10.56 102.84 51.23
C LYS VB 73 10.63 104.03 50.28
N GLY VB 74 9.68 104.09 49.35
CA GLY VB 74 9.66 105.16 48.37
C GLY VB 74 10.55 104.97 47.18
N LYS VB 75 11.06 103.76 46.95
CA LYS VB 75 11.88 103.47 45.79
C LYS VB 75 11.05 102.70 44.75
N LYS VB 76 11.40 102.89 43.48
CA LYS VB 76 10.64 102.27 42.41
C LYS VB 76 10.73 100.76 42.45
N TYR VB 77 11.92 100.22 42.71
CA TYR VB 77 12.15 98.78 42.75
C TYR VB 77 12.63 98.38 44.12
N LYS VB 78 11.99 97.39 44.71
CA LYS VB 78 12.31 96.85 46.01
C LYS VB 78 12.70 95.38 45.87
N PRO VB 79 13.48 94.85 46.80
CA PRO VB 79 13.76 93.40 46.78
C PRO VB 79 12.47 92.60 46.93
N LEU VB 80 12.48 91.39 46.38
CA LEU VB 80 11.27 90.58 46.31
C LEU VB 80 10.74 90.24 47.71
N ASP VB 81 11.65 89.99 48.65
CA ASP VB 81 11.21 89.67 50.00
C ASP VB 81 10.73 90.89 50.77
N LEU VB 82 10.94 92.10 50.24
CA LEU VB 82 10.35 93.30 50.83
C LEU VB 82 9.01 93.66 50.20
N ARG VB 83 8.64 93.02 49.10
CA ARG VB 83 7.35 93.27 48.48
C ARG VB 83 6.25 92.49 49.20
N PRO VB 84 5.00 92.92 49.05
CA PRO VB 84 3.89 92.16 49.63
C PRO VB 84 3.79 90.76 49.03
N LYS VB 85 3.34 89.82 49.84
CA LYS VB 85 3.20 88.41 49.46
C LYS VB 85 1.77 87.95 49.74
N LYS VB 86 0.80 88.71 49.25
CA LYS VB 86 -0.60 88.38 49.47
C LYS VB 86 -0.92 86.98 48.97
N THR VB 87 -0.83 86.78 47.67
CA THR VB 87 -1.18 85.58 46.92
C THR VB 87 -0.66 85.79 45.51
N ARG VB 88 -0.16 84.72 44.89
CA ARG VB 88 0.33 84.84 43.53
C ARG VB 88 -0.75 85.39 42.60
N ALA VB 89 -1.98 84.91 42.75
CA ALA VB 89 -3.07 85.42 41.94
C ALA VB 89 -3.41 86.87 42.31
N MET VB 90 -3.35 87.20 43.60
CA MET VB 90 -3.67 88.56 44.03
C MET VB 90 -2.59 89.56 43.64
N ARG VB 91 -1.41 89.09 43.23
CA ARG VB 91 -0.35 89.99 42.78
C ARG VB 91 -0.37 90.22 41.28
N ARG VB 92 -1.08 89.37 40.52
CA ARG VB 92 -1.17 89.57 39.08
C ARG VB 92 -2.35 90.44 38.68
N ARG VB 93 -3.24 90.78 39.61
CA ARG VB 93 -4.46 91.49 39.24
C ARG VB 93 -4.21 92.99 39.16
N LEU VB 94 -5.20 93.70 38.63
CA LEU VB 94 -5.11 95.14 38.43
C LEU VB 94 -4.96 95.86 39.76
N ASN VB 95 -4.13 96.89 39.77
CA ASN VB 95 -4.08 97.75 40.95
C ASN VB 95 -5.30 98.66 40.97
N LYS VB 96 -5.46 99.37 42.09
CA LYS VB 96 -6.66 100.18 42.29
C LYS VB 96 -6.77 101.30 41.27
N HIS VB 97 -5.65 101.83 40.80
CA HIS VB 97 -5.70 102.94 39.84
C HIS VB 97 -6.26 102.49 38.50
N GLU VB 98 -5.73 101.40 37.95
CA GLU VB 98 -6.16 100.92 36.65
C GLU VB 98 -7.36 99.99 36.73
N GLU VB 99 -7.95 99.82 37.92
CA GLU VB 99 -9.19 99.09 38.05
C GLU VB 99 -10.41 100.00 37.96
N ASN VB 100 -10.29 101.25 38.39
CA ASN VB 100 -11.44 102.15 38.48
C ASN VB 100 -11.40 103.29 37.47
N LEU VB 101 -10.48 103.26 36.52
CA LEU VB 101 -10.46 104.29 35.48
C LEU VB 101 -11.29 103.85 34.29
N LYS VB 102 -11.89 104.82 33.61
CA LYS VB 102 -12.84 104.58 32.54
C LYS VB 102 -12.44 105.33 31.28
N THR VB 103 -12.97 104.85 30.15
CA THR VB 103 -12.78 105.56 28.90
C THR VB 103 -13.56 106.86 28.89
N LYS VB 104 -13.18 107.75 27.98
CA LYS VB 104 -13.89 109.03 27.87
C LYS VB 104 -15.32 108.80 27.41
N LYS VB 105 -15.55 107.78 26.60
CA LYS VB 105 -16.93 107.43 26.21
C LYS VB 105 -17.74 107.00 27.41
N GLN VB 106 -17.13 106.22 28.31
CA GLN VB 106 -17.86 105.68 29.45
C GLN VB 106 -18.21 106.78 30.45
N GLN VB 107 -17.29 107.71 30.70
CA GLN VB 107 -17.57 108.76 31.67
C GLN VB 107 -18.46 109.85 31.08
N ARG VB 108 -18.52 109.95 29.75
CA ARG VB 108 -19.46 110.86 29.13
C ARG VB 108 -20.89 110.38 29.33
N LYS VB 109 -21.10 109.07 29.22
CA LYS VB 109 -22.44 108.51 29.44
C LYS VB 109 -22.87 108.69 30.89
N GLU VB 110 -21.94 108.55 31.84
CA GLU VB 110 -22.29 108.71 33.24
C GLU VB 110 -22.65 110.15 33.57
N ARG VB 111 -21.97 111.10 32.91
CA ARG VB 111 -22.28 112.51 33.16
C ARG VB 111 -23.62 112.90 32.56
N LEU VB 112 -23.89 112.47 31.33
CA LEU VB 112 -25.12 112.90 30.65
C LEU VB 112 -26.34 112.19 31.21
N TYR VB 113 -26.22 110.91 31.52
CA TYR VB 113 -27.36 110.09 31.94
C TYR VB 113 -27.03 109.38 33.24
N PRO VB 114 -27.01 110.10 34.35
CA PRO VB 114 -26.77 109.46 35.65
C PRO VB 114 -28.02 108.75 36.16
N LEU VB 115 -27.79 107.79 37.03
CA LEU VB 115 -28.91 107.10 37.67
C LEU VB 115 -29.67 108.06 38.57
N ARG VB 116 -30.99 107.95 38.55
CA ARG VB 116 -31.85 108.87 39.28
C ARG VB 116 -32.52 108.16 40.45
N LYS VB 117 -32.69 108.88 41.54
CA LYS VB 117 -33.45 108.42 42.69
C LYS VB 117 -34.90 108.80 42.48
N TYR VB 118 -35.78 107.81 42.36
CA TYR VB 118 -37.17 108.06 42.04
C TYR VB 118 -38.06 107.14 42.86
N ALA VB 119 -39.33 107.53 42.97
CA ALA VB 119 -40.35 106.71 43.59
C ALA VB 119 -41.59 106.75 42.72
N VAL VB 120 -42.43 105.73 42.83
CA VAL VB 120 -43.61 105.58 41.99
C VAL VB 120 -44.84 105.53 42.87
N LYS VB 121 -45.80 106.41 42.60
CA LYS VB 121 -47.05 106.41 43.35
C LYS VB 121 -47.88 105.17 43.02
N ALA VB 122 -48.72 104.78 43.98
CA ALA VB 122 -49.60 103.64 43.79
C ALA VB 122 -51.05 104.11 43.67
N ALA WB 1 -74.68 91.53 10.73
CA ALA WB 1 -74.02 92.16 9.59
C ALA WB 1 -73.76 91.14 8.50
N LEU WB 2 -73.47 91.63 7.29
CA LEU WB 2 -73.19 90.73 6.18
C LEU WB 2 -71.84 90.07 6.33
N ARG WB 3 -70.81 90.83 6.70
CA ARG WB 3 -69.46 90.32 6.81
C ARG WB 3 -68.97 90.43 8.24
N TYR WB 4 -68.26 89.41 8.68
CA TYR WB 4 -67.63 89.36 9.99
C TYR WB 4 -66.17 88.99 9.82
N PRO WB 5 -65.29 89.44 10.72
CA PRO WB 5 -63.92 88.94 10.71
C PRO WB 5 -63.91 87.44 10.98
N MET WB 6 -63.07 86.72 10.25
CA MET WB 6 -63.05 85.27 10.32
C MET WB 6 -61.63 84.80 10.59
N ALA WB 7 -61.53 83.61 11.19
CA ALA WB 7 -60.24 82.98 11.41
C ALA WB 7 -59.74 82.22 10.20
N VAL WB 8 -60.53 82.15 9.13
CA VAL WB 8 -60.15 81.48 7.90
C VAL WB 8 -60.54 82.37 6.72
N GLY WB 9 -59.99 82.06 5.56
CA GLY WB 9 -60.31 82.77 4.34
C GLY WB 9 -59.18 83.65 3.87
N LEU WB 10 -59.48 84.42 2.81
CA LEU WB 10 -58.47 85.30 2.23
C LEU WB 10 -58.23 86.53 3.10
N ASN WB 11 -59.26 87.00 3.80
CA ASN WB 11 -59.17 88.18 4.66
C ASN WB 11 -59.22 87.78 6.13
N LYS WB 12 -58.58 86.67 6.47
CA LYS WB 12 -58.61 86.18 7.84
C LYS WB 12 -57.79 87.09 8.74
N GLY WB 13 -58.08 87.01 10.03
CA GLY WB 13 -57.30 87.73 11.00
C GLY WB 13 -58.10 88.81 11.70
N HIS WB 14 -57.70 89.09 12.94
CA HIS WB 14 -58.27 90.20 13.70
C HIS WB 14 -57.95 91.51 13.00
N LYS WB 15 -58.89 92.43 13.05
CA LYS WB 15 -58.80 93.68 12.30
C LYS WB 15 -58.08 94.72 13.13
N VAL WB 16 -56.82 94.98 12.79
CA VAL WB 16 -56.06 96.08 13.36
C VAL WB 16 -55.58 96.96 12.21
N THR WB 17 -55.37 98.24 12.50
CA THR WB 17 -54.86 99.17 11.51
C THR WB 17 -53.34 99.19 11.55
N LYS WB 18 -52.73 99.06 10.38
CA LYS WB 18 -51.28 98.91 10.30
C LYS WB 18 -50.58 100.20 10.70
N ASN WB 19 -49.47 100.05 11.41
CA ASN WB 19 -48.65 101.18 11.84
C ASN WB 19 -47.56 101.38 10.79
N VAL WB 20 -47.85 102.21 9.79
CA VAL WB 20 -46.88 102.51 8.75
C VAL WB 20 -45.77 103.37 9.32
N SER WB 21 -44.53 103.00 9.03
CA SER WB 21 -43.37 103.71 9.56
C SER WB 21 -42.18 103.44 8.66
N LYS WB 22 -41.12 104.22 8.86
CA LYS WB 22 -39.89 103.99 8.11
C LYS WB 22 -39.28 102.65 8.51
N PRO WB 23 -38.68 101.94 7.57
CA PRO WB 23 -38.03 100.67 7.93
C PRO WB 23 -36.81 100.90 8.80
N ARG WB 24 -36.47 99.89 9.57
CA ARG WB 24 -35.31 99.97 10.44
C ARG WB 24 -34.02 100.05 9.62
N HIS WB 25 -32.96 100.54 10.25
CA HIS WB 25 -31.71 100.72 9.53
C HIS WB 25 -31.00 99.43 9.22
N SER WB 26 -31.27 98.36 10.00
CA SER WB 26 -30.65 97.07 9.68
C SER WB 26 -31.16 96.54 8.35
N ARG WB 27 -32.40 96.86 7.98
CA ARG WB 27 -32.93 96.43 6.69
C ARG WB 27 -32.21 97.10 5.52
N ARG WB 28 -31.50 98.19 5.78
CA ARG WB 28 -30.75 98.89 4.75
C ARG WB 28 -29.51 98.12 4.32
N ARG WB 29 -29.08 97.12 5.11
CA ARG WB 29 -27.83 96.42 4.87
C ARG WB 29 -27.81 95.80 3.48
N GLY WB 30 -26.63 95.85 2.84
CA GLY WB 30 -26.45 95.30 1.52
C GLY WB 30 -26.69 96.27 0.38
N ARG WB 31 -27.21 97.45 0.66
CA ARG WB 31 -27.42 98.44 -0.39
C ARG WB 31 -26.09 98.95 -0.91
N LEU WB 32 -26.01 99.11 -2.24
CA LEU WB 32 -24.79 99.57 -2.89
C LEU WB 32 -24.71 101.09 -2.80
N THR WB 33 -23.57 101.60 -2.38
CA THR WB 33 -23.33 103.03 -2.29
C THR WB 33 -22.52 103.50 -3.49
N LYS WB 34 -22.44 104.82 -3.66
CA LYS WB 34 -21.62 105.38 -4.72
C LYS WB 34 -20.15 105.09 -4.48
N HIS WB 35 -19.68 105.25 -3.24
CA HIS WB 35 -18.27 105.10 -2.96
C HIS WB 35 -17.84 103.64 -2.99
N THR WB 36 -18.66 102.73 -2.45
CA THR WB 36 -18.31 101.31 -2.50
C THR WB 36 -18.36 100.79 -3.92
N LYS WB 37 -19.29 101.28 -4.74
CA LYS WB 37 -19.30 100.92 -6.15
C LYS WB 37 -18.03 101.41 -6.84
N PHE WB 38 -17.57 102.61 -6.47
CA PHE WB 38 -16.33 103.13 -7.04
C PHE WB 38 -15.14 102.26 -6.65
N VAL WB 39 -15.11 101.81 -5.39
CA VAL WB 39 -13.99 101.00 -4.91
C VAL WB 39 -13.98 99.64 -5.60
N ARG WB 40 -15.15 99.01 -5.71
CA ARG WB 40 -15.23 97.69 -6.32
C ARG WB 40 -14.87 97.73 -7.80
N ASP WB 41 -15.29 98.79 -8.51
CA ASP WB 41 -14.90 98.94 -9.90
C ASP WB 41 -13.41 99.20 -10.03
N MET WB 42 -12.84 99.96 -9.09
CA MET WB 42 -11.41 100.23 -9.12
C MET WB 42 -10.60 98.95 -8.93
N ILE WB 43 -11.04 98.10 -8.00
CA ILE WB 43 -10.37 96.82 -7.79
C ILE WB 43 -10.57 95.91 -8.99
N ARG WB 44 -11.72 96.04 -9.66
CA ARG WB 44 -12.03 95.18 -10.79
C ARG WB 44 -11.02 95.36 -11.93
N GLU WB 45 -10.64 96.60 -12.22
CA GLU WB 45 -9.68 96.81 -13.30
C GLU WB 45 -8.26 96.48 -12.88
N VAL WB 46 -7.92 96.69 -11.60
CA VAL WB 46 -6.59 96.33 -11.13
C VAL WB 46 -6.40 94.83 -11.17
N CYS WB 47 -7.41 94.07 -10.76
CA CYS WB 47 -7.30 92.63 -10.57
C CYS WB 47 -7.62 91.84 -11.84
N GLY WB 48 -8.60 92.29 -12.61
CA GLY WB 48 -9.05 91.51 -13.75
C GLY WB 48 -10.21 90.61 -13.40
N PHE WB 49 -10.17 89.36 -13.87
CA PHE WB 49 -11.26 88.42 -13.64
C PHE WB 49 -10.68 87.08 -13.22
N ALA WB 50 -11.48 86.32 -12.47
CA ALA WB 50 -11.10 84.99 -12.06
C ALA WB 50 -11.02 84.07 -13.28
N PRO WB 51 -10.20 83.02 -13.22
CA PRO WB 51 -10.08 82.13 -14.39
C PRO WB 51 -11.38 81.46 -14.80
N TYR WB 52 -12.25 81.13 -13.84
CA TYR WB 52 -13.54 80.56 -14.22
C TYR WB 52 -14.46 81.61 -14.82
N GLU WB 53 -14.31 82.88 -14.42
CA GLU WB 53 -15.10 83.94 -15.03
C GLU WB 53 -14.70 84.16 -16.48
N ARG WB 54 -13.40 84.07 -16.77
CA ARG WB 54 -12.94 84.21 -18.14
C ARG WB 54 -13.43 83.07 -19.01
N ARG WB 55 -13.40 81.84 -18.49
CA ARG WB 55 -13.89 80.69 -19.25
C ARG WB 55 -15.38 80.81 -19.50
N ALA WB 56 -16.13 81.33 -18.53
CA ALA WB 56 -17.56 81.53 -18.72
C ALA WB 56 -17.84 82.60 -19.77
N MET WB 57 -17.02 83.65 -19.80
CA MET WB 57 -17.17 84.69 -20.80
C MET WB 57 -16.89 84.18 -22.20
N GLU WB 58 -16.03 83.16 -22.32
CA GLU WB 58 -15.81 82.54 -23.62
C GLU WB 58 -17.07 81.86 -24.13
N LEU WB 59 -17.79 81.18 -23.23
CA LEU WB 59 -19.06 80.55 -23.62
C LEU WB 59 -20.10 81.59 -23.98
N LEU WB 60 -20.11 82.72 -23.26
CA LEU WB 60 -21.08 83.77 -23.56
C LEU WB 60 -20.78 84.44 -24.89
N LYS WB 61 -19.49 84.53 -25.25
CA LYS WB 61 -19.13 85.17 -26.51
C LYS WB 61 -19.61 84.37 -27.70
N VAL WB 62 -19.51 83.03 -27.63
CA VAL WB 62 -20.01 82.17 -28.69
C VAL WB 62 -21.50 81.89 -28.57
N SER WB 63 -22.20 82.58 -27.66
CA SER WB 63 -23.65 82.51 -27.51
C SER WB 63 -24.11 81.13 -27.07
N LYS WB 64 -23.35 80.50 -26.18
CA LYS WB 64 -23.80 79.30 -25.47
C LYS WB 64 -24.28 79.76 -24.10
N ASP WB 65 -25.47 80.38 -24.09
CA ASP WB 65 -25.98 80.97 -22.86
C ASP WB 65 -26.30 79.92 -21.81
N LYS WB 66 -26.93 78.82 -22.23
CA LYS WB 66 -27.33 77.79 -21.28
C LYS WB 66 -26.13 77.05 -20.71
N ARG WB 67 -25.17 76.68 -21.57
CA ARG WB 67 -23.98 76.00 -21.09
C ARG WB 67 -23.14 76.91 -20.21
N ALA WB 68 -23.13 78.21 -20.51
CA ALA WB 68 -22.44 79.16 -19.63
C ALA WB 68 -23.08 79.19 -18.25
N LEU WB 69 -24.40 79.11 -18.19
CA LEU WB 69 -25.08 79.10 -16.90
C LEU WB 69 -24.80 77.82 -16.14
N LYS WB 70 -24.75 76.68 -16.85
CA LYS WB 70 -24.44 75.42 -16.20
C LYS WB 70 -23.02 75.43 -15.63
N PHE WB 71 -22.08 75.99 -16.38
CA PHE WB 71 -20.70 76.07 -15.90
C PHE WB 71 -20.58 76.97 -14.67
N ILE WB 72 -21.27 78.11 -14.69
CA ILE WB 72 -21.21 79.03 -13.55
C ILE WB 72 -21.89 78.41 -12.34
N LYS WB 73 -23.00 77.70 -12.56
CA LYS WB 73 -23.69 77.05 -11.44
C LYS WB 73 -22.82 75.96 -10.83
N LYS WB 74 -22.07 75.24 -11.67
CA LYS WB 74 -21.15 74.23 -11.14
C LYS WB 74 -20.03 74.87 -10.32
N ARG WB 75 -19.66 76.11 -10.66
CA ARG WB 75 -18.57 76.78 -9.95
C ARG WB 75 -19.06 77.46 -8.67
N VAL WB 76 -19.98 78.42 -8.80
CA VAL WB 76 -20.45 79.18 -7.65
C VAL WB 76 -21.29 78.31 -6.74
N GLY WB 77 -22.22 77.54 -7.30
CA GLY WB 77 -22.90 76.54 -6.53
C GLY WB 77 -24.42 76.52 -6.61
N THR WB 78 -25.05 77.68 -6.66
CA THR WB 78 -26.51 77.75 -6.65
C THR WB 78 -27.02 78.37 -7.93
N HIS WB 79 -28.33 78.20 -8.16
CA HIS WB 79 -28.94 78.74 -9.38
C HIS WB 79 -29.08 80.25 -9.31
N ILE WB 80 -29.52 80.78 -8.17
CA ILE WB 80 -29.77 82.21 -8.06
C ILE WB 80 -28.47 82.99 -8.15
N ARG WB 81 -27.39 82.46 -7.57
CA ARG WB 81 -26.10 83.15 -7.65
C ARG WB 81 -25.53 83.05 -9.06
N ALA WB 82 -25.76 81.93 -9.73
CA ALA WB 82 -25.26 81.77 -11.09
C ALA WB 82 -26.01 82.68 -12.06
N LYS WB 83 -27.31 82.88 -11.82
CA LYS WB 83 -28.08 83.80 -12.65
C LYS WB 83 -27.58 85.22 -12.49
N ARG WB 84 -27.30 85.63 -11.25
CA ARG WB 84 -26.77 86.97 -11.01
C ARG WB 84 -25.37 87.12 -11.60
N LYS WB 85 -24.53 86.10 -11.46
CA LYS WB 85 -23.17 86.18 -11.97
C LYS WB 85 -23.14 86.23 -13.49
N ARG WB 86 -24.00 85.44 -14.15
CA ARG WB 86 -24.02 85.42 -15.60
C ARG WB 86 -24.46 86.75 -16.17
N GLU WB 87 -25.46 87.39 -15.55
CA GLU WB 87 -25.91 88.69 -16.03
C GLU WB 87 -24.86 89.77 -15.77
N GLU WB 88 -24.02 89.57 -14.75
CA GLU WB 88 -22.93 90.50 -14.52
C GLU WB 88 -21.83 90.34 -15.56
N LEU WB 89 -21.55 89.09 -15.96
CA LEU WB 89 -20.52 88.84 -16.95
C LEU WB 89 -20.98 89.24 -18.34
N SER WB 90 -22.28 89.13 -18.62
CA SER WB 90 -22.80 89.59 -19.89
C SER WB 90 -22.72 91.11 -19.98
N ASN WB 91 -22.86 91.80 -18.85
CA ASN WB 91 -22.78 93.26 -18.86
C ASN WB 91 -21.37 93.73 -19.17
N VAL WB 92 -20.35 93.09 -18.61
CA VAL WB 92 -18.99 93.52 -18.87
C VAL WB 92 -18.56 93.12 -20.28
N LEU WB 93 -19.18 92.09 -20.84
CA LEU WB 93 -18.94 91.76 -22.24
C LEU WB 93 -19.55 92.80 -23.16
N ALA WB 94 -20.76 93.26 -22.83
CA ALA WB 94 -21.41 94.28 -23.64
C ALA WB 94 -20.69 95.61 -23.52
N ALA WB 95 -20.20 95.95 -22.32
CA ALA WB 95 -19.50 97.21 -22.11
C ALA WB 95 -18.18 97.24 -22.88
N MET WB 96 -17.45 96.12 -22.88
CA MET WB 96 -16.19 96.08 -23.61
C MET WB 96 -16.42 95.90 -25.11
N ARG WB 97 -17.59 95.41 -25.51
CA ARG WB 97 -17.90 95.32 -26.93
C ARG WB 97 -18.03 96.71 -27.55
N LYS WB 98 -18.71 97.61 -26.84
CA LYS WB 98 -18.87 98.97 -27.36
C LYS WB 98 -17.60 99.79 -27.19
N ALA WB 99 -16.77 99.45 -26.21
CA ALA WB 99 -15.48 100.12 -26.08
C ALA WB 99 -14.59 99.80 -27.27
N ALA WB 100 -14.62 98.56 -27.75
CA ALA WB 100 -13.92 98.21 -28.98
C ALA WB 100 -14.58 98.85 -30.19
N ALA WB 101 -15.90 99.09 -30.13
CA ALA WB 101 -16.58 99.74 -31.24
C ALA WB 101 -16.10 101.18 -31.42
N LYS WB 102 -15.91 101.90 -30.32
CA LYS WB 102 -15.43 103.28 -30.40
C LYS WB 102 -13.91 103.32 -30.54
N THR XB 1 14.28 25.18 36.43
CA THR XB 1 13.13 25.07 37.33
C THR XB 1 12.54 26.43 37.64
N LYS XB 2 11.28 26.63 37.25
CA LYS XB 2 10.64 27.93 37.32
C LYS XB 2 10.25 28.32 38.73
N GLY XB 3 10.34 27.42 39.70
CA GLY XB 3 9.87 27.73 41.04
C GLY XB 3 10.93 28.22 42.00
N THR XB 4 11.23 27.40 43.01
CA THR XB 4 12.14 27.83 44.08
C THR XB 4 13.55 28.07 43.56
N SER XB 5 14.01 27.23 42.62
CA SER XB 5 15.38 27.33 42.13
C SER XB 5 15.63 28.66 41.43
N SER XB 6 14.67 29.13 40.64
CA SER XB 6 14.85 30.41 39.95
C SER XB 6 14.72 31.59 40.88
N PHE XB 7 14.23 31.39 42.11
CA PHE XB 7 14.17 32.47 43.07
C PHE XB 7 15.53 32.79 43.68
N GLY XB 8 16.52 31.93 43.50
CA GLY XB 8 17.84 32.23 44.02
C GLY XB 8 18.60 33.27 43.22
N LYS XB 9 18.20 33.52 41.99
CA LYS XB 9 18.95 34.36 41.08
C LYS XB 9 18.50 35.82 41.09
N ARG XB 10 17.46 36.17 41.83
CA ARG XB 10 17.00 37.56 41.85
C ARG XB 10 17.82 38.33 42.86
N ARG XB 11 18.81 39.08 42.36
CA ARG XB 11 19.67 39.90 43.21
C ARG XB 11 19.99 41.26 42.62
N ASN XB 12 19.40 41.64 41.49
CA ASN XB 12 19.65 42.94 40.87
C ASN XB 12 18.37 43.75 40.92
N LYS XB 13 18.44 44.93 41.54
CA LYS XB 13 17.25 45.72 41.76
C LYS XB 13 16.79 46.40 40.46
N THR XB 14 15.52 46.20 40.13
CA THR XB 14 14.91 46.93 39.02
C THR XB 14 14.62 48.38 39.40
N HIS XB 15 14.10 48.61 40.61
CA HIS XB 15 13.67 49.92 41.04
C HIS XB 15 14.50 50.39 42.22
N THR XB 16 14.63 51.71 42.34
CA THR XB 16 15.27 52.36 43.47
C THR XB 16 14.35 53.47 43.97
N LEU XB 17 14.78 54.14 45.03
CA LEU XB 17 14.00 55.25 45.57
C LEU XB 17 13.98 56.42 44.61
N CYS XB 18 12.82 57.07 44.50
CA CYS XB 18 12.59 58.18 43.58
C CYS XB 18 12.79 59.49 44.33
N ARG XB 19 13.56 60.41 43.74
CA ARG XB 19 13.87 61.65 44.44
C ARG XB 19 12.64 62.53 44.57
N ARG XB 20 11.74 62.50 43.60
CA ARG XB 20 10.38 62.98 43.78
C ARG XB 20 9.55 61.84 44.35
N CYS XB 21 8.60 62.17 45.22
CA CYS XB 21 7.56 61.28 45.75
C CYS XB 21 8.08 60.16 46.64
N GLY XB 22 9.40 60.02 46.77
CA GLY XB 22 10.01 59.12 47.72
C GLY XB 22 9.61 57.66 47.61
N SER XB 23 9.12 57.23 46.47
CA SER XB 23 8.63 55.87 46.32
C SER XB 23 9.67 55.00 45.64
N LYS XB 24 9.70 53.73 46.03
CA LYS XB 24 10.65 52.76 45.47
C LYS XB 24 10.11 52.21 44.15
N ALA XB 25 9.99 53.11 43.17
CA ALA XB 25 9.49 52.77 41.85
C ALA XB 25 10.28 53.42 40.74
N TYR XB 26 11.40 54.08 41.06
CA TYR XB 26 12.23 54.69 40.04
C TYR XB 26 12.97 53.59 39.29
N HIS XB 27 12.48 53.27 38.09
CA HIS XB 27 13.12 52.27 37.24
C HIS XB 27 14.53 52.70 36.91
N LEU XB 28 15.51 51.88 37.29
CA LEU XB 28 16.90 52.26 37.09
C LEU XB 28 17.27 52.25 35.61
N GLN XB 29 16.77 51.28 34.87
CA GLN XB 29 17.12 51.11 33.47
C GLN XB 29 16.35 52.04 32.53
N LYS XB 30 15.20 52.57 32.97
CA LYS XB 30 14.43 53.50 32.18
C LYS XB 30 14.53 54.94 32.69
N SER XB 31 15.08 55.15 33.89
CA SER XB 31 15.18 56.46 34.50
C SER XB 31 13.82 57.13 34.64
N THR XB 32 12.80 56.33 34.96
CA THR XB 32 11.44 56.84 35.10
C THR XB 32 10.77 56.19 36.29
N CYS XB 33 10.12 56.99 37.13
CA CYS XB 33 9.36 56.45 38.25
C CYS XB 33 8.06 55.86 37.75
N GLY XB 34 7.75 54.66 38.22
CA GLY XB 34 6.52 54.00 37.87
C GLY XB 34 5.30 54.47 38.63
N LYS XB 35 5.48 55.36 39.60
CA LYS XB 35 4.37 55.92 40.36
C LYS XB 35 4.09 57.37 40.01
N CYS XB 36 5.12 58.21 39.94
CA CYS XB 36 4.94 59.63 39.64
C CYS XB 36 5.46 60.03 38.27
N GLY XB 37 6.25 59.18 37.61
CA GLY XB 37 6.87 59.56 36.36
C GLY XB 37 7.78 60.76 36.54
N TYR XB 38 8.85 60.60 37.31
CA TYR XB 38 9.60 61.75 37.82
C TYR XB 38 10.20 62.63 36.73
N PRO XB 39 10.92 62.12 35.72
CA PRO XB 39 11.51 63.06 34.74
C PRO XB 39 10.48 63.87 33.98
N ALA XB 40 9.24 63.41 33.92
CA ALA XB 40 8.17 64.22 33.36
C ALA XB 40 7.82 65.36 34.30
N LYS XB 41 7.47 66.52 33.73
CA LYS XB 41 7.13 67.67 34.55
C LYS XB 41 5.86 67.43 35.36
N ARG XB 42 4.87 66.76 34.76
CA ARG XB 42 3.59 66.56 35.42
C ARG XB 42 3.57 65.24 36.16
N LYS XB 43 2.87 65.23 37.30
CA LYS XB 43 2.73 64.03 38.10
C LYS XB 43 1.86 63.00 37.40
N ARG XB 44 2.29 61.74 37.46
CA ARG XB 44 1.53 60.64 36.88
C ARG XB 44 0.31 60.37 37.75
N LYS XB 45 -0.88 60.69 37.23
CA LYS XB 45 -2.11 60.52 37.96
C LYS XB 45 -3.19 60.03 37.02
N TYR XB 46 -3.98 59.06 37.48
CA TYR XB 46 -4.99 58.43 36.65
C TYR XB 46 -6.30 58.32 37.40
N ASN XB 47 -7.39 58.55 36.68
CA ASN XB 47 -8.72 58.51 37.26
C ASN XB 47 -9.25 57.10 37.44
N TRP XB 48 -8.64 56.10 36.80
CA TRP XB 48 -9.12 54.74 37.02
C TRP XB 48 -8.73 54.21 38.40
N SER XB 49 -7.79 54.84 39.09
CA SER XB 49 -7.46 54.46 40.45
C SER XB 49 -7.76 55.65 41.35
N ALA XB 50 -8.96 55.68 41.91
CA ALA XB 50 -9.31 56.72 42.87
C ALA XB 50 -8.66 56.46 44.22
N LYS XB 51 -8.35 55.20 44.52
CA LYS XB 51 -7.69 54.88 45.78
C LYS XB 51 -6.24 55.38 45.78
N ALA XB 52 -5.55 55.27 44.65
CA ALA XB 52 -4.19 55.79 44.59
C ALA XB 52 -4.18 57.31 44.60
N LYS XB 53 -5.25 57.93 44.11
CA LYS XB 53 -5.34 59.39 44.13
C LYS XB 53 -5.46 59.91 45.56
N ARG XB 54 -6.22 59.21 46.40
CA ARG XB 54 -6.35 59.65 47.78
C ARG XB 54 -5.09 59.39 48.59
N ARG XB 55 -4.17 58.59 48.06
CA ARG XB 55 -2.94 58.27 48.79
C ARG XB 55 -1.88 59.35 48.64
N ASN XB 56 -2.05 60.26 47.67
CA ASN XB 56 -1.00 61.23 47.38
C ASN XB 56 -1.54 62.62 47.12
N THR XB 57 -2.83 62.87 47.37
CA THR XB 57 -3.43 64.16 47.08
C THR XB 57 -3.04 65.18 48.15
N THR XB 58 -3.49 66.41 47.96
CA THR XB 58 -3.26 67.45 48.95
C THR XB 58 -3.96 67.11 50.26
N GLY XB 59 -3.26 67.31 51.36
CA GLY XB 59 -3.77 66.99 52.67
C GLY XB 59 -3.24 65.69 53.24
N THR XB 60 -2.72 64.80 52.39
CA THR XB 60 -2.11 63.57 52.88
C THR XB 60 -0.72 63.80 53.46
N GLY XB 61 -0.13 64.96 53.21
CA GLY XB 61 1.18 65.25 53.72
C GLY XB 61 1.16 66.33 54.77
N ARG XB 62 2.05 67.31 54.64
CA ARG XB 62 2.23 68.32 55.67
C ARG XB 62 1.44 69.60 55.43
N MET XB 63 1.39 70.06 54.18
CA MET XB 63 0.74 71.33 53.81
C MET XB 63 1.33 72.49 54.60
N ARG XB 64 2.66 72.64 54.50
CA ARG XB 64 3.35 73.69 55.25
C ARG XB 64 2.88 75.08 54.86
N HIS XB 65 2.66 75.30 53.58
CA HIS XB 65 2.25 76.60 53.09
C HIS XB 65 0.73 76.77 53.10
N LEU XB 66 0.00 75.70 52.81
CA LEU XB 66 -1.46 75.82 52.68
C LEU XB 66 -2.13 76.02 54.03
N LYS XB 67 -1.56 75.46 55.10
CA LYS XB 67 -2.11 75.72 56.44
C LYS XB 67 -2.02 77.19 56.78
N ILE XB 68 -0.91 77.84 56.41
CA ILE XB 68 -0.77 79.27 56.67
C ILE XB 68 -1.72 80.07 55.78
N VAL XB 69 -1.91 79.62 54.54
CA VAL XB 69 -2.82 80.32 53.62
C VAL XB 69 -4.25 80.24 54.13
N TYR XB 70 -4.66 79.08 54.66
CA TYR XB 70 -6.01 78.93 55.18
C TYR XB 70 -6.26 79.85 56.36
N ARG XB 71 -5.26 80.01 57.23
CA ARG XB 71 -5.41 80.91 58.37
C ARG XB 71 -5.35 82.37 57.93
N ARG XB 72 -4.47 82.69 56.98
CA ARG XB 72 -4.31 84.06 56.52
C ARG XB 72 -5.52 84.55 55.74
N PHE XB 73 -6.27 83.63 55.14
CA PHE XB 73 -7.43 84.03 54.35
C PHE XB 73 -8.51 84.64 55.21
N ARG XB 74 -8.63 84.19 56.46
CA ARG XB 74 -9.70 84.66 57.33
C ARG XB 74 -9.53 86.11 57.76
N HIS XB 75 -8.39 86.73 57.48
CA HIS XB 75 -8.16 88.13 57.78
C HIS XB 75 -7.83 88.94 56.53
N GLY XB 76 -8.15 88.42 55.35
CA GLY XB 76 -7.92 89.16 54.13
C GLY XB 76 -6.49 89.28 53.70
N PHE XB 77 -5.63 88.34 54.13
CA PHE XB 77 -4.21 88.33 53.78
C PHE XB 77 -3.53 89.64 54.13
N ARG XB 78 -3.80 90.12 55.35
CA ARG XB 78 -3.23 91.38 55.81
C ARG XB 78 -1.71 91.27 55.93
N GLU XB 79 -1.04 92.39 55.71
CA GLU XB 79 0.42 92.41 55.73
C GLU XB 79 0.90 93.78 56.15
N GLY XB 80 2.14 93.82 56.63
CA GLY XB 80 2.74 95.07 57.05
C GLY XB 80 2.13 95.68 58.29
N THR XB 81 1.37 94.90 59.05
CA THR XB 81 0.67 95.41 60.24
C THR XB 81 0.99 94.54 61.43
N THR XB 82 0.89 95.13 62.60
CA THR XB 82 1.10 94.47 63.88
C THR XB 82 -0.06 94.80 64.80
N PRO XB 83 -0.33 93.95 65.79
CA PRO XB 83 -1.35 94.31 66.79
C PRO XB 83 -0.93 95.55 67.56
N LYS XB 84 -1.91 96.30 68.01
CA LYS XB 84 -1.67 97.54 68.73
C LYS XB 84 -0.86 97.26 70.00
N PRO XB 85 0.38 97.72 70.08
CA PRO XB 85 1.23 97.35 71.22
C PRO XB 85 0.71 97.87 72.55
N LYS XB 86 0.92 97.09 73.59
CA LYS XB 86 0.48 97.43 74.93
C LYS XB 86 1.25 98.63 75.48
N PRO YB 1 65.27 55.72 50.54
CA PRO YB 1 66.57 55.98 51.16
C PRO YB 1 67.68 56.12 50.15
N ARG YB 2 68.69 56.91 50.48
CA ARG YB 2 69.84 57.11 49.62
C ARG YB 2 71.11 56.72 50.37
N LYS YB 3 72.04 56.12 49.66
CA LYS YB 3 73.33 55.73 50.22
C LYS YB 3 74.38 56.74 49.81
N ILE YB 4 75.20 57.16 50.77
CA ILE YB 4 76.27 58.13 50.54
C ILE YB 4 77.58 57.37 50.57
N GLU YB 5 78.38 57.53 49.52
CA GLU YB 5 79.56 56.68 49.35
C GLU YB 5 80.73 57.14 50.20
N GLU YB 6 81.06 58.43 50.18
CA GLU YB 6 82.23 58.93 50.87
C GLU YB 6 81.82 59.91 51.97
N ILE YB 7 82.82 60.53 52.59
CA ILE YB 7 82.59 61.25 53.84
C ILE YB 7 82.14 62.69 53.60
N LYS YB 8 82.88 63.44 52.79
CA LYS YB 8 82.67 64.89 52.75
C LYS YB 8 81.34 65.27 52.11
N ASP YB 9 80.76 64.42 51.26
CA ASP YB 9 79.44 64.71 50.73
C ASP YB 9 78.33 64.34 51.71
N PHE YB 10 78.65 63.56 52.75
CA PHE YB 10 77.73 63.37 53.85
C PHE YB 10 77.70 64.57 54.79
N LEU YB 11 78.81 65.33 54.85
CA LEU YB 11 78.88 66.44 55.79
C LEU YB 11 77.93 67.56 55.42
N LEU YB 12 77.83 67.91 54.13
CA LEU YB 12 76.96 69.03 53.79
C LEU YB 12 75.49 68.64 53.81
N THR YB 13 75.16 67.37 53.54
CA THR YB 13 73.80 66.92 53.76
C THR YB 13 73.46 66.90 55.25
N ALA YB 14 74.44 66.61 56.10
CA ALA YB 14 74.23 66.70 57.54
C ALA YB 14 73.96 68.14 57.97
N ARG YB 15 74.71 69.08 57.41
CA ARG YB 15 74.51 70.48 57.76
C ARG YB 15 73.42 71.17 56.95
N ARG YB 16 72.70 70.41 56.13
CA ARG YB 16 71.59 70.96 55.36
C ARG YB 16 70.48 71.42 56.29
N LYS YB 17 69.71 72.41 55.83
CA LYS YB 17 68.72 73.04 56.68
C LYS YB 17 67.58 72.09 57.02
N ASP YB 18 67.20 71.23 56.08
CA ASP YB 18 66.09 70.30 56.29
C ASP YB 18 66.51 69.04 57.03
N ALA YB 19 67.75 68.96 57.50
CA ALA YB 19 68.21 67.81 58.26
C ALA YB 19 67.62 67.85 59.66
N LYS YB 20 66.82 66.85 60.01
CA LYS YB 20 66.16 66.84 61.30
C LYS YB 20 67.04 66.24 62.39
N SER YB 21 67.72 65.13 62.10
CA SER YB 21 68.47 64.42 63.12
C SER YB 21 69.50 63.52 62.44
N VAL YB 22 70.48 63.09 63.23
CA VAL YB 22 71.49 62.12 62.81
C VAL YB 22 71.44 60.95 63.77
N LYS YB 23 71.38 59.74 63.22
CA LYS YB 23 71.34 58.52 64.01
C LYS YB 23 72.59 57.70 63.72
N ILE YB 24 73.26 57.25 64.78
CA ILE YB 24 74.47 56.45 64.64
C ILE YB 24 74.15 55.04 65.11
N LYS YB 25 74.29 54.08 64.20
CA LYS YB 25 74.02 52.68 64.47
C LYS YB 25 75.32 51.89 64.40
N LYS YB 26 75.62 51.15 65.46
CA LYS YB 26 76.83 50.34 65.52
C LYS YB 26 76.47 48.88 65.24
N ASN YB 27 77.22 48.27 64.33
CA ASN YB 27 77.04 46.86 64.00
C ASN YB 27 78.32 46.10 64.35
N LYS YB 28 78.35 44.82 63.99
CA LYS YB 28 79.53 44.00 64.26
C LYS YB 28 80.72 44.44 63.44
N ASP YB 29 80.49 45.04 62.26
CA ASP YB 29 81.59 45.30 61.35
C ASP YB 29 81.52 46.66 60.66
N ASN YB 30 80.56 47.51 61.00
CA ASN YB 30 80.52 48.86 60.43
C ASN YB 30 79.70 49.75 61.34
N VAL YB 31 79.75 51.05 61.06
CA VAL YB 31 78.97 52.07 61.75
C VAL YB 31 78.25 52.90 60.71
N LYS YB 32 76.93 53.04 60.86
CA LYS YB 32 76.10 53.72 59.88
C LYS YB 32 75.61 55.04 60.45
N PHE YB 33 75.84 56.12 59.71
CA PHE YB 33 75.34 57.44 60.06
C PHE YB 33 74.15 57.74 59.17
N LYS YB 34 73.01 58.04 59.77
CA LYS YB 34 71.77 58.26 59.04
C LYS YB 34 71.22 59.64 59.37
N VAL YB 35 71.37 60.57 58.43
CA VAL YB 35 70.76 61.88 58.59
C VAL YB 35 69.39 61.87 57.93
N ARG YB 36 68.38 62.31 58.67
CA ARG YB 36 67.00 62.30 58.20
C ARG YB 36 66.71 63.65 57.58
N CYS YB 37 66.77 63.72 56.25
CA CYS YB 37 66.42 64.93 55.53
C CYS YB 37 64.92 64.95 55.27
N SER YB 38 64.46 65.91 54.48
CA SER YB 38 63.02 66.04 54.25
C SER YB 38 62.50 64.90 53.38
N ARG YB 39 63.22 64.57 52.31
CA ARG YB 39 62.78 63.55 51.37
C ARG YB 39 63.37 62.18 51.67
N TYR YB 40 64.69 62.09 51.84
CA TYR YB 40 65.36 60.82 52.00
C TYR YB 40 66.01 60.70 53.37
N LEU YB 41 66.53 59.52 53.62
CA LEU YB 41 67.34 59.22 54.80
C LEU YB 41 68.70 58.74 54.29
N TYR YB 42 69.70 59.60 54.41
CA TYR YB 42 71.01 59.36 53.83
C TYR YB 42 71.84 58.55 54.79
N THR YB 43 72.26 57.36 54.36
CA THR YB 43 73.07 56.47 55.18
C THR YB 43 74.49 56.43 54.64
N LEU YB 44 75.46 56.73 55.49
CA LEU YB 44 76.87 56.62 55.18
C LEU YB 44 77.48 55.53 56.05
N VAL YB 45 78.14 54.57 55.41
CA VAL YB 45 78.64 53.38 56.09
C VAL YB 45 80.16 53.46 56.14
N ILE YB 46 80.72 53.36 57.34
CA ILE YB 46 82.16 53.32 57.56
C ILE YB 46 82.48 52.02 58.28
N THR YB 47 83.37 51.22 57.72
CA THR YB 47 83.77 49.98 58.36
C THR YB 47 84.82 50.17 59.43
N ASP YB 48 85.61 51.24 59.35
CA ASP YB 48 86.65 51.52 60.34
C ASP YB 48 86.02 52.20 61.55
N LYS YB 49 86.33 51.67 62.73
CA LYS YB 49 85.72 52.21 63.95
C LYS YB 49 86.28 53.57 64.30
N GLU YB 50 87.59 53.78 64.15
CA GLU YB 50 88.18 55.05 64.54
C GLU YB 50 87.78 56.17 63.58
N LYS YB 51 87.55 55.83 62.30
CA LYS YB 51 87.02 56.84 61.37
C LYS YB 51 85.65 57.31 61.81
N ALA YB 52 84.80 56.39 62.26
CA ALA YB 52 83.49 56.78 62.77
C ALA YB 52 83.62 57.57 64.07
N GLU YB 53 84.65 57.27 64.87
CA GLU YB 53 84.90 58.04 66.09
C GLU YB 53 85.21 59.50 65.76
N LYS YB 54 86.03 59.72 64.74
CA LYS YB 54 86.37 61.08 64.33
C LYS YB 54 85.17 61.80 63.72
N LEU YB 55 84.41 61.09 62.88
CA LEU YB 55 83.24 61.69 62.25
C LEU YB 55 82.16 62.05 63.27
N LYS YB 56 82.05 61.26 64.34
CA LYS YB 56 81.04 61.53 65.36
C LYS YB 56 81.28 62.87 66.03
N GLN YB 57 82.55 63.21 66.28
CA GLN YB 57 82.88 64.49 66.89
C GLN YB 57 82.92 65.62 65.88
N SER YB 58 82.88 65.33 64.59
CA SER YB 58 82.92 66.35 63.56
C SER YB 58 81.54 66.78 63.08
N LEU YB 59 80.47 66.28 63.69
CA LEU YB 59 79.13 66.62 63.26
C LEU YB 59 78.81 68.08 63.57
N PRO YB 60 77.95 68.71 62.77
CA PRO YB 60 77.60 70.11 63.04
C PRO YB 60 76.82 70.24 64.33
N PRO YB 61 76.95 71.36 65.03
CA PRO YB 61 76.19 71.57 66.26
C PRO YB 61 74.73 71.90 65.95
N GLY YB 62 73.91 71.82 66.99
CA GLY YB 62 72.50 72.11 66.86
C GLY YB 62 71.68 71.02 66.21
N LEU YB 63 72.26 69.86 65.96
CA LEU YB 63 71.57 68.74 65.33
C LEU YB 63 71.58 67.55 66.29
N ALA YB 64 70.50 66.77 66.26
CA ALA YB 64 70.41 65.60 67.13
C ALA YB 64 71.44 64.55 66.73
N VAL YB 65 72.10 63.98 67.74
CA VAL YB 65 73.17 63.02 67.53
C VAL YB 65 72.78 61.72 68.23
N LYS YB 66 71.48 61.42 68.23
CA LYS YB 66 70.96 60.29 68.98
C LYS YB 66 71.63 58.98 68.57
N GLU YB 67 72.11 58.25 69.57
CA GLU YB 67 72.75 56.96 69.36
C GLU YB 67 71.77 55.84 69.74
N LEU YB 68 71.81 54.75 68.99
CA LEU YB 68 70.71 53.79 68.98
C LEU YB 68 70.83 52.70 70.04
N LYS YB 69 71.87 52.72 70.87
CA LYS YB 69 72.03 51.67 71.86
C LYS YB 69 72.09 52.24 73.28
N SER ZB 1 25.21 45.91 50.74
CA SER ZB 1 26.60 45.57 50.51
C SER ZB 1 27.51 46.51 51.27
N SER ZB 2 28.81 46.29 51.16
CA SER ZB 2 29.77 47.24 51.74
C SER ZB 2 29.77 48.55 50.96
N HIS ZB 3 29.70 48.47 49.65
CA HIS ZB 3 29.60 49.65 48.79
C HIS ZB 3 28.16 50.16 48.84
N LYS ZB 4 27.97 51.31 49.47
CA LYS ZB 4 26.67 51.95 49.50
C LYS ZB 4 26.83 53.43 49.19
N THR ZB 5 25.74 54.03 48.71
CA THR ZB 5 25.72 55.45 48.46
C THR ZB 5 25.37 56.19 49.75
N PHE ZB 6 25.53 57.51 49.72
CA PHE ZB 6 25.21 58.32 50.89
C PHE ZB 6 23.71 58.31 51.17
N ARG ZB 7 22.90 58.35 50.10
CA ARG ZB 7 21.45 58.36 50.30
C ARG ZB 7 20.96 57.05 50.90
N ILE ZB 8 21.52 55.93 50.47
CA ILE ZB 8 21.12 54.64 51.02
C ILE ZB 8 21.56 54.53 52.48
N LYS ZB 9 22.80 54.93 52.77
CA LYS ZB 9 23.29 54.85 54.14
C LYS ZB 9 22.50 55.75 55.08
N ARG ZB 10 22.15 56.95 54.61
CA ARG ZB 10 21.35 57.86 55.41
C ARG ZB 10 19.96 57.29 55.67
N PHE ZB 11 19.41 56.57 54.69
CA PHE ZB 11 18.11 55.92 54.87
C PHE ZB 11 18.20 54.82 55.90
N LEU ZB 12 19.27 54.02 55.86
CA LEU ZB 12 19.43 52.93 56.81
C LEU ZB 12 19.67 53.44 58.21
N ALA ZB 13 20.21 54.66 58.34
CA ALA ZB 13 20.45 55.23 59.65
C ALA ZB 13 19.14 55.57 60.35
N LYS ZB 14 18.20 56.16 59.62
CA LYS ZB 14 16.92 56.51 60.23
C LYS ZB 14 16.14 55.26 60.65
N LYS ZB 15 16.11 54.25 59.79
CA LYS ZB 15 15.43 53.02 60.13
C LYS ZB 15 16.07 52.33 61.32
N GLN ZB 16 17.37 52.53 61.51
CA GLN ZB 16 18.06 51.99 62.67
C GLN ZB 16 17.64 52.72 63.94
N LYS ZB 17 17.51 54.05 63.88
CA LYS ZB 17 17.28 54.84 65.08
C LYS ZB 17 15.85 54.67 65.59
N GLN ZB 18 14.89 54.51 64.69
CA GLN ZB 18 13.50 54.35 65.10
C GLN ZB 18 13.15 52.91 65.45
N ASN ZB 19 14.11 51.99 65.38
CA ASN ZB 19 13.89 50.60 65.77
C ASN ZB 19 14.38 50.39 67.19
N ARG ZB 20 13.71 51.04 68.12
CA ARG ZB 20 14.06 50.99 69.54
C ARG ZB 20 12.77 50.97 70.36
N PRO ZB 21 12.81 50.41 71.56
CA PRO ZB 21 11.57 50.32 72.36
C PRO ZB 21 11.11 51.67 72.86
N ILE ZB 22 9.85 51.71 73.29
CA ILE ZB 22 9.29 52.92 73.88
C ILE ZB 22 9.95 53.15 75.23
N PRO ZB 23 10.11 54.39 75.67
CA PRO ZB 23 10.62 54.62 77.02
C PRO ZB 23 9.61 54.18 78.07
N GLN ZB 24 10.14 53.81 79.24
CA GLN ZB 24 9.27 53.31 80.31
C GLN ZB 24 8.32 54.40 80.80
N TRP ZB 25 8.81 55.64 80.89
CA TRP ZB 25 8.01 56.72 81.45
C TRP ZB 25 6.84 57.12 80.56
N ILE ZB 26 6.79 56.64 79.32
CA ILE ZB 26 5.65 56.91 78.45
C ILE ZB 26 4.38 56.29 79.03
N ARG ZB 27 4.49 55.07 79.56
CA ARG ZB 27 3.33 54.35 80.04
C ARG ZB 27 2.66 55.01 81.23
N MET ZB 28 3.35 55.92 81.92
CA MET ZB 28 2.78 56.61 83.06
C MET ZB 28 2.07 57.90 82.67
N LYS ZB 29 2.10 58.30 81.41
CA LYS ZB 29 1.40 59.50 80.98
C LYS ZB 29 -0.11 59.30 81.04
N THR ZB 30 -0.82 60.37 81.36
CA THR ZB 30 -2.27 60.30 81.43
C THR ZB 30 -2.86 60.16 80.05
N GLY ZB 31 -3.81 59.24 79.90
CA GLY ZB 31 -4.38 58.95 78.60
C GLY ZB 31 -3.37 58.36 77.64
N ASN ZB 32 -2.57 57.40 78.08
CA ASN ZB 32 -1.47 56.89 77.27
C ASN ZB 32 -1.95 55.91 76.22
N LYS ZB 33 -2.51 54.78 76.65
CA LYS ZB 33 -3.09 53.76 75.78
C LYS ZB 33 -2.08 53.13 74.82
N ILE ZB 34 -0.78 53.29 75.07
CA ILE ZB 34 0.26 52.69 74.25
C ILE ZB 34 1.01 51.69 75.11
N ARG ZB 35 1.06 50.44 74.66
CA ARG ZB 35 1.70 49.40 75.46
C ARG ZB 35 3.15 49.19 75.08
N TYR ZB 36 3.44 49.03 73.79
CA TYR ZB 36 4.80 48.79 73.32
C TYR ZB 36 4.97 49.51 71.98
N ASN ZB 37 6.13 49.30 71.35
CA ASN ZB 37 6.38 49.83 70.02
C ASN ZB 37 5.94 48.79 69.01
N SER ZB 38 4.78 49.02 68.38
CA SER ZB 38 4.22 48.08 67.44
C SER ZB 38 4.85 48.17 66.06
N LYS ZB 39 5.71 49.16 65.82
CA LYS ZB 39 6.40 49.32 64.56
C LYS ZB 39 7.82 48.77 64.60
N ARG ZB 40 8.11 47.88 65.55
CA ARG ZB 40 9.42 47.26 65.61
C ARG ZB 40 9.66 46.39 64.39
N ARG ZB 41 10.91 46.32 63.97
CA ARG ZB 41 11.28 45.56 62.79
C ARG ZB 41 12.59 44.83 63.05
N HIS ZB 42 12.57 43.52 62.92
CA HIS ZB 42 13.78 42.72 63.02
C HIS ZB 42 14.35 42.50 61.62
N TRP ZB 43 15.68 42.45 61.53
CA TRP ZB 43 16.32 42.38 60.22
C TRP ZB 43 16.01 41.09 59.50
N ARG ZB 44 15.70 40.02 60.24
CA ARG ZB 44 15.43 38.72 59.62
C ARG ZB 44 13.95 38.49 59.36
N ARG ZB 45 13.08 38.93 60.27
CA ARG ZB 45 11.66 38.64 60.13
C ARG ZB 45 11.06 39.35 58.93
N THR ZB 46 11.32 40.64 58.79
CA THR ZB 46 10.78 41.42 57.69
C THR ZB 46 11.88 42.33 57.12
N LYS ZB 47 11.86 42.50 55.81
CA LYS ZB 47 12.89 43.26 55.12
C LYS ZB 47 12.44 44.70 54.89
N LEU ZB 48 13.43 45.58 54.71
CA LEU ZB 48 13.15 46.98 54.46
C LEU ZB 48 12.60 47.16 53.05
N GLY ZB 49 12.01 48.34 52.83
CA GLY ZB 49 11.36 48.60 51.56
C GLY ZB 49 12.33 48.61 50.39
N LEU ZB 50 13.49 49.23 50.57
CA LEU ZB 50 14.44 49.43 49.48
C LEU ZB 50 15.02 48.09 49.05
N ILE AC 1 -16.32 -71.79 30.28
CA ILE AC 1 -16.93 -72.95 29.66
C ILE AC 1 -18.18 -73.35 30.44
N ILE AC 2 -18.99 -72.36 30.79
CA ILE AC 2 -20.19 -72.59 31.58
C ILE AC 2 -21.16 -73.45 30.79
N GLU AC 3 -21.54 -74.59 31.34
CA GLU AC 3 -22.53 -75.44 30.70
C GLU AC 3 -23.90 -74.76 30.72
N PRO AC 4 -24.74 -75.00 29.71
CA PRO AC 4 -25.89 -74.10 29.47
C PRO AC 4 -26.88 -74.00 30.62
N SER AC 5 -27.11 -75.08 31.38
CA SER AC 5 -28.08 -74.99 32.46
C SER AC 5 -27.58 -74.16 33.63
N LEU AC 6 -26.28 -73.89 33.71
CA LEU AC 6 -25.74 -72.89 34.63
C LEU AC 6 -25.60 -71.52 33.97
N ARG AC 7 -25.43 -71.49 32.65
CA ARG AC 7 -25.34 -70.21 31.94
C ARG AC 7 -26.65 -69.46 32.00
N GLN AC 8 -27.78 -70.18 31.90
CA GLN AC 8 -29.08 -69.54 32.00
C GLN AC 8 -29.30 -68.94 33.39
N LEU AC 9 -28.85 -69.65 34.43
CA LEU AC 9 -28.98 -69.13 35.78
C LEU AC 9 -28.19 -67.84 35.96
N ALA AC 10 -26.96 -67.79 35.42
CA ALA AC 10 -26.17 -66.58 35.50
C ALA AC 10 -26.81 -65.44 34.71
N GLN AC 11 -27.35 -65.74 33.54
CA GLN AC 11 -27.97 -64.72 32.71
C GLN AC 11 -29.28 -64.22 33.28
N LYS AC 12 -29.90 -64.98 34.20
CA LYS AC 12 -31.12 -64.51 34.85
C LYS AC 12 -30.87 -63.25 35.65
N TYR AC 13 -29.73 -63.19 36.35
CA TYR AC 13 -29.40 -62.03 37.17
C TYR AC 13 -28.53 -61.02 36.45
N ASN AC 14 -28.09 -61.32 35.23
CA ASN AC 14 -27.15 -60.45 34.52
C ASN AC 14 -27.70 -59.87 33.22
N CYS AC 15 -28.48 -60.63 32.48
CA CYS AC 15 -28.82 -60.26 31.11
C CYS AC 15 -30.30 -60.16 30.82
N ASP AC 16 -31.14 -60.99 31.44
CA ASP AC 16 -32.56 -61.06 31.10
C ASP AC 16 -33.31 -60.03 31.92
N LYS AC 17 -33.18 -58.77 31.50
CA LYS AC 17 -33.69 -57.64 32.27
C LYS AC 17 -34.08 -56.52 31.32
N MET AC 18 -34.81 -55.55 31.87
CA MET AC 18 -35.23 -54.37 31.14
C MET AC 18 -34.37 -53.17 31.55
N ILE AC 19 -34.25 -52.21 30.65
CA ILE AC 19 -33.45 -51.01 30.89
C ILE AC 19 -34.30 -49.79 30.60
N CYS AC 20 -34.32 -48.84 31.51
CA CYS AC 20 -35.01 -47.59 31.29
C CYS AC 20 -34.30 -46.77 30.22
N ARG AC 21 -35.06 -46.14 29.33
CA ARG AC 21 -34.45 -45.30 28.30
C ARG AC 21 -34.11 -43.91 28.81
N LYS AC 22 -34.65 -43.50 29.96
CA LYS AC 22 -34.39 -42.17 30.50
C LYS AC 22 -33.35 -42.17 31.60
N CYS AC 23 -33.21 -43.25 32.37
CA CYS AC 23 -32.25 -43.28 33.46
C CYS AC 23 -31.48 -44.59 33.54
N TYR AC 24 -31.58 -45.45 32.54
CA TYR AC 24 -30.78 -46.66 32.37
C TYR AC 24 -30.97 -47.69 33.48
N ALA AC 25 -32.01 -47.53 34.30
CA ALA AC 25 -32.16 -48.38 35.48
C ALA AC 25 -32.38 -49.84 35.08
N ARG AC 26 -31.74 -50.73 35.83
CA ARG AC 26 -31.88 -52.16 35.62
C ARG AC 26 -33.18 -52.63 36.28
N LEU AC 27 -34.06 -53.22 35.48
CA LEU AC 27 -35.40 -53.59 35.92
C LEU AC 27 -35.64 -55.06 35.63
N HIS AC 28 -36.63 -55.63 36.33
CA HIS AC 28 -36.99 -57.01 36.08
C HIS AC 28 -37.56 -57.16 34.67
N PRO AC 29 -37.46 -58.35 34.07
CA PRO AC 29 -37.86 -58.48 32.66
C PRO AC 29 -39.31 -58.19 32.37
N ARG AC 30 -40.20 -58.29 33.36
CA ARG AC 30 -41.61 -58.02 33.15
C ARG AC 30 -42.00 -56.60 33.54
N ALA AC 31 -41.03 -55.70 33.61
CA ALA AC 31 -41.30 -54.33 34.03
C ALA AC 31 -42.06 -53.57 32.95
N VAL AC 32 -43.04 -52.79 33.37
CA VAL AC 32 -43.77 -51.92 32.48
C VAL AC 32 -43.42 -50.44 32.71
N ASN AC 33 -43.19 -50.05 33.96
CA ASN AC 33 -42.77 -48.69 34.30
C ASN AC 33 -41.51 -48.77 35.13
N CYS AC 34 -40.62 -47.79 34.94
CA CYS AC 34 -39.42 -47.72 35.76
C CYS AC 34 -39.80 -47.41 37.20
N ARG AC 35 -39.07 -47.98 38.14
CA ARG AC 35 -39.36 -47.85 39.54
C ARG AC 35 -38.74 -46.61 40.17
N LYS AC 36 -38.01 -45.82 39.40
CA LYS AC 36 -37.17 -44.77 39.97
C LYS AC 36 -37.79 -43.40 39.78
N LYS AC 37 -37.74 -42.60 40.84
CA LYS AC 37 -38.40 -41.30 40.86
C LYS AC 37 -37.78 -40.31 39.89
N LYS AC 38 -36.46 -40.40 39.68
CA LYS AC 38 -35.76 -39.37 38.92
C LYS AC 38 -36.15 -39.34 37.45
N CYS AC 39 -36.70 -40.43 36.91
CA CYS AC 39 -37.16 -40.45 35.54
C CYS AC 39 -38.66 -40.30 35.41
N GLY AC 40 -39.36 -40.05 36.52
CA GLY AC 40 -40.80 -39.89 36.47
C GLY AC 40 -41.57 -41.17 36.28
N HIS AC 41 -40.96 -42.32 36.59
CA HIS AC 41 -41.59 -43.63 36.44
C HIS AC 41 -42.06 -43.85 35.01
N THR AC 42 -41.20 -43.52 34.05
CA THR AC 42 -41.56 -43.60 32.64
C THR AC 42 -41.77 -45.05 32.22
N ASN AC 43 -42.61 -45.25 31.21
CA ASN AC 43 -42.85 -46.56 30.62
C ASN AC 43 -42.06 -46.74 29.33
N ASN AC 44 -40.99 -45.97 29.13
CA ASN AC 44 -40.13 -46.11 27.96
C ASN AC 44 -38.99 -47.03 28.33
N LEU AC 45 -39.21 -48.33 28.14
CA LEU AC 45 -38.22 -49.34 28.49
C LEU AC 45 -37.81 -50.12 27.25
N ARG AC 46 -36.61 -50.70 27.30
CA ARG AC 46 -36.08 -51.51 26.22
C ARG AC 46 -35.36 -52.70 26.84
N PRO AC 47 -35.32 -53.84 26.13
CA PRO AC 47 -34.60 -54.99 26.67
C PRO AC 47 -33.10 -54.70 26.75
N LYS AC 48 -32.47 -55.30 27.76
CA LYS AC 48 -31.01 -55.25 27.83
C LYS AC 48 -30.42 -56.03 26.68
N LYS AC 49 -29.48 -55.40 25.96
CA LYS AC 49 -28.96 -56.00 24.75
C LYS AC 49 -28.07 -57.19 25.06
N LYS AC 50 -27.99 -58.11 24.11
CA LYS AC 50 -27.23 -59.34 24.25
C LYS AC 50 -25.86 -59.19 23.63
N VAL AC 51 -24.94 -60.07 24.05
CA VAL AC 51 -23.58 -60.07 23.51
C VAL AC 51 -23.48 -60.71 22.14
N LYS AC 52 -24.60 -61.13 21.56
CA LYS AC 52 -24.60 -61.81 20.27
C LYS AC 52 -24.43 -60.81 19.14
N MET BC 1 21.16 -11.78 -33.01
CA MET BC 1 21.35 -10.41 -32.55
C MET BC 1 22.64 -9.82 -33.08
N ARG BC 2 22.59 -8.53 -33.41
CA ARG BC 2 23.80 -7.80 -33.73
C ARG BC 2 24.70 -7.77 -32.50
N ALA BC 3 25.99 -8.04 -32.72
CA ALA BC 3 26.90 -8.28 -31.60
C ALA BC 3 27.03 -7.06 -30.69
N LYS BC 4 26.89 -5.86 -31.24
CA LYS BC 4 26.94 -4.67 -30.39
C LYS BC 4 25.76 -4.62 -29.43
N TRP BC 5 24.57 -4.96 -29.91
CA TRP BC 5 23.40 -4.95 -29.05
C TRP BC 5 23.40 -6.11 -28.07
N ARG BC 6 23.96 -7.25 -28.47
CA ARG BC 6 24.15 -8.35 -27.53
C ARG BC 6 25.12 -7.94 -26.42
N LYS BC 7 26.14 -7.17 -26.78
CA LYS BC 7 27.06 -6.62 -25.78
C LYS BC 7 26.34 -5.67 -24.84
N LYS BC 8 25.47 -4.81 -25.37
CA LYS BC 8 24.74 -3.88 -24.52
C LYS BC 8 23.77 -4.60 -23.61
N ARG BC 9 23.10 -5.63 -24.12
CA ARG BC 9 22.19 -6.42 -23.29
C ARG BC 9 22.94 -7.12 -22.17
N MET BC 10 24.15 -7.60 -22.46
CA MET BC 10 24.98 -8.20 -21.42
C MET BC 10 25.38 -7.18 -20.37
N ARG BC 11 25.61 -5.92 -20.80
CA ARG BC 11 25.96 -4.87 -19.85
C ARG BC 11 24.82 -4.58 -18.89
N ARG BC 12 23.60 -4.49 -19.40
CA ARG BC 12 22.46 -4.23 -18.53
C ARG BC 12 22.21 -5.40 -17.59
N LEU BC 13 22.53 -6.61 -18.04
CA LEU BC 13 22.45 -7.77 -17.16
C LEU BC 13 23.51 -7.69 -16.05
N LYS BC 14 24.72 -7.24 -16.41
CA LYS BC 14 25.78 -7.15 -15.42
C LYS BC 14 25.50 -6.07 -14.39
N ARG BC 15 24.90 -4.95 -14.81
CA ARG BC 15 24.52 -3.91 -13.86
C ARG BC 15 23.44 -4.42 -12.92
N LYS BC 16 22.49 -5.20 -13.43
CA LYS BC 16 21.48 -5.80 -12.57
C LYS BC 16 22.09 -6.77 -11.58
N ARG BC 17 23.06 -7.57 -12.04
CA ARG BC 17 23.70 -8.53 -11.14
C ARG BC 17 24.48 -7.84 -10.04
N ARG BC 18 25.16 -6.75 -10.37
CA ARG BC 18 25.91 -6.01 -9.35
C ARG BC 18 25.00 -5.40 -8.32
N LYS BC 19 23.84 -4.91 -8.75
CA LYS BC 19 22.88 -4.31 -7.82
C LYS BC 19 22.36 -5.35 -6.83
N MET BC 20 22.05 -6.55 -7.33
CA MET BC 20 21.51 -7.60 -6.46
C MET BC 20 22.55 -8.14 -5.50
N ARG BC 21 23.82 -8.15 -5.91
CA ARG BC 21 24.88 -8.60 -5.01
C ARG BC 21 25.15 -7.55 -3.93
N GLN BC 22 25.24 -6.28 -4.32
CA GLN BC 22 25.48 -5.21 -3.36
C GLN BC 22 24.33 -5.09 -2.37
N ARG BC 23 23.12 -5.48 -2.79
CA ARG BC 23 21.97 -5.41 -1.90
C ARG BC 23 22.12 -6.33 -0.70
N SER BC 24 22.69 -7.50 -0.90
CA SER BC 24 22.84 -8.48 0.17
C SER BC 24 24.12 -8.26 0.97
N VAL CC 1 -49.40 28.34 -18.76
CA VAL CC 1 -50.76 28.79 -18.98
C VAL CC 1 -50.80 29.72 -20.17
N ASN CC 2 -52.01 29.97 -20.67
CA ASN CC 2 -52.20 30.81 -21.84
C ASN CC 2 -53.41 31.70 -21.60
N VAL CC 3 -53.27 32.99 -21.86
CA VAL CC 3 -54.40 33.91 -21.75
C VAL CC 3 -54.45 34.76 -23.01
N PRO CC 4 -55.64 35.09 -23.51
CA PRO CC 4 -55.73 35.89 -24.73
C PRO CC 4 -55.27 37.32 -24.50
N LYS CC 5 -54.87 37.97 -25.58
CA LYS CC 5 -54.41 39.35 -25.52
C LYS CC 5 -55.55 40.33 -25.29
N THR CC 6 -56.79 39.89 -25.34
CA THR CC 6 -57.94 40.75 -25.10
C THR CC 6 -59.00 39.98 -24.32
N ARG CC 7 -59.77 40.72 -23.52
CA ARG CC 7 -60.86 40.12 -22.76
C ARG CC 7 -61.84 41.22 -22.38
N ARG CC 8 -63.10 40.84 -22.25
CA ARG CC 8 -64.18 41.79 -21.94
C ARG CC 8 -64.56 41.61 -20.48
N THR CC 9 -63.90 42.36 -19.61
CA THR CC 9 -64.12 42.29 -18.18
C THR CC 9 -64.57 43.66 -17.66
N PHE CC 10 -64.92 43.70 -16.38
CA PHE CC 10 -65.45 44.92 -15.77
C PHE CC 10 -64.42 46.03 -15.75
N CYS CC 11 -64.86 47.24 -16.06
CA CYS CC 11 -64.03 48.44 -15.97
C CYS CC 11 -64.60 49.33 -14.89
N LYS CC 12 -63.77 49.67 -13.90
CA LYS CC 12 -64.24 50.48 -12.78
C LYS CC 12 -64.60 51.90 -13.22
N LYS CC 13 -63.74 52.51 -14.03
CA LYS CC 13 -63.96 53.90 -14.44
C LYS CC 13 -65.22 54.02 -15.30
N CYS CC 14 -65.40 53.12 -16.26
CA CYS CC 14 -66.62 53.13 -17.07
C CYS CC 14 -67.84 52.69 -16.28
N GLY CC 15 -67.65 51.78 -15.33
CA GLY CC 15 -68.75 51.23 -14.57
C GLY CC 15 -69.44 50.04 -15.18
N LYS CC 16 -68.88 49.47 -16.25
CA LYS CC 16 -69.51 48.33 -16.92
C LYS CC 16 -68.42 47.51 -17.61
N HIS CC 17 -68.83 46.37 -18.16
CA HIS CC 17 -67.93 45.50 -18.91
C HIS CC 17 -67.55 46.17 -20.22
N GLN CC 18 -66.26 46.27 -20.48
CA GLN CC 18 -65.69 46.83 -21.69
C GLN CC 18 -64.56 45.93 -22.16
N PRO CC 19 -64.22 45.97 -23.45
CA PRO CC 19 -63.02 45.25 -23.90
C PRO CC 19 -61.77 45.85 -23.28
N HIS CC 20 -60.80 44.99 -23.04
CA HIS CC 20 -59.57 45.35 -22.34
C HIS CC 20 -58.37 44.81 -23.10
N LYS CC 21 -57.35 45.64 -23.25
CA LYS CC 21 -56.06 45.20 -23.75
C LYS CC 21 -55.28 44.56 -22.60
N VAL CC 22 -54.78 43.35 -22.83
CA VAL CC 22 -54.13 42.57 -21.79
C VAL CC 22 -52.63 42.47 -22.09
N THR CC 23 -51.81 42.89 -21.14
CA THR CC 23 -50.37 42.77 -21.20
C THR CC 23 -49.90 42.15 -19.90
N GLN CC 24 -48.60 41.96 -19.76
CA GLN CC 24 -48.02 41.39 -18.54
C GLN CC 24 -47.29 42.49 -17.78
N TYR CC 25 -47.58 42.61 -16.49
CA TYR CC 25 -46.97 43.62 -15.66
C TYR CC 25 -45.53 43.24 -15.34
N LYS CC 26 -44.62 44.19 -15.53
CA LYS CC 26 -43.23 44.02 -15.18
C LYS CC 26 -42.85 45.09 -14.16
N LYS CC 27 -42.06 44.69 -13.17
CA LYS CC 27 -41.67 45.61 -12.10
C LYS CC 27 -40.89 46.78 -12.67
N GLY CC 28 -41.29 47.99 -12.27
CA GLY CC 28 -40.62 49.18 -12.76
C GLY CC 28 -39.28 49.40 -12.09
N LYS CC 29 -38.53 50.33 -12.64
CA LYS CC 29 -37.23 50.67 -12.10
C LYS CC 29 -37.37 51.37 -10.76
N ASP CC 30 -36.40 51.12 -9.88
CA ASP CC 30 -36.39 51.79 -8.58
C ASP CC 30 -36.08 53.27 -8.74
N SER CC 31 -36.73 54.08 -7.90
CA SER CC 31 -36.70 55.53 -8.11
C SER CC 31 -35.39 56.16 -7.67
N LEU CC 32 -34.72 55.58 -6.67
CA LEU CC 32 -33.50 56.08 -6.04
C LEU CC 32 -33.81 57.31 -5.19
N TYR CC 33 -35.05 57.80 -5.26
CA TYR CC 33 -35.51 58.89 -4.43
C TYR CC 33 -36.77 58.53 -3.65
N ALA CC 34 -37.13 57.26 -3.59
CA ALA CC 34 -38.14 56.81 -2.66
C ALA CC 34 -37.63 56.97 -1.24
N GLN CC 35 -38.55 57.19 -0.30
CA GLN CC 35 -38.16 57.51 1.07
C GLN CC 35 -37.36 56.38 1.71
N GLY CC 36 -37.73 55.14 1.43
CA GLY CC 36 -36.97 54.01 1.95
C GLY CC 36 -35.60 53.90 1.32
N LYS CC 37 -35.48 54.24 0.04
CA LYS CC 37 -34.17 54.23 -0.61
C LYS CC 37 -33.29 55.36 -0.08
N ARG CC 38 -33.88 56.53 0.15
CA ARG CC 38 -33.13 57.65 0.72
C ARG CC 38 -32.63 57.30 2.12
N ARG CC 39 -33.48 56.67 2.92
CA ARG CC 39 -33.07 56.25 4.26
C ARG CC 39 -32.00 55.17 4.19
N TYR CC 40 -32.13 54.25 3.25
CA TYR CC 40 -31.15 53.17 3.11
C TYR CC 40 -29.79 53.72 2.69
N ASP CC 41 -29.77 54.70 1.79
CA ASP CC 41 -28.50 55.28 1.35
C ASP CC 41 -27.81 56.01 2.50
N ARG CC 42 -28.58 56.73 3.31
CA ARG CC 42 -28.01 57.39 4.47
C ARG CC 42 -27.48 56.37 5.48
N LYS CC 43 -28.23 55.29 5.69
CA LYS CC 43 -27.81 54.26 6.64
C LYS CC 43 -26.56 53.54 6.16
N GLN CC 44 -26.38 53.40 4.85
CA GLN CC 44 -25.25 52.65 4.33
C GLN CC 44 -23.98 53.50 4.26
N SER CC 45 -24.10 54.82 4.19
CA SER CC 45 -22.94 55.67 4.06
C SER CC 45 -22.15 55.70 5.35
N GLY CC 46 -20.82 55.66 5.22
CA GLY CC 46 -19.96 55.71 6.38
C GLY CC 46 -19.36 54.36 6.71
N TYR CC 47 -19.27 54.05 8.00
CA TYR CC 47 -18.72 52.80 8.48
C TYR CC 47 -19.80 51.99 9.18
N GLY CC 48 -19.58 50.68 9.22
CA GLY CC 48 -20.55 49.78 9.81
C GLY CC 48 -20.86 48.61 8.92
N GLY CC 49 -20.57 48.76 7.62
CA GLY CC 49 -20.85 47.70 6.68
C GLY CC 49 -22.33 47.65 6.31
N GLN CC 50 -22.77 46.46 5.92
CA GLN CC 50 -24.17 46.26 5.60
C GLN CC 50 -25.02 46.44 6.84
N THR CC 51 -26.12 47.20 6.71
CA THR CC 51 -26.95 47.56 7.84
C THR CC 51 -28.35 47.00 7.78
N LYS CC 52 -28.73 46.34 6.69
CA LYS CC 52 -30.04 45.72 6.52
C LYS CC 52 -29.83 44.28 6.07
N PRO CC 53 -30.80 43.41 6.33
CA PRO CC 53 -30.64 42.00 5.94
C PRO CC 53 -30.59 41.83 4.43
N ILE CC 54 -29.88 40.80 3.99
CA ILE CC 54 -29.85 40.38 2.60
C ILE CC 54 -30.36 38.95 2.54
N PHE CC 55 -31.51 38.75 1.88
CA PHE CC 55 -32.32 37.56 2.03
C PHE CC 55 -31.57 36.26 1.74
N ARG CC 56 -31.16 36.06 0.49
CA ARG CC 56 -30.26 34.97 0.05
C ARG CC 56 -30.70 33.58 0.54
N LYS CC 57 -32.01 33.36 0.72
CA LYS CC 57 -32.54 32.04 1.02
C LYS CC 57 -33.77 31.75 0.17
N LYS CC 58 -33.65 32.01 -1.14
CA LYS CC 58 -34.78 31.85 -2.05
C LYS CC 58 -35.27 30.41 -2.06
N ALA CC 59 -36.58 30.24 -1.94
CA ALA CC 59 -37.23 28.95 -1.98
C ALA CC 59 -38.27 28.81 -3.08
N LYS CC 60 -38.94 29.91 -3.45
CA LYS CC 60 -39.89 29.86 -4.54
C LYS CC 60 -39.20 29.60 -5.86
N THR CC 61 -39.93 29.04 -6.80
CA THR CC 61 -39.45 28.86 -8.16
C THR CC 61 -40.28 29.61 -9.19
N THR CC 62 -41.44 30.13 -8.81
CA THR CC 62 -42.35 30.83 -9.71
C THR CC 62 -42.75 32.16 -9.09
N LYS CC 63 -43.56 32.91 -9.82
CA LYS CC 63 -44.17 34.14 -9.32
C LYS CC 63 -45.62 34.17 -9.75
N LYS CC 64 -46.44 34.91 -9.01
CA LYS CC 64 -47.81 35.15 -9.43
C LYS CC 64 -47.80 36.14 -10.58
N ILE CC 65 -48.29 35.71 -11.75
CA ILE CC 65 -48.28 36.56 -12.92
C ILE CC 65 -49.33 37.65 -12.75
N VAL CC 66 -48.95 38.88 -13.08
CA VAL CC 66 -49.83 40.04 -13.00
C VAL CC 66 -50.14 40.48 -14.41
N LEU CC 67 -51.42 40.68 -14.70
CA LEU CC 67 -51.87 41.16 -16.00
C LEU CC 67 -52.24 42.63 -15.88
N ARG CC 68 -51.79 43.42 -16.85
CA ARG CC 68 -52.05 44.85 -16.87
C ARG CC 68 -53.16 45.10 -17.88
N LEU CC 69 -54.40 45.09 -17.41
CA LEU CC 69 -55.54 45.37 -18.26
C LEU CC 69 -55.60 46.86 -18.56
N GLU CC 70 -56.23 47.20 -19.68
CA GLU CC 70 -56.41 48.60 -20.07
C GLU CC 70 -57.69 48.72 -20.87
N CYS CC 71 -58.63 49.50 -20.36
CA CYS CC 71 -59.89 49.71 -21.07
C CYS CC 71 -59.62 50.34 -22.42
N VAL CC 72 -60.15 49.72 -23.48
CA VAL CC 72 -59.84 50.16 -24.84
C VAL CC 72 -60.67 51.35 -25.29
N GLU CC 73 -61.63 51.78 -24.48
CA GLU CC 73 -62.44 52.92 -24.84
C GLU CC 73 -61.56 54.17 -24.87
N PRO CC 74 -61.60 54.95 -25.96
CA PRO CC 74 -60.60 56.02 -26.13
C PRO CC 74 -60.62 57.07 -25.03
N ASN CC 75 -61.78 57.38 -24.45
CA ASN CC 75 -61.82 58.32 -23.34
C ASN CC 75 -61.26 57.71 -22.07
N CYS CC 76 -61.66 56.48 -21.76
CA CYS CC 76 -61.26 55.79 -20.54
C CYS CC 76 -60.06 54.90 -20.83
N ARG CC 77 -58.87 55.36 -20.47
CA ARG CC 77 -57.66 54.57 -20.60
C ARG CC 77 -57.25 53.95 -19.28
N SER CC 78 -58.22 53.71 -18.39
CA SER CC 78 -57.92 53.23 -17.05
C SER CC 78 -57.34 51.82 -17.10
N LYS CC 79 -56.44 51.54 -16.17
CA LYS CC 79 -55.74 50.27 -16.10
C LYS CC 79 -56.06 49.58 -14.78
N ARG CC 80 -55.67 48.30 -14.69
CA ARG CC 80 -55.91 47.52 -13.49
C ARG CC 80 -54.90 46.37 -13.46
N MET CC 81 -54.66 45.86 -12.27
CA MET CC 81 -53.77 44.72 -12.05
C MET CC 81 -54.60 43.51 -11.65
N LEU CC 82 -54.49 42.44 -12.43
CA LEU CC 82 -55.12 41.16 -12.10
C LEU CC 82 -54.05 40.13 -11.83
N ALA CC 83 -54.09 39.51 -10.67
CA ALA CC 83 -53.13 38.47 -10.31
C ALA CC 83 -53.76 37.11 -10.58
N ILE CC 84 -52.99 36.24 -11.23
CA ILE CC 84 -53.42 34.87 -11.45
C ILE CC 84 -52.51 33.96 -10.64
N LYS CC 85 -52.78 32.65 -10.68
CA LYS CC 85 -52.02 31.72 -9.86
C LYS CC 85 -50.58 31.62 -10.35
N ARG CC 86 -49.74 31.00 -9.53
CA ARG CC 86 -48.35 30.76 -9.88
C ARG CC 86 -48.26 29.80 -11.06
N CYS CC 87 -47.33 30.08 -11.97
CA CYS CC 87 -47.09 29.20 -13.09
C CYS CC 87 -45.65 29.33 -13.53
N LYS CC 88 -45.05 28.20 -13.91
CA LYS CC 88 -43.67 28.22 -14.39
C LYS CC 88 -43.58 28.81 -15.79
N HIS CC 89 -44.50 28.42 -16.67
CA HIS CC 89 -44.54 28.94 -18.03
C HIS CC 89 -45.79 29.80 -18.19
N PHE CC 90 -45.60 31.01 -18.68
CA PHE CC 90 -46.70 31.91 -18.97
C PHE CC 90 -46.62 32.34 -20.43
N GLU CC 91 -47.76 32.31 -21.11
CA GLU CC 91 -47.83 32.67 -22.52
C GLU CC 91 -48.95 33.68 -22.71
N LEU CC 92 -48.67 34.72 -23.49
CA LEU CC 92 -49.63 35.78 -23.76
C LEU CC 92 -50.06 35.70 -25.22
N GLY CC 93 -51.35 35.49 -25.43
CA GLY CC 93 -51.88 35.42 -26.78
C GLY CC 93 -51.36 34.28 -27.61
N GLY CC 94 -51.02 33.16 -26.98
CA GLY CC 94 -50.53 32.02 -27.72
C GLY CC 94 -51.62 31.33 -28.52
N ASP CC 95 -51.19 30.44 -29.40
CA ASP CC 95 -52.12 29.71 -30.24
C ASP CC 95 -53.00 28.79 -29.41
N LYS CC 96 -54.28 28.73 -29.76
CA LYS CC 96 -55.22 27.90 -29.02
C LYS CC 96 -54.97 26.43 -29.30
N LYS CC 97 -55.75 25.58 -28.64
CA LYS CC 97 -55.63 24.14 -28.77
C LYS CC 97 -56.88 23.55 -29.40
N ARG CC 98 -56.67 22.44 -30.12
CA ARG CC 98 -57.74 21.75 -30.83
C ARG CC 98 -57.85 20.32 -30.35
N LYS CC 99 -59.03 19.75 -30.52
CA LYS CC 99 -59.32 18.40 -30.06
C LYS CC 99 -59.25 17.36 -31.18
N GLY CC 100 -59.83 17.68 -32.34
CA GLY CC 100 -59.81 16.75 -33.45
C GLY CC 100 -58.56 16.87 -34.31
N GLN CC 101 -57.40 16.72 -33.69
CA GLN CC 101 -56.13 16.86 -34.38
C GLN CC 101 -55.19 15.74 -33.97
N VAL CC 102 -54.26 15.43 -34.87
CA VAL CC 102 -53.26 14.40 -34.61
C VAL CC 102 -52.09 15.00 -33.85
N ILE CC 103 -51.49 14.21 -32.97
CA ILE CC 103 -50.25 14.61 -32.34
C ILE CC 103 -49.13 14.51 -33.36
N GLN CC 104 -48.37 15.60 -33.53
CA GLN CC 104 -47.38 15.66 -34.59
C GLN CC 104 -46.25 14.67 -34.33
N PHE CC 105 -45.93 13.88 -35.35
CA PHE CC 105 -44.90 12.86 -35.26
C PHE CC 105 -43.51 13.49 -35.13
N ALA DC 1 56.76 8.20 7.04
CA ALA DC 1 55.99 7.46 6.05
C ALA DC 1 54.87 8.32 5.47
N LYS DC 2 54.11 7.75 4.53
CA LYS DC 2 52.90 8.41 4.03
C LYS DC 2 51.76 7.99 4.94
N ARG DC 3 51.31 8.93 5.79
CA ARG DC 3 50.41 8.57 6.87
C ARG DC 3 48.99 8.34 6.39
N THR DC 4 48.57 9.00 5.31
CA THR DC 4 47.26 8.77 4.72
C THR DC 4 47.42 8.49 3.24
N LYS DC 5 46.41 7.84 2.68
CA LYS DC 5 46.46 7.46 1.27
C LYS DC 5 45.98 8.59 0.37
N LYS DC 6 44.80 9.14 0.66
CA LYS DC 6 44.19 10.12 -0.24
C LYS DC 6 43.61 11.36 0.43
N VAL DC 7 43.33 11.36 1.73
CA VAL DC 7 42.65 12.52 2.32
C VAL DC 7 43.59 13.73 2.37
N GLY DC 8 44.86 13.51 2.66
CA GLY DC 8 45.77 14.64 2.76
C GLY DC 8 45.43 15.53 3.93
N ILE DC 9 45.25 16.82 3.65
CA ILE DC 9 45.07 17.81 4.71
C ILE DC 9 43.71 17.69 5.39
N VAL DC 10 42.72 17.09 4.75
CA VAL DC 10 41.36 17.10 5.31
C VAL DC 10 41.15 15.87 6.16
N GLY DC 11 42.24 15.20 6.53
CA GLY DC 11 42.15 14.16 7.54
C GLY DC 11 41.73 14.68 8.89
N LYS DC 12 41.86 15.98 9.12
CA LYS DC 12 41.43 16.59 10.37
C LYS DC 12 39.91 16.58 10.54
N TYR DC 13 39.17 16.41 9.43
CA TYR DC 13 37.72 16.38 9.48
C TYR DC 13 37.15 14.99 9.72
N GLY DC 14 38.01 13.97 9.81
CA GLY DC 14 37.52 12.64 10.12
C GLY DC 14 36.66 12.07 9.01
N THR DC 15 35.55 11.46 9.40
CA THR DC 15 34.59 10.89 8.46
C THR DC 15 33.46 11.86 8.13
N ARG DC 16 33.49 13.07 8.67
CA ARG DC 16 32.36 13.97 8.57
C ARG DC 16 32.29 14.65 7.21
N TYR DC 17 31.11 15.19 6.92
CA TYR DC 17 30.78 16.17 5.88
C TYR DC 17 30.73 15.58 4.48
N GLY DC 18 31.07 14.31 4.28
CA GLY DC 18 30.96 13.73 2.96
C GLY DC 18 32.24 13.77 2.17
N ALA DC 19 32.48 12.73 1.36
CA ALA DC 19 33.74 12.61 0.65
C ALA DC 19 33.94 13.71 -0.37
N SER DC 20 32.88 14.08 -1.09
CA SER DC 20 33.04 15.08 -2.14
C SER DC 20 33.18 16.47 -1.57
N LEU DC 21 32.61 16.72 -0.39
CA LEU DC 21 32.77 18.03 0.24
C LEU DC 21 34.16 18.18 0.84
N ARG DC 22 34.71 17.10 1.39
CA ARG DC 22 36.09 17.13 1.86
C ARG DC 22 37.06 17.23 0.69
N LYS DC 23 36.74 16.57 -0.41
CA LYS DC 23 37.59 16.66 -1.60
C LYS DC 23 37.54 18.06 -2.20
N MET DC 24 36.35 18.67 -2.23
CA MET DC 24 36.22 20.02 -2.76
C MET DC 24 36.97 21.03 -1.92
N VAL DC 25 36.91 20.89 -0.60
CA VAL DC 25 37.57 21.82 0.30
C VAL DC 25 39.05 21.51 0.47
N LYS DC 26 39.50 20.37 -0.04
CA LYS DC 26 40.90 19.99 0.13
C LYS DC 26 41.82 20.91 -0.68
N LYS DC 27 41.48 21.14 -1.95
CA LYS DC 27 42.35 21.95 -2.79
C LYS DC 27 42.30 23.41 -2.37
N ILE DC 28 41.18 23.86 -1.81
CA ILE DC 28 41.10 25.24 -1.34
C ILE DC 28 41.95 25.42 -0.09
N GLU DC 29 41.94 24.45 0.82
CA GLU DC 29 42.70 24.60 2.05
C GLU DC 29 44.20 24.48 1.79
N ILE DC 30 44.60 23.70 0.80
CA ILE DC 30 46.02 23.61 0.46
C ILE DC 30 46.52 24.96 -0.03
N SER DC 31 45.77 25.61 -0.90
CA SER DC 31 46.21 26.89 -1.45
C SER DC 31 46.07 28.02 -0.43
N GLN DC 32 45.06 27.96 0.43
CA GLN DC 32 44.84 29.00 1.41
C GLN DC 32 45.92 29.00 2.48
N HIS DC 33 46.43 27.83 2.85
CA HIS DC 33 47.48 27.73 3.86
C HIS DC 33 48.87 27.64 3.25
N ALA DC 34 48.99 27.66 1.92
CA ALA DC 34 50.30 27.57 1.29
C ALA DC 34 51.07 28.88 1.45
N LYS DC 35 52.38 28.78 1.32
CA LYS DC 35 53.26 29.94 1.33
C LYS DC 35 53.68 30.23 -0.10
N TYR DC 36 53.32 31.40 -0.60
CA TYR DC 36 53.66 31.84 -1.94
C TYR DC 36 54.94 32.66 -1.90
N THR DC 37 55.64 32.66 -3.03
CA THR DC 37 56.83 33.49 -3.17
C THR DC 37 56.41 34.94 -3.37
N CYS DC 38 57.04 35.84 -2.62
CA CYS DC 38 56.76 37.26 -2.75
C CYS DC 38 57.35 37.77 -4.06
N SER DC 39 56.56 38.49 -4.83
CA SER DC 39 57.05 39.09 -6.06
C SER DC 39 57.76 40.41 -5.82
N PHE DC 40 57.79 40.90 -4.58
CA PHE DC 40 58.46 42.13 -4.23
C PHE DC 40 59.85 41.92 -3.65
N CYS DC 41 60.08 40.78 -2.99
CA CYS DC 41 61.37 40.52 -2.37
C CYS DC 41 61.95 39.15 -2.71
N GLY DC 42 61.19 38.25 -3.31
CA GLY DC 42 61.68 36.96 -3.73
C GLY DC 42 61.65 35.89 -2.67
N LYS DC 43 61.29 36.22 -1.43
CA LYS DC 43 61.25 35.24 -0.35
C LYS DC 43 59.89 34.56 -0.32
N THR DC 44 59.90 33.25 -0.06
CA THR DC 44 58.67 32.46 0.03
C THR DC 44 58.07 32.65 1.43
N LYS DC 45 57.53 33.84 1.65
CA LYS DC 45 56.98 34.21 2.95
C LYS DC 45 55.62 34.87 2.84
N MET DC 46 55.04 34.90 1.64
CA MET DC 46 53.75 35.55 1.41
C MET DC 46 52.64 34.56 1.77
N LYS DC 47 51.97 34.80 2.89
CA LYS DC 47 50.93 33.92 3.38
C LYS DC 47 49.69 34.71 3.71
N ARG DC 48 48.54 34.02 3.71
CA ARG DC 48 47.27 34.68 3.91
C ARG DC 48 47.12 35.14 5.35
N ARG DC 49 46.65 36.38 5.53
CA ARG DC 49 46.36 36.93 6.84
C ARG DC 49 44.88 36.82 7.17
N ALA DC 50 44.02 37.37 6.31
CA ALA DC 50 42.58 37.17 6.40
C ALA DC 50 42.07 36.87 5.00
N VAL DC 51 40.76 36.78 4.82
CA VAL DC 51 40.22 36.49 3.49
C VAL DC 51 40.47 37.69 2.58
N GLY DC 52 41.12 37.44 1.46
CA GLY DC 52 41.46 38.49 0.52
C GLY DC 52 42.70 39.29 0.85
N ILE DC 53 43.38 38.99 1.96
CA ILE DC 53 44.54 39.75 2.41
C ILE DC 53 45.74 38.81 2.46
N TRP DC 54 46.81 39.19 1.78
CA TRP DC 54 48.04 38.42 1.75
C TRP DC 54 49.19 39.29 2.22
N HIS DC 55 50.09 38.72 3.01
CA HIS DC 55 51.12 39.50 3.68
C HIS DC 55 52.44 38.75 3.62
N CYS DC 56 53.51 39.49 3.33
CA CYS DC 56 54.85 38.92 3.33
C CYS DC 56 55.51 39.23 4.67
N GLY DC 57 56.02 38.19 5.33
CA GLY DC 57 56.64 38.40 6.62
C GLY DC 57 57.99 39.09 6.53
N SER DC 58 58.65 38.99 5.38
CA SER DC 58 60.00 39.54 5.26
C SER DC 58 59.99 41.03 4.98
N CYS DC 59 59.41 41.44 3.86
CA CYS DC 59 59.40 42.85 3.46
C CYS DC 59 58.18 43.60 3.98
N MET DC 60 57.31 42.94 4.74
CA MET DC 60 56.16 43.57 5.38
C MET DC 60 55.25 44.26 4.37
N LYS DC 61 55.10 43.63 3.21
CA LYS DC 61 54.25 44.16 2.15
C LYS DC 61 52.93 43.40 2.15
N THR DC 62 51.83 44.14 2.26
CA THR DC 62 50.49 43.58 2.25
C THR DC 62 49.85 43.85 0.89
N VAL DC 63 49.24 42.82 0.32
CA VAL DC 63 48.62 42.93 -0.99
C VAL DC 63 47.20 42.40 -0.88
N ALA DC 64 46.32 42.88 -1.75
CA ALA DC 64 44.94 42.43 -1.82
C ALA DC 64 44.84 41.36 -2.91
N GLY DC 65 44.39 40.17 -2.53
CA GLY DC 65 44.32 39.07 -3.46
C GLY DC 65 43.03 38.29 -3.38
N GLY DC 66 43.06 37.03 -3.76
CA GLY DC 66 41.87 36.21 -3.72
C GLY DC 66 41.57 35.71 -2.33
N ALA DC 67 40.42 35.04 -2.21
CA ALA DC 67 40.00 34.51 -0.92
C ALA DC 67 40.92 33.38 -0.46
N TRP DC 68 41.26 32.47 -1.36
CA TRP DC 68 42.10 31.32 -1.04
C TRP DC 68 43.42 31.32 -1.77
N THR DC 69 43.45 31.76 -3.02
CA THR DC 69 44.68 31.86 -3.78
C THR DC 69 45.24 33.28 -3.69
N TYR DC 70 46.54 33.39 -3.93
CA TYR DC 70 47.19 34.69 -3.87
C TYR DC 70 46.61 35.64 -4.90
N ASN DC 71 46.39 35.17 -6.12
CA ASN DC 71 45.68 35.95 -7.13
C ASN DC 71 44.81 35.00 -7.95
N THR DC 72 43.57 35.41 -8.19
CA THR DC 72 42.63 34.59 -8.93
C THR DC 72 42.89 34.71 -10.42
N THR DC 73 42.49 33.67 -11.15
CA THR DC 73 42.62 33.71 -12.60
C THR DC 73 41.74 34.79 -13.21
N SER DC 74 40.69 35.20 -12.51
CA SER DC 74 39.86 36.31 -12.96
C SER DC 74 40.67 37.60 -13.01
N ALA DC 75 41.32 37.94 -11.90
CA ALA DC 75 42.04 39.21 -11.82
C ALA DC 75 43.27 39.22 -12.71
N VAL DC 76 43.86 38.05 -12.98
CA VAL DC 76 45.02 38.00 -13.85
C VAL DC 76 44.65 38.40 -15.27
N THR DC 77 43.53 37.88 -15.77
CA THR DC 77 43.08 38.27 -17.10
C THR DC 77 42.56 39.70 -17.11
N VAL DC 78 42.09 40.19 -15.96
CA VAL DC 78 41.62 41.57 -15.88
C VAL DC 78 42.80 42.53 -15.99
N LYS DC 79 43.89 42.27 -15.28
CA LYS DC 79 45.04 43.16 -15.34
C LYS DC 79 45.63 43.20 -16.74
N SER DC 80 45.64 42.06 -17.43
CA SER DC 80 46.13 42.04 -18.80
C SER DC 80 45.18 42.79 -19.72
N ALA DC 81 43.87 42.67 -19.49
CA ALA DC 81 42.90 43.37 -20.31
C ALA DC 81 42.99 44.88 -20.13
N ILE DC 82 43.21 45.33 -18.89
CA ILE DC 82 43.33 46.76 -18.63
C ILE DC 82 44.59 47.32 -19.28
N ARG DC 83 45.67 46.54 -19.27
CA ARG DC 83 46.92 47.00 -19.88
C ARG DC 83 46.76 47.16 -21.39
N ARG DC 84 46.07 46.21 -22.04
CA ARG DC 84 45.84 46.33 -23.47
C ARG DC 84 44.93 47.51 -23.80
N LEU DC 85 43.94 47.76 -22.94
CA LEU DC 85 43.06 48.91 -23.14
C LEU DC 85 43.78 50.22 -22.88
N LYS DC 86 44.77 50.22 -21.98
CA LYS DC 86 45.56 51.43 -21.74
C LYS DC 86 46.44 51.75 -22.93
N GLU DC 87 47.15 50.75 -23.46
CA GLU DC 87 47.99 50.98 -24.64
C GLU DC 87 47.14 51.28 -25.88
N LEU DC 88 45.88 50.86 -25.89
CA LEU DC 88 44.96 51.26 -26.95
C LEU DC 88 44.46 52.68 -26.73
N LYS DC 89 44.33 53.09 -25.47
CA LYS DC 89 43.82 54.42 -25.15
C LYS DC 89 44.74 55.51 -25.70
N ASP DC 90 46.04 55.37 -25.49
CA ASP DC 90 47.02 56.19 -26.17
C ASP DC 90 47.46 55.47 -27.45
N GLN DC 91 48.42 56.05 -28.15
CA GLN DC 91 48.92 55.45 -29.39
C GLN DC 91 50.43 55.63 -29.52
N SER EC 1 -72.11 63.97 71.51
CA SER EC 1 -72.98 62.82 71.66
C SER EC 1 -72.23 61.63 72.24
N ALA EC 2 -72.93 60.83 73.04
CA ALA EC 2 -72.30 59.69 73.69
C ALA EC 2 -71.82 58.66 72.67
N HIS EC 3 -72.64 58.39 71.66
CA HIS EC 3 -72.27 57.38 70.67
C HIS EC 3 -71.17 57.89 69.74
N LEU EC 4 -71.17 59.19 69.46
CA LEU EC 4 -70.10 59.76 68.64
C LEU EC 4 -68.78 59.75 69.38
N GLN EC 5 -68.78 60.18 70.65
CA GLN EC 5 -67.55 60.22 71.43
C GLN EC 5 -67.03 58.83 71.73
N TRP EC 6 -67.92 57.83 71.82
CA TRP EC 6 -67.48 56.47 72.05
C TRP EC 6 -66.68 55.94 70.87
N MET EC 7 -67.09 56.30 69.65
CA MET EC 7 -66.37 55.85 68.46
C MET EC 7 -64.96 56.40 68.41
N VAL EC 8 -64.67 57.47 69.13
CA VAL EC 8 -63.34 58.06 69.13
C VAL EC 8 -62.42 57.39 70.14
N VAL EC 9 -62.93 57.10 71.34
CA VAL EC 9 -62.11 56.63 72.44
C VAL EC 9 -62.34 55.15 72.75
N ARG EC 10 -63.02 54.42 71.87
CA ARG EC 10 -63.23 52.99 72.11
C ARG EC 10 -61.92 52.22 72.07
N ASN EC 11 -60.95 52.69 71.28
CA ASN EC 11 -59.67 52.02 71.17
C ASN EC 11 -58.48 52.94 71.37
N CYS EC 12 -58.67 54.25 71.35
CA CYS EC 12 -57.58 55.21 71.53
C CYS EC 12 -57.93 56.11 72.70
N SER EC 13 -57.37 55.82 73.87
CA SER EC 13 -57.63 56.61 75.06
C SER EC 13 -56.47 56.43 76.02
N SER EC 14 -56.16 57.49 76.77
CA SER EC 14 -55.09 57.41 77.75
C SER EC 14 -55.48 56.59 78.98
N PHE EC 15 -56.77 56.40 79.20
CA PHE EC 15 -57.25 55.57 80.30
C PHE EC 15 -57.33 54.10 79.95
N LEU EC 16 -57.01 53.74 78.70
CA LEU EC 16 -57.19 52.38 78.21
C LEU EC 16 -56.00 51.51 78.59
N ILE EC 17 -56.29 50.35 79.18
CA ILE EC 17 -55.29 49.34 79.47
C ILE EC 17 -55.68 48.08 78.70
N LYS EC 18 -54.74 47.56 77.92
CA LYS EC 18 -54.93 46.33 77.17
C LYS EC 18 -53.76 45.41 77.50
N ARG EC 19 -53.95 44.52 78.48
CA ARG EC 19 -52.93 43.58 78.87
C ARG EC 19 -53.56 42.25 79.23
N ASN EC 20 -52.83 41.17 78.97
CA ASN EC 20 -53.19 39.82 79.40
C ASN EC 20 -54.57 39.40 78.87
N LYS EC 21 -54.84 39.72 77.61
CA LYS EC 21 -56.12 39.43 76.95
C LYS EC 21 -57.30 40.08 77.65
N GLN EC 22 -57.05 41.13 78.43
CA GLN EC 22 -58.09 41.85 79.15
C GLN EC 22 -58.04 43.32 78.75
N THR EC 23 -59.14 44.01 79.00
CA THR EC 23 -59.24 45.44 78.68
C THR EC 23 -59.90 46.15 79.85
N TYR EC 24 -59.20 47.11 80.42
CA TYR EC 24 -59.69 47.92 81.53
C TYR EC 24 -59.63 49.38 81.14
N SER EC 25 -60.34 50.21 81.90
CA SER EC 25 -60.36 51.64 81.65
C SER EC 25 -60.37 52.35 82.98
N THR EC 26 -59.49 53.34 83.14
CA THR EC 26 -59.16 53.90 84.45
C THR EC 26 -59.68 55.32 84.65
N GLU EC 27 -60.66 55.76 83.87
CA GLU EC 27 -61.20 57.09 84.09
C GLU EC 27 -61.98 57.14 85.40
N PRO EC 28 -62.10 58.32 86.02
CA PRO EC 28 -62.60 58.38 87.40
C PRO EC 28 -64.00 57.84 87.62
N ASN EC 29 -64.92 58.03 86.68
CA ASN EC 29 -66.34 57.71 86.92
C ASN EC 29 -66.75 56.41 86.26
N ASN EC 30 -65.87 55.42 86.26
CA ASN EC 30 -66.11 54.13 85.62
C ASN EC 30 -66.31 53.09 86.71
N LEU EC 31 -67.57 52.77 87.01
CA LEU EC 31 -67.86 51.58 87.79
C LEU EC 31 -67.48 50.35 86.99
N LYS EC 32 -66.92 49.35 87.69
CA LYS EC 32 -66.41 48.10 87.14
C LYS EC 32 -65.11 48.30 86.37
N ALA EC 33 -64.71 49.55 86.17
CA ALA EC 33 -63.43 49.93 85.55
C ALA EC 33 -63.16 49.15 84.27
N ARG EC 34 -64.17 49.04 83.43
CA ARG EC 34 -64.06 48.29 82.18
C ARG EC 34 -64.27 49.21 80.99
N ASN EC 35 -63.58 48.89 79.89
CA ASN EC 35 -63.71 49.64 78.65
C ASN EC 35 -65.01 49.23 77.98
N SER EC 36 -66.05 50.03 78.19
CA SER EC 36 -67.34 49.73 77.58
C SER EC 36 -68.09 51.03 77.37
N PHE EC 37 -69.06 50.99 76.45
CA PHE EC 37 -69.91 52.15 76.24
C PHE EC 37 -70.76 52.43 77.47
N ARG EC 38 -71.30 51.38 78.09
CA ARG EC 38 -72.24 51.57 79.19
C ARG EC 38 -71.57 52.16 80.43
N TYR EC 39 -70.39 51.66 80.78
CA TYR EC 39 -69.73 52.04 82.02
C TYR EC 39 -68.73 53.17 81.85
N ASN EC 40 -68.57 53.69 80.63
CA ASN EC 40 -67.67 54.82 80.41
C ASN EC 40 -68.14 56.03 81.19
N GLY EC 41 -67.22 56.66 81.91
CA GLY EC 41 -67.58 57.75 82.81
C GLY EC 41 -67.25 59.13 82.29
N LEU EC 42 -67.16 59.27 80.97
CA LEU EC 42 -66.81 60.54 80.37
C LEU EC 42 -67.71 60.97 79.22
N ILE EC 43 -68.40 60.03 78.56
CA ILE EC 43 -69.11 60.33 77.32
C ILE EC 43 -70.60 60.55 77.54
N HIS EC 44 -71.11 60.37 78.75
CA HIS EC 44 -72.54 60.41 78.99
C HIS EC 44 -72.96 61.75 79.60
N ARG EC 45 -74.20 62.12 79.33
CA ARG EC 45 -74.78 63.30 79.95
C ARG EC 45 -74.92 63.12 81.45
N LYS EC 46 -75.14 61.90 81.91
CA LYS EC 46 -75.26 61.62 83.33
C LYS EC 46 -74.48 60.36 83.68
N THR EC 47 -73.58 60.47 84.65
CA THR EC 47 -72.77 59.35 85.10
C THR EC 47 -72.81 59.31 86.62
N VAL EC 48 -72.49 58.16 87.18
CA VAL EC 48 -72.38 57.97 88.62
C VAL EC 48 -71.06 57.25 88.91
N GLY EC 49 -70.36 57.71 89.94
CA GLY EC 49 -69.15 57.07 90.38
C GLY EC 49 -69.08 56.95 91.89
N VAL EC 50 -68.52 55.86 92.38
CA VAL EC 50 -68.34 55.63 93.81
C VAL EC 50 -66.85 55.49 94.07
N GLU EC 51 -66.34 56.32 94.97
CA GLU EC 51 -64.93 56.36 95.33
C GLU EC 51 -64.81 56.32 96.85
N PRO EC 52 -63.69 55.83 97.37
CA PRO EC 52 -63.46 55.96 98.81
C PRO EC 52 -63.29 57.42 99.21
N ALA EC 53 -63.69 57.73 100.43
CA ALA EC 53 -63.58 59.10 100.92
C ALA EC 53 -62.12 59.48 101.11
N ALA EC 54 -61.89 60.78 101.29
CA ALA EC 54 -60.52 61.26 101.52
C ALA EC 54 -59.93 60.64 102.78
N ASP EC 55 -60.71 60.60 103.86
CA ASP EC 55 -60.36 59.78 105.00
C ASP EC 55 -60.78 58.33 104.74
N GLY EC 56 -60.26 57.42 105.56
CA GLY EC 56 -60.48 56.01 105.35
C GLY EC 56 -61.84 55.50 105.78
N LYS EC 57 -62.82 56.40 105.92
CA LYS EC 57 -64.16 56.05 106.37
C LYS EC 57 -65.18 56.62 105.40
N GLY EC 58 -66.13 55.78 104.98
CA GLY EC 58 -67.22 56.23 104.15
C GLY EC 58 -66.89 56.20 102.67
N VAL EC 59 -67.90 56.50 101.87
CA VAL EC 59 -67.78 56.56 100.42
C VAL EC 59 -68.13 57.97 99.96
N VAL EC 60 -67.81 58.24 98.70
CA VAL EC 60 -68.19 59.48 98.04
C VAL EC 60 -68.94 59.10 96.77
N VAL EC 61 -70.19 59.52 96.67
CA VAL EC 61 -71.02 59.27 95.50
C VAL EC 61 -71.07 60.55 94.69
N VAL EC 62 -70.50 60.51 93.49
CA VAL EC 62 -70.42 61.67 92.62
C VAL EC 62 -71.30 61.42 91.40
N ILE EC 63 -72.17 62.38 91.10
CA ILE EC 63 -73.06 62.29 89.95
C ILE EC 63 -72.86 63.52 89.10
N LYS EC 64 -73.19 63.39 87.81
CA LYS EC 64 -72.97 64.45 86.84
C LYS EC 64 -74.25 65.24 86.65
N ARG EC 65 -74.20 66.55 86.87
CA ARG EC 65 -75.36 67.39 86.66
C ARG EC 65 -75.63 67.55 85.18
N ARG EC 66 -76.84 67.99 84.85
CA ARG EC 66 -77.30 68.05 83.48
C ARG EC 66 -76.96 69.35 82.76
N SER EC 67 -76.51 70.38 83.47
CA SER EC 67 -76.39 71.70 82.87
C SER EC 67 -75.01 71.96 82.29
N GLY EC 68 -73.98 71.90 83.12
CA GLY EC 68 -72.64 72.22 82.66
C GLY EC 68 -71.92 71.03 82.05
N GLN EC 69 -72.39 70.56 80.89
CA GLN EC 69 -71.73 69.44 80.24
C GLN EC 69 -70.35 69.81 79.73
N ARG EC 70 -70.14 71.08 79.38
CA ARG EC 70 -68.87 71.56 78.88
C ARG EC 70 -68.07 72.33 79.92
N LYS EC 71 -68.48 72.28 81.18
CA LYS EC 71 -67.82 72.98 82.28
C LYS EC 71 -67.41 71.96 83.33
N PRO EC 72 -66.24 71.34 83.18
CA PRO EC 72 -65.85 70.28 84.11
C PRO EC 72 -65.64 70.74 85.54
N ALA EC 73 -65.43 72.04 85.76
CA ALA EC 73 -65.17 72.53 87.11
C ALA EC 73 -66.40 72.34 88.01
N THR EC 74 -67.59 72.50 87.45
CA THR EC 74 -68.83 72.39 88.22
C THR EC 74 -69.68 71.21 87.78
N SER EC 75 -69.20 70.40 86.84
CA SER EC 75 -70.05 69.38 86.22
C SER EC 75 -70.39 68.23 87.16
N TYR EC 76 -69.67 68.07 88.26
CA TYR EC 76 -69.84 66.93 89.15
C TYR EC 76 -70.25 67.39 90.54
N VAL EC 77 -71.23 66.70 91.11
CA VAL EC 77 -71.72 66.95 92.46
C VAL EC 77 -71.39 65.75 93.31
N ARG EC 78 -70.63 65.96 94.39
CA ARG EC 78 -70.18 64.89 95.26
C ARG EC 78 -70.85 65.00 96.62
N THR EC 79 -71.23 63.85 97.16
CA THR EC 79 -71.75 63.74 98.51
C THR EC 79 -71.06 62.59 99.23
N THR EC 80 -70.82 62.76 100.53
CA THR EC 80 -70.11 61.77 101.33
C THR EC 80 -71.09 61.06 102.24
N ILE EC 81 -71.06 59.73 102.22
CA ILE EC 81 -71.92 58.89 103.04
C ILE EC 81 -71.04 58.11 103.99
N ASN EC 82 -71.19 58.35 105.29
CA ASN EC 82 -70.33 57.76 106.32
C ASN EC 82 -71.17 57.10 107.40
N LYS EC 83 -72.13 56.28 106.99
CA LYS EC 83 -73.01 55.58 107.91
C LYS EC 83 -72.77 54.08 107.79
N ASN EC 84 -73.63 53.30 108.44
CA ASN EC 84 -73.50 51.85 108.44
C ASN EC 84 -73.70 51.29 107.03
N ALA EC 85 -73.23 50.05 106.84
CA ALA EC 85 -73.13 49.49 105.50
C ALA EC 85 -74.49 49.33 104.84
N ARG EC 86 -75.49 48.85 105.58
CA ARG EC 86 -76.81 48.65 104.99
C ARG EC 86 -77.45 49.97 104.61
N ALA EC 87 -77.35 50.98 105.47
CA ALA EC 87 -77.97 52.27 105.18
C ALA EC 87 -77.23 53.00 104.06
N THR EC 88 -75.92 52.79 103.95
CA THR EC 88 -75.16 53.39 102.86
C THR EC 88 -75.63 52.85 101.51
N LEU EC 89 -75.84 51.53 101.42
CA LEU EC 89 -76.35 50.94 100.20
C LEU EC 89 -77.77 51.42 99.90
N SER EC 90 -78.56 51.65 100.94
CA SER EC 90 -79.92 52.15 100.74
C SER EC 90 -79.91 53.55 100.14
N SER EC 91 -78.98 54.40 100.60
CA SER EC 91 -78.90 55.75 100.06
C SER EC 91 -78.47 55.75 98.60
N ILE EC 92 -77.53 54.87 98.24
CA ILE EC 92 -77.09 54.79 96.86
C ILE EC 92 -78.19 54.20 95.99
N ARG EC 93 -78.93 53.23 96.51
CA ARG EC 93 -80.04 52.66 95.76
C ARG EC 93 -81.12 53.69 95.50
N HIS EC 94 -81.42 54.52 96.49
CA HIS EC 94 -82.45 55.54 96.31
C HIS EC 94 -81.97 56.67 95.41
N MET EC 95 -80.66 56.98 95.45
CA MET EC 95 -80.13 58.02 94.58
C MET EC 95 -80.28 57.64 93.11
N ILE EC 96 -80.25 56.35 92.82
CA ILE EC 96 -80.30 55.90 91.43
C ILE EC 96 -81.73 55.56 91.02
N ARG EC 97 -82.40 54.71 91.82
CA ARG EC 97 -83.71 54.21 91.42
C ARG EC 97 -84.79 55.30 91.53
N LYS EC 98 -84.79 56.05 92.63
CA LYS EC 98 -85.85 57.04 92.82
C LYS EC 98 -85.69 58.21 91.87
N ASN EC 99 -84.47 58.65 91.63
CA ASN EC 99 -84.22 59.73 90.68
C ASN EC 99 -84.39 59.28 89.24
N LYS EC 100 -84.50 57.98 88.99
CA LYS EC 100 -84.43 57.41 87.64
C LYS EC 100 -83.14 57.83 86.95
N TYR EC 101 -82.07 57.94 87.73
CA TYR EC 101 -80.79 58.46 87.28
C TYR EC 101 -79.88 57.28 86.96
N ARG EC 102 -79.79 56.94 85.67
CA ARG EC 102 -79.03 55.81 85.17
C ARG EC 102 -79.33 54.54 85.94
N PRO EC 103 -80.56 54.00 85.82
CA PRO EC 103 -80.91 52.83 86.62
C PRO EC 103 -80.21 51.56 86.17
N ASP EC 104 -79.49 51.58 85.06
CA ASP EC 104 -78.72 50.43 84.61
C ASP EC 104 -77.36 50.33 85.30
N LEU EC 105 -77.03 51.30 86.15
CA LEU EC 105 -75.81 51.26 86.95
C LEU EC 105 -76.09 51.07 88.42
N ARG EC 106 -77.31 50.67 88.79
CA ARG EC 106 -77.68 50.59 90.20
C ARG EC 106 -76.91 49.49 90.91
N MET EC 107 -76.90 48.28 90.36
CA MET EC 107 -76.22 47.18 91.03
C MET EC 107 -74.71 47.30 90.89
N ALA EC 108 -74.23 47.91 89.81
CA ALA EC 108 -72.80 48.16 89.67
C ALA EC 108 -72.31 49.11 90.74
N ALA EC 109 -73.08 50.16 91.03
CA ALA EC 109 -72.69 51.11 92.07
C ALA EC 109 -72.85 50.50 93.45
N ILE EC 110 -73.86 49.66 93.65
CA ILE EC 110 -74.07 49.02 94.94
C ILE EC 110 -72.95 48.03 95.22
N ARG EC 111 -72.56 47.23 94.22
CA ARG EC 111 -71.49 46.27 94.40
C ARG EC 111 -70.15 46.96 94.65
N ARG EC 112 -69.89 48.07 93.96
CA ARG EC 112 -68.65 48.79 94.18
C ARG EC 112 -68.62 49.44 95.55
N ALA EC 113 -69.77 49.94 96.02
CA ALA EC 113 -69.84 50.51 97.36
C ALA EC 113 -69.56 49.47 98.41
N SER EC 114 -70.09 48.25 98.23
CA SER EC 114 -69.81 47.17 99.15
C SER EC 114 -68.33 46.81 99.15
N ALA EC 115 -67.70 46.84 97.98
CA ALA EC 115 -66.27 46.55 97.89
C ALA EC 115 -65.45 47.60 98.62
N ILE EC 116 -65.85 48.88 98.50
CA ILE EC 116 -65.10 49.96 99.16
C ILE EC 116 -65.25 49.85 100.67
N LEU EC 117 -66.48 49.64 101.15
CA LEU EC 117 -66.72 49.56 102.59
C LEU EC 117 -66.03 48.34 103.19
N ARG EC 118 -66.06 47.20 102.48
CA ARG EC 118 -65.39 46.00 102.97
C ARG EC 118 -63.88 46.18 102.99
N SER EC 119 -63.34 47.09 102.18
CA SER EC 119 -61.91 47.33 102.17
C SER EC 119 -61.46 48.29 103.26
N GLN EC 120 -62.42 48.89 103.98
CA GLN EC 120 -62.06 49.87 105.00
C GLN EC 120 -62.08 49.29 106.41
N LYS EC 121 -62.77 48.18 106.62
CA LYS EC 121 -62.64 47.46 107.88
C LYS EC 121 -61.27 46.80 107.94
N PRO EC 122 -60.68 46.68 109.14
CA PRO EC 122 -59.29 46.20 109.23
C PRO EC 122 -59.12 44.77 108.76
N VAL EC 123 -57.94 44.49 108.20
CA VAL EC 123 -57.65 43.17 107.67
C VAL EC 123 -57.51 42.17 108.82
N MET EC 124 -57.92 40.94 108.56
CA MET EC 124 -57.82 39.88 109.54
C MET EC 124 -56.49 39.13 109.41
N VAL EC 125 -56.10 38.47 110.49
CA VAL EC 125 -54.84 37.73 110.52
C VAL EC 125 -55.11 36.26 110.80
N ASP FC 1 -69.20 -64.05 17.33
CA ASP FC 1 -69.11 -65.41 16.81
C ASP FC 1 -68.98 -66.40 17.97
N ARG FC 2 -68.49 -65.91 19.11
CA ARG FC 2 -68.46 -66.74 20.31
C ARG FC 2 -69.86 -67.09 20.78
N ALA FC 3 -70.78 -66.12 20.74
CA ALA FC 3 -72.15 -66.37 21.19
C ALA FC 3 -72.86 -67.38 20.29
N THR FC 4 -72.65 -67.30 18.97
CA THR FC 4 -73.27 -68.25 18.06
C THR FC 4 -72.75 -69.66 18.28
N TRP FC 5 -71.45 -69.80 18.54
CA TRP FC 5 -70.90 -71.12 18.83
C TRP FC 5 -71.44 -71.66 20.15
N LYS FC 6 -71.67 -70.79 21.13
CA LYS FC 6 -72.24 -71.23 22.39
C LYS FC 6 -73.64 -71.79 22.20
N SER FC 7 -74.45 -71.14 21.38
CA SER FC 7 -75.80 -71.63 21.13
C SER FC 7 -75.78 -72.91 20.29
N ASN FC 8 -74.90 -72.97 19.29
CA ASN FC 8 -74.80 -74.18 18.48
C ASN FC 8 -74.32 -75.36 19.31
N TYR FC 9 -73.41 -75.12 20.25
CA TYR FC 9 -73.02 -76.16 21.20
C TYR FC 9 -74.20 -76.63 22.02
N PHE FC 10 -75.04 -75.69 22.46
CA PHE FC 10 -76.22 -76.05 23.25
C PHE FC 10 -77.18 -76.91 22.45
N LEU FC 11 -77.38 -76.58 21.17
CA LEU FC 11 -78.26 -77.37 20.32
C LEU FC 11 -77.70 -78.76 20.11
N LYS FC 12 -76.38 -78.87 19.90
CA LYS FC 12 -75.78 -80.17 19.59
C LYS FC 12 -75.86 -81.13 20.78
N ILE FC 13 -75.61 -80.62 21.99
CA ILE FC 13 -75.65 -81.49 23.16
C ILE FC 13 -77.09 -81.92 23.47
N ILE FC 14 -78.05 -81.02 23.31
CA ILE FC 14 -79.41 -81.31 23.76
C ILE FC 14 -80.13 -82.21 22.76
N GLN FC 15 -79.72 -82.18 21.49
CA GLN FC 15 -80.25 -83.14 20.53
C GLN FC 15 -79.54 -84.47 20.62
N LEU FC 16 -78.43 -84.53 21.34
CA LEU FC 16 -77.65 -85.74 21.52
C LEU FC 16 -78.02 -86.49 22.79
N LEU FC 17 -78.60 -85.79 23.77
CA LEU FC 17 -79.07 -86.42 24.99
C LEU FC 17 -80.58 -86.67 25.00
N ASP FC 18 -81.31 -86.06 24.06
CA ASP FC 18 -82.73 -86.33 23.94
C ASP FC 18 -82.98 -87.62 23.18
N ASP FC 19 -82.33 -87.76 22.02
CA ASP FC 19 -82.46 -88.99 21.23
C ASP FC 19 -81.74 -90.16 21.86
N TYR FC 20 -80.81 -89.91 22.78
CA TYR FC 20 -80.06 -90.97 23.46
C TYR FC 20 -80.34 -90.88 24.95
N PRO FC 21 -81.36 -91.58 25.45
CA PRO FC 21 -81.66 -91.51 26.90
C PRO FC 21 -80.59 -92.16 27.76
N LYS FC 22 -79.82 -93.10 27.22
CA LYS FC 22 -78.73 -93.75 27.94
C LYS FC 22 -77.43 -93.06 27.56
N CYS FC 23 -76.75 -92.50 28.54
CA CYS FC 23 -75.46 -91.85 28.32
C CYS FC 23 -74.60 -92.05 29.56
N PHE FC 24 -73.29 -92.11 29.35
CA PHE FC 24 -72.35 -92.32 30.44
C PHE FC 24 -71.48 -91.08 30.58
N ILE FC 25 -71.35 -90.58 31.81
CA ILE FC 25 -70.42 -89.50 32.06
C ILE FC 25 -69.01 -90.08 32.17
N VAL FC 26 -68.06 -89.42 31.52
CA VAL FC 26 -66.72 -89.94 31.37
C VAL FC 26 -65.72 -88.87 31.79
N GLY FC 27 -64.57 -89.29 32.28
CA GLY FC 27 -63.56 -88.35 32.73
C GLY FC 27 -62.46 -88.18 31.71
N ALA FC 28 -62.14 -86.93 31.39
CA ALA FC 28 -61.09 -86.61 30.44
C ALA FC 28 -59.78 -86.49 31.21
N ASP FC 29 -58.88 -87.45 31.00
CA ASP FC 29 -57.59 -87.45 31.67
C ASP FC 29 -56.62 -86.51 30.94
N ASN FC 30 -55.33 -86.62 31.25
CA ASN FC 30 -54.29 -85.85 30.58
C ASN FC 30 -54.08 -86.47 29.19
N VAL FC 31 -54.94 -86.07 28.26
CA VAL FC 31 -55.02 -86.69 26.95
C VAL FC 31 -54.51 -85.73 25.89
N GLY FC 32 -53.76 -86.27 24.93
CA GLY FC 32 -53.32 -85.53 23.78
C GLY FC 32 -54.32 -85.64 22.63
N SER FC 33 -54.02 -84.90 21.56
CA SER FC 33 -54.94 -84.83 20.42
C SER FC 33 -55.08 -86.19 19.75
N LYS FC 34 -53.99 -86.95 19.63
CA LYS FC 34 -54.04 -88.21 18.90
C LYS FC 34 -54.85 -89.27 19.65
N GLN FC 35 -54.94 -89.16 20.97
CA GLN FC 35 -55.82 -90.05 21.71
C GLN FC 35 -57.28 -89.72 21.46
N MET FC 36 -57.60 -88.44 21.29
CA MET FC 36 -58.95 -88.05 20.91
C MET FC 36 -59.30 -88.59 19.53
N GLN FC 37 -58.37 -88.47 18.58
CA GLN FC 37 -58.65 -88.94 17.22
C GLN FC 37 -58.71 -90.46 17.17
N GLN FC 38 -57.99 -91.14 18.06
CA GLN FC 38 -58.01 -92.60 18.07
C GLN FC 38 -59.31 -93.13 18.66
N ILE FC 39 -59.80 -92.51 19.74
CA ILE FC 39 -61.04 -92.96 20.34
C ILE FC 39 -62.24 -92.51 19.50
N ARG FC 40 -62.12 -91.38 18.80
CA ARG FC 40 -63.20 -90.92 17.94
C ARG FC 40 -63.35 -91.81 16.72
N MET FC 41 -62.24 -92.24 16.13
CA MET FC 41 -62.31 -93.12 14.96
C MET FC 41 -62.84 -94.50 15.34
N SER FC 42 -62.59 -94.95 16.57
CA SER FC 42 -63.06 -96.24 17.03
C SER FC 42 -64.46 -96.19 17.63
N LEU FC 43 -65.10 -95.02 17.65
CA LEU FC 43 -66.41 -94.88 18.27
C LEU FC 43 -67.44 -94.18 17.38
N ARG FC 44 -67.02 -93.43 16.38
CA ARG FC 44 -67.96 -92.62 15.58
C ARG FC 44 -68.88 -93.47 14.73
N GLY FC 45 -68.55 -94.74 14.49
CA GLY FC 45 -69.43 -95.60 13.70
C GLY FC 45 -70.76 -95.87 14.35
N LYS FC 46 -70.78 -95.96 15.68
CA LYS FC 46 -72.00 -96.30 16.42
C LYS FC 46 -72.33 -95.36 17.57
N ALA FC 47 -71.39 -94.51 18.00
CA ALA FC 47 -71.58 -93.65 19.15
C ALA FC 47 -70.85 -92.34 18.88
N VAL FC 48 -70.70 -91.52 19.93
CA VAL FC 48 -70.06 -90.22 19.82
C VAL FC 48 -69.69 -89.76 21.22
N VAL FC 49 -68.72 -88.84 21.30
CA VAL FC 49 -68.28 -88.25 22.56
C VAL FC 49 -68.22 -86.75 22.40
N LEU FC 50 -68.68 -86.03 23.42
CA LEU FC 50 -68.72 -84.57 23.39
C LEU FC 50 -67.94 -84.01 24.57
N MET FC 51 -67.05 -83.05 24.29
CA MET FC 51 -66.25 -82.41 25.32
C MET FC 51 -66.29 -80.90 25.11
N GLY FC 52 -66.23 -80.17 26.23
CA GLY FC 52 -66.28 -78.72 26.17
C GLY FC 52 -66.37 -78.13 27.56
N LYS FC 53 -66.78 -76.86 27.61
CA LYS FC 53 -66.89 -76.16 28.88
C LYS FC 53 -67.94 -76.82 29.77
N ASN FC 54 -67.67 -76.84 31.07
CA ASN FC 54 -68.47 -77.61 32.01
C ASN FC 54 -69.88 -77.05 32.17
N THR FC 55 -69.99 -75.79 32.60
CA THR FC 55 -71.29 -75.18 32.87
C THR FC 55 -72.09 -74.93 31.59
N MET FC 56 -71.46 -75.05 30.41
CA MET FC 56 -72.24 -75.09 29.18
C MET FC 56 -73.17 -76.29 29.17
N MET FC 57 -72.66 -77.46 29.57
CA MET FC 57 -73.50 -78.65 29.67
C MET FC 57 -74.49 -78.53 30.82
N ARG FC 58 -74.05 -77.97 31.95
CA ARG FC 58 -74.94 -77.85 33.11
C ARG FC 58 -76.12 -76.94 32.81
N LYS FC 59 -75.87 -75.82 32.14
CA LYS FC 59 -76.96 -74.93 31.73
C LYS FC 59 -77.87 -75.60 30.71
N ALA FC 60 -77.28 -76.34 29.77
CA ALA FC 60 -78.08 -76.99 28.73
C ALA FC 60 -78.97 -78.07 29.30
N ILE FC 61 -78.60 -78.63 30.45
CA ILE FC 61 -79.43 -79.65 31.10
C ILE FC 61 -80.24 -79.10 32.26
N ARG FC 62 -80.12 -77.80 32.57
CA ARG FC 62 -80.87 -77.19 33.65
C ARG FC 62 -82.16 -76.53 33.14
N GLY FC 63 -82.05 -75.69 32.12
CA GLY FC 63 -83.19 -75.03 31.52
C GLY FC 63 -83.86 -75.77 30.39
N HIS FC 64 -83.43 -77.01 30.12
CA HIS FC 64 -83.98 -77.84 29.06
C HIS FC 64 -84.26 -79.24 29.59
N LEU FC 65 -84.89 -79.29 30.76
CA LEU FC 65 -85.09 -80.54 31.49
C LEU FC 65 -86.55 -80.90 31.71
N GLU FC 66 -87.46 -79.92 31.70
CA GLU FC 66 -88.87 -80.22 31.98
C GLU FC 66 -89.47 -81.15 30.93
N ASN FC 67 -88.97 -81.11 29.70
CA ASN FC 67 -89.45 -82.02 28.67
C ASN FC 67 -89.08 -83.47 29.00
N ASN FC 68 -87.86 -83.69 29.50
CA ASN FC 68 -87.38 -85.03 29.85
C ASN FC 68 -86.93 -85.04 31.31
N PRO FC 69 -87.83 -85.33 32.25
CA PRO FC 69 -87.46 -85.28 33.67
C PRO FC 69 -86.56 -86.43 34.09
N ALA FC 70 -86.27 -86.50 35.40
CA ALA FC 70 -85.37 -87.49 36.01
C ALA FC 70 -83.94 -87.33 35.51
N LEU FC 71 -83.68 -86.27 34.74
CA LEU FC 71 -82.34 -85.90 34.31
C LEU FC 71 -81.64 -85.00 35.31
N GLU FC 72 -82.36 -84.57 36.36
CA GLU FC 72 -81.77 -83.76 37.43
C GLU FC 72 -80.78 -84.54 38.27
N LYS FC 73 -80.70 -85.86 38.11
CA LYS FC 73 -79.70 -86.65 38.82
C LYS FC 73 -78.28 -86.23 38.47
N LEU FC 74 -78.05 -85.71 37.27
CA LEU FC 74 -76.72 -85.32 36.83
C LEU FC 74 -76.38 -83.87 37.18
N LEU FC 75 -77.29 -83.14 37.80
CA LEU FC 75 -76.94 -81.80 38.29
C LEU FC 75 -75.88 -81.82 39.38
N PRO FC 76 -75.98 -82.63 40.44
CA PRO FC 76 -74.88 -82.70 41.42
C PRO FC 76 -73.83 -83.75 41.13
N HIS FC 77 -73.84 -84.36 39.95
CA HIS FC 77 -72.90 -85.43 39.62
C HIS FC 77 -71.92 -85.07 38.51
N ILE FC 78 -71.89 -83.81 38.08
CA ILE FC 78 -70.97 -83.36 37.04
C ILE FC 78 -69.98 -82.42 37.72
N ARG FC 79 -68.83 -82.96 38.09
CA ARG FC 79 -67.77 -82.19 38.73
C ARG FC 79 -66.43 -82.57 38.12
N GLY FC 80 -65.50 -81.62 38.12
CA GLY FC 80 -64.20 -81.88 37.54
C GLY FC 80 -64.26 -81.92 36.02
N ASN FC 81 -63.21 -82.50 35.44
CA ASN FC 81 -63.09 -82.62 33.98
C ASN FC 81 -63.87 -83.84 33.52
N VAL FC 82 -65.18 -83.66 33.38
CA VAL FC 82 -66.08 -84.73 32.98
C VAL FC 82 -66.96 -84.26 31.84
N GLY FC 83 -67.41 -85.21 31.02
CA GLY FC 83 -68.28 -84.94 29.91
C GLY FC 83 -69.32 -86.03 29.73
N PHE FC 84 -69.63 -86.39 28.48
CA PHE FC 84 -70.62 -87.42 28.21
C PHE FC 84 -70.19 -88.21 26.97
N VAL FC 85 -70.60 -89.48 26.93
CA VAL FC 85 -70.52 -90.31 25.74
C VAL FC 85 -71.90 -90.87 25.48
N PHE FC 86 -72.36 -90.76 24.24
CA PHE FC 86 -73.74 -91.06 23.87
C PHE FC 86 -73.80 -92.30 23.00
N THR FC 87 -74.61 -93.27 23.41
CA THR FC 87 -74.75 -94.53 22.70
C THR FC 87 -76.09 -95.14 23.07
N LYS FC 88 -76.44 -96.23 22.37
CA LYS FC 88 -77.65 -96.98 22.67
C LYS FC 88 -77.39 -98.44 23.00
N GLU FC 89 -76.19 -98.95 22.73
CA GLU FC 89 -75.88 -100.34 23.02
C GLU FC 89 -75.76 -100.57 24.52
N ASP FC 90 -75.66 -101.84 24.90
CA ASP FC 90 -75.66 -102.21 26.31
C ASP FC 90 -74.39 -101.75 26.99
N LEU FC 91 -74.41 -101.81 28.33
CA LEU FC 91 -73.35 -101.24 29.15
C LEU FC 91 -72.04 -101.99 28.98
N THR FC 92 -72.09 -103.32 28.88
CA THR FC 92 -70.86 -104.11 28.94
C THR FC 92 -70.05 -104.00 27.66
N GLU FC 93 -70.72 -104.00 26.50
CA GLU FC 93 -70.01 -104.02 25.23
C GLU FC 93 -69.28 -102.71 24.95
N ILE FC 94 -69.73 -101.60 25.53
CA ILE FC 94 -69.00 -100.34 25.38
C ILE FC 94 -67.98 -100.16 26.48
N ARG FC 95 -68.26 -100.68 27.68
CA ARG FC 95 -67.32 -100.52 28.79
C ARG FC 95 -66.04 -101.30 28.55
N ASP FC 96 -66.15 -102.54 28.03
CA ASP FC 96 -64.96 -103.36 27.86
C ASP FC 96 -64.12 -102.89 26.67
N MET FC 97 -64.76 -102.34 25.63
CA MET FC 97 -64.01 -101.81 24.51
C MET FC 97 -63.39 -100.46 24.86
N LEU FC 98 -63.98 -99.73 25.80
CA LEU FC 98 -63.39 -98.47 26.23
C LEU FC 98 -62.17 -98.70 27.11
N LEU FC 99 -62.20 -99.77 27.92
CA LEU FC 99 -61.04 -100.10 28.75
C LEU FC 99 -59.99 -100.88 27.98
N ALA FC 100 -60.31 -101.38 26.78
CA ALA FC 100 -59.32 -102.10 25.99
C ALA FC 100 -58.31 -101.16 25.36
N ASN FC 101 -58.77 -100.03 24.82
CA ASN FC 101 -57.90 -99.10 24.11
C ASN FC 101 -57.32 -98.05 25.07
N LYS FC 102 -56.33 -98.48 25.83
CA LYS FC 102 -55.56 -97.59 26.68
C LYS FC 102 -54.29 -97.19 25.95
N VAL FC 103 -54.10 -95.88 25.76
CA VAL FC 103 -53.00 -95.36 24.96
C VAL FC 103 -51.77 -95.27 25.85
N PRO FC 104 -50.66 -95.94 25.52
CA PRO FC 104 -49.40 -95.75 26.25
C PRO FC 104 -48.62 -94.55 25.71
N ALA FC 105 -49.03 -93.36 26.17
CA ALA FC 105 -48.46 -92.11 25.71
C ALA FC 105 -47.11 -91.78 26.33
N ALA FC 106 -46.45 -92.78 26.92
CA ALA FC 106 -45.14 -92.68 27.56
C ALA FC 106 -45.16 -91.83 28.82
N ALA FC 107 -44.25 -92.10 29.75
CA ALA FC 107 -44.19 -91.36 31.01
C ALA FC 107 -43.45 -90.05 30.78
N ARG FC 108 -44.16 -88.93 30.94
CA ARG FC 108 -43.56 -87.62 30.81
C ARG FC 108 -42.86 -87.23 32.10
N ALA FC 109 -41.80 -86.44 31.96
CA ALA FC 109 -41.01 -86.00 33.11
C ALA FC 109 -41.86 -85.08 33.99
N GLY FC 110 -42.23 -85.57 35.17
CA GLY FC 110 -43.07 -84.80 36.07
C GLY FC 110 -44.54 -85.16 35.97
N ALA FC 111 -44.85 -86.46 36.00
CA ALA FC 111 -46.21 -86.95 35.93
C ALA FC 111 -46.46 -87.96 37.03
N ILE FC 112 -47.70 -87.95 37.54
CA ILE FC 112 -48.09 -88.90 38.59
C ILE FC 112 -48.28 -90.28 37.97
N ALA FC 113 -47.81 -91.30 38.68
CA ALA FC 113 -47.87 -92.67 38.18
C ALA FC 113 -48.97 -93.44 38.89
N PRO FC 114 -50.08 -93.78 38.22
CA PRO FC 114 -51.10 -94.59 38.88
C PRO FC 114 -50.72 -96.05 38.99
N CYS FC 115 -49.88 -96.56 38.09
CA CYS FC 115 -49.50 -97.95 38.04
C CYS FC 115 -48.06 -98.13 38.51
N GLU FC 116 -47.72 -99.38 38.83
CA GLU FC 116 -46.37 -99.74 39.26
C GLU FC 116 -45.70 -100.56 38.17
N VAL FC 117 -44.43 -100.24 37.89
CA VAL FC 117 -43.64 -100.95 36.89
C VAL FC 117 -42.34 -101.41 37.53
N THR FC 118 -41.96 -102.66 37.24
CA THR FC 118 -40.73 -103.25 37.75
C THR FC 118 -40.02 -103.94 36.60
N VAL FC 119 -38.83 -103.45 36.26
CA VAL FC 119 -38.08 -104.01 35.13
C VAL FC 119 -37.52 -105.38 35.52
N PRO FC 120 -37.69 -106.41 34.69
CA PRO FC 120 -37.09 -107.71 35.00
C PRO FC 120 -35.64 -107.80 34.53
N ALA FC 121 -35.05 -108.98 34.62
CA ALA FC 121 -33.69 -109.22 34.12
C ALA FC 121 -33.78 -109.70 32.69
N GLN FC 122 -33.28 -108.90 31.76
CA GLN FC 122 -33.33 -109.23 30.35
C GLN FC 122 -32.27 -108.42 29.61
N ASN FC 123 -31.96 -108.84 28.39
CA ASN FC 123 -31.06 -108.06 27.54
C ASN FC 123 -31.76 -106.78 27.09
N THR FC 124 -31.12 -105.63 27.34
CA THR FC 124 -31.72 -104.36 26.98
C THR FC 124 -31.86 -104.22 25.46
N GLY FC 125 -30.84 -104.62 24.71
CA GLY FC 125 -30.92 -104.69 23.27
C GLY FC 125 -30.24 -103.56 22.53
N LEU FC 126 -29.94 -102.45 23.19
CA LEU FC 126 -29.32 -101.33 22.51
C LEU FC 126 -27.80 -101.43 22.58
N GLY FC 127 -27.13 -100.53 21.86
CA GLY FC 127 -25.69 -100.54 21.78
C GLY FC 127 -25.01 -100.21 23.09
N PRO FC 128 -23.74 -100.62 23.22
CA PRO FC 128 -23.01 -100.42 24.49
C PRO FC 128 -22.35 -99.05 24.57
N GLU FC 129 -23.17 -97.99 24.49
CA GLU FC 129 -22.66 -96.64 24.66
C GLU FC 129 -23.62 -95.76 25.47
N LYS FC 130 -24.62 -96.34 26.11
CA LYS FC 130 -25.61 -95.59 26.89
C LYS FC 130 -25.70 -96.12 28.31
N THR FC 131 -24.55 -96.42 28.93
CA THR FC 131 -24.52 -96.94 30.29
C THR FC 131 -24.64 -95.85 31.35
N SER FC 132 -24.60 -94.58 30.95
CA SER FC 132 -24.71 -93.49 31.92
C SER FC 132 -26.08 -93.47 32.58
N PHE FC 133 -27.13 -93.75 31.80
CA PHE FC 133 -28.49 -93.76 32.35
C PHE FC 133 -28.66 -94.86 33.40
N PHE FC 134 -28.13 -96.05 33.11
CA PHE FC 134 -28.23 -97.15 34.08
C PHE FC 134 -27.41 -96.86 35.33
N GLN FC 135 -26.21 -96.30 35.16
CA GLN FC 135 -25.36 -95.99 36.30
C GLN FC 135 -25.92 -94.84 37.13
N ALA FC 136 -26.77 -94.00 36.53
CA ALA FC 136 -27.39 -92.92 37.29
C ALA FC 136 -28.47 -93.45 38.22
N LEU FC 137 -29.27 -94.41 37.76
CA LEU FC 137 -30.33 -94.97 38.58
C LEU FC 137 -29.84 -96.06 39.52
N GLY FC 138 -28.61 -96.54 39.36
CA GLY FC 138 -28.03 -97.52 40.26
C GLY FC 138 -28.03 -98.95 39.77
N ILE FC 139 -28.49 -99.21 38.54
CA ILE FC 139 -28.52 -100.55 37.99
C ILE FC 139 -27.17 -100.81 37.33
N THR FC 140 -26.40 -101.72 37.91
CA THR FC 140 -25.08 -102.06 37.39
C THR FC 140 -25.20 -103.23 36.42
N THR FC 141 -24.56 -103.10 35.26
CA THR FC 141 -24.65 -104.07 34.19
C THR FC 141 -23.26 -104.34 33.62
N LYS FC 142 -23.12 -105.50 32.97
CA LYS FC 142 -21.87 -105.87 32.31
C LYS FC 142 -22.12 -106.08 30.81
N ILE FC 143 -21.21 -105.55 30.01
CA ILE FC 143 -21.36 -105.56 28.56
C ILE FC 143 -21.13 -106.96 28.04
N SER FC 144 -22.09 -107.49 27.29
CA SER FC 144 -22.02 -108.87 26.81
C SER FC 144 -22.73 -108.98 25.46
N ARG FC 145 -22.04 -109.59 24.50
CA ARG FC 145 -22.57 -109.85 23.16
C ARG FC 145 -23.04 -108.57 22.47
N GLY FC 146 -22.31 -107.48 22.70
CA GLY FC 146 -22.57 -106.24 22.01
C GLY FC 146 -23.72 -105.41 22.54
N THR FC 147 -24.41 -105.87 23.59
CA THR FC 147 -25.54 -105.16 24.15
C THR FC 147 -25.46 -105.19 25.67
N ILE FC 148 -26.10 -104.21 26.29
CA ILE FC 148 -26.19 -104.15 27.75
C ILE FC 148 -27.18 -105.21 28.22
N GLU FC 149 -26.88 -105.84 29.36
CA GLU FC 149 -27.69 -106.94 29.87
C GLU FC 149 -28.01 -106.71 31.34
N ILE FC 150 -29.30 -106.77 31.68
CA ILE FC 150 -29.75 -106.64 33.06
C ILE FC 150 -29.50 -107.94 33.79
N LEU FC 151 -28.83 -107.84 34.95
CA LEU FC 151 -28.52 -109.02 35.76
C LEU FC 151 -29.31 -109.12 37.06
N SER FC 152 -29.84 -108.01 37.57
CA SER FC 152 -30.55 -108.01 38.83
C SER FC 152 -31.93 -107.37 38.66
N ASP FC 153 -32.89 -107.87 39.42
CA ASP FC 153 -34.23 -107.29 39.44
C ASP FC 153 -34.29 -106.17 40.47
N VAL FC 154 -34.69 -104.99 40.03
CA VAL FC 154 -34.74 -103.81 40.87
C VAL FC 154 -36.11 -103.17 40.74
N GLN FC 155 -36.50 -102.41 41.77
CA GLN FC 155 -37.72 -101.63 41.71
C GLN FC 155 -37.49 -100.34 40.94
N LEU FC 156 -38.37 -100.04 40.00
CA LEU FC 156 -38.26 -98.82 39.20
C LEU FC 156 -38.98 -97.66 39.89
N ILE FC 157 -40.28 -97.83 40.15
CA ILE FC 157 -41.10 -96.80 40.77
C ILE FC 157 -41.99 -97.44 41.83
N LYS FC 158 -42.48 -96.61 42.73
CA LYS FC 158 -43.49 -97.00 43.70
C LYS FC 158 -44.86 -96.48 43.24
N THR FC 159 -45.87 -96.63 44.08
CA THR FC 159 -47.23 -96.23 43.73
C THR FC 159 -47.45 -94.77 44.10
N GLY FC 160 -47.83 -93.97 43.12
CA GLY FC 160 -48.17 -92.57 43.36
C GLY FC 160 -47.05 -91.67 43.80
N ASP FC 161 -45.88 -91.78 43.16
CA ASP FC 161 -44.77 -90.86 43.41
C ASP FC 161 -44.39 -90.16 42.10
N LYS FC 162 -43.31 -89.39 42.17
CA LYS FC 162 -42.89 -88.52 41.07
C LYS FC 162 -41.75 -89.16 40.29
N VAL FC 163 -41.85 -89.12 38.96
CA VAL FC 163 -40.81 -89.65 38.10
C VAL FC 163 -39.60 -88.72 38.11
N GLY FC 164 -38.40 -89.30 38.20
CA GLY FC 164 -37.19 -88.52 38.18
C GLY FC 164 -36.83 -88.00 36.80
N ALA FC 165 -35.88 -87.07 36.77
CA ALA FC 165 -35.44 -86.49 35.50
C ALA FC 165 -34.63 -87.47 34.66
N SER FC 166 -34.00 -88.47 35.29
CA SER FC 166 -33.27 -89.50 34.59
C SER FC 166 -34.00 -90.83 34.57
N GLU FC 167 -35.25 -90.86 35.01
CA GLU FC 167 -36.04 -92.08 35.12
C GLU FC 167 -36.89 -92.33 33.88
N ALA FC 168 -37.60 -91.31 33.41
CA ALA FC 168 -38.44 -91.47 32.22
C ALA FC 168 -37.60 -91.62 30.96
N THR FC 169 -36.45 -90.92 30.89
CA THR FC 169 -35.60 -91.04 29.72
C THR FC 169 -34.89 -92.39 29.67
N LEU FC 170 -34.63 -92.99 30.83
CA LEU FC 170 -34.14 -94.37 30.86
C LEU FC 170 -35.24 -95.34 30.43
N LEU FC 171 -36.48 -95.02 30.79
CA LEU FC 171 -37.63 -95.81 30.33
C LEU FC 171 -37.78 -95.73 28.82
N ASN FC 172 -37.37 -94.60 28.22
CA ASN FC 172 -37.55 -94.42 26.78
C ASN FC 172 -36.61 -95.34 25.99
N MET FC 173 -35.33 -95.40 26.38
CA MET FC 173 -34.38 -96.22 25.65
C MET FC 173 -34.41 -97.68 26.07
N LEU FC 174 -35.18 -98.03 27.09
CA LEU FC 174 -35.42 -99.42 27.45
C LEU FC 174 -36.69 -99.97 26.82
N ASN FC 175 -37.65 -99.11 26.50
CA ASN FC 175 -38.87 -99.47 25.78
C ASN FC 175 -39.68 -100.53 26.53
N ILE FC 176 -40.06 -100.20 27.76
CA ILE FC 176 -40.98 -100.99 28.56
C ILE FC 176 -42.20 -100.13 28.84
N SER FC 177 -43.38 -100.77 28.80
CA SER FC 177 -44.63 -100.02 28.79
C SER FC 177 -44.83 -99.28 30.11
N PRO FC 178 -45.06 -97.97 30.09
CA PRO FC 178 -45.30 -97.23 31.33
C PRO FC 178 -46.75 -97.30 31.76
N PHE FC 179 -47.10 -96.53 32.80
CA PHE FC 179 -48.50 -96.41 33.20
C PHE FC 179 -49.32 -95.80 32.08
N SER FC 180 -50.49 -96.39 31.83
CA SER FC 180 -51.34 -95.98 30.73
C SER FC 180 -52.74 -95.68 31.26
N PHE FC 181 -53.28 -94.53 30.87
CA PHE FC 181 -54.62 -94.11 31.25
C PHE FC 181 -55.37 -93.69 29.99
N GLY FC 182 -56.68 -93.53 30.14
CA GLY FC 182 -57.52 -93.20 29.02
C GLY FC 182 -58.81 -92.53 29.42
N LEU FC 183 -59.81 -92.67 28.56
CA LEU FC 183 -61.12 -92.04 28.75
C LEU FC 183 -61.97 -92.94 29.64
N VAL FC 184 -61.66 -92.91 30.94
CA VAL FC 184 -62.24 -93.83 31.92
C VAL FC 184 -63.61 -93.32 32.35
N ILE FC 185 -64.55 -94.25 32.49
CA ILE FC 185 -65.92 -93.90 32.87
C ILE FC 185 -65.98 -93.49 34.33
N GLN FC 186 -66.63 -92.37 34.61
CA GLN FC 186 -66.93 -92.00 35.99
C GLN FC 186 -68.12 -92.79 36.53
N GLN FC 187 -69.27 -92.66 35.87
CA GLN FC 187 -70.46 -93.43 36.24
C GLN FC 187 -71.36 -93.50 35.00
N VAL FC 188 -72.53 -94.10 35.18
CA VAL FC 188 -73.45 -94.35 34.08
C VAL FC 188 -74.78 -93.67 34.32
N PHE FC 189 -75.65 -93.70 33.32
CA PHE FC 189 -77.00 -93.13 33.44
C PHE FC 189 -77.90 -93.83 32.43
N ASP FC 190 -78.79 -94.69 32.93
CA ASP FC 190 -79.71 -95.47 32.09
C ASP FC 190 -81.14 -95.11 32.47
N ASN FC 191 -81.70 -94.11 31.78
CA ASN FC 191 -83.08 -93.66 31.99
C ASN FC 191 -83.33 -93.27 33.45
N GLY FC 192 -82.34 -92.65 34.07
CA GLY FC 192 -82.46 -92.27 35.46
C GLY FC 192 -81.92 -93.33 36.42
N SER FC 193 -80.68 -93.76 36.20
CA SER FC 193 -80.07 -94.76 37.05
C SER FC 193 -78.60 -94.40 37.28
N ILE FC 194 -78.07 -94.89 38.40
CA ILE FC 194 -76.66 -94.72 38.76
C ILE FC 194 -76.09 -96.08 39.11
N TYR FC 195 -75.09 -96.53 38.34
CA TYR FC 195 -74.38 -97.76 38.65
C TYR FC 195 -72.88 -97.49 38.72
N ASN FC 196 -72.09 -98.55 38.83
CA ASN FC 196 -70.64 -98.43 38.89
C ASN FC 196 -70.06 -98.00 37.54
N PRO GC 1 -33.35 -101.28 11.70
CA PRO GC 1 -34.24 -100.22 11.21
C PRO GC 1 -34.39 -100.27 9.70
N ASN GC 2 -34.89 -101.39 9.18
CA ASN GC 2 -34.99 -101.64 7.74
C ASN GC 2 -33.64 -101.54 7.05
N GLU GC 3 -32.58 -101.83 7.81
CA GLU GC 3 -31.19 -101.92 7.34
C GLU GC 3 -30.59 -100.58 6.95
N ILE GC 4 -31.39 -99.51 6.94
CA ILE GC 4 -30.90 -98.19 6.55
C ILE GC 4 -31.89 -97.11 6.96
N LYS GC 5 -31.40 -95.88 7.16
CA LYS GC 5 -32.24 -94.71 7.40
C LYS GC 5 -31.65 -93.55 6.62
N VAL GC 6 -32.32 -93.15 5.54
CA VAL GC 6 -31.83 -92.10 4.63
C VAL GC 6 -32.96 -91.07 4.48
N VAL GC 7 -33.74 -90.90 5.55
CA VAL GC 7 -35.02 -90.20 5.52
C VAL GC 7 -34.91 -88.75 5.02
N TYR GC 8 -33.72 -88.15 5.09
CA TYR GC 8 -33.56 -86.77 4.61
C TYR GC 8 -33.91 -86.68 3.13
N LEU GC 9 -34.60 -85.59 2.77
CA LEU GC 9 -35.27 -85.46 1.49
C LEU GC 9 -34.42 -84.64 0.51
N ARG GC 10 -34.95 -84.49 -0.71
CA ARG GC 10 -34.26 -83.79 -1.79
C ARG GC 10 -35.22 -82.80 -2.45
N CYS GC 11 -34.72 -81.61 -2.77
CA CYS GC 11 -35.53 -80.56 -3.37
C CYS GC 11 -34.78 -79.87 -4.51
N THR GC 12 -34.24 -80.67 -5.42
CA THR GC 12 -33.65 -80.15 -6.65
C THR GC 12 -34.32 -80.81 -7.84
N GLY GC 13 -34.36 -80.09 -8.96
CA GLY GC 13 -35.01 -80.61 -10.15
C GLY GC 13 -34.82 -79.68 -11.33
N GLY GC 14 -35.37 -80.09 -12.46
CA GLY GC 14 -35.21 -79.36 -13.70
C GLY GC 14 -34.04 -79.89 -14.50
N GLU GC 15 -32.89 -79.21 -14.41
CA GLU GC 15 -31.67 -79.70 -15.02
C GLU GC 15 -30.99 -80.69 -14.08
N VAL GC 16 -30.04 -81.45 -14.64
CA VAL GC 16 -29.31 -82.45 -13.86
C VAL GC 16 -28.53 -81.78 -12.73
N GLY GC 17 -27.86 -80.67 -13.03
CA GLY GC 17 -27.17 -79.91 -12.01
C GLY GC 17 -25.75 -80.35 -11.75
N ALA GC 18 -25.60 -81.54 -11.15
CA ALA GC 18 -24.32 -82.14 -10.82
C ALA GC 18 -23.50 -81.26 -9.88
N THR GC 19 -22.59 -80.46 -10.44
CA THR GC 19 -21.70 -79.66 -9.62
C THR GC 19 -22.46 -78.57 -8.86
N SER GC 20 -23.40 -77.90 -9.52
CA SER GC 20 -24.13 -76.80 -8.90
C SER GC 20 -25.24 -77.27 -7.97
N ALA GC 21 -25.51 -78.57 -7.91
CA ALA GC 21 -26.56 -79.08 -7.06
C ALA GC 21 -26.10 -79.13 -5.60
N LEU GC 22 -27.04 -79.38 -4.70
CA LEU GC 22 -26.77 -79.50 -3.28
C LEU GC 22 -26.36 -80.92 -2.89
N ALA GC 23 -26.24 -81.81 -3.87
CA ALA GC 23 -25.82 -83.18 -3.59
C ALA GC 23 -24.43 -83.27 -2.95
N PRO GC 24 -23.39 -82.57 -3.41
CA PRO GC 24 -22.14 -82.57 -2.65
C PRO GC 24 -22.28 -81.92 -1.28
N LYS GC 25 -23.27 -81.05 -1.08
CA LYS GC 25 -23.52 -80.44 0.22
C LYS GC 25 -24.40 -81.30 1.11
N ILE GC 26 -24.82 -82.48 0.64
CA ILE GC 26 -25.66 -83.38 1.44
C ILE GC 26 -25.08 -84.78 1.52
N GLY GC 27 -23.98 -85.06 0.83
CA GLY GC 27 -23.39 -86.38 0.75
C GLY GC 27 -22.94 -87.01 2.05
N PRO GC 28 -22.19 -86.29 2.88
CA PRO GC 28 -21.75 -86.88 4.17
C PRO GC 28 -22.86 -87.24 5.14
N LEU GC 29 -24.12 -86.93 4.81
CA LEU GC 29 -25.22 -87.35 5.69
C LEU GC 29 -25.35 -88.86 5.73
N GLY GC 30 -25.19 -89.53 4.59
CA GLY GC 30 -25.30 -90.98 4.54
C GLY GC 30 -24.03 -91.68 4.12
N LEU GC 31 -23.19 -90.99 3.34
CA LEU GC 31 -21.86 -91.40 2.91
C LEU GC 31 -21.88 -92.53 1.90
N SER GC 32 -23.06 -93.09 1.62
CA SER GC 32 -23.18 -94.19 0.67
C SER GC 32 -23.24 -93.77 -0.80
N PRO GC 33 -24.15 -92.82 -1.21
CA PRO GC 33 -24.28 -92.55 -2.64
C PRO GC 33 -23.04 -91.93 -3.28
N LYS GC 34 -22.60 -90.79 -2.76
CA LYS GC 34 -21.54 -89.98 -3.36
C LYS GC 34 -21.83 -89.70 -4.82
N LYS GC 35 -20.79 -89.68 -5.66
CA LYS GC 35 -20.97 -89.33 -7.07
C LYS GC 35 -21.66 -90.45 -7.84
N VAL GC 36 -21.34 -91.71 -7.51
CA VAL GC 36 -21.93 -92.84 -8.22
C VAL GC 36 -23.39 -93.04 -7.84
N GLY GC 37 -23.84 -92.45 -6.73
CA GLY GC 37 -25.20 -92.65 -6.27
C GLY GC 37 -26.15 -91.56 -6.71
N ASP GC 38 -25.75 -90.30 -6.58
CA ASP GC 38 -26.62 -89.20 -6.95
C ASP GC 38 -26.73 -89.02 -8.45
N ASP GC 39 -25.79 -89.56 -9.23
CA ASP GC 39 -25.88 -89.44 -10.68
C ASP GC 39 -26.93 -90.40 -11.24
N ILE GC 40 -26.97 -91.63 -10.72
CA ILE GC 40 -28.00 -92.58 -11.13
C ILE GC 40 -29.33 -92.28 -10.45
N ALA GC 41 -29.31 -91.56 -9.33
CA ALA GC 41 -30.55 -91.14 -8.68
C ALA GC 41 -31.23 -90.03 -9.47
N LYS GC 42 -30.43 -89.09 -10.00
CA LYS GC 42 -30.99 -88.02 -10.81
C LYS GC 42 -31.48 -88.52 -12.17
N ALA GC 43 -30.90 -89.62 -12.65
CA ALA GC 43 -31.28 -90.12 -13.99
C ALA GC 43 -32.76 -90.50 -14.04
N THR GC 44 -33.25 -91.18 -13.01
CA THR GC 44 -34.67 -91.51 -12.93
C THR GC 44 -35.50 -90.35 -12.38
N GLY GC 45 -34.94 -89.55 -11.49
CA GLY GC 45 -35.62 -88.44 -10.87
C GLY GC 45 -35.57 -87.13 -11.63
N ASP GC 46 -35.17 -87.16 -12.91
CA ASP GC 46 -35.15 -85.93 -13.71
C ASP GC 46 -36.56 -85.36 -13.87
N TRP GC 47 -37.52 -86.23 -14.14
CA TRP GC 47 -38.89 -85.83 -14.41
C TRP GC 47 -39.78 -86.14 -13.21
N LYS GC 48 -41.07 -85.87 -13.38
CA LYS GC 48 -42.09 -86.02 -12.33
C LYS GC 48 -41.68 -85.31 -11.03
N GLY GC 49 -41.61 -83.98 -11.09
CA GLY GC 49 -41.87 -83.17 -12.26
C GLY GC 49 -40.58 -82.56 -12.77
N LEU GC 50 -40.70 -81.54 -13.62
CA LEU GC 50 -39.55 -80.73 -14.03
C LEU GC 50 -39.32 -79.55 -13.09
N ARG GC 51 -39.77 -79.67 -11.85
CA ARG GC 51 -39.81 -78.58 -10.88
C ARG GC 51 -38.93 -78.92 -9.68
N ILE GC 52 -39.09 -78.18 -8.57
CA ILE GC 52 -38.22 -78.34 -7.41
C ILE GC 52 -38.20 -79.77 -6.89
N THR GC 53 -39.28 -80.54 -7.11
CA THR GC 53 -39.35 -81.98 -6.85
C THR GC 53 -38.97 -82.31 -5.40
N VAL GC 54 -39.85 -81.90 -4.49
CA VAL GC 54 -39.75 -82.33 -3.10
C VAL GC 54 -40.01 -83.82 -3.07
N LYS GC 55 -38.96 -84.61 -2.84
CA LYS GC 55 -39.05 -86.05 -2.90
C LYS GC 55 -38.36 -86.68 -1.70
N LEU GC 56 -38.81 -87.88 -1.35
CA LEU GC 56 -38.24 -88.65 -0.24
C LEU GC 56 -37.53 -89.87 -0.83
N THR GC 57 -36.35 -90.17 -0.28
CA THR GC 57 -35.47 -91.18 -0.84
C THR GC 57 -35.36 -92.39 0.09
N ILE GC 58 -35.17 -93.56 -0.52
CA ILE GC 58 -34.96 -94.81 0.20
C ILE GC 58 -33.66 -95.42 -0.32
N GLN GC 59 -32.80 -95.87 0.60
CA GLN GC 59 -31.49 -96.39 0.25
C GLN GC 59 -31.53 -97.91 0.09
N ASN GC 60 -30.82 -98.41 -0.93
CA ASN GC 60 -30.70 -99.83 -1.22
C ASN GC 60 -29.23 -100.21 -1.33
N ARG GC 61 -28.45 -99.80 -0.32
CA ARG GC 61 -27.01 -100.04 -0.20
C ARG GC 61 -26.22 -99.23 -1.23
N GLN GC 62 -26.21 -99.69 -2.48
CA GLN GC 62 -25.62 -98.93 -3.58
C GLN GC 62 -26.68 -98.34 -4.51
N ALA GC 63 -27.70 -99.12 -4.85
CA ALA GC 63 -28.81 -98.62 -5.64
C ALA GC 63 -29.73 -97.77 -4.77
N GLN GC 64 -30.71 -97.13 -5.39
CA GLN GC 64 -31.63 -96.26 -4.66
C GLN GC 64 -32.99 -96.28 -5.35
N ILE GC 65 -34.04 -96.14 -4.54
CA ILE GC 65 -35.40 -95.97 -5.05
C ILE GC 65 -35.93 -94.65 -4.49
N GLU GC 66 -36.46 -93.82 -5.39
CA GLU GC 66 -36.93 -92.48 -5.03
C GLU GC 66 -38.41 -92.36 -5.36
N VAL GC 67 -39.17 -91.77 -4.43
CA VAL GC 67 -40.58 -91.46 -4.62
C VAL GC 67 -40.76 -89.96 -4.50
N VAL GC 68 -41.57 -89.40 -5.40
CA VAL GC 68 -41.88 -87.98 -5.38
C VAL GC 68 -43.30 -87.81 -4.89
N PRO GC 69 -43.51 -87.40 -3.63
CA PRO GC 69 -44.88 -87.19 -3.14
C PRO GC 69 -45.61 -86.13 -3.94
N SER GC 70 -46.88 -86.38 -4.20
CA SER GC 70 -47.70 -85.50 -5.04
C SER GC 70 -48.13 -84.30 -4.21
N ALA GC 71 -47.43 -83.18 -4.38
CA ALA GC 71 -47.80 -81.92 -3.76
C ALA GC 71 -48.48 -81.02 -4.79
N SER GC 72 -49.37 -80.16 -4.30
CA SER GC 72 -50.17 -79.34 -5.21
C SER GC 72 -49.33 -78.25 -5.85
N ALA GC 73 -48.51 -77.55 -5.06
CA ALA GC 73 -47.62 -76.55 -5.64
C ALA GC 73 -46.48 -77.19 -6.41
N LEU GC 74 -46.22 -78.48 -6.20
CA LEU GC 74 -45.27 -79.21 -7.01
C LEU GC 74 -45.85 -79.55 -8.38
N ILE GC 75 -47.16 -79.72 -8.46
CA ILE GC 75 -47.81 -80.29 -9.65
C ILE GC 75 -48.51 -79.20 -10.45
N ILE GC 76 -48.78 -78.06 -9.84
CA ILE GC 76 -49.45 -76.99 -10.57
C ILE GC 76 -48.51 -76.36 -11.59
N LYS GC 77 -47.22 -76.21 -11.23
CA LYS GC 77 -46.26 -75.67 -12.18
C LYS GC 77 -45.89 -76.70 -13.24
N ALA GC 78 -45.91 -77.99 -12.90
CA ALA GC 78 -45.67 -79.03 -13.89
C ALA GC 78 -46.80 -79.10 -14.91
N LEU GC 79 -48.05 -79.01 -14.44
CA LEU GC 79 -49.19 -78.95 -15.35
C LEU GC 79 -49.15 -77.66 -16.18
N LYS GC 80 -48.73 -76.55 -15.58
CA LYS GC 80 -48.57 -75.32 -16.33
C LYS GC 80 -47.49 -75.48 -17.38
N GLU GC 81 -47.77 -75.02 -18.59
CA GLU GC 81 -46.84 -75.15 -19.70
C GLU GC 81 -46.32 -73.79 -20.15
N ILE GC 82 -60.70 -70.33 -14.76
CA ILE GC 82 -60.49 -71.63 -15.38
C ILE GC 82 -60.82 -72.73 -14.37
N THR GC 83 -61.53 -73.76 -14.83
CA THR GC 83 -62.01 -74.81 -13.94
C THR GC 83 -60.92 -75.83 -13.62
N PHE GC 84 -60.42 -76.51 -14.66
CA PHE GC 84 -59.43 -77.59 -14.59
C PHE GC 84 -59.64 -78.54 -13.42
N ASP GC 85 -60.90 -78.86 -13.13
CA ASP GC 85 -61.18 -79.75 -12.01
C ASP GC 85 -60.83 -81.20 -12.35
N GLU GC 86 -60.84 -81.55 -13.62
CA GLU GC 86 -60.52 -82.93 -14.02
C GLU GC 86 -59.03 -83.22 -13.89
N ILE GC 87 -58.17 -82.23 -14.10
CA ILE GC 87 -56.73 -82.47 -14.02
C ILE GC 87 -56.28 -82.64 -12.57
N VAL GC 88 -57.11 -82.24 -11.61
CA VAL GC 88 -56.80 -82.43 -10.20
C VAL GC 88 -57.61 -83.57 -9.58
N ASN GC 89 -58.70 -84.00 -10.24
CA ASN GC 89 -59.46 -85.15 -9.75
C ASN GC 89 -58.61 -86.42 -9.76
N ILE GC 90 -57.82 -86.62 -10.82
CA ILE GC 90 -57.01 -87.82 -10.95
C ILE GC 90 -55.60 -87.65 -10.42
N ALA GC 91 -55.23 -86.45 -9.97
CA ALA GC 91 -53.88 -86.21 -9.47
C ALA GC 91 -53.74 -86.46 -7.98
N ARG GC 92 -54.84 -86.52 -7.23
CA ARG GC 92 -54.79 -86.60 -5.78
C ARG GC 92 -55.09 -87.98 -5.24
N GLN GC 93 -55.35 -88.96 -6.12
CA GLN GC 93 -55.60 -90.33 -5.67
C GLN GC 93 -54.32 -91.07 -5.32
N MET GC 94 -53.16 -90.49 -5.60
CA MET GC 94 -51.88 -91.14 -5.37
C MET GC 94 -51.11 -90.56 -4.19
N ARG GC 95 -51.46 -89.37 -3.73
CA ARG GC 95 -50.79 -88.77 -2.58
C ARG GC 95 -51.22 -89.44 -1.29
N HIS GC 96 -50.55 -89.06 -0.20
CA HIS GC 96 -50.90 -89.62 1.12
C HIS GC 96 -52.32 -89.24 1.51
N ARG GC 97 -52.73 -88.00 1.18
CA ARG GC 97 -54.12 -87.57 1.29
C ARG GC 97 -54.63 -87.59 2.73
N SER GC 98 -53.78 -87.17 3.67
CA SER GC 98 -54.18 -87.24 5.08
C SER GC 98 -55.09 -86.07 5.45
N LEU GC 99 -54.55 -84.85 5.43
CA LEU GC 99 -55.28 -83.59 5.63
C LEU GC 99 -56.00 -83.51 6.98
N ALA GC 100 -55.84 -84.51 7.86
CA ALA GC 100 -56.72 -84.71 9.00
C ALA GC 100 -58.19 -84.66 8.56
N ARG GC 101 -58.48 -85.39 7.48
CA ARG GC 101 -59.74 -85.26 6.76
C ARG GC 101 -60.86 -86.02 7.45
N GLU GC 102 -62.09 -85.72 7.02
CA GLU GC 102 -63.28 -86.45 7.42
C GLU GC 102 -64.06 -87.02 6.25
N LEU GC 103 -64.19 -86.26 5.15
CA LEU GC 103 -64.93 -86.71 3.99
C LEU GC 103 -64.13 -86.57 2.71
N SER GC 104 -64.75 -86.88 1.56
CA SER GC 104 -64.09 -86.73 0.27
C SER GC 104 -63.97 -85.27 -0.14
N GLY GC 105 -64.96 -84.43 0.22
CA GLY GC 105 -64.94 -83.04 -0.17
C GLY GC 105 -63.88 -82.20 0.50
N THR GC 106 -63.19 -82.76 1.50
CA THR GC 106 -62.16 -82.00 2.21
C THR GC 106 -60.97 -81.69 1.31
N ILE GC 107 -60.57 -82.65 0.47
CA ILE GC 107 -59.39 -82.46 -0.37
C ILE GC 107 -59.66 -81.43 -1.45
N LYS GC 108 -60.80 -81.52 -2.13
CA LYS GC 108 -61.09 -80.59 -3.22
C LYS GC 108 -61.25 -79.16 -2.72
N GLU GC 109 -61.87 -78.98 -1.54
CA GLU GC 109 -61.94 -77.65 -0.96
C GLU GC 109 -60.57 -77.15 -0.54
N ILE GC 110 -59.68 -78.07 -0.15
CA ILE GC 110 -58.35 -77.69 0.29
C ILE GC 110 -57.53 -77.17 -0.89
N LEU GC 111 -57.51 -77.93 -1.99
CA LEU GC 111 -56.68 -77.52 -3.13
C LEU GC 111 -57.30 -76.38 -3.92
N GLY GC 112 -58.63 -76.28 -3.95
CA GLY GC 112 -59.25 -75.10 -4.53
C GLY GC 112 -58.84 -73.82 -3.81
N THR GC 113 -58.54 -73.93 -2.52
CA THR GC 113 -57.95 -72.83 -1.79
C THR GC 113 -56.48 -72.63 -2.15
N ALA GC 114 -55.74 -73.74 -2.26
CA ALA GC 114 -54.31 -73.65 -2.52
C ALA GC 114 -53.98 -73.09 -3.90
N GLN GC 115 -54.94 -73.12 -4.83
CA GLN GC 115 -54.74 -72.56 -6.15
C GLN GC 115 -55.17 -71.09 -6.24
N SER GC 116 -55.44 -70.45 -5.11
CA SER GC 116 -55.78 -69.03 -5.12
C SER GC 116 -54.58 -68.15 -5.47
N VAL GC 117 -53.37 -68.69 -5.39
CA VAL GC 117 -52.16 -67.94 -5.72
C VAL GC 117 -52.10 -67.67 -7.22
N HIS GC 125 -61.98 -65.90 -9.59
CA HIS GC 125 -61.30 -66.35 -8.39
C HIS GC 125 -61.80 -67.74 -7.98
N PRO GC 126 -60.88 -68.58 -7.50
CA PRO GC 126 -61.25 -69.93 -7.01
C PRO GC 126 -61.77 -69.95 -5.58
N HIS GC 127 -62.71 -69.06 -5.28
CA HIS GC 127 -63.33 -69.01 -3.97
C HIS GC 127 -64.84 -69.08 -4.09
N ASP GC 128 -65.40 -68.57 -5.19
CA ASP GC 128 -66.83 -68.70 -5.42
C ASP GC 128 -67.18 -70.14 -5.80
N ILE GC 129 -66.23 -70.88 -6.35
CA ILE GC 129 -66.43 -72.32 -6.55
C ILE GC 129 -66.45 -73.04 -5.22
N ILE GC 130 -65.68 -72.55 -4.23
CA ILE GC 130 -65.48 -73.26 -2.98
C ILE GC 130 -66.79 -73.36 -2.21
N ASP GC 131 -67.55 -72.26 -2.14
CA ASP GC 131 -68.77 -72.25 -1.33
C ASP GC 131 -69.82 -73.21 -1.87
N ASP GC 132 -70.38 -72.91 -3.03
CA ASP GC 132 -71.46 -73.71 -3.61
C ASP GC 132 -70.91 -74.69 -4.65
N ILE GC 133 -70.10 -75.64 -4.17
CA ILE GC 133 -69.52 -76.66 -5.05
C ILE GC 133 -70.44 -77.88 -5.05
N ASN GC 134 -70.86 -78.29 -6.25
CA ASN GC 134 -71.71 -79.46 -6.41
C ASN GC 134 -71.20 -80.44 -7.47
N SER GC 135 -70.25 -80.05 -8.30
CA SER GC 135 -69.72 -80.92 -9.35
C SER GC 135 -68.58 -81.78 -8.79
N GLY GC 136 -68.72 -83.09 -8.94
CA GLY GC 136 -67.70 -84.01 -8.49
C GLY GC 136 -67.55 -84.10 -6.98
N ALA GC 137 -68.64 -84.06 -6.24
CA ALA GC 137 -68.56 -84.20 -4.78
C ALA GC 137 -68.29 -85.64 -4.38
N VAL GC 138 -68.92 -86.60 -5.06
CA VAL GC 138 -68.81 -88.01 -4.69
C VAL GC 138 -68.09 -88.69 -5.86
N GLU GC 139 -67.19 -87.95 -6.51
CA GLU GC 139 -66.46 -88.46 -7.66
C GLU GC 139 -65.13 -89.10 -7.30
N CYS GC 140 -64.58 -88.80 -6.11
CA CYS GC 140 -63.25 -89.30 -5.76
C CYS GC 140 -63.27 -90.79 -5.42
N PRO GC 141 -64.06 -91.27 -4.43
CA PRO GC 141 -63.89 -92.69 -4.10
C PRO GC 141 -64.61 -93.62 -5.07
MG MG HC . 18.42 4.38 -50.20
ZN ZN IC . 25.09 11.07 -49.56
MG MG JC . 31.35 -8.78 -49.84
MG MG KC . 46.46 -26.54 -36.67
MG MG LC . 18.56 -59.07 -41.35
MG MG MC . 67.31 -5.58 -21.04
MG MG NC . 81.82 -12.93 -32.68
MG MG OC . 63.54 -12.17 -33.68
MG MG PC . 48.01 -40.96 -1.89
MG MG QC . 58.02 -48.90 12.33
MG MG RC . 71.41 -59.12 22.27
MG MG SC . 5.38 26.53 -43.88
MG MG TC . 38.89 -14.11 -38.13
MG MG UC . 37.59 -23.74 -28.95
MG MG VC . 12.15 -23.89 -88.41
MG MG WC . 79.41 -77.97 37.45
MG MG XC . 18.64 -1.88 -42.92
MG MG YC . 30.91 20.55 -16.12
MG MG ZC . 19.16 -2.50 -43.71
MG MG AD . 56.29 -48.75 -7.16
MG MG BD . 19.13 -1.56 -39.89
MG MG CD . 54.20 -47.68 17.67
MG MG DD . 17.28 23.00 -34.23
MG MG ED . 46.32 -41.71 -29.74
MG MG FD . 37.95 12.89 -25.40
MG MG GD . 42.33 5.20 -37.15
MG MG HD . 59.24 -52.96 -0.86
MG MG ID . 32.34 -79.58 -30.21
MG MG JD . -49.10 -4.34 -78.01
MG MG KD . 0.77 21.37 18.49
MG MG LD . -34.20 26.90 55.11
MG MG MD . -3.44 3.70 42.08
MG MG ND . -44.00 18.31 27.92
MG MG OD . 18.08 90.36 33.16
MG MG PD . -23.42 37.10 22.98
MG MG QD . -9.40 -1.40 45.75
MG MG RD . -31.37 8.58 33.50
MG MG SD . -59.34 21.49 50.87
MG MG TD . -13.96 104.87 20.99
MG MG UD . -28.54 59.12 21.87
MG MG VD . -49.47 64.71 28.90
MG MG WD . -20.85 20.18 36.70
MG MG XD . -28.53 3.18 46.77
MG MG YD . -34.35 14.02 51.12
MG MG ZD . -19.62 48.42 55.61
MG MG AE . -14.14 40.82 82.30
MG MG BE . -0.22 12.11 21.72
MG MG CE . -26.58 40.76 41.91
MG MG DE . -13.39 9.34 44.56
MG MG EE . -13.73 3.50 45.39
MG MG FE . -1.81 73.68 34.53
MG MG GE . -17.74 84.56 31.41
MG MG HE . -15.17 48.77 61.18
MG MG IE . 5.32 21.86 16.00
MG MG JE . -42.32 14.31 47.69
MG MG KE . -29.49 36.89 26.85
MG MG LE . -24.71 80.22 86.70
MG MG ME . -25.19 64.85 83.86
MG MG NE . -38.97 23.43 33.82
MG MG OE . -15.94 22.30 35.55
MG MG PE . -13.32 61.21 32.05
MG MG QE . -33.76 11.31 37.39
MG MG RE . -56.38 22.56 56.06
MG MG SE . -46.69 26.79 51.20
MG MG TE . -17.57 40.56 21.81
MG MG UE . -11.13 35.76 11.79
MG MG VE . -23.29 48.82 17.28
MG MG WE . -55.89 77.27 30.40
MG MG XE . -41.13 73.49 1.81
MG MG YE . -19.69 38.98 38.52
MG MG ZE . -18.83 85.26 25.85
MG MG AF . 9.18 37.75 49.53
MG MG BF . -13.08 -5.18 36.80
MG MG CF . -20.80 11.33 44.06
MG MG DF . -42.48 18.22 41.42
MG MG EF . -32.97 21.78 36.44
MG MG FF . -55.28 16.54 44.65
MG MG GF . -27.64 40.36 22.90
MG MG HF . -27.86 69.76 83.62
MG MG IF . 39.12 11.84 56.21
MG MG JF . -25.83 19.31 41.67
MG MG KF . -42.70 -28.34 41.89
MG MG LF . 4.99 8.93 67.52
MG MG MF . 9.57 18.42 30.75
MG MG NF . 8.32 27.48 50.22
MG MG OF . 2.23 4.41 65.26
MG MG PF . -59.71 1.76 46.48
MG MG QF . -10.06 105.66 13.92
MG MG RF . -63.07 4.52 10.98
MG MG SF . 31.20 -17.86 53.36
MG MG TF . 38.23 49.07 36.84
MG MG UF . 11.63 9.30 27.31
MG MG VF . -64.40 6.71 20.29
MG MG WF . 12.41 14.53 30.86
MG MG XF . -32.66 27.07 22.70
MG MG YF . 30.15 59.67 33.09
MG MG ZF . -49.37 -0.27 55.90
MG MG AG . -63.29 -8.26 12.78
MG MG BG . 34.43 16.98 21.30
MG MG CG . -19.18 17.60 52.90
MG MG DG . -19.83 43.54 91.35
MG MG EG . -68.39 -7.77 68.91
MG MG FG . 28.57 57.78 37.51
MG MG GG . 15.30 36.07 53.91
MG MG HG . 38.25 42.75 60.64
MG MG IG . 32.76 12.85 24.33
MG MG JG . -42.86 28.11 12.65
MG MG KG . 41.20 10.04 61.10
MG MG LG . 20.36 13.18 15.43
MG MG MG . 16.04 25.20 7.89
MG MG NG . 6.95 1.92 40.97
MG MG OG . -3.67 17.15 -0.06
MG MG PG . 12.42 24.64 72.01
MG MG QG . 20.23 -1.39 33.06
MG MG RG . -31.90 42.16 55.97
MG MG SG . 6.85 31.45 34.66
MG MG TG . -28.61 36.13 63.64
MG MG UG . -62.17 4.62 68.46
MG MG VG . 35.96 44.41 55.95
MG MG WG . 34.85 10.75 52.82
MG MG XG . 27.78 37.83 67.74
MG MG YG . 24.31 10.64 61.78
MG MG ZG . -64.00 9.37 15.92
MG MG AH . -45.14 -9.59 50.15
MG MG BH . 23.23 15.34 67.55
MG MG CH . 18.26 43.04 68.81
MG MG DH . 36.57 58.65 54.27
MG MG EH . -48.68 23.92 76.78
MG MG FH . -25.98 30.23 61.65
MG MG GH . 22.53 -18.62 42.50
MG MG HH . 21.68 15.52 -0.54
MG MG IH . -72.90 20.77 83.79
MG MG JH . -51.29 43.44 35.22
MG MG KH . 9.09 7.94 40.19
MG MG LH . -25.29 -32.20 38.42
MG MG MH . -85.68 49.09 30.99
MG MG NH . -50.67 -11.30 60.61
MG MG OH . -52.42 -13.99 71.01
MG MG PH . -122.01 -0.91 61.97
MG MG QH . 19.13 39.53 34.22
MG MG RH . 11.53 -13.41 21.95
MG MG SH . -64.67 -11.87 -1.71
MG MG TH . -2.46 33.03 9.39
MG MG UH . 12.61 10.19 64.55
MG MG VH . -16.83 -29.41 65.81
MG MG WH . 3.39 -3.03 0.11
MG MG XH . -15.91 35.46 0.04
MG MG YH . -82.93 20.51 -20.58
MG MG ZH . 11.86 -7.84 -7.90
MG MG AI . 11.62 -29.79 52.67
MG MG BI . -38.43 7.52 29.84
MG MG CI . 7.41 30.58 82.31
MG MG DI . -66.93 24.87 -6.58
MG MG EI . -11.53 -23.56 37.05
MG MG FI . 25.87 -27.27 64.85
MG MG GI . -39.56 88.16 38.27
MG MG HI . 9.14 16.04 -9.81
MG MG II . -27.42 -50.47 56.36
MG MG JI . -25.86 85.08 74.13
MG MG KI . -33.16 -47.37 8.25
MG MG LI . -78.97 48.08 17.85
MG MG MI . 34.78 30.16 52.60
MG MG NI . -74.61 38.99 -7.28
MG MG OI . 9.78 -15.33 28.35
MG MG PI . -10.27 47.57 -19.37
MG MG QI . 5.57 0.31 -9.56
MG MG RI . 10.51 -8.25 5.58
MG MG SI . -10.41 -26.15 52.86
MG MG TI . 5.62 -16.17 30.95
MG MG UI . -26.05 -6.31 53.72
MG MG VI . -31.41 -18.99 21.45
MG MG WI . -4.77 5.40 66.65
MG MG XI . -33.80 -48.17 47.49
MG MG YI . -92.07 -20.70 69.27
MG MG ZI . 20.48 23.76 59.13
MG MG AJ . -13.50 -52.65 29.62
MG MG BJ . 27.47 -20.73 41.44
MG MG CJ . 31.53 -3.45 15.59
MG MG DJ . -77.10 18.50 -19.77
MG MG EJ . 2.13 3.38 27.27
MG MG FJ . -16.11 34.04 19.08
MG MG GJ . 20.01 26.15 52.10
MG MG HJ . -38.55 32.87 14.14
MG MG IJ . -53.31 8.74 50.32
MG MG JJ . 4.10 -2.23 11.00
MG MG KJ . 67.54 42.94 53.03
MG MG LJ . -64.30 14.18 59.22
N1 SPM MJ . -69.33 2.85 1.19
C2 SPM MJ . -69.41 1.97 2.34
C3 SPM MJ . -69.58 2.82 3.60
C4 SPM MJ . -69.93 1.90 4.77
N5 SPM MJ . -69.13 0.70 4.70
C6 SPM MJ . -68.09 0.76 5.70
C7 SPM MJ . -67.65 -0.65 6.08
C8 SPM MJ . -66.25 -0.60 6.66
C9 SPM MJ . -66.23 -1.32 8.01
N10 SPM MJ . -64.87 -1.67 8.34
C11 SPM MJ . -64.88 -2.49 9.54
C12 SPM MJ . -63.49 -2.54 10.14
C13 SPM MJ . -62.59 -3.40 9.25
N14 SPM MJ . -61.21 -3.11 9.57
MG MG NJ . -45.17 4.57 29.37
N1 SPD OJ . -33.97 38.49 16.85
C2 SPD OJ . -34.07 39.20 15.58
C3 SPD OJ . -35.22 40.19 15.66
C4 SPD OJ . -35.56 40.68 14.25
C5 SPD OJ . -36.88 41.44 14.32
N6 SPD OJ . -37.04 42.23 13.12
C7 SPD OJ . -37.82 43.40 13.46
C8 SPD OJ . -38.17 44.16 12.19
C9 SPD OJ . -39.46 44.93 12.45
N10 SPD OJ . -39.72 45.80 11.33
MG MG PJ . 35.45 -19.56 80.43
N1 SPM QJ . -41.48 24.06 26.11
C2 SPM QJ . -41.27 22.89 25.28
C3 SPM QJ . -41.53 23.25 23.82
C4 SPM QJ . -41.66 21.97 23.00
N5 SPM QJ . -41.88 22.31 21.61
C6 SPM QJ . -43.04 21.59 21.12
C7 SPM QJ . -42.67 20.85 19.83
C8 SPM QJ . -41.84 19.61 20.20
C9 SPM QJ . -41.49 18.85 18.92
N10 SPM QJ . -40.69 17.69 19.29
C11 SPM QJ . -40.82 16.68 18.25
C12 SPM QJ . -42.24 16.13 18.26
C13 SPM QJ . -42.40 15.13 17.12
N14 SPM QJ . -41.12 14.48 16.92
N1 SPM RJ . -31.43 60.28 10.20
C2 SPM RJ . -30.40 59.25 10.20
C3 SPM RJ . -30.53 58.39 11.44
C4 SPM RJ . -29.49 58.84 12.47
N5 SPM RJ . -29.09 57.72 13.28
C6 SPM RJ . -27.63 57.70 13.34
C7 SPM RJ . -27.18 56.67 14.37
C8 SPM RJ . -26.69 57.41 15.61
C9 SPM RJ . -25.56 56.62 16.25
N10 SPM RJ . -25.10 57.34 17.43
C11 SPM RJ . -24.02 56.60 18.04
C12 SPM RJ . -23.34 57.48 19.09
C13 SPM RJ . -24.39 58.00 20.07
N14 SPM RJ . -23.71 58.68 21.16
MG MG SJ . 62.44 40.22 48.04
MG MG TJ . 18.86 25.86 3.73
N1 SPM UJ . -4.91 48.87 22.69
C2 SPM UJ . -5.50 47.70 23.30
C3 SPM UJ . -5.68 46.61 22.25
C4 SPM UJ . -6.38 45.41 22.85
N5 SPM UJ . -6.29 44.29 21.92
C6 SPM UJ . -6.69 43.08 22.59
C7 SPM UJ . -6.94 42.00 21.54
C8 SPM UJ . -8.04 41.06 22.05
C9 SPM UJ . -9.03 40.81 20.91
N10 SPM UJ . -8.39 40.01 19.88
C11 SPM UJ . -9.34 39.00 19.42
C12 SPM UJ . -8.70 38.17 18.33
C13 SPM UJ . -9.70 37.15 17.80
N14 SPM UJ . -9.00 36.11 17.07
MG MG VJ . 17.23 21.94 28.61
MG MG WJ . 32.14 73.28 16.86
MG MG XJ . 49.12 -1.58 53.75
MG MG YJ . 58.64 -10.42 40.08
MG MG ZJ . -30.02 20.28 45.01
MG MG AK . -46.25 -64.96 47.39
MG MG BK . -20.00 25.47 56.11
MG MG CK . 16.97 45.08 33.57
MG MG DK . 7.48 22.27 -17.88
MG MG EK . 53.88 -3.75 62.03
MG MG FK . -45.48 74.86 52.79
MG MG GK . 75.78 36.97 12.55
MG MG HK . 21.62 11.77 5.27
MG MG IK . 66.84 40.35 66.84
MG MG JK . -26.67 93.73 17.31
N1 SPD KK . 15.65 24.09 32.91
C2 SPD KK . 16.34 23.45 34.01
C3 SPD KK . 15.63 22.15 34.37
C4 SPD KK . 16.46 21.36 35.37
C5 SPD KK . 16.22 19.86 35.18
N6 SPD KK . 16.61 19.15 36.38
C7 SPD KK . 16.56 17.72 36.14
C8 SPD KK . 17.12 16.98 37.35
C9 SPD KK . 17.03 15.48 37.10
N10 SPD KK . 17.84 14.77 38.08
N1 SPD LK . -21.09 91.12 14.40
C2 SPD LK . -22.08 91.14 15.46
C3 SPD LK . -21.88 89.93 16.36
C4 SPD LK . -20.52 90.03 17.04
C5 SPD LK . -20.26 88.77 17.86
N6 SPD LK . -21.02 88.82 19.09
C7 SPD LK . -20.60 87.75 19.96
C8 SPD LK . -19.14 87.94 20.35
C9 SPD LK . -18.53 86.59 20.71
N10 SPD LK . -18.91 86.22 22.06
N1 SPD MK . 30.47 16.18 34.86
C2 SPD MK . 30.51 14.76 34.52
C3 SPD MK . 29.11 14.18 34.76
C4 SPD MK . 29.21 12.66 34.82
C5 SPD MK . 28.79 12.06 33.49
N6 SPD MK . 29.39 10.75 33.34
C7 SPD MK . 29.17 10.24 32.00
C8 SPD MK . 30.05 9.02 31.79
C9 SPD MK . 29.91 8.07 32.97
N10 SPD MK . 30.58 6.82 32.69
N1 SPD NK . -41.24 -2.85 40.02
C2 SPD NK . -40.90 -3.68 41.16
C3 SPD NK . -40.04 -4.85 40.70
C4 SPD NK . -39.86 -5.85 41.85
C5 SPD NK . -38.45 -6.41 41.84
N6 SPD NK . -37.75 -5.92 43.01
C7 SPD NK . -36.31 -6.12 42.85
C8 SPD NK . -35.58 -5.24 43.88
C9 SPD NK . -34.24 -5.89 44.21
N10 SPD NK . -33.49 -5.02 45.11
N1 SPD OK . -31.06 15.11 76.99
C2 SPD OK . -32.49 14.92 76.88
C3 SPD OK . -32.89 13.60 77.52
C4 SPD OK . -31.90 12.51 77.07
C5 SPD OK . -32.45 11.14 77.46
N6 SPD OK . -31.63 10.12 76.86
C7 SPD OK . -32.34 8.85 76.85
C8 SPD OK . -31.57 7.82 77.66
C9 SPD OK . -31.45 6.53 76.86
N10 SPD OK . -30.28 5.80 77.29
N1 SPM PK . -14.62 -26.90 54.95
C2 SPM PK . -15.46 -28.03 55.25
C3 SPM PK . -16.17 -27.81 56.58
C4 SPM PK . -17.58 -27.27 56.34
N5 SPM PK . -17.49 -26.14 55.42
C6 SPM PK . -18.70 -26.08 54.63
C7 SPM PK . -18.40 -25.39 53.30
C8 SPM PK . -17.64 -26.35 52.40
C9 SPM PK . -17.48 -25.73 51.01
N10 SPM PK . -18.78 -25.28 50.56
C11 SPM PK . -18.97 -25.70 49.18
C12 SPM PK . -20.40 -26.18 48.99
C13 SPM PK . -20.48 -27.05 47.74
N14 SPM PK . -21.85 -27.52 47.55
N1 SPD QK . -11.51 -40.50 51.81
C2 SPD QK . -11.14 -39.62 52.90
C3 SPD QK . -11.82 -38.27 52.71
C4 SPD QK . -11.16 -37.24 53.63
C5 SPD QK . -11.37 -35.84 53.06
N6 SPD QK . -12.38 -35.16 53.83
C7 SPD QK . -12.76 -33.95 53.15
C8 SPD QK . -13.99 -33.35 53.84
C9 SPD QK . -14.00 -31.84 53.64
N10 SPD QK . -14.88 -31.25 54.62
N1 SPD RK . -15.26 45.21 39.63
C2 SPD RK . -14.58 45.62 40.84
C3 SPD RK . -14.62 47.15 40.97
C4 SPD RK . -14.53 47.51 42.45
C5 SPD RK . -14.26 49.00 42.61
N6 SPD RK . -15.32 49.77 42.00
C7 SPD RK . -14.85 51.13 41.80
C8 SPD RK . -15.45 52.04 42.88
C9 SPD RK . -16.67 52.76 42.30
N10 SPD RK . -17.74 51.80 42.08
N1 SPM SK . 16.64 -3.91 3.64
C2 SPM SK . 15.32 -3.34 3.50
C3 SPM SK . 15.39 -2.03 2.74
C4 SPM SK . 14.07 -1.28 2.86
N5 SPM SK . 14.32 0.14 3.04
C6 SPM SK . 13.71 0.89 1.95
C7 SPM SK . 13.36 2.30 2.41
C8 SPM SK . 14.44 2.83 3.35
C9 SPM SK . 14.73 4.30 3.05
N10 SPM SK . 13.61 5.13 3.45
C11 SPM SK . 14.10 6.44 3.84
C12 SPM SK . 13.02 7.17 4.65
C13 SPM SK . 11.87 7.59 3.75
N14 SPM SK . 11.18 8.72 4.36
N1 SPM TK . -20.55 -6.39 66.40
C2 SPM TK . -21.42 -5.25 66.55
C3 SPM TK . -22.88 -5.70 66.52
C4 SPM TK . -23.79 -4.50 66.79
N5 SPM TK . -25.15 -4.84 66.40
C6 SPM TK . -25.62 -5.99 67.15
C7 SPM TK . -26.83 -6.62 66.45
C8 SPM TK . -27.96 -5.59 66.32
C9 SPM TK . -29.30 -6.32 66.34
N10 SPM TK . -30.39 -5.36 66.44
C11 SPM TK . -31.21 -5.68 67.59
C12 SPM TK . -32.36 -4.68 67.71
C13 SPM TK . -33.07 -4.86 69.05
N14 SPM TK . -34.41 -4.31 68.98
MG MG UK . -20.19 20.54 83.73
MG MG VK . -48.30 -4.44 18.12
MG MG WK . -61.60 -2.16 43.20
MG MG XK . -88.03 -15.71 -5.95
MG MG YK . -72.48 -10.78 30.41
MG MG ZK . -19.93 44.25 71.25
N1 SPD AL . 14.48 80.32 20.91
C2 SPD AL . 15.87 80.71 21.10
C3 SPD AL . 15.93 81.88 22.09
C4 SPD AL . 17.38 82.32 22.27
C5 SPD AL . 18.14 81.27 23.06
N6 SPD AL . 18.15 81.63 24.46
C7 SPD AL . 18.91 80.65 25.21
C8 SPD AL . 19.49 81.30 26.47
C9 SPD AL . 20.92 80.81 26.67
N10 SPD AL . 21.41 81.24 27.96
MG MG BL . -18.83 28.76 82.01
MG MG CL . -32.22 48.05 73.64
MG MG DL . 23.55 97.47 1.27
MG MG EL . 6.29 84.16 72.21
MG MG FL . 0.77 23.97 6.85
N1 SPD GL . -2.67 59.79 5.61
C2 SPD GL . -3.20 60.55 6.72
C3 SPD GL . -2.96 62.03 6.47
C4 SPD GL . -3.58 62.87 7.59
C5 SPD GL . -3.08 64.31 7.40
N6 SPD GL . -3.53 65.12 8.52
C7 SPD GL . -2.41 65.79 9.11
C8 SPD GL . -2.90 66.88 10.06
C9 SPD GL . -4.10 66.35 10.85
N10 SPD GL . -3.71 65.12 11.53
MG MG HL . 8.02 20.51 57.20
MG MG IL . 3.44 -17.62 36.17
MG MG JL . -31.46 22.64 70.29
ZN ZN KL . 60.95 51.61 9.99
ZN ZN LL . 8.50 59.00 41.77
ZN ZN ML . -36.05 -44.88 34.79
ZN ZN NL . -63.09 52.08 -19.13
ZN ZN OL . 58.19 39.99 0.36
#